data_9NH0
#
_entry.id   9NH0
#
_cell.length_a   1.00
_cell.length_b   1.00
_cell.length_c   1.00
_cell.angle_alpha   90.00
_cell.angle_beta   90.00
_cell.angle_gamma   90.00
#
_symmetry.space_group_name_H-M   'P 1'
#
loop_
_entity.id
_entity.type
_entity.pdbx_description
1 polymer 'unknown peptide E'
2 polymer 'unknown peptide F'
3 polymer 'unknown peptide G'
4 polymer 'unknown peptide H'
5 polymer 'IcmG (DotF)'
6 polymer 'IcmK (DotH)'
7 polymer 'IcmE (DotG)'
8 polymer 'IcmX (IcmY)'
9 polymer DotA
#
loop_
_entity_poly.entity_id
_entity_poly.type
_entity_poly.pdbx_seq_one_letter_code
_entity_poly.pdbx_strand_id
1 'polypeptide(L)' CTDAALAALEYHKSNA Aa,Ag,Am,As,Ay,Be,Bk,Bq,Bw,Cc,Ci,Co,Cu,Da,Dg,Dm,Ds,Dy
2 'polypeptide(L)' CVSMIGGSR Ab,Ah,An,At,Az,Bf,Bl,Br,Bx,Cd,Cj,Cp,Cv,Db,Dh,Dn,Dt,Dz
3 'polypeptide(L)' RVSIGGTVYTAKKYDD Ac,Ai,Ao,Au,Ba,Bg,Bm,Bs,By,Ce,Ck,Cq,Cw,Dc,Di,Do,Du,Ea
4 'polypeptide(L)' PFGAD Ad,Aj,Ap,Av,Bb,Bh,Bn,Bt,Bz,Cf,Cl,Cr,Cx,Dd,Dj,Dp,Dv,Eb
5 'polypeptide(L)'
;MMAEHDQNNDEYKFAELDSYDMDQAGESDLDSEASYQSGKEGLTKKKDIKRNALIAIGAVVFIMVMYKIIGWMFFSDKSS
QVTSKPAIPPVTQVATPQPVQTIPTTTPIQQVQPTTIIEDDPDLKKKVSAIEMTQQSLRSEVNALSEQINAVNNNIKNLN
AQIVNLNQIIGNMSNQIARQSEVINVLMARTTPKKVVKVSRPIVQARIIYYIQAVIPGRAWLIGSNGSTLTVREGSKIPG
YGMVKLIDSLQGRILTSSGQVIKFSQEDS
;
Ae,Ak,Aq,Aw,Bc,Bi,Bo,Bu,Ca,Cg,Cm,Cs,Cy,De,Dk,Dq,Dw,Ec
6 'polypeptide(L)'
;MMKKYDQLCKYCLVIGLTFSMSCSIYAADQSDDAQQALQQLRMLQQKLSQNPSPDAQSGAGDGGDNAASDSTQQPNQSGQ
ANAPAANQTATAGGDGQIISQDDAEVIDKKAFKDMTRNLYPLNPEQVVKLKQIYETSEYAKAATPGTPPKPTATSQFVNL
SPGSTPPVIRLSQGFVSSLVFLDSTGAPWPIAAYDLGDPSSFNIQWDKTSNTLMIQATKLYNYGNLAVRLRGLNTPVMLT
LIPGQKAVDYRVDLRVQGYGPNAKSMPTEEGIPPSANDLLLHVLEGVPPPGSRRLVVSGGDARAWLSNEKMYVRTNLTIL
SPGWLASMTSADGTHAYEMQKSPVLLVSWHGKVMQLKVEGL
;
Af,Al,Ar,Ax,Bd,Bj,Bp,Bv,Cb,Ch,Cn,Ct,Cz,Df,Dl,Dr,Dx,Ed
7 'polypeptide(L)'
;MASKKENLKSLFSNTRTRVIIIFTAALLIIAVVIGFFKIRGATTGSIAAAEVSTVPGGIQSIPGVLDPTAQYAKLQEEQN
ITQAQVAEKTGGSAIPTIIRTQALGEGVGVIGSQSGVGFAALAQEELGGPQRSLWIQELQDGSCSKSVITKVVNQGAQLT
DLKAACSCVQLKDSGYGLQELEQVCECKELKSAGYNARQLKEAGYSAGRLRNCGFDACELRNAGFTAQEMKDGGFSDGEL
KGAGFSDAEIAKASGLPDGITADDVRKAGCGAAALAKLRQAGVSASAIRKISGCTAEQLKAAGYTAKELKDAGFSAADLR
RAGFSAAELKDAGFTARDLLNAGFTPADLAKAGFSDAQIKAAQAELPPGITPQDVKNAGCDVEALKKEREAGVSAALIRQ
YAGCSAQALKAAGFTDADLANAGFTPAQISAATPLSDAEIKAAGCDPDKLKKLFSAGVSAKRIKELNGCSAEALKAAGYD
AQSLLAAGFTPQELLAAGFTPKQLEDAGLNPVSIIADGRVADCSVESLKKARAAGVSALTIKQTLGCSAAALKAAGYTAK
ELKDAGFTAAELKAAGFSAKELKDAGFTAKELRDAGFSAQELKDVGFSAKDLKDAGFSAAELKAAGFTAAQLKAAGFSAK
DLKDAGFSAAELKAAGFSAKELKDAGFSASDLKNAGFSAKELKDAGFSASDLKSAGFSASELKNAGYSADELKKAGYTSA
ELRNAGFSPQESAVAGLQGPDLQQLDSSITGIPSIPGATPRPTTSDAASSAEQLQAILQKQNEQLAEQKYQQEIQQRTSD
MLTAATQLVQDWKQVETQVYTEGTEETKTSGGESAVPGTGTGTGSNNQPVDQGAVSAQNQAIIKTGDIMFAVLDTSVNSD
EPGPILATIVTGKLKGSKLIGSFNLPSNADKMVITFNTMSIPGAEKTISISAYAIDPNTARTALASRTNHHYLMRYGSLF
ASSFLQGFGNAFQSANTTITIGGTGGGNNITVANGVGRSTLENAVIGLATVGKAWSQQAQQLFNTPTTVEVYSGTGLGIL
FTQDVTTI
;
Ee,Ef,Eg,Eh,Ei,Ej,Ek,El,Em,En,Eo,Ep,Eq,Er,Es,Et,Eu,Ev,Fg,Fh,Fi,Fj,Fk
8 'polypeptide(L)'
;MKVLPKLALANLVCFTTLSVFAQPADPSGQQTSTNTSNLVTYLTNLGKYLGYDITQSSKAPNPPYSQLFNSNVVQLVQNY
AYNTFLGAIPVDAMSQSLMNFVTDKVQGNSLINNLANTTFKYQNFSAPSSGADGKITANGLIDQSTASAQTPTTPGIFSA
PQITTSGTYLNDPVSQAVFNILGTPDYSFCMDNEQKNWLPNCNLMYQNLVMQNVIGTLPPAQTSGSTPAFYSYKYNQPLI
SQLNSNSLIAPLLMDTSASQSGQDSGLTAKSQAQQALNFIRYASAQVTPPSLPKLSAYSELWNQATAKPNSAGYNEVQQK
QAAATLSSYFNNLRVYAAQTSVGVSNLYYILSKRLPQNMSADQSNANITSQALNEFNMATRRLFDPTASNTPGQPNQQWI
KQINDASPATVQKEIAILLAEINYQMYLDRQIQERILLTNSIMLLQNLKAAQPTADFSSQGSPSEQ
;
Ew,Ex,Ey,Ez,Fa
9 'polypeptide(L)'
;MNKLAITVLLCFFPALALAENGALSFAPPASDLSVVFLGNLFGVVDGVLHGTGSQIMGNMFGVFNSAVLALGGIIIMYTL
MVSTMNTAHEGQMLGQKWSSIWIPLRSTFGLALLIPKASGYCMMQVFFMWVIVQGVGAADKIWEAALSYLNRGGVIIQAQ
ADPTKSLQAAGSSSSGVAKGALTILGGQICMLGLQKQLQAQRDLYLSQSKSPPCGGNPTPEMNTFCRTAIPDFISTVNFV
KKQNDDTPKDLTANQPASFELDMPNFDKSSPFYFLNGICGTVKWNNISALNSTNQSDNKGLVTVGGAGSNSSMGANSLNI
TSSQLQTARLSRAIAIQQMYVTLSTVAQVMVNNDPAFSTTTSTGNSKNDFSAIAKQQFGVPYKSSGEVCTEYQQVCQTWG
SVPSSTGSTTGVLFNGTEFLGAINDYNGIMMPTLNLIRQATSKEFDKKSRDFIAEANAKGWIMAGSYFFDLVKLNGSATE
FADQFDTGTGLDKSSFDPTQLTKPFGKTCQDPYSLLCTWFQNKSDKLIQIQSLIDGVPALGQDGVKQPDLSDNPQRQSVS
GPLSSTVYGFVNNSMMVQLPGQPGIKPLTFANLINFKVDTSLYYMKHQDFDCGRVKILFFSFCLGRMMGDLFYNYVFRYV
YNFFLAIFGEMINSIVMAFLMIPLQGMKDIFIVGVQTLTQPGINPIVALANMGTMYINFSGTLWLTLLNMAVVSSLIPLF
GIFIFALIMMAMPLLMAWIGTMVSIGFVTAYYIPVLPYMIFTFGSFAWLIAVIEAMVAAPIVALGVTHPEGNEAFGKGEF
AIMILVNVFLRPSLMIIGYIAAIALSYVGVWILNAGFDHAISYIQSDQGIETWEKGTSSNDAKRFFQSAGNWTGAKMDTS
QWDNFKDKLTGDYQSTALEGGYTGWAGVYAFFFSILIYTSMYLIIVQKAFTLIAHLPDKVLRWIGGSPESFGQETMQWGE
EAKGRVEKAGEATYGAEKAIGDKLGAKGQEMLGKLGPQAKKISENAGDVSGKGKNSGGSQTGPSSKPDTGQQLGGSDSGT
PTSTPPPE
;
Fb,Fc,Fd,Fe,Ff
#
# COMPACT_ATOMS: atom_id res chain seq x y z
N CYS A 1 25.98 -9.84 78.40
CA CYS A 1 24.70 -10.51 78.53
C CYS A 1 23.72 -9.66 79.35
N THR A 2 23.47 -10.10 80.59
CA THR A 2 22.48 -9.46 81.43
C THR A 2 22.97 -8.13 81.99
N ASP A 3 24.28 -7.93 82.11
CA ASP A 3 24.79 -6.65 82.60
C ASP A 3 24.41 -5.52 81.65
N ALA A 4 24.57 -5.75 80.33
CA ALA A 4 24.16 -4.76 79.36
C ALA A 4 22.67 -4.50 79.42
N ALA A 5 21.86 -5.55 79.57
CA ALA A 5 20.41 -5.36 79.65
C ALA A 5 20.03 -4.55 80.89
N LEU A 6 20.67 -4.84 82.03
CA LEU A 6 20.36 -4.11 83.25
C LEU A 6 20.79 -2.65 83.17
N ALA A 7 21.99 -2.39 82.66
CA ALA A 7 22.41 -1.01 82.49
C ALA A 7 21.48 -0.28 81.53
N ALA A 8 21.07 -0.96 80.46
CA ALA A 8 20.18 -0.34 79.49
C ALA A 8 18.81 -0.03 80.10
N LEU A 9 18.25 -0.95 80.89
CA LEU A 9 16.92 -0.70 81.44
C LEU A 9 16.98 0.38 82.51
N GLU A 10 18.08 0.44 83.27
CA GLU A 10 18.26 1.55 84.19
C GLU A 10 18.37 2.88 83.46
N TYR A 11 19.12 2.91 82.35
CA TYR A 11 19.24 4.13 81.57
C TYR A 11 17.92 4.53 80.94
N HIS A 12 17.07 3.55 80.61
CA HIS A 12 15.75 3.84 80.06
C HIS A 12 14.81 4.39 81.12
N LYS A 13 14.78 3.77 82.31
CA LYS A 13 13.86 4.24 83.34
C LYS A 13 14.36 5.51 84.01
N SER A 14 15.64 5.86 83.83
CA SER A 14 16.14 7.12 84.37
C SER A 14 15.86 8.30 83.43
N ASN A 15 15.89 8.06 82.12
CA ASN A 15 15.64 9.10 81.13
C ASN A 15 14.24 8.90 80.54
N ALA A 16 13.35 9.83 80.82
CA ALA A 16 11.95 9.72 80.41
C ALA A 16 11.79 9.82 78.89
N CYS B 1 9.90 -3.44 78.50
CA CYS B 1 10.36 -2.32 77.71
C CYS B 1 11.47 -2.71 76.75
N VAL B 2 12.32 -3.64 77.20
CA VAL B 2 13.53 -4.00 76.48
C VAL B 2 13.21 -5.07 75.45
N SER B 3 13.63 -4.82 74.21
CA SER B 3 13.70 -5.86 73.20
C SER B 3 15.14 -6.33 73.13
N MET B 4 15.43 -7.39 73.88
CA MET B 4 16.79 -7.87 74.07
C MET B 4 17.35 -8.58 72.84
N ILE B 5 16.53 -8.89 71.85
CA ILE B 5 17.09 -9.29 70.55
C ILE B 5 17.84 -8.11 69.95
N GLY B 6 17.43 -6.89 70.29
CA GLY B 6 18.21 -5.72 69.99
C GLY B 6 19.30 -5.51 71.03
N GLY B 7 19.88 -6.61 71.49
CA GLY B 7 20.91 -6.55 72.51
C GLY B 7 22.30 -6.66 71.92
N SER B 8 23.28 -6.20 72.69
CA SER B 8 24.68 -6.23 72.26
C SER B 8 25.55 -6.13 73.50
N ARG B 9 26.55 -7.00 73.60
CA ARG B 9 27.48 -6.95 74.72
C ARG B 9 28.40 -5.74 74.60
N ARG C 1 19.41 -1.46 71.62
CA ARG C 1 18.19 -1.70 72.40
C ARG C 1 17.26 -0.50 72.29
N VAL C 2 15.99 -0.76 71.97
CA VAL C 2 15.00 0.28 71.73
C VAL C 2 13.73 -0.05 72.49
N SER C 3 13.13 0.96 73.12
CA SER C 3 11.88 0.80 73.83
C SER C 3 10.70 0.98 72.88
N ILE C 4 9.48 0.91 73.41
CA ILE C 4 8.29 0.86 72.58
C ILE C 4 7.93 2.24 72.05
N GLY C 5 8.31 3.29 72.79
CA GLY C 5 7.97 4.64 72.38
C GLY C 5 8.67 5.12 71.13
N GLY C 6 9.72 4.40 70.70
CA GLY C 6 10.48 4.74 69.51
C GLY C 6 11.82 5.41 69.83
N THR C 7 11.90 6.06 70.99
CA THR C 7 13.16 6.65 71.43
C THR C 7 14.16 5.55 71.76
N VAL C 8 15.40 5.75 71.33
CA VAL C 8 16.44 4.73 71.46
C VAL C 8 17.42 5.18 72.54
N TYR C 9 17.59 4.34 73.56
CA TYR C 9 18.61 4.50 74.58
C TYR C 9 19.40 3.20 74.66
N THR C 10 20.73 3.32 74.76
CA THR C 10 21.59 2.14 74.74
C THR C 10 22.60 2.19 75.86
N ALA C 11 22.98 1.01 76.34
CA ALA C 11 24.12 0.89 77.23
C ALA C 11 25.41 1.05 76.42
N LYS C 12 26.51 1.31 77.13
CA LYS C 12 27.78 1.62 76.49
C LYS C 12 28.60 0.36 76.19
N LYS C 13 29.00 -0.37 77.23
CA LYS C 13 29.82 -1.57 77.07
C LYS C 13 29.72 -2.39 78.35
N TYR C 14 29.16 -3.60 78.24
CA TYR C 14 29.01 -4.46 79.41
C TYR C 14 29.17 -5.91 78.98
N ASP C 15 30.04 -6.64 79.67
CA ASP C 15 30.36 -8.01 79.33
C ASP C 15 30.01 -8.92 80.50
N ASP C 16 29.59 -10.15 80.17
CA ASP C 16 29.26 -11.14 81.18
C ASP C 16 30.06 -12.42 80.96
N PRO D 1 21.28 -11.62 71.30
CA PRO D 1 22.66 -12.01 71.03
C PRO D 1 23.54 -11.91 72.26
N PHE D 2 23.51 -12.92 73.13
CA PHE D 2 24.27 -12.92 74.37
C PHE D 2 25.18 -14.14 74.43
N GLY D 3 26.17 -14.08 75.32
CA GLY D 3 27.11 -15.16 75.52
C GLY D 3 26.77 -16.14 76.59
N ALA D 4 25.53 -16.12 77.10
CA ALA D 4 25.03 -17.12 78.02
C ALA D 4 23.91 -17.95 77.40
N ASP D 5 23.95 -18.17 76.09
CA ASP D 5 22.89 -18.86 75.38
C ASP D 5 22.85 -20.34 75.73
N ARG E 207 10.78 -24.24 100.47
CA ARG E 207 9.98 -23.38 99.61
C ARG E 207 9.57 -24.06 98.31
N ILE E 208 8.83 -23.34 97.48
CA ILE E 208 8.12 -23.90 96.33
C ILE E 208 8.87 -23.49 95.07
N ILE E 209 9.23 -24.46 94.25
CA ILE E 209 10.12 -24.24 93.11
C ILE E 209 9.30 -24.17 91.83
N TYR E 210 9.53 -23.12 91.04
CA TYR E 210 8.92 -23.00 89.72
C TYR E 210 9.97 -23.14 88.63
N TYR E 211 9.52 -23.51 87.44
CA TYR E 211 10.32 -23.61 86.23
C TYR E 211 9.53 -23.02 85.07
N ILE E 212 10.23 -22.42 84.12
CA ILE E 212 9.54 -21.74 83.03
C ILE E 212 8.92 -22.76 82.09
N GLN E 213 7.60 -22.64 81.90
CA GLN E 213 6.90 -23.45 80.90
C GLN E 213 6.80 -22.75 79.55
N ALA E 214 7.03 -21.44 79.51
CA ALA E 214 7.09 -20.70 78.25
C ALA E 214 7.63 -19.31 78.54
N VAL E 215 8.30 -18.73 77.55
CA VAL E 215 8.82 -17.38 77.73
C VAL E 215 9.02 -16.74 76.37
N ILE E 216 8.55 -15.51 76.23
CA ILE E 216 8.73 -14.69 75.03
C ILE E 216 9.07 -13.29 75.51
N PRO E 217 9.44 -12.34 74.63
CA PRO E 217 9.65 -10.97 75.09
C PRO E 217 8.45 -10.40 75.84
N GLY E 218 8.63 -10.13 77.13
CA GLY E 218 7.55 -9.68 77.97
C GLY E 218 7.06 -10.73 78.95
N ARG E 219 5.89 -11.31 78.67
CA ARG E 219 5.32 -12.30 79.57
C ARG E 219 6.15 -13.57 79.59
N ALA E 220 6.17 -14.22 80.75
CA ALA E 220 6.76 -15.55 80.90
C ALA E 220 5.79 -16.39 81.71
N TRP E 221 5.45 -17.57 81.20
CA TRP E 221 4.53 -18.47 81.87
C TRP E 221 5.35 -19.49 82.64
N LEU E 222 5.06 -19.59 83.94
CA LEU E 222 5.84 -20.36 84.90
C LEU E 222 4.97 -21.41 85.57
N ILE E 223 5.52 -22.61 85.72
CA ILE E 223 4.86 -23.72 86.38
C ILE E 223 5.63 -24.04 87.65
N GLY E 224 4.91 -24.37 88.72
CA GLY E 224 5.52 -24.70 89.99
C GLY E 224 5.59 -26.18 90.24
N SER E 225 6.18 -26.53 91.38
CA SER E 225 6.19 -27.90 91.85
C SER E 225 4.83 -28.33 92.40
N ASN E 226 3.98 -27.38 92.74
CA ASN E 226 2.59 -27.65 93.09
C ASN E 226 1.69 -27.74 91.87
N GLY E 227 2.23 -27.48 90.68
CA GLY E 227 1.44 -27.47 89.46
C GLY E 227 0.79 -26.15 89.13
N SER E 228 0.93 -25.14 90.00
CA SER E 228 0.33 -23.85 89.75
C SER E 228 0.96 -23.17 88.53
N THR E 229 0.13 -22.46 87.78
CA THR E 229 0.57 -21.75 86.58
C THR E 229 0.43 -20.25 86.79
N LEU E 230 1.44 -19.51 86.34
CA LEU E 230 1.46 -18.06 86.45
C LEU E 230 1.97 -17.46 85.15
N THR E 231 1.64 -16.20 84.93
CA THR E 231 2.21 -15.42 83.84
C THR E 231 2.74 -14.12 84.41
N VAL E 232 3.96 -13.75 84.03
CA VAL E 232 4.64 -12.62 84.62
C VAL E 232 5.10 -11.67 83.53
N ARG E 233 5.40 -10.44 83.94
CA ARG E 233 5.95 -9.40 83.09
C ARG E 233 7.23 -8.85 83.73
N GLU E 234 7.71 -7.72 83.22
CA GLU E 234 8.87 -7.06 83.79
C GLU E 234 8.64 -6.78 85.27
N GLY E 235 7.53 -6.13 85.59
CA GLY E 235 7.19 -5.88 86.98
C GLY E 235 6.07 -6.75 87.49
N SER E 236 6.42 -7.76 88.28
CA SER E 236 5.42 -8.68 88.80
C SER E 236 5.91 -9.27 90.11
N LYS E 237 5.01 -9.30 91.10
CA LYS E 237 5.31 -9.89 92.39
C LYS E 237 5.19 -11.41 92.32
N ILE E 238 6.24 -12.10 92.73
CA ILE E 238 6.33 -13.55 92.65
C ILE E 238 6.64 -14.06 94.06
N PRO E 239 5.77 -14.87 94.66
CA PRO E 239 5.97 -15.24 96.07
C PRO E 239 7.29 -15.97 96.30
N GLY E 240 7.96 -15.62 97.39
CA GLY E 240 9.25 -16.19 97.71
C GLY E 240 10.40 -15.50 97.01
N TYR E 241 10.34 -15.45 95.68
CA TYR E 241 11.41 -14.84 94.89
C TYR E 241 11.35 -13.31 94.94
N GLY E 242 10.17 -12.74 95.14
CA GLY E 242 10.08 -11.31 95.31
C GLY E 242 9.58 -10.53 94.11
N MET E 243 10.47 -9.78 93.46
CA MET E 243 10.11 -8.83 92.42
C MET E 243 10.94 -9.14 91.19
N VAL E 244 10.27 -9.40 90.06
CA VAL E 244 10.97 -9.82 88.85
C VAL E 244 11.79 -8.66 88.30
N LYS E 245 13.07 -8.91 88.02
CA LYS E 245 13.94 -7.89 87.46
C LYS E 245 14.09 -7.96 85.94
N LEU E 246 14.27 -9.15 85.35
CA LEU E 246 14.25 -9.14 83.89
C LEU E 246 13.87 -10.49 83.31
N ILE E 247 13.40 -10.45 82.06
CA ILE E 247 12.91 -11.59 81.30
C ILE E 247 13.96 -11.84 80.21
N ASP E 248 14.60 -13.01 80.22
CA ASP E 248 15.62 -13.34 79.24
C ASP E 248 15.11 -14.53 78.43
N SER E 249 14.38 -14.23 77.35
CA SER E 249 13.61 -15.24 76.63
C SER E 249 14.46 -16.19 75.79
N LEU E 250 15.64 -15.77 75.32
CA LEU E 250 16.45 -16.66 74.51
C LEU E 250 17.35 -17.55 75.35
N GLN E 251 17.72 -17.09 76.55
CA GLN E 251 18.45 -17.95 77.48
C GLN E 251 17.53 -18.77 78.36
N GLY E 252 16.22 -18.61 78.26
CA GLY E 252 15.31 -19.26 79.17
C GLY E 252 15.56 -18.88 80.61
N ARG E 253 15.72 -17.59 80.89
CA ARG E 253 16.22 -17.12 82.16
C ARG E 253 15.29 -16.04 82.71
N ILE E 254 15.19 -15.99 84.03
CA ILE E 254 14.32 -15.04 84.72
C ILE E 254 15.12 -14.55 85.92
N LEU E 255 15.43 -13.26 85.96
CA LEU E 255 16.12 -12.73 87.14
C LEU E 255 15.12 -12.01 88.03
N THR E 256 15.12 -12.37 89.31
CA THR E 256 14.27 -11.80 90.33
C THR E 256 15.12 -11.14 91.42
N SER E 257 14.46 -10.30 92.23
CA SER E 257 15.17 -9.42 93.15
C SER E 257 15.94 -10.19 94.23
N SER E 258 15.46 -11.38 94.60
CA SER E 258 16.11 -12.17 95.64
C SER E 258 17.41 -12.80 95.16
N GLY E 259 17.87 -12.47 93.95
CA GLY E 259 19.06 -13.05 93.38
C GLY E 259 18.85 -14.43 92.78
N GLN E 260 17.71 -15.05 93.02
CA GLN E 260 17.44 -16.37 92.49
C GLN E 260 17.20 -16.27 90.98
N VAL E 261 17.76 -17.22 90.23
CA VAL E 261 17.61 -17.28 88.78
C VAL E 261 16.65 -18.41 88.46
N ILE E 262 15.62 -18.11 87.69
CA ILE E 262 14.59 -19.07 87.33
C ILE E 262 14.85 -19.51 85.90
N LYS E 263 14.94 -20.82 85.67
CA LYS E 263 15.27 -21.33 84.36
C LYS E 263 14.25 -22.38 83.93
N PHE E 264 14.39 -22.81 82.67
CA PHE E 264 13.62 -23.94 82.19
C PHE E 264 13.95 -25.18 83.02
N SER E 265 12.93 -26.01 83.23
CA SER E 265 13.13 -27.23 83.99
C SER E 265 14.19 -28.11 83.31
N GLN E 266 15.04 -28.73 84.13
CA GLN E 266 16.12 -29.55 83.58
C GLN E 266 15.59 -30.75 82.82
N GLU E 267 14.45 -31.31 83.25
CA GLU E 267 13.80 -32.37 82.50
C GLU E 267 12.89 -31.84 81.40
N ASP E 268 12.79 -30.52 81.26
CA ASP E 268 11.98 -29.91 80.22
C ASP E 268 12.78 -29.07 79.24
N SER E 269 14.10 -29.02 79.37
CA SER E 269 14.94 -28.21 78.48
C SER E 269 15.91 -29.08 77.69
N ALA F 104 52.25 -40.00 13.78
CA ALA F 104 51.75 -41.19 13.11
C ALA F 104 50.47 -41.69 13.79
N GLU F 105 50.64 -42.59 14.75
CA GLU F 105 49.51 -43.20 15.47
C GLU F 105 49.36 -42.67 16.90
N VAL F 106 50.35 -41.93 17.39
CA VAL F 106 50.28 -41.32 18.71
C VAL F 106 49.23 -40.21 18.86
N ILE F 107 48.73 -39.63 17.76
CA ILE F 107 47.66 -38.64 17.84
C ILE F 107 46.38 -39.25 18.41
N ASP F 108 46.11 -40.53 18.10
CA ASP F 108 45.01 -41.25 18.70
C ASP F 108 45.14 -41.27 20.22
N LYS F 109 46.35 -41.51 20.72
CA LYS F 109 46.58 -41.49 22.17
C LYS F 109 46.37 -40.09 22.75
N LYS F 110 46.93 -39.02 22.12
CA LYS F 110 46.60 -37.71 22.68
C LYS F 110 45.09 -37.52 22.73
N ALA F 111 44.42 -37.71 21.59
CA ALA F 111 42.97 -37.43 21.55
C ALA F 111 42.24 -38.23 22.61
N PHE F 112 42.70 -39.46 22.89
CA PHE F 112 42.02 -40.29 23.87
C PHE F 112 42.15 -39.64 25.26
N LYS F 113 43.36 -39.18 25.60
CA LYS F 113 43.49 -38.58 26.93
C LYS F 113 42.68 -37.30 27.04
N ASP F 114 42.75 -36.42 26.02
CA ASP F 114 41.87 -35.25 26.02
C ASP F 114 40.41 -35.66 26.12
N MET F 115 40.08 -36.84 25.61
CA MET F 115 38.73 -37.38 25.69
C MET F 115 38.28 -37.71 27.10
N THR F 116 39.05 -38.54 27.81
CA THR F 116 38.73 -38.75 29.21
C THR F 116 38.75 -37.45 29.97
N ARG F 117 39.49 -36.47 29.45
CA ARG F 117 39.61 -35.16 30.07
C ARG F 117 38.35 -34.31 29.91
N ASN F 118 37.70 -34.34 28.74
CA ASN F 118 36.52 -33.51 28.54
C ASN F 118 35.20 -34.25 28.69
N LEU F 119 35.04 -35.44 28.10
CA LEU F 119 33.74 -36.10 28.13
C LEU F 119 33.37 -36.44 29.57
N TYR F 120 34.31 -37.00 30.33
CA TYR F 120 34.17 -37.18 31.77
C TYR F 120 35.14 -36.23 32.43
N PRO F 121 34.82 -34.93 32.49
CA PRO F 121 35.74 -33.98 33.12
C PRO F 121 35.98 -34.30 34.57
N LEU F 122 35.01 -34.85 35.28
CA LEU F 122 35.13 -35.15 36.70
C LEU F 122 35.53 -36.61 36.82
N ASN F 123 36.83 -36.84 37.01
CA ASN F 123 37.34 -38.17 37.29
C ASN F 123 36.72 -38.66 38.60
N PRO F 124 36.54 -39.98 38.76
CA PRO F 124 35.81 -40.48 39.94
C PRO F 124 36.16 -39.84 41.27
N GLU F 125 37.40 -39.40 41.48
CA GLU F 125 37.73 -38.81 42.77
C GLU F 125 37.08 -37.43 42.96
N GLN F 126 37.09 -36.57 41.94
CA GLN F 126 36.30 -35.35 42.01
C GLN F 126 34.80 -35.61 42.14
N VAL F 127 34.30 -36.71 41.60
CA VAL F 127 32.89 -37.03 41.76
C VAL F 127 32.54 -37.19 43.24
N VAL F 128 33.37 -37.90 43.99
CA VAL F 128 33.08 -38.09 45.40
C VAL F 128 33.38 -36.83 46.20
N LYS F 129 34.39 -36.04 45.82
CA LYS F 129 34.55 -34.75 46.50
C LYS F 129 33.28 -33.93 46.38
N LEU F 130 32.71 -33.86 45.18
CA LEU F 130 31.60 -32.95 44.96
C LEU F 130 30.31 -33.52 45.56
N LYS F 131 30.11 -34.84 45.47
CA LYS F 131 29.08 -35.48 46.28
C LYS F 131 29.21 -35.07 47.74
N GLN F 132 30.43 -35.09 48.27
CA GLN F 132 30.62 -34.81 49.67
C GLN F 132 30.31 -33.37 50.02
N ILE F 133 30.71 -32.42 49.17
CA ILE F 133 30.45 -31.02 49.51
C ILE F 133 28.96 -30.72 49.39
N TYR F 134 28.30 -31.31 48.39
CA TYR F 134 26.84 -31.23 48.33
C TYR F 134 26.24 -31.78 49.63
N GLU F 135 26.76 -32.92 50.08
CA GLU F 135 26.26 -33.58 51.29
C GLU F 135 26.44 -32.69 52.52
N THR F 136 27.60 -32.05 52.64
CA THR F 136 27.86 -31.17 53.79
C THR F 136 27.03 -29.90 53.73
N SER F 137 27.00 -29.23 52.57
CA SER F 137 26.20 -28.02 52.44
C SER F 137 24.74 -28.30 52.75
N GLU F 138 24.26 -29.48 52.37
CA GLU F 138 22.90 -29.85 52.70
C GLU F 138 22.73 -30.14 54.19
N TYR F 139 23.68 -30.83 54.82
CA TYR F 139 23.64 -30.90 56.29
C TYR F 139 23.49 -29.53 56.91
N ALA F 140 24.26 -28.56 56.40
CA ALA F 140 24.26 -27.23 56.98
C ALA F 140 22.93 -26.52 56.79
N LYS F 141 22.36 -26.58 55.59
CA LYS F 141 21.06 -25.94 55.39
C LYS F 141 19.97 -26.65 56.17
N ALA F 142 20.11 -27.96 56.38
CA ALA F 142 19.18 -28.73 57.20
C ALA F 142 19.49 -28.61 58.69
N ALA F 143 20.60 -27.98 59.05
CA ALA F 143 20.98 -27.87 60.45
C ALA F 143 20.14 -26.82 61.15
N THR F 144 19.46 -27.24 62.19
CA THR F 144 18.62 -26.37 63.01
C THR F 144 19.49 -25.48 63.89
N PRO F 145 19.26 -24.16 63.89
CA PRO F 145 20.10 -23.27 64.69
C PRO F 145 19.92 -23.52 66.19
N GLY F 146 21.02 -23.50 66.91
CA GLY F 146 20.98 -23.57 68.36
C GLY F 146 20.49 -24.91 68.89
N THR F 147 19.42 -24.81 69.68
CA THR F 147 18.73 -25.76 70.53
C THR F 147 17.43 -26.27 69.87
N PRO F 148 17.50 -27.44 69.23
CA PRO F 148 16.26 -28.13 68.87
C PRO F 148 15.44 -28.40 70.12
N PRO F 149 14.15 -28.09 70.09
CA PRO F 149 13.34 -28.24 71.30
C PRO F 149 13.25 -29.69 71.76
N LYS F 150 13.26 -29.88 73.06
CA LYS F 150 13.18 -31.22 73.66
C LYS F 150 11.78 -31.80 73.49
N PRO F 151 11.62 -32.99 72.94
CA PRO F 151 10.29 -33.58 72.80
C PRO F 151 9.77 -34.09 74.13
N THR F 152 8.80 -33.38 74.70
CA THR F 152 8.24 -33.76 75.99
C THR F 152 6.75 -33.98 75.87
N ALA F 153 6.27 -35.04 76.51
CA ALA F 153 4.86 -35.37 76.60
C ALA F 153 4.40 -35.06 78.03
N THR F 154 3.52 -34.08 78.17
CA THR F 154 3.16 -33.55 79.47
C THR F 154 1.69 -33.81 79.77
N SER F 155 1.32 -33.58 81.04
CA SER F 155 -0.07 -33.64 81.47
C SER F 155 -0.31 -32.46 82.40
N GLN F 156 -1.47 -31.83 82.28
CA GLN F 156 -1.80 -30.63 83.02
C GLN F 156 -3.27 -30.65 83.40
N PHE F 157 -3.61 -29.92 84.46
CA PHE F 157 -4.98 -29.80 84.92
C PHE F 157 -5.51 -28.43 84.54
N VAL F 158 -6.68 -28.41 83.90
CA VAL F 158 -7.28 -27.17 83.41
C VAL F 158 -8.21 -26.62 84.48
N ASN F 159 -7.87 -25.44 85.00
CA ASN F 159 -8.73 -24.72 85.94
C ASN F 159 -9.56 -23.72 85.16
N LEU F 160 -10.88 -23.81 85.29
CA LEU F 160 -11.80 -22.92 84.60
C LEU F 160 -12.37 -21.85 85.51
N SER F 161 -11.93 -21.80 86.75
CA SER F 161 -12.37 -20.75 87.66
C SER F 161 -11.80 -19.40 87.21
N PRO F 162 -12.56 -18.32 87.38
CA PRO F 162 -12.05 -17.00 87.02
C PRO F 162 -10.78 -16.67 87.79
N GLY F 163 -9.83 -16.03 87.11
CA GLY F 163 -8.54 -15.70 87.68
C GLY F 163 -7.44 -16.67 87.30
N SER F 164 -7.78 -17.87 86.85
CA SER F 164 -6.78 -18.83 86.41
C SER F 164 -6.29 -18.48 85.01
N THR F 165 -4.98 -18.60 84.82
CA THR F 165 -4.37 -18.35 83.53
C THR F 165 -4.60 -19.54 82.60
N PRO F 166 -4.94 -19.27 81.34
CA PRO F 166 -5.21 -20.38 80.42
C PRO F 166 -3.99 -21.24 80.23
N PRO F 167 -4.17 -22.54 80.03
CA PRO F 167 -3.02 -23.43 79.84
C PRO F 167 -2.23 -23.08 78.59
N VAL F 168 -0.93 -23.31 78.67
CA VAL F 168 -0.01 -23.00 77.58
C VAL F 168 0.32 -24.28 76.83
N ILE F 169 0.60 -24.14 75.54
CA ILE F 169 1.13 -25.22 74.71
C ILE F 169 2.36 -24.67 74.00
N ARG F 170 3.50 -25.31 74.24
CA ARG F 170 4.74 -25.01 73.54
C ARG F 170 4.73 -25.75 72.20
N LEU F 171 5.03 -25.03 71.12
CA LEU F 171 5.03 -25.60 69.78
C LEU F 171 6.43 -25.52 69.17
N SER F 172 6.52 -25.94 67.91
CA SER F 172 7.72 -25.80 67.10
C SER F 172 7.31 -25.90 65.64
N GLN F 173 7.95 -25.09 64.79
CA GLN F 173 7.54 -24.95 63.40
C GLN F 173 7.61 -26.26 62.63
N GLY F 174 6.49 -26.69 62.06
CA GLY F 174 6.44 -27.88 61.24
C GLY F 174 6.31 -29.19 62.00
N PHE F 175 5.96 -29.15 63.28
CA PHE F 175 5.84 -30.34 64.09
C PHE F 175 4.44 -30.48 64.66
N VAL F 176 3.97 -31.73 64.73
CA VAL F 176 2.61 -32.04 65.16
C VAL F 176 2.58 -32.03 66.68
N SER F 177 1.52 -31.45 67.24
CA SER F 177 1.26 -31.48 68.67
C SER F 177 -0.16 -31.97 68.89
N SER F 178 -0.32 -33.03 69.69
CA SER F 178 -1.59 -33.69 69.90
C SER F 178 -2.16 -33.27 71.25
N LEU F 179 -3.25 -32.51 71.23
CA LEU F 179 -3.95 -32.11 72.44
C LEU F 179 -5.10 -33.09 72.67
N VAL F 180 -5.03 -33.81 73.79
CA VAL F 180 -6.05 -34.78 74.19
C VAL F 180 -6.77 -34.23 75.40
N PHE F 181 -8.09 -34.37 75.42
CA PHE F 181 -8.93 -33.77 76.44
C PHE F 181 -9.56 -34.86 77.29
N LEU F 182 -9.35 -34.76 78.60
CA LEU F 182 -9.87 -35.71 79.57
C LEU F 182 -10.52 -34.93 80.71
N ASP F 183 -11.54 -35.53 81.31
CA ASP F 183 -12.23 -34.91 82.43
C ASP F 183 -11.47 -35.18 83.73
N SER F 184 -12.12 -34.88 84.86
CA SER F 184 -11.46 -35.06 86.16
C SER F 184 -11.17 -36.53 86.45
N THR F 185 -11.96 -37.44 85.89
CA THR F 185 -11.72 -38.87 86.09
C THR F 185 -10.76 -39.45 85.04
N GLY F 186 -10.24 -38.62 84.14
CA GLY F 186 -9.29 -39.09 83.15
C GLY F 186 -9.91 -39.70 81.93
N ALA F 187 -11.23 -39.75 81.85
CA ALA F 187 -11.96 -40.30 80.74
C ALA F 187 -11.97 -39.32 79.57
N PRO F 188 -12.09 -39.83 78.34
CA PRO F 188 -12.09 -38.93 77.17
C PRO F 188 -13.26 -37.98 77.19
N TRP F 189 -13.07 -36.82 76.57
CA TRP F 189 -14.12 -35.81 76.43
C TRP F 189 -14.18 -35.36 74.97
N PRO F 190 -15.06 -35.94 74.16
CA PRO F 190 -15.09 -35.60 72.73
C PRO F 190 -15.42 -34.14 72.50
N ILE F 191 -14.80 -33.57 71.46
CA ILE F 191 -14.81 -32.13 71.22
C ILE F 191 -16.07 -31.75 70.47
N ALA F 192 -16.77 -30.71 70.96
CA ALA F 192 -17.94 -30.19 70.26
C ALA F 192 -17.54 -29.33 69.07
N ALA F 193 -16.59 -28.42 69.24
CA ALA F 193 -16.20 -27.47 68.21
C ALA F 193 -14.98 -26.70 68.71
N TYR F 194 -14.43 -25.85 67.83
CA TYR F 194 -13.29 -25.02 68.21
C TYR F 194 -13.22 -23.81 67.28
N ASP F 195 -12.70 -22.70 67.83
CA ASP F 195 -12.41 -21.49 67.08
C ASP F 195 -10.93 -21.16 67.28
N LEU F 196 -10.19 -21.11 66.17
CA LEU F 196 -8.75 -20.89 66.20
C LEU F 196 -8.46 -19.44 65.80
N GLY F 197 -8.15 -18.61 66.78
CA GLY F 197 -7.59 -17.30 66.48
C GLY F 197 -6.24 -17.46 65.81
N ASP F 198 -5.99 -16.64 64.79
CA ASP F 198 -4.76 -16.69 64.01
C ASP F 198 -4.55 -18.07 63.40
N PRO F 199 -5.35 -18.45 62.40
CA PRO F 199 -5.09 -19.72 61.70
C PRO F 199 -4.00 -19.63 60.64
N SER F 200 -3.44 -18.45 60.40
CA SER F 200 -2.36 -18.30 59.43
C SER F 200 -1.01 -18.68 60.01
N SER F 201 -0.89 -18.80 61.32
CA SER F 201 0.35 -19.21 61.96
C SER F 201 0.25 -20.60 62.58
N PHE F 202 -0.97 -21.11 62.77
CA PHE F 202 -1.16 -22.47 63.24
C PHE F 202 -2.16 -23.16 62.32
N ASN F 203 -1.92 -24.44 62.06
CA ASN F 203 -2.83 -25.27 61.27
C ASN F 203 -3.36 -26.37 62.18
N ILE F 204 -4.67 -26.58 62.13
CA ILE F 204 -5.39 -27.46 63.04
C ILE F 204 -6.04 -28.57 62.23
N GLN F 205 -5.80 -29.81 62.63
CA GLN F 205 -6.52 -30.95 62.08
C GLN F 205 -7.24 -31.70 63.20
N TRP F 206 -8.44 -32.18 62.90
CA TRP F 206 -9.28 -32.81 63.90
C TRP F 206 -10.36 -33.60 63.19
N ASP F 207 -10.36 -34.92 63.35
CA ASP F 207 -11.49 -35.72 62.91
C ASP F 207 -12.68 -35.37 63.78
N LYS F 208 -13.83 -35.18 63.15
CA LYS F 208 -14.91 -34.39 63.75
C LYS F 208 -15.54 -35.03 64.98
N THR F 209 -15.23 -36.29 65.27
CA THR F 209 -15.87 -36.97 66.39
C THR F 209 -14.94 -37.15 67.59
N SER F 210 -13.65 -37.34 67.35
CA SER F 210 -12.74 -37.72 68.42
C SER F 210 -12.49 -36.55 69.37
N ASN F 211 -11.71 -36.84 70.41
CA ASN F 211 -11.35 -35.86 71.44
C ASN F 211 -9.88 -35.45 71.36
N THR F 212 -9.35 -35.32 70.15
CA THR F 212 -7.97 -34.91 69.94
C THR F 212 -7.91 -33.83 68.86
N LEU F 213 -7.32 -32.69 69.20
CA LEU F 213 -7.02 -31.64 68.23
C LEU F 213 -5.51 -31.62 68.01
N MET F 214 -5.09 -31.56 66.75
CA MET F 214 -3.66 -31.61 66.47
C MET F 214 -3.28 -30.29 65.79
N ILE F 215 -2.17 -29.72 66.24
CA ILE F 215 -1.77 -28.35 65.91
C ILE F 215 -0.35 -28.37 65.39
N GLN F 216 -0.08 -27.62 64.33
CA GLN F 216 1.28 -27.39 63.87
C GLN F 216 1.52 -25.89 63.73
N ALA F 217 2.69 -25.44 64.16
CA ALA F 217 3.07 -24.05 63.96
C ALA F 217 3.59 -23.85 62.56
N THR F 218 2.81 -23.14 61.73
CA THR F 218 3.25 -22.76 60.40
C THR F 218 4.24 -21.61 60.41
N LYS F 219 4.48 -21.00 61.58
CA LYS F 219 5.42 -19.90 61.74
C LYS F 219 6.25 -20.14 62.99
N LEU F 220 7.45 -19.56 63.01
CA LEU F 220 8.44 -19.92 64.04
C LEU F 220 7.96 -19.56 65.43
N TYR F 221 7.68 -18.28 65.68
CA TYR F 221 7.42 -17.80 67.03
C TYR F 221 6.12 -17.03 67.19
N ASN F 222 5.38 -16.78 66.12
CA ASN F 222 4.11 -16.06 66.24
C ASN F 222 3.12 -16.90 67.03
N TYR F 223 2.78 -16.43 68.23
CA TYR F 223 1.90 -17.14 69.13
C TYR F 223 0.48 -16.61 69.05
N GLY F 224 -0.45 -17.38 69.60
CA GLY F 224 -1.84 -17.00 69.58
C GLY F 224 -2.61 -17.76 70.63
N ASN F 225 -3.90 -17.96 70.37
CA ASN F 225 -4.74 -18.68 71.31
C ASN F 225 -5.82 -19.45 70.55
N LEU F 226 -6.52 -20.30 71.30
CA LEU F 226 -7.45 -21.27 70.75
C LEU F 226 -8.58 -21.48 71.73
N ALA F 227 -9.81 -21.34 71.26
CA ALA F 227 -10.99 -21.65 72.07
C ALA F 227 -11.52 -23.01 71.62
N VAL F 228 -11.81 -23.87 72.59
CA VAL F 228 -12.26 -25.23 72.31
C VAL F 228 -13.53 -25.47 73.10
N ARG F 229 -14.67 -25.47 72.40
CA ARG F 229 -15.95 -25.80 73.01
C ARG F 229 -16.08 -27.31 73.05
N LEU F 230 -16.32 -27.84 74.24
CA LEU F 230 -16.26 -29.27 74.45
C LEU F 230 -17.72 -29.74 74.61
N ARG F 231 -17.97 -31.04 74.74
CA ARG F 231 -19.34 -31.52 74.73
C ARG F 231 -20.12 -31.03 75.95
N GLY F 232 -19.67 -31.41 77.14
CA GLY F 232 -20.47 -31.22 78.33
C GLY F 232 -20.48 -29.85 78.96
N LEU F 233 -19.55 -28.97 78.58
CA LEU F 233 -19.43 -27.69 79.28
C LEU F 233 -20.07 -26.56 78.49
N ASN F 234 -20.84 -25.74 79.20
CA ASN F 234 -21.23 -24.42 78.71
C ASN F 234 -20.02 -23.53 78.50
N THR F 235 -18.99 -23.70 79.31
CA THR F 235 -17.78 -22.90 79.20
C THR F 235 -16.71 -23.67 78.44
N PRO F 236 -16.29 -23.20 77.27
CA PRO F 236 -15.18 -23.85 76.56
C PRO F 236 -13.87 -23.64 77.29
N VAL F 237 -12.78 -24.10 76.67
CA VAL F 237 -11.45 -23.96 77.24
C VAL F 237 -10.60 -23.09 76.31
N MET F 238 -9.96 -22.06 76.87
CA MET F 238 -9.02 -21.23 76.12
C MET F 238 -7.60 -21.70 76.43
N LEU F 239 -6.78 -21.76 75.39
CA LEU F 239 -5.41 -22.20 75.49
C LEU F 239 -4.51 -21.27 74.69
N THR F 240 -3.34 -20.97 75.23
CA THR F 240 -2.39 -20.10 74.55
C THR F 240 -1.30 -20.93 73.88
N LEU F 241 -1.15 -20.75 72.58
CA LEU F 241 -0.27 -21.55 71.74
C LEU F 241 0.96 -20.70 71.42
N ILE F 242 2.09 -21.04 72.05
CA ILE F 242 3.33 -20.30 71.88
C ILE F 242 4.33 -21.22 71.20
N PRO F 243 4.74 -20.92 69.97
CA PRO F 243 5.77 -21.73 69.31
C PRO F 243 7.17 -21.18 69.56
N GLY F 244 8.16 -21.97 69.17
CA GLY F 244 9.55 -21.55 69.29
C GLY F 244 10.12 -21.64 70.68
N GLN F 245 9.66 -22.57 71.50
CA GLN F 245 10.19 -22.75 72.83
C GLN F 245 11.27 -23.83 72.84
N LYS F 246 11.98 -23.93 73.96
CA LYS F 246 13.10 -24.87 74.09
C LYS F 246 12.64 -26.32 74.21
N ALA F 247 11.34 -26.58 74.16
CA ALA F 247 10.80 -27.92 74.11
C ALA F 247 9.53 -27.92 73.27
N VAL F 248 9.10 -29.10 72.83
CA VAL F 248 7.85 -29.27 72.12
C VAL F 248 6.91 -30.07 72.99
N ASP F 249 5.69 -29.57 73.14
CA ASP F 249 4.61 -30.29 73.81
C ASP F 249 4.11 -31.34 72.82
N TYR F 250 4.87 -32.42 72.67
CA TYR F 250 4.59 -33.39 71.62
C TYR F 250 3.20 -33.98 71.80
N ARG F 251 2.79 -34.23 73.04
CA ARG F 251 1.40 -34.45 73.38
C ARG F 251 1.15 -33.77 74.71
N VAL F 252 -0.10 -33.39 74.96
CA VAL F 252 -0.50 -32.82 76.24
C VAL F 252 -1.75 -33.56 76.69
N ASP F 253 -1.86 -33.82 77.99
CA ASP F 253 -3.04 -34.47 78.56
C ASP F 253 -3.81 -33.43 79.37
N LEU F 254 -4.85 -32.87 78.75
CA LEU F 254 -5.64 -31.81 79.37
C LEU F 254 -6.64 -32.45 80.32
N ARG F 255 -6.50 -32.15 81.61
CA ARG F 255 -7.40 -32.67 82.65
C ARG F 255 -8.35 -31.55 83.05
N VAL F 256 -9.46 -31.46 82.31
CA VAL F 256 -10.42 -30.38 82.51
C VAL F 256 -11.05 -30.49 83.90
N GLN F 257 -11.60 -29.36 84.36
CA GLN F 257 -12.13 -29.25 85.72
C GLN F 257 -13.40 -30.06 85.91
N GLY F 258 -14.22 -30.20 84.86
CA GLY F 258 -15.51 -30.85 84.97
C GLY F 258 -15.48 -32.33 84.73
N TYR F 259 -16.66 -32.91 84.54
CA TYR F 259 -16.84 -34.34 84.27
C TYR F 259 -17.49 -34.50 82.90
N GLY F 260 -16.95 -35.39 82.09
CA GLY F 260 -17.45 -35.62 80.75
C GLY F 260 -18.55 -36.66 80.68
N PRO F 261 -19.04 -36.93 79.47
CA PRO F 261 -20.01 -38.00 79.28
C PRO F 261 -19.46 -39.40 79.52
N ASN F 262 -18.16 -39.52 79.77
CA ASN F 262 -17.53 -40.78 80.11
C ASN F 262 -17.09 -40.70 81.56
N ALA F 263 -17.51 -41.68 82.37
CA ALA F 263 -17.19 -41.69 83.79
C ALA F 263 -16.77 -43.08 84.24
N CYS G 1 8.00 12.40 81.69
CA CYS G 1 6.73 11.69 81.63
C CYS G 1 5.57 12.56 82.11
N THR G 2 5.12 12.29 83.33
CA THR G 2 3.93 12.94 83.86
C THR G 2 4.13 14.42 84.12
N ASP G 3 5.34 14.83 84.53
CA ASP G 3 5.58 16.24 84.80
C ASP G 3 5.51 17.08 83.53
N ALA G 4 6.04 16.57 82.42
CA ALA G 4 5.87 17.26 81.15
C ALA G 4 4.40 17.39 80.79
N ALA G 5 3.62 16.34 81.03
CA ALA G 5 2.20 16.38 80.71
C ALA G 5 1.45 17.39 81.57
N LEU G 6 1.76 17.44 82.87
CA LEU G 6 1.00 18.36 83.73
C LEU G 6 1.40 19.81 83.46
N ALA G 7 2.68 20.06 83.19
CA ALA G 7 3.07 21.40 82.78
C ALA G 7 2.41 21.78 81.46
N ALA G 8 2.33 20.84 80.53
CA ALA G 8 1.64 21.10 79.27
C ALA G 8 0.19 21.47 79.51
N LEU G 9 -0.53 20.66 80.30
CA LEU G 9 -1.97 20.88 80.48
C LEU G 9 -2.23 22.19 81.22
N GLU G 10 -1.37 22.54 82.19
CA GLU G 10 -1.56 23.81 82.87
C GLU G 10 -1.24 24.98 81.93
N TYR G 11 -0.29 24.80 81.01
CA TYR G 11 -0.05 25.84 80.00
C TYR G 11 -1.23 25.98 79.05
N HIS G 12 -1.89 24.87 78.71
CA HIS G 12 -3.05 24.92 77.83
C HIS G 12 -4.21 25.62 78.51
N LYS G 13 -4.46 25.29 79.78
CA LYS G 13 -5.47 26.01 80.55
C LYS G 13 -5.16 27.49 80.69
N SER G 14 -3.90 27.83 80.97
CA SER G 14 -3.51 29.23 81.13
C SER G 14 -3.69 30.03 79.84
N ASN G 15 -3.31 29.46 78.70
CA ASN G 15 -3.42 30.13 77.41
C ASN G 15 -4.55 29.47 76.63
N ALA G 16 -5.73 30.07 76.67
CA ALA G 16 -6.91 29.50 76.03
C ALA G 16 -6.91 29.75 74.53
N CYS H 1 -7.72 16.83 77.44
CA CYS H 1 -7.19 17.65 76.36
C CYS H 1 -5.85 17.13 75.85
N VAL H 2 -5.04 16.63 76.76
CA VAL H 2 -3.67 16.23 76.45
C VAL H 2 -3.68 14.91 75.70
N SER H 3 -3.08 14.93 74.50
CA SER H 3 -2.78 13.73 73.74
C SER H 3 -1.37 13.31 74.11
N MET H 4 -1.26 12.35 75.03
CA MET H 4 0.03 12.05 75.62
C MET H 4 0.96 11.31 74.68
N ILE H 5 0.41 10.66 73.65
CA ILE H 5 1.26 10.09 72.62
C ILE H 5 1.83 11.19 71.73
N GLY H 6 1.21 12.36 71.78
CA GLY H 6 1.88 13.56 71.33
C GLY H 6 2.73 14.11 72.47
N GLY H 7 3.49 13.23 73.12
CA GLY H 7 4.26 13.62 74.28
C GLY H 7 5.76 13.47 74.08
N SER H 8 6.52 14.27 74.83
CA SER H 8 7.97 14.25 74.74
C SER H 8 8.54 14.71 76.07
N ARG H 9 9.51 13.97 76.59
CA ARG H 9 10.17 14.36 77.84
C ARG H 9 10.89 15.69 77.63
N ARG I 1 3.19 19.05 71.58
CA ARG I 1 1.91 18.42 71.88
C ARG I 1 0.79 19.34 71.43
N VAL I 2 -0.32 18.77 70.96
CA VAL I 2 -1.41 19.53 70.36
C VAL I 2 -2.71 19.21 71.08
N SER I 3 -3.54 20.23 71.27
CA SER I 3 -4.81 20.09 71.96
C SER I 3 -5.93 19.82 70.94
N ILE I 4 -7.18 19.86 71.42
CA ILE I 4 -8.32 19.62 70.53
C ILE I 4 -8.84 20.94 69.98
N GLY I 5 -8.26 22.07 70.41
CA GLY I 5 -8.54 23.33 69.77
C GLY I 5 -7.82 23.55 68.46
N GLY I 6 -6.72 22.84 68.24
CA GLY I 6 -5.92 22.96 67.03
C GLY I 6 -4.70 23.84 67.20
N THR I 7 -4.74 24.77 68.15
CA THR I 7 -3.55 25.52 68.51
C THR I 7 -2.60 24.60 69.27
N VAL I 8 -1.35 24.57 68.84
CA VAL I 8 -0.36 23.65 69.39
C VAL I 8 0.35 24.38 70.53
N TYR I 9 0.04 23.99 71.76
CA TYR I 9 0.74 24.48 72.94
C TYR I 9 1.56 23.32 73.50
N THR I 10 2.85 23.58 73.74
CA THR I 10 3.77 22.53 74.12
C THR I 10 4.46 22.88 75.44
N ALA I 11 4.74 21.84 76.22
CA ALA I 11 5.66 21.96 77.33
C ALA I 11 7.09 22.11 76.80
N LYS I 12 7.97 22.68 77.63
CA LYS I 12 9.31 23.00 77.16
C LYS I 12 10.31 21.87 77.43
N LYS I 13 10.55 21.54 78.70
CA LYS I 13 11.52 20.51 79.06
C LYS I 13 11.25 20.06 80.48
N TYR I 14 10.85 18.81 80.65
CA TYR I 14 10.58 18.25 81.97
C TYR I 14 10.94 16.77 82.00
N ASP I 15 11.65 16.35 83.03
CA ASP I 15 12.15 15.00 83.18
C ASP I 15 11.75 14.44 84.54
N ASP I 16 11.65 13.11 84.60
CA ASP I 16 11.37 12.42 85.86
C ASP I 16 12.01 11.04 85.86
N PRO J 1 5.69 8.85 74.20
CA PRO J 1 6.86 8.09 74.62
C PRO J 1 7.41 8.56 75.96
N PHE J 2 7.21 7.76 77.01
CA PHE J 2 7.63 8.09 78.36
C PHE J 2 8.53 6.98 78.91
N GLY J 3 9.39 7.36 79.85
CA GLY J 3 10.35 6.43 80.44
C GLY J 3 9.80 5.54 81.52
N ALA J 4 8.56 5.75 81.96
CA ALA J 4 7.93 4.91 82.96
C ALA J 4 7.01 3.86 82.33
N ASP J 5 7.29 3.46 81.10
CA ASP J 5 6.49 2.45 80.41
C ASP J 5 6.67 1.08 81.03
N ARG K 207 -10.37 1.67 103.31
CA ARG K 207 -11.14 2.28 102.24
C ARG K 207 -11.38 1.28 101.11
N ILE K 208 -11.95 1.76 100.01
CA ILE K 208 -12.23 0.92 98.83
C ILE K 208 -11.15 1.22 97.81
N ILE K 209 -10.39 0.20 97.43
CA ILE K 209 -9.30 0.35 96.47
C ILE K 209 -9.78 -0.11 95.11
N TYR K 210 -9.60 0.74 94.11
CA TYR K 210 -9.97 0.44 92.73
C TYR K 210 -8.71 0.19 91.92
N TYR K 211 -8.85 -0.60 90.85
CA TYR K 211 -7.77 -0.82 89.90
C TYR K 211 -8.31 -0.54 88.50
N ILE K 212 -7.40 -0.26 87.57
CA ILE K 212 -7.84 0.02 86.21
C ILE K 212 -8.40 -1.25 85.59
N GLN K 213 -9.57 -1.11 84.98
CA GLN K 213 -10.15 -2.18 84.17
C GLN K 213 -9.74 -2.06 82.71
N ALA K 214 -9.64 -0.83 82.21
CA ALA K 214 -9.08 -0.50 80.91
C ALA K 214 -8.90 1.00 80.85
N VAL K 215 -8.12 1.47 79.87
CA VAL K 215 -7.85 2.90 79.75
C VAL K 215 -7.46 3.21 78.32
N ILE K 216 -8.00 4.31 77.80
CA ILE K 216 -7.63 4.87 76.50
C ILE K 216 -7.50 6.38 76.68
N PRO K 217 -6.93 7.12 75.70
CA PRO K 217 -6.90 8.58 75.83
C PRO K 217 -8.28 9.18 76.10
N GLY K 218 -8.43 9.80 77.27
CA GLY K 218 -9.71 10.32 77.69
C GLY K 218 -10.34 9.47 78.78
N ARG K 219 -11.35 8.69 78.43
CA ARG K 219 -12.02 7.84 79.39
C ARG K 219 -11.11 6.74 79.90
N ALA K 220 -11.30 6.37 81.16
CA ALA K 220 -10.66 5.21 81.75
C ALA K 220 -11.71 4.47 82.56
N TRP K 221 -11.86 3.18 82.31
CA TRP K 221 -12.81 2.36 83.05
C TRP K 221 -12.06 1.66 84.18
N LEU K 222 -12.56 1.81 85.39
CA LEU K 222 -11.93 1.28 86.58
C LEU K 222 -12.90 0.41 87.37
N ILE K 223 -12.35 -0.61 88.01
CA ILE K 223 -13.10 -1.59 88.78
C ILE K 223 -12.60 -1.57 90.22
N GLY K 224 -13.51 -1.40 91.17
CA GLY K 224 -13.16 -1.36 92.57
C GLY K 224 -13.16 -2.72 93.22
N SER K 225 -12.92 -2.73 94.53
CA SER K 225 -12.96 -3.95 95.32
C SER K 225 -14.38 -4.37 95.66
N ASN K 226 -15.35 -3.49 95.48
CA ASN K 226 -16.76 -3.80 95.71
C ASN K 226 -17.45 -4.34 94.47
N GLY K 227 -16.73 -4.50 93.38
CA GLY K 227 -17.32 -4.91 92.12
C GLY K 227 -17.91 -3.77 91.30
N SER K 228 -17.89 -2.54 91.82
CA SER K 228 -18.41 -1.42 91.07
C SER K 228 -17.47 -1.02 89.94
N THR K 229 -18.05 -0.71 88.78
CA THR K 229 -17.30 -0.28 87.61
C THR K 229 -17.70 1.14 87.25
N LEU K 230 -16.70 1.98 87.00
CA LEU K 230 -16.91 3.38 86.66
C LEU K 230 -16.07 3.74 85.45
N THR K 231 -16.42 4.86 84.82
CA THR K 231 -15.67 5.42 83.71
C THR K 231 -15.39 6.89 84.00
N VAL K 232 -14.19 7.35 83.67
CA VAL K 232 -13.74 8.68 84.03
C VAL K 232 -13.15 9.39 82.83
N ARG K 233 -13.01 10.70 82.95
CA ARG K 233 -12.46 11.60 81.95
C ARG K 233 -11.35 12.44 82.59
N GLU K 234 -10.94 13.49 81.88
CA GLU K 234 -9.90 14.39 82.37
C GLU K 234 -10.20 14.89 83.78
N GLY K 235 -11.42 15.37 84.00
CA GLY K 235 -11.82 15.82 85.33
C GLY K 235 -13.09 15.17 85.82
N SER K 236 -12.98 14.38 86.90
CA SER K 236 -14.14 13.68 87.44
C SER K 236 -13.94 13.49 88.93
N LYS K 237 -15.06 13.30 89.64
CA LYS K 237 -15.04 13.06 91.07
C LYS K 237 -15.03 11.56 91.35
N ILE K 238 -13.95 11.08 91.95
CA ILE K 238 -13.82 9.69 92.38
C ILE K 238 -14.01 9.67 93.89
N PRO K 239 -14.95 8.89 94.42
CA PRO K 239 -15.21 8.92 95.88
C PRO K 239 -13.97 8.53 96.67
N GLY K 240 -13.55 9.42 97.55
CA GLY K 240 -12.36 9.21 98.35
C GLY K 240 -11.09 9.61 97.63
N TYR K 241 -11.04 9.33 96.32
CA TYR K 241 -9.85 9.65 95.53
C TYR K 241 -9.79 11.12 95.17
N GLY K 242 -10.89 11.85 95.32
CA GLY K 242 -10.89 13.26 95.00
C GLY K 242 -11.27 13.56 93.56
N MET K 243 -10.37 14.21 92.84
CA MET K 243 -10.61 14.62 91.46
C MET K 243 -9.39 14.25 90.61
N VAL K 244 -9.63 13.57 89.49
CA VAL K 244 -8.54 13.05 88.69
C VAL K 244 -7.83 14.16 87.93
N LYS K 245 -6.52 14.24 88.08
CA LYS K 245 -5.72 15.23 87.37
C LYS K 245 -5.21 14.75 86.01
N LEU K 246 -4.90 13.47 85.85
CA LEU K 246 -4.31 13.04 84.58
C LEU K 246 -4.58 11.56 84.35
N ILE K 247 -4.68 11.19 83.07
CA ILE K 247 -4.92 9.81 82.63
C ILE K 247 -3.77 9.44 81.70
N ASP K 248 -2.82 8.68 82.21
CA ASP K 248 -1.67 8.19 81.46
C ASP K 248 -2.03 6.81 80.92
N SER K 249 -2.69 6.78 79.75
CA SER K 249 -3.18 5.52 79.20
C SER K 249 -2.06 4.56 78.79
N LEU K 250 -0.96 5.07 78.24
CA LEU K 250 0.11 4.18 77.80
C LEU K 250 0.87 3.59 78.98
N GLN K 251 0.87 4.25 80.13
CA GLN K 251 1.39 3.64 81.35
C GLN K 251 0.32 2.99 82.21
N GLY K 252 -0.94 3.05 81.82
CA GLY K 252 -2.01 2.55 82.66
C GLY K 252 -2.08 3.21 84.02
N ARG K 253 -1.89 4.52 84.07
CA ARG K 253 -1.72 5.29 85.29
C ARG K 253 -2.80 6.37 85.38
N ILE K 254 -3.41 6.52 86.55
CA ILE K 254 -4.34 7.62 86.82
C ILE K 254 -3.76 8.42 87.99
N LEU K 255 -3.57 9.72 87.79
CA LEU K 255 -3.20 10.60 88.89
C LEU K 255 -4.40 11.44 89.28
N THR K 256 -4.70 11.48 90.58
CA THR K 256 -5.79 12.31 91.10
C THR K 256 -5.24 13.26 92.17
N SER K 257 -6.11 14.18 92.59
CA SER K 257 -5.68 15.30 93.42
C SER K 257 -5.17 14.87 94.79
N SER K 258 -5.61 13.71 95.28
CA SER K 258 -5.22 13.21 96.60
C SER K 258 -3.82 12.62 96.60
N GLY K 259 -3.07 12.79 95.52
CA GLY K 259 -1.70 12.32 95.43
C GLY K 259 -1.51 10.86 95.15
N GLN K 260 -2.48 10.01 95.47
CA GLN K 260 -2.37 8.59 95.18
C GLN K 260 -2.58 8.33 93.69
N VAL K 261 -2.14 7.17 93.23
CA VAL K 261 -2.14 6.84 91.80
C VAL K 261 -2.88 5.52 91.60
N ILE K 262 -3.80 5.51 90.65
CA ILE K 262 -4.56 4.32 90.28
C ILE K 262 -3.80 3.56 89.20
N LYS K 263 -3.54 2.29 89.44
CA LYS K 263 -2.83 1.43 88.51
C LYS K 263 -3.74 0.26 88.13
N PHE K 264 -3.32 -0.48 87.11
CA PHE K 264 -3.88 -1.80 86.89
C PHE K 264 -3.55 -2.68 88.09
N SER K 265 -4.47 -3.61 88.40
CA SER K 265 -4.24 -4.50 89.53
C SER K 265 -3.01 -5.36 89.27
N GLN K 266 -2.35 -5.76 90.37
CA GLN K 266 -1.15 -6.58 90.26
C GLN K 266 -1.46 -7.92 89.59
N GLU K 267 -2.67 -8.45 89.80
CA GLU K 267 -3.03 -9.78 89.32
C GLU K 267 -3.71 -9.76 87.95
N ASP K 268 -3.89 -8.59 87.34
CA ASP K 268 -4.47 -8.54 86.00
C ASP K 268 -3.61 -7.80 84.99
N SER K 269 -2.50 -7.20 85.41
CA SER K 269 -1.64 -6.48 84.47
C SER K 269 -0.56 -7.39 83.91
N ALA L 104 50.20 -29.05 34.07
CA ALA L 104 49.92 -30.44 33.79
C ALA L 104 48.55 -30.85 34.34
N GLU L 105 48.56 -31.65 35.40
CA GLU L 105 47.33 -32.12 36.03
C GLU L 105 46.88 -31.25 37.18
N VAL L 106 47.63 -30.18 37.50
CA VAL L 106 47.21 -29.26 38.55
C VAL L 106 46.17 -28.26 38.08
N ILE L 107 45.99 -28.12 36.76
CA ILE L 107 44.90 -27.30 36.25
C ILE L 107 43.57 -27.81 36.75
N ASP L 108 43.37 -29.14 36.74
CA ASP L 108 42.18 -29.71 37.35
C ASP L 108 42.05 -29.30 38.81
N LYS L 109 43.16 -29.28 39.54
CA LYS L 109 43.12 -28.90 40.94
C LYS L 109 42.60 -27.47 41.13
N LYS L 110 43.27 -26.48 40.52
CA LYS L 110 42.84 -25.11 40.77
C LYS L 110 41.43 -24.88 40.21
N ALA L 111 41.10 -25.54 39.10
CA ALA L 111 39.74 -25.45 38.58
C ALA L 111 38.73 -25.94 39.61
N PHE L 112 39.04 -27.05 40.28
CA PHE L 112 38.08 -27.62 41.24
C PHE L 112 37.96 -26.77 42.50
N LYS L 113 39.07 -26.16 42.95
CA LYS L 113 38.95 -25.18 44.03
C LYS L 113 37.99 -24.06 43.62
N ASP L 114 38.22 -23.47 42.44
CA ASP L 114 37.29 -22.45 41.96
C ASP L 114 35.87 -22.99 41.89
N MET L 115 35.73 -24.29 41.58
CA MET L 115 34.40 -24.89 41.50
C MET L 115 33.69 -24.92 42.84
N THR L 116 34.23 -25.64 43.80
CA THR L 116 33.56 -25.68 45.10
C THR L 116 33.50 -24.31 45.76
N ARG L 117 34.17 -23.31 45.21
CA ARG L 117 33.92 -21.96 45.69
C ARG L 117 32.87 -21.21 44.87
N ASN L 118 32.50 -21.66 43.66
CA ASN L 118 31.38 -20.98 43.01
C ASN L 118 30.06 -21.74 43.06
N LEU L 119 30.03 -23.05 42.74
CA LEU L 119 28.74 -23.75 42.81
C LEU L 119 28.21 -23.79 44.24
N TYR L 120 29.09 -24.02 45.22
CA TYR L 120 28.75 -23.95 46.62
C TYR L 120 29.57 -22.83 47.24
N PRO L 121 29.30 -21.58 46.87
CA PRO L 121 29.98 -20.46 47.52
C PRO L 121 29.65 -20.36 48.98
N LEU L 122 28.52 -20.92 49.39
CA LEU L 122 28.13 -21.04 50.78
C LEU L 122 28.86 -22.24 51.36
N ASN L 123 30.10 -22.01 51.80
CA ASN L 123 30.80 -22.97 52.62
C ASN L 123 29.94 -23.27 53.85
N PRO L 124 29.98 -24.50 54.37
CA PRO L 124 29.01 -24.90 55.40
C PRO L 124 29.00 -24.03 56.65
N GLU L 125 29.91 -23.08 56.80
CA GLU L 125 29.83 -22.14 57.92
C GLU L 125 28.87 -20.99 57.65
N GLN L 126 29.01 -20.32 56.51
CA GLN L 126 28.20 -19.15 56.23
C GLN L 126 26.74 -19.49 55.98
N VAL L 127 26.43 -20.72 55.56
CA VAL L 127 25.02 -21.10 55.41
C VAL L 127 24.36 -21.28 56.77
N VAL L 128 25.07 -21.87 57.74
CA VAL L 128 24.46 -21.99 59.06
C VAL L 128 24.34 -20.61 59.71
N LYS L 129 25.31 -19.74 59.49
CA LYS L 129 25.18 -18.36 59.99
C LYS L 129 24.05 -17.63 59.27
N LEU L 130 23.87 -17.88 57.97
CA LEU L 130 22.79 -17.25 57.22
C LEU L 130 21.44 -17.70 57.77
N LYS L 131 21.30 -18.99 58.07
CA LYS L 131 20.12 -19.48 58.77
C LYS L 131 19.96 -18.77 60.11
N GLN L 132 21.06 -18.61 60.84
CA GLN L 132 21.04 -17.93 62.13
C GLN L 132 20.46 -16.53 62.01
N ILE L 133 20.99 -15.72 61.09
CA ILE L 133 20.53 -14.34 60.99
C ILE L 133 19.10 -14.30 60.47
N TYR L 134 18.74 -15.24 59.59
CA TYR L 134 17.35 -15.32 59.15
C TYR L 134 16.40 -15.51 60.31
N GLU L 135 16.66 -16.50 61.17
CA GLU L 135 15.67 -16.77 62.20
C GLU L 135 15.74 -15.74 63.31
N THR L 136 16.90 -15.10 63.54
CA THR L 136 16.93 -13.96 64.44
C THR L 136 16.12 -12.80 63.90
N SER L 137 16.22 -12.54 62.59
CA SER L 137 15.46 -11.45 61.99
C SER L 137 13.96 -11.70 62.10
N GLU L 138 13.52 -12.93 61.85
CA GLU L 138 12.09 -13.19 61.99
C GLU L 138 11.67 -13.32 63.46
N TYR L 139 12.61 -13.57 64.38
CA TYR L 139 12.29 -13.46 65.79
C TYR L 139 12.06 -12.00 66.18
N ALA L 140 12.88 -11.10 65.65
CA ALA L 140 12.61 -9.67 65.83
C ALA L 140 11.29 -9.28 65.19
N LYS L 141 10.93 -9.93 64.08
CA LYS L 141 9.58 -9.82 63.54
C LYS L 141 8.52 -10.26 64.56
N ALA L 142 8.77 -11.38 65.24
CA ALA L 142 7.78 -11.97 66.14
C ALA L 142 7.68 -11.24 67.47
N ALA L 143 8.74 -10.58 67.92
CA ALA L 143 8.76 -10.01 69.26
C ALA L 143 7.79 -8.84 69.37
N THR L 144 6.81 -9.00 70.25
CA THR L 144 5.69 -8.09 70.53
C THR L 144 6.21 -6.79 71.13
N PRO L 145 5.45 -5.69 71.08
CA PRO L 145 5.92 -4.45 71.71
C PRO L 145 5.83 -4.56 73.22
N GLY L 146 6.98 -4.65 73.88
CA GLY L 146 7.02 -4.69 75.32
C GLY L 146 6.34 -5.91 75.91
N THR L 147 5.67 -5.69 77.02
CA THR L 147 4.97 -6.78 77.68
C THR L 147 3.68 -7.10 76.92
N PRO L 148 3.47 -8.35 76.53
CA PRO L 148 2.18 -8.73 75.98
C PRO L 148 1.10 -8.62 77.04
N PRO L 149 -0.15 -8.52 76.64
CA PRO L 149 -1.23 -8.50 77.63
C PRO L 149 -1.30 -9.79 78.42
N LYS L 150 -1.62 -9.67 79.70
CA LYS L 150 -1.73 -10.84 80.56
C LYS L 150 -2.99 -11.63 80.21
N PRO L 151 -2.90 -12.93 79.99
CA PRO L 151 -4.09 -13.73 79.70
C PRO L 151 -4.90 -13.99 80.96
N THR L 152 -6.05 -13.33 81.07
CA THR L 152 -6.91 -13.47 82.23
C THR L 152 -8.31 -13.89 81.80
N ALA L 153 -8.91 -14.78 82.59
CA ALA L 153 -10.30 -15.16 82.42
C ALA L 153 -11.08 -14.58 83.59
N THR L 154 -11.89 -13.57 83.32
CA THR L 154 -12.57 -12.81 84.36
C THR L 154 -14.06 -13.15 84.38
N SER L 155 -14.76 -12.57 85.34
CA SER L 155 -16.21 -12.73 85.46
C SER L 155 -16.78 -11.41 85.94
N GLN L 156 -17.76 -10.88 85.22
CA GLN L 156 -18.35 -9.59 85.55
C GLN L 156 -19.85 -9.76 85.70
N PHE L 157 -20.44 -8.96 86.60
CA PHE L 157 -21.86 -8.99 86.87
C PHE L 157 -22.53 -7.84 86.12
N VAL L 158 -23.38 -8.18 85.15
CA VAL L 158 -24.07 -7.20 84.33
C VAL L 158 -25.23 -6.60 85.09
N ASN L 159 -25.26 -5.27 85.17
CA ASN L 159 -26.32 -4.51 85.82
C ASN L 159 -27.01 -3.66 84.76
N LEU L 160 -28.28 -3.95 84.48
CA LEU L 160 -29.01 -3.23 83.44
C LEU L 160 -29.83 -2.07 84.00
N SER L 161 -29.64 -1.73 85.29
CA SER L 161 -30.35 -0.58 85.82
C SER L 161 -29.83 0.70 85.18
N PRO L 162 -30.69 1.69 84.93
CA PRO L 162 -30.22 2.96 84.34
C PRO L 162 -29.20 3.63 85.25
N GLY L 163 -28.23 4.29 84.61
CA GLY L 163 -27.12 4.91 85.30
C GLY L 163 -25.86 4.07 85.34
N SER L 164 -25.94 2.81 84.92
CA SER L 164 -24.80 1.90 84.97
C SER L 164 -23.94 2.05 83.72
N THR L 165 -22.63 2.00 83.93
CA THR L 165 -21.73 1.93 82.79
C THR L 165 -21.74 0.51 82.20
N PRO L 166 -21.70 0.40 80.88
CA PRO L 166 -21.63 -0.92 80.27
C PRO L 166 -20.34 -1.62 80.63
N PRO L 167 -20.35 -2.94 80.75
CA PRO L 167 -19.13 -3.67 81.09
C PRO L 167 -18.13 -3.64 79.94
N VAL L 168 -16.86 -3.76 80.31
CA VAL L 168 -15.73 -3.54 79.40
C VAL L 168 -15.04 -4.87 79.14
N ILE L 169 -14.74 -5.14 77.87
CA ILE L 169 -14.02 -6.34 77.44
C ILE L 169 -12.71 -5.91 76.82
N ARG L 170 -11.61 -6.49 77.31
CA ARG L 170 -10.26 -6.20 76.80
C ARG L 170 -9.89 -7.27 75.79
N LEU L 171 -9.49 -6.84 74.60
CA LEU L 171 -9.18 -7.76 73.52
C LEU L 171 -7.76 -7.44 73.02
N SER L 172 -7.26 -8.23 72.07
CA SER L 172 -5.96 -7.97 71.47
C SER L 172 -6.02 -8.30 69.98
N GLN L 173 -5.09 -7.70 69.23
CA GLN L 173 -4.99 -7.94 67.80
C GLN L 173 -4.68 -9.41 67.51
N GLY L 174 -5.59 -10.08 66.79
CA GLY L 174 -5.38 -11.44 66.37
C GLY L 174 -5.76 -12.51 67.37
N PHE L 175 -6.32 -12.15 68.52
CA PHE L 175 -6.66 -13.10 69.55
C PHE L 175 -8.17 -13.18 69.73
N VAL L 176 -8.64 -14.37 70.10
CA VAL L 176 -10.06 -14.62 70.29
C VAL L 176 -10.40 -14.47 71.77
N SER L 177 -11.53 -13.83 72.05
CA SER L 177 -12.09 -13.73 73.39
C SER L 177 -13.48 -14.32 73.36
N SER L 178 -13.75 -15.27 74.25
CA SER L 178 -15.02 -15.98 74.27
C SER L 178 -15.83 -15.52 75.47
N LEU L 179 -16.97 -14.89 75.19
CA LEU L 179 -17.87 -14.44 76.24
C LEU L 179 -19.03 -15.40 76.36
N VAL L 180 -19.24 -15.90 77.58
CA VAL L 180 -20.38 -16.77 77.90
C VAL L 180 -21.35 -15.98 78.74
N PHE L 181 -22.64 -16.15 78.47
CA PHE L 181 -23.70 -15.39 79.13
C PHE L 181 -24.45 -16.29 80.10
N LEU L 182 -24.51 -15.85 81.35
CA LEU L 182 -25.19 -16.59 82.40
C LEU L 182 -26.15 -15.68 83.14
N ASP L 183 -27.22 -16.27 83.67
CA ASP L 183 -28.20 -15.54 84.45
C ASP L 183 -27.70 -15.39 85.89
N SER L 184 -28.60 -14.98 86.79
CA SER L 184 -28.22 -14.82 88.20
C SER L 184 -27.74 -16.13 88.81
N THR L 185 -28.42 -17.24 88.50
CA THR L 185 -28.01 -18.52 89.05
C THR L 185 -26.77 -19.10 88.35
N GLY L 186 -26.24 -18.39 87.36
CA GLY L 186 -25.04 -18.84 86.68
C GLY L 186 -25.27 -19.87 85.61
N ALA L 187 -26.52 -20.19 85.31
CA ALA L 187 -26.88 -21.14 84.27
C ALA L 187 -26.73 -20.50 82.90
N PRO L 188 -26.48 -21.32 81.87
CA PRO L 188 -26.31 -20.76 80.52
C PRO L 188 -27.55 -20.00 80.06
N TRP L 189 -27.33 -18.93 79.32
CA TRP L 189 -28.42 -18.09 78.80
C TRP L 189 -28.26 -17.94 77.30
N PRO L 190 -29.02 -18.70 76.49
CA PRO L 190 -28.82 -18.68 75.04
C PRO L 190 -29.07 -17.31 74.43
N ILE L 191 -28.42 -17.05 73.31
CA ILE L 191 -28.53 -15.78 72.60
C ILE L 191 -29.36 -15.98 71.35
N ALA L 192 -29.99 -14.89 70.88
CA ALA L 192 -30.57 -14.92 69.55
C ALA L 192 -29.99 -13.84 68.65
N ALA L 193 -29.69 -12.65 69.18
CA ALA L 193 -29.25 -11.60 68.25
C ALA L 193 -28.05 -10.88 68.86
N TYR L 194 -27.26 -10.26 67.98
CA TYR L 194 -26.25 -9.32 68.42
C TYR L 194 -25.97 -8.32 67.31
N ASP L 195 -25.78 -7.08 67.72
CA ASP L 195 -25.33 -5.98 66.87
C ASP L 195 -23.90 -5.68 67.24
N LEU L 196 -22.98 -5.86 66.30
CA LEU L 196 -21.60 -5.43 66.47
C LEU L 196 -21.49 -4.04 65.85
N GLY L 197 -21.11 -3.06 66.66
CA GLY L 197 -20.88 -1.72 66.14
C GLY L 197 -19.50 -1.65 65.51
N ASP L 198 -19.47 -1.36 64.21
CA ASP L 198 -18.25 -1.34 63.41
C ASP L 198 -17.54 -2.70 63.47
N PRO L 199 -18.10 -3.75 62.86
CA PRO L 199 -17.37 -5.02 62.73
C PRO L 199 -16.26 -5.00 61.70
N SER L 200 -15.95 -3.85 61.10
CA SER L 200 -14.73 -3.70 60.31
C SER L 200 -13.48 -3.68 61.18
N SER L 201 -13.65 -3.47 62.49
CA SER L 201 -12.55 -3.56 63.43
C SER L 201 -12.59 -4.84 64.25
N PHE L 202 -13.76 -5.47 64.38
CA PHE L 202 -13.93 -6.66 65.20
C PHE L 202 -14.63 -7.75 64.38
N ASN L 203 -14.19 -9.00 64.56
CA ASN L 203 -14.75 -10.14 63.84
C ASN L 203 -15.31 -11.13 64.86
N ILE L 204 -16.59 -11.46 64.73
CA ILE L 204 -17.32 -12.22 65.73
C ILE L 204 -17.87 -13.48 65.09
N GLN L 205 -17.70 -14.62 65.77
CA GLN L 205 -18.35 -15.86 65.41
C GLN L 205 -19.26 -16.31 66.54
N TRP L 206 -20.34 -16.98 66.17
CA TRP L 206 -21.34 -17.44 67.13
C TRP L 206 -22.20 -18.49 66.46
N ASP L 207 -22.11 -19.73 66.93
CA ASP L 207 -23.02 -20.76 66.47
C ASP L 207 -24.43 -20.41 66.96
N LYS L 208 -25.43 -20.61 66.10
CA LYS L 208 -26.72 -19.97 66.30
C LYS L 208 -27.45 -20.45 67.54
N THR L 209 -27.01 -21.54 68.17
CA THR L 209 -27.73 -22.09 69.31
C THR L 209 -27.07 -21.74 70.64
N SER L 210 -25.74 -21.72 70.70
CA SER L 210 -25.05 -21.58 71.98
C SER L 210 -25.21 -20.18 72.54
N ASN L 211 -24.65 -19.98 73.73
CA ASN L 211 -24.69 -18.71 74.45
C ASN L 211 -23.31 -18.06 74.53
N THR L 212 -22.43 -18.36 73.57
CA THR L 212 -21.05 -17.92 73.61
C THR L 212 -20.70 -17.18 72.33
N LEU L 213 -20.05 -16.03 72.48
CA LEU L 213 -19.60 -15.22 71.36
C LEU L 213 -18.07 -15.17 71.36
N MET L 214 -17.46 -15.54 70.24
CA MET L 214 -16.00 -15.55 70.12
C MET L 214 -15.59 -14.42 69.18
N ILE L 215 -14.89 -13.42 69.73
CA ILE L 215 -14.65 -12.15 69.06
C ILE L 215 -13.15 -11.91 69.01
N GLN L 216 -12.65 -11.52 67.83
CA GLN L 216 -11.24 -11.24 67.61
C GLN L 216 -11.09 -9.82 67.09
N ALA L 217 -10.01 -9.15 67.49
CA ALA L 217 -9.75 -7.81 67.00
C ALA L 217 -9.12 -7.87 65.61
N THR L 218 -9.76 -7.22 64.64
CA THR L 218 -9.20 -7.07 63.31
C THR L 218 -8.35 -5.83 63.16
N LYS L 219 -8.67 -4.76 63.89
CA LYS L 219 -7.69 -3.73 64.20
C LYS L 219 -7.60 -3.54 65.70
N LEU L 220 -6.53 -2.87 66.13
CA LEU L 220 -5.84 -3.25 67.35
C LEU L 220 -6.19 -2.37 68.55
N TYR L 221 -6.59 -1.11 68.33
CA TYR L 221 -7.08 -0.31 69.44
C TYR L 221 -8.43 0.34 69.25
N ASN L 222 -8.87 0.60 68.01
CA ASN L 222 -10.15 1.29 67.84
C ASN L 222 -11.26 0.46 68.45
N TYR L 223 -11.82 0.97 69.54
CA TYR L 223 -12.78 0.27 70.38
C TYR L 223 -14.20 0.53 69.88
N GLY L 224 -15.11 -0.34 70.29
CA GLY L 224 -16.48 -0.23 69.86
C GLY L 224 -17.43 -0.71 70.94
N ASN L 225 -18.64 -1.03 70.51
CA ASN L 225 -19.67 -1.53 71.41
C ASN L 225 -20.53 -2.56 70.69
N LEU L 226 -21.16 -3.43 71.46
CA LEU L 226 -22.05 -4.42 70.88
C LEU L 226 -23.28 -4.59 71.75
N ALA L 227 -24.44 -4.66 71.09
CA ALA L 227 -25.68 -5.07 71.73
C ALA L 227 -25.84 -6.57 71.58
N VAL L 228 -26.39 -7.20 72.61
CA VAL L 228 -26.66 -8.64 72.59
C VAL L 228 -28.10 -8.84 73.05
N ARG L 229 -28.98 -9.19 72.09
CA ARG L 229 -30.37 -9.49 72.41
C ARG L 229 -30.37 -10.95 72.88
N LEU L 230 -30.71 -11.13 74.15
CA LEU L 230 -30.55 -12.38 74.87
C LEU L 230 -31.96 -12.94 75.11
N ARG L 231 -32.08 -14.25 75.33
CA ARG L 231 -33.36 -14.94 75.18
C ARG L 231 -34.47 -14.27 75.99
N GLY L 232 -34.33 -14.26 77.31
CA GLY L 232 -35.39 -13.80 78.17
C GLY L 232 -35.52 -12.30 78.33
N LEU L 233 -34.64 -11.53 77.69
CA LEU L 233 -34.62 -10.09 77.89
C LEU L 233 -35.36 -9.34 76.80
N ASN L 234 -36.31 -8.52 77.22
CA ASN L 234 -36.77 -7.40 76.40
C ASN L 234 -35.66 -6.38 76.18
N THR L 235 -34.87 -6.14 77.21
CA THR L 235 -33.75 -5.21 77.11
C THR L 235 -32.46 -5.99 76.88
N PRO L 236 -31.82 -5.85 75.72
CA PRO L 236 -30.55 -6.54 75.48
C PRO L 236 -29.45 -5.97 76.37
N VAL L 237 -28.23 -6.45 76.16
CA VAL L 237 -27.10 -6.05 77.00
C VAL L 237 -26.04 -5.38 76.12
N MET L 238 -25.56 -4.22 76.56
CA MET L 238 -24.51 -3.49 75.86
C MET L 238 -23.15 -3.83 76.47
N LEU L 239 -22.15 -4.00 75.63
CA LEU L 239 -20.79 -4.25 76.08
C LEU L 239 -19.84 -3.34 75.29
N THR L 240 -18.95 -2.65 76.00
CA THR L 240 -17.91 -1.87 75.33
C THR L 240 -16.67 -2.75 75.20
N LEU L 241 -16.01 -2.65 74.06
CA LEU L 241 -14.96 -3.58 73.67
C LEU L 241 -13.75 -2.77 73.25
N ILE L 242 -12.68 -2.85 74.04
CA ILE L 242 -11.44 -2.13 73.76
C ILE L 242 -10.34 -3.16 73.51
N PRO L 243 -9.69 -3.14 72.36
CA PRO L 243 -8.52 -4.00 72.14
C PRO L 243 -7.22 -3.25 72.44
N GLY L 244 -6.15 -4.03 72.58
CA GLY L 244 -4.84 -3.46 72.81
C GLY L 244 -4.56 -3.01 74.23
N GLN L 245 -5.17 -3.64 75.22
CA GLN L 245 -4.94 -3.30 76.62
C GLN L 245 -3.95 -4.30 77.21
N LYS L 246 -3.30 -3.89 78.31
CA LYS L 246 -2.24 -4.67 78.95
C LYS L 246 -2.71 -6.03 79.48
N ALA L 247 -3.98 -6.39 79.28
CA ALA L 247 -4.50 -7.71 79.59
C ALA L 247 -5.49 -8.12 78.51
N VAL L 248 -5.65 -9.42 78.33
CA VAL L 248 -6.61 -9.98 77.39
C VAL L 248 -7.60 -10.84 78.16
N ASP L 249 -8.89 -10.51 78.01
CA ASP L 249 -9.97 -11.28 78.60
C ASP L 249 -10.21 -12.49 77.71
N TYR L 250 -9.48 -13.58 77.97
CA TYR L 250 -9.71 -14.80 77.22
C TYR L 250 -11.16 -15.28 77.37
N ARG L 251 -11.70 -15.19 78.57
CA ARG L 251 -13.10 -15.52 78.81
C ARG L 251 -13.68 -14.50 79.79
N VAL L 252 -14.94 -14.16 79.58
CA VAL L 252 -15.68 -13.30 80.49
C VAL L 252 -16.98 -14.02 80.82
N ASP L 253 -17.17 -14.35 82.09
CA ASP L 253 -18.39 -15.00 82.56
C ASP L 253 -19.34 -13.91 83.02
N LEU L 254 -20.27 -13.53 82.15
CA LEU L 254 -21.13 -12.37 82.38
C LEU L 254 -22.39 -12.82 83.13
N ARG L 255 -22.53 -12.36 84.37
CA ARG L 255 -23.69 -12.68 85.20
C ARG L 255 -24.74 -11.58 85.04
N VAL L 256 -25.61 -11.76 84.06
CA VAL L 256 -26.71 -10.84 83.85
C VAL L 256 -27.68 -10.90 85.03
N GLN L 257 -28.30 -9.76 85.33
CA GLN L 257 -29.21 -9.71 86.47
C GLN L 257 -30.40 -10.64 86.32
N GLY L 258 -30.82 -10.92 85.09
CA GLY L 258 -32.08 -11.61 84.88
C GLY L 258 -31.98 -13.10 85.18
N TYR L 259 -33.09 -13.79 84.93
CA TYR L 259 -33.15 -15.23 85.08
C TYR L 259 -33.46 -15.84 83.72
N GLY L 260 -32.67 -16.82 83.32
CA GLY L 260 -32.81 -17.39 82.00
C GLY L 260 -33.82 -18.51 81.96
N PRO L 261 -33.94 -19.15 80.79
CA PRO L 261 -34.76 -20.35 80.68
C PRO L 261 -34.19 -21.56 81.39
N ASN L 262 -33.02 -21.41 82.01
CA ASN L 262 -32.37 -22.48 82.78
C ASN L 262 -32.23 -22.00 84.22
N ALA L 263 -32.95 -22.65 85.12
CA ALA L 263 -32.93 -22.27 86.53
C ALA L 263 -32.38 -23.39 87.40
N CYS M 1 -12.12 31.71 74.98
CA CYS M 1 -13.24 31.28 75.80
C CYS M 1 -14.41 32.27 75.72
N THR M 2 -15.07 32.51 76.84
CA THR M 2 -16.29 33.31 76.85
C THR M 2 -16.04 34.78 76.57
N ASP M 3 -14.89 35.32 76.99
CA ASP M 3 -14.67 36.76 76.84
C ASP M 3 -14.74 37.19 75.38
N ALA M 4 -14.02 36.48 74.51
CA ALA M 4 -14.05 36.80 73.09
C ALA M 4 -15.45 36.61 72.52
N ALA M 5 -16.14 35.54 72.93
CA ALA M 5 -17.48 35.28 72.41
C ALA M 5 -18.44 36.41 72.77
N LEU M 6 -18.42 36.85 74.02
CA LEU M 6 -19.37 37.88 74.45
C LEU M 6 -18.99 39.25 73.89
N ALA M 7 -17.69 39.54 73.80
CA ALA M 7 -17.27 40.80 73.18
C ALA M 7 -17.68 40.84 71.71
N ALA M 8 -17.47 39.74 70.99
CA ALA M 8 -17.94 39.67 69.61
C ALA M 8 -19.45 39.81 69.54
N LEU M 9 -20.18 39.13 70.44
CA LEU M 9 -21.64 39.16 70.39
C LEU M 9 -22.17 40.58 70.58
N GLU M 10 -21.64 41.29 71.58
CA GLU M 10 -22.06 42.66 71.78
C GLU M 10 -21.63 43.56 70.63
N TYR M 11 -20.49 43.26 70.01
CA TYR M 11 -20.06 44.05 68.85
C TYR M 11 -20.98 43.84 67.66
N HIS M 12 -21.49 42.61 67.47
CA HIS M 12 -22.47 42.36 66.42
C HIS M 12 -23.79 43.07 66.72
N LYS M 13 -24.32 42.87 67.94
CA LYS M 13 -25.61 43.47 68.27
C LYS M 13 -25.54 45.00 68.33
N SER M 14 -24.34 45.56 68.45
CA SER M 14 -24.19 47.01 68.36
C SER M 14 -24.06 47.49 66.92
N ASN M 15 -23.46 46.67 66.04
CA ASN M 15 -23.25 47.04 64.65
C ASN M 15 -24.21 46.23 63.78
N ALA M 16 -25.28 46.88 63.33
CA ALA M 16 -26.32 46.22 62.55
C ALA M 16 -25.82 45.72 61.19
N CYS N 1 -26.36 33.46 67.13
CA CYS N 1 -25.65 34.14 66.07
C CYS N 1 -24.18 33.70 66.05
N VAL N 2 -23.59 33.57 67.23
CA VAL N 2 -22.14 33.40 67.33
C VAL N 2 -21.73 32.01 66.86
N SER N 3 -20.92 31.97 65.81
CA SER N 3 -20.34 30.72 65.36
C SER N 3 -18.99 30.58 66.07
N MET N 4 -18.98 29.98 67.26
CA MET N 4 -17.77 29.92 68.10
C MET N 4 -16.80 28.80 67.72
N ILE N 5 -17.12 27.98 66.74
CA ILE N 5 -16.07 27.05 66.37
C ILE N 5 -14.93 27.80 65.69
N GLY N 6 -15.25 28.89 65.01
CA GLY N 6 -14.22 29.75 64.48
C GLY N 6 -13.71 30.67 65.58
N GLY N 7 -13.35 30.09 66.72
CA GLY N 7 -12.91 30.86 67.86
C GLY N 7 -11.47 31.33 67.76
N SER N 8 -11.21 32.51 68.30
CA SER N 8 -9.85 33.03 68.42
C SER N 8 -9.69 33.64 69.79
N ARG N 9 -8.75 33.14 70.57
CA ARG N 9 -8.57 33.63 71.93
C ARG N 9 -7.81 34.96 71.89
N ARG O 1 -14.60 35.89 63.95
CA ARG O 1 -15.89 35.26 64.13
C ARG O 1 -16.92 35.89 63.17
N VAL O 2 -17.91 35.11 62.74
CA VAL O 2 -18.75 35.46 61.59
C VAL O 2 -20.22 35.20 61.91
N SER O 3 -21.09 36.09 61.45
CA SER O 3 -22.52 36.00 61.66
C SER O 3 -23.19 35.19 60.55
N ILE O 4 -24.52 35.26 60.48
CA ILE O 4 -25.27 34.45 59.52
C ILE O 4 -25.63 35.27 58.28
N GLY O 5 -25.85 36.57 58.45
CA GLY O 5 -26.16 37.41 57.30
C GLY O 5 -25.07 37.48 56.26
N GLY O 6 -23.81 37.51 56.68
CA GLY O 6 -22.66 37.62 55.79
C GLY O 6 -21.60 38.56 56.29
N THR O 7 -22.01 39.61 57.01
CA THR O 7 -21.07 40.57 57.59
C THR O 7 -20.22 39.90 58.66
N VAL O 8 -18.95 40.30 58.71
CA VAL O 8 -17.97 39.71 59.62
C VAL O 8 -17.63 40.76 60.67
N TYR O 9 -17.94 40.47 61.94
CA TYR O 9 -17.50 41.28 63.07
C TYR O 9 -16.77 40.41 64.06
N THR O 10 -15.67 40.93 64.62
CA THR O 10 -14.73 40.13 65.38
C THR O 10 -14.21 40.91 66.58
N ALA O 11 -14.18 40.24 67.73
CA ALA O 11 -13.58 40.83 68.92
C ALA O 11 -12.07 40.91 68.77
N LYS O 12 -11.47 41.93 69.38
CA LYS O 12 -10.07 42.29 69.13
C LYS O 12 -9.10 41.36 69.84
N LYS O 13 -9.08 41.36 71.17
CA LYS O 13 -8.11 40.58 71.92
C LYS O 13 -8.59 40.40 73.35
N TYR O 14 -8.78 39.15 73.77
CA TYR O 14 -9.22 38.85 75.12
C TYR O 14 -8.66 37.49 75.51
N ASP O 15 -8.60 37.21 76.81
CA ASP O 15 -8.07 35.95 77.31
C ASP O 15 -8.84 35.49 78.54
N ASP O 16 -8.81 34.18 78.78
CA ASP O 16 -9.46 33.59 79.93
C ASP O 16 -8.57 32.53 80.58
N PRO P 1 -11.79 27.17 68.96
CA PRO P 1 -10.71 26.70 69.83
C PRO P 1 -10.51 27.56 71.06
N PHE P 2 -11.05 27.12 72.18
CA PHE P 2 -10.87 27.77 73.48
C PHE P 2 -10.13 26.81 74.41
N GLY P 3 -9.65 27.36 75.53
CA GLY P 3 -8.83 26.57 76.43
C GLY P 3 -9.55 25.91 77.58
N ALA P 4 -10.84 26.16 77.75
CA ALA P 4 -11.62 25.55 78.80
C ALA P 4 -12.31 24.27 78.34
N ASP P 5 -11.76 23.61 77.33
CA ASP P 5 -12.34 22.39 76.79
C ASP P 5 -12.35 21.27 77.83
N ARG Q 207 -33.87 25.60 94.62
CA ARG Q 207 -34.47 25.70 93.29
C ARG Q 207 -34.40 24.36 92.55
N ILE Q 208 -34.61 24.41 91.24
CA ILE Q 208 -34.53 23.24 90.38
C ILE Q 208 -33.25 23.35 89.55
N ILE Q 209 -32.40 22.35 89.64
CA ILE Q 209 -31.10 22.38 88.98
C ILE Q 209 -31.17 21.53 87.73
N TYR Q 210 -30.86 22.13 86.58
CA TYR Q 210 -30.84 21.45 85.29
C TYR Q 210 -29.41 21.09 84.92
N TYR Q 211 -29.26 20.05 84.12
CA TYR Q 211 -27.99 19.64 83.54
C TYR Q 211 -28.14 19.54 82.03
N ILE Q 212 -27.01 19.69 81.34
CA ILE Q 212 -27.04 19.61 79.88
C ILE Q 212 -27.28 18.17 79.46
N GLN Q 213 -28.35 17.96 78.70
CA GLN Q 213 -28.58 16.67 78.06
C GLN Q 213 -28.03 16.62 76.64
N ALA Q 214 -27.93 17.76 75.97
CA ALA Q 214 -27.27 17.89 74.68
C ALA Q 214 -27.04 19.37 74.43
N VAL Q 215 -26.12 19.68 73.53
CA VAL Q 215 -25.90 21.08 73.18
C VAL Q 215 -25.21 21.13 71.83
N ILE Q 216 -25.73 21.97 70.94
CA ILE Q 216 -25.21 22.16 69.60
C ILE Q 216 -25.14 23.67 69.36
N PRO Q 217 -24.45 24.15 68.32
CA PRO Q 217 -24.54 25.58 67.99
C PRO Q 217 -25.98 26.01 67.82
N GLY Q 218 -26.45 26.88 68.72
CA GLY Q 218 -27.88 27.17 68.77
C GLY Q 218 -28.59 26.39 69.86
N ARG Q 219 -29.20 25.27 69.47
CA ARG Q 219 -30.01 24.48 70.39
C ARG Q 219 -29.21 24.05 71.61
N ALA Q 220 -29.87 24.09 72.77
CA ALA Q 220 -29.29 23.60 74.01
C ALA Q 220 -30.34 22.80 74.75
N TRP Q 221 -30.21 21.48 74.72
CA TRP Q 221 -31.15 20.58 75.36
C TRP Q 221 -30.74 20.36 76.81
N LEU Q 222 -31.62 20.67 77.75
CA LEU Q 222 -31.32 20.47 79.16
C LEU Q 222 -32.42 19.65 79.82
N ILE Q 223 -32.03 18.94 80.88
CA ILE Q 223 -32.94 18.13 81.68
C ILE Q 223 -32.74 18.50 83.15
N GLY Q 224 -33.85 18.74 83.85
CA GLY Q 224 -33.81 19.07 85.26
C GLY Q 224 -33.79 17.86 86.16
N SER Q 225 -33.75 18.11 87.46
CA SER Q 225 -33.78 17.06 88.47
C SER Q 225 -35.18 16.50 88.70
N ASN Q 226 -36.21 17.18 88.21
CA ASN Q 226 -37.58 16.71 88.30
C ASN Q 226 -37.99 15.87 87.08
N GLY Q 227 -37.09 15.66 86.14
CA GLY Q 227 -37.39 14.95 84.92
C GLY Q 227 -37.89 15.81 83.80
N SER Q 228 -38.18 17.09 84.05
CA SER Q 228 -38.60 17.99 82.99
C SER Q 228 -37.42 18.26 82.04
N THR Q 229 -37.74 18.45 80.77
CA THR Q 229 -36.74 18.63 79.73
C THR Q 229 -37.12 19.82 78.86
N LEU Q 230 -36.17 20.73 78.67
CA LEU Q 230 -36.41 21.93 77.88
C LEU Q 230 -35.27 22.14 76.89
N THR Q 231 -35.41 23.20 76.10
CA THR Q 231 -34.41 23.61 75.12
C THR Q 231 -34.22 25.11 75.21
N VAL Q 232 -33.02 25.57 74.84
CA VAL Q 232 -32.64 26.98 74.92
C VAL Q 232 -32.00 27.39 73.60
N ARG Q 233 -32.17 28.67 73.27
CA ARG Q 233 -31.52 29.33 72.16
C ARG Q 233 -30.64 30.46 72.71
N GLU Q 234 -30.14 31.31 71.80
CA GLU Q 234 -29.30 32.44 72.18
C GLU Q 234 -29.97 33.28 73.26
N GLY Q 235 -31.23 33.63 73.06
CA GLY Q 235 -31.99 34.36 74.07
C GLY Q 235 -33.24 33.63 74.48
N SER Q 236 -33.31 33.20 75.74
CA SER Q 236 -34.45 32.42 76.20
C SER Q 236 -34.59 32.56 77.71
N LYS Q 237 -35.84 32.49 78.17
CA LYS Q 237 -36.15 32.55 79.59
C LYS Q 237 -36.09 31.17 80.21
N ILE Q 238 -35.21 30.99 81.19
CA ILE Q 238 -35.09 29.75 81.95
C ILE Q 238 -35.40 30.05 83.41
N PRO Q 239 -36.40 29.40 84.00
CA PRO Q 239 -36.81 29.76 85.37
C PRO Q 239 -35.70 29.55 86.38
N GLY Q 240 -35.57 30.48 87.31
CA GLY Q 240 -34.52 30.44 88.32
C GLY Q 240 -33.20 31.00 87.84
N TYR Q 241 -32.86 30.71 86.59
CA TYR Q 241 -31.58 31.15 86.01
C TYR Q 241 -31.73 32.47 85.26
N GLY Q 242 -32.94 33.00 85.15
CA GLY Q 242 -33.13 34.24 84.41
C GLY Q 242 -33.20 33.98 82.92
N MET Q 243 -32.34 34.63 82.15
CA MET Q 243 -32.25 34.41 80.71
C MET Q 243 -30.79 34.21 80.31
N VAL Q 244 -30.58 33.40 79.27
CA VAL Q 244 -29.25 32.96 78.91
C VAL Q 244 -28.53 34.03 78.09
N LYS Q 245 -27.26 34.25 78.40
CA LYS Q 245 -26.36 34.93 77.47
C LYS Q 245 -25.77 34.00 76.41
N LEU Q 246 -25.02 32.98 76.81
CA LEU Q 246 -24.20 32.26 75.83
C LEU Q 246 -24.39 30.75 75.95
N ILE Q 247 -24.12 30.06 74.85
CA ILE Q 247 -24.23 28.61 74.75
C ILE Q 247 -22.98 28.10 74.02
N ASP Q 248 -22.01 27.58 74.77
CA ASP Q 248 -20.83 26.96 74.19
C ASP Q 248 -21.11 25.47 74.09
N SER Q 249 -21.18 24.94 72.87
CA SER Q 249 -21.53 23.54 72.65
C SER Q 249 -20.33 22.61 72.69
N LEU Q 250 -19.16 23.04 72.21
CA LEU Q 250 -18.02 22.14 72.18
C LEU Q 250 -17.51 21.87 73.59
N GLN Q 251 -17.63 22.84 74.49
CA GLN Q 251 -17.35 22.61 75.90
C GLN Q 251 -18.60 22.31 76.71
N GLY Q 252 -19.78 22.66 76.19
CA GLY Q 252 -21.02 22.41 76.91
C GLY Q 252 -21.20 23.26 78.15
N ARG Q 253 -21.25 24.58 77.99
CA ARG Q 253 -21.53 25.47 79.11
C ARG Q 253 -22.53 26.53 78.67
N ILE Q 254 -23.58 26.70 79.48
CA ILE Q 254 -24.66 27.65 79.20
C ILE Q 254 -24.54 28.73 80.27
N LEU Q 255 -24.21 29.95 79.85
CA LEU Q 255 -24.10 31.08 80.76
C LEU Q 255 -25.38 31.89 80.70
N THR Q 256 -26.01 32.10 81.86
CA THR Q 256 -27.24 32.86 81.98
C THR Q 256 -27.03 34.10 82.85
N SER Q 257 -28.15 34.76 83.17
CA SER Q 257 -28.08 36.06 83.83
C SER Q 257 -27.58 35.97 85.26
N SER Q 258 -28.06 34.99 86.03
CA SER Q 258 -27.77 34.92 87.46
C SER Q 258 -26.36 34.40 87.75
N GLY Q 259 -25.48 34.38 86.75
CA GLY Q 259 -24.12 33.93 86.92
C GLY Q 259 -23.96 32.42 86.95
N GLN Q 260 -25.05 31.67 87.05
CA GLN Q 260 -24.97 30.22 87.07
C GLN Q 260 -24.79 29.67 85.67
N VAL Q 261 -23.92 28.67 85.56
CA VAL Q 261 -23.58 28.03 84.29
C VAL Q 261 -24.09 26.60 84.33
N ILE Q 262 -24.86 26.22 83.32
CA ILE Q 262 -25.34 24.85 83.17
C ILE Q 262 -24.32 24.07 82.37
N LYS Q 263 -23.83 22.97 82.93
CA LYS Q 263 -22.90 22.09 82.25
C LYS Q 263 -23.49 20.70 82.17
N PHE Q 264 -22.79 19.82 81.48
CA PHE Q 264 -23.19 18.41 81.48
C PHE Q 264 -23.14 17.87 82.90
N SER Q 265 -24.04 16.94 83.20
CA SER Q 265 -24.10 16.36 84.53
C SER Q 265 -22.78 15.66 84.86
N GLN Q 266 -22.40 15.73 86.14
CA GLN Q 266 -21.13 15.14 86.56
C GLN Q 266 -21.10 13.64 86.31
N GLU Q 267 -22.23 12.95 86.52
CA GLU Q 267 -22.34 11.53 86.29
C GLU Q 267 -22.79 11.20 84.86
N ASP Q 268 -22.89 12.21 83.99
CA ASP Q 268 -23.27 11.99 82.61
C ASP Q 268 -22.22 12.44 81.61
N SER Q 269 -21.23 13.23 82.02
CA SER Q 269 -20.20 13.72 81.12
C SER Q 269 -19.03 12.76 81.04
N ALA R 104 43.02 -14.03 49.61
CA ALA R 104 42.99 -15.48 49.81
C ALA R 104 41.57 -15.94 50.15
N GLU R 105 41.21 -15.85 51.42
CA GLU R 105 39.90 -16.28 51.90
C GLU R 105 39.08 -15.13 52.47
N VAL R 106 39.72 -14.02 52.86
CA VAL R 106 39.01 -12.90 53.47
C VAL R 106 38.01 -12.22 52.53
N ILE R 107 38.12 -12.45 51.22
CA ILE R 107 37.11 -11.95 50.30
C ILE R 107 35.75 -12.53 50.67
N ASP R 108 35.72 -13.82 50.99
CA ASP R 108 34.53 -14.43 51.57
C ASP R 108 34.05 -13.60 52.77
N LYS R 109 34.98 -13.17 53.63
CA LYS R 109 34.59 -12.49 54.86
C LYS R 109 33.88 -11.18 54.54
N LYS R 110 34.52 -10.27 53.79
CA LYS R 110 33.86 -8.98 53.59
C LYS R 110 32.66 -9.09 52.66
N ALA R 111 32.70 -10.00 51.69
CA ALA R 111 31.52 -10.23 50.87
C ALA R 111 30.33 -10.69 51.71
N PHE R 112 30.57 -11.61 52.65
CA PHE R 112 29.49 -12.09 53.49
C PHE R 112 28.97 -10.99 54.40
N LYS R 113 29.86 -10.19 54.98
CA LYS R 113 29.40 -9.09 55.83
C LYS R 113 28.54 -8.11 55.02
N ASP R 114 28.99 -7.78 53.81
CA ASP R 114 28.22 -6.88 52.96
C ASP R 114 26.85 -7.46 52.64
N MET R 115 26.78 -8.74 52.28
CA MET R 115 25.46 -9.29 51.95
C MET R 115 24.56 -9.36 53.18
N THR R 116 25.08 -9.74 54.35
CA THR R 116 24.22 -9.68 55.52
C THR R 116 23.78 -8.26 55.82
N ARG R 117 24.52 -7.26 55.33
CA ARG R 117 24.00 -5.89 55.36
C ARG R 117 22.97 -5.61 54.26
N ASN R 118 22.94 -6.40 53.17
CA ASN R 118 21.93 -6.13 52.15
C ASN R 118 20.68 -7.01 52.21
N LEU R 119 20.78 -8.35 52.19
CA LEU R 119 19.56 -9.17 52.19
C LEU R 119 18.75 -8.99 53.46
N TYR R 120 19.41 -9.00 54.62
CA TYR R 120 18.78 -8.66 55.89
C TYR R 120 19.33 -7.31 56.32
N PRO R 121 18.96 -6.24 55.62
CA PRO R 121 19.53 -4.93 55.95
C PRO R 121 18.98 -4.38 57.24
N LEU R 122 17.72 -4.70 57.54
CA LEU R 122 17.10 -4.39 58.82
C LEU R 122 17.81 -5.24 59.87
N ASN R 123 18.61 -4.59 60.69
CA ASN R 123 19.26 -5.26 61.80
C ASN R 123 18.19 -5.69 62.81
N PRO R 124 18.48 -6.70 63.63
CA PRO R 124 17.53 -7.04 64.71
C PRO R 124 17.16 -5.86 65.59
N GLU R 125 18.10 -4.94 65.87
CA GLU R 125 17.75 -3.69 66.51
C GLU R 125 16.82 -2.84 65.65
N GLN R 126 17.08 -2.80 64.35
CA GLN R 126 16.28 -1.99 63.44
C GLN R 126 14.88 -2.53 63.24
N VAL R 127 14.72 -3.85 63.16
CA VAL R 127 13.39 -4.43 63.04
C VAL R 127 12.53 -4.03 64.22
N VAL R 128 13.08 -4.13 65.44
CA VAL R 128 12.27 -3.81 66.61
C VAL R 128 12.01 -2.33 66.71
N LYS R 129 12.98 -1.46 66.39
CA LYS R 129 12.64 -0.05 66.55
C LYS R 129 11.64 0.39 65.48
N LEU R 130 11.71 -0.19 64.28
CA LEU R 130 10.66 0.05 63.29
C LEU R 130 9.31 -0.44 63.79
N LYS R 131 9.27 -1.62 64.40
CA LYS R 131 8.09 -2.08 65.13
C LYS R 131 7.54 -1.01 66.07
N GLN R 132 8.37 -0.51 66.98
CA GLN R 132 7.88 0.41 67.99
C GLN R 132 7.39 1.70 67.35
N ILE R 133 8.10 2.19 66.34
CA ILE R 133 7.66 3.37 65.61
C ILE R 133 6.27 3.11 65.03
N TYR R 134 6.06 1.90 64.50
CA TYR R 134 4.75 1.49 64.01
C TYR R 134 3.66 1.64 65.06
N GLU R 135 3.79 0.98 66.23
CA GLU R 135 2.67 1.13 67.16
C GLU R 135 2.52 2.53 67.72
N THR R 136 3.60 3.28 67.95
CA THR R 136 3.37 4.65 68.39
C THR R 136 2.59 5.44 67.33
N SER R 137 2.97 5.29 66.05
CA SER R 137 2.26 6.03 65.02
C SER R 137 0.80 5.60 64.94
N GLU R 138 0.53 4.29 64.92
CA GLU R 138 -0.87 3.92 64.68
C GLU R 138 -1.69 3.99 65.97
N TYR R 139 -1.05 4.07 67.13
CA TYR R 139 -1.77 4.37 68.36
C TYR R 139 -2.20 5.84 68.39
N ALA R 140 -1.29 6.75 68.07
CA ALA R 140 -1.70 8.15 67.95
C ALA R 140 -2.71 8.32 66.83
N LYS R 141 -2.61 7.49 65.80
CA LYS R 141 -3.66 7.29 64.81
C LYS R 141 -5.00 6.97 65.45
N ALA R 142 -5.12 5.82 66.10
CA ALA R 142 -6.39 5.34 66.62
C ALA R 142 -6.90 6.14 67.82
N ALA R 143 -6.06 6.99 68.42
CA ALA R 143 -6.44 7.65 69.66
C ALA R 143 -7.41 8.81 69.41
N THR R 144 -8.64 8.66 69.93
CA THR R 144 -9.71 9.64 69.78
C THR R 144 -9.33 10.93 70.49
N PRO R 145 -9.33 12.07 69.80
CA PRO R 145 -8.92 13.32 70.44
C PRO R 145 -9.97 13.78 71.45
N GLY R 146 -9.49 14.34 72.56
CA GLY R 146 -10.39 14.74 73.61
C GLY R 146 -10.86 13.53 74.42
N THR R 147 -11.64 13.84 75.45
CA THR R 147 -12.16 12.61 76.04
C THR R 147 -13.26 12.03 75.16
N PRO R 148 -13.38 10.71 75.11
CA PRO R 148 -14.56 10.12 74.49
C PRO R 148 -15.78 10.40 75.32
N PRO R 149 -16.96 10.36 74.72
CA PRO R 149 -18.19 10.55 75.51
C PRO R 149 -18.42 9.39 76.46
N LYS R 150 -19.00 9.70 77.60
CA LYS R 150 -19.24 8.68 78.63
C LYS R 150 -20.33 7.73 78.17
N PRO R 151 -20.11 6.41 78.26
CA PRO R 151 -21.16 5.45 77.88
C PRO R 151 -22.18 5.29 79.01
N THR R 152 -23.41 5.74 78.75
CA THR R 152 -24.47 5.71 79.75
C THR R 152 -25.68 4.94 79.21
N ALA R 153 -26.35 4.23 80.12
CA ALA R 153 -27.65 3.61 79.85
C ALA R 153 -28.67 4.37 80.68
N THR R 154 -29.56 5.10 80.01
CA THR R 154 -30.45 6.05 80.66
C THR R 154 -31.91 5.60 80.51
N SER R 155 -32.81 6.48 80.94
CA SER R 155 -34.25 6.22 80.82
C SER R 155 -34.97 7.56 80.82
N GLN R 156 -35.84 7.78 79.84
CA GLN R 156 -36.57 9.02 79.70
C GLN R 156 -38.07 8.73 79.70
N PHE R 157 -38.86 9.71 80.13
CA PHE R 157 -40.30 9.62 80.08
C PHE R 157 -40.73 10.36 78.82
N VAL R 158 -41.44 9.68 77.93
CA VAL R 158 -41.92 10.27 76.70
C VAL R 158 -43.31 10.84 76.93
N ASN R 159 -43.42 12.16 76.92
CA ASN R 159 -44.70 12.85 77.00
C ASN R 159 -45.10 13.27 75.58
N LEU R 160 -46.34 12.94 75.20
CA LEU R 160 -46.85 13.26 73.87
C LEU R 160 -47.93 14.32 73.90
N SER R 161 -48.11 15.00 75.04
CA SER R 161 -49.05 16.10 75.11
C SER R 161 -48.56 17.27 74.25
N PRO R 162 -49.47 18.01 73.62
CA PRO R 162 -49.04 19.19 72.85
C PRO R 162 -48.29 20.16 73.74
N GLY R 163 -47.19 20.70 73.22
CA GLY R 163 -46.30 21.55 73.98
C GLY R 163 -45.11 20.84 74.58
N SER R 164 -45.17 19.53 74.72
CA SER R 164 -44.05 18.75 75.25
C SER R 164 -42.95 18.65 74.19
N THR R 165 -41.72 18.52 74.67
CA THR R 165 -40.62 18.49 73.72
C THR R 165 -40.19 17.04 73.46
N PRO R 166 -39.78 16.75 72.23
CA PRO R 166 -39.40 15.37 71.89
C PRO R 166 -38.20 14.92 72.69
N PRO R 167 -38.18 13.67 73.12
CA PRO R 167 -36.99 13.16 73.81
C PRO R 167 -35.78 13.07 72.91
N VAL R 168 -34.61 13.16 73.53
CA VAL R 168 -33.32 13.28 72.86
C VAL R 168 -32.56 11.98 73.01
N ILE R 169 -31.70 11.68 72.04
CA ILE R 169 -30.79 10.55 72.11
C ILE R 169 -29.40 11.02 71.72
N ARG R 170 -28.43 10.79 72.61
CA ARG R 170 -27.02 11.03 72.32
C ARG R 170 -26.44 9.80 71.64
N LEU R 171 -25.81 9.98 70.49
CA LEU R 171 -25.18 8.88 69.77
C LEU R 171 -23.75 9.24 69.41
N SER R 172 -23.09 8.34 68.68
CA SER R 172 -21.69 8.54 68.32
C SER R 172 -21.37 7.76 67.06
N GLN R 173 -20.23 8.09 66.44
CA GLN R 173 -19.81 7.47 65.20
C GLN R 173 -19.51 5.98 65.36
N GLY R 174 -20.28 5.13 64.70
CA GLY R 174 -20.02 3.71 64.68
C GLY R 174 -20.38 2.95 65.93
N PHE R 175 -21.11 3.57 66.87
CA PHE R 175 -21.56 2.90 68.08
C PHE R 175 -23.06 2.69 68.04
N VAL R 176 -23.50 1.61 68.68
CA VAL R 176 -24.91 1.22 68.64
C VAL R 176 -25.65 1.80 69.84
N SER R 177 -26.72 2.54 69.54
CA SER R 177 -27.66 3.00 70.56
C SER R 177 -28.92 2.17 70.40
N SER R 178 -29.32 1.49 71.47
CA SER R 178 -30.46 0.58 71.45
C SER R 178 -31.64 1.25 72.14
N LEU R 179 -32.66 1.60 71.36
CA LEU R 179 -33.85 2.24 71.87
C LEU R 179 -34.91 1.16 72.11
N VAL R 180 -35.25 0.96 73.38
CA VAL R 180 -36.29 0.01 73.77
C VAL R 180 -37.50 0.80 74.26
N PHE R 181 -38.67 0.41 73.80
CA PHE R 181 -39.91 1.14 74.06
C PHE R 181 -40.78 0.37 75.05
N LEU R 182 -41.16 1.06 76.12
CA LEU R 182 -42.00 0.53 77.19
C LEU R 182 -43.15 1.48 77.43
N ASP R 183 -44.27 0.94 77.87
CA ASP R 183 -45.43 1.76 78.22
C ASP R 183 -45.25 2.30 79.64
N SER R 184 -46.34 2.83 80.20
CA SER R 184 -46.27 3.37 81.56
C SER R 184 -45.89 2.31 82.57
N THR R 185 -46.42 1.08 82.40
CA THR R 185 -46.10 0.00 83.32
C THR R 185 -44.73 -0.62 83.04
N GLY R 186 -43.99 -0.09 82.06
CA GLY R 186 -42.65 -0.58 81.79
C GLY R 186 -42.57 -1.85 80.97
N ALA R 187 -43.70 -2.32 80.46
CA ALA R 187 -43.77 -3.50 79.63
C ALA R 187 -43.45 -3.18 78.18
N PRO R 188 -42.93 -4.15 77.43
CA PRO R 188 -42.51 -3.87 76.04
C PRO R 188 -43.65 -3.36 75.18
N TRP R 189 -43.31 -2.46 74.26
CA TRP R 189 -44.27 -1.90 73.31
C TRP R 189 -43.76 -2.10 71.89
N PRO R 190 -44.18 -3.15 71.20
CA PRO R 190 -43.66 -3.42 69.85
C PRO R 190 -43.93 -2.28 68.89
N ILE R 191 -43.15 -2.28 67.81
CA ILE R 191 -43.16 -1.21 66.80
C ILE R 191 -44.10 -1.60 65.68
N ALA R 192 -44.99 -0.68 65.29
CA ALA R 192 -45.74 -0.87 64.06
C ALA R 192 -44.88 -0.57 62.84
N ALA R 193 -44.09 0.50 62.88
CA ALA R 193 -43.28 0.94 61.74
C ALA R 193 -42.40 2.10 62.19
N TYR R 194 -41.45 2.48 61.33
CA TYR R 194 -40.58 3.60 61.64
C TYR R 194 -40.19 4.34 60.38
N ASP R 195 -39.72 5.57 60.57
CA ASP R 195 -39.38 6.51 59.50
C ASP R 195 -38.20 7.35 59.96
N LEU R 196 -37.05 7.16 59.31
CA LEU R 196 -35.85 7.88 59.70
C LEU R 196 -35.67 9.07 58.77
N GLY R 197 -35.53 10.26 59.36
CA GLY R 197 -35.17 11.43 58.57
C GLY R 197 -33.67 11.45 58.33
N ASP R 198 -33.29 11.59 57.06
CA ASP R 198 -31.90 11.59 56.63
C ASP R 198 -31.18 10.33 57.10
N PRO R 199 -31.54 9.14 56.61
CA PRO R 199 -30.72 7.95 56.88
C PRO R 199 -29.34 7.97 56.22
N SER R 200 -28.99 9.01 55.48
CA SER R 200 -27.60 9.21 55.07
C SER R 200 -26.73 9.64 56.23
N SER R 201 -27.35 10.00 57.36
CA SER R 201 -26.62 10.33 58.58
C SER R 201 -26.73 9.21 59.61
N PHE R 202 -27.62 8.24 59.41
CA PHE R 202 -27.98 7.35 60.49
C PHE R 202 -28.44 6.02 59.90
N ASN R 203 -27.97 4.92 60.49
CA ASN R 203 -28.34 3.58 60.07
C ASN R 203 -28.98 2.87 61.25
N ILE R 204 -30.30 2.72 61.21
CA ILE R 204 -31.06 1.98 62.21
C ILE R 204 -31.44 0.64 61.62
N GLN R 205 -31.21 -0.42 62.38
CA GLN R 205 -31.78 -1.72 62.07
C GLN R 205 -32.64 -2.21 63.23
N TRP R 206 -33.50 -3.17 62.91
CA TRP R 206 -34.60 -3.57 63.78
C TRP R 206 -35.13 -4.91 63.32
N ASP R 207 -34.96 -5.95 64.13
CA ASP R 207 -35.63 -7.21 63.86
C ASP R 207 -37.13 -6.97 63.92
N LYS R 208 -37.84 -7.45 62.90
CA LYS R 208 -39.07 -6.79 62.49
C LYS R 208 -40.19 -6.92 63.50
N THR R 209 -40.03 -7.77 64.52
CA THR R 209 -41.09 -8.01 65.50
C THR R 209 -40.84 -7.26 66.81
N SER R 210 -39.58 -7.04 67.18
CA SER R 210 -39.24 -6.61 68.51
C SER R 210 -39.64 -5.15 68.73
N ASN R 211 -39.42 -4.69 69.96
CA ASN R 211 -39.61 -3.31 70.38
C ASN R 211 -38.27 -2.61 70.65
N THR R 212 -37.28 -2.83 69.79
CA THR R 212 -35.99 -2.16 69.89
C THR R 212 -35.55 -1.70 68.50
N LEU R 213 -35.12 -0.44 68.40
CA LEU R 213 -34.42 0.06 67.22
C LEU R 213 -32.99 0.41 67.58
N MET R 214 -32.03 -0.09 66.82
CA MET R 214 -30.61 0.07 67.12
C MET R 214 -29.91 0.86 66.02
N ILE R 215 -29.27 1.97 66.44
CA ILE R 215 -28.96 3.11 65.58
C ILE R 215 -27.46 3.39 65.65
N GLN R 216 -26.83 3.54 64.49
CA GLN R 216 -25.44 3.96 64.35
C GLN R 216 -25.38 5.30 63.63
N ALA R 217 -24.54 6.20 64.13
CA ALA R 217 -24.29 7.46 63.43
C ALA R 217 -23.27 7.24 62.31
N THR R 218 -23.50 7.88 61.17
CA THR R 218 -22.65 7.71 60.00
C THR R 218 -21.82 8.94 59.66
N LYS R 219 -22.31 10.13 60.01
CA LYS R 219 -21.47 11.34 60.00
C LYS R 219 -21.59 12.05 61.34
N LEU R 220 -20.51 12.71 61.73
CA LEU R 220 -20.06 12.65 63.12
C LEU R 220 -21.07 13.26 64.09
N TYR R 221 -21.51 14.50 63.85
CA TYR R 221 -22.38 15.17 64.81
C TYR R 221 -23.63 15.78 64.21
N ASN R 222 -23.76 15.80 62.89
CA ASN R 222 -24.98 16.34 62.29
C ASN R 222 -26.17 15.58 62.84
N TYR R 223 -27.16 16.31 63.31
CA TYR R 223 -28.26 15.71 64.04
C TYR R 223 -29.46 15.56 63.12
N GLY R 224 -30.38 14.70 63.53
CA GLY R 224 -31.58 14.46 62.77
C GLY R 224 -32.73 14.09 63.68
N ASN R 225 -33.79 13.58 63.06
CA ASN R 225 -35.02 13.29 63.78
C ASN R 225 -35.64 12.00 63.24
N LEU R 226 -36.44 11.34 64.07
CA LEU R 226 -36.95 10.02 63.76
C LEU R 226 -38.40 9.91 64.20
N ALA R 227 -39.23 9.27 63.37
CA ALA R 227 -40.60 8.94 63.70
C ALA R 227 -40.71 7.43 63.90
N VAL R 228 -41.47 7.02 64.91
CA VAL R 228 -41.67 5.61 65.22
C VAL R 228 -43.14 5.41 65.54
N ARG R 229 -43.89 4.86 64.59
CA ARG R 229 -45.28 4.51 64.83
C ARG R 229 -45.31 3.21 65.62
N LEU R 230 -45.83 3.27 66.84
CA LEU R 230 -45.87 2.10 67.71
C LEU R 230 -47.15 1.32 67.42
N ARG R 231 -47.36 0.23 68.17
CA ARG R 231 -48.47 -0.68 67.87
C ARG R 231 -49.81 -0.01 68.14
N GLY R 232 -50.07 0.37 69.39
CA GLY R 232 -51.37 0.86 69.78
C GLY R 232 -51.59 2.36 69.65
N LEU R 233 -50.57 3.12 69.29
CA LEU R 233 -50.71 4.57 69.25
C LEU R 233 -51.12 5.05 67.87
N ASN R 234 -52.17 5.86 67.83
CA ASN R 234 -52.39 6.75 66.69
C ASN R 234 -51.30 7.81 66.62
N THR R 235 -50.68 8.09 67.77
CA THR R 235 -49.65 9.12 67.86
C THR R 235 -48.26 8.51 67.66
N PRO R 236 -47.54 8.87 66.61
CA PRO R 236 -46.17 8.38 66.47
C PRO R 236 -45.23 9.03 67.49
N VAL R 237 -44.19 8.30 67.84
CA VAL R 237 -43.19 8.77 68.80
C VAL R 237 -42.06 9.41 68.01
N MET R 238 -41.79 10.68 68.30
CA MET R 238 -40.80 11.44 67.54
C MET R 238 -39.61 11.77 68.43
N LEU R 239 -38.42 11.42 67.96
CA LEU R 239 -37.21 11.40 68.77
C LEU R 239 -36.08 12.12 68.04
N THR R 240 -35.39 13.02 68.75
CA THR R 240 -34.32 13.79 68.15
C THR R 240 -32.98 13.13 68.44
N LEU R 241 -32.27 12.79 67.37
CA LEU R 241 -31.00 12.07 67.43
C LEU R 241 -29.88 13.08 67.25
N ILE R 242 -28.98 13.19 68.21
CA ILE R 242 -27.81 14.05 68.10
C ILE R 242 -26.58 13.19 68.34
N PRO R 243 -25.67 13.06 67.38
CA PRO R 243 -24.42 12.34 67.62
C PRO R 243 -23.30 13.30 68.00
N GLY R 244 -22.22 12.71 68.51
CA GLY R 244 -21.06 13.48 68.89
C GLY R 244 -21.19 14.29 70.16
N GLN R 245 -22.14 13.96 71.02
CA GLN R 245 -22.28 14.65 72.29
C GLN R 245 -21.25 14.14 73.29
N LYS R 246 -21.28 14.72 74.49
CA LYS R 246 -20.33 14.35 75.53
C LYS R 246 -20.74 13.06 76.24
N ALA R 247 -21.89 12.51 75.90
CA ALA R 247 -22.31 11.19 76.38
C ALA R 247 -22.82 10.39 75.19
N VAL R 248 -22.74 9.07 75.31
CA VAL R 248 -23.33 8.16 74.33
C VAL R 248 -24.35 7.29 75.04
N ASP R 249 -25.58 7.29 74.53
CA ASP R 249 -26.65 6.49 75.08
C ASP R 249 -26.51 5.08 74.53
N TYR R 250 -25.79 4.22 75.26
CA TYR R 250 -25.76 2.81 74.88
C TYR R 250 -27.16 2.23 74.87
N ARG R 251 -27.99 2.63 75.83
CA ARG R 251 -29.42 2.32 75.83
C ARG R 251 -30.16 3.48 76.47
N VAL R 252 -31.44 3.61 76.14
CA VAL R 252 -32.36 4.46 76.89
C VAL R 252 -33.68 3.71 76.99
N ASP R 253 -34.29 3.74 78.17
CA ASP R 253 -35.58 3.10 78.40
C ASP R 253 -36.63 4.19 78.42
N LEU R 254 -37.25 4.45 77.27
CA LEU R 254 -38.22 5.54 77.16
C LEU R 254 -39.61 5.02 77.54
N ARG R 255 -40.19 5.63 78.57
CA ARG R 255 -41.50 5.24 79.08
C ARG R 255 -42.57 6.11 78.40
N VAL R 256 -43.22 5.52 77.40
CA VAL R 256 -44.28 6.24 76.72
C VAL R 256 -45.46 6.44 77.68
N GLN R 257 -46.19 7.53 77.44
CA GLN R 257 -47.24 7.95 78.36
C GLN R 257 -48.42 6.99 78.37
N GLY R 258 -48.60 6.23 77.30
CA GLY R 258 -49.77 5.36 77.14
C GLY R 258 -49.59 3.97 77.71
N TYR R 259 -50.53 3.10 77.38
CA TYR R 259 -50.52 1.71 77.82
C TYR R 259 -50.47 0.81 76.60
N GLY R 260 -49.58 -0.18 76.62
CA GLY R 260 -49.38 -1.05 75.50
C GLY R 260 -50.21 -2.32 75.55
N PRO R 261 -49.98 -3.22 74.59
CA PRO R 261 -50.64 -4.54 74.62
C PRO R 261 -50.14 -5.46 75.72
N ASN R 262 -49.08 -5.06 76.44
CA ASN R 262 -48.57 -5.80 77.58
C ASN R 262 -48.79 -4.95 78.82
N ALA R 263 -49.61 -5.45 79.74
CA ALA R 263 -49.95 -4.71 80.95
C ALA R 263 -49.62 -5.52 82.19
N CYS S 1 -30.50 48.22 61.29
CA CYS S 1 -31.48 47.15 61.11
C CYS S 1 -32.76 47.67 60.46
N THR S 2 -33.79 47.86 61.29
CA THR S 2 -35.10 48.24 60.77
C THR S 2 -35.12 49.66 60.23
N ASP S 3 -34.24 50.54 60.72
CA ASP S 3 -34.24 51.92 60.27
C ASP S 3 -33.94 52.01 58.77
N ALA S 4 -32.93 51.27 58.30
CA ALA S 4 -32.62 51.26 56.88
C ALA S 4 -33.78 50.70 56.07
N ALA S 5 -34.41 49.63 56.56
CA ALA S 5 -35.54 49.04 55.84
C ALA S 5 -36.68 50.03 55.70
N LEU S 6 -37.05 50.71 56.79
CA LEU S 6 -38.16 51.65 56.71
C LEU S 6 -37.80 52.87 55.87
N ALA S 7 -36.56 53.35 55.95
CA ALA S 7 -36.16 54.48 55.13
C ALA S 7 -36.20 54.13 53.64
N ALA S 8 -35.68 52.95 53.28
CA ALA S 8 -35.74 52.53 51.89
C ALA S 8 -37.18 52.29 51.44
N LEU S 9 -38.02 51.80 52.34
CA LEU S 9 -39.44 51.60 52.02
C LEU S 9 -40.11 52.92 51.69
N GLU S 10 -39.90 53.93 52.54
CA GLU S 10 -40.51 55.24 52.28
C GLU S 10 -39.91 55.88 51.04
N TYR S 11 -38.62 55.66 50.78
CA TYR S 11 -38.00 56.19 49.57
C TYR S 11 -38.60 55.57 48.32
N HIS S 12 -38.85 54.25 48.34
CA HIS S 12 -39.46 53.59 47.20
C HIS S 12 -40.92 54.02 47.03
N LYS S 13 -41.65 54.18 48.14
CA LYS S 13 -43.03 54.63 48.06
C LYS S 13 -43.13 56.07 47.55
N SER S 14 -42.19 56.93 47.92
CA SER S 14 -42.21 58.32 47.50
C SER S 14 -41.80 58.50 46.05
N ASN S 15 -40.88 57.66 45.57
CA ASN S 15 -40.39 57.74 44.19
C ASN S 15 -41.12 56.67 43.37
N ALA S 16 -42.02 57.13 42.50
CA ALA S 16 -42.87 56.23 41.72
C ALA S 16 -42.07 55.44 40.69
N CYS T 1 -42.89 45.06 49.37
CA CYS T 1 -42.06 45.79 48.42
C CYS T 1 -40.58 45.68 48.79
N VAL T 2 -40.31 45.62 50.09
CA VAL T 2 -38.95 45.58 50.60
C VAL T 2 -38.57 44.13 50.88
N SER T 3 -37.45 43.69 50.31
CA SER T 3 -36.87 42.39 50.60
C SER T 3 -35.72 42.60 51.57
N MET T 4 -35.92 42.22 52.83
CA MET T 4 -34.98 42.54 53.90
C MET T 4 -33.64 41.87 53.71
N ILE T 5 -33.59 40.76 52.99
CA ILE T 5 -32.33 40.05 52.77
C ILE T 5 -31.46 40.84 51.79
N GLY T 6 -32.09 41.69 50.99
CA GLY T 6 -31.36 42.72 50.27
C GLY T 6 -31.15 43.93 51.14
N GLY T 7 -30.92 43.70 52.42
CA GLY T 7 -30.76 44.78 53.38
C GLY T 7 -29.30 45.09 53.68
N SER T 8 -29.05 46.37 53.95
CA SER T 8 -27.70 46.82 54.28
C SER T 8 -27.83 47.89 55.36
N ARG T 9 -27.10 47.72 56.45
CA ARG T 9 -27.13 48.69 57.54
C ARG T 9 -26.58 50.03 57.05
N ARG U 1 -31.22 47.49 48.63
CA ARG U 1 -32.60 47.05 48.51
C ARG U 1 -33.14 47.35 47.11
N VAL U 2 -33.98 46.47 46.59
CA VAL U 2 -34.53 46.60 45.24
C VAL U 2 -36.00 46.21 45.25
N SER U 3 -36.81 46.97 44.51
CA SER U 3 -38.24 46.72 44.42
C SER U 3 -38.52 45.57 43.45
N ILE U 4 -39.79 45.36 43.12
CA ILE U 4 -40.18 44.26 42.25
C ILE U 4 -40.35 44.73 40.82
N GLY U 5 -40.72 46.01 40.64
CA GLY U 5 -40.85 46.56 39.30
C GLY U 5 -39.57 46.56 38.49
N GLY U 6 -38.42 46.77 39.15
CA GLY U 6 -37.12 46.75 38.51
C GLY U 6 -36.21 47.88 38.93
N THR U 7 -36.77 49.04 39.25
CA THR U 7 -35.97 50.19 39.63
C THR U 7 -35.48 50.03 41.06
N VAL U 8 -34.24 50.46 41.31
CA VAL U 8 -33.57 50.22 42.58
C VAL U 8 -33.84 51.40 43.52
N TYR U 9 -34.26 51.11 44.73
CA TYR U 9 -34.40 52.10 45.80
C TYR U 9 -33.72 51.58 47.06
N THR U 10 -32.78 52.35 47.59
CA THR U 10 -31.97 51.94 48.73
C THR U 10 -31.71 53.12 49.64
N ALA U 11 -31.80 52.87 50.96
CA ALA U 11 -31.47 53.88 51.94
C ALA U 11 -29.96 54.15 51.95
N LYS U 12 -29.58 55.32 52.46
CA LYS U 12 -28.19 55.76 52.47
C LYS U 12 -27.39 55.13 53.61
N LYS U 13 -27.77 55.42 54.85
CA LYS U 13 -27.01 54.94 56.00
C LYS U 13 -27.90 55.01 57.23
N TYR U 14 -28.21 53.86 57.82
CA TYR U 14 -29.08 53.80 59.00
C TYR U 14 -28.66 52.62 59.87
N ASP U 15 -28.30 52.91 61.11
CA ASP U 15 -27.81 51.90 62.04
C ASP U 15 -28.85 51.69 63.14
N ASP U 16 -28.76 50.53 63.78
CA ASP U 16 -29.64 50.19 64.89
C ASP U 16 -28.89 49.41 65.97
N PRO V 1 -29.08 40.94 56.13
CA PRO V 1 -28.06 40.88 57.18
C PRO V 1 -28.13 42.07 58.13
N PHE V 2 -28.77 41.87 59.28
CA PHE V 2 -28.92 42.90 60.30
C PHE V 2 -28.31 42.42 61.61
N GLY V 3 -28.10 43.36 62.52
CA GLY V 3 -27.53 43.06 63.83
C GLY V 3 -28.52 42.64 64.88
N ALA V 4 -29.83 42.63 64.56
CA ALA V 4 -30.86 42.24 65.49
C ALA V 4 -31.30 40.80 65.30
N ASP V 5 -30.58 40.02 64.49
CA ASP V 5 -30.91 38.63 64.24
C ASP V 5 -30.89 37.81 65.53
N ARG W 207 -56.20 43.24 75.70
CA ARG W 207 -56.35 42.91 74.29
C ARG W 207 -56.05 41.45 74.04
N ILE W 208 -55.84 41.10 72.78
CA ILE W 208 -55.43 39.76 72.38
C ILE W 208 -54.00 39.85 71.85
N ILE W 209 -53.08 39.12 72.49
CA ILE W 209 -51.68 39.16 72.12
C ILE W 209 -51.42 38.05 71.09
N TYR W 210 -50.75 38.42 70.01
CA TYR W 210 -50.54 37.51 68.88
C TYR W 210 -49.06 37.18 68.73
N TYR W 211 -48.77 35.89 68.63
CA TYR W 211 -47.45 35.40 68.24
C TYR W 211 -47.54 34.83 66.83
N ILE W 212 -46.39 34.76 66.16
CA ILE W 212 -46.40 34.32 64.77
C ILE W 212 -46.12 32.83 64.70
N GLN W 213 -46.82 32.13 63.81
CA GLN W 213 -46.49 30.75 63.51
C GLN W 213 -45.60 30.60 62.28
N ALA W 214 -45.66 31.55 61.34
CA ALA W 214 -44.78 31.46 60.18
C ALA W 214 -44.53 32.85 59.63
N VAL W 215 -43.33 33.06 59.11
CA VAL W 215 -42.99 34.36 58.56
C VAL W 215 -42.06 34.17 57.36
N ILE W 216 -42.46 34.75 56.23
CA ILE W 216 -41.70 34.71 54.98
C ILE W 216 -41.75 36.10 54.36
N PRO W 217 -40.83 36.45 53.45
CA PRO W 217 -40.89 37.78 52.81
C PRO W 217 -42.24 38.05 52.17
N GLY W 218 -42.96 39.03 52.70
CA GLY W 218 -44.35 39.24 52.32
C GLY W 218 -45.32 38.88 53.42
N ARG W 219 -45.99 37.73 53.31
CA ARG W 219 -46.99 37.36 54.28
C ARG W 219 -46.38 36.88 55.59
N ALA W 220 -47.21 36.85 56.63
CA ALA W 220 -46.83 36.26 57.90
C ALA W 220 -48.08 35.69 58.56
N TRP W 221 -48.04 34.39 58.89
CA TRP W 221 -49.16 33.71 59.50
C TRP W 221 -49.05 33.84 61.02
N LEU W 222 -50.05 34.48 61.62
CA LEU W 222 -50.09 34.84 63.02
C LEU W 222 -51.11 33.99 63.76
N ILE W 223 -50.81 33.69 65.02
CA ILE W 223 -51.71 32.97 65.90
C ILE W 223 -51.86 33.77 67.18
N GLY W 224 -53.10 34.10 67.53
CA GLY W 224 -53.40 34.83 68.74
C GLY W 224 -53.56 33.91 69.93
N SER W 225 -53.92 34.51 71.07
CA SER W 225 -54.18 33.75 72.28
C SER W 225 -55.55 33.11 72.30
N ASN W 226 -56.42 33.48 71.37
CA ASN W 226 -57.75 32.90 71.25
C ASN W 226 -57.78 31.68 70.34
N GLY W 227 -56.63 31.27 69.80
CA GLY W 227 -56.59 30.20 68.84
C GLY W 227 -56.87 30.61 67.41
N SER W 228 -57.19 31.88 67.17
CA SER W 228 -57.46 32.34 65.82
C SER W 228 -56.18 32.50 65.03
N THR W 229 -56.21 32.06 63.77
CA THR W 229 -55.08 32.18 62.86
C THR W 229 -55.41 33.20 61.78
N LEU W 230 -54.43 34.05 61.48
CA LEU W 230 -54.58 35.10 60.48
C LEU W 230 -53.28 35.20 59.69
N THR W 231 -53.25 36.11 58.72
CA THR W 231 -52.03 36.38 57.95
C THR W 231 -52.00 37.85 57.57
N VAL W 232 -50.80 38.41 57.53
CA VAL W 232 -50.63 39.84 57.30
C VAL W 232 -49.60 40.09 56.21
N ARG W 233 -49.65 41.30 55.66
CA ARG W 233 -48.74 41.82 54.64
C ARG W 233 -48.14 43.14 55.10
N GLU W 234 -47.48 43.83 54.17
CA GLU W 234 -46.85 45.11 54.48
C GLU W 234 -47.85 46.11 55.05
N GLY W 235 -49.07 46.12 54.54
CA GLY W 235 -50.14 46.90 55.13
C GLY W 235 -51.40 46.08 55.32
N SER W 236 -51.80 45.84 56.57
CA SER W 236 -52.99 45.07 56.83
C SER W 236 -53.50 45.39 58.23
N LYS W 237 -54.81 45.43 58.37
CA LYS W 237 -55.45 45.82 59.62
C LYS W 237 -55.46 44.65 60.59
N ILE W 238 -54.88 44.86 61.77
CA ILE W 238 -54.79 43.86 62.81
C ILE W 238 -55.48 44.42 64.05
N PRO W 239 -56.39 43.69 64.69
CA PRO W 239 -57.14 44.24 65.83
C PRO W 239 -56.21 44.59 66.99
N GLY W 240 -56.36 45.81 67.49
CA GLY W 240 -55.59 46.27 68.63
C GLY W 240 -54.22 46.80 68.26
N TYR W 241 -53.51 46.09 67.38
CA TYR W 241 -52.13 46.43 67.07
C TYR W 241 -52.03 47.53 66.02
N GLY W 242 -53.17 47.96 65.46
CA GLY W 242 -53.16 48.96 64.41
C GLY W 242 -53.16 48.33 63.03
N MET W 243 -52.29 48.82 62.15
CA MET W 243 -52.00 48.14 60.89
C MET W 243 -50.49 47.96 60.78
N VAL W 244 -50.08 46.91 60.07
CA VAL W 244 -48.67 46.53 60.04
C VAL W 244 -47.87 47.63 59.34
N LYS W 245 -46.75 48.01 59.95
CA LYS W 245 -45.82 48.93 59.31
C LYS W 245 -44.77 48.22 58.47
N LEU W 246 -44.15 47.16 58.99
CA LEU W 246 -43.22 46.38 58.19
C LEU W 246 -43.08 44.99 58.79
N ILE W 247 -42.72 44.03 57.94
CA ILE W 247 -42.48 42.65 58.34
C ILE W 247 -41.02 42.34 58.01
N ASP W 248 -40.27 41.87 59.00
CA ASP W 248 -38.90 41.40 58.81
C ASP W 248 -38.92 39.88 59.00
N SER W 249 -38.82 39.15 57.89
CA SER W 249 -38.84 37.69 57.96
C SER W 249 -37.50 37.12 58.44
N LEU W 250 -36.39 37.78 58.13
CA LEU W 250 -35.08 37.30 58.59
C LEU W 250 -34.99 37.29 60.10
N GLN W 251 -35.45 38.34 60.76
CA GLN W 251 -35.47 38.40 62.21
C GLN W 251 -36.75 37.82 62.80
N GLY W 252 -37.78 37.62 61.99
CA GLY W 252 -39.07 37.18 62.50
C GLY W 252 -39.78 38.21 63.36
N ARG W 253 -39.73 39.48 62.96
CA ARG W 253 -40.43 40.54 63.66
C ARG W 253 -41.47 41.17 62.74
N ILE W 254 -42.47 41.79 63.33
CA ILE W 254 -43.37 42.70 62.61
C ILE W 254 -43.52 43.96 63.46
N LEU W 255 -43.14 45.10 62.89
CA LEU W 255 -43.38 46.39 63.52
C LEU W 255 -44.71 46.94 63.02
N THR W 256 -45.57 47.35 63.95
CA THR W 256 -46.87 47.90 63.63
C THR W 256 -46.91 49.39 63.94
N SER W 257 -48.06 50.01 63.62
CA SER W 257 -48.23 51.44 63.88
C SER W 257 -48.25 51.74 65.37
N SER W 258 -48.85 50.87 66.18
CA SER W 258 -49.04 51.12 67.59
C SER W 258 -47.77 50.92 68.41
N GLY W 259 -46.61 50.79 67.74
CA GLY W 259 -45.36 50.50 68.41
C GLY W 259 -45.22 49.08 68.88
N GLN W 260 -46.31 48.31 68.92
CA GLN W 260 -46.26 46.92 69.33
C GLN W 260 -45.48 46.10 68.31
N VAL W 261 -44.55 45.29 68.79
CA VAL W 261 -43.71 44.45 67.96
C VAL W 261 -44.17 43.01 68.12
N ILE W 262 -44.50 42.37 66.99
CA ILE W 262 -44.96 40.99 66.99
C ILE W 262 -43.77 40.07 66.75
N LYS W 263 -43.60 39.10 67.65
CA LYS W 263 -42.38 38.31 67.82
C LYS W 263 -42.75 36.86 68.12
N PHE W 264 -41.99 35.93 67.54
CA PHE W 264 -42.26 34.49 67.65
C PHE W 264 -42.39 34.09 69.11
N SER W 265 -43.42 33.28 69.40
CA SER W 265 -43.80 33.04 70.78
C SER W 265 -42.60 32.51 71.57
N GLN W 266 -42.51 32.97 72.83
CA GLN W 266 -41.32 32.68 73.64
C GLN W 266 -41.09 31.18 73.79
N GLU W 267 -42.17 30.39 73.77
CA GLU W 267 -42.08 28.94 73.94
C GLU W 267 -42.13 28.19 72.62
N ASP W 268 -41.98 28.89 71.49
CA ASP W 268 -41.86 28.24 70.20
C ASP W 268 -40.70 28.77 69.36
N SER W 269 -40.15 29.94 69.71
CA SER W 269 -39.01 30.50 69.00
C SER W 269 -37.71 29.98 69.57
N ALA X 104 31.89 4.21 59.47
CA ALA X 104 31.79 2.84 59.97
C ALA X 104 30.33 2.39 60.03
N GLU X 105 29.72 2.51 61.21
CA GLU X 105 28.33 2.11 61.41
C GLU X 105 27.42 3.30 61.72
N VAL X 106 27.96 4.50 61.83
CA VAL X 106 27.13 5.68 62.03
C VAL X 106 26.15 5.89 60.88
N ILE X 107 26.50 5.42 59.68
CA ILE X 107 25.61 5.53 58.53
C ILE X 107 24.27 4.90 58.82
N ASP X 108 24.27 3.73 59.46
CA ASP X 108 23.00 3.09 59.82
C ASP X 108 22.15 3.99 60.69
N LYS X 109 22.74 4.61 61.72
CA LYS X 109 21.96 5.49 62.59
C LYS X 109 21.36 6.66 61.80
N LYS X 110 22.20 7.38 61.05
CA LYS X 110 21.70 8.61 60.43
C LYS X 110 20.67 8.31 59.34
N ALA X 111 20.95 7.34 58.48
CA ALA X 111 19.98 7.03 57.42
C ALA X 111 18.72 6.40 57.99
N PHE X 112 18.83 5.68 59.11
CA PHE X 112 17.62 5.21 59.78
C PHE X 112 16.76 6.38 60.23
N LYS X 113 17.39 7.42 60.80
CA LYS X 113 16.61 8.60 61.18
C LYS X 113 15.94 9.23 59.97
N ASP X 114 16.68 9.33 58.86
CA ASP X 114 16.08 9.81 57.62
C ASP X 114 14.87 8.97 57.24
N MET X 115 14.91 7.67 57.48
CA MET X 115 13.71 6.88 57.21
C MET X 115 12.58 7.12 58.17
N THR X 116 12.83 7.12 59.47
CA THR X 116 11.69 7.28 60.35
C THR X 116 11.04 8.63 60.13
N ARG X 117 11.74 9.57 59.46
CA ARG X 117 11.04 10.76 59.01
C ARG X 117 10.40 10.62 57.62
N ASN X 118 10.92 9.80 56.70
CA ASN X 118 10.19 9.76 55.42
C ASN X 118 9.10 8.68 55.35
N LEU X 119 9.39 7.42 55.69
CA LEU X 119 8.35 6.38 55.60
C LEU X 119 7.13 6.76 56.42
N TYR X 120 7.35 7.19 57.66
CA TYR X 120 6.26 7.63 58.54
C TYR X 120 6.49 9.11 58.80
N PRO X 121 5.91 9.97 57.96
CA PRO X 121 6.26 11.39 57.99
C PRO X 121 5.63 12.16 59.13
N LEU X 122 4.36 11.92 59.43
CA LEU X 122 3.65 12.62 60.48
C LEU X 122 4.00 11.92 61.79
N ASN X 123 4.56 12.68 62.73
CA ASN X 123 4.86 12.14 64.03
C ASN X 123 3.57 11.75 64.73
N PRO X 124 3.66 10.91 65.77
CA PRO X 124 2.47 10.67 66.59
C PRO X 124 1.82 11.95 67.09
N GLU X 125 2.61 13.01 67.31
CA GLU X 125 2.06 14.33 67.56
C GLU X 125 1.20 14.79 66.39
N GLN X 126 1.77 14.72 65.19
CA GLN X 126 1.16 15.26 63.99
C GLN X 126 -0.08 14.51 63.55
N VAL X 127 -0.14 13.19 63.75
CA VAL X 127 -1.32 12.47 63.30
C VAL X 127 -2.54 12.82 64.16
N VAL X 128 -2.36 12.95 65.48
CA VAL X 128 -3.50 13.34 66.30
C VAL X 128 -3.86 14.79 66.05
N LYS X 129 -2.89 15.66 65.81
CA LYS X 129 -3.24 17.05 65.50
C LYS X 129 -3.98 17.13 64.16
N LEU X 130 -3.61 16.29 63.20
CA LEU X 130 -4.35 16.20 61.94
C LEU X 130 -5.76 15.68 62.18
N LYS X 131 -5.91 14.71 63.08
CA LYS X 131 -7.24 14.29 63.50
C LYS X 131 -8.04 15.48 64.03
N GLN X 132 -7.38 16.36 64.79
CA GLN X 132 -8.13 17.44 65.40
C GLN X 132 -8.59 18.44 64.35
N ILE X 133 -7.72 18.78 63.40
CA ILE X 133 -8.15 19.71 62.35
C ILE X 133 -9.27 19.07 61.52
N TYR X 134 -9.19 17.75 61.30
CA TYR X 134 -10.34 17.04 60.78
C TYR X 134 -11.61 17.34 61.54
N GLU X 135 -11.67 16.96 62.82
CA GLU X 135 -12.97 16.95 63.46
C GLU X 135 -13.49 18.37 63.58
N THR X 136 -12.56 19.34 63.71
CA THR X 136 -12.98 20.73 63.81
C THR X 136 -13.49 21.25 62.47
N SER X 137 -12.84 20.91 61.36
CA SER X 137 -13.36 21.33 60.07
C SER X 137 -14.73 20.71 59.79
N GLU X 138 -14.90 19.44 60.13
CA GLU X 138 -16.20 18.82 59.87
C GLU X 138 -17.25 19.38 60.81
N TYR X 139 -16.86 19.70 62.05
CA TYR X 139 -17.71 20.40 63.01
C TYR X 139 -18.05 21.79 62.49
N ALA X 140 -17.21 22.37 61.66
CA ALA X 140 -17.60 23.59 60.98
C ALA X 140 -18.61 23.32 59.89
N LYS X 141 -18.42 22.25 59.11
CA LYS X 141 -19.30 22.05 57.96
C LYS X 141 -20.72 21.68 58.35
N ALA X 142 -20.90 20.73 59.26
CA ALA X 142 -22.26 20.26 59.52
C ALA X 142 -23.02 21.18 60.47
N ALA X 143 -22.37 22.23 61.00
CA ALA X 143 -22.97 23.03 62.05
C ALA X 143 -23.93 24.06 61.46
N THR X 144 -25.15 24.05 61.96
CA THR X 144 -26.18 24.91 61.39
C THR X 144 -26.01 26.33 61.91
N PRO X 145 -25.89 27.31 61.01
CA PRO X 145 -25.73 28.70 61.47
C PRO X 145 -27.02 29.22 62.09
N GLY X 146 -26.87 30.16 63.02
CA GLY X 146 -28.02 30.72 63.67
C GLY X 146 -28.64 29.72 64.64
N THR X 147 -29.73 30.15 65.26
CA THR X 147 -30.29 29.10 66.12
C THR X 147 -31.20 28.18 65.30
N PRO X 148 -30.94 26.86 65.36
CA PRO X 148 -31.77 25.93 64.62
C PRO X 148 -33.20 25.97 65.12
N PRO X 149 -34.13 25.40 64.37
CA PRO X 149 -35.54 25.48 64.78
C PRO X 149 -35.81 24.75 66.08
N LYS X 150 -36.78 25.27 66.84
CA LYS X 150 -37.27 24.56 68.02
C LYS X 150 -38.14 23.39 67.59
N PRO X 151 -37.77 22.15 67.89
CA PRO X 151 -38.63 21.01 67.57
C PRO X 151 -39.72 20.87 68.61
N THR X 152 -40.95 21.22 68.24
CA THR X 152 -42.05 21.08 69.17
C THR X 152 -43.26 20.45 68.49
N ALA X 153 -44.13 19.86 69.31
CA ALA X 153 -45.36 19.21 68.85
C ALA X 153 -46.54 20.09 69.22
N THR X 154 -47.18 20.68 68.21
CA THR X 154 -48.31 21.59 68.41
C THR X 154 -49.62 20.87 68.12
N SER X 155 -50.71 21.61 68.29
CA SER X 155 -52.05 21.12 67.99
C SER X 155 -52.89 22.29 67.51
N GLN X 156 -53.43 22.17 66.31
CA GLN X 156 -54.22 23.22 65.70
C GLN X 156 -55.61 22.71 65.35
N PHE X 157 -56.62 23.53 65.62
CA PHE X 157 -58.01 23.21 65.28
C PHE X 157 -58.25 23.66 63.85
N VAL X 158 -58.64 22.73 62.98
CA VAL X 158 -58.86 23.03 61.57
C VAL X 158 -60.26 23.57 61.40
N ASN X 159 -60.36 24.78 60.85
CA ASN X 159 -61.62 25.40 60.52
C ASN X 159 -61.83 25.30 59.01
N LEU X 160 -62.93 24.68 58.61
CA LEU X 160 -63.24 24.48 57.20
C LEU X 160 -64.26 25.49 56.68
N SER X 161 -64.71 26.40 57.52
CA SER X 161 -65.65 27.43 57.08
C SER X 161 -64.96 28.38 56.11
N PRO X 162 -65.67 28.86 55.09
CA PRO X 162 -65.08 29.83 54.16
C PRO X 162 -64.62 31.08 54.88
N GLY X 163 -63.47 31.61 54.47
CA GLY X 163 -62.88 32.77 55.09
C GLY X 163 -61.75 32.47 56.05
N SER X 164 -61.59 31.22 56.46
CA SER X 164 -60.53 30.83 57.38
C SER X 164 -59.24 30.54 56.63
N THR X 165 -58.12 30.81 57.30
CA THR X 165 -56.83 30.56 56.65
C THR X 165 -56.41 29.10 56.86
N PRO X 166 -55.71 28.51 55.90
CA PRO X 166 -55.31 27.12 56.04
C PRO X 166 -54.30 26.96 57.16
N PRO X 167 -54.25 25.80 57.79
CA PRO X 167 -53.27 25.57 58.85
C PRO X 167 -51.85 25.54 58.31
N VAL X 168 -50.93 26.01 59.15
CA VAL X 168 -49.51 26.14 58.81
C VAL X 168 -48.74 24.98 59.40
N ILE X 169 -47.86 24.39 58.60
CA ILE X 169 -46.89 23.42 59.07
C ILE X 169 -45.51 23.99 58.81
N ARG X 170 -44.81 24.35 59.88
CA ARG X 170 -43.44 24.85 59.81
C ARG X 170 -42.48 23.66 59.87
N LEU X 171 -41.85 23.34 58.75
CA LEU X 171 -41.03 22.16 58.62
C LEU X 171 -39.55 22.51 58.72
N SER X 172 -38.69 21.52 58.48
CA SER X 172 -37.26 21.72 58.55
C SER X 172 -36.58 20.89 57.46
N GLN X 173 -35.50 21.42 56.92
CA GLN X 173 -34.72 20.76 55.88
C GLN X 173 -34.18 19.40 56.31
N GLY X 174 -34.70 18.34 55.70
CA GLY X 174 -34.27 17.00 56.02
C GLY X 174 -34.88 16.42 57.27
N PHE X 175 -35.94 17.04 57.79
CA PHE X 175 -36.56 16.61 59.04
C PHE X 175 -37.97 16.13 58.83
N VAL X 176 -38.31 15.06 59.53
CA VAL X 176 -39.62 14.43 59.48
C VAL X 176 -40.62 15.28 60.25
N SER X 177 -41.69 15.68 59.59
CA SER X 177 -42.83 16.34 60.23
C SER X 177 -44.01 15.39 60.15
N SER X 178 -44.65 15.15 61.29
CA SER X 178 -45.74 14.18 61.41
C SER X 178 -47.06 14.93 61.56
N LEU X 179 -47.93 14.80 60.56
CA LEU X 179 -49.28 15.34 60.65
C LEU X 179 -50.28 14.22 60.86
N VAL X 180 -50.97 14.24 61.99
CA VAL X 180 -52.03 13.28 62.31
C VAL X 180 -53.36 14.00 62.21
N PHE X 181 -54.36 13.31 61.66
CA PHE X 181 -55.63 13.92 61.30
C PHE X 181 -56.70 13.43 62.27
N LEU X 182 -57.37 14.37 62.93
CA LEU X 182 -58.18 14.08 64.11
C LEU X 182 -59.52 14.78 63.98
N ASP X 183 -60.59 14.09 64.35
CA ASP X 183 -61.93 14.63 64.27
C ASP X 183 -62.23 15.48 65.50
N SER X 184 -63.51 15.82 65.69
CA SER X 184 -63.89 16.66 66.82
C SER X 184 -63.87 15.90 68.13
N THR X 185 -64.27 14.63 68.12
CA THR X 185 -64.50 13.89 69.36
C THR X 185 -63.21 13.38 70.01
N GLY X 186 -62.07 13.48 69.34
CA GLY X 186 -60.84 12.95 69.90
C GLY X 186 -60.42 11.61 69.34
N ALA X 187 -60.92 11.23 68.17
CA ALA X 187 -60.65 9.96 67.53
C ALA X 187 -59.94 10.14 66.20
N PRO X 188 -59.14 9.16 65.78
CA PRO X 188 -58.40 9.29 64.52
C PRO X 188 -59.33 9.37 63.31
N TRP X 189 -58.86 10.08 62.28
CA TRP X 189 -59.57 10.22 61.01
C TRP X 189 -58.70 9.70 59.87
N PRO X 190 -58.91 8.48 59.39
CA PRO X 190 -58.05 7.92 58.34
C PRO X 190 -58.13 8.73 57.06
N ILE X 191 -57.05 8.65 56.27
CA ILE X 191 -56.91 9.43 55.05
C ILE X 191 -57.48 8.64 53.88
N ALA X 192 -58.36 9.27 53.11
CA ALA X 192 -58.79 8.70 51.85
C ALA X 192 -57.73 8.83 50.77
N ALA X 193 -57.09 9.98 50.67
CA ALA X 193 -56.08 10.24 49.63
C ALA X 193 -55.42 11.58 49.93
N TYR X 194 -54.46 11.96 49.08
CA TYR X 194 -53.89 13.29 49.16
C TYR X 194 -53.23 13.66 47.84
N ASP X 195 -53.09 14.97 47.62
CA ASP X 195 -52.34 15.53 46.51
C ASP X 195 -51.34 16.53 47.06
N LEU X 196 -50.08 16.37 46.66
CA LEU X 196 -49.00 17.26 47.10
C LEU X 196 -48.56 18.08 45.88
N GLY X 197 -48.93 19.36 45.87
CA GLY X 197 -48.38 20.26 44.88
C GLY X 197 -46.95 20.63 45.24
N ASP X 198 -46.13 20.88 44.23
CA ASP X 198 -44.71 21.17 44.42
C ASP X 198 -44.05 19.97 45.12
N PRO X 199 -44.03 18.79 44.49
CA PRO X 199 -43.68 17.57 45.22
C PRO X 199 -42.18 17.31 45.37
N SER X 200 -41.34 17.75 44.44
CA SER X 200 -39.90 17.55 44.62
C SER X 200 -39.31 18.60 45.55
N SER X 201 -40.14 19.34 46.27
CA SER X 201 -39.69 20.22 47.35
C SER X 201 -40.09 19.69 48.71
N PHE X 202 -40.95 18.67 48.77
CA PHE X 202 -41.28 18.00 50.02
C PHE X 202 -41.51 16.52 49.72
N ASN X 203 -40.78 15.66 50.41
CA ASN X 203 -40.90 14.22 50.24
C ASN X 203 -41.88 13.70 51.28
N ILE X 204 -42.94 13.04 50.81
CA ILE X 204 -44.04 12.62 51.66
C ILE X 204 -44.10 11.10 51.67
N GLN X 205 -44.19 10.53 52.87
CA GLN X 205 -44.45 9.11 53.06
C GLN X 205 -45.79 8.93 53.77
N TRP X 206 -46.49 7.86 53.38
CA TRP X 206 -47.82 7.58 53.92
C TRP X 206 -48.15 6.13 53.64
N ASP X 207 -48.39 5.35 54.69
CA ASP X 207 -49.01 4.05 54.52
C ASP X 207 -50.48 4.24 54.19
N LYS X 208 -50.97 3.47 53.23
CA LYS X 208 -52.23 3.79 52.56
C LYS X 208 -53.44 3.71 53.48
N THR X 209 -53.31 3.15 54.68
CA THR X 209 -54.45 2.96 55.57
C THR X 209 -54.52 4.00 56.68
N SER X 210 -53.38 4.40 57.23
CA SER X 210 -53.38 5.20 58.44
C SER X 210 -53.81 6.64 58.14
N ASN X 211 -53.84 7.44 59.20
CA ASN X 211 -54.24 8.84 59.14
C ASN X 211 -53.05 9.78 59.30
N THR X 212 -51.85 9.28 59.07
CA THR X 212 -50.64 9.95 59.53
C THR X 212 -49.69 10.19 58.35
N LEU X 213 -49.26 11.44 58.19
CA LEU X 213 -48.53 11.91 57.02
C LEU X 213 -47.12 12.32 57.44
N MET X 214 -46.10 11.84 56.70
CA MET X 214 -44.71 12.13 57.04
C MET X 214 -44.12 13.00 55.94
N ILE X 215 -43.83 14.27 56.21
CA ILE X 215 -43.23 15.13 55.19
C ILE X 215 -41.85 15.59 55.64
N GLN X 216 -40.86 15.47 54.75
CA GLN X 216 -39.54 16.03 54.94
C GLN X 216 -39.31 17.10 53.89
N ALA X 217 -39.00 18.31 54.35
CA ALA X 217 -38.72 19.40 53.42
C ALA X 217 -37.48 19.07 52.60
N THR X 218 -37.63 19.08 51.28
CA THR X 218 -36.54 18.72 50.37
C THR X 218 -35.63 19.88 50.04
N LYS X 219 -36.15 21.11 49.94
CA LYS X 219 -35.33 22.30 49.77
C LYS X 219 -35.65 23.29 50.89
N LEU X 220 -34.72 24.21 51.12
CA LEU X 220 -34.56 24.80 52.45
C LEU X 220 -35.79 25.60 52.88
N TYR X 221 -36.16 26.64 52.13
CA TYR X 221 -37.26 27.50 52.56
C TYR X 221 -38.40 27.66 51.56
N ASN X 222 -38.27 27.19 50.33
CA ASN X 222 -39.38 27.29 49.38
C ASN X 222 -40.57 26.50 49.92
N TYR X 223 -41.73 27.14 49.93
CA TYR X 223 -42.92 26.60 50.57
C TYR X 223 -43.92 26.12 49.53
N GLY X 224 -44.97 25.48 50.02
CA GLY X 224 -45.99 24.94 49.16
C GLY X 224 -47.26 24.69 49.93
N ASN X 225 -48.17 23.92 49.33
CA ASN X 225 -49.43 23.56 49.96
C ASN X 225 -49.78 22.12 49.62
N LEU X 226 -50.69 21.56 50.41
CA LEU X 226 -50.99 20.14 50.36
C LEU X 226 -52.47 19.92 50.62
N ALA X 227 -53.13 19.16 49.73
CA ALA X 227 -54.54 18.85 49.86
C ALA X 227 -54.70 17.41 50.33
N VAL X 228 -55.58 17.19 51.29
CA VAL X 228 -55.79 15.87 51.88
C VAL X 228 -57.27 15.54 51.80
N ARG X 229 -57.60 14.45 51.12
CA ARG X 229 -58.95 13.89 51.06
C ARG X 229 -59.11 12.97 52.27
N LEU X 230 -60.08 13.27 53.13
CA LEU X 230 -60.29 12.49 54.34
C LEU X 230 -61.34 11.41 54.05
N ARG X 231 -61.58 10.53 55.03
CA ARG X 231 -62.47 9.39 54.78
C ARG X 231 -63.91 9.84 54.56
N GLY X 232 -64.53 10.42 55.59
CA GLY X 232 -65.91 10.82 55.50
C GLY X 232 -66.14 12.28 55.17
N LEU X 233 -65.09 13.01 54.80
CA LEU X 233 -65.19 14.46 54.65
C LEU X 233 -65.10 14.85 53.19
N ASN X 234 -66.09 15.61 52.72
CA ASN X 234 -66.16 16.02 51.32
C ASN X 234 -65.31 17.25 51.03
N THR X 235 -65.25 18.19 51.97
CA THR X 235 -64.43 19.39 51.81
C THR X 235 -62.95 19.01 51.85
N PRO X 236 -62.10 19.62 51.03
CA PRO X 236 -60.67 19.28 51.08
C PRO X 236 -59.98 19.82 52.32
N VAL X 237 -59.01 19.05 52.81
CA VAL X 237 -58.15 19.49 53.90
C VAL X 237 -56.95 20.19 53.28
N MET X 238 -57.01 21.52 53.23
CA MET X 238 -56.02 22.31 52.50
C MET X 238 -55.07 22.92 53.52
N LEU X 239 -53.76 22.66 53.38
CA LEU X 239 -52.78 23.12 54.34
C LEU X 239 -51.59 23.76 53.64
N THR X 240 -50.86 24.61 54.36
CA THR X 240 -49.68 25.27 53.82
C THR X 240 -48.42 24.85 54.57
N LEU X 241 -47.45 24.34 53.81
CA LEU X 241 -46.19 23.82 54.33
C LEU X 241 -45.11 24.86 54.07
N ILE X 242 -44.52 25.41 55.11
CA ILE X 242 -43.44 26.38 55.01
C ILE X 242 -42.22 25.83 55.73
N PRO X 243 -41.11 25.62 55.06
CA PRO X 243 -39.90 25.14 55.73
C PRO X 243 -38.95 26.27 56.12
N GLY X 244 -37.91 25.90 56.85
CA GLY X 244 -36.79 26.79 57.10
C GLY X 244 -37.05 27.98 57.99
N GLN X 245 -37.70 27.79 59.14
CA GLN X 245 -37.89 28.87 60.09
C GLN X 245 -37.28 28.51 61.45
N LYS X 246 -37.47 29.40 62.42
CA LYS X 246 -36.91 29.23 63.77
C LYS X 246 -37.61 28.14 64.57
N ALA X 247 -38.51 27.37 63.96
CA ALA X 247 -39.27 26.36 64.67
C ALA X 247 -39.65 25.25 63.69
N VAL X 248 -39.64 24.01 64.18
CA VAL X 248 -39.97 22.84 63.37
C VAL X 248 -41.10 22.06 64.06
N ASP X 249 -42.15 21.81 63.29
CA ASP X 249 -43.36 21.10 63.70
C ASP X 249 -43.05 19.62 63.70
N TYR X 250 -42.58 19.11 64.84
CA TYR X 250 -42.20 17.70 64.90
C TYR X 250 -43.44 16.80 64.92
N ARG X 251 -44.54 17.29 65.50
CA ARG X 251 -45.86 16.72 65.34
C ARG X 251 -46.88 17.84 65.37
N VAL X 252 -48.01 17.63 64.69
CA VAL X 252 -49.13 18.56 64.76
C VAL X 252 -50.40 17.72 64.81
N ASP X 253 -51.28 18.05 65.74
CA ASP X 253 -52.58 17.38 65.85
C ASP X 253 -53.64 18.30 65.22
N LEU X 254 -54.11 17.94 64.04
CA LEU X 254 -55.15 18.71 63.35
C LEU X 254 -56.52 18.30 63.89
N ARG X 255 -57.17 19.26 64.57
CA ARG X 255 -58.50 19.07 65.12
C ARG X 255 -59.51 19.48 64.04
N VAL X 256 -59.69 18.60 63.05
CA VAL X 256 -60.57 18.88 61.94
C VAL X 256 -62.01 19.03 62.42
N GLN X 257 -62.72 19.97 61.80
CA GLN X 257 -64.00 20.45 62.30
C GLN X 257 -65.07 19.37 62.33
N GLY X 258 -64.96 18.35 61.49
CA GLY X 258 -65.99 17.34 61.37
C GLY X 258 -65.83 16.18 62.33
N TYR X 259 -66.66 15.15 62.13
CA TYR X 259 -66.61 13.93 62.92
C TYR X 259 -66.26 12.78 61.99
N GLY X 260 -65.25 11.99 62.38
CA GLY X 260 -64.76 10.92 61.55
C GLY X 260 -65.53 9.62 61.73
N PRO X 261 -65.04 8.55 61.10
CA PRO X 261 -65.66 7.24 61.27
C PRO X 261 -65.45 6.61 62.64
N ASN X 262 -64.72 7.28 63.52
CA ASN X 262 -64.51 6.83 64.89
C ASN X 262 -65.07 7.89 65.83
N ALA X 263 -65.93 7.47 66.75
CA ALA X 263 -66.56 8.41 67.67
C ALA X 263 -66.57 7.89 69.09
N CYS Y 1 -46.42 56.98 38.87
CA CYS Y 1 -47.40 55.92 39.02
C CYS Y 1 -48.55 56.07 38.04
N THR Y 2 -49.67 56.60 38.55
CA THR Y 2 -50.92 56.62 37.79
C THR Y 2 -51.08 57.87 36.95
N ASP Y 3 -50.52 59.00 37.40
CA ASP Y 3 -50.63 60.23 36.64
C ASP Y 3 -49.93 60.12 35.30
N ALA Y 4 -48.75 59.46 35.28
CA ALA Y 4 -48.09 59.19 34.01
C ALA Y 4 -48.94 58.30 33.12
N ALA Y 5 -49.56 57.27 33.69
CA ALA Y 5 -50.42 56.40 32.90
C ALA Y 5 -51.58 57.16 32.27
N LEU Y 6 -52.26 58.00 33.06
CA LEU Y 6 -53.40 58.74 32.53
C LEU Y 6 -52.96 59.79 31.51
N ALA Y 7 -51.81 60.43 31.72
CA ALA Y 7 -51.29 61.33 30.68
C ALA Y 7 -51.00 60.55 29.40
N ALA Y 8 -50.43 59.36 29.54
CA ALA Y 8 -50.16 58.53 28.37
C ALA Y 8 -51.45 58.17 27.64
N LEU Y 9 -52.49 57.76 28.38
CA LEU Y 9 -53.72 57.36 27.72
C LEU Y 9 -54.38 58.56 27.03
N GLU Y 10 -54.41 59.71 27.70
CA GLU Y 10 -55.04 60.88 27.07
C GLU Y 10 -54.26 61.32 25.84
N TYR Y 11 -52.93 61.25 25.87
CA TYR Y 11 -52.15 61.61 24.69
C TYR Y 11 -52.32 60.58 23.58
N HIS Y 12 -52.55 59.31 23.93
CA HIS Y 12 -52.74 58.29 22.90
C HIS Y 12 -54.11 58.42 22.25
N LYS Y 13 -55.16 58.69 23.04
CA LYS Y 13 -56.47 58.89 22.46
C LYS Y 13 -56.57 60.22 21.70
N SER Y 14 -55.83 61.24 22.13
CA SER Y 14 -55.84 62.51 21.42
C SER Y 14 -55.15 62.42 20.06
N ASN Y 15 -54.06 61.66 19.97
CA ASN Y 15 -53.31 61.50 18.73
C ASN Y 15 -53.57 60.11 18.17
N ALA Y 16 -54.34 60.04 17.09
CA ALA Y 16 -54.70 58.75 16.50
C ALA Y 16 -53.48 58.01 15.99
N CYS Z 1 -56.04 50.31 26.41
CA CYS Z 1 -55.05 50.52 25.37
C CYS Z 1 -53.65 50.58 25.95
N VAL Z 2 -53.57 50.73 27.27
CA VAL Z 2 -52.29 50.89 27.96
C VAL Z 2 -51.77 49.53 28.39
N SER Z 3 -50.53 49.23 28.01
CA SER Z 3 -49.76 48.15 28.60
C SER Z 3 -48.97 48.75 29.75
N MET Z 4 -49.54 48.69 30.95
CA MET Z 4 -48.99 49.36 32.11
C MET Z 4 -47.61 48.84 32.51
N ILE Z 5 -47.21 47.67 32.04
CA ILE Z 5 -45.88 47.16 32.36
C ILE Z 5 -44.84 48.00 31.62
N GLY Z 6 -45.28 48.73 30.60
CA GLY Z 6 -44.47 49.79 30.02
C GLY Z 6 -44.59 51.06 30.82
N GLY Z 7 -44.78 50.91 32.12
CA GLY Z 7 -44.93 52.04 33.01
C GLY Z 7 -43.59 52.61 33.43
N SER Z 8 -43.50 53.94 33.38
CA SER Z 8 -42.28 54.64 33.76
C SER Z 8 -42.70 55.96 34.39
N ARG Z 9 -42.28 56.19 35.62
CA ARG Z 9 -42.63 57.43 36.32
C ARG Z 9 -41.98 58.61 35.60
N ARG AA 1 -44.54 53.57 27.12
CA ARG AA 1 -45.78 52.83 26.96
C ARG AA 1 -46.11 52.67 25.47
N VAL AA 2 -46.77 51.57 25.12
CA VAL AA 2 -47.10 51.25 23.74
C VAL AA 2 -48.57 50.87 23.64
N SER AA 3 -49.24 51.34 22.60
CA SER AA 3 -50.66 51.08 22.40
C SER AA 3 -50.87 49.81 21.60
N ILE AA 4 -52.12 49.54 21.22
CA ILE AA 4 -52.45 48.31 20.51
C ILE AA 4 -52.27 48.49 19.01
N GLY AA 5 -52.18 49.74 18.54
CA GLY AA 5 -51.94 49.98 17.13
C GLY AA 5 -50.53 49.72 16.69
N GLY AA 6 -49.61 49.52 17.64
CA GLY AA 6 -48.20 49.27 17.36
C GLY AA 6 -47.35 50.53 17.44
N THR AA 7 -47.97 51.70 17.32
CA THR AA 7 -47.25 52.95 17.43
C THR AA 7 -47.04 53.30 18.90
N VAL AA 8 -45.82 53.71 19.23
CA VAL AA 8 -45.43 53.97 20.61
C VAL AA 8 -46.02 55.32 21.02
N TYR AA 9 -46.76 55.31 22.13
CA TYR AA 9 -47.27 56.52 22.76
C TYR AA 9 -46.85 56.52 24.23
N THR AA 10 -45.95 57.44 24.59
CA THR AA 10 -45.34 57.44 25.91
C THR AA 10 -45.64 58.74 26.64
N ALA AA 11 -45.76 58.64 27.96
CA ALA AA 11 -45.79 59.82 28.81
C ALA AA 11 -44.38 60.41 28.91
N LYS AA 12 -44.32 61.69 29.31
CA LYS AA 12 -43.05 62.40 29.34
C LYS AA 12 -42.37 62.31 30.69
N LYS AA 13 -43.00 62.84 31.74
CA LYS AA 13 -42.43 62.80 33.09
C LYS AA 13 -43.52 63.16 34.08
N TYR AA 14 -43.92 62.20 34.91
CA TYR AA 14 -45.01 62.40 35.86
C TYR AA 14 -44.78 61.53 37.08
N ASP AA 15 -44.82 62.16 38.26
CA ASP AA 15 -44.53 61.49 39.52
C ASP AA 15 -45.76 61.49 40.42
N ASP AA 16 -45.87 60.44 41.23
CA ASP AA 16 -46.97 60.32 42.18
C ASP AA 16 -46.44 60.05 43.58
N PRO BA 1 -44.11 49.05 36.66
CA PRO BA 1 -43.25 49.41 37.79
C PRO BA 1 -43.55 50.81 38.33
N PHE BA 2 -44.30 50.87 39.44
CA PHE BA 2 -44.70 52.12 40.06
C PHE BA 2 -44.36 52.08 41.55
N GLY BA 3 -44.42 53.25 42.18
CA GLY BA 3 -44.13 53.39 43.59
C GLY BA 3 -45.31 53.22 44.52
N ALA BA 4 -46.47 52.84 43.99
CA ALA BA 4 -47.65 52.56 44.81
C ALA BA 4 -48.00 51.08 44.83
N ASP BA 5 -47.08 50.23 44.40
CA ASP BA 5 -47.31 48.79 44.34
C ASP BA 5 -47.50 48.19 45.73
N ARG CA 207 -75.06 52.18 49.31
CA ARG CA 207 -74.73 51.78 47.95
C ARG CA 207 -73.90 50.50 48.03
N ILE CA 208 -73.62 49.88 46.89
CA ILE CA 208 -72.98 48.56 46.82
C ILE CA 208 -71.47 48.76 46.77
N ILE CA 209 -70.78 48.31 47.82
CA ILE CA 209 -69.33 48.27 47.83
C ILE CA 209 -68.88 47.13 46.93
N TYR CA 210 -68.07 47.46 45.93
CA TYR CA 210 -67.52 46.48 45.01
C TYR CA 210 -66.04 46.31 45.34
N TYR CA 211 -65.56 45.08 45.34
CA TYR CA 211 -64.17 44.87 45.68
C TYR CA 211 -63.62 43.87 44.67
N ILE CA 212 -62.38 44.07 44.21
CA ILE CA 212 -61.89 43.25 43.10
C ILE CA 212 -61.62 41.82 43.55
N GLN CA 213 -62.10 40.86 42.76
CA GLN CA 213 -61.68 39.48 42.94
C GLN CA 213 -60.49 39.12 42.07
N ALA CA 214 -60.32 39.73 40.91
CA ALA CA 214 -59.17 39.43 40.06
C ALA CA 214 -58.97 40.56 39.07
N VAL CA 215 -57.74 40.70 38.59
CA VAL CA 215 -57.44 41.76 37.64
C VAL CA 215 -56.24 41.35 36.79
N ILE CA 216 -56.38 41.54 35.49
CA ILE CA 216 -55.32 41.28 34.51
C ILE CA 216 -55.28 42.50 33.60
N PRO CA 217 -54.23 42.68 32.79
CA PRO CA 217 -54.26 43.78 31.80
C PRO CA 217 -55.51 43.70 30.95
N GLY CA 218 -56.40 44.68 31.07
CA GLY CA 218 -57.67 44.61 30.40
C GLY CA 218 -58.83 44.32 31.34
N ARG CA 219 -59.35 43.09 31.32
CA ARG CA 219 -60.52 42.77 32.11
C ARG CA 219 -60.21 42.82 33.60
N ALA CA 220 -61.22 43.21 34.38
CA ALA CA 220 -61.13 43.17 35.83
C ALA CA 220 -62.42 42.54 36.36
N TRP CA 221 -62.27 41.49 37.14
CA TRP CA 221 -63.38 40.72 37.68
C TRP CA 221 -63.64 41.17 39.10
N LEU CA 222 -64.90 41.53 39.39
CA LEU CA 222 -65.28 42.23 40.60
C LEU CA 222 -66.43 41.52 41.30
N ILE CA 223 -66.39 41.55 42.64
CA ILE CA 223 -67.44 40.99 43.48
C ILE CA 223 -68.01 42.12 44.34
N GLY CA 224 -69.33 42.26 44.33
CA GLY CA 224 -70.01 43.27 45.13
C GLY CA 224 -70.40 42.76 46.50
N SER CA 225 -71.10 43.63 47.24
CA SER CA 225 -71.58 43.29 48.58
C SER CA 225 -72.79 42.38 48.56
N ASN CA 226 -73.52 42.32 47.44
CA ASN CA 226 -74.68 41.47 47.30
C ASN CA 226 -74.36 40.10 46.74
N GLY CA 227 -73.07 39.78 46.59
CA GLY CA 227 -72.65 38.54 45.98
C GLY CA 227 -72.61 38.56 44.47
N SER CA 228 -72.99 39.68 43.84
CA SER CA 228 -72.96 39.76 42.39
C SER CA 228 -71.52 39.89 41.88
N THR CA 229 -71.24 39.21 40.77
CA THR CA 229 -69.95 39.26 40.11
C THR CA 229 -70.12 39.90 38.74
N LEU CA 230 -69.12 40.67 38.32
CA LEU CA 230 -69.14 41.28 37.00
C LEU CA 230 -67.73 41.53 36.51
N THR CA 231 -67.63 42.05 35.29
CA THR CA 231 -66.36 42.31 34.63
C THR CA 231 -66.36 43.72 34.06
N VAL CA 232 -65.20 44.37 34.12
CA VAL CA 232 -65.06 45.73 33.61
C VAL CA 232 -63.84 45.80 32.69
N ARG CA 233 -63.93 46.68 31.70
CA ARG CA 233 -62.85 46.95 30.75
C ARG CA 233 -62.44 48.41 30.88
N GLU CA 234 -61.62 48.87 29.93
CA GLU CA 234 -61.07 50.22 29.96
C GLU CA 234 -62.19 51.25 30.10
N GLY CA 235 -63.35 50.97 29.49
CA GLY CA 235 -64.53 51.75 29.71
C GLY CA 235 -65.78 50.89 29.85
N SER CA 236 -66.40 50.92 31.03
CA SER CA 236 -67.64 50.19 31.25
C SER CA 236 -68.36 50.83 32.42
N LYS CA 237 -69.70 50.76 32.37
CA LYS CA 237 -70.52 51.34 33.42
C LYS CA 237 -70.63 50.38 34.59
N ILE CA 238 -70.35 50.88 35.78
CA ILE CA 238 -70.47 50.13 37.02
C ILE CA 238 -71.48 50.87 37.89
N PRO CA 239 -72.47 50.18 38.47
CA PRO CA 239 -73.48 50.88 39.29
C PRO CA 239 -72.84 51.52 40.51
N GLY CA 240 -73.12 52.81 40.70
CA GLY CA 240 -72.61 53.54 41.83
C GLY CA 240 -71.28 54.23 41.55
N TYR CA 241 -70.30 53.46 41.07
CA TYR CA 241 -68.98 54.02 40.82
C TYR CA 241 -68.93 54.79 39.50
N GLY CA 242 -69.86 54.52 38.58
CA GLY CA 242 -69.98 55.29 37.37
C GLY CA 242 -69.30 54.69 36.16
N MET CA 243 -68.25 55.35 35.69
CA MET CA 243 -67.57 54.99 34.46
C MET CA 243 -66.10 54.75 34.79
N VAL CA 244 -65.61 53.54 34.55
CA VAL CA 244 -64.23 53.23 34.91
C VAL CA 244 -63.27 53.91 33.94
N LYS CA 245 -62.41 54.77 34.48
CA LYS CA 245 -61.29 55.33 33.75
C LYS CA 245 -60.09 54.40 33.60
N LEU CA 246 -59.65 53.69 34.65
CA LEU CA 246 -58.39 52.97 34.47
C LEU CA 246 -58.34 51.70 35.30
N ILE CA 247 -57.63 50.70 34.78
CA ILE CA 247 -57.53 49.36 35.34
C ILE CA 247 -56.05 49.05 35.54
N ASP CA 248 -55.60 49.08 36.80
CA ASP CA 248 -54.18 48.89 37.11
C ASP CA 248 -54.04 47.54 37.80
N SER CA 249 -53.41 46.58 37.11
CA SER CA 249 -53.42 45.19 37.57
C SER CA 249 -52.28 44.88 38.54
N LEU CA 250 -51.14 45.57 38.44
CA LEU CA 250 -50.06 45.33 39.38
C LEU CA 250 -50.44 45.75 40.80
N GLN CA 251 -50.92 46.98 40.97
CA GLN CA 251 -51.40 47.45 42.26
C GLN CA 251 -52.81 46.99 42.56
N GLY CA 252 -53.49 46.37 41.58
CA GLY CA 252 -54.83 45.88 41.79
C GLY CA 252 -55.84 46.95 42.14
N ARG CA 253 -55.88 48.04 41.38
CA ARG CA 253 -56.78 49.14 41.69
C ARG CA 253 -57.52 49.59 40.43
N ILE CA 254 -58.68 50.21 40.65
CA ILE CA 254 -59.59 50.60 39.58
C ILE CA 254 -59.92 52.07 39.85
N LEU CA 255 -59.57 52.95 38.90
CA LEU CA 255 -60.00 54.35 38.93
C LEU CA 255 -61.31 54.51 38.17
N THR CA 256 -62.29 55.17 38.80
CA THR CA 256 -63.57 55.51 38.20
C THR CA 256 -63.75 57.02 38.14
N SER CA 257 -64.84 57.44 37.49
CA SER CA 257 -65.09 58.87 37.27
C SER CA 257 -65.54 59.57 38.54
N SER CA 258 -66.16 58.85 39.47
CA SER CA 258 -66.62 59.43 40.72
C SER CA 258 -65.48 59.61 41.71
N GLY CA 259 -64.22 59.50 41.25
CA GLY CA 259 -63.08 59.48 42.13
C GLY CA 259 -62.95 58.22 42.96
N GLN CA 260 -64.00 57.39 43.01
CA GLN CA 260 -63.96 56.19 43.83
C GLN CA 260 -62.99 55.17 43.26
N VAL CA 261 -62.22 54.55 44.14
CA VAL CA 261 -61.13 53.66 43.77
C VAL CA 261 -61.41 52.29 44.38
N ILE CA 262 -61.28 51.25 43.57
CA ILE CA 262 -61.49 49.87 44.04
C ILE CA 262 -60.14 49.17 44.15
N LYS CA 263 -59.94 48.42 45.23
CA LYS CA 263 -58.68 47.72 45.48
C LYS CA 263 -58.95 46.23 45.60
N PHE CA 264 -57.93 45.51 46.07
CA PHE CA 264 -58.15 44.12 46.44
C PHE CA 264 -58.62 44.06 47.89
N SER CA 265 -59.48 43.09 48.19
CA SER CA 265 -60.22 43.10 49.45
C SER CA 265 -59.29 42.97 50.65
N GLN CA 266 -59.60 43.71 51.72
CA GLN CA 266 -58.72 43.76 52.87
C GLN CA 266 -58.58 42.39 53.52
N GLU CA 267 -59.67 41.62 53.58
CA GLU CA 267 -59.66 40.25 54.06
C GLU CA 267 -59.36 39.25 52.94
N ASP CA 268 -58.90 39.73 51.79
CA ASP CA 268 -58.56 38.86 50.66
C ASP CA 268 -57.28 39.26 49.95
N SER CA 269 -56.50 40.19 50.50
CA SER CA 269 -55.30 40.67 49.82
C SER CA 269 -54.07 40.55 50.71
N ALA DA 104 16.99 22.34 61.04
CA ALA DA 104 17.15 21.06 61.72
C ALA DA 104 15.83 20.28 61.71
N GLU DA 105 15.09 20.40 62.81
CA GLU DA 105 13.80 19.74 62.96
C GLU DA 105 12.64 20.69 62.71
N VAL DA 106 12.89 22.00 62.75
CA VAL DA 106 11.86 23.00 62.49
C VAL DA 106 11.29 22.92 61.08
N ILE DA 107 11.98 22.23 60.16
CA ILE DA 107 11.42 21.98 58.84
C ILE DA 107 10.09 21.27 58.96
N ASP DA 108 10.00 20.26 59.83
CA ASP DA 108 8.74 19.58 60.08
C ASP DA 108 7.65 20.57 60.48
N LYS DA 109 7.96 21.48 61.40
CA LYS DA 109 6.95 22.40 61.89
C LYS DA 109 6.47 23.34 60.80
N LYS DA 110 7.39 24.04 60.11
CA LYS DA 110 6.89 24.98 59.10
C LYS DA 110 6.20 24.24 57.97
N ALA DA 111 6.72 23.07 57.59
CA ALA DA 111 6.09 22.28 56.55
C ALA DA 111 4.66 21.94 56.92
N PHE DA 112 4.44 21.46 58.15
CA PHE DA 112 3.07 21.16 58.50
C PHE DA 112 2.24 22.44 58.60
N LYS DA 113 2.87 23.56 58.93
CA LYS DA 113 2.09 24.80 59.00
C LYS DA 113 1.49 25.15 57.65
N ASP DA 114 2.31 25.20 56.59
CA ASP DA 114 1.68 25.47 55.30
C ASP DA 114 0.83 24.28 54.88
N MET DA 115 1.08 23.13 55.49
CA MET DA 115 0.43 21.92 55.00
C MET DA 115 -1.00 21.86 55.54
N THR DA 116 -1.20 22.10 56.83
CA THR DA 116 -2.53 22.34 57.36
C THR DA 116 -3.16 23.59 56.76
N ARG DA 117 -2.35 24.51 56.22
CA ARG DA 117 -2.92 25.53 55.37
C ARG DA 117 -3.59 24.94 54.14
N ASN DA 118 -2.91 24.10 53.36
CA ASN DA 118 -3.53 23.76 52.08
C ASN DA 118 -4.48 22.57 52.13
N LEU DA 119 -4.26 21.56 52.99
CA LEU DA 119 -5.17 20.41 52.94
C LEU DA 119 -6.57 20.83 53.37
N TYR DA 120 -6.65 21.69 54.39
CA TYR DA 120 -7.87 22.33 54.86
C TYR DA 120 -7.73 23.83 54.61
N PRO DA 121 -7.88 24.25 53.36
CA PRO DA 121 -7.70 25.67 53.01
C PRO DA 121 -8.65 26.59 53.71
N LEU DA 122 -9.83 26.11 54.04
CA LEU DA 122 -10.86 26.88 54.71
C LEU DA 122 -10.72 26.69 56.22
N ASN DA 123 -10.53 27.81 56.92
CA ASN DA 123 -10.58 27.80 58.36
C ASN DA 123 -11.98 27.38 58.80
N PRO DA 124 -12.12 26.74 59.96
CA PRO DA 124 -13.46 26.42 60.46
C PRO DA 124 -14.37 27.62 60.54
N GLU DA 125 -13.81 28.81 60.77
CA GLU DA 125 -14.59 30.04 60.64
C GLU DA 125 -15.02 30.28 59.20
N GLN DA 126 -14.12 30.08 58.26
CA GLN DA 126 -14.45 30.24 56.84
C GLN DA 126 -15.50 29.24 56.37
N VAL DA 127 -15.57 28.08 57.00
CA VAL DA 127 -16.57 27.09 56.59
C VAL DA 127 -17.98 27.56 56.94
N VAL DA 128 -18.17 28.03 58.17
CA VAL DA 128 -19.48 28.56 58.51
C VAL DA 128 -19.74 29.87 57.79
N LYS DA 129 -18.67 30.58 57.41
CA LYS DA 129 -18.82 31.70 56.48
C LYS DA 129 -19.47 31.26 55.18
N LEU DA 130 -18.95 30.18 54.59
CA LEU DA 130 -19.52 29.63 53.37
C LEU DA 130 -20.95 29.18 53.61
N LYS DA 131 -21.21 28.56 54.75
CA LYS DA 131 -22.57 28.10 55.05
C LYS DA 131 -23.54 29.27 55.10
N GLN DA 132 -23.15 30.35 55.77
CA GLN DA 132 -24.08 31.48 55.88
C GLN DA 132 -24.30 32.14 54.53
N ILE DA 133 -23.25 32.31 53.71
CA ILE DA 133 -23.48 32.96 52.43
C ILE DA 133 -24.34 32.06 51.54
N TYR DA 134 -24.10 30.75 51.61
CA TYR DA 134 -24.89 29.81 50.82
C TYR DA 134 -26.37 29.88 51.19
N GLU DA 135 -26.67 29.78 52.49
CA GLU DA 135 -28.06 29.81 52.91
C GLU DA 135 -28.71 31.14 52.59
N THR DA 136 -27.98 32.25 52.73
CA THR DA 136 -28.54 33.56 52.42
C THR DA 136 -28.82 33.69 50.92
N SER DA 137 -27.88 33.26 50.08
CA SER DA 137 -28.09 33.37 48.64
C SER DA 137 -29.27 32.52 48.20
N GLU DA 138 -29.38 31.30 48.73
CA GLU DA 138 -30.51 30.47 48.34
C GLU DA 138 -31.81 30.95 48.97
N TYR DA 139 -31.75 31.66 50.11
CA TYR DA 139 -32.94 32.32 50.63
C TYR DA 139 -33.42 33.40 49.70
N ALA DA 140 -32.49 34.22 49.19
CA ALA DA 140 -32.85 35.21 48.18
C ALA DA 140 -33.39 34.53 46.93
N LYS DA 141 -32.86 33.34 46.62
CA LYS DA 141 -33.44 32.54 45.54
C LYS DA 141 -34.87 32.13 45.82
N ALA DA 142 -35.17 31.74 47.06
CA ALA DA 142 -36.49 31.28 47.44
C ALA DA 142 -37.46 32.40 47.75
N ALA DA 143 -36.98 33.64 47.83
CA ALA DA 143 -37.85 34.77 48.12
C ALA DA 143 -38.85 34.99 46.98
N THR DA 144 -40.06 35.35 47.34
CA THR DA 144 -41.10 35.64 46.36
C THR DA 144 -41.27 37.14 46.19
N PRO DA 145 -41.17 37.66 44.96
CA PRO DA 145 -41.34 39.10 44.74
C PRO DA 145 -42.74 39.55 45.12
N GLY DA 146 -42.82 40.72 45.73
CA GLY DA 146 -44.11 41.31 46.07
C GLY DA 146 -44.80 40.53 47.17
N THR DA 147 -46.07 40.84 47.34
CA THR DA 147 -46.82 40.10 48.35
C THR DA 147 -47.29 38.76 47.78
N PRO DA 148 -47.01 37.67 48.49
CA PRO DA 148 -47.50 36.38 48.04
C PRO DA 148 -49.01 36.33 48.07
N PRO DA 149 -49.63 35.50 47.23
CA PRO DA 149 -51.09 35.43 47.21
C PRO DA 149 -51.66 34.92 48.52
N LYS DA 150 -52.86 35.39 48.84
CA LYS DA 150 -53.54 34.95 50.05
C LYS DA 150 -54.19 33.59 49.87
N PRO DA 151 -53.82 32.59 50.63
CA PRO DA 151 -54.53 31.32 50.58
C PRO DA 151 -55.92 31.50 51.20
N THR DA 152 -56.92 31.61 50.34
CA THR DA 152 -58.26 31.91 50.79
C THR DA 152 -59.19 30.77 50.41
N ALA DA 153 -60.00 30.34 51.38
CA ALA DA 153 -61.02 29.34 51.16
C ALA DA 153 -62.33 30.07 50.95
N THR DA 154 -62.65 30.35 49.70
CA THR DA 154 -63.79 31.17 49.32
C THR DA 154 -64.94 30.28 48.88
N SER DA 155 -66.03 30.91 48.48
CA SER DA 155 -67.27 30.19 48.19
C SER DA 155 -68.16 31.08 47.34
N GLN DA 156 -68.48 30.65 46.12
CA GLN DA 156 -69.24 31.46 45.19
C GLN DA 156 -70.41 30.67 44.59
N PHE DA 157 -71.30 31.40 43.92
CA PHE DA 157 -72.59 30.91 43.46
C PHE DA 157 -72.59 30.80 41.94
N VAL DA 158 -72.56 29.57 41.44
CA VAL DA 158 -72.66 29.33 40.00
C VAL DA 158 -74.10 29.58 39.58
N ASN DA 159 -74.29 30.53 38.67
CA ASN DA 159 -75.58 30.73 38.02
C ASN DA 159 -75.40 30.54 36.53
N LEU DA 160 -76.30 29.76 35.92
CA LEU DA 160 -76.22 29.42 34.50
C LEU DA 160 -77.17 30.26 33.67
N SER DA 161 -77.78 31.27 34.27
CA SER DA 161 -78.66 32.16 33.52
C SER DA 161 -77.85 32.91 32.46
N PRO DA 162 -78.37 33.01 31.23
CA PRO DA 162 -77.63 33.70 30.16
C PRO DA 162 -77.37 35.15 30.53
N GLY DA 163 -76.19 35.64 30.14
CA GLY DA 163 -75.77 36.99 30.42
C GLY DA 163 -74.91 37.13 31.66
N SER DA 164 -74.71 36.06 32.42
CA SER DA 164 -73.94 36.12 33.65
C SER DA 164 -72.46 35.86 33.38
N THR DA 165 -71.62 36.43 34.23
CA THR DA 165 -70.19 36.18 34.02
C THR DA 165 -69.80 34.84 34.63
N PRO DA 166 -68.87 34.13 33.98
CA PRO DA 166 -68.44 32.85 34.54
C PRO DA 166 -67.67 33.04 35.82
N PRO DA 167 -67.69 32.06 36.72
CA PRO DA 167 -66.91 32.16 37.95
C PRO DA 167 -65.41 32.22 37.68
N VAL DA 168 -64.72 32.97 38.52
CA VAL DA 168 -63.27 33.17 38.41
C VAL DA 168 -62.59 32.38 39.51
N ILE DA 169 -61.57 31.61 39.13
CA ILE DA 169 -60.72 30.89 40.06
C ILE DA 169 -59.31 31.46 40.01
N ARG DA 170 -58.82 31.86 41.17
CA ARG DA 170 -57.52 32.48 41.34
C ARG DA 170 -56.51 31.40 41.72
N LEU DA 171 -55.42 31.33 40.99
CA LEU DA 171 -54.39 30.33 41.23
C LEU DA 171 -53.05 30.98 41.54
N SER DA 172 -52.04 30.14 41.76
CA SER DA 172 -50.67 30.58 41.95
C SER DA 172 -49.76 29.45 41.48
N GLN DA 173 -48.64 29.81 40.88
CA GLN DA 173 -47.76 28.84 40.23
C GLN DA 173 -47.16 27.88 41.26
N GLY DA 174 -47.36 26.58 41.06
CA GLY DA 174 -46.87 25.59 41.98
C GLY DA 174 -47.73 25.35 43.19
N PHE DA 175 -49.02 25.71 43.13
CA PHE DA 175 -49.90 25.60 44.29
C PHE DA 175 -51.18 24.86 43.92
N VAL DA 176 -51.77 24.26 44.94
CA VAL DA 176 -52.98 23.44 44.78
C VAL DA 176 -54.20 24.34 44.99
N SER DA 177 -55.14 24.28 44.04
CA SER DA 177 -56.44 24.92 44.20
C SER DA 177 -57.50 23.85 43.99
N SER DA 178 -58.24 23.52 45.05
CA SER DA 178 -59.24 22.46 45.01
C SER DA 178 -60.59 23.09 44.70
N LEU DA 179 -61.25 22.58 43.67
CA LEU DA 179 -62.54 23.09 43.24
C LEU DA 179 -63.59 22.03 43.54
N VAL DA 180 -64.51 22.35 44.46
CA VAL DA 180 -65.54 21.42 44.89
C VAL DA 180 -66.88 21.94 44.38
N PHE DA 181 -67.66 21.04 43.80
CA PHE DA 181 -68.90 21.39 43.12
C PHE DA 181 -70.08 20.93 43.95
N LEU DA 182 -71.00 21.86 44.20
CA LEU DA 182 -72.02 21.72 45.23
C LEU DA 182 -73.34 22.23 44.66
N ASP DA 183 -74.41 21.49 44.91
CA ASP DA 183 -75.72 21.91 44.43
C ASP DA 183 -76.27 23.00 45.35
N SER DA 184 -77.55 23.34 45.16
CA SER DA 184 -78.15 24.38 45.99
C SER DA 184 -78.42 23.90 47.41
N THR DA 185 -78.75 22.62 47.58
CA THR DA 185 -79.25 22.13 48.86
C THR DA 185 -78.15 21.86 49.87
N GLY DA 186 -76.88 21.93 49.48
CA GLY DA 186 -75.82 21.66 50.44
C GLY DA 186 -75.22 20.27 50.34
N ALA DA 187 -75.42 19.58 49.23
CA ALA DA 187 -74.92 18.22 49.04
C ALA DA 187 -73.93 18.16 47.88
N PRO DA 188 -72.97 17.23 47.95
CA PRO DA 188 -71.98 17.12 46.87
C PRO DA 188 -72.62 16.74 45.55
N TRP DA 189 -72.01 17.20 44.47
CA TRP DA 189 -72.47 16.92 43.11
C TRP DA 189 -71.35 16.29 42.29
N PRO DA 190 -71.38 14.97 42.07
CA PRO DA 190 -70.29 14.32 41.34
C PRO DA 190 -70.22 14.77 39.89
N ILE DA 191 -69.12 14.42 39.22
CA ILE DA 191 -68.76 14.96 37.92
C ILE DA 191 -68.97 13.91 36.85
N ALA DA 192 -69.60 14.31 35.75
CA ALA DA 192 -69.62 13.46 34.56
C ALA DA 192 -68.26 13.44 33.87
N ALA DA 193 -67.67 14.61 33.63
CA ALA DA 193 -66.37 14.73 32.96
C ALA DA 193 -65.96 16.20 32.98
N TYR DA 194 -64.77 16.47 32.44
CA TYR DA 194 -64.28 17.83 32.33
C TYR DA 194 -63.37 17.96 31.11
N ASP DA 195 -63.11 19.20 30.73
CA ASP DA 195 -62.16 19.52 29.66
C ASP DA 195 -61.43 20.81 30.02
N LEU DA 196 -60.13 20.84 29.73
CA LEU DA 196 -59.25 21.93 30.15
C LEU DA 196 -58.70 22.62 28.90
N GLY DA 197 -59.15 23.85 28.66
CA GLY DA 197 -58.63 24.63 27.55
C GLY DA 197 -57.19 25.04 27.81
N ASP DA 198 -56.32 24.80 26.83
CA ASP DA 198 -54.88 25.08 26.92
C ASP DA 198 -54.28 24.42 28.16
N PRO DA 199 -54.20 23.09 28.20
CA PRO DA 199 -53.67 22.41 29.40
C PRO DA 199 -52.17 22.54 29.59
N SER DA 200 -51.47 23.28 28.73
CA SER DA 200 -50.06 23.53 28.94
C SER DA 200 -49.79 24.50 30.08
N SER DA 201 -50.77 25.34 30.41
CA SER DA 201 -50.57 26.39 31.41
C SER DA 201 -50.91 25.93 32.82
N PHE DA 202 -51.45 24.73 32.97
CA PHE DA 202 -51.88 24.26 34.28
C PHE DA 202 -52.20 22.77 34.20
N ASN DA 203 -52.00 22.07 35.32
CA ASN DA 203 -52.25 20.64 35.43
C ASN DA 203 -53.50 20.42 36.25
N ILE DA 204 -54.44 19.66 35.71
CA ILE DA 204 -55.72 19.38 36.35
C ILE DA 204 -55.69 17.92 36.79
N GLN DA 205 -56.11 17.64 38.01
CA GLN DA 205 -55.97 16.32 38.60
C GLN DA 205 -57.25 15.96 39.35
N TRP DA 206 -57.65 14.69 39.24
CA TRP DA 206 -58.98 14.29 39.68
C TRP DA 206 -59.05 12.76 39.78
N ASP DA 207 -59.39 12.25 40.97
CA ASP DA 207 -59.78 10.86 41.09
C ASP DA 207 -61.17 10.71 40.49
N LYS DA 208 -61.33 9.73 39.59
CA LYS DA 208 -62.35 9.83 38.56
C LYS DA 208 -63.78 9.81 39.10
N THR DA 209 -63.99 9.40 40.34
CA THR DA 209 -65.36 9.29 40.85
C THR DA 209 -65.81 10.52 41.63
N SER DA 210 -64.89 11.16 42.36
CA SER DA 210 -65.26 12.20 43.30
C SER DA 210 -65.73 13.46 42.58
N ASN DA 211 -66.09 14.48 43.37
CA ASN DA 211 -66.52 15.77 42.88
C ASN DA 211 -65.52 16.89 43.19
N THR DA 212 -64.23 16.56 43.18
CA THR DA 212 -63.18 17.53 43.49
C THR DA 212 -62.20 17.58 42.33
N LEU DA 213 -61.96 18.77 41.80
CA LEU DA 213 -61.02 19.00 40.71
C LEU DA 213 -59.90 19.87 41.23
N MET DA 214 -58.70 19.32 41.36
CA MET DA 214 -57.59 20.11 41.88
C MET DA 214 -56.82 20.63 40.66
N ILE DA 215 -56.39 21.88 40.72
CA ILE DA 215 -55.73 22.53 39.61
C ILE DA 215 -54.46 23.18 40.14
N GLN DA 216 -53.37 23.04 39.40
CA GLN DA 216 -52.10 23.68 39.74
C GLN DA 216 -51.62 24.48 38.54
N ALA DA 217 -51.33 25.76 38.76
CA ALA DA 217 -50.92 26.62 37.66
C ALA DA 217 -49.48 26.32 37.26
N THR DA 218 -49.32 25.60 36.15
CA THR DA 218 -47.99 25.36 35.60
C THR DA 218 -47.30 26.64 35.18
N LYS DA 219 -48.01 27.57 34.57
CA LYS DA 219 -47.50 28.90 34.27
C LYS DA 219 -48.21 29.92 35.15
N LEU DA 220 -47.45 30.94 35.54
CA LEU DA 220 -47.76 31.71 36.74
C LEU DA 220 -48.72 32.87 36.49
N TYR DA 221 -48.84 33.31 35.25
CA TYR DA 221 -49.89 34.28 34.89
C TYR DA 221 -50.82 33.85 33.78
N ASN DA 222 -50.40 33.02 32.83
CA ASN DA 222 -51.25 32.71 31.69
C ASN DA 222 -52.54 32.04 32.14
N TYR DA 223 -53.66 32.70 31.88
CA TYR DA 223 -54.97 32.29 32.32
C TYR DA 223 -55.70 31.55 31.21
N GLY DA 224 -56.65 30.72 31.61
CA GLY DA 224 -57.39 29.92 30.66
C GLY DA 224 -58.81 29.66 31.10
N ASN DA 225 -59.35 28.53 30.64
CA ASN DA 225 -60.75 28.19 30.81
C ASN DA 225 -60.88 26.71 31.17
N LEU DA 226 -62.03 26.36 31.75
CA LEU DA 226 -62.28 24.97 32.11
C LEU DA 226 -63.77 24.69 32.06
N ALA DA 227 -64.15 23.62 31.37
CA ALA DA 227 -65.52 23.15 31.31
C ALA DA 227 -65.66 21.90 32.17
N VAL DA 228 -66.74 21.82 32.94
CA VAL DA 228 -66.97 20.72 33.88
C VAL DA 228 -68.42 20.28 33.72
N ARG DA 229 -68.64 19.19 32.99
CA ARG DA 229 -69.97 18.60 32.92
C ARG DA 229 -70.16 17.73 34.15
N LEU DA 230 -71.21 18.02 34.90
CA LEU DA 230 -71.43 17.41 36.20
C LEU DA 230 -72.40 16.25 35.98
N ARG DA 231 -72.80 15.55 37.05
CA ARG DA 231 -73.66 14.38 36.86
C ARG DA 231 -75.05 14.77 36.38
N GLY DA 232 -75.79 15.52 37.20
CA GLY DA 232 -77.18 15.79 36.89
C GLY DA 232 -77.44 16.91 35.91
N LEU DA 233 -76.47 17.79 35.68
CA LEU DA 233 -76.69 18.92 34.82
C LEU DA 233 -76.74 18.49 33.36
N ASN DA 234 -77.32 19.34 32.52
CA ASN DA 234 -77.27 19.13 31.08
C ASN DA 234 -76.47 20.23 30.39
N THR DA 235 -76.38 21.39 31.02
CA THR DA 235 -75.39 22.40 30.63
C THR DA 235 -74.25 22.38 31.63
N PRO DA 236 -73.00 22.23 31.18
CA PRO DA 236 -71.88 22.12 32.12
C PRO DA 236 -71.56 23.44 32.80
N VAL DA 237 -70.44 23.45 33.52
CA VAL DA 237 -69.99 24.62 34.28
C VAL DA 237 -68.75 25.19 33.61
N MET DA 238 -68.76 26.48 33.32
CA MET DA 238 -67.64 27.15 32.66
C MET DA 238 -66.96 28.06 33.67
N LEU DA 239 -65.64 27.92 33.80
CA LEU DA 239 -64.88 28.72 34.76
C LEU DA 239 -63.64 29.29 34.10
N THR DA 240 -63.25 30.49 34.56
CA THR DA 240 -62.05 31.16 34.07
C THR DA 240 -60.95 31.09 35.13
N LEU DA 241 -59.78 30.61 34.71
CA LEU DA 241 -58.70 30.24 35.62
C LEU DA 241 -57.56 31.23 35.44
N ILE DA 242 -57.36 32.10 36.43
CA ILE DA 242 -56.35 33.15 36.35
C ILE DA 242 -55.34 32.93 37.48
N PRO DA 243 -54.09 32.64 37.18
CA PRO DA 243 -53.07 32.53 38.22
C PRO DA 243 -52.36 33.86 38.46
N GLY DA 244 -51.58 33.90 39.53
CA GLY DA 244 -50.77 35.07 39.82
C GLY DA 244 -51.52 36.27 40.35
N GLN DA 245 -52.63 36.06 41.04
CA GLN DA 245 -53.34 37.16 41.68
C GLN DA 245 -52.77 37.43 43.06
N LYS DA 246 -53.19 38.54 43.66
CA LYS DA 246 -52.80 38.86 45.02
C LYS DA 246 -53.38 37.89 46.04
N ALA DA 247 -54.33 37.05 45.63
CA ALA DA 247 -54.80 35.94 46.44
C ALA DA 247 -54.89 34.69 45.58
N VAL DA 248 -54.70 33.54 46.23
CA VAL DA 248 -54.83 32.23 45.60
C VAL DA 248 -55.91 31.46 46.35
N ASP DA 249 -56.86 30.92 45.61
CA ASP DA 249 -57.98 30.21 46.22
C ASP DA 249 -57.53 28.82 46.61
N TYR DA 250 -57.24 28.65 47.90
CA TYR DA 250 -56.85 27.35 48.41
C TYR DA 250 -58.01 26.37 48.42
N ARG DA 251 -59.24 26.88 48.41
CA ARG DA 251 -60.43 26.05 48.23
C ARG DA 251 -61.59 26.94 47.85
N VAL DA 252 -62.43 26.49 46.92
CA VAL DA 252 -63.62 27.23 46.51
C VAL DA 252 -64.81 26.29 46.58
N ASP DA 253 -65.88 26.71 47.24
CA ASP DA 253 -67.12 25.95 47.30
C ASP DA 253 -68.12 26.60 46.37
N LEU DA 254 -68.54 25.88 45.33
CA LEU DA 254 -69.43 26.41 44.30
C LEU DA 254 -70.84 25.92 44.56
N ARG DA 255 -71.73 26.82 45.01
CA ARG DA 255 -73.14 26.44 45.10
C ARG DA 255 -73.76 26.72 43.74
N VAL DA 256 -73.92 25.65 42.96
CA VAL DA 256 -74.45 25.76 41.62
C VAL DA 256 -75.98 25.91 41.67
N GLN DA 257 -76.54 26.35 40.55
CA GLN DA 257 -77.97 26.60 40.46
C GLN DA 257 -78.80 25.34 40.71
N GLY DA 258 -78.41 24.22 40.10
CA GLY DA 258 -79.24 23.04 40.06
C GLY DA 258 -79.20 22.21 41.32
N TYR DA 259 -79.96 21.12 41.30
CA TYR DA 259 -80.01 20.15 42.40
C TYR DA 259 -79.34 18.87 41.92
N GLY DA 260 -78.34 18.41 42.66
CA GLY DA 260 -77.59 17.24 42.27
C GLY DA 260 -78.31 15.95 42.62
N PRO DA 261 -77.65 14.81 42.36
CA PRO DA 261 -78.23 13.52 42.73
C PRO DA 261 -78.29 13.27 44.23
N ASN DA 262 -77.81 14.22 45.04
CA ASN DA 262 -77.88 14.13 46.49
C ASN DA 262 -78.70 15.31 46.98
N ALA DA 263 -79.71 15.03 47.79
CA ALA DA 263 -80.61 16.09 48.28
C ALA DA 263 -80.82 15.96 49.79
N CYS EA 1 -58.53 58.74 12.69
CA CYS EA 1 -59.21 57.46 12.77
C CYS EA 1 -60.11 57.24 11.55
N THR EA 2 -61.40 57.54 11.72
CA THR EA 2 -62.36 57.32 10.64
C THR EA 2 -62.18 58.33 9.51
N ASP EA 3 -61.60 59.49 9.79
CA ASP EA 3 -61.50 60.53 8.77
C ASP EA 3 -60.63 60.10 7.60
N ALA EA 4 -59.42 59.64 7.88
CA ALA EA 4 -58.58 59.15 6.79
C ALA EA 4 -59.18 57.91 6.16
N ALA EA 5 -59.91 57.12 6.93
CA ALA EA 5 -60.54 55.92 6.38
C ALA EA 5 -61.54 56.26 5.30
N LEU EA 6 -62.49 57.15 5.59
CA LEU EA 6 -63.49 57.47 4.58
C LEU EA 6 -62.91 58.34 3.49
N ALA EA 7 -61.90 59.15 3.81
CA ALA EA 7 -61.23 59.92 2.76
C ALA EA 7 -60.58 59.00 1.74
N ALA EA 8 -59.83 58.00 2.21
CA ALA EA 8 -59.19 57.06 1.29
C ALA EA 8 -60.22 56.18 0.58
N LEU EA 9 -61.33 55.88 1.26
CA LEU EA 9 -62.40 55.13 0.61
C LEU EA 9 -62.94 55.90 -0.58
N GLU EA 10 -63.20 57.20 -0.39
CA GLU EA 10 -63.71 58.01 -1.49
C GLU EA 10 -62.65 58.23 -2.56
N TYR EA 11 -61.38 58.31 -2.16
CA TYR EA 11 -60.29 58.38 -3.14
C TYR EA 11 -60.26 57.15 -4.03
N HIS EA 12 -60.41 55.96 -3.43
CA HIS EA 12 -60.44 54.74 -4.22
C HIS EA 12 -61.68 54.67 -5.10
N LYS EA 13 -62.84 55.09 -4.57
CA LYS EA 13 -64.07 55.04 -5.34
C LYS EA 13 -64.09 56.06 -6.47
N SER EA 14 -63.33 57.15 -6.35
CA SER EA 14 -63.32 58.17 -7.39
C SER EA 14 -62.23 57.92 -8.42
N ASN EA 15 -61.07 57.45 -7.98
CA ASN EA 15 -59.97 57.07 -8.88
C ASN EA 15 -60.06 55.55 -9.06
N ALA EA 16 -60.82 55.13 -10.06
CA ALA EA 16 -61.10 53.72 -10.27
C ALA EA 16 -59.90 52.98 -10.85
N CYS FA 1 -63.97 47.44 0.61
CA CYS FA 1 -62.86 47.86 -0.25
C CYS FA 1 -61.66 48.32 0.56
N VAL FA 2 -61.94 48.84 1.76
CA VAL FA 2 -60.91 49.42 2.61
C VAL FA 2 -60.40 48.37 3.58
N SER FA 3 -59.10 48.10 3.52
CA SER FA 3 -58.42 47.30 4.54
C SER FA 3 -57.81 48.27 5.55
N MET FA 4 -58.56 48.51 6.63
CA MET FA 4 -58.19 49.52 7.61
C MET FA 4 -57.09 49.05 8.56
N ILE FA 5 -56.63 47.80 8.43
CA ILE FA 5 -55.47 47.37 9.21
C ILE FA 5 -54.26 48.22 8.88
N GLY FA 6 -54.10 48.58 7.61
CA GLY FA 6 -53.07 49.52 7.22
C GLY FA 6 -53.50 50.95 7.51
N GLY FA 7 -53.70 51.27 8.78
CA GLY FA 7 -54.16 52.58 9.16
C GLY FA 7 -53.01 53.55 9.40
N SER FA 8 -52.93 54.55 8.53
CA SER FA 8 -51.94 55.61 8.68
C SER FA 8 -52.71 56.88 9.06
N ARG FA 9 -52.35 57.47 10.19
CA ARG FA 9 -53.11 58.60 10.73
C ARG FA 9 -52.50 59.94 10.33
N ARG GA 1 -53.43 53.07 2.42
CA ARG GA 1 -54.51 52.09 2.30
C ARG GA 1 -54.46 51.44 0.93
N VAL GA 2 -54.71 50.12 0.88
CA VAL GA 2 -54.62 49.35 -0.35
C VAL GA 2 -55.93 48.63 -0.61
N SER GA 3 -56.41 48.70 -1.84
CA SER GA 3 -57.71 48.18 -2.22
C SER GA 3 -57.60 46.70 -2.60
N ILE GA 4 -58.69 46.14 -3.10
CA ILE GA 4 -58.70 44.74 -3.50
C ILE GA 4 -58.26 44.58 -4.96
N GLY GA 5 -58.44 45.63 -5.76
CA GLY GA 5 -57.96 45.60 -7.14
C GLY GA 5 -56.46 45.58 -7.28
N GLY GA 6 -55.73 45.81 -6.18
CA GLY GA 6 -54.27 45.79 -6.18
C GLY GA 6 -53.65 47.18 -6.25
N THR GA 7 -54.42 48.17 -6.69
CA THR GA 7 -53.93 49.54 -6.75
C THR GA 7 -54.05 50.19 -5.38
N VAL GA 8 -53.08 51.04 -5.05
CA VAL GA 8 -53.00 51.68 -3.74
C VAL GA 8 -53.66 53.05 -3.83
N TYR GA 9 -54.64 53.29 -2.95
CA TYR GA 9 -55.27 54.59 -2.80
C TYR GA 9 -55.25 54.98 -1.32
N THR GA 10 -54.60 56.10 -1.03
CA THR GA 10 -54.24 56.42 0.35
C THR GA 10 -54.65 57.86 0.66
N ALA GA 11 -55.14 58.06 1.89
CA ALA GA 11 -55.41 59.41 2.37
C ALA GA 11 -54.12 60.14 2.70
N LYS GA 12 -54.16 61.47 2.63
CA LYS GA 12 -52.95 62.26 2.80
C LYS GA 12 -52.62 62.47 4.28
N LYS GA 13 -53.50 63.11 5.02
CA LYS GA 13 -53.29 63.35 6.45
C LYS GA 13 -54.63 63.66 7.09
N TYR GA 14 -55.07 62.82 8.03
CA TYR GA 14 -56.32 63.04 8.74
C TYR GA 14 -56.18 62.49 10.15
N ASP GA 15 -56.55 63.29 11.14
CA ASP GA 15 -56.47 62.93 12.54
C ASP GA 15 -57.86 62.96 13.17
N ASP GA 16 -57.99 62.26 14.28
CA ASP GA 16 -59.27 62.21 15.01
C ASP GA 16 -59.04 62.26 16.52
N PRO HA 1 -54.66 50.73 13.44
CA PRO HA 1 -53.87 51.56 14.35
C PRO HA 1 -54.36 53.00 14.42
N PHE HA 2 -55.46 53.22 15.12
CA PHE HA 2 -56.05 54.54 15.29
C PHE HA 2 -56.13 54.87 16.78
N GLY HA 3 -56.57 56.09 17.06
CA GLY HA 3 -56.64 56.58 18.43
C GLY HA 3 -57.95 56.37 19.15
N ALA HA 4 -58.89 55.64 18.55
CA ALA HA 4 -60.14 55.29 19.19
C ALA HA 4 -60.22 53.81 19.53
N ASP HA 5 -59.09 53.16 19.77
CA ASP HA 5 -59.04 51.73 20.03
C ASP HA 5 -59.51 51.41 21.44
N ARG IA 207 -88.06 52.76 18.34
CA ARG IA 207 -87.28 52.19 17.24
C ARG IA 207 -86.43 51.03 17.72
N ILE IA 208 -85.80 50.32 16.77
CA ILE IA 208 -85.04 49.10 17.07
C ILE IA 208 -83.56 49.46 17.12
N ILE IA 209 -82.99 49.39 18.32
CA ILE IA 209 -81.58 49.65 18.52
C ILE IA 209 -80.80 48.38 18.20
N TYR IA 210 -79.79 48.50 17.36
CA TYR IA 210 -78.97 47.37 16.93
C TYR IA 210 -77.63 47.40 17.66
N TYR IA 211 -77.14 46.23 18.02
CA TYR IA 211 -75.81 46.06 18.61
C TYR IA 211 -75.11 44.90 17.94
N ILE IA 212 -73.78 45.02 17.83
CA ILE IA 212 -73.00 44.05 17.07
C ILE IA 212 -72.76 42.80 17.90
N GLN IA 213 -72.75 41.64 17.24
CA GLN IA 213 -72.12 40.47 17.83
C GLN IA 213 -70.75 40.20 17.24
N ALA IA 214 -70.53 40.53 15.97
CA ALA IA 214 -69.20 40.27 15.42
C ALA IA 214 -68.92 41.22 14.27
N VAL IA 215 -67.63 41.47 14.06
CA VAL IA 215 -67.18 42.30 12.95
C VAL IA 215 -65.79 41.82 12.53
N ILE IA 216 -65.63 41.59 11.23
CA ILE IA 216 -64.33 41.32 10.65
C ILE IA 216 -64.20 42.28 9.48
N PRO IA 217 -63.03 42.39 8.82
CA PRO IA 217 -62.98 43.19 7.59
C PRO IA 217 -64.03 42.75 6.58
N GLY IA 218 -65.00 43.61 6.33
CA GLY IA 218 -66.12 43.25 5.48
C GLY IA 218 -67.42 43.04 6.25
N ARG IA 219 -67.82 41.79 6.44
CA ARG IA 219 -69.12 41.49 7.05
C ARG IA 219 -69.17 41.96 8.49
N ALA IA 220 -70.38 42.32 8.91
CA ALA IA 220 -70.67 42.69 10.28
C ALA IA 220 -71.98 42.04 10.69
N TRP IA 221 -71.93 41.18 11.70
CA TRP IA 221 -73.09 40.48 12.21
C TRP IA 221 -73.66 41.24 13.41
N LEU IA 222 -74.96 41.53 13.32
CA LEU IA 222 -75.69 42.48 14.15
C LEU IA 222 -76.97 41.85 14.70
N ILE IA 223 -77.28 42.17 15.97
CA ILE IA 223 -78.54 41.82 16.62
C ILE IA 223 -79.28 43.11 16.96
N GLY IA 224 -80.56 43.15 16.66
CA GLY IA 224 -81.42 44.25 17.06
C GLY IA 224 -81.96 44.05 18.47
N SER IA 225 -82.91 44.89 18.83
CA SER IA 225 -83.57 44.78 20.14
C SER IA 225 -84.59 43.66 20.19
N ASN IA 226 -85.01 43.14 19.04
CA ASN IA 226 -85.96 42.03 18.98
C ASN IA 226 -85.27 40.68 18.80
N GLY IA 227 -83.94 40.64 18.82
CA GLY IA 227 -83.20 39.40 18.66
C GLY IA 227 -82.96 38.97 17.23
N SER IA 228 -83.36 39.78 16.24
CA SER IA 228 -83.09 39.43 14.85
C SER IA 228 -81.59 39.48 14.56
N THR IA 229 -81.17 38.63 13.62
CA THR IA 229 -79.77 38.53 13.24
C THR IA 229 -79.59 38.95 11.78
N LEU IA 230 -78.69 39.89 11.55
CA LEU IA 230 -78.36 40.36 10.22
C LEU IA 230 -76.85 40.36 10.02
N THR IA 231 -76.44 40.35 8.77
CA THR IA 231 -75.04 40.52 8.41
C THR IA 231 -74.96 41.52 7.26
N VAL IA 232 -74.00 42.43 7.33
CA VAL IA 232 -73.92 43.54 6.39
C VAL IA 232 -72.50 43.65 5.85
N ARG IA 233 -72.37 44.43 4.78
CA ARG IA 233 -71.11 44.71 4.11
C ARG IA 233 -70.90 46.23 4.07
N GLU IA 234 -69.91 46.66 3.28
CA GLU IA 234 -69.58 48.08 3.13
C GLU IA 234 -70.84 48.93 2.98
N GLY IA 235 -71.63 48.65 1.95
CA GLY IA 235 -72.90 49.35 1.78
C GLY IA 235 -74.09 48.42 1.71
N SER IA 236 -74.94 48.44 2.73
CA SER IA 236 -76.10 47.57 2.81
C SER IA 236 -77.17 48.28 3.64
N LYS IA 237 -78.43 48.05 3.28
CA LYS IA 237 -79.54 48.74 3.91
C LYS IA 237 -79.79 48.16 5.30
N ILE IA 238 -79.85 49.05 6.29
CA ILE IA 238 -80.25 48.70 7.65
C ILE IA 238 -81.61 49.34 7.90
N PRO IA 239 -82.59 48.61 8.44
CA PRO IA 239 -83.88 49.23 8.76
C PRO IA 239 -83.70 50.31 9.81
N GLY IA 240 -84.10 51.53 9.48
CA GLY IA 240 -83.96 52.64 10.39
C GLY IA 240 -82.59 53.30 10.35
N TYR IA 241 -81.53 52.49 10.51
CA TYR IA 241 -80.19 53.04 10.52
C TYR IA 241 -79.77 53.53 9.14
N GLY IA 242 -80.33 52.96 8.08
CA GLY IA 242 -80.18 53.51 6.74
C GLY IA 242 -79.14 52.86 5.86
N MET IA 243 -78.09 53.60 5.54
CA MET IA 243 -77.02 53.17 4.66
C MET IA 243 -75.72 53.06 5.45
N VAL IA 244 -75.19 51.84 5.59
CA VAL IA 244 -73.94 51.71 6.31
C VAL IA 244 -72.81 52.29 5.48
N LYS IA 245 -71.99 53.13 6.12
CA LYS IA 245 -70.88 53.78 5.44
C LYS IA 245 -69.54 53.11 5.71
N LEU IA 246 -69.26 52.70 6.94
CA LEU IA 246 -67.94 52.14 7.23
C LEU IA 246 -68.03 51.17 8.39
N ILE IA 247 -67.24 50.11 8.34
CA ILE IA 247 -67.18 49.07 9.37
C ILE IA 247 -65.76 49.05 9.91
N ASP IA 248 -65.52 49.76 11.02
CA ASP IA 248 -64.25 49.76 11.72
C ASP IA 248 -64.19 48.49 12.55
N SER IA 249 -63.17 47.66 12.31
CA SER IA 249 -63.16 46.31 12.86
C SER IA 249 -62.45 46.20 14.21
N LEU IA 250 -61.24 46.74 14.35
CA LEU IA 250 -60.57 46.61 15.64
C LEU IA 250 -61.18 47.53 16.69
N GLN IA 251 -61.81 48.62 16.28
CA GLN IA 251 -62.61 49.42 17.19
C GLN IA 251 -64.07 48.98 17.25
N GLY IA 252 -64.48 48.07 16.38
CA GLY IA 252 -65.82 47.51 16.43
C GLY IA 252 -66.95 48.52 16.34
N ARG IA 253 -66.86 49.47 15.40
CA ARG IA 253 -67.91 50.45 15.20
C ARG IA 253 -68.44 50.43 13.78
N ILE IA 254 -69.73 50.70 13.65
CA ILE IA 254 -70.40 50.77 12.35
C ILE IA 254 -70.88 52.21 12.18
N LEU IA 255 -70.21 52.96 11.30
CA LEU IA 255 -70.68 54.29 10.91
C LEU IA 255 -71.72 54.15 9.82
N THR IA 256 -72.90 54.72 10.04
CA THR IA 256 -74.01 54.71 9.09
C THR IA 256 -74.23 56.10 8.51
N SER IA 257 -75.19 56.16 7.57
CA SER IA 257 -75.41 57.39 6.81
C SER IA 257 -76.12 58.45 7.64
N SER IA 258 -77.15 58.07 8.40
CA SER IA 258 -77.97 59.02 9.13
C SER IA 258 -77.34 59.43 10.46
N GLY IA 259 -76.09 59.03 10.72
CA GLY IA 259 -75.34 59.54 11.84
C GLY IA 259 -75.15 58.60 13.00
N GLN IA 260 -76.05 57.64 13.20
CA GLN IA 260 -75.90 56.72 14.33
C GLN IA 260 -74.68 55.82 14.13
N VAL IA 261 -73.93 55.62 15.20
CA VAL IA 261 -72.80 54.70 15.22
C VAL IA 261 -73.21 53.47 16.01
N ILE IA 262 -73.19 52.32 15.37
CA ILE IA 262 -73.54 51.06 16.01
C ILE IA 262 -72.33 50.54 16.76
N LYS IA 263 -72.53 50.23 18.04
CA LYS IA 263 -71.50 49.86 19.00
C LYS IA 263 -71.60 48.37 19.30
N PHE IA 264 -70.61 47.88 20.04
CA PHE IA 264 -70.79 46.63 20.77
C PHE IA 264 -71.63 46.90 22.01
N SER IA 265 -72.38 45.89 22.44
CA SER IA 265 -73.24 46.07 23.60
C SER IA 265 -72.40 46.30 24.86
N GLN IA 266 -72.88 47.20 25.73
CA GLN IA 266 -72.15 47.49 26.95
C GLN IA 266 -72.07 46.28 27.87
N GLU IA 267 -73.05 45.38 27.78
CA GLU IA 267 -73.10 44.19 28.63
C GLU IA 267 -72.54 42.95 27.96
N ASP IA 268 -71.95 43.08 26.77
CA ASP IA 268 -71.21 41.98 26.17
C ASP IA 268 -69.79 42.36 25.78
N SER IA 269 -69.44 43.65 25.78
CA SER IA 269 -68.08 44.07 25.46
C SER IA 269 -67.31 44.38 26.72
N ALA JA 104 1.13 38.09 55.50
CA ALA JA 104 0.98 37.08 56.54
C ALA JA 104 -0.34 36.33 56.40
N GLU JA 105 -1.25 36.54 57.35
CA GLU JA 105 -2.55 35.89 57.34
C GLU JA 105 -3.61 36.70 56.60
N VAL JA 106 -3.29 37.92 56.18
CA VAL JA 106 -4.25 38.74 55.45
C VAL JA 106 -4.52 38.22 54.05
N ILE JA 107 -3.59 37.44 53.48
CA ILE JA 107 -3.81 36.90 52.14
C ILE JA 107 -4.99 35.94 52.14
N ASP JA 108 -5.16 35.17 53.21
CA ASP JA 108 -6.34 34.32 53.33
C ASP JA 108 -7.63 35.14 53.27
N LYS JA 109 -7.66 36.26 54.00
CA LYS JA 109 -8.85 37.11 53.99
C LYS JA 109 -9.10 37.69 52.61
N LYS JA 110 -8.03 38.17 51.95
CA LYS JA 110 -8.18 38.77 50.63
C LYS JA 110 -8.72 37.74 49.65
N ALA JA 111 -8.12 36.54 49.67
CA ALA JA 111 -8.60 35.45 48.84
C ALA JA 111 -10.05 35.12 49.17
N PHE JA 112 -10.46 35.26 50.43
CA PHE JA 112 -11.82 34.87 50.77
C PHE JA 112 -12.84 35.93 50.34
N LYS JA 113 -12.51 37.22 50.42
CA LYS JA 113 -13.45 38.18 49.87
C LYS JA 113 -13.57 38.02 48.36
N ASP JA 114 -12.44 37.88 47.66
CA ASP JA 114 -12.52 37.56 46.24
C ASP JA 114 -13.24 36.24 46.02
N MET JA 115 -13.21 35.35 47.01
CA MET JA 115 -13.84 34.04 46.88
C MET JA 115 -15.36 34.12 46.94
N THR JA 116 -15.90 34.70 48.01
CA THR JA 116 -17.34 34.92 48.07
C THR JA 116 -17.83 35.82 46.94
N ARG JA 117 -16.94 36.65 46.41
CA ARG JA 117 -17.20 37.31 45.15
C ARG JA 117 -17.33 36.30 44.01
N ASN JA 118 -16.47 35.28 43.97
CA ASN JA 118 -16.45 34.33 42.86
C ASN JA 118 -17.59 33.32 42.88
N LEU JA 119 -17.83 32.59 43.98
CA LEU JA 119 -18.90 31.59 43.94
C LEU JA 119 -20.24 32.25 43.70
N TYR JA 120 -20.50 33.34 44.42
CA TYR JA 120 -21.80 34.02 44.39
C TYR JA 120 -21.54 35.48 44.10
N PRO JA 121 -21.20 35.82 42.85
CA PRO JA 121 -21.13 37.24 42.48
C PRO JA 121 -22.49 37.91 42.50
N LEU JA 122 -23.54 37.13 42.72
CA LEU JA 122 -24.88 37.64 42.93
C LEU JA 122 -25.08 37.77 44.43
N ASN JA 123 -24.93 39.00 44.94
CA ASN JA 123 -25.25 39.30 46.31
C ASN JA 123 -26.72 39.01 46.53
N PRO JA 124 -27.14 38.70 47.76
CA PRO JA 124 -28.55 38.31 47.98
C PRO JA 124 -29.55 39.32 47.42
N GLU JA 125 -29.25 40.61 47.50
CA GLU JA 125 -30.09 41.61 46.84
C GLU JA 125 -30.06 41.46 45.33
N GLN JA 126 -28.90 41.11 44.75
CA GLN JA 126 -28.85 40.81 43.33
C GLN JA 126 -29.74 39.65 42.92
N VAL JA 127 -29.90 38.64 43.77
CA VAL JA 127 -30.80 37.55 43.41
C VAL JA 127 -32.24 38.03 43.34
N VAL JA 128 -32.63 38.91 44.26
CA VAL JA 128 -34.00 39.43 44.21
C VAL JA 128 -34.19 40.32 42.99
N LYS JA 129 -33.16 41.09 42.61
CA LYS JA 129 -33.28 41.84 41.35
C LYS JA 129 -33.45 40.90 40.17
N LEU JA 130 -32.69 39.80 40.13
CA LEU JA 130 -32.86 38.82 39.05
C LEU JA 130 -34.28 38.28 39.01
N LYS JA 131 -34.80 37.83 40.15
CA LYS JA 131 -36.13 37.22 40.16
C LYS JA 131 -37.19 38.23 39.75
N GLN JA 132 -37.07 39.49 40.22
CA GLN JA 132 -38.10 40.47 39.89
C GLN JA 132 -38.03 40.87 38.42
N ILE JA 133 -36.84 41.00 37.84
CA ILE JA 133 -36.79 41.36 36.42
C ILE JA 133 -37.34 40.22 35.59
N TYR JA 134 -37.02 38.97 35.98
CA TYR JA 134 -37.56 37.82 35.24
C TYR JA 134 -39.07 37.80 35.29
N GLU JA 135 -39.66 38.00 36.47
CA GLU JA 135 -41.11 37.94 36.58
C GLU JA 135 -41.77 39.10 35.85
N THR JA 136 -41.21 40.32 35.95
CA THR JA 136 -41.77 41.45 35.21
C THR JA 136 -41.68 41.20 33.71
N SER JA 137 -40.54 40.69 33.24
CA SER JA 137 -40.38 40.41 31.82
C SER JA 137 -41.40 39.42 31.32
N GLU JA 138 -41.53 38.27 31.98
CA GLU JA 138 -42.47 37.32 31.39
C GLU JA 138 -43.90 37.56 31.87
N TYR JA 139 -44.15 38.62 32.65
CA TYR JA 139 -45.54 39.03 32.85
C TYR JA 139 -45.99 40.01 31.78
N ALA JA 140 -45.10 40.90 31.35
CA ALA JA 140 -45.37 41.66 30.13
C ALA JA 140 -45.46 40.72 28.94
N LYS JA 141 -44.67 39.65 28.95
CA LYS JA 141 -44.88 38.49 28.08
C LYS JA 141 -46.27 37.89 28.26
N ALA JA 142 -46.72 37.72 29.51
CA ALA JA 142 -47.93 36.99 29.82
C ALA JA 142 -49.19 37.85 29.79
N ALA JA 143 -49.08 39.13 29.44
CA ALA JA 143 -50.23 40.01 29.45
C ALA JA 143 -51.19 39.67 28.32
N THR JA 144 -52.24 40.45 28.20
CA THR JA 144 -53.19 40.28 27.11
C THR JA 144 -53.30 41.57 26.32
N PRO JA 145 -53.46 41.50 24.99
CA PRO JA 145 -53.38 42.70 24.17
C PRO JA 145 -54.61 43.57 24.35
N GLY JA 146 -54.41 44.77 24.88
CA GLY JA 146 -55.51 45.67 25.12
C GLY JA 146 -56.54 45.05 26.05
N THR JA 147 -57.78 45.02 25.57
CA THR JA 147 -58.77 44.43 26.43
C THR JA 147 -59.18 43.04 25.94
N PRO JA 148 -59.07 42.04 26.80
CA PRO JA 148 -59.42 40.69 26.40
C PRO JA 148 -60.92 40.57 26.15
N PRO JA 149 -61.35 39.50 25.48
CA PRO JA 149 -62.78 39.31 25.27
C PRO JA 149 -63.55 39.16 26.58
N LYS JA 150 -64.75 39.71 26.59
CA LYS JA 150 -65.66 39.54 27.73
C LYS JA 150 -66.27 38.16 27.68
N PRO JA 151 -66.15 37.36 28.74
CA PRO JA 151 -66.73 36.01 28.73
C PRO JA 151 -68.22 36.05 28.97
N THR JA 152 -69.00 35.76 27.92
CA THR JA 152 -70.45 35.84 27.99
C THR JA 152 -71.07 34.48 27.70
N ALA JA 153 -71.98 34.06 28.57
CA ALA JA 153 -72.77 32.85 28.37
C ALA JA 153 -74.10 33.26 27.78
N THR JA 154 -74.22 33.17 26.47
CA THR JA 154 -75.35 33.71 25.73
C THR JA 154 -76.34 32.59 25.37
N SER JA 155 -77.45 33.00 24.78
CA SER JA 155 -78.47 32.07 24.28
C SER JA 155 -79.14 32.73 23.08
N GLN JA 156 -79.39 31.96 22.03
CA GLN JA 156 -79.97 32.49 20.81
C GLN JA 156 -81.13 31.60 20.38
N PHE JA 157 -81.99 32.14 19.54
CA PHE JA 157 -83.04 31.37 18.90
C PHE JA 157 -82.60 31.04 17.48
N VAL JA 158 -82.49 29.75 17.17
CA VAL JA 158 -82.03 29.29 15.87
C VAL JA 158 -83.22 29.13 14.96
N ASN JA 159 -83.22 29.87 13.85
CA ASN JA 159 -84.27 29.79 12.85
C ASN JA 159 -83.67 29.17 11.58
N LEU JA 160 -84.27 28.09 11.10
CA LEU JA 160 -83.75 27.34 9.96
C LEU JA 160 -84.46 27.69 8.66
N SER JA 161 -85.37 28.67 8.68
CA SER JA 161 -86.08 29.03 7.46
C SER JA 161 -85.13 29.69 6.46
N PRO JA 162 -85.35 29.48 5.16
CA PRO JA 162 -84.48 30.10 4.15
C PRO JA 162 -84.53 31.62 4.26
N GLY JA 163 -83.39 32.25 4.02
CA GLY JA 163 -83.23 33.69 4.17
C GLY JA 163 -82.70 34.10 5.53
N SER JA 164 -82.73 33.21 6.52
CA SER JA 164 -82.24 33.53 7.85
C SER JA 164 -80.72 33.51 7.88
N THR JA 165 -80.16 34.29 8.79
CA THR JA 165 -78.71 34.27 8.90
C THR JA 165 -78.28 33.27 9.97
N PRO JA 166 -77.11 32.65 9.79
CA PRO JA 166 -76.69 31.60 10.71
C PRO JA 166 -76.32 32.20 12.06
N PRO JA 167 -76.43 31.42 13.13
CA PRO JA 167 -75.87 31.86 14.42
C PRO JA 167 -74.35 31.99 14.35
N VAL JA 168 -73.85 32.99 15.08
CA VAL JA 168 -72.43 33.32 15.14
C VAL JA 168 -71.91 32.93 16.51
N ILE JA 169 -70.72 32.34 16.56
CA ILE JA 169 -70.11 31.86 17.79
C ILE JA 169 -68.83 32.64 18.02
N ARG JA 170 -68.74 33.31 19.17
CA ARG JA 170 -67.52 33.99 19.59
C ARG JA 170 -66.52 32.91 20.01
N LEU JA 171 -65.28 33.04 19.58
CA LEU JA 171 -64.20 32.22 20.13
C LEU JA 171 -63.00 33.08 20.50
N SER JA 172 -62.03 32.46 21.17
CA SER JA 172 -60.74 33.07 21.44
C SER JA 172 -59.70 31.97 21.44
N GLN JA 173 -58.49 32.30 21.01
CA GLN JA 173 -57.44 31.30 20.84
C GLN JA 173 -57.04 30.70 22.18
N GLY JA 174 -57.10 29.37 22.28
CA GLY JA 174 -56.82 28.69 23.52
C GLY JA 174 -58.00 28.61 24.47
N PHE JA 175 -59.19 29.02 24.03
CA PHE JA 175 -60.36 29.12 24.89
C PHE JA 175 -61.49 28.26 24.34
N VAL JA 176 -62.20 27.60 25.24
CA VAL JA 176 -63.24 26.64 24.88
C VAL JA 176 -64.60 27.31 24.94
N SER JA 177 -65.35 27.23 23.85
CA SER JA 177 -66.73 27.68 23.78
C SER JA 177 -67.62 26.45 23.74
N SER JA 178 -68.55 26.38 24.68
CA SER JA 178 -69.43 25.21 24.84
C SER JA 178 -70.78 25.53 24.23
N LEU JA 179 -71.12 24.82 23.15
CA LEU JA 179 -72.42 24.95 22.51
C LEU JA 179 -73.30 23.79 22.97
N VAL JA 180 -74.38 24.10 23.67
CA VAL JA 180 -75.34 23.11 24.13
C VAL JA 180 -76.62 23.26 23.32
N PHE JA 181 -76.97 22.19 22.61
CA PHE JA 181 -78.05 22.19 21.63
C PHE JA 181 -79.36 21.82 22.31
N LEU JA 182 -80.40 22.57 22.00
CA LEU JA 182 -81.60 22.65 22.81
C LEU JA 182 -82.77 23.01 21.92
N ASP JA 183 -83.90 22.32 22.09
CA ASP JA 183 -85.04 22.52 21.22
C ASP JA 183 -85.85 23.74 21.69
N SER JA 184 -87.05 23.89 21.15
CA SER JA 184 -87.88 25.04 21.49
C SER JA 184 -88.48 24.92 22.89
N THR JA 185 -88.73 23.70 23.36
CA THR JA 185 -89.44 23.50 24.62
C THR JA 185 -88.55 23.55 25.84
N GLY JA 186 -87.23 23.64 25.67
CA GLY JA 186 -86.35 23.59 26.82
C GLY JA 186 -85.82 22.22 27.16
N ALA JA 187 -85.88 21.27 26.24
CA ALA JA 187 -85.36 19.93 26.42
C ALA JA 187 -84.18 19.68 25.49
N PRO JA 188 -83.13 19.03 25.98
CA PRO JA 188 -81.90 18.90 25.18
C PRO JA 188 -82.11 18.06 23.93
N TRP JA 189 -81.24 18.28 22.95
CA TRP JA 189 -81.29 17.58 21.66
C TRP JA 189 -79.97 16.89 21.41
N PRO JA 190 -79.93 15.55 21.42
CA PRO JA 190 -78.65 14.85 21.25
C PRO JA 190 -78.14 14.96 19.83
N ILE JA 191 -76.83 14.69 19.67
CA ILE JA 191 -76.12 14.85 18.41
C ILE JA 191 -75.75 13.47 17.89
N ALA JA 192 -75.70 13.34 16.56
CA ALA JA 192 -74.99 12.20 16.00
C ALA JA 192 -73.88 12.63 15.05
N ALA JA 193 -74.04 13.76 14.35
CA ALA JA 193 -73.03 14.06 13.34
C ALA JA 193 -72.57 15.50 13.49
N TYR JA 194 -71.34 15.76 13.06
CA TYR JA 194 -70.87 17.11 12.86
C TYR JA 194 -69.71 17.11 11.88
N ASP JA 195 -69.59 18.20 11.13
CA ASP JA 195 -68.51 18.43 10.19
C ASP JA 195 -68.09 19.90 10.31
N LEU JA 196 -66.83 20.14 10.67
CA LEU JA 196 -66.32 21.48 10.83
C LEU JA 196 -65.39 21.81 9.66
N GLY JA 197 -65.59 22.98 9.07
CA GLY JA 197 -64.72 23.42 7.99
C GLY JA 197 -63.42 23.98 8.55
N ASP JA 198 -62.30 23.51 7.99
CA ASP JA 198 -60.96 23.93 8.39
C ASP JA 198 -60.74 23.68 9.89
N PRO JA 199 -60.62 22.43 10.33
CA PRO JA 199 -60.24 22.17 11.72
C PRO JA 199 -58.78 22.43 12.02
N SER JA 200 -58.04 23.05 11.10
CA SER JA 200 -56.69 23.50 11.38
C SER JA 200 -56.66 24.79 12.17
N SER JA 201 -57.78 25.52 12.21
CA SER JA 201 -57.92 26.72 13.02
C SER JA 201 -58.79 26.48 14.24
N PHE JA 202 -59.48 25.34 14.30
CA PHE JA 202 -60.39 25.05 15.40
C PHE JA 202 -60.26 23.59 15.79
N ASN JA 203 -60.27 23.34 17.10
CA ASN JA 203 -60.27 21.99 17.65
C ASN JA 203 -61.61 21.77 18.33
N ILE JA 204 -62.36 20.79 17.84
CA ILE JA 204 -63.71 20.50 18.31
C ILE JA 204 -63.66 19.21 19.11
N GLN JA 205 -64.26 19.23 20.30
CA GLN JA 205 -64.36 18.04 21.14
C GLN JA 205 -65.80 17.75 21.49
N TRP JA 206 -66.11 16.45 21.57
CA TRP JA 206 -67.48 15.97 21.72
C TRP JA 206 -67.45 14.51 22.09
N ASP JA 207 -68.09 14.13 23.18
CA ASP JA 207 -68.41 12.74 23.40
C ASP JA 207 -69.60 12.39 22.53
N LYS JA 208 -69.51 11.26 21.82
CA LYS JA 208 -70.40 10.98 20.69
C LYS JA 208 -71.87 10.83 21.08
N THR JA 209 -72.22 10.96 22.36
CA THR JA 209 -73.61 10.78 22.78
C THR JA 209 -74.26 12.08 23.22
N SER JA 210 -73.53 12.95 23.91
CA SER JA 210 -74.14 14.09 24.58
C SER JA 210 -74.58 15.15 23.58
N ASN JA 211 -75.12 16.24 24.12
CA ASN JA 211 -75.61 17.37 23.34
C ASN JA 211 -74.75 18.62 23.51
N THR JA 212 -73.42 18.45 23.54
CA THR JA 212 -72.50 19.57 23.75
C THR JA 212 -71.31 19.44 22.80
N LEU JA 213 -71.12 20.45 21.96
CA LEU JA 213 -69.93 20.59 21.13
C LEU JA 213 -69.06 21.68 21.72
N MET JA 214 -67.79 21.39 21.94
CA MET JA 214 -66.93 22.38 22.60
C MET JA 214 -65.72 22.67 21.71
N ILE JA 215 -65.60 23.94 21.34
CA ILE JA 215 -64.72 24.36 20.25
C ILE JA 215 -63.67 25.31 20.80
N GLN JA 216 -62.41 25.06 20.45
CA GLN JA 216 -61.28 25.88 20.89
C GLN JA 216 -60.60 26.44 19.66
N ALA JA 217 -60.44 27.76 19.61
CA ALA JA 217 -59.74 28.37 18.51
C ALA JA 217 -58.25 28.07 18.59
N THR JA 218 -57.77 27.19 17.72
CA THR JA 218 -56.33 27.01 17.59
C THR JA 218 -55.65 28.22 16.95
N LYS JA 219 -56.43 29.09 16.31
CA LYS JA 219 -55.91 30.31 15.71
C LYS JA 219 -56.74 31.50 16.17
N LEU JA 220 -56.08 32.65 16.30
CA LEU JA 220 -56.66 33.81 16.95
C LEU JA 220 -57.95 34.28 16.28
N TYR JA 221 -57.94 34.35 14.95
CA TYR JA 221 -58.88 35.19 14.22
C TYR JA 221 -59.47 34.55 12.97
N ASN JA 222 -58.83 33.54 12.38
CA ASN JA 222 -59.42 32.88 11.22
C ASN JA 222 -60.76 32.27 11.61
N TYR JA 223 -61.80 32.63 10.87
CA TYR JA 223 -63.15 32.23 11.18
C TYR JA 223 -63.62 31.17 10.19
N GLY JA 224 -64.43 30.24 10.69
CA GLY JA 224 -64.88 29.14 9.87
C GLY JA 224 -66.34 28.86 10.12
N ASN JA 225 -66.72 27.60 9.95
CA ASN JA 225 -68.11 27.20 10.12
C ASN JA 225 -68.19 25.79 10.66
N LEU JA 226 -69.40 25.40 11.04
CA LEU JA 226 -69.65 24.10 11.66
C LEU JA 226 -71.06 23.64 11.34
N ALA JA 227 -71.17 22.47 10.72
CA ALA JA 227 -72.46 21.81 10.55
C ALA JA 227 -72.58 20.73 11.62
N VAL JA 228 -73.76 20.60 12.19
CA VAL JA 228 -74.02 19.57 13.19
C VAL JA 228 -75.39 18.96 12.89
N ARG JA 229 -75.40 17.67 12.56
CA ARG JA 229 -76.63 16.95 12.32
C ARG JA 229 -77.10 16.46 13.68
N LEU JA 230 -78.29 16.92 14.07
CA LEU JA 230 -78.85 16.68 15.38
C LEU JA 230 -79.84 15.53 15.23
N ARG JA 231 -80.45 15.06 16.33
CA ARG JA 231 -81.22 13.83 16.28
C ARG JA 231 -82.43 13.96 15.36
N GLY JA 232 -83.35 14.86 15.68
CA GLY JA 232 -84.66 14.88 15.04
C GLY JA 232 -84.79 15.63 13.75
N LEU JA 233 -83.74 16.31 13.26
CA LEU JA 233 -83.89 17.14 12.08
C LEU JA 233 -83.23 16.50 10.86
N ASN JA 234 -83.94 16.57 9.74
CA ASN JA 234 -83.36 16.28 8.43
C ASN JA 234 -82.35 17.34 8.04
N THR JA 235 -82.65 18.60 8.29
CA THR JA 235 -81.73 19.68 7.98
C THR JA 235 -80.63 19.74 9.03
N PRO JA 236 -79.44 20.25 8.69
CA PRO JA 236 -78.39 20.37 9.70
C PRO JA 236 -78.44 21.72 10.40
N VAL JA 237 -77.96 21.74 11.64
CA VAL JA 237 -77.78 22.98 12.39
C VAL JA 237 -76.46 23.59 11.93
N MET JA 238 -76.53 24.79 11.36
CA MET JA 238 -75.41 25.36 10.62
C MET JA 238 -74.97 26.63 11.35
N LEU JA 239 -73.67 26.72 11.67
CA LEU JA 239 -73.17 27.85 12.45
C LEU JA 239 -71.91 28.42 11.81
N THR JA 240 -71.66 29.70 12.09
CA THR JA 240 -70.41 30.36 11.75
C THR JA 240 -69.65 30.68 13.03
N LEU JA 241 -68.32 30.56 12.97
CA LEU JA 241 -67.46 30.64 14.15
C LEU JA 241 -66.40 31.69 13.91
N ILE JA 242 -66.49 32.81 14.64
CA ILE JA 242 -65.54 33.91 14.52
C ILE JA 242 -64.73 33.96 15.81
N PRO JA 243 -63.43 33.74 15.78
CA PRO JA 243 -62.60 33.88 16.98
C PRO JA 243 -61.99 35.27 17.08
N GLY JA 244 -61.42 35.55 18.25
CA GLY JA 244 -60.75 36.81 18.47
C GLY JA 244 -61.64 38.04 18.45
N GLN JA 245 -62.81 37.98 19.07
CA GLN JA 245 -63.71 39.12 19.12
C GLN JA 245 -63.64 39.81 20.48
N LYS JA 246 -64.35 40.93 20.59
CA LYS JA 246 -64.41 41.70 21.83
C LYS JA 246 -65.05 40.92 22.97
N ALA JA 247 -65.76 39.83 22.67
CA ALA JA 247 -66.25 38.92 23.68
C ALA JA 247 -65.94 37.49 23.25
N VAL JA 248 -65.88 36.60 24.24
CA VAL JA 248 -65.74 35.18 24.01
C VAL JA 248 -67.03 34.50 24.47
N ASP JA 249 -67.59 33.67 23.60
CA ASP JA 249 -68.85 32.98 23.88
C ASP JA 249 -68.52 31.82 24.81
N TYR JA 250 -68.52 32.11 26.10
CA TYR JA 250 -68.15 31.10 27.09
C TYR JA 250 -69.10 29.91 27.04
N ARG JA 251 -70.40 30.18 26.90
CA ARG JA 251 -71.37 29.17 26.51
C ARG JA 251 -72.42 29.82 25.63
N VAL JA 252 -73.03 29.02 24.76
CA VAL JA 252 -74.04 29.51 23.82
C VAL JA 252 -75.19 28.50 23.85
N ASP JA 253 -76.36 28.94 24.29
CA ASP JA 253 -77.51 28.06 24.42
C ASP JA 253 -78.35 28.16 23.16
N LEU JA 254 -78.14 27.22 22.23
CA LEU JA 254 -78.82 27.20 20.95
C LEU JA 254 -80.24 26.71 21.15
N ARG JA 255 -81.22 27.57 20.86
CA ARG JA 255 -82.63 27.21 20.91
C ARG JA 255 -83.12 26.93 19.50
N VAL JA 256 -82.89 25.70 19.05
CA VAL JA 256 -83.30 25.30 17.71
C VAL JA 256 -84.83 25.39 17.59
N GLN JA 257 -85.28 25.66 16.36
CA GLN JA 257 -86.70 25.91 16.11
C GLN JA 257 -87.53 24.64 16.22
N GLY JA 258 -86.90 23.47 16.10
CA GLY JA 258 -87.62 22.21 16.10
C GLY JA 258 -87.92 21.68 17.48
N TYR JA 259 -88.45 20.46 17.51
CA TYR JA 259 -88.76 19.75 18.75
C TYR JA 259 -87.91 18.49 18.81
N GLY JA 260 -87.20 18.32 19.92
CA GLY JA 260 -86.30 17.19 20.07
C GLY JA 260 -87.00 15.93 20.49
N PRO JA 261 -86.23 14.85 20.65
CA PRO JA 261 -86.78 13.59 21.17
C PRO JA 261 -87.16 13.64 22.63
N ASN JA 262 -86.92 14.77 23.30
CA ASN JA 262 -87.32 14.98 24.68
C ASN JA 262 -88.41 16.05 24.69
N ALA JA 263 -89.54 15.74 25.30
CA ALA JA 263 -90.66 16.67 25.30
C ALA JA 263 -90.92 17.23 26.70
N CYS KA 1 -63.04 51.07 -14.64
CA CYS KA 1 -64.38 50.50 -14.51
C CYS KA 1 -64.97 50.13 -15.86
N THR KA 2 -66.26 50.42 -16.03
CA THR KA 2 -67.00 49.96 -17.20
C THR KA 2 -66.57 50.66 -18.49
N ASP KA 3 -66.16 51.93 -18.41
CA ASP KA 3 -65.83 52.67 -19.62
C ASP KA 3 -64.65 52.03 -20.35
N ALA KA 4 -63.58 51.70 -19.63
CA ALA KA 4 -62.46 51.02 -20.25
C ALA KA 4 -62.87 49.67 -20.79
N ALA KA 5 -63.74 48.95 -20.06
CA ALA KA 5 -64.19 47.64 -20.51
C ALA KA 5 -64.90 47.73 -21.85
N LEU KA 6 -65.90 48.61 -21.97
CA LEU KA 6 -66.65 48.64 -23.22
C LEU KA 6 -65.86 49.31 -24.34
N ALA KA 7 -64.94 50.22 -24.00
CA ALA KA 7 -64.09 50.80 -25.02
C ALA KA 7 -63.16 49.76 -25.63
N ALA KA 8 -62.47 48.99 -24.79
CA ALA KA 8 -61.65 47.91 -25.31
C ALA KA 8 -62.51 46.87 -26.01
N LEU KA 9 -63.75 46.69 -25.56
CA LEU KA 9 -64.66 45.76 -26.22
C LEU KA 9 -64.91 46.18 -27.66
N GLU KA 10 -65.32 47.44 -27.87
CA GLU KA 10 -65.64 47.83 -29.25
C GLU KA 10 -64.37 47.95 -30.08
N TYR KA 11 -63.24 48.25 -29.45
CA TYR KA 11 -61.97 48.24 -30.18
C TYR KA 11 -61.63 46.84 -30.65
N HIS KA 12 -61.91 45.82 -29.84
CA HIS KA 12 -61.64 44.45 -30.27
C HIS KA 12 -62.62 43.99 -31.34
N LYS KA 13 -63.90 44.32 -31.19
CA LYS KA 13 -64.87 43.90 -32.20
C LYS KA 13 -64.70 44.65 -33.52
N SER KA 14 -64.15 45.87 -33.48
CA SER KA 14 -63.94 46.61 -34.71
C SER KA 14 -62.67 46.19 -35.43
N ASN KA 15 -61.56 46.05 -34.71
CA ASN KA 15 -60.31 45.53 -35.26
C ASN KA 15 -60.27 44.04 -35.00
N ALA KA 16 -60.66 43.26 -35.99
CA ALA KA 16 -60.77 41.81 -35.83
C ALA KA 16 -59.41 41.15 -35.70
N CYS LA 1 -65.60 38.34 -24.69
CA CYS LA 1 -64.22 38.44 -25.14
C CYS LA 1 -63.37 39.21 -24.14
N VAL LA 2 -64.03 40.06 -23.35
CA VAL LA 2 -63.35 40.93 -22.41
C VAL LA 2 -62.97 40.13 -21.16
N SER LA 3 -61.73 40.28 -20.72
CA SER LA 3 -61.27 39.79 -19.42
C SER LA 3 -60.85 40.99 -18.58
N MET LA 4 -61.82 41.54 -17.86
CA MET LA 4 -61.65 42.79 -17.12
C MET LA 4 -60.66 42.68 -15.98
N ILE LA 5 -60.31 41.47 -15.54
CA ILE LA 5 -59.35 41.35 -14.45
C ILE LA 5 -57.98 41.82 -14.93
N GLY LA 6 -57.74 41.77 -16.24
CA GLY LA 6 -56.70 42.58 -16.83
C GLY LA 6 -57.24 43.98 -17.01
N GLY LA 7 -57.57 44.63 -15.90
CA GLY LA 7 -58.21 45.92 -15.94
C GLY LA 7 -57.25 47.07 -15.73
N SER LA 8 -57.39 48.08 -16.58
CA SER LA 8 -56.59 49.30 -16.47
C SER LA 8 -57.54 50.47 -16.60
N ARG LA 9 -57.58 51.31 -15.57
CA ARG LA 9 -58.48 52.46 -15.59
C ARG LA 9 -57.83 53.64 -16.29
N ARG MA 1 -56.01 45.15 -22.41
CA ARG MA 1 -56.94 44.03 -22.42
C ARG MA 1 -56.58 43.07 -23.55
N VAL MA 2 -56.78 41.78 -23.33
CA VAL MA 2 -56.38 40.74 -24.27
C VAL MA 2 -57.57 39.84 -24.55
N SER MA 3 -57.78 39.53 -25.82
CA SER MA 3 -58.98 38.83 -26.27
C SER MA 3 -58.77 37.32 -26.28
N ILE MA 4 -59.73 36.60 -26.83
CA ILE MA 4 -59.61 35.16 -26.98
C ILE MA 4 -59.02 34.81 -28.34
N GLY MA 5 -58.82 35.82 -29.19
CA GLY MA 5 -58.00 35.61 -30.38
C GLY MA 5 -56.52 35.51 -30.08
N GLY MA 6 -56.10 35.92 -28.89
CA GLY MA 6 -54.70 35.98 -28.49
C GLY MA 6 -54.06 37.32 -28.77
N THR MA 7 -54.67 38.12 -29.64
CA THR MA 7 -54.17 39.45 -29.93
C THR MA 7 -54.65 40.44 -28.87
N VAL MA 8 -53.78 41.37 -28.51
CA VAL MA 8 -54.05 42.32 -27.44
C VAL MA 8 -54.74 43.54 -28.03
N TYR MA 9 -55.94 43.82 -27.55
CA TYR MA 9 -56.68 45.02 -27.90
C TYR MA 9 -57.05 45.77 -26.63
N THR MA 10 -56.50 46.97 -26.47
CA THR MA 10 -56.55 47.70 -25.21
C THR MA 10 -57.25 49.03 -25.38
N ALA MA 11 -58.06 49.38 -24.38
CA ALA MA 11 -58.57 50.74 -24.26
C ALA MA 11 -57.44 51.67 -23.84
N LYS MA 12 -57.59 52.96 -24.19
CA LYS MA 12 -56.50 53.91 -24.04
C LYS MA 12 -56.49 54.61 -22.68
N LYS MA 13 -57.51 55.41 -22.38
CA LYS MA 13 -57.52 56.18 -21.15
C LYS MA 13 -58.93 56.65 -20.88
N TYR MA 14 -59.53 56.16 -19.79
CA TYR MA 14 -60.87 56.59 -19.38
C TYR MA 14 -60.98 56.47 -17.87
N ASP MA 15 -62.02 57.08 -17.29
CA ASP MA 15 -62.26 57.04 -15.87
C ASP MA 15 -63.76 56.99 -15.58
N ASP MA 16 -64.10 56.48 -14.40
CA ASP MA 16 -65.49 56.43 -13.95
C ASP MA 16 -65.61 56.93 -12.52
N PRO NA 1 -59.30 45.35 -11.79
CA PRO NA 1 -59.04 46.40 -10.81
C PRO NA 1 -59.82 47.68 -11.10
N PHE NA 2 -61.07 47.74 -10.62
CA PHE NA 2 -61.96 48.87 -10.85
C PHE NA 2 -62.33 49.50 -9.51
N GLY NA 3 -62.79 50.76 -9.57
CA GLY NA 3 -63.14 51.49 -8.37
C GLY NA 3 -64.56 51.30 -7.90
N ALA NA 4 -65.40 50.61 -8.67
CA ALA NA 4 -66.75 50.28 -8.26
C ALA NA 4 -66.82 48.93 -7.55
N ASP NA 5 -65.72 48.49 -6.94
CA ASP NA 5 -65.67 47.22 -6.24
C ASP NA 5 -66.48 47.29 -4.95
N ARG OA 207 -92.85 44.93 -14.42
CA ARG OA 207 -92.15 43.79 -14.99
C ARG OA 207 -91.67 42.83 -13.91
N ILE OA 208 -90.74 41.96 -14.26
CA ILE OA 208 -90.18 40.98 -13.34
C ILE OA 208 -88.74 41.37 -13.05
N ILE OA 209 -88.41 41.49 -11.77
CA ILE OA 209 -87.07 41.90 -11.35
C ILE OA 209 -86.19 40.67 -11.28
N TYR OA 210 -85.06 40.72 -11.98
CA TYR OA 210 -84.05 39.67 -11.88
C TYR OA 210 -82.86 40.21 -11.09
N TYR OA 211 -82.16 39.30 -10.42
CA TYR OA 211 -80.89 39.61 -9.78
C TYR OA 211 -79.85 38.58 -10.20
N ILE OA 212 -78.59 38.99 -10.19
CA ILE OA 212 -77.51 38.03 -10.23
C ILE OA 212 -77.45 37.34 -8.88
N GLN OA 213 -77.22 36.03 -8.89
CA GLN OA 213 -76.74 35.37 -7.68
C GLN OA 213 -75.36 34.76 -7.84
N ALA OA 214 -74.89 34.55 -9.06
CA ALA OA 214 -73.45 34.34 -9.24
C ALA OA 214 -73.06 34.78 -10.63
N VAL OA 215 -71.77 35.05 -10.81
CA VAL OA 215 -71.28 35.53 -12.09
C VAL OA 215 -69.79 35.27 -12.16
N ILE OA 216 -69.33 34.80 -13.32
CA ILE OA 216 -67.93 34.55 -13.60
C ILE OA 216 -67.64 35.18 -14.96
N PRO OA 217 -66.36 35.36 -15.36
CA PRO OA 217 -66.08 35.81 -16.72
C PRO OA 217 -66.79 34.96 -17.77
N GLY OA 218 -67.73 35.56 -18.49
CA GLY OA 218 -68.57 34.80 -19.39
C GLY OA 218 -69.99 34.66 -18.87
N ARG OA 219 -70.34 33.46 -18.39
CA ARG OA 219 -71.70 33.22 -17.92
C ARG OA 219 -71.97 33.97 -16.62
N ALA OA 220 -73.25 34.25 -16.39
CA ALA OA 220 -73.73 34.79 -15.13
C ALA OA 220 -75.09 34.17 -14.85
N TRP OA 221 -75.25 33.57 -13.68
CA TRP OA 221 -76.48 32.89 -13.34
C TRP OA 221 -77.32 33.76 -12.42
N LEU OA 222 -78.58 33.94 -12.81
CA LEU OA 222 -79.57 34.80 -12.21
C LEU OA 222 -80.85 34.01 -11.95
N ILE OA 223 -81.62 34.50 -10.98
CA ILE OA 223 -83.01 34.08 -10.80
C ILE OA 223 -83.87 35.32 -10.75
N GLY OA 224 -85.03 35.27 -11.40
CA GLY OA 224 -85.97 36.36 -11.42
C GLY OA 224 -86.86 36.38 -10.21
N SER OA 225 -88.03 37.00 -10.35
CA SER OA 225 -88.92 37.14 -9.21
C SER OA 225 -89.86 35.97 -9.04
N ASN OA 226 -90.13 35.23 -10.11
CA ASN OA 226 -90.97 34.05 -10.12
C ASN OA 226 -90.24 32.83 -9.58
N GLY OA 227 -88.91 32.89 -9.53
CA GLY OA 227 -88.07 31.73 -9.36
C GLY OA 227 -87.54 31.14 -10.65
N SER OA 228 -87.71 31.83 -11.79
CA SER OA 228 -87.14 31.36 -13.04
C SER OA 228 -85.63 31.56 -13.03
N THR OA 229 -84.91 30.52 -13.44
CA THR OA 229 -83.45 30.48 -13.38
C THR OA 229 -82.87 30.59 -14.78
N LEU OA 230 -81.95 31.54 -14.95
CA LEU OA 230 -81.33 31.81 -16.24
C LEU OA 230 -79.83 31.97 -16.09
N THR OA 231 -79.11 31.77 -17.19
CA THR OA 231 -77.69 32.08 -17.27
C THR OA 231 -77.43 32.81 -18.58
N VAL OA 232 -76.50 33.77 -18.54
CA VAL OA 232 -76.30 34.68 -19.66
C VAL OA 232 -74.82 34.75 -20.01
N ARG OA 233 -74.56 35.17 -21.25
CA ARG OA 233 -73.22 35.40 -21.77
C ARG OA 233 -73.10 36.86 -22.20
N GLU OA 234 -72.00 37.17 -22.90
CA GLU OA 234 -71.73 38.53 -23.35
C GLU OA 234 -72.91 39.11 -24.12
N GLY OA 235 -73.40 38.37 -25.11
CA GLY OA 235 -74.55 38.82 -25.88
C GLY OA 235 -75.70 37.83 -25.85
N SER OA 236 -76.81 38.21 -25.23
CA SER OA 236 -77.95 37.33 -25.06
C SER OA 236 -79.20 38.19 -24.91
N LYS OA 237 -80.36 37.56 -25.06
CA LYS OA 237 -81.64 38.25 -24.95
C LYS OA 237 -82.22 38.05 -23.55
N ILE OA 238 -82.47 39.15 -22.86
CA ILE OA 238 -83.11 39.15 -21.56
C ILE OA 238 -84.50 39.76 -21.72
N PRO OA 239 -85.57 39.04 -21.34
CA PRO OA 239 -86.92 39.61 -21.47
C PRO OA 239 -87.07 40.87 -20.62
N GLY OA 240 -87.54 41.94 -21.25
CA GLY OA 240 -87.72 43.21 -20.57
C GLY OA 240 -86.51 44.11 -20.65
N TYR OA 241 -85.34 43.58 -20.27
CA TYR OA 241 -84.13 44.39 -20.27
C TYR OA 241 -83.48 44.47 -21.64
N GLY OA 242 -83.95 43.69 -22.60
CA GLY OA 242 -83.42 43.76 -23.94
C GLY OA 242 -82.33 42.75 -24.21
N MET OA 243 -81.10 43.22 -24.40
CA MET OA 243 -79.95 42.36 -24.65
C MET OA 243 -78.80 42.77 -23.75
N VAL OA 244 -78.06 41.80 -23.22
CA VAL OA 244 -76.95 42.09 -22.33
C VAL OA 244 -75.79 42.67 -23.11
N LYS OA 245 -75.21 43.75 -22.59
CA LYS OA 245 -74.03 44.37 -23.18
C LYS OA 245 -72.73 43.97 -22.50
N LEU OA 246 -72.68 43.91 -21.17
CA LEU OA 246 -71.39 43.64 -20.55
C LEU OA 246 -71.60 43.04 -19.17
N ILE OA 247 -70.69 42.13 -18.80
CA ILE OA 247 -70.79 41.31 -17.60
C ILE OA 247 -69.51 41.47 -16.79
N ASP OA 248 -69.64 41.93 -15.54
CA ASP OA 248 -68.53 42.16 -14.63
C ASP OA 248 -68.73 41.28 -13.40
N SER OA 249 -67.99 40.17 -13.34
CA SER OA 249 -68.09 39.28 -12.19
C SER OA 249 -67.39 39.82 -10.95
N LEU OA 250 -66.34 40.63 -11.12
CA LEU OA 250 -65.64 41.14 -9.95
C LEU OA 250 -66.45 42.22 -9.23
N GLN OA 251 -67.38 42.87 -9.92
CA GLN OA 251 -68.33 43.75 -9.26
C GLN OA 251 -69.71 43.14 -9.08
N GLY OA 252 -69.97 41.98 -9.67
CA GLY OA 252 -71.32 41.45 -9.69
C GLY OA 252 -72.28 42.39 -10.40
N ARG OA 253 -72.10 42.57 -11.70
CA ARG OA 253 -72.66 43.72 -12.41
C ARG OA 253 -72.99 43.28 -13.83
N ILE OA 254 -74.21 43.56 -14.29
CA ILE OA 254 -74.58 43.43 -15.70
C ILE OA 254 -75.04 44.79 -16.20
N LEU OA 255 -74.48 45.24 -17.32
CA LEU OA 255 -75.14 46.27 -18.14
C LEU OA 255 -75.88 45.59 -19.28
N THR OA 256 -77.16 45.93 -19.43
CA THR OA 256 -77.99 45.52 -20.54
C THR OA 256 -78.29 46.73 -21.43
N SER OA 257 -79.05 46.47 -22.51
CA SER OA 257 -79.29 47.52 -23.49
C SER OA 257 -80.23 48.60 -22.99
N SER OA 258 -81.18 48.25 -22.13
CA SER OA 258 -82.20 49.17 -21.67
C SER OA 258 -81.71 50.11 -20.59
N GLY OA 259 -80.39 50.20 -20.40
CA GLY OA 259 -79.82 51.01 -19.34
C GLY OA 259 -79.97 50.43 -17.95
N GLN OA 260 -80.85 49.45 -17.76
CA GLN OA 260 -81.01 48.80 -16.48
C GLN OA 260 -79.74 48.07 -16.09
N VAL OA 261 -79.39 48.14 -14.82
CA VAL OA 261 -78.15 47.60 -14.30
C VAL OA 261 -78.50 46.48 -13.33
N ILE OA 262 -78.04 45.27 -13.61
CA ILE OA 262 -78.51 44.07 -12.95
C ILE OA 262 -77.48 43.67 -11.91
N LYS OA 263 -77.92 43.51 -10.65
CA LYS OA 263 -77.04 43.39 -9.49
C LYS OA 263 -77.29 42.09 -8.74
N PHE OA 264 -76.33 41.75 -7.88
CA PHE OA 264 -76.58 40.80 -6.81
C PHE OA 264 -77.73 41.31 -5.93
N SER OA 265 -78.51 40.37 -5.40
CA SER OA 265 -79.63 40.74 -4.54
C SER OA 265 -79.14 41.46 -3.29
N GLN OA 266 -79.89 42.48 -2.87
CA GLN OA 266 -79.52 43.24 -1.69
C GLN OA 266 -79.57 42.39 -0.42
N GLU OA 267 -80.54 41.47 -0.33
CA GLU OA 267 -80.65 40.58 0.80
C GLU OA 267 -79.78 39.33 0.64
N ASP OA 268 -79.13 39.17 -0.52
CA ASP OA 268 -78.14 38.12 -0.70
C ASP OA 268 -76.71 38.65 -0.73
N SER OA 269 -76.52 39.96 -0.63
CA SER OA 269 -75.21 40.56 -0.77
C SER OA 269 -74.43 40.57 0.53
N ALA PA 104 -14.16 49.90 42.76
CA ALA PA 104 -14.59 49.36 44.03
C ALA PA 104 -15.74 48.38 43.85
N GLU PA 105 -16.91 48.76 44.33
CA GLU PA 105 -18.11 47.93 44.22
C GLU PA 105 -19.12 48.46 43.21
N VAL PA 106 -18.87 49.64 42.64
CA VAL PA 106 -19.75 50.23 41.63
C VAL PA 106 -19.66 49.46 40.31
N ILE PA 107 -18.53 48.80 40.06
CA ILE PA 107 -18.45 47.78 39.02
C ILE PA 107 -19.65 46.84 39.11
N ASP PA 108 -20.03 46.43 40.31
CA ASP PA 108 -21.13 45.49 40.40
C ASP PA 108 -22.36 46.08 39.74
N LYS PA 109 -22.56 47.37 39.98
CA LYS PA 109 -23.82 48.03 39.61
C LYS PA 109 -23.89 48.28 38.11
N LYS PA 110 -22.84 48.89 37.54
CA LYS PA 110 -22.90 49.19 36.11
C LYS PA 110 -22.87 47.92 35.27
N ALA PA 111 -22.04 46.96 35.67
CA ALA PA 111 -22.01 45.74 34.88
C ALA PA 111 -23.31 44.96 35.06
N PHE PA 112 -23.95 45.07 36.22
CA PHE PA 112 -25.28 44.49 36.30
C PHE PA 112 -26.24 45.20 35.36
N LYS PA 113 -26.11 46.52 35.20
CA LYS PA 113 -26.92 47.19 34.18
C LYS PA 113 -26.76 46.48 32.83
N ASP PA 114 -25.53 46.23 32.40
CA ASP PA 114 -25.38 45.64 31.07
C ASP PA 114 -25.82 44.18 31.04
N MET PA 115 -25.77 43.46 32.18
CA MET PA 115 -26.51 42.20 32.29
C MET PA 115 -28.02 42.33 32.19
N THR PA 116 -28.64 43.21 32.96
CA THR PA 116 -30.09 43.33 32.84
C THR PA 116 -30.50 43.65 31.41
N ARG PA 117 -29.60 44.24 30.64
CA ARG PA 117 -29.94 44.49 29.25
C ARG PA 117 -29.32 43.50 28.26
N ASN PA 118 -28.57 42.48 28.71
CA ASN PA 118 -28.19 41.42 27.78
C ASN PA 118 -28.84 40.07 28.10
N LEU PA 119 -29.14 39.77 29.37
CA LEU PA 119 -30.02 38.65 29.68
C LEU PA 119 -31.40 38.88 29.09
N TYR PA 120 -31.94 40.08 29.33
CA TYR PA 120 -33.23 40.51 28.83
C TYR PA 120 -33.00 41.78 28.05
N PRO PA 121 -32.43 41.69 26.84
CA PRO PA 121 -32.46 42.85 25.94
C PRO PA 121 -33.86 43.25 25.55
N LEU PA 122 -34.88 42.56 26.09
CA LEU PA 122 -36.28 42.91 25.89
C LEU PA 122 -36.82 43.55 27.16
N ASN PA 123 -36.88 44.88 27.15
CA ASN PA 123 -37.50 45.63 28.22
C ASN PA 123 -39.00 45.34 28.14
N PRO PA 124 -39.68 45.21 29.29
CA PRO PA 124 -41.08 44.75 29.27
C PRO PA 124 -42.04 45.58 28.42
N GLU PA 125 -41.86 46.89 28.24
CA GLU PA 125 -42.75 47.52 27.26
C GLU PA 125 -42.40 47.06 25.85
N GLN PA 126 -41.13 46.82 25.59
CA GLN PA 126 -40.66 46.35 24.30
C GLN PA 126 -41.28 45.02 23.91
N VAL PA 127 -41.39 44.09 24.86
CA VAL PA 127 -41.98 42.80 24.56
C VAL PA 127 -43.44 42.97 24.14
N VAL PA 128 -44.15 43.92 24.76
CA VAL PA 128 -45.53 44.12 24.34
C VAL PA 128 -45.56 44.79 22.97
N LYS PA 129 -44.57 45.64 22.66
CA LYS PA 129 -44.54 46.16 21.30
C LYS PA 129 -44.46 45.03 20.29
N LEU PA 130 -43.52 44.10 20.45
CA LEU PA 130 -43.47 43.01 19.46
C LEU PA 130 -44.73 42.17 19.51
N LYS PA 131 -45.29 41.93 20.69
CA LYS PA 131 -46.43 41.02 20.77
C LYS PA 131 -47.64 41.60 20.04
N GLN PA 132 -47.94 42.89 20.26
CA GLN PA 132 -49.05 43.49 19.52
C GLN PA 132 -48.70 43.72 18.06
N ILE PA 133 -47.43 43.93 17.72
CA ILE PA 133 -47.05 44.04 16.31
C ILE PA 133 -47.31 42.73 15.60
N TYR PA 134 -46.89 41.62 16.21
CA TYR PA 134 -47.20 40.30 15.69
C TYR PA 134 -48.70 40.12 15.54
N GLU PA 135 -49.46 40.55 16.55
CA GLU PA 135 -50.92 40.41 16.49
C GLU PA 135 -51.51 41.18 15.32
N THR PA 136 -51.19 42.47 15.20
CA THR PA 136 -51.71 43.27 14.10
C THR PA 136 -51.32 42.65 12.78
N SER PA 137 -50.08 42.18 12.67
CA SER PA 137 -49.60 41.65 11.40
C SER PA 137 -50.32 40.35 11.05
N GLU PA 138 -50.68 39.54 12.05
CA GLU PA 138 -51.43 38.33 11.71
C GLU PA 138 -52.91 38.60 11.40
N TYR PA 139 -53.61 39.46 12.18
CA TYR PA 139 -54.97 39.78 11.73
C TYR PA 139 -54.97 40.49 10.38
N ALA PA 140 -53.81 41.04 9.97
CA ALA PA 140 -53.66 41.49 8.59
C ALA PA 140 -53.34 40.33 7.65
N LYS PA 141 -52.57 39.36 8.13
CA LYS PA 141 -52.20 38.18 7.36
C LYS PA 141 -53.41 37.48 6.79
N ALA PA 142 -54.38 37.12 7.60
CA ALA PA 142 -55.57 36.50 7.00
C ALA PA 142 -56.83 37.30 7.24
N ALA PA 143 -56.75 38.62 7.22
CA ALA PA 143 -57.96 39.42 7.07
C ALA PA 143 -58.60 39.12 5.72
N THR PA 144 -59.87 38.82 5.75
CA THR PA 144 -60.50 38.51 4.47
C THR PA 144 -60.65 39.79 3.65
N PRO PA 145 -60.13 39.82 2.43
CA PRO PA 145 -60.18 41.06 1.65
C PRO PA 145 -61.56 41.28 1.05
N GLY PA 146 -61.94 42.55 0.96
CA GLY PA 146 -63.23 42.89 0.38
C GLY PA 146 -64.38 42.44 1.26
N THR PA 147 -65.57 42.52 0.69
CA THR PA 147 -66.62 41.95 1.53
C THR PA 147 -66.60 40.43 1.41
N PRO PA 148 -66.56 39.74 2.55
CA PRO PA 148 -66.59 38.28 2.52
C PRO PA 148 -67.93 37.79 2.02
N PRO PA 149 -68.04 36.50 1.71
CA PRO PA 149 -69.35 35.94 1.36
C PRO PA 149 -70.34 36.10 2.50
N LYS PA 150 -71.53 36.58 2.15
CA LYS PA 150 -72.63 36.64 3.11
C LYS PA 150 -73.21 35.26 3.29
N PRO PA 151 -73.30 34.73 4.50
CA PRO PA 151 -73.86 33.38 4.70
C PRO PA 151 -75.37 33.39 4.55
N THR PA 152 -75.86 32.85 3.45
CA THR PA 152 -77.29 32.82 3.18
C THR PA 152 -77.74 31.37 2.98
N ALA PA 153 -78.76 30.98 3.75
CA ALA PA 153 -79.38 29.67 3.62
C ALA PA 153 -80.57 29.83 2.68
N THR PA 154 -80.50 29.20 1.52
CA THR PA 154 -81.45 29.44 0.46
C THR PA 154 -82.28 28.20 0.17
N SER PA 155 -83.25 28.35 -0.73
CA SER PA 155 -84.10 27.25 -1.18
C SER PA 155 -84.37 27.45 -2.66
N GLN PA 156 -84.25 26.38 -3.44
CA GLN PA 156 -84.39 26.43 -4.89
C GLN PA 156 -85.20 25.23 -5.36
N PHE PA 157 -86.13 25.49 -6.28
CA PHE PA 157 -86.99 24.45 -6.83
C PHE PA 157 -86.33 23.84 -8.06
N VAL PA 158 -85.89 22.60 -7.94
CA VAL PA 158 -85.26 21.88 -9.05
C VAL PA 158 -86.34 21.52 -10.07
N ASN PA 159 -86.17 22.01 -11.29
CA ASN PA 159 -86.99 21.60 -12.41
C ASN PA 159 -86.13 20.77 -13.35
N LEU PA 160 -86.60 19.57 -13.69
CA LEU PA 160 -85.79 18.61 -14.43
C LEU PA 160 -86.21 18.54 -15.90
N SER PA 161 -87.22 19.32 -16.29
CA SER PA 161 -87.67 19.33 -17.67
C SER PA 161 -86.55 19.82 -18.59
N PRO PA 162 -86.39 19.23 -19.76
CA PRO PA 162 -85.32 19.66 -20.68
C PRO PA 162 -85.48 21.12 -21.07
N GLY PA 163 -84.34 21.79 -21.21
CA GLY PA 163 -84.30 23.21 -21.50
C GLY PA 163 -84.10 24.08 -20.28
N SER PA 164 -84.26 23.52 -19.08
CA SER PA 164 -84.07 24.27 -17.85
C SER PA 164 -82.59 24.34 -17.49
N THR PA 165 -82.19 25.46 -16.89
CA THR PA 165 -80.81 25.55 -16.45
C THR PA 165 -80.62 24.80 -15.14
N PRO PA 166 -79.56 24.01 -15.02
CA PRO PA 166 -79.38 23.20 -13.81
C PRO PA 166 -79.12 24.08 -12.61
N PRO PA 167 -79.50 23.63 -11.42
CA PRO PA 167 -79.20 24.40 -10.20
C PRO PA 167 -77.71 24.51 -9.97
N VAL PA 168 -77.33 25.54 -9.23
CA VAL PA 168 -75.94 25.84 -8.91
C VAL PA 168 -75.83 26.22 -7.44
N ILE PA 169 -74.73 25.81 -6.82
CA ILE PA 169 -74.40 26.22 -5.45
C ILE PA 169 -73.21 27.18 -5.48
N ARG PA 170 -73.35 28.28 -4.77
CA ARG PA 170 -72.29 29.26 -4.58
C ARG PA 170 -71.53 28.92 -3.31
N LEU PA 171 -70.22 28.75 -3.41
CA LEU PA 171 -69.41 28.21 -2.32
C LEU PA 171 -68.35 29.21 -1.87
N SER PA 172 -67.48 28.75 -0.97
CA SER PA 172 -66.37 29.54 -0.47
C SER PA 172 -65.29 28.59 0.02
N GLN PA 173 -64.02 28.98 -0.13
CA GLN PA 173 -62.89 28.17 0.30
C GLN PA 173 -62.96 27.87 1.78
N GLY PA 174 -62.64 26.63 2.16
CA GLY PA 174 -62.61 26.23 3.55
C GLY PA 174 -63.96 26.24 4.23
N PHE PA 175 -65.03 26.32 3.47
CA PHE PA 175 -66.36 26.50 4.03
C PHE PA 175 -67.27 25.35 3.59
N VAL PA 176 -67.96 24.77 4.57
CA VAL PA 176 -68.85 23.66 4.30
C VAL PA 176 -70.20 24.22 3.87
N SER PA 177 -70.79 23.60 2.85
CA SER PA 177 -72.11 23.96 2.35
C SER PA 177 -72.94 22.69 2.33
N SER PA 178 -74.04 22.71 3.08
CA SER PA 178 -74.85 21.51 3.31
C SER PA 178 -76.02 21.51 2.34
N LEU PA 179 -76.06 20.52 1.46
CA LEU PA 179 -77.18 20.34 0.55
C LEU PA 179 -78.03 19.18 1.03
N VAL PA 180 -79.28 19.49 1.35
CA VAL PA 180 -80.28 18.50 1.78
C VAL PA 180 -81.26 18.29 0.64
N PHE PA 181 -81.69 17.05 0.47
CA PHE PA 181 -82.45 16.63 -0.69
C PHE PA 181 -83.91 16.42 -0.31
N LEU PA 182 -84.79 17.18 -0.93
CA LEU PA 182 -86.20 17.23 -0.56
C LEU PA 182 -87.05 17.03 -1.81
N ASP PA 183 -88.13 16.27 -1.68
CA ASP PA 183 -89.03 16.05 -2.80
C ASP PA 183 -90.04 17.20 -2.87
N SER PA 184 -91.09 17.03 -3.67
CA SER PA 184 -92.05 18.10 -3.88
C SER PA 184 -92.87 18.37 -2.62
N THR PA 185 -93.10 17.37 -1.79
CA THR PA 185 -93.92 17.53 -0.59
C THR PA 185 -93.12 18.05 0.60
N GLY PA 186 -91.81 18.21 0.47
CA GLY PA 186 -91.01 18.66 1.59
C GLY PA 186 -90.52 17.56 2.50
N ALA PA 187 -90.47 16.34 2.02
CA ALA PA 187 -89.97 15.19 2.74
C ALA PA 187 -88.57 14.81 2.27
N PRO PA 188 -87.74 14.27 3.16
CA PRO PA 188 -86.36 13.93 2.78
C PRO PA 188 -86.31 12.90 1.67
N TRP PA 189 -85.27 12.99 0.84
CA TRP PA 189 -85.05 12.06 -0.27
C TRP PA 189 -83.64 11.52 -0.18
N PRO PA 190 -83.45 10.28 0.30
CA PRO PA 190 -82.10 9.73 0.43
C PRO PA 190 -81.41 9.59 -0.92
N ILE PA 191 -80.08 9.63 -0.88
CA ILE PA 191 -79.25 9.66 -2.08
C ILE PA 191 -78.84 8.24 -2.43
N ALA PA 192 -79.05 7.85 -3.69
CA ALA PA 192 -78.51 6.58 -4.16
C ALA PA 192 -76.99 6.63 -4.26
N ALA PA 193 -76.43 7.68 -4.85
CA ALA PA 193 -74.98 7.80 -5.01
C ALA PA 193 -74.67 9.18 -5.58
N TYR PA 194 -73.38 9.47 -5.76
CA TYR PA 194 -73.00 10.69 -6.46
C TYR PA 194 -71.67 10.50 -7.20
N ASP PA 195 -71.48 11.33 -8.22
CA ASP PA 195 -70.22 11.49 -8.93
C ASP PA 195 -69.81 12.96 -8.87
N LEU PA 196 -68.59 13.20 -8.39
CA LEU PA 196 -68.06 14.54 -8.22
C LEU PA 196 -67.22 14.86 -9.46
N GLY PA 197 -67.55 15.96 -10.14
CA GLY PA 197 -66.71 16.42 -11.23
C GLY PA 197 -65.66 17.40 -10.72
N ASP PA 198 -64.41 17.19 -11.11
CA ASP PA 198 -63.26 17.98 -10.68
C ASP PA 198 -63.03 17.84 -9.18
N PRO PA 199 -62.76 16.63 -8.67
CA PRO PA 199 -62.66 16.46 -7.21
C PRO PA 199 -61.41 17.03 -6.56
N SER PA 200 -60.41 17.45 -7.31
CA SER PA 200 -59.22 18.04 -6.70
C SER PA 200 -59.47 19.46 -6.21
N SER PA 201 -60.62 20.04 -6.53
CA SER PA 201 -60.94 21.40 -6.12
C SER PA 201 -62.14 21.46 -5.18
N PHE PA 202 -62.87 20.37 -5.02
CA PHE PA 202 -64.01 20.33 -4.11
C PHE PA 202 -64.03 18.99 -3.40
N ASN PA 203 -64.54 18.99 -2.16
CA ASN PA 203 -64.56 17.78 -1.34
C ASN PA 203 -65.92 17.68 -0.64
N ILE PA 204 -66.67 16.63 -0.98
CA ILE PA 204 -67.95 16.33 -0.32
C ILE PA 204 -67.74 15.23 0.71
N GLN PA 205 -68.27 15.45 1.91
CA GLN PA 205 -68.49 14.38 2.87
C GLN PA 205 -69.97 14.05 2.92
N TRP PA 206 -70.26 12.77 3.14
CA TRP PA 206 -71.63 12.27 3.09
C TRP PA 206 -71.66 10.92 3.78
N ASP PA 207 -72.40 10.82 4.87
CA ASP PA 207 -72.69 9.51 5.45
C ASP PA 207 -73.51 8.72 4.44
N LYS PA 208 -73.25 7.42 4.37
CA LYS PA 208 -73.67 6.62 3.23
C LYS PA 208 -75.19 6.55 3.07
N THR PA 209 -75.96 6.89 4.10
CA THR PA 209 -77.40 6.67 4.05
C THR PA 209 -78.20 7.96 3.87
N SER PA 210 -77.75 9.06 4.46
CA SER PA 210 -78.58 10.26 4.58
C SER PA 210 -78.79 10.93 3.23
N ASN PA 211 -79.54 12.03 3.26
CA ASN PA 211 -79.85 12.85 2.10
C ASN PA 211 -79.06 14.15 2.09
N THR PA 212 -78.00 14.24 2.90
CA THR PA 212 -77.26 15.48 3.08
C THR PA 212 -75.82 15.29 2.64
N LEU PA 213 -75.40 16.11 1.68
CA LEU PA 213 -74.02 16.14 1.19
C LEU PA 213 -73.42 17.48 1.57
N MET PA 214 -72.25 17.48 2.21
CA MET PA 214 -71.61 18.76 2.52
C MET PA 214 -70.43 18.90 1.57
N ILE PA 215 -70.28 20.10 1.01
CA ILE PA 215 -69.24 20.41 0.03
C ILE PA 215 -68.34 21.51 0.59
N GLN PA 216 -67.04 21.27 0.56
CA GLN PA 216 -66.04 22.24 0.95
C GLN PA 216 -65.22 22.59 -0.28
N ALA PA 217 -65.08 23.88 -0.55
CA ALA PA 217 -64.33 24.34 -1.71
C ALA PA 217 -62.84 24.32 -1.41
N THR PA 218 -62.14 23.34 -1.99
CA THR PA 218 -60.69 23.26 -1.86
C THR PA 218 -59.97 24.37 -2.62
N LYS PA 219 -60.46 24.75 -3.80
CA LYS PA 219 -59.86 25.79 -4.60
C LYS PA 219 -60.81 26.99 -4.63
N LEU PA 220 -60.22 28.19 -4.70
CA LEU PA 220 -60.95 29.41 -4.38
C LEU PA 220 -62.15 29.62 -5.30
N TYR PA 221 -61.94 29.57 -6.62
CA TYR PA 221 -62.96 29.98 -7.58
C TYR PA 221 -63.18 29.03 -8.76
N ASN PA 222 -62.25 28.13 -9.05
CA ASN PA 222 -62.43 27.23 -10.18
C ASN PA 222 -63.71 26.43 -10.00
N TYR PA 223 -64.70 26.72 -10.84
CA TYR PA 223 -66.04 26.16 -10.70
C TYR PA 223 -66.12 24.81 -11.41
N GLY PA 224 -66.99 23.96 -10.88
CA GLY PA 224 -67.15 22.64 -11.42
C GLY PA 224 -68.59 22.21 -11.38
N ASN PA 225 -68.80 20.90 -11.42
CA ASN PA 225 -70.15 20.35 -11.49
C ASN PA 225 -70.19 19.00 -10.81
N LEU PA 226 -71.41 18.58 -10.46
CA LEU PA 226 -71.62 17.40 -9.63
C LEU PA 226 -72.91 16.74 -10.05
N ALA PA 227 -72.96 15.41 -10.02
CA ALA PA 227 -74.19 14.67 -10.27
C ALA PA 227 -74.49 13.79 -9.06
N VAL PA 228 -75.77 13.70 -8.69
CA VAL PA 228 -76.20 12.89 -7.56
C VAL PA 228 -77.43 12.11 -8.00
N ARG PA 229 -77.31 10.78 -8.02
CA ARG PA 229 -78.44 9.91 -8.32
C ARG PA 229 -79.21 9.66 -7.02
N LEU PA 230 -80.52 9.82 -7.09
CA LEU PA 230 -81.38 9.80 -5.92
C LEU PA 230 -81.99 8.40 -5.79
N ARG PA 231 -82.76 8.16 -4.74
CA ARG PA 231 -83.30 6.82 -4.51
C ARG PA 231 -84.31 6.43 -5.58
N GLY PA 232 -85.45 7.13 -5.64
CA GLY PA 232 -86.54 6.71 -6.50
C GLY PA 232 -86.53 7.25 -7.92
N LEU PA 233 -85.61 8.14 -8.23
CA LEU PA 233 -85.67 8.86 -9.49
C LEU PA 233 -84.64 8.32 -10.49
N ASN PA 234 -85.13 7.91 -11.66
CA ASN PA 234 -84.28 7.34 -12.71
C ASN PA 234 -83.24 8.32 -13.26
N THR PA 235 -83.67 9.49 -13.70
CA THR PA 235 -82.71 10.51 -14.14
C THR PA 235 -82.33 11.39 -12.97
N PRO PA 236 -81.06 11.41 -12.56
CA PRO PA 236 -80.71 11.99 -11.26
C PRO PA 236 -80.90 13.49 -11.20
N VAL PA 237 -80.42 14.05 -10.10
CA VAL PA 237 -80.37 15.50 -9.91
C VAL PA 237 -78.90 15.88 -9.99
N MET PA 238 -78.56 16.92 -10.74
CA MET PA 238 -77.18 17.33 -10.82
C MET PA 238 -77.09 18.85 -10.98
N LEU PA 239 -75.92 19.39 -10.68
CA LEU PA 239 -75.78 20.72 -10.12
C LEU PA 239 -74.39 21.29 -10.39
N THR PA 240 -74.36 22.48 -11.00
CA THR PA 240 -73.12 23.24 -11.15
C THR PA 240 -72.80 23.93 -9.84
N LEU PA 241 -71.51 24.22 -9.61
CA LEU PA 241 -71.10 24.84 -8.37
C LEU PA 241 -69.95 25.80 -8.66
N ILE PA 242 -70.06 27.01 -8.13
CA ILE PA 242 -69.06 28.06 -8.31
C ILE PA 242 -68.65 28.60 -6.96
N PRO PA 243 -67.37 28.49 -6.58
CA PRO PA 243 -66.92 29.10 -5.33
C PRO PA 243 -66.35 30.49 -5.55
N GLY PA 244 -66.26 31.25 -4.46
CA GLY PA 244 -65.66 32.56 -4.51
C GLY PA 244 -66.57 33.71 -4.86
N GLN PA 245 -67.89 33.54 -4.73
CA GLN PA 245 -68.82 34.63 -4.92
C GLN PA 245 -68.93 35.44 -3.63
N LYS PA 246 -69.54 36.63 -3.73
CA LYS PA 246 -69.61 37.53 -2.59
C LYS PA 246 -70.67 37.13 -1.58
N ALA PA 247 -71.37 36.02 -1.80
CA ALA PA 247 -72.18 35.38 -0.78
C ALA PA 247 -71.78 33.91 -0.73
N VAL PA 248 -72.52 33.13 0.07
CA VAL PA 248 -72.26 31.70 0.18
C VAL PA 248 -73.58 30.99 0.52
N ASP PA 249 -73.95 30.03 -0.33
CA ASP PA 249 -75.02 29.10 -0.01
C ASP PA 249 -74.59 28.30 1.20
N TYR PA 250 -75.24 28.56 2.33
CA TYR PA 250 -74.74 28.09 3.61
C TYR PA 250 -75.54 26.89 4.09
N ARG PA 251 -76.73 26.71 3.52
CA ARG PA 251 -77.54 25.51 3.58
C ARG PA 251 -78.65 25.68 2.56
N VAL PA 252 -78.85 24.68 1.71
CA VAL PA 252 -79.74 24.81 0.56
C VAL PA 252 -80.76 23.68 0.59
N ASP PA 253 -82.04 24.03 0.51
CA ASP PA 253 -83.08 23.09 0.13
C ASP PA 253 -83.20 23.11 -1.39
N LEU PA 254 -83.07 21.95 -2.02
CA LEU PA 254 -83.38 21.79 -3.42
C LEU PA 254 -84.64 20.94 -3.56
N ARG PA 255 -85.72 21.57 -4.00
CA ARG PA 255 -87.05 20.94 -4.02
C ARG PA 255 -87.19 20.21 -5.35
N VAL PA 256 -86.84 18.93 -5.33
CA VAL PA 256 -86.82 18.14 -6.57
C VAL PA 256 -88.23 18.03 -7.14
N GLN PA 257 -88.30 17.94 -8.46
CA GLN PA 257 -89.57 17.92 -9.18
C GLN PA 257 -90.40 16.70 -8.84
N GLY PA 258 -89.75 15.57 -8.55
CA GLY PA 258 -90.44 14.32 -8.33
C GLY PA 258 -90.91 14.11 -6.91
N TYR PA 259 -91.31 12.87 -6.61
CA TYR PA 259 -91.77 12.47 -5.29
C TYR PA 259 -90.83 11.42 -4.74
N GLY PA 260 -90.37 11.62 -3.51
CA GLY PA 260 -89.44 10.71 -2.89
C GLY PA 260 -90.13 9.53 -2.23
N PRO PA 261 -89.35 8.67 -1.58
CA PRO PA 261 -89.93 7.54 -0.85
C PRO PA 261 -90.68 7.94 0.42
N ASN PA 262 -90.68 9.22 0.77
CA ASN PA 262 -91.39 9.74 1.93
C ASN PA 262 -92.48 10.69 1.43
N ALA PA 263 -93.72 10.43 1.83
CA ALA PA 263 -94.85 11.22 1.36
C ALA PA 263 -95.46 12.04 2.51
N CYS QA 1 -61.51 37.35 -39.98
CA CYS QA 1 -62.70 36.55 -39.77
C CYS QA 1 -63.15 35.85 -41.05
N THR QA 2 -64.31 36.26 -41.56
CA THR QA 2 -64.96 35.52 -42.64
C THR QA 2 -64.44 35.91 -44.01
N ASP QA 3 -64.29 37.21 -44.29
CA ASP QA 3 -63.91 37.63 -45.64
C ASP QA 3 -62.46 37.28 -45.95
N ALA QA 4 -61.56 37.44 -44.98
CA ALA QA 4 -60.19 36.99 -45.17
C ALA QA 4 -60.12 35.48 -45.36
N ALA QA 5 -60.93 34.73 -44.60
CA ALA QA 5 -60.96 33.28 -44.75
C ALA QA 5 -61.44 32.88 -46.14
N LEU QA 6 -62.49 33.53 -46.65
CA LEU QA 6 -62.98 33.19 -47.98
C LEU QA 6 -61.99 33.60 -49.06
N ALA QA 7 -61.28 34.71 -48.86
CA ALA QA 7 -60.25 35.10 -49.82
C ALA QA 7 -59.13 34.07 -49.87
N ALA QA 8 -58.66 33.63 -48.70
CA ALA QA 8 -57.64 32.58 -48.67
C ALA QA 8 -58.18 31.28 -49.27
N LEU QA 9 -59.46 30.98 -49.03
CA LEU QA 9 -60.06 29.77 -49.58
C LEU QA 9 -60.06 29.80 -51.10
N GLU QA 10 -60.49 30.92 -51.69
CA GLU QA 10 -60.52 31.00 -53.15
C GLU QA 10 -59.12 31.06 -53.74
N TYR QA 11 -58.17 31.67 -53.01
CA TYR QA 11 -56.78 31.66 -53.46
C TYR QA 11 -56.22 30.24 -53.49
N HIS QA 12 -56.55 29.43 -52.48
CA HIS QA 12 -56.10 28.04 -52.48
C HIS QA 12 -56.81 27.21 -53.54
N LYS QA 13 -58.10 27.47 -53.74
CA LYS QA 13 -58.85 26.75 -54.76
C LYS QA 13 -58.36 27.05 -56.17
N SER QA 14 -58.04 28.32 -56.46
CA SER QA 14 -57.59 28.68 -57.80
C SER QA 14 -56.16 28.24 -58.07
N ASN QA 15 -55.31 28.23 -57.07
CA ASN QA 15 -53.92 27.79 -57.20
C ASN QA 15 -53.84 26.34 -56.73
N ALA QA 16 -53.76 25.42 -57.68
CA ALA QA 16 -53.78 23.99 -57.39
C ALA QA 16 -52.53 23.53 -56.63
N CYS RA 1 -60.88 22.64 -46.07
CA CYS RA 1 -59.64 23.13 -46.65
C CYS RA 1 -59.02 24.21 -45.78
N VAL RA 2 -59.88 25.02 -45.16
CA VAL RA 2 -59.44 26.17 -44.39
C VAL RA 2 -59.55 25.85 -42.90
N SER RA 3 -58.43 25.96 -42.19
CA SER RA 3 -58.40 25.94 -40.74
C SER RA 3 -58.13 27.36 -40.26
N MET RA 4 -59.17 28.03 -39.77
CA MET RA 4 -59.05 29.46 -39.51
C MET RA 4 -58.50 29.77 -38.13
N ILE RA 5 -58.24 28.76 -37.30
CA ILE RA 5 -57.32 28.98 -36.19
C ILE RA 5 -55.95 29.30 -36.74
N GLY RA 6 -55.70 28.83 -37.95
CA GLY RA 6 -54.69 29.42 -38.81
C GLY RA 6 -55.25 30.63 -39.51
N GLY RA 7 -55.86 31.55 -38.76
CA GLY RA 7 -56.41 32.77 -39.30
C GLY RA 7 -55.64 34.01 -38.87
N SER RA 8 -55.44 34.91 -39.82
CA SER RA 8 -54.79 36.17 -39.53
C SER RA 8 -55.68 37.27 -40.10
N ARG RA 9 -55.94 38.31 -39.30
CA ARG RA 9 -56.82 39.37 -39.75
C ARG RA 9 -56.00 40.54 -40.29
N ARG SA 1 -52.74 31.35 -43.52
CA ARG SA 1 -53.51 30.12 -43.59
C ARG SA 1 -52.76 29.05 -44.37
N VAL SA 2 -52.96 27.78 -44.01
CA VAL SA 2 -52.25 26.65 -44.61
C VAL SA 2 -53.26 25.58 -44.98
N SER SA 3 -53.12 25.02 -46.18
CA SER SA 3 -54.06 24.05 -46.72
C SER SA 3 -53.70 22.64 -46.24
N ILE SA 4 -54.43 21.65 -46.73
CA ILE SA 4 -54.20 20.26 -46.34
C ILE SA 4 -53.08 19.65 -47.17
N GLY SA 5 -52.91 20.11 -48.41
CA GLY SA 5 -51.84 19.61 -49.26
C GLY SA 5 -50.45 19.99 -48.78
N GLY SA 6 -50.35 20.88 -47.79
CA GLY SA 6 -49.08 21.29 -47.21
C GLY SA 6 -48.57 22.60 -47.78
N THR SA 7 -49.04 22.98 -48.97
CA THR SA 7 -48.66 24.27 -49.54
C THR SA 7 -49.41 25.39 -48.84
N VAL SA 8 -48.71 26.49 -48.62
CA VAL SA 8 -49.23 27.60 -47.83
C VAL SA 8 -49.90 28.58 -48.79
N TYR SA 9 -51.20 28.80 -48.60
CA TYR SA 9 -51.95 29.79 -49.35
C TYR SA 9 -52.66 30.72 -48.37
N THR SA 10 -52.37 32.02 -48.47
CA THR SA 10 -52.89 33.01 -47.54
C THR SA 10 -53.47 34.19 -48.30
N ALA SA 11 -54.45 34.85 -47.67
CA ALA SA 11 -54.90 36.15 -48.14
C ALA SA 11 -53.88 37.22 -47.72
N LYS SA 12 -53.99 38.39 -48.36
CA LYS SA 12 -53.01 39.45 -48.15
C LYS SA 12 -53.39 40.38 -47.00
N LYS SA 13 -54.55 41.04 -47.09
CA LYS SA 13 -54.98 41.99 -46.07
C LYS SA 13 -56.48 42.22 -46.22
N TYR SA 14 -57.23 41.97 -45.14
CA TYR SA 14 -58.67 42.11 -45.15
C TYR SA 14 -59.11 42.49 -43.74
N ASP SA 15 -60.32 43.01 -43.60
CA ASP SA 15 -60.88 43.36 -42.31
C ASP SA 15 -62.39 43.49 -42.38
N ASP SA 16 -63.04 43.37 -41.23
CA ASP SA 16 -64.48 43.58 -41.12
C ASP SA 16 -64.82 44.48 -39.93
N PRO TA 1 -57.86 33.39 -34.43
CA PRO TA 1 -57.73 34.76 -33.92
C PRO TA 1 -58.56 35.77 -34.72
N PHE TA 2 -59.85 35.85 -34.42
CA PHE TA 2 -60.78 36.73 -35.12
C PHE TA 2 -61.37 37.74 -34.15
N GLY TA 3 -62.16 38.67 -34.69
CA GLY TA 3 -62.80 39.70 -33.90
C GLY TA 3 -64.30 39.59 -33.77
N ALA TA 4 -64.92 38.62 -34.42
CA ALA TA 4 -66.36 38.38 -34.31
C ALA TA 4 -66.71 37.38 -33.22
N ASP TA 5 -65.73 36.97 -32.42
CA ASP TA 5 -65.93 35.97 -31.38
C ASP TA 5 -66.99 36.40 -30.36
N ARG UA 207 -90.03 28.33 -43.91
CA ARG UA 207 -89.10 27.22 -44.10
C ARG UA 207 -88.77 26.55 -42.76
N ILE UA 208 -87.69 25.80 -42.75
CA ILE UA 208 -87.18 25.16 -41.54
C ILE UA 208 -85.88 25.87 -41.16
N ILE UA 209 -85.88 26.49 -39.99
CA ILE UA 209 -84.70 27.17 -39.48
C ILE UA 209 -83.89 26.19 -38.64
N TYR UA 210 -82.63 26.02 -39.00
CA TYR UA 210 -81.72 25.11 -38.32
C TYR UA 210 -80.99 25.88 -37.23
N TYR UA 211 -80.28 25.16 -36.38
CA TYR UA 211 -79.28 25.73 -35.47
C TYR UA 211 -78.11 24.75 -35.33
N ILE UA 212 -76.98 25.26 -34.86
CA ILE UA 212 -75.82 24.40 -34.65
C ILE UA 212 -75.84 23.85 -33.23
N GLN UA 213 -75.78 22.52 -33.10
CA GLN UA 213 -75.41 21.94 -31.82
C GLN UA 213 -73.91 21.91 -31.63
N ALA UA 214 -73.13 21.71 -32.69
CA ALA UA 214 -71.70 21.71 -32.49
C ALA UA 214 -70.98 21.96 -33.81
N VAL UA 215 -69.75 22.47 -33.71
CA VAL UA 215 -69.00 22.81 -34.90
C VAL UA 215 -67.51 22.65 -34.60
N ILE UA 216 -66.79 22.08 -35.55
CA ILE UA 216 -65.34 21.90 -35.50
C ILE UA 216 -64.77 22.28 -36.86
N PRO UA 217 -63.45 22.40 -37.01
CA PRO UA 217 -62.88 22.51 -38.36
C PRO UA 217 -63.27 21.32 -39.22
N GLY UA 218 -64.06 21.58 -40.25
CA GLY UA 218 -64.56 20.50 -41.09
C GLY UA 218 -66.04 20.23 -40.88
N ARG UA 219 -66.38 19.10 -40.26
CA ARG UA 219 -67.77 18.76 -40.04
C ARG UA 219 -68.41 19.69 -39.02
N ALA UA 220 -69.74 19.82 -39.12
CA ALA UA 220 -70.52 20.55 -38.13
C ALA UA 220 -71.89 19.91 -38.05
N TRP UA 221 -72.41 19.79 -36.83
CA TRP UA 221 -73.70 19.16 -36.59
C TRP UA 221 -74.76 20.22 -36.27
N LEU UA 222 -75.87 20.14 -37.01
CA LEU UA 222 -76.99 21.08 -37.03
C LEU UA 222 -78.29 20.33 -36.76
N ILE UA 223 -79.22 21.01 -36.09
CA ILE UA 223 -80.56 20.47 -35.82
C ILE UA 223 -81.58 21.47 -36.33
N GLY UA 224 -82.56 20.99 -37.08
CA GLY UA 224 -83.63 21.81 -37.60
C GLY UA 224 -84.74 22.01 -36.58
N SER UA 225 -85.78 22.71 -37.02
CA SER UA 225 -86.96 22.92 -36.17
C SER UA 225 -87.79 21.65 -36.02
N ASN UA 226 -87.54 20.64 -36.84
CA ASN UA 226 -88.24 19.37 -36.76
C ASN UA 226 -87.53 18.34 -35.91
N GLY UA 227 -86.40 18.71 -35.30
CA GLY UA 227 -85.60 17.78 -34.53
C GLY UA 227 -84.64 16.95 -35.34
N SER UA 228 -84.61 17.10 -36.66
CA SER UA 228 -83.71 16.33 -37.50
C SER UA 228 -82.26 16.78 -37.27
N THR UA 229 -81.34 15.85 -37.47
CA THR UA 229 -79.91 16.08 -37.26
C THR UA 229 -79.16 15.90 -38.57
N LEU UA 230 -78.19 16.77 -38.82
CA LEU UA 230 -77.43 16.75 -40.06
C LEU UA 230 -76.00 17.17 -39.78
N THR UA 231 -75.05 16.47 -40.43
CA THR UA 231 -73.64 16.83 -40.34
C THR UA 231 -73.17 17.29 -41.72
N VAL UA 232 -72.46 18.42 -41.74
CA VAL UA 232 -72.08 19.05 -43.00
C VAL UA 232 -70.57 19.25 -43.03
N ARG UA 233 -70.05 19.39 -44.24
CA ARG UA 233 -68.65 19.69 -44.51
C ARG UA 233 -68.57 21.02 -45.26
N GLU UA 234 -67.37 21.31 -45.77
CA GLU UA 234 -67.10 22.60 -46.40
C GLU UA 234 -68.08 22.88 -47.54
N GLY UA 235 -68.31 21.89 -48.39
CA GLY UA 235 -69.30 22.02 -49.45
C GLY UA 235 -70.37 20.96 -49.39
N SER UA 236 -71.61 21.36 -49.09
CA SER UA 236 -72.72 20.43 -48.96
C SER UA 236 -74.02 21.21 -49.07
N LYS UA 237 -75.06 20.52 -49.56
CA LYS UA 237 -76.37 21.14 -49.75
C LYS UA 237 -77.17 21.06 -48.45
N ILE UA 238 -77.86 22.15 -48.14
CA ILE UA 238 -78.77 22.21 -46.99
C ILE UA 238 -80.14 22.60 -47.53
N PRO UA 239 -81.21 21.89 -47.16
CA PRO UA 239 -82.54 22.22 -47.69
C PRO UA 239 -82.96 23.63 -47.30
N GLY UA 240 -83.23 24.45 -48.32
CA GLY UA 240 -83.62 25.82 -48.10
C GLY UA 240 -82.46 26.78 -47.98
N TYR UA 241 -81.44 26.40 -47.20
CA TYR UA 241 -80.32 27.29 -46.98
C TYR UA 241 -79.36 27.32 -48.16
N GLY UA 242 -79.43 26.32 -49.04
CA GLY UA 242 -78.60 26.31 -50.23
C GLY UA 242 -77.39 25.40 -50.11
N MET UA 243 -76.19 25.96 -50.24
CA MET UA 243 -74.95 25.22 -50.10
C MET UA 243 -73.98 26.04 -49.26
N VAL UA 244 -73.35 25.39 -48.28
CA VAL UA 244 -72.44 26.09 -47.38
C VAL UA 244 -71.21 26.57 -48.14
N LYS UA 245 -70.85 27.84 -47.96
CA LYS UA 245 -69.52 28.28 -48.37
C LYS UA 245 -68.47 28.09 -47.29
N LEU UA 246 -68.81 28.28 -46.01
CA LEU UA 246 -67.76 28.32 -45.00
C LEU UA 246 -68.30 27.86 -43.65
N ILE UA 247 -67.49 27.10 -42.92
CA ILE UA 247 -67.85 26.60 -41.60
C ILE UA 247 -66.91 27.22 -40.58
N ASP UA 248 -67.33 28.36 -40.01
CA ASP UA 248 -66.59 29.10 -39.00
C ASP UA 248 -66.77 28.39 -37.67
N SER UA 249 -65.80 27.53 -37.32
CA SER UA 249 -65.88 26.70 -36.12
C SER UA 249 -65.67 27.46 -34.82
N LEU UA 250 -64.59 28.25 -34.71
CA LEU UA 250 -64.28 28.92 -33.46
C LEU UA 250 -65.37 29.91 -33.05
N GLN UA 251 -65.90 30.69 -34.01
CA GLN UA 251 -67.00 31.58 -33.71
C GLN UA 251 -68.34 30.86 -33.62
N GLY UA 252 -68.44 29.64 -34.13
CA GLY UA 252 -69.71 28.94 -34.18
C GLY UA 252 -70.70 29.52 -35.16
N ARG UA 253 -70.22 29.92 -36.35
CA ARG UA 253 -71.07 30.35 -37.45
C ARG UA 253 -70.85 29.43 -38.64
N ILE UA 254 -71.82 29.41 -39.56
CA ILE UA 254 -71.63 28.83 -40.88
C ILE UA 254 -72.32 29.74 -41.90
N LEU UA 255 -71.60 30.08 -42.96
CA LEU UA 255 -72.14 30.88 -44.04
C LEU UA 255 -72.47 29.98 -45.23
N THR UA 256 -73.71 30.09 -45.72
CA THR UA 256 -74.23 29.32 -46.84
C THR UA 256 -74.56 30.23 -48.01
N SER UA 257 -74.96 29.62 -49.13
CA SER UA 257 -75.00 30.30 -50.42
C SER UA 257 -75.96 31.47 -50.45
N SER UA 258 -77.22 31.26 -50.06
CA SER UA 258 -78.28 32.24 -50.23
C SER UA 258 -78.25 33.34 -49.17
N GLY UA 259 -77.15 33.46 -48.43
CA GLY UA 259 -76.90 34.60 -47.57
C GLY UA 259 -77.16 34.40 -46.10
N GLN UA 260 -77.92 33.38 -45.70
CA GLN UA 260 -78.18 33.17 -44.29
C GLN UA 260 -76.91 32.72 -43.57
N VAL UA 261 -76.78 33.14 -42.32
CA VAL UA 261 -75.71 32.70 -41.43
C VAL UA 261 -76.34 31.88 -40.32
N ILE UA 262 -75.96 30.62 -40.22
CA ILE UA 262 -76.49 29.75 -39.18
C ILE UA 262 -75.56 29.81 -37.98
N LYS UA 263 -76.14 29.97 -36.80
CA LYS UA 263 -75.40 30.16 -35.55
C LYS UA 263 -76.00 29.23 -34.49
N PHE UA 264 -75.36 29.22 -33.33
CA PHE UA 264 -75.91 28.50 -32.20
C PHE UA 264 -77.27 29.08 -31.82
N SER UA 265 -78.18 28.21 -31.38
CA SER UA 265 -79.48 28.67 -30.93
C SER UA 265 -79.32 29.58 -29.73
N GLN UA 266 -80.18 30.60 -29.65
CA GLN UA 266 -80.09 31.58 -28.57
C GLN UA 266 -80.30 30.93 -27.21
N GLU UA 267 -81.13 29.89 -27.14
CA GLU UA 267 -81.36 29.16 -25.90
C GLU UA 267 -80.27 28.13 -25.62
N ASP UA 268 -79.48 27.76 -26.63
CA ASP UA 268 -78.43 26.78 -26.44
C ASP UA 268 -77.05 27.40 -26.25
N SER UA 269 -76.87 28.67 -26.59
CA SER UA 269 -75.57 29.32 -26.46
C SER UA 269 -75.56 30.30 -25.30
N ALA VA 104 -26.71 56.81 24.65
CA ALA VA 104 -27.17 56.30 25.94
C ALA VA 104 -28.29 55.28 25.76
N GLU VA 105 -29.53 55.77 25.70
CA GLU VA 105 -30.70 54.92 25.63
C GLU VA 105 -31.42 55.05 24.28
N VAL VA 106 -31.11 56.11 23.51
CA VAL VA 106 -31.69 56.29 22.17
C VAL VA 106 -31.32 55.15 21.21
N ILE VA 107 -30.23 54.44 21.49
CA ILE VA 107 -29.94 53.21 20.76
C ILE VA 107 -31.15 52.29 20.81
N ASP VA 108 -31.88 52.30 21.94
CA ASP VA 108 -33.05 51.44 22.07
C ASP VA 108 -34.06 51.76 20.98
N LYS VA 109 -34.45 53.02 20.83
CA LYS VA 109 -35.46 53.34 19.83
C LYS VA 109 -34.96 53.05 18.42
N LYS VA 110 -33.73 53.45 18.09
CA LYS VA 110 -33.29 53.27 16.71
C LYS VA 110 -33.23 51.79 16.34
N ALA VA 111 -32.56 50.98 17.16
CA ALA VA 111 -32.41 49.57 16.82
C ALA VA 111 -33.71 48.81 16.96
N PHE VA 112 -34.62 49.24 17.85
CA PHE VA 112 -35.89 48.53 17.90
C PHE VA 112 -36.73 48.83 16.67
N LYS VA 113 -36.63 50.05 16.14
CA LYS VA 113 -37.32 50.36 14.89
C LYS VA 113 -36.76 49.52 13.75
N ASP VA 114 -35.43 49.40 13.66
CA ASP VA 114 -34.94 48.62 12.52
C ASP VA 114 -35.23 47.13 12.73
N MET VA 115 -35.36 46.70 13.98
CA MET VA 115 -35.81 45.34 14.23
C MET VA 115 -37.23 45.10 13.77
N THR VA 116 -38.15 45.99 14.14
CA THR VA 116 -39.50 45.83 13.62
C THR VA 116 -39.52 45.93 12.10
N ARG VA 117 -38.47 46.50 11.50
CA ARG VA 117 -38.40 46.43 10.04
C ARG VA 117 -37.91 45.06 9.57
N ASN VA 118 -36.97 44.43 10.28
CA ASN VA 118 -36.42 43.15 9.79
C ASN VA 118 -37.26 41.92 10.16
N LEU VA 119 -37.75 41.78 11.39
CA LEU VA 119 -38.59 40.64 11.70
C LEU VA 119 -39.81 40.60 10.79
N TYR VA 120 -40.45 41.75 10.59
CA TYR VA 120 -41.71 41.82 9.89
C TYR VA 120 -41.53 42.82 8.75
N PRO VA 121 -40.76 42.46 7.73
CA PRO VA 121 -40.53 43.40 6.61
C PRO VA 121 -41.77 43.68 5.80
N LEU VA 122 -42.86 42.97 6.07
CA LEU VA 122 -44.14 43.23 5.45
C LEU VA 122 -45.00 43.92 6.50
N ASN VA 123 -45.25 45.21 6.31
CA ASN VA 123 -46.08 45.97 7.22
C ASN VA 123 -47.52 45.47 7.12
N PRO VA 124 -48.37 45.78 8.12
CA PRO VA 124 -49.76 45.34 8.04
C PRO VA 124 -50.47 45.77 6.77
N GLU VA 125 -50.19 46.97 6.25
CA GLU VA 125 -50.67 47.34 4.93
C GLU VA 125 -50.07 46.45 3.84
N GLN VA 126 -48.80 46.12 3.96
CA GLN VA 126 -48.09 45.43 2.91
C GLN VA 126 -48.47 43.95 2.79
N VAL VA 127 -48.80 43.29 3.91
CA VAL VA 127 -49.25 41.91 3.80
C VAL VA 127 -50.60 41.84 3.10
N VAL VA 128 -51.48 42.83 3.34
CA VAL VA 128 -52.74 42.82 2.62
C VAL VA 128 -52.53 43.21 1.16
N LYS VA 129 -51.54 44.08 0.87
CA LYS VA 129 -51.15 44.25 -0.54
C LYS VA 129 -50.81 42.91 -1.17
N LEU VA 130 -49.93 42.15 -0.53
CA LEU VA 130 -49.49 40.87 -1.09
C LEU VA 130 -50.67 39.92 -1.24
N LYS VA 131 -51.59 39.94 -0.28
CA LYS VA 131 -52.79 39.09 -0.37
C LYS VA 131 -53.62 39.48 -1.58
N GLN VA 132 -53.80 40.78 -1.82
CA GLN VA 132 -54.55 41.23 -3.00
C GLN VA 132 -53.86 40.81 -4.28
N ILE VA 133 -52.53 40.95 -4.36
CA ILE VA 133 -51.85 40.51 -5.57
C ILE VA 133 -52.05 39.01 -5.78
N TYR VA 134 -51.92 38.23 -4.71
CA TYR VA 134 -52.09 36.78 -4.83
C TYR VA 134 -53.49 36.44 -5.32
N GLU VA 135 -54.52 37.04 -4.71
CA GLU VA 135 -55.88 36.68 -5.10
C GLU VA 135 -56.23 37.18 -6.49
N THR VA 136 -55.75 38.37 -6.88
CA THR VA 136 -55.96 38.83 -8.25
C THR VA 136 -55.30 37.89 -9.24
N SER VA 137 -54.05 37.55 -8.96
CA SER VA 137 -53.31 36.60 -9.77
C SER VA 137 -54.10 35.32 -9.96
N GLU VA 138 -54.71 34.79 -8.90
CA GLU VA 138 -55.30 33.47 -9.09
C GLU VA 138 -56.80 33.51 -9.40
N TYR VA 139 -57.49 34.66 -9.29
CA TYR VA 139 -58.74 34.72 -10.06
C TYR VA 139 -58.43 34.68 -11.53
N ALA VA 140 -57.45 35.49 -11.97
CA ALA VA 140 -57.11 35.49 -13.39
C ALA VA 140 -56.57 34.13 -13.82
N LYS VA 141 -55.87 33.44 -12.92
CA LYS VA 141 -55.56 32.03 -13.09
C LYS VA 141 -56.83 31.25 -13.39
N ALA VA 142 -57.77 31.22 -12.45
CA ALA VA 142 -58.96 30.38 -12.56
C ALA VA 142 -59.94 30.82 -13.63
N ALA VA 143 -59.77 32.02 -14.19
CA ALA VA 143 -60.75 32.55 -15.12
C ALA VA 143 -60.61 31.91 -16.50
N THR VA 144 -61.70 31.24 -16.94
CA THR VA 144 -61.74 30.50 -18.19
C THR VA 144 -61.66 31.46 -19.37
N PRO VA 145 -61.11 31.04 -20.52
CA PRO VA 145 -61.04 31.94 -21.68
C PRO VA 145 -62.39 32.06 -22.34
N GLY VA 146 -62.85 33.29 -22.51
CA GLY VA 146 -64.12 33.53 -23.16
C GLY VA 146 -65.29 33.06 -22.31
N THR VA 147 -66.46 33.10 -22.94
CA THR VA 147 -67.64 32.64 -22.21
C THR VA 147 -67.65 31.12 -22.11
N PRO VA 148 -67.97 30.60 -20.93
CA PRO VA 148 -68.02 29.15 -20.76
C PRO VA 148 -69.22 28.57 -21.48
N PRO VA 149 -69.21 27.28 -21.79
CA PRO VA 149 -70.37 26.66 -22.42
C PRO VA 149 -71.61 26.76 -21.55
N LYS VA 150 -72.75 26.99 -22.18
CA LYS VA 150 -74.00 27.08 -21.46
C LYS VA 150 -74.41 25.70 -20.96
N PRO VA 151 -74.70 25.52 -19.67
CA PRO VA 151 -75.14 24.22 -19.16
C PRO VA 151 -76.56 23.92 -19.60
N THR VA 152 -76.71 22.98 -20.54
CA THR VA 152 -78.01 22.67 -21.09
C THR VA 152 -78.35 21.20 -20.85
N ALA VA 153 -79.55 20.96 -20.34
CA ALA VA 153 -80.10 19.62 -20.19
C ALA VA 153 -81.09 19.40 -21.33
N THR VA 154 -80.65 18.66 -22.34
CA THR VA 154 -81.39 18.49 -23.59
C THR VA 154 -82.00 17.08 -23.65
N SER VA 155 -82.60 16.78 -24.80
CA SER VA 155 -83.18 15.47 -25.06
C SER VA 155 -83.20 15.25 -26.57
N GLN VA 156 -82.65 14.12 -27.00
CA GLN VA 156 -82.56 13.80 -28.42
C GLN VA 156 -83.22 12.46 -28.70
N PHE VA 157 -83.95 12.41 -29.82
CA PHE VA 157 -84.50 11.15 -30.33
C PHE VA 157 -83.39 10.48 -31.13
N VAL VA 158 -82.98 9.30 -30.68
CA VAL VA 158 -81.94 8.52 -31.37
C VAL VA 158 -82.62 7.67 -32.44
N ASN VA 159 -82.28 7.94 -33.69
CA ASN VA 159 -82.83 7.21 -34.83
C ASN VA 159 -81.80 6.19 -35.28
N LEU VA 160 -82.19 4.91 -35.26
CA LEU VA 160 -81.29 3.82 -35.61
C LEU VA 160 -81.41 3.42 -37.08
N SER VA 161 -82.26 4.10 -37.84
CA SER VA 161 -82.40 3.77 -39.25
C SER VA 161 -81.11 4.09 -40.00
N PRO VA 162 -80.71 3.24 -40.95
CA PRO VA 162 -79.49 3.50 -41.72
C PRO VA 162 -79.58 4.82 -42.47
N GLY VA 163 -78.46 5.51 -42.57
CA GLY VA 163 -78.39 6.81 -43.19
C GLY VA 163 -78.52 7.97 -42.23
N SER VA 164 -78.84 7.72 -40.97
CA SER VA 164 -78.99 8.77 -39.98
C SER VA 164 -77.65 9.14 -39.38
N THR VA 165 -77.61 10.30 -38.72
CA THR VA 165 -76.40 10.77 -38.06
C THR VA 165 -76.44 10.37 -36.58
N PRO VA 166 -75.31 9.90 -36.04
CA PRO VA 166 -75.27 9.54 -34.63
C PRO VA 166 -75.51 10.75 -33.76
N PRO VA 167 -76.14 10.56 -32.60
CA PRO VA 167 -76.37 11.69 -31.69
C PRO VA 167 -75.07 12.33 -31.22
N VAL VA 168 -75.11 13.65 -31.09
CA VAL VA 168 -73.96 14.46 -30.71
C VAL VA 168 -74.06 14.81 -29.23
N ILE VA 169 -72.98 14.56 -28.49
CA ILE VA 169 -72.90 14.88 -27.08
C ILE VA 169 -71.84 15.95 -26.93
N ARG VA 170 -72.28 17.16 -26.55
CA ARG VA 170 -71.36 18.28 -26.32
C ARG VA 170 -70.85 18.19 -24.89
N LEU VA 171 -69.54 18.15 -24.72
CA LEU VA 171 -68.96 17.98 -23.40
C LEU VA 171 -67.96 19.10 -23.13
N SER VA 172 -67.44 19.17 -21.91
CA SER VA 172 -66.44 20.17 -21.55
C SER VA 172 -65.46 19.54 -20.57
N GLN VA 173 -64.27 20.13 -20.48
CA GLN VA 173 -63.21 19.62 -19.64
C GLN VA 173 -63.56 19.58 -18.16
N GLY VA 174 -63.42 18.42 -17.54
CA GLY VA 174 -63.63 18.29 -16.11
C GLY VA 174 -65.06 18.36 -15.67
N PHE VA 175 -66.01 18.33 -16.61
CA PHE VA 175 -67.42 18.44 -16.29
C PHE VA 175 -68.15 17.15 -16.64
N VAL VA 176 -68.93 16.68 -15.68
CA VAL VA 176 -69.69 15.45 -15.83
C VAL VA 176 -70.92 15.70 -16.69
N SER VA 177 -71.12 14.85 -17.69
CA SER VA 177 -72.33 14.77 -18.47
C SER VA 177 -72.91 13.38 -18.25
N SER VA 178 -74.18 13.31 -17.89
CA SER VA 178 -74.86 12.05 -17.64
C SER VA 178 -75.85 11.78 -18.77
N LEU VA 179 -75.68 10.65 -19.44
CA LEU VA 179 -76.60 10.21 -20.47
C LEU VA 179 -77.48 9.12 -19.88
N VAL VA 180 -78.78 9.39 -19.82
CA VAL VA 180 -79.78 8.44 -19.34
C VAL VA 180 -80.56 7.95 -20.54
N PHE VA 181 -80.70 6.63 -20.64
CA PHE VA 181 -81.26 5.99 -21.82
C PHE VA 181 -82.72 5.64 -21.57
N LEU VA 182 -83.60 6.13 -22.45
CA LEU VA 182 -85.02 5.85 -22.38
C LEU VA 182 -85.51 5.35 -23.72
N ASP VA 183 -86.47 4.43 -23.68
CA ASP VA 183 -87.09 3.93 -24.89
C ASP VA 183 -88.14 4.92 -25.38
N SER VA 184 -88.96 4.50 -26.34
CA SER VA 184 -89.99 5.39 -26.87
C SER VA 184 -91.02 5.76 -25.81
N THR VA 185 -91.41 4.81 -24.97
CA THR VA 185 -92.43 5.07 -23.95
C THR VA 185 -91.90 5.89 -22.78
N GLY VA 186 -90.62 6.25 -22.78
CA GLY VA 186 -90.07 7.07 -21.72
C GLY VA 186 -89.56 6.30 -20.52
N ALA VA 187 -89.56 4.99 -20.57
CA ALA VA 187 -89.10 4.14 -19.49
C ALA VA 187 -87.60 3.94 -19.57
N PRO VA 188 -86.93 3.71 -18.44
CA PRO VA 188 -85.49 3.49 -18.46
C PRO VA 188 -85.13 2.24 -19.24
N TRP VA 189 -83.95 2.27 -19.85
CA TRP VA 189 -83.41 1.13 -20.59
C TRP VA 189 -82.03 0.77 -20.06
N PRO VA 190 -81.91 -0.30 -19.27
CA PRO VA 190 -80.60 -0.64 -18.68
C PRO VA 190 -79.58 -0.99 -19.74
N ILE VA 191 -78.32 -0.73 -19.39
CA ILE VA 191 -77.18 -0.92 -20.29
C ILE VA 191 -76.63 -2.32 -20.11
N ALA VA 192 -76.51 -3.06 -21.22
CA ALA VA 192 -75.81 -4.34 -21.17
C ALA VA 192 -74.30 -4.15 -21.11
N ALA VA 193 -73.76 -3.22 -21.89
CA ALA VA 193 -72.31 -3.01 -21.94
C ALA VA 193 -72.03 -1.75 -22.74
N TYR VA 194 -70.75 -1.37 -22.80
CA TYR VA 194 -70.34 -0.23 -23.62
C TYR VA 194 -68.86 -0.36 -23.96
N ASP VA 195 -68.45 0.39 -24.98
CA ASP VA 195 -67.07 0.43 -25.44
C ASP VA 195 -66.76 1.86 -25.89
N LEU VA 196 -65.73 2.46 -25.28
CA LEU VA 196 -65.35 3.83 -25.56
C LEU VA 196 -64.04 3.85 -26.34
N GLY VA 197 -64.08 4.40 -27.55
CA GLY VA 197 -62.86 4.61 -28.30
C GLY VA 197 -62.08 5.77 -27.71
N ASP VA 198 -60.75 5.66 -27.72
CA ASP VA 198 -59.83 6.67 -27.18
C ASP VA 198 -60.23 7.00 -25.75
N PRO VA 199 -60.00 6.10 -24.79
CA PRO VA 199 -60.43 6.33 -23.41
C PRO VA 199 -59.57 7.31 -22.63
N SER VA 200 -58.46 7.78 -23.18
CA SER VA 200 -57.69 8.81 -22.50
C SER VA 200 -58.12 10.22 -22.89
N SER VA 201 -59.12 10.35 -23.75
CA SER VA 201 -59.74 11.63 -24.02
C SER VA 201 -61.11 11.74 -23.34
N PHE VA 202 -61.64 10.62 -22.84
CA PHE VA 202 -62.90 10.64 -22.12
C PHE VA 202 -62.81 9.65 -20.97
N ASN VA 203 -63.13 10.10 -19.76
CA ASN VA 203 -63.28 9.20 -18.62
C ASN VA 203 -64.76 8.99 -18.40
N ILE VA 204 -65.21 7.76 -18.66
CA ILE VA 204 -66.61 7.37 -18.60
C ILE VA 204 -66.74 6.34 -17.49
N GLN VA 205 -67.72 6.53 -16.61
CA GLN VA 205 -68.03 5.50 -15.63
C GLN VA 205 -69.54 5.32 -15.48
N TRP VA 206 -69.88 4.26 -14.75
CA TRP VA 206 -71.22 3.68 -14.79
C TRP VA 206 -71.29 2.60 -13.73
N ASP VA 207 -72.33 2.65 -12.88
CA ASP VA 207 -72.64 1.50 -12.05
C ASP VA 207 -73.24 0.43 -12.94
N LYS VA 208 -72.83 -0.83 -12.73
CA LYS VA 208 -73.02 -1.87 -13.73
C LYS VA 208 -74.48 -2.20 -13.99
N THR VA 209 -75.41 -1.74 -13.15
CA THR VA 209 -76.81 -2.10 -13.32
C THR VA 209 -77.64 -0.99 -13.97
N SER VA 210 -77.38 0.26 -13.62
CA SER VA 210 -78.26 1.36 -14.01
C SER VA 210 -78.21 1.59 -15.51
N ASN VA 211 -79.01 2.57 -15.95
CA ASN VA 211 -79.13 2.94 -17.35
C ASN VA 211 -78.47 4.28 -17.66
N THR VA 212 -77.54 4.71 -16.81
CA THR VA 212 -76.94 6.03 -16.91
C THR VA 212 -75.43 5.92 -17.06
N LEU VA 213 -74.90 6.50 -18.13
CA LEU VA 213 -73.47 6.53 -18.42
C LEU VA 213 -72.99 7.96 -18.27
N MET VA 214 -72.01 8.21 -17.41
CA MET VA 214 -71.60 9.61 -17.20
C MET VA 214 -70.09 9.80 -17.33
N ILE VA 215 -69.74 10.96 -17.92
CA ILE VA 215 -68.58 11.15 -18.77
C ILE VA 215 -67.96 12.51 -18.48
N GLN VA 216 -66.63 12.61 -18.59
CA GLN VA 216 -66.01 13.92 -18.75
C GLN VA 216 -64.81 13.83 -19.68
N ALA VA 217 -64.53 14.93 -20.39
CA ALA VA 217 -63.45 14.95 -21.37
C ALA VA 217 -62.10 15.09 -20.67
N THR VA 218 -61.14 14.27 -21.10
CA THR VA 218 -59.78 14.34 -20.59
C THR VA 218 -58.89 15.26 -21.43
N LYS VA 219 -59.36 15.73 -22.58
CA LYS VA 219 -58.75 16.84 -23.29
C LYS VA 219 -59.86 17.67 -23.95
N LEU VA 220 -59.56 18.96 -24.13
CA LEU VA 220 -60.62 19.97 -24.22
C LEU VA 220 -61.50 19.78 -25.45
N TYR VA 221 -60.91 19.39 -26.59
CA TYR VA 221 -61.66 19.36 -27.84
C TYR VA 221 -61.56 18.07 -28.61
N ASN VA 222 -60.55 17.24 -28.37
CA ASN VA 222 -60.41 16.01 -29.14
C ASN VA 222 -61.65 15.15 -28.94
N TYR VA 223 -62.40 14.99 -30.01
CA TYR VA 223 -63.68 14.29 -30.00
C TYR VA 223 -63.46 12.82 -30.29
N GLY VA 224 -64.49 12.04 -30.03
CA GLY VA 224 -64.44 10.63 -30.33
C GLY VA 224 -65.84 10.12 -30.52
N ASN VA 225 -65.98 8.80 -30.37
CA ASN VA 225 -67.29 8.17 -30.50
C ASN VA 225 -67.32 6.92 -29.62
N LEU VA 226 -68.53 6.59 -29.20
CA LEU VA 226 -68.75 5.58 -28.17
C LEU VA 226 -69.88 4.67 -28.62
N ALA VA 227 -69.67 3.36 -28.48
CA ALA VA 227 -70.71 2.38 -28.73
C ALA VA 227 -71.25 1.89 -27.40
N VAL VA 228 -72.55 1.69 -27.31
CA VAL VA 228 -73.19 1.23 -26.08
C VAL VA 228 -74.27 0.23 -26.44
N ARG VA 229 -74.16 -0.98 -25.90
CA ARG VA 229 -75.12 -2.05 -26.15
C ARG VA 229 -76.11 -2.09 -24.99
N LEU VA 230 -77.40 -2.07 -25.33
CA LEU VA 230 -78.48 -1.99 -24.35
C LEU VA 230 -78.96 -3.40 -24.00
N ARG VA 231 -80.06 -3.49 -23.25
CA ARG VA 231 -80.54 -4.80 -22.80
C ARG VA 231 -81.21 -5.57 -23.93
N GLY VA 232 -82.31 -5.04 -24.45
CA GLY VA 232 -83.17 -5.79 -25.35
C GLY VA 232 -82.89 -5.66 -26.83
N LEU VA 233 -81.99 -4.78 -27.23
CA LEU VA 233 -81.81 -4.47 -28.65
C LEU VA 233 -80.67 -5.31 -29.23
N ASN VA 234 -80.60 -5.37 -30.55
CA ASN VA 234 -79.45 -5.93 -31.24
C ASN VA 234 -78.53 -4.85 -31.80
N THR VA 235 -79.10 -3.75 -32.25
CA THR VA 235 -78.32 -2.65 -32.81
C THR VA 235 -77.68 -1.83 -31.70
N PRO VA 236 -76.36 -1.66 -31.68
CA PRO VA 236 -75.74 -0.82 -30.67
C PRO VA 236 -76.10 0.63 -30.89
N VAL VA 237 -75.83 1.45 -29.87
CA VAL VA 237 -76.09 2.89 -29.94
C VAL VA 237 -74.75 3.58 -30.11
N MET VA 238 -74.64 4.39 -31.17
CA MET VA 238 -73.41 5.06 -31.53
C MET VA 238 -73.57 6.54 -31.22
N LEU VA 239 -72.66 7.10 -30.44
CA LEU VA 239 -72.71 8.52 -30.12
C LEU VA 239 -71.38 9.17 -30.45
N THR VA 240 -71.44 10.38 -31.01
CA THR VA 240 -70.24 11.17 -31.24
C THR VA 240 -70.10 12.19 -30.12
N LEU VA 241 -68.99 12.11 -29.40
CA LEU VA 241 -68.76 12.90 -28.20
C LEU VA 241 -67.74 13.96 -28.55
N ILE VA 242 -68.18 15.22 -28.60
CA ILE VA 242 -67.33 16.34 -28.96
C ILE VA 242 -67.22 17.27 -27.75
N PRO VA 243 -66.04 17.46 -27.19
CA PRO VA 243 -65.88 18.44 -26.12
C PRO VA 243 -65.42 19.79 -26.66
N GLY VA 244 -65.52 20.81 -25.80
CA GLY VA 244 -65.12 22.14 -26.18
C GLY VA 244 -66.13 22.92 -26.99
N GLN VA 245 -67.40 22.57 -26.90
CA GLN VA 245 -68.45 23.26 -27.65
C GLN VA 245 -69.01 24.42 -26.84
N LYS VA 246 -69.85 25.22 -27.49
CA LYS VA 246 -70.41 26.40 -26.85
C LYS VA 246 -71.54 26.04 -25.89
N ALA VA 247 -72.07 24.83 -25.96
CA ALA VA 247 -73.00 24.33 -24.97
C ALA VA 247 -72.45 23.06 -24.36
N VAL VA 248 -72.60 22.92 -23.05
CA VAL VA 248 -72.20 21.71 -22.36
C VAL VA 248 -73.46 20.89 -22.10
N ASP VA 249 -73.51 19.70 -22.68
CA ASP VA 249 -74.67 18.83 -22.58
C ASP VA 249 -74.69 18.25 -21.18
N TYR VA 250 -75.17 19.06 -20.25
CA TYR VA 250 -75.24 18.70 -18.85
C TYR VA 250 -76.12 17.47 -18.68
N ARG VA 251 -77.23 17.40 -19.43
CA ARG VA 251 -77.86 16.12 -19.75
C ARG VA 251 -78.30 16.09 -21.20
N VAL VA 252 -78.48 14.86 -21.69
CA VAL VA 252 -79.17 14.57 -22.94
C VAL VA 252 -80.03 13.35 -22.67
N ASP VA 253 -81.34 13.53 -22.72
CA ASP VA 253 -82.29 12.42 -22.54
C ASP VA 253 -82.50 11.76 -23.90
N LEU VA 254 -81.82 10.64 -24.12
CA LEU VA 254 -81.88 9.91 -25.38
C LEU VA 254 -83.16 9.11 -25.44
N ARG VA 255 -83.88 9.24 -26.56
CA ARG VA 255 -85.12 8.51 -26.80
C ARG VA 255 -84.87 7.49 -27.90
N VAL VA 256 -84.55 6.26 -27.48
CA VAL VA 256 -84.26 5.21 -28.44
C VAL VA 256 -85.54 4.80 -29.19
N GLN VA 257 -85.34 4.29 -30.41
CA GLN VA 257 -86.47 3.89 -31.26
C GLN VA 257 -87.29 2.78 -30.63
N GLY VA 258 -86.64 1.77 -30.07
CA GLY VA 258 -87.32 0.57 -29.62
C GLY VA 258 -87.98 0.71 -28.27
N TYR VA 259 -88.42 -0.42 -27.72
CA TYR VA 259 -89.03 -0.49 -26.40
C TYR VA 259 -88.18 -1.37 -25.51
N GLY VA 260 -87.75 -0.83 -24.38
CA GLY VA 260 -86.90 -1.57 -23.47
C GLY VA 260 -87.67 -2.56 -22.63
N PRO VA 261 -87.01 -3.19 -21.67
CA PRO VA 261 -87.68 -4.13 -20.76
C PRO VA 261 -88.70 -3.47 -19.84
N ASN VA 262 -88.88 -2.15 -19.92
CA ASN VA 262 -89.86 -1.42 -19.14
C ASN VA 262 -90.79 -0.70 -20.10
N ALA VA 263 -92.10 -0.89 -19.90
CA ALA VA 263 -93.09 -0.28 -20.79
C ALA VA 263 -94.24 0.33 -20.01
N CYS WA 1 -53.81 20.42 -60.40
CA CYS WA 1 -54.55 19.27 -59.87
C CYS WA 1 -54.43 18.07 -60.79
N THR WA 2 -55.52 17.79 -61.51
CA THR WA 2 -55.59 16.59 -62.34
C THR WA 2 -54.70 16.68 -63.57
N ASP WA 3 -54.56 17.86 -64.17
CA ASP WA 3 -53.86 17.97 -65.45
C ASP WA 3 -52.42 17.50 -65.34
N ALA WA 4 -51.75 17.85 -64.24
CA ALA WA 4 -50.41 17.31 -64.00
C ALA WA 4 -50.43 15.79 -63.91
N ALA WA 5 -51.49 15.22 -63.32
CA ALA WA 5 -51.59 13.78 -63.22
C ALA WA 5 -51.71 13.13 -64.60
N LEU WA 6 -52.60 13.65 -65.45
CA LEU WA 6 -52.68 13.10 -66.80
C LEU WA 6 -51.37 13.27 -67.56
N ALA WA 7 -50.75 14.45 -67.46
CA ALA WA 7 -49.52 14.69 -68.20
C ALA WA 7 -48.42 13.73 -67.78
N ALA WA 8 -48.23 13.56 -66.47
CA ALA WA 8 -47.19 12.66 -65.99
C ALA WA 8 -47.54 11.21 -66.31
N LEU WA 9 -48.83 10.86 -66.27
CA LEU WA 9 -49.23 9.50 -66.61
C LEU WA 9 -48.90 9.17 -68.06
N GLU WA 10 -49.26 10.06 -68.98
CA GLU WA 10 -48.96 9.80 -70.39
C GLU WA 10 -47.47 9.89 -70.66
N TYR WA 11 -46.74 10.72 -69.91
CA TYR WA 11 -45.29 10.76 -70.05
C TYR WA 11 -44.63 9.46 -69.60
N HIS WA 12 -45.12 8.88 -68.50
CA HIS WA 12 -44.58 7.60 -68.04
C HIS WA 12 -44.97 6.46 -68.96
N LYS WA 13 -46.18 6.51 -69.52
CA LYS WA 13 -46.61 5.47 -70.44
C LYS WA 13 -45.89 5.58 -71.79
N SER WA 14 -45.50 6.80 -72.18
CA SER WA 14 -44.80 6.97 -73.45
C SER WA 14 -43.30 6.70 -73.32
N ASN WA 15 -42.68 7.15 -72.24
CA ASN WA 15 -41.28 6.86 -71.96
C ASN WA 15 -41.24 5.69 -70.99
N ALA WA 16 -40.96 4.51 -71.50
CA ALA WA 16 -41.01 3.28 -70.71
C ALA WA 16 -39.70 3.06 -69.97
N CYS XA 1 -50.47 3.69 -61.92
CA CYS XA 1 -49.05 4.02 -62.00
C CYS XA 1 -48.74 5.36 -61.35
N VAL XA 2 -49.77 6.19 -61.20
CA VAL XA 2 -49.61 7.56 -60.73
C VAL XA 2 -49.73 7.59 -59.22
N SER XA 3 -48.71 8.12 -58.55
CA SER XA 3 -48.80 8.43 -57.13
C SER XA 3 -48.87 9.94 -56.96
N MET XA 4 -50.09 10.45 -56.89
CA MET XA 4 -50.42 11.85 -56.72
C MET XA 4 -49.99 12.40 -55.37
N ILE XA 5 -49.63 11.52 -54.43
CA ILE XA 5 -48.99 11.97 -53.20
C ILE XA 5 -47.65 12.60 -53.54
N GLY XA 6 -46.96 12.04 -54.54
CA GLY XA 6 -45.86 12.70 -55.18
C GLY XA 6 -46.34 13.61 -56.29
N GLY XA 7 -47.43 14.32 -56.05
CA GLY XA 7 -48.01 15.20 -57.04
C GLY XA 7 -47.55 16.63 -56.87
N SER XA 8 -47.56 17.37 -57.98
CA SER XA 8 -47.12 18.76 -57.96
C SER XA 8 -47.84 19.48 -59.09
N ARG XA 9 -48.50 20.58 -58.76
CA ARG XA 9 -49.20 21.38 -59.75
C ARG XA 9 -48.21 22.13 -60.64
N ARG YA 1 -43.93 13.36 -59.84
CA ARG YA 1 -44.57 12.05 -59.76
C ARG YA 1 -43.57 10.95 -60.08
N VAL YA 2 -43.82 9.75 -59.56
CA VAL YA 2 -42.91 8.62 -59.69
C VAL YA 2 -43.71 7.38 -60.02
N SER YA 3 -43.13 6.50 -60.83
CA SER YA 3 -43.80 5.28 -61.26
C SER YA 3 -43.47 4.12 -60.31
N ILE YA 4 -43.94 2.92 -60.65
CA ILE YA 4 -43.64 1.74 -59.86
C ILE YA 4 -42.37 1.06 -60.37
N GLY YA 5 -41.97 1.38 -61.60
CA GLY YA 5 -40.72 0.86 -62.12
C GLY YA 5 -39.49 1.43 -61.45
N GLY YA 6 -39.65 2.47 -60.63
CA GLY YA 6 -38.56 3.09 -59.89
C GLY YA 6 -37.98 4.31 -60.58
N THR YA 7 -38.24 4.45 -61.87
CA THR YA 7 -37.75 5.62 -62.60
C THR YA 7 -38.76 6.75 -62.51
N VAL YA 8 -38.26 7.95 -62.27
CA VAL YA 8 -39.10 9.11 -61.96
C VAL YA 8 -39.54 9.76 -63.27
N TYR YA 9 -40.85 9.81 -63.49
CA TYR YA 9 -41.44 10.54 -64.60
C TYR YA 9 -42.41 11.58 -64.04
N THR YA 10 -42.15 12.86 -64.36
CA THR YA 10 -42.96 13.96 -63.84
C THR YA 10 -43.43 14.85 -64.98
N ALA YA 11 -44.55 15.53 -64.74
CA ALA YA 11 -45.00 16.59 -65.62
C ALA YA 11 -44.20 17.86 -65.33
N LYS YA 12 -44.32 18.84 -66.24
CA LYS YA 12 -43.55 20.07 -66.14
C LYS YA 12 -44.31 21.18 -65.39
N LYS YA 13 -45.47 21.58 -65.91
CA LYS YA 13 -46.26 22.63 -65.27
C LYS YA 13 -47.69 22.52 -65.77
N TYR YA 14 -48.61 22.21 -64.86
CA TYR YA 14 -50.02 22.05 -65.21
C TYR YA 14 -50.88 22.48 -64.04
N ASP YA 15 -51.74 23.46 -64.28
CA ASP YA 15 -52.60 24.03 -63.25
C ASP YA 15 -54.05 23.76 -63.59
N ASP YA 16 -54.85 23.56 -62.53
CA ASP YA 16 -56.28 23.33 -62.70
C ASP YA 16 -57.08 24.32 -61.87
N PRO ZA 1 -51.16 16.69 -53.03
CA PRO ZA 1 -51.33 18.12 -52.73
C PRO ZA 1 -51.85 18.91 -53.92
N PHE ZA 2 -53.15 18.90 -54.14
CA PHE ZA 2 -53.80 19.62 -55.23
C PHE ZA 2 -54.76 20.65 -54.66
N GLY ZA 3 -55.22 21.56 -55.53
CA GLY ZA 3 -56.10 22.64 -55.13
C GLY ZA 3 -57.58 22.37 -55.30
N ALA ZA 4 -57.97 21.13 -55.61
CA ALA ZA 4 -59.38 20.75 -55.68
C ALA ZA 4 -59.75 19.77 -54.58
N ASP ZA 5 -58.96 19.68 -53.53
CA ASP ZA 5 -59.21 18.78 -52.41
C ASP ZA 5 -60.43 19.22 -51.60
N ARG AB 207 -79.52 6.07 -66.66
CA ARG AB 207 -78.58 4.99 -66.42
C ARG AB 207 -78.44 4.70 -64.92
N ILE AB 208 -77.44 3.90 -64.57
CA ILE AB 208 -77.19 3.51 -63.18
C ILE AB 208 -76.12 4.42 -62.61
N ILE AB 209 -76.40 4.98 -61.43
CA ILE AB 209 -75.52 5.97 -60.83
C ILE AB 209 -74.62 5.28 -59.80
N TYR AB 210 -73.32 5.45 -59.94
CA TYR AB 210 -72.34 4.94 -59.00
C TYR AB 210 -71.78 6.09 -58.17
N TYR AB 211 -71.41 5.79 -56.93
CA TYR AB 211 -70.67 6.71 -56.08
C TYR AB 211 -69.52 5.96 -55.42
N ILE AB 212 -68.35 6.59 -55.41
CA ILE AB 212 -67.18 5.93 -54.84
C ILE AB 212 -67.40 5.69 -53.36
N GLN AB 213 -67.56 4.43 -52.99
CA GLN AB 213 -67.76 4.03 -51.60
C GLN AB 213 -66.53 4.28 -50.75
N ALA AB 214 -65.34 3.96 -51.26
CA ALA AB 214 -64.09 4.33 -50.61
C ALA AB 214 -62.95 4.12 -51.58
N VAL AB 215 -61.94 4.98 -51.49
CA VAL AB 215 -60.91 5.00 -52.51
C VAL AB 215 -59.54 5.13 -51.85
N ILE AB 216 -58.59 4.35 -52.36
CA ILE AB 216 -57.18 4.40 -51.95
C ILE AB 216 -56.34 4.51 -53.21
N PRO AB 217 -55.04 4.82 -53.13
CA PRO AB 217 -54.20 4.77 -54.33
C PRO AB 217 -54.26 3.40 -54.99
N GLY AB 218 -54.80 3.35 -56.20
CA GLY AB 218 -55.00 2.09 -56.88
C GLY AB 218 -56.46 1.67 -56.93
N ARG AB 219 -56.83 0.68 -56.13
CA ARG AB 219 -58.21 0.22 -56.13
C ARG AB 219 -59.15 1.27 -55.55
N ALA AB 220 -60.39 1.21 -56.00
CA ALA AB 220 -61.45 2.06 -55.49
C ALA AB 220 -62.73 1.24 -55.50
N TRP AB 221 -63.39 1.13 -54.35
CA TRP AB 221 -64.61 0.36 -54.25
C TRP AB 221 -65.81 1.29 -54.36
N LEU AB 222 -66.72 0.92 -55.26
CA LEU AB 222 -67.86 1.71 -55.71
C LEU AB 222 -69.15 1.03 -55.30
N ILE AB 223 -70.15 1.86 -54.97
CA ILE AB 223 -71.50 1.39 -54.68
C ILE AB 223 -72.46 2.12 -55.61
N GLY AB 224 -73.37 1.37 -56.22
CA GLY AB 224 -74.31 1.91 -57.17
C GLY AB 224 -75.69 2.11 -56.59
N SER AB 225 -76.57 2.71 -57.41
CA SER AB 225 -77.95 2.92 -57.02
C SER AB 225 -78.76 1.63 -56.97
N ASN AB 226 -78.25 0.55 -57.55
CA ASN AB 226 -78.88 -0.76 -57.47
C ASN AB 226 -78.39 -1.56 -56.28
N GLY AB 227 -77.54 -0.98 -55.44
CA GLY AB 227 -76.91 -1.70 -54.36
C GLY AB 227 -75.70 -2.51 -54.75
N SER AB 228 -75.33 -2.50 -56.03
CA SER AB 228 -74.18 -3.26 -56.48
C SER AB 228 -72.88 -2.63 -55.99
N THR AB 229 -71.89 -3.48 -55.71
CA THR AB 229 -70.57 -3.04 -55.30
C THR AB 229 -69.54 -3.55 -56.28
N LEU AB 230 -68.50 -2.75 -56.51
CA LEU AB 230 -67.49 -3.07 -57.50
C LEU AB 230 -66.14 -2.52 -57.05
N THR AB 231 -65.08 -2.98 -57.71
CA THR AB 231 -63.73 -2.51 -57.44
C THR AB 231 -63.07 -2.16 -58.76
N VAL AB 232 -62.40 -1.01 -58.81
CA VAL AB 232 -61.83 -0.50 -60.05
C VAL AB 232 -60.39 -0.09 -59.82
N ARG AB 233 -59.58 -0.22 -60.88
CA ARG AB 233 -58.17 0.13 -60.87
C ARG AB 233 -57.94 1.27 -61.87
N GLU AB 234 -56.67 1.58 -62.11
CA GLU AB 234 -56.30 2.66 -63.02
C GLU AB 234 -57.00 2.50 -64.37
N GLY AB 235 -57.00 1.29 -64.92
CA GLY AB 235 -57.75 1.01 -66.12
C GLY AB 235 -58.74 -0.13 -65.93
N SER AB 236 -60.03 0.18 -65.99
CA SER AB 236 -61.06 -0.84 -65.79
C SER AB 236 -62.35 -0.37 -66.45
N LYS AB 237 -63.09 -1.33 -67.02
CA LYS AB 237 -64.34 -1.04 -67.70
C LYS AB 237 -65.45 -0.81 -66.68
N ILE AB 238 -66.32 0.15 -66.96
CA ILE AB 238 -67.48 0.43 -66.15
C ILE AB 238 -68.69 0.45 -67.08
N PRO AB 239 -69.79 -0.20 -66.72
CA PRO AB 239 -70.98 -0.17 -67.59
C PRO AB 239 -71.54 1.24 -67.70
N GLY AB 240 -71.58 1.75 -68.94
CA GLY AB 240 -72.12 3.07 -69.20
C GLY AB 240 -71.07 4.17 -69.15
N TYR AB 241 -70.18 4.10 -68.16
CA TYR AB 241 -69.18 5.15 -68.00
C TYR AB 241 -68.00 4.98 -68.94
N GLY AB 242 -67.78 3.77 -69.45
CA GLY AB 242 -66.66 3.53 -70.34
C GLY AB 242 -65.53 2.79 -69.65
N MET AB 243 -64.34 3.40 -69.60
CA MET AB 243 -63.20 2.87 -68.88
C MET AB 243 -62.56 3.99 -68.08
N VAL AB 244 -62.08 3.67 -66.88
CA VAL AB 244 -61.54 4.69 -65.99
C VAL AB 244 -60.23 5.23 -66.55
N LYS AB 245 -60.13 6.55 -66.62
CA LYS AB 245 -58.88 7.23 -66.96
C LYS AB 245 -58.00 7.49 -65.74
N LEU AB 246 -58.58 7.86 -64.59
CA LEU AB 246 -57.75 8.08 -63.41
C LEU AB 246 -58.57 7.86 -62.14
N ILE AB 247 -57.86 7.58 -61.05
CA ILE AB 247 -58.44 7.41 -59.72
C ILE AB 247 -57.65 8.29 -58.74
N ASP AB 248 -58.21 9.45 -58.39
CA ASP AB 248 -57.66 10.33 -57.36
C ASP AB 248 -58.32 9.98 -56.03
N SER AB 249 -57.57 9.32 -55.15
CA SER AB 249 -58.03 8.97 -53.81
C SER AB 249 -58.03 10.16 -52.85
N LEU AB 250 -57.13 11.14 -53.07
CA LEU AB 250 -57.05 12.30 -52.19
C LEU AB 250 -58.34 13.09 -52.17
N GLN AB 251 -58.93 13.32 -53.34
CA GLN AB 251 -60.17 14.07 -53.46
C GLN AB 251 -61.39 13.19 -53.67
N GLY AB 252 -61.24 11.87 -53.55
CA GLY AB 252 -62.37 10.96 -53.71
C GLY AB 252 -63.02 11.05 -55.07
N ARG AB 253 -62.23 11.17 -56.13
CA ARG AB 253 -62.74 11.42 -57.47
C ARG AB 253 -62.13 10.44 -58.46
N ILE AB 254 -62.91 10.09 -59.48
CA ILE AB 254 -62.49 9.18 -60.54
C ILE AB 254 -62.91 9.77 -61.88
N LEU AB 255 -61.94 9.89 -62.80
CA LEU AB 255 -62.25 10.21 -64.19
C LEU AB 255 -62.41 8.92 -64.98
N THR AB 256 -63.52 8.81 -65.70
CA THR AB 256 -63.77 7.79 -66.71
C THR AB 256 -63.80 8.45 -68.09
N SER AB 257 -63.77 7.59 -69.12
CA SER AB 257 -63.59 8.07 -70.49
C SER AB 257 -64.71 8.99 -70.94
N SER AB 258 -65.94 8.75 -70.50
CA SER AB 258 -67.10 9.47 -70.99
C SER AB 258 -67.20 10.88 -70.45
N GLY AB 259 -66.13 11.39 -69.84
CA GLY AB 259 -66.17 12.67 -69.17
C GLY AB 259 -66.93 12.67 -67.86
N GLN AB 260 -67.67 11.62 -67.57
CA GLN AB 260 -68.40 11.51 -66.31
C GLN AB 260 -67.42 11.40 -65.16
N VAL AB 261 -67.72 12.12 -64.09
CA VAL AB 261 -66.85 12.23 -62.93
C VAL AB 261 -67.52 11.51 -61.77
N ILE AB 262 -66.83 10.52 -61.20
CA ILE AB 262 -67.37 9.75 -60.09
C ILE AB 262 -66.89 10.38 -58.80
N LYS AB 263 -67.83 10.81 -57.95
CA LYS AB 263 -67.55 11.44 -56.67
C LYS AB 263 -68.23 10.67 -55.56
N PHE AB 264 -67.80 10.96 -54.34
CA PHE AB 264 -68.49 10.47 -53.15
C PHE AB 264 -69.91 10.99 -53.14
N SER AB 265 -70.84 10.12 -52.74
CA SER AB 265 -72.24 10.49 -52.70
C SER AB 265 -72.45 11.63 -51.72
N GLN AB 266 -73.41 12.51 -52.06
CA GLN AB 266 -73.57 13.76 -51.31
C GLN AB 266 -73.94 13.51 -49.85
N GLU AB 267 -74.74 12.48 -49.59
CA GLU AB 267 -75.28 12.24 -48.25
C GLU AB 267 -74.40 11.30 -47.43
N ASP AB 268 -73.17 11.08 -47.85
CA ASP AB 268 -72.24 10.25 -47.08
C ASP AB 268 -70.87 10.90 -46.97
N SER AB 269 -70.53 11.83 -47.86
CA SER AB 269 -69.23 12.49 -47.81
C SER AB 269 -69.22 13.62 -46.79
N ALA BB 104 -36.14 57.24 3.11
CA ALA BB 104 -36.76 57.10 4.44
C ALA BB 104 -37.67 55.88 4.48
N GLU BB 105 -38.89 56.04 4.00
CA GLU BB 105 -39.87 54.97 3.94
C GLU BB 105 -40.31 54.63 2.52
N VAL BB 106 -40.00 55.50 1.55
CA VAL BB 106 -40.18 55.15 0.15
C VAL BB 106 -39.29 53.97 -0.24
N ILE BB 107 -38.20 53.73 0.51
CA ILE BB 107 -37.44 52.50 0.42
C ILE BB 107 -38.37 51.29 0.38
N ASP BB 108 -39.27 51.20 1.36
CA ASP BB 108 -40.26 50.14 1.41
C ASP BB 108 -41.14 50.13 0.16
N LYS BB 109 -41.60 51.30 -0.27
CA LYS BB 109 -42.49 51.37 -1.42
C LYS BB 109 -41.83 50.80 -2.67
N LYS BB 110 -40.58 51.18 -2.93
CA LYS BB 110 -39.93 50.69 -4.14
C LYS BB 110 -39.58 49.21 -4.02
N ALA BB 111 -39.20 48.75 -2.82
CA ALA BB 111 -39.08 47.30 -2.62
C ALA BB 111 -40.36 46.60 -3.07
N PHE BB 112 -41.50 47.12 -2.62
CA PHE BB 112 -42.72 46.37 -2.83
C PHE BB 112 -43.20 46.44 -4.26
N LYS BB 113 -43.08 47.59 -4.93
CA LYS BB 113 -43.43 47.59 -6.35
C LYS BB 113 -42.51 46.64 -7.12
N ASP BB 114 -41.21 46.70 -6.81
CA ASP BB 114 -40.27 45.79 -7.45
C ASP BB 114 -40.72 44.34 -7.32
N MET BB 115 -41.18 43.92 -6.15
CA MET BB 115 -41.43 42.48 -6.10
C MET BB 115 -42.89 42.09 -6.32
N THR BB 116 -43.84 43.02 -6.30
CA THR BB 116 -45.06 42.73 -7.06
C THR BB 116 -44.75 42.50 -8.53
N ARG BB 117 -43.64 43.06 -9.01
CA ARG BB 117 -43.07 42.57 -10.27
C ARG BB 117 -42.45 41.17 -10.12
N ASN BB 118 -41.45 40.99 -9.24
CA ASN BB 118 -40.75 39.69 -9.19
C ASN BB 118 -41.62 38.50 -8.80
N LEU BB 119 -42.16 38.42 -7.56
CA LEU BB 119 -42.72 37.14 -7.11
C LEU BB 119 -43.73 36.59 -8.11
N TYR BB 120 -44.66 37.44 -8.56
CA TYR BB 120 -45.67 37.02 -9.52
C TYR BB 120 -45.44 37.87 -10.77
N PRO BB 121 -44.64 37.36 -11.71
CA PRO BB 121 -44.09 38.21 -12.77
C PRO BB 121 -45.04 38.46 -13.92
N LEU BB 122 -46.14 37.73 -14.02
CA LEU BB 122 -47.17 37.99 -15.01
C LEU BB 122 -48.27 38.79 -14.35
N ASN BB 123 -48.34 40.08 -14.65
CA ASN BB 123 -49.50 40.85 -14.25
C ASN BB 123 -50.73 40.12 -14.80
N PRO BB 124 -51.85 40.13 -14.07
CA PRO BB 124 -52.95 39.21 -14.42
C PRO BB 124 -53.44 39.33 -15.85
N GLU BB 125 -53.14 40.44 -16.56
CA GLU BB 125 -53.34 40.47 -18.00
C GLU BB 125 -52.52 39.41 -18.70
N GLN BB 126 -51.24 39.30 -18.38
CA GLN BB 126 -50.35 38.29 -18.95
C GLN BB 126 -50.78 36.87 -18.64
N VAL BB 127 -51.39 36.61 -17.48
CA VAL BB 127 -51.75 35.23 -17.17
C VAL BB 127 -52.93 34.79 -18.04
N VAL BB 128 -53.90 35.67 -18.29
CA VAL BB 128 -54.97 35.30 -19.21
C VAL BB 128 -54.43 35.32 -20.64
N LYS BB 129 -53.41 36.14 -20.90
CA LYS BB 129 -52.70 36.05 -22.17
C LYS BB 129 -52.19 34.63 -22.39
N LEU BB 130 -51.47 34.08 -21.42
CA LEU BB 130 -50.92 32.73 -21.56
C LEU BB 130 -52.02 31.68 -21.58
N LYS BB 131 -53.06 31.85 -20.76
CA LYS BB 131 -54.19 30.92 -20.80
C LYS BB 131 -54.80 30.84 -22.18
N GLN BB 132 -55.07 32.00 -22.79
CA GLN BB 132 -55.65 32.03 -24.12
C GLN BB 132 -54.66 31.51 -25.16
N ILE BB 133 -53.37 31.82 -24.99
CA ILE BB 133 -52.37 31.34 -25.91
C ILE BB 133 -52.36 29.82 -25.93
N TYR BB 134 -52.38 29.20 -24.74
CA TYR BB 134 -52.43 27.75 -24.64
C TYR BB 134 -53.76 27.20 -25.15
N GLU BB 135 -54.85 27.94 -24.90
CA GLU BB 135 -56.16 27.58 -25.44
C GLU BB 135 -56.09 27.43 -26.95
N THR BB 136 -55.58 28.44 -27.65
CA THR BB 136 -55.41 28.36 -29.10
C THR BB 136 -54.35 27.31 -29.47
N SER BB 137 -53.32 27.17 -28.63
CA SER BB 137 -52.28 26.18 -28.87
C SER BB 137 -52.86 24.79 -29.05
N GLU BB 138 -53.55 24.29 -28.04
CA GLU BB 138 -54.02 22.91 -28.16
C GLU BB 138 -55.42 22.83 -28.76
N TYR BB 139 -56.06 23.97 -29.09
CA TYR BB 139 -57.11 23.91 -30.09
C TYR BB 139 -56.53 23.62 -31.46
N ALA BB 140 -55.43 24.29 -31.80
CA ALA BB 140 -54.72 23.94 -33.02
C ALA BB 140 -54.26 22.49 -32.97
N LYS BB 141 -53.72 22.05 -31.83
CA LYS BB 141 -53.38 20.63 -31.69
C LYS BB 141 -54.59 19.72 -31.81
N ALA BB 142 -55.78 20.23 -31.48
CA ALA BB 142 -57.00 19.46 -31.62
C ALA BB 142 -57.58 19.52 -33.03
N ALA BB 143 -57.07 20.39 -33.89
CA ALA BB 143 -57.62 20.53 -35.23
C ALA BB 143 -57.36 19.28 -36.06
N THR BB 144 -58.32 18.95 -36.92
CA THR BB 144 -58.22 17.80 -37.81
C THR BB 144 -57.82 18.26 -39.20
N PRO BB 145 -57.01 17.49 -39.94
CA PRO BB 145 -56.66 17.89 -41.31
C PRO BB 145 -57.84 17.66 -42.25
N GLY BB 146 -58.35 18.76 -42.79
CA GLY BB 146 -59.42 18.67 -43.76
C GLY BB 146 -60.76 18.32 -43.13
N THR BB 147 -61.73 18.03 -44.00
CA THR BB 147 -62.99 17.64 -43.43
C THR BB 147 -62.89 16.24 -42.82
N PRO BB 148 -63.35 16.09 -41.57
CA PRO BB 148 -63.35 14.76 -40.96
C PRO BB 148 -64.33 13.85 -41.67
N PRO BB 149 -64.21 12.55 -41.47
CA PRO BB 149 -65.19 11.63 -42.06
C PRO BB 149 -66.60 11.93 -41.56
N LYS BB 150 -67.55 11.83 -42.48
CA LYS BB 150 -68.95 11.97 -42.10
C LYS BB 150 -69.36 10.74 -41.32
N PRO BB 151 -69.93 10.89 -40.13
CA PRO BB 151 -70.36 9.72 -39.34
C PRO BB 151 -71.65 9.13 -39.90
N THR BB 152 -71.53 7.96 -40.53
CA THR BB 152 -72.69 7.32 -41.15
C THR BB 152 -72.85 5.90 -40.62
N ALA BB 153 -74.09 5.50 -40.44
CA ALA BB 153 -74.45 4.13 -40.06
C ALA BB 153 -75.17 3.51 -41.25
N THR BB 154 -74.49 2.64 -41.98
CA THR BB 154 -74.96 2.12 -43.25
C THR BB 154 -75.48 0.70 -43.08
N SER BB 155 -76.07 0.19 -44.16
CA SER BB 155 -76.52 -1.20 -44.22
C SER BB 155 -76.17 -1.73 -45.60
N GLN BB 156 -75.67 -2.95 -45.66
CA GLN BB 156 -75.20 -3.55 -46.90
C GLN BB 156 -75.69 -4.98 -47.01
N PHE BB 157 -75.94 -5.43 -48.24
CA PHE BB 157 -76.33 -6.81 -48.50
C PHE BB 157 -75.10 -7.62 -48.88
N VAL BB 158 -74.81 -8.66 -48.11
CA VAL BB 158 -73.63 -9.48 -48.32
C VAL BB 158 -73.94 -10.53 -49.37
N ASN BB 159 -73.14 -10.56 -50.43
CA ASN BB 159 -73.27 -11.55 -51.50
C ASN BB 159 -72.09 -12.49 -51.38
N LEU BB 160 -72.36 -13.79 -51.23
CA LEU BB 160 -71.33 -14.79 -50.94
C LEU BB 160 -71.06 -15.69 -52.15
N SER BB 161 -71.76 -15.48 -53.26
CA SER BB 161 -71.51 -16.25 -54.46
C SER BB 161 -70.15 -15.86 -55.07
N PRO BB 162 -69.49 -16.79 -55.77
CA PRO BB 162 -68.18 -16.49 -56.37
C PRO BB 162 -68.26 -15.32 -57.34
N GLY BB 163 -67.19 -14.52 -57.36
CA GLY BB 163 -67.11 -13.34 -58.20
C GLY BB 163 -67.52 -12.06 -57.51
N SER BB 164 -68.08 -12.14 -56.31
CA SER BB 164 -68.51 -10.97 -55.57
C SER BB 164 -67.35 -10.34 -54.82
N THR BB 165 -67.31 -9.01 -54.85
CA THR BB 165 -66.25 -8.41 -54.03
C THR BB 165 -66.68 -8.37 -52.57
N PRO BB 166 -65.73 -8.45 -51.64
CA PRO BB 166 -66.09 -8.47 -50.23
C PRO BB 166 -66.67 -7.13 -49.81
N PRO BB 167 -67.50 -7.12 -48.78
CA PRO BB 167 -67.94 -5.84 -48.19
C PRO BB 167 -66.74 -5.05 -47.68
N VAL BB 168 -66.83 -3.73 -47.84
CA VAL BB 168 -65.77 -2.82 -47.46
C VAL BB 168 -66.28 -1.86 -46.40
N ILE BB 169 -65.51 -1.70 -45.33
CA ILE BB 169 -65.91 -0.92 -44.17
C ILE BB 169 -64.96 0.26 -44.03
N ARG BB 170 -65.53 1.46 -43.97
CA ARG BB 170 -64.77 2.68 -43.74
C ARG BB 170 -64.53 2.84 -42.25
N LEU BB 171 -63.29 3.06 -41.85
CA LEU BB 171 -62.90 3.28 -40.47
C LEU BB 171 -62.20 4.62 -40.35
N SER BB 172 -61.75 4.93 -39.14
CA SER BB 172 -60.94 6.12 -38.90
C SER BB 172 -60.09 5.86 -37.66
N GLN BB 173 -58.92 6.50 -37.61
CA GLN BB 173 -57.99 6.24 -36.52
C GLN BB 173 -58.58 6.65 -35.18
N GLY BB 174 -58.79 5.68 -34.30
CA GLY BB 174 -59.28 5.94 -32.96
C GLY BB 174 -60.78 6.08 -32.82
N PHE BB 175 -61.56 5.56 -33.78
CA PHE BB 175 -63.01 5.64 -33.72
C PHE BB 175 -63.62 4.24 -33.82
N VAL BB 176 -64.69 4.04 -33.06
CA VAL BB 176 -65.34 2.74 -32.99
C VAL BB 176 -66.25 2.56 -34.20
N SER BB 177 -66.12 1.41 -34.86
CA SER BB 177 -67.03 0.99 -35.92
C SER BB 177 -67.59 -0.37 -35.54
N SER BB 178 -68.90 -0.45 -35.43
CA SER BB 178 -69.56 -1.66 -34.95
C SER BB 178 -70.20 -2.39 -36.14
N LEU BB 179 -69.86 -3.66 -36.29
CA LEU BB 179 -70.45 -4.48 -37.33
C LEU BB 179 -71.43 -5.46 -36.70
N VAL BB 180 -72.68 -5.38 -37.11
CA VAL BB 180 -73.72 -6.29 -36.66
C VAL BB 180 -74.08 -7.23 -37.81
N PHE BB 181 -74.24 -8.50 -37.48
CA PHE BB 181 -74.42 -9.55 -38.46
C PHE BB 181 -75.87 -10.02 -38.45
N LEU BB 182 -76.51 -9.95 -39.62
CA LEU BB 182 -77.94 -10.13 -39.76
C LEU BB 182 -78.20 -11.12 -40.88
N ASP BB 183 -79.19 -11.98 -40.70
CA ASP BB 183 -79.53 -12.93 -41.74
C ASP BB 183 -80.45 -12.26 -42.77
N SER BB 184 -80.95 -13.04 -43.71
CA SER BB 184 -81.83 -12.48 -44.74
C SER BB 184 -83.13 -11.97 -44.13
N THR BB 185 -83.63 -12.61 -43.07
CA THR BB 185 -84.86 -12.17 -42.43
C THR BB 185 -84.63 -11.07 -41.40
N GLY BB 186 -83.40 -10.60 -41.23
CA GLY BB 186 -83.14 -9.47 -40.36
C GLY BB 186 -82.93 -9.80 -38.90
N ALA BB 187 -82.89 -11.07 -38.54
CA ALA BB 187 -82.60 -11.55 -37.21
C ALA BB 187 -81.10 -11.73 -37.02
N PRO BB 188 -80.60 -11.61 -35.78
CA PRO BB 188 -79.16 -11.67 -35.56
C PRO BB 188 -78.55 -13.03 -35.91
N TRP BB 189 -77.30 -13.00 -36.33
CA TRP BB 189 -76.45 -14.20 -36.45
C TRP BB 189 -75.35 -14.12 -35.41
N PRO BB 190 -75.41 -14.91 -34.34
CA PRO BB 190 -74.25 -15.00 -33.43
C PRO BB 190 -73.01 -15.47 -34.18
N ILE BB 191 -71.86 -14.98 -33.75
CA ILE BB 191 -70.58 -15.24 -34.41
C ILE BB 191 -70.03 -16.56 -33.88
N ALA BB 192 -69.50 -17.39 -34.79
CA ALA BB 192 -68.66 -18.48 -34.34
C ALA BB 192 -67.31 -17.96 -33.89
N ALA BB 193 -66.61 -17.24 -34.76
CA ALA BB 193 -65.28 -16.72 -34.43
C ALA BB 193 -64.86 -15.79 -35.57
N TYR BB 194 -63.75 -15.08 -35.35
CA TYR BB 194 -63.20 -14.18 -36.35
C TYR BB 194 -61.69 -14.36 -36.39
N ASP BB 195 -61.11 -14.01 -37.52
CA ASP BB 195 -59.67 -13.92 -37.71
C ASP BB 195 -59.38 -12.67 -38.52
N LEU BB 196 -58.72 -11.69 -37.89
CA LEU BB 196 -58.42 -10.42 -38.55
C LEU BB 196 -56.98 -10.42 -39.05
N GLY BB 197 -56.78 -9.89 -40.26
CA GLY BB 197 -55.44 -9.72 -40.78
C GLY BB 197 -54.84 -8.41 -40.30
N ASP BB 198 -53.57 -8.45 -39.91
CA ASP BB 198 -52.80 -7.29 -39.47
C ASP BB 198 -53.48 -6.56 -38.32
N PRO BB 199 -53.59 -7.17 -37.14
CA PRO BB 199 -54.13 -6.44 -35.98
C PRO BB 199 -53.15 -5.48 -35.33
N SER BB 200 -52.00 -5.20 -35.93
CA SER BB 200 -51.17 -4.10 -35.46
C SER BB 200 -51.71 -2.76 -35.95
N SER BB 201 -52.61 -2.78 -36.93
CA SER BB 201 -53.26 -1.57 -37.42
C SER BB 201 -54.72 -1.51 -37.01
N PHE BB 202 -55.32 -2.63 -36.59
CA PHE BB 202 -56.72 -2.69 -36.22
C PHE BB 202 -56.84 -3.36 -34.87
N ASN BB 203 -57.78 -2.89 -34.04
CA ASN BB 203 -58.02 -3.49 -32.74
C ASN BB 203 -59.50 -3.84 -32.63
N ILE BB 204 -59.78 -5.12 -32.40
CA ILE BB 204 -61.13 -5.68 -32.47
C ILE BB 204 -61.51 -6.20 -31.09
N GLN BB 205 -62.70 -5.84 -30.64
CA GLN BB 205 -63.28 -6.40 -29.42
C GLN BB 205 -64.65 -7.00 -29.73
N TRP BB 206 -65.00 -8.01 -28.93
CA TRP BB 206 -66.25 -8.73 -29.10
C TRP BB 206 -66.47 -9.58 -27.84
N ASP BB 207 -67.62 -9.40 -27.19
CA ASP BB 207 -68.02 -10.35 -26.15
C ASP BB 207 -68.36 -11.67 -26.82
N LYS BB 208 -67.84 -12.77 -26.27
CA LYS BB 208 -67.66 -13.99 -27.03
C LYS BB 208 -68.97 -14.61 -27.51
N THR BB 209 -70.12 -14.18 -26.99
CA THR BB 209 -71.40 -14.78 -27.37
C THR BB 209 -72.15 -13.97 -28.43
N SER BB 210 -71.97 -12.65 -28.43
CA SER BB 210 -72.87 -11.77 -29.18
C SER BB 210 -72.58 -11.84 -30.69
N ASN BB 211 -73.25 -10.94 -31.41
CA ASN BB 211 -73.06 -10.77 -32.84
C ASN BB 211 -72.64 -9.34 -33.21
N THR BB 212 -71.81 -8.71 -32.39
CA THR BB 212 -71.32 -7.37 -32.65
C THR BB 212 -69.81 -7.35 -32.58
N LEU BB 213 -69.18 -6.94 -33.68
CA LEU BB 213 -67.73 -6.86 -33.78
C LEU BB 213 -67.35 -5.38 -33.79
N MET BB 214 -66.71 -4.90 -32.73
CA MET BB 214 -66.41 -3.47 -32.66
C MET BB 214 -64.92 -3.30 -32.94
N ILE BB 215 -64.59 -2.49 -33.93
CA ILE BB 215 -63.27 -2.42 -34.52
C ILE BB 215 -62.82 -0.97 -34.52
N GLN BB 216 -61.56 -0.72 -34.19
CA GLN BB 216 -60.98 0.61 -34.32
C GLN BB 216 -59.74 0.51 -35.19
N ALA BB 217 -59.46 1.57 -35.94
CA ALA BB 217 -58.20 1.67 -36.66
C ALA BB 217 -57.15 2.28 -35.75
N THR BB 218 -56.16 1.48 -35.37
CA THR BB 218 -55.02 1.99 -34.61
C THR BB 218 -54.02 2.73 -35.48
N LYS BB 219 -54.21 2.73 -36.79
CA LYS BB 219 -53.35 3.43 -37.73
C LYS BB 219 -54.21 4.26 -38.68
N LEU BB 220 -53.60 5.30 -39.25
CA LEU BB 220 -54.38 6.29 -40.00
C LEU BB 220 -55.04 5.68 -41.22
N TYR BB 221 -54.25 5.18 -42.17
CA TYR BB 221 -54.78 4.70 -43.44
C TYR BB 221 -54.38 3.28 -43.82
N ASN BB 222 -53.59 2.60 -43.01
CA ASN BB 222 -53.24 1.22 -43.32
C ASN BB 222 -54.48 0.33 -43.24
N TYR BB 223 -54.87 -0.22 -44.38
CA TYR BB 223 -56.08 -1.04 -44.51
C TYR BB 223 -55.72 -2.51 -44.49
N GLY BB 224 -56.74 -3.34 -44.29
CA GLY BB 224 -56.56 -4.77 -44.27
C GLY BB 224 -57.85 -5.49 -44.56
N ASN BB 225 -57.93 -6.73 -44.09
CA ASN BB 225 -59.14 -7.53 -44.25
C ASN BB 225 -59.34 -8.42 -43.04
N LEU BB 226 -60.52 -9.02 -42.95
CA LEU BB 226 -60.93 -9.74 -41.76
C LEU BB 226 -61.96 -10.79 -42.17
N ALA BB 227 -61.70 -12.04 -41.81
CA ALA BB 227 -62.62 -13.15 -42.04
C ALA BB 227 -63.40 -13.40 -40.75
N VAL BB 228 -64.68 -13.76 -40.89
CA VAL BB 228 -65.53 -14.02 -39.73
C VAL BB 228 -66.47 -15.17 -40.06
N ARG BB 229 -66.23 -16.33 -39.45
CA ARG BB 229 -67.13 -17.48 -39.55
C ARG BB 229 -68.22 -17.40 -38.48
N LEU BB 230 -69.45 -17.67 -38.89
CA LEU BB 230 -70.65 -17.41 -38.12
C LEU BB 230 -71.16 -18.73 -37.54
N ARG BB 231 -72.30 -18.71 -36.86
CA ARG BB 231 -72.84 -19.94 -36.29
C ARG BB 231 -73.24 -20.91 -37.39
N GLY BB 232 -74.04 -20.45 -38.36
CA GLY BB 232 -74.63 -21.33 -39.35
C GLY BB 232 -73.88 -21.51 -40.65
N LEU BB 233 -72.89 -20.67 -40.95
CA LEU BB 233 -72.21 -20.77 -42.24
C LEU BB 233 -70.97 -21.64 -42.15
N ASN BB 234 -70.90 -22.62 -43.06
CA ASN BB 234 -69.65 -23.31 -43.34
C ASN BB 234 -68.60 -22.35 -43.90
N THR BB 235 -69.02 -21.46 -44.79
CA THR BB 235 -68.12 -20.49 -45.40
C THR BB 235 -68.17 -19.17 -44.64
N PRO BB 236 -67.04 -18.65 -44.17
CA PRO BB 236 -67.06 -17.38 -43.41
C PRO BB 236 -67.29 -16.18 -44.31
N VAL BB 237 -67.22 -15.01 -43.69
CA VAL BB 237 -67.53 -13.74 -44.35
C VAL BB 237 -66.26 -12.89 -44.39
N MET BB 238 -65.92 -12.38 -45.56
CA MET BB 238 -64.75 -11.53 -45.73
C MET BB 238 -65.19 -10.07 -45.65
N LEU BB 239 -64.37 -9.22 -45.04
CA LEU BB 239 -64.57 -7.78 -45.08
C LEU BB 239 -63.23 -7.06 -45.16
N THR BB 240 -63.13 -6.16 -46.12
CA THR BB 240 -61.94 -5.31 -46.25
C THR BB 240 -62.17 -4.00 -45.52
N LEU BB 241 -61.27 -3.70 -44.59
CA LEU BB 241 -61.40 -2.58 -43.68
C LEU BB 241 -60.40 -1.52 -44.10
N ILE BB 242 -60.89 -0.34 -44.47
CA ILE BB 242 -60.06 0.75 -44.95
C ILE BB 242 -60.25 1.94 -44.02
N PRO BB 243 -59.21 2.41 -43.34
CA PRO BB 243 -59.33 3.61 -42.52
C PRO BB 243 -58.93 4.87 -43.29
N GLY BB 244 -59.24 6.01 -42.70
CA GLY BB 244 -58.88 7.29 -43.29
C GLY BB 244 -59.68 7.69 -44.50
N GLN BB 245 -60.95 7.34 -44.56
CA GLN BB 245 -61.81 7.73 -45.66
C GLN BB 245 -62.61 8.99 -45.30
N LYS BB 246 -63.31 9.53 -46.29
CA LYS BB 246 -64.17 10.69 -46.08
C LYS BB 246 -65.43 10.35 -45.29
N ALA BB 247 -65.64 9.08 -44.97
CA ALA BB 247 -66.77 8.66 -44.16
C ALA BB 247 -66.27 7.69 -43.09
N VAL BB 248 -66.95 7.68 -41.95
CA VAL BB 248 -66.67 6.73 -40.88
C VAL BB 248 -67.94 5.93 -40.62
N ASP BB 249 -67.83 4.62 -40.77
CA ASP BB 249 -68.96 3.70 -40.58
C ASP BB 249 -69.13 3.44 -39.10
N TYR BB 250 -69.95 4.26 -38.43
CA TYR BB 250 -70.23 4.04 -37.02
C TYR BB 250 -70.88 2.68 -36.79
N ARG BB 251 -71.62 2.18 -37.78
CA ARG BB 251 -72.25 0.87 -37.68
C ARG BB 251 -72.62 0.42 -39.09
N VAL BB 252 -72.44 -0.88 -39.36
CA VAL BB 252 -72.77 -1.47 -40.64
C VAL BB 252 -73.74 -2.61 -40.39
N ASP BB 253 -74.95 -2.50 -40.94
CA ASP BB 253 -75.94 -3.57 -40.84
C ASP BB 253 -75.78 -4.48 -42.05
N LEU BB 254 -74.81 -5.39 -41.98
CA LEU BB 254 -74.52 -6.30 -43.08
C LEU BB 254 -75.57 -7.41 -43.07
N ARG BB 255 -76.09 -7.73 -44.24
CA ARG BB 255 -77.21 -8.66 -44.39
C ARG BB 255 -76.70 -9.92 -45.09
N VAL BB 256 -76.37 -10.93 -44.27
CA VAL BB 256 -75.82 -12.16 -44.81
C VAL BB 256 -76.84 -12.85 -45.70
N GLN BB 257 -76.32 -13.62 -46.65
CA GLN BB 257 -77.14 -14.23 -47.70
C GLN BB 257 -78.03 -15.34 -47.16
N GLY BB 258 -77.62 -16.01 -46.08
CA GLY BB 258 -78.32 -17.18 -45.59
C GLY BB 258 -79.38 -16.88 -44.54
N TYR BB 259 -79.87 -17.95 -43.91
CA TYR BB 259 -80.83 -17.87 -42.82
C TYR BB 259 -80.18 -18.43 -41.57
N GLY BB 260 -80.17 -17.65 -40.48
CA GLY BB 260 -79.46 -18.02 -39.28
C GLY BB 260 -80.28 -18.83 -38.30
N PRO BB 261 -79.77 -19.04 -37.09
CA PRO BB 261 -80.53 -19.75 -36.06
C PRO BB 261 -81.72 -18.98 -35.50
N ASN BB 262 -81.93 -17.75 -35.95
CA ASN BB 262 -83.09 -16.95 -35.56
C ASN BB 262 -83.87 -16.62 -36.83
N ALA BB 263 -85.12 -17.07 -36.89
CA ALA BB 263 -85.94 -16.84 -38.08
C ALA BB 263 -87.24 -16.12 -37.76
N CYS CB 1 -40.29 -1.21 -75.03
CA CYS CB 1 -40.78 -2.08 -73.98
C CYS CB 1 -40.36 -3.52 -74.17
N THR CB 2 -41.32 -4.35 -74.60
CA THR CB 2 -41.10 -5.77 -74.79
C THR CB 2 -40.01 -6.05 -75.82
N ASP CB 3 -39.79 -5.13 -76.75
CA ASP CB 3 -38.76 -5.33 -77.76
C ASP CB 3 -37.38 -5.46 -77.14
N ALA CB 4 -37.10 -4.69 -76.09
CA ALA CB 4 -35.80 -4.78 -75.43
C ALA CB 4 -35.59 -6.15 -74.80
N ALA CB 5 -36.58 -6.65 -74.06
CA ALA CB 5 -36.45 -7.97 -73.44
C ALA CB 5 -36.33 -9.07 -74.49
N LEU CB 6 -37.13 -8.97 -75.56
CA LEU CB 6 -37.08 -10.00 -76.60
C LEU CB 6 -35.75 -9.97 -77.34
N ALA CB 7 -35.22 -8.77 -77.61
CA ALA CB 7 -33.91 -8.67 -78.24
C ALA CB 7 -32.81 -9.21 -77.35
N ALA CB 8 -32.89 -8.93 -76.04
CA ALA CB 8 -31.92 -9.52 -75.11
C ALA CB 8 -32.03 -11.04 -75.12
N LEU CB 9 -33.25 -11.57 -75.20
CA LEU CB 9 -33.44 -13.01 -75.27
C LEU CB 9 -32.78 -13.61 -76.51
N GLU CB 10 -33.02 -13.00 -77.68
CA GLU CB 10 -32.42 -13.58 -78.89
C GLU CB 10 -30.91 -13.44 -78.88
N TYR CB 11 -30.38 -12.34 -78.35
CA TYR CB 11 -28.94 -12.17 -78.32
C TYR CB 11 -28.29 -13.08 -77.29
N HIS CB 12 -29.03 -13.45 -76.23
CA HIS CB 12 -28.53 -14.44 -75.29
C HIS CB 12 -28.56 -15.84 -75.88
N LYS CB 13 -29.65 -16.19 -76.58
CA LYS CB 13 -29.75 -17.52 -77.18
C LYS CB 13 -28.84 -17.67 -78.40
N SER CB 14 -28.39 -16.55 -78.98
CA SER CB 14 -27.48 -16.62 -80.12
C SER CB 14 -26.03 -16.73 -79.69
N ASN CB 15 -25.69 -16.20 -78.51
CA ASN CB 15 -24.34 -16.27 -77.96
C ASN CB 15 -24.34 -17.28 -76.83
N ALA CB 16 -23.70 -18.43 -77.05
CA ALA CB 16 -23.71 -19.52 -76.10
C ALA CB 16 -22.89 -19.22 -74.85
N CYS DB 1 -35.15 -17.56 -69.41
CA CYS DB 1 -33.76 -17.13 -69.29
C CYS DB 1 -33.66 -15.66 -68.94
N VAL DB 2 -34.74 -14.92 -69.19
CA VAL DB 2 -34.78 -13.48 -68.94
C VAL DB 2 -35.34 -13.23 -67.55
N SER DB 3 -34.57 -12.53 -66.72
CA SER DB 3 -35.08 -11.95 -65.49
C SER DB 3 -35.32 -10.47 -65.76
N MET DB 4 -36.54 -10.17 -66.20
CA MET DB 4 -36.84 -8.86 -66.78
C MET DB 4 -36.80 -7.73 -65.75
N ILE DB 5 -36.86 -8.06 -64.44
CA ILE DB 5 -36.83 -7.00 -63.45
C ILE DB 5 -35.47 -6.32 -63.45
N GLY DB 6 -34.46 -7.01 -63.97
CA GLY DB 6 -33.21 -6.36 -64.31
C GLY DB 6 -33.31 -5.75 -65.70
N GLY DB 7 -34.46 -5.15 -65.99
CA GLY DB 7 -34.72 -4.62 -67.30
C GLY DB 7 -34.42 -3.13 -67.40
N SER DB 8 -34.03 -2.72 -68.60
CA SER DB 8 -33.75 -1.31 -68.88
C SER DB 8 -34.30 -1.01 -70.25
N ARG DB 9 -35.05 0.08 -70.37
CA ARG DB 9 -35.70 0.42 -71.63
C ARG DB 9 -34.75 1.22 -72.53
N ARG EB 1 -29.53 -6.91 -68.59
CA ARG EB 1 -30.17 -8.18 -68.28
C ARG EB 1 -29.11 -9.27 -68.06
N VAL EB 2 -29.40 -10.22 -67.19
CA VAL EB 2 -28.47 -11.29 -66.84
C VAL EB 2 -29.17 -12.63 -66.98
N SER EB 3 -28.48 -13.61 -67.55
CA SER EB 3 -29.03 -14.92 -67.80
C SER EB 3 -28.84 -15.82 -66.58
N ILE EB 4 -29.09 -17.11 -66.75
CA ILE EB 4 -28.91 -18.07 -65.67
C ILE EB 4 -27.53 -18.72 -65.74
N GLY EB 5 -26.87 -18.61 -66.89
CA GLY EB 5 -25.48 -19.03 -66.99
C GLY EB 5 -24.52 -18.17 -66.21
N GLY EB 6 -24.99 -17.06 -65.66
CA GLY EB 6 -24.18 -16.15 -64.86
C GLY EB 6 -23.54 -15.04 -65.68
N THR EB 7 -23.40 -15.25 -66.98
CA THR EB 7 -22.88 -14.22 -67.87
C THR EB 7 -23.98 -13.22 -68.20
N VAL EB 8 -23.56 -11.99 -68.48
CA VAL EB 8 -24.48 -10.87 -68.69
C VAL EB 8 -24.78 -10.76 -70.18
N TYR EB 9 -26.05 -10.67 -70.51
CA TYR EB 9 -26.50 -10.38 -71.87
C TYR EB 9 -27.58 -9.31 -71.83
N THR EB 10 -27.27 -8.14 -72.37
CA THR EB 10 -28.18 -7.00 -72.32
C THR EB 10 -28.46 -6.50 -73.73
N ALA EB 11 -29.67 -5.97 -73.91
CA ALA EB 11 -30.00 -5.25 -75.13
C ALA EB 11 -29.36 -3.86 -75.09
N LYS EB 12 -29.34 -3.20 -76.25
CA LYS EB 12 -28.70 -1.90 -76.38
C LYS EB 12 -29.67 -0.75 -76.14
N LYS EB 13 -30.72 -0.66 -76.95
CA LYS EB 13 -31.70 0.42 -76.79
C LYS EB 13 -32.97 0.03 -77.53
N TYR EB 14 -34.07 -0.13 -76.79
CA TYR EB 14 -35.36 -0.44 -77.38
C TYR EB 14 -36.45 0.15 -76.51
N ASP EB 15 -37.39 0.87 -77.12
CA ASP EB 15 -38.50 1.50 -76.42
C ASP EB 15 -39.80 1.25 -77.17
N ASP EB 16 -40.90 1.39 -76.47
CA ASP EB 16 -42.23 1.20 -77.06
C ASP EB 16 -43.21 2.25 -76.53
N PRO FB 1 -38.57 -2.40 -64.07
CA PRO FB 1 -38.72 -1.00 -64.47
C PRO FB 1 -39.27 -0.88 -65.89
N PHE FB 2 -40.52 -1.28 -66.09
CA PHE FB 2 -41.15 -1.33 -67.40
C PHE FB 2 -42.18 -0.22 -67.52
N GLY FB 3 -42.58 0.07 -68.76
CA GLY FB 3 -43.50 1.15 -69.04
C GLY FB 3 -44.92 0.75 -69.35
N ALA FB 4 -45.18 -0.53 -69.58
CA ALA FB 4 -46.53 -1.04 -69.80
C ALA FB 4 -47.15 -1.56 -68.51
N ASP FB 5 -46.56 -1.22 -67.37
CA ASP FB 5 -47.04 -1.68 -66.07
C ASP FB 5 -48.40 -1.07 -65.75
N ARG GB 207 -63.15 -20.10 -80.25
CA ARG GB 207 -62.02 -20.71 -79.56
C ARG GB 207 -62.10 -20.49 -78.05
N ILE GB 208 -61.15 -21.06 -77.31
CA ILE GB 208 -61.18 -21.05 -75.86
C ILE GB 208 -60.17 -20.03 -75.36
N ILE GB 209 -60.64 -19.02 -74.64
CA ILE GB 209 -59.80 -17.94 -74.14
C ILE GB 209 -59.36 -18.28 -72.73
N TYR GB 210 -58.05 -18.35 -72.51
CA TYR GB 210 -57.50 -18.54 -71.17
C TYR GB 210 -56.96 -17.23 -70.65
N TYR GB 211 -57.34 -16.87 -69.42
CA TYR GB 211 -56.86 -15.69 -68.74
C TYR GB 211 -55.93 -16.10 -67.62
N ILE GB 212 -54.92 -15.26 -67.37
CA ILE GB 212 -53.91 -15.59 -66.38
C ILE GB 212 -54.51 -15.61 -64.98
N GLN GB 213 -54.20 -16.66 -64.22
CA GLN GB 213 -54.48 -16.70 -62.80
C GLN GB 213 -53.31 -16.24 -61.94
N ALA GB 214 -52.08 -16.57 -62.33
CA ALA GB 214 -50.91 -16.08 -61.59
C ALA GB 214 -49.69 -16.17 -62.49
N VAL GB 215 -48.69 -15.33 -62.18
CA VAL GB 215 -47.46 -15.28 -62.96
C VAL GB 215 -46.31 -14.89 -62.03
N ILE GB 216 -45.18 -15.57 -62.20
CA ILE GB 216 -43.90 -15.12 -61.65
C ILE GB 216 -42.88 -15.25 -62.76
N PRO GB 217 -41.66 -14.74 -62.60
CA PRO GB 217 -40.62 -15.02 -63.60
C PRO GB 217 -40.44 -16.51 -63.84
N GLY GB 218 -40.74 -16.95 -65.06
CA GLY GB 218 -40.72 -18.36 -65.39
C GLY GB 218 -42.10 -18.95 -65.57
N ARG GB 219 -42.61 -19.67 -64.56
CA ARG GB 219 -43.91 -20.30 -64.70
C ARG GB 219 -45.03 -19.27 -64.72
N ALA GB 220 -46.14 -19.66 -65.32
CA ALA GB 220 -47.36 -18.86 -65.36
C ALA GB 220 -48.53 -19.83 -65.31
N TRP GB 221 -49.41 -19.65 -64.33
CA TRP GB 221 -50.56 -20.52 -64.18
C TRP GB 221 -51.79 -19.81 -64.76
N LEU GB 222 -52.45 -20.51 -65.68
CA LEU GB 222 -53.49 -20.01 -66.56
C LEU GB 222 -54.76 -20.80 -66.37
N ILE GB 223 -55.89 -20.09 -66.40
CA ILE GB 223 -57.21 -20.68 -66.29
C ILE GB 223 -57.97 -20.37 -67.57
N GLY GB 224 -58.68 -21.36 -68.09
CA GLY GB 224 -59.36 -21.23 -69.36
C GLY GB 224 -60.82 -20.84 -69.23
N SER GB 225 -61.48 -20.72 -70.38
CA SER GB 225 -62.92 -20.54 -70.43
C SER GB 225 -63.69 -21.81 -70.10
N ASN GB 226 -63.03 -22.97 -70.18
CA ASN GB 226 -63.64 -24.24 -69.81
C ASN GB 226 -63.23 -24.71 -68.43
N GLY GB 227 -62.48 -23.89 -67.68
CA GLY GB 227 -62.04 -24.24 -66.36
C GLY GB 227 -60.74 -25.01 -66.28
N SER GB 228 -60.15 -25.36 -67.42
CA SER GB 228 -58.89 -26.09 -67.39
C SER GB 228 -57.76 -25.18 -66.90
N THR GB 229 -56.85 -25.77 -66.14
CA THR GB 229 -55.75 -25.04 -65.54
C THR GB 229 -54.42 -25.59 -66.04
N LEU GB 230 -53.45 -24.69 -66.21
CA LEU GB 230 -52.17 -25.06 -66.80
C LEU GB 230 -51.07 -24.18 -66.22
N THR GB 231 -49.83 -24.65 -66.34
CA THR GB 231 -48.66 -23.86 -66.01
C THR GB 231 -47.68 -23.91 -67.17
N VAL GB 232 -47.07 -22.77 -67.49
CA VAL GB 232 -46.29 -22.61 -68.70
C VAL GB 232 -44.96 -21.95 -68.37
N ARG GB 233 -43.96 -22.23 -69.20
CA ARG GB 233 -42.61 -21.67 -69.08
C ARG GB 233 -42.32 -20.85 -70.34
N GLU GB 234 -41.05 -20.46 -70.50
CA GLU GB 234 -40.61 -19.70 -71.66
C GLU GB 234 -41.11 -20.36 -72.95
N GLY GB 235 -40.69 -21.59 -73.21
CA GLY GB 235 -41.12 -22.28 -74.40
C GLY GB 235 -42.05 -23.45 -74.13
N SER GB 236 -43.32 -23.30 -74.47
CA SER GB 236 -44.30 -24.37 -74.28
C SER GB 236 -45.40 -24.22 -75.32
N LYS GB 237 -45.98 -25.36 -75.71
CA LYS GB 237 -47.09 -25.38 -76.64
C LYS GB 237 -48.40 -25.13 -75.92
N ILE GB 238 -49.11 -24.09 -76.33
CA ILE GB 238 -50.45 -23.79 -75.86
C ILE GB 238 -51.40 -24.06 -77.01
N PRO GB 239 -52.51 -24.77 -76.81
CA PRO GB 239 -53.45 -25.00 -77.91
C PRO GB 239 -53.96 -23.69 -78.49
N GLY GB 240 -53.77 -23.52 -79.79
CA GLY GB 240 -54.25 -22.35 -80.50
C GLY GB 240 -53.25 -21.23 -80.64
N TYR GB 241 -52.77 -20.68 -79.52
CA TYR GB 241 -51.81 -19.58 -79.61
C TYR GB 241 -50.44 -20.04 -80.08
N GLY GB 242 -50.21 -21.35 -80.15
CA GLY GB 242 -48.94 -21.85 -80.61
C GLY GB 242 -47.97 -22.12 -79.49
N MET GB 243 -46.93 -21.29 -79.40
CA MET GB 243 -45.90 -21.41 -78.38
C MET GB 243 -45.71 -20.07 -77.68
N VAL GB 244 -45.44 -20.11 -76.38
CA VAL GB 244 -45.18 -18.87 -75.66
C VAL GB 244 -43.85 -18.29 -76.11
N LYS GB 245 -43.85 -17.02 -76.46
CA LYS GB 245 -42.63 -16.31 -76.82
C LYS GB 245 -41.95 -15.64 -75.63
N LEU GB 246 -42.73 -15.06 -74.72
CA LEU GB 246 -42.13 -14.40 -73.57
C LEU GB 246 -43.19 -14.21 -72.49
N ILE GB 247 -42.76 -14.29 -71.23
CA ILE GB 247 -43.62 -14.07 -70.07
C ILE GB 247 -43.12 -12.83 -69.35
N ASP GB 248 -43.96 -11.80 -69.30
CA ASP GB 248 -43.64 -10.53 -68.65
C ASP GB 248 -44.39 -10.53 -67.31
N SER GB 249 -43.65 -10.76 -66.23
CA SER GB 249 -44.27 -11.09 -64.95
C SER GB 249 -44.92 -9.89 -64.25
N LEU GB 250 -44.19 -8.80 -64.05
CA LEU GB 250 -44.76 -7.65 -63.34
C LEU GB 250 -45.92 -7.04 -64.10
N GLN GB 251 -45.89 -7.07 -65.43
CA GLN GB 251 -47.02 -6.61 -66.22
C GLN GB 251 -48.14 -7.63 -66.32
N GLY GB 252 -47.89 -8.87 -65.90
CA GLY GB 252 -48.89 -9.92 -66.02
C GLY GB 252 -49.27 -10.20 -67.46
N ARG GB 253 -48.29 -10.31 -68.35
CA ARG GB 253 -48.51 -10.42 -69.78
C ARG GB 253 -47.79 -11.67 -70.30
N ILE GB 254 -48.38 -12.29 -71.32
CA ILE GB 254 -47.72 -13.37 -72.05
C ILE GB 254 -47.81 -13.04 -73.53
N LEU GB 255 -46.66 -12.94 -74.19
CA LEU GB 255 -46.61 -12.79 -75.64
C LEU GB 255 -46.37 -14.16 -76.25
N THR GB 256 -47.25 -14.56 -77.17
CA THR GB 256 -47.19 -15.85 -77.82
C THR GB 256 -46.78 -15.69 -79.28
N SER GB 257 -46.53 -16.84 -79.92
CA SER GB 257 -46.09 -16.84 -81.32
C SER GB 257 -47.17 -16.29 -82.25
N SER GB 258 -48.43 -16.62 -81.99
CA SER GB 258 -49.54 -16.23 -82.86
C SER GB 258 -49.91 -14.75 -82.72
N GLY GB 259 -49.10 -13.98 -81.99
CA GLY GB 259 -49.37 -12.58 -81.78
C GLY GB 259 -50.41 -12.27 -80.75
N GLN GB 260 -51.23 -13.25 -80.35
CA GLN GB 260 -52.21 -13.03 -79.31
C GLN GB 260 -51.53 -12.79 -77.97
N VAL GB 261 -51.97 -11.75 -77.27
CA VAL GB 261 -51.42 -11.38 -75.98
C VAL GB 261 -52.35 -11.88 -74.89
N ILE GB 262 -51.80 -12.64 -73.95
CA ILE GB 262 -52.58 -13.19 -72.84
C ILE GB 262 -52.38 -12.30 -71.62
N LYS GB 263 -53.48 -11.81 -71.05
CA LYS GB 263 -53.45 -10.93 -69.91
C LYS GB 263 -54.30 -11.51 -68.79
N PHE GB 264 -54.20 -10.90 -67.62
CA PHE GB 264 -55.13 -11.21 -66.54
C PHE GB 264 -56.55 -10.89 -66.97
N SER GB 265 -57.48 -11.71 -66.50
CA SER GB 265 -58.89 -11.47 -66.77
C SER GB 265 -59.29 -10.10 -66.26
N GLN GB 266 -60.15 -9.41 -67.03
CA GLN GB 266 -60.55 -8.06 -66.64
C GLN GB 266 -61.31 -8.07 -65.32
N GLU GB 267 -62.20 -9.05 -65.12
CA GLU GB 267 -62.92 -9.21 -63.87
C GLU GB 267 -62.09 -9.93 -62.81
N ASP GB 268 -60.82 -10.24 -63.10
CA ASP GB 268 -59.91 -10.77 -62.11
C ASP GB 268 -58.81 -9.81 -61.72
N SER GB 269 -58.32 -8.98 -62.65
CA SER GB 269 -57.28 -8.01 -62.37
C SER GB 269 -57.90 -6.73 -61.83
N ALA HB 104 -39.34 51.64 -19.03
CA ALA HB 104 -40.41 51.71 -18.04
C ALA HB 104 -41.20 50.41 -18.00
N GLU HB 105 -42.39 50.43 -18.59
CA GLU HB 105 -43.26 49.26 -18.63
C GLU HB 105 -43.32 48.61 -20.01
N VAL HB 106 -42.56 49.12 -20.98
CA VAL HB 106 -42.50 48.50 -22.30
C VAL HB 106 -41.69 47.20 -22.26
N ILE HB 107 -40.79 47.07 -21.29
CA ILE HB 107 -40.04 45.82 -21.12
C ILE HB 107 -40.99 44.65 -20.96
N ASP HB 108 -42.08 44.85 -20.23
CA ASP HB 108 -43.07 43.78 -20.07
C ASP HB 108 -43.61 43.32 -21.41
N LYS HB 109 -44.06 44.25 -22.27
CA LYS HB 109 -44.65 43.83 -23.53
C LYS HB 109 -43.63 43.15 -24.43
N LYS HB 110 -42.43 43.74 -24.59
CA LYS HB 110 -41.49 43.12 -25.52
C LYS HB 110 -41.01 41.76 -25.02
N ALA HB 111 -40.73 41.66 -23.71
CA ALA HB 111 -40.30 40.37 -23.17
C ALA HB 111 -41.41 39.33 -23.26
N PHE HB 112 -42.66 39.72 -23.02
CA PHE HB 112 -43.73 38.74 -23.13
C PHE HB 112 -43.94 38.31 -24.58
N LYS HB 113 -43.71 39.21 -25.53
CA LYS HB 113 -43.77 38.81 -26.93
C LYS HB 113 -42.69 37.77 -27.21
N ASP HB 114 -41.48 38.02 -26.74
CA ASP HB 114 -40.44 36.99 -26.78
C ASP HB 114 -40.90 35.71 -26.09
N MET HB 115 -41.76 35.85 -25.09
CA MET HB 115 -42.19 34.71 -24.28
C MET HB 115 -43.17 33.82 -25.02
N THR HB 116 -44.23 34.42 -25.55
CA THR HB 116 -45.13 33.67 -26.41
C THR HB 116 -44.39 33.16 -27.64
N ARG HB 117 -43.25 33.74 -27.97
CA ARG HB 117 -42.41 33.16 -29.00
C ARG HB 117 -41.67 31.90 -28.55
N ASN HB 118 -41.10 31.88 -27.35
CA ASN HB 118 -40.32 30.69 -27.00
C ASN HB 118 -41.16 29.60 -26.32
N LEU HB 119 -41.94 29.93 -25.29
CA LEU HB 119 -42.65 28.91 -24.53
C LEU HB 119 -43.65 28.16 -25.41
N TYR HB 120 -44.47 28.89 -26.17
CA TYR HB 120 -45.35 28.30 -27.17
C TYR HB 120 -44.75 28.64 -28.54
N PRO HB 121 -43.74 27.89 -28.95
CA PRO HB 121 -42.95 28.30 -30.11
C PRO HB 121 -43.68 28.10 -31.43
N LEU HB 122 -44.41 27.01 -31.61
CA LEU HB 122 -45.15 26.75 -32.84
C LEU HB 122 -46.53 27.38 -32.75
N ASN HB 123 -46.63 28.65 -33.16
CA ASN HB 123 -47.89 29.36 -33.34
C ASN HB 123 -48.86 28.48 -34.13
N PRO HB 124 -50.17 28.66 -33.93
CA PRO HB 124 -51.13 27.71 -34.54
C PRO HB 124 -51.05 27.57 -36.06
N GLU HB 125 -50.43 28.51 -36.78
CA GLU HB 125 -50.19 28.29 -38.20
C GLU HB 125 -49.33 27.06 -38.44
N GLN HB 126 -48.16 27.02 -37.80
CA GLN HB 126 -47.23 25.93 -37.96
C GLN HB 126 -47.69 24.67 -37.25
N VAL HB 127 -48.60 24.77 -36.30
CA VAL HB 127 -49.27 23.57 -35.84
C VAL HB 127 -49.95 22.84 -37.00
N VAL HB 128 -50.77 23.57 -37.77
CA VAL HB 128 -51.55 22.89 -38.81
C VAL HB 128 -50.67 22.52 -39.99
N LYS HB 129 -49.65 23.33 -40.32
CA LYS HB 129 -48.74 22.84 -41.36
C LYS HB 129 -48.00 21.58 -40.91
N LEU HB 130 -47.57 21.50 -39.65
CA LEU HB 130 -47.01 20.26 -39.15
C LEU HB 130 -48.00 19.12 -39.29
N LYS HB 131 -49.28 19.39 -39.01
CA LYS HB 131 -50.29 18.36 -39.19
C LYS HB 131 -50.31 17.85 -40.62
N GLN HB 132 -50.38 18.79 -41.57
CA GLN HB 132 -50.54 18.40 -42.96
C GLN HB 132 -49.34 17.60 -43.42
N ILE HB 133 -48.12 18.08 -43.13
CA ILE HB 133 -46.93 17.35 -43.56
C ILE HB 133 -46.90 15.97 -42.91
N TYR HB 134 -47.28 15.89 -41.63
CA TYR HB 134 -47.22 14.60 -40.94
C TYR HB 134 -48.15 13.58 -41.57
N GLU HB 135 -49.42 13.94 -41.77
CA GLU HB 135 -50.33 12.91 -42.23
C GLU HB 135 -50.15 12.64 -43.71
N THR HB 136 -49.70 13.63 -44.50
CA THR HB 136 -49.37 13.35 -45.89
C THR HB 136 -48.18 12.41 -45.98
N SER HB 137 -47.17 12.62 -45.13
CA SER HB 137 -46.03 11.71 -45.10
C SER HB 137 -46.47 10.32 -44.69
N GLU HB 138 -47.40 10.21 -43.74
CA GLU HB 138 -47.83 8.87 -43.36
C GLU HB 138 -48.74 8.25 -44.42
N TYR HB 139 -49.41 9.07 -45.22
CA TYR HB 139 -50.18 8.54 -46.35
C TYR HB 139 -49.24 7.99 -47.42
N ALA HB 140 -48.12 8.68 -47.66
CA ALA HB 140 -47.09 8.12 -48.52
C ALA HB 140 -46.41 6.92 -47.87
N LYS HB 141 -46.48 6.85 -46.53
CA LYS HB 141 -46.04 5.66 -45.81
C LYS HB 141 -46.94 4.47 -46.09
N ALA HB 142 -48.26 4.67 -46.09
CA ALA HB 142 -49.23 3.60 -46.09
C ALA HB 142 -49.88 3.36 -47.44
N ALA HB 143 -49.51 4.12 -48.47
CA ALA HB 143 -50.04 3.87 -49.80
C ALA HB 143 -49.61 2.50 -50.29
N THR HB 144 -50.22 2.05 -51.37
CA THR HB 144 -49.81 0.74 -51.87
C THR HB 144 -48.99 0.89 -53.14
N PRO HB 145 -47.88 0.17 -53.28
CA PRO HB 145 -47.12 0.20 -54.53
C PRO HB 145 -47.95 -0.32 -55.69
N GLY HB 146 -48.20 0.53 -56.67
CA GLY HB 146 -49.02 0.15 -57.80
C GLY HB 146 -50.48 0.00 -57.41
N THR HB 147 -51.27 -0.43 -58.39
CA THR HB 147 -52.61 -0.73 -57.90
C THR HB 147 -52.59 -2.00 -57.05
N PRO HB 148 -53.32 -2.00 -55.93
CA PRO HB 148 -53.41 -3.22 -55.13
C PRO HB 148 -54.09 -4.31 -55.92
N PRO HB 149 -53.90 -5.57 -55.53
CA PRO HB 149 -54.58 -6.67 -56.22
C PRO HB 149 -56.09 -6.55 -56.09
N LYS HB 150 -56.77 -6.97 -57.14
CA LYS HB 150 -58.23 -6.92 -57.14
C LYS HB 150 -58.80 -7.85 -56.08
N PRO HB 151 -59.78 -7.41 -55.30
CA PRO HB 151 -60.48 -8.32 -54.39
C PRO HB 151 -61.26 -9.38 -55.17
N THR HB 152 -61.02 -10.64 -54.85
CA THR HB 152 -61.71 -11.75 -55.49
C THR HB 152 -62.01 -12.84 -54.47
N ALA HB 153 -63.16 -13.47 -54.65
CA ALA HB 153 -63.58 -14.63 -53.89
C ALA HB 153 -64.02 -15.69 -54.91
N THR HB 154 -63.11 -16.59 -55.25
CA THR HB 154 -63.24 -17.46 -56.41
C THR HB 154 -63.64 -18.87 -55.99
N SER HB 155 -63.74 -19.74 -56.99
CA SER HB 155 -64.08 -21.15 -56.77
C SER HB 155 -63.43 -21.96 -57.88
N GLN HB 156 -62.71 -23.03 -57.49
CA GLN HB 156 -62.00 -23.88 -58.43
C GLN HB 156 -62.56 -25.29 -58.37
N PHE HB 157 -62.19 -26.11 -59.36
CA PHE HB 157 -62.48 -27.54 -59.36
C PHE HB 157 -61.16 -28.28 -59.20
N VAL HB 158 -61.05 -29.10 -58.15
CA VAL HB 158 -59.82 -29.80 -57.83
C VAL HB 158 -59.86 -31.17 -58.50
N ASN HB 159 -58.95 -31.39 -59.45
CA ASN HB 159 -58.80 -32.69 -60.10
C ASN HB 159 -57.58 -33.37 -59.52
N LEU HB 160 -57.77 -34.59 -59.00
CA LEU HB 160 -56.71 -35.35 -58.37
C LEU HB 160 -56.10 -36.39 -59.31
N SER HB 161 -56.54 -36.42 -60.56
CA SER HB 161 -55.97 -37.37 -61.51
C SER HB 161 -54.53 -36.99 -61.85
N PRO HB 162 -53.65 -37.97 -62.07
CA PRO HB 162 -52.27 -37.65 -62.43
C PRO HB 162 -52.21 -36.85 -63.73
N GLY HB 163 -51.27 -35.91 -63.77
CA GLY HB 163 -51.12 -35.01 -64.89
C GLY HB 163 -51.79 -33.67 -64.72
N SER HB 164 -52.72 -33.55 -63.79
CA SER HB 164 -53.40 -32.29 -63.52
C SER HB 164 -52.49 -31.36 -62.75
N THR HB 165 -52.56 -30.07 -63.07
CA THR HB 165 -51.74 -29.11 -62.35
C THR HB 165 -52.47 -28.59 -61.11
N PRO HB 166 -51.74 -28.17 -60.09
CA PRO HB 166 -52.36 -27.94 -58.78
C PRO HB 166 -53.27 -26.73 -58.80
N PRO HB 167 -54.14 -26.61 -57.81
CA PRO HB 167 -54.84 -25.35 -57.59
C PRO HB 167 -53.91 -24.27 -57.08
N VAL HB 168 -54.05 -23.08 -57.66
CA VAL HB 168 -53.24 -21.91 -57.34
C VAL HB 168 -54.06 -20.99 -56.44
N ILE HB 169 -53.46 -20.57 -55.33
CA ILE HB 169 -54.10 -19.61 -54.44
C ILE HB 169 -53.24 -18.35 -54.42
N ARG HB 170 -53.87 -17.22 -54.72
CA ARG HB 170 -53.20 -15.92 -54.76
C ARG HB 170 -53.31 -15.28 -53.37
N LEU HB 171 -52.17 -14.93 -52.79
CA LEU HB 171 -52.13 -14.31 -51.47
C LEU HB 171 -51.63 -12.87 -51.60
N SER HB 172 -51.50 -12.20 -50.46
CA SER HB 172 -50.86 -10.90 -50.39
C SER HB 172 -50.27 -10.73 -49.00
N GLN HB 173 -49.25 -9.90 -48.89
CA GLN HB 173 -48.56 -9.71 -47.62
C GLN HB 173 -49.48 -9.06 -46.60
N GLY HB 174 -49.82 -9.78 -45.55
CA GLY HB 174 -50.66 -9.25 -44.49
C GLY HB 174 -52.16 -9.41 -44.70
N PHE HB 175 -52.58 -10.31 -45.57
CA PHE HB 175 -54.00 -10.50 -45.86
C PHE HB 175 -54.38 -11.96 -45.68
N VAL HB 176 -55.56 -12.18 -45.11
CA VAL HB 176 -56.05 -13.52 -44.80
C VAL HB 176 -56.82 -14.08 -45.99
N SER HB 177 -56.46 -15.28 -46.42
CA SER HB 177 -57.17 -16.02 -47.45
C SER HB 177 -57.72 -17.29 -46.81
N SER HB 178 -59.03 -17.45 -46.83
CA SER HB 178 -59.69 -18.58 -46.18
C SER HB 178 -60.01 -19.63 -47.22
N LEU HB 179 -59.30 -20.75 -47.19
CA LEU HB 179 -59.60 -21.86 -48.06
C LEU HB 179 -60.65 -22.74 -47.38
N VAL HB 180 -61.84 -22.77 -47.98
CA VAL HB 180 -62.91 -23.68 -47.57
C VAL HB 180 -62.91 -24.85 -48.54
N PHE HB 181 -62.98 -26.05 -47.99
CA PHE HB 181 -62.75 -27.26 -48.76
C PHE HB 181 -64.09 -27.97 -48.89
N LEU HB 182 -64.50 -28.22 -50.13
CA LEU HB 182 -65.86 -28.66 -50.45
C LEU HB 182 -65.78 -29.88 -51.36
N ASP HB 183 -66.68 -30.82 -51.15
CA ASP HB 183 -66.69 -32.04 -51.95
C ASP HB 183 -67.39 -31.76 -53.27
N SER HB 184 -67.71 -32.82 -54.02
CA SER HB 184 -68.39 -32.64 -55.30
C SER HB 184 -69.85 -32.25 -55.13
N THR HB 185 -70.50 -32.73 -54.06
CA THR HB 185 -71.95 -32.57 -53.91
C THR HB 185 -72.37 -31.23 -53.33
N GLY HB 186 -71.44 -30.43 -52.82
CA GLY HB 186 -71.81 -29.18 -52.19
C GLY HB 186 -71.82 -29.20 -50.69
N ALA HB 187 -71.27 -30.23 -50.06
CA ALA HB 187 -71.24 -30.39 -48.62
C ALA HB 187 -69.82 -30.23 -48.08
N PRO HB 188 -69.68 -29.80 -46.82
CA PRO HB 188 -68.34 -29.58 -46.27
C PRO HB 188 -67.58 -30.89 -46.04
N TRP HB 189 -66.25 -30.76 -46.02
CA TRP HB 189 -65.33 -31.87 -45.75
C TRP HB 189 -64.29 -31.46 -44.72
N PRO HB 190 -64.44 -31.86 -43.45
CA PRO HB 190 -63.45 -31.48 -42.43
C PRO HB 190 -62.07 -32.02 -42.76
N ILE HB 191 -61.05 -31.23 -42.39
CA ILE HB 191 -59.66 -31.55 -42.65
C ILE HB 191 -59.14 -32.51 -41.60
N ALA HB 192 -58.47 -33.57 -42.04
CA ALA HB 192 -57.80 -34.47 -41.11
C ALA HB 192 -56.51 -33.88 -40.56
N ALA HB 193 -55.75 -33.18 -41.40
CA ALA HB 193 -54.45 -32.63 -41.02
C ALA HB 193 -53.94 -31.79 -42.20
N TYR HB 194 -52.86 -31.05 -41.95
CA TYR HB 194 -52.20 -30.32 -43.03
C TYR HB 194 -50.71 -30.23 -42.75
N ASP HB 195 -49.94 -29.98 -43.81
CA ASP HB 195 -48.49 -29.89 -43.76
C ASP HB 195 -48.07 -28.84 -44.77
N LEU HB 196 -47.58 -27.70 -44.28
CA LEU HB 196 -47.28 -26.57 -45.14
C LEU HB 196 -45.78 -26.48 -45.34
N GLY HB 197 -45.36 -26.44 -46.60
CA GLY HB 197 -43.95 -26.24 -46.90
C GLY HB 197 -43.58 -24.78 -46.77
N ASP HB 198 -42.49 -24.52 -46.05
CA ASP HB 198 -41.95 -23.19 -45.82
C ASP HB 198 -42.96 -22.26 -45.13
N PRO HB 199 -43.42 -22.56 -43.91
CA PRO HB 199 -44.22 -21.57 -43.16
C PRO HB 199 -43.43 -20.44 -42.53
N SER HB 200 -42.18 -20.22 -42.91
CA SER HB 200 -41.57 -18.93 -42.62
C SER HB 200 -42.11 -17.85 -43.53
N SER HB 201 -42.65 -18.22 -44.69
CA SER HB 201 -43.22 -17.28 -45.65
C SER HB 201 -44.74 -17.29 -45.63
N PHE HB 202 -45.35 -18.29 -44.99
CA PHE HB 202 -46.79 -18.37 -44.88
C PHE HB 202 -47.18 -18.71 -43.45
N ASN HB 203 -48.27 -18.11 -42.98
CA ASN HB 203 -48.74 -18.33 -41.62
C ASN HB 203 -50.17 -18.85 -41.75
N ILE HB 204 -50.40 -20.07 -41.27
CA ILE HB 204 -51.65 -20.80 -41.44
C ILE HB 204 -52.28 -20.98 -40.08
N GLN HB 205 -53.54 -20.55 -39.94
CA GLN HB 205 -54.33 -20.86 -38.76
C GLN HB 205 -55.54 -21.68 -39.14
N TRP HB 206 -55.93 -22.58 -38.23
CA TRP HB 206 -56.94 -23.58 -38.50
C TRP HB 206 -57.44 -24.14 -37.18
N ASP HB 207 -58.70 -23.90 -36.87
CA ASP HB 207 -59.33 -24.62 -35.78
C ASP HB 207 -59.37 -26.11 -36.14
N LYS HB 208 -59.07 -26.95 -35.18
CA LYS HB 208 -58.66 -28.33 -35.47
C LYS HB 208 -59.78 -29.17 -36.08
N THR HB 209 -61.02 -28.69 -36.06
CA THR HB 209 -62.14 -29.50 -36.50
C THR HB 209 -62.70 -29.08 -37.86
N SER HB 210 -62.76 -27.77 -38.13
CA SER HB 210 -63.50 -27.29 -39.29
C SER HB 210 -62.75 -27.59 -40.58
N ASN HB 211 -63.36 -27.18 -41.70
CA ASN HB 211 -62.82 -27.38 -43.03
C ASN HB 211 -62.26 -26.10 -43.63
N THR HB 212 -61.90 -25.13 -42.79
CA THR HB 212 -61.43 -23.83 -43.24
C THR HB 212 -60.01 -23.60 -42.74
N LEU HB 213 -59.11 -23.29 -43.66
CA LEU HB 213 -57.72 -22.98 -43.36
C LEU HB 213 -57.44 -21.56 -43.83
N MET HB 214 -57.12 -20.65 -42.91
CA MET HB 214 -56.87 -19.27 -43.36
C MET HB 214 -55.36 -19.08 -43.33
N ILE HB 215 -54.86 -18.38 -44.34
CA ILE HB 215 -53.43 -18.30 -44.62
C ILE HB 215 -53.08 -16.86 -44.93
N GLN HB 216 -51.99 -16.36 -44.36
CA GLN HB 216 -51.46 -15.04 -44.72
C GLN HB 216 -50.05 -15.22 -45.27
N ALA HB 217 -49.71 -14.42 -46.28
CA ALA HB 217 -48.35 -14.35 -46.78
C ALA HB 217 -47.52 -13.43 -45.88
N THR HB 218 -46.45 -13.97 -45.32
CA THR HB 218 -45.64 -13.23 -44.36
C THR HB 218 -44.54 -12.38 -45.00
N LYS HB 219 -44.17 -12.65 -46.25
CA LYS HB 219 -43.47 -11.67 -47.08
C LYS HB 219 -43.94 -11.74 -48.52
N LEU HB 220 -43.36 -10.87 -49.35
CA LEU HB 220 -44.07 -10.31 -50.49
C LEU HB 220 -44.42 -11.37 -51.54
N TYR HB 221 -43.41 -11.98 -52.16
CA TYR HB 221 -43.63 -12.72 -53.40
C TYR HB 221 -43.15 -14.17 -53.40
N ASN HB 222 -42.20 -14.55 -52.56
CA ASN HB 222 -41.72 -15.92 -52.57
C ASN HB 222 -42.86 -16.89 -52.25
N TYR HB 223 -43.12 -17.81 -53.17
CA TYR HB 223 -44.26 -18.71 -53.11
C TYR HB 223 -43.85 -20.07 -52.55
N GLY HB 224 -44.86 -20.91 -52.33
CA GLY HB 224 -44.63 -22.23 -51.79
C GLY HB 224 -45.82 -23.13 -52.04
N ASN HB 225 -46.00 -24.10 -51.15
CA ASN HB 225 -46.99 -25.15 -51.36
C ASN HB 225 -47.45 -25.74 -50.03
N LEU HB 226 -48.62 -26.37 -50.07
CA LEU HB 226 -49.37 -26.82 -48.90
C LEU HB 226 -50.09 -28.13 -49.17
N ALA HB 227 -49.74 -29.18 -48.43
CA ALA HB 227 -50.45 -30.45 -48.48
C ALA HB 227 -51.55 -30.44 -47.43
N VAL HB 228 -52.71 -30.98 -47.78
CA VAL HB 228 -53.86 -31.00 -46.89
C VAL HB 228 -54.44 -32.41 -46.92
N ARG HB 229 -54.25 -33.17 -45.84
CA ARG HB 229 -54.80 -34.51 -45.72
C ARG HB 229 -56.21 -34.39 -45.16
N LEU HB 230 -57.16 -35.07 -45.80
CA LEU HB 230 -58.57 -34.88 -45.48
C LEU HB 230 -59.12 -36.15 -44.83
N ARG HB 231 -60.39 -36.09 -44.41
CA ARG HB 231 -61.00 -37.19 -43.69
C ARG HB 231 -61.11 -38.43 -44.56
N GLY HB 232 -61.70 -38.29 -45.74
CA GLY HB 232 -61.95 -39.41 -46.61
C GLY HB 232 -60.91 -39.69 -47.67
N LEU HB 233 -59.93 -38.81 -47.82
CA LEU HB 233 -58.93 -38.98 -48.87
C LEU HB 233 -57.67 -39.65 -48.34
N ASN HB 234 -57.32 -40.76 -48.98
CA ASN HB 234 -55.95 -41.27 -48.95
C ASN HB 234 -55.01 -40.30 -49.65
N THR HB 235 -55.47 -39.71 -50.74
CA THR HB 235 -54.68 -38.75 -51.50
C THR HB 235 -54.87 -37.35 -50.94
N PRO HB 236 -53.82 -36.71 -50.41
CA PRO HB 236 -53.97 -35.34 -49.91
C PRO HB 236 -54.16 -34.37 -51.06
N VAL HB 237 -54.86 -33.27 -50.78
CA VAL HB 237 -55.05 -32.20 -51.74
C VAL HB 237 -53.88 -31.24 -51.59
N MET HB 238 -53.16 -31.02 -52.68
CA MET HB 238 -51.82 -30.47 -52.60
C MET HB 238 -51.81 -29.21 -53.45
N LEU HB 239 -51.78 -28.04 -52.81
CA LEU HB 239 -52.09 -26.78 -53.48
C LEU HB 239 -50.95 -25.79 -53.36
N THR HB 240 -50.76 -24.99 -54.40
CA THR HB 240 -49.63 -24.07 -54.48
C THR HB 240 -50.07 -22.64 -54.16
N LEU HB 241 -49.27 -21.97 -53.33
CA LEU HB 241 -49.59 -20.68 -52.73
C LEU HB 241 -48.62 -19.64 -53.28
N ILE HB 242 -49.14 -18.68 -54.05
CA ILE HB 242 -48.29 -17.63 -54.60
C ILE HB 242 -48.77 -16.28 -54.08
N PRO HB 243 -47.93 -15.50 -53.41
CA PRO HB 243 -48.33 -14.17 -52.96
C PRO HB 243 -47.95 -13.09 -53.96
N GLY HB 244 -48.51 -11.90 -53.74
CA GLY HB 244 -48.17 -10.74 -54.53
C GLY HB 244 -48.67 -10.75 -55.96
N GLN HB 245 -49.81 -11.38 -56.23
CA GLN HB 245 -50.36 -11.40 -57.57
C GLN HB 245 -51.33 -10.24 -57.77
N LYS HB 246 -51.83 -10.12 -59.00
CA LYS HB 246 -52.73 -9.02 -59.37
C LYS HB 246 -54.12 -9.20 -58.77
N ALA HB 247 -54.43 -10.35 -58.19
CA ALA HB 247 -55.70 -10.56 -57.50
C ALA HB 247 -55.45 -11.23 -56.17
N VAL HB 248 -56.34 -11.01 -55.22
CA VAL HB 248 -56.27 -11.63 -53.90
C VAL HB 248 -57.55 -12.43 -53.67
N ASP HB 249 -57.40 -13.73 -53.44
CA ASP HB 249 -58.51 -14.64 -53.22
C ASP HB 249 -58.74 -14.77 -51.72
N TYR HB 250 -59.70 -14.02 -51.19
CA TYR HB 250 -60.04 -14.19 -49.77
C TYR HB 250 -60.76 -15.49 -49.50
N ARG HB 251 -61.30 -16.15 -50.53
CA ARG HB 251 -61.72 -17.53 -50.35
C ARG HB 251 -61.77 -18.20 -51.72
N VAL HB 252 -61.31 -19.44 -51.76
CA VAL HB 252 -61.45 -20.29 -52.92
C VAL HB 252 -62.36 -21.45 -52.52
N ASP HB 253 -63.57 -21.48 -53.08
CA ASP HB 253 -64.51 -22.55 -52.76
C ASP HB 253 -64.12 -23.68 -53.71
N LEU HB 254 -63.15 -24.49 -53.29
CA LEU HB 254 -62.53 -25.51 -54.15
C LEU HB 254 -63.41 -26.76 -54.12
N ARG HB 255 -63.70 -27.30 -55.31
CA ARG HB 255 -64.63 -28.42 -55.46
C ARG HB 255 -63.81 -29.66 -55.80
N VAL HB 256 -63.51 -30.45 -54.77
CA VAL HB 256 -62.60 -31.56 -54.95
C VAL HB 256 -63.31 -32.74 -55.62
N GLN HB 257 -62.50 -33.67 -56.11
CA GLN HB 257 -62.99 -34.73 -56.99
C GLN HB 257 -63.89 -35.71 -56.25
N GLY HB 258 -63.62 -35.97 -54.98
CA GLY HB 258 -64.30 -37.00 -54.22
C GLY HB 258 -65.57 -36.57 -53.52
N TYR HB 259 -66.10 -37.47 -52.68
CA TYR HB 259 -67.33 -37.24 -51.94
C TYR HB 259 -67.05 -37.33 -50.46
N GLY HB 260 -67.52 -36.34 -49.70
CA GLY HB 260 -67.21 -36.25 -48.29
C GLY HB 260 -68.12 -37.09 -47.41
N PRO HB 261 -67.86 -37.07 -46.10
CA PRO HB 261 -68.77 -37.71 -45.15
C PRO HB 261 -70.13 -37.03 -45.05
N ASN HB 262 -70.28 -35.87 -45.68
CA ASN HB 262 -71.54 -35.16 -45.80
C ASN HB 262 -71.97 -35.22 -47.25
N ALA HB 263 -73.19 -35.66 -47.50
CA ALA HB 263 -73.69 -35.83 -48.85
C ALA HB 263 -75.07 -35.22 -49.01
N CYS IB 1 -21.74 -23.63 -75.96
CA CYS IB 1 -22.80 -24.61 -75.76
C CYS IB 1 -22.28 -26.05 -75.88
N THR IB 2 -23.01 -26.85 -76.66
CA THR IB 2 -22.71 -28.27 -76.77
C THR IB 2 -21.45 -28.55 -77.58
N ASP IB 3 -21.20 -27.78 -78.64
CA ASP IB 3 -20.03 -28.03 -79.47
C ASP IB 3 -18.73 -27.88 -78.69
N ALA IB 4 -18.70 -26.91 -77.76
CA ALA IB 4 -17.58 -26.85 -76.83
C ALA IB 4 -17.46 -28.14 -76.03
N ALA IB 5 -18.60 -28.72 -75.64
CA ALA IB 5 -18.59 -29.98 -74.89
C ALA IB 5 -18.01 -31.13 -75.72
N LEU IB 6 -18.43 -31.27 -76.97
CA LEU IB 6 -17.84 -32.33 -77.80
C LEU IB 6 -16.35 -32.10 -78.02
N ALA IB 7 -15.96 -30.85 -78.28
CA ALA IB 7 -14.54 -30.57 -78.50
C ALA IB 7 -13.71 -30.93 -77.27
N ALA IB 8 -14.17 -30.51 -76.09
CA ALA IB 8 -13.44 -30.80 -74.87
C ALA IB 8 -13.45 -32.30 -74.57
N LEU IB 9 -14.57 -32.97 -74.83
CA LEU IB 9 -14.67 -34.41 -74.58
C LEU IB 9 -13.69 -35.18 -75.45
N GLU IB 10 -13.65 -34.88 -76.74
CA GLU IB 10 -12.72 -35.58 -77.63
C GLU IB 10 -11.28 -35.22 -77.32
N TYR IB 11 -11.02 -33.97 -76.91
CA TYR IB 11 -9.66 -33.61 -76.53
C TYR IB 11 -9.21 -34.32 -75.27
N HIS IB 12 -10.13 -34.55 -74.32
CA HIS IB 12 -9.80 -35.34 -73.14
C HIS IB 12 -9.54 -36.79 -73.51
N LYS IB 13 -10.44 -37.40 -74.29
CA LYS IB 13 -10.25 -38.81 -74.62
C LYS IB 13 -9.11 -39.03 -75.61
N SER IB 14 -8.59 -37.96 -76.22
CA SER IB 14 -7.41 -38.09 -77.06
C SER IB 14 -6.11 -38.04 -76.27
N ASN IB 15 -6.09 -37.27 -75.18
CA ASN IB 15 -4.91 -37.12 -74.35
C ASN IB 15 -5.15 -37.84 -73.02
N ALA IB 16 -4.38 -38.89 -72.77
CA ALA IB 16 -4.56 -39.72 -71.57
C ALA IB 16 -4.20 -38.97 -70.30
N CYS JB 1 -17.54 -37.71 -67.77
CA CYS JB 1 -16.31 -37.00 -67.43
C CYS JB 1 -16.52 -35.49 -67.45
N VAL JB 2 -17.39 -35.04 -68.34
CA VAL JB 2 -17.56 -33.61 -68.59
C VAL JB 2 -18.38 -33.00 -67.47
N SER JB 3 -17.84 -31.95 -66.86
CA SER JB 3 -18.57 -31.10 -65.93
C SER JB 3 -19.10 -29.91 -66.71
N MET JB 4 -20.38 -29.97 -67.06
CA MET JB 4 -21.00 -29.03 -67.99
C MET JB 4 -21.23 -27.66 -67.37
N ILE JB 5 -21.47 -27.61 -66.06
CA ILE JB 5 -21.52 -26.33 -65.37
C ILE JB 5 -20.15 -25.68 -65.38
N GLY JB 6 -19.11 -26.50 -65.54
CA GLY JB 6 -17.81 -25.97 -65.90
C GLY JB 6 -17.72 -25.73 -67.38
N GLY JB 7 -18.70 -25.03 -67.95
CA GLY JB 7 -18.74 -24.79 -69.37
C GLY JB 7 -18.40 -23.35 -69.73
N SER JB 8 -17.76 -23.21 -70.89
CA SER JB 8 -17.41 -21.89 -71.40
C SER JB 8 -17.48 -21.96 -72.93
N ARG JB 9 -18.28 -21.08 -73.52
CA ARG JB 9 -18.44 -21.07 -74.97
C ARG JB 9 -17.13 -20.63 -75.62
N ARG KB 1 -12.83 -26.43 -68.44
CA ARG KB 1 -13.44 -27.73 -68.18
C ARG KB 1 -12.39 -28.69 -67.62
N VAL KB 2 -12.74 -29.39 -66.54
CA VAL KB 2 -11.79 -30.21 -65.80
C VAL KB 2 -12.42 -31.57 -65.49
N SER KB 3 -11.65 -32.62 -65.71
CA SER KB 3 -12.11 -33.98 -65.48
C SER KB 3 -11.92 -34.36 -64.01
N ILE KB 4 -12.03 -35.65 -63.73
CA ILE KB 4 -12.11 -36.14 -62.35
C ILE KB 4 -10.74 -36.55 -61.85
N GLY KB 5 -9.85 -36.96 -62.77
CA GLY KB 5 -8.50 -37.36 -62.38
C GLY KB 5 -7.65 -36.24 -61.82
N GLY KB 6 -7.81 -35.02 -62.33
CA GLY KB 6 -7.07 -33.86 -61.86
C GLY KB 6 -6.57 -32.97 -62.98
N THR KB 7 -6.27 -33.54 -64.14
CA THR KB 7 -5.75 -32.77 -65.25
C THR KB 7 -6.86 -31.94 -65.89
N VAL KB 8 -6.50 -30.76 -66.37
CA VAL KB 8 -7.44 -29.84 -66.99
C VAL KB 8 -7.16 -29.81 -68.49
N TYR KB 9 -8.16 -30.19 -69.28
CA TYR KB 9 -8.16 -30.01 -70.73
C TYR KB 9 -9.41 -29.22 -71.12
N THR KB 10 -9.23 -28.21 -71.95
CA THR KB 10 -10.33 -27.32 -72.33
C THR KB 10 -10.39 -27.16 -73.84
N ALA KB 11 -11.60 -26.94 -74.34
CA ALA KB 11 -11.77 -26.52 -75.73
C ALA KB 11 -11.32 -25.07 -75.89
N LYS KB 12 -10.94 -24.72 -77.12
CA LYS KB 12 -10.39 -23.40 -77.40
C LYS KB 12 -11.47 -22.34 -77.55
N LYS KB 13 -12.34 -22.48 -78.57
CA LYS KB 13 -13.39 -21.50 -78.82
C LYS KB 13 -14.46 -22.17 -79.66
N TYR KB 14 -15.68 -22.30 -79.11
CA TYR KB 14 -16.73 -23.04 -79.78
C TYR KB 14 -18.08 -22.45 -79.41
N ASP KB 15 -18.84 -22.03 -80.41
CA ASP KB 15 -20.12 -21.36 -80.23
C ASP KB 15 -21.23 -22.14 -80.94
N ASP KB 16 -22.46 -21.94 -80.46
CA ASP KB 16 -23.63 -22.56 -81.06
C ASP KB 16 -24.72 -21.53 -81.33
N PRO LB 1 -22.58 -22.85 -68.23
CA PRO LB 1 -23.10 -21.58 -68.75
C PRO LB 1 -23.16 -21.56 -70.28
N PHE LB 2 -24.27 -22.02 -70.83
CA PHE LB 2 -24.46 -22.09 -72.27
C PHE LB 2 -25.66 -21.22 -72.66
N GLY LB 3 -25.82 -21.01 -73.97
CA GLY LB 3 -26.86 -20.15 -74.48
C GLY LB 3 -28.16 -20.82 -74.85
N ALA LB 4 -28.20 -22.15 -74.87
CA ALA LB 4 -29.43 -22.89 -75.16
C ALA LB 4 -30.15 -23.33 -73.89
N ASP LB 5 -30.00 -22.57 -72.81
CA ASP LB 5 -30.64 -22.90 -71.54
C ASP LB 5 -32.15 -22.74 -71.62
N ARG MB 207 -42.25 -46.35 -83.37
CA ARG MB 207 -41.21 -46.73 -82.41
C ARG MB 207 -41.58 -46.19 -81.04
N ILE MB 208 -40.68 -46.32 -80.06
CA ILE MB 208 -40.93 -45.90 -78.69
C ILE MB 208 -40.11 -44.64 -78.42
N ILE MB 209 -40.79 -43.59 -77.97
CA ILE MB 209 -40.13 -42.32 -77.67
C ILE MB 209 -39.91 -42.24 -76.17
N TYR MB 210 -38.65 -42.04 -75.78
CA TYR MB 210 -38.26 -41.87 -74.39
C TYR MB 210 -38.13 -40.38 -74.08
N TYR MB 211 -38.66 -39.98 -72.93
CA TYR MB 211 -38.51 -38.62 -72.44
C TYR MB 211 -37.62 -38.61 -71.21
N ILE MB 212 -37.11 -37.43 -70.88
CA ILE MB 212 -36.27 -37.28 -69.70
C ILE MB 212 -37.12 -37.28 -68.44
N GLN MB 213 -36.72 -38.10 -67.47
CA GLN MB 213 -37.41 -38.21 -66.19
C GLN MB 213 -36.74 -37.35 -65.12
N ALA MB 214 -35.42 -37.25 -65.20
CA ALA MB 214 -34.59 -36.32 -64.42
C ALA MB 214 -33.15 -36.50 -64.89
N VAL MB 215 -32.31 -35.49 -64.64
CA VAL MB 215 -30.92 -35.52 -65.08
C VAL MB 215 -30.05 -34.79 -64.07
N ILE MB 216 -28.89 -35.37 -63.77
CA ILE MB 216 -27.83 -34.71 -63.00
C ILE MB 216 -26.52 -35.02 -63.71
N PRO MB 217 -25.39 -34.33 -63.41
CA PRO MB 217 -24.13 -34.63 -64.09
C PRO MB 217 -23.73 -36.10 -63.98
N GLY MB 218 -23.75 -36.82 -65.11
CA GLY MB 218 -23.52 -38.24 -65.11
C GLY MB 218 -24.78 -39.03 -65.39
N ARG MB 219 -25.36 -39.63 -64.36
CA ARG MB 219 -26.58 -40.41 -64.53
C ARG MB 219 -27.75 -39.53 -64.90
N ALA MB 220 -28.62 -40.11 -65.73
CA ALA MB 220 -29.87 -39.48 -66.14
C ALA MB 220 -30.93 -40.56 -66.10
N TRP MB 221 -32.03 -40.30 -65.39
CA TRP MB 221 -33.14 -41.24 -65.32
C TRP MB 221 -34.20 -40.83 -66.34
N LEU MB 222 -34.76 -41.81 -67.02
CA LEU MB 222 -35.55 -41.62 -68.22
C LEU MB 222 -36.81 -42.49 -68.21
N ILE MB 223 -37.92 -41.93 -68.69
CA ILE MB 223 -39.22 -42.58 -68.70
C ILE MB 223 -39.82 -42.44 -70.09
N GLY MB 224 -40.37 -43.54 -70.62
CA GLY MB 224 -40.89 -43.59 -71.97
C GLY MB 224 -42.38 -43.80 -72.09
N SER MB 225 -42.80 -44.10 -73.32
CA SER MB 225 -44.20 -44.33 -73.64
C SER MB 225 -44.70 -45.69 -73.18
N ASN MB 226 -43.81 -46.65 -72.94
CA ASN MB 226 -44.20 -47.95 -72.43
C ASN MB 226 -44.22 -48.00 -70.91
N GLY MB 227 -43.84 -46.91 -70.25
CA GLY MB 227 -43.74 -46.88 -68.80
C GLY MB 227 -42.46 -47.41 -68.23
N SER MB 228 -41.56 -47.93 -69.06
CA SER MB 228 -40.28 -48.43 -68.58
C SER MB 228 -39.36 -47.26 -68.22
N THR MB 229 -38.60 -47.45 -67.14
CA THR MB 229 -37.65 -46.46 -66.67
C THR MB 229 -36.24 -46.99 -66.81
N LEU MB 230 -35.33 -46.12 -67.22
CA LEU MB 230 -33.93 -46.48 -67.43
C LEU MB 230 -33.04 -45.39 -66.83
N THR MB 231 -31.75 -45.70 -66.72
CA THR MB 231 -30.76 -44.74 -66.25
C THR MB 231 -29.51 -44.86 -67.11
N VAL MB 232 -28.93 -43.71 -67.46
CA VAL MB 232 -27.93 -43.62 -68.52
C VAL MB 232 -26.75 -42.76 -68.06
N ARG MB 233 -25.54 -43.24 -68.37
CA ARG MB 233 -24.30 -42.49 -68.19
C ARG MB 233 -23.76 -41.98 -69.52
N GLU MB 234 -22.52 -41.49 -69.47
CA GLU MB 234 -21.83 -40.94 -70.63
C GLU MB 234 -21.87 -41.92 -71.82
N GLY MB 235 -21.58 -43.19 -71.56
CA GLY MB 235 -21.59 -44.19 -72.61
C GLY MB 235 -22.48 -45.38 -72.31
N SER MB 236 -23.54 -45.55 -73.10
CA SER MB 236 -24.45 -46.66 -72.92
C SER MB 236 -25.21 -46.95 -74.20
N LYS MB 237 -25.53 -48.22 -74.40
CA LYS MB 237 -26.42 -48.63 -75.48
C LYS MB 237 -27.86 -48.45 -75.05
N ILE MB 238 -28.56 -47.52 -75.69
CA ILE MB 238 -29.94 -47.18 -75.38
C ILE MB 238 -30.80 -47.48 -76.61
N PRO MB 239 -31.87 -48.27 -76.48
CA PRO MB 239 -32.49 -48.91 -77.65
C PRO MB 239 -32.99 -47.90 -78.67
N GLY MB 240 -32.76 -48.21 -79.95
CA GLY MB 240 -33.25 -47.38 -81.03
C GLY MB 240 -32.34 -46.22 -81.35
N TYR MB 241 -32.10 -45.36 -80.35
CA TYR MB 241 -31.25 -44.20 -80.58
C TYR MB 241 -29.78 -44.57 -80.62
N GLY MB 242 -29.44 -45.82 -80.31
CA GLY MB 242 -28.06 -46.26 -80.43
C GLY MB 242 -27.28 -46.14 -79.15
N MET MB 243 -26.34 -45.19 -79.10
CA MET MB 243 -25.47 -45.00 -77.95
C MET MB 243 -25.38 -43.52 -77.63
N VAL MB 244 -25.37 -43.18 -76.34
CA VAL MB 244 -25.51 -41.79 -75.93
C VAL MB 244 -24.19 -41.06 -76.03
N LYS MB 245 -24.16 -40.00 -76.83
CA LYS MB 245 -22.95 -39.21 -76.99
C LYS MB 245 -22.69 -38.28 -75.81
N LEU MB 246 -23.71 -37.62 -75.28
CA LEU MB 246 -23.51 -36.89 -74.03
C LEU MB 246 -24.83 -36.57 -73.35
N ILE MB 247 -24.73 -36.28 -72.05
CA ILE MB 247 -25.82 -35.79 -71.20
C ILE MB 247 -25.48 -34.34 -70.87
N ASP MB 248 -26.36 -33.42 -71.24
CA ASP MB 248 -26.24 -32.01 -70.89
C ASP MB 248 -27.24 -31.74 -69.78
N SER MB 249 -26.78 -31.81 -68.53
CA SER MB 249 -27.65 -31.72 -67.36
C SER MB 249 -28.29 -30.35 -67.17
N LEU MB 250 -27.51 -29.27 -67.31
CA LEU MB 250 -28.04 -27.96 -66.95
C LEU MB 250 -29.07 -27.46 -67.96
N GLN MB 251 -29.16 -28.08 -69.12
CA GLN MB 251 -30.26 -27.80 -70.05
C GLN MB 251 -31.24 -28.96 -70.17
N GLY MB 252 -30.98 -30.08 -69.50
CA GLY MB 252 -31.87 -31.23 -69.61
C GLY MB 252 -31.93 -31.83 -71.00
N ARG MB 253 -30.78 -32.18 -71.57
CA ARG MB 253 -30.70 -32.73 -72.91
C ARG MB 253 -29.86 -34.00 -72.92
N ILE MB 254 -30.22 -34.94 -73.79
CA ILE MB 254 -29.41 -36.12 -74.08
C ILE MB 254 -29.19 -36.11 -75.59
N LEU MB 255 -27.94 -35.99 -76.04
CA LEU MB 255 -27.68 -36.26 -77.45
C LEU MB 255 -27.04 -37.63 -77.63
N THR MB 256 -27.57 -38.38 -78.58
CA THR MB 256 -27.16 -39.74 -78.88
C THR MB 256 -26.45 -39.82 -80.22
N SER MB 257 -26.01 -41.03 -80.56
CA SER MB 257 -25.24 -41.23 -81.79
C SER MB 257 -26.11 -41.07 -83.04
N SER MB 258 -27.37 -41.49 -82.97
CA SER MB 258 -28.25 -41.48 -84.13
C SER MB 258 -28.78 -40.09 -84.44
N GLY MB 259 -28.25 -39.05 -83.81
CA GLY MB 259 -28.74 -37.70 -83.99
C GLY MB 259 -30.00 -37.38 -83.24
N GLN MB 260 -30.73 -38.39 -82.76
CA GLN MB 260 -31.94 -38.14 -81.99
C GLN MB 260 -31.58 -37.50 -80.64
N VAL MB 261 -32.42 -36.57 -80.21
CA VAL MB 261 -32.17 -35.74 -79.03
C VAL MB 261 -33.30 -35.97 -78.04
N ILE MB 262 -32.95 -36.38 -76.83
CA ILE MB 262 -33.90 -36.69 -75.77
C ILE MB 262 -34.06 -35.47 -74.89
N LYS MB 263 -35.30 -35.03 -74.71
CA LYS MB 263 -35.64 -33.89 -73.88
C LYS MB 263 -36.63 -34.32 -72.81
N PHE MB 264 -36.77 -33.47 -71.80
CA PHE MB 264 -37.94 -33.56 -70.93
C PHE MB 264 -39.20 -33.43 -71.78
N SER MB 265 -40.19 -34.25 -71.47
CA SER MB 265 -41.46 -34.18 -72.21
C SER MB 265 -42.07 -32.80 -72.05
N GLN MB 266 -42.86 -32.40 -73.05
CA GLN MB 266 -43.50 -31.09 -73.02
C GLN MB 266 -44.42 -30.96 -71.81
N GLU MB 267 -44.97 -32.08 -71.33
CA GLU MB 267 -45.91 -32.08 -70.22
C GLU MB 267 -45.22 -31.97 -68.87
N ASP MB 268 -44.05 -32.61 -68.70
CA ASP MB 268 -43.40 -32.65 -67.39
C ASP MB 268 -42.28 -31.63 -67.22
N SER MB 269 -42.07 -30.72 -68.17
CA SER MB 269 -41.02 -29.72 -68.03
C SER MB 269 -41.61 -28.33 -67.86
N ALA NB 104 -37.54 40.74 -38.90
CA ALA NB 104 -38.84 40.80 -38.27
C ALA NB 104 -39.40 39.40 -38.04
N GLU NB 105 -40.43 39.05 -38.81
CA GLU NB 105 -41.06 37.74 -38.71
C GLU NB 105 -40.60 36.77 -39.79
N VAL NB 106 -39.72 37.21 -40.70
CA VAL NB 106 -39.19 36.31 -41.73
C VAL NB 106 -38.49 35.10 -41.13
N ILE NB 107 -37.93 35.25 -39.93
CA ILE NB 107 -37.23 34.16 -39.26
C ILE NB 107 -38.13 32.94 -39.08
N ASP NB 108 -39.40 33.15 -38.73
CA ASP NB 108 -40.29 32.01 -38.51
C ASP NB 108 -40.44 31.16 -39.76
N LYS NB 109 -40.77 31.78 -40.90
CA LYS NB 109 -40.99 30.97 -42.10
C LYS NB 109 -39.69 30.41 -42.65
N LYS NB 110 -38.58 31.14 -42.52
CA LYS NB 110 -37.30 30.55 -42.95
C LYS NB 110 -36.96 29.30 -42.13
N ALA NB 111 -37.07 29.40 -40.80
CA ALA NB 111 -36.84 28.23 -39.96
C ALA NB 111 -37.76 27.09 -40.37
N PHE NB 112 -39.05 27.37 -40.53
CA PHE NB 112 -40.02 26.31 -40.83
C PHE NB 112 -39.81 25.70 -42.21
N LYS NB 113 -39.30 26.47 -43.19
CA LYS NB 113 -38.87 25.85 -44.43
C LYS NB 113 -37.73 24.88 -44.17
N ASP NB 114 -36.74 25.30 -43.39
CA ASP NB 114 -35.68 24.37 -42.98
C ASP NB 114 -36.25 23.19 -42.22
N MET NB 115 -37.45 23.35 -41.67
CA MET NB 115 -38.03 22.31 -40.82
C MET NB 115 -38.72 21.23 -41.62
N THR NB 116 -39.71 21.62 -42.43
CA THR NB 116 -40.21 20.70 -43.45
C THR NB 116 -39.08 20.11 -44.25
N ARG NB 117 -37.92 20.77 -44.29
CA ARG NB 117 -36.72 20.09 -44.72
C ARG NB 117 -36.34 18.97 -43.76
N ASN NB 118 -36.02 19.25 -42.49
CA ASN NB 118 -35.25 18.26 -41.75
C ASN NB 118 -36.08 17.24 -40.95
N LEU NB 119 -37.23 17.60 -40.36
CA LEU NB 119 -37.89 16.55 -39.55
C LEU NB 119 -38.49 15.48 -40.45
N TYR NB 120 -39.05 15.87 -41.59
CA TYR NB 120 -39.52 14.94 -42.62
C TYR NB 120 -38.65 15.15 -43.84
N PRO NB 121 -37.39 14.69 -43.79
CA PRO NB 121 -36.45 15.01 -44.86
C PRO NB 121 -36.61 14.13 -46.09
N LEU NB 122 -37.46 13.12 -46.03
CA LEU NB 122 -37.90 12.38 -47.21
C LEU NB 122 -39.30 12.88 -47.54
N ASN NB 123 -39.39 13.76 -48.53
CA ASN NB 123 -40.67 14.32 -48.92
C ASN NB 123 -41.52 13.22 -49.55
N PRO NB 124 -42.85 13.41 -49.62
CA PRO NB 124 -43.73 12.30 -50.05
C PRO NB 124 -43.34 11.66 -51.38
N GLU NB 125 -42.87 12.44 -52.36
CA GLU NB 125 -42.38 11.85 -53.60
C GLU NB 125 -41.23 10.89 -53.37
N GLN NB 126 -40.29 11.29 -52.53
CA GLN NB 126 -39.15 10.45 -52.19
C GLN NB 126 -39.54 9.24 -51.36
N VAL NB 127 -40.59 9.35 -50.54
CA VAL NB 127 -41.07 8.21 -49.78
C VAL NB 127 -41.61 7.13 -50.72
N VAL NB 128 -42.44 7.53 -51.68
CA VAL NB 128 -42.95 6.55 -52.64
C VAL NB 128 -41.82 6.02 -53.52
N LYS NB 129 -40.84 6.87 -53.86
CA LYS NB 129 -39.67 6.35 -54.58
C LYS NB 129 -39.00 5.23 -53.80
N LEU NB 130 -38.77 5.46 -52.50
CA LEU NB 130 -38.09 4.44 -51.70
C LEU NB 130 -38.95 3.20 -51.56
N LYS NB 131 -40.27 3.37 -51.52
CA LYS NB 131 -41.17 2.23 -51.52
C LYS NB 131 -40.99 1.38 -52.76
N GLN NB 132 -40.95 2.01 -53.94
CA GLN NB 132 -40.81 1.25 -55.17
C GLN NB 132 -39.43 0.62 -55.32
N ILE NB 133 -38.35 1.28 -54.89
CA ILE NB 133 -37.06 0.61 -55.00
C ILE NB 133 -37.04 -0.61 -54.07
N TYR NB 134 -37.58 -0.47 -52.86
CA TYR NB 134 -37.65 -1.61 -51.94
C TYR NB 134 -38.46 -2.75 -52.55
N GLU NB 135 -39.63 -2.43 -53.12
CA GLU NB 135 -40.46 -3.45 -53.73
C GLU NB 135 -39.76 -4.12 -54.90
N THR NB 136 -39.19 -3.34 -55.81
CA THR NB 136 -38.49 -3.94 -56.94
C THR NB 136 -37.35 -4.82 -56.48
N SER NB 137 -36.65 -4.41 -55.42
CA SER NB 137 -35.51 -5.19 -54.95
C SER NB 137 -35.95 -6.52 -54.34
N GLU NB 138 -36.96 -6.52 -53.47
CA GLU NB 138 -37.32 -7.81 -52.89
C GLU NB 138 -37.95 -8.71 -53.93
N TYR NB 139 -38.70 -8.13 -54.89
CA TYR NB 139 -39.22 -8.95 -55.98
C TYR NB 139 -38.09 -9.55 -56.80
N ALA NB 140 -37.06 -8.75 -57.10
CA ALA NB 140 -35.90 -9.23 -57.83
C ALA NB 140 -35.23 -10.37 -57.09
N LYS NB 141 -35.23 -10.33 -55.76
CA LYS NB 141 -34.79 -11.51 -55.02
C LYS NB 141 -35.77 -12.68 -55.22
N ALA NB 142 -37.04 -12.48 -54.88
CA ALA NB 142 -38.02 -13.56 -54.83
C ALA NB 142 -38.19 -14.29 -56.15
N ALA NB 143 -37.80 -13.66 -57.26
CA ALA NB 143 -37.90 -14.31 -58.55
C ALA NB 143 -37.01 -15.56 -58.59
N THR NB 144 -37.65 -16.69 -58.80
CA THR NB 144 -36.82 -17.87 -58.95
C THR NB 144 -36.16 -17.85 -60.32
N PRO NB 145 -34.84 -18.01 -60.38
CA PRO NB 145 -34.11 -17.81 -61.64
C PRO NB 145 -34.41 -18.92 -62.64
N GLY NB 146 -34.54 -18.54 -63.90
CA GLY NB 146 -34.90 -19.50 -64.90
C GLY NB 146 -36.37 -19.86 -64.76
N THR NB 147 -36.80 -20.81 -65.58
CA THR NB 147 -38.16 -21.09 -65.13
C THR NB 147 -38.13 -21.94 -63.86
N PRO NB 148 -39.14 -21.78 -63.00
CA PRO NB 148 -39.24 -22.66 -61.85
C PRO NB 148 -39.62 -24.05 -62.29
N PRO NB 149 -39.45 -25.04 -61.41
CA PRO NB 149 -39.95 -26.39 -61.73
C PRO NB 149 -41.45 -26.40 -61.91
N LYS NB 150 -41.91 -27.19 -62.87
CA LYS NB 150 -43.34 -27.33 -63.14
C LYS NB 150 -43.97 -28.26 -62.11
N PRO NB 151 -45.07 -27.88 -61.48
CA PRO NB 151 -45.72 -28.76 -60.50
C PRO NB 151 -46.49 -29.87 -61.20
N THR NB 152 -45.97 -31.11 -61.11
CA THR NB 152 -46.60 -32.22 -61.79
C THR NB 152 -46.87 -33.36 -60.82
N ALA NB 153 -48.13 -33.78 -60.78
CA ALA NB 153 -48.56 -34.92 -59.97
C ALA NB 153 -48.51 -36.16 -60.87
N THR NB 154 -47.56 -37.04 -60.60
CA THR NB 154 -47.27 -38.17 -61.47
C THR NB 154 -47.64 -39.48 -60.77
N SER NB 155 -47.81 -40.53 -61.58
CA SER NB 155 -48.08 -41.87 -61.06
C SER NB 155 -47.09 -42.83 -61.71
N GLN NB 156 -46.45 -43.65 -60.89
CA GLN NB 156 -45.43 -44.60 -61.35
C GLN NB 156 -45.70 -45.97 -60.75
N PHE NB 157 -45.36 -47.01 -61.50
CA PHE NB 157 -45.49 -48.39 -61.04
C PHE NB 157 -44.15 -48.84 -60.49
N VAL NB 158 -44.15 -49.31 -59.25
CA VAL NB 158 -42.94 -49.80 -58.60
C VAL NB 158 -42.78 -51.28 -58.93
N ASN NB 159 -41.67 -51.61 -59.58
CA ASN NB 159 -41.32 -53.00 -59.88
C ASN NB 159 -40.16 -53.41 -59.00
N LEU NB 160 -40.35 -54.49 -58.23
CA LEU NB 160 -39.33 -54.99 -57.33
C LEU NB 160 -38.55 -56.17 -57.91
N SER NB 161 -38.76 -56.47 -59.19
CA SER NB 161 -37.97 -57.52 -59.81
C SER NB 161 -36.50 -57.08 -59.88
N PRO NB 162 -35.56 -58.00 -59.66
CA PRO NB 162 -34.13 -57.64 -59.73
C PRO NB 162 -33.77 -57.12 -61.11
N GLY NB 163 -32.90 -56.11 -61.13
CA GLY NB 163 -32.49 -55.45 -62.35
C GLY NB 163 -33.27 -54.18 -62.63
N SER NB 164 -34.41 -53.98 -62.00
CA SER NB 164 -35.23 -52.80 -62.22
C SER NB 164 -34.58 -51.58 -61.55
N THR NB 165 -34.76 -50.43 -62.18
CA THR NB 165 -34.19 -49.27 -61.51
C THR NB 165 -35.17 -48.72 -60.48
N PRO NB 166 -34.66 -48.14 -59.39
CA PRO NB 166 -35.54 -47.60 -58.36
C PRO NB 166 -36.34 -46.43 -58.89
N PRO NB 167 -37.53 -46.21 -58.36
CA PRO NB 167 -38.33 -45.05 -58.79
C PRO NB 167 -37.65 -43.74 -58.42
N VAL NB 168 -37.89 -42.73 -59.26
CA VAL NB 168 -37.26 -41.42 -59.13
C VAL NB 168 -38.29 -40.44 -58.61
N ILE NB 169 -37.92 -39.68 -57.59
CA ILE NB 169 -38.78 -38.68 -56.97
C ILE NB 169 -38.10 -37.33 -57.12
N ARG NB 170 -38.78 -36.39 -57.78
CA ARG NB 170 -38.22 -35.07 -58.02
C ARG NB 170 -38.70 -34.11 -56.95
N LEU NB 171 -37.76 -33.40 -56.34
CA LEU NB 171 -38.03 -32.48 -55.26
C LEU NB 171 -37.76 -31.05 -55.73
N SER NB 172 -38.04 -30.09 -54.86
CA SER NB 172 -37.68 -28.70 -55.08
C SER NB 172 -37.32 -28.09 -53.74
N GLN NB 173 -36.44 -27.10 -53.76
CA GLN NB 173 -35.93 -26.53 -52.52
C GLN NB 173 -37.05 -25.84 -51.75
N GLY NB 174 -37.42 -26.41 -50.60
CA GLY NB 174 -38.42 -25.83 -49.73
C GLY NB 174 -39.85 -26.20 -50.06
N PHE NB 175 -40.09 -27.30 -50.77
CA PHE NB 175 -41.43 -27.69 -51.17
C PHE NB 175 -41.77 -29.10 -50.71
N VAL NB 176 -43.06 -29.31 -50.43
CA VAL NB 176 -43.55 -30.60 -49.94
C VAL NB 176 -43.97 -31.46 -51.14
N SER NB 177 -43.46 -32.69 -51.16
CA SER NB 177 -43.84 -33.69 -52.14
C SER NB 177 -44.45 -34.87 -51.38
N SER NB 178 -45.66 -35.26 -51.76
CA SER NB 178 -46.41 -36.29 -51.04
C SER NB 178 -46.38 -37.59 -51.84
N LEU NB 179 -45.64 -38.57 -51.35
CA LEU NB 179 -45.69 -39.91 -51.90
C LEU NB 179 -46.73 -40.73 -51.15
N VAL NB 180 -47.72 -41.22 -51.89
CA VAL NB 180 -48.71 -42.16 -51.39
C VAL NB 180 -48.39 -43.52 -51.98
N PHE NB 181 -48.64 -44.57 -51.21
CA PHE NB 181 -48.29 -45.93 -51.60
C PHE NB 181 -49.57 -46.73 -51.78
N LEU NB 182 -49.73 -47.31 -52.98
CA LEU NB 182 -50.87 -48.14 -53.28
C LEU NB 182 -50.40 -49.46 -53.88
N ASP NB 183 -51.17 -50.51 -53.65
CA ASP NB 183 -50.89 -51.84 -54.15
C ASP NB 183 -51.36 -51.96 -55.60
N SER NB 184 -51.38 -53.19 -56.12
CA SER NB 184 -51.78 -53.41 -57.50
C SER NB 184 -53.27 -53.14 -57.72
N THR NB 185 -54.07 -53.16 -56.66
CA THR NB 185 -55.48 -52.83 -56.78
C THR NB 185 -55.77 -51.35 -56.52
N GLY NB 186 -54.74 -50.55 -56.27
CA GLY NB 186 -54.92 -49.13 -56.09
C GLY NB 186 -55.36 -48.70 -54.72
N ALA NB 187 -55.46 -49.63 -53.78
CA ALA NB 187 -55.86 -49.33 -52.41
C ALA NB 187 -54.66 -48.87 -51.59
N PRO NB 188 -54.90 -48.08 -50.55
CA PRO NB 188 -53.78 -47.61 -49.72
C PRO NB 188 -53.03 -48.77 -49.09
N TRP NB 189 -51.71 -48.60 -48.99
CA TRP NB 189 -50.83 -49.59 -48.36
C TRP NB 189 -50.05 -48.90 -47.24
N PRO NB 190 -50.44 -49.07 -45.98
CA PRO NB 190 -49.79 -48.33 -44.89
C PRO NB 190 -48.31 -48.68 -44.78
N ILE NB 191 -47.54 -47.73 -44.26
CA ILE NB 191 -46.09 -47.84 -44.16
C ILE NB 191 -45.73 -48.38 -42.79
N ALA NB 192 -44.90 -49.42 -42.77
CA ALA NB 192 -44.43 -49.97 -41.50
C ALA NB 192 -43.34 -49.12 -40.88
N ALA NB 193 -42.47 -48.53 -41.72
CA ALA NB 193 -41.36 -47.70 -41.25
C ALA NB 193 -40.67 -47.11 -42.48
N TYR NB 194 -39.68 -46.27 -42.25
CA TYR NB 194 -38.82 -45.81 -43.33
C TYR NB 194 -37.47 -45.38 -42.79
N ASP NB 195 -36.49 -45.34 -43.69
CA ASP NB 195 -35.13 -44.93 -43.39
C ASP NB 195 -34.71 -43.87 -44.41
N LEU NB 196 -34.26 -42.73 -43.92
CA LEU NB 196 -33.84 -41.62 -44.78
C LEU NB 196 -32.36 -41.78 -45.07
N GLY NB 197 -32.01 -41.88 -46.35
CA GLY NB 197 -30.61 -41.77 -46.75
C GLY NB 197 -30.26 -40.32 -46.99
N ASP NB 198 -29.25 -39.83 -46.28
CA ASP NB 198 -28.87 -38.42 -46.26
C ASP NB 198 -30.03 -37.56 -45.77
N PRO NB 199 -30.39 -37.63 -44.48
CA PRO NB 199 -31.39 -36.71 -43.94
C PRO NB 199 -30.92 -35.26 -43.83
N SER NB 200 -29.65 -34.99 -44.10
CA SER NB 200 -29.14 -33.62 -44.08
C SER NB 200 -29.61 -32.80 -45.28
N SER NB 201 -30.15 -33.46 -46.32
CA SER NB 201 -30.64 -32.76 -47.50
C SER NB 201 -32.13 -32.98 -47.72
N PHE NB 202 -32.75 -33.89 -46.98
CA PHE NB 202 -34.18 -34.13 -47.09
C PHE NB 202 -34.78 -34.28 -45.70
N ASN NB 203 -36.01 -33.82 -45.54
CA ASN NB 203 -36.73 -34.01 -44.29
C ASN NB 203 -38.09 -34.59 -44.64
N ILE NB 204 -38.41 -35.73 -44.04
CA ILE NB 204 -39.67 -36.44 -44.28
C ILE NB 204 -40.51 -36.30 -43.02
N GLN NB 205 -41.78 -35.97 -43.18
CA GLN NB 205 -42.74 -36.08 -42.10
C GLN NB 205 -43.91 -36.99 -42.51
N TRP NB 206 -44.41 -37.72 -41.52
CA TRP NB 206 -45.29 -38.86 -41.74
C TRP NB 206 -45.95 -39.22 -40.42
N ASP NB 207 -47.27 -39.11 -40.35
CA ASP NB 207 -47.99 -39.62 -39.19
C ASP NB 207 -47.87 -41.14 -39.17
N LYS NB 208 -47.75 -41.71 -37.98
CA LYS NB 208 -47.29 -43.08 -37.83
C LYS NB 208 -48.22 -44.11 -38.46
N THR NB 209 -49.47 -43.77 -38.75
CA THR NB 209 -50.43 -44.74 -39.22
C THR NB 209 -50.64 -44.68 -40.73
N SER NB 210 -50.58 -43.50 -41.32
CA SER NB 210 -50.96 -43.32 -42.72
C SER NB 210 -49.94 -43.98 -43.64
N ASN NB 211 -50.23 -43.90 -44.94
CA ASN NB 211 -49.37 -44.43 -45.99
C ASN NB 211 -48.77 -43.33 -46.84
N THR NB 212 -48.73 -42.10 -46.33
CA THR NB 212 -48.25 -40.95 -47.09
C THR NB 212 -47.06 -40.32 -46.38
N LEU NB 213 -45.98 -40.16 -47.13
CA LEU NB 213 -44.79 -39.48 -46.65
C LEU NB 213 -44.65 -38.16 -47.38
N MET NB 214 -44.45 -37.07 -46.67
CA MET NB 214 -44.24 -35.79 -47.36
C MET NB 214 -42.78 -35.43 -47.13
N ILE NB 215 -42.14 -34.91 -48.18
CA ILE NB 215 -40.71 -34.68 -48.21
C ILE NB 215 -40.43 -33.25 -48.63
N GLN NB 216 -39.48 -32.61 -47.95
CA GLN NB 216 -38.94 -31.33 -48.39
C GLN NB 216 -37.44 -31.50 -48.62
N ALA NB 217 -36.97 -31.05 -49.78
CA ALA NB 217 -35.54 -31.01 -50.03
C ALA NB 217 -34.95 -29.80 -49.31
N THR NB 218 -34.22 -30.07 -48.22
CA THR NB 218 -33.68 -29.01 -47.38
C THR NB 218 -32.56 -28.22 -48.05
N LYS NB 219 -31.67 -28.88 -48.79
CA LYS NB 219 -30.76 -28.20 -49.69
C LYS NB 219 -31.16 -28.50 -51.13
N LEU NB 220 -30.54 -27.77 -52.06
CA LEU NB 220 -31.16 -27.53 -53.36
C LEU NB 220 -30.84 -28.63 -54.37
N TYR NB 221 -29.58 -29.08 -54.41
CA TYR NB 221 -29.14 -29.96 -55.48
C TYR NB 221 -28.75 -31.38 -55.04
N ASN NB 222 -28.57 -31.62 -53.75
CA ASN NB 222 -28.05 -32.92 -53.31
C ASN NB 222 -29.12 -33.99 -53.46
N TYR NB 223 -28.80 -35.06 -54.17
CA TYR NB 223 -29.70 -36.19 -54.38
C TYR NB 223 -29.29 -37.34 -53.47
N GLY NB 224 -30.27 -38.14 -53.09
CA GLY NB 224 -30.02 -39.28 -52.24
C GLY NB 224 -30.99 -40.39 -52.53
N ASN NB 225 -31.22 -41.23 -51.51
CA ASN NB 225 -32.11 -42.37 -51.64
C ASN NB 225 -32.83 -42.62 -50.32
N LEU NB 226 -34.00 -43.23 -50.42
CA LEU NB 226 -34.90 -43.37 -49.28
C LEU NB 226 -35.49 -44.76 -49.30
N ALA NB 227 -35.45 -45.45 -48.17
CA ALA NB 227 -36.04 -46.77 -48.03
C ALA NB 227 -37.35 -46.66 -47.25
N VAL NB 228 -38.35 -47.42 -47.65
CA VAL NB 228 -39.61 -47.49 -46.92
C VAL NB 228 -39.94 -48.97 -46.73
N ARG NB 229 -40.05 -49.38 -45.47
CA ARG NB 229 -40.45 -50.75 -45.12
C ARG NB 229 -41.96 -50.73 -45.00
N LEU NB 230 -42.61 -51.60 -45.76
CA LEU NB 230 -44.04 -51.48 -46.02
C LEU NB 230 -44.73 -52.49 -45.10
N ARG NB 231 -46.07 -52.51 -45.07
CA ARG NB 231 -46.76 -53.36 -44.10
C ARG NB 231 -46.61 -54.84 -44.44
N GLY NB 232 -47.17 -55.27 -45.58
CA GLY NB 232 -47.19 -56.67 -45.92
C GLY NB 232 -46.03 -57.15 -46.76
N LEU NB 233 -45.03 -56.32 -46.98
CA LEU NB 233 -43.96 -56.64 -47.91
C LEU NB 233 -42.72 -57.12 -47.19
N ASN NB 234 -42.03 -58.09 -47.79
CA ASN NB 234 -40.75 -58.57 -47.26
C ASN NB 234 -39.58 -57.81 -47.86
N THR NB 235 -39.68 -57.42 -49.12
CA THR NB 235 -38.68 -56.55 -49.71
C THR NB 235 -39.21 -55.12 -49.69
N PRO NB 236 -38.55 -54.19 -49.00
CA PRO NB 236 -39.05 -52.81 -48.94
C PRO NB 236 -38.96 -52.12 -50.29
N VAL NB 237 -39.28 -50.84 -50.31
CA VAL NB 237 -39.27 -50.05 -51.54
C VAL NB 237 -38.28 -48.90 -51.37
N MET NB 238 -37.34 -48.78 -52.29
CA MET NB 238 -36.32 -47.73 -52.23
C MET NB 238 -36.44 -46.83 -53.46
N LEU NB 239 -36.34 -45.53 -53.22
CA LEU NB 239 -36.52 -44.51 -54.25
C LEU NB 239 -35.37 -43.53 -54.23
N THR NB 240 -34.90 -43.17 -55.41
CA THR NB 240 -33.93 -42.09 -55.56
C THR NB 240 -34.68 -40.77 -55.45
N LEU NB 241 -34.06 -39.80 -54.80
CA LEU NB 241 -34.66 -38.49 -54.55
C LEU NB 241 -33.72 -37.43 -55.07
N ILE NB 242 -34.14 -36.72 -56.12
CA ILE NB 242 -33.32 -35.69 -56.74
C ILE NB 242 -34.07 -34.36 -56.69
N PRO NB 243 -33.54 -33.33 -56.06
CA PRO NB 243 -34.15 -32.01 -56.09
C PRO NB 243 -33.56 -31.13 -57.19
N GLY NB 244 -34.16 -29.96 -57.35
CA GLY NB 244 -33.68 -29.01 -58.33
C GLY NB 244 -33.92 -29.41 -59.78
N GLN NB 245 -34.89 -30.27 -60.04
CA GLN NB 245 -35.15 -30.72 -61.39
C GLN NB 245 -36.21 -29.81 -62.00
N LYS NB 246 -36.35 -29.86 -63.33
CA LYS NB 246 -37.21 -28.95 -64.08
C LYS NB 246 -38.68 -29.06 -63.69
N ALA NB 247 -39.02 -29.94 -62.77
CA ALA NB 247 -40.37 -30.15 -62.29
C ALA NB 247 -40.30 -30.51 -60.82
N VAL NB 248 -41.44 -30.50 -60.15
CA VAL NB 248 -41.57 -31.06 -58.83
C VAL NB 248 -42.56 -32.22 -58.90
N ASP NB 249 -42.11 -33.39 -58.42
CA ASP NB 249 -42.96 -34.56 -58.24
C ASP NB 249 -43.90 -34.21 -57.09
N TYR NB 250 -44.99 -33.57 -57.46
CA TYR NB 250 -45.72 -32.72 -56.54
C TYR NB 250 -46.55 -33.57 -55.57
N ARG NB 251 -46.98 -34.74 -56.06
CA ARG NB 251 -47.62 -35.80 -55.29
C ARG NB 251 -47.61 -37.02 -56.18
N VAL NB 252 -47.04 -38.11 -55.70
CA VAL NB 252 -46.67 -39.26 -56.54
C VAL NB 252 -47.41 -40.50 -56.04
N ASP NB 253 -48.13 -41.15 -56.94
CA ASP NB 253 -48.74 -42.45 -56.68
C ASP NB 253 -47.72 -43.52 -56.99
N LEU NB 254 -47.45 -44.40 -56.02
CA LEU NB 254 -46.49 -45.47 -56.18
C LEU NB 254 -47.23 -46.79 -56.24
N ARG NB 255 -47.33 -47.36 -57.46
CA ARG NB 255 -48.11 -48.56 -57.72
C ARG NB 255 -47.23 -49.78 -57.48
N VAL NB 256 -47.09 -50.14 -56.21
CA VAL NB 256 -46.17 -51.21 -55.85
C VAL NB 256 -46.69 -52.55 -56.39
N GLN NB 257 -45.75 -53.38 -56.83
CA GLN NB 257 -46.05 -54.61 -57.55
C GLN NB 257 -46.92 -55.57 -56.72
N GLY NB 258 -46.88 -55.46 -55.40
CA GLY NB 258 -47.58 -56.39 -54.53
C GLY NB 258 -49.01 -56.01 -54.23
N TYR NB 259 -49.62 -56.77 -53.31
CA TYR NB 259 -50.99 -56.54 -52.86
C TYR NB 259 -50.98 -56.24 -51.37
N GLY NB 260 -51.69 -55.19 -50.98
CA GLY NB 260 -51.70 -54.75 -49.61
C GLY NB 260 -52.79 -55.36 -48.76
N PRO NB 261 -52.92 -54.91 -47.51
CA PRO NB 261 -54.00 -55.37 -46.65
C PRO NB 261 -55.38 -54.87 -47.06
N ASN NB 262 -55.46 -54.05 -48.10
CA ASN NB 262 -56.71 -53.52 -48.61
C ASN NB 262 -56.85 -53.97 -50.06
N ALA NB 263 -57.90 -54.74 -50.35
CA ALA NB 263 -58.10 -55.26 -51.70
C ALA NB 263 -59.47 -54.87 -52.23
N CYS OB 1 -2.58 -43.90 -70.48
CA CYS OB 1 -3.51 -44.80 -69.81
C CYS OB 1 -2.82 -46.09 -69.37
N THR OB 2 -3.26 -47.20 -69.95
CA THR OB 2 -2.77 -48.52 -69.55
C THR OB 2 -1.37 -48.80 -70.05
N ASP OB 3 -0.95 -48.16 -71.15
CA ASP OB 3 0.38 -48.42 -71.68
C ASP OB 3 1.46 -47.91 -70.73
N ALA OB 4 1.25 -46.73 -70.14
CA ALA OB 4 2.16 -46.27 -69.10
C ALA OB 4 2.21 -47.25 -67.95
N ALA OB 5 1.05 -47.78 -67.54
CA ALA OB 5 0.99 -48.72 -66.44
C ALA OB 5 1.77 -50.00 -66.74
N LEU OB 6 1.62 -50.54 -67.95
CA LEU OB 6 2.27 -51.83 -68.23
C LEU OB 6 3.76 -51.64 -68.44
N ALA OB 7 4.18 -50.52 -69.05
CA ALA OB 7 5.61 -50.23 -69.13
C ALA OB 7 6.19 -50.09 -67.73
N ALA OB 8 5.47 -49.40 -66.84
CA ALA OB 8 5.95 -49.23 -65.48
C ALA OB 8 6.05 -50.57 -64.76
N LEU OB 9 5.06 -51.46 -64.94
CA LEU OB 9 5.09 -52.70 -64.19
C LEU OB 9 6.18 -53.65 -64.71
N GLU OB 10 6.42 -53.64 -66.02
CA GLU OB 10 7.51 -54.46 -66.52
C GLU OB 10 8.86 -53.91 -66.09
N TYR OB 11 9.01 -52.58 -66.03
CA TYR OB 11 10.27 -52.02 -65.57
C TYR OB 11 10.45 -52.21 -64.07
N HIS OB 12 9.35 -52.33 -63.32
CA HIS OB 12 9.43 -52.73 -61.93
C HIS OB 12 9.89 -54.18 -61.79
N LYS OB 13 9.25 -55.10 -62.52
CA LYS OB 13 9.61 -56.51 -62.40
C LYS OB 13 11.02 -56.78 -62.90
N SER OB 14 11.53 -55.96 -63.82
CA SER OB 14 12.90 -56.12 -64.28
C SER OB 14 13.90 -55.62 -63.25
N ASN OB 15 13.57 -54.59 -62.50
CA ASN OB 15 14.46 -53.99 -61.50
C ASN OB 15 13.90 -54.30 -60.12
N ALA OB 16 14.48 -55.31 -59.47
CA ALA OB 16 14.02 -55.75 -58.15
C ALA OB 16 14.25 -54.70 -57.06
N CYS PB 1 0.91 -54.50 -57.04
CA CYS PB 1 2.09 -53.72 -57.38
C CYS PB 1 1.71 -52.32 -57.86
N VAL PB 2 0.97 -52.27 -58.95
CA VAL PB 2 0.67 -51.02 -59.64
C VAL PB 2 -0.43 -50.29 -58.88
N SER PB 3 -0.15 -49.04 -58.51
CA SER PB 3 -1.17 -48.11 -58.05
C SER PB 3 -1.50 -47.17 -59.19
N MET PB 4 -2.68 -47.33 -59.78
CA MET PB 4 -3.05 -46.58 -60.96
C MET PB 4 -3.33 -45.13 -60.66
N ILE PB 5 -3.68 -44.81 -59.41
CA ILE PB 5 -3.98 -43.43 -59.04
C ILE PB 5 -2.72 -42.59 -59.09
N GLY PB 6 -1.57 -43.21 -58.84
CA GLY PB 6 -0.30 -42.55 -59.07
C GLY PB 6 0.11 -42.66 -60.52
N GLY PB 7 -0.87 -42.52 -61.43
CA GLY PB 7 -0.62 -42.72 -62.83
C GLY PB 7 -0.37 -41.42 -63.58
N SER PB 8 0.54 -41.49 -64.55
CA SER PB 8 0.85 -40.34 -65.39
C SER PB 8 0.98 -40.87 -66.82
N ARG PB 9 0.37 -40.17 -67.76
CA ARG PB 9 0.42 -40.58 -69.16
C ARG PB 9 1.75 -40.19 -69.79
N ARG QB 1 4.00 -43.68 -60.35
CA ARG QB 1 3.51 -44.99 -59.94
C ARG QB 1 4.57 -45.67 -59.08
N VAL QB 2 4.14 -46.28 -57.97
CA VAL QB 2 5.05 -46.81 -56.96
C VAL QB 2 4.52 -48.14 -56.45
N SER QB 3 5.45 -49.04 -56.12
CA SER QB 3 5.15 -50.34 -55.57
C SER QB 3 5.05 -50.26 -54.05
N ILE QB 4 5.09 -51.42 -53.40
CA ILE QB 4 4.81 -51.49 -51.97
C ILE QB 4 6.09 -51.51 -51.16
N GLY QB 5 7.19 -51.95 -51.78
CA GLY QB 5 8.46 -52.06 -51.08
C GLY QB 5 9.04 -50.74 -50.59
N GLY QB 6 8.96 -49.68 -51.41
CA GLY QB 6 9.44 -48.36 -51.04
C GLY QB 6 10.16 -47.63 -52.17
N THR QB 7 10.79 -48.37 -53.08
CA THR QB 7 11.57 -47.74 -54.13
C THR QB 7 10.66 -47.29 -55.27
N VAL QB 8 10.97 -46.12 -55.82
CA VAL QB 8 10.16 -45.49 -56.86
C VAL QB 8 10.72 -45.88 -58.22
N TYR QB 9 9.91 -46.59 -59.00
CA TYR QB 9 10.16 -46.82 -60.42
C TYR QB 9 8.98 -46.28 -61.21
N THR QB 10 9.27 -45.61 -62.32
CA THR QB 10 8.22 -44.97 -63.11
C THR QB 10 8.54 -45.07 -64.59
N ALA QB 11 7.49 -45.26 -65.39
CA ALA QB 11 7.63 -45.21 -66.84
C ALA QB 11 7.96 -43.79 -67.30
N LYS QB 12 8.52 -43.68 -68.50
CA LYS QB 12 9.05 -42.40 -68.99
C LYS QB 12 7.98 -41.55 -69.65
N LYS QB 13 7.38 -42.04 -70.74
CA LYS QB 13 6.39 -41.27 -71.49
C LYS QB 13 5.57 -42.24 -72.32
N TYR QB 14 4.27 -42.32 -72.04
CA TYR QB 14 3.42 -43.31 -72.70
C TYR QB 14 2.00 -42.79 -72.77
N ASP QB 15 1.50 -42.60 -73.98
CA ASP QB 15 0.17 -42.05 -74.22
C ASP QB 15 -0.72 -43.10 -74.88
N ASP QB 16 -2.02 -42.96 -74.66
CA ASP QB 16 -3.00 -43.86 -75.25
C ASP QB 16 -4.17 -43.08 -75.84
N PRO RB 1 -4.93 -41.09 -62.97
CA PRO RB 1 -5.66 -40.26 -63.93
C PRO RB 1 -5.29 -40.58 -65.38
N PHE RB 2 -6.19 -41.28 -66.07
CA PHE RB 2 -6.00 -41.66 -67.47
C PHE RB 2 -7.09 -41.02 -68.32
N GLY RB 3 -6.93 -41.13 -69.65
CA GLY RB 3 -7.90 -40.61 -70.57
C GLY RB 3 -9.03 -41.55 -70.94
N ALA RB 4 -8.99 -42.79 -70.46
CA ALA RB 4 -10.03 -43.77 -70.74
C ALA RB 4 -11.01 -43.93 -69.57
N ASP RB 5 -11.28 -42.85 -68.85
CA ASP RB 5 -12.18 -42.91 -67.70
C ASP RB 5 -13.63 -43.03 -68.16
N ARG SB 207 -18.10 -69.33 -75.22
CA ARG SB 207 -17.51 -69.50 -73.91
C ARG SB 207 -18.42 -68.90 -72.83
N ILE SB 208 -17.85 -68.63 -71.67
CA ILE SB 208 -18.58 -68.05 -70.54
C ILE SB 208 -18.09 -66.62 -70.37
N ILE SB 209 -19.03 -65.70 -70.17
CA ILE SB 209 -18.72 -64.28 -70.15
C ILE SB 209 -18.83 -63.76 -68.72
N TYR SB 210 -17.73 -63.24 -68.20
CA TYR SB 210 -17.70 -62.63 -66.88
C TYR SB 210 -17.66 -61.12 -67.01
N TYR SB 211 -18.44 -60.44 -66.16
CA TYR SB 211 -18.47 -58.98 -66.07
C TYR SB 211 -18.06 -58.54 -64.67
N ILE SB 212 -17.45 -57.36 -64.59
CA ILE SB 212 -16.91 -56.89 -63.33
C ILE SB 212 -18.04 -56.68 -62.33
N GLN SB 213 -17.87 -57.23 -61.13
CA GLN SB 213 -18.82 -57.02 -60.05
C GLN SB 213 -18.34 -55.96 -59.06
N ALA SB 214 -17.04 -55.92 -58.78
CA ALA SB 214 -16.44 -54.86 -58.00
C ALA SB 214 -14.95 -54.84 -58.32
N VAL SB 215 -14.30 -53.70 -58.11
CA VAL SB 215 -12.89 -53.58 -58.44
C VAL SB 215 -12.25 -52.53 -57.54
N ILE SB 216 -11.11 -52.88 -56.97
CA ILE SB 216 -10.32 -52.02 -56.10
C ILE SB 216 -8.85 -52.20 -56.46
N PRO SB 217 -7.95 -51.28 -56.07
CA PRO SB 217 -6.52 -51.50 -56.34
C PRO SB 217 -6.01 -52.81 -55.77
N GLY SB 218 -5.65 -53.74 -56.64
CA GLY SB 218 -5.35 -55.09 -56.20
C GLY SB 218 -6.42 -56.07 -56.61
N ARG SB 219 -7.29 -56.45 -55.67
CA ARG SB 219 -8.32 -57.44 -55.96
C ARG SB 219 -9.40 -56.88 -56.87
N ALA SB 220 -10.22 -57.79 -57.38
CA ALA SB 220 -11.45 -57.41 -58.07
C ALA SB 220 -12.39 -58.61 -58.03
N TRP SB 221 -13.64 -58.39 -57.63
CA TRP SB 221 -14.63 -59.46 -57.63
C TRP SB 221 -15.31 -59.46 -58.99
N LEU SB 222 -15.46 -60.63 -59.57
CA LEU SB 222 -15.90 -60.81 -60.94
C LEU SB 222 -17.06 -61.81 -60.96
N ILE SB 223 -18.11 -61.50 -61.71
CA ILE SB 223 -19.30 -62.35 -61.78
C ILE SB 223 -19.56 -62.74 -63.22
N GLY SB 224 -19.76 -64.03 -63.46
CA GLY SB 224 -19.98 -64.56 -64.79
C GLY SB 224 -21.44 -64.68 -65.16
N SER SB 225 -21.68 -65.14 -66.38
CA SER SB 225 -23.03 -65.36 -66.89
C SER SB 225 -23.69 -66.60 -66.32
N ASN SB 226 -22.92 -67.50 -65.73
CA ASN SB 226 -23.45 -68.65 -65.01
C ASN SB 226 -23.80 -68.31 -63.56
N GLY SB 227 -23.56 -67.07 -63.15
CA GLY SB 227 -23.85 -66.63 -61.80
C GLY SB 227 -22.74 -66.86 -60.80
N SER SB 228 -21.66 -67.53 -61.18
CA SER SB 228 -20.57 -67.77 -60.24
C SER SB 228 -19.79 -66.49 -59.99
N THR SB 229 -19.29 -66.36 -58.77
CA THR SB 229 -18.49 -65.20 -58.37
C THR SB 229 -17.10 -65.65 -57.99
N LEU SB 230 -16.09 -64.99 -58.55
CA LEU SB 230 -14.71 -65.28 -58.26
C LEU SB 230 -14.01 -63.94 -58.10
N THR SB 231 -12.68 -63.98 -57.97
CA THR SB 231 -11.90 -62.83 -57.56
C THR SB 231 -10.48 -62.93 -58.12
N VAL SB 232 -9.93 -61.81 -58.57
CA VAL SB 232 -8.68 -61.81 -59.32
C VAL SB 232 -7.73 -60.75 -58.77
N ARG SB 233 -6.44 -61.02 -58.92
CA ARG SB 233 -5.33 -60.15 -58.53
C ARG SB 233 -4.50 -59.77 -59.74
N GLU SB 234 -3.33 -59.19 -59.46
CA GLU SB 234 -2.38 -58.78 -60.49
C GLU SB 234 -2.09 -59.93 -61.46
N GLY SB 235 -1.74 -61.10 -60.92
CA GLY SB 235 -1.56 -62.27 -61.74
C GLY SB 235 -2.25 -63.50 -61.19
N SER SB 236 -3.24 -64.02 -61.92
CA SER SB 236 -4.00 -65.18 -61.47
C SER SB 236 -4.69 -65.80 -62.68
N LYS SB 237 -4.99 -67.09 -62.57
CA LYS SB 237 -5.60 -67.84 -63.66
C LYS SB 237 -7.09 -67.60 -63.73
N ILE SB 238 -7.57 -67.21 -64.90
CA ILE SB 238 -8.99 -67.03 -65.17
C ILE SB 238 -9.35 -67.96 -66.33
N PRO SB 239 -10.28 -68.91 -66.14
CA PRO SB 239 -10.57 -69.89 -67.20
C PRO SB 239 -11.09 -69.22 -68.46
N GLY SB 240 -10.58 -69.68 -69.60
CA GLY SB 240 -10.97 -69.13 -70.89
C GLY SB 240 -10.17 -67.89 -71.27
N TYR SB 241 -10.00 -66.99 -70.31
CA TYR SB 241 -9.29 -65.74 -70.57
C TYR SB 241 -7.81 -65.85 -70.25
N GLY SB 242 -7.36 -67.03 -69.81
CA GLY SB 242 -5.94 -67.22 -69.57
C GLY SB 242 -5.52 -66.74 -68.19
N MET SB 243 -4.66 -65.73 -68.13
CA MET SB 243 -4.26 -65.09 -66.89
C MET SB 243 -4.22 -63.58 -67.05
N VAL SB 244 -4.24 -62.87 -65.93
CA VAL SB 244 -4.41 -61.42 -65.94
C VAL SB 244 -3.06 -60.73 -65.88
N LYS SB 245 -2.91 -59.63 -66.63
CA LYS SB 245 -1.86 -58.66 -66.40
C LYS SB 245 -2.31 -57.39 -65.70
N LEU SB 246 -3.52 -56.88 -65.94
CA LEU SB 246 -3.76 -55.56 -65.36
C LEU SB 246 -5.17 -55.46 -64.81
N ILE SB 247 -5.29 -54.85 -63.63
CA ILE SB 247 -6.57 -54.52 -63.02
C ILE SB 247 -6.57 -53.01 -62.80
N ASP SB 248 -7.07 -52.26 -63.78
CA ASP SB 248 -7.25 -50.82 -63.68
C ASP SB 248 -8.56 -50.57 -62.93
N SER SB 249 -8.45 -50.30 -61.62
CA SER SB 249 -9.62 -50.09 -60.79
C SER SB 249 -10.31 -48.75 -61.07
N LEU SB 250 -9.56 -47.73 -61.49
CA LEU SB 250 -10.17 -46.44 -61.75
C LEU SB 250 -11.03 -46.46 -63.00
N GLN SB 251 -10.61 -47.17 -64.05
CA GLN SB 251 -11.43 -47.35 -65.23
C GLN SB 251 -12.34 -48.57 -65.15
N GLY SB 252 -12.12 -49.44 -64.17
CA GLY SB 252 -12.85 -50.70 -64.14
C GLY SB 252 -12.55 -51.61 -65.31
N ARG SB 253 -11.27 -51.80 -65.64
CA ARG SB 253 -10.86 -52.64 -66.75
C ARG SB 253 -9.87 -53.70 -66.28
N ILE SB 254 -10.04 -54.92 -66.79
CA ILE SB 254 -9.12 -56.03 -66.51
C ILE SB 254 -8.55 -56.48 -67.85
N LEU SB 255 -7.23 -56.33 -68.01
CA LEU SB 255 -6.52 -56.79 -69.19
C LEU SB 255 -5.95 -58.18 -68.93
N THR SB 256 -6.32 -59.14 -69.77
CA THR SB 256 -5.94 -60.55 -69.68
C THR SB 256 -5.09 -60.95 -70.88
N SER SB 257 -4.85 -62.27 -71.00
CA SER SB 257 -3.87 -62.77 -71.97
C SER SB 257 -4.36 -62.71 -73.40
N SER SB 258 -5.44 -63.42 -73.72
CA SER SB 258 -5.86 -63.59 -75.11
C SER SB 258 -6.64 -62.39 -75.65
N GLY SB 259 -6.50 -61.22 -75.01
CA GLY SB 259 -7.01 -59.98 -75.55
C GLY SB 259 -8.25 -59.44 -74.91
N GLN SB 260 -9.04 -60.27 -74.22
CA GLN SB 260 -10.28 -59.80 -73.63
C GLN SB 260 -10.00 -58.82 -72.50
N VAL SB 261 -10.84 -57.79 -72.42
CA VAL SB 261 -10.82 -56.82 -71.34
C VAL SB 261 -12.14 -56.91 -70.60
N ILE SB 262 -12.07 -57.21 -69.31
CA ILE SB 262 -13.25 -57.39 -68.47
C ILE SB 262 -13.66 -56.04 -67.91
N LYS SB 263 -14.94 -55.71 -68.03
CA LYS SB 263 -15.48 -54.43 -67.60
C LYS SB 263 -16.89 -54.64 -67.06
N PHE SB 264 -17.34 -53.70 -66.23
CA PHE SB 264 -18.64 -53.81 -65.57
C PHE SB 264 -19.74 -54.11 -66.58
N SER SB 265 -20.62 -55.04 -66.22
CA SER SB 265 -21.70 -55.43 -67.12
C SER SB 265 -22.44 -54.21 -67.65
N GLN SB 266 -22.91 -54.29 -68.88
CA GLN SB 266 -23.54 -53.13 -69.49
C GLN SB 266 -24.76 -52.67 -68.69
N GLU SB 267 -25.48 -53.63 -68.10
CA GLU SB 267 -26.59 -53.35 -67.19
C GLU SB 267 -26.09 -52.93 -65.81
N ASP SB 268 -24.99 -53.54 -65.32
CA ASP SB 268 -24.45 -53.20 -64.01
C ASP SB 268 -23.57 -51.96 -64.03
N SER SB 269 -23.21 -51.45 -65.20
CA SER SB 269 -22.40 -50.26 -65.32
C SER SB 269 -23.33 -49.14 -65.69
N ALA TB 104 -30.52 24.92 -55.09
CA ALA TB 104 -31.83 25.16 -54.51
C ALA TB 104 -32.45 23.87 -53.99
N GLU TB 105 -33.16 23.16 -54.87
CA GLU TB 105 -33.80 21.90 -54.53
C GLU TB 105 -33.22 20.71 -55.27
N VAL TB 106 -32.36 20.95 -56.26
CA VAL TB 106 -31.75 19.86 -57.03
C VAL TB 106 -30.75 19.05 -56.21
N ILE TB 107 -30.31 19.57 -55.06
CA ILE TB 107 -29.52 18.77 -54.13
C ILE TB 107 -30.31 17.53 -53.74
N ASP TB 108 -31.61 17.68 -53.51
CA ASP TB 108 -32.47 16.53 -53.24
C ASP TB 108 -32.35 15.50 -54.35
N LYS TB 109 -32.42 15.94 -55.61
CA LYS TB 109 -32.30 15.00 -56.71
C LYS TB 109 -30.97 14.26 -56.68
N LYS TB 110 -29.84 15.00 -56.74
CA LYS TB 110 -28.58 14.31 -56.92
C LYS TB 110 -28.27 13.41 -55.73
N ALA TB 111 -28.44 13.92 -54.51
CA ALA TB 111 -27.99 13.14 -53.37
C ALA TB 111 -29.03 12.08 -52.97
N PHE TB 112 -30.25 12.16 -53.51
CA PHE TB 112 -31.16 11.05 -53.26
C PHE TB 112 -30.87 9.95 -54.28
N LYS TB 113 -30.35 10.32 -55.45
CA LYS TB 113 -29.77 9.29 -56.30
C LYS TB 113 -28.58 8.63 -55.62
N ASP TB 114 -27.73 9.45 -54.98
CA ASP TB 114 -26.70 8.90 -54.11
C ASP TB 114 -27.29 7.97 -53.06
N MET TB 115 -28.44 8.35 -52.49
CA MET TB 115 -29.11 7.55 -51.47
C MET TB 115 -29.55 6.20 -52.01
N THR TB 116 -30.24 6.21 -53.15
CA THR TB 116 -30.64 4.97 -53.79
C THR TB 116 -29.44 4.09 -54.09
N ARG TB 117 -28.28 4.71 -54.33
CA ARG TB 117 -27.04 3.94 -54.41
C ARG TB 117 -26.64 3.35 -53.06
N ASN TB 118 -26.60 4.14 -51.99
CA ASN TB 118 -26.10 3.61 -50.72
C ASN TB 118 -27.05 2.63 -50.06
N LEU TB 119 -28.30 3.01 -49.81
CA LEU TB 119 -29.20 2.20 -49.00
C LEU TB 119 -29.44 0.84 -49.63
N TYR TB 120 -29.76 0.81 -50.92
CA TYR TB 120 -29.93 -0.45 -51.65
C TYR TB 120 -29.00 -0.40 -52.86
N PRO TB 121 -27.74 -0.78 -52.66
CA PRO TB 121 -26.76 -0.71 -53.75
C PRO TB 121 -26.86 -1.85 -54.74
N LEU TB 122 -27.38 -3.00 -54.33
CA LEU TB 122 -27.72 -4.06 -55.27
C LEU TB 122 -28.89 -3.56 -56.11
N ASN TB 123 -28.59 -3.10 -57.32
CA ASN TB 123 -29.65 -2.82 -58.26
C ASN TB 123 -30.37 -4.13 -58.57
N PRO TB 124 -31.67 -4.09 -58.88
CA PRO TB 124 -32.42 -5.34 -59.05
C PRO TB 124 -31.77 -6.31 -60.03
N GLU TB 125 -31.15 -5.82 -61.10
CA GLU TB 125 -30.36 -6.69 -61.97
C GLU TB 125 -29.16 -7.30 -61.25
N GLN TB 126 -28.45 -6.53 -60.44
CA GLN TB 126 -27.36 -7.09 -59.66
C GLN TB 126 -27.81 -8.15 -58.67
N VAL TB 127 -29.03 -8.03 -58.13
CA VAL TB 127 -29.56 -9.05 -57.23
C VAL TB 127 -29.66 -10.38 -57.96
N VAL TB 128 -30.19 -10.36 -59.18
CA VAL TB 128 -30.31 -11.60 -59.95
C VAL TB 128 -28.94 -12.11 -60.38
N LYS TB 129 -28.00 -11.23 -60.75
CA LYS TB 129 -26.65 -11.75 -61.04
C LYS TB 129 -26.08 -12.50 -59.85
N LEU TB 130 -26.23 -11.94 -58.64
CA LEU TB 130 -25.70 -12.61 -57.46
C LEU TB 130 -26.39 -13.95 -57.23
N LYS TB 131 -27.71 -13.99 -57.41
CA LYS TB 131 -28.43 -15.23 -57.15
C LYS TB 131 -28.00 -16.33 -58.13
N GLN TB 132 -27.75 -15.97 -59.40
CA GLN TB 132 -27.17 -16.92 -60.35
C GLN TB 132 -25.78 -17.39 -59.99
N ILE TB 133 -24.85 -16.50 -59.65
CA ILE TB 133 -23.51 -17.01 -59.32
C ILE TB 133 -23.61 -17.90 -58.08
N TYR TB 134 -24.51 -17.55 -57.16
CA TYR TB 134 -24.78 -18.37 -56.00
C TYR TB 134 -25.19 -19.78 -56.40
N GLU TB 135 -26.37 -19.93 -57.03
CA GLU TB 135 -26.87 -21.28 -57.28
C GLU TB 135 -26.00 -22.02 -58.28
N THR TB 136 -25.28 -21.30 -59.15
CA THR TB 136 -24.33 -21.96 -60.03
C THR TB 136 -23.19 -22.59 -59.24
N SER TB 137 -22.65 -21.87 -58.25
CA SER TB 137 -21.60 -22.46 -57.44
C SER TB 137 -22.13 -23.62 -56.60
N GLU TB 138 -23.37 -23.51 -56.11
CA GLU TB 138 -23.96 -24.67 -55.42
C GLU TB 138 -24.15 -25.88 -56.33
N TYR TB 139 -24.57 -25.68 -57.58
CA TYR TB 139 -24.67 -26.80 -58.50
C TYR TB 139 -23.29 -27.40 -58.79
N ALA TB 140 -22.29 -26.54 -59.01
CA ALA TB 140 -20.93 -27.04 -59.18
C ALA TB 140 -20.46 -27.80 -57.94
N LYS TB 141 -20.93 -27.39 -56.76
CA LYS TB 141 -20.61 -28.12 -55.54
C LYS TB 141 -21.28 -29.48 -55.51
N ALA TB 142 -22.60 -29.53 -55.48
CA ALA TB 142 -23.34 -30.76 -55.28
C ALA TB 142 -23.17 -31.75 -56.42
N ALA TB 143 -22.65 -31.32 -57.55
CA ALA TB 143 -22.35 -32.24 -58.63
C ALA TB 143 -21.32 -33.27 -58.18
N THR TB 144 -21.51 -34.50 -58.62
CA THR TB 144 -20.65 -35.59 -58.18
C THR TB 144 -19.49 -35.76 -59.16
N PRO TB 145 -18.32 -36.18 -58.69
CA PRO TB 145 -17.19 -36.41 -59.60
C PRO TB 145 -17.46 -37.61 -60.51
N GLY TB 146 -17.51 -37.35 -61.81
CA GLY TB 146 -17.71 -38.41 -62.77
C GLY TB 146 -19.14 -38.88 -62.80
N THR TB 147 -19.36 -39.98 -63.53
CA THR TB 147 -20.72 -40.47 -63.47
C THR TB 147 -21.01 -41.06 -62.09
N PRO TB 148 -22.14 -40.71 -61.48
CA PRO TB 148 -22.55 -41.39 -60.27
C PRO TB 148 -22.84 -42.84 -60.57
N PRO TB 149 -22.71 -43.72 -59.58
CA PRO TB 149 -22.91 -45.14 -59.85
C PRO TB 149 -24.37 -45.45 -60.15
N LYS TB 150 -24.57 -46.49 -60.96
CA LYS TB 150 -25.92 -46.86 -61.36
C LYS TB 150 -26.66 -47.51 -60.19
N PRO TB 151 -27.88 -47.07 -59.87
CA PRO TB 151 -28.66 -47.71 -58.81
C PRO TB 151 -29.32 -48.99 -59.30
N THR TB 152 -28.89 -50.12 -58.75
CA THR TB 152 -29.40 -51.41 -59.17
C THR TB 152 -29.83 -52.24 -57.96
N ALA TB 153 -30.88 -53.05 -58.17
CA ALA TB 153 -31.35 -54.01 -57.18
C ALA TB 153 -31.03 -55.40 -57.71
N THR TB 154 -30.07 -56.07 -57.09
CA THR TB 154 -29.55 -57.34 -57.56
C THR TB 154 -29.93 -58.46 -56.59
N SER TB 155 -29.80 -59.69 -57.05
CA SER TB 155 -30.01 -60.87 -56.21
C SER TB 155 -28.81 -61.80 -56.36
N GLN TB 156 -28.24 -62.21 -55.24
CA GLN TB 156 -27.09 -63.10 -55.24
C GLN TB 156 -27.44 -64.38 -54.50
N PHE TB 157 -26.80 -65.48 -54.89
CA PHE TB 157 -26.88 -66.73 -54.15
C PHE TB 157 -25.71 -66.82 -53.20
N VAL TB 158 -25.98 -67.12 -51.94
CA VAL TB 158 -24.95 -67.27 -50.93
C VAL TB 158 -24.62 -68.75 -50.80
N ASN TB 159 -23.43 -69.13 -51.25
CA ASN TB 159 -22.93 -70.50 -51.13
C ASN TB 159 -22.01 -70.55 -49.91
N LEU TB 160 -22.33 -71.40 -48.95
CA LEU TB 160 -21.57 -71.50 -47.71
C LEU TB 160 -20.59 -72.67 -47.72
N SER TB 161 -20.45 -73.35 -48.85
CA SER TB 161 -19.45 -74.41 -48.93
C SER TB 161 -18.06 -73.80 -48.88
N PRO TB 162 -17.10 -74.49 -48.24
CA PRO TB 162 -15.73 -73.96 -48.17
C PRO TB 162 -15.13 -73.78 -49.56
N GLY TB 163 -14.32 -72.74 -49.72
CA GLY TB 163 -13.70 -72.40 -50.99
C GLY TB 163 -14.45 -71.36 -51.78
N SER TB 164 -15.69 -71.05 -51.41
CA SER TB 164 -16.50 -70.08 -52.13
C SER TB 164 -16.15 -68.67 -51.66
N THR TB 165 -16.12 -67.75 -52.62
CA THR TB 165 -15.85 -66.35 -52.27
C THR TB 165 -17.07 -65.73 -51.62
N PRO TB 166 -16.84 -64.86 -50.62
CA PRO TB 166 -17.98 -64.21 -49.97
C PRO TB 166 -18.70 -63.30 -50.93
N PRO TB 167 -20.01 -63.13 -50.75
CA PRO TB 167 -20.73 -62.12 -51.53
C PRO TB 167 -20.25 -60.72 -51.22
N VAL TB 168 -20.48 -59.82 -52.16
CA VAL TB 168 -19.99 -58.44 -52.10
C VAL TB 168 -21.14 -57.49 -52.32
N ILE TB 169 -21.20 -56.41 -51.53
CA ILE TB 169 -22.19 -55.37 -51.72
C ILE TB 169 -21.50 -54.10 -52.18
N ARG TB 170 -21.96 -53.58 -53.32
CA ARG TB 170 -21.60 -52.26 -53.80
C ARG TB 170 -22.37 -51.23 -52.98
N LEU TB 171 -21.66 -50.32 -52.35
CA LEU TB 171 -22.27 -49.32 -51.49
C LEU TB 171 -21.80 -47.93 -51.96
N SER TB 172 -22.46 -46.88 -51.47
CA SER TB 172 -22.09 -45.53 -51.88
C SER TB 172 -22.04 -44.63 -50.65
N GLN TB 173 -21.27 -43.56 -50.75
CA GLN TB 173 -21.17 -42.55 -49.69
C GLN TB 173 -22.52 -41.95 -49.36
N GLY TB 174 -23.04 -42.22 -48.17
CA GLY TB 174 -24.28 -41.63 -47.72
C GLY TB 174 -25.53 -42.21 -48.32
N PHE TB 175 -25.45 -43.34 -49.00
CA PHE TB 175 -26.60 -43.98 -49.61
C PHE TB 175 -26.93 -45.28 -48.89
N VAL TB 176 -28.22 -45.54 -48.73
CA VAL TB 176 -28.69 -46.73 -48.04
C VAL TB 176 -28.68 -47.91 -49.00
N SER TB 177 -28.21 -49.04 -48.52
CA SER TB 177 -28.23 -50.31 -49.22
C SER TB 177 -29.06 -51.27 -48.38
N SER TB 178 -30.01 -51.94 -49.02
CA SER TB 178 -30.97 -52.80 -48.34
C SER TB 178 -30.60 -54.25 -48.59
N LEU TB 179 -30.39 -55.00 -47.52
CA LEU TB 179 -30.12 -56.42 -47.63
C LEU TB 179 -31.25 -57.22 -47.01
N VAL TB 180 -31.97 -57.97 -47.84
CA VAL TB 180 -33.03 -58.86 -47.40
C VAL TB 180 -32.52 -60.30 -47.52
N PHE TB 181 -32.64 -61.04 -46.43
CA PHE TB 181 -32.09 -62.39 -46.34
C PHE TB 181 -33.20 -63.40 -46.53
N LEU TB 182 -33.05 -64.26 -47.54
CA LEU TB 182 -34.01 -65.33 -47.81
C LEU TB 182 -33.26 -66.64 -47.90
N ASP TB 183 -33.99 -67.72 -47.64
CA ASP TB 183 -33.47 -69.07 -47.75
C ASP TB 183 -33.52 -69.51 -49.22
N SER TB 184 -33.33 -70.81 -49.45
CA SER TB 184 -33.36 -71.34 -50.81
C SER TB 184 -34.72 -71.12 -51.46
N THR TB 185 -35.80 -71.29 -50.71
CA THR TB 185 -37.14 -71.11 -51.25
C THR TB 185 -37.52 -69.64 -51.40
N GLY TB 186 -36.67 -68.72 -50.99
CA GLY TB 186 -36.95 -67.30 -51.11
C GLY TB 186 -37.84 -66.73 -50.03
N ALA TB 187 -38.16 -67.51 -49.01
CA ALA TB 187 -38.93 -67.06 -47.86
C ALA TB 187 -38.04 -66.23 -46.94
N PRO TB 188 -38.64 -65.32 -46.17
CA PRO TB 188 -37.83 -64.49 -45.26
C PRO TB 188 -37.07 -65.33 -44.26
N TRP TB 189 -35.87 -64.86 -43.91
CA TRP TB 189 -35.02 -65.51 -42.91
C TRP TB 189 -34.55 -64.47 -41.91
N PRO TB 190 -35.23 -64.33 -40.76
CA PRO TB 190 -34.87 -63.28 -39.80
C PRO TB 190 -33.44 -63.43 -39.29
N ILE TB 191 -32.86 -62.29 -38.93
CA ILE TB 191 -31.47 -62.21 -38.50
C ILE TB 191 -31.40 -62.40 -37.00
N ALA TB 192 -30.51 -63.28 -36.55
CA ALA TB 192 -30.29 -63.44 -35.11
C ALA TB 192 -29.37 -62.37 -34.56
N ALA TB 193 -28.32 -62.02 -35.30
CA ALA TB 193 -27.35 -61.02 -34.85
C ALA TB 193 -26.47 -60.65 -36.03
N TYR TB 194 -25.57 -59.68 -35.80
CA TYR TB 194 -24.67 -59.24 -36.84
C TYR TB 194 -23.43 -58.65 -36.19
N ASP TB 195 -22.34 -58.61 -36.95
CA ASP TB 195 -21.08 -58.03 -36.52
C ASP TB 195 -20.42 -57.30 -37.69
N LEU TB 196 -20.29 -55.99 -37.56
CA LEU TB 196 -19.73 -55.16 -38.62
C LEU TB 196 -18.28 -54.83 -38.28
N GLY TB 197 -17.36 -55.31 -39.12
CA GLY TB 197 -15.98 -54.89 -38.99
C GLY TB 197 -15.82 -53.44 -39.41
N ASP TB 198 -15.12 -52.67 -38.58
CA ASP TB 198 -14.90 -51.24 -38.80
C ASP TB 198 -16.23 -50.52 -39.01
N PRO TB 199 -17.04 -50.33 -37.98
CA PRO TB 199 -18.27 -49.55 -38.15
C PRO TB 199 -18.05 -48.05 -38.33
N SER TB 200 -16.79 -47.61 -38.48
CA SER TB 200 -16.51 -46.25 -38.92
C SER TB 200 -16.71 -46.07 -40.42
N SER TB 201 -16.63 -47.16 -41.20
CA SER TB 201 -16.80 -47.10 -42.64
C SER TB 201 -18.23 -47.42 -43.05
N PHE TB 202 -19.01 -48.06 -42.19
CA PHE TB 202 -20.39 -48.39 -42.47
C PHE TB 202 -21.20 -48.20 -41.21
N ASN TB 203 -22.42 -47.70 -41.39
CA ASN TB 203 -23.43 -47.68 -40.34
C ASN TB 203 -24.58 -48.55 -40.83
N ILE TB 204 -24.86 -49.61 -40.09
CA ILE TB 204 -26.00 -50.49 -40.37
C ILE TB 204 -27.02 -50.31 -39.26
N GLN TB 205 -28.28 -50.17 -39.66
CA GLN TB 205 -29.40 -50.21 -38.72
C GLN TB 205 -30.33 -51.34 -39.12
N TRP TB 206 -30.94 -51.93 -38.10
CA TRP TB 206 -31.73 -53.14 -38.28
C TRP TB 206 -32.73 -53.23 -37.14
N ASP TB 207 -34.02 -53.08 -37.45
CA ASP TB 207 -35.05 -53.34 -36.46
C ASP TB 207 -34.91 -54.78 -35.99
N LYS TB 208 -35.07 -54.98 -34.68
CA LYS TB 208 -34.51 -56.15 -34.02
C LYS TB 208 -35.13 -57.47 -34.48
N THR TB 209 -36.26 -57.43 -35.20
CA THR TB 209 -36.97 -58.65 -35.56
C THR TB 209 -36.83 -59.02 -37.03
N SER TB 210 -36.72 -58.02 -37.91
CA SER TB 210 -36.84 -58.27 -39.34
C SER TB 210 -35.63 -59.05 -39.87
N ASN TB 211 -35.69 -59.34 -41.18
CA ASN TB 211 -34.64 -60.03 -41.90
C ASN TB 211 -33.86 -59.09 -42.82
N THR TB 212 -33.91 -57.79 -42.55
CA THR TB 212 -33.37 -56.79 -43.45
C THR TB 212 -32.41 -55.88 -42.70
N LEU TB 213 -31.23 -55.66 -43.28
CA LEU TB 213 -30.23 -54.74 -42.74
C LEU TB 213 -30.09 -53.56 -43.69
N MET TB 214 -29.85 -52.36 -43.12
CA MET TB 214 -29.72 -51.15 -43.92
C MET TB 214 -28.31 -50.61 -43.67
N ILE TB 215 -27.53 -50.41 -44.72
CA ILE TB 215 -26.14 -49.99 -44.58
C ILE TB 215 -25.92 -48.66 -45.31
N GLN TB 216 -25.14 -47.77 -44.72
CA GLN TB 216 -24.63 -46.60 -45.43
C GLN TB 216 -23.13 -46.52 -45.23
N ALA TB 217 -22.43 -45.93 -46.20
CA ALA TB 217 -21.00 -45.70 -46.06
C ALA TB 217 -20.77 -44.39 -45.32
N THR TB 218 -19.77 -44.37 -44.45
CA THR TB 218 -19.44 -43.16 -43.70
C THR TB 218 -18.27 -42.39 -44.30
N LYS TB 219 -17.24 -43.08 -44.81
CA LYS TB 219 -16.36 -42.51 -45.82
C LYS TB 219 -16.33 -43.43 -47.03
N LEU TB 220 -15.67 -42.97 -48.09
CA LEU TB 220 -16.26 -43.08 -49.42
C LEU TB 220 -15.78 -44.32 -50.19
N TYR TB 221 -14.54 -44.79 -49.96
CA TYR TB 221 -14.09 -46.02 -50.62
C TYR TB 221 -13.56 -47.12 -49.73
N ASN TB 222 -13.02 -46.85 -48.55
CA ASN TB 222 -12.38 -47.90 -47.77
C ASN TB 222 -13.38 -49.01 -47.47
N TYR TB 223 -13.04 -50.22 -47.90
CA TYR TB 223 -13.92 -51.39 -47.83
C TYR TB 223 -13.68 -52.17 -46.55
N GLY TB 224 -14.68 -52.97 -46.21
CA GLY TB 224 -14.60 -53.81 -45.04
C GLY TB 224 -15.43 -55.06 -45.20
N ASN TB 225 -15.80 -55.66 -44.08
CA ASN TB 225 -16.46 -56.96 -44.09
C ASN TB 225 -17.41 -57.10 -42.91
N LEU TB 226 -18.32 -58.06 -43.03
CA LEU TB 226 -19.50 -58.16 -42.17
C LEU TB 226 -19.87 -59.62 -41.99
N ALA TB 227 -20.08 -60.02 -40.73
CA ALA TB 227 -20.61 -61.34 -40.41
C ALA TB 227 -22.05 -61.18 -40.00
N VAL TB 228 -22.93 -62.04 -40.50
CA VAL TB 228 -24.34 -61.93 -40.16
C VAL TB 228 -24.82 -63.29 -39.67
N ARG TB 229 -25.18 -63.38 -38.39
CA ARG TB 229 -25.66 -64.62 -37.79
C ARG TB 229 -27.16 -64.72 -37.98
N LEU TB 230 -27.62 -65.82 -38.56
CA LEU TB 230 -29.02 -66.00 -38.92
C LEU TB 230 -29.74 -66.75 -37.79
N ARG TB 231 -31.04 -67.00 -37.96
CA ARG TB 231 -31.82 -67.57 -36.88
C ARG TB 231 -31.46 -69.04 -36.64
N GLY TB 232 -31.71 -69.90 -37.62
CA GLY TB 232 -31.56 -71.33 -37.41
C GLY TB 232 -30.28 -71.95 -37.91
N LEU TB 233 -29.46 -71.20 -38.64
CA LEU TB 233 -28.27 -71.76 -39.24
C LEU TB 233 -27.18 -71.77 -38.17
N ASN TB 234 -26.07 -72.45 -38.46
CA ASN TB 234 -24.95 -72.43 -37.51
C ASN TB 234 -23.76 -71.64 -38.03
N THR TB 235 -23.34 -71.87 -39.26
CA THR TB 235 -22.29 -71.08 -39.88
C THR TB 235 -22.77 -69.66 -40.11
N PRO TB 236 -22.02 -68.63 -39.73
CA PRO TB 236 -22.45 -67.26 -40.00
C PRO TB 236 -22.41 -66.96 -41.49
N VAL TB 237 -22.89 -65.77 -41.84
CA VAL TB 237 -23.11 -65.39 -43.24
C VAL TB 237 -22.04 -64.38 -43.64
N MET TB 238 -21.47 -64.59 -44.82
CA MET TB 238 -20.38 -63.80 -45.37
C MET TB 238 -20.98 -62.50 -45.88
N LEU TB 239 -20.25 -61.38 -45.77
CA LEU TB 239 -20.52 -60.29 -46.70
C LEU TB 239 -19.41 -59.24 -46.66
N THR TB 240 -18.72 -59.06 -47.77
CA THR TB 240 -17.77 -57.96 -47.90
C THR TB 240 -18.47 -56.74 -48.48
N LEU TB 241 -18.15 -55.57 -47.94
CA LEU TB 241 -18.82 -54.32 -48.29
C LEU TB 241 -17.76 -53.41 -48.92
N ILE TB 242 -18.01 -52.92 -50.11
CA ILE TB 242 -17.09 -52.00 -50.75
C ILE TB 242 -17.88 -50.78 -51.22
N PRO TB 243 -17.55 -49.57 -50.75
CA PRO TB 243 -18.21 -48.37 -51.25
C PRO TB 243 -17.43 -47.69 -52.37
N GLY TB 244 -18.17 -47.04 -53.26
CA GLY TB 244 -17.56 -46.20 -54.28
C GLY TB 244 -17.30 -46.87 -55.60
N GLN TB 245 -18.15 -47.78 -56.05
CA GLN TB 245 -18.02 -48.35 -57.39
C GLN TB 245 -18.84 -47.51 -58.37
N LYS TB 246 -19.02 -48.07 -59.57
CA LYS TB 246 -19.89 -47.44 -60.55
C LYS TB 246 -21.26 -48.15 -60.53
N ALA TB 247 -21.51 -48.96 -59.50
CA ALA TB 247 -22.83 -49.49 -59.22
C ALA TB 247 -23.10 -49.36 -57.72
N VAL TB 248 -24.35 -49.08 -57.37
CA VAL TB 248 -24.79 -49.09 -55.97
C VAL TB 248 -25.91 -50.10 -55.81
N ASP TB 249 -25.77 -50.94 -54.80
CA ASP TB 249 -26.74 -51.99 -54.49
C ASP TB 249 -27.86 -51.36 -53.67
N TYR TB 250 -28.87 -50.81 -54.35
CA TYR TB 250 -30.04 -50.33 -53.62
C TYR TB 250 -30.71 -51.46 -52.86
N ARG TB 251 -30.82 -52.63 -53.49
CA ARG TB 251 -31.34 -53.82 -52.83
C ARG TB 251 -30.50 -55.02 -53.26
N VAL TB 252 -30.26 -55.93 -52.31
CA VAL TB 252 -29.61 -57.19 -52.60
C VAL TB 252 -30.44 -58.30 -51.96
N ASP TB 253 -30.93 -59.21 -52.78
CA ASP TB 253 -31.67 -60.39 -52.30
C ASP TB 253 -30.66 -61.51 -52.16
N LEU TB 254 -30.22 -61.76 -50.92
CA LEU TB 254 -29.27 -62.83 -50.64
C LEU TB 254 -30.05 -64.12 -50.45
N ARG TB 255 -30.01 -64.99 -51.45
CA ARG TB 255 -30.64 -66.30 -51.39
C ARG TB 255 -29.62 -67.27 -50.82
N VAL TB 256 -29.84 -67.62 -49.54
CA VAL TB 256 -28.86 -68.41 -48.82
C VAL TB 256 -29.08 -69.90 -49.11
N GLN TB 257 -27.96 -70.64 -49.14
CA GLN TB 257 -27.99 -72.06 -49.46
C GLN TB 257 -28.88 -72.86 -48.52
N GLY TB 258 -29.09 -72.37 -47.29
CA GLY TB 258 -29.84 -73.09 -46.29
C GLY TB 258 -31.34 -72.90 -46.39
N TYR TB 259 -32.05 -73.44 -45.40
CA TYR TB 259 -33.50 -73.40 -45.34
C TYR TB 259 -33.91 -72.71 -44.05
N GLY TB 260 -34.75 -71.68 -44.15
CA GLY TB 260 -35.11 -70.88 -43.01
C GLY TB 260 -36.32 -71.40 -42.25
N PRO TB 261 -36.74 -70.67 -41.22
CA PRO TB 261 -37.92 -71.06 -40.46
C PRO TB 261 -39.25 -70.78 -41.16
N ASN TB 262 -39.21 -70.26 -42.39
CA ASN TB 262 -40.40 -70.01 -43.18
C ASN TB 262 -40.35 -70.91 -44.40
N ALA TB 263 -41.38 -71.73 -44.58
CA ALA TB 263 -41.41 -72.71 -45.66
C ALA TB 263 -42.35 -72.27 -46.77
N CYS UB 1 16.50 -59.87 -56.47
CA CYS UB 1 15.61 -60.49 -55.50
C CYS UB 1 16.35 -61.46 -54.59
N THR UB 2 16.09 -62.76 -54.78
CA THR UB 2 16.61 -63.78 -53.89
C THR UB 2 18.13 -63.88 -53.93
N ASP UB 3 18.77 -63.41 -55.01
CA ASP UB 3 20.22 -63.51 -55.10
C ASP UB 3 20.90 -62.69 -54.00
N ALA UB 4 20.45 -61.46 -53.77
CA ALA UB 4 20.99 -60.68 -52.67
C ALA UB 4 20.72 -61.37 -51.33
N ALA UB 5 19.53 -61.96 -51.18
CA ALA UB 5 19.19 -62.63 -49.93
C ALA UB 5 20.14 -63.78 -49.64
N LEU UB 6 20.34 -64.68 -50.60
CA LEU UB 6 21.18 -65.85 -50.30
C LEU UB 6 22.65 -65.47 -50.25
N ALA UB 7 23.06 -64.44 -51.00
CA ALA UB 7 24.44 -63.98 -50.89
C ALA UB 7 24.72 -63.40 -49.50
N ALA UB 8 23.81 -62.58 -48.99
CA ALA UB 8 23.97 -62.06 -47.63
C ALA UB 8 23.90 -63.17 -46.60
N LEU UB 9 23.02 -64.16 -46.83
CA LEU UB 9 22.90 -65.28 -45.90
C LEU UB 9 24.20 -66.06 -45.83
N GLU UB 10 24.78 -66.42 -46.98
CA GLU UB 10 26.02 -67.17 -46.99
C GLU UB 10 27.18 -66.34 -46.47
N TYR UB 11 27.16 -65.02 -46.69
CA TYR UB 11 28.19 -64.16 -46.11
C TYR UB 11 28.10 -64.15 -44.59
N HIS UB 12 26.88 -64.09 -44.04
CA HIS UB 12 26.73 -64.10 -42.58
C HIS UB 12 27.11 -65.45 -42.00
N LYS UB 13 26.74 -66.55 -42.66
CA LYS UB 13 27.12 -67.87 -42.16
C LYS UB 13 28.62 -68.12 -42.27
N SER UB 14 29.28 -67.51 -43.27
CA SER UB 14 30.71 -67.70 -43.43
C SER UB 14 31.52 -66.89 -42.43
N ASN UB 15 31.03 -65.71 -42.03
CA ASN UB 15 31.71 -64.84 -41.09
C ASN UB 15 31.01 -64.91 -39.75
N ALA UB 16 31.68 -65.48 -38.75
CA ALA UB 16 31.08 -65.76 -37.46
C ALA UB 16 30.75 -64.50 -36.66
N CYS VB 1 17.88 -66.30 -40.27
CA CYS VB 1 18.88 -65.32 -39.87
C CYS VB 1 18.75 -64.03 -40.66
N VAL VB 2 18.05 -64.11 -41.78
CA VAL VB 2 17.94 -63.00 -42.73
C VAL VB 2 16.58 -62.34 -42.60
N SER VB 3 16.56 -61.03 -42.40
CA SER VB 3 15.34 -60.23 -42.44
C SER VB 3 15.27 -59.54 -43.79
N MET VB 4 14.35 -60.00 -44.64
CA MET VB 4 14.33 -59.54 -46.02
C MET VB 4 13.67 -58.18 -46.19
N ILE VB 5 13.03 -57.66 -45.15
CA ILE VB 5 12.55 -56.27 -45.23
C ILE VB 5 13.73 -55.31 -45.25
N GLY VB 6 14.89 -55.78 -44.81
CA GLY VB 6 16.12 -55.06 -45.04
C GLY VB 6 16.72 -55.44 -46.37
N GLY VB 7 15.85 -55.60 -47.37
CA GLY VB 7 16.29 -56.04 -48.68
C GLY VB 7 16.75 -54.89 -49.55
N SER VB 8 17.87 -55.13 -50.22
CA SER VB 8 18.42 -54.14 -51.15
C SER VB 8 19.01 -54.90 -52.33
N ARG VB 9 18.45 -54.68 -53.51
CA ARG VB 9 18.94 -55.34 -54.72
C ARG VB 9 20.30 -54.78 -55.11
N ARG WB 1 21.59 -55.37 -44.73
CA ARG WB 1 20.96 -56.42 -43.95
C ARG WB 1 21.70 -56.63 -42.63
N VAL WB 2 20.95 -56.90 -41.57
CA VAL WB 2 21.52 -57.08 -40.23
C VAL WB 2 21.08 -58.44 -39.71
N SER WB 3 21.98 -59.12 -39.01
CA SER WB 3 21.72 -60.46 -38.51
C SER WB 3 21.17 -60.40 -37.08
N ILE WB 4 20.94 -61.58 -36.50
CA ILE WB 4 20.46 -61.66 -35.12
C ILE WB 4 21.61 -61.46 -34.14
N GLY WB 5 22.84 -61.64 -34.61
CA GLY WB 5 23.98 -61.27 -33.79
C GLY WB 5 24.10 -59.80 -33.53
N GLY WB 6 23.40 -58.97 -34.31
CA GLY WB 6 23.49 -57.52 -34.21
C GLY WB 6 24.52 -56.92 -35.15
N THR WB 7 25.46 -57.74 -35.61
CA THR WB 7 26.46 -57.29 -36.57
C THR WB 7 25.88 -57.37 -37.98
N VAL WB 8 26.09 -56.33 -38.76
CA VAL WB 8 25.49 -56.20 -40.08
C VAL WB 8 26.28 -57.08 -41.05
N TYR WB 9 25.54 -57.84 -41.86
CA TYR WB 9 26.10 -58.57 -43.00
C TYR WB 9 25.19 -58.35 -44.20
N THR WB 10 25.75 -57.82 -45.28
CA THR WB 10 24.96 -57.45 -46.45
C THR WB 10 25.67 -57.92 -47.72
N ALA WB 11 24.87 -58.32 -48.70
CA ALA WB 11 25.39 -58.56 -50.03
C ALA WB 11 25.75 -57.23 -50.71
N LYS WB 12 26.58 -57.32 -51.73
CA LYS WB 12 27.09 -56.12 -52.41
C LYS WB 12 26.14 -55.63 -53.50
N LYS WB 13 25.91 -56.44 -54.52
CA LYS WB 13 25.06 -56.06 -55.66
C LYS WB 13 24.54 -57.32 -56.31
N TYR WB 14 23.23 -57.54 -56.26
CA TYR WB 14 22.64 -58.74 -56.84
C TYR WB 14 21.25 -58.42 -57.38
N ASP WB 15 21.03 -58.75 -58.64
CA ASP WB 15 19.79 -58.44 -59.34
C ASP WB 15 19.11 -59.73 -59.76
N ASP WB 16 17.79 -59.67 -59.92
CA ASP WB 16 17.00 -60.81 -60.39
C ASP WB 16 15.91 -60.34 -61.34
N PRO XB 1 11.83 -55.26 -49.70
CA PRO XB 1 11.43 -54.65 -50.97
C PRO XB 1 12.14 -55.26 -52.18
N PHE XB 2 11.43 -56.07 -52.95
CA PHE XB 2 11.99 -56.71 -54.13
C PHE XB 2 10.97 -56.68 -55.26
N GLY XB 3 11.45 -56.99 -56.47
CA GLY XB 3 10.62 -56.90 -57.67
C GLY XB 3 9.78 -58.11 -57.98
N ALA XB 4 9.88 -59.18 -57.19
CA ALA XB 4 9.09 -60.38 -57.39
C ALA XB 4 7.78 -60.34 -56.61
N ASP XB 5 7.51 -59.25 -55.91
CA ASP XB 5 6.26 -59.09 -55.16
C ASP XB 5 5.04 -59.11 -56.08
N ARG YB 207 4.35 -86.81 -56.46
CA ARG YB 207 4.69 -86.59 -55.06
C ARG YB 207 3.52 -85.95 -54.30
N ILE YB 208 3.86 -85.24 -53.23
CA ILE YB 208 2.89 -84.53 -52.40
C ILE YB 208 3.17 -83.04 -52.55
N ILE YB 209 2.16 -82.30 -52.99
CA ILE YB 209 2.32 -80.88 -53.31
C ILE YB 209 1.91 -80.05 -52.10
N TYR YB 210 2.72 -79.06 -51.75
CA TYR YB 210 2.46 -78.20 -50.60
C TYR YB 210 2.18 -76.78 -51.06
N TYR YB 211 1.35 -76.07 -50.30
CA TYR YB 211 1.08 -74.66 -50.48
C TYR YB 211 1.04 -73.99 -49.11
N ILE YB 212 1.43 -72.72 -49.06
CA ILE YB 212 1.47 -72.01 -47.79
C ILE YB 212 0.08 -71.54 -47.42
N GLN YB 213 -0.20 -71.48 -46.12
CA GLN YB 213 -1.33 -70.73 -45.61
C GLN YB 213 -0.90 -69.48 -44.85
N ALA YB 214 0.29 -69.49 -44.27
CA ALA YB 214 0.77 -68.31 -43.56
C ALA YB 214 2.28 -68.25 -43.67
N VAL YB 215 2.82 -67.04 -43.70
CA VAL YB 215 4.27 -66.92 -43.81
C VAL YB 215 4.72 -65.61 -43.19
N ILE YB 216 5.74 -65.72 -42.33
CA ILE YB 216 6.31 -64.59 -41.60
C ILE YB 216 7.82 -64.70 -41.70
N PRO YB 217 8.59 -63.68 -41.31
CA PRO YB 217 10.04 -63.89 -41.15
C PRO YB 217 10.33 -65.05 -40.21
N GLY YB 218 10.91 -66.11 -40.76
CA GLY YB 218 11.12 -67.32 -39.98
C GLY YB 218 10.18 -68.44 -40.38
N ARG YB 219 9.15 -68.69 -39.58
CA ARG YB 219 8.26 -69.82 -39.84
C ARG YB 219 7.51 -69.65 -41.14
N ALA YB 220 7.24 -70.79 -41.78
CA ALA YB 220 6.31 -70.85 -42.91
C ALA YB 220 5.29 -71.92 -42.56
N TRP YB 221 4.03 -71.51 -42.48
CA TRP YB 221 2.93 -72.39 -42.11
C TRP YB 221 2.32 -72.94 -43.40
N LEU YB 222 2.50 -74.24 -43.61
CA LEU YB 222 2.33 -74.93 -44.88
C LEU YB 222 1.28 -76.02 -44.78
N ILE YB 223 0.56 -76.24 -45.88
CA ILE YB 223 -0.45 -77.29 -46.00
C ILE YB 223 -0.08 -78.18 -47.17
N GLY YB 224 -0.33 -79.47 -47.04
CA GLY YB 224 -0.16 -80.41 -48.12
C GLY YB 224 -1.47 -80.66 -48.86
N SER YB 225 -1.37 -81.49 -49.89
CA SER YB 225 -2.55 -81.90 -50.65
C SER YB 225 -3.38 -82.93 -49.91
N ASN YB 226 -2.81 -83.62 -48.91
CA ASN YB 226 -3.52 -84.59 -48.11
C ASN YB 226 -4.08 -83.98 -46.83
N GLY YB 227 -3.90 -82.68 -46.62
CA GLY YB 227 -4.36 -82.04 -45.41
C GLY YB 227 -3.36 -82.04 -44.27
N SER YB 228 -2.23 -82.72 -44.42
CA SER YB 228 -1.20 -82.64 -43.40
C SER YB 228 -0.61 -81.24 -43.34
N THR YB 229 -0.47 -80.72 -42.13
CA THR YB 229 -0.14 -79.32 -41.91
C THR YB 229 1.16 -79.24 -41.10
N LEU YB 230 2.07 -78.36 -41.51
CA LEU YB 230 3.40 -78.32 -40.95
C LEU YB 230 3.86 -76.86 -40.93
N THR YB 231 4.88 -76.57 -40.12
CA THR YB 231 5.50 -75.24 -40.13
C THR YB 231 7.01 -75.41 -40.19
N VAL YB 232 7.69 -74.44 -40.80
CA VAL YB 232 9.08 -74.60 -41.20
C VAL YB 232 9.88 -73.39 -40.73
N ARG YB 233 11.19 -73.58 -40.58
CA ARG YB 233 12.14 -72.51 -40.26
C ARG YB 233 13.21 -72.45 -41.35
N GLU YB 234 14.29 -71.71 -41.06
CA GLU YB 234 15.38 -71.52 -42.02
C GLU YB 234 15.91 -72.85 -42.57
N GLY YB 235 16.26 -73.77 -41.68
CA GLY YB 235 16.74 -75.07 -42.11
C GLY YB 235 15.95 -76.22 -41.53
N SER YB 236 15.19 -76.91 -42.36
CA SER YB 236 14.28 -77.95 -41.89
C SER YB 236 14.00 -78.91 -43.05
N LYS YB 237 13.62 -80.12 -42.69
CA LYS YB 237 13.38 -81.18 -43.68
C LYS YB 237 11.93 -81.20 -44.11
N ILE YB 238 11.71 -81.19 -45.42
CA ILE YB 238 10.39 -81.32 -46.02
C ILE YB 238 10.41 -82.58 -46.89
N PRO YB 239 9.54 -83.54 -46.65
CA PRO YB 239 9.53 -84.76 -47.48
C PRO YB 239 9.24 -84.44 -48.95
N GLY YB 240 10.11 -84.92 -49.82
CA GLY YB 240 9.95 -84.69 -51.25
C GLY YB 240 10.65 -83.45 -51.74
N TYR YB 241 10.47 -82.33 -51.03
CA TYR YB 241 11.03 -81.06 -51.50
C TYR YB 241 12.45 -80.85 -51.00
N GLY YB 242 12.95 -81.75 -50.15
CA GLY YB 242 14.32 -81.64 -49.67
C GLY YB 242 14.44 -80.87 -48.37
N MET YB 243 15.34 -79.89 -48.33
CA MET YB 243 15.55 -79.03 -47.18
C MET YB 243 15.32 -77.59 -47.58
N VAL YB 244 14.69 -76.81 -46.68
CA VAL YB 244 14.39 -75.42 -46.99
C VAL YB 244 15.67 -74.61 -46.99
N LYS YB 245 15.82 -73.76 -48.01
CA LYS YB 245 16.97 -72.88 -48.12
C LYS YB 245 16.66 -71.44 -47.77
N LEU YB 246 15.61 -70.85 -48.37
CA LEU YB 246 15.25 -69.48 -48.03
C LEU YB 246 13.74 -69.36 -47.92
N ILE YB 247 13.29 -68.47 -47.05
CA ILE YB 247 11.87 -68.19 -46.86
C ILE YB 247 11.68 -66.69 -47.04
N ASP YB 248 11.12 -66.28 -48.17
CA ASP YB 248 10.79 -64.89 -48.43
C ASP YB 248 9.32 -64.71 -48.09
N SER YB 249 9.04 -64.16 -46.90
CA SER YB 249 7.67 -63.99 -46.46
C SER YB 249 7.01 -62.75 -47.05
N LEU YB 250 7.79 -61.76 -47.47
CA LEU YB 250 7.20 -60.59 -48.11
C LEU YB 250 6.57 -60.93 -49.45
N GLN YB 251 7.20 -61.81 -50.22
CA GLN YB 251 6.64 -62.29 -51.48
C GLN YB 251 5.78 -63.54 -51.32
N GLY YB 252 6.00 -64.31 -50.26
CA GLY YB 252 5.31 -65.58 -50.10
C GLY YB 252 5.92 -66.72 -50.88
N ARG YB 253 7.25 -66.78 -50.95
CA ARG YB 253 7.96 -67.87 -51.61
C ARG YB 253 8.88 -68.56 -50.62
N ILE YB 254 9.13 -69.84 -50.88
CA ILE YB 254 10.16 -70.60 -50.17
C ILE YB 254 10.98 -71.37 -51.20
N LEU YB 255 12.29 -71.11 -51.20
CA LEU YB 255 13.22 -71.82 -52.07
C LEU YB 255 13.80 -73.00 -51.30
N THR YB 256 13.64 -74.19 -51.84
CA THR YB 256 14.14 -75.42 -51.24
C THR YB 256 15.36 -75.94 -52.02
N SER YB 257 15.96 -77.00 -51.49
CA SER YB 257 17.18 -77.54 -52.08
C SER YB 257 16.91 -78.19 -53.44
N SER YB 258 15.75 -78.82 -53.60
CA SER YB 258 15.42 -79.54 -54.82
C SER YB 258 15.04 -78.62 -55.97
N GLY YB 259 15.30 -77.32 -55.85
CA GLY YB 259 14.89 -76.35 -56.83
C GLY YB 259 13.42 -76.02 -56.82
N GLN YB 260 12.61 -76.81 -56.13
CA GLN YB 260 11.18 -76.54 -56.06
C GLN YB 260 10.92 -75.28 -55.23
N VAL YB 261 10.10 -74.39 -55.77
CA VAL YB 261 9.70 -73.16 -55.09
C VAL YB 261 8.27 -73.34 -54.60
N ILE YB 262 8.06 -73.13 -53.31
CA ILE YB 262 6.74 -73.25 -52.70
C ILE YB 262 6.09 -71.87 -52.66
N LYS YB 263 4.93 -71.74 -53.28
CA LYS YB 263 4.17 -70.49 -53.37
C LYS YB 263 2.72 -70.78 -53.02
N PHE YB 264 1.99 -69.74 -52.62
CA PHE YB 264 0.58 -69.89 -52.29
C PHE YB 264 -0.17 -70.54 -53.44
N SER YB 265 -1.07 -71.45 -53.10
CA SER YB 265 -1.86 -72.10 -54.13
C SER YB 265 -2.75 -71.09 -54.82
N GLN YB 266 -3.08 -71.39 -56.08
CA GLN YB 266 -3.70 -70.38 -56.94
C GLN YB 266 -5.08 -69.96 -56.45
N GLU YB 267 -5.86 -70.89 -55.88
CA GLU YB 267 -7.23 -70.59 -55.49
C GLU YB 267 -7.32 -69.95 -54.12
N ASP YB 268 -6.21 -69.80 -53.42
CA ASP YB 268 -6.21 -69.09 -52.15
C ASP YB 268 -5.27 -67.89 -52.20
N SER YB 269 -4.54 -67.71 -53.30
CA SER YB 269 -3.77 -66.49 -53.52
C SER YB 269 -4.49 -65.60 -54.53
N ALA ZB 104 -18.95 6.92 -64.50
CA ALA ZB 104 -20.33 7.05 -64.07
C ALA ZB 104 -20.94 5.71 -63.68
N GLU ZB 105 -21.52 5.04 -64.68
CA GLU ZB 105 -22.25 3.79 -64.52
C GLU ZB 105 -21.37 2.56 -64.75
N VAL ZB 106 -20.22 2.73 -65.40
CA VAL ZB 106 -19.28 1.62 -65.59
C VAL ZB 106 -18.58 1.19 -64.29
N ILE ZB 107 -18.55 2.05 -63.27
CA ILE ZB 107 -17.94 1.68 -61.99
C ILE ZB 107 -18.67 0.49 -61.40
N ASP ZB 108 -20.00 0.49 -61.48
CA ASP ZB 108 -20.75 -0.68 -61.05
C ASP ZB 108 -20.27 -1.94 -61.77
N LYS ZB 109 -19.94 -1.82 -63.05
CA LYS ZB 109 -19.53 -3.00 -63.80
C LYS ZB 109 -18.19 -3.55 -63.33
N LYS ZB 110 -17.13 -2.72 -63.32
CA LYS ZB 110 -15.86 -3.33 -62.92
C LYS ZB 110 -15.89 -3.75 -61.46
N ALA ZB 111 -16.54 -2.94 -60.61
CA ALA ZB 111 -16.66 -3.31 -59.20
C ALA ZB 111 -17.38 -4.64 -59.04
N PHE ZB 112 -18.46 -4.85 -59.80
CA PHE ZB 112 -19.25 -6.04 -59.56
C PHE ZB 112 -18.55 -7.26 -60.12
N LYS ZB 113 -17.75 -7.09 -61.18
CA LYS ZB 113 -16.89 -8.18 -61.60
C LYS ZB 113 -15.88 -8.53 -60.50
N ASP ZB 114 -15.33 -7.50 -59.84
CA ASP ZB 114 -14.47 -7.76 -58.69
C ASP ZB 114 -15.21 -8.55 -57.60
N MET ZB 115 -16.47 -8.22 -57.35
CA MET ZB 115 -17.24 -8.99 -56.38
C MET ZB 115 -17.50 -10.43 -56.82
N THR ZB 116 -17.86 -10.63 -58.09
CA THR ZB 116 -18.01 -12.00 -58.58
C THR ZB 116 -16.72 -12.79 -58.45
N ARG ZB 117 -15.57 -12.12 -58.43
CA ARG ZB 117 -14.31 -12.87 -58.26
C ARG ZB 117 -13.82 -12.95 -56.82
N ASN ZB 118 -14.37 -12.19 -55.86
CA ASN ZB 118 -13.89 -12.48 -54.50
C ASN ZB 118 -14.94 -13.15 -53.62
N LEU ZB 119 -16.20 -12.72 -53.67
CA LEU ZB 119 -17.21 -13.34 -52.80
C LEU ZB 119 -17.31 -14.83 -53.05
N TYR ZB 120 -17.47 -15.22 -54.31
CA TYR ZB 120 -17.55 -16.61 -54.73
C TYR ZB 120 -16.34 -16.82 -55.62
N PRO ZB 121 -15.14 -16.85 -55.03
CA PRO ZB 121 -13.93 -16.80 -55.85
C PRO ZB 121 -13.62 -18.12 -56.52
N LEU ZB 122 -14.20 -19.22 -56.05
CA LEU ZB 122 -14.13 -20.51 -56.72
C LEU ZB 122 -15.02 -20.41 -57.95
N ASN ZB 123 -14.42 -20.45 -59.13
CA ASN ZB 123 -15.18 -20.54 -60.36
C ASN ZB 123 -15.91 -21.89 -60.39
N PRO ZB 124 -17.05 -21.97 -61.07
CA PRO ZB 124 -17.65 -23.30 -61.29
C PRO ZB 124 -16.70 -24.33 -61.86
N GLU ZB 125 -15.72 -23.92 -62.67
CA GLU ZB 125 -14.55 -24.76 -62.90
C GLU ZB 125 -13.90 -25.18 -61.59
N GLN ZB 126 -13.37 -24.23 -60.86
CA GLN ZB 126 -12.53 -24.48 -59.71
C GLN ZB 126 -13.24 -25.25 -58.61
N VAL ZB 127 -14.56 -25.13 -58.49
CA VAL ZB 127 -15.28 -25.95 -57.54
C VAL ZB 127 -15.17 -27.44 -57.91
N VAL ZB 128 -15.48 -27.77 -59.17
CA VAL ZB 128 -15.41 -29.17 -59.58
C VAL ZB 128 -13.96 -29.65 -59.56
N LYS ZB 129 -13.02 -28.78 -59.89
CA LYS ZB 129 -11.62 -29.18 -59.80
C LYS ZB 129 -11.25 -29.54 -58.35
N LEU ZB 130 -11.59 -28.69 -57.39
CA LEU ZB 130 -11.32 -29.01 -55.99
C LEU ZB 130 -12.00 -30.31 -55.58
N LYS ZB 131 -13.25 -30.51 -55.98
CA LYS ZB 131 -13.97 -31.71 -55.58
C LYS ZB 131 -13.30 -32.96 -56.15
N GLN ZB 132 -12.81 -32.90 -57.39
CA GLN ZB 132 -12.19 -34.08 -57.97
C GLN ZB 132 -10.81 -34.33 -57.37
N ILE ZB 133 -10.07 -33.27 -56.99
CA ILE ZB 133 -8.81 -33.49 -56.29
C ILE ZB 133 -9.07 -34.14 -54.93
N TYR ZB 134 -10.14 -33.72 -54.25
CA TYR ZB 134 -10.48 -34.39 -53.00
C TYR ZB 134 -10.76 -35.86 -53.28
N GLU ZB 135 -11.54 -36.14 -54.33
CA GLU ZB 135 -11.87 -37.52 -54.67
C GLU ZB 135 -10.61 -38.35 -54.92
N THR ZB 136 -9.66 -37.80 -55.70
CA THR ZB 136 -8.43 -38.53 -55.96
C THR ZB 136 -7.60 -38.71 -54.70
N SER ZB 137 -7.48 -37.67 -53.87
CA SER ZB 137 -6.67 -37.79 -52.67
C SER ZB 137 -7.25 -38.81 -51.71
N GLU ZB 138 -8.58 -38.89 -51.62
CA GLU ZB 138 -9.17 -39.83 -50.69
C GLU ZB 138 -9.19 -41.24 -51.27
N TYR ZB 139 -9.19 -41.38 -52.60
CA TYR ZB 139 -8.88 -42.67 -53.19
C TYR ZB 139 -7.45 -43.08 -52.86
N ALA ZB 140 -6.53 -42.13 -52.87
CA ALA ZB 140 -5.15 -42.42 -52.55
C ALA ZB 140 -5.00 -42.87 -51.10
N LYS ZB 141 -5.67 -42.20 -50.17
CA LYS ZB 141 -5.61 -42.67 -48.79
C LYS ZB 141 -6.60 -43.79 -48.52
N ALA ZB 142 -7.33 -44.24 -49.55
CA ALA ZB 142 -8.21 -45.38 -49.44
C ALA ZB 142 -7.62 -46.64 -50.07
N ALA ZB 143 -6.64 -46.50 -50.96
CA ALA ZB 143 -6.13 -47.66 -51.70
C ALA ZB 143 -5.14 -48.46 -50.87
N THR ZB 144 -5.47 -49.74 -50.64
CA THR ZB 144 -4.65 -50.68 -49.89
C THR ZB 144 -3.36 -50.96 -50.65
N PRO ZB 145 -2.24 -51.22 -49.97
CA PRO ZB 145 -0.97 -51.42 -50.68
C PRO ZB 145 -0.92 -52.79 -51.33
N GLY ZB 146 -0.64 -52.79 -52.63
CA GLY ZB 146 -0.51 -54.04 -53.36
C GLY ZB 146 -1.82 -54.80 -53.45
N THR ZB 147 -1.69 -56.12 -53.55
CA THR ZB 147 -2.86 -56.98 -53.66
C THR ZB 147 -3.40 -57.30 -52.28
N PRO ZB 148 -4.65 -56.93 -52.02
CA PRO ZB 148 -5.23 -57.19 -50.70
C PRO ZB 148 -5.38 -58.67 -50.45
N PRO ZB 149 -5.65 -59.06 -49.21
CA PRO ZB 149 -5.75 -60.49 -48.90
C PRO ZB 149 -6.96 -61.15 -49.56
N LYS ZB 150 -6.92 -62.47 -49.62
CA LYS ZB 150 -7.99 -63.27 -50.21
C LYS ZB 150 -9.07 -63.60 -49.20
N PRO ZB 151 -10.26 -63.03 -49.30
CA PRO ZB 151 -11.35 -63.42 -48.41
C PRO ZB 151 -11.81 -64.83 -48.75
N THR ZB 152 -11.44 -65.79 -47.92
CA THR ZB 152 -11.74 -67.19 -48.20
C THR ZB 152 -12.31 -67.86 -46.96
N ALA ZB 153 -13.34 -68.68 -47.18
CA ALA ZB 153 -13.97 -69.47 -46.13
C ALA ZB 153 -13.45 -70.89 -46.27
N THR ZB 154 -12.60 -71.31 -45.34
CA THR ZB 154 -11.93 -72.60 -45.40
C THR ZB 154 -12.46 -73.51 -44.28
N SER ZB 155 -11.92 -74.72 -44.24
CA SER ZB 155 -12.29 -75.71 -43.23
C SER ZB 155 -11.08 -76.56 -42.93
N GLN ZB 156 -10.66 -76.59 -41.66
CA GLN ZB 156 -9.48 -77.33 -41.24
C GLN ZB 156 -9.88 -78.49 -40.33
N PHE ZB 157 -9.06 -79.54 -40.38
CA PHE ZB 157 -9.18 -80.68 -39.47
C PHE ZB 157 -8.28 -80.42 -38.27
N VAL ZB 158 -8.87 -80.41 -37.08
CA VAL ZB 158 -8.14 -80.14 -35.85
C VAL ZB 158 -7.73 -81.48 -35.23
N ASN ZB 159 -6.42 -81.72 -35.17
CA ASN ZB 159 -5.87 -82.90 -34.54
C ASN ZB 159 -5.24 -82.49 -33.21
N LEU ZB 160 -5.60 -83.19 -32.13
CA LEU ZB 160 -5.15 -82.85 -30.79
C LEU ZB 160 -4.11 -83.83 -30.26
N SER ZB 161 -3.64 -84.76 -31.08
CA SER ZB 161 -2.66 -85.72 -30.64
C SER ZB 161 -1.33 -85.02 -30.34
N PRO ZB 162 -0.58 -85.48 -29.35
CA PRO ZB 162 0.76 -84.91 -29.10
C PRO ZB 162 1.63 -85.04 -30.33
N GLY ZB 163 2.33 -83.96 -30.66
CA GLY ZB 163 3.11 -83.86 -31.88
C GLY ZB 163 2.39 -83.22 -33.03
N SER ZB 164 1.07 -83.11 -32.97
CA SER ZB 164 0.29 -82.47 -34.02
C SER ZB 164 0.55 -80.97 -34.03
N THR ZB 165 0.39 -80.37 -35.19
CA THR ZB 165 0.67 -78.95 -35.34
C THR ZB 165 -0.62 -78.14 -35.25
N PRO ZB 166 -0.60 -77.00 -34.54
CA PRO ZB 166 -1.84 -76.29 -34.27
C PRO ZB 166 -2.38 -75.65 -35.52
N PRO ZB 167 -3.71 -75.57 -35.66
CA PRO ZB 167 -4.30 -74.88 -36.81
C PRO ZB 167 -4.03 -73.38 -36.76
N VAL ZB 168 -3.97 -72.80 -37.96
CA VAL ZB 168 -3.61 -71.40 -38.16
C VAL ZB 168 -4.77 -70.66 -38.81
N ILE ZB 169 -5.12 -69.51 -38.22
CA ILE ZB 169 -6.10 -68.60 -38.79
C ILE ZB 169 -5.32 -67.39 -39.28
N ARG ZB 170 -5.54 -67.03 -40.53
CA ARG ZB 170 -4.91 -65.85 -41.13
C ARG ZB 170 -5.93 -64.71 -41.14
N LEU ZB 171 -5.51 -63.53 -40.75
CA LEU ZB 171 -6.41 -62.42 -40.48
C LEU ZB 171 -6.14 -61.26 -41.43
N SER ZB 172 -6.96 -60.22 -41.30
CA SER ZB 172 -6.79 -58.97 -42.04
C SER ZB 172 -7.03 -57.83 -41.08
N GLN ZB 173 -6.26 -56.75 -41.24
CA GLN ZB 173 -6.37 -55.59 -40.37
C GLN ZB 173 -7.78 -55.01 -40.38
N GLY ZB 174 -8.50 -55.14 -39.27
CA GLY ZB 174 -9.82 -54.56 -39.15
C GLY ZB 174 -10.95 -55.37 -39.76
N PHE ZB 175 -10.75 -56.67 -40.00
CA PHE ZB 175 -11.75 -57.52 -40.63
C PHE ZB 175 -12.19 -58.63 -39.70
N VAL ZB 176 -13.48 -58.96 -39.78
CA VAL ZB 176 -14.08 -60.03 -38.99
C VAL ZB 176 -13.69 -61.37 -39.57
N SER ZB 177 -13.13 -62.24 -38.73
CA SER ZB 177 -12.97 -63.65 -39.02
C SER ZB 177 -13.66 -64.44 -37.91
N SER ZB 178 -14.68 -65.20 -38.25
CA SER ZB 178 -15.44 -65.96 -37.27
C SER ZB 178 -15.05 -67.43 -37.35
N LEU ZB 179 -14.54 -67.96 -36.25
CA LEU ZB 179 -14.20 -69.36 -36.12
C LEU ZB 179 -15.40 -70.11 -35.56
N VAL ZB 180 -15.77 -71.20 -36.25
CA VAL ZB 180 -16.82 -72.11 -35.84
C VAL ZB 180 -16.20 -73.46 -35.54
N PHE ZB 181 -16.58 -74.04 -34.41
CA PHE ZB 181 -15.97 -75.25 -33.88
C PHE ZB 181 -16.93 -76.42 -34.02
N LEU ZB 182 -16.44 -77.50 -34.60
CA LEU ZB 182 -17.25 -78.55 -35.19
C LEU ZB 182 -16.74 -79.89 -34.67
N ASP ZB 183 -17.66 -80.81 -34.42
CA ASP ZB 183 -17.27 -82.13 -33.97
C ASP ZB 183 -17.04 -83.03 -35.18
N SER ZB 184 -16.77 -84.31 -34.95
CA SER ZB 184 -16.49 -85.21 -36.06
C SER ZB 184 -17.73 -85.51 -36.88
N THR ZB 185 -18.93 -85.36 -36.29
CA THR ZB 185 -20.16 -85.80 -36.94
C THR ZB 185 -20.84 -84.72 -37.76
N GLY ZB 186 -20.32 -83.49 -37.78
CA GLY ZB 186 -20.99 -82.45 -38.52
C GLY ZB 186 -21.90 -81.55 -37.72
N ALA ZB 187 -21.80 -81.59 -36.39
CA ALA ZB 187 -22.63 -80.83 -35.48
C ALA ZB 187 -21.82 -79.74 -34.79
N PRO ZB 188 -22.47 -78.65 -34.37
CA PRO ZB 188 -21.75 -77.56 -33.70
C PRO ZB 188 -21.22 -78.00 -32.34
N TRP ZB 189 -20.22 -77.26 -31.86
CA TRP ZB 189 -19.65 -77.46 -30.52
C TRP ZB 189 -19.64 -76.15 -29.75
N PRO ZB 190 -20.61 -75.92 -28.85
CA PRO ZB 190 -20.61 -74.70 -28.04
C PRO ZB 190 -19.37 -74.62 -27.15
N ILE ZB 191 -19.06 -73.39 -26.75
CA ILE ZB 191 -17.81 -73.07 -26.06
C ILE ZB 191 -18.02 -73.19 -24.56
N ALA ZB 192 -17.00 -73.71 -23.87
CA ALA ZB 192 -17.00 -73.61 -22.41
C ALA ZB 192 -16.34 -72.32 -21.93
N ALA ZB 193 -15.25 -71.89 -22.57
CA ALA ZB 193 -14.54 -70.67 -22.22
C ALA ZB 193 -13.45 -70.43 -23.26
N TYR ZB 194 -12.78 -69.28 -23.16
CA TYR ZB 194 -11.61 -69.05 -24.00
C TYR ZB 194 -10.68 -68.04 -23.36
N ASP ZB 195 -9.40 -68.14 -23.74
CA ASP ZB 195 -8.32 -67.24 -23.34
C ASP ZB 195 -7.71 -66.65 -24.60
N LEU ZB 196 -7.45 -65.35 -24.59
CA LEU ZB 196 -6.79 -64.69 -25.72
C LEU ZB 196 -5.53 -64.01 -25.19
N GLY ZB 197 -4.39 -64.32 -25.82
CA GLY ZB 197 -3.16 -63.63 -25.48
C GLY ZB 197 -2.89 -62.49 -26.44
N ASP ZB 198 -2.39 -61.37 -25.89
CA ASP ZB 198 -2.11 -60.14 -26.64
C ASP ZB 198 -3.42 -59.55 -27.18
N PRO ZB 199 -4.34 -59.11 -26.31
CA PRO ZB 199 -5.66 -58.67 -26.79
C PRO ZB 199 -5.72 -57.28 -27.41
N SER ZB 200 -4.59 -56.63 -27.68
CA SER ZB 200 -4.58 -55.37 -28.41
C SER ZB 200 -4.14 -55.56 -29.86
N SER ZB 201 -3.81 -56.78 -30.25
CA SER ZB 201 -3.63 -57.13 -31.66
C SER ZB 201 -4.85 -57.87 -32.20
N PHE ZB 202 -5.70 -58.38 -31.31
CA PHE ZB 202 -6.92 -59.06 -31.70
C PHE ZB 202 -8.01 -58.65 -30.74
N ASN ZB 203 -9.18 -58.32 -31.28
CA ASN ZB 203 -10.34 -58.01 -30.47
C ASN ZB 203 -11.39 -59.07 -30.74
N ILE ZB 204 -11.90 -59.68 -29.67
CA ILE ZB 204 -12.74 -60.86 -29.75
C ILE ZB 204 -14.14 -60.48 -29.29
N GLN ZB 205 -15.14 -60.91 -30.06
CA GLN ZB 205 -16.52 -60.92 -29.59
C GLN ZB 205 -17.11 -62.32 -29.69
N TRP ZB 206 -18.03 -62.60 -28.76
CA TRP ZB 206 -18.61 -63.92 -28.59
C TRP ZB 206 -19.83 -63.76 -27.70
N ASP ZB 207 -20.98 -64.22 -28.17
CA ASP ZB 207 -22.12 -64.41 -27.27
C ASP ZB 207 -21.82 -65.63 -26.40
N LYS ZB 208 -22.08 -65.51 -25.11
CA LYS ZB 208 -21.58 -66.48 -24.13
C LYS ZB 208 -22.15 -67.88 -24.29
N THR ZB 209 -23.00 -68.12 -25.29
CA THR ZB 209 -23.61 -69.43 -25.48
C THR ZB 209 -23.09 -70.16 -26.71
N SER ZB 210 -22.90 -69.44 -27.82
CA SER ZB 210 -22.75 -70.09 -29.11
C SER ZB 210 -21.34 -70.66 -29.29
N ASN ZB 211 -21.07 -71.13 -30.51
CA ASN ZB 211 -19.81 -71.73 -30.91
C ASN ZB 211 -19.01 -70.83 -31.85
N THR ZB 212 -19.34 -69.54 -31.89
CA THR ZB 212 -18.75 -68.60 -32.84
C THR ZB 212 -17.85 -67.62 -32.11
N LEU ZB 213 -16.56 -67.64 -32.42
CA LEU ZB 213 -15.63 -66.62 -31.94
C LEU ZB 213 -15.23 -65.73 -33.10
N MET ZB 214 -15.60 -64.45 -33.02
CA MET ZB 214 -15.36 -63.54 -34.13
C MET ZB 214 -14.23 -62.60 -33.70
N ILE ZB 215 -13.15 -62.59 -34.50
CA ILE ZB 215 -11.91 -61.91 -34.15
C ILE ZB 215 -11.67 -60.82 -35.17
N GLN ZB 216 -11.10 -59.69 -34.72
CA GLN ZB 216 -10.57 -58.67 -35.62
C GLN ZB 216 -9.08 -58.50 -35.32
N ALA ZB 217 -8.30 -58.29 -36.37
CA ALA ZB 217 -6.91 -57.90 -36.19
C ALA ZB 217 -6.85 -56.43 -35.82
N THR ZB 218 -6.71 -56.16 -34.53
CA THR ZB 218 -6.62 -54.80 -34.03
C THR ZB 218 -5.37 -54.07 -34.52
N LYS ZB 219 -4.35 -54.81 -34.95
CA LYS ZB 219 -3.15 -54.23 -35.54
C LYS ZB 219 -2.65 -55.18 -36.62
N LEU ZB 220 -1.80 -54.64 -37.50
CA LEU ZB 220 -1.65 -55.19 -38.85
C LEU ZB 220 -1.08 -56.60 -38.88
N TYR ZB 221 0.07 -56.84 -38.24
CA TYR ZB 221 0.77 -58.10 -38.49
C TYR ZB 221 1.21 -58.92 -37.27
N ASN ZB 222 1.23 -58.38 -36.06
CA ASN ZB 222 1.74 -59.18 -34.95
C ASN ZB 222 0.84 -60.39 -34.74
N TYR ZB 223 1.45 -61.56 -34.65
CA TYR ZB 223 0.71 -62.81 -34.54
C TYR ZB 223 0.56 -63.21 -33.08
N GLY ZB 224 -0.46 -64.00 -32.82
CA GLY ZB 224 -0.77 -64.42 -31.48
C GLY ZB 224 -1.52 -65.73 -31.48
N ASN ZB 225 -2.35 -65.90 -30.47
CA ASN ZB 225 -2.79 -67.24 -30.10
C ASN ZB 225 -4.10 -67.16 -29.29
N LEU ZB 226 -4.93 -68.20 -29.48
CA LEU ZB 226 -6.21 -68.32 -28.79
C LEU ZB 226 -6.38 -69.72 -28.23
N ALA ZB 227 -6.63 -69.82 -26.93
CA ALA ZB 227 -7.03 -71.09 -26.33
C ALA ZB 227 -8.55 -71.09 -26.21
N VAL ZB 228 -9.19 -72.18 -26.61
CA VAL ZB 228 -10.64 -72.27 -26.59
C VAL ZB 228 -11.01 -73.58 -25.90
N ARG ZB 229 -11.43 -73.48 -24.65
CA ARG ZB 229 -11.89 -74.62 -23.87
C ARG ZB 229 -13.31 -74.94 -24.31
N LEU ZB 230 -13.51 -76.16 -24.80
CA LEU ZB 230 -14.78 -76.54 -25.41
C LEU ZB 230 -15.68 -77.16 -24.35
N ARG ZB 231 -16.95 -77.39 -24.68
CA ARG ZB 231 -17.92 -77.85 -23.68
C ARG ZB 231 -17.52 -79.20 -23.10
N GLY ZB 232 -17.56 -80.24 -23.92
CA GLY ZB 232 -17.25 -81.58 -23.46
C GLY ZB 232 -15.82 -82.01 -23.59
N LEU ZB 233 -14.95 -81.12 -24.06
CA LEU ZB 233 -13.59 -81.51 -24.37
C LEU ZB 233 -12.61 -80.95 -23.35
N ASN ZB 234 -11.90 -81.85 -22.68
CA ASN ZB 234 -10.94 -81.49 -21.63
C ASN ZB 234 -9.77 -80.67 -22.16
N THR ZB 235 -9.26 -81.04 -23.32
CA THR ZB 235 -8.11 -80.37 -23.92
C THR ZB 235 -8.52 -79.05 -24.56
N PRO ZB 236 -7.84 -77.93 -24.25
CA PRO ZB 236 -8.16 -76.69 -24.95
C PRO ZB 236 -7.73 -76.75 -26.40
N VAL ZB 237 -8.62 -76.27 -27.28
CA VAL ZB 237 -8.32 -76.14 -28.70
C VAL ZB 237 -7.49 -74.88 -28.83
N MET ZB 238 -6.20 -75.01 -29.09
CA MET ZB 238 -5.29 -73.91 -28.81
C MET ZB 238 -4.63 -73.58 -30.16
N LEU ZB 239 -5.00 -72.43 -30.74
CA LEU ZB 239 -4.79 -72.17 -32.16
C LEU ZB 239 -3.95 -70.92 -32.37
N THR ZB 240 -3.27 -70.85 -33.52
CA THR ZB 240 -2.40 -69.72 -33.84
C THR ZB 240 -3.05 -68.81 -34.86
N LEU ZB 241 -2.86 -67.50 -34.70
CA LEU ZB 241 -3.47 -66.50 -35.56
C LEU ZB 241 -2.38 -65.55 -36.04
N ILE ZB 242 -2.34 -65.31 -37.35
CA ILE ZB 242 -1.37 -64.40 -37.95
C ILE ZB 242 -2.13 -63.42 -38.83
N PRO ZB 243 -2.08 -62.12 -38.57
CA PRO ZB 243 -2.77 -61.16 -39.42
C PRO ZB 243 -1.87 -60.60 -40.51
N GLY ZB 244 -2.50 -59.94 -41.47
CA GLY ZB 244 -1.77 -59.34 -42.56
C GLY ZB 244 -1.22 -60.30 -43.59
N GLN ZB 245 -1.74 -61.52 -43.67
CA GLN ZB 245 -1.31 -62.46 -44.70
C GLN ZB 245 -1.91 -62.05 -46.04
N LYS ZB 246 -1.31 -62.56 -47.11
CA LYS ZB 246 -1.83 -62.29 -48.45
C LYS ZB 246 -3.18 -62.94 -48.70
N ALA ZB 247 -3.73 -63.65 -47.73
CA ALA ZB 247 -5.13 -64.04 -47.73
C ALA ZB 247 -5.73 -63.69 -46.37
N VAL ZB 248 -7.04 -63.56 -46.32
CA VAL ZB 248 -7.77 -63.37 -45.08
C VAL ZB 248 -8.77 -64.51 -44.94
N ASP ZB 249 -8.62 -65.27 -43.86
CA ASP ZB 249 -9.53 -66.36 -43.54
C ASP ZB 249 -10.81 -65.74 -43.03
N TYR ZB 250 -11.76 -65.52 -43.94
CA TYR ZB 250 -13.04 -64.94 -43.54
C TYR ZB 250 -13.68 -65.73 -42.42
N ARG ZB 251 -13.84 -67.04 -42.60
CA ARG ZB 251 -14.30 -67.95 -41.55
C ARG ZB 251 -13.66 -69.30 -41.79
N VAL ZB 252 -13.40 -70.03 -40.71
CA VAL ZB 252 -12.73 -71.33 -40.80
C VAL ZB 252 -13.56 -72.34 -40.01
N ASP ZB 253 -13.85 -73.49 -40.62
CA ASP ZB 253 -14.60 -74.55 -39.97
C ASP ZB 253 -13.61 -75.49 -39.31
N LEU ZB 254 -13.39 -75.30 -38.01
CA LEU ZB 254 -12.52 -76.17 -37.22
C LEU ZB 254 -13.26 -77.47 -36.95
N ARG ZB 255 -12.93 -78.52 -37.71
CA ARG ZB 255 -13.49 -79.85 -37.48
C ARG ZB 255 -12.60 -80.52 -36.44
N VAL ZB 256 -13.01 -80.41 -35.18
CA VAL ZB 256 -12.21 -80.88 -34.07
C VAL ZB 256 -12.31 -82.39 -33.95
N GLN ZB 257 -11.25 -82.99 -33.40
CA GLN ZB 257 -11.05 -84.43 -33.45
C GLN ZB 257 -12.10 -85.20 -32.67
N GLY ZB 258 -12.75 -84.56 -31.70
CA GLY ZB 258 -13.66 -85.23 -30.79
C GLY ZB 258 -15.09 -85.29 -31.27
N TYR ZB 259 -15.98 -85.71 -30.35
CA TYR ZB 259 -17.41 -85.77 -30.59
C TYR ZB 259 -18.10 -84.83 -29.63
N GLY ZB 260 -18.96 -83.96 -30.15
CA GLY ZB 260 -19.59 -82.93 -29.37
C GLY ZB 260 -20.84 -83.38 -28.64
N PRO ZB 261 -21.48 -82.46 -27.92
CA PRO ZB 261 -22.73 -82.77 -27.25
C PRO ZB 261 -23.92 -82.96 -28.18
N ASN ZB 262 -23.71 -82.83 -29.49
CA ASN ZB 262 -24.74 -83.04 -30.50
C ASN ZB 262 -24.26 -84.13 -31.43
N ALA ZB 263 -25.05 -85.19 -31.57
CA ALA ZB 263 -24.66 -86.32 -32.41
C ALA ZB 263 -25.39 -86.28 -33.75
N CYS AC 1 33.23 -68.86 -34.79
CA CYS AC 1 32.17 -69.16 -33.84
C CYS AC 1 32.73 -69.73 -32.56
N THR AC 2 32.46 -71.02 -32.34
CA THR AC 2 32.71 -71.64 -31.05
C THR AC 2 34.20 -71.70 -30.71
N ASP AC 3 35.08 -71.56 -31.71
CA ASP AC 3 36.51 -71.64 -31.44
C ASP AC 3 36.92 -70.57 -30.44
N ALA AC 4 36.43 -69.34 -30.62
CA ALA AC 4 36.65 -68.30 -29.64
C ALA AC 4 36.08 -68.68 -28.28
N ALA AC 5 34.92 -69.34 -28.26
CA ALA AC 5 34.31 -69.72 -26.99
C ALA AC 5 35.21 -70.65 -26.19
N LEU AC 6 35.66 -71.76 -26.79
CA LEU AC 6 36.48 -72.65 -25.97
C LEU AC 6 37.88 -72.10 -25.78
N ALA AC 7 38.38 -71.28 -26.70
CA ALA AC 7 39.68 -70.64 -26.46
C ALA AC 7 39.63 -69.74 -25.24
N ALA AC 8 38.57 -68.93 -25.12
CA ALA AC 8 38.40 -68.12 -23.94
C ALA AC 8 38.19 -68.97 -22.70
N LEU AC 9 37.49 -70.11 -22.86
CA LEU AC 9 37.26 -70.99 -21.71
C LEU AC 9 38.58 -71.55 -21.17
N GLU AC 10 39.45 -72.05 -22.08
CA GLU AC 10 40.75 -72.54 -21.64
C GLU AC 10 41.62 -71.41 -21.09
N TYR AC 11 41.53 -70.22 -21.68
CA TYR AC 11 42.30 -69.10 -21.15
C TYR AC 11 41.84 -68.73 -19.74
N HIS AC 12 40.53 -68.84 -19.46
CA HIS AC 12 40.03 -68.54 -18.14
C HIS AC 12 40.40 -69.61 -17.13
N LYS AC 13 40.27 -70.89 -17.49
CA LYS AC 13 40.60 -71.94 -16.53
C LYS AC 13 42.11 -72.07 -16.32
N SER AC 14 42.91 -71.67 -17.30
CA SER AC 14 44.36 -71.70 -17.15
C SER AC 14 44.87 -70.54 -16.28
N ASN AC 15 44.22 -69.39 -16.35
CA ASN AC 15 44.60 -68.22 -15.58
C ASN AC 15 43.59 -68.04 -14.45
N ALA AC 16 44.00 -68.39 -13.23
CA ALA AC 16 43.10 -68.44 -12.08
C ALA AC 16 42.59 -67.07 -11.65
N CYS BC 1 31.27 -71.27 -17.16
CA CYS BC 1 32.03 -70.07 -16.83
C CYS BC 1 31.97 -69.05 -17.96
N VAL BC 2 31.66 -69.52 -19.16
CA VAL BC 2 31.66 -68.68 -20.35
C VAL BC 2 30.26 -68.12 -20.58
N SER BC 3 30.17 -66.79 -20.64
CA SER BC 3 28.95 -66.09 -20.98
C SER BC 3 29.10 -65.52 -22.38
N MET BC 4 28.19 -65.90 -23.27
CA MET BC 4 28.43 -65.73 -24.69
C MET BC 4 27.45 -64.78 -25.37
N ILE BC 5 26.58 -64.11 -24.63
CA ILE BC 5 25.52 -63.34 -25.27
C ILE BC 5 26.10 -62.27 -26.18
N GLY BC 6 27.21 -61.67 -25.77
CA GLY BC 6 28.01 -60.87 -26.69
C GLY BC 6 29.17 -61.62 -27.28
N GLY BC 7 28.90 -62.67 -28.03
CA GLY BC 7 29.95 -63.46 -28.65
C GLY BC 7 30.74 -62.65 -29.66
N SER BC 8 32.06 -62.86 -29.65
CA SER BC 8 32.94 -62.08 -30.52
C SER BC 8 33.82 -63.04 -31.30
N ARG BC 9 33.65 -63.08 -32.62
CA ARG BC 9 34.47 -63.91 -33.49
C ARG BC 9 35.82 -63.24 -33.73
N ARG CC 1 35.26 -61.46 -23.36
CA ARG CC 1 34.43 -62.33 -22.53
C ARG CC 1 34.79 -62.16 -21.05
N VAL CC 2 33.81 -62.23 -20.18
CA VAL CC 2 34.00 -62.03 -18.75
C VAL CC 2 33.50 -63.26 -18.00
N SER CC 3 34.29 -63.71 -17.02
CA SER CC 3 33.97 -64.89 -16.24
C SER CC 3 33.09 -64.52 -15.05
N ILE CC 4 32.92 -65.46 -14.12
CA ILE CC 4 32.11 -65.22 -12.93
C ILE CC 4 32.95 -64.63 -11.81
N GLY CC 5 34.28 -64.77 -11.89
CA GLY CC 5 35.15 -64.11 -10.95
C GLY CC 5 35.17 -62.60 -11.07
N GLY CC 6 34.61 -62.06 -12.17
CA GLY CC 6 34.60 -60.64 -12.44
C GLY CC 6 35.75 -60.18 -13.31
N THR CC 7 36.80 -61.00 -13.41
CA THR CC 7 37.91 -60.69 -14.29
C THR CC 7 37.54 -61.02 -15.73
N VAL CC 8 38.15 -60.30 -16.67
CA VAL CC 8 37.86 -60.45 -18.10
C VAL CC 8 38.91 -61.35 -18.71
N TYR CC 9 38.48 -62.50 -19.23
CA TYR CC 9 39.34 -63.40 -19.99
C TYR CC 9 38.73 -63.62 -21.36
N THR CC 10 39.48 -63.26 -22.40
CA THR CC 10 38.95 -63.20 -23.75
C THR CC 10 39.87 -63.90 -24.73
N ALA CC 11 39.26 -64.59 -25.70
CA ALA CC 11 40.01 -65.12 -26.83
C ALA CC 11 40.43 -63.97 -27.74
N LYS CC 12 41.44 -64.22 -28.57
CA LYS CC 12 42.04 -63.16 -29.38
C LYS CC 12 41.37 -63.03 -30.75
N LYS CC 13 41.48 -64.07 -31.59
CA LYS CC 13 40.85 -64.07 -32.92
C LYS CC 13 40.56 -65.50 -33.29
N TYR CC 14 39.29 -65.84 -33.48
CA TYR CC 14 38.90 -67.21 -33.83
C TYR CC 14 37.64 -67.19 -34.67
N ASP CC 15 37.70 -67.82 -35.84
CA ASP CC 15 36.60 -67.84 -36.79
C ASP CC 15 36.18 -69.27 -37.07
N ASP CC 16 34.92 -69.44 -37.47
CA ASP CC 16 34.38 -70.76 -37.81
C ASP CC 16 33.45 -70.66 -39.01
N PRO DC 1 26.13 -63.03 -31.13
CA PRO DC 1 26.76 -62.60 -32.39
C PRO DC 1 27.64 -63.70 -32.99
N PHE DC 2 27.01 -64.79 -33.43
CA PHE DC 2 27.75 -65.98 -33.84
C PHE DC 2 27.26 -66.35 -35.23
N GLY DC 3 28.15 -66.93 -36.02
CA GLY DC 3 27.89 -67.15 -37.44
C GLY DC 3 27.15 -68.42 -37.80
N ALA DC 4 26.66 -69.17 -36.82
CA ALA DC 4 25.87 -70.36 -37.10
C ALA DC 4 24.52 -70.34 -36.37
N ASP DC 5 23.97 -69.15 -36.12
CA ASP DC 5 22.72 -69.01 -35.40
C ASP DC 5 21.55 -69.66 -36.16
N ARG EC 207 22.08 -97.33 -29.42
CA ARG EC 207 22.39 -96.37 -28.36
C ARG EC 207 21.24 -95.37 -28.20
N ILE EC 208 21.32 -94.54 -27.16
CA ILE EC 208 20.25 -93.60 -26.82
C ILE EC 208 20.64 -92.21 -27.30
N ILE EC 209 19.84 -91.64 -28.19
CA ILE EC 209 20.07 -90.30 -28.70
C ILE EC 209 19.35 -89.30 -27.79
N TYR EC 210 20.03 -88.18 -27.50
CA TYR EC 210 19.47 -87.13 -26.67
C TYR EC 210 19.29 -85.86 -27.49
N TYR EC 211 18.32 -85.03 -27.09
CA TYR EC 211 17.98 -83.80 -27.78
C TYR EC 211 17.56 -82.77 -26.73
N ILE EC 212 18.05 -81.54 -26.84
CA ILE EC 212 17.70 -80.54 -25.84
C ILE EC 212 16.25 -80.12 -25.97
N GLN EC 213 15.54 -80.04 -24.85
CA GLN EC 213 14.27 -79.31 -24.81
C GLN EC 213 14.48 -77.85 -24.48
N ALA EC 214 15.36 -77.56 -23.54
CA ALA EC 214 15.49 -76.17 -23.13
C ALA EC 214 16.95 -75.91 -22.80
N VAL EC 215 17.46 -74.79 -23.28
CA VAL EC 215 18.88 -74.51 -23.06
C VAL EC 215 19.02 -73.04 -22.75
N ILE EC 216 19.72 -72.76 -21.66
CA ILE EC 216 19.96 -71.41 -21.16
C ILE EC 216 21.44 -71.31 -20.79
N PRO EC 217 22.01 -70.10 -20.67
CA PRO EC 217 23.40 -70.00 -20.20
C PRO EC 217 23.60 -70.75 -18.90
N GLY EC 218 24.36 -71.84 -18.96
CA GLY EC 218 24.48 -72.75 -17.83
C GLY EC 218 23.75 -74.07 -18.02
N ARG EC 219 22.62 -74.24 -17.34
CA ARG EC 219 21.91 -75.51 -17.40
C ARG EC 219 21.30 -75.75 -18.78
N ALA EC 220 21.12 -77.03 -19.10
CA ALA EC 220 20.44 -77.44 -20.33
C ALA EC 220 19.63 -78.70 -20.01
N TRP EC 221 18.32 -78.61 -20.19
CA TRP EC 221 17.42 -79.73 -19.97
C TRP EC 221 17.27 -80.51 -21.27
N LEU EC 222 17.54 -81.82 -21.18
CA LEU EC 222 17.75 -82.76 -22.28
C LEU EC 222 16.79 -83.94 -22.17
N ILE EC 223 16.38 -84.47 -23.33
CA ILE EC 223 15.46 -85.60 -23.40
C ILE EC 223 16.13 -86.73 -24.15
N GLY EC 224 15.97 -87.95 -23.65
CA GLY EC 224 16.46 -89.13 -24.33
C GLY EC 224 15.42 -89.69 -25.27
N SER EC 225 15.82 -90.73 -26.01
CA SER EC 225 14.89 -91.46 -26.85
C SER EC 225 13.93 -92.34 -26.04
N ASN EC 226 14.26 -92.60 -24.78
CA ASN EC 226 13.41 -93.36 -23.88
C ASN EC 226 12.49 -92.48 -23.05
N GLY EC 227 12.50 -91.17 -23.28
CA GLY EC 227 11.70 -90.25 -22.50
C GLY EC 227 12.32 -89.78 -21.21
N SER EC 228 13.56 -90.17 -20.91
CA SER EC 228 14.22 -89.71 -19.70
C SER EC 228 14.68 -88.26 -19.85
N THR EC 229 14.44 -87.47 -18.80
CA THR EC 229 14.78 -86.06 -18.79
C THR EC 229 15.93 -85.80 -17.83
N LEU EC 230 16.87 -84.96 -18.27
CA LEU EC 230 18.08 -84.65 -17.54
C LEU EC 230 18.35 -83.16 -17.58
N THR EC 231 19.27 -82.71 -16.74
CA THR EC 231 19.78 -81.35 -16.77
C THR EC 231 21.30 -81.40 -16.66
N VAL EC 232 21.98 -80.60 -17.49
CA VAL EC 232 23.43 -80.64 -17.57
C VAL EC 232 23.99 -79.24 -17.40
N ARG EC 233 25.26 -79.19 -16.99
CA ARG EC 233 26.03 -77.98 -16.76
C ARG EC 233 27.25 -77.96 -17.68
N GLU EC 234 28.17 -77.03 -17.40
CA GLU EC 234 29.44 -76.96 -18.13
C GLU EC 234 30.14 -78.33 -18.14
N GLY EC 235 30.26 -78.96 -16.97
CA GLY EC 235 30.83 -80.29 -16.91
C GLY EC 235 29.89 -81.30 -16.28
N SER EC 236 29.39 -82.24 -17.08
CA SER EC 236 28.34 -83.14 -16.63
C SER EC 236 28.50 -84.49 -17.30
N LYS EC 237 28.43 -85.54 -16.48
CA LYS EC 237 28.43 -86.91 -16.99
C LYS EC 237 27.13 -87.20 -17.73
N ILE EC 238 27.24 -87.41 -19.03
CA ILE EC 238 26.11 -87.78 -19.87
C ILE EC 238 26.39 -89.19 -20.40
N PRO EC 239 25.56 -90.18 -20.08
CA PRO EC 239 25.82 -91.55 -20.56
C PRO EC 239 25.86 -91.61 -22.08
N GLY EC 240 26.94 -92.20 -22.60
CA GLY EC 240 27.12 -92.31 -24.04
C GLY EC 240 27.89 -91.14 -24.63
N TYR EC 241 27.33 -89.94 -24.50
CA TYR EC 241 27.98 -88.77 -25.07
C TYR EC 241 29.25 -88.39 -24.30
N GLY EC 242 29.34 -88.79 -23.04
CA GLY EC 242 30.56 -88.64 -22.27
C GLY EC 242 30.61 -87.43 -21.36
N MET EC 243 31.49 -86.49 -21.67
CA MET EC 243 31.66 -85.25 -20.93
C MET EC 243 31.20 -84.08 -21.80
N VAL EC 244 30.37 -83.21 -21.24
CA VAL EC 244 29.98 -82.02 -21.98
C VAL EC 244 31.07 -80.97 -21.86
N LYS EC 245 31.48 -80.42 -23.00
CA LYS EC 245 32.45 -79.34 -23.05
C LYS EC 245 31.82 -77.97 -23.21
N LEU EC 246 30.90 -77.78 -24.15
CA LEU EC 246 30.35 -76.44 -24.35
C LEU EC 246 28.83 -76.50 -24.40
N ILE EC 247 28.20 -75.41 -23.96
CA ILE EC 247 26.75 -75.25 -23.96
C ILE EC 247 26.47 -73.88 -24.58
N ASP EC 248 26.04 -73.85 -25.84
CA ASP EC 248 25.68 -72.61 -26.51
C ASP EC 248 24.17 -72.59 -26.67
N SER EC 249 23.48 -72.00 -25.68
CA SER EC 249 22.03 -71.89 -25.73
C SER EC 249 21.54 -70.95 -26.82
N LEU EC 250 22.38 -70.05 -27.32
CA LEU EC 250 21.97 -69.17 -28.39
C LEU EC 250 21.63 -69.95 -29.66
N GLN EC 251 22.46 -70.92 -30.02
CA GLN EC 251 22.16 -71.81 -31.14
C GLN EC 251 21.65 -73.16 -30.69
N GLY EC 252 21.44 -73.36 -29.39
CA GLY EC 252 20.94 -74.62 -28.87
C GLY EC 252 21.83 -75.81 -29.14
N ARG EC 253 23.13 -75.69 -28.90
CA ARG EC 253 24.08 -76.74 -29.24
C ARG EC 253 24.91 -77.13 -28.03
N ILE EC 254 25.10 -78.43 -27.87
CA ILE EC 254 25.87 -78.99 -26.77
C ILE EC 254 27.05 -79.74 -27.39
N LEU EC 255 28.26 -79.26 -27.12
CA LEU EC 255 29.48 -79.93 -27.58
C LEU EC 255 29.99 -80.86 -26.48
N THR EC 256 30.19 -82.12 -26.82
CA THR EC 256 30.70 -83.11 -25.88
C THR EC 256 32.10 -83.59 -26.28
N SER EC 257 32.67 -84.44 -25.42
CA SER EC 257 34.03 -84.92 -25.63
C SER EC 257 34.09 -85.97 -26.73
N SER EC 258 33.02 -86.73 -26.92
CA SER EC 258 32.97 -87.77 -27.93
C SER EC 258 32.81 -87.21 -29.34
N GLY EC 259 32.96 -85.89 -29.50
CA GLY EC 259 32.68 -85.23 -30.76
C GLY EC 259 31.21 -85.13 -31.10
N GLN EC 260 30.37 -85.93 -30.46
CA GLN EC 260 28.93 -85.86 -30.69
C GLN EC 260 28.40 -84.51 -30.22
N VAL EC 261 27.55 -83.92 -31.05
CA VAL EC 261 26.97 -82.61 -30.79
C VAL EC 261 25.47 -82.78 -30.69
N ILE EC 262 24.87 -82.30 -29.60
CA ILE EC 262 23.43 -82.34 -29.44
C ILE EC 262 22.85 -81.01 -29.90
N LYS EC 263 21.89 -81.08 -30.83
CA LYS EC 263 21.19 -79.94 -31.37
C LYS EC 263 19.73 -80.04 -30.92
N PHE EC 264 18.88 -79.13 -31.37
CA PHE EC 264 17.49 -79.20 -30.94
C PHE EC 264 16.71 -80.03 -31.96
N SER EC 265 15.76 -80.84 -31.48
CA SER EC 265 15.19 -81.90 -32.31
C SER EC 265 14.48 -81.31 -33.54
N GLN EC 266 14.58 -82.04 -34.66
CA GLN EC 266 14.14 -81.51 -35.95
C GLN EC 266 12.63 -81.28 -36.00
N GLU EC 267 11.84 -82.15 -35.39
CA GLU EC 267 10.40 -82.14 -35.57
C GLU EC 267 9.71 -81.18 -34.61
N ASP EC 268 10.47 -80.38 -33.86
CA ASP EC 268 9.88 -79.33 -33.03
C ASP EC 268 10.73 -78.08 -33.00
N SER EC 269 11.69 -77.93 -33.91
CA SER EC 269 12.52 -76.73 -33.97
C SER EC 269 12.06 -75.76 -35.07
N ALA FC 104 -4.27 -10.84 -66.41
CA ALA FC 104 -5.72 -10.87 -66.54
C ALA FC 104 -6.32 -12.10 -65.86
N GLU FC 105 -6.76 -13.07 -66.65
CA GLU FC 105 -7.36 -14.29 -66.11
C GLU FC 105 -6.35 -15.43 -65.94
N VAL FC 106 -5.09 -15.20 -66.31
CA VAL FC 106 -4.05 -16.21 -66.10
C VAL FC 106 -3.61 -16.30 -64.64
N ILE FC 107 -3.75 -15.22 -63.88
CA ILE FC 107 -3.50 -15.26 -62.43
C ILE FC 107 -4.34 -16.34 -61.78
N ASP FC 108 -5.58 -16.52 -62.24
CA ASP FC 108 -6.41 -17.61 -61.71
C ASP FC 108 -5.74 -18.95 -61.89
N LYS FC 109 -5.20 -19.21 -63.08
CA LYS FC 109 -4.55 -20.49 -63.35
C LYS FC 109 -3.33 -20.69 -62.46
N LYS FC 110 -2.40 -19.72 -62.45
CA LYS FC 110 -1.19 -19.90 -61.66
C LYS FC 110 -1.51 -20.08 -60.19
N ALA FC 111 -2.39 -19.23 -59.65
CA ALA FC 111 -2.74 -19.32 -58.25
C ALA FC 111 -3.40 -20.66 -57.94
N PHE FC 112 -4.38 -21.09 -58.74
CA PHE FC 112 -5.07 -22.33 -58.37
C PHE FC 112 -4.13 -23.53 -58.52
N LYS FC 113 -3.12 -23.42 -59.38
CA LYS FC 113 -2.09 -24.45 -59.43
C LYS FC 113 -1.36 -24.53 -58.10
N ASP FC 114 -0.84 -23.40 -57.62
CA ASP FC 114 -0.16 -23.49 -56.33
C ASP FC 114 -1.17 -23.78 -55.23
N MET FC 115 -2.47 -23.71 -55.56
CA MET FC 115 -3.49 -23.92 -54.56
C MET FC 115 -3.67 -25.40 -54.28
N THR FC 116 -3.91 -26.15 -55.35
CA THR FC 116 -3.94 -27.60 -55.24
C THR FC 116 -2.61 -28.09 -54.69
N ARG FC 117 -1.51 -27.38 -54.99
CA ARG FC 117 -0.22 -27.63 -54.36
C ARG FC 117 -0.24 -27.46 -52.85
N ASN FC 118 -0.68 -26.32 -52.33
CA ASN FC 118 -0.62 -26.14 -50.88
C ASN FC 118 -1.64 -26.98 -50.13
N LEU FC 119 -2.92 -26.90 -50.50
CA LEU FC 119 -3.97 -27.47 -49.66
C LEU FC 119 -3.84 -28.99 -49.55
N TYR FC 120 -3.73 -29.67 -50.68
CA TYR FC 120 -3.40 -31.09 -50.71
C TYR FC 120 -1.97 -31.17 -51.22
N PRO FC 121 -1.00 -30.97 -50.33
CA PRO FC 121 0.40 -30.91 -50.74
C PRO FC 121 0.91 -32.19 -51.35
N LEU FC 122 0.43 -33.32 -50.87
CA LEU FC 122 0.88 -34.63 -51.33
C LEU FC 122 0.02 -35.06 -52.51
N ASN FC 123 0.68 -35.34 -53.63
CA ASN FC 123 0.00 -35.86 -54.78
C ASN FC 123 -0.62 -37.21 -54.40
N PRO FC 124 -1.72 -37.59 -55.04
CA PRO FC 124 -2.27 -38.94 -54.81
C PRO FC 124 -1.22 -40.04 -54.88
N GLU FC 125 -0.12 -39.78 -55.57
CA GLU FC 125 1.00 -40.70 -55.70
C GLU FC 125 1.94 -40.60 -54.48
N GLN FC 126 2.15 -39.39 -53.94
CA GLN FC 126 2.84 -39.23 -52.67
C GLN FC 126 2.12 -39.92 -51.52
N VAL FC 127 0.79 -39.98 -51.58
CA VAL FC 127 0.03 -40.68 -50.55
C VAL FC 127 0.34 -42.17 -50.56
N VAL FC 128 0.44 -42.77 -51.76
CA VAL FC 128 0.76 -44.18 -51.81
C VAL FC 128 2.19 -44.41 -51.33
N LYS FC 129 3.10 -43.45 -51.60
CA LYS FC 129 4.36 -43.47 -50.84
C LYS FC 129 4.14 -43.61 -49.34
N LEU FC 130 3.54 -42.59 -48.71
CA LEU FC 130 3.47 -42.62 -47.25
C LEU FC 130 2.83 -43.91 -46.76
N LYS FC 131 1.82 -44.41 -47.49
CA LYS FC 131 1.23 -45.69 -47.13
C LYS FC 131 2.26 -46.82 -47.14
N GLN FC 132 3.02 -46.96 -48.24
CA GLN FC 132 3.92 -48.11 -48.30
C GLN FC 132 5.06 -47.96 -47.31
N ILE FC 133 5.58 -46.75 -47.13
CA ILE FC 133 6.65 -46.54 -46.16
C ILE FC 133 6.15 -46.89 -44.76
N TYR FC 134 4.94 -46.44 -44.42
CA TYR FC 134 4.34 -46.79 -43.14
C TYR FC 134 4.26 -48.29 -42.96
N GLU FC 135 3.69 -48.99 -43.94
CA GLU FC 135 3.44 -50.42 -43.74
C GLU FC 135 4.74 -51.21 -43.75
N THR FC 136 5.76 -50.76 -44.50
CA THR FC 136 7.04 -51.46 -44.47
C THR FC 136 7.77 -51.24 -43.14
N SER FC 137 7.86 -49.99 -42.68
CA SER FC 137 8.50 -49.76 -41.38
C SER FC 137 7.75 -50.52 -40.31
N GLU FC 138 6.42 -50.60 -40.44
CA GLU FC 138 5.58 -51.31 -39.49
C GLU FC 138 5.74 -52.83 -39.59
N TYR FC 139 5.95 -53.38 -40.80
CA TYR FC 139 6.20 -54.80 -40.92
C TYR FC 139 7.54 -55.18 -40.32
N ALA FC 140 8.54 -54.31 -40.50
CA ALA FC 140 9.81 -54.49 -39.80
C ALA FC 140 9.63 -54.35 -38.29
N LYS FC 141 8.76 -53.43 -37.88
CA LYS FC 141 8.34 -53.31 -36.49
C LYS FC 141 7.79 -54.62 -35.95
N ALA FC 142 6.93 -55.30 -36.70
CA ALA FC 142 6.28 -56.51 -36.24
C ALA FC 142 7.10 -57.76 -36.51
N ALA FC 143 8.15 -57.66 -37.30
CA ALA FC 143 8.92 -58.84 -37.67
C ALA FC 143 9.66 -59.39 -36.46
N THR FC 144 9.61 -60.72 -36.33
CA THR FC 144 10.43 -61.33 -35.29
C THR FC 144 11.65 -62.01 -35.91
N PRO FC 145 12.83 -61.43 -35.75
CA PRO FC 145 14.04 -62.05 -36.31
C PRO FC 145 14.44 -63.30 -35.54
N GLY FC 146 15.34 -64.09 -36.14
CA GLY FC 146 15.64 -65.39 -35.61
C GLY FC 146 14.57 -66.37 -36.05
N THR FC 147 14.81 -67.65 -35.77
CA THR FC 147 13.58 -68.34 -36.10
C THR FC 147 12.58 -68.22 -34.96
N PRO FC 148 11.33 -67.92 -35.25
CA PRO FC 148 10.32 -67.91 -34.22
C PRO FC 148 10.16 -69.31 -33.65
N PRO FC 149 9.82 -69.42 -32.38
CA PRO FC 149 9.73 -70.74 -31.77
C PRO FC 149 8.66 -71.61 -32.44
N LYS FC 150 9.01 -72.87 -32.62
CA LYS FC 150 8.09 -73.85 -33.21
C LYS FC 150 6.93 -74.10 -32.25
N PRO FC 151 5.69 -73.94 -32.67
CA PRO FC 151 4.55 -74.28 -31.81
C PRO FC 151 4.36 -75.78 -31.75
N THR FC 152 4.72 -76.39 -30.61
CA THR FC 152 4.67 -77.83 -30.42
C THR FC 152 3.71 -78.16 -29.29
N ALA FC 153 2.78 -79.06 -29.59
CA ALA FC 153 1.85 -79.58 -28.58
C ALA FC 153 2.35 -80.95 -28.16
N THR FC 154 3.10 -81.00 -27.06
CA THR FC 154 3.79 -82.21 -26.64
C THR FC 154 3.07 -82.88 -25.48
N SER FC 155 3.61 -84.01 -25.05
CA SER FC 155 3.11 -84.75 -23.90
C SER FC 155 4.31 -85.31 -23.15
N GLN FC 156 4.27 -85.23 -21.82
CA GLN FC 156 5.39 -85.62 -20.98
C GLN FC 156 4.89 -86.39 -19.77
N PHE FC 157 5.62 -87.42 -19.37
CA PHE FC 157 5.31 -88.22 -18.19
C PHE FC 157 6.00 -87.62 -16.97
N VAL FC 158 5.19 -87.30 -15.96
CA VAL FC 158 5.69 -86.72 -14.71
C VAL FC 158 6.00 -87.86 -13.74
N ASN FC 159 7.23 -87.89 -13.25
CA ASN FC 159 7.64 -88.83 -12.22
C ASN FC 159 7.97 -88.05 -10.95
N LEU FC 160 7.36 -88.43 -9.83
CA LEU FC 160 7.55 -87.76 -8.57
C LEU FC 160 8.56 -88.46 -7.66
N SER FC 161 9.20 -89.51 -8.16
CA SER FC 161 10.24 -90.14 -7.35
C SER FC 161 11.41 -89.18 -7.15
N PRO FC 162 11.96 -89.12 -5.94
CA PRO FC 162 13.10 -88.23 -5.70
C PRO FC 162 14.27 -88.55 -6.61
N GLY FC 163 14.94 -87.51 -7.10
CA GLY FC 163 16.02 -87.64 -8.05
C GLY FC 163 15.64 -87.30 -9.47
N SER FC 164 14.36 -87.19 -9.78
CA SER FC 164 13.91 -86.86 -11.13
C SER FC 164 13.90 -85.36 -11.35
N THR FC 165 14.35 -84.95 -12.54
CA THR FC 165 14.26 -83.51 -12.73
C THR FC 165 12.81 -83.11 -13.02
N PRO FC 166 12.38 -81.94 -12.56
CA PRO FC 166 11.01 -81.53 -12.78
C PRO FC 166 10.73 -81.28 -14.24
N PRO FC 167 9.48 -81.41 -14.67
CA PRO FC 167 9.15 -81.14 -16.07
C PRO FC 167 9.41 -79.69 -16.45
N VAL FC 168 9.90 -79.52 -17.68
CA VAL FC 168 10.20 -78.20 -18.23
C VAL FC 168 9.07 -77.77 -19.15
N ILE FC 169 8.79 -76.46 -19.15
CA ILE FC 169 7.81 -75.87 -20.06
C ILE FC 169 8.48 -74.69 -20.75
N ARG FC 170 8.59 -74.78 -22.07
CA ARG FC 170 9.13 -73.71 -22.88
C ARG FC 170 8.00 -72.72 -23.12
N LEU FC 171 8.28 -71.43 -22.93
CA LEU FC 171 7.30 -70.38 -23.13
C LEU FC 171 7.88 -69.33 -24.09
N SER FC 172 7.07 -68.32 -24.40
CA SER FC 172 7.52 -67.15 -25.13
C SER FC 172 6.63 -65.98 -24.77
N GLN FC 173 7.15 -64.77 -24.95
CA GLN FC 173 6.55 -63.59 -24.36
C GLN FC 173 5.25 -63.20 -25.08
N GLY FC 174 4.17 -63.04 -24.32
CA GLY FC 174 2.88 -62.71 -24.87
C GLY FC 174 2.17 -63.88 -25.51
N PHE FC 175 2.65 -65.10 -25.31
CA PHE FC 175 2.08 -66.29 -25.91
C PHE FC 175 1.63 -67.27 -24.83
N VAL FC 176 0.43 -67.80 -25.02
CA VAL FC 176 -0.31 -68.48 -23.98
C VAL FC 176 -0.11 -69.99 -24.12
N SER FC 177 0.31 -70.62 -23.02
CA SER FC 177 0.70 -72.02 -22.97
C SER FC 177 -0.21 -72.76 -21.99
N SER FC 178 -0.63 -73.96 -22.36
CA SER FC 178 -1.61 -74.73 -21.62
C SER FC 178 -0.95 -75.92 -20.94
N LEU FC 179 -1.16 -76.06 -19.63
CA LEU FC 179 -0.77 -77.27 -18.92
C LEU FC 179 -2.01 -78.00 -18.44
N VAL FC 180 -2.17 -79.25 -18.87
CA VAL FC 180 -3.28 -80.10 -18.46
C VAL FC 180 -2.71 -81.31 -17.73
N PHE FC 181 -3.26 -81.58 -16.55
CA PHE FC 181 -2.74 -82.62 -15.66
C PHE FC 181 -3.64 -83.85 -15.74
N LEU FC 182 -3.06 -84.96 -16.18
CA LEU FC 182 -3.79 -86.21 -16.38
C LEU FC 182 -3.07 -87.32 -15.66
N ASP FC 183 -3.84 -88.13 -14.94
CA ASP FC 183 -3.28 -89.20 -14.11
C ASP FC 183 -2.79 -90.34 -14.99
N SER FC 184 -2.34 -91.43 -14.36
CA SER FC 184 -1.75 -92.53 -15.09
C SER FC 184 -2.76 -93.24 -15.99
N THR FC 185 -4.05 -93.10 -15.69
CA THR FC 185 -5.07 -93.70 -16.54
C THR FC 185 -5.51 -92.75 -17.67
N GLY FC 186 -4.89 -91.58 -17.78
CA GLY FC 186 -5.21 -90.66 -18.86
C GLY FC 186 -6.39 -89.75 -18.59
N ALA FC 187 -7.00 -89.84 -17.41
CA ALA FC 187 -8.14 -89.03 -17.04
C ALA FC 187 -7.69 -87.68 -16.49
N PRO FC 188 -8.52 -86.65 -16.62
CA PRO FC 188 -8.16 -85.35 -16.06
C PRO FC 188 -8.04 -85.40 -14.55
N TRP FC 189 -7.24 -84.49 -14.00
CA TRP FC 189 -7.03 -84.39 -12.56
C TRP FC 189 -7.30 -82.96 -12.11
N PRO FC 190 -8.43 -82.69 -11.46
CA PRO FC 190 -8.75 -81.31 -11.05
C PRO FC 190 -7.80 -80.83 -9.97
N ILE FC 191 -7.65 -79.51 -9.88
CA ILE FC 191 -6.56 -78.88 -9.15
C ILE FC 191 -7.08 -78.32 -7.84
N ALA FC 192 -6.30 -78.50 -6.77
CA ALA FC 192 -6.62 -77.89 -5.49
C ALA FC 192 -6.18 -76.43 -5.42
N ALA FC 193 -4.99 -76.11 -5.93
CA ALA FC 193 -4.39 -74.79 -5.77
C ALA FC 193 -3.10 -74.74 -6.59
N TYR FC 194 -2.49 -73.56 -6.66
CA TYR FC 194 -1.18 -73.42 -7.28
C TYR FC 194 -0.47 -72.19 -6.73
N ASP FC 195 0.86 -72.28 -6.63
CA ASP FC 195 1.71 -71.19 -6.19
C ASP FC 195 2.76 -70.93 -7.25
N LEU FC 196 2.84 -69.68 -7.73
CA LEU FC 196 3.79 -69.30 -8.77
C LEU FC 196 4.87 -68.40 -8.18
N GLY FC 197 6.12 -68.85 -8.23
CA GLY FC 197 7.23 -67.98 -7.94
C GLY FC 197 7.52 -67.09 -9.15
N ASP FC 198 7.85 -65.83 -8.89
CA ASP FC 198 8.11 -64.84 -9.92
C ASP FC 198 6.89 -64.70 -10.84
N PRO FC 199 5.78 -64.15 -10.35
CA PRO FC 199 4.61 -63.92 -11.22
C PRO FC 199 4.66 -62.66 -12.05
N SER FC 200 5.74 -61.88 -12.00
CA SER FC 200 5.90 -60.73 -12.88
C SER FC 200 6.67 -61.08 -14.15
N SER FC 201 7.11 -62.32 -14.30
CA SER FC 201 7.66 -62.80 -15.55
C SER FC 201 6.68 -63.71 -16.27
N PHE FC 202 5.64 -64.17 -15.59
CA PHE FC 202 4.60 -64.98 -16.19
C PHE FC 202 3.26 -64.61 -15.56
N ASN FC 203 2.26 -64.38 -16.40
CA ASN FC 203 0.88 -64.22 -15.94
C ASN FC 203 0.19 -65.56 -16.09
N ILE FC 204 -0.46 -65.99 -15.02
CA ILE FC 204 -1.12 -67.29 -14.98
C ILE FC 204 -2.57 -67.08 -14.61
N GLN FC 205 -3.48 -67.69 -15.36
CA GLN FC 205 -4.85 -67.81 -14.91
C GLN FC 205 -5.30 -69.26 -14.86
N TRP FC 206 -6.39 -69.47 -14.13
CA TRP FC 206 -6.97 -70.79 -13.91
C TRP FC 206 -8.35 -70.57 -13.31
N ASP FC 207 -9.38 -71.15 -13.93
CA ASP FC 207 -10.67 -71.20 -13.27
C ASP FC 207 -10.62 -72.29 -12.22
N LYS FC 208 -10.94 -71.93 -10.97
CA LYS FC 208 -10.60 -72.74 -9.80
C LYS FC 208 -11.18 -74.15 -9.84
N THR FC 209 -12.05 -74.48 -10.79
CA THR FC 209 -12.60 -75.82 -10.88
C THR FC 209 -11.86 -76.71 -11.86
N SER FC 210 -11.40 -76.16 -12.97
CA SER FC 210 -10.87 -76.97 -14.07
C SER FC 210 -9.51 -77.55 -13.70
N ASN FC 211 -8.92 -78.27 -14.67
CA ASN FC 211 -7.64 -78.95 -14.49
C ASN FC 211 -6.54 -78.35 -15.36
N THR FC 212 -6.76 -77.17 -15.93
CA THR FC 212 -5.82 -76.55 -16.86
C THR FC 212 -5.25 -75.27 -16.27
N LEU FC 213 -3.95 -75.07 -16.49
CA LEU FC 213 -3.21 -73.91 -15.98
C LEU FC 213 -2.70 -73.13 -17.19
N MET FC 214 -3.01 -71.83 -17.24
CA MET FC 214 -2.94 -71.11 -18.52
C MET FC 214 -1.92 -69.99 -18.32
N ILE FC 215 -0.70 -70.17 -18.85
CA ILE FC 215 0.44 -69.30 -18.50
C ILE FC 215 0.97 -68.59 -19.74
N GLN FC 216 1.24 -67.30 -19.62
CA GLN FC 216 1.88 -66.52 -20.67
C GLN FC 216 3.11 -65.83 -20.11
N ALA FC 217 4.22 -65.90 -20.82
CA ALA FC 217 5.44 -65.22 -20.38
C ALA FC 217 5.31 -63.72 -20.61
N THR FC 218 5.38 -62.94 -19.54
CA THR FC 218 5.38 -61.50 -19.66
C THR FC 218 6.75 -60.93 -19.96
N LYS FC 219 7.80 -61.73 -19.83
CA LYS FC 219 9.18 -61.30 -20.10
C LYS FC 219 9.85 -62.34 -20.99
N LEU FC 220 10.82 -61.88 -21.79
CA LEU FC 220 11.35 -62.70 -22.88
C LEU FC 220 11.99 -63.99 -22.38
N TYR FC 221 12.96 -63.90 -21.48
CA TYR FC 221 13.74 -65.08 -21.13
C TYR FC 221 13.90 -65.32 -19.63
N ASN FC 222 13.48 -64.40 -18.77
CA ASN FC 222 13.56 -64.64 -17.34
C ASN FC 222 12.70 -65.84 -16.97
N TYR FC 223 13.34 -66.90 -16.50
CA TYR FC 223 12.66 -68.15 -16.21
C TYR FC 223 12.37 -68.27 -14.72
N GLY FC 224 11.42 -69.12 -14.39
CA GLY FC 224 10.98 -69.29 -13.02
C GLY FC 224 10.44 -70.68 -12.82
N ASN FC 225 9.58 -70.81 -11.82
CA ASN FC 225 9.17 -72.13 -11.36
C ASN FC 225 7.81 -72.04 -10.67
N LEU FC 226 7.14 -73.19 -10.56
CA LEU FC 226 5.74 -73.20 -10.17
C LEU FC 226 5.40 -74.52 -9.46
N ALA FC 227 4.60 -74.41 -8.40
CA ALA FC 227 4.05 -75.56 -7.68
C ALA FC 227 2.55 -75.63 -7.94
N VAL FC 228 2.04 -76.84 -8.12
CA VAL FC 228 0.62 -77.06 -8.41
C VAL FC 228 0.11 -78.12 -7.43
N ARG FC 229 -0.65 -77.68 -6.43
CA ARG FC 229 -1.36 -78.60 -5.53
C ARG FC 229 -2.56 -79.18 -6.27
N LEU FC 230 -2.54 -80.49 -6.43
CA LEU FC 230 -3.53 -81.18 -7.25
C LEU FC 230 -4.53 -81.77 -6.26
N ARG FC 231 -5.57 -82.48 -6.72
CA ARG FC 231 -6.54 -83.02 -5.76
C ARG FC 231 -5.99 -84.23 -5.01
N GLY FC 232 -5.68 -85.30 -5.74
CA GLY FC 232 -5.45 -86.59 -5.14
C GLY FC 232 -4.15 -86.80 -4.39
N LEU FC 233 -3.08 -86.12 -4.77
CA LEU FC 233 -1.78 -86.41 -4.18
C LEU FC 233 -1.56 -85.62 -2.90
N ASN FC 234 -0.59 -86.06 -2.11
CA ASN FC 234 0.02 -85.22 -1.08
C ASN FC 234 1.15 -84.40 -1.66
N THR FC 235 2.07 -85.05 -2.38
CA THR FC 235 3.15 -84.34 -3.02
C THR FC 235 2.61 -83.59 -4.24
N PRO FC 236 2.86 -82.29 -4.35
CA PRO FC 236 2.30 -81.51 -5.47
C PRO FC 236 3.02 -81.81 -6.78
N VAL FC 237 2.76 -80.96 -7.77
CA VAL FC 237 3.44 -81.04 -9.06
C VAL FC 237 4.36 -79.83 -9.21
N MET FC 238 5.67 -80.10 -9.28
CA MET FC 238 6.68 -79.10 -9.61
C MET FC 238 6.81 -78.95 -11.12
N LEU FC 239 7.01 -77.71 -11.59
CA LEU FC 239 7.23 -77.42 -12.99
C LEU FC 239 8.12 -76.19 -13.17
N THR FC 240 9.12 -76.30 -14.03
CA THR FC 240 10.03 -75.19 -14.30
C THR FC 240 9.70 -74.55 -15.65
N LEU FC 241 9.49 -73.23 -15.63
CA LEU FC 241 9.03 -72.48 -16.78
C LEU FC 241 10.18 -71.66 -17.33
N ILE FC 242 10.58 -71.93 -18.57
CA ILE FC 242 11.65 -71.18 -19.22
C ILE FC 242 11.09 -70.56 -20.50
N PRO FC 243 11.04 -69.24 -20.61
CA PRO FC 243 10.58 -68.60 -21.84
C PRO FC 243 11.72 -68.32 -22.81
N GLY FC 244 11.34 -67.98 -24.04
CA GLY FC 244 12.30 -67.62 -25.06
C GLY FC 244 13.04 -68.77 -25.71
N GLN FC 245 12.51 -69.98 -25.66
CA GLN FC 245 13.15 -71.13 -26.30
C GLN FC 245 12.80 -71.16 -27.78
N LYS FC 246 13.49 -72.05 -28.52
CA LYS FC 246 13.25 -72.23 -29.94
C LYS FC 246 11.95 -72.95 -30.24
N ALA FC 247 11.15 -73.24 -29.22
CA ALA FC 247 9.82 -73.82 -29.38
C ALA FC 247 8.93 -73.32 -28.26
N VAL FC 248 7.62 -73.41 -28.47
CA VAL FC 248 6.63 -73.14 -27.43
C VAL FC 248 5.86 -74.42 -27.18
N ASP FC 249 5.64 -74.75 -25.92
CA ASP FC 249 4.64 -75.74 -25.54
C ASP FC 249 3.27 -75.12 -25.72
N TYR FC 250 2.76 -75.28 -26.94
CA TYR FC 250 1.45 -74.78 -27.30
C TYR FC 250 0.37 -75.46 -26.49
N ARG FC 251 0.64 -76.69 -26.06
CA ARG FC 251 -0.16 -77.42 -25.08
C ARG FC 251 0.63 -78.65 -24.67
N VAL FC 252 0.67 -78.95 -23.38
CA VAL FC 252 1.46 -80.05 -22.85
C VAL FC 252 0.57 -80.96 -22.01
N ASP FC 253 0.62 -82.26 -22.30
CA ASP FC 253 -0.08 -83.26 -21.51
C ASP FC 253 0.87 -83.80 -20.45
N LEU FC 254 0.73 -83.32 -19.22
CA LEU FC 254 1.50 -83.81 -18.10
C LEU FC 254 0.82 -85.06 -17.54
N ARG FC 255 1.42 -86.22 -17.81
CA ARG FC 255 0.93 -87.51 -17.34
C ARG FC 255 1.52 -87.73 -15.95
N VAL FC 256 0.69 -87.46 -14.93
CA VAL FC 256 1.14 -87.59 -13.56
C VAL FC 256 1.34 -89.08 -13.21
N GLN FC 257 2.22 -89.31 -12.24
CA GLN FC 257 2.60 -90.68 -11.89
C GLN FC 257 1.49 -91.39 -11.13
N GLY FC 258 0.59 -90.65 -10.48
CA GLY FC 258 -0.45 -91.23 -9.66
C GLY FC 258 -1.77 -91.43 -10.37
N TYR FC 259 -2.81 -91.70 -9.57
CA TYR FC 259 -4.16 -91.88 -10.07
C TYR FC 259 -5.07 -90.84 -9.44
N GLY FC 260 -5.86 -90.16 -10.27
CA GLY FC 260 -6.73 -89.12 -9.80
C GLY FC 260 -8.09 -89.60 -9.38
N PRO FC 261 -8.99 -88.66 -9.08
CA PRO FC 261 -10.37 -89.03 -8.73
C PRO FC 261 -11.18 -89.57 -9.88
N ASN FC 262 -10.61 -89.63 -11.08
CA ASN FC 262 -11.26 -90.24 -12.25
C ASN FC 262 -10.37 -91.35 -12.75
N ALA FC 263 -10.91 -92.56 -12.83
CA ALA FC 263 -10.15 -93.72 -13.27
C ALA FC 263 -10.90 -94.50 -14.35
N CYS GC 1 43.59 -69.55 -7.46
CA CYS GC 1 42.66 -70.47 -6.81
C CYS GC 1 43.10 -70.85 -5.40
N THR GC 2 43.33 -72.15 -5.21
CA THR GC 2 43.53 -72.69 -3.87
C THR GC 2 44.90 -72.35 -3.28
N ASP GC 3 45.93 -72.19 -4.11
CA ASP GC 3 47.27 -72.00 -3.57
C ASP GC 3 47.42 -70.63 -2.92
N ALA GC 4 46.86 -69.58 -3.53
CA ALA GC 4 46.86 -68.29 -2.86
C ALA GC 4 46.10 -68.36 -1.55
N ALA GC 5 44.98 -69.08 -1.54
CA ALA GC 5 44.19 -69.21 -0.32
C ALA GC 5 44.98 -69.89 0.79
N LEU GC 6 45.63 -71.03 0.48
CA LEU GC 6 46.31 -71.74 1.57
C LEU GC 6 47.57 -71.00 2.00
N ALA GC 7 48.26 -70.32 1.08
CA ALA GC 7 49.40 -69.52 1.50
C ALA GC 7 48.98 -68.37 2.40
N ALA GC 8 47.88 -67.69 2.05
CA ALA GC 8 47.38 -66.62 2.91
C ALA GC 8 46.91 -67.17 4.26
N LEU GC 9 46.28 -68.35 4.23
CA LEU GC 9 45.88 -69.04 5.45
C LEU GC 9 47.07 -69.27 6.37
N GLU GC 10 48.12 -69.89 5.86
CA GLU GC 10 49.28 -70.20 6.69
C GLU GC 10 50.01 -68.94 7.12
N TYR GC 11 50.00 -67.90 6.28
CA TYR GC 11 50.71 -66.67 6.64
C TYR GC 11 49.96 -65.89 7.70
N HIS GC 12 48.62 -65.91 7.68
CA HIS GC 12 47.88 -65.27 8.76
C HIS GC 12 48.00 -66.06 10.05
N LYS GC 13 47.97 -67.40 9.97
CA LYS GC 13 48.16 -68.17 11.20
C LYS GC 13 49.60 -68.12 11.70
N SER GC 14 50.54 -67.69 10.85
CA SER GC 14 51.92 -67.54 11.30
C SER GC 14 52.17 -66.17 11.93
N ASN GC 15 51.63 -65.11 11.34
CA ASN GC 15 51.74 -63.77 11.88
C ASN GC 15 50.45 -63.46 12.65
N ALA GC 16 50.51 -63.58 13.96
CA ALA GC 16 49.33 -63.43 14.80
C ALA GC 16 48.88 -61.97 14.88
N CYS HC 1 38.95 -68.67 8.50
CA CYS HC 1 39.48 -67.31 8.66
C CYS HC 1 39.71 -66.64 7.31
N VAL HC 2 39.66 -67.44 6.24
CA VAL HC 2 39.98 -66.95 4.89
C VAL HC 2 38.68 -66.58 4.19
N SER HC 3 38.60 -65.35 3.70
CA SER HC 3 37.48 -64.88 2.89
C SER HC 3 37.87 -65.00 1.43
N MET HC 4 37.19 -65.88 0.72
CA MET HC 4 37.62 -66.37 -0.58
C MET HC 4 37.13 -65.50 -1.72
N ILE HC 5 35.94 -64.92 -1.57
CA ILE HC 5 35.47 -63.91 -2.50
C ILE HC 5 36.41 -62.72 -2.50
N GLY HC 6 37.12 -62.52 -1.39
CA GLY HC 6 38.30 -61.69 -1.38
C GLY HC 6 39.51 -62.47 -1.86
N GLY HC 7 39.38 -63.08 -3.03
CA GLY HC 7 40.46 -63.88 -3.58
C GLY HC 7 41.18 -63.18 -4.72
N SER HC 8 42.50 -63.35 -4.74
CA SER HC 8 43.33 -62.75 -5.79
C SER HC 8 44.39 -63.77 -6.17
N ARG HC 9 44.41 -64.18 -7.43
CA ARG HC 9 45.38 -65.15 -7.91
C ARG HC 9 46.75 -64.50 -8.05
N ARG IC 1 43.89 -60.75 0.98
CA ARG IC 1 42.90 -61.44 1.81
C ARG IC 1 42.78 -60.78 3.18
N VAL IC 2 41.59 -60.86 3.77
CA VAL IC 2 41.29 -60.19 5.03
C VAL IC 2 40.88 -61.24 6.05
N SER IC 3 41.40 -61.10 7.27
CA SER IC 3 41.10 -62.05 8.34
C SER IC 3 39.93 -61.54 9.19
N ILE IC 4 39.68 -62.21 10.31
CA ILE IC 4 38.61 -61.81 11.22
C ILE IC 4 39.20 -61.06 12.41
N GLY IC 5 40.52 -61.06 12.56
CA GLY IC 5 41.14 -60.12 13.48
C GLY IC 5 41.03 -58.68 13.05
N GLY IC 6 40.66 -58.43 11.79
CA GLY IC 6 40.57 -57.09 11.23
C GLY IC 6 41.84 -56.66 10.53
N THR IC 7 42.95 -57.30 10.83
CA THR IC 7 44.21 -57.03 10.15
C THR IC 7 44.25 -57.76 8.81
N VAL IC 8 44.83 -57.12 7.80
CA VAL IC 8 44.86 -57.65 6.45
C VAL IC 8 46.06 -58.59 6.34
N TYR IC 9 45.82 -59.78 5.81
CA TYR IC 9 46.86 -60.76 5.55
C TYR IC 9 46.66 -61.36 4.16
N THR IC 10 47.53 -60.99 3.22
CA THR IC 10 47.36 -61.32 1.82
C THR IC 10 48.50 -62.19 1.32
N ALA IC 11 48.19 -63.03 0.35
CA ALA IC 11 49.22 -63.74 -0.41
C ALA IC 11 49.83 -62.79 -1.45
N LYS IC 12 50.94 -63.22 -2.05
CA LYS IC 12 51.66 -62.37 -2.98
C LYS IC 12 51.35 -62.71 -4.44
N LYS IC 13 51.62 -63.94 -4.88
CA LYS IC 13 51.40 -64.31 -6.27
C LYS IC 13 51.36 -65.83 -6.35
N TYR IC 14 50.19 -66.39 -6.63
CA TYR IC 14 50.00 -67.84 -6.64
C TYR IC 14 48.95 -68.21 -7.68
N ASP IC 15 49.33 -69.06 -8.63
CA ASP IC 15 48.48 -69.41 -9.75
C ASP IC 15 48.30 -70.92 -9.83
N ASP IC 16 47.12 -71.33 -10.32
CA ASP IC 16 46.83 -72.74 -10.52
C ASP IC 16 46.36 -72.99 -11.95
N PRO JC 1 37.12 -64.99 -6.90
CA PRO JC 1 37.54 -64.94 -8.31
C PRO JC 1 38.67 -65.91 -8.62
N PHE JC 2 38.31 -67.18 -8.81
CA PHE JC 2 39.27 -68.24 -9.11
C PHE JC 2 38.97 -68.82 -10.48
N GLY JC 3 39.99 -69.41 -11.09
CA GLY JC 3 39.86 -69.98 -12.42
C GLY JC 3 39.25 -71.36 -12.49
N ALA JC 4 39.03 -71.99 -11.34
CA ALA JC 4 38.40 -73.30 -11.28
C ALA JC 4 36.92 -73.23 -10.94
N ASP JC 5 36.26 -72.14 -11.33
CA ASP JC 5 34.84 -71.96 -11.05
C ASP JC 5 33.99 -72.88 -11.92
N ARG KC 207 35.33 -97.66 1.97
CA ARG KC 207 35.08 -96.53 2.86
C ARG KC 207 33.71 -95.95 2.59
N ILE KC 208 33.42 -94.80 3.19
CA ILE KC 208 32.18 -94.07 2.96
C ILE KC 208 32.54 -92.78 2.25
N ILE KC 209 32.00 -92.59 1.04
CA ILE KC 209 32.34 -91.44 0.22
C ILE KC 209 31.47 -90.28 0.66
N TYR KC 210 32.10 -89.17 1.02
CA TYR KC 210 31.40 -88.00 1.52
C TYR KC 210 31.27 -86.95 0.43
N TYR KC 211 30.10 -86.34 0.36
CA TYR KC 211 29.73 -85.49 -0.77
C TYR KC 211 29.02 -84.25 -0.25
N ILE KC 212 29.50 -83.07 -0.66
CA ILE KC 212 28.94 -81.82 -0.17
C ILE KC 212 27.46 -81.74 -0.53
N GLN KC 213 26.67 -81.21 0.39
CA GLN KC 213 25.28 -80.89 0.09
C GLN KC 213 25.00 -79.39 0.11
N ALA KC 214 25.87 -78.60 0.73
CA ALA KC 214 25.88 -77.15 0.60
C ALA KC 214 27.14 -76.62 1.27
N VAL KC 215 27.52 -75.41 0.89
CA VAL KC 215 28.75 -74.83 1.41
C VAL KC 215 28.64 -73.32 1.40
N ILE KC 216 29.11 -72.69 2.47
CA ILE KC 216 29.10 -71.25 2.68
C ILE KC 216 30.44 -70.87 3.29
N PRO KC 217 30.85 -69.58 3.27
CA PRO KC 217 32.14 -69.22 3.86
C PRO KC 217 32.27 -69.70 5.31
N GLY KC 218 33.17 -70.64 5.54
CA GLY KC 218 33.27 -71.28 6.84
C GLY KC 218 32.72 -72.69 6.85
N ARG KC 219 31.52 -72.86 7.40
CA ARG KC 219 30.91 -74.18 7.50
C ARG KC 219 30.62 -74.78 6.13
N ALA KC 220 30.61 -76.10 6.09
CA ALA KC 220 30.12 -76.84 4.93
C ALA KC 220 29.25 -77.97 5.43
N TRP KC 221 28.03 -78.07 4.88
CA TRP KC 221 27.12 -79.16 5.17
C TRP KC 221 27.29 -80.24 4.11
N LEU KC 222 27.47 -81.47 4.54
CA LEU KC 222 27.75 -82.57 3.63
C LEU KC 222 26.85 -83.76 3.95
N ILE KC 223 26.57 -84.57 2.91
CA ILE KC 223 25.80 -85.79 3.03
C ILE KC 223 26.69 -86.96 2.64
N GLY KC 224 26.76 -87.97 3.51
CA GLY KC 224 27.56 -89.15 3.26
C GLY KC 224 26.83 -90.20 2.45
N SER KC 225 27.51 -91.32 2.23
CA SER KC 225 26.94 -92.43 1.48
C SER KC 225 25.90 -93.22 2.24
N ASN KC 226 25.92 -93.16 3.58
CA ASN KC 226 24.98 -93.90 4.41
C ASN KC 226 23.79 -93.06 4.85
N GLY KC 227 23.65 -91.84 4.32
CA GLY KC 227 22.57 -90.96 4.71
C GLY KC 227 22.88 -90.03 5.85
N SER KC 228 24.04 -90.14 6.47
CA SER KC 228 24.39 -89.24 7.56
C SER KC 228 24.73 -87.85 7.04
N THR KC 229 24.28 -86.83 7.77
CA THR KC 229 24.55 -85.44 7.44
C THR KC 229 25.51 -84.86 8.46
N LEU KC 230 26.58 -84.24 7.99
CA LEU KC 230 27.60 -83.69 8.86
C LEU KC 230 27.91 -82.26 8.47
N THR KC 231 28.59 -81.56 9.38
CA THR KC 231 29.01 -80.18 9.20
C THR KC 231 30.49 -80.06 9.52
N VAL KC 232 31.19 -79.20 8.79
CA VAL KC 232 32.62 -79.01 9.00
C VAL KC 232 32.94 -77.52 9.01
N ARG KC 233 34.03 -77.18 9.70
CA ARG KC 233 34.59 -75.83 9.74
C ARG KC 233 36.04 -75.87 9.27
N GLU KC 234 36.75 -74.75 9.46
CA GLU KC 234 38.08 -74.57 8.88
C GLU KC 234 39.01 -75.72 9.25
N GLY KC 235 38.85 -76.25 10.47
CA GLY KC 235 39.56 -77.47 10.85
C GLY KC 235 38.65 -78.44 11.54
N SER KC 236 38.40 -79.61 10.92
CA SER KC 236 37.46 -80.56 11.48
C SER KC 236 37.90 -81.97 11.13
N LYS KC 237 37.74 -82.87 12.09
CA LYS KC 237 38.02 -84.29 11.87
C LYS KC 237 36.87 -84.91 11.09
N ILE KC 238 37.19 -85.52 9.96
CA ILE KC 238 36.22 -86.21 9.12
C ILE KC 238 36.65 -87.67 9.07
N PRO KC 239 35.82 -88.61 9.54
CA PRO KC 239 36.24 -90.02 9.57
C PRO KC 239 36.61 -90.52 8.19
N GLY KC 240 37.80 -91.11 8.09
CA GLY KC 240 38.30 -91.62 6.83
C GLY KC 240 39.10 -90.60 6.04
N TYR KC 241 38.50 -89.44 5.81
CA TYR KC 241 39.15 -88.45 4.95
C TYR KC 241 40.16 -87.60 5.69
N GLY KC 242 40.17 -87.66 7.02
CA GLY KC 242 41.20 -86.97 7.78
C GLY KC 242 40.76 -85.70 8.47
N MET KC 243 41.36 -84.58 8.08
CA MET KC 243 41.16 -83.29 8.74
C MET KC 243 41.17 -82.20 7.68
N VAL KC 244 40.07 -81.45 7.60
CA VAL KC 244 39.85 -80.57 6.45
C VAL KC 244 40.75 -79.35 6.54
N LYS KC 245 41.62 -79.19 5.55
CA LYS KC 245 42.50 -78.04 5.43
C LYS KC 245 41.79 -76.78 4.97
N LEU KC 246 40.90 -76.88 3.99
CA LEU KC 246 40.32 -75.70 3.39
C LEU KC 246 38.89 -75.98 2.95
N ILE KC 247 38.08 -74.93 2.97
CA ILE KC 247 36.68 -74.97 2.55
C ILE KC 247 36.54 -73.89 1.48
N ASP KC 248 36.35 -74.27 0.22
CA ASP KC 248 36.15 -73.29 -0.85
C ASP KC 248 34.69 -73.33 -1.27
N SER KC 249 33.87 -72.46 -0.68
CA SER KC 249 32.46 -72.39 -1.01
C SER KC 249 32.22 -71.81 -2.39
N LEU KC 250 33.14 -70.99 -2.90
CA LEU KC 250 32.98 -70.45 -4.25
C LEU KC 250 33.02 -71.56 -5.30
N GLN KC 251 34.02 -72.43 -5.25
CA GLN KC 251 34.09 -73.57 -6.15
C GLN KC 251 33.33 -74.79 -5.64
N GLY KC 252 32.84 -74.75 -4.41
CA GLY KC 252 32.20 -75.92 -3.84
C GLY KC 252 33.12 -77.11 -3.66
N ARG KC 253 34.31 -76.88 -3.10
CA ARG KC 253 35.29 -77.94 -2.89
C ARG KC 253 35.70 -77.97 -1.42
N ILE KC 254 36.06 -79.14 -0.93
CA ILE KC 254 36.57 -79.27 0.44
C ILE KC 254 37.93 -79.96 0.35
N LEU KC 255 38.99 -79.26 0.74
CA LEU KC 255 40.32 -79.86 0.76
C LEU KC 255 40.61 -80.39 2.15
N THR KC 256 40.96 -81.67 2.23
CA THR KC 256 41.26 -82.33 3.50
C THR KC 256 42.71 -82.79 3.52
N SER KC 257 43.13 -83.32 4.67
CA SER KC 257 44.53 -83.68 4.88
C SER KC 257 44.96 -84.85 4.01
N SER KC 258 44.04 -85.78 3.74
CA SER KC 258 44.37 -86.99 3.00
C SER KC 258 44.51 -86.74 1.50
N GLY KC 259 44.57 -85.48 1.08
CA GLY KC 259 44.65 -85.13 -0.32
C GLY KC 259 43.35 -85.28 -1.09
N GLN KC 260 42.39 -86.01 -0.55
CA GLN KC 260 41.09 -86.17 -1.21
C GLN KC 260 40.35 -84.84 -1.26
N VAL KC 261 39.66 -84.59 -2.36
CA VAL KC 261 38.89 -83.38 -2.56
C VAL KC 261 37.41 -83.74 -2.49
N ILE KC 262 36.73 -83.21 -1.48
CA ILE KC 262 35.30 -83.43 -1.30
C ILE KC 262 34.56 -82.61 -2.34
N LYS KC 263 33.66 -83.28 -3.06
CA LYS KC 263 32.95 -82.73 -4.19
C LYS KC 263 31.45 -82.74 -3.93
N PHE KC 264 30.79 -81.70 -4.39
CA PHE KC 264 29.35 -81.70 -4.50
C PHE KC 264 28.90 -82.67 -5.60
N SER KC 265 27.73 -83.26 -5.41
CA SER KC 265 27.33 -84.44 -6.15
C SER KC 265 27.20 -84.18 -7.65
N GLN KC 266 27.70 -85.14 -8.44
CA GLN KC 266 27.57 -85.08 -9.89
C GLN KC 266 26.11 -85.13 -10.31
N GLU KC 267 25.32 -86.01 -9.68
CA GLU KC 267 23.88 -86.05 -9.89
C GLU KC 267 23.15 -84.98 -9.08
N ASP KC 268 23.88 -83.98 -8.58
CA ASP KC 268 23.29 -82.82 -7.92
C ASP KC 268 24.00 -81.52 -8.28
N SER KC 269 24.77 -81.50 -9.37
CA SER KC 269 25.57 -80.33 -9.71
C SER KC 269 25.11 -79.63 -10.97
N ALA LC 104 11.28 -26.36 -60.50
CA ALA LC 104 9.98 -26.74 -61.06
C ALA LC 104 9.38 -27.89 -60.29
N GLU LC 105 9.65 -29.11 -60.76
CA GLU LC 105 9.14 -30.32 -60.12
C GLU LC 105 10.18 -31.01 -59.26
N VAL LC 106 11.47 -30.88 -59.59
CA VAL LC 106 12.53 -31.55 -58.85
C VAL LC 106 12.53 -31.22 -57.36
N ILE LC 107 12.16 -30.00 -56.99
CA ILE LC 107 12.07 -29.62 -55.59
C ILE LC 107 11.12 -30.55 -54.85
N ASP LC 108 10.05 -30.98 -55.50
CA ASP LC 108 9.05 -31.83 -54.83
C ASP LC 108 9.63 -33.18 -54.43
N LYS LC 109 10.26 -33.92 -55.36
CA LYS LC 109 10.82 -35.21 -54.94
C LYS LC 109 12.01 -35.03 -54.00
N LYS LC 110 12.80 -33.97 -54.19
CA LYS LC 110 13.88 -33.73 -53.23
C LYS LC 110 13.34 -33.57 -51.81
N ALA LC 111 12.40 -32.65 -51.63
CA ALA LC 111 11.84 -32.40 -50.31
C ALA LC 111 11.12 -33.64 -49.78
N PHE LC 112 10.42 -34.37 -50.65
CA PHE LC 112 9.74 -35.57 -50.19
C PHE LC 112 10.73 -36.65 -49.74
N LYS LC 113 11.88 -36.74 -50.39
CA LYS LC 113 12.91 -37.66 -49.90
C LYS LC 113 13.38 -37.25 -48.51
N ASP LC 114 13.65 -35.96 -48.33
CA ASP LC 114 14.00 -35.53 -46.97
C ASP LC 114 12.88 -35.87 -45.99
N MET LC 115 11.63 -35.83 -46.44
CA MET LC 115 10.50 -36.24 -45.61
C MET LC 115 10.57 -37.70 -45.20
N THR LC 116 10.79 -38.58 -46.18
CA THR LC 116 10.90 -39.98 -45.89
C THR LC 116 12.06 -40.27 -44.94
N ARG LC 117 13.09 -39.43 -44.93
CA ARG LC 117 14.09 -39.67 -43.89
C ARG LC 117 13.77 -39.03 -42.53
N ASN LC 118 13.09 -37.88 -42.45
CA ASN LC 118 12.98 -37.34 -41.09
C ASN LC 118 11.75 -37.87 -40.36
N LEU LC 119 10.64 -38.15 -41.06
CA LEU LC 119 9.55 -38.86 -40.39
C LEU LC 119 10.00 -40.20 -39.87
N TYR LC 120 10.65 -40.99 -40.72
CA TYR LC 120 11.02 -42.36 -40.42
C TYR LC 120 12.54 -42.45 -40.61
N PRO LC 121 13.32 -41.90 -39.67
CA PRO LC 121 14.78 -42.06 -39.76
C PRO LC 121 15.23 -43.49 -39.64
N LEU LC 122 14.38 -44.37 -39.13
CA LEU LC 122 14.71 -45.78 -38.95
C LEU LC 122 14.11 -46.54 -40.12
N ASN LC 123 14.95 -46.89 -41.09
CA ASN LC 123 14.52 -47.67 -42.23
C ASN LC 123 14.15 -49.09 -41.79
N PRO LC 124 13.46 -49.87 -42.63
CA PRO LC 124 13.00 -51.19 -42.18
C PRO LC 124 14.10 -52.09 -41.64
N GLU LC 125 15.28 -52.11 -42.27
CA GLU LC 125 16.38 -52.88 -41.70
C GLU LC 125 16.90 -52.26 -40.41
N GLN LC 126 16.71 -50.96 -40.24
CA GLN LC 126 17.24 -50.27 -39.07
C GLN LC 126 16.46 -50.58 -37.80
N VAL LC 127 15.13 -50.63 -37.89
CA VAL LC 127 14.33 -50.98 -36.72
C VAL LC 127 14.58 -52.42 -36.30
N VAL LC 128 14.80 -53.32 -37.27
CA VAL LC 128 15.04 -54.70 -36.89
C VAL LC 128 16.41 -54.84 -36.25
N LYS LC 129 17.44 -54.14 -36.74
CA LYS LC 129 18.70 -54.23 -36.01
C LYS LC 129 18.54 -53.67 -34.61
N LEU LC 130 17.79 -52.57 -34.49
CA LEU LC 130 17.62 -51.94 -33.18
C LEU LC 130 16.95 -52.89 -32.19
N LYS LC 131 15.88 -53.56 -32.61
CA LYS LC 131 15.19 -54.42 -31.66
C LYS LC 131 15.99 -55.69 -31.44
N GLN LC 132 16.83 -56.05 -32.42
CA GLN LC 132 17.80 -57.13 -32.20
C GLN LC 132 18.79 -56.77 -31.10
N ILE LC 133 19.33 -55.56 -31.13
CA ILE LC 133 20.23 -55.11 -30.07
C ILE LC 133 19.48 -55.08 -28.75
N TYR LC 134 18.21 -54.70 -28.78
CA TYR LC 134 17.38 -54.73 -27.58
C TYR LC 134 17.33 -56.15 -27.00
N GLU LC 135 17.03 -57.15 -27.83
CA GLU LC 135 16.93 -58.49 -27.30
C GLU LC 135 18.28 -59.01 -26.84
N THR LC 136 19.37 -58.65 -27.54
CA THR LC 136 20.69 -59.09 -27.09
C THR LC 136 21.02 -58.50 -25.73
N SER LC 137 20.72 -57.22 -25.51
CA SER LC 137 21.00 -56.62 -24.20
C SER LC 137 20.17 -57.29 -23.10
N GLU LC 138 18.86 -57.43 -23.33
CA GLU LC 138 18.07 -58.00 -22.25
C GLU LC 138 18.26 -59.51 -22.11
N TYR LC 139 18.85 -60.17 -23.11
CA TYR LC 139 19.25 -61.56 -22.94
C TYR LC 139 20.55 -61.66 -22.16
N ALA LC 140 21.52 -60.79 -22.46
CA ALA LC 140 22.73 -60.74 -21.67
C ALA LC 140 22.42 -60.44 -20.21
N LYS LC 141 21.32 -59.72 -19.97
CA LYS LC 141 20.75 -59.75 -18.62
C LYS LC 141 20.15 -61.12 -18.29
N ALA LC 142 19.20 -61.60 -19.09
CA ALA LC 142 18.43 -62.79 -18.76
C ALA LC 142 19.29 -64.00 -18.40
N ALA LC 143 20.56 -64.00 -18.77
CA ALA LC 143 21.49 -65.02 -18.30
C ALA LC 143 21.65 -64.95 -16.78
N THR LC 144 22.29 -65.94 -16.23
CA THR LC 144 22.45 -66.03 -14.79
C THR LC 144 23.91 -66.27 -14.44
N PRO LC 145 24.38 -65.80 -13.28
CA PRO LC 145 25.81 -65.94 -12.96
C PRO LC 145 26.21 -67.41 -12.83
N GLY LC 146 27.09 -67.84 -13.72
CA GLY LC 146 27.62 -69.18 -13.67
C GLY LC 146 26.56 -70.24 -13.95
N THR LC 147 26.85 -71.44 -13.46
CA THR LC 147 25.87 -72.52 -13.61
C THR LC 147 24.67 -72.27 -12.70
N PRO LC 148 23.46 -72.25 -13.25
CA PRO LC 148 22.30 -72.09 -12.40
C PRO LC 148 22.12 -73.32 -11.52
N PRO LC 149 21.40 -73.18 -10.41
CA PRO LC 149 21.11 -74.35 -9.58
C PRO LC 149 20.19 -75.32 -10.32
N LYS LC 150 20.61 -76.57 -10.39
CA LYS LC 150 19.74 -77.58 -10.99
C LYS LC 150 18.59 -77.86 -10.06
N PRO LC 151 17.38 -78.02 -10.57
CA PRO LC 151 16.23 -78.37 -9.72
C PRO LC 151 16.27 -79.84 -9.33
N THR LC 152 16.37 -80.10 -8.03
CA THR LC 152 16.46 -81.46 -7.53
C THR LC 152 15.43 -81.71 -6.44
N ALA LC 153 14.51 -82.62 -6.73
CA ALA LC 153 13.52 -83.05 -5.76
C ALA LC 153 14.14 -84.21 -4.98
N THR LC 154 14.58 -83.94 -3.75
CA THR LC 154 15.29 -84.92 -2.95
C THR LC 154 14.42 -85.36 -1.78
N SER LC 155 14.85 -86.43 -1.12
CA SER LC 155 14.18 -86.93 0.07
C SER LC 155 15.23 -87.19 1.14
N GLN LC 156 14.94 -86.79 2.36
CA GLN LC 156 15.85 -86.93 3.48
C GLN LC 156 15.11 -87.55 4.66
N PHE LC 157 15.86 -87.99 5.66
CA PHE LC 157 15.29 -88.50 6.90
C PHE LC 157 15.61 -87.53 8.02
N VAL LC 158 14.60 -87.17 8.79
CA VAL LC 158 14.76 -86.29 9.94
C VAL LC 158 14.96 -87.15 11.19
N ASN LC 159 16.11 -86.99 11.82
CA ASN LC 159 16.39 -87.63 13.10
C ASN LC 159 16.42 -86.55 14.17
N LEU LC 160 15.58 -86.69 15.19
CA LEU LC 160 15.42 -85.67 16.21
C LEU LC 160 16.22 -85.97 17.47
N SER LC 161 17.05 -87.02 17.45
CA SER LC 161 17.90 -87.30 18.59
C SER LC 161 18.94 -86.18 18.75
N PRO LC 162 19.24 -85.79 19.99
CA PRO LC 162 20.22 -84.71 20.21
C PRO LC 162 21.58 -85.07 19.65
N GLY LC 163 22.29 -84.05 19.16
CA GLY LC 163 23.58 -84.22 18.53
C GLY LC 163 23.54 -84.31 17.02
N SER LC 164 22.36 -84.44 16.44
CA SER LC 164 22.22 -84.56 15.00
C SER LC 164 22.18 -83.17 14.36
N THR LC 165 22.72 -83.10 13.14
CA THR LC 165 22.63 -81.83 12.42
C THR LC 165 21.21 -81.62 11.89
N PRO LC 166 20.71 -80.39 11.94
CA PRO LC 166 19.36 -80.14 11.46
C PRO LC 166 19.27 -80.37 9.97
N PRO LC 167 18.11 -80.81 9.48
CA PRO LC 167 17.91 -80.91 8.03
C PRO LC 167 18.00 -79.54 7.37
N VAL LC 168 18.35 -79.55 6.10
CA VAL LC 168 18.72 -78.35 5.35
C VAL LC 168 17.88 -78.27 4.09
N ILE LC 169 17.73 -77.05 3.58
CA ILE LC 169 17.03 -76.81 2.32
C ILE LC 169 17.86 -75.85 1.47
N ARG LC 170 18.16 -76.28 0.24
CA ARG LC 170 18.84 -75.43 -0.75
C ARG LC 170 17.79 -74.63 -1.51
N LEU LC 171 17.93 -73.32 -1.53
CA LEU LC 171 16.98 -72.48 -2.23
C LEU LC 171 17.71 -71.60 -3.24
N SER LC 172 16.94 -70.80 -3.97
CA SER LC 172 17.48 -69.87 -4.95
C SER LC 172 16.63 -68.62 -4.96
N GLN LC 173 17.24 -67.49 -5.29
CA GLN LC 173 16.56 -66.20 -5.22
C GLN LC 173 15.41 -66.13 -6.20
N GLY LC 174 14.18 -66.07 -5.68
CA GLY LC 174 13.00 -65.97 -6.51
C GLY LC 174 12.36 -67.29 -6.89
N PHE LC 175 12.70 -68.39 -6.22
CA PHE LC 175 12.23 -69.70 -6.61
C PHE LC 175 11.45 -70.38 -5.50
N VAL LC 176 10.38 -71.06 -5.92
CA VAL LC 176 9.53 -71.87 -5.05
C VAL LC 176 10.27 -73.13 -4.64
N SER LC 177 10.27 -73.43 -3.34
CA SER LC 177 10.76 -74.70 -2.80
C SER LC 177 9.68 -75.28 -1.91
N SER LC 178 9.28 -76.52 -2.19
CA SER LC 178 8.16 -77.16 -1.52
C SER LC 178 8.69 -78.06 -0.41
N LEU LC 179 8.14 -77.91 0.79
CA LEU LC 179 8.50 -78.73 1.93
C LEU LC 179 7.30 -79.58 2.32
N VAL LC 180 7.44 -80.90 2.16
CA VAL LC 180 6.41 -81.87 2.49
C VAL LC 180 6.91 -82.73 3.64
N PHE LC 181 6.05 -82.93 4.63
CA PHE LC 181 6.42 -83.57 5.89
C PHE LC 181 5.70 -84.90 6.04
N LEU LC 182 6.47 -85.96 6.24
CA LEU LC 182 6.03 -87.33 6.13
C LEU LC 182 6.52 -88.09 7.35
N ASP LC 183 5.66 -88.93 7.91
CA ASP LC 183 6.04 -89.68 9.11
C ASP LC 183 6.81 -90.94 8.71
N SER LC 184 7.08 -91.80 9.70
CA SER LC 184 7.90 -92.97 9.45
C SER LC 184 7.28 -93.91 8.43
N THR LC 185 5.95 -94.11 8.49
CA THR LC 185 5.28 -95.02 7.58
C THR LC 185 5.12 -94.41 6.18
N GLY LC 186 5.54 -93.17 5.97
CA GLY LC 186 5.36 -92.54 4.68
C GLY LC 186 3.98 -91.96 4.45
N ALA LC 187 3.29 -91.60 5.52
CA ALA LC 187 1.97 -90.99 5.51
C ALA LC 187 2.07 -89.50 5.83
N PRO LC 188 1.07 -88.72 5.40
CA PRO LC 188 1.13 -87.26 5.63
C PRO LC 188 1.15 -86.91 7.10
N TRP LC 189 1.76 -85.76 7.40
CA TRP LC 189 1.79 -85.22 8.76
C TRP LC 189 1.42 -83.75 8.74
N PRO LC 190 0.18 -83.39 9.05
CA PRO LC 190 -0.25 -81.98 8.98
C PRO LC 190 0.51 -81.13 9.98
N ILE LC 191 0.49 -79.82 9.75
CA ILE LC 191 1.27 -78.85 10.51
C ILE LC 191 0.39 -78.17 11.54
N ALA LC 192 0.89 -78.05 12.76
CA ALA LC 192 0.23 -77.23 13.77
C ALA LC 192 0.56 -75.75 13.60
N ALA LC 193 1.82 -75.41 13.33
CA ALA LC 193 2.26 -74.02 13.25
C ALA LC 193 3.69 -73.98 12.72
N TYR LC 194 4.24 -72.77 12.61
CA TYR LC 194 5.65 -72.62 12.29
C TYR LC 194 6.12 -71.22 12.70
N ASP LC 195 7.43 -71.10 12.87
CA ASP LC 195 8.10 -69.85 13.20
C ASP LC 195 9.39 -69.78 12.38
N LEU LC 196 9.52 -68.73 11.58
CA LEU LC 196 10.63 -68.61 10.64
C LEU LC 196 11.56 -67.51 11.15
N GLY LC 197 12.85 -67.81 11.19
CA GLY LC 197 13.83 -66.81 11.61
C GLY LC 197 14.24 -65.95 10.43
N ASP LC 198 13.93 -64.66 10.51
CA ASP LC 198 14.16 -63.68 9.45
C ASP LC 198 13.45 -64.17 8.19
N PRO LC 199 12.13 -64.04 8.10
CA PRO LC 199 11.46 -64.18 6.80
C PRO LC 199 11.61 -62.97 5.90
N SER LC 200 12.48 -62.03 6.23
CA SER LC 200 12.90 -61.01 5.29
C SER LC 200 13.72 -61.58 4.14
N SER LC 201 14.27 -62.79 4.33
CA SER LC 201 15.03 -63.49 3.31
C SER LC 201 14.23 -64.63 2.69
N PHE LC 202 13.09 -64.98 3.27
CA PHE LC 202 12.30 -66.09 2.78
C PHE LC 202 10.83 -65.77 2.98
N ASN LC 203 10.04 -65.96 1.93
CA ASN LC 203 8.60 -65.83 2.02
C ASN LC 203 8.03 -67.24 2.11
N ILE LC 204 7.25 -67.49 3.16
CA ILE LC 204 6.58 -68.76 3.40
C ILE LC 204 5.11 -68.61 3.07
N GLN LC 205 4.62 -69.46 2.18
CA GLN LC 205 3.19 -69.60 1.96
C GLN LC 205 2.74 -70.98 2.37
N TRP LC 206 1.58 -71.03 3.01
CA TRP LC 206 1.05 -72.28 3.57
C TRP LC 206 -0.43 -72.08 3.87
N ASP LC 207 -1.29 -72.85 3.21
CA ASP LC 207 -2.69 -72.92 3.65
C ASP LC 207 -2.74 -73.59 5.01
N LYS LC 208 -3.67 -73.17 5.87
CA LYS LC 208 -3.53 -73.45 7.29
C LYS LC 208 -3.73 -74.92 7.65
N THR LC 209 -4.15 -75.76 6.71
CA THR LC 209 -4.50 -77.14 7.05
C THR LC 209 -3.46 -78.15 6.58
N SER LC 210 -2.89 -77.95 5.40
CA SER LC 210 -2.12 -78.99 4.74
C SER LC 210 -0.76 -79.19 5.41
N ASN LC 211 0.05 -80.07 4.82
CA ASN LC 211 1.38 -80.38 5.30
C ASN LC 211 2.47 -79.98 4.31
N THR LC 212 2.36 -78.79 3.72
CA THR LC 212 3.34 -78.30 2.77
C THR LC 212 3.62 -76.83 3.04
N LEU LC 213 4.87 -76.53 3.35
CA LEU LC 213 5.37 -75.17 3.53
C LEU LC 213 6.19 -74.80 2.31
N MET LC 214 5.87 -73.70 1.64
CA MET LC 214 6.67 -73.40 0.43
C MET LC 214 7.39 -72.08 0.67
N ILE LC 215 8.70 -72.11 0.41
CA ILE LC 215 9.61 -71.00 0.67
C ILE LC 215 10.06 -70.41 -0.65
N GLN LC 216 10.19 -69.08 -0.70
CA GLN LC 216 10.87 -68.42 -1.81
C GLN LC 216 11.93 -67.48 -1.24
N ALA LC 217 13.15 -67.62 -1.74
CA ALA LC 217 14.26 -66.80 -1.25
C ALA LC 217 14.18 -65.40 -1.82
N THR LC 218 14.02 -64.41 -0.95
CA THR LC 218 13.86 -63.02 -1.38
C THR LC 218 15.19 -62.36 -1.74
N LYS LC 219 16.29 -62.69 -1.06
CA LYS LC 219 17.61 -62.37 -1.55
C LYS LC 219 18.49 -63.62 -1.57
N LEU LC 220 19.59 -63.51 -2.31
CA LEU LC 220 20.09 -64.64 -3.09
C LEU LC 220 20.78 -65.70 -2.22
N TYR LC 221 21.57 -65.28 -1.24
CA TYR LC 221 22.53 -66.18 -0.60
C TYR LC 221 22.37 -66.32 0.90
N ASN LC 222 21.94 -65.27 1.60
CA ASN LC 222 22.00 -65.28 3.07
C ASN LC 222 20.99 -66.26 3.63
N TYR LC 223 21.46 -67.11 4.54
CA TYR LC 223 20.73 -68.27 5.02
C TYR LC 223 20.12 -68.01 6.40
N GLY LC 224 19.02 -68.69 6.66
CA GLY LC 224 18.33 -68.56 7.92
C GLY LC 224 17.88 -69.92 8.41
N ASN LC 225 16.81 -69.92 9.19
CA ASN LC 225 16.29 -71.15 9.75
C ASN LC 225 14.78 -71.02 9.99
N LEU LC 226 14.13 -72.17 10.12
CA LEU LC 226 12.69 -72.23 10.25
C LEU LC 226 12.31 -73.45 11.08
N ALA LC 227 11.60 -73.22 12.19
CA ALA LC 227 11.07 -74.29 13.01
C ALA LC 227 9.62 -74.52 12.62
N VAL LC 228 9.25 -75.77 12.40
CA VAL LC 228 7.89 -76.15 12.04
C VAL LC 228 7.36 -77.05 13.14
N ARG LC 229 6.25 -76.65 13.74
CA ARG LC 229 5.63 -77.39 14.83
C ARG LC 229 4.53 -78.24 14.18
N LEU LC 230 4.67 -79.56 14.29
CA LEU LC 230 3.87 -80.50 13.53
C LEU LC 230 2.66 -80.90 14.40
N ARG LC 231 1.85 -81.85 13.94
CA ARG LC 231 0.68 -82.23 14.72
C ARG LC 231 1.07 -83.11 15.91
N GLY LC 232 1.69 -84.26 15.65
CA GLY LC 232 1.90 -85.25 16.68
C GLY LC 232 3.09 -85.06 17.59
N LEU LC 233 3.94 -84.08 17.33
CA LEU LC 233 5.18 -83.93 18.09
C LEU LC 233 5.03 -82.99 19.27
N ASN LC 234 5.78 -83.28 20.32
CA ASN LC 234 6.16 -82.27 21.29
C ASN LC 234 7.43 -81.54 20.86
N THR LC 235 8.33 -82.25 20.19
CA THR LC 235 9.59 -81.65 19.72
C THR LC 235 9.43 -81.16 18.29
N PRO LC 236 9.67 -79.88 18.01
CA PRO LC 236 9.46 -79.37 16.66
C PRO LC 236 10.49 -79.91 15.67
N VAL LC 237 10.33 -79.54 14.41
CA VAL LC 237 11.23 -79.96 13.33
C VAL LC 237 11.97 -78.73 12.83
N MET LC 238 13.27 -78.86 12.62
CA MET LC 238 14.12 -77.71 12.36
C MET LC 238 14.60 -77.81 10.92
N LEU LC 239 14.61 -76.69 10.19
CA LEU LC 239 15.26 -76.65 8.89
C LEU LC 239 16.16 -75.43 8.77
N THR LC 240 17.34 -75.64 8.18
CA THR LC 240 18.28 -74.57 7.89
C THR LC 240 18.17 -74.21 6.41
N LEU LC 241 17.86 -72.95 6.13
CA LEU LC 241 17.43 -72.50 4.81
C LEU LC 241 18.58 -71.75 4.17
N ILE LC 242 19.35 -72.41 3.29
CA ILE LC 242 20.47 -71.77 2.63
C ILE LC 242 20.09 -71.52 1.18
N PRO LC 243 19.96 -70.27 0.75
CA PRO LC 243 19.72 -69.98 -0.66
C PRO LC 243 21.02 -69.72 -1.40
N GLY LC 244 20.92 -69.65 -2.73
CA GLY LC 244 22.07 -69.37 -3.55
C GLY LC 244 23.05 -70.51 -3.70
N GLN LC 245 22.63 -71.74 -3.42
CA GLN LC 245 23.49 -72.88 -3.69
C GLN LC 245 23.35 -73.27 -5.16
N LYS LC 246 24.44 -73.79 -5.73
CA LYS LC 246 24.47 -74.18 -7.14
C LYS LC 246 23.55 -75.35 -7.47
N ALA LC 247 22.78 -75.85 -6.50
CA ALA LC 247 21.66 -76.75 -6.75
C ALA LC 247 20.47 -76.29 -5.93
N VAL LC 248 19.31 -76.19 -6.58
CA VAL LC 248 18.10 -75.73 -5.91
C VAL LC 248 17.32 -76.97 -5.50
N ASP LC 249 17.21 -77.18 -4.19
CA ASP LC 249 16.44 -78.31 -3.67
C ASP LC 249 14.98 -77.98 -3.90
N TYR LC 250 14.47 -78.48 -5.01
CA TYR LC 250 13.24 -77.98 -5.60
C TYR LC 250 12.03 -78.73 -5.05
N ARG LC 251 12.26 -79.88 -4.42
CA ARG LC 251 11.34 -80.46 -3.44
C ARG LC 251 12.13 -81.10 -2.32
N VAL LC 252 11.49 -81.20 -1.15
CA VAL LC 252 12.10 -81.71 0.06
C VAL LC 252 11.12 -82.70 0.69
N ASP LC 253 11.32 -83.99 0.45
CA ASP LC 253 10.50 -85.03 1.07
C ASP LC 253 11.20 -85.49 2.34
N LEU LC 254 11.02 -84.74 3.43
CA LEU LC 254 11.69 -85.02 4.69
C LEU LC 254 10.92 -86.14 5.40
N ARG LC 255 11.64 -86.97 6.15
CA ARG LC 255 11.08 -88.19 6.74
C ARG LC 255 11.22 -88.10 8.26
N VAL LC 256 10.18 -87.56 8.90
CA VAL LC 256 10.24 -87.33 10.33
C VAL LC 256 10.42 -88.66 11.08
N GLN LC 257 11.13 -88.58 12.21
CA GLN LC 257 11.47 -89.76 12.99
C GLN LC 257 10.23 -90.41 13.62
N GLY LC 258 9.22 -89.61 13.93
CA GLY LC 258 8.05 -90.09 14.65
C GLY LC 258 6.96 -90.63 13.75
N TYR LC 259 5.80 -90.87 14.36
CA TYR LC 259 4.62 -91.39 13.66
C TYR LC 259 3.50 -90.35 13.77
N GLY LC 260 2.86 -90.06 12.64
CA GLY LC 260 1.84 -89.04 12.59
C GLY LC 260 0.44 -89.56 12.86
N PRO LC 261 -0.55 -88.68 12.70
CA PRO LC 261 -1.96 -89.11 12.83
C PRO LC 261 -2.43 -89.99 11.70
N ASN LC 262 -1.57 -90.31 10.74
CA ASN LC 262 -1.91 -91.19 9.63
C ASN LC 262 -0.93 -92.36 9.65
N ALA LC 263 -1.45 -93.58 9.69
CA ALA LC 263 -0.60 -94.76 9.77
C ALA LC 263 -0.88 -95.72 8.62
N CYS MC 1 49.37 -63.72 20.13
CA CYS MC 1 48.15 -64.35 20.63
C CYS MC 1 48.07 -64.31 22.14
N THR MC 2 48.19 -65.49 22.75
CA THR MC 2 48.04 -65.62 24.20
C THR MC 2 49.24 -65.10 24.97
N ASP MC 3 50.45 -65.22 24.41
CA ASP MC 3 51.63 -64.79 25.14
C ASP MC 3 51.66 -63.27 25.32
N ALA MC 4 51.22 -62.53 24.30
CA ALA MC 4 51.08 -61.08 24.46
C ALA MC 4 50.07 -60.74 25.55
N ALA MC 5 48.94 -61.45 25.57
CA ALA MC 5 47.92 -61.19 26.59
C ALA MC 5 48.46 -61.49 27.98
N LEU MC 6 49.20 -62.59 28.14
CA LEU MC 6 49.74 -62.93 29.45
C LEU MC 6 50.80 -61.93 29.88
N ALA MC 7 51.66 -61.48 28.95
CA ALA MC 7 52.64 -60.46 29.28
C ALA MC 7 51.96 -59.18 29.75
N ALA MC 8 50.91 -58.76 29.03
CA ALA MC 8 50.15 -57.61 29.46
C ALA MC 8 49.54 -57.84 30.83
N LEU MC 9 49.01 -59.05 31.08
CA LEU MC 9 48.33 -59.33 32.34
C LEU MC 9 49.28 -59.23 33.53
N GLU MC 10 50.49 -59.81 33.40
CA GLU MC 10 51.43 -59.68 34.50
C GLU MC 10 51.93 -58.24 34.62
N TYR MC 11 52.01 -57.51 33.50
CA TYR MC 11 52.32 -56.09 33.61
C TYR MC 11 51.22 -55.33 34.34
N HIS MC 12 49.97 -55.80 34.25
CA HIS MC 12 48.88 -55.18 34.99
C HIS MC 12 48.99 -55.47 36.47
N LYS MC 13 49.09 -56.75 36.83
CA LYS MC 13 49.10 -57.10 38.25
C LYS MC 13 50.42 -56.71 38.92
N SER MC 14 51.46 -56.44 38.15
CA SER MC 14 52.71 -55.95 38.73
C SER MC 14 52.63 -54.47 39.11
N ASN MC 15 51.93 -53.66 38.31
CA ASN MC 15 51.80 -52.23 38.55
C ASN MC 15 50.36 -51.95 38.98
N ALA MC 16 50.18 -51.60 40.25
CA ALA MC 16 48.85 -51.33 40.79
C ALA MC 16 48.19 -50.12 40.13
N CYS NC 1 40.50 -59.15 34.00
CA CYS NC 1 41.04 -57.81 33.79
C CYS NC 1 41.27 -57.53 32.32
N VAL NC 2 41.94 -58.45 31.63
CA VAL NC 2 42.41 -58.21 30.27
C VAL NC 2 41.24 -58.24 29.31
N SER NC 3 41.02 -57.13 28.62
CA SER NC 3 40.10 -57.06 27.49
C SER NC 3 40.91 -57.25 26.22
N MET NC 4 41.12 -58.52 25.85
CA MET NC 4 41.98 -58.92 24.75
C MET NC 4 41.43 -58.54 23.38
N ILE NC 5 40.17 -58.12 23.29
CA ILE NC 5 39.67 -57.62 22.01
C ILE NC 5 40.38 -56.33 21.65
N GLY NC 6 40.79 -55.56 22.66
CA GLY NC 6 41.68 -54.44 22.45
C GLY NC 6 43.12 -54.88 22.50
N GLY NC 7 43.38 -56.09 22.02
CA GLY NC 7 44.72 -56.65 22.03
C GLY NC 7 45.45 -56.40 20.73
N SER NC 8 46.75 -56.19 20.85
CA SER NC 8 47.60 -55.97 19.69
C SER NC 8 48.74 -56.98 19.76
N ARG NC 9 49.02 -57.65 18.64
CA ARG NC 9 50.08 -58.64 18.60
C ARG NC 9 51.44 -57.95 18.59
N ARG OC 1 45.62 -51.87 24.92
CA ARG OC 1 44.70 -52.53 25.83
C ARG OC 1 44.64 -51.79 27.17
N VAL OC 2 43.43 -51.52 27.65
CA VAL OC 2 43.20 -50.73 28.85
C VAL OC 2 42.36 -51.54 29.82
N SER OC 3 42.74 -51.52 31.10
CA SER OC 3 42.06 -52.28 32.13
C SER OC 3 40.74 -51.62 32.49
N ILE OC 4 40.06 -52.14 33.51
CA ILE OC 4 38.74 -51.64 33.87
C ILE OC 4 38.87 -50.40 34.76
N GLY OC 5 39.93 -50.32 35.55
CA GLY OC 5 40.14 -49.16 36.40
C GLY OC 5 40.30 -47.86 35.64
N GLY OC 6 40.95 -47.88 34.48
CA GLY OC 6 41.11 -46.71 33.63
C GLY OC 6 42.51 -46.53 33.10
N THR OC 7 43.52 -46.91 33.87
CA THR OC 7 44.91 -46.76 33.45
C THR OC 7 45.28 -47.82 32.43
N VAL OC 8 46.08 -47.42 31.45
CA VAL OC 8 46.43 -48.26 30.31
C VAL OC 8 47.77 -48.94 30.59
N TYR OC 9 47.78 -50.27 30.55
CA TYR OC 9 49.01 -51.04 30.51
C TYR OC 9 48.93 -52.02 29.34
N THR OC 10 50.03 -52.17 28.62
CA THR OC 10 50.06 -53.03 27.45
C THR OC 10 51.44 -53.65 27.30
N ALA OC 11 51.48 -54.83 26.68
CA ALA OC 11 52.74 -55.47 26.34
C ALA OC 11 53.41 -54.74 25.19
N LYS OC 12 54.71 -54.98 25.04
CA LYS OC 12 55.52 -54.26 24.05
C LYS OC 12 55.46 -54.90 22.67
N LYS OC 13 55.93 -56.15 22.56
CA LYS OC 13 55.97 -56.85 21.28
C LYS OC 13 56.05 -58.34 21.57
N TYR OC 14 55.03 -59.09 21.14
CA TYR OC 14 54.93 -60.49 21.52
C TYR OC 14 54.18 -61.25 20.44
N ASP OC 15 54.79 -62.29 19.89
CA ASP OC 15 54.24 -63.06 18.78
C ASP OC 15 54.02 -64.51 19.19
N ASP OC 16 53.01 -65.12 18.59
CA ASP OC 16 52.72 -66.54 18.78
C ASP OC 16 52.61 -67.25 17.44
N PRO PC 1 42.21 -59.67 18.23
CA PRO PC 1 42.78 -59.94 16.90
C PRO PC 1 44.08 -60.73 16.97
N PHE PC 2 43.97 -62.04 17.11
CA PHE PC 2 45.13 -62.93 17.17
C PHE PC 2 45.13 -63.82 15.93
N GLY PC 3 46.22 -64.56 15.74
CA GLY PC 3 46.40 -65.37 14.56
C GLY PC 3 45.90 -66.79 14.62
N ALA PC 4 45.53 -67.26 15.82
CA ALA PC 4 45.01 -68.61 15.98
C ALA PC 4 43.49 -68.65 16.04
N ASP PC 5 42.82 -67.70 15.39
CA ASP PC 5 41.37 -67.67 15.36
C ASP PC 5 40.80 -68.86 14.59
N ARG QC 207 40.51 -89.35 34.13
CA ARG QC 207 39.97 -88.14 34.75
C ARG QC 207 38.67 -87.77 34.05
N ILE QC 208 38.23 -86.52 34.20
CA ILE QC 208 37.01 -86.02 33.57
C ILE QC 208 37.39 -84.86 32.66
N ILE QC 209 36.98 -84.93 31.41
CA ILE QC 209 37.33 -83.92 30.41
C ILE QC 209 36.20 -82.90 30.32
N TYR QC 210 36.53 -81.64 30.60
CA TYR QC 210 35.58 -80.54 30.47
C TYR QC 210 35.85 -79.76 29.19
N TYR QC 211 34.77 -79.39 28.51
CA TYR QC 211 34.81 -78.59 27.29
C TYR QC 211 33.97 -77.34 27.52
N ILE QC 212 34.17 -76.34 26.68
CA ILE QC 212 33.43 -75.09 26.84
C ILE QC 212 32.17 -75.12 26.00
N GLN QC 213 31.02 -74.84 26.62
CA GLN QC 213 29.85 -74.51 25.82
C GLN QC 213 29.70 -73.01 25.61
N ALA QC 214 30.27 -72.17 26.47
CA ALA QC 214 30.17 -70.75 26.13
C ALA QC 214 31.30 -69.99 26.81
N VAL QC 215 31.74 -68.92 26.15
CA VAL QC 215 32.78 -68.07 26.70
C VAL QC 215 32.52 -66.65 26.22
N ILE QC 216 32.63 -65.71 27.15
CA ILE QC 216 32.56 -64.27 26.88
C ILE QC 216 33.71 -63.63 27.65
N PRO QC 217 34.08 -62.37 27.35
CA PRO QC 217 35.12 -61.71 28.15
C PRO QC 217 34.81 -61.78 29.64
N GLY QC 218 35.62 -62.53 30.38
CA GLY QC 218 35.35 -62.79 31.77
C GLY QC 218 34.93 -64.22 32.03
N ARG QC 219 33.66 -64.44 32.37
CA ARG QC 219 33.18 -65.77 32.72
C ARG QC 219 33.21 -66.70 31.51
N ALA QC 220 33.22 -67.99 31.81
CA ALA QC 220 33.03 -69.02 30.80
C ALA QC 220 32.28 -70.19 31.41
N TRP QC 221 31.30 -70.71 30.70
CA TRP QC 221 30.58 -71.91 31.09
C TRP QC 221 31.22 -73.11 30.40
N LEU QC 222 31.71 -74.05 31.21
CA LEU QC 222 32.30 -75.30 30.74
C LEU QC 222 31.51 -76.50 31.26
N ILE QC 223 31.50 -77.56 30.46
CA ILE QC 223 30.68 -78.75 30.68
C ILE QC 223 31.60 -79.96 30.77
N GLY QC 224 31.42 -80.76 31.82
CA GLY QC 224 32.26 -81.92 32.06
C GLY QC 224 31.77 -83.16 31.34
N SER QC 225 32.54 -84.24 31.51
CA SER QC 225 32.17 -85.53 30.94
C SER QC 225 31.06 -86.22 31.70
N ASN QC 226 30.79 -85.81 32.94
CA ASN QC 226 29.67 -86.32 33.70
C ASN QC 226 28.43 -85.47 33.55
N GLY QC 227 28.46 -84.45 32.70
CA GLY QC 227 27.33 -83.56 32.52
C GLY QC 227 27.27 -82.39 33.47
N SER QC 228 28.26 -82.23 34.35
CA SER QC 228 28.27 -81.10 35.26
C SER QC 228 28.63 -79.81 34.53
N THR QC 229 27.95 -78.73 34.89
CA THR QC 229 28.18 -77.42 34.32
C THR QC 229 28.78 -76.49 35.36
N LEU QC 230 29.95 -75.93 35.05
CA LEU QC 230 30.62 -75.01 35.96
C LEU QC 230 30.96 -73.73 35.25
N THR QC 231 31.19 -72.67 36.03
CA THR QC 231 31.54 -71.36 35.54
C THR QC 231 32.94 -71.00 36.03
N VAL QC 232 33.70 -70.31 35.19
CA VAL QC 232 35.09 -69.99 35.48
C VAL QC 232 35.34 -68.53 35.20
N ARG QC 233 36.12 -67.90 36.09
CA ARG QC 233 36.54 -66.51 35.95
C ARG QC 233 38.04 -66.48 35.66
N GLU QC 234 38.60 -65.27 35.67
CA GLU QC 234 40.02 -65.08 35.42
C GLU QC 234 40.86 -65.96 36.34
N GLY QC 235 40.56 -65.93 37.64
CA GLY QC 235 41.18 -66.86 38.57
C GLY QC 235 40.14 -67.76 39.22
N SER QC 236 40.12 -69.03 38.82
CA SER QC 236 39.10 -69.96 39.29
C SER QC 236 39.74 -71.32 39.52
N LYS QC 237 39.40 -71.93 40.65
CA LYS QC 237 39.85 -73.28 40.97
C LYS QC 237 38.99 -74.30 40.23
N ILE QC 238 39.62 -75.11 39.41
CA ILE QC 238 38.95 -76.11 38.59
C ILE QC 238 39.55 -77.45 38.94
N PRO QC 239 38.76 -78.42 39.43
CA PRO QC 239 39.34 -79.70 39.86
C PRO QC 239 40.11 -80.39 38.74
N GLY QC 240 41.24 -81.00 39.10
CA GLY QC 240 42.10 -81.67 38.14
C GLY QC 240 43.03 -80.73 37.42
N TYR QC 241 42.46 -79.77 36.67
CA TYR QC 241 43.27 -78.87 35.88
C TYR QC 241 43.94 -77.79 36.73
N GLY QC 242 43.35 -77.46 37.88
CA GLY QC 242 44.00 -76.58 38.83
C GLY QC 242 43.50 -75.15 38.87
N MET QC 243 44.29 -74.24 38.31
CA MET QC 243 44.08 -72.80 38.43
C MET QC 243 44.10 -72.21 37.03
N VAL QC 244 42.99 -71.60 36.62
CA VAL QC 244 42.92 -71.05 35.26
C VAL QC 244 43.71 -69.76 35.18
N LYS QC 245 44.61 -69.69 34.20
CA LYS QC 245 45.42 -68.49 33.98
C LYS QC 245 44.78 -67.50 33.01
N LEU QC 246 44.26 -67.94 31.86
CA LEU QC 246 43.73 -66.98 30.92
C LEU QC 246 42.51 -67.53 30.20
N ILE QC 247 41.73 -66.62 29.64
CA ILE QC 247 40.44 -66.90 29.00
C ILE QC 247 40.40 -66.14 27.68
N ASP QC 248 40.65 -66.85 26.57
CA ASP QC 248 40.60 -66.25 25.24
C ASP QC 248 39.22 -66.55 24.64
N SER QC 249 38.32 -65.57 24.70
CA SER QC 249 36.94 -65.77 24.29
C SER QC 249 36.75 -65.85 22.78
N LEU QC 250 37.51 -65.07 21.98
CA LEU QC 250 37.26 -65.09 20.54
C LEU QC 250 37.82 -66.34 19.88
N GLN QC 251 38.80 -66.99 20.49
CA GLN QC 251 39.19 -68.33 20.05
C GLN QC 251 38.58 -69.44 20.90
N GLY QC 252 37.88 -69.08 21.98
CA GLY QC 252 37.26 -70.09 22.83
C GLY QC 252 38.21 -71.04 23.52
N ARG QC 253 39.27 -70.51 24.12
CA ARG QC 253 40.26 -71.33 24.80
C ARG QC 253 40.39 -70.92 26.26
N ILE QC 254 40.57 -71.92 27.13
CA ILE QC 254 40.85 -71.72 28.54
C ILE QC 254 42.26 -72.24 28.78
N LEU QC 255 43.16 -71.36 29.23
CA LEU QC 255 44.51 -71.78 29.58
C LEU QC 255 44.62 -71.87 31.09
N THR QC 256 45.02 -73.04 31.60
CA THR QC 256 45.09 -73.32 33.02
C THR QC 256 46.53 -73.62 33.44
N SER QC 257 46.70 -73.82 34.75
CA SER QC 257 48.04 -73.97 35.32
C SER QC 257 48.69 -75.28 34.90
N SER QC 258 47.92 -76.37 34.83
CA SER QC 258 48.46 -77.69 34.50
C SER QC 258 48.91 -77.80 33.05
N GLY QC 259 48.87 -76.70 32.30
CA GLY QC 259 49.25 -76.70 30.90
C GLY QC 259 48.18 -77.17 29.95
N GLN QC 260 47.07 -77.69 30.47
CA GLN QC 260 45.99 -78.15 29.61
C GLN QC 260 45.26 -76.97 29.00
N VAL QC 261 44.77 -77.17 27.78
CA VAL QC 261 44.03 -76.14 27.04
C VAL QC 261 42.60 -76.65 26.85
N ILE QC 262 41.64 -75.89 27.36
CA ILE QC 262 40.22 -76.24 27.27
C ILE QC 262 39.68 -75.60 26.00
N LYS QC 263 39.02 -76.41 25.18
CA LYS QC 263 38.51 -76.01 23.87
C LYS QC 263 36.99 -76.02 23.89
N PHE QC 264 36.41 -75.49 22.83
CA PHE QC 264 35.04 -75.84 22.49
C PHE QC 264 35.00 -77.27 21.98
N SER QC 265 33.92 -77.97 22.28
CA SER QC 265 33.83 -79.38 21.94
C SER QC 265 33.96 -79.58 20.44
N GLN QC 266 34.72 -80.62 20.05
CA GLN QC 266 34.94 -80.89 18.64
C GLN QC 266 33.63 -81.15 17.90
N GLU QC 267 32.74 -81.95 18.48
CA GLU QC 267 31.43 -82.20 17.91
C GLU QC 267 30.42 -81.12 18.26
N ASP QC 268 30.89 -80.00 18.84
CA ASP QC 268 30.02 -78.86 19.13
C ASP QC 268 30.57 -77.55 18.59
N SER QC 269 31.69 -77.56 17.89
CA SER QC 269 32.30 -76.32 17.43
C SER QC 269 32.13 -76.14 15.92
N ALA RC 104 26.74 -38.64 -48.35
CA ALA RC 104 25.64 -39.30 -49.02
C ALA RC 104 24.88 -40.20 -48.05
N GLU RC 105 25.35 -41.44 -47.91
CA GLU RC 105 24.70 -42.42 -47.05
C GLU RC 105 25.60 -42.82 -45.89
N VAL RC 106 26.91 -42.57 -46.00
CA VAL RC 106 27.84 -42.79 -44.89
C VAL RC 106 27.41 -42.11 -43.61
N ILE RC 107 26.75 -40.95 -43.71
CA ILE RC 107 26.19 -40.30 -42.54
C ILE RC 107 25.32 -41.28 -41.77
N ASP RC 108 24.49 -42.05 -42.47
CA ASP RC 108 23.64 -43.01 -41.79
C ASP RC 108 24.44 -44.11 -41.09
N LYS RC 109 25.44 -44.71 -41.73
CA LYS RC 109 26.11 -45.83 -41.06
C LYS RC 109 26.87 -45.36 -39.82
N LYS RC 110 27.72 -44.33 -39.96
CA LYS RC 110 28.38 -43.77 -38.78
C LYS RC 110 27.34 -43.34 -37.75
N ALA RC 111 26.23 -42.82 -38.26
CA ALA RC 111 25.10 -42.42 -37.45
C ALA RC 111 24.62 -43.55 -36.54
N PHE RC 112 24.14 -44.65 -37.10
CA PHE RC 112 23.60 -45.67 -36.22
C PHE RC 112 24.70 -46.34 -35.41
N LYS RC 113 25.96 -46.23 -35.84
CA LYS RC 113 27.02 -46.70 -34.95
C LYS RC 113 27.00 -45.94 -33.62
N ASP RC 114 27.11 -44.61 -33.66
CA ASP RC 114 27.17 -43.93 -32.36
C ASP RC 114 25.79 -43.89 -31.68
N MET RC 115 24.69 -44.03 -32.45
CA MET RC 115 23.41 -44.21 -31.78
C MET RC 115 23.24 -45.55 -31.07
N THR RC 116 23.54 -46.67 -31.71
CA THR RC 116 23.51 -47.92 -30.99
C THR RC 116 24.48 -47.91 -29.83
N ARG RC 117 25.50 -47.05 -29.88
CA ARG RC 117 26.31 -46.84 -28.69
C ARG RC 117 25.52 -46.13 -27.58
N ASN RC 118 24.87 -45.00 -27.85
CA ASN RC 118 24.34 -44.27 -26.68
C ASN RC 118 22.96 -44.73 -26.24
N LEU RC 119 22.21 -45.47 -27.07
CA LEU RC 119 21.03 -46.16 -26.55
C LEU RC 119 21.44 -47.21 -25.52
N TYR RC 120 22.42 -48.05 -25.87
CA TYR RC 120 22.90 -49.11 -25.01
C TYR RC 120 24.41 -48.92 -24.84
N PRO RC 121 24.82 -47.98 -23.99
CA PRO RC 121 26.25 -47.89 -23.64
C PRO RC 121 26.72 -49.07 -22.81
N LEU RC 122 25.83 -50.02 -22.53
CA LEU RC 122 26.16 -51.27 -21.83
C LEU RC 122 26.08 -52.39 -22.85
N ASN RC 123 27.24 -52.79 -23.39
CA ASN RC 123 27.31 -53.89 -24.34
C ASN RC 123 26.93 -55.19 -23.63
N PRO RC 124 26.51 -56.22 -24.38
CA PRO RC 124 26.17 -57.50 -23.72
C PRO RC 124 27.17 -57.98 -22.69
N GLU RC 125 28.45 -58.13 -23.03
CA GLU RC 125 29.47 -58.39 -22.02
C GLU RC 125 29.48 -57.35 -20.91
N GLN RC 126 29.20 -56.09 -21.22
CA GLN RC 126 29.21 -55.08 -20.18
C GLN RC 126 28.14 -55.29 -19.14
N VAL RC 127 26.91 -55.62 -19.55
CA VAL RC 127 25.87 -55.89 -18.58
C VAL RC 127 26.18 -57.17 -17.80
N VAL RC 128 26.80 -58.15 -18.46
CA VAL RC 128 27.10 -59.39 -17.72
C VAL RC 128 28.23 -59.16 -16.72
N LYS RC 129 29.26 -58.38 -17.06
CA LYS RC 129 30.25 -58.10 -16.02
C LYS RC 129 29.63 -57.28 -14.89
N LEU RC 130 28.75 -56.34 -15.20
CA LEU RC 130 28.16 -55.56 -14.10
C LEU RC 130 27.29 -56.45 -13.21
N LYS RC 131 26.49 -57.33 -13.82
CA LYS RC 131 25.66 -58.25 -13.03
C LYS RC 131 26.52 -59.18 -12.19
N GLN RC 132 27.62 -59.66 -12.76
CA GLN RC 132 28.53 -60.52 -12.01
C GLN RC 132 29.15 -59.77 -10.84
N ILE RC 133 29.55 -58.52 -11.07
CA ILE RC 133 30.13 -57.72 -9.99
C ILE RC 133 29.09 -57.46 -8.92
N TYR RC 134 27.84 -57.26 -9.33
CA TYR RC 134 26.75 -57.05 -8.37
C TYR RC 134 26.54 -58.28 -7.50
N GLU RC 135 26.52 -59.46 -8.12
CA GLU RC 135 26.42 -60.71 -7.38
C GLU RC 135 27.59 -60.90 -6.42
N THR RC 136 28.80 -60.65 -6.91
CA THR RC 136 29.98 -60.80 -6.07
C THR RC 136 29.93 -59.81 -4.91
N SER RC 137 29.48 -58.58 -5.17
CA SER RC 137 29.36 -57.58 -4.13
C SER RC 137 28.37 -58.01 -3.06
N GLU RC 138 27.21 -58.55 -3.44
CA GLU RC 138 26.29 -58.98 -2.39
C GLU RC 138 26.83 -60.18 -1.61
N TYR RC 139 27.37 -61.18 -2.31
CA TYR RC 139 27.92 -62.34 -1.61
C TYR RC 139 28.97 -61.88 -0.60
N ALA RC 140 29.76 -60.87 -0.97
CA ALA RC 140 30.68 -60.28 0.00
C ALA RC 140 29.93 -59.54 1.10
N LYS RC 141 28.83 -58.86 0.77
CA LYS RC 141 28.15 -58.01 1.75
C LYS RC 141 27.66 -58.83 2.93
N ALA RC 142 27.05 -59.99 2.69
CA ALA RC 142 26.64 -60.79 3.83
C ALA RC 142 27.17 -62.21 3.81
N ALA RC 143 28.42 -62.39 3.40
CA ALA RC 143 29.14 -63.59 3.80
C ALA RC 143 29.55 -63.46 5.26
N THR RC 144 29.17 -64.44 6.05
CA THR RC 144 29.45 -64.32 7.47
C THR RC 144 30.95 -64.53 7.74
N PRO RC 145 31.62 -63.54 8.33
CA PRO RC 145 33.07 -63.68 8.57
C PRO RC 145 33.32 -64.64 9.72
N GLY RC 146 34.45 -65.33 9.65
CA GLY RC 146 34.80 -66.28 10.68
C GLY RC 146 34.07 -67.59 10.48
N THR RC 147 34.41 -68.56 11.31
CA THR RC 147 33.62 -69.75 11.13
C THR RC 147 32.22 -69.55 11.70
N PRO RC 148 31.20 -69.78 10.88
CA PRO RC 148 29.84 -69.61 11.36
C PRO RC 148 29.55 -70.60 12.46
N PRO RC 149 28.65 -70.27 13.37
CA PRO RC 149 28.40 -71.15 14.50
C PRO RC 149 27.76 -72.47 14.07
N LYS RC 150 28.25 -73.55 14.66
CA LYS RC 150 27.80 -74.90 14.32
C LYS RC 150 26.37 -75.14 14.80
N PRO RC 151 25.48 -75.67 13.97
CA PRO RC 151 24.12 -75.98 14.42
C PRO RC 151 24.10 -77.27 15.24
N THR RC 152 23.65 -77.16 16.49
CA THR RC 152 23.55 -78.31 17.37
C THR RC 152 22.23 -78.30 18.11
N ALA RC 153 21.59 -79.47 18.18
CA ALA RC 153 20.40 -79.68 19.00
C ALA RC 153 20.81 -80.50 20.20
N THR RC 154 20.89 -79.87 21.36
CA THR RC 154 21.44 -80.48 22.55
C THR RC 154 20.34 -80.93 23.51
N SER RC 155 20.77 -81.40 24.67
CA SER RC 155 19.86 -81.79 25.75
C SER RC 155 20.59 -81.60 27.06
N GLN RC 156 19.96 -80.90 28.00
CA GLN RC 156 20.56 -80.55 29.28
C GLN RC 156 19.65 -80.98 30.41
N PHE RC 157 20.25 -81.50 31.48
CA PHE RC 157 19.52 -81.86 32.68
C PHE RC 157 19.51 -80.66 33.62
N VAL RC 158 18.32 -80.14 33.90
CA VAL RC 158 18.15 -78.94 34.71
C VAL RC 158 18.08 -79.36 36.18
N ASN RC 159 19.07 -78.93 36.95
CA ASN RC 159 19.09 -79.14 38.39
C ASN RC 159 18.83 -77.79 39.06
N LEU RC 160 17.84 -77.75 39.95
CA LEU RC 160 17.42 -76.50 40.58
C LEU RC 160 17.85 -76.42 42.03
N SER RC 161 18.70 -77.33 42.49
CA SER RC 161 19.20 -77.30 43.86
C SER RC 161 20.15 -76.11 44.05
N PRO RC 162 20.26 -75.57 45.26
CA PRO RC 162 21.18 -74.46 45.51
C PRO RC 162 22.62 -74.82 45.18
N GLY RC 163 23.35 -73.86 44.65
CA GLY RC 163 24.74 -74.03 44.26
C GLY RC 163 24.93 -74.37 42.80
N SER RC 164 23.87 -74.70 42.08
CA SER RC 164 23.97 -75.05 40.67
C SER RC 164 23.96 -73.80 39.81
N THR RC 165 24.55 -73.92 38.62
CA THR RC 165 24.56 -72.81 37.67
C THR RC 165 23.40 -72.98 36.69
N PRO RC 166 22.77 -71.89 36.26
CA PRO RC 166 21.67 -71.99 35.33
C PRO RC 166 22.16 -72.53 34.00
N PRO RC 167 21.32 -73.28 33.29
CA PRO RC 167 21.70 -73.72 31.94
C PRO RC 167 21.91 -72.52 31.03
N VAL RC 168 22.80 -72.71 30.05
CA VAL RC 168 23.15 -71.68 29.09
C VAL RC 168 22.55 -72.04 27.74
N ILE RC 169 21.87 -71.09 27.10
CA ILE RC 169 21.45 -71.26 25.72
C ILE RC 169 22.41 -70.45 24.88
N ARG RC 170 23.17 -71.14 24.05
CA ARG RC 170 23.99 -70.58 23.00
C ARG RC 170 23.11 -70.14 21.82
N LEU RC 171 23.31 -68.91 21.32
CA LEU RC 171 22.47 -68.34 20.27
C LEU RC 171 23.29 -67.76 19.12
N SER RC 172 22.58 -67.09 18.21
CA SER RC 172 23.15 -66.23 17.17
C SER RC 172 22.05 -65.34 16.63
N GLN RC 173 22.43 -64.34 15.83
CA GLN RC 173 21.51 -63.36 15.28
C GLN RC 173 20.59 -63.87 14.19
N GLY RC 174 19.33 -63.43 14.22
CA GLY RC 174 18.36 -63.78 13.21
C GLY RC 174 17.96 -65.23 13.19
N PHE RC 175 18.33 -65.99 14.21
CA PHE RC 175 18.19 -67.43 14.21
C PHE RC 175 17.38 -67.87 15.41
N VAL RC 176 16.41 -68.74 15.16
CA VAL RC 176 15.48 -69.17 16.21
C VAL RC 176 16.07 -70.37 16.93
N SER RC 177 15.92 -70.39 18.25
CA SER RC 177 16.26 -71.53 19.08
C SER RC 177 15.02 -71.90 19.87
N SER RC 178 14.54 -73.12 19.69
CA SER RC 178 13.33 -73.59 20.36
C SER RC 178 13.72 -74.21 21.68
N LEU RC 179 13.16 -73.70 22.76
CA LEU RC 179 13.35 -74.28 24.08
C LEU RC 179 12.12 -75.12 24.39
N VAL RC 180 12.31 -76.43 24.40
CA VAL RC 180 11.26 -77.39 24.75
C VAL RC 180 11.49 -77.78 26.21
N PHE RC 181 10.40 -77.99 26.93
CA PHE RC 181 10.46 -78.20 28.36
C PHE RC 181 9.97 -79.61 28.69
N LEU RC 182 10.82 -80.37 29.38
CA LEU RC 182 10.59 -81.78 29.64
C LEU RC 182 10.79 -82.04 31.12
N ASP RC 183 10.08 -83.03 31.66
CA ASP RC 183 10.24 -83.38 33.06
C ASP RC 183 11.24 -84.53 33.17
N SER RC 184 11.34 -85.12 34.37
CA SER RC 184 12.29 -86.21 34.58
C SER RC 184 11.84 -87.49 33.88
N THR RC 185 10.54 -87.69 33.69
CA THR RC 185 10.04 -88.90 33.08
C THR RC 185 10.02 -88.83 31.55
N GLY RC 186 10.42 -87.71 30.97
CA GLY RC 186 10.44 -87.60 29.52
C GLY RC 186 9.15 -87.17 28.89
N ALA RC 187 8.26 -86.55 29.65
CA ALA RC 187 6.98 -86.04 29.18
C ALA RC 187 7.00 -84.52 29.13
N PRO RC 188 6.22 -83.92 28.24
CA PRO RC 188 6.24 -82.45 28.09
C PRO RC 188 5.78 -81.74 29.36
N TRP RC 189 6.34 -80.56 29.59
CA TRP RC 189 5.98 -79.71 30.72
C TRP RC 189 5.59 -78.33 30.21
N PRO RC 190 4.29 -78.04 30.09
CA PRO RC 190 3.86 -76.73 29.58
C PRO RC 190 4.35 -75.60 30.46
N ILE RC 191 4.26 -74.38 29.92
CA ILE RC 191 4.77 -73.19 30.58
C ILE RC 191 3.59 -72.34 31.04
N ALA RC 192 3.62 -71.93 32.31
CA ALA RC 192 2.60 -71.02 32.81
C ALA RC 192 2.87 -69.58 32.37
N ALA RC 193 4.14 -69.17 32.35
CA ALA RC 193 4.50 -67.78 32.05
C ALA RC 193 6.01 -67.70 31.86
N TYR RC 194 6.50 -66.51 31.53
CA TYR RC 194 7.93 -66.27 31.42
C TYR RC 194 8.22 -64.79 31.59
N ASP RC 195 9.47 -64.49 31.94
CA ASP RC 195 9.96 -63.13 32.04
C ASP RC 195 11.32 -63.06 31.34
N LEU RC 196 11.41 -62.16 30.36
CA LEU RC 196 12.63 -61.94 29.58
C LEU RC 196 13.26 -60.65 30.08
N GLY RC 197 14.51 -60.73 30.55
CA GLY RC 197 15.25 -59.53 30.88
C GLY RC 197 16.02 -59.03 29.67
N ASP RC 198 15.93 -57.72 29.41
CA ASP RC 198 16.54 -57.07 28.25
C ASP RC 198 15.94 -57.59 26.95
N PRO RC 199 14.65 -57.35 26.70
CA PRO RC 199 14.02 -57.92 25.50
C PRO RC 199 14.23 -57.13 24.21
N SER RC 200 15.11 -56.15 24.18
CA SER RC 200 15.43 -55.47 22.93
C SER RC 200 16.65 -56.07 22.25
N SER RC 201 17.29 -57.06 22.88
CA SER RC 201 18.33 -57.82 22.22
C SER RC 201 17.87 -59.25 21.94
N PHE RC 202 16.85 -59.74 22.65
CA PHE RC 202 16.30 -61.07 22.42
C PHE RC 202 14.79 -60.95 22.29
N ASN RC 203 14.18 -61.90 21.57
CA ASN RC 203 12.73 -61.91 21.38
C ASN RC 203 12.22 -63.35 21.34
N ILE RC 204 11.27 -63.67 22.23
CA ILE RC 204 10.65 -64.99 22.28
C ILE RC 204 9.23 -64.90 21.72
N GLN RC 205 8.89 -65.86 20.86
CA GLN RC 205 7.50 -66.16 20.52
C GLN RC 205 7.09 -67.47 21.18
N TRP RC 206 5.84 -67.54 21.60
CA TRP RC 206 5.35 -68.70 22.35
C TRP RC 206 3.83 -68.69 22.32
N ASP RC 207 3.23 -69.69 21.68
CA ASP RC 207 1.79 -69.88 21.81
C ASP RC 207 1.49 -70.22 23.26
N LYS RC 208 0.44 -69.61 23.80
CA LYS RC 208 0.28 -69.49 25.25
C LYS RC 208 0.09 -70.83 25.96
N THR RC 209 -0.19 -71.91 25.23
CA THR RC 209 -0.49 -73.19 25.87
C THR RC 209 0.69 -74.15 25.85
N SER RC 210 1.53 -74.09 24.80
CA SER RC 210 2.52 -75.11 24.57
C SER RC 210 3.66 -75.01 25.61
N ASN RC 211 4.64 -75.91 25.45
CA ASN RC 211 5.83 -75.96 26.29
C ASN RC 211 7.07 -75.53 25.53
N THR RC 212 6.91 -74.80 24.43
CA THR RC 212 8.02 -74.44 23.56
C THR RC 212 8.09 -72.93 23.40
N LEU RC 213 9.23 -72.36 23.76
CA LEU RC 213 9.50 -70.94 23.61
C LEU RC 213 10.61 -70.77 22.58
N MET RC 214 10.34 -70.07 21.48
CA MET RC 214 11.41 -69.91 20.49
C MET RC 214 11.99 -68.52 20.74
N ILE RC 215 13.32 -68.44 20.70
CA ILE RC 215 14.06 -67.24 21.03
C ILE RC 215 14.94 -66.87 19.84
N GLN RC 216 14.85 -65.61 19.42
CA GLN RC 216 15.67 -65.07 18.35
C GLN RC 216 16.53 -63.96 18.92
N ALA RC 217 17.84 -64.03 18.70
CA ALA RC 217 18.75 -63.01 19.17
C ALA RC 217 18.76 -61.82 18.21
N THR RC 218 18.19 -60.70 18.65
CA THR RC 218 18.12 -59.49 17.85
C THR RC 218 19.33 -58.59 18.01
N LYS RC 219 20.25 -58.89 18.91
CA LYS RC 219 21.53 -58.19 18.95
C LYS RC 219 22.60 -59.25 19.18
N LEU RC 220 23.75 -59.08 18.51
CA LEU RC 220 24.67 -60.19 18.26
C LEU RC 220 25.18 -60.83 19.54
N TYR RC 221 25.65 -60.03 20.51
CA TYR RC 221 26.42 -60.54 21.64
C TYR RC 221 26.07 -60.04 23.03
N ASN RC 222 25.23 -59.02 23.21
CA ASN RC 222 24.77 -58.75 24.57
C ASN RC 222 23.95 -59.91 25.07
N TYR RC 223 24.52 -60.65 26.01
CA TYR RC 223 23.88 -61.79 26.65
C TYR RC 223 22.98 -61.29 27.77
N GLY RC 224 21.89 -62.01 27.97
CA GLY RC 224 20.96 -61.71 29.02
C GLY RC 224 20.62 -62.95 29.80
N ASN RC 225 19.48 -62.90 30.47
CA ASN RC 225 19.05 -64.00 31.30
C ASN RC 225 17.53 -64.08 31.24
N LEU RC 226 16.99 -65.29 31.47
CA LEU RC 226 15.56 -65.49 31.30
C LEU RC 226 15.03 -66.38 32.42
N ALA RC 227 13.87 -66.02 32.95
CA ALA RC 227 13.15 -66.87 33.89
C ALA RC 227 11.88 -67.36 33.21
N VAL RC 228 11.51 -68.60 33.46
CA VAL RC 228 10.24 -69.12 32.99
C VAL RC 228 9.56 -69.77 34.20
N ARG RC 229 8.24 -69.65 34.26
CA ARG RC 229 7.46 -70.19 35.36
C ARG RC 229 6.60 -71.29 34.75
N LEU RC 230 6.77 -72.51 35.24
CA LEU RC 230 6.17 -73.68 34.62
C LEU RC 230 4.81 -73.95 35.26
N ARG RC 231 4.22 -75.12 35.02
CA ARG RC 231 2.93 -75.43 35.62
C ARG RC 231 3.10 -75.90 37.06
N GLY RC 232 3.90 -76.95 37.28
CA GLY RC 232 3.92 -77.60 38.57
C GLY RC 232 4.92 -77.11 39.59
N LEU RC 233 5.85 -76.24 39.22
CA LEU RC 233 6.93 -75.89 40.12
C LEU RC 233 6.54 -74.72 40.97
N ASN RC 234 7.20 -74.61 42.10
CA ASN RC 234 7.22 -73.26 42.64
C ASN RC 234 8.52 -72.56 42.33
N THR RC 235 9.59 -73.32 42.18
CA THR RC 235 10.89 -72.77 41.82
C THR RC 235 10.97 -72.54 40.32
N PRO RC 236 11.07 -71.31 39.85
CA PRO RC 236 11.09 -71.07 38.40
C PRO RC 236 12.35 -71.59 37.73
N VAL RC 237 12.20 -71.96 36.46
CA VAL RC 237 13.30 -72.47 35.64
C VAL RC 237 14.08 -71.27 35.13
N MET RC 238 15.40 -71.35 35.20
CA MET RC 238 16.23 -70.18 35.07
C MET RC 238 17.41 -70.48 34.14
N LEU RC 239 17.59 -69.65 33.12
CA LEU RC 239 18.54 -69.99 32.08
C LEU RC 239 19.14 -68.72 31.47
N THR RC 240 20.47 -68.71 31.43
CA THR RC 240 21.23 -67.57 30.91
C THR RC 240 21.37 -67.72 29.41
N LEU RC 241 21.23 -66.60 28.70
CA LEU RC 241 21.04 -66.59 27.25
C LEU RC 241 22.18 -65.81 26.61
N ILE RC 242 23.09 -66.50 25.95
CA ILE RC 242 24.28 -65.86 25.39
C ILE RC 242 24.30 -66.07 23.89
N PRO RC 243 24.26 -65.01 23.09
CA PRO RC 243 24.33 -65.14 21.64
C PRO RC 243 25.76 -64.93 21.14
N GLY RC 244 25.95 -65.22 19.85
CA GLY RC 244 27.23 -64.96 19.22
C GLY RC 244 28.33 -65.96 19.50
N GLN RC 245 27.99 -67.13 20.02
CA GLN RC 245 28.97 -68.16 20.28
C GLN RC 245 29.35 -68.88 18.99
N LYS RC 246 30.46 -69.60 19.02
CA LYS RC 246 30.96 -70.31 17.84
C LYS RC 246 30.10 -71.51 17.47
N ALA RC 247 28.99 -71.72 18.17
CA ALA RC 247 27.94 -72.64 17.77
C ALA RC 247 26.61 -72.00 18.13
N VAL RC 248 25.53 -72.55 17.58
CA VAL RC 248 24.17 -72.18 17.98
C VAL RC 248 23.37 -73.43 18.33
N ASP RC 249 22.69 -73.37 19.46
CA ASP RC 249 21.83 -74.43 19.97
C ASP RC 249 20.48 -74.27 19.31
N TYR RC 250 20.33 -74.87 18.13
CA TYR RC 250 19.06 -74.75 17.43
C TYR RC 250 17.92 -75.25 18.29
N ARG RC 251 18.16 -76.31 19.07
CA ARG RC 251 17.21 -76.82 20.04
C ARG RC 251 17.96 -77.29 21.27
N VAL RC 252 17.27 -77.34 22.39
CA VAL RC 252 17.77 -77.99 23.59
C VAL RC 252 16.60 -78.72 24.24
N ASP RC 253 16.79 -80.02 24.51
CA ASP RC 253 15.81 -80.80 25.24
C ASP RC 253 16.22 -80.75 26.71
N LEU RC 254 15.71 -79.76 27.43
CA LEU RC 254 16.07 -79.58 28.83
C LEU RC 254 15.13 -80.44 29.68
N ARG RC 255 15.68 -81.10 30.69
CA ARG RC 255 14.93 -82.04 31.52
C ARG RC 255 14.93 -81.51 32.95
N VAL RC 256 13.80 -80.89 33.31
CA VAL RC 256 13.67 -80.29 34.63
C VAL RC 256 13.73 -81.38 35.70
N GLN RC 257 14.16 -80.97 36.90
CA GLN RC 257 14.42 -81.91 37.99
C GLN RC 257 13.16 -82.60 38.47
N GLY RC 258 11.99 -81.98 38.30
CA GLY RC 258 10.75 -82.50 38.83
C GLY RC 258 9.97 -83.35 37.85
N TYR RC 259 8.70 -83.57 38.16
CA TYR RC 259 7.79 -84.35 37.33
C TYR RC 259 6.61 -83.47 36.94
N GLY RC 260 6.26 -83.49 35.66
CA GLY RC 260 5.20 -82.66 35.15
C GLY RC 260 3.82 -83.25 35.35
N PRO RC 261 2.80 -82.54 34.89
CA PRO RC 261 1.43 -83.10 34.90
C PRO RC 261 1.25 -84.28 33.95
N ASN RC 262 2.24 -84.56 33.11
CA ASN RC 262 2.24 -85.73 32.24
C ASN RC 262 3.27 -86.70 32.79
N ALA RC 263 2.85 -87.93 33.06
CA ALA RC 263 3.74 -88.92 33.65
C ALA RC 263 3.73 -90.22 32.84
N CYS SC 1 48.48 -50.78 45.45
CA CYS SC 1 47.10 -51.11 45.80
C CYS SC 1 46.73 -50.56 47.16
N THR SC 2 46.28 -51.45 48.05
CA THR SC 2 45.72 -51.03 49.33
C THR SC 2 46.76 -50.37 50.23
N ASP SC 3 48.04 -50.48 49.88
CA ASP SC 3 49.07 -49.76 50.63
C ASP SC 3 48.86 -48.25 50.53
N ALA SC 4 48.59 -47.74 49.32
CA ALA SC 4 48.26 -46.33 49.20
C ALA SC 4 46.98 -45.97 49.93
N ALA SC 5 45.99 -46.87 49.88
CA ALA SC 5 44.73 -46.63 50.58
C ALA SC 5 44.95 -46.48 52.08
N LEU SC 6 45.72 -47.38 52.69
CA LEU SC 6 45.92 -47.29 54.13
C LEU SC 6 46.86 -46.15 54.49
N ALA SC 7 47.80 -45.80 53.60
CA ALA SC 7 48.62 -44.62 53.85
C ALA SC 7 47.76 -43.36 53.90
N ALA SC 8 46.88 -43.18 52.92
CA ALA SC 8 45.97 -42.04 52.94
C ALA SC 8 45.01 -42.12 54.12
N LEU SC 9 44.64 -43.34 54.51
CA LEU SC 9 43.77 -43.54 55.67
C LEU SC 9 44.42 -42.99 56.94
N GLU SC 10 45.64 -43.43 57.24
CA GLU SC 10 46.35 -42.92 58.42
C GLU SC 10 46.65 -41.43 58.28
N TYR SC 11 46.91 -40.95 57.07
CA TYR SC 11 47.16 -39.53 56.88
C TYR SC 11 45.92 -38.70 57.20
N HIS SC 12 44.75 -39.16 56.79
CA HIS SC 12 43.52 -38.42 57.06
C HIS SC 12 43.15 -38.47 58.54
N LYS SC 13 43.36 -39.62 59.19
CA LYS SC 13 43.11 -39.65 60.63
C LYS SC 13 44.13 -38.86 61.42
N SER SC 14 45.37 -38.75 60.94
CA SER SC 14 46.37 -37.95 61.65
C SER SC 14 46.13 -36.46 61.50
N ASN SC 15 45.74 -36.01 60.30
CA ASN SC 15 45.46 -34.60 60.04
C ASN SC 15 43.95 -34.43 59.95
N ALA SC 16 43.35 -33.95 61.03
CA ALA SC 16 41.90 -33.81 61.11
C ALA SC 16 41.44 -32.52 60.46
N CYS TC 1 34.64 -43.48 54.93
CA CYS TC 1 35.77 -42.59 55.19
C CYS TC 1 36.69 -42.55 53.97
N VAL TC 2 37.16 -43.73 53.56
CA VAL TC 2 37.97 -43.86 52.36
C VAL TC 2 37.07 -44.33 51.23
N SER TC 3 36.94 -43.50 50.20
CA SER TC 3 36.23 -43.87 48.97
C SER TC 3 37.28 -44.24 47.94
N MET TC 4 37.43 -45.55 47.72
CA MET TC 4 38.62 -46.03 47.03
C MET TC 4 38.58 -45.73 45.54
N ILE TC 5 37.40 -45.52 44.95
CA ILE TC 5 37.34 -45.26 43.51
C ILE TC 5 38.14 -44.02 43.17
N GLY TC 6 38.33 -43.12 44.12
CA GLY TC 6 39.31 -42.07 43.98
C GLY TC 6 40.71 -42.60 44.26
N GLY TC 7 41.09 -43.65 43.55
CA GLY TC 7 42.31 -44.37 43.86
C GLY TC 7 43.44 -44.08 42.90
N SER TC 8 44.66 -44.08 43.43
CA SER TC 8 45.86 -43.89 42.64
C SER TC 8 47.01 -44.54 43.39
N ARG TC 9 47.70 -45.46 42.74
CA ARG TC 9 48.82 -46.14 43.38
C ARG TC 9 50.02 -45.19 43.47
N ARG UC 1 42.78 -39.04 46.90
CA ARG UC 1 41.70 -39.47 47.77
C ARG UC 1 41.11 -38.28 48.52
N VAL UC 2 39.80 -38.31 48.74
CA VAL UC 2 39.08 -37.20 49.38
C VAL UC 2 38.15 -37.75 50.44
N SER UC 3 38.12 -37.10 51.60
CA SER UC 3 37.42 -37.59 52.76
C SER UC 3 35.95 -37.18 52.72
N ILE UC 4 35.25 -37.42 53.82
CA ILE UC 4 33.85 -37.01 53.96
C ILE UC 4 33.75 -35.71 54.74
N GLY UC 5 34.85 -35.29 55.36
CA GLY UC 5 34.92 -33.93 55.85
C GLY UC 5 35.03 -32.89 54.75
N GLY UC 6 35.31 -33.33 53.52
CA GLY UC 6 35.46 -32.45 52.38
C GLY UC 6 36.91 -32.08 52.09
N THR UC 7 37.77 -32.19 53.09
CA THR UC 7 39.19 -31.91 52.91
C THR UC 7 39.86 -33.07 52.20
N VAL UC 8 40.83 -32.73 51.34
CA VAL UC 8 41.48 -33.70 50.46
C VAL UC 8 42.73 -34.20 51.19
N TYR UC 9 42.73 -35.49 51.53
CA TYR UC 9 43.90 -36.15 52.10
C TYR UC 9 44.28 -37.33 51.23
N THR UC 10 45.50 -37.31 50.71
CA THR UC 10 45.97 -38.34 49.77
C THR UC 10 47.31 -38.87 50.22
N ALA UC 11 47.61 -40.10 49.79
CA ALA UC 11 48.95 -40.64 49.93
C ALA UC 11 49.86 -40.10 48.82
N LYS UC 12 51.16 -40.24 49.02
CA LYS UC 12 52.14 -39.73 48.07
C LYS UC 12 52.50 -40.74 47.00
N LYS UC 13 53.04 -41.90 47.39
CA LYS UC 13 53.37 -42.95 46.43
C LYS UC 13 53.47 -44.27 47.17
N TYR UC 14 52.61 -45.23 46.80
CA TYR UC 14 52.64 -46.57 47.37
C TYR UC 14 52.15 -47.55 46.31
N ASP UC 15 53.00 -48.49 45.93
CA ASP UC 15 52.67 -49.49 44.93
C ASP UC 15 52.46 -50.84 45.59
N ASP UC 16 51.93 -51.79 44.82
CA ASP UC 16 51.69 -53.15 45.29
C ASP UC 16 51.77 -54.15 44.15
N PRO VC 1 41.16 -47.54 41.32
CA PRO VC 1 41.76 -48.50 40.38
C PRO VC 1 43.07 -49.09 40.89
N PHE VC 2 43.10 -50.40 41.09
CA PHE VC 2 44.29 -51.11 41.54
C PHE VC 2 44.69 -52.17 40.52
N GLY VC 3 45.85 -52.79 40.79
CA GLY VC 3 46.33 -53.90 39.99
C GLY VC 3 45.97 -55.27 40.52
N ALA VC 4 45.32 -55.34 41.68
CA ALA VC 4 44.87 -56.59 42.26
C ALA VC 4 43.39 -56.85 42.00
N ASP VC 5 42.83 -56.23 40.98
CA ASP VC 5 41.42 -56.41 40.64
C ASP VC 5 41.16 -57.81 40.11
N ARG WC 207 38.07 -72.73 63.54
CA ARG WC 207 37.34 -71.49 63.73
C ARG WC 207 36.20 -71.38 62.72
N ILE WC 208 35.65 -70.18 62.59
CA ILE WC 208 34.54 -69.91 61.67
C ILE WC 208 35.08 -69.05 60.54
N ILE WC 209 35.00 -69.56 59.32
CA ILE WC 209 35.48 -68.84 58.14
C ILE WC 209 34.33 -68.04 57.55
N TYR WC 210 34.54 -66.73 57.42
CA TYR WC 210 33.54 -65.85 56.84
C TYR WC 210 33.93 -65.50 55.41
N TYR WC 211 32.93 -65.23 54.58
CA TYR WC 211 33.14 -64.81 53.20
C TYR WC 211 32.18 -63.70 52.84
N ILE WC 212 32.61 -62.83 51.91
CA ILE WC 212 31.76 -61.75 51.45
C ILE WC 212 30.58 -62.30 50.68
N GLN WC 213 29.37 -61.87 51.05
CA GLN WC 213 28.25 -62.01 50.14
C GLN WC 213 28.09 -60.80 49.25
N ALA WC 214 28.42 -59.60 49.73
CA ALA WC 214 28.41 -58.41 48.90
C ALA WC 214 29.22 -57.32 49.59
N VAL WC 215 29.61 -56.30 48.82
CA VAL WC 215 30.45 -55.24 49.35
C VAL WC 215 30.27 -53.98 48.51
N ILE WC 216 30.14 -52.85 49.20
CA ILE WC 216 30.12 -51.51 48.59
C ILE WC 216 31.00 -50.59 49.43
N PRO WC 217 31.31 -49.36 48.98
CA PRO WC 217 32.00 -48.42 49.86
C PRO WC 217 31.27 -48.20 51.17
N GLY WC 218 31.91 -48.56 52.28
CA GLY WC 218 31.28 -48.52 53.58
C GLY WC 218 30.92 -49.89 54.10
N ARG WC 219 29.64 -50.24 54.05
CA ARG WC 219 29.22 -51.55 54.53
C ARG WC 219 29.78 -52.66 53.66
N ALA WC 220 29.97 -53.82 54.28
CA ALA WC 220 30.28 -55.05 53.55
C ALA WC 220 29.51 -56.17 54.22
N TRP WC 221 28.61 -56.82 53.49
CA TRP WC 221 27.85 -57.94 54.02
C TRP WC 221 28.61 -59.25 53.78
N LEU WC 222 28.79 -59.99 54.87
CA LEU WC 222 29.53 -61.23 54.98
C LEU WC 222 28.62 -62.35 55.46
N ILE WC 223 28.93 -63.56 55.02
CA ILE WC 223 28.20 -64.77 55.41
C ILE WC 223 29.22 -65.76 55.96
N GLY WC 224 28.97 -66.25 57.18
CA GLY WC 224 29.85 -67.18 57.83
C GLY WC 224 29.62 -68.61 57.40
N SER WC 225 30.41 -69.52 57.98
CA SER WC 225 30.28 -70.94 57.71
C SER WC 225 29.08 -71.58 58.40
N ASN WC 226 28.53 -70.93 59.43
CA ASN WC 226 27.37 -71.42 60.15
C ASN WC 226 26.07 -70.89 59.60
N GLY WC 227 26.10 -70.14 58.50
CA GLY WC 227 24.93 -69.50 57.96
C GLY WC 227 24.60 -68.14 58.55
N SER WC 228 25.36 -67.69 59.55
CA SER WC 228 25.13 -66.37 60.13
C SER WC 228 25.58 -65.28 59.18
N THR WC 229 24.77 -64.22 59.09
CA THR WC 229 25.05 -63.10 58.22
C THR WC 229 25.39 -61.88 59.06
N LEU WC 230 26.20 -60.98 58.50
CA LEU WC 230 26.61 -59.78 59.18
C LEU WC 230 26.94 -58.72 58.13
N THR WC 231 26.96 -57.45 58.55
CA THR WC 231 27.49 -56.38 57.73
C THR WC 231 28.45 -55.57 58.57
N VAL WC 232 29.49 -55.05 57.94
CA VAL WC 232 30.60 -54.44 58.67
C VAL WC 232 30.89 -53.06 58.10
N ARG WC 233 31.51 -52.24 58.93
CA ARG WC 233 31.91 -50.87 58.63
C ARG WC 233 33.44 -50.78 58.59
N GLU WC 234 33.96 -49.56 58.44
CA GLU WC 234 35.39 -49.34 58.47
C GLU WC 234 36.00 -49.83 59.78
N GLY WC 235 35.36 -49.50 60.89
CA GLY WC 235 35.76 -50.02 62.19
C GLY WC 235 34.66 -50.87 62.79
N SER WC 236 34.91 -52.17 62.92
CA SER WC 236 33.89 -53.10 63.43
C SER WC 236 34.59 -54.35 63.95
N LYS WC 237 33.99 -54.93 64.98
CA LYS WC 237 34.55 -56.12 65.61
C LYS WC 237 34.00 -57.38 64.94
N ILE WC 238 34.91 -58.22 64.46
CA ILE WC 238 34.58 -59.50 63.85
C ILE WC 238 35.10 -60.60 64.78
N PRO WC 239 34.25 -61.52 65.24
CA PRO WC 239 34.73 -62.57 66.16
C PRO WC 239 35.80 -63.43 65.50
N GLY WC 240 36.96 -63.51 66.16
CA GLY WC 240 38.06 -64.30 65.66
C GLY WC 240 38.99 -63.53 64.75
N TYR WC 241 38.43 -62.87 63.73
CA TYR WC 241 39.26 -62.14 62.79
C TYR WC 241 39.80 -60.84 63.39
N GLY WC 242 39.22 -60.39 64.51
CA GLY WC 242 39.69 -59.19 65.15
C GLY WC 242 38.82 -57.98 64.84
N MET WC 243 39.43 -56.91 64.35
CA MET WC 243 38.72 -55.71 63.93
C MET WC 243 39.08 -55.37 62.49
N VAL WC 244 38.08 -54.96 61.71
CA VAL WC 244 38.32 -54.65 60.31
C VAL WC 244 39.13 -53.38 60.20
N LYS WC 245 40.17 -53.41 59.36
CA LYS WC 245 41.01 -52.25 59.11
C LYS WC 245 40.75 -51.59 57.77
N LEU WC 246 40.25 -52.33 56.78
CA LEU WC 246 39.99 -51.73 55.48
C LEU WC 246 38.97 -52.57 54.72
N ILE WC 247 38.10 -51.90 53.96
CA ILE WC 247 37.12 -52.56 53.11
C ILE WC 247 37.31 -52.01 51.69
N ASP WC 248 38.11 -52.72 50.89
CA ASP WC 248 38.29 -52.41 49.47
C ASP WC 248 37.12 -53.04 48.73
N SER WC 249 36.14 -52.22 48.34
CA SER WC 249 34.96 -52.73 47.65
C SER WC 249 35.22 -53.08 46.19
N LEU WC 250 36.16 -52.40 45.53
CA LEU WC 250 36.37 -52.65 44.11
C LEU WC 250 37.12 -53.95 43.86
N GLN WC 251 37.81 -54.48 44.87
CA GLN WC 251 38.37 -55.82 44.79
C GLN WC 251 37.53 -56.85 45.55
N GLY WC 252 36.56 -56.41 46.34
CA GLY WC 252 35.87 -57.34 47.21
C GLY WC 252 36.79 -57.94 48.27
N ARG WC 253 37.61 -57.09 48.89
CA ARG WC 253 38.59 -57.55 49.87
C ARG WC 253 38.43 -56.77 51.16
N ILE WC 254 38.50 -57.49 52.28
CA ILE WC 254 38.45 -56.89 53.61
C ILE WC 254 39.75 -57.27 54.32
N LEU WC 255 40.50 -56.27 54.76
CA LEU WC 255 41.69 -56.47 55.58
C LEU WC 255 41.33 -56.23 57.04
N THR WC 256 41.63 -57.21 57.88
CA THR WC 256 41.36 -57.14 59.31
C THR WC 256 42.67 -57.08 60.10
N SER WC 257 42.54 -56.92 61.41
CA SER WC 257 43.70 -56.72 62.26
C SER WC 257 44.57 -57.97 62.35
N SER WC 258 43.96 -59.15 62.31
CA SER WC 258 44.68 -60.41 62.46
C SER WC 258 45.44 -60.81 61.20
N GLY WC 259 45.60 -59.90 60.24
CA GLY WC 259 46.24 -60.21 58.99
C GLY WC 259 45.40 -61.02 58.03
N GLN WC 260 44.30 -61.59 58.49
CA GLN WC 260 43.43 -62.37 57.63
C GLN WC 260 42.74 -61.47 56.62
N VAL WC 261 42.35 -62.04 55.50
CA VAL WC 261 41.69 -61.32 54.42
C VAL WC 261 40.38 -62.01 54.09
N ILE WC 262 39.31 -61.22 53.97
CA ILE WC 262 37.99 -61.73 53.64
C ILE WC 262 37.69 -61.39 52.19
N LYS WC 263 37.41 -62.41 51.39
CA LYS WC 263 37.13 -62.24 49.97
C LYS WC 263 35.74 -62.78 49.69
N PHE WC 264 35.35 -62.75 48.42
CA PHE WC 264 34.19 -63.53 48.00
C PHE WC 264 34.54 -65.01 48.03
N SER WC 265 33.55 -65.84 48.37
CA SER WC 265 33.80 -67.27 48.45
C SER WC 265 34.18 -67.81 47.08
N GLN WC 266 34.97 -68.88 47.08
CA GLN WC 266 35.43 -69.44 45.80
C GLN WC 266 34.26 -69.98 44.98
N GLU WC 267 33.19 -70.44 45.65
CA GLU WC 267 31.99 -70.89 44.98
C GLU WC 267 30.95 -69.79 44.85
N ASP WC 268 31.11 -68.68 45.57
CA ASP WC 268 30.28 -67.51 45.33
C ASP WC 268 30.96 -66.53 44.38
N SER WC 269 32.19 -66.83 43.96
CA SER WC 269 32.88 -66.03 42.96
C SER WC 269 33.20 -66.91 41.76
N ALA XC 104 39.69 -45.55 -29.96
CA ALA XC 104 38.35 -45.77 -30.47
C ALA XC 104 37.59 -46.78 -29.62
N GLU XC 105 38.25 -47.87 -29.29
CA GLU XC 105 37.66 -48.89 -28.43
C GLU XC 105 38.31 -48.93 -27.05
N VAL XC 106 39.56 -48.46 -26.93
CA VAL XC 106 40.25 -48.49 -25.63
C VAL XC 106 39.50 -47.70 -24.57
N ILE XC 107 38.80 -46.64 -24.96
CA ILE XC 107 37.95 -45.89 -24.05
C ILE XC 107 36.98 -46.84 -23.36
N ASP XC 108 36.45 -47.82 -24.10
CA ASP XC 108 35.46 -48.72 -23.54
C ASP XC 108 36.00 -49.45 -22.30
N LYS XC 109 37.09 -50.19 -22.44
CA LYS XC 109 37.61 -50.93 -21.28
C LYS XC 109 38.11 -49.99 -20.18
N LYS XC 110 38.81 -48.90 -20.54
CA LYS XC 110 39.36 -48.08 -19.45
C LYS XC 110 38.25 -47.42 -18.64
N ALA XC 111 37.29 -46.79 -19.32
CA ALA XC 111 36.19 -46.16 -18.62
C ALA XC 111 35.32 -47.19 -17.91
N PHE XC 112 35.26 -48.41 -18.44
CA PHE XC 112 34.49 -49.42 -17.73
C PHE XC 112 35.18 -49.84 -16.45
N LYS XC 113 36.51 -49.92 -16.47
CA LYS XC 113 37.22 -50.16 -15.22
C LYS XC 113 36.91 -49.06 -14.21
N ASP XC 114 36.93 -47.81 -14.66
CA ASP XC 114 36.72 -46.75 -13.67
C ASP XC 114 35.26 -46.68 -13.21
N MET XC 115 34.29 -47.16 -14.00
CA MET XC 115 32.98 -46.96 -13.40
C MET XC 115 32.61 -48.18 -12.55
N THR XC 116 33.13 -49.37 -12.89
CA THR XC 116 33.08 -50.45 -11.91
C THR XC 116 33.80 -50.06 -10.64
N ARG XC 117 34.74 -49.12 -10.73
CA ARG XC 117 35.23 -48.47 -9.52
C ARG XC 117 34.12 -47.69 -8.84
N ASN XC 118 33.47 -46.73 -9.54
CA ASN XC 118 32.71 -45.77 -8.71
C ASN XC 118 31.35 -46.28 -8.26
N LEU XC 119 30.66 -47.16 -8.99
CA LEU XC 119 29.35 -47.55 -8.45
C LEU XC 119 29.54 -48.44 -7.23
N TYR XC 120 30.54 -49.33 -7.30
CA TYR XC 120 30.93 -50.18 -6.18
C TYR XC 120 32.33 -49.77 -5.75
N PRO XC 121 32.46 -48.77 -4.88
CA PRO XC 121 33.75 -48.52 -4.24
C PRO XC 121 34.17 -49.65 -3.33
N LEU XC 122 33.34 -50.68 -3.19
CA LEU XC 122 33.61 -51.82 -2.33
C LEU XC 122 33.93 -53.02 -3.23
N ASN XC 123 35.21 -53.30 -3.42
CA ASN XC 123 35.58 -54.60 -3.93
C ASN XC 123 35.40 -55.61 -2.80
N PRO XC 124 35.12 -56.87 -3.12
CA PRO XC 124 34.73 -57.83 -2.07
C PRO XC 124 35.69 -57.95 -0.90
N GLU XC 125 36.99 -57.75 -1.12
CA GLU XC 125 37.93 -57.72 0.00
C GLU XC 125 37.58 -56.63 1.02
N GLN XC 126 37.36 -55.42 0.53
CA GLN XC 126 36.98 -54.31 1.38
C GLN XC 126 35.61 -54.47 2.02
N VAL XC 127 34.68 -55.13 1.35
CA VAL XC 127 33.40 -55.42 1.98
C VAL XC 127 33.61 -56.23 3.26
N VAL XC 128 34.43 -57.27 3.18
CA VAL XC 128 34.61 -58.11 4.36
C VAL XC 128 35.49 -57.42 5.39
N LYS XC 129 36.45 -56.56 5.01
CA LYS XC 129 37.12 -55.83 6.08
C LYS XC 129 36.13 -54.94 6.83
N LEU XC 130 35.25 -54.24 6.11
CA LEU XC 130 34.27 -53.40 6.83
C LEU XC 130 33.36 -54.24 7.71
N LYS XC 131 32.86 -55.37 7.21
CA LYS XC 131 32.01 -56.21 8.04
C LYS XC 131 32.75 -56.60 9.30
N GLN XC 132 34.02 -56.99 9.14
CA GLN XC 132 34.81 -57.44 10.27
C GLN XC 132 35.05 -56.33 11.29
N ILE XC 133 35.44 -55.13 10.83
CA ILE XC 133 35.75 -54.08 11.79
C ILE XC 133 34.49 -53.65 12.52
N TYR XC 134 33.36 -53.65 11.80
CA TYR XC 134 32.09 -53.39 12.46
C TYR XC 134 31.88 -54.39 13.60
N GLU XC 135 32.04 -55.69 13.31
CA GLU XC 135 31.81 -56.64 14.40
C GLU XC 135 32.85 -56.51 15.51
N THR XC 136 34.09 -56.13 15.18
CA THR XC 136 35.10 -55.97 16.23
C THR XC 136 34.71 -54.85 17.18
N SER XC 137 34.36 -53.69 16.62
CA SER XC 137 33.97 -52.58 17.48
C SER XC 137 32.75 -52.92 18.31
N GLU XC 138 31.82 -53.72 17.76
CA GLU XC 138 30.64 -53.90 18.61
C GLU XC 138 30.75 -55.12 19.52
N TYR XC 139 31.68 -56.06 19.30
CA TYR XC 139 31.99 -56.91 20.45
C TYR XC 139 32.58 -56.07 21.55
N ALA XC 140 33.43 -55.11 21.19
CA ALA XC 140 33.99 -54.23 22.22
C ALA XC 140 32.90 -53.47 22.95
N LYS XC 141 31.90 -52.97 22.22
CA LYS XC 141 30.77 -52.30 22.85
C LYS XC 141 29.93 -53.26 23.68
N ALA XC 142 29.81 -54.51 23.22
CA ALA XC 142 29.01 -55.54 23.89
C ALA XC 142 29.72 -56.17 25.07
N ALA XC 143 31.04 -56.05 25.14
CA ALA XC 143 31.81 -56.73 26.17
C ALA XC 143 31.65 -56.02 27.51
N THR XC 144 31.33 -56.80 28.52
CA THR XC 144 31.26 -56.25 29.87
C THR XC 144 32.65 -56.23 30.49
N PRO XC 145 33.18 -55.05 30.82
CA PRO XC 145 34.52 -54.99 31.42
C PRO XC 145 34.54 -55.62 32.80
N GLY XC 146 35.66 -56.25 33.13
CA GLY XC 146 35.78 -56.92 34.39
C GLY XC 146 35.16 -58.31 34.36
N THR XC 147 35.31 -59.03 35.46
CA THR XC 147 34.59 -60.29 35.35
C THR XC 147 33.09 -60.07 35.54
N PRO XC 148 32.27 -60.67 34.68
CA PRO XC 148 30.83 -60.55 34.85
C PRO XC 148 30.39 -61.29 36.09
N PRO XC 149 29.24 -60.93 36.64
CA PRO XC 149 28.73 -61.65 37.81
C PRO XC 149 28.40 -63.09 37.47
N LYS XC 150 28.79 -63.99 38.37
CA LYS XC 150 28.43 -65.39 38.20
C LYS XC 150 26.96 -65.57 38.60
N PRO XC 151 26.16 -66.28 37.82
CA PRO XC 151 24.76 -66.53 38.21
C PRO XC 151 24.68 -67.60 39.28
N THR XC 152 24.28 -67.20 40.48
CA THR XC 152 24.24 -68.10 41.62
C THR XC 152 22.81 -68.27 42.11
N ALA XC 153 22.47 -69.50 42.46
CA ALA XC 153 21.21 -69.83 43.10
C ALA XC 153 21.52 -70.21 44.54
N THR XC 154 21.35 -69.27 45.46
CA THR XC 154 21.66 -69.44 46.87
C THR XC 154 20.37 -69.46 47.68
N SER XC 155 20.44 -70.06 48.87
CA SER XC 155 19.27 -70.15 49.74
C SER XC 155 19.62 -69.55 51.09
N GLN XC 156 18.87 -68.55 51.50
CA GLN XC 156 19.07 -67.88 52.77
C GLN XC 156 17.91 -68.20 53.70
N PHE XC 157 18.22 -68.38 54.98
CA PHE XC 157 17.22 -68.48 56.01
C PHE XC 157 16.94 -67.08 56.54
N VAL XC 158 15.67 -66.71 56.59
CA VAL XC 158 15.27 -65.38 57.02
C VAL XC 158 14.88 -65.43 58.49
N ASN XC 159 15.54 -64.60 59.30
CA ASN XC 159 15.24 -64.49 60.72
C ASN XC 159 14.63 -63.12 60.99
N LEU XC 160 13.45 -63.11 61.62
CA LEU XC 160 12.73 -61.89 61.90
C LEU XC 160 13.03 -61.33 63.29
N SER XC 161 13.85 -62.04 64.08
CA SER XC 161 14.17 -61.60 65.43
C SER XC 161 14.92 -60.27 65.38
N PRO XC 162 14.59 -59.34 66.28
CA PRO XC 162 15.30 -58.04 66.31
C PRO XC 162 16.79 -58.24 66.56
N GLY XC 163 17.59 -57.41 65.89
CA GLY XC 163 19.04 -57.51 65.93
C GLY XC 163 19.64 -58.25 64.76
N SER XC 164 18.85 -59.04 64.04
CA SER XC 164 19.34 -59.73 62.85
C SER XC 164 19.41 -58.75 61.68
N THR XC 165 20.31 -59.05 60.74
CA THR XC 165 20.36 -58.09 59.65
C THR XC 165 19.43 -58.54 58.52
N PRO XC 166 18.87 -57.59 57.78
CA PRO XC 166 18.02 -57.97 56.65
C PRO XC 166 18.80 -58.76 55.62
N PRO XC 167 18.17 -59.73 54.96
CA PRO XC 167 18.87 -60.50 53.93
C PRO XC 167 19.22 -59.62 52.73
N VAL XC 168 20.32 -59.99 52.09
CA VAL XC 168 20.84 -59.29 50.93
C VAL XC 168 20.41 -60.02 49.67
N ILE XC 169 20.28 -59.29 48.57
CA ILE XC 169 20.16 -59.87 47.23
C ILE XC 169 21.17 -59.16 46.34
N ARG XC 170 22.05 -59.93 45.71
CA ARG XC 170 23.01 -59.38 44.76
C ARG XC 170 22.31 -59.26 43.41
N LEU XC 171 22.20 -58.03 42.90
CA LEU XC 171 21.56 -57.80 41.63
C LEU XC 171 22.61 -57.53 40.55
N SER XC 172 22.14 -57.32 39.33
CA SER XC 172 23.01 -56.90 38.23
C SER XC 172 22.16 -56.14 37.24
N GLN XC 173 22.80 -55.20 36.53
CA GLN XC 173 22.10 -54.32 35.61
C GLN XC 173 21.32 -55.07 34.55
N GLY XC 174 19.99 -54.97 34.58
CA GLY XC 174 19.14 -55.53 33.55
C GLY XC 174 19.00 -57.03 33.57
N PHE XC 175 19.25 -57.69 34.70
CA PHE XC 175 19.14 -59.13 34.79
C PHE XC 175 18.04 -59.53 35.77
N VAL XC 176 17.42 -60.67 35.48
CA VAL XC 176 16.30 -61.19 36.24
C VAL XC 176 16.81 -61.90 37.48
N SER XC 177 16.26 -61.54 38.63
CA SER XC 177 16.46 -62.28 39.88
C SER XC 177 15.09 -62.60 40.44
N SER XC 178 14.82 -63.87 40.70
CA SER XC 178 13.51 -64.28 41.18
C SER XC 178 13.61 -64.67 42.65
N LEU XC 179 12.97 -63.88 43.49
CA LEU XC 179 12.85 -64.18 44.91
C LEU XC 179 11.57 -64.96 45.14
N VAL XC 180 11.72 -66.19 45.61
CA VAL XC 180 10.62 -67.06 45.98
C VAL XC 180 10.58 -67.16 47.49
N PHE XC 181 9.41 -66.92 48.07
CA PHE XC 181 9.26 -66.89 49.53
C PHE XC 181 8.75 -68.24 49.99
N LEU XC 182 9.45 -68.82 50.95
CA LEU XC 182 9.24 -70.20 51.39
C LEU XC 182 9.32 -70.25 52.91
N ASP XC 183 8.40 -70.98 53.52
CA ASP XC 183 8.34 -71.06 54.97
C ASP XC 183 9.41 -72.02 55.49
N SER XC 184 9.32 -72.37 56.78
CA SER XC 184 10.30 -73.27 57.38
C SER XC 184 10.11 -74.71 56.94
N THR XC 185 8.89 -75.10 56.58
CA THR XC 185 8.56 -76.51 56.38
C THR XC 185 8.74 -76.97 54.93
N GLY XC 186 9.20 -76.09 54.03
CA GLY XC 186 9.32 -76.48 52.64
C GLY XC 186 8.09 -76.24 51.80
N ALA XC 187 7.16 -75.41 52.28
CA ALA XC 187 5.87 -75.14 51.66
C ALA XC 187 5.76 -73.70 51.19
N PRO XC 188 4.93 -73.43 50.19
CA PRO XC 188 4.83 -72.07 49.63
C PRO XC 188 4.27 -71.07 50.63
N TRP XC 189 4.61 -69.80 50.42
CA TRP XC 189 3.97 -68.68 51.11
C TRP XC 189 3.67 -67.56 50.12
N PRO XC 190 2.44 -67.47 49.62
CA PRO XC 190 2.11 -66.40 48.65
C PRO XC 190 2.23 -65.02 49.29
N ILE XC 191 2.43 -64.03 48.42
CA ILE XC 191 2.67 -62.66 48.84
C ILE XC 191 1.34 -61.92 48.89
N ALA XC 192 1.07 -61.29 50.04
CA ALA XC 192 -0.10 -60.41 50.13
C ALA XC 192 0.13 -59.09 49.40
N ALA XC 193 1.31 -58.51 49.56
CA ALA XC 193 1.61 -57.21 48.96
C ALA XC 193 3.10 -56.93 49.09
N TYR XC 194 3.55 -55.85 48.47
CA TYR XC 194 4.94 -55.41 48.58
C TYR XC 194 5.04 -53.93 48.28
N ASP XC 195 6.06 -53.30 48.87
CA ASP XC 195 6.47 -51.94 48.57
C ASP XC 195 7.97 -51.94 48.37
N LEU XC 196 8.44 -51.21 47.37
CA LEU XC 196 9.87 -51.14 47.09
C LEU XC 196 10.29 -49.68 47.12
N GLY XC 197 11.17 -49.34 48.08
CA GLY XC 197 11.77 -48.03 48.08
C GLY XC 197 12.71 -47.88 46.90
N ASP XC 198 12.71 -46.68 46.30
CA ASP XC 198 13.53 -46.31 45.15
C ASP XC 198 13.09 -47.09 43.90
N PRO XC 199 11.88 -46.83 43.39
CA PRO XC 199 11.29 -47.70 42.37
C PRO XC 199 11.92 -47.63 40.99
N SER XC 200 12.40 -46.47 40.53
CA SER XC 200 13.01 -46.45 39.20
C SER XC 200 14.47 -46.88 39.25
N SER XC 201 14.88 -47.56 40.32
CA SER XC 201 16.18 -48.22 40.41
C SER XC 201 16.03 -49.73 40.40
N PHE XC 202 14.87 -50.25 40.80
CA PHE XC 202 14.61 -51.68 40.82
C PHE XC 202 13.18 -51.91 40.34
N ASN XC 203 13.03 -52.81 39.36
CA ASN XC 203 11.73 -53.04 38.74
C ASN XC 203 11.32 -54.49 39.01
N ILE XC 204 10.20 -54.66 39.71
CA ILE XC 204 9.59 -55.96 39.98
C ILE XC 204 8.52 -56.23 38.93
N GLN XC 205 8.46 -57.49 38.51
CA GLN XC 205 7.23 -58.06 37.97
C GLN XC 205 6.78 -59.19 38.89
N TRP XC 206 5.48 -59.26 39.12
CA TRP XC 206 4.91 -60.23 40.06
C TRP XC 206 3.43 -60.39 39.73
N ASP XC 207 3.04 -61.58 39.29
CA ASP XC 207 1.62 -61.89 39.19
C ASP XC 207 1.03 -61.87 40.59
N LYS XC 208 -0.16 -61.27 40.73
CA LYS XC 208 -0.65 -60.84 42.03
C LYS XC 208 -0.91 -62.00 42.99
N THR XC 209 -0.94 -63.23 42.52
CA THR XC 209 -1.29 -64.37 43.36
C THR XC 209 -0.06 -65.14 43.86
N SER XC 210 0.97 -65.26 43.03
CA SER XC 210 2.06 -66.18 43.31
C SER XC 210 2.92 -65.68 44.48
N ASN XC 211 3.93 -66.47 44.82
CA ASN XC 211 4.92 -66.13 45.83
C ASN XC 211 6.27 -65.79 45.23
N THR XC 212 6.28 -65.26 44.01
CA THR XC 212 7.51 -65.03 43.26
C THR XC 212 7.57 -63.58 42.80
N LEU XC 213 8.53 -62.83 43.35
CA LEU XC 213 8.79 -61.47 42.91
C LEU XC 213 10.07 -61.47 42.08
N MET XC 214 10.02 -60.99 40.84
CA MET XC 214 11.21 -61.03 40.01
C MET XC 214 11.63 -59.57 39.82
N ILE XC 215 12.94 -59.35 39.81
CA ILE XC 215 13.53 -58.01 39.92
C ILE XC 215 14.61 -57.85 38.86
N GLN XC 216 14.60 -56.71 38.17
CA GLN XC 216 15.72 -56.25 37.38
C GLN XC 216 16.28 -54.98 38.01
N ALA XC 217 17.59 -54.92 38.15
CA ALA XC 217 18.25 -53.65 38.46
C ALA XC 217 18.13 -52.74 37.25
N THR XC 218 17.88 -51.46 37.49
CA THR XC 218 17.77 -50.50 36.39
C THR XC 218 18.96 -49.56 36.28
N LYS XC 219 19.64 -49.26 37.38
CA LYS XC 219 20.94 -48.64 37.34
C LYS XC 219 21.98 -49.58 37.97
N LEU XC 220 23.25 -49.29 37.71
CA LEU XC 220 24.30 -50.28 37.86
C LEU XC 220 24.47 -50.73 39.31
N TYR XC 221 24.79 -49.80 40.21
CA TYR XC 221 25.18 -50.16 41.56
C TYR XC 221 24.38 -49.47 42.66
N ASN XC 222 23.52 -48.51 42.34
CA ASN XC 222 22.74 -47.85 43.39
C ASN XC 222 21.83 -48.86 44.07
N TYR XC 223 22.04 -49.04 45.37
CA TYR XC 223 21.35 -50.07 46.14
C TYR XC 223 20.22 -49.46 46.95
N GLY XC 224 19.30 -50.31 47.36
CA GLY XC 224 18.16 -49.88 48.14
C GLY XC 224 17.59 -51.01 48.95
N ASN XC 225 16.33 -50.86 49.35
CA ASN XC 225 15.68 -51.87 50.17
C ASN XC 225 14.29 -52.17 49.64
N LEU XC 226 13.66 -53.17 50.25
CA LEU XC 226 12.43 -53.79 49.76
C LEU XC 226 11.66 -54.37 50.92
N ALA XC 227 10.41 -53.94 51.10
CA ALA XC 227 9.53 -54.50 52.11
C ALA XC 227 8.45 -55.31 51.39
N VAL XC 228 8.14 -56.48 51.93
CA VAL XC 228 7.19 -57.40 51.29
C VAL XC 228 6.38 -58.08 52.37
N ARG XC 229 5.06 -57.86 52.35
CA ARG XC 229 4.16 -58.40 53.35
C ARG XC 229 3.54 -59.69 52.80
N LEU XC 230 3.78 -60.80 53.49
CA LEU XC 230 3.35 -62.11 53.05
C LEU XC 230 1.91 -62.37 53.48
N ARG XC 231 1.46 -63.62 53.36
CA ARG XC 231 0.08 -63.95 53.69
C ARG XC 231 -0.13 -64.00 55.20
N GLY XC 232 0.57 -64.91 55.88
CA GLY XC 232 0.30 -65.20 57.27
C GLY XC 232 1.06 -64.40 58.30
N LEU XC 233 2.17 -63.77 57.93
CA LEU XC 233 2.93 -63.00 58.91
C LEU XC 233 2.20 -61.73 59.29
N ASN XC 234 2.53 -61.21 60.47
CA ASN XC 234 2.24 -59.82 60.79
C ASN XC 234 3.49 -58.96 60.58
N THR XC 235 4.66 -59.56 60.71
CA THR XC 235 5.91 -58.88 60.41
C THR XC 235 6.15 -58.86 58.91
N PRO XC 236 6.41 -57.70 58.32
CA PRO XC 236 6.83 -57.69 56.92
C PRO XC 236 8.22 -58.29 56.76
N VAL XC 237 8.63 -58.46 55.51
CA VAL XC 237 9.97 -58.96 55.21
C VAL XC 237 10.77 -57.80 54.64
N MET XC 238 11.86 -57.45 55.32
CA MET XC 238 12.72 -56.34 54.96
C MET XC 238 14.01 -56.91 54.39
N LEU XC 239 14.36 -56.50 53.18
CA LEU XC 239 15.52 -57.04 52.50
C LEU XC 239 16.19 -55.95 51.69
N THR XC 240 17.47 -56.14 51.39
CA THR XC 240 18.25 -55.10 50.73
C THR XC 240 18.76 -55.57 49.38
N LEU XC 241 18.49 -54.76 48.36
CA LEU XC 241 18.91 -55.02 46.98
C LEU XC 241 20.20 -54.26 46.75
N ILE XC 242 21.28 -54.98 46.42
CA ILE XC 242 22.51 -54.29 46.04
C ILE XC 242 22.94 -54.77 44.67
N PRO XC 243 22.87 -53.94 43.65
CA PRO XC 243 23.27 -54.35 42.30
C PRO XC 243 24.74 -54.06 42.04
N GLY XC 244 25.22 -54.61 40.91
CA GLY XC 244 26.62 -54.47 40.56
C GLY XC 244 27.57 -55.25 41.43
N GLN XC 245 27.07 -56.19 42.22
CA GLN XC 245 27.91 -57.02 43.07
C GLN XC 245 28.66 -58.04 42.23
N LYS XC 246 29.65 -58.69 42.87
CA LYS XC 246 30.51 -59.60 42.13
C LYS XC 246 29.72 -60.78 41.57
N ALA XC 247 28.83 -61.37 42.34
CA ALA XC 247 27.95 -62.42 41.85
C ALA XC 247 26.56 -61.84 41.65
N VAL XC 248 25.78 -62.47 40.78
CA VAL XC 248 24.38 -62.09 40.57
C VAL XC 248 23.52 -63.22 41.12
N ASP XC 249 22.68 -62.88 42.09
CA ASP XC 249 21.73 -63.83 42.67
C ASP XC 249 20.62 -64.07 41.66
N TYR XC 250 20.81 -65.06 40.80
CA TYR XC 250 19.77 -65.40 39.82
C TYR XC 250 18.45 -65.73 40.50
N ARG XC 251 18.51 -66.47 41.60
CA ARG XC 251 17.38 -66.61 42.52
C ARG XC 251 17.93 -66.78 43.92
N VAL XC 252 17.12 -66.46 44.91
CA VAL XC 252 17.44 -66.76 46.30
C VAL XC 252 16.21 -67.42 46.92
N ASP XC 253 16.43 -68.55 47.59
CA ASP XC 253 15.37 -69.27 48.28
C ASP XC 253 15.35 -68.76 49.72
N LEU XC 254 14.29 -68.03 50.08
CA LEU XC 254 14.15 -67.45 51.41
C LEU XC 254 13.40 -68.43 52.30
N ARG XC 255 14.07 -68.89 53.36
CA ARG XC 255 13.44 -69.71 54.39
C ARG XC 255 12.93 -68.81 55.49
N VAL XC 256 11.70 -68.32 55.30
CA VAL XC 256 11.07 -67.50 56.32
C VAL XC 256 10.90 -68.31 57.60
N GLN XC 257 10.93 -67.62 58.73
CA GLN XC 257 10.98 -68.27 60.03
C GLN XC 257 9.66 -68.95 60.40
N GLY XC 258 8.54 -68.45 59.87
CA GLY XC 258 7.23 -68.92 60.25
C GLY XC 258 6.73 -70.09 59.43
N TYR XC 259 5.45 -70.42 59.63
CA TYR XC 259 4.79 -71.50 58.91
C TYR XC 259 3.62 -70.91 58.14
N GLY XC 260 3.59 -71.13 56.83
CA GLY XC 260 2.63 -70.47 55.97
C GLY XC 260 1.28 -71.17 55.90
N PRO XC 261 0.42 -70.69 55.01
CA PRO XC 261 -0.86 -71.36 54.77
C PRO XC 261 -0.72 -72.75 54.14
N ASN XC 262 0.50 -73.14 53.79
CA ASN XC 262 0.80 -74.49 53.32
C ASN XC 262 1.76 -75.12 54.33
N ALA XC 263 1.52 -76.38 54.67
CA ALA XC 263 2.35 -77.06 55.66
C ALA XC 263 2.61 -78.50 55.26
N CYS YC 1 41.16 -31.93 66.95
CA CYS YC 1 39.82 -32.44 66.72
C CYS YC 1 38.79 -31.69 67.56
N THR YC 2 38.26 -32.38 68.56
CA THR YC 2 37.28 -31.77 69.46
C THR YC 2 37.90 -30.65 70.28
N ASP YC 3 39.23 -30.56 70.30
CA ASP YC 3 39.89 -29.44 70.97
C ASP YC 3 39.48 -28.11 70.34
N ALA YC 4 39.45 -28.05 69.01
CA ALA YC 4 38.97 -26.84 68.34
C ALA YC 4 37.52 -26.56 68.71
N ALA YC 5 36.68 -27.59 68.76
CA ALA YC 5 35.28 -27.41 69.09
C ALA YC 5 35.11 -26.82 70.48
N LEU YC 6 35.77 -27.40 71.49
CA LEU YC 6 35.56 -26.91 72.85
C LEU YC 6 36.26 -25.57 73.07
N ALA YC 7 37.35 -25.31 72.35
CA ALA YC 7 37.98 -24.00 72.43
C ALA YC 7 37.07 -22.92 71.87
N ALA YC 8 36.47 -23.17 70.71
CA ALA YC 8 35.50 -22.22 70.17
C ALA YC 8 34.31 -22.09 71.11
N LEU YC 9 33.90 -23.18 71.73
CA LEU YC 9 32.78 -23.16 72.66
C LEU YC 9 33.08 -22.24 73.84
N GLU YC 10 34.27 -22.38 74.45
CA GLU YC 10 34.59 -21.55 75.61
C GLU YC 10 34.86 -20.11 75.19
N TYR YC 11 35.40 -19.91 73.99
CA TYR YC 11 35.58 -18.54 73.49
C TYR YC 11 34.24 -17.84 73.30
N HIS YC 12 33.23 -18.55 72.78
CA HIS YC 12 31.90 -17.96 72.68
C HIS YC 12 31.27 -17.78 74.05
N LYS YC 13 31.48 -18.73 74.96
CA LYS YC 13 30.89 -18.64 76.29
C LYS YC 13 31.48 -17.49 77.10
N SER YC 14 32.75 -17.15 76.85
CA SER YC 14 33.42 -16.09 77.61
C SER YC 14 33.11 -14.70 77.06
N ASN YC 15 32.86 -14.59 75.76
CA ASN YC 15 32.55 -13.31 75.13
C ASN YC 15 31.03 -13.24 74.92
N ALA YC 16 30.39 -12.31 75.62
CA ALA YC 16 28.93 -12.20 75.61
C ALA YC 16 28.39 -11.72 74.27
N CYS ZC 1 25.29 -24.43 71.18
CA CYS ZC 1 25.76 -23.22 70.51
C CYS ZC 1 26.78 -23.54 69.44
N VAL ZC 2 27.43 -24.69 69.57
CA VAL ZC 2 28.49 -25.10 68.65
C VAL ZC 2 27.86 -25.89 67.51
N SER ZC 3 28.11 -25.45 66.29
CA SER ZC 3 27.72 -26.18 65.10
C SER ZC 3 28.94 -26.91 64.56
N MET ZC 4 29.00 -28.22 64.81
CA MET ZC 4 30.17 -29.02 64.44
C MET ZC 4 30.42 -29.04 62.93
N ILE ZC 5 29.37 -28.92 62.10
CA ILE ZC 5 29.60 -28.87 60.66
C ILE ZC 5 30.36 -27.61 60.29
N GLY ZC 6 30.20 -26.55 61.09
CA GLY ZC 6 31.01 -25.37 60.93
C GLY ZC 6 32.36 -25.53 61.56
N GLY ZC 7 32.96 -26.71 61.40
CA GLY ZC 7 34.21 -27.02 62.05
C GLY ZC 7 35.41 -26.84 61.13
N SER ZC 8 36.52 -26.42 61.74
CA SER ZC 8 37.79 -26.28 61.03
C SER ZC 8 38.89 -26.60 62.01
N ARG ZC 9 39.73 -27.58 61.68
CA ARG ZC 9 40.76 -28.05 62.59
C ARG ZC 9 41.98 -27.14 62.57
N ARG AD 1 33.82 -21.37 63.17
CA ARG AD 1 32.55 -21.70 63.80
C ARG AD 1 31.77 -20.42 64.12
N VAL AD 2 30.44 -20.52 64.06
CA VAL AD 2 29.55 -19.38 64.28
C VAL AD 2 28.57 -19.74 65.39
N SER AD 3 28.22 -18.76 66.22
CA SER AD 3 27.34 -18.99 67.36
C SER AD 3 25.90 -18.68 66.98
N ILE AD 4 25.03 -18.68 67.98
CA ILE AD 4 23.62 -18.38 67.77
C ILE AD 4 23.30 -16.97 68.28
N GLY AD 5 24.30 -16.29 68.84
CA GLY AD 5 24.17 -14.86 69.02
C GLY AD 5 24.29 -14.07 67.73
N GLY AD 6 24.69 -14.74 66.64
CA GLY AD 6 24.86 -14.11 65.35
C GLY AD 6 26.27 -13.60 65.10
N THR AD 7 27.08 -13.48 66.13
CA THR AD 7 28.46 -13.07 65.98
C THR AD 7 29.36 -14.30 65.92
N VAL AD 8 30.29 -14.29 64.97
CA VAL AD 8 31.15 -15.43 64.68
C VAL AD 8 32.24 -15.49 65.75
N TYR AD 9 32.33 -16.61 66.45
CA TYR AD 9 33.40 -16.90 67.39
C TYR AD 9 34.08 -18.21 66.98
N THR AD 10 35.39 -18.14 66.73
CA THR AD 10 36.14 -19.29 66.25
C THR AD 10 37.36 -19.53 67.12
N ALA AD 11 37.79 -20.78 67.16
CA ALA AD 11 39.09 -21.12 67.72
C ALA AD 11 40.19 -20.79 66.71
N LYS AD 12 41.43 -20.74 67.18
CA LYS AD 12 42.55 -20.33 66.35
C LYS AD 12 43.14 -21.50 65.56
N LYS AD 13 43.66 -22.51 66.26
CA LYS AD 13 44.28 -23.67 65.61
C LYS AD 13 44.34 -24.80 66.62
N TYR AD 14 43.63 -25.91 66.32
CA TYR AD 14 43.63 -27.05 67.21
C TYR AD 14 43.46 -28.33 66.39
N ASP AD 15 44.35 -29.29 66.61
CA ASP AD 15 44.31 -30.56 65.91
C ASP AD 15 44.39 -31.70 66.92
N ASP AD 16 44.16 -32.91 66.42
CA ASP AD 16 44.21 -34.12 67.24
C ASP AD 16 44.21 -35.36 66.35
N PRO BD 1 33.75 -31.09 58.82
CA PRO BD 1 35.10 -31.41 58.34
C PRO BD 1 36.00 -31.90 59.47
N PHE BD 2 35.82 -33.14 59.89
CA PHE BD 2 36.51 -33.70 61.05
C PHE BD 2 37.40 -34.85 60.62
N GLY BD 3 38.37 -35.19 61.47
CA GLY BD 3 39.27 -36.29 61.23
C GLY BD 3 39.02 -37.55 62.04
N ALA BD 4 38.12 -37.48 63.03
CA ALA BD 4 37.73 -38.65 63.80
C ALA BD 4 36.41 -39.24 63.31
N ASP BD 5 35.96 -38.83 62.13
CA ASP BD 5 34.74 -39.34 61.53
C ASP BD 5 34.87 -40.82 61.18
N ARG CD 207 27.61 -49.45 86.67
CA ARG CD 207 26.66 -48.43 86.25
C ARG CD 207 25.83 -48.91 85.07
N ILE CD 208 25.18 -47.97 84.38
CA ILE CD 208 24.36 -48.26 83.21
C ILE CD 208 25.04 -47.64 82.00
N ILE CD 209 25.33 -48.46 80.99
CA ILE CD 209 25.98 -48.01 79.78
C ILE CD 209 24.92 -47.46 78.83
N TYR CD 210 25.17 -46.26 78.30
CA TYR CD 210 24.26 -45.59 77.38
C TYR CD 210 24.89 -45.56 76.00
N TYR CD 211 24.09 -45.76 74.97
CA TYR CD 211 24.55 -45.62 73.59
C TYR CD 211 23.60 -44.71 72.82
N ILE CD 212 24.14 -43.88 71.94
CA ILE CD 212 23.30 -42.99 71.15
C ILE CD 212 22.52 -43.79 70.13
N GLN CD 213 21.23 -43.51 70.01
CA GLN CD 213 20.47 -43.97 68.86
C GLN CD 213 20.32 -42.91 67.79
N ALA CD 214 20.25 -41.63 68.17
CA ALA CD 214 20.06 -40.63 67.12
C ALA CD 214 20.68 -39.32 67.56
N VAL CD 215 21.62 -38.82 66.76
CA VAL CD 215 22.30 -37.58 67.10
C VAL CD 215 22.14 -36.60 65.95
N ILE CD 216 21.74 -35.39 66.29
CA ILE CD 216 21.65 -34.26 65.36
C ILE CD 216 22.31 -33.08 66.05
N PRO CD 217 22.61 -31.98 65.35
CA PRO CD 217 23.04 -30.77 66.06
C PRO CD 217 21.97 -30.32 67.05
N GLY CD 218 22.27 -30.40 68.34
CA GLY CD 218 21.29 -30.14 69.36
C GLY CD 218 20.97 -31.35 70.23
N ARG CD 219 19.77 -31.89 70.10
CA ARG CD 219 19.37 -33.04 70.90
C ARG CD 219 20.22 -34.26 70.55
N ALA CD 220 20.41 -35.11 71.55
CA ALA CD 220 21.05 -36.41 71.33
C ALA CD 220 20.21 -37.46 72.05
N TRP CD 221 19.68 -38.42 71.29
CA TRP CD 221 18.77 -39.42 71.81
C TRP CD 221 19.54 -40.70 72.12
N LEU CD 222 19.46 -41.13 73.38
CA LEU CD 222 20.29 -42.15 74.00
C LEU CD 222 19.44 -43.31 74.48
N ILE CD 223 20.02 -44.51 74.45
CA ILE CD 223 19.39 -45.71 75.00
C ILE CD 223 20.32 -46.29 76.05
N GLY CD 224 19.79 -46.56 77.24
CA GLY CD 224 20.55 -47.17 78.30
C GLY CD 224 20.59 -48.68 78.18
N SER CD 225 21.26 -49.31 79.13
CA SER CD 225 21.32 -50.76 79.19
C SER CD 225 20.05 -51.37 79.75
N ASN CD 226 19.18 -50.57 80.36
CA ASN CD 226 17.94 -51.03 80.96
C ASN CD 226 16.75 -50.85 80.02
N GLY CD 227 16.97 -50.36 78.80
CA GLY CD 227 15.88 -50.03 77.91
C GLY CD 227 15.36 -48.62 78.04
N SER CD 228 15.84 -47.86 79.02
CA SER CD 228 15.41 -46.48 79.17
C SER CD 228 15.95 -45.62 78.03
N THR CD 229 15.11 -44.73 77.53
CA THR CD 229 15.45 -43.85 76.42
C THR CD 229 15.38 -42.40 76.88
N LEU CD 230 16.40 -41.63 76.51
CA LEU CD 230 16.55 -40.25 76.95
C LEU CD 230 16.89 -39.36 75.77
N THR CD 231 16.78 -38.06 75.99
CA THR CD 231 17.25 -37.04 75.06
C THR CD 231 18.01 -35.99 75.84
N VAL CD 232 19.15 -35.55 75.32
CA VAL CD 232 20.06 -34.70 76.07
C VAL CD 232 20.50 -33.51 75.22
N ARG CD 233 21.08 -32.53 75.90
CA ARG CD 233 21.49 -31.22 75.39
C ARG CD 233 23.00 -31.07 75.58
N GLU CD 234 23.55 -29.95 75.08
CA GLU CD 234 24.90 -29.55 75.41
C GLU CD 234 25.11 -29.55 76.92
N GLY CD 235 24.18 -28.97 77.66
CA GLY CD 235 24.20 -29.06 79.11
C GLY CD 235 23.03 -29.85 79.66
N SER CD 236 23.30 -31.07 80.15
CA SER CD 236 22.28 -31.89 80.79
C SER CD 236 22.96 -32.90 81.69
N LYS CD 237 22.25 -33.30 82.74
CA LYS CD 237 22.76 -34.28 83.71
C LYS CD 237 22.43 -35.69 83.26
N ILE CD 238 23.45 -36.54 83.21
CA ILE CD 238 23.30 -37.96 82.89
C ILE CD 238 23.61 -38.73 84.18
N PRO CD 239 22.76 -39.66 84.60
CA PRO CD 239 23.08 -40.47 85.78
C PRO CD 239 24.32 -41.32 85.53
N GLY CD 240 25.30 -41.17 86.41
CA GLY CD 240 26.53 -41.94 86.30
C GLY CD 240 27.60 -41.29 85.44
N TYR CD 241 27.21 -40.72 84.31
CA TYR CD 241 28.18 -40.16 83.39
C TYR CD 241 28.48 -38.69 83.69
N GLY CD 242 27.62 -38.01 84.42
CA GLY CD 242 27.90 -36.64 84.82
C GLY CD 242 27.04 -35.60 84.12
N MET CD 243 27.67 -34.69 83.38
CA MET CD 243 26.98 -33.67 82.62
C MET CD 243 27.59 -33.58 81.22
N VAL CD 244 26.74 -33.35 80.22
CA VAL CD 244 27.23 -33.27 78.85
C VAL CD 244 28.15 -32.07 78.71
N LYS CD 245 29.26 -32.26 77.99
CA LYS CD 245 30.16 -31.16 77.63
C LYS CD 245 30.14 -30.86 76.13
N LEU CD 246 29.95 -31.86 75.29
CA LEU CD 246 29.91 -31.63 73.85
C LEU CD 246 29.12 -32.73 73.16
N ILE CD 247 28.43 -32.37 72.08
CA ILE CD 247 27.66 -33.31 71.26
C ILE CD 247 28.11 -33.13 69.82
N ASP CD 248 28.93 -34.05 69.33
CA ASP CD 248 29.40 -34.04 67.94
C ASP CD 248 28.53 -35.00 67.14
N SER CD 249 27.59 -34.44 66.38
CA SER CD 249 26.70 -35.29 65.57
C SER CD 249 27.37 -35.84 64.33
N LEU CD 250 28.32 -35.10 63.75
CA LEU CD 250 29.01 -35.60 62.55
C LEU CD 250 29.78 -36.88 62.83
N GLN CD 251 30.53 -36.92 63.92
CA GLN CD 251 31.21 -38.14 64.34
C GLN CD 251 30.33 -39.06 65.18
N GLY CD 252 29.21 -38.56 65.68
CA GLY CD 252 28.39 -39.34 66.59
C GLY CD 252 29.03 -39.61 67.93
N ARG CD 253 29.70 -38.63 68.51
CA ARG CD 253 30.29 -38.75 69.83
C ARG CD 253 29.65 -37.76 70.79
N ILE CD 254 29.66 -38.12 72.07
CA ILE CD 254 29.20 -37.24 73.14
C ILE CD 254 30.29 -37.23 74.20
N LEU CD 255 30.82 -36.05 74.51
CA LEU CD 255 31.83 -35.91 75.55
C LEU CD 255 31.16 -35.39 76.81
N THR CD 256 31.29 -36.14 77.90
CA THR CD 256 30.70 -35.79 79.18
C THR CD 256 31.80 -35.39 80.17
N SER CD 257 31.36 -34.91 81.35
CA SER CD 257 32.31 -34.38 82.33
C SER CD 257 33.24 -35.45 82.87
N SER CD 258 32.73 -36.66 83.10
CA SER CD 258 33.51 -37.73 83.70
C SER CD 258 34.57 -38.30 82.76
N GLY CD 259 34.72 -37.73 81.57
CA GLY CD 259 35.66 -38.22 80.60
C GLY CD 259 35.15 -39.37 79.75
N GLN CD 260 34.00 -39.94 80.09
CA GLN CD 260 33.41 -41.01 79.31
C GLN CD 260 32.94 -40.46 77.97
N VAL CD 261 33.09 -41.27 76.92
CA VAL CD 261 32.71 -40.88 75.56
C VAL CD 261 31.56 -41.77 75.12
N ILE CD 262 30.51 -41.15 74.60
CA ILE CD 262 29.30 -41.85 74.20
C ILE CD 262 29.34 -42.00 72.68
N LYS CD 263 29.23 -43.23 72.20
CA LYS CD 263 29.28 -43.51 70.78
C LYS CD 263 28.02 -44.25 70.35
N PHE CD 264 27.98 -44.64 69.08
CA PHE CD 264 26.95 -45.54 68.60
C PHE CD 264 27.29 -46.96 69.02
N SER CD 265 26.25 -47.79 69.19
CA SER CD 265 26.44 -49.15 69.64
C SER CD 265 27.29 -49.94 68.63
N GLN CD 266 28.13 -50.82 69.16
CA GLN CD 266 28.97 -51.65 68.30
C GLN CD 266 28.13 -52.55 67.40
N GLU CD 267 26.95 -52.94 67.87
CA GLU CD 267 26.03 -53.78 67.10
C GLU CD 267 24.94 -52.97 66.41
N ASP CD 268 25.01 -51.64 66.48
CA ASP CD 268 24.03 -50.79 65.82
C ASP CD 268 24.66 -49.79 64.86
N SER CD 269 25.97 -49.61 64.89
CA SER CD 269 26.66 -48.71 63.98
C SER CD 269 27.10 -49.45 62.73
N ALA DD 104 48.48 -46.14 -8.32
CA ALA DD 104 47.74 -47.16 -9.05
C ALA DD 104 46.59 -47.70 -8.23
N GLU DD 105 46.79 -48.84 -7.59
CA GLU DD 105 45.79 -49.49 -6.75
C GLU DD 105 46.06 -49.30 -5.27
N VAL DD 106 47.23 -48.77 -4.90
CA VAL DD 106 47.55 -48.48 -3.51
C VAL DD 106 46.71 -47.35 -2.92
N ILE DD 107 46.13 -46.50 -3.78
CA ILE DD 107 45.23 -45.45 -3.30
C ILE DD 107 44.10 -46.05 -2.46
N ASP DD 108 43.50 -47.13 -2.95
CA ASP DD 108 42.43 -47.77 -2.21
C ASP DD 108 42.88 -48.21 -0.82
N LYS DD 109 44.07 -48.80 -0.70
CA LYS DD 109 44.48 -49.27 0.63
C LYS DD 109 44.75 -48.11 1.59
N LYS DD 110 45.47 -47.07 1.16
CA LYS DD 110 45.72 -46.00 2.14
C LYS DD 110 44.42 -45.34 2.56
N ALA DD 111 43.59 -45.00 1.56
CA ALA DD 111 42.35 -44.32 1.85
C ALA DD 111 41.45 -45.19 2.70
N PHE DD 112 41.50 -46.50 2.49
CA PHE DD 112 40.73 -47.43 3.31
C PHE DD 112 41.28 -47.50 4.73
N LYS DD 113 42.58 -47.26 4.91
CA LYS DD 113 43.12 -47.24 6.27
C LYS DD 113 42.62 -46.04 7.05
N ASP DD 114 42.84 -44.82 6.54
CA ASP DD 114 42.31 -43.68 7.29
C ASP DD 114 40.78 -43.67 7.23
N MET DD 115 40.22 -44.58 6.43
CA MET DD 115 38.79 -44.70 6.29
C MET DD 115 38.17 -45.56 7.39
N THR DD 116 38.73 -46.75 7.62
CA THR DD 116 38.39 -47.47 8.83
C THR DD 116 38.71 -46.64 10.06
N ARG DD 117 39.63 -45.69 9.94
CA ARG DD 117 39.74 -44.67 10.97
C ARG DD 117 38.46 -43.82 11.08
N ASN DD 118 38.09 -43.03 10.06
CA ASN DD 118 37.05 -42.04 10.32
C ASN DD 118 35.66 -42.66 10.48
N LEU DD 119 35.33 -43.70 9.72
CA LEU DD 119 34.00 -44.29 9.85
C LEU DD 119 33.79 -44.85 11.25
N TYR DD 120 34.79 -45.54 11.77
CA TYR DD 120 34.74 -46.18 13.09
C TYR DD 120 35.91 -45.63 13.88
N PRO DD 121 35.77 -44.41 14.41
CA PRO DD 121 36.91 -43.70 14.98
C PRO DD 121 37.57 -44.42 16.14
N LEU DD 122 36.82 -45.08 16.99
CA LEU DD 122 37.40 -45.77 18.13
C LEU DD 122 37.58 -47.22 17.74
N ASN DD 123 38.83 -47.69 17.73
CA ASN DD 123 39.12 -49.10 17.56
C ASN DD 123 38.60 -49.86 18.78
N PRO DD 124 38.47 -51.19 18.67
CA PRO DD 124 37.86 -51.94 19.78
C PRO DD 124 38.51 -51.68 21.13
N GLU DD 125 39.82 -51.44 21.19
CA GLU DD 125 40.42 -51.07 22.46
C GLU DD 125 39.84 -49.79 23.01
N GLN DD 126 39.69 -48.76 22.16
CA GLN DD 126 39.07 -47.51 22.57
C GLN DD 126 37.66 -47.70 23.08
N VAL DD 127 36.88 -48.60 22.46
CA VAL DD 127 35.51 -48.82 22.91
C VAL DD 127 35.49 -49.41 24.32
N VAL DD 128 36.31 -50.42 24.57
CA VAL DD 128 36.30 -51.05 25.90
C VAL DD 128 36.84 -50.09 26.95
N LYS DD 129 37.85 -49.29 26.61
CA LYS DD 129 38.34 -48.34 27.61
C LYS DD 129 37.34 -47.24 27.88
N LEU DD 130 36.62 -46.77 26.85
CA LEU DD 130 35.56 -45.80 27.10
C LEU DD 130 34.48 -46.40 27.99
N LYS DD 131 34.12 -47.66 27.74
CA LYS DD 131 33.12 -48.32 28.59
C LYS DD 131 33.60 -48.38 30.04
N GLN DD 132 34.87 -48.70 30.25
CA GLN DD 132 35.32 -48.83 31.64
C GLN DD 132 35.39 -47.47 32.32
N ILE DD 133 35.80 -46.40 31.61
CA ILE DD 133 35.73 -45.07 32.22
C ILE DD 133 34.30 -44.71 32.56
N TYR DD 134 33.36 -45.10 31.70
CA TYR DD 134 31.95 -44.84 31.98
C TYR DD 134 31.52 -45.53 33.26
N GLU DD 135 31.94 -46.79 33.45
CA GLU DD 135 31.50 -47.49 34.65
C GLU DD 135 32.21 -47.00 35.91
N THR DD 136 33.48 -46.59 35.82
CA THR DD 136 34.07 -45.93 36.99
C THR DD 136 33.37 -44.61 37.30
N SER DD 137 33.03 -43.84 36.27
CA SER DD 137 32.33 -42.59 36.52
C SER DD 137 31.01 -42.83 37.24
N GLU DD 138 30.22 -43.80 36.79
CA GLU DD 138 28.93 -43.94 37.47
C GLU DD 138 29.03 -44.85 38.70
N TYR DD 139 30.18 -45.50 38.93
CA TYR DD 139 30.45 -46.09 40.24
C TYR DD 139 30.75 -45.02 41.27
N ALA DD 140 31.50 -43.99 40.88
CA ALA DD 140 31.67 -42.83 41.74
C ALA DD 140 30.33 -42.11 41.92
N LYS DD 141 29.50 -42.13 40.89
CA LYS DD 141 28.13 -41.64 41.02
C LYS DD 141 27.36 -42.45 42.06
N ALA DD 142 27.50 -43.78 42.04
CA ALA DD 142 26.74 -44.65 42.93
C ALA DD 142 27.35 -44.78 44.31
N ALA DD 143 28.59 -44.34 44.51
CA ALA DD 143 29.24 -44.52 45.79
C ALA DD 143 28.72 -43.51 46.82
N THR DD 144 28.19 -44.05 47.92
CA THR DD 144 27.72 -43.22 49.02
C THR DD 144 28.90 -42.63 49.78
N PRO DD 145 28.78 -41.40 50.29
CA PRO DD 145 29.92 -40.80 51.00
C PRO DD 145 30.15 -41.49 52.33
N GLY DD 146 31.32 -42.07 52.50
CA GLY DD 146 31.62 -42.77 53.73
C GLY DD 146 30.80 -44.03 53.86
N THR DD 147 30.53 -44.39 55.10
CA THR DD 147 29.86 -45.65 55.35
C THR DD 147 28.34 -45.45 55.43
N PRO DD 148 27.59 -46.34 54.81
CA PRO DD 148 26.13 -46.27 54.90
C PRO DD 148 25.67 -46.60 56.31
N PRO DD 149 24.41 -46.32 56.63
CA PRO DD 149 23.89 -46.70 57.95
C PRO DD 149 23.83 -48.20 58.11
N LYS DD 150 23.92 -48.64 59.36
CA LYS DD 150 23.77 -50.04 59.69
C LYS DD 150 22.32 -50.46 59.48
N PRO DD 151 22.03 -51.43 58.63
CA PRO DD 151 20.64 -51.89 58.46
C PRO DD 151 20.21 -52.73 59.65
N THR DD 152 19.35 -52.17 60.50
CA THR DD 152 18.96 -52.81 61.73
C THR DD 152 17.44 -52.96 61.80
N ALA DD 153 17.00 -54.07 62.38
CA ALA DD 153 15.61 -54.30 62.72
C ALA DD 153 15.53 -54.38 64.23
N THR DD 154 15.01 -53.32 64.86
CA THR DD 154 15.01 -53.18 66.30
C THR DD 154 13.60 -53.39 66.85
N SER DD 155 13.50 -53.33 68.18
CA SER DD 155 12.21 -53.42 68.87
C SER DD 155 12.31 -52.59 70.14
N GLN DD 156 11.27 -51.84 70.46
CA GLN DD 156 11.27 -50.96 71.61
C GLN DD 156 9.94 -50.97 72.34
N PHE DD 157 9.96 -50.44 73.56
CA PHE DD 157 8.78 -50.35 74.41
C PHE DD 157 8.26 -48.92 74.38
N VAL DD 158 7.00 -48.76 73.97
CA VAL DD 158 6.37 -47.44 73.93
C VAL DD 158 5.89 -47.10 75.34
N ASN DD 159 6.46 -46.06 75.94
CA ASN DD 159 6.03 -45.59 77.25
C ASN DD 159 5.17 -44.35 77.04
N LEU DD 160 3.91 -44.43 77.46
CA LEU DD 160 2.93 -43.39 77.19
C LEU DD 160 2.65 -42.56 78.45
N SER DD 161 3.35 -42.84 79.54
CA SER DD 161 3.15 -42.02 80.73
C SER DD 161 3.72 -40.62 80.51
N PRO DD 162 3.12 -39.59 81.14
CA PRO DD 162 3.67 -38.24 81.01
C PRO DD 162 5.10 -38.18 81.53
N GLY DD 163 5.92 -37.37 80.87
CA GLY DD 163 7.34 -37.31 81.13
C GLY DD 163 8.16 -38.26 80.31
N SER DD 164 7.51 -39.16 79.56
CA SER DD 164 8.20 -40.12 78.72
C SER DD 164 8.78 -39.44 77.50
N THR DD 165 9.77 -40.08 76.90
CA THR DD 165 10.36 -39.51 75.70
C THR DD 165 9.91 -40.31 74.47
N PRO DD 166 9.50 -39.63 73.39
CA PRO DD 166 8.78 -40.33 72.32
C PRO DD 166 9.75 -41.02 71.38
N PRO DD 167 9.51 -42.30 71.08
CA PRO DD 167 10.53 -43.11 70.40
C PRO DD 167 10.96 -42.55 69.06
N VAL DD 168 12.24 -42.76 68.75
CA VAL DD 168 12.88 -42.33 67.51
C VAL DD 168 12.88 -43.45 66.50
N ILE DD 169 12.69 -43.08 65.24
CA ILE DD 169 12.92 -43.96 64.10
C ILE DD 169 14.09 -43.39 63.31
N ARG DD 170 15.15 -44.18 63.16
CA ARG DD 170 16.30 -43.80 62.36
C ARG DD 170 16.03 -44.17 60.91
N LEU DD 171 16.11 -43.19 60.02
CA LEU DD 171 15.70 -43.35 58.64
C LEU DD 171 16.90 -43.29 57.71
N SER DD 172 16.64 -43.47 56.41
CA SER DD 172 17.64 -43.31 55.37
C SER DD 172 16.96 -42.78 54.12
N GLN DD 173 17.64 -41.88 53.42
CA GLN DD 173 17.08 -41.27 52.22
C GLN DD 173 16.80 -42.30 51.15
N GLY DD 174 15.54 -42.44 50.76
CA GLY DD 174 15.15 -43.42 49.78
C GLY DD 174 15.03 -44.84 50.30
N PHE DD 175 14.96 -45.02 51.61
CA PHE DD 175 14.85 -46.33 52.22
C PHE DD 175 13.56 -46.43 53.03
N VAL DD 176 13.02 -47.64 53.07
CA VAL DD 176 11.71 -47.87 53.67
C VAL DD 176 11.89 -48.39 55.09
N SER DD 177 11.27 -47.70 56.04
CA SER DD 177 11.17 -48.13 57.43
C SER DD 177 9.74 -48.60 57.66
N SER DD 178 9.59 -49.87 58.02
CA SER DD 178 8.27 -50.46 58.25
C SER DD 178 8.05 -50.53 59.76
N LEU DD 179 7.15 -49.69 60.26
CA LEU DD 179 6.84 -49.65 61.68
C LEU DD 179 5.62 -50.51 61.94
N VAL DD 180 5.77 -51.49 62.82
CA VAL DD 180 4.71 -52.44 63.16
C VAL DD 180 4.26 -52.18 64.59
N PHE DD 181 2.95 -52.03 64.77
CA PHE DD 181 2.36 -51.69 66.06
C PHE DD 181 1.86 -52.96 66.72
N LEU DD 182 2.38 -53.26 67.90
CA LEU DD 182 1.98 -54.42 68.69
C LEU DD 182 1.73 -53.98 70.12
N ASP DD 183 0.78 -54.66 70.78
CA ASP DD 183 0.43 -54.31 72.14
C ASP DD 183 1.42 -54.94 73.11
N SER DD 184 1.08 -54.92 74.41
CA SER DD 184 1.95 -55.51 75.41
C SER DD 184 2.12 -57.01 75.22
N THR DD 185 1.03 -57.72 74.88
CA THR DD 185 1.10 -59.16 74.69
C THR DD 185 1.67 -59.53 73.32
N GLY DD 186 2.11 -58.56 72.53
CA GLY DD 186 2.76 -58.85 71.27
C GLY DD 186 1.84 -59.09 70.10
N ALA DD 187 0.55 -58.89 70.26
CA ALA DD 187 -0.42 -59.04 69.20
C ALA DD 187 -0.51 -57.75 68.38
N PRO DD 188 -0.81 -57.86 67.08
CA PRO DD 188 -0.90 -56.68 66.23
C PRO DD 188 -2.00 -55.73 66.69
N TRP DD 189 -1.76 -54.43 66.50
CA TRP DD 189 -2.75 -53.40 66.83
C TRP DD 189 -3.07 -52.66 65.54
N PRO DD 190 -4.26 -52.82 64.97
CA PRO DD 190 -4.60 -52.06 63.75
C PRO DD 190 -4.56 -50.56 63.99
N ILE DD 191 -4.21 -49.82 62.94
CA ILE DD 191 -4.08 -48.36 63.00
C ILE DD 191 -5.45 -47.74 62.79
N ALA DD 192 -5.83 -46.81 63.67
CA ALA DD 192 -7.08 -46.07 63.49
C ALA DD 192 -6.92 -44.92 62.51
N ALA DD 193 -5.80 -44.21 62.56
CA ALA DD 193 -5.52 -43.08 61.67
C ALA DD 193 -4.11 -42.58 61.97
N TYR DD 194 -3.66 -41.61 61.16
CA TYR DD 194 -2.32 -41.05 61.29
C TYR DD 194 -2.26 -39.67 60.64
N ASP DD 195 -1.34 -38.85 61.15
CA ASP DD 195 -0.96 -37.57 60.57
C ASP DD 195 0.56 -37.48 60.53
N LEU DD 196 1.09 -37.15 59.36
CA LEU DD 196 2.53 -37.15 59.13
C LEU DD 196 3.05 -35.72 59.21
N GLY DD 197 4.04 -35.49 60.07
CA GLY DD 197 4.68 -34.19 60.14
C GLY DD 197 5.75 -34.05 59.07
N ASP DD 198 5.78 -32.88 58.42
CA ASP DD 198 6.68 -32.56 57.33
C ASP DD 198 6.51 -33.56 56.21
N PRO DD 199 5.37 -33.56 55.51
CA PRO DD 199 5.03 -34.65 54.59
C PRO DD 199 5.73 -34.59 53.24
N SER DD 200 6.43 -33.52 52.90
CA SER DD 200 7.22 -33.52 51.68
C SER DD 200 8.66 -33.93 51.94
N SER DD 201 9.05 -34.05 53.21
CA SER DD 201 10.36 -34.56 53.58
C SER DD 201 10.30 -36.05 53.90
N PHE DD 202 9.16 -36.57 54.33
CA PHE DD 202 8.94 -37.98 54.57
C PHE DD 202 7.65 -38.36 53.87
N ASN DD 203 7.64 -39.56 53.28
CA ASN DD 203 6.47 -39.99 52.52
C ASN DD 203 6.02 -41.33 53.10
N ILE DD 204 4.74 -41.44 53.41
CA ILE DD 204 4.19 -42.54 54.20
C ILE DD 204 3.21 -43.33 53.35
N GLN DD 205 3.31 -44.65 53.41
CA GLN DD 205 2.37 -45.55 52.78
C GLN DD 205 1.77 -46.50 53.81
N TRP DD 206 0.52 -46.88 53.58
CA TRP DD 206 -0.23 -47.70 54.53
C TRP DD 206 -1.43 -48.26 53.80
N ASP DD 207 -1.57 -49.58 53.76
CA ASP DD 207 -2.82 -50.17 53.33
C ASP DD 207 -3.88 -49.81 54.36
N LYS DD 208 -5.13 -49.69 53.90
CA LYS DD 208 -6.14 -48.93 54.62
C LYS DD 208 -6.50 -49.56 55.97
N THR DD 209 -6.11 -50.81 56.22
CA THR DD 209 -6.60 -51.52 57.40
C THR DD 209 -5.49 -51.94 58.37
N SER DD 210 -4.30 -52.24 57.87
CA SER DD 210 -3.32 -52.99 58.65
C SER DD 210 -2.66 -52.11 59.72
N ASN DD 211 -1.61 -52.67 60.33
CA ASN DD 211 -0.90 -52.04 61.44
C ASN DD 211 0.52 -51.61 61.07
N THR DD 212 0.90 -51.69 59.79
CA THR DD 212 2.25 -51.36 59.38
C THR DD 212 2.27 -50.02 58.65
N LEU DD 213 3.17 -49.15 59.05
CA LEU DD 213 3.36 -47.83 58.44
C LEU DD 213 4.73 -47.81 57.78
N MET DD 214 4.78 -47.68 56.45
CA MET DD 214 6.06 -47.76 55.75
C MET DD 214 6.46 -46.37 55.24
N ILE DD 215 7.62 -45.92 55.69
CA ILE DD 215 8.08 -44.54 55.51
C ILE DD 215 9.30 -44.53 54.61
N GLN DD 216 9.34 -43.60 53.65
CA GLN DD 216 10.57 -43.25 52.96
C GLN DD 216 11.01 -41.88 53.43
N ALA DD 217 12.32 -41.68 53.53
CA ALA DD 217 12.85 -40.37 53.84
C ALA DD 217 13.14 -39.59 52.57
N THR DD 218 12.17 -38.78 52.14
CA THR DD 218 12.35 -37.91 50.98
C THR DD 218 13.46 -36.89 51.19
N LYS DD 219 13.57 -36.31 52.38
CA LYS DD 219 14.70 -35.47 52.74
C LYS DD 219 15.59 -36.24 53.70
N LEU DD 220 16.89 -36.22 53.40
CA LEU DD 220 17.82 -37.20 53.98
C LEU DD 220 18.21 -36.85 55.41
N TYR DD 221 18.22 -35.56 55.77
CA TYR DD 221 18.50 -35.17 57.15
C TYR DD 221 17.52 -34.17 57.75
N ASN DD 222 16.53 -33.70 57.00
CA ASN DD 222 15.47 -32.90 57.62
C ASN DD 222 14.56 -33.82 58.43
N TYR DD 223 14.68 -33.74 59.76
CA TYR DD 223 13.98 -34.64 60.65
C TYR DD 223 12.61 -34.10 61.01
N GLY DD 224 11.77 -34.96 61.56
CA GLY DD 224 10.44 -34.55 61.94
C GLY DD 224 9.78 -35.49 62.93
N ASN DD 225 8.46 -35.41 62.98
CA ASN DD 225 7.65 -36.11 63.96
C ASN DD 225 6.37 -36.59 63.31
N LEU DD 226 5.65 -37.46 64.02
CA LEU DD 226 4.54 -38.19 63.42
C LEU DD 226 3.55 -38.63 64.49
N ALA DD 227 2.27 -38.43 64.22
CA ALA DD 227 1.19 -38.90 65.06
C ALA DD 227 0.52 -40.07 64.39
N VAL DD 228 0.19 -41.10 65.15
CA VAL DD 228 -0.55 -42.24 64.62
C VAL DD 228 -1.47 -42.77 65.72
N ARG DD 229 -2.76 -42.45 65.61
CA ARG DD 229 -3.76 -42.90 66.57
C ARG DD 229 -4.15 -44.32 66.20
N LEU DD 230 -4.28 -45.18 67.20
CA LEU DD 230 -4.52 -46.59 66.96
C LEU DD 230 -5.95 -46.93 67.42
N ARG DD 231 -6.36 -48.18 67.21
CA ARG DD 231 -7.77 -48.54 67.33
C ARG DD 231 -8.31 -48.23 68.71
N GLY DD 232 -7.78 -48.88 69.74
CA GLY DD 232 -8.36 -48.80 71.07
C GLY DD 232 -7.89 -47.68 71.96
N LEU DD 233 -6.69 -47.13 71.73
CA LEU DD 233 -6.20 -46.08 72.60
C LEU DD 233 -6.82 -44.74 72.22
N ASN DD 234 -7.29 -44.02 73.23
CA ASN DD 234 -7.72 -42.64 73.01
C ASN DD 234 -6.53 -41.71 72.82
N THR DD 235 -5.45 -41.92 73.56
CA THR DD 235 -4.24 -41.16 73.35
C THR DD 235 -3.46 -41.78 72.20
N PRO DD 236 -3.12 -41.01 71.16
CA PRO DD 236 -2.46 -41.61 70.00
C PRO DD 236 -1.01 -41.95 70.28
N VAL DD 237 -0.40 -42.66 69.34
CA VAL DD 237 0.99 -43.09 69.42
C VAL DD 237 1.85 -42.01 68.79
N MET DD 238 2.96 -41.69 69.43
CA MET DD 238 3.76 -40.52 69.10
C MET DD 238 5.16 -40.99 68.71
N LEU DD 239 5.62 -40.67 67.50
CA LEU DD 239 6.93 -41.13 67.08
C LEU DD 239 7.69 -40.01 66.38
N THR DD 240 8.93 -39.79 66.79
CA THR DD 240 9.78 -38.82 66.13
C THR DD 240 10.75 -39.55 65.20
N LEU DD 241 10.77 -39.15 63.95
CA LEU DD 241 11.52 -39.85 62.91
C LEU DD 241 12.59 -38.91 62.35
N ILE DD 242 13.84 -39.33 62.44
CA ILE DD 242 14.99 -38.56 62.02
C ILE DD 242 15.75 -39.37 60.97
N PRO DD 243 16.02 -38.83 59.80
CA PRO DD 243 16.72 -39.58 58.75
C PRO DD 243 18.22 -39.33 58.75
N GLY DD 244 18.94 -40.22 58.06
CA GLY DD 244 20.35 -40.04 57.85
C GLY DD 244 21.24 -40.33 59.05
N GLN DD 245 20.81 -41.19 59.96
CA GLN DD 245 21.64 -41.59 61.08
C GLN DD 245 22.60 -42.68 60.64
N LYS DD 246 23.51 -43.05 61.55
CA LYS DD 246 24.43 -44.14 61.30
C LYS DD 246 23.75 -45.51 61.34
N ALA DD 247 22.46 -45.56 61.65
CA ALA DD 247 21.68 -46.77 61.55
C ALA DD 247 20.40 -46.46 60.80
N VAL DD 248 19.92 -47.44 60.04
CA VAL DD 248 18.66 -47.33 59.32
C VAL DD 248 17.75 -48.44 59.83
N ASP DD 249 16.59 -48.05 60.34
CA ASP DD 249 15.63 -48.98 60.91
C ASP DD 249 14.80 -49.55 59.77
N TYR DD 250 15.19 -50.72 59.27
CA TYR DD 250 14.36 -51.40 58.27
C TYR DD 250 13.00 -51.75 58.86
N ARG DD 251 12.96 -52.14 60.12
CA ARG DD 251 11.73 -52.37 60.85
C ARG DD 251 12.00 -52.17 62.33
N VAL DD 252 11.06 -51.52 63.01
CA VAL DD 252 11.12 -51.39 64.46
C VAL DD 252 9.80 -51.87 65.02
N ASP DD 253 9.85 -52.86 65.92
CA ASP DD 253 8.65 -53.44 66.52
C ASP DD 253 8.21 -52.56 67.67
N LEU DD 254 7.09 -51.87 67.50
CA LEU DD 254 6.57 -50.92 68.47
C LEU DD 254 5.65 -51.64 69.44
N ARG DD 255 6.12 -51.78 70.69
CA ARG DD 255 5.40 -52.49 71.75
C ARG DD 255 4.68 -51.46 72.62
N VAL DD 256 3.43 -51.21 72.29
CA VAL DD 256 2.65 -50.20 72.98
C VAL DD 256 2.31 -50.71 74.38
N GLN DD 257 1.86 -49.80 75.24
CA GLN DD 257 1.63 -50.18 76.64
C GLN DD 257 0.30 -50.89 76.81
N GLY DD 258 -0.53 -50.86 75.77
CA GLY DD 258 -1.91 -51.28 75.88
C GLY DD 258 -2.11 -52.76 75.63
N TYR DD 259 -3.36 -53.20 75.71
CA TYR DD 259 -3.76 -54.56 75.36
C TYR DD 259 -4.77 -54.47 74.22
N GLY DD 260 -4.59 -55.32 73.22
CA GLY DD 260 -5.23 -55.14 71.94
C GLY DD 260 -6.64 -55.67 71.79
N PRO DD 261 -7.29 -55.33 70.68
CA PRO DD 261 -8.43 -56.11 70.22
C PRO DD 261 -8.08 -57.55 69.88
N ASN DD 262 -6.78 -57.83 69.72
CA ASN DD 262 -6.25 -59.19 69.69
C ASN DD 262 -5.38 -59.34 70.93
N ALA DD 263 -5.65 -60.39 71.70
CA ALA DD 263 -4.91 -60.62 72.94
C ALA DD 263 -4.53 -62.08 73.10
N GLN ED 791 39.41 -5.55 42.57
CA GLN ED 791 38.40 -4.93 43.42
C GLN ED 791 37.00 -5.35 42.97
N GLN ED 792 36.89 -5.85 41.73
CA GLN ED 792 35.63 -6.38 41.23
C GLN ED 792 35.23 -7.69 41.90
N GLU ED 793 36.21 -8.41 42.45
CA GLU ED 793 35.95 -9.73 43.01
C GLU ED 793 34.94 -9.68 44.15
N ILE ED 794 35.01 -8.66 45.00
CA ILE ED 794 34.15 -8.65 46.18
C ILE ED 794 32.69 -8.45 45.81
N GLN ED 795 32.39 -7.53 44.88
CA GLN ED 795 30.99 -7.33 44.54
C GLN ED 795 30.45 -8.44 43.64
N GLN ED 796 31.28 -9.03 42.76
CA GLN ED 796 30.76 -10.20 42.05
C GLN ED 796 30.49 -11.33 43.03
N ARG ED 797 31.35 -11.46 44.05
CA ARG ED 797 31.12 -12.46 45.09
C ARG ED 797 29.80 -12.18 45.81
N THR ED 798 29.57 -10.94 46.21
CA THR ED 798 28.34 -10.64 46.93
C THR ED 798 27.13 -10.98 46.08
N SER ED 799 27.19 -10.66 44.78
CA SER ED 799 26.05 -10.97 43.92
C SER ED 799 25.77 -12.47 43.84
N ASP ED 800 26.81 -13.29 43.63
CA ASP ED 800 26.51 -14.72 43.46
C ASP ED 800 26.10 -15.36 44.77
N MET ED 801 26.79 -15.04 45.87
CA MET ED 801 26.36 -15.60 47.14
C MET ED 801 24.97 -15.11 47.54
N LEU ED 802 24.58 -13.89 47.13
CA LEU ED 802 23.24 -13.43 47.49
C LEU ED 802 22.18 -14.13 46.65
N THR ED 803 22.49 -14.39 45.37
CA THR ED 803 21.54 -15.17 44.57
C THR ED 803 21.38 -16.56 45.14
N ALA ED 804 22.45 -17.13 45.70
CA ALA ED 804 22.28 -18.39 46.43
C ALA ED 804 21.44 -18.20 47.70
N ALA ED 805 21.77 -17.19 48.49
CA ALA ED 805 21.16 -17.01 49.80
C ALA ED 805 19.66 -16.78 49.70
N THR ED 806 19.22 -16.03 48.69
CA THR ED 806 17.78 -15.87 48.48
C THR ED 806 17.11 -17.22 48.27
N GLN ED 807 17.75 -18.10 47.49
CA GLN ED 807 17.22 -19.45 47.32
C GLN ED 807 17.15 -20.19 48.65
N LEU ED 808 18.19 -20.10 49.47
CA LEU ED 808 18.16 -20.82 50.75
C LEU ED 808 17.08 -20.29 51.68
N VAL ED 809 16.93 -18.96 51.76
CA VAL ED 809 15.93 -18.42 52.67
C VAL ED 809 14.54 -18.81 52.20
N GLN ED 810 14.31 -18.81 50.89
CA GLN ED 810 13.04 -19.31 50.39
C GLN ED 810 12.88 -20.79 50.74
N ASP ED 811 13.97 -21.56 50.67
CA ASP ED 811 13.93 -22.97 51.00
C ASP ED 811 13.58 -23.21 52.46
N TRP ED 812 13.88 -22.26 53.35
CA TRP ED 812 13.47 -22.45 54.74
C TRP ED 812 12.10 -21.86 55.03
N LYS ED 813 11.69 -20.81 54.33
CA LYS ED 813 10.40 -20.20 54.61
C LYS ED 813 9.23 -21.14 54.35
N GLN ED 814 9.43 -22.21 53.58
CA GLN ED 814 8.36 -23.14 53.30
C GLN ED 814 7.94 -23.90 54.55
N VAL ED 815 6.64 -24.11 54.70
CA VAL ED 815 6.08 -24.95 55.76
C VAL ED 815 5.08 -25.88 55.11
N GLU ED 816 5.38 -27.16 55.06
CA GLU ED 816 4.53 -28.12 54.36
C GLU ED 816 3.47 -28.64 55.33
N THR ED 817 2.21 -28.31 55.05
CA THR ED 817 1.11 -28.64 55.95
C THR ED 817 0.95 -30.14 56.08
N GLN ED 818 0.61 -30.59 57.28
CA GLN ED 818 0.50 -32.02 57.52
C GLN ED 818 -0.76 -32.57 56.85
N VAL ED 819 -0.78 -33.89 56.69
CA VAL ED 819 -1.92 -34.58 56.11
C VAL ED 819 -2.59 -35.40 57.20
N TYR ED 820 -3.91 -35.55 57.07
CA TYR ED 820 -4.69 -36.43 57.93
C TYR ED 820 -5.25 -37.54 57.06
N THR ED 821 -4.93 -38.78 57.42
CA THR ED 821 -5.46 -39.96 56.76
C THR ED 821 -6.31 -40.71 57.78
N GLU ED 822 -7.58 -40.94 57.43
CA GLU ED 822 -8.49 -41.65 58.31
C GLU ED 822 -8.25 -43.14 58.21
N GLY ED 823 -8.91 -43.90 59.08
CA GLY ED 823 -8.88 -45.34 58.98
C GLY ED 823 -10.10 -45.90 58.29
N THR ED 824 -10.11 -47.22 58.15
CA THR ED 824 -11.21 -47.92 57.51
C THR ED 824 -12.29 -48.29 58.52
N ASP FD 766 52.87 37.51 46.10
CA ASP FD 766 53.47 37.42 44.79
C ASP FD 766 52.83 36.32 43.91
N ALA FD 767 53.52 35.99 42.81
CA ALA FD 767 53.01 34.98 41.89
C ALA FD 767 52.77 33.66 42.59
N ALA FD 768 53.79 33.19 43.33
CA ALA FD 768 53.63 31.97 44.10
C ALA FD 768 52.47 32.05 45.08
N SER FD 769 52.35 33.17 45.80
CA SER FD 769 51.27 33.27 46.79
C SER FD 769 49.90 33.19 46.14
N SER FD 770 49.73 33.84 44.98
CA SER FD 770 48.47 33.70 44.25
C SER FD 770 48.23 32.26 43.86
N ALA FD 771 49.29 31.55 43.43
CA ALA FD 771 49.14 30.14 43.08
C ALA FD 771 48.72 29.31 44.29
N GLU FD 772 49.29 29.58 45.46
CA GLU FD 772 48.86 28.90 46.68
C GLU FD 772 47.40 29.20 47.01
N GLN FD 773 46.95 30.43 46.78
CA GLN FD 773 45.53 30.70 47.00
C GLN FD 773 44.67 29.89 46.02
N LEU FD 774 45.13 29.75 44.78
CA LEU FD 774 44.41 28.90 43.83
C LEU FD 774 44.36 27.46 44.30
N GLN FD 775 45.47 26.92 44.81
CA GLN FD 775 45.42 25.52 45.24
C GLN FD 775 44.59 25.39 46.52
N ALA FD 776 44.48 26.45 47.31
CA ALA FD 776 43.55 26.43 48.44
C ALA FD 776 42.11 26.30 47.95
N ILE FD 777 41.75 27.06 46.92
CA ILE FD 777 40.43 26.89 46.30
C ILE FD 777 40.27 25.48 45.76
N LEU FD 778 41.32 24.95 45.14
CA LEU FD 778 41.29 23.57 44.67
C LEU FD 778 41.02 22.60 45.82
N GLN FD 779 41.69 22.81 46.96
CA GLN FD 779 41.53 21.92 48.11
C GLN FD 779 40.12 21.96 48.65
N LYS FD 780 39.55 23.16 48.81
CA LYS FD 780 38.16 23.23 49.27
C LYS FD 780 37.23 22.57 48.26
N GLN FD 781 37.60 22.61 46.96
CA GLN FD 781 36.75 21.98 45.96
C GLN FD 781 36.77 20.45 46.10
N ASN FD 782 37.95 19.85 46.27
CA ASN FD 782 37.91 18.39 46.36
C ASN FD 782 37.40 17.96 47.73
N GLU FD 783 37.46 18.84 48.73
CA GLU FD 783 36.75 18.56 49.97
C GLU FD 783 35.24 18.53 49.74
N GLN FD 784 34.75 19.45 48.91
CA GLN FD 784 33.35 19.41 48.49
C GLN FD 784 33.03 18.10 47.78
N LEU FD 785 33.92 17.65 46.89
CA LEU FD 785 33.69 16.36 46.24
C LEU FD 785 33.74 15.23 47.25
N ALA FD 786 34.61 15.31 48.25
CA ALA FD 786 34.67 14.28 49.28
C ALA FD 786 33.37 14.19 50.05
N GLU FD 787 32.76 15.33 50.34
CA GLU FD 787 31.40 15.32 50.86
C GLU FD 787 30.45 14.65 49.88
N GLN FD 788 30.63 14.93 48.58
CA GLN FD 788 29.73 14.39 47.57
C GLN FD 788 29.79 12.87 47.47
N LYS FD 789 30.98 12.26 47.46
CA LYS FD 789 31.02 10.80 47.34
C LYS FD 789 30.48 10.14 48.60
N TYR FD 790 30.49 10.85 49.72
CA TYR FD 790 29.85 10.30 50.91
C TYR FD 790 28.33 10.43 50.83
N GLN FD 791 27.84 11.28 49.94
CA GLN FD 791 26.44 11.67 49.93
C GLN FD 791 25.57 10.84 49.00
N GLN FD 792 25.97 9.61 48.66
CA GLN FD 792 25.09 8.72 47.92
C GLN FD 792 24.91 7.36 48.55
N GLU FD 793 25.92 6.78 49.21
CA GLU FD 793 25.72 5.49 49.85
C GLU FD 793 24.68 5.57 50.94
N ILE FD 794 24.54 6.74 51.57
CA ILE FD 794 23.44 6.95 52.50
C ILE FD 794 22.11 6.76 51.80
N GLN FD 795 21.93 7.41 50.64
CA GLN FD 795 20.68 7.33 49.92
C GLN FD 795 20.46 5.92 49.34
N GLN FD 796 21.54 5.23 48.97
CA GLN FD 796 21.38 3.87 48.49
C GLN FD 796 20.93 2.94 49.61
N ARG FD 797 21.56 3.04 50.79
CA ARG FD 797 21.13 2.18 51.87
C ARG FD 797 19.71 2.55 52.29
N THR FD 798 19.33 3.81 52.11
CA THR FD 798 17.93 4.15 52.36
C THR FD 798 17.01 3.50 51.34
N SER FD 799 17.39 3.46 50.07
CA SER FD 799 16.50 2.75 49.16
C SER FD 799 16.32 1.29 49.63
N ASP FD 800 17.41 0.64 50.04
CA ASP FD 800 17.29 -0.75 50.48
C ASP FD 800 16.45 -0.89 51.76
N MET FD 801 16.77 -0.10 52.80
CA MET FD 801 15.97 -0.11 54.03
C MET FD 801 14.50 0.17 53.77
N LEU FD 802 14.18 1.07 52.83
CA LEU FD 802 12.77 1.42 52.69
C LEU FD 802 12.00 0.34 51.94
N THR FD 803 12.61 -0.26 50.91
CA THR FD 803 11.94 -1.43 50.32
C THR FD 803 11.78 -2.54 51.34
N ALA FD 804 12.75 -2.70 52.24
CA ALA FD 804 12.57 -3.69 53.30
C ALA FD 804 11.43 -3.29 54.25
N ALA FD 805 11.44 -2.03 54.70
CA ALA FD 805 10.52 -1.57 55.73
C ALA FD 805 9.09 -1.61 55.25
N THR FD 806 8.84 -1.22 53.99
CA THR FD 806 7.50 -1.30 53.45
C THR FD 806 6.99 -2.73 53.44
N GLN FD 807 7.84 -3.68 53.04
CA GLN FD 807 7.39 -5.07 53.02
C GLN FD 807 7.13 -5.57 54.43
N LEU FD 808 8.00 -5.23 55.40
CA LEU FD 808 7.69 -5.58 56.78
C LEU FD 808 6.32 -5.03 57.16
N VAL FD 809 6.16 -3.70 57.08
CA VAL FD 809 4.94 -3.09 57.63
C VAL FD 809 3.71 -3.71 56.99
N GLN FD 810 3.77 -4.04 55.69
CA GLN FD 810 2.59 -4.65 55.09
C GLN FD 810 2.37 -6.06 55.62
N ASP FD 811 3.44 -6.79 55.98
CA ASP FD 811 3.19 -8.02 56.73
C ASP FD 811 2.60 -7.75 58.11
N TRP FD 812 2.82 -6.56 58.70
CA TRP FD 812 2.17 -6.37 59.99
C TRP FD 812 0.73 -5.87 59.87
N LYS FD 813 0.32 -5.32 58.71
CA LYS FD 813 -1.10 -5.01 58.55
C LYS FD 813 -2.00 -6.21 58.72
N GLN FD 814 -1.64 -7.36 58.16
CA GLN FD 814 -2.60 -8.44 57.97
C GLN FD 814 -3.16 -8.94 59.29
N VAL FD 815 -4.44 -9.31 59.27
CA VAL FD 815 -5.11 -9.96 60.38
C VAL FD 815 -5.93 -11.11 59.82
N GLU FD 816 -5.44 -12.33 59.99
CA GLU FD 816 -6.12 -13.51 59.45
C GLU FD 816 -7.39 -13.77 60.25
N THR FD 817 -8.47 -14.06 59.54
CA THR FD 817 -9.75 -14.35 60.18
C THR FD 817 -9.72 -15.68 60.91
N GLN FD 818 -10.11 -15.65 62.18
CA GLN FD 818 -10.21 -16.89 62.94
C GLN FD 818 -11.31 -17.78 62.36
N VAL FD 819 -11.06 -19.09 62.40
CA VAL FD 819 -11.95 -20.05 61.78
C VAL FD 819 -12.65 -20.88 62.85
N TYR FD 820 -13.93 -21.13 62.62
CA TYR FD 820 -14.79 -21.86 63.55
C TYR FD 820 -15.20 -23.16 62.87
N THR FD 821 -14.98 -24.28 63.55
CA THR FD 821 -15.24 -25.61 62.99
C THR FD 821 -16.34 -26.28 63.81
N GLU FD 822 -17.53 -26.36 63.24
CA GLU FD 822 -18.66 -27.01 63.89
C GLU FD 822 -18.47 -28.52 63.85
N GLY FD 823 -18.43 -29.15 65.02
CA GLY FD 823 -18.26 -30.59 65.08
C GLY FD 823 -19.49 -31.35 64.62
N THR FD 824 -19.28 -32.62 64.29
CA THR FD 824 -20.36 -33.48 63.85
C THR FD 824 -21.28 -33.85 65.00
N GLN GD 791 15.74 25.12 50.82
CA GLN GD 791 14.40 25.63 50.56
C GLN GD 791 13.52 24.58 49.89
N GLN GD 792 14.14 23.75 49.04
CA GLN GD 792 13.41 22.69 48.36
C GLN GD 792 13.13 21.50 49.26
N GLU GD 793 14.02 21.23 50.22
CA GLU GD 793 13.73 20.18 51.20
C GLU GD 793 12.39 20.44 51.87
N ILE GD 794 12.01 21.70 52.02
CA ILE GD 794 10.73 22.03 52.62
C ILE GD 794 9.56 21.53 51.78
N GLN GD 795 9.57 21.80 50.47
CA GLN GD 795 8.35 21.44 49.74
C GLN GD 795 8.33 19.94 49.49
N GLN GD 796 9.50 19.29 49.45
CA GLN GD 796 9.48 17.83 49.40
C GLN GD 796 8.92 17.26 50.70
N ARG GD 797 9.34 17.85 51.84
CA ARG GD 797 8.71 17.54 53.11
C ARG GD 797 7.20 17.62 53.00
N THR GD 798 6.68 18.78 52.60
CA THR GD 798 5.22 18.98 52.52
C THR GD 798 4.55 18.00 51.56
N SER GD 799 5.24 17.66 50.46
CA SER GD 799 4.71 16.66 49.56
C SER GD 799 4.50 15.33 50.27
N ASP GD 800 5.47 14.92 51.08
CA ASP GD 800 5.32 13.61 51.70
C ASP GD 800 4.29 13.70 52.84
N MET GD 801 4.25 14.86 53.52
CA MET GD 801 3.13 15.13 54.43
C MET GD 801 1.77 14.92 53.77
N LEU GD 802 1.54 15.47 52.59
CA LEU GD 802 0.20 15.34 52.04
C LEU GD 802 -0.03 13.93 51.52
N THR GD 803 1.01 13.31 50.95
CA THR GD 803 0.85 11.92 50.51
C THR GD 803 0.75 10.97 51.69
N ALA GD 804 0.81 11.49 52.92
CA ALA GD 804 0.31 10.71 54.04
C ALA GD 804 -1.07 11.19 54.50
N ALA GD 805 -1.26 12.51 54.56
CA ALA GD 805 -2.45 13.09 55.16
C ALA GD 805 -3.70 12.75 54.36
N THR GD 806 -3.61 12.67 53.04
CA THR GD 806 -4.79 12.32 52.25
C THR GD 806 -5.29 10.91 52.56
N GLN GD 807 -4.38 9.94 52.72
CA GLN GD 807 -4.86 8.63 53.12
C GLN GD 807 -5.32 8.57 54.58
N LEU GD 808 -4.73 9.35 55.49
CA LEU GD 808 -5.38 9.45 56.80
C LEU GD 808 -6.81 9.97 56.68
N VAL GD 809 -7.02 11.07 55.95
CA VAL GD 809 -8.37 11.63 55.90
C VAL GD 809 -9.32 10.64 55.25
N GLN GD 810 -8.87 9.91 54.22
CA GLN GD 810 -9.78 8.96 53.60
C GLN GD 810 -10.10 7.80 54.53
N ASP GD 811 -9.16 7.38 55.39
CA ASP GD 811 -9.57 6.31 56.30
C ASP GD 811 -10.48 6.86 57.39
N TRP GD 812 -10.38 8.16 57.71
CA TRP GD 812 -11.34 8.66 58.70
C TRP GD 812 -12.75 8.89 58.14
N LYS GD 813 -12.93 9.19 56.85
CA LYS GD 813 -14.35 9.22 56.45
C LYS GD 813 -14.99 7.83 56.45
N GLN GD 814 -14.20 6.76 56.58
CA GLN GD 814 -14.74 5.42 56.49
C GLN GD 814 -15.46 5.05 57.79
N VAL GD 815 -16.78 4.86 57.69
CA VAL GD 815 -17.59 4.37 58.80
C VAL GD 815 -18.36 3.16 58.28
N GLU GD 816 -18.09 1.99 58.87
CA GLU GD 816 -18.60 0.74 58.32
C GLU GD 816 -19.91 0.37 59.03
N THR GD 817 -20.91 0.00 58.25
CA THR GD 817 -22.22 -0.28 58.80
C THR GD 817 -22.21 -1.55 59.64
N GLN GD 818 -22.89 -1.48 60.77
CA GLN GD 818 -23.13 -2.62 61.64
C GLN GD 818 -23.69 -3.81 60.86
N VAL GD 819 -23.37 -5.01 61.34
CA VAL GD 819 -23.88 -6.26 60.78
C VAL GD 819 -24.85 -6.88 61.76
N TYR GD 820 -25.80 -7.64 61.24
CA TYR GD 820 -26.85 -8.27 62.04
C TYR GD 820 -26.84 -9.78 61.81
N THR GD 821 -26.98 -10.53 62.89
CA THR GD 821 -27.08 -11.99 62.84
C THR GD 821 -28.26 -12.38 63.71
N GLU GD 822 -29.28 -12.96 63.09
CA GLU GD 822 -30.48 -13.37 63.81
C GLU GD 822 -30.43 -14.87 64.07
N GLY GD 823 -30.82 -15.27 65.28
CA GLY GD 823 -30.60 -16.63 65.72
C GLY GD 823 -31.54 -17.63 65.08
N THR GD 824 -31.17 -18.89 65.20
CA THR GD 824 -31.98 -20.00 64.70
C THR GD 824 -33.24 -20.17 65.55
N ILE HD 777 22.44 46.38 41.90
CA ILE HD 777 22.12 46.02 40.52
C ILE HD 777 21.46 44.65 40.49
N LEU HD 778 22.25 43.60 40.79
CA LEU HD 778 21.68 42.28 40.97
C LEU HD 778 20.69 42.27 42.11
N GLN HD 779 21.05 42.93 43.22
CA GLN HD 779 20.14 43.06 44.36
C GLN HD 779 18.86 43.76 43.92
N LYS HD 780 18.98 44.81 43.11
CA LYS HD 780 17.81 45.54 42.65
C LYS HD 780 16.88 44.61 41.88
N GLN HD 781 17.44 43.78 40.99
CA GLN HD 781 16.59 42.97 40.14
C GLN HD 781 15.92 41.84 40.92
N ASN HD 782 16.62 41.19 41.86
CA ASN HD 782 15.91 40.11 42.55
C ASN HD 782 14.91 40.68 43.55
N GLU HD 783 15.16 41.89 44.07
CA GLU HD 783 14.11 42.56 44.84
C GLU HD 783 12.88 42.82 43.97
N GLN HD 784 13.09 43.23 42.72
CA GLN HD 784 11.94 43.45 41.84
C GLN HD 784 11.20 42.15 41.53
N LEU HD 785 11.94 41.06 41.33
CA LEU HD 785 11.27 39.77 41.11
C LEU HD 785 10.48 39.35 42.34
N ALA HD 786 11.04 39.58 43.53
CA ALA HD 786 10.29 39.29 44.75
C ALA HD 786 9.04 40.17 44.85
N GLU HD 787 9.14 41.44 44.46
CA GLU HD 787 8.00 42.33 44.49
C GLU HD 787 6.90 41.84 43.54
N GLN HD 788 7.30 41.41 42.34
CA GLN HD 788 6.31 40.89 41.39
C GLN HD 788 5.74 39.56 41.86
N LYS HD 789 6.51 38.81 42.65
CA LYS HD 789 6.08 37.50 43.12
C LYS HD 789 4.83 37.63 44.00
N TYR HD 790 4.75 38.68 44.81
CA TYR HD 790 3.75 38.78 45.86
C TYR HD 790 2.40 39.28 45.32
N GLN HD 791 1.95 38.62 44.24
CA GLN HD 791 0.62 38.87 43.69
C GLN HD 791 -0.10 37.60 43.28
N GLN HD 792 0.64 36.51 43.02
CA GLN HD 792 0.00 35.30 42.52
C GLN HD 792 -0.29 34.29 43.62
N GLU HD 793 0.33 34.44 44.80
CA GLU HD 793 -0.01 33.55 45.89
C GLU HD 793 -1.49 33.66 46.27
N ILE HD 794 -2.04 34.87 46.23
CA ILE HD 794 -3.46 35.04 46.53
C ILE HD 794 -4.31 34.27 45.53
N GLN HD 795 -3.96 34.33 44.24
CA GLN HD 795 -4.81 33.67 43.25
C GLN HD 795 -4.68 32.16 43.30
N GLN HD 796 -3.50 31.63 43.66
CA GLN HD 796 -3.42 30.18 43.78
C GLN HD 796 -4.16 29.69 45.01
N ARG HD 797 -4.09 30.42 46.12
CA ARG HD 797 -4.94 30.07 47.26
C ARG HD 797 -6.41 30.21 46.89
N THR HD 798 -6.74 31.17 46.03
CA THR HD 798 -8.12 31.31 45.55
C THR HD 798 -8.57 30.08 44.79
N SER HD 799 -7.72 29.58 43.88
CA SER HD 799 -8.08 28.38 43.13
C SER HD 799 -8.27 27.17 44.05
N ASP HD 800 -7.36 27.02 45.02
CA ASP HD 800 -7.52 25.94 45.99
C ASP HD 800 -8.86 26.12 46.72
N MET HD 801 -9.27 27.37 46.92
CA MET HD 801 -10.54 27.60 47.57
C MET HD 801 -11.70 27.24 46.65
N LEU HD 802 -11.57 27.44 45.34
CA LEU HD 802 -12.64 26.90 44.48
C LEU HD 802 -12.78 25.40 44.69
N THR HD 803 -11.66 24.67 44.64
CA THR HD 803 -11.74 23.22 44.86
C THR HD 803 -12.39 22.88 46.19
N ALA HD 804 -12.15 23.67 47.24
CA ALA HD 804 -12.73 23.35 48.54
C ALA HD 804 -14.21 23.76 48.65
N ALA HD 805 -14.51 25.01 48.27
CA ALA HD 805 -15.84 25.58 48.50
C ALA HD 805 -16.90 24.91 47.64
N THR HD 806 -16.60 24.63 46.37
CA THR HD 806 -17.61 23.91 45.58
C THR HD 806 -17.89 22.54 46.17
N GLN HD 807 -16.86 21.86 46.67
CA GLN HD 807 -17.08 20.53 47.24
C GLN HD 807 -17.96 20.62 48.48
N LEU HD 808 -17.72 21.63 49.32
CA LEU HD 808 -18.60 21.82 50.48
C LEU HD 808 -20.04 22.07 50.06
N VAL HD 809 -20.25 22.99 49.11
CA VAL HD 809 -21.62 23.36 48.76
C VAL HD 809 -22.34 22.19 48.10
N GLN HD 810 -21.61 21.38 47.32
CA GLN HD 810 -22.20 20.16 46.80
C GLN HD 810 -22.57 19.18 47.90
N ASP HD 811 -21.71 19.02 48.91
CA ASP HD 811 -22.10 18.23 50.08
C ASP HD 811 -23.41 18.75 50.67
N TRP HD 812 -23.55 20.07 50.70
CA TRP HD 812 -24.61 20.73 51.44
C TRP HD 812 -25.95 20.68 50.71
N LYS HD 813 -25.95 20.80 49.38
CA LYS HD 813 -27.19 20.71 48.63
C LYS HD 813 -27.77 19.30 48.63
N GLN HD 814 -26.98 18.29 49.01
CA GLN HD 814 -27.48 16.93 49.08
C GLN HD 814 -28.51 16.79 50.18
N VAL HD 815 -29.69 16.32 49.81
CA VAL HD 815 -30.72 15.90 50.75
C VAL HD 815 -31.06 14.46 50.40
N GLU HD 816 -31.19 13.61 51.43
CA GLU HD 816 -31.39 12.19 51.19
C GLU HD 816 -32.77 11.81 51.72
N THR HD 817 -33.55 11.12 50.89
CA THR HD 817 -34.97 10.91 51.17
C THR HD 817 -35.17 10.03 52.39
N GLN HD 818 -36.15 10.39 53.21
CA GLN HD 818 -36.49 9.62 54.40
C GLN HD 818 -37.05 8.25 53.99
N VAL HD 819 -36.67 7.23 54.76
CA VAL HD 819 -37.01 5.85 54.44
C VAL HD 819 -37.99 5.31 55.47
N TYR HD 820 -38.98 4.56 54.99
CA TYR HD 820 -40.04 4.01 55.82
C TYR HD 820 -40.01 2.49 55.72
N THR HD 821 -40.20 1.81 56.85
CA THR HD 821 -40.29 0.35 56.89
C THR HD 821 -41.58 -0.04 57.58
N GLU HD 822 -42.39 -0.86 56.91
CA GLU HD 822 -43.67 -1.30 57.44
C GLU HD 822 -43.54 -2.62 58.18
N GLY HD 823 -44.03 -2.64 59.42
CA GLY HD 823 -43.88 -3.80 60.27
C GLY HD 823 -44.62 -5.02 59.77
N THR HD 824 -44.17 -6.17 60.25
CA THR HD 824 -44.76 -7.45 59.88
C THR HD 824 -46.12 -7.63 60.53
N ALA ID 776 -0.78 66.93 20.96
CA ALA ID 776 -1.94 67.27 21.77
C ALA ID 776 -2.90 66.09 21.90
N ILE ID 777 -3.87 66.02 21.00
CA ILE ID 777 -4.94 65.02 21.11
C ILE ID 777 -4.37 63.61 20.96
N LEU ID 778 -3.11 63.51 20.54
CA LEU ID 778 -2.44 62.21 20.50
C LEU ID 778 -2.48 61.53 21.86
N GLN ID 779 -2.15 62.26 22.93
CA GLN ID 779 -2.10 61.65 24.24
C GLN ID 779 -3.50 61.38 24.79
N LYS ID 780 -4.49 62.17 24.37
CA LYS ID 780 -5.87 61.81 24.73
C LYS ID 780 -6.28 60.49 24.08
N GLN ID 781 -6.00 60.30 22.79
CA GLN ID 781 -6.29 59.00 22.18
C GLN ID 781 -5.50 57.89 22.87
N ASN ID 782 -4.28 58.23 23.30
CA ASN ID 782 -3.46 57.32 24.09
C ASN ID 782 -4.22 56.85 25.33
N GLU ID 783 -4.75 57.79 26.10
CA GLU ID 783 -5.42 57.39 27.33
C GLU ID 783 -6.80 56.78 27.05
N GLN ID 784 -7.39 57.06 25.88
CA GLN ID 784 -8.61 56.33 25.52
C GLN ID 784 -8.33 54.85 25.32
N LEU ID 785 -7.29 54.51 24.56
CA LEU ID 785 -7.04 53.09 24.34
C LEU ID 785 -6.48 52.45 25.61
N ALA ID 786 -5.78 53.24 26.44
CA ALA ID 786 -5.38 52.74 27.76
C ALA ID 786 -6.60 52.42 28.62
N GLU ID 787 -7.61 53.31 28.58
CA GLU ID 787 -8.84 53.07 29.32
C GLU ID 787 -9.57 51.85 28.80
N GLN ID 788 -9.59 51.68 27.47
CA GLN ID 788 -10.18 50.48 26.90
C GLN ID 788 -9.44 49.24 27.38
N LYS ID 789 -8.11 49.32 27.45
CA LYS ID 789 -7.30 48.14 27.74
C LYS ID 789 -7.14 47.87 29.24
N TYR ID 790 -7.59 48.78 30.12
CA TYR ID 790 -7.74 48.40 31.51
C TYR ID 790 -9.17 47.98 31.86
N GLN ID 791 -10.05 47.92 30.86
CA GLN ID 791 -11.51 47.84 31.08
C GLN ID 791 -12.09 46.44 30.90
N GLN ID 792 -11.41 45.36 31.31
CA GLN ID 792 -11.95 44.02 31.12
C GLN ID 792 -12.55 43.38 32.36
N GLU ID 793 -12.31 43.92 33.56
CA GLU ID 793 -12.97 43.39 34.75
C GLU ID 793 -14.48 43.39 34.57
N ILE ID 794 -15.02 44.44 33.95
CA ILE ID 794 -16.44 44.52 33.64
C ILE ID 794 -16.87 43.28 32.87
N GLN ID 795 -16.23 43.01 31.74
CA GLN ID 795 -16.67 41.93 30.86
C GLN ID 795 -16.48 40.57 31.51
N GLN ID 796 -15.40 40.39 32.28
CA GLN ID 796 -15.20 39.08 32.89
C GLN ID 796 -16.29 38.78 33.90
N ARG ID 797 -16.64 39.73 34.77
CA ARG ID 797 -17.66 39.38 35.74
C ARG ID 797 -19.03 39.34 35.06
N THR ID 798 -19.18 40.15 34.01
CA THR ID 798 -20.32 40.01 33.11
C THR ID 798 -20.52 38.56 32.69
N SER ID 799 -19.56 38.00 31.95
CA SER ID 799 -19.68 36.64 31.47
C SER ID 799 -19.96 35.67 32.62
N ASP ID 800 -19.25 35.85 33.74
CA ASP ID 800 -19.49 35.03 34.91
C ASP ID 800 -20.98 35.03 35.26
N MET ID 801 -21.59 36.22 35.36
CA MET ID 801 -22.89 36.18 36.00
C MET ID 801 -23.96 35.91 34.96
N LEU ID 802 -23.66 36.04 33.66
CA LEU ID 802 -24.54 35.37 32.69
C LEU ID 802 -24.59 33.88 32.93
N THR ID 803 -23.42 33.23 33.06
CA THR ID 803 -23.46 31.79 33.27
C THR ID 803 -24.25 31.44 34.53
N ALA ID 804 -24.09 32.22 35.60
CA ALA ID 804 -24.90 31.98 36.79
C ALA ID 804 -26.39 32.29 36.53
N ALA ID 805 -26.66 33.39 35.83
CA ALA ID 805 -28.01 33.90 35.70
C ALA ID 805 -28.90 32.98 34.89
N THR ID 806 -28.39 32.43 33.78
CA THR ID 806 -29.23 31.55 32.97
C THR ID 806 -29.61 30.30 33.75
N GLN ID 807 -28.71 29.82 34.62
CA GLN ID 807 -29.10 28.71 35.49
C GLN ID 807 -30.17 29.14 36.49
N LEU ID 808 -30.08 30.37 37.00
CA LEU ID 808 -31.19 30.88 37.82
C LEU ID 808 -32.50 30.95 37.02
N VAL ID 809 -32.43 31.41 35.78
CA VAL ID 809 -33.63 31.47 34.95
C VAL ID 809 -34.23 30.08 34.81
N GLN ID 810 -33.39 29.10 34.48
CA GLN ID 810 -33.90 27.76 34.28
C GLN ID 810 -34.56 27.24 35.55
N ASP ID 811 -33.91 27.39 36.71
CA ASP ID 811 -34.49 26.74 37.89
C ASP ID 811 -35.61 27.56 38.52
N TRP ID 812 -35.88 28.79 38.04
CA TRP ID 812 -37.21 29.29 38.37
C TRP ID 812 -38.26 28.92 37.32
N LYS ID 813 -37.85 28.71 36.07
CA LYS ID 813 -38.79 28.24 35.06
C LYS ID 813 -39.30 26.84 35.37
N GLN ID 814 -38.59 26.09 36.20
CA GLN ID 814 -38.99 24.73 36.53
C GLN ID 814 -40.27 24.75 37.35
N VAL ID 815 -41.18 23.84 37.03
CA VAL ID 815 -42.42 23.64 37.79
C VAL ID 815 -42.59 22.14 37.99
N GLU ID 816 -42.66 21.72 39.25
CA GLU ID 816 -42.79 20.31 39.59
C GLU ID 816 -44.26 19.95 39.72
N THR ID 817 -44.71 18.99 38.91
CA THR ID 817 -46.15 18.73 38.80
C THR ID 817 -46.65 17.94 40.01
N GLN ID 818 -47.88 18.24 40.41
CA GLN ID 818 -48.51 17.63 41.56
C GLN ID 818 -48.71 16.13 41.37
N VAL ID 819 -48.75 15.40 42.49
CA VAL ID 819 -48.87 13.95 42.47
C VAL ID 819 -50.04 13.53 43.35
N TYR ID 820 -50.79 12.55 42.87
CA TYR ID 820 -51.94 12.00 43.58
C TYR ID 820 -51.59 10.63 44.12
N THR ID 821 -51.92 10.39 45.39
CA THR ID 821 -51.85 9.07 45.98
C THR ID 821 -53.26 8.69 46.44
N GLU ID 822 -53.87 7.75 45.74
CA GLU ID 822 -55.20 7.29 46.11
C GLU ID 822 -55.08 6.17 47.14
N GLY ID 823 -55.71 6.35 48.29
CA GLY ID 823 -55.59 5.40 49.37
C GLY ID 823 -56.16 4.04 49.00
N THR ID 824 -55.64 3.02 49.68
CA THR ID 824 -56.04 1.64 49.45
C THR ID 824 -57.52 1.42 49.75
N ALA JD 767 6.80 77.24 8.11
CA ALA JD 767 7.16 76.48 9.29
C ALA JD 767 6.07 76.57 10.35
N ALA JD 768 4.92 77.10 9.97
CA ALA JD 768 3.79 77.28 10.88
C ALA JD 768 2.54 76.62 10.32
N SER JD 769 2.73 75.48 9.65
CA SER JD 769 1.62 74.75 9.06
C SER JD 769 1.71 73.24 9.26
N SER JD 770 2.58 72.77 10.15
CA SER JD 770 2.88 71.35 10.26
C SER JD 770 2.19 70.67 11.43
N ALA JD 771 1.61 71.43 12.36
CA ALA JD 771 0.96 70.83 13.51
C ALA JD 771 -0.56 70.82 13.40
N GLU JD 772 -1.15 71.92 12.93
CA GLU JD 772 -2.60 72.06 12.97
C GLU JD 772 -3.29 70.99 12.15
N GLN JD 773 -2.78 70.69 10.94
CA GLN JD 773 -3.45 69.69 10.11
C GLN JD 773 -3.33 68.30 10.73
N LEU JD 774 -2.23 68.00 11.41
CA LEU JD 774 -2.12 66.65 11.96
C LEU JD 774 -2.97 66.50 13.23
N GLN JD 775 -3.09 67.56 14.03
CA GLN JD 775 -4.10 67.52 15.11
C GLN JD 775 -5.48 67.31 14.52
N ALA JD 776 -5.79 68.06 13.44
CA ALA JD 776 -7.07 67.87 12.78
C ALA JD 776 -7.28 66.42 12.39
N ILE JD 777 -6.33 65.82 11.68
CA ILE JD 777 -6.56 64.51 11.11
C ILE JD 777 -6.63 63.43 12.18
N LEU JD 778 -5.85 63.57 13.27
CA LEU JD 778 -5.98 62.56 14.31
C LEU JD 778 -7.32 62.73 15.04
N GLN JD 779 -7.82 63.95 15.14
CA GLN JD 779 -9.14 64.10 15.76
C GLN JD 779 -10.25 63.58 14.83
N LYS JD 780 -10.09 63.72 13.49
CA LYS JD 780 -10.93 62.98 12.57
C LYS JD 780 -10.90 61.47 12.81
N GLN JD 781 -9.71 60.87 12.92
CA GLN JD 781 -9.73 59.42 13.07
C GLN JD 781 -10.40 59.04 14.39
N ASN JD 782 -10.20 59.85 15.44
CA ASN JD 782 -10.93 59.61 16.68
C ASN JD 782 -12.44 59.63 16.47
N GLU JD 783 -12.97 60.67 15.81
CA GLU JD 783 -14.43 60.76 15.79
C GLU JD 783 -15.00 59.67 14.90
N GLN JD 784 -14.29 59.31 13.83
CA GLN JD 784 -14.82 58.28 12.94
C GLN JD 784 -14.80 56.92 13.61
N LEU JD 785 -13.78 56.63 14.41
CA LEU JD 785 -13.79 55.35 15.11
C LEU JD 785 -14.87 55.32 16.19
N ALA JD 786 -15.12 56.46 16.85
CA ALA JD 786 -16.22 56.50 17.80
C ALA JD 786 -17.56 56.23 17.11
N GLU JD 787 -17.77 56.87 15.96
CA GLU JD 787 -18.97 56.61 15.16
C GLU JD 787 -19.04 55.14 14.76
N GLN JD 788 -17.91 54.56 14.39
CA GLN JD 788 -17.89 53.19 13.93
C GLN JD 788 -18.32 52.23 15.05
N LYS JD 789 -17.79 52.44 16.27
CA LYS JD 789 -18.23 51.60 17.40
C LYS JD 789 -19.70 51.80 17.70
N TYR JD 790 -20.17 53.04 17.80
CA TYR JD 790 -21.59 53.24 18.02
C TYR JD 790 -22.42 52.45 17.00
N GLN JD 791 -22.01 52.53 15.74
CA GLN JD 791 -22.69 51.83 14.67
C GLN JD 791 -22.75 50.32 14.88
N GLN JD 792 -21.64 49.63 15.15
CA GLN JD 792 -21.83 48.18 15.09
C GLN JD 792 -22.31 47.64 16.43
N GLU JD 793 -22.23 48.39 17.54
CA GLU JD 793 -22.95 47.91 18.72
C GLU JD 793 -24.45 48.00 18.50
N ILE JD 794 -24.93 49.00 17.74
CA ILE JD 794 -26.33 48.94 17.35
C ILE JD 794 -26.67 47.57 16.76
N GLN JD 795 -25.93 47.15 15.74
CA GLN JD 795 -26.24 45.92 15.03
C GLN JD 795 -25.99 44.69 15.90
N GLN JD 796 -24.99 44.76 16.78
CA GLN JD 796 -24.70 43.61 17.64
C GLN JD 796 -25.85 43.35 18.60
N ARG JD 797 -26.32 44.39 19.32
CA ARG JD 797 -27.43 44.12 20.22
C ARG JD 797 -28.67 43.77 19.42
N THR JD 798 -28.78 44.32 18.20
CA THR JD 798 -29.84 43.93 17.29
C THR JD 798 -29.83 42.43 17.05
N SER JD 799 -28.63 41.84 16.89
CA SER JD 799 -28.58 40.38 16.73
C SER JD 799 -29.00 39.65 18.00
N ASP JD 800 -28.50 40.06 19.18
CA ASP JD 800 -28.92 39.36 20.40
C ASP JD 800 -30.44 39.36 20.53
N MET JD 801 -31.10 40.45 20.17
CA MET JD 801 -32.51 40.46 20.47
C MET JD 801 -33.41 40.32 19.22
N LEU JD 802 -32.81 40.05 18.04
CA LEU JD 802 -33.48 39.10 17.12
C LEU JD 802 -33.55 37.71 17.74
N THR JD 803 -32.44 37.26 18.33
CA THR JD 803 -32.47 35.95 18.98
C THR JD 803 -33.56 35.90 20.03
N ALA JD 804 -33.74 36.99 20.78
CA ALA JD 804 -34.87 37.09 21.70
C ALA JD 804 -36.22 37.08 20.96
N ALA JD 805 -36.38 37.95 19.94
CA ALA JD 805 -37.67 38.12 19.27
C ALA JD 805 -38.18 36.82 18.66
N THR JD 806 -37.30 36.07 18.01
CA THR JD 806 -37.73 34.83 17.36
C THR JD 806 -38.26 33.83 18.38
N GLN JD 807 -37.55 33.66 19.49
CA GLN JD 807 -38.01 32.72 20.51
C GLN JD 807 -39.36 33.17 21.06
N LEU JD 808 -39.53 34.47 21.26
CA LEU JD 808 -40.83 34.95 21.73
C LEU JD 808 -41.94 34.61 20.74
N VAL JD 809 -41.71 34.83 19.45
CA VAL JD 809 -42.81 34.62 18.50
C VAL JD 809 -43.14 33.13 18.40
N GLN JD 810 -42.12 32.26 18.47
CA GLN JD 810 -42.43 30.83 18.55
C GLN JD 810 -43.25 30.50 19.79
N ASP JD 811 -42.97 31.17 20.92
CA ASP JD 811 -43.80 30.94 22.10
C ASP JD 811 -45.25 31.34 21.87
N TRP JD 812 -45.48 32.52 21.30
CA TRP JD 812 -46.84 32.97 20.99
C TRP JD 812 -47.57 32.08 20.00
N LYS JD 813 -46.92 31.60 18.94
CA LYS JD 813 -47.67 30.78 17.99
C LYS JD 813 -48.11 29.44 18.57
N GLN JD 814 -47.55 29.03 19.69
CA GLN JD 814 -47.93 27.77 20.32
C GLN JD 814 -49.33 27.85 20.91
N VAL JD 815 -50.11 26.79 20.69
CA VAL JD 815 -51.41 26.61 21.33
C VAL JD 815 -51.57 25.14 21.68
N GLU JD 816 -51.72 24.85 22.97
CA GLU JD 816 -51.86 23.47 23.42
C GLU JD 816 -53.32 23.04 23.28
N THR JD 817 -53.54 21.91 22.63
CA THR JD 817 -54.89 21.39 22.42
C THR JD 817 -55.54 21.01 23.74
N GLN JD 818 -56.81 21.38 23.88
CA GLN JD 818 -57.57 21.02 25.07
C GLN JD 818 -57.72 19.51 25.15
N VAL JD 819 -58.03 19.01 26.35
CA VAL JD 819 -58.04 17.58 26.63
C VAL JD 819 -59.33 17.19 27.33
N TYR JD 820 -59.94 16.11 26.86
CA TYR JD 820 -61.15 15.54 27.45
C TYR JD 820 -60.75 14.48 28.44
N THR JD 821 -61.51 14.35 29.52
CA THR JD 821 -61.25 13.36 30.56
C THR JD 821 -62.60 12.77 30.97
N GLU JD 822 -63.01 11.68 30.30
CA GLU JD 822 -64.35 11.12 30.46
C GLU JD 822 -64.49 10.33 31.76
N GLY JD 823 -65.62 10.54 32.44
CA GLY JD 823 -65.84 9.91 33.72
C GLY JD 823 -66.17 8.43 33.61
N THR JD 824 -66.00 7.74 34.74
CA THR JD 824 -66.35 6.32 34.84
C THR JD 824 -67.84 6.14 35.13
N GLN KD 791 -27.48 51.83 -2.16
CA GLN KD 791 -28.38 51.21 -3.13
C GLN KD 791 -28.43 49.70 -2.92
N GLN KD 792 -27.50 49.17 -2.13
CA GLN KD 792 -27.52 47.77 -1.75
C GLN KD 792 -28.70 47.45 -0.85
N GLU KD 793 -29.14 48.44 -0.06
CA GLU KD 793 -30.32 48.25 0.76
C GLU KD 793 -31.51 47.82 -0.08
N ILE KD 794 -31.59 48.27 -1.33
CA ILE KD 794 -32.67 47.87 -2.21
C ILE KD 794 -32.77 46.35 -2.27
N GLN KD 795 -31.72 45.69 -2.73
CA GLN KD 795 -31.79 44.25 -2.88
C GLN KD 795 -31.85 43.54 -1.53
N GLN KD 796 -31.28 44.11 -0.46
CA GLN KD 796 -31.35 43.34 0.78
C GLN KD 796 -32.77 43.35 1.37
N ARG KD 797 -33.45 44.50 1.28
CA ARG KD 797 -34.84 44.55 1.76
C ARG KD 797 -35.74 43.70 0.86
N THR KD 798 -35.50 43.74 -0.45
CA THR KD 798 -36.28 42.88 -1.32
C THR KD 798 -36.06 41.41 -0.98
N SER KD 799 -34.82 40.99 -0.73
CA SER KD 799 -34.59 39.59 -0.40
C SER KD 799 -35.31 39.20 0.88
N ASP KD 800 -35.23 40.01 1.94
CA ASP KD 800 -35.81 39.58 3.19
C ASP KD 800 -37.34 39.55 3.12
N MET KD 801 -37.96 40.56 2.50
CA MET KD 801 -39.42 40.52 2.42
C MET KD 801 -39.88 39.59 1.30
N LEU KD 802 -38.96 39.13 0.45
CA LEU KD 802 -39.23 37.99 -0.41
C LEU KD 802 -39.36 36.70 0.39
N THR KD 803 -38.36 36.43 1.24
CA THR KD 803 -38.44 35.25 2.10
C THR KD 803 -39.68 35.29 2.97
N ALA KD 804 -40.16 36.50 3.30
CA ALA KD 804 -41.46 36.59 3.94
C ALA KD 804 -42.59 36.25 2.98
N ALA KD 805 -42.73 37.01 1.89
CA ALA KD 805 -43.94 36.91 1.08
C ALA KD 805 -44.14 35.50 0.54
N THR KD 806 -43.04 34.77 0.28
CA THR KD 806 -43.18 33.40 -0.19
C THR KD 806 -43.85 32.52 0.85
N GLN KD 807 -43.46 32.63 2.12
CA GLN KD 807 -44.12 31.79 3.11
C GLN KD 807 -45.54 32.26 3.38
N LEU KD 808 -45.81 33.56 3.31
CA LEU KD 808 -47.20 33.99 3.42
C LEU KD 808 -48.07 33.40 2.31
N VAL KD 809 -47.62 33.44 1.06
CA VAL KD 809 -48.45 32.86 0.01
C VAL KD 809 -48.59 31.35 0.22
N GLN KD 810 -47.52 30.70 0.72
CA GLN KD 810 -47.62 29.27 0.98
C GLN KD 810 -48.67 28.97 2.04
N ASP KD 811 -48.76 29.80 3.09
CA ASP KD 811 -49.86 29.65 4.04
C ASP KD 811 -51.21 29.86 3.36
N TRP KD 812 -51.29 30.82 2.44
CA TRP KD 812 -52.57 31.09 1.79
C TRP KD 812 -53.05 29.92 0.93
N LYS KD 813 -52.14 29.22 0.23
CA LYS KD 813 -52.60 28.07 -0.54
C LYS KD 813 -53.04 26.91 0.35
N GLN KD 814 -52.68 26.93 1.63
CA GLN KD 814 -52.97 25.80 2.52
C GLN KD 814 -54.48 25.60 2.64
N VAL KD 815 -54.92 24.36 2.47
CA VAL KD 815 -56.33 24.00 2.56
C VAL KD 815 -56.41 22.72 3.39
N GLU KD 816 -56.91 22.83 4.62
CA GLU KD 816 -57.05 21.65 5.47
C GLU KD 816 -58.49 21.16 5.39
N THR KD 817 -58.65 19.93 4.90
CA THR KD 817 -59.99 19.44 4.56
C THR KD 817 -60.84 19.23 5.80
N GLN KD 818 -62.15 19.41 5.62
CA GLN KD 818 -63.14 19.11 6.64
C GLN KD 818 -63.06 17.64 7.05
N VAL KD 819 -63.45 17.37 8.30
CA VAL KD 819 -63.51 16.02 8.83
C VAL KD 819 -64.90 15.76 9.40
N TYR KD 820 -65.51 14.67 8.95
CA TYR KD 820 -66.86 14.29 9.34
C TYR KD 820 -66.75 13.32 10.51
N THR KD 821 -67.42 13.64 11.61
CA THR KD 821 -67.39 12.83 12.83
C THR KD 821 -68.74 12.12 12.98
N GLU KD 822 -68.69 10.80 13.16
CA GLU KD 822 -69.90 10.02 13.37
C GLU KD 822 -70.02 9.62 14.83
N GLY KD 823 -71.22 9.79 15.39
CA GLY KD 823 -71.45 9.44 16.78
C GLY KD 823 -72.02 8.05 16.93
N THR KD 824 -72.13 7.61 18.18
CA THR KD 824 -72.68 6.30 18.49
C THR KD 824 -74.19 6.27 18.25
N GLN LD 791 -29.91 46.14 -21.07
CA GLN LD 791 -30.19 45.20 -22.15
C GLN LD 791 -30.31 43.78 -21.59
N GLN LD 792 -29.69 43.54 -20.44
CA GLN LD 792 -29.76 42.25 -19.77
C GLN LD 792 -31.09 42.04 -19.05
N GLU LD 793 -31.77 43.14 -18.71
CA GLU LD 793 -33.00 43.03 -17.94
C GLU LD 793 -34.06 42.21 -18.67
N ILE LD 794 -34.18 42.39 -19.98
CA ILE LD 794 -35.21 41.68 -20.73
C ILE LD 794 -34.96 40.18 -20.68
N GLN LD 795 -33.70 39.74 -20.85
CA GLN LD 795 -33.46 38.30 -20.82
C GLN LD 795 -33.58 37.71 -19.41
N GLN LD 796 -33.18 38.46 -18.38
CA GLN LD 796 -33.35 37.88 -17.04
C GLN LD 796 -34.83 37.73 -16.70
N ARG LD 797 -35.64 38.74 -17.00
CA ARG LD 797 -37.06 38.60 -16.70
C ARG LD 797 -37.69 37.57 -17.64
N THR LD 798 -37.11 37.41 -18.83
CA THR LD 798 -37.47 36.30 -19.70
C THR LD 798 -37.30 34.98 -18.97
N SER LD 799 -36.14 34.75 -18.36
CA SER LD 799 -35.98 33.47 -17.66
C SER LD 799 -37.00 33.34 -16.52
N ASP LD 800 -37.22 34.41 -15.75
CA ASP LD 800 -38.11 34.28 -14.59
C ASP LD 800 -39.55 33.94 -15.01
N MET LD 801 -40.14 34.69 -15.93
CA MET LD 801 -41.53 34.35 -16.19
C MET LD 801 -41.69 33.32 -17.32
N LEU LD 802 -40.59 32.84 -17.92
CA LEU LD 802 -40.68 31.50 -18.52
C LEU LD 802 -40.84 30.42 -17.46
N THR LD 803 -40.02 30.45 -16.40
CA THR LD 803 -40.19 29.44 -15.37
C THR LD 803 -41.55 29.56 -14.70
N ALA LD 804 -42.12 30.77 -14.68
CA ALA LD 804 -43.49 30.93 -14.18
C ALA LD 804 -44.54 30.44 -15.18
N ALA LD 805 -44.32 30.70 -16.47
CA ALA LD 805 -45.28 30.29 -17.49
C ALA LD 805 -45.38 28.78 -17.58
N THR LD 806 -44.24 28.08 -17.43
CA THR LD 806 -44.29 26.62 -17.40
C THR LD 806 -45.12 26.12 -16.23
N GLN LD 807 -44.93 26.73 -15.06
CA GLN LD 807 -45.80 26.50 -13.91
C GLN LD 807 -47.27 26.57 -14.33
N LEU LD 808 -47.67 27.69 -14.93
CA LEU LD 808 -49.09 27.88 -15.26
C LEU LD 808 -49.58 26.83 -16.26
N VAL LD 809 -48.80 26.55 -17.30
CA VAL LD 809 -49.30 25.63 -18.32
C VAL LD 809 -49.41 24.23 -17.76
N GLN LD 810 -48.48 23.82 -16.89
CA GLN LD 810 -48.59 22.46 -16.36
C GLN LD 810 -49.74 22.37 -15.37
N ASP LD 811 -50.10 23.48 -14.70
CA ASP LD 811 -51.37 23.44 -13.98
C ASP LD 811 -52.53 23.23 -14.93
N TRP LD 812 -52.50 23.91 -16.08
CA TRP LD 812 -53.63 23.77 -17.01
C TRP LD 812 -53.76 22.37 -17.58
N LYS LD 813 -52.64 21.72 -17.89
CA LYS LD 813 -52.72 20.37 -18.43
C LYS LD 813 -53.28 19.37 -17.43
N GLN LD 814 -53.23 19.70 -16.13
CA GLN LD 814 -53.73 18.80 -15.11
C GLN LD 814 -55.25 18.70 -15.16
N VAL LD 815 -55.74 17.47 -15.24
CA VAL LD 815 -57.18 17.18 -15.11
C VAL LD 815 -57.32 15.91 -14.28
N GLU LD 816 -58.06 15.99 -13.18
CA GLU LD 816 -58.13 14.90 -12.22
C GLU LD 816 -59.35 14.04 -12.51
N THR LD 817 -59.20 12.73 -12.36
CA THR LD 817 -60.29 11.79 -12.59
C THR LD 817 -61.40 11.99 -11.56
N GLN LD 818 -62.64 11.73 -11.97
CA GLN LD 818 -63.77 11.90 -11.08
C GLN LD 818 -63.86 10.73 -10.10
N VAL LD 819 -64.61 10.94 -9.02
CA VAL LD 819 -64.78 9.94 -7.97
C VAL LD 819 -66.25 9.61 -7.82
N TYR LD 820 -66.53 8.34 -7.48
CA TYR LD 820 -67.89 7.85 -7.30
C TYR LD 820 -67.99 7.25 -5.90
N THR LD 821 -69.04 7.61 -5.18
CA THR LD 821 -69.40 6.94 -3.93
C THR LD 821 -70.82 6.42 -4.07
N GLU LD 822 -70.97 5.09 -4.02
CA GLU LD 822 -72.28 4.47 -4.17
C GLU LD 822 -73.06 4.58 -2.88
N GLY LD 823 -74.24 3.96 -2.85
CA GLY LD 823 -75.04 3.97 -1.64
C GLY LD 823 -75.10 2.61 -0.97
N THR LD 824 -75.62 2.61 0.25
CA THR LD 824 -75.76 1.38 1.02
C THR LD 824 -77.07 0.67 0.68
N GLN MD 779 -14.26 46.68 -47.07
CA GLN MD 779 -15.60 46.87 -46.52
C GLN MD 779 -16.50 45.66 -46.77
N LYS MD 780 -16.06 44.76 -47.64
CA LYS MD 780 -16.74 43.48 -47.80
C LYS MD 780 -16.62 42.64 -46.52
N GLN MD 781 -15.52 42.82 -45.77
CA GLN MD 781 -15.39 42.11 -44.50
C GLN MD 781 -16.50 42.44 -43.51
N ASN MD 782 -16.85 43.73 -43.34
CA ASN MD 782 -17.84 44.06 -42.31
C ASN MD 782 -19.21 43.57 -42.70
N GLU MD 783 -19.53 43.60 -43.99
CA GLU MD 783 -20.76 42.95 -44.43
C GLU MD 783 -20.71 41.45 -44.17
N GLN MD 784 -19.53 40.85 -44.31
CA GLN MD 784 -19.41 39.41 -44.03
C GLN MD 784 -19.68 39.09 -42.56
N LEU MD 785 -19.09 39.85 -41.62
CA LEU MD 785 -19.37 39.49 -40.22
C LEU MD 785 -20.70 40.05 -39.76
N ALA MD 786 -21.28 41.00 -40.49
CA ALA MD 786 -22.68 41.34 -40.23
C ALA MD 786 -23.58 40.18 -40.61
N GLU MD 787 -23.31 39.55 -41.75
CA GLU MD 787 -23.96 38.30 -42.12
C GLU MD 787 -23.76 37.27 -41.02
N GLN MD 788 -22.54 37.19 -40.48
CA GLN MD 788 -22.26 36.29 -39.37
C GLN MD 788 -23.12 36.59 -38.15
N LYS MD 789 -23.28 37.87 -37.82
CA LYS MD 789 -23.97 38.24 -36.58
C LYS MD 789 -25.45 37.90 -36.64
N TYR MD 790 -26.13 38.30 -37.70
CA TYR MD 790 -27.55 37.98 -37.86
C TYR MD 790 -27.70 36.71 -38.71
N GLN MD 791 -27.10 35.63 -38.21
CA GLN MD 791 -27.25 34.33 -38.85
C GLN MD 791 -27.61 33.25 -37.83
N GLN MD 792 -27.09 33.35 -36.62
CA GLN MD 792 -27.32 32.32 -35.61
C GLN MD 792 -28.79 32.20 -35.23
N GLU MD 793 -29.57 33.24 -35.51
CA GLU MD 793 -30.96 33.24 -35.07
C GLU MD 793 -31.75 32.12 -35.72
N ILE MD 794 -31.54 31.90 -37.02
CA ILE MD 794 -32.37 30.92 -37.71
C ILE MD 794 -32.17 29.54 -37.12
N GLN MD 795 -30.92 29.17 -36.82
CA GLN MD 795 -30.70 27.82 -36.29
C GLN MD 795 -31.02 27.70 -34.81
N GLN MD 796 -30.92 28.76 -33.98
CA GLN MD 796 -31.33 28.45 -32.60
C GLN MD 796 -32.85 28.38 -32.54
N ARG MD 797 -33.52 29.27 -33.29
CA ARG MD 797 -34.96 29.13 -33.46
C ARG MD 797 -35.29 27.76 -34.04
N THR MD 798 -34.42 27.27 -34.93
CA THR MD 798 -34.64 25.96 -35.55
C THR MD 798 -34.60 24.85 -34.51
N SER MD 799 -33.56 24.81 -33.68
CA SER MD 799 -33.50 23.81 -32.63
C SER MD 799 -34.74 23.89 -31.74
N ASP MD 800 -35.19 25.11 -31.41
CA ASP MD 800 -36.38 25.25 -30.58
C ASP MD 800 -37.59 24.60 -31.25
N MET MD 801 -37.81 24.90 -32.53
CA MET MD 801 -38.99 24.35 -33.20
C MET MD 801 -38.91 22.83 -33.33
N LEU MD 802 -37.69 22.26 -33.49
CA LEU MD 802 -37.63 20.79 -33.49
C LEU MD 802 -38.01 20.21 -32.13
N THR MD 803 -37.44 20.74 -31.04
CA THR MD 803 -37.85 20.24 -29.74
C THR MD 803 -39.35 20.35 -29.55
N ALA MD 804 -39.97 21.37 -30.13
CA ALA MD 804 -41.42 21.40 -30.11
C ALA MD 804 -42.02 20.29 -30.97
N ALA MD 805 -41.59 20.18 -32.22
CA ALA MD 805 -42.33 19.43 -33.23
C ALA MD 805 -42.25 17.93 -33.02
N THR MD 806 -41.07 17.41 -32.67
CA THR MD 806 -40.98 15.97 -32.41
C THR MD 806 -41.84 15.58 -31.22
N GLN MD 807 -41.83 16.42 -30.18
CA GLN MD 807 -42.71 16.26 -29.04
C GLN MD 807 -44.16 16.17 -29.48
N LEU MD 808 -44.58 17.11 -30.32
CA LEU MD 808 -45.92 17.01 -30.89
C LEU MD 808 -46.11 15.66 -31.55
N VAL MD 809 -45.31 15.35 -32.57
CA VAL MD 809 -45.64 14.23 -33.45
C VAL MD 809 -45.71 12.93 -32.65
N GLN MD 810 -45.01 12.84 -31.51
CA GLN MD 810 -45.22 11.61 -30.75
C GLN MD 810 -46.54 11.66 -29.98
N ASP MD 811 -46.99 12.86 -29.55
CA ASP MD 811 -48.35 12.89 -29.00
C ASP MD 811 -49.40 12.55 -30.06
N TRP MD 812 -49.02 12.68 -31.32
CA TRP MD 812 -49.82 12.24 -32.46
C TRP MD 812 -49.78 10.74 -32.73
N LYS MD 813 -48.61 10.10 -32.66
CA LYS MD 813 -48.53 8.70 -33.09
C LYS MD 813 -49.29 7.76 -32.16
N GLN MD 814 -49.71 8.21 -30.99
CA GLN MD 814 -50.40 7.35 -30.05
C GLN MD 814 -51.80 6.97 -30.54
N VAL MD 815 -52.28 5.82 -30.08
CA VAL MD 815 -53.68 5.43 -30.19
C VAL MD 815 -54.07 4.75 -28.89
N GLU MD 816 -55.05 5.29 -28.19
CA GLU MD 816 -55.47 4.70 -26.94
C GLU MD 816 -56.39 3.52 -27.23
N THR MD 817 -55.99 2.34 -26.77
CA THR MD 817 -56.81 1.16 -26.96
C THR MD 817 -58.18 1.35 -26.31
N GLN MD 818 -59.22 1.04 -27.07
CA GLN MD 818 -60.57 1.26 -26.58
C GLN MD 818 -60.96 0.18 -25.58
N VAL MD 819 -61.79 0.58 -24.63
CA VAL MD 819 -62.07 -0.26 -23.46
C VAL MD 819 -63.50 -0.78 -23.52
N TYR MD 820 -63.63 -2.10 -23.47
CA TYR MD 820 -64.92 -2.77 -23.41
C TYR MD 820 -65.24 -3.00 -21.95
N THR MD 821 -66.39 -2.50 -21.50
CA THR MD 821 -66.89 -2.72 -20.16
C THR MD 821 -68.16 -3.56 -20.25
N GLU MD 822 -68.06 -4.84 -19.88
CA GLU MD 822 -69.21 -5.72 -19.88
C GLU MD 822 -70.00 -5.53 -18.59
N GLY MD 823 -71.31 -5.34 -18.71
CA GLY MD 823 -72.13 -5.06 -17.55
C GLY MD 823 -72.36 -6.29 -16.70
N THR MD 824 -72.95 -6.06 -15.53
CA THR MD 824 -73.26 -7.13 -14.59
C THR MD 824 -74.47 -7.95 -15.06
N GLN ND 791 -20.33 22.31 -50.14
CA GLN ND 791 -20.21 20.96 -50.68
C GLN ND 791 -20.47 19.94 -49.57
N GLN ND 792 -20.51 20.41 -48.33
CA GLN ND 792 -20.80 19.56 -47.19
C GLN ND 792 -22.30 19.28 -47.02
N GLU ND 793 -23.14 20.14 -47.57
CA GLU ND 793 -24.58 19.98 -47.43
C GLU ND 793 -25.06 18.66 -48.01
N ILE ND 794 -24.50 18.26 -49.14
CA ILE ND 794 -24.86 16.98 -49.76
C ILE ND 794 -24.60 15.82 -48.81
N GLN ND 795 -23.41 15.73 -48.21
CA GLN ND 795 -23.15 14.58 -47.34
C GLN ND 795 -23.95 14.65 -46.05
N GLN ND 796 -24.11 15.83 -45.45
CA GLN ND 796 -24.91 15.85 -44.22
C GLN ND 796 -26.36 15.44 -44.51
N ARG ND 797 -26.91 15.86 -45.65
CA ARG ND 797 -28.30 15.52 -45.90
C ARG ND 797 -28.44 14.05 -46.31
N THR ND 798 -27.44 13.52 -47.03
CA THR ND 798 -27.46 12.09 -47.30
C THR ND 798 -27.48 11.30 -46.01
N SER ND 799 -26.69 11.73 -45.01
CA SER ND 799 -26.76 11.04 -43.73
C SER ND 799 -28.14 11.14 -43.10
N ASP ND 800 -28.74 12.33 -43.09
CA ASP ND 800 -30.04 12.44 -42.42
C ASP ND 800 -31.07 11.48 -43.03
N MET ND 801 -31.25 11.49 -44.35
CA MET ND 801 -32.29 10.57 -44.81
C MET ND 801 -31.76 9.18 -45.17
N LEU ND 802 -30.48 8.88 -44.93
CA LEU ND 802 -30.18 7.45 -44.89
C LEU ND 802 -30.65 6.87 -43.57
N THR ND 803 -30.41 7.60 -42.47
CA THR ND 803 -31.03 7.19 -41.21
C THR ND 803 -32.54 7.16 -41.32
N ALA ND 804 -33.13 8.07 -42.09
CA ALA ND 804 -34.57 7.97 -42.31
C ALA ND 804 -34.93 6.70 -43.09
N ALA ND 805 -34.31 6.48 -44.25
CA ALA ND 805 -34.71 5.40 -45.14
C ALA ND 805 -34.56 4.04 -44.47
N THR ND 806 -33.53 3.87 -43.64
CA THR ND 806 -33.39 2.60 -42.93
C THR ND 806 -34.64 2.28 -42.12
N GLN ND 807 -35.15 3.25 -41.36
CA GLN ND 807 -36.29 2.93 -40.51
C GLN ND 807 -37.59 2.89 -41.31
N LEU ND 808 -37.69 3.62 -42.41
CA LEU ND 808 -38.85 3.41 -43.29
C LEU ND 808 -38.87 1.96 -43.79
N VAL ND 809 -37.71 1.46 -44.23
CA VAL ND 809 -37.64 0.06 -44.66
C VAL ND 809 -38.01 -0.87 -43.50
N GLN ND 810 -37.58 -0.53 -42.28
CA GLN ND 810 -37.88 -1.41 -41.16
C GLN ND 810 -39.39 -1.44 -40.86
N ASP ND 811 -40.07 -0.29 -40.95
CA ASP ND 811 -41.53 -0.29 -40.85
C ASP ND 811 -42.17 -1.10 -41.97
N TRP ND 812 -41.50 -1.18 -43.12
CA TRP ND 812 -42.00 -1.97 -44.24
C TRP ND 812 -41.81 -3.46 -44.06
N LYS ND 813 -40.68 -3.87 -43.46
CA LYS ND 813 -40.39 -5.29 -43.35
C LYS ND 813 -41.26 -6.01 -42.33
N GLN ND 814 -41.83 -5.28 -41.37
CA GLN ND 814 -42.62 -5.93 -40.33
C GLN ND 814 -43.91 -6.49 -40.91
N VAL ND 815 -44.28 -7.67 -40.45
CA VAL ND 815 -45.59 -8.26 -40.71
C VAL ND 815 -46.10 -8.83 -39.40
N GLU ND 816 -47.22 -8.31 -38.93
CA GLU ND 816 -47.73 -8.71 -37.62
C GLU ND 816 -48.74 -9.84 -37.83
N THR ND 817 -48.50 -10.96 -37.16
CA THR ND 817 -49.29 -12.16 -37.38
C THR ND 817 -50.73 -11.98 -36.92
N GLN ND 818 -51.66 -12.55 -37.68
CA GLN ND 818 -53.07 -12.54 -37.33
C GLN ND 818 -53.29 -13.26 -36.00
N VAL ND 819 -54.48 -13.12 -35.45
CA VAL ND 819 -54.82 -13.78 -34.20
C VAL ND 819 -56.08 -14.61 -34.40
N TYR ND 820 -56.22 -15.65 -33.58
CA TYR ND 820 -57.39 -16.51 -33.55
C TYR ND 820 -58.06 -16.38 -32.19
N THR ND 821 -59.28 -15.87 -32.19
CA THR ND 821 -60.16 -15.87 -31.02
C THR ND 821 -61.27 -16.86 -31.30
N GLU ND 822 -61.46 -17.83 -30.41
CA GLU ND 822 -62.33 -18.97 -30.67
C GLU ND 822 -63.58 -18.86 -29.81
N GLY ND 823 -64.73 -19.14 -30.42
CA GLY ND 823 -65.99 -18.75 -29.83
C GLY ND 823 -66.58 -19.79 -28.89
N THR ND 824 -67.10 -19.30 -27.77
CA THR ND 824 -67.66 -20.14 -26.72
C THR ND 824 -68.77 -21.05 -27.25
N GLN OD 791 -9.93 7.32 -57.07
CA GLN OD 791 -9.80 5.90 -57.35
C GLN OD 791 -10.18 5.06 -56.13
N GLN OD 792 -10.44 5.73 -55.01
CA GLN OD 792 -10.90 5.02 -53.81
C GLN OD 792 -12.37 4.64 -53.90
N GLU OD 793 -13.10 5.21 -54.87
CA GLU OD 793 -14.53 4.96 -54.97
C GLU OD 793 -14.84 3.49 -55.21
N ILE OD 794 -14.07 2.83 -56.07
CA ILE OD 794 -14.37 1.45 -56.41
C ILE OD 794 -14.27 0.55 -55.19
N GLN OD 795 -13.17 0.64 -54.44
CA GLN OD 795 -13.01 -0.19 -53.25
C GLN OD 795 -14.01 0.16 -52.17
N GLN OD 796 -14.31 1.45 -51.99
CA GLN OD 796 -15.33 1.80 -51.00
C GLN OD 796 -16.68 1.17 -51.36
N ARG OD 797 -17.09 1.30 -52.62
CA ARG OD 797 -18.42 0.82 -52.94
C ARG OD 797 -18.42 -0.70 -52.94
N THR OD 798 -17.31 -1.33 -53.31
CA THR OD 798 -17.24 -2.78 -53.22
C THR OD 798 -17.35 -3.26 -51.78
N SER OD 799 -16.77 -2.51 -50.83
CA SER OD 799 -16.95 -2.92 -49.43
C SER OD 799 -18.42 -2.87 -49.04
N ASP OD 800 -19.13 -1.80 -49.44
CA ASP OD 800 -20.57 -1.78 -49.21
C ASP OD 800 -21.26 -3.00 -49.85
N MET OD 801 -20.79 -3.38 -51.04
CA MET OD 801 -21.28 -4.57 -51.71
C MET OD 801 -21.01 -5.86 -50.93
N LEU OD 802 -19.82 -6.00 -50.34
CA LEU OD 802 -19.62 -7.20 -49.54
C LEU OD 802 -20.60 -7.24 -48.39
N THR OD 803 -20.73 -6.13 -47.65
CA THR OD 803 -21.66 -6.12 -46.52
C THR OD 803 -23.07 -6.47 -46.97
N ALA OD 804 -23.49 -6.00 -48.14
CA ALA OD 804 -24.83 -6.36 -48.63
C ALA OD 804 -24.91 -7.82 -49.06
N ALA OD 805 -24.04 -8.21 -50.00
CA ALA OD 805 -24.16 -9.50 -50.68
C ALA OD 805 -23.96 -10.66 -49.72
N THR OD 806 -23.09 -10.52 -48.72
CA THR OD 806 -22.92 -11.60 -47.75
C THR OD 806 -24.22 -11.87 -47.01
N GLN OD 807 -24.91 -10.82 -46.55
CA GLN OD 807 -26.16 -11.06 -45.85
C GLN OD 807 -27.21 -11.60 -46.80
N LEU OD 808 -27.21 -11.14 -48.06
CA LEU OD 808 -28.16 -11.71 -49.02
C LEU OD 808 -27.95 -13.22 -49.17
N VAL OD 809 -26.71 -13.64 -49.46
CA VAL OD 809 -26.49 -15.07 -49.66
C VAL OD 809 -26.78 -15.83 -48.39
N GLN OD 810 -26.58 -15.21 -47.22
CA GLN OD 810 -26.89 -15.90 -45.99
C GLN OD 810 -28.39 -16.11 -45.83
N ASP OD 811 -29.21 -15.12 -46.21
CA ASP OD 811 -30.66 -15.36 -46.19
C ASP OD 811 -31.05 -16.45 -47.18
N TRP OD 812 -30.44 -16.45 -48.37
CA TRP OD 812 -30.84 -17.44 -49.37
C TRP OD 812 -30.37 -18.84 -49.01
N LYS OD 813 -29.28 -18.96 -48.24
CA LYS OD 813 -28.92 -20.24 -47.67
C LYS OD 813 -29.99 -20.74 -46.71
N GLN OD 814 -30.69 -19.83 -46.04
CA GLN OD 814 -31.69 -20.23 -45.07
C GLN OD 814 -32.83 -20.98 -45.74
N VAL OD 815 -33.10 -22.17 -45.21
CA VAL OD 815 -34.35 -22.88 -45.46
C VAL OD 815 -34.88 -23.28 -44.09
N GLU OD 816 -36.18 -23.22 -43.91
CA GLU OD 816 -36.77 -23.55 -42.62
C GLU OD 816 -37.55 -24.85 -42.75
N THR OD 817 -37.72 -25.57 -41.65
CA THR OD 817 -38.42 -26.85 -41.70
C THR OD 817 -39.93 -26.66 -41.76
N GLN OD 818 -40.57 -27.37 -42.68
CA GLN OD 818 -42.02 -27.42 -42.77
C GLN OD 818 -42.62 -27.93 -41.47
N VAL OD 819 -43.92 -27.70 -41.30
CA VAL OD 819 -44.64 -28.15 -40.11
C VAL OD 819 -45.75 -29.10 -40.53
N TYR OD 820 -46.16 -29.94 -39.58
CA TYR OD 820 -47.24 -30.89 -39.77
C TYR OD 820 -48.20 -30.73 -38.60
N THR OD 821 -49.45 -30.37 -38.91
CA THR OD 821 -50.47 -30.13 -37.90
C THR OD 821 -51.49 -31.27 -37.96
N GLU OD 822 -51.46 -32.14 -36.96
CA GLU OD 822 -52.36 -33.28 -36.92
C GLU OD 822 -53.70 -32.85 -36.34
N GLY OD 823 -54.77 -33.04 -37.09
CA GLY OD 823 -56.09 -32.64 -36.64
C GLY OD 823 -56.59 -33.48 -35.50
N THR OD 824 -57.58 -32.95 -34.79
CA THR OD 824 -58.16 -33.62 -33.63
C THR OD 824 -58.89 -34.88 -34.03
N GLN PD 791 2.52 -8.51 -58.27
CA GLN PD 791 3.21 -9.73 -57.87
C GLN PD 791 2.64 -10.33 -56.58
N GLN PD 792 2.15 -9.47 -55.69
CA GLN PD 792 1.58 -9.96 -54.43
C GLN PD 792 0.09 -10.23 -54.51
N GLU PD 793 -0.56 -9.82 -55.60
CA GLU PD 793 -1.97 -10.14 -55.78
C GLU PD 793 -2.20 -11.64 -55.81
N ILE PD 794 -1.26 -12.40 -56.36
CA ILE PD 794 -1.42 -13.85 -56.38
C ILE PD 794 -1.43 -14.40 -54.95
N GLN PD 795 -0.57 -13.88 -54.07
CA GLN PD 795 -0.58 -14.37 -52.69
C GLN PD 795 -1.81 -13.89 -51.92
N GLN PD 796 -2.29 -12.69 -52.21
CA GLN PD 796 -3.51 -12.23 -51.55
C GLN PD 796 -4.68 -13.14 -51.92
N ARG PD 797 -4.88 -13.36 -53.21
CA ARG PD 797 -5.94 -14.27 -53.61
C ARG PD 797 -5.59 -15.70 -53.21
N THR PD 798 -4.32 -15.97 -52.93
CA THR PD 798 -3.93 -17.26 -52.37
C THR PD 798 -4.56 -17.45 -51.01
N SER PD 799 -4.41 -16.47 -50.12
CA SER PD 799 -5.06 -16.60 -48.83
C SER PD 799 -6.57 -16.76 -49.00
N ASP PD 800 -7.20 -15.95 -49.87
CA ASP PD 800 -8.66 -16.07 -50.03
C ASP PD 800 -9.07 -17.42 -50.59
N MET PD 801 -8.39 -17.89 -51.64
CA MET PD 801 -8.76 -19.12 -52.30
C MET PD 801 -8.55 -20.34 -51.41
N LEU PD 802 -7.45 -20.38 -50.64
CA LEU PD 802 -7.35 -21.45 -49.64
C LEU PD 802 -8.44 -21.33 -48.59
N THR PD 803 -8.73 -20.13 -48.09
CA THR PD 803 -9.75 -20.04 -47.04
C THR PD 803 -11.09 -20.54 -47.54
N ALA PD 804 -11.40 -20.33 -48.82
CA ALA PD 804 -12.62 -20.90 -49.37
C ALA PD 804 -12.50 -22.40 -49.64
N ALA PD 805 -11.35 -22.85 -50.15
CA ALA PD 805 -11.20 -24.26 -50.51
C ALA PD 805 -11.31 -25.18 -49.30
N THR PD 806 -10.64 -24.81 -48.19
CA THR PD 806 -10.80 -25.60 -46.97
C THR PD 806 -12.26 -25.62 -46.52
N GLN PD 807 -12.98 -24.52 -46.78
CA GLN PD 807 -14.39 -24.49 -46.46
C GLN PD 807 -15.16 -25.54 -47.26
N LEU PD 808 -14.95 -25.58 -48.58
CA LEU PD 808 -15.65 -26.59 -49.36
C LEU PD 808 -15.27 -27.99 -48.92
N VAL PD 809 -13.98 -28.23 -48.63
CA VAL PD 809 -13.59 -29.61 -48.38
C VAL PD 809 -14.16 -30.10 -47.05
N GLN PD 810 -14.21 -29.26 -46.01
CA GLN PD 810 -14.76 -29.85 -44.79
C GLN PD 810 -16.29 -29.84 -44.81
N ASP PD 811 -16.91 -29.05 -45.69
CA ASP PD 811 -18.30 -29.37 -46.05
C ASP PD 811 -18.40 -30.75 -46.69
N TRP PD 812 -17.43 -31.09 -47.53
CA TRP PD 812 -17.45 -32.39 -48.19
C TRP PD 812 -17.27 -33.55 -47.21
N LYS PD 813 -16.38 -33.42 -46.22
CA LYS PD 813 -16.20 -34.52 -45.29
C LYS PD 813 -17.43 -34.76 -44.43
N GLN PD 814 -18.38 -33.83 -44.42
CA GLN PD 814 -19.61 -34.01 -43.66
C GLN PD 814 -20.41 -35.18 -44.24
N VAL PD 815 -20.57 -36.22 -43.43
CA VAL PD 815 -21.45 -37.34 -43.75
C VAL PD 815 -22.33 -37.58 -42.52
N GLU PD 816 -23.59 -37.16 -42.61
CA GLU PD 816 -24.51 -37.27 -41.48
C GLU PD 816 -24.87 -38.72 -41.26
N THR PD 817 -25.42 -39.03 -40.09
CA THR PD 817 -25.95 -40.37 -39.87
C THR PD 817 -27.37 -40.48 -40.41
N GLN PD 818 -27.75 -41.68 -40.81
CA GLN PD 818 -29.08 -41.91 -41.33
C GLN PD 818 -30.06 -42.14 -40.18
N VAL PD 819 -31.34 -41.88 -40.44
CA VAL PD 819 -32.36 -41.89 -39.39
C VAL PD 819 -33.48 -42.86 -39.78
N TYR PD 820 -34.16 -43.38 -38.76
CA TYR PD 820 -35.24 -44.35 -38.94
C TYR PD 820 -36.44 -43.88 -38.13
N THR PD 821 -37.63 -44.08 -38.69
CA THR PD 821 -38.87 -43.85 -37.97
C THR PD 821 -39.66 -45.17 -38.03
N GLU PD 822 -39.80 -45.82 -36.88
CA GLU PD 822 -40.55 -47.07 -36.80
C GLU PD 822 -42.03 -46.76 -36.62
N GLY PD 823 -42.85 -47.31 -37.52
CA GLY PD 823 -44.27 -47.03 -37.46
C GLY PD 823 -44.93 -47.62 -36.24
N THR PD 824 -46.07 -47.03 -35.88
CA THR PD 824 -46.81 -47.43 -34.70
C THR PD 824 -47.38 -48.84 -34.86
N ALA QD 768 41.19 -0.36 -64.36
CA ALA QD 768 40.68 -0.86 -65.63
C ALA QD 768 40.22 -2.31 -65.50
N SER QD 769 41.11 -3.24 -65.82
CA SER QD 769 40.78 -4.65 -65.65
C SER QD 769 40.49 -4.98 -64.20
N SER QD 770 41.14 -4.27 -63.27
CA SER QD 770 40.84 -4.46 -61.86
C SER QD 770 39.41 -4.07 -61.54
N ALA QD 771 38.89 -3.02 -62.19
CA ALA QD 771 37.50 -2.64 -61.98
C ALA QD 771 36.55 -3.74 -62.44
N GLU QD 772 36.80 -4.31 -63.61
CA GLU QD 772 35.96 -5.41 -64.10
C GLU QD 772 36.06 -6.61 -63.17
N GLN QD 773 37.25 -6.87 -62.65
CA GLN QD 773 37.50 -7.94 -61.68
C GLN QD 773 36.69 -7.71 -60.41
N LEU QD 774 36.61 -6.46 -59.96
CA LEU QD 774 35.74 -6.11 -58.83
C LEU QD 774 34.28 -6.36 -59.16
N GLN QD 775 33.84 -5.99 -60.37
CA GLN QD 775 32.47 -6.33 -60.78
C GLN QD 775 32.25 -7.82 -60.73
N ALA QD 776 33.29 -8.60 -61.05
CA ALA QD 776 33.15 -10.06 -60.97
C ALA QD 776 32.89 -10.51 -59.54
N ILE QD 777 33.65 -9.99 -58.57
CA ILE QD 777 33.35 -10.30 -57.17
C ILE QD 777 31.91 -9.92 -56.83
N LEU QD 778 31.50 -8.71 -57.25
CA LEU QD 778 30.12 -8.29 -57.03
C LEU QD 778 29.15 -9.34 -57.55
N GLN QD 779 29.34 -9.77 -58.79
CA GLN QD 779 28.39 -10.68 -59.43
C GLN QD 779 28.33 -12.01 -58.70
N LYS QD 780 29.49 -12.61 -58.43
CA LYS QD 780 29.40 -13.93 -57.80
C LYS QD 780 28.88 -13.84 -56.39
N GLN QD 781 29.11 -12.73 -55.67
CA GLN QD 781 28.44 -12.64 -54.38
C GLN QD 781 26.92 -12.53 -54.55
N ASN QD 782 26.46 -11.83 -55.58
CA ASN QD 782 25.01 -11.80 -55.78
C ASN QD 782 24.42 -13.17 -56.08
N GLU QD 783 25.07 -14.00 -56.92
CA GLU QD 783 24.37 -15.28 -57.07
C GLU QD 783 24.66 -16.23 -55.91
N GLN QD 784 25.65 -15.94 -55.07
CA GLN QD 784 25.69 -16.66 -53.79
C GLN QD 784 24.44 -16.32 -52.97
N LEU QD 785 24.08 -15.04 -52.90
CA LEU QD 785 22.85 -14.66 -52.24
C LEU QD 785 21.64 -15.31 -52.89
N ALA QD 786 21.64 -15.37 -54.23
CA ALA QD 786 20.53 -15.98 -54.95
C ALA QD 786 20.41 -17.47 -54.66
N GLU QD 787 21.53 -18.18 -54.58
CA GLU QD 787 21.51 -19.59 -54.20
C GLU QD 787 21.00 -19.74 -52.78
N GLN QD 788 21.32 -18.78 -51.91
CA GLN QD 788 20.70 -18.78 -50.59
C GLN QD 788 19.19 -18.64 -50.71
N LYS QD 789 18.73 -17.78 -51.62
CA LYS QD 789 17.30 -17.57 -51.81
C LYS QD 789 16.62 -18.86 -52.29
N TYR QD 790 17.25 -19.55 -53.24
CA TYR QD 790 16.63 -20.76 -53.81
C TYR QD 790 17.01 -21.98 -52.97
N GLN QD 791 16.84 -21.85 -51.66
CA GLN QD 791 17.04 -22.99 -50.78
C GLN QD 791 15.90 -23.17 -49.77
N GLN QD 792 15.38 -22.06 -49.22
CA GLN QD 792 14.48 -22.18 -48.07
C GLN QD 792 13.08 -22.63 -48.47
N GLU QD 793 12.68 -22.41 -49.72
CA GLU QD 793 11.38 -22.89 -50.18
C GLU QD 793 11.27 -24.40 -50.00
N ILE QD 794 12.37 -25.13 -50.15
CA ILE QD 794 12.34 -26.58 -50.02
C ILE QD 794 12.05 -26.99 -48.59
N GLN QD 795 12.69 -26.35 -47.62
CA GLN QD 795 12.38 -26.65 -46.22
C GLN QD 795 10.99 -26.19 -45.83
N GLN QD 796 10.47 -25.12 -46.45
CA GLN QD 796 9.09 -24.75 -46.16
C GLN QD 796 8.13 -25.82 -46.67
N ARG QD 797 8.41 -26.34 -47.86
CA ARG QD 797 7.71 -27.50 -48.38
C ARG QD 797 7.81 -28.66 -47.41
N THR QD 798 9.02 -28.91 -46.90
CA THR QD 798 9.27 -30.01 -45.99
C THR QD 798 8.39 -29.91 -44.75
N SER QD 799 8.35 -28.73 -44.12
CA SER QD 799 7.50 -28.53 -42.96
C SER QD 799 6.03 -28.73 -43.30
N ASP QD 800 5.60 -28.26 -44.47
CA ASP QD 800 4.21 -28.40 -44.88
C ASP QD 800 3.84 -29.88 -44.92
N MET QD 801 4.72 -30.72 -45.45
CA MET QD 801 4.32 -32.11 -45.59
C MET QD 801 4.76 -33.00 -44.43
N LEU QD 802 5.52 -32.47 -43.46
CA LEU QD 802 5.31 -33.04 -42.12
C LEU QD 802 3.88 -32.79 -41.66
N THR QD 803 3.42 -31.54 -41.72
CA THR QD 803 2.07 -31.23 -41.27
C THR QD 803 1.01 -31.84 -42.20
N ALA QD 804 1.44 -32.59 -43.21
CA ALA QD 804 0.52 -33.47 -43.93
C ALA QD 804 0.67 -34.93 -43.51
N ALA QD 805 1.90 -35.46 -43.57
CA ALA QD 805 2.12 -36.90 -43.41
C ALA QD 805 1.89 -37.37 -41.99
N THR QD 806 2.25 -36.59 -40.97
CA THR QD 806 2.01 -37.05 -39.60
C THR QD 806 0.53 -37.21 -39.31
N GLN QD 807 -0.29 -36.26 -39.74
CA GLN QD 807 -1.73 -36.42 -39.60
C GLN QD 807 -2.26 -37.59 -40.41
N LEU QD 808 -1.77 -37.79 -41.64
CA LEU QD 808 -2.21 -39.00 -42.34
C LEU QD 808 -1.91 -40.25 -41.53
N VAL QD 809 -0.65 -40.42 -41.11
CA VAL QD 809 -0.28 -41.67 -40.45
C VAL QD 809 -1.07 -41.84 -39.15
N GLN QD 810 -1.38 -40.73 -38.47
CA GLN QD 810 -2.21 -40.85 -37.28
C GLN QD 810 -3.62 -41.29 -37.62
N ASP QD 811 -4.12 -40.94 -38.81
CA ASP QD 811 -5.37 -41.57 -39.23
C ASP QD 811 -5.19 -43.06 -39.50
N TRP QD 812 -4.11 -43.47 -40.16
CA TRP QD 812 -4.03 -44.90 -40.47
C TRP QD 812 -3.82 -45.76 -39.23
N LYS QD 813 -3.20 -45.23 -38.17
CA LYS QD 813 -3.13 -46.03 -36.95
C LYS QD 813 -4.50 -46.27 -36.33
N GLN QD 814 -5.49 -45.47 -36.68
CA GLN QD 814 -6.83 -45.67 -36.14
C GLN QD 814 -7.39 -47.00 -36.60
N VAL QD 815 -7.80 -47.81 -35.62
CA VAL QD 815 -8.46 -49.09 -35.88
C VAL QD 815 -9.53 -49.25 -34.80
N GLU QD 816 -10.79 -49.09 -35.17
CA GLU QD 816 -11.84 -49.13 -34.16
C GLU QD 816 -12.37 -50.55 -34.06
N THR QD 817 -12.91 -50.88 -32.89
CA THR QD 817 -13.39 -52.23 -32.65
C THR QD 817 -14.78 -52.44 -33.25
N GLN QD 818 -14.96 -53.59 -33.87
CA GLN QD 818 -16.23 -54.02 -34.42
C GLN QD 818 -17.32 -54.10 -33.35
N VAL QD 819 -18.55 -53.79 -33.74
CA VAL QD 819 -19.68 -53.69 -32.83
C VAL QD 819 -20.55 -54.94 -32.99
N TYR QD 820 -21.05 -55.43 -31.86
CA TYR QD 820 -21.87 -56.64 -31.85
C TYR QD 820 -23.29 -56.28 -31.44
N THR QD 821 -24.25 -56.61 -32.30
CA THR QD 821 -25.65 -56.32 -32.08
C THR QD 821 -26.41 -57.63 -31.92
N GLU QD 822 -26.79 -57.93 -30.67
CA GLU QD 822 -27.58 -59.11 -30.40
C GLU QD 822 -29.04 -58.85 -30.75
N GLY QD 823 -29.65 -59.77 -31.48
CA GLY QD 823 -31.04 -59.62 -31.84
C GLY QD 823 -31.97 -59.86 -30.66
N THR QD 824 -33.23 -59.51 -30.86
CA THR QD 824 -34.25 -59.67 -29.83
C THR QD 824 -34.66 -61.13 -29.69
N GLN RD 791 29.33 -30.89 -39.66
CA GLN RD 791 29.67 -31.75 -38.53
C GLN RD 791 28.52 -31.78 -37.53
N GLN RD 792 27.60 -30.83 -37.65
CA GLN RD 792 26.43 -30.76 -36.77
C GLN RD 792 25.27 -31.58 -37.30
N GLU RD 793 25.29 -31.90 -38.60
CA GLU RD 793 24.27 -32.76 -39.16
C GLU RD 793 24.25 -34.10 -38.44
N ILE RD 794 25.43 -34.62 -38.09
CA ILE RD 794 25.53 -35.86 -37.30
C ILE RD 794 24.70 -35.72 -36.04
N GLN RD 795 24.87 -34.60 -35.33
CA GLN RD 795 24.15 -34.42 -34.08
C GLN RD 795 22.65 -34.40 -34.30
N GLN RD 796 22.18 -33.71 -35.35
CA GLN RD 796 20.73 -33.57 -35.45
C GLN RD 796 20.09 -34.90 -35.86
N ARG RD 797 20.70 -35.65 -36.79
CA ARG RD 797 20.08 -36.93 -37.14
C ARG RD 797 20.16 -37.91 -35.98
N THR RD 798 21.29 -37.91 -35.25
CA THR RD 798 21.33 -38.77 -34.08
C THR RD 798 20.17 -38.46 -33.16
N SER RD 799 20.11 -37.23 -32.63
CA SER RD 799 19.10 -36.93 -31.62
C SER RD 799 17.68 -37.23 -32.13
N ASP RD 800 17.40 -36.87 -33.39
CA ASP RD 800 16.12 -37.20 -34.00
C ASP RD 800 15.81 -38.68 -33.83
N MET RD 801 16.72 -39.54 -34.25
CA MET RD 801 16.38 -40.95 -34.23
C MET RD 801 16.46 -41.51 -32.82
N LEU RD 802 17.21 -40.85 -31.92
CA LEU RD 802 17.20 -41.29 -30.53
C LEU RD 802 15.80 -41.17 -29.96
N THR RD 803 15.14 -40.04 -30.21
CA THR RD 803 13.75 -39.93 -29.80
C THR RD 803 12.88 -40.93 -30.55
N ALA RD 804 13.23 -41.27 -31.79
CA ALA RD 804 12.50 -42.35 -32.48
C ALA RD 804 12.73 -43.71 -31.82
N ALA RD 805 13.95 -44.00 -31.41
CA ALA RD 805 14.34 -45.32 -30.98
C ALA RD 805 13.84 -45.63 -29.58
N THR RD 806 13.85 -44.63 -28.69
CA THR RD 806 13.19 -44.83 -27.40
C THR RD 806 11.71 -45.14 -27.63
N GLN RD 807 11.11 -44.53 -28.65
CA GLN RD 807 9.72 -44.80 -28.97
C GLN RD 807 9.55 -46.26 -29.37
N LEU RD 808 10.42 -46.75 -30.26
CA LEU RD 808 10.33 -48.15 -30.65
C LEU RD 808 10.54 -49.07 -29.45
N VAL RD 809 11.48 -48.73 -28.57
CA VAL RD 809 11.82 -49.69 -27.53
C VAL RD 809 10.71 -49.79 -26.50
N GLN RD 810 10.08 -48.66 -26.11
CA GLN RD 810 8.99 -48.89 -25.16
C GLN RD 810 7.71 -49.21 -25.92
N ASP RD 811 7.79 -49.36 -27.25
CA ASP RD 811 6.86 -50.27 -27.89
C ASP RD 811 7.19 -51.73 -27.58
N TRP RD 812 8.48 -52.09 -27.61
CA TRP RD 812 8.83 -53.48 -27.28
C TRP RD 812 8.46 -53.89 -25.86
N LYS RD 813 8.85 -53.13 -24.83
CA LYS RD 813 8.68 -53.63 -23.47
C LYS RD 813 7.22 -53.90 -23.07
N GLN RD 814 6.25 -53.28 -23.73
CA GLN RD 814 4.86 -53.49 -23.37
C GLN RD 814 4.36 -54.83 -23.84
N VAL RD 815 3.98 -55.67 -22.88
CA VAL RD 815 3.28 -56.92 -23.13
C VAL RD 815 2.01 -56.91 -22.29
N GLU RD 816 0.88 -56.74 -22.97
CA GLU RD 816 -0.41 -56.62 -22.32
C GLU RD 816 -0.83 -57.97 -21.75
N THR RD 817 -1.57 -57.94 -20.64
CA THR RD 817 -2.01 -59.18 -20.03
C THR RD 817 -3.04 -59.88 -20.92
N GLN RD 818 -2.97 -61.21 -20.96
CA GLN RD 818 -3.98 -61.97 -21.68
C GLN RD 818 -5.27 -61.99 -20.87
N VAL RD 819 -6.38 -62.17 -21.57
CA VAL RD 819 -7.69 -62.08 -20.94
C VAL RD 819 -8.42 -63.42 -21.07
N TYR RD 820 -9.05 -63.81 -19.97
CA TYR RD 820 -9.84 -65.05 -19.90
C TYR RD 820 -11.29 -64.64 -19.78
N THR RD 821 -12.11 -65.10 -20.73
CA THR RD 821 -13.55 -64.91 -20.69
C THR RD 821 -14.18 -66.29 -20.51
N GLU RD 822 -15.18 -66.38 -19.63
CA GLU RD 822 -15.78 -67.66 -19.29
C GLU RD 822 -17.11 -67.82 -20.01
N GLY RD 823 -17.55 -69.05 -20.16
CA GLY RD 823 -18.84 -69.31 -20.75
C GLY RD 823 -19.98 -69.17 -19.77
N THR RD 824 -21.20 -69.11 -20.30
CA THR RD 824 -22.39 -68.97 -19.48
C THR RD 824 -22.91 -70.34 -19.02
N SER SD 769 53.35 -12.23 -44.81
CA SER SD 769 53.96 -13.44 -44.30
C SER SD 769 53.11 -14.03 -43.18
N SER SD 770 51.87 -13.56 -43.08
CA SER SD 770 51.02 -13.93 -41.95
C SER SD 770 50.40 -15.32 -42.12
N ALA SD 771 50.19 -15.77 -43.36
CA ALA SD 771 49.32 -16.91 -43.61
C ALA SD 771 49.80 -18.17 -42.88
N GLU SD 772 51.11 -18.40 -42.88
CA GLU SD 772 51.62 -19.62 -42.25
C GLU SD 772 51.40 -19.62 -40.74
N GLN SD 773 51.47 -18.45 -40.09
CA GLN SD 773 51.18 -18.44 -38.66
C GLN SD 773 49.68 -18.45 -38.37
N LEU SD 774 48.84 -17.93 -39.28
CA LEU SD 774 47.41 -18.26 -39.14
C LEU SD 774 47.21 -19.76 -39.16
N GLN SD 775 47.82 -20.45 -40.13
CA GLN SD 775 47.66 -21.90 -40.21
C GLN SD 775 48.24 -22.59 -38.98
N ALA SD 776 49.33 -22.07 -38.42
CA ALA SD 776 49.88 -22.63 -37.19
C ALA SD 776 48.91 -22.45 -36.02
N ILE SD 777 48.25 -21.29 -35.94
CA ILE SD 777 47.27 -21.08 -34.89
C ILE SD 777 46.11 -22.05 -35.04
N LEU SD 778 45.59 -22.20 -36.26
CA LEU SD 778 44.54 -23.20 -36.47
C LEU SD 778 45.02 -24.59 -36.10
N GLN SD 779 46.29 -24.87 -36.41
CA GLN SD 779 46.87 -26.18 -36.15
C GLN SD 779 46.89 -26.43 -34.64
N LYS SD 780 47.24 -25.40 -33.87
CA LYS SD 780 47.16 -25.47 -32.41
C LYS SD 780 45.73 -25.68 -31.94
N GLN SD 781 44.75 -25.07 -32.61
CA GLN SD 781 43.36 -25.33 -32.23
C GLN SD 781 43.00 -26.79 -32.45
N ASN SD 782 43.55 -27.43 -33.50
CA ASN SD 782 43.26 -28.85 -33.67
C ASN SD 782 44.00 -29.71 -32.65
N GLU SD 783 45.18 -29.29 -32.18
CA GLU SD 783 45.70 -29.95 -30.97
C GLU SD 783 44.79 -29.80 -29.76
N GLN SD 784 44.25 -28.60 -29.52
CA GLN SD 784 43.33 -28.46 -28.40
C GLN SD 784 42.11 -29.36 -28.58
N LEU SD 785 41.58 -29.43 -29.80
CA LEU SD 785 40.46 -30.31 -30.11
C LEU SD 785 40.82 -31.78 -29.92
N ALA SD 786 42.04 -32.18 -30.30
CA ALA SD 786 42.47 -33.55 -30.08
C ALA SD 786 42.52 -33.88 -28.60
N GLU SD 787 42.98 -32.93 -27.78
CA GLU SD 787 42.97 -33.16 -26.34
C GLU SD 787 41.54 -33.19 -25.81
N GLN SD 788 40.62 -32.43 -26.42
CA GLN SD 788 39.22 -32.53 -26.04
C GLN SD 788 38.68 -33.93 -26.29
N LYS SD 789 38.82 -34.43 -27.52
CA LYS SD 789 38.37 -35.77 -27.85
C LYS SD 789 39.24 -36.86 -27.25
N TYR SD 790 40.31 -36.47 -26.53
CA TYR SD 790 41.07 -37.41 -25.73
C TYR SD 790 40.52 -37.51 -24.31
N GLN SD 791 39.85 -36.47 -23.81
CA GLN SD 791 39.50 -36.48 -22.39
C GLN SD 791 38.02 -36.51 -22.06
N GLN SD 792 37.24 -35.49 -22.46
CA GLN SD 792 35.94 -35.30 -21.80
C GLN SD 792 34.92 -36.36 -22.21
N GLU SD 793 35.14 -37.02 -23.35
CA GLU SD 793 34.24 -38.09 -23.75
C GLU SD 793 34.18 -39.16 -22.66
N ILE SD 794 35.29 -39.41 -21.98
CA ILE SD 794 35.33 -40.39 -20.91
C ILE SD 794 34.31 -40.04 -19.84
N GLN SD 795 34.40 -38.84 -19.26
CA GLN SD 795 33.48 -38.47 -18.20
C GLN SD 795 32.03 -38.43 -18.69
N GLN SD 796 31.78 -37.85 -19.87
CA GLN SD 796 30.39 -37.75 -20.28
C GLN SD 796 29.77 -39.12 -20.50
N ARG SD 797 30.47 -40.04 -21.16
CA ARG SD 797 29.81 -41.31 -21.43
C ARG SD 797 29.78 -42.14 -20.15
N THR SD 798 30.76 -41.96 -19.25
CA THR SD 798 30.71 -42.70 -18.00
C THR SD 798 29.49 -42.29 -17.20
N SER SD 799 29.17 -40.98 -17.19
CA SER SD 799 27.94 -40.56 -16.54
C SER SD 799 26.72 -41.19 -17.22
N ASP SD 800 26.67 -41.16 -18.56
CA ASP SD 800 25.54 -41.80 -19.24
C ASP SD 800 25.36 -43.25 -18.80
N MET SD 801 26.44 -44.03 -18.86
CA MET SD 801 26.23 -45.46 -18.66
C MET SD 801 26.29 -45.84 -17.18
N LEU SD 802 26.65 -44.90 -16.29
CA LEU SD 802 26.45 -45.21 -14.89
C LEU SD 802 25.01 -44.95 -14.49
N THR SD 803 24.38 -43.94 -15.09
CA THR SD 803 22.93 -43.85 -14.94
C THR SD 803 22.25 -45.07 -15.54
N ALA SD 804 22.83 -45.62 -16.61
CA ALA SD 804 22.34 -46.92 -17.09
C ALA SD 804 22.52 -48.01 -16.04
N ALA SD 805 23.76 -48.16 -15.53
CA ALA SD 805 24.08 -49.26 -14.62
C ALA SD 805 23.28 -49.19 -13.33
N THR SD 806 22.99 -47.99 -12.84
CA THR SD 806 22.18 -47.87 -11.64
C THR SD 806 20.78 -48.43 -11.86
N GLN SD 807 20.13 -48.08 -12.96
CA GLN SD 807 18.78 -48.60 -13.17
C GLN SD 807 18.84 -50.11 -13.41
N LEU SD 808 19.92 -50.57 -14.03
CA LEU SD 808 20.13 -52.01 -14.16
C LEU SD 808 20.14 -52.69 -12.79
N VAL SD 809 21.00 -52.20 -11.88
CA VAL SD 809 21.16 -52.90 -10.61
C VAL SD 809 19.89 -52.80 -9.77
N GLN SD 810 19.20 -51.65 -9.83
CA GLN SD 810 17.91 -51.56 -9.17
C GLN SD 810 16.90 -52.53 -9.75
N ASP SD 811 16.95 -52.76 -11.06
CA ASP SD 811 16.11 -53.79 -11.64
C ASP SD 811 16.45 -55.17 -11.09
N TRP SD 812 17.74 -55.47 -10.89
CA TRP SD 812 18.07 -56.80 -10.41
C TRP SD 812 17.74 -57.01 -8.94
N LYS SD 813 17.91 -55.99 -8.08
CA LYS SD 813 17.59 -56.21 -6.68
C LYS SD 813 16.10 -56.44 -6.46
N GLN SD 814 15.27 -56.16 -7.45
CA GLN SD 814 13.85 -56.44 -7.34
C GLN SD 814 13.61 -57.95 -7.29
N VAL SD 815 12.94 -58.39 -6.24
CA VAL SD 815 12.45 -59.76 -6.13
C VAL SD 815 11.04 -59.68 -5.57
N GLU SD 816 10.04 -59.97 -6.40
CA GLU SD 816 8.65 -59.87 -6.00
C GLU SD 816 8.29 -61.07 -5.12
N THR SD 817 7.18 -60.95 -4.40
CA THR SD 817 6.66 -62.08 -3.65
C THR SD 817 5.96 -63.06 -4.58
N GLN SD 818 6.11 -64.35 -4.28
CA GLN SD 818 5.33 -65.38 -4.93
C GLN SD 818 3.85 -65.21 -4.57
N VAL SD 819 3.01 -65.99 -5.24
CA VAL SD 819 1.57 -65.90 -5.05
C VAL SD 819 1.03 -67.28 -4.68
N TYR SD 820 -0.13 -67.28 -4.03
CA TYR SD 820 -0.86 -68.49 -3.69
C TYR SD 820 -2.31 -68.28 -4.07
N THR SD 821 -2.81 -69.10 -5.00
CA THR SD 821 -4.21 -69.09 -5.40
C THR SD 821 -4.83 -70.39 -4.91
N GLU SD 822 -6.03 -70.30 -4.34
CA GLU SD 822 -6.70 -71.48 -3.82
C GLU SD 822 -7.95 -71.78 -4.64
N GLY SD 823 -8.09 -73.03 -5.06
CA GLY SD 823 -9.26 -73.43 -5.80
C GLY SD 823 -10.47 -73.59 -4.91
N THR SD 824 -11.64 -73.58 -5.54
CA THR SD 824 -12.90 -73.75 -4.82
C THR SD 824 -13.04 -75.16 -4.28
N ILE TD 777 65.06 -23.88 -6.19
CA ILE TD 777 63.92 -23.40 -5.44
C ILE TD 777 62.60 -23.82 -6.09
N LEU TD 778 62.54 -23.75 -7.42
CA LEU TD 778 61.33 -24.15 -8.12
C LEU TD 778 61.10 -25.65 -8.02
N GLN TD 779 62.19 -26.43 -7.94
CA GLN TD 779 62.08 -27.89 -7.99
C GLN TD 779 61.26 -28.43 -6.81
N LYS TD 780 61.58 -27.97 -5.60
CA LYS TD 780 60.83 -28.40 -4.44
C LYS TD 780 59.42 -27.80 -4.43
N GLN TD 781 59.23 -26.68 -5.12
CA GLN TD 781 57.87 -26.18 -5.27
C GLN TD 781 57.04 -27.11 -6.14
N ASN TD 782 57.63 -27.66 -7.22
CA ASN TD 782 56.84 -28.58 -8.02
C ASN TD 782 56.68 -29.93 -7.31
N GLU TD 783 57.62 -30.29 -6.44
CA GLU TD 783 57.34 -31.42 -5.56
C GLU TD 783 56.13 -31.13 -4.67
N GLN TD 784 56.03 -29.90 -4.17
CA GLN TD 784 54.86 -29.51 -3.39
C GLN TD 784 53.57 -29.62 -4.20
N LEU TD 785 53.57 -29.13 -5.46
CA LEU TD 785 52.30 -29.18 -6.19
C LEU TD 785 52.00 -30.60 -6.64
N ALA TD 786 53.03 -31.43 -6.82
CA ALA TD 786 52.79 -32.85 -7.06
C ALA TD 786 52.07 -33.48 -5.88
N GLU TD 787 52.54 -33.17 -4.66
CA GLU TD 787 51.82 -33.64 -3.47
C GLU TD 787 50.40 -33.11 -3.46
N GLN TD 788 50.22 -31.84 -3.81
CA GLN TD 788 48.89 -31.24 -3.78
C GLN TD 788 47.94 -31.93 -4.75
N LYS TD 789 48.40 -32.19 -5.98
CA LYS TD 789 47.59 -32.92 -6.95
C LYS TD 789 47.32 -34.34 -6.48
N TYR TD 790 48.30 -34.94 -5.82
CA TYR TD 790 48.18 -36.27 -5.23
C TYR TD 790 47.16 -36.26 -4.09
N GLN TD 791 46.88 -35.07 -3.57
CA GLN TD 791 46.12 -34.93 -2.33
C GLN TD 791 44.65 -34.57 -2.52
N GLN TD 792 43.98 -35.00 -3.59
CA GLN TD 792 42.54 -34.83 -3.66
C GLN TD 792 41.76 -36.10 -3.99
N GLU TD 793 42.27 -36.95 -4.88
CA GLU TD 793 41.54 -38.17 -5.24
C GLU TD 793 41.36 -39.08 -4.05
N ILE TD 794 42.34 -39.12 -3.15
CA ILE TD 794 42.20 -39.87 -1.90
C ILE TD 794 40.91 -39.49 -1.19
N GLN TD 795 40.78 -38.20 -0.86
CA GLN TD 795 39.63 -37.75 -0.07
C GLN TD 795 38.35 -37.87 -0.87
N GLN TD 796 38.43 -37.76 -2.20
CA GLN TD 796 37.23 -37.89 -3.02
C GLN TD 796 36.68 -39.31 -2.97
N ARG TD 797 37.52 -40.28 -3.33
CA ARG TD 797 37.06 -41.67 -3.33
C ARG TD 797 36.73 -42.11 -1.91
N THR TD 798 37.35 -41.45 -0.92
CA THR TD 798 36.95 -41.63 0.47
C THR TD 798 35.51 -41.19 0.70
N SER TD 799 35.16 -39.98 0.26
CA SER TD 799 33.77 -39.55 0.40
C SER TD 799 32.84 -40.61 -0.17
N ASP TD 800 33.13 -41.08 -1.38
CA ASP TD 800 32.23 -42.05 -2.00
C ASP TD 800 32.14 -43.36 -1.21
N MET TD 801 33.28 -43.95 -0.84
CA MET TD 801 33.14 -45.32 -0.33
C MET TD 801 32.54 -45.25 1.06
N LEU TD 802 32.76 -44.12 1.76
CA LEU TD 802 32.17 -43.94 3.08
C LEU TD 802 30.66 -43.83 2.99
N THR TD 803 30.15 -43.11 1.98
CA THR TD 803 28.71 -43.14 1.77
C THR TD 803 28.24 -44.56 1.51
N ALA TD 804 29.06 -45.37 0.85
CA ALA TD 804 28.68 -46.78 0.69
C ALA TD 804 28.69 -47.53 2.01
N ALA TD 805 29.72 -47.31 2.84
CA ALA TD 805 29.92 -48.08 4.04
C ALA TD 805 28.84 -47.81 5.08
N THR TD 806 28.36 -46.57 5.14
CA THR TD 806 27.25 -46.27 6.03
C THR TD 806 26.03 -47.11 5.66
N GLN TD 807 25.78 -47.27 4.37
CA GLN TD 807 24.65 -48.09 3.93
C GLN TD 807 24.90 -49.57 4.23
N LEU TD 808 26.15 -50.02 4.10
CA LEU TD 808 26.48 -51.40 4.47
C LEU TD 808 26.17 -51.67 5.94
N VAL TD 809 26.66 -50.82 6.84
CA VAL TD 809 26.38 -51.04 8.25
C VAL TD 809 24.89 -50.90 8.53
N GLN TD 810 24.21 -50.02 7.77
CA GLN TD 810 22.76 -49.97 7.84
C GLN TD 810 22.13 -51.33 7.61
N ASP TD 811 22.49 -52.02 6.52
CA ASP TD 811 21.94 -53.35 6.30
C ASP TD 811 22.33 -54.30 7.43
N TRP TD 812 23.55 -54.14 7.95
CA TRP TD 812 24.08 -55.09 8.92
C TRP TD 812 23.41 -55.01 10.29
N LYS TD 813 23.22 -53.80 10.85
CA LYS TD 813 22.52 -53.74 12.12
C LYS TD 813 21.02 -53.98 11.98
N GLN TD 814 20.51 -54.00 10.75
CA GLN TD 814 19.10 -54.33 10.53
C GLN TD 814 18.86 -55.80 10.85
N VAL TD 815 17.92 -56.06 11.75
CA VAL TD 815 17.45 -57.41 12.05
C VAL TD 815 15.97 -57.33 12.35
N GLU TD 816 15.18 -58.02 11.52
CA GLU TD 816 13.72 -57.95 11.61
C GLU TD 816 13.19 -59.15 12.37
N THR TD 817 12.06 -58.98 13.05
CA THR TD 817 11.61 -59.97 14.02
C THR TD 817 11.05 -61.22 13.35
N GLN TD 818 11.28 -62.37 13.99
CA GLN TD 818 10.70 -63.62 13.55
C GLN TD 818 9.17 -63.52 13.55
N VAL TD 819 8.54 -64.38 12.75
CA VAL TD 819 7.08 -64.40 12.66
C VAL TD 819 6.58 -65.78 13.03
N TYR TD 820 5.58 -65.79 13.91
CA TYR TD 820 4.91 -67.00 14.37
C TYR TD 820 3.52 -67.02 13.75
N THR TD 821 3.22 -68.07 12.99
CA THR TD 821 1.91 -68.23 12.37
C THR TD 821 1.24 -69.46 12.98
N GLU TD 822 -0.05 -69.35 13.27
CA GLU TD 822 -0.77 -70.41 13.94
C GLU TD 822 -1.69 -71.13 12.96
N GLY TD 823 -1.54 -72.45 12.87
CA GLY TD 823 -2.43 -73.25 12.04
C GLY TD 823 -3.81 -73.38 12.65
N THR TD 824 -4.77 -73.69 11.78
CA THR TD 824 -6.16 -73.83 12.21
C THR TD 824 -6.33 -75.07 13.09
N ASP UD 766 77.84 -12.51 -1.38
CA ASP UD 766 76.99 -11.32 -1.26
C ASP UD 766 75.61 -11.59 -1.84
N ALA UD 767 75.50 -11.48 -3.17
CA ALA UD 767 74.24 -11.82 -3.82
C ALA UD 767 73.90 -13.30 -3.63
N ALA UD 768 74.90 -14.17 -3.79
CA ALA UD 768 74.68 -15.59 -3.54
C ALA UD 768 74.35 -15.84 -2.07
N SER UD 769 74.96 -15.08 -1.17
CA SER UD 769 74.65 -15.22 0.26
C SER UD 769 73.20 -14.87 0.53
N SER UD 770 72.72 -13.76 -0.05
CA SER UD 770 71.32 -13.37 0.14
C SER UD 770 70.38 -14.38 -0.49
N ALA UD 771 70.76 -14.92 -1.66
CA ALA UD 771 69.93 -15.94 -2.29
C ALA UD 771 69.85 -17.22 -1.45
N GLU UD 772 70.97 -17.61 -0.84
CA GLU UD 772 70.96 -18.80 0.01
C GLU UD 772 70.16 -18.54 1.28
N GLN UD 773 70.25 -17.32 1.83
CA GLN UD 773 69.38 -16.96 2.95
C GLN UD 773 67.91 -17.05 2.54
N LEU UD 774 67.60 -16.63 1.32
CA LEU UD 774 66.25 -16.73 0.79
C LEU UD 774 65.77 -18.18 0.72
N GLN UD 775 66.64 -19.04 0.18
CA GLN UD 775 66.35 -20.45 0.03
C GLN UD 775 66.13 -21.11 1.40
N ALA UD 776 66.94 -20.72 2.39
CA ALA UD 776 66.73 -21.20 3.76
C ALA UD 776 65.43 -20.66 4.35
N ILE UD 777 65.11 -19.40 4.08
CA ILE UD 777 63.86 -18.82 4.56
C ILE UD 777 62.68 -19.63 4.04
N LEU UD 778 62.76 -20.09 2.79
CA LEU UD 778 61.61 -20.76 2.21
C LEU UD 778 61.56 -22.26 2.58
N GLN UD 779 62.70 -22.90 2.86
CA GLN UD 779 62.55 -24.20 3.53
C GLN UD 779 61.95 -24.02 4.91
N LYS UD 780 62.31 -22.93 5.59
CA LYS UD 780 61.62 -22.59 6.82
C LYS UD 780 60.13 -22.44 6.57
N GLN UD 781 59.76 -21.81 5.44
CA GLN UD 781 58.36 -21.71 5.05
C GLN UD 781 57.70 -23.09 4.99
N ASN UD 782 58.40 -24.06 4.41
CA ASN UD 782 57.88 -25.41 4.35
C ASN UD 782 57.72 -26.02 5.74
N GLU UD 783 58.69 -25.80 6.63
CA GLU UD 783 58.55 -26.29 8.00
C GLU UD 783 57.34 -25.66 8.68
N GLN UD 784 57.10 -24.37 8.44
CA GLN UD 784 55.88 -23.74 8.96
C GLN UD 784 54.61 -24.34 8.39
N LEU UD 785 54.53 -24.60 7.08
CA LEU UD 785 53.27 -25.15 6.61
C LEU UD 785 53.07 -26.57 7.15
N ALA UD 786 54.17 -27.28 7.41
CA ALA UD 786 54.10 -28.55 8.14
C ALA UD 786 53.54 -28.34 9.54
N GLU UD 787 54.02 -27.31 10.23
CA GLU UD 787 53.53 -27.00 11.57
C GLU UD 787 52.06 -26.64 11.56
N GLN UD 788 51.61 -25.85 10.59
CA GLN UD 788 50.19 -25.54 10.49
C GLN UD 788 49.33 -26.76 10.15
N LYS UD 789 49.77 -27.66 9.26
CA LYS UD 789 48.92 -28.85 9.11
C LYS UD 789 49.09 -29.81 10.28
N TYR UD 790 50.04 -29.55 11.18
CA TYR UD 790 50.13 -30.34 12.41
C TYR UD 790 49.21 -29.82 13.50
N GLN UD 791 48.70 -28.60 13.38
CA GLN UD 791 47.95 -27.95 14.45
C GLN UD 791 46.44 -27.93 14.22
N GLN UD 792 45.89 -28.83 13.42
CA GLN UD 792 44.44 -28.85 13.29
C GLN UD 792 43.87 -30.26 13.38
N GLU UD 793 44.70 -31.27 13.12
CA GLU UD 793 44.17 -32.64 13.06
C GLU UD 793 43.68 -33.13 14.41
N ILE UD 794 44.32 -32.67 15.50
CA ILE UD 794 43.98 -33.20 16.82
C ILE UD 794 42.54 -32.85 17.19
N GLN UD 795 42.14 -31.60 16.98
CA GLN UD 795 40.81 -31.18 17.42
C GLN UD 795 39.70 -31.70 16.52
N GLN UD 796 39.92 -31.72 15.20
CA GLN UD 796 38.91 -32.34 14.34
C GLN UD 796 38.79 -33.82 14.66
N ARG UD 797 39.93 -34.48 14.88
CA ARG UD 797 39.88 -35.90 15.20
C ARG UD 797 39.16 -36.12 16.51
N THR UD 798 39.42 -35.28 17.51
CA THR UD 798 38.74 -35.42 18.78
C THR UD 798 37.24 -35.21 18.62
N SER UD 799 36.82 -34.26 17.79
CA SER UD 799 35.38 -34.06 17.61
C SER UD 799 34.73 -35.30 17.01
N ASP UD 800 35.38 -35.94 16.04
CA ASP UD 800 34.88 -37.24 15.58
C ASP UD 800 34.80 -38.23 16.74
N MET UD 801 35.86 -38.29 17.55
CA MET UD 801 35.84 -39.27 18.64
C MET UD 801 34.71 -38.96 19.62
N LEU UD 802 34.39 -37.68 19.84
CA LEU UD 802 33.34 -37.36 20.81
C LEU UD 802 31.96 -37.70 20.27
N THR UD 803 31.73 -37.41 18.99
CA THR UD 803 30.45 -37.80 18.40
C THR UD 803 30.27 -39.32 18.48
N ALA UD 804 31.37 -40.07 18.44
CA ALA UD 804 31.25 -41.51 18.68
C ALA UD 804 31.07 -41.85 20.16
N ALA UD 805 31.85 -41.22 21.04
CA ALA UD 805 31.85 -41.58 22.44
C ALA UD 805 30.50 -41.28 23.10
N THR UD 806 29.91 -40.14 22.77
CA THR UD 806 28.60 -39.81 23.31
C THR UD 806 27.56 -40.84 22.89
N GLN UD 807 27.55 -41.24 21.62
CA GLN UD 807 26.55 -42.20 21.20
C GLN UD 807 26.76 -43.55 21.88
N LEU UD 808 28.01 -43.99 22.04
CA LEU UD 808 28.21 -45.24 22.77
C LEU UD 808 27.79 -45.13 24.23
N VAL UD 809 28.08 -44.00 24.88
CA VAL UD 809 27.69 -43.93 26.29
C VAL UD 809 26.18 -43.91 26.43
N GLN UD 810 25.46 -43.28 25.48
CA GLN UD 810 24.00 -43.36 25.57
C GLN UD 810 23.49 -44.77 25.26
N ASP UD 811 24.15 -45.50 24.36
CA ASP UD 811 23.77 -46.91 24.22
C ASP UD 811 24.10 -47.71 25.48
N TRP UD 812 24.95 -47.18 26.34
CA TRP UD 812 25.25 -47.87 27.58
C TRP UD 812 24.29 -47.50 28.71
N LYS UD 813 23.80 -46.26 28.77
CA LYS UD 813 22.87 -45.93 29.84
C LYS UD 813 21.51 -46.58 29.67
N GLN UD 814 21.16 -47.01 28.46
CA GLN UD 814 19.82 -47.53 28.22
C GLN UD 814 19.62 -48.85 28.94
N VAL UD 815 18.49 -48.95 29.65
CA VAL UD 815 18.05 -50.18 30.28
C VAL UD 815 16.56 -50.30 29.99
N GLU UD 816 16.09 -51.53 29.77
CA GLU UD 816 14.70 -51.72 29.36
C GLU UD 816 13.95 -52.55 30.39
N THR UD 817 12.65 -52.30 30.50
CA THR UD 817 11.81 -53.06 31.42
C THR UD 817 11.63 -54.48 30.92
N GLN UD 818 11.83 -55.44 31.83
CA GLN UD 818 11.62 -56.84 31.52
C GLN UD 818 10.13 -57.09 31.27
N VAL UD 819 9.84 -58.06 30.41
CA VAL UD 819 8.49 -58.28 29.94
C VAL UD 819 7.89 -59.50 30.63
N TYR UD 820 6.69 -59.33 31.16
CA TYR UD 820 5.94 -60.42 31.78
C TYR UD 820 4.85 -60.84 30.82
N THR UD 821 4.88 -62.11 30.42
CA THR UD 821 3.86 -62.70 29.56
C THR UD 821 3.19 -63.83 30.33
N GLU UD 822 1.87 -63.74 30.48
CA GLU UD 822 1.12 -64.70 31.26
C GLU UD 822 0.37 -65.66 30.35
N GLY UD 823 0.50 -66.95 30.61
CA GLY UD 823 -0.21 -67.95 29.83
C GLY UD 823 -1.68 -68.02 30.19
N THR UD 824 -2.42 -68.78 29.39
CA THR UD 824 -3.85 -68.99 29.64
C THR UD 824 -4.05 -70.10 30.67
N GLN VD 791 46.42 -18.86 30.01
CA GLN VD 791 45.74 -18.71 31.29
C GLN VD 791 44.24 -18.87 31.14
N GLN VD 792 43.78 -19.02 29.90
CA GLN VD 792 42.37 -19.28 29.66
C GLN VD 792 42.02 -20.73 30.00
N GLU VD 793 43.02 -21.61 29.96
CA GLU VD 793 42.78 -23.05 30.10
C GLU VD 793 41.99 -23.36 31.36
N ILE VD 794 42.32 -22.68 32.46
CA ILE VD 794 41.62 -22.92 33.72
C ILE VD 794 40.14 -22.62 33.59
N GLN VD 795 39.77 -21.52 32.93
CA GLN VD 795 38.35 -21.16 32.97
C GLN VD 795 37.50 -21.91 31.93
N GLN VD 796 38.05 -22.32 30.77
CA GLN VD 796 37.16 -23.20 30.02
C GLN VD 796 37.06 -24.56 30.72
N ARG VD 797 38.16 -25.00 31.37
CA ARG VD 797 38.06 -26.17 32.23
C ARG VD 797 36.93 -26.01 33.24
N THR VD 798 36.91 -24.89 33.97
CA THR VD 798 35.84 -24.67 34.92
C THR VD 798 34.50 -24.81 34.23
N SER VD 799 34.19 -23.95 33.25
CA SER VD 799 32.88 -24.03 32.60
C SER VD 799 32.50 -25.48 32.28
N ASP VD 800 33.48 -26.29 31.88
CA ASP VD 800 33.18 -27.68 31.54
C ASP VD 800 32.69 -28.47 32.77
N MET VD 801 33.45 -28.46 33.86
CA MET VD 801 32.95 -29.23 35.00
C MET VD 801 31.79 -28.53 35.73
N LEU VD 802 31.56 -27.23 35.50
CA LEU VD 802 30.27 -26.71 35.95
C LEU VD 802 29.13 -27.37 35.19
N THR VD 803 29.22 -27.43 33.85
CA THR VD 803 28.13 -28.04 33.11
C THR VD 803 27.96 -29.51 33.48
N ALA VD 804 29.02 -30.17 33.92
CA ALA VD 804 28.86 -31.53 34.46
C ALA VD 804 28.28 -31.53 35.88
N ALA VD 805 28.76 -30.62 36.72
CA ALA VD 805 28.51 -30.69 38.15
C ALA VD 805 27.10 -30.26 38.50
N THR VD 806 26.58 -29.23 37.86
CA THR VD 806 25.18 -28.90 38.11
C THR VD 806 24.28 -30.08 37.77
N GLN VD 807 24.57 -30.74 36.65
CA GLN VD 807 23.76 -31.89 36.25
C GLN VD 807 23.83 -33.00 37.28
N LEU VD 808 25.01 -33.32 37.80
CA LEU VD 808 25.06 -34.44 38.73
C LEU VD 808 24.47 -34.06 40.09
N VAL VD 809 24.50 -32.78 40.47
CA VAL VD 809 23.87 -32.44 41.75
C VAL VD 809 22.35 -32.49 41.63
N GLN VD 810 21.80 -32.11 40.46
CA GLN VD 810 20.41 -32.49 40.20
C GLN VD 810 20.19 -34.01 40.28
N ASP VD 811 21.10 -34.83 39.76
CA ASP VD 811 20.83 -36.26 39.87
C ASP VD 811 20.98 -36.78 41.30
N TRP VD 812 21.67 -36.06 42.18
CA TRP VD 812 21.54 -36.43 43.60
C TRP VD 812 20.23 -35.94 44.19
N LYS VD 813 19.77 -34.76 43.79
CA LYS VD 813 18.60 -34.14 44.41
C LYS VD 813 17.36 -35.00 44.30
N GLN VD 814 17.23 -35.81 43.25
CA GLN VD 814 16.01 -36.56 43.01
C GLN VD 814 15.72 -37.52 44.15
N VAL VD 815 14.44 -37.75 44.41
CA VAL VD 815 13.99 -38.80 45.31
C VAL VD 815 12.87 -39.54 44.60
N GLU VD 816 13.20 -40.70 44.06
CA GLU VD 816 12.26 -41.45 43.24
C GLU VD 816 11.29 -42.20 44.15
N THR VD 817 10.00 -42.00 43.91
CA THR VD 817 8.99 -42.28 44.93
C THR VD 817 8.43 -43.70 44.80
N GLN VD 818 8.59 -44.47 45.88
CA GLN VD 818 8.15 -45.85 45.94
C GLN VD 818 6.68 -45.99 45.57
N VAL VD 819 6.28 -47.22 45.25
CA VAL VD 819 4.90 -47.54 44.97
C VAL VD 819 4.50 -48.77 45.78
N TYR VD 820 3.37 -48.66 46.47
CA TYR VD 820 2.78 -49.77 47.19
C TYR VD 820 1.91 -50.54 46.20
N THR VD 821 2.17 -51.84 46.06
CA THR VD 821 1.39 -52.70 45.19
C THR VD 821 0.66 -53.71 46.08
N GLU VD 822 -0.64 -53.84 45.88
CA GLU VD 822 -1.48 -54.67 46.73
C GLU VD 822 -1.94 -55.89 45.95
N GLY VD 823 -1.82 -57.08 46.55
CA GLY VD 823 -2.23 -58.30 45.88
C GLY VD 823 -3.73 -58.47 45.86
N THR VD 824 -4.17 -59.56 45.25
CA THR VD 824 -5.58 -59.92 45.25
C THR VD 824 -5.92 -60.77 46.46
N GLN WD 23 -94.24 -92.97 36.33
CA GLN WD 23 -95.10 -91.81 36.12
C GLN WD 23 -94.92 -91.24 34.72
N PRO WD 24 -96.00 -90.74 34.13
CA PRO WD 24 -95.91 -90.12 32.80
C PRO WD 24 -95.05 -88.88 32.84
N ALA WD 25 -93.93 -88.90 32.14
CA ALA WD 25 -92.97 -87.81 32.11
C ALA WD 25 -93.00 -87.17 30.74
N ASP WD 26 -93.24 -85.86 30.70
CA ASP WD 26 -93.27 -85.14 29.43
C ASP WD 26 -91.85 -84.93 28.92
N PRO WD 27 -91.66 -84.95 27.59
CA PRO WD 27 -90.30 -84.80 27.04
C PRO WD 27 -89.79 -83.37 27.08
N SER WD 28 -90.65 -82.39 27.33
CA SER WD 28 -90.17 -81.02 27.46
C SER WD 28 -89.22 -80.87 28.64
N GLY WD 29 -89.44 -81.64 29.71
CA GLY WD 29 -88.51 -81.60 30.83
C GLY WD 29 -87.12 -82.09 30.45
N GLN WD 30 -87.05 -83.19 29.71
CA GLN WD 30 -85.75 -83.68 29.26
C GLN WD 30 -85.13 -82.71 28.26
N GLN WD 31 -85.94 -82.10 27.41
CA GLN WD 31 -85.44 -81.09 26.48
C GLN WD 31 -84.80 -79.93 27.24
N THR WD 32 -85.50 -79.41 28.26
CA THR WD 32 -84.94 -78.33 29.05
C THR WD 32 -83.72 -78.76 29.83
N SER WD 33 -83.68 -80.03 30.29
CA SER WD 33 -82.51 -80.52 30.99
C SER WD 33 -81.29 -80.54 30.08
N THR WD 34 -81.44 -81.10 28.88
CA THR WD 34 -80.33 -81.13 27.94
C THR WD 34 -79.91 -79.72 27.54
N ASN WD 35 -80.88 -78.82 27.36
CA ASN WD 35 -80.55 -77.44 27.01
C ASN WD 35 -79.79 -76.75 28.13
N THR WD 36 -80.22 -76.93 29.38
CA THR WD 36 -79.53 -76.29 30.49
C THR WD 36 -78.10 -76.80 30.62
N SER WD 37 -77.91 -78.11 30.48
CA SER WD 37 -76.54 -78.64 30.50
C SER WD 37 -75.72 -78.06 29.35
N ASN WD 38 -76.31 -78.00 28.15
CA ASN WD 38 -75.60 -77.46 26.99
C ASN WD 38 -75.18 -76.01 27.22
N LEU WD 39 -76.08 -75.20 27.77
CA LEU WD 39 -75.77 -73.78 27.91
C LEU WD 39 -74.82 -73.54 29.09
N VAL WD 40 -74.83 -74.43 30.08
CA VAL WD 40 -73.79 -74.38 31.10
C VAL WD 40 -72.43 -74.65 30.48
N THR WD 41 -72.34 -75.72 29.68
CA THR WD 41 -71.10 -76.03 28.98
C THR WD 41 -70.67 -74.87 28.09
N TYR WD 42 -71.64 -74.22 27.45
CA TYR WD 42 -71.29 -73.16 26.51
C TYR WD 42 -70.85 -71.90 27.24
N LEU WD 43 -71.40 -71.62 28.43
CA LEU WD 43 -70.88 -70.47 29.17
C LEU WD 43 -69.46 -70.75 29.65
N THR WD 44 -69.21 -71.97 30.11
CA THR WD 44 -67.84 -72.28 30.52
C THR WD 44 -66.90 -72.19 29.33
N ASN WD 45 -67.38 -72.57 28.14
CA ASN WD 45 -66.58 -72.41 26.93
C ASN WD 45 -66.27 -70.95 26.66
N LEU WD 46 -67.28 -70.07 26.73
CA LEU WD 46 -67.01 -68.67 26.44
C LEU WD 46 -66.10 -68.05 27.50
N GLY WD 47 -66.29 -68.43 28.77
CA GLY WD 47 -65.41 -67.95 29.81
C GLY WD 47 -63.97 -68.35 29.58
N LYS WD 48 -63.75 -69.61 29.18
CA LYS WD 48 -62.40 -70.06 28.86
C LYS WD 48 -61.85 -69.31 27.65
N TYR WD 49 -62.66 -69.15 26.61
CA TYR WD 49 -62.18 -68.54 25.36
C TYR WD 49 -61.79 -67.08 25.58
N LEU WD 50 -62.63 -66.33 26.30
CA LEU WD 50 -62.30 -64.95 26.63
C LEU WD 50 -61.12 -64.85 27.57
N GLY WD 51 -60.76 -65.92 28.24
CA GLY WD 51 -59.53 -66.00 29.00
C GLY WD 51 -59.65 -65.98 30.52
N TYR WD 52 -60.79 -66.40 31.08
CA TYR WD 52 -60.97 -66.42 32.52
C TYR WD 52 -61.46 -67.79 32.97
N ASP WD 53 -60.91 -68.26 34.09
CA ASP WD 53 -61.29 -69.56 34.65
C ASP WD 53 -62.61 -69.38 35.38
N ILE WD 54 -63.70 -69.75 34.73
CA ILE WD 54 -65.04 -69.61 35.30
C ILE WD 54 -65.44 -70.99 35.82
N THR WD 55 -65.04 -71.29 37.05
CA THR WD 55 -65.53 -72.45 37.78
C THR WD 55 -65.98 -72.11 39.19
N GLN WD 56 -65.28 -71.19 39.87
CA GLN WD 56 -65.64 -70.79 41.22
C GLN WD 56 -65.46 -69.29 41.36
N SER WD 57 -66.19 -68.71 42.31
CA SER WD 57 -66.05 -67.31 42.64
C SER WD 57 -64.92 -67.05 43.64
N SER WD 58 -64.28 -68.11 44.13
CA SER WD 58 -63.20 -67.93 45.10
C SER WD 58 -62.04 -67.14 44.50
N LYS WD 59 -61.56 -67.56 43.34
CA LYS WD 59 -60.48 -66.84 42.67
C LYS WD 59 -60.97 -65.63 41.88
N ALA WD 60 -62.28 -65.44 41.80
CA ALA WD 60 -62.81 -64.24 41.16
C ALA WD 60 -62.44 -63.01 41.98
N PRO WD 61 -62.22 -61.86 41.33
CA PRO WD 61 -61.83 -60.66 42.07
C PRO WD 61 -62.92 -60.18 43.01
N ASN WD 62 -62.68 -60.28 44.31
CA ASN WD 62 -63.64 -59.85 45.33
C ASN WD 62 -62.94 -58.87 46.26
N PRO WD 63 -63.41 -57.62 46.36
CA PRO WD 63 -64.52 -57.02 45.59
C PRO WD 63 -64.09 -56.69 44.17
N PRO WD 64 -65.02 -56.70 43.22
CA PRO WD 64 -64.68 -56.31 41.85
C PRO WD 64 -64.33 -54.83 41.78
N TYR WD 65 -63.42 -54.51 40.86
CA TYR WD 65 -62.98 -53.15 40.67
C TYR WD 65 -63.31 -52.70 39.26
N SER WD 66 -63.97 -51.54 39.14
CA SER WD 66 -64.25 -50.94 37.86
C SER WD 66 -63.58 -49.60 37.65
N GLN WD 67 -63.24 -48.89 38.72
CA GLN WD 67 -62.62 -47.58 38.61
C GLN WD 67 -61.11 -47.73 38.41
N LEU WD 68 -60.46 -46.60 38.13
CA LEU WD 68 -59.02 -46.56 37.98
C LEU WD 68 -58.35 -46.80 39.33
N PHE WD 69 -57.09 -47.23 39.28
CA PHE WD 69 -56.36 -47.62 40.49
C PHE WD 69 -56.41 -46.54 41.55
N ASN WD 70 -56.04 -45.31 41.20
CA ASN WD 70 -56.18 -44.19 42.12
C ASN WD 70 -56.30 -42.92 41.28
N SER WD 71 -57.54 -42.47 41.10
CA SER WD 71 -57.81 -41.29 40.30
C SER WD 71 -57.27 -40.01 40.95
N ASN WD 72 -57.08 -40.02 42.26
CA ASN WD 72 -56.68 -38.80 42.97
C ASN WD 72 -55.25 -38.41 42.66
N VAL WD 73 -54.33 -39.37 42.69
CA VAL WD 73 -52.92 -39.03 42.46
C VAL WD 73 -52.70 -38.60 41.02
N VAL WD 74 -53.30 -39.30 40.06
CA VAL WD 74 -53.18 -38.87 38.67
C VAL WD 74 -53.84 -37.52 38.49
N GLN WD 75 -54.96 -37.28 39.20
CA GLN WD 75 -55.58 -35.97 39.14
C GLN WD 75 -54.61 -34.88 39.58
N LEU WD 76 -54.01 -35.03 40.75
CA LEU WD 76 -53.17 -33.97 41.29
C LEU WD 76 -51.93 -33.75 40.43
N VAL WD 77 -51.31 -34.84 39.98
CA VAL WD 77 -50.15 -34.72 39.12
C VAL WD 77 -50.54 -34.03 37.81
N GLN WD 78 -51.73 -34.36 37.30
CA GLN WD 78 -52.30 -33.68 36.14
C GLN WD 78 -52.48 -32.17 36.38
N ASN WD 79 -53.11 -31.77 37.48
CA ASN WD 79 -53.29 -30.34 37.74
C ASN WD 79 -51.95 -29.65 37.83
N TYR WD 80 -50.99 -30.30 38.49
CA TYR WD 80 -49.66 -29.73 38.63
C TYR WD 80 -49.01 -29.54 37.27
N ALA WD 81 -49.19 -30.51 36.37
CA ALA WD 81 -48.63 -30.38 35.02
C ALA WD 81 -49.25 -29.20 34.28
N TYR WD 82 -50.57 -29.04 34.38
CA TYR WD 82 -51.22 -27.88 33.78
C TYR WD 82 -50.62 -26.59 34.31
N ASN WD 83 -50.57 -26.45 35.63
CA ASN WD 83 -50.07 -25.21 36.22
C ASN WD 83 -48.64 -24.95 35.80
N THR WD 84 -47.81 -26.00 35.80
CA THR WD 84 -46.40 -25.83 35.49
C THR WD 84 -46.20 -25.46 34.04
N PHE WD 85 -47.04 -25.98 33.13
CA PHE WD 85 -46.84 -25.62 31.73
C PHE WD 85 -47.26 -24.18 31.47
N LEU WD 86 -48.40 -23.75 32.02
CA LEU WD 86 -48.73 -22.33 31.83
C LEU WD 86 -47.81 -21.41 32.61
N GLY WD 87 -47.10 -21.92 33.62
CA GLY WD 87 -46.27 -21.04 34.42
C GLY WD 87 -44.83 -20.93 33.99
N ALA WD 88 -44.23 -22.05 33.59
CA ALA WD 88 -42.80 -22.08 33.28
C ALA WD 88 -42.47 -21.23 32.07
N ILE WD 89 -43.38 -21.14 31.12
CA ILE WD 89 -43.14 -20.41 29.87
C ILE WD 89 -42.86 -18.95 30.20
N PRO WD 90 -41.68 -18.43 29.84
CA PRO WD 90 -41.42 -17.01 30.06
C PRO WD 90 -42.39 -16.14 29.27
N VAL WD 91 -42.82 -15.05 29.87
CA VAL WD 91 -43.88 -14.22 29.30
C VAL WD 91 -43.57 -12.75 29.58
N ASP WD 92 -43.86 -11.89 28.60
CA ASP WD 92 -43.59 -10.46 28.64
C ASP WD 92 -44.18 -9.83 29.90
N ALA WD 93 -43.32 -9.31 30.79
CA ALA WD 93 -43.74 -8.90 32.12
C ALA WD 93 -43.17 -7.53 32.48
N MET WD 94 -43.90 -6.47 32.12
CA MET WD 94 -43.63 -5.15 32.66
C MET WD 94 -44.89 -4.58 33.31
N SER WD 95 -46.05 -4.92 32.77
CA SER WD 95 -47.32 -4.40 33.28
C SER WD 95 -48.36 -5.50 33.17
N GLN WD 96 -49.41 -5.37 33.99
CA GLN WD 96 -50.35 -6.47 34.18
C GLN WD 96 -50.92 -6.96 32.86
N SER WD 97 -51.32 -6.05 31.98
CA SER WD 97 -51.90 -6.45 30.71
C SER WD 97 -50.90 -7.18 29.81
N LEU WD 98 -49.60 -7.01 30.06
CA LEU WD 98 -48.57 -7.55 29.19
C LEU WD 98 -48.39 -9.06 29.30
N MET WD 99 -48.50 -9.63 30.50
CA MET WD 99 -48.32 -11.08 30.62
C MET WD 99 -49.60 -11.86 30.32
N ASN WD 100 -50.71 -11.19 30.01
CA ASN WD 100 -51.96 -11.88 29.78
C ASN WD 100 -51.87 -12.73 28.51
N PHE WD 101 -51.88 -14.06 28.67
CA PHE WD 101 -52.00 -14.90 27.48
C PHE WD 101 -53.32 -14.68 26.76
N VAL WD 102 -54.42 -14.58 27.51
CA VAL WD 102 -55.75 -14.52 26.93
C VAL WD 102 -56.42 -13.22 27.35
N THR WD 103 -57.38 -12.81 26.54
CA THR WD 103 -58.14 -11.59 26.80
C THR WD 103 -59.24 -11.89 27.81
N ASP WD 104 -60.07 -10.89 28.09
CA ASP WD 104 -61.17 -11.05 29.04
C ASP WD 104 -62.32 -11.88 28.48
N LYS WD 105 -62.37 -12.08 27.16
CA LYS WD 105 -63.52 -12.73 26.55
C LYS WD 105 -63.50 -14.25 26.70
N VAL WD 106 -62.38 -14.84 27.10
CA VAL WD 106 -62.29 -16.29 27.22
C VAL WD 106 -62.77 -16.69 28.61
N GLN WD 107 -63.29 -17.90 28.72
CA GLN WD 107 -63.78 -18.39 30.01
C GLN WD 107 -62.62 -18.86 30.88
N GLY WD 108 -62.69 -18.57 32.17
CA GLY WD 108 -61.60 -18.89 33.07
C GLY WD 108 -60.38 -18.04 32.84
N ASN WD 109 -60.54 -16.86 32.22
CA ASN WD 109 -59.41 -16.02 31.87
C ASN WD 109 -58.57 -15.65 33.10
N SER WD 110 -59.23 -15.46 34.24
CA SER WD 110 -58.52 -15.06 35.45
C SER WD 110 -57.52 -16.13 35.86
N LEU WD 111 -57.93 -17.40 35.83
CA LEU WD 111 -57.04 -18.47 36.24
C LEU WD 111 -55.84 -18.59 35.32
N ILE WD 112 -56.06 -18.46 34.00
CA ILE WD 112 -54.96 -18.54 33.06
C ILE WD 112 -54.00 -17.36 33.25
N ASN WD 113 -54.53 -16.14 33.17
CA ASN WD 113 -53.67 -14.96 33.20
C ASN WD 113 -52.99 -14.80 34.56
N ASN WD 114 -53.58 -15.34 35.62
CA ASN WD 114 -52.95 -15.29 36.93
C ASN WD 114 -51.65 -16.08 36.95
N LEU WD 115 -51.58 -17.16 36.19
CA LEU WD 115 -50.45 -18.09 36.20
C LEU WD 115 -49.32 -17.61 35.28
N ALA WD 116 -49.28 -16.33 34.96
CA ALA WD 116 -48.28 -15.79 34.05
C ALA WD 116 -47.03 -15.35 34.81
N ASN WD 117 -45.87 -15.82 34.36
CA ASN WD 117 -44.57 -15.46 34.94
C ASN WD 117 -44.44 -16.02 36.35
N THR WD 118 -45.04 -17.18 36.58
CA THR WD 118 -45.12 -17.72 37.94
C THR WD 118 -43.75 -18.08 38.50
N THR WD 119 -42.89 -18.70 37.68
CA THR WD 119 -41.59 -19.13 38.16
C THR WD 119 -40.77 -17.95 38.68
N PHE WD 120 -40.73 -16.86 37.93
CA PHE WD 120 -39.94 -15.71 38.33
C PHE WD 120 -40.59 -14.90 39.46
N LYS WD 121 -41.91 -14.80 39.51
CA LYS WD 121 -42.52 -14.10 40.64
C LYS WD 121 -42.30 -14.88 41.93
N TYR WD 122 -42.39 -16.21 41.87
CA TYR WD 122 -42.01 -17.01 43.04
C TYR WD 122 -40.55 -16.78 43.36
N GLN WD 123 -39.69 -16.77 42.34
CA GLN WD 123 -38.27 -16.58 42.56
C GLN WD 123 -37.92 -15.16 43.00
N ASN WD 124 -38.91 -14.27 43.07
CA ASN WD 124 -38.69 -12.88 43.50
C ASN WD 124 -37.59 -12.22 42.67
N PHE WD 125 -37.57 -12.57 41.39
CA PHE WD 125 -36.43 -12.22 40.55
C PHE WD 125 -36.30 -10.71 40.37
N SER WD 126 -37.42 -10.00 40.32
CA SER WD 126 -37.37 -8.55 40.20
C SER WD 126 -36.68 -7.91 41.40
N ALA WD 127 -36.95 -8.43 42.59
CA ALA WD 127 -36.27 -7.94 43.79
C ALA WD 127 -34.79 -8.31 43.73
N PRO WD 128 -33.89 -7.36 43.91
CA PRO WD 128 -32.44 -7.65 43.86
C PRO WD 128 -31.92 -8.33 45.12
N SER WD 129 -32.07 -9.65 45.16
CA SER WD 129 -31.57 -10.43 46.28
C SER WD 129 -30.04 -10.37 46.33
N SER WD 130 -29.50 -10.46 47.54
CA SER WD 130 -28.07 -10.37 47.75
C SER WD 130 -27.32 -11.65 47.39
N GLY WD 131 -28.03 -12.74 47.07
CA GLY WD 131 -27.41 -14.01 46.77
C GLY WD 131 -27.13 -14.87 47.97
N ALA WD 132 -27.38 -14.38 49.19
CA ALA WD 132 -27.22 -15.21 50.37
C ALA WD 132 -28.15 -16.41 50.33
N ASP WD 133 -29.36 -16.22 49.81
CA ASP WD 133 -30.30 -17.33 49.62
C ASP WD 133 -30.02 -18.12 48.35
N GLY WD 134 -29.18 -17.61 47.45
CA GLY WD 134 -28.96 -18.27 46.18
C GLY WD 134 -30.17 -18.31 45.29
N LYS WD 135 -30.99 -17.26 45.29
CA LYS WD 135 -32.24 -17.29 44.57
C LYS WD 135 -32.07 -16.63 43.20
N ILE WD 136 -32.94 -17.00 42.27
CA ILE WD 136 -32.89 -16.46 40.91
C ILE WD 136 -33.37 -15.02 40.97
N THR WD 137 -32.43 -14.09 40.89
CA THR WD 137 -32.72 -12.67 40.98
C THR WD 137 -31.77 -11.92 40.07
N ALA WD 138 -32.15 -10.69 39.74
CA ALA WD 138 -31.30 -9.83 38.91
C ALA WD 138 -30.06 -9.44 39.72
N ASN WD 139 -28.90 -9.87 39.27
CA ASN WD 139 -27.66 -9.61 40.00
C ASN WD 139 -27.16 -8.22 39.63
N GLY WD 140 -26.95 -7.37 40.64
CA GLY WD 140 -26.68 -5.96 40.40
C GLY WD 140 -25.45 -5.68 39.56
N LEU WD 141 -24.51 -6.62 39.49
CA LEU WD 141 -23.25 -6.31 38.83
C LEU WD 141 -23.30 -6.52 37.31
N ILE WD 142 -24.38 -7.09 36.79
CA ILE WD 142 -24.47 -7.34 35.35
C ILE WD 142 -25.63 -6.61 34.69
N ASP WD 143 -26.56 -6.05 35.45
CA ASP WD 143 -27.75 -5.43 34.89
C ASP WD 143 -27.76 -3.94 35.21
N GLN WD 144 -28.19 -3.14 34.25
CA GLN WD 144 -28.43 -1.73 34.49
C GLN WD 144 -29.58 -1.56 35.47
N SER WD 145 -29.48 -0.54 36.33
CA SER WD 145 -30.52 -0.28 37.31
C SER WD 145 -31.66 0.48 36.64
N THR WD 146 -32.71 0.77 37.41
CA THR WD 146 -33.83 1.56 36.94
C THR WD 146 -33.83 2.95 37.58
N ALA WD 147 -32.65 3.52 37.76
CA ALA WD 147 -32.50 4.85 38.35
C ALA WD 147 -31.16 5.42 37.94
N SER WD 148 -31.19 6.55 37.22
CA SER WD 148 -29.95 7.18 36.76
C SER WD 148 -29.21 7.85 37.91
N THR WD 168 -34.32 -0.73 41.87
CA THR WD 168 -35.01 -1.98 41.66
C THR WD 168 -34.71 -2.50 40.25
N TYR WD 169 -35.25 -3.68 39.91
CA TYR WD 169 -35.03 -4.28 38.61
C TYR WD 169 -36.34 -4.80 38.04
N LEU WD 170 -36.31 -5.02 36.73
CA LEU WD 170 -37.49 -5.44 35.97
C LEU WD 170 -37.86 -6.88 36.30
N ASN WD 171 -38.99 -7.34 35.76
CA ASN WD 171 -39.60 -8.59 36.17
C ASN WD 171 -39.34 -9.75 35.21
N ASP WD 172 -38.58 -9.55 34.14
CA ASP WD 172 -38.39 -10.61 33.15
C ASP WD 172 -36.93 -10.67 32.74
N PRO WD 173 -36.25 -11.81 32.95
CA PRO WD 173 -34.82 -11.87 32.64
C PRO WD 173 -34.48 -11.60 31.18
N VAL WD 174 -35.30 -12.07 30.25
CA VAL WD 174 -35.01 -11.81 28.84
C VAL WD 174 -35.05 -10.32 28.55
N SER WD 175 -36.05 -9.63 29.09
CA SER WD 175 -36.10 -8.19 28.91
C SER WD 175 -35.00 -7.49 29.69
N GLN WD 176 -34.49 -8.10 30.77
CA GLN WD 176 -33.26 -7.59 31.36
C GLN WD 176 -32.12 -7.62 30.36
N ALA WD 177 -31.97 -8.73 29.65
CA ALA WD 177 -30.92 -8.81 28.64
C ALA WD 177 -31.12 -7.74 27.57
N VAL WD 178 -32.37 -7.59 27.10
CA VAL WD 178 -32.66 -6.60 26.07
C VAL WD 178 -32.31 -5.20 26.56
N PHE WD 179 -32.72 -4.87 27.78
CA PHE WD 179 -32.53 -3.54 28.30
C PHE WD 179 -31.05 -3.30 28.63
N ASN WD 180 -30.30 -4.36 28.88
CA ASN WD 180 -28.85 -4.23 29.01
C ASN WD 180 -28.21 -3.92 27.67
N ILE WD 181 -28.60 -4.63 26.61
CA ILE WD 181 -28.09 -4.29 25.28
C ILE WD 181 -28.46 -2.85 24.92
N LEU WD 182 -29.66 -2.42 25.29
CA LEU WD 182 -30.14 -1.10 24.89
C LEU WD 182 -29.46 0.00 25.70
N GLY WD 183 -29.21 -0.22 26.99
CA GLY WD 183 -28.77 0.86 27.85
C GLY WD 183 -27.56 0.61 28.73
N THR WD 184 -26.55 -0.10 28.23
CA THR WD 184 -25.31 -0.24 28.98
C THR WD 184 -24.30 0.76 28.44
N PRO WD 185 -24.11 1.90 29.10
CA PRO WD 185 -23.38 3.01 28.49
C PRO WD 185 -21.89 2.73 28.27
N ASP WD 186 -21.25 3.71 27.64
CA ASP WD 186 -19.83 3.65 27.28
C ASP WD 186 -18.98 4.37 28.32
N TYR WD 187 -17.66 4.17 28.22
CA TYR WD 187 -16.74 4.84 29.14
C TYR WD 187 -16.68 6.34 28.91
N SER WD 188 -17.00 6.79 27.70
CA SER WD 188 -16.88 8.22 27.41
C SER WD 188 -17.85 9.04 28.26
N PHE WD 189 -18.83 8.39 28.89
CA PHE WD 189 -19.73 9.12 29.79
C PHE WD 189 -19.25 9.15 31.23
N CYS WD 190 -18.40 8.20 31.64
CA CYS WD 190 -17.66 8.33 32.89
C CYS WD 190 -16.40 9.15 32.67
N MET WD 191 -16.28 9.75 31.48
CA MET WD 191 -15.06 10.34 31.00
C MET WD 191 -15.30 11.84 30.95
N ASP WD 192 -14.25 12.61 30.67
CA ASP WD 192 -14.49 14.01 30.39
C ASP WD 192 -14.83 14.19 28.91
N ASN WD 193 -14.98 15.44 28.48
CA ASN WD 193 -15.37 15.71 27.09
C ASN WD 193 -14.27 15.30 26.11
N GLU WD 194 -13.02 15.58 26.44
CA GLU WD 194 -11.90 15.38 25.51
C GLU WD 194 -11.21 14.03 25.67
N GLN WD 195 -11.77 13.13 26.48
CA GLN WD 195 -11.24 11.77 26.66
C GLN WD 195 -9.83 11.80 27.26
N LYS WD 196 -9.72 12.36 28.47
CA LYS WD 196 -8.43 12.39 29.15
C LYS WD 196 -8.47 11.84 30.57
N ASN WD 197 -9.48 12.15 31.37
CA ASN WD 197 -9.61 11.61 32.73
C ASN WD 197 -11.07 11.46 33.13
N TRP WD 198 -11.30 10.62 34.14
CA TRP WD 198 -12.65 10.31 34.60
C TRP WD 198 -13.05 11.25 35.72
N LEU WD 199 -14.37 11.38 35.89
CA LEU WD 199 -14.91 11.98 37.10
C LEU WD 199 -14.59 11.11 38.30
N PRO WD 200 -14.36 11.71 39.47
CA PRO WD 200 -14.16 10.88 40.67
C PRO WD 200 -15.37 10.05 41.03
N ASN WD 201 -16.55 10.41 40.54
CA ASN WD 201 -17.79 9.70 40.83
C ASN WD 201 -18.48 9.33 39.52
N CYS WD 202 -18.71 8.03 39.33
CA CYS WD 202 -19.55 7.55 38.23
C CYS WD 202 -20.49 6.49 38.81
N ASN WD 203 -21.67 6.91 39.24
CA ASN WD 203 -22.67 5.97 39.74
C ASN WD 203 -23.38 5.23 38.62
N LEU WD 204 -23.16 5.63 37.37
CA LEU WD 204 -23.78 4.98 36.23
C LEU WD 204 -23.01 3.73 35.84
N MET WD 205 -23.74 2.65 35.64
CA MET WD 205 -23.15 1.34 35.37
C MET WD 205 -22.91 1.22 33.87
N TYR WD 206 -21.66 0.94 33.48
CA TYR WD 206 -21.30 0.88 32.07
C TYR WD 206 -20.47 -0.36 31.73
N GLN WD 207 -20.23 -0.53 30.41
CA GLN WD 207 -19.84 -1.82 29.85
C GLN WD 207 -18.55 -2.36 30.46
N ASN WD 208 -17.49 -1.56 30.44
CA ASN WD 208 -16.25 -2.00 31.04
C ASN WD 208 -16.45 -2.27 32.52
N LEU WD 209 -17.18 -1.38 33.20
CA LEU WD 209 -17.46 -1.59 34.61
C LEU WD 209 -18.17 -2.92 34.83
N VAL WD 210 -19.19 -3.22 34.02
CA VAL WD 210 -19.97 -4.43 34.29
C VAL WD 210 -19.14 -5.68 34.07
N MET WD 211 -18.39 -5.80 32.97
CA MET WD 211 -17.73 -7.10 32.84
C MET WD 211 -16.49 -7.18 33.73
N GLN WD 212 -15.98 -6.03 34.21
CA GLN WD 212 -15.03 -6.10 35.31
C GLN WD 212 -15.69 -6.60 36.59
N ASN WD 213 -16.96 -6.26 36.80
CA ASN WD 213 -17.67 -6.84 37.94
C ASN WD 213 -17.90 -8.33 37.75
N VAL WD 214 -18.10 -8.76 36.49
CA VAL WD 214 -18.23 -10.19 36.22
C VAL WD 214 -16.94 -10.93 36.57
N ILE WD 215 -15.81 -10.38 36.15
CA ILE WD 215 -14.55 -11.10 36.34
C ILE WD 215 -13.96 -10.84 37.72
N GLY WD 216 -14.25 -9.69 38.30
CA GLY WD 216 -13.75 -9.36 39.61
C GLY WD 216 -12.24 -9.15 39.62
N THR WD 217 -11.61 -9.58 40.71
CA THR WD 217 -10.17 -9.48 40.85
C THR WD 217 -9.48 -10.31 39.76
N LEU WD 218 -8.38 -9.79 39.24
CA LEU WD 218 -7.75 -10.37 38.07
C LEU WD 218 -6.69 -11.39 38.48
N PRO WD 219 -6.74 -12.62 37.99
CA PRO WD 219 -5.91 -13.68 38.55
C PRO WD 219 -4.43 -13.46 38.24
N PRO WD 220 -3.53 -14.09 38.99
CA PRO WD 220 -2.10 -13.85 38.82
C PRO WD 220 -1.49 -14.63 37.66
N ALA WD 221 -0.22 -14.29 37.39
CA ALA WD 221 0.53 -14.95 36.31
C ALA WD 221 1.06 -16.30 36.75
N GLN WD 222 1.94 -16.31 37.74
CA GLN WD 222 2.47 -17.55 38.30
C GLN WD 222 1.72 -17.87 39.57
N THR WD 223 1.53 -19.17 39.83
CA THR WD 223 0.81 -19.59 41.02
C THR WD 223 1.52 -19.10 42.27
N SER WD 224 0.75 -18.47 43.16
CA SER WD 224 1.27 -17.94 44.40
C SER WD 224 0.45 -18.48 45.55
N GLY WD 225 1.06 -18.52 46.74
CA GLY WD 225 0.35 -19.01 47.91
C GLY WD 225 -0.88 -18.20 48.22
N SER WD 226 -0.80 -16.88 48.02
CA SER WD 226 -1.95 -16.03 48.29
C SER WD 226 -3.06 -16.26 47.27
N THR WD 227 -2.72 -16.28 45.98
CA THR WD 227 -3.73 -16.41 44.94
C THR WD 227 -3.25 -17.32 43.83
N PRO WD 228 -4.14 -18.14 43.27
CA PRO WD 228 -3.75 -19.05 42.20
C PRO WD 228 -3.95 -18.44 40.81
N ALA WD 229 -3.02 -18.75 39.91
CA ALA WD 229 -3.00 -18.19 38.57
C ALA WD 229 -4.27 -18.55 37.80
N PHE WD 230 -4.47 -17.90 36.66
CA PHE WD 230 -5.70 -18.11 35.91
C PHE WD 230 -5.83 -19.54 35.40
N TYR WD 231 -4.74 -20.14 34.92
CA TYR WD 231 -4.78 -21.49 34.38
C TYR WD 231 -4.77 -22.55 35.47
N SER WD 232 -4.59 -22.16 36.73
CA SER WD 232 -4.57 -23.16 37.79
C SER WD 232 -5.98 -23.67 38.06
N TYR WD 233 -6.05 -24.92 38.49
CA TYR WD 233 -7.33 -25.53 38.83
C TYR WD 233 -7.91 -24.92 40.10
N LYS WD 234 -7.04 -24.40 40.98
CA LYS WD 234 -7.51 -23.76 42.21
C LYS WD 234 -8.28 -22.49 41.93
N TYR WD 235 -7.80 -21.64 41.02
CA TYR WD 235 -8.57 -20.46 40.65
C TYR WD 235 -9.86 -20.86 39.95
N ASN WD 236 -9.85 -21.99 39.27
CA ASN WD 236 -10.92 -22.38 38.34
C ASN WD 236 -11.92 -23.36 38.95
N GLN WD 237 -11.92 -23.55 40.27
CA GLN WD 237 -12.93 -24.41 40.88
C GLN WD 237 -14.36 -23.95 40.62
N PRO WD 238 -14.73 -22.69 40.83
CA PRO WD 238 -16.14 -22.32 40.64
C PRO WD 238 -16.46 -22.04 39.17
N LEU WD 239 -15.45 -21.55 38.44
CA LEU WD 239 -15.67 -21.14 37.06
C LEU WD 239 -16.07 -22.33 36.19
N ILE WD 240 -15.53 -23.51 36.48
CA ILE WD 240 -15.85 -24.67 35.67
C ILE WD 240 -17.32 -25.05 35.85
N SER WD 241 -17.82 -24.97 37.08
CA SER WD 241 -19.25 -25.16 37.30
C SER WD 241 -20.06 -24.08 36.59
N GLN WD 242 -19.61 -22.83 36.67
CA GLN WD 242 -20.33 -21.74 36.02
C GLN WD 242 -20.39 -21.92 34.52
N LEU WD 243 -19.41 -22.61 33.95
CA LEU WD 243 -19.19 -22.58 32.51
C LEU WD 243 -19.67 -23.86 31.82
N ASN WD 244 -19.90 -24.93 32.57
CA ASN WD 244 -20.37 -26.19 31.99
C ASN WD 244 -21.80 -26.05 31.50
N SER WD 245 -22.10 -26.65 30.35
CA SER WD 245 -23.47 -26.62 29.84
C SER WD 245 -24.40 -27.49 30.66
N ASN WD 246 -23.90 -28.60 31.17
CA ASN WD 246 -24.75 -29.55 31.86
C ASN WD 246 -25.48 -28.93 33.03
N SER WD 247 -24.93 -27.85 33.61
CA SER WD 247 -25.58 -27.17 34.72
C SER WD 247 -26.97 -26.68 34.38
N LEU WD 248 -27.27 -26.46 33.11
CA LEU WD 248 -28.59 -26.01 32.67
C LEU WD 248 -29.53 -27.17 32.33
N ILE WD 249 -29.00 -28.22 31.72
CA ILE WD 249 -29.81 -29.19 31.01
C ILE WD 249 -30.08 -30.49 31.78
N ALA WD 250 -29.07 -31.04 32.45
CA ALA WD 250 -29.27 -32.31 33.15
C ALA WD 250 -30.12 -32.17 34.41
N PRO WD 251 -29.84 -31.23 35.31
CA PRO WD 251 -30.66 -31.15 36.53
C PRO WD 251 -32.12 -30.99 36.19
N LEU WD 252 -32.94 -31.78 36.85
CA LEU WD 252 -34.31 -31.92 36.41
C LEU WD 252 -35.20 -30.87 37.08
N LEU WD 253 -34.82 -30.42 38.28
CA LEU WD 253 -35.31 -29.16 38.83
C LEU WD 253 -34.20 -28.62 39.73
N MET WD 254 -33.89 -27.33 39.59
CA MET WD 254 -32.79 -26.73 40.32
C MET WD 254 -33.03 -26.62 41.82
N ASP WD 255 -31.92 -26.62 42.56
CA ASP WD 255 -31.88 -26.37 44.00
C ASP WD 255 -31.47 -24.92 44.20
N THR WD 256 -32.40 -24.09 44.63
CA THR WD 256 -32.12 -22.68 44.86
C THR WD 256 -31.43 -22.43 46.19
N SER WD 257 -31.36 -23.42 47.07
CA SER WD 257 -30.73 -23.23 48.37
C SER WD 257 -29.24 -23.00 48.20
N ALA WD 258 -28.72 -21.98 48.88
CA ALA WD 258 -27.29 -21.64 48.82
C ALA WD 258 -26.53 -22.59 49.73
N SER WD 259 -26.29 -23.80 49.23
CA SER WD 259 -25.56 -24.81 49.98
C SER WD 259 -24.05 -24.64 49.90
N GLN WD 260 -23.58 -23.62 49.21
CA GLN WD 260 -22.15 -23.41 49.04
C GLN WD 260 -21.92 -21.94 48.69
N SER WD 261 -20.66 -21.53 48.77
CA SER WD 261 -20.25 -20.17 48.41
C SER WD 261 -18.97 -20.26 47.60
N GLY WD 262 -19.02 -19.79 46.36
CA GLY WD 262 -17.85 -19.78 45.52
C GLY WD 262 -16.92 -18.64 45.88
N GLN WD 263 -15.81 -18.55 45.13
CA GLN WD 263 -14.84 -17.49 45.35
C GLN WD 263 -15.48 -16.13 45.14
N ASP WD 264 -15.32 -15.25 46.12
CA ASP WD 264 -15.95 -13.93 46.09
C ASP WD 264 -15.05 -12.94 45.34
N SER WD 265 -14.91 -13.20 44.05
CA SER WD 265 -14.15 -12.35 43.13
C SER WD 265 -15.06 -12.07 41.93
N GLY WD 266 -15.84 -11.01 42.03
CA GLY WD 266 -16.76 -10.69 40.96
C GLY WD 266 -17.99 -11.58 40.96
N LEU WD 267 -18.56 -11.78 39.78
CA LEU WD 267 -19.77 -12.58 39.65
C LEU WD 267 -19.48 -14.02 40.08
N THR WD 268 -20.33 -14.54 40.96
CA THR WD 268 -20.18 -15.89 41.47
C THR WD 268 -21.53 -16.41 41.90
N ALA WD 269 -21.76 -17.69 41.66
CA ALA WD 269 -23.02 -18.35 41.99
C ALA WD 269 -22.95 -18.93 43.39
N LYS WD 270 -24.13 -19.17 43.98
CA LYS WD 270 -24.22 -19.71 45.33
C LYS WD 270 -25.03 -21.00 45.41
N SER WD 271 -25.67 -21.42 44.32
CA SER WD 271 -26.49 -22.62 44.31
C SER WD 271 -26.45 -23.23 42.92
N GLN WD 272 -26.99 -24.44 42.81
CA GLN WD 272 -27.07 -25.11 41.51
C GLN WD 272 -27.87 -24.26 40.52
N ALA WD 273 -29.02 -23.77 40.95
CA ALA WD 273 -29.80 -22.86 40.12
C ALA WD 273 -29.00 -21.63 39.75
N GLN WD 274 -28.22 -21.10 40.70
CA GLN WD 274 -27.38 -19.96 40.40
C GLN WD 274 -26.30 -20.31 39.38
N GLN WD 275 -25.75 -21.52 39.44
CA GLN WD 275 -24.78 -21.94 38.42
C GLN WD 275 -25.43 -22.02 37.05
N ALA WD 276 -26.65 -22.59 36.98
CA ALA WD 276 -27.35 -22.65 35.71
C ALA WD 276 -27.62 -21.25 35.17
N LEU WD 277 -28.01 -20.33 36.06
CA LEU WD 277 -28.26 -18.95 35.61
C LEU WD 277 -26.97 -18.31 35.14
N ASN WD 278 -25.87 -18.54 35.84
CA ASN WD 278 -24.59 -17.98 35.41
C ASN WD 278 -24.18 -18.52 34.05
N PHE WD 279 -24.36 -19.83 33.82
CA PHE WD 279 -24.15 -20.35 32.48
C PHE WD 279 -24.99 -19.61 31.46
N ILE WD 280 -26.31 -19.51 31.68
CA ILE WD 280 -27.17 -19.01 30.62
C ILE WD 280 -26.85 -17.54 30.35
N ARG WD 281 -26.48 -16.79 31.39
CA ARG WD 281 -25.95 -15.47 31.12
C ARG WD 281 -24.71 -15.56 30.24
N TYR WD 282 -23.81 -16.51 30.53
CA TYR WD 282 -22.47 -16.40 29.98
C TYR WD 282 -22.41 -16.93 28.56
N ALA WD 283 -23.29 -17.88 28.22
CA ALA WD 283 -23.44 -18.33 26.84
C ALA WD 283 -24.11 -17.26 25.98
N SER WD 284 -25.09 -16.55 26.53
CA SER WD 284 -25.75 -15.46 25.84
C SER WD 284 -24.83 -14.25 25.66
N ALA WD 285 -23.71 -14.22 26.38
CA ALA WD 285 -22.64 -13.26 26.14
C ALA WD 285 -23.11 -11.83 26.33
N GLN WD 286 -24.08 -11.61 27.22
CA GLN WD 286 -24.41 -10.23 27.56
C GLN WD 286 -23.26 -9.60 28.35
N VAL WD 287 -22.40 -10.44 28.93
CA VAL WD 287 -21.24 -10.00 29.69
C VAL WD 287 -20.30 -9.17 28.83
N THR WD 288 -20.39 -9.32 27.52
CA THR WD 288 -19.78 -8.40 26.58
C THR WD 288 -20.94 -7.62 25.99
N PRO WD 289 -21.30 -6.49 26.60
CA PRO WD 289 -22.34 -5.65 26.01
C PRO WD 289 -21.79 -4.89 24.83
N PRO WD 290 -22.64 -4.52 23.87
CA PRO WD 290 -22.16 -3.74 22.74
C PRO WD 290 -21.75 -2.34 23.16
N SER WD 291 -20.86 -1.74 22.37
CA SER WD 291 -20.31 -0.43 22.68
C SER WD 291 -21.24 0.64 22.14
N LEU WD 292 -21.91 1.36 23.04
CA LEU WD 292 -22.71 2.51 22.64
C LEU WD 292 -21.81 3.70 22.32
N PRO WD 293 -22.34 4.72 21.63
CA PRO WD 293 -21.47 5.80 21.13
C PRO WD 293 -20.70 6.51 22.22
N LYS WD 294 -19.64 7.20 21.81
CA LYS WD 294 -18.89 8.06 22.71
C LYS WD 294 -19.67 9.35 22.97
N LEU WD 295 -19.44 9.93 24.16
CA LEU WD 295 -20.16 11.14 24.54
C LEU WD 295 -19.84 12.30 23.61
N SER WD 296 -18.57 12.48 23.27
CA SER WD 296 -18.18 13.67 22.51
C SER WD 296 -18.71 13.64 21.09
N ALA WD 297 -18.34 12.59 20.34
CA ALA WD 297 -18.78 12.48 18.95
C ALA WD 297 -20.30 12.41 18.88
N TYR WD 298 -20.92 11.62 19.77
CA TYR WD 298 -22.37 11.54 19.73
C TYR WD 298 -22.99 12.88 20.04
N SER WD 299 -22.45 13.60 21.02
CA SER WD 299 -23.03 14.90 21.35
C SER WD 299 -22.99 15.83 20.16
N GLU WD 300 -21.86 15.84 19.44
CA GLU WD 300 -21.73 16.71 18.28
C GLU WD 300 -22.72 16.33 17.19
N LEU WD 301 -22.85 15.04 16.90
CA LEU WD 301 -23.74 14.68 15.80
C LEU WD 301 -25.20 14.78 16.23
N TRP WD 302 -25.46 14.70 17.54
CA TRP WD 302 -26.81 14.91 18.04
C TRP WD 302 -27.24 16.36 17.89
N ASN WD 303 -26.44 17.32 18.35
CA ASN WD 303 -26.92 18.69 18.20
C ASN WD 303 -26.80 19.14 16.75
N GLN WD 304 -26.05 18.39 15.93
CA GLN WD 304 -26.09 18.64 14.50
C GLN WD 304 -27.42 18.18 13.89
N ALA WD 305 -27.90 17.01 14.29
CA ALA WD 305 -29.08 16.41 13.66
C ALA WD 305 -30.39 16.78 14.34
N THR WD 306 -30.36 17.40 15.51
CA THR WD 306 -31.58 17.81 16.21
C THR WD 306 -31.96 19.25 15.95
N ALA WD 307 -30.97 20.11 15.69
CA ALA WD 307 -31.23 21.54 15.58
C ALA WD 307 -32.08 21.85 14.35
N LYS WD 308 -32.87 22.92 14.46
CA LYS WD 308 -33.72 23.33 13.35
C LYS WD 308 -32.87 23.87 12.21
N PRO WD 309 -33.05 23.38 10.98
CA PRO WD 309 -32.19 23.81 9.88
C PRO WD 309 -32.42 25.26 9.49
N ASN WD 310 -31.38 25.85 8.90
CA ASN WD 310 -31.41 27.20 8.35
C ASN WD 310 -31.74 28.27 9.39
N SER WD 311 -31.40 28.00 10.65
CA SER WD 311 -31.59 28.99 11.72
C SER WD 311 -30.44 28.84 12.71
N ALA WD 312 -30.16 29.93 13.43
CA ALA WD 312 -29.20 29.93 14.53
C ALA WD 312 -27.86 29.31 14.15
N GLY WD 313 -27.39 29.59 12.94
CA GLY WD 313 -26.12 29.06 12.50
C GLY WD 313 -26.12 27.58 12.14
N TYR WD 314 -27.29 27.01 11.88
CA TYR WD 314 -27.39 25.63 11.40
C TYR WD 314 -27.88 25.60 9.95
N ASN WD 315 -28.06 24.37 9.48
CA ASN WD 315 -28.16 24.03 8.07
C ASN WD 315 -28.91 22.72 7.86
N GLU WD 316 -29.16 22.32 6.61
CA GLU WD 316 -30.27 21.41 6.36
C GLU WD 316 -29.87 20.07 5.74
N VAL WD 317 -29.00 20.05 4.72
CA VAL WD 317 -28.64 18.77 4.12
C VAL WD 317 -27.71 17.99 5.06
N GLN WD 318 -26.74 18.67 5.66
CA GLN WD 318 -25.90 18.04 6.67
C GLN WD 318 -26.70 17.60 7.89
N GLN WD 319 -27.72 18.36 8.28
CA GLN WD 319 -28.52 17.96 9.44
C GLN WD 319 -29.22 16.62 9.18
N LYS WD 320 -29.83 16.47 8.01
CA LYS WD 320 -30.53 15.22 7.74
C LYS WD 320 -29.56 14.08 7.45
N GLN WD 321 -28.38 14.38 6.90
CA GLN WD 321 -27.37 13.34 6.75
C GLN WD 321 -26.90 12.83 8.11
N ALA WD 322 -26.66 13.75 9.05
CA ALA WD 322 -26.29 13.34 10.39
C ALA WD 322 -27.41 12.54 11.04
N ALA WD 323 -28.65 12.99 10.88
CA ALA WD 323 -29.78 12.21 11.38
C ALA WD 323 -29.78 10.81 10.78
N ALA WD 324 -29.43 10.70 9.49
CA ALA WD 324 -29.33 9.40 8.85
C ALA WD 324 -28.34 8.51 9.57
N THR WD 325 -27.13 9.02 9.80
CA THR WD 325 -26.12 8.20 10.46
C THR WD 325 -26.57 7.79 11.87
N LEU WD 326 -27.13 8.75 12.62
CA LEU WD 326 -27.55 8.46 13.99
C LEU WD 326 -28.60 7.36 13.99
N SER WD 327 -29.56 7.50 13.09
CA SER WD 327 -30.70 6.61 13.06
C SER WD 327 -30.30 5.23 12.55
N SER WD 328 -29.36 5.16 11.59
CA SER WD 328 -28.89 3.86 11.15
C SER WD 328 -28.17 3.14 12.28
N TYR WD 329 -27.32 3.86 13.02
CA TYR WD 329 -26.69 3.22 14.19
C TYR WD 329 -27.73 2.71 15.17
N PHE WD 330 -28.69 3.56 15.55
CA PHE WD 330 -29.68 3.16 16.55
C PHE WD 330 -30.52 1.98 16.05
N ASN WD 331 -30.94 2.02 14.79
CA ASN WD 331 -31.73 0.93 14.23
C ASN WD 331 -30.94 -0.37 14.21
N ASN WD 332 -29.68 -0.33 13.76
CA ASN WD 332 -28.87 -1.53 13.73
C ASN WD 332 -28.70 -2.07 15.15
N LEU WD 333 -28.44 -1.18 16.11
CA LEU WD 333 -28.30 -1.60 17.49
C LEU WD 333 -29.54 -2.33 17.98
N ARG WD 334 -30.73 -1.77 17.73
CA ARG WD 334 -31.88 -2.37 18.39
C ARG WD 334 -32.41 -3.57 17.62
N VAL WD 335 -32.13 -3.67 16.31
CA VAL WD 335 -32.48 -4.91 15.63
C VAL WD 335 -31.55 -6.02 16.08
N TYR WD 336 -30.27 -5.68 16.30
CA TYR WD 336 -29.38 -6.59 16.98
C TYR WD 336 -29.97 -7.02 18.31
N ALA WD 337 -30.52 -6.07 19.06
CA ALA WD 337 -31.14 -6.40 20.34
C ALA WD 337 -32.31 -7.36 20.16
N ALA WD 338 -33.11 -7.16 19.11
CA ALA WD 338 -34.24 -8.05 18.83
C ALA WD 338 -33.75 -9.47 18.53
N GLN WD 339 -32.82 -9.60 17.60
CA GLN WD 339 -32.39 -10.93 17.20
C GLN WD 339 -31.61 -11.61 18.31
N THR WD 340 -30.96 -10.84 19.17
CA THR WD 340 -30.33 -11.42 20.36
C THR WD 340 -31.38 -11.91 21.33
N SER WD 341 -32.37 -11.06 21.63
CA SER WD 341 -33.40 -11.45 22.58
C SER WD 341 -34.14 -12.69 22.13
N VAL WD 342 -34.17 -12.95 20.82
CA VAL WD 342 -34.69 -14.24 20.36
C VAL WD 342 -33.96 -15.38 21.07
N GLY WD 343 -32.64 -15.46 20.87
CA GLY WD 343 -31.88 -16.54 21.49
C GLY WD 343 -31.92 -16.49 23.01
N VAL WD 344 -31.88 -15.28 23.57
CA VAL WD 344 -31.91 -15.15 25.02
C VAL WD 344 -33.22 -15.67 25.59
N SER WD 345 -34.34 -15.40 24.91
CA SER WD 345 -35.61 -15.93 25.38
C SER WD 345 -35.66 -17.43 25.23
N ASN WD 346 -35.07 -17.97 24.15
CA ASN WD 346 -34.99 -19.43 24.06
C ASN WD 346 -34.23 -20.00 25.24
N LEU WD 347 -33.03 -19.49 25.52
CA LEU WD 347 -32.24 -20.01 26.63
C LEU WD 347 -32.95 -19.82 27.95
N TYR WD 348 -33.62 -18.67 28.15
CA TYR WD 348 -34.33 -18.45 29.40
C TYR WD 348 -35.52 -19.39 29.53
N TYR WD 349 -36.11 -19.80 28.41
CA TYR WD 349 -37.13 -20.83 28.44
C TYR WD 349 -36.53 -22.17 28.87
N ILE WD 350 -35.35 -22.51 28.33
CA ILE WD 350 -34.67 -23.73 28.75
C ILE WD 350 -34.34 -23.68 30.23
N LEU WD 351 -33.97 -22.51 30.73
CA LEU WD 351 -33.67 -22.39 32.15
C LEU WD 351 -34.96 -22.53 32.96
N SER WD 352 -36.01 -21.82 32.55
CA SER WD 352 -37.25 -21.70 33.29
C SER WD 352 -38.10 -22.97 33.27
N LYS WD 353 -37.88 -23.89 32.33
CA LYS WD 353 -38.68 -25.11 32.37
C LYS WD 353 -38.50 -25.90 33.65
N ARG WD 354 -37.36 -25.75 34.34
CA ARG WD 354 -37.10 -26.57 35.52
C ARG WD 354 -36.92 -25.76 36.79
N LEU WD 355 -37.62 -24.63 36.93
CA LEU WD 355 -37.46 -24.00 38.24
C LEU WD 355 -38.66 -24.30 39.14
N PRO WD 356 -38.42 -24.33 40.45
CA PRO WD 356 -39.49 -24.72 41.38
C PRO WD 356 -40.68 -23.76 41.34
N GLN WD 357 -41.87 -24.35 41.44
CA GLN WD 357 -43.13 -23.62 41.40
C GLN WD 357 -43.95 -23.97 42.63
N ASN WD 358 -44.72 -22.99 43.12
CA ASN WD 358 -45.69 -23.25 44.16
C ASN WD 358 -47.09 -23.37 43.55
N MET WD 359 -47.82 -24.40 43.96
CA MET WD 359 -49.17 -24.63 43.47
C MET WD 359 -50.22 -24.67 44.56
N SER WD 360 -49.87 -25.16 45.76
CA SER WD 360 -50.83 -25.20 46.84
C SER WD 360 -51.03 -23.81 47.43
N ALA WD 361 -52.27 -23.50 47.82
CA ALA WD 361 -52.56 -22.23 48.44
C ALA WD 361 -51.88 -22.09 49.80
N ASP WD 362 -51.54 -23.21 50.44
CA ASP WD 362 -50.82 -23.16 51.70
C ASP WD 362 -49.42 -22.61 51.49
N GLN WD 363 -49.02 -21.66 52.35
CA GLN WD 363 -47.70 -21.06 52.28
C GLN WD 363 -46.76 -21.59 53.34
N SER WD 364 -47.26 -22.11 54.46
CA SER WD 364 -46.42 -22.73 55.47
C SER WD 364 -45.92 -24.10 55.06
N ASN WD 365 -46.78 -24.92 54.47
CA ASN WD 365 -46.39 -26.22 53.91
C ASN WD 365 -46.88 -26.23 52.47
N ALA WD 366 -46.07 -25.68 51.58
CA ALA WD 366 -46.44 -25.52 50.18
C ALA WD 366 -46.06 -26.76 49.39
N ASN WD 367 -46.52 -26.84 48.15
CA ASN WD 367 -46.17 -27.89 47.22
C ASN WD 367 -45.18 -27.30 46.23
N ILE WD 368 -44.04 -27.97 46.06
CA ILE WD 368 -42.99 -27.53 45.15
C ILE WD 368 -42.87 -28.55 44.03
N THR WD 369 -43.01 -28.09 42.79
CA THR WD 369 -42.73 -28.93 41.62
C THR WD 369 -42.39 -28.00 40.46
N SER WD 370 -41.77 -28.57 39.43
CA SER WD 370 -41.44 -27.82 38.23
C SER WD 370 -42.02 -28.54 37.02
N GLN WD 371 -42.05 -27.82 35.89
CA GLN WD 371 -42.70 -28.38 34.71
C GLN WD 371 -41.86 -29.52 34.15
N ALA WD 372 -40.53 -29.42 34.30
CA ALA WD 372 -39.67 -30.50 33.82
C ALA WD 372 -39.79 -31.73 34.69
N LEU WD 373 -39.72 -31.58 36.01
CA LEU WD 373 -39.84 -32.73 36.88
C LEU WD 373 -41.21 -33.37 36.70
N ASN WD 374 -42.24 -32.53 36.60
CA ASN WD 374 -43.59 -33.06 36.48
C ASN WD 374 -43.81 -33.68 35.10
N GLU WD 375 -43.21 -33.11 34.05
CA GLU WD 375 -43.31 -33.72 32.73
C GLU WD 375 -42.64 -35.08 32.75
N PHE WD 376 -41.46 -35.17 33.36
CA PHE WD 376 -40.84 -36.46 33.57
C PHE WD 376 -41.72 -37.38 34.39
N ASN WD 377 -42.53 -36.80 35.28
CA ASN WD 377 -43.40 -37.64 36.09
C ASN WD 377 -44.56 -38.21 35.27
N MET WD 378 -45.29 -37.36 34.54
CA MET WD 378 -46.27 -37.89 33.59
C MET WD 378 -45.65 -38.92 32.67
N ALA WD 379 -44.46 -38.62 32.16
CA ALA WD 379 -43.75 -39.63 31.39
C ALA WD 379 -43.58 -40.89 32.21
N THR WD 380 -43.02 -40.77 33.41
CA THR WD 380 -42.44 -41.88 34.16
C THR WD 380 -43.10 -42.10 35.51
N ARG WD 381 -44.44 -42.14 35.55
CA ARG WD 381 -45.11 -42.53 36.78
C ARG WD 381 -45.57 -43.98 36.76
N ARG WD 382 -45.62 -44.63 35.60
CA ARG WD 382 -46.13 -45.98 35.49
C ARG WD 382 -45.07 -47.06 35.36
N LEU WD 383 -43.91 -46.75 34.79
CA LEU WD 383 -43.05 -47.82 34.30
C LEU WD 383 -42.24 -48.33 35.49
N PHE WD 384 -41.72 -47.41 36.31
CA PHE WD 384 -41.23 -47.68 37.66
C PHE WD 384 -41.50 -46.44 38.51
N ASP WD 385 -41.86 -46.65 39.77
CA ASP WD 385 -42.04 -45.48 40.63
C ASP WD 385 -41.42 -45.84 41.97
N PRO WD 386 -40.40 -45.09 42.42
CA PRO WD 386 -39.72 -45.44 43.69
C PRO WD 386 -40.64 -45.46 44.89
N THR WD 387 -41.60 -44.53 44.96
CA THR WD 387 -42.55 -44.52 46.06
C THR WD 387 -43.42 -45.77 46.04
N ALA WD 388 -43.68 -46.31 44.87
CA ALA WD 388 -44.52 -47.50 44.76
C ALA WD 388 -43.90 -48.68 45.49
N SER WD 389 -44.75 -49.49 46.12
CA SER WD 389 -44.28 -50.66 46.85
C SER WD 389 -43.67 -51.68 45.87
N ASN WD 390 -42.60 -52.33 46.33
CA ASN WD 390 -41.86 -53.27 45.51
C ASN WD 390 -41.94 -54.69 46.07
N THR WD 391 -42.93 -54.95 46.93
CA THR WD 391 -43.13 -56.27 47.50
C THR WD 391 -44.62 -56.62 47.38
N PRO WD 392 -44.95 -57.83 46.94
CA PRO WD 392 -46.36 -58.20 46.82
C PRO WD 392 -47.07 -58.18 48.16
N GLY WD 393 -48.37 -57.86 48.12
CA GLY WD 393 -49.18 -57.76 49.31
C GLY WD 393 -49.33 -56.35 49.86
N GLN WD 394 -48.43 -55.45 49.50
CA GLN WD 394 -48.55 -54.06 49.92
C GLN WD 394 -49.29 -53.26 48.86
N PRO WD 395 -49.95 -52.16 49.24
CA PRO WD 395 -50.69 -51.36 48.25
C PRO WD 395 -49.77 -50.66 47.27
N ASN WD 396 -50.36 -49.84 46.40
CA ASN WD 396 -49.69 -48.99 45.41
C ASN WD 396 -48.42 -49.63 44.85
N GLN WD 397 -48.58 -50.85 44.36
CA GLN WD 397 -47.49 -51.56 43.72
C GLN WD 397 -47.12 -50.87 42.41
N GLN WD 398 -46.18 -51.46 41.69
CA GLN WD 398 -45.82 -50.93 40.38
C GLN WD 398 -47.02 -51.04 39.43
N TRP WD 399 -47.08 -50.12 38.48
CA TRP WD 399 -48.26 -49.97 37.65
C TRP WD 399 -48.51 -51.23 36.84
N ILE WD 400 -47.45 -51.81 36.27
CA ILE WD 400 -47.57 -52.98 35.41
C ILE WD 400 -48.16 -54.17 36.16
N LYS WD 401 -47.67 -54.44 37.37
CA LYS WD 401 -48.24 -55.52 38.16
C LYS WD 401 -49.71 -55.27 38.47
N GLN WD 402 -50.07 -53.99 38.60
CA GLN WD 402 -51.48 -53.65 38.82
C GLN WD 402 -52.31 -53.96 37.58
N ILE WD 403 -51.76 -53.70 36.39
CA ILE WD 403 -52.43 -54.15 35.15
C ILE WD 403 -52.57 -55.65 35.13
N ASN WD 404 -51.56 -56.37 35.61
CA ASN WD 404 -51.58 -57.83 35.55
C ASN WD 404 -52.82 -58.41 36.22
N ASP WD 405 -53.35 -57.72 37.23
CA ASP WD 405 -54.52 -58.16 37.99
C ASP WD 405 -55.58 -57.08 37.99
N ALA WD 406 -55.88 -56.54 36.82
CA ALA WD 406 -56.85 -55.47 36.68
C ALA WD 406 -57.97 -55.89 35.74
N SER WD 407 -59.15 -55.32 35.96
CA SER WD 407 -60.32 -55.64 35.16
C SER WD 407 -60.22 -55.01 33.78
N PRO WD 408 -60.91 -55.58 32.77
CA PRO WD 408 -60.87 -54.98 31.44
C PRO WD 408 -61.33 -53.53 31.40
N ALA WD 409 -62.35 -53.19 32.17
CA ALA WD 409 -62.80 -51.80 32.23
C ALA WD 409 -61.70 -50.90 32.78
N THR WD 410 -61.04 -51.32 33.86
CA THR WD 410 -60.01 -50.50 34.47
C THR WD 410 -58.82 -50.31 33.54
N VAL WD 411 -58.41 -51.37 32.83
CA VAL WD 411 -57.28 -51.23 31.94
C VAL WD 411 -57.65 -50.35 30.75
N GLN WD 412 -58.87 -50.50 30.22
CA GLN WD 412 -59.33 -49.61 29.15
C GLN WD 412 -59.32 -48.17 29.62
N LYS WD 413 -59.71 -47.94 30.86
CA LYS WD 413 -59.64 -46.64 31.49
C LYS WD 413 -58.22 -46.08 31.49
N GLU WD 414 -57.26 -46.92 31.91
CA GLU WD 414 -55.87 -46.50 31.95
C GLU WD 414 -55.38 -46.11 30.56
N ILE WD 415 -55.72 -46.93 29.56
CA ILE WD 415 -55.40 -46.56 28.18
C ILE WD 415 -55.96 -45.20 27.84
N ALA WD 416 -57.23 -44.95 28.15
CA ALA WD 416 -57.85 -43.68 27.77
C ALA WD 416 -57.10 -42.49 28.37
N ILE WD 417 -56.84 -42.55 29.68
CA ILE WD 417 -56.18 -41.40 30.30
C ILE WD 417 -54.79 -41.19 29.72
N LEU WD 418 -54.05 -42.28 29.47
CA LEU WD 418 -52.71 -42.05 28.95
C LEU WD 418 -52.74 -41.58 27.50
N LEU WD 419 -53.79 -41.94 26.74
CA LEU WD 419 -53.90 -41.35 25.40
C LEU WD 419 -54.07 -39.86 25.48
N ALA WD 420 -54.88 -39.40 26.43
CA ALA WD 420 -54.88 -37.98 26.73
C ALA WD 420 -53.45 -37.50 26.94
N GLU WD 421 -52.69 -38.22 27.76
CA GLU WD 421 -51.32 -37.81 28.07
C GLU WD 421 -50.46 -37.70 26.82
N ILE WD 422 -50.56 -38.69 25.91
CA ILE WD 422 -49.81 -38.63 24.66
C ILE WD 422 -50.19 -37.39 23.87
N ASN WD 423 -51.49 -37.10 23.79
CA ASN WD 423 -51.92 -35.85 23.19
C ASN WD 423 -51.16 -34.67 23.78
N TYR WD 424 -51.11 -34.61 25.11
CA TYR WD 424 -50.53 -33.43 25.75
C TYR WD 424 -49.05 -33.32 25.46
N GLN WD 425 -48.38 -34.46 25.44
CA GLN WD 425 -46.93 -34.38 25.38
C GLN WD 425 -46.46 -34.19 23.95
N MET WD 426 -47.15 -34.77 22.97
CA MET WD 426 -46.74 -34.42 21.62
C MET WD 426 -47.17 -32.99 21.34
N TYR WD 427 -48.14 -32.47 22.13
CA TYR WD 427 -48.51 -31.05 22.06
C TYR WD 427 -47.38 -30.13 22.50
N LEU WD 428 -46.87 -30.29 23.72
CA LEU WD 428 -45.80 -29.38 24.09
C LEU WD 428 -44.59 -29.64 23.20
N ASP WD 429 -44.47 -30.85 22.66
CA ASP WD 429 -43.49 -31.12 21.60
C ASP WD 429 -43.72 -30.22 20.39
N ARG WD 430 -44.98 -30.03 20.01
CA ARG WD 430 -45.28 -29.04 18.97
C ARG WD 430 -44.70 -27.70 19.34
N GLN WD 431 -44.84 -27.32 20.59
CA GLN WD 431 -44.32 -26.02 21.01
C GLN WD 431 -42.82 -25.96 20.81
N ILE WD 432 -42.13 -27.04 21.17
CA ILE WD 432 -40.67 -27.12 20.98
C ILE WD 432 -40.30 -26.94 19.50
N GLN WD 433 -40.99 -27.64 18.60
CA GLN WD 433 -40.73 -27.44 17.18
C GLN WD 433 -41.02 -26.01 16.73
N GLU WD 434 -42.10 -25.42 17.23
CA GLU WD 434 -42.37 -24.03 16.88
C GLU WD 434 -41.21 -23.14 17.30
N ARG WD 435 -40.57 -23.47 18.42
CA ARG WD 435 -39.36 -22.74 18.81
C ARG WD 435 -38.23 -22.98 17.82
N ILE WD 436 -38.08 -24.22 17.32
CA ILE WD 436 -37.15 -24.44 16.20
C ILE WD 436 -37.36 -23.41 15.11
N LEU WD 437 -38.60 -23.32 14.60
CA LEU WD 437 -38.88 -22.36 13.54
C LEU WD 437 -38.52 -20.95 13.96
N LEU WD 438 -38.85 -20.57 15.19
CA LEU WD 438 -38.54 -19.20 15.60
C LEU WD 438 -37.03 -18.93 15.46
N THR WD 439 -36.21 -19.79 16.05
CA THR WD 439 -34.77 -19.55 16.02
C THR WD 439 -34.22 -19.58 14.59
N ASN WD 440 -34.65 -20.57 13.78
CA ASN WD 440 -34.01 -20.69 12.48
C ASN WD 440 -34.45 -19.55 11.57
N SER WD 441 -35.70 -19.08 11.72
CA SER WD 441 -36.11 -17.92 10.93
C SER WD 441 -35.28 -16.71 11.29
N ILE WD 442 -35.15 -16.41 12.59
CA ILE WD 442 -34.42 -15.20 12.97
C ILE WD 442 -32.98 -15.27 12.49
N MET WD 443 -32.33 -16.43 12.61
CA MET WD 443 -30.94 -16.47 12.17
C MET WD 443 -30.85 -16.47 10.64
N LEU WD 444 -31.88 -16.93 9.93
CA LEU WD 444 -31.92 -16.67 8.49
C LEU WD 444 -31.91 -15.19 8.21
N LEU WD 445 -32.87 -14.44 8.78
CA LEU WD 445 -32.91 -13.00 8.53
C LEU WD 445 -31.61 -12.33 8.94
N GLN WD 446 -30.91 -12.85 9.93
CA GLN WD 446 -29.64 -12.24 10.30
C GLN WD 446 -28.62 -12.43 9.18
N ASN WD 447 -28.51 -13.66 8.64
CA ASN WD 447 -27.59 -13.86 7.53
C ASN WD 447 -27.96 -12.99 6.33
N LEU WD 448 -29.25 -12.92 6.01
CA LEU WD 448 -29.68 -12.13 4.86
C LEU WD 448 -29.41 -10.65 5.07
N LYS WD 449 -29.66 -10.13 6.26
CA LYS WD 449 -29.36 -8.73 6.53
C LYS WD 449 -27.87 -8.48 6.36
N ALA WD 450 -27.03 -9.43 6.79
CA ALA WD 450 -25.61 -9.35 6.51
C ALA WD 450 -25.31 -9.50 5.02
N ALA WD 451 -26.29 -9.92 4.23
CA ALA WD 451 -26.11 -10.25 2.81
C ALA WD 451 -26.74 -9.21 1.90
N GLN WD 452 -26.76 -7.95 2.33
CA GLN WD 452 -27.45 -6.90 1.60
C GLN WD 452 -26.76 -6.62 0.26
N PRO WD 453 -27.53 -6.52 -0.82
CA PRO WD 453 -26.93 -6.20 -2.12
C PRO WD 453 -26.47 -4.76 -2.19
N THR WD 454 -25.51 -4.51 -3.08
CA THR WD 454 -24.97 -3.17 -3.29
C THR WD 454 -25.78 -2.45 -4.35
N ALA WD 455 -25.85 -1.13 -4.23
CA ALA WD 455 -26.53 -0.30 -5.22
C ALA WD 455 -25.53 0.51 -6.05
N ASP WD 456 -24.39 0.86 -5.47
CA ASP WD 456 -23.36 1.59 -6.19
C ASP WD 456 -22.81 0.73 -7.31
N PHE WD 457 -22.63 1.34 -8.48
CA PHE WD 457 -22.18 0.65 -9.67
C PHE WD 457 -20.83 1.21 -10.10
N SER WD 458 -19.78 0.45 -9.88
CA SER WD 458 -18.43 0.87 -10.24
C SER WD 458 -17.89 0.03 -11.39
N GLN XD 23 -94.91 -86.97 46.39
CA GLN XD 23 -94.94 -87.54 45.05
C GLN XD 23 -93.53 -87.78 44.51
N PRO XD 24 -93.36 -88.84 43.72
CA PRO XD 24 -92.04 -89.09 43.11
C PRO XD 24 -91.65 -87.95 42.18
N ALA XD 25 -90.36 -87.66 42.16
CA ALA XD 25 -89.81 -86.54 41.41
C ALA XD 25 -88.91 -87.04 40.29
N ASP XD 26 -89.21 -86.61 39.07
CA ASP XD 26 -88.34 -86.94 37.95
C ASP XD 26 -87.01 -86.21 38.09
N PRO XD 27 -85.89 -86.82 37.68
CA PRO XD 27 -84.58 -86.18 37.87
C PRO XD 27 -84.42 -84.89 37.09
N SER XD 28 -85.26 -84.64 36.09
CA SER XD 28 -85.10 -83.45 35.26
C SER XD 28 -85.23 -82.17 36.09
N GLY XD 29 -86.18 -82.14 37.03
CA GLY XD 29 -86.37 -80.93 37.82
C GLY XD 29 -85.16 -80.57 38.65
N GLN XD 30 -84.61 -81.54 39.38
CA GLN XD 30 -83.43 -81.26 40.20
C GLN XD 30 -82.21 -80.99 39.33
N GLN XD 31 -82.10 -81.69 38.20
CA GLN XD 31 -80.98 -81.44 37.30
C GLN XD 31 -81.01 -80.00 36.79
N THR XD 32 -82.20 -79.53 36.37
CA THR XD 32 -82.31 -78.16 35.91
C THR XD 32 -82.12 -77.17 37.05
N SER XD 33 -82.54 -77.53 38.27
CA SER XD 33 -82.33 -76.65 39.41
C SER XD 33 -80.84 -76.45 39.70
N THR XD 34 -80.09 -77.56 39.72
CA THR XD 34 -78.65 -77.45 39.92
C THR XD 34 -77.99 -76.71 38.76
N ASN XD 35 -78.46 -76.96 37.54
CA ASN XD 35 -77.95 -76.21 36.38
C ASN XD 35 -78.18 -74.72 36.55
N THR XD 36 -79.36 -74.32 36.98
CA THR XD 36 -79.67 -72.89 37.09
C THR XD 36 -78.90 -72.23 38.22
N SER XD 37 -78.72 -72.93 39.35
CA SER XD 37 -77.86 -72.38 40.39
C SER XD 37 -76.43 -72.22 39.88
N ASN XD 38 -75.96 -73.18 39.08
CA ASN XD 38 -74.65 -73.06 38.46
C ASN XD 38 -74.61 -71.87 37.52
N LEU XD 39 -75.69 -71.65 36.76
CA LEU XD 39 -75.79 -70.45 35.93
C LEU XD 39 -75.59 -69.20 36.76
N VAL XD 40 -76.29 -69.11 37.89
CA VAL XD 40 -76.26 -67.91 38.71
C VAL XD 40 -74.85 -67.66 39.21
N THR XD 41 -74.22 -68.68 39.81
CA THR XD 41 -72.89 -68.45 40.38
C THR XD 41 -71.88 -68.14 39.28
N TYR XD 42 -72.00 -68.81 38.13
CA TYR XD 42 -71.05 -68.58 37.05
C TYR XD 42 -71.16 -67.15 36.51
N LEU XD 43 -72.38 -66.66 36.33
CA LEU XD 43 -72.52 -65.30 35.81
C LEU XD 43 -72.06 -64.28 36.84
N THR XD 44 -72.32 -64.53 38.13
CA THR XD 44 -71.86 -63.58 39.14
C THR XD 44 -70.34 -63.52 39.17
N ASN XD 45 -69.67 -64.67 39.08
CA ASN XD 45 -68.21 -64.62 39.11
C ASN XD 45 -67.65 -64.03 37.83
N LEU XD 46 -68.31 -64.22 36.69
CA LEU XD 46 -67.81 -63.57 35.47
C LEU XD 46 -67.99 -62.06 35.55
N GLY XD 47 -69.14 -61.61 36.08
CA GLY XD 47 -69.32 -60.18 36.28
C GLY XD 47 -68.27 -59.59 37.21
N LYS XD 48 -67.94 -60.32 38.27
CA LYS XD 48 -66.85 -59.91 39.14
C LYS XD 48 -65.52 -59.88 38.37
N TYR XD 49 -65.34 -60.84 37.45
CA TYR XD 49 -64.11 -60.88 36.65
C TYR XD 49 -63.97 -59.64 35.80
N LEU XD 50 -65.05 -59.23 35.13
CA LEU XD 50 -65.01 -57.98 34.37
C LEU XD 50 -64.92 -56.75 35.25
N GLY XD 51 -65.15 -56.89 36.56
CA GLY XD 51 -64.98 -55.79 37.48
C GLY XD 51 -66.25 -55.16 37.98
N TYR XD 52 -67.36 -55.89 38.04
CA TYR XD 52 -68.64 -55.35 38.47
C TYR XD 52 -69.28 -56.32 39.46
N ASP XD 53 -69.97 -55.78 40.45
CA ASP XD 53 -70.64 -56.59 41.47
C ASP XD 53 -72.09 -56.82 41.03
N ILE XD 54 -72.25 -57.70 40.04
CA ILE XD 54 -73.54 -57.86 39.36
C ILE XD 54 -74.64 -58.23 40.34
N THR XD 55 -74.30 -58.78 41.50
CA THR XD 55 -75.32 -59.20 42.46
C THR XD 55 -76.15 -58.04 43.00
N GLN XD 56 -75.67 -56.81 42.87
CA GLN XD 56 -76.37 -55.63 43.39
C GLN XD 56 -76.79 -54.74 42.23
N SER XD 57 -78.10 -54.53 42.09
CA SER XD 57 -78.60 -53.64 41.05
C SER XD 57 -78.70 -52.20 41.54
N SER XD 58 -78.60 -51.98 42.85
CA SER XD 58 -78.82 -50.64 43.40
C SER XD 58 -77.73 -49.67 42.95
N LYS XD 59 -76.47 -50.05 43.10
CA LYS XD 59 -75.37 -49.16 42.73
C LYS XD 59 -75.04 -49.22 41.24
N ALA XD 60 -75.72 -50.06 40.48
CA ALA XD 60 -75.49 -50.15 39.05
C ALA XD 60 -75.84 -48.82 38.38
N PRO XD 61 -75.22 -48.51 37.25
CA PRO XD 61 -75.44 -47.19 36.63
C PRO XD 61 -76.90 -47.01 36.23
N ASN XD 62 -77.57 -46.10 36.92
CA ASN XD 62 -78.99 -45.84 36.70
C ASN XD 62 -79.21 -44.34 36.57
N PRO XD 63 -79.60 -43.85 35.39
CA PRO XD 63 -79.83 -44.61 34.15
C PRO XD 63 -78.52 -44.97 33.45
N PRO XD 64 -78.49 -46.07 32.72
CA PRO XD 64 -77.27 -46.42 31.96
C PRO XD 64 -76.98 -45.38 30.89
N TYR XD 65 -75.69 -45.15 30.66
CA TYR XD 65 -75.24 -44.16 29.70
C TYR XD 65 -74.33 -44.80 28.67
N SER XD 66 -74.59 -44.51 27.39
CA SER XD 66 -73.76 -44.97 26.30
C SER XD 66 -73.23 -43.85 25.41
N GLN XD 67 -73.86 -42.67 25.44
CA GLN XD 67 -73.45 -41.57 24.59
C GLN XD 67 -72.15 -40.96 25.12
N LEU XD 68 -71.60 -40.02 24.36
CA LEU XD 68 -70.43 -39.27 24.81
C LEU XD 68 -70.80 -38.39 25.99
N PHE XD 69 -69.75 -37.88 26.66
CA PHE XD 69 -69.97 -36.97 27.77
C PHE XD 69 -70.67 -35.70 27.31
N ASN XD 70 -70.12 -35.06 26.27
CA ASN XD 70 -70.81 -33.96 25.60
C ASN XD 70 -70.33 -33.95 24.14
N SER XD 71 -71.11 -34.58 23.27
CA SER XD 71 -70.77 -34.56 21.85
C SER XD 71 -70.83 -33.15 21.29
N ASN XD 72 -71.76 -32.33 21.79
CA ASN XD 72 -71.90 -30.97 21.29
C ASN XD 72 -70.69 -30.11 21.63
N VAL XD 73 -70.15 -30.27 22.84
CA VAL XD 73 -69.02 -29.44 23.25
C VAL XD 73 -67.79 -29.74 22.39
N VAL XD 74 -67.43 -31.02 22.27
CA VAL XD 74 -66.29 -31.37 21.43
C VAL XD 74 -66.58 -31.03 19.98
N GLN XD 75 -67.84 -31.13 19.56
CA GLN XD 75 -68.24 -30.75 18.21
C GLN XD 75 -67.89 -29.31 17.92
N LEU XD 76 -68.36 -28.39 18.76
CA LEU XD 76 -68.10 -26.98 18.56
C LEU XD 76 -66.61 -26.66 18.68
N VAL XD 77 -65.93 -27.28 19.66
CA VAL XD 77 -64.52 -26.99 19.88
C VAL XD 77 -63.71 -27.39 18.65
N GLN XD 78 -63.96 -28.59 18.12
CA GLN XD 78 -63.28 -29.02 16.90
C GLN XD 78 -63.67 -28.15 15.71
N ASN XD 79 -64.90 -27.65 15.69
CA ASN XD 79 -65.30 -26.74 14.62
C ASN XD 79 -64.40 -25.51 14.58
N TYR XD 80 -64.28 -24.82 15.72
CA TYR XD 80 -63.45 -23.62 15.70
C TYR XD 80 -61.99 -23.98 15.48
N ALA XD 81 -61.56 -25.17 15.92
CA ALA XD 81 -60.19 -25.57 15.65
C ALA XD 81 -59.92 -25.64 14.15
N TYR XD 82 -60.79 -26.32 13.42
CA TYR XD 82 -60.60 -26.43 11.98
C TYR XD 82 -60.65 -25.06 11.33
N ASN XD 83 -61.61 -24.23 11.75
CA ASN XD 83 -61.75 -22.91 11.16
C ASN XD 83 -60.49 -22.07 11.39
N THR XD 84 -59.96 -22.11 12.61
CA THR XD 84 -58.78 -21.32 12.95
C THR XD 84 -57.55 -21.85 12.23
N PHE XD 85 -57.42 -23.17 12.08
CA PHE XD 85 -56.26 -23.68 11.36
C PHE XD 85 -56.32 -23.32 9.89
N LEU XD 86 -57.49 -23.45 9.27
CA LEU XD 86 -57.60 -23.15 7.85
C LEU XD 86 -57.44 -21.67 7.57
N GLY XD 87 -57.99 -20.79 8.43
CA GLY XD 87 -57.89 -19.37 8.18
C GLY XD 87 -56.64 -18.70 8.73
N ALA XD 88 -55.97 -19.37 9.67
CA ALA XD 88 -54.81 -18.78 10.34
C ALA XD 88 -53.56 -18.79 9.48
N ILE XD 89 -53.46 -19.69 8.51
CA ILE XD 89 -52.31 -19.71 7.61
C ILE XD 89 -52.34 -18.43 6.79
N PRO XD 90 -51.23 -17.68 6.73
CA PRO XD 90 -51.20 -16.51 5.84
C PRO XD 90 -51.35 -16.96 4.40
N VAL XD 91 -51.72 -16.03 3.53
CA VAL XD 91 -51.86 -16.35 2.11
C VAL XD 91 -51.60 -15.09 1.29
N ASP XD 92 -51.01 -15.29 0.10
CA ASP XD 92 -50.75 -14.24 -0.87
C ASP XD 92 -52.08 -13.60 -1.27
N ALA XD 93 -52.28 -12.32 -0.92
CA ALA XD 93 -53.62 -11.72 -0.95
C ALA XD 93 -53.62 -10.40 -1.71
N MET XD 94 -54.01 -10.47 -2.99
CA MET XD 94 -54.43 -9.28 -3.74
C MET XD 94 -55.75 -9.48 -4.49
N SER XD 95 -55.98 -10.64 -5.08
CA SER XD 95 -57.18 -10.88 -5.87
C SER XD 95 -57.74 -12.24 -5.48
N GLN XD 96 -59.05 -12.41 -5.70
CA GLN XD 96 -59.78 -13.54 -5.14
C GLN XD 96 -59.19 -14.87 -5.59
N SER XD 97 -58.78 -14.98 -6.84
CA SER XD 97 -58.24 -16.23 -7.36
C SER XD 97 -56.95 -16.64 -6.66
N LEU XD 98 -56.32 -15.73 -5.92
CA LEU XD 98 -54.96 -15.98 -5.42
C LEU XD 98 -54.91 -16.45 -3.97
N MET XD 99 -55.99 -16.33 -3.20
CA MET XD 99 -55.99 -16.97 -1.90
C MET XD 99 -56.61 -18.37 -1.95
N ASN XD 100 -56.90 -18.87 -3.14
CA ASN XD 100 -57.58 -20.16 -3.26
C ASN XD 100 -56.61 -21.30 -3.00
N PHE XD 101 -56.74 -21.92 -1.82
CA PHE XD 101 -55.99 -23.14 -1.54
C PHE XD 101 -56.44 -24.28 -2.45
N VAL XD 102 -57.71 -24.28 -2.84
CA VAL XD 102 -58.32 -25.34 -3.62
C VAL XD 102 -58.88 -24.76 -4.89
N THR XD 103 -59.06 -25.63 -5.89
CA THR XD 103 -59.65 -25.23 -7.16
C THR XD 103 -61.16 -25.38 -7.07
N ASP XD 104 -61.85 -25.16 -8.19
CA ASP XD 104 -63.29 -25.23 -8.22
C ASP XD 104 -63.83 -26.66 -8.20
N LYS XD 105 -63.02 -27.65 -8.57
CA LYS XD 105 -63.52 -29.00 -8.73
C LYS XD 105 -63.76 -29.71 -7.40
N VAL XD 106 -62.92 -29.45 -6.40
CA VAL XD 106 -63.03 -30.17 -5.14
C VAL XD 106 -64.33 -29.79 -4.45
N GLN XD 107 -64.83 -30.72 -3.62
CA GLN XD 107 -66.10 -30.52 -2.94
C GLN XD 107 -65.92 -29.66 -1.70
N GLY XD 108 -66.89 -28.81 -1.42
CA GLY XD 108 -66.77 -27.88 -0.33
C GLY XD 108 -65.81 -26.74 -0.58
N ASN XD 109 -65.38 -26.59 -1.84
CA ASN XD 109 -64.35 -25.61 -2.18
C ASN XD 109 -64.71 -24.19 -1.76
N SER XD 110 -66.00 -23.84 -1.83
CA SER XD 110 -66.41 -22.48 -1.48
C SER XD 110 -66.08 -22.17 -0.03
N LEU XD 111 -66.39 -23.09 0.88
CA LEU XD 111 -66.11 -22.86 2.29
C LEU XD 111 -64.62 -22.76 2.56
N ILE XD 112 -63.84 -23.66 1.95
CA ILE XD 112 -62.38 -23.65 2.19
C ILE XD 112 -61.78 -22.35 1.68
N ASN XD 113 -62.08 -21.97 0.44
CA ASN XD 113 -61.53 -20.74 -0.11
C ASN XD 113 -62.04 -19.52 0.63
N ASN XD 114 -63.24 -19.60 1.21
CA ASN XD 114 -63.81 -18.47 1.92
C ASN XD 114 -63.02 -18.13 3.18
N LEU XD 115 -62.56 -19.15 3.91
CA LEU XD 115 -61.83 -18.90 5.16
C LEU XD 115 -60.44 -18.33 4.94
N ALA XD 116 -60.10 -17.94 3.71
CA ALA XD 116 -58.75 -17.51 3.40
C ALA XD 116 -58.37 -16.25 4.16
N ASN XD 117 -57.18 -16.27 4.74
CA ASN XD 117 -56.53 -15.07 5.29
C ASN XD 117 -57.36 -14.47 6.43
N THR XD 118 -58.26 -15.27 7.00
CA THR XD 118 -59.38 -14.72 7.76
C THR XD 118 -58.93 -13.92 8.97
N THR XD 119 -57.77 -14.24 9.55
CA THR XD 119 -57.32 -13.51 10.73
C THR XD 119 -57.04 -12.05 10.42
N PHE XD 120 -56.29 -11.76 9.36
CA PHE XD 120 -56.03 -10.38 8.98
C PHE XD 120 -57.23 -9.69 8.34
N LYS XD 121 -58.08 -10.42 7.62
CA LYS XD 121 -59.31 -9.81 7.10
C LYS XD 121 -60.23 -9.35 8.21
N TYR XD 122 -60.40 -10.19 9.25
CA TYR XD 122 -61.11 -9.74 10.43
C TYR XD 122 -60.37 -8.59 11.09
N GLN XD 123 -59.04 -8.67 11.13
CA GLN XD 123 -58.22 -7.63 11.72
C GLN XD 123 -58.22 -6.34 10.90
N ASN XD 124 -58.75 -6.38 9.68
CA ASN XD 124 -58.74 -5.24 8.76
C ASN XD 124 -57.32 -4.70 8.58
N PHE XD 125 -56.39 -5.61 8.30
CA PHE XD 125 -54.99 -5.23 8.14
C PHE XD 125 -54.80 -4.25 6.99
N SER XD 126 -55.49 -4.49 5.87
CA SER XD 126 -55.32 -3.64 4.69
C SER XD 126 -55.79 -2.21 4.93
N ALA XD 127 -56.62 -1.99 5.93
CA ALA XD 127 -57.07 -0.64 6.25
C ALA XD 127 -55.88 0.22 6.67
N PRO XD 128 -55.66 1.37 6.04
CA PRO XD 128 -54.50 2.19 6.42
C PRO XD 128 -54.64 2.74 7.82
N SER XD 129 -53.55 2.67 8.58
CA SER XD 129 -53.48 3.23 9.92
C SER XD 129 -52.03 3.55 10.25
N SER XD 130 -51.83 4.36 11.28
CA SER XD 130 -50.51 4.80 11.69
C SER XD 130 -50.13 4.30 13.08
N GLY XD 131 -50.87 3.34 13.62
CA GLY XD 131 -50.57 2.79 14.93
C GLY XD 131 -51.21 3.55 16.06
N ALA XD 132 -52.51 3.87 15.92
CA ALA XD 132 -53.23 4.59 16.95
C ALA XD 132 -54.61 3.99 17.19
N ASP XD 133 -54.77 2.69 16.91
CA ASP XD 133 -56.03 2.00 17.13
C ASP XD 133 -55.91 0.68 17.87
N GLY XD 134 -54.71 0.10 17.95
CA GLY XD 134 -54.52 -1.16 18.64
C GLY XD 134 -54.86 -2.39 17.83
N LYS XD 135 -55.29 -2.24 16.59
CA LYS XD 135 -55.64 -3.37 15.73
C LYS XD 135 -54.52 -3.65 14.75
N ILE XD 136 -54.38 -4.92 14.37
CA ILE XD 136 -53.40 -5.31 13.36
C ILE XD 136 -53.63 -4.50 12.10
N THR XD 137 -52.63 -3.73 11.69
CA THR XD 137 -52.76 -2.85 10.55
C THR XD 137 -51.39 -2.56 9.97
N ALA XD 138 -51.38 -2.10 8.72
CA ALA XD 138 -50.14 -1.72 8.05
C ALA XD 138 -49.83 -0.27 8.41
N ASN XD 139 -48.84 -0.08 9.28
CA ASN XD 139 -48.52 1.25 9.76
C ASN XD 139 -47.88 2.08 8.65
N GLY XD 140 -48.43 3.29 8.43
CA GLY XD 140 -47.99 4.13 7.33
C GLY XD 140 -46.60 4.70 7.48
N LEU XD 141 -46.10 4.83 8.71
CA LEU XD 141 -44.77 5.38 8.91
C LEU XD 141 -43.69 4.43 8.43
N ILE XD 142 -43.99 3.13 8.34
CA ILE XD 142 -43.02 2.14 7.89
C ILE XD 142 -43.32 1.60 6.50
N ASP XD 143 -44.58 1.53 6.10
CA ASP XD 143 -44.95 0.96 4.81
C ASP XD 143 -45.05 2.04 3.75
N GLN XD 144 -44.74 1.68 2.52
CA GLN XD 144 -45.01 2.54 1.38
C GLN XD 144 -46.49 2.49 1.04
N SER XD 145 -46.98 3.54 0.39
CA SER XD 145 -48.36 3.56 -0.07
C SER XD 145 -48.46 2.88 -1.43
N THR XD 146 -49.69 2.55 -1.83
CA THR XD 146 -49.95 1.96 -3.14
C THR XD 146 -50.11 3.01 -4.24
N ALA XD 147 -50.05 4.30 -3.89
CA ALA XD 147 -50.21 5.38 -4.85
C ALA XD 147 -48.98 6.29 -4.78
N SER XD 148 -48.52 6.73 -5.94
CA SER XD 148 -47.35 7.61 -6.02
C SER XD 148 -47.74 9.04 -5.67
N THR XD 168 -53.80 3.27 -0.11
CA THR XD 168 -54.08 2.11 0.72
C THR XD 168 -52.85 1.21 0.79
N TYR XD 169 -52.99 0.08 1.48
CA TYR XD 169 -51.88 -0.85 1.67
C TYR XD 169 -52.37 -2.26 1.36
N LEU XD 170 -51.42 -3.15 1.07
CA LEU XD 170 -51.75 -4.48 0.60
C LEU XD 170 -52.45 -5.30 1.70
N ASN XD 171 -53.23 -6.28 1.24
CA ASN XD 171 -54.04 -7.10 2.12
C ASN XD 171 -53.22 -8.07 2.97
N ASP XD 172 -52.11 -8.58 2.44
CA ASP XD 172 -51.34 -9.58 3.16
C ASP XD 172 -50.04 -8.97 3.68
N PRO XD 173 -49.78 -9.10 4.99
CA PRO XD 173 -48.59 -8.47 5.55
C PRO XD 173 -47.28 -9.00 5.00
N VAL XD 174 -47.22 -10.27 4.59
CA VAL XD 174 -46.00 -10.78 4.00
C VAL XD 174 -45.69 -10.06 2.70
N SER XD 175 -46.70 -9.97 1.81
CA SER XD 175 -46.52 -9.21 0.58
C SER XD 175 -46.31 -7.73 0.88
N GLN XD 176 -46.88 -7.24 1.98
CA GLN XD 176 -46.61 -5.87 2.41
C GLN XD 176 -45.12 -5.67 2.63
N ALA XD 177 -44.50 -6.56 3.41
CA ALA XD 177 -43.07 -6.46 3.68
C ALA XD 177 -42.27 -6.64 2.39
N VAL XD 178 -42.69 -7.56 1.54
CA VAL XD 178 -42.02 -7.75 0.25
C VAL XD 178 -42.03 -6.44 -0.53
N PHE XD 179 -43.17 -5.74 -0.52
CA PHE XD 179 -43.32 -4.54 -1.33
C PHE XD 179 -42.56 -3.37 -0.73
N ASN XD 180 -42.41 -3.35 0.60
CA ASN XD 180 -41.48 -2.39 1.20
C ASN XD 180 -40.04 -2.69 0.79
N ILE XD 181 -39.67 -3.97 0.77
CA ILE XD 181 -38.31 -4.33 0.35
C ILE XD 181 -38.07 -3.90 -1.09
N LEU XD 182 -39.06 -4.09 -1.96
CA LEU XD 182 -38.90 -3.77 -3.37
C LEU XD 182 -38.95 -2.26 -3.60
N GLY XD 183 -40.04 -1.61 -3.20
CA GLY XD 183 -40.29 -0.24 -3.58
C GLY XD 183 -39.98 0.82 -2.54
N THR XD 184 -38.83 0.71 -1.87
CA THR XD 184 -38.39 1.76 -0.97
C THR XD 184 -37.38 2.65 -1.69
N PRO XD 185 -37.79 3.78 -2.25
CA PRO XD 185 -36.87 4.59 -3.04
C PRO XD 185 -35.69 5.10 -2.21
N ASP XD 186 -34.59 5.34 -2.90
CA ASP XD 186 -33.39 5.86 -2.27
C ASP XD 186 -33.59 7.33 -1.93
N TYR XD 187 -32.71 7.86 -1.06
CA TYR XD 187 -32.81 9.25 -0.68
C TYR XD 187 -32.53 10.16 -1.87
N SER XD 188 -31.76 9.69 -2.84
CA SER XD 188 -31.41 10.51 -3.99
C SER XD 188 -32.65 10.91 -4.79
N PHE XD 189 -33.76 10.20 -4.58
CA PHE XD 189 -34.99 10.51 -5.31
C PHE XD 189 -35.67 11.74 -4.74
N CYS XD 190 -35.32 12.16 -3.52
CA CYS XD 190 -35.75 13.44 -2.97
C CYS XD 190 -34.67 14.50 -3.13
N MET XD 191 -33.60 14.18 -3.84
CA MET XD 191 -32.57 15.14 -4.23
C MET XD 191 -32.77 15.57 -5.67
N ASP XD 192 -32.12 16.70 -5.98
CA ASP XD 192 -31.89 17.11 -7.35
C ASP XD 192 -30.92 16.16 -8.03
N ASN XD 193 -30.60 16.46 -9.29
CA ASN XD 193 -29.73 15.58 -10.06
C ASN XD 193 -28.27 15.66 -9.62
N GLU XD 194 -27.86 16.74 -8.96
CA GLU XD 194 -26.47 16.92 -8.55
C GLU XD 194 -26.20 16.60 -7.09
N GLN XD 195 -27.16 15.97 -6.39
CA GLN XD 195 -26.94 15.50 -5.02
C GLN XD 195 -26.61 16.65 -4.07
N LYS XD 196 -27.19 17.82 -4.30
CA LYS XD 196 -26.80 19.00 -3.54
C LYS XD 196 -27.84 19.40 -2.51
N ASN XD 197 -29.13 19.20 -2.81
CA ASN XD 197 -30.18 19.75 -1.97
C ASN XD 197 -31.47 18.93 -2.11
N TRP XD 198 -32.30 18.99 -1.07
CA TRP XD 198 -33.58 18.29 -1.00
C TRP XD 198 -34.69 19.13 -1.61
N LEU XD 199 -35.59 18.46 -2.33
CA LEU XD 199 -36.75 19.13 -2.87
C LEU XD 199 -37.63 19.66 -1.74
N PRO XD 200 -38.24 20.84 -1.91
CA PRO XD 200 -39.11 21.37 -0.85
C PRO XD 200 -40.28 20.45 -0.52
N ASN XD 201 -40.82 19.76 -1.52
CA ASN XD 201 -41.90 18.80 -1.31
C ASN XD 201 -41.48 17.46 -1.89
N CYS XD 202 -41.62 16.40 -1.10
CA CYS XD 202 -41.27 15.06 -1.56
C CYS XD 202 -42.22 14.07 -0.88
N ASN XD 203 -43.31 13.73 -1.57
CA ASN XD 203 -44.21 12.72 -1.05
C ASN XD 203 -43.64 11.31 -1.16
N LEU XD 204 -42.52 11.15 -1.87
CA LEU XD 204 -41.87 9.84 -1.94
C LEU XD 204 -41.43 9.42 -0.56
N MET XD 205 -41.79 8.19 -0.18
CA MET XD 205 -41.49 7.67 1.14
C MET XD 205 -40.25 6.81 0.96
N TYR XD 206 -39.11 7.33 1.42
CA TYR XD 206 -37.83 6.72 1.12
C TYR XD 206 -37.16 6.15 2.37
N GLN XD 207 -36.06 5.41 2.15
CA GLN XD 207 -35.50 4.55 3.18
C GLN XD 207 -35.16 5.33 4.45
N ASN XD 208 -34.43 6.43 4.31
CA ASN XD 208 -34.15 7.27 5.46
C ASN XD 208 -35.44 7.75 6.09
N LEU XD 209 -36.40 8.19 5.29
CA LEU XD 209 -37.63 8.73 5.85
C LEU XD 209 -38.38 7.68 6.66
N VAL XD 210 -38.53 6.48 6.12
CA VAL XD 210 -39.25 5.43 6.84
C VAL XD 210 -38.52 5.07 8.12
N MET XD 211 -37.19 4.99 8.08
CA MET XD 211 -36.54 4.47 9.27
C MET XD 211 -36.33 5.57 10.33
N GLN XD 212 -36.25 6.84 9.91
CA GLN XD 212 -36.43 7.94 10.86
C GLN XD 212 -37.81 7.92 11.49
N ASN XD 213 -38.85 7.65 10.70
CA ASN XD 213 -40.17 7.45 11.27
C ASN XD 213 -40.14 6.32 12.29
N VAL XD 214 -39.31 5.31 12.07
CA VAL XD 214 -39.16 4.24 13.06
C VAL XD 214 -38.66 4.81 14.38
N ILE XD 215 -37.60 5.63 14.36
CA ILE XD 215 -37.21 6.21 15.64
C ILE XD 215 -38.19 7.26 16.16
N GLY XD 216 -38.59 8.21 15.33
CA GLY XD 216 -39.24 9.39 15.86
C GLY XD 216 -38.21 10.42 16.27
N THR XD 217 -38.47 11.08 17.40
CA THR XD 217 -37.54 12.08 17.91
C THR XD 217 -36.30 11.40 18.49
N LEU XD 218 -35.14 11.92 18.14
CA LEU XD 218 -33.89 11.35 18.61
C LEU XD 218 -33.63 11.78 20.06
N PRO XD 219 -33.19 10.86 20.93
CA PRO XD 219 -33.05 11.21 22.34
C PRO XD 219 -31.83 12.08 22.58
N PRO XD 220 -31.86 12.94 23.59
CA PRO XD 220 -30.70 13.80 23.88
C PRO XD 220 -29.56 13.07 24.57
N ALA XD 221 -28.54 13.80 25.00
CA ALA XD 221 -27.26 13.19 25.36
C ALA XD 221 -27.28 12.60 26.76
N GLN XD 222 -27.37 13.46 27.78
CA GLN XD 222 -27.31 13.01 29.17
C GLN XD 222 -28.27 13.87 29.98
N THR XD 223 -29.51 13.41 30.09
CA THR XD 223 -30.54 14.10 30.85
C THR XD 223 -31.72 13.16 31.03
N SER XD 224 -32.25 13.16 32.25
CA SER XD 224 -33.42 12.35 32.58
C SER XD 224 -34.55 13.22 33.12
N GLY XD 225 -34.58 14.48 32.73
CA GLY XD 225 -35.58 15.41 33.21
C GLY XD 225 -36.70 15.65 32.23
N SER XD 226 -36.63 16.78 31.50
CA SER XD 226 -37.64 17.09 30.51
C SER XD 226 -37.70 16.01 29.43
N THR XD 227 -36.54 15.54 28.98
CA THR XD 227 -36.47 14.51 27.96
C THR XD 227 -35.41 13.48 28.34
N PRO XD 228 -35.64 12.21 28.04
CA PRO XD 228 -34.73 11.16 28.50
C PRO XD 228 -33.62 10.81 27.52
N ALA XD 229 -32.54 10.27 28.08
CA ALA XD 229 -31.40 9.83 27.30
C ALA XD 229 -31.68 8.48 26.64
N PHE XD 230 -30.74 8.04 25.80
CA PHE XD 230 -30.92 6.80 25.04
C PHE XD 230 -30.66 5.57 25.88
N TYR XD 231 -29.95 5.69 26.99
CA TYR XD 231 -29.67 4.56 27.87
C TYR XD 231 -30.48 4.58 29.15
N SER XD 232 -31.38 5.55 29.32
CA SER XD 232 -32.19 5.62 30.52
C SER XD 232 -33.31 4.58 30.47
N TYR XD 233 -33.60 4.00 31.64
CA TYR XD 233 -34.72 3.08 31.76
C TYR XD 233 -36.04 3.74 31.38
N LYS XD 234 -36.21 5.01 31.72
CA LYS XD 234 -37.47 5.69 31.47
C LYS XD 234 -37.74 5.82 29.97
N TYR XD 235 -36.69 6.07 29.18
CA TYR XD 235 -36.91 6.12 27.74
C TYR XD 235 -37.08 4.71 27.17
N ASN XD 236 -36.34 3.74 27.72
CA ASN XD 236 -36.41 2.36 27.26
C ASN XD 236 -37.71 1.66 27.62
N GLN XD 237 -38.51 2.25 28.51
CA GLN XD 237 -39.70 1.56 29.02
C GLN XD 237 -40.67 1.13 27.91
N PRO XD 238 -40.95 1.91 26.86
CA PRO XD 238 -41.83 1.40 25.81
C PRO XD 238 -41.16 0.51 24.79
N LEU XD 239 -39.88 0.72 24.47
CA LEU XD 239 -39.25 -0.10 23.44
C LEU XD 239 -38.90 -1.49 23.95
N ILE XD 240 -38.79 -1.66 25.26
CA ILE XD 240 -38.41 -2.96 25.81
C ILE XD 240 -39.48 -4.00 25.52
N SER XD 241 -40.74 -3.59 25.57
CA SER XD 241 -41.83 -4.51 25.23
C SER XD 241 -41.82 -4.84 23.75
N GLN XD 242 -41.49 -3.86 22.91
CA GLN XD 242 -41.36 -4.13 21.47
C GLN XD 242 -40.26 -5.15 21.20
N LEU XD 243 -39.13 -5.02 21.89
CA LEU XD 243 -37.96 -5.81 21.55
C LEU XD 243 -37.90 -7.15 22.27
N ASN XD 244 -38.90 -7.47 23.09
CA ASN XD 244 -38.88 -8.72 23.84
C ASN XD 244 -39.49 -9.83 22.97
N SER XD 245 -38.87 -11.01 23.01
CA SER XD 245 -39.30 -12.09 22.13
C SER XD 245 -40.53 -12.81 22.64
N ASN XD 246 -40.66 -12.97 23.96
CA ASN XD 246 -41.87 -13.61 24.46
C ASN XD 246 -43.09 -12.74 24.27
N SER XD 247 -42.91 -11.49 23.85
CA SER XD 247 -44.05 -10.69 23.42
C SER XD 247 -44.76 -11.34 22.24
N LEU XD 248 -44.09 -12.25 21.52
CA LEU XD 248 -44.70 -12.93 20.38
C LEU XD 248 -45.06 -14.37 20.68
N ILE XD 249 -44.19 -15.13 21.34
CA ILE XD 249 -44.43 -16.56 21.57
C ILE XD 249 -45.19 -16.85 22.85
N ALA XD 250 -45.11 -15.98 23.85
CA ALA XD 250 -45.73 -16.31 25.14
C ALA XD 250 -47.24 -16.13 25.12
N PRO XD 251 -47.80 -14.96 24.79
CA PRO XD 251 -49.26 -14.80 24.88
C PRO XD 251 -49.94 -15.74 23.90
N LEU XD 252 -51.15 -16.15 24.28
CA LEU XD 252 -51.83 -17.18 23.53
C LEU XD 252 -52.92 -16.59 22.63
N LEU XD 253 -53.66 -15.60 23.10
CA LEU XD 253 -54.58 -14.83 22.27
C LEU XD 253 -54.25 -13.36 22.49
N MET XD 254 -53.82 -12.68 21.43
CA MET XD 254 -53.45 -11.27 21.54
C MET XD 254 -54.66 -10.39 21.81
N ASP XD 255 -54.41 -9.33 22.57
CA ASP XD 255 -55.39 -8.29 22.87
C ASP XD 255 -55.21 -7.15 21.89
N THR XD 256 -56.28 -6.79 21.18
CA THR XD 256 -56.26 -5.71 20.22
C THR XD 256 -56.81 -4.41 20.79
N SER XD 257 -57.13 -4.38 22.07
CA SER XD 257 -57.62 -3.18 22.73
C SER XD 257 -56.44 -2.34 23.18
N ALA XD 258 -56.48 -1.04 22.88
CA ALA XD 258 -55.40 -0.12 23.22
C ALA XD 258 -55.49 0.20 24.71
N SER XD 259 -54.90 -0.68 25.52
CA SER XD 259 -54.88 -0.52 26.96
C SER XD 259 -53.69 0.28 27.46
N GLN XD 260 -52.84 0.77 26.55
CA GLN XD 260 -51.68 1.54 26.93
C GLN XD 260 -51.35 2.52 25.82
N SER XD 261 -50.59 3.55 26.17
CA SER XD 261 -50.13 4.56 25.21
C SER XD 261 -48.69 4.89 25.51
N GLY XD 262 -47.78 4.45 24.65
CA GLY XD 262 -46.38 4.71 24.82
C GLY XD 262 -46.00 6.13 24.42
N GLN XD 263 -44.72 6.43 24.57
CA GLN XD 263 -44.20 7.74 24.17
C GLN XD 263 -44.44 7.97 22.69
N ASP XD 264 -45.03 9.11 22.36
CA ASP XD 264 -45.43 9.42 20.99
C ASP XD 264 -44.24 9.97 20.21
N SER XD 265 -43.30 9.07 19.92
CA SER XD 265 -42.10 9.41 19.13
C SER XD 265 -41.86 8.26 18.15
N GLY XD 266 -42.43 8.38 16.96
CA GLY XD 266 -42.19 7.40 15.92
C GLY XD 266 -43.00 6.12 16.11
N LEU XD 267 -42.40 5.01 15.71
CA LEU XD 267 -43.10 3.72 15.75
C LEU XD 267 -43.28 3.25 17.18
N THR XD 268 -44.55 3.10 17.58
CA THR XD 268 -44.89 2.64 18.91
C THR XD 268 -45.96 1.57 18.81
N ALA XD 269 -46.25 0.93 19.93
CA ALA XD 269 -47.28 -0.10 20.02
C ALA XD 269 -48.40 0.38 20.94
N LYS XD 270 -49.62 -0.05 20.63
CA LYS XD 270 -50.79 0.32 21.42
C LYS XD 270 -51.40 -0.84 22.19
N SER XD 271 -51.10 -2.08 21.82
CA SER XD 271 -51.62 -3.25 22.51
C SER XD 271 -50.64 -4.39 22.36
N GLN XD 272 -51.01 -5.56 22.89
CA GLN XD 272 -50.14 -6.72 22.84
C GLN XD 272 -49.85 -7.13 21.41
N ALA XD 273 -50.89 -7.15 20.56
CA ALA XD 273 -50.69 -7.47 19.15
C ALA XD 273 -49.79 -6.44 18.48
N GLN XD 274 -49.93 -5.17 18.89
CA GLN XD 274 -49.03 -4.14 18.39
C GLN XD 274 -47.59 -4.41 18.81
N GLN XD 275 -47.38 -4.85 20.06
CA GLN XD 275 -46.05 -5.23 20.49
C GLN XD 275 -45.51 -6.35 19.61
N ALA XD 276 -46.36 -7.33 19.32
CA ALA XD 276 -45.94 -8.45 18.48
C ALA XD 276 -45.52 -7.97 17.10
N LEU XD 277 -46.34 -7.14 16.45
CA LEU XD 277 -46.03 -6.75 15.07
C LEU XD 277 -44.82 -5.83 15.02
N ASN XD 278 -44.65 -4.99 16.04
CA ASN XD 278 -43.41 -4.21 16.11
C ASN XD 278 -42.20 -5.13 16.22
N PHE XD 279 -42.29 -6.16 17.07
CA PHE XD 279 -41.18 -7.11 17.17
C PHE XD 279 -40.90 -7.79 15.84
N ILE XD 280 -41.94 -8.21 15.13
CA ILE XD 280 -41.71 -8.94 13.89
C ILE XD 280 -41.07 -8.04 12.85
N ARG XD 281 -41.51 -6.78 12.78
CA ARG XD 281 -40.82 -5.83 11.92
C ARG XD 281 -39.37 -5.70 12.33
N TYR XD 282 -39.10 -5.83 13.62
CA TYR XD 282 -37.76 -5.55 14.10
C TYR XD 282 -36.82 -6.72 13.78
N ALA XD 283 -37.24 -7.95 14.10
CA ALA XD 283 -36.42 -9.12 13.82
C ALA XD 283 -36.28 -9.39 12.33
N SER XD 284 -37.22 -8.92 11.52
CA SER XD 284 -37.14 -9.06 10.07
C SER XD 284 -36.23 -8.01 9.45
N ALA XD 285 -35.68 -7.11 10.25
CA ALA XD 285 -34.83 -6.01 9.77
C ALA XD 285 -35.59 -5.13 8.78
N GLN XD 286 -36.92 -5.18 8.82
CA GLN XD 286 -37.74 -4.33 7.97
C GLN XD 286 -37.56 -2.85 8.27
N VAL XD 287 -37.19 -2.52 9.51
CA VAL XD 287 -36.89 -1.14 9.87
C VAL XD 287 -35.62 -0.62 9.21
N THR XD 288 -34.87 -1.47 8.52
CA THR XD 288 -33.65 -1.08 7.82
C THR XD 288 -33.77 -1.55 6.37
N PRO XD 289 -34.49 -0.81 5.54
CA PRO XD 289 -34.69 -1.22 4.15
C PRO XD 289 -33.40 -1.18 3.37
N PRO XD 290 -33.28 -2.00 2.32
CA PRO XD 290 -32.06 -1.98 1.50
C PRO XD 290 -31.90 -0.66 0.76
N SER XD 291 -30.70 -0.46 0.22
CA SER XD 291 -30.38 0.75 -0.52
C SER XD 291 -30.67 0.56 -2.00
N LEU XD 292 -31.42 1.49 -2.59
CA LEU XD 292 -31.75 1.49 -4.01
C LEU XD 292 -30.79 2.39 -4.78
N PRO XD 293 -30.69 2.20 -6.11
CA PRO XD 293 -29.65 2.90 -6.86
C PRO XD 293 -29.85 4.41 -6.88
N LYS XD 294 -28.76 5.11 -7.15
CA LYS XD 294 -28.77 6.56 -7.22
C LYS XD 294 -29.62 7.03 -8.38
N LEU XD 295 -30.25 8.20 -8.22
CA LEU XD 295 -31.02 8.78 -9.32
C LEU XD 295 -30.14 9.09 -10.51
N SER XD 296 -29.03 9.80 -10.29
CA SER XD 296 -28.20 10.25 -11.40
C SER XD 296 -27.47 9.07 -12.04
N ALA XD 297 -26.81 8.24 -11.24
CA ALA XD 297 -26.04 7.14 -11.79
C ALA XD 297 -26.93 6.15 -12.53
N TYR XD 298 -27.97 5.66 -11.86
CA TYR XD 298 -28.89 4.75 -12.52
C TYR XD 298 -29.55 5.44 -13.71
N SER XD 299 -29.86 6.73 -13.59
CA SER XD 299 -30.60 7.40 -14.66
C SER XD 299 -29.79 7.48 -15.94
N GLU XD 300 -28.54 7.93 -15.82
CA GLU XD 300 -27.64 7.91 -16.98
C GLU XD 300 -27.48 6.50 -17.53
N LEU XD 301 -27.27 5.54 -16.63
CA LEU XD 301 -26.98 4.18 -17.06
C LEU XD 301 -28.22 3.54 -17.68
N TRP XD 302 -29.41 3.93 -17.22
CA TRP XD 302 -30.68 3.64 -17.87
C TRP XD 302 -30.77 4.20 -19.27
N ASN XD 303 -30.52 5.51 -19.43
CA ASN XD 303 -30.58 6.10 -20.76
C ASN XD 303 -29.64 5.37 -21.70
N GLN XD 304 -28.49 4.93 -21.18
CA GLN XD 304 -27.54 4.21 -22.02
C GLN XD 304 -28.07 2.84 -22.40
N ALA XD 305 -28.60 2.09 -21.42
CA ALA XD 305 -29.02 0.72 -21.65
C ALA XD 305 -30.30 0.60 -22.48
N THR XD 306 -31.29 1.45 -22.23
CA THR XD 306 -32.59 1.34 -22.90
C THR XD 306 -32.59 1.91 -24.31
N ALA XD 307 -31.54 2.62 -24.71
CA ALA XD 307 -31.48 3.22 -26.03
C ALA XD 307 -31.23 2.17 -27.10
N LYS XD 308 -31.85 2.36 -28.26
CA LYS XD 308 -31.62 1.47 -29.39
C LYS XD 308 -30.21 1.68 -29.93
N PRO XD 309 -29.41 0.63 -30.09
CA PRO XD 309 -28.02 0.82 -30.51
C PRO XD 309 -27.92 1.31 -31.94
N ASN XD 310 -26.77 1.91 -32.25
CA ASN XD 310 -26.46 2.49 -33.56
C ASN XD 310 -27.45 3.58 -33.95
N SER XD 311 -28.11 4.20 -32.97
CA SER XD 311 -29.03 5.28 -33.24
C SER XD 311 -28.90 6.31 -32.12
N ALA XD 312 -28.91 7.59 -32.51
CA ALA XD 312 -28.82 8.70 -31.57
C ALA XD 312 -27.56 8.63 -30.71
N GLY XD 313 -26.42 8.35 -31.33
CA GLY XD 313 -25.16 8.33 -30.61
C GLY XD 313 -25.02 7.22 -29.59
N TYR XD 314 -25.42 6.00 -29.97
CA TYR XD 314 -25.26 4.83 -29.13
C TYR XD 314 -24.67 3.70 -29.96
N ASN XD 315 -24.02 2.77 -29.27
CA ASN XD 315 -23.59 1.52 -29.89
C ASN XD 315 -23.95 0.36 -28.97
N GLU XD 316 -23.81 -0.85 -29.51
CA GLU XD 316 -24.44 -2.03 -28.91
C GLU XD 316 -23.67 -2.55 -27.70
N VAL XD 317 -22.34 -2.39 -27.68
CA VAL XD 317 -21.53 -3.14 -26.71
C VAL XD 317 -21.78 -2.64 -25.28
N GLN XD 318 -21.50 -1.35 -25.00
CA GLN XD 318 -21.82 -0.92 -23.64
C GLN XD 318 -23.33 -0.85 -23.43
N GLN XD 319 -24.13 -0.84 -24.50
CA GLN XD 319 -25.57 -0.92 -24.31
C GLN XD 319 -25.95 -2.21 -23.59
N LYS XD 320 -25.48 -3.35 -24.11
CA LYS XD 320 -25.80 -4.61 -23.45
C LYS XD 320 -25.02 -4.76 -22.14
N GLN XD 321 -23.82 -4.18 -22.05
CA GLN XD 321 -23.09 -4.28 -20.79
C GLN XD 321 -23.85 -3.56 -19.69
N ALA XD 322 -24.38 -2.37 -19.98
CA ALA XD 322 -25.16 -1.61 -19.01
C ALA XD 322 -26.48 -2.29 -18.70
N ALA XD 323 -27.14 -2.82 -19.72
CA ALA XD 323 -28.35 -3.60 -19.50
C ALA XD 323 -28.06 -4.75 -18.55
N ALA XD 324 -26.92 -5.43 -18.74
CA ALA XD 324 -26.54 -6.53 -17.88
C ALA XD 324 -26.32 -6.07 -16.45
N THR XD 325 -25.65 -4.93 -16.26
CA THR XD 325 -25.41 -4.46 -14.90
C THR XD 325 -26.73 -4.16 -14.17
N LEU XD 326 -27.62 -3.39 -14.82
CA LEU XD 326 -28.92 -3.15 -14.20
C LEU XD 326 -29.66 -4.44 -13.90
N SER XD 327 -29.75 -5.32 -14.90
CA SER XD 327 -30.56 -6.52 -14.74
C SER XD 327 -30.01 -7.41 -13.64
N SER XD 328 -28.68 -7.54 -13.55
CA SER XD 328 -28.09 -8.28 -12.44
C SER XD 328 -28.42 -7.62 -11.11
N TYR XD 329 -28.41 -6.28 -11.07
CA TYR XD 329 -28.79 -5.62 -9.83
C TYR XD 329 -30.19 -6.00 -9.40
N PHE XD 330 -31.17 -5.88 -10.29
CA PHE XD 330 -32.52 -6.24 -9.87
C PHE XD 330 -32.63 -7.72 -9.58
N ASN XD 331 -31.82 -8.55 -10.25
CA ASN XD 331 -31.81 -9.98 -9.93
C ASN XD 331 -31.39 -10.23 -8.49
N ASN XD 332 -30.28 -9.62 -8.06
CA ASN XD 332 -29.90 -9.74 -6.66
C ASN XD 332 -30.99 -9.18 -5.76
N LEU XD 333 -31.62 -8.09 -6.17
CA LEU XD 333 -32.68 -7.49 -5.35
C LEU XD 333 -33.83 -8.47 -5.14
N ARG XD 334 -34.29 -9.12 -6.21
CA ARG XD 334 -35.46 -9.99 -6.07
C ARG XD 334 -35.09 -11.30 -5.37
N VAL XD 335 -33.88 -11.81 -5.60
CA VAL XD 335 -33.44 -13.01 -4.90
C VAL XD 335 -33.36 -12.75 -3.40
N TYR XD 336 -32.75 -11.61 -3.02
CA TYR XD 336 -32.77 -11.16 -1.64
C TYR XD 336 -34.19 -11.02 -1.10
N ALA XD 337 -35.07 -10.43 -1.90
CA ALA XD 337 -36.45 -10.25 -1.45
C ALA XD 337 -37.08 -11.60 -1.14
N ALA XD 338 -36.85 -12.60 -1.99
CA ALA XD 338 -37.39 -13.92 -1.74
C ALA XD 338 -36.83 -14.51 -0.46
N GLN XD 339 -35.52 -14.42 -0.29
CA GLN XD 339 -34.91 -15.03 0.89
C GLN XD 339 -35.41 -14.38 2.17
N THR XD 340 -35.52 -13.05 2.18
CA THR XD 340 -36.06 -12.39 3.37
C THR XD 340 -37.54 -12.71 3.55
N SER XD 341 -38.27 -12.82 2.44
CA SER XD 341 -39.71 -13.03 2.51
C SER XD 341 -40.05 -14.40 3.06
N VAL XD 342 -39.16 -15.38 2.93
CA VAL XD 342 -39.41 -16.66 3.59
C VAL XD 342 -39.43 -16.47 5.11
N GLY XD 343 -38.48 -15.69 5.63
CA GLY XD 343 -38.49 -15.40 7.05
C GLY XD 343 -39.68 -14.56 7.46
N VAL XD 344 -40.02 -13.57 6.64
CA VAL XD 344 -41.21 -12.77 6.90
C VAL XD 344 -42.44 -13.67 6.98
N SER XD 345 -42.54 -14.63 6.07
CA SER XD 345 -43.73 -15.48 6.03
C SER XD 345 -43.80 -16.41 7.24
N ASN XD 346 -42.69 -17.02 7.65
CA ASN XD 346 -42.82 -17.94 8.78
C ASN XD 346 -43.03 -17.17 10.08
N LEU XD 347 -42.44 -15.98 10.21
CA LEU XD 347 -42.73 -15.19 11.41
C LEU XD 347 -44.18 -14.75 11.45
N TYR XD 348 -44.72 -14.32 10.30
CA TYR XD 348 -46.13 -13.99 10.25
C TYR XD 348 -47.00 -15.20 10.54
N TYR XD 349 -46.59 -16.38 10.07
CA TYR XD 349 -47.33 -17.60 10.36
C TYR XD 349 -47.36 -17.89 11.85
N ILE XD 350 -46.20 -17.84 12.51
CA ILE XD 350 -46.18 -18.18 13.93
C ILE XD 350 -47.01 -17.18 14.72
N LEU XD 351 -46.95 -15.89 14.39
CA LEU XD 351 -47.81 -14.96 15.11
C LEU XD 351 -49.27 -15.19 14.76
N SER XD 352 -49.57 -15.50 13.50
CA SER XD 352 -50.93 -15.63 13.01
C SER XD 352 -51.65 -16.83 13.58
N LYS XD 353 -50.92 -17.84 14.04
CA LYS XD 353 -51.57 -18.88 14.82
C LYS XD 353 -52.18 -18.32 16.10
N ARG XD 354 -51.76 -17.13 16.54
CA ARG XD 354 -52.14 -16.60 17.84
C ARG XD 354 -53.10 -15.40 17.75
N LEU XD 355 -53.59 -15.06 16.54
CA LEU XD 355 -54.44 -13.87 16.50
C LEU XD 355 -55.92 -14.22 16.57
N PRO XD 356 -56.75 -13.28 17.05
CA PRO XD 356 -58.19 -13.56 17.18
C PRO XD 356 -58.86 -13.83 15.84
N GLN XD 357 -59.90 -14.67 15.87
CA GLN XD 357 -60.71 -14.96 14.70
C GLN XD 357 -62.16 -15.08 15.12
N ASN XD 358 -63.07 -14.59 14.28
CA ASN XD 358 -64.50 -14.73 14.53
C ASN XD 358 -65.04 -15.93 13.78
N MET XD 359 -65.74 -16.82 14.49
CA MET XD 359 -66.31 -18.02 13.90
C MET XD 359 -67.79 -17.88 13.58
N SER XD 360 -68.61 -17.48 14.54
CA SER XD 360 -70.04 -17.39 14.33
C SER XD 360 -70.35 -16.40 13.22
N ALA XD 361 -71.23 -16.83 12.29
CA ALA XD 361 -71.57 -16.01 11.14
C ALA XD 361 -72.27 -14.71 11.52
N ASP XD 362 -72.88 -14.65 12.70
CA ASP XD 362 -73.55 -13.45 13.18
C ASP XD 362 -72.66 -12.74 14.19
N GLN XD 363 -72.61 -11.41 14.10
CA GLN XD 363 -71.75 -10.64 14.99
C GLN XD 363 -72.30 -10.61 16.41
N SER XD 364 -73.62 -10.72 16.57
CA SER XD 364 -74.22 -10.67 17.90
C SER XD 364 -73.82 -11.85 18.77
N ASN XD 365 -73.54 -13.00 18.18
CA ASN XD 365 -73.14 -14.20 18.91
C ASN XD 365 -71.69 -14.55 18.60
N ALA XD 366 -70.84 -13.53 18.51
CA ALA XD 366 -69.44 -13.75 18.18
C ALA XD 366 -68.75 -14.57 19.26
N ASN XD 367 -67.85 -15.45 18.82
CA ASN XD 367 -67.07 -16.32 19.71
C ASN XD 367 -65.62 -16.25 19.23
N ILE XD 368 -64.86 -15.32 19.78
CA ILE XD 368 -63.50 -15.06 19.34
C ILE XD 368 -62.59 -16.16 19.85
N THR XD 369 -61.83 -16.79 18.95
CA THR XD 369 -60.86 -17.80 19.32
C THR XD 369 -59.74 -17.80 18.29
N SER XD 370 -58.61 -18.40 18.67
CA SER XD 370 -57.43 -18.44 17.83
C SER XD 370 -57.02 -19.88 17.56
N GLN XD 371 -56.19 -20.06 16.54
CA GLN XD 371 -55.70 -21.40 16.22
C GLN XD 371 -54.89 -21.97 17.37
N ALA XD 372 -53.95 -21.18 17.89
CA ALA XD 372 -53.18 -21.62 19.04
C ALA XD 372 -54.08 -21.81 20.26
N LEU XD 373 -55.08 -20.95 20.44
CA LEU XD 373 -55.93 -21.06 21.61
C LEU XD 373 -56.77 -22.34 21.56
N ASN XD 374 -57.44 -22.57 20.43
CA ASN XD 374 -58.27 -23.77 20.32
C ASN XD 374 -57.42 -25.03 20.27
N GLU XD 375 -56.20 -24.95 19.75
CA GLU XD 375 -55.32 -26.11 19.76
C GLU XD 375 -54.77 -26.37 21.16
N PHE XD 376 -54.62 -25.31 21.96
CA PHE XD 376 -54.34 -25.48 23.38
C PHE XD 376 -55.50 -26.14 24.09
N ASN XD 377 -56.73 -25.77 23.73
CA ASN XD 377 -57.89 -26.46 24.30
C ASN XD 377 -57.94 -27.91 23.86
N MET XD 378 -57.59 -28.19 22.60
CA MET XD 378 -57.35 -29.57 22.17
C MET XD 378 -56.39 -30.28 23.09
N ALA XD 379 -55.32 -29.60 23.50
CA ALA XD 379 -54.52 -30.19 24.56
C ALA XD 379 -55.36 -30.38 25.81
N THR XD 380 -55.71 -29.28 26.48
CA THR XD 380 -55.96 -29.27 27.92
C THR XD 380 -57.41 -29.58 28.31
N ARG XD 381 -58.28 -29.84 27.33
CA ARG XD 381 -59.69 -29.99 27.67
C ARG XD 381 -59.96 -31.19 28.57
N ARG XD 382 -59.12 -32.22 28.51
CA ARG XD 382 -59.28 -33.39 29.37
C ARG XD 382 -58.36 -33.38 30.58
N LEU XD 383 -57.38 -32.48 30.62
CA LEU XD 383 -56.43 -32.44 31.72
C LEU XD 383 -57.05 -31.69 32.89
N PHE XD 384 -57.24 -30.39 32.70
CA PHE XD 384 -57.84 -29.53 33.70
C PHE XD 384 -58.68 -28.50 32.97
N ASP XD 385 -59.86 -28.25 33.51
CA ASP XD 385 -60.69 -27.22 32.92
C ASP XD 385 -61.11 -26.26 34.02
N PRO XD 386 -60.67 -25.00 33.96
CA PRO XD 386 -61.16 -24.02 34.94
C PRO XD 386 -62.66 -23.88 34.92
N THR XD 387 -63.29 -24.08 33.77
CA THR XD 387 -64.74 -24.09 33.65
C THR XD 387 -65.37 -25.34 34.26
N ALA XD 388 -64.60 -26.42 34.42
CA ALA XD 388 -65.15 -27.66 34.95
C ALA XD 388 -65.39 -27.53 36.45
N SER XD 389 -66.48 -28.13 36.92
CA SER XD 389 -66.77 -28.15 38.34
C SER XD 389 -65.75 -29.01 39.07
N ASN XD 390 -65.23 -28.48 40.19
CA ASN XD 390 -64.28 -29.20 41.02
C ASN XD 390 -64.93 -29.78 42.26
N THR XD 391 -66.26 -29.81 42.31
CA THR XD 391 -66.99 -30.34 43.46
C THR XD 391 -67.73 -31.60 43.07
N PRO XD 392 -67.59 -32.68 43.82
CA PRO XD 392 -68.34 -33.91 43.50
C PRO XD 392 -69.83 -33.68 43.60
N GLY XD 393 -70.58 -34.43 42.78
CA GLY XD 393 -72.00 -34.24 42.68
C GLY XD 393 -72.43 -33.13 41.75
N GLN XD 394 -71.47 -32.48 41.08
CA GLN XD 394 -71.73 -31.39 40.17
C GLN XD 394 -71.54 -31.84 38.72
N PRO XD 395 -72.35 -31.33 37.79
CA PRO XD 395 -72.15 -31.68 36.38
C PRO XD 395 -70.86 -31.07 35.83
N ASN XD 396 -70.59 -31.33 34.55
CA ASN XD 396 -69.44 -30.82 33.79
C ASN XD 396 -68.16 -30.76 34.64
N GLN XD 397 -67.95 -31.79 35.46
CA GLN XD 397 -66.78 -31.84 36.32
C GLN XD 397 -65.56 -32.21 35.50
N GLN XD 398 -64.44 -32.51 36.18
CA GLN XD 398 -63.22 -32.85 35.48
C GLN XD 398 -63.41 -34.12 34.66
N TRP XD 399 -62.75 -34.15 33.50
CA TRP XD 399 -62.89 -35.27 32.58
C TRP XD 399 -62.46 -36.58 33.20
N ILE XD 400 -61.37 -36.57 33.97
CA ILE XD 400 -60.90 -37.79 34.61
C ILE XD 400 -61.95 -38.36 35.55
N LYS XD 401 -62.57 -37.51 36.36
CA LYS XD 401 -63.61 -37.99 37.26
C LYS XD 401 -64.81 -38.52 36.47
N GLN XD 402 -65.10 -37.89 35.33
CA GLN XD 402 -66.19 -38.37 34.50
C GLN XD 402 -65.90 -39.76 33.93
N ILE XD 403 -64.64 -39.99 33.53
CA ILE XD 403 -64.22 -41.35 33.19
C ILE XD 403 -64.40 -42.27 34.40
N ASN XD 404 -64.14 -41.76 35.60
CA ASN XD 404 -64.15 -42.60 36.79
C ASN XD 404 -65.50 -43.27 37.02
N ASP XD 405 -66.57 -42.76 36.40
CA ASP XD 405 -67.88 -43.39 36.48
C ASP XD 405 -68.46 -43.74 35.12
N ALA XD 406 -67.65 -43.77 34.06
CA ALA XD 406 -68.17 -43.96 32.71
C ALA XD 406 -68.27 -45.43 32.35
N SER XD 407 -69.22 -45.74 31.46
CA SER XD 407 -69.40 -47.07 30.93
C SER XD 407 -68.31 -47.40 29.93
N PRO XD 408 -68.06 -48.69 29.68
CA PRO XD 408 -67.04 -49.05 28.68
C PRO XD 408 -67.30 -48.46 27.31
N ALA XD 409 -68.57 -48.39 26.89
CA ALA XD 409 -68.87 -47.82 25.59
C ALA XD 409 -68.44 -46.37 25.49
N THR XD 410 -68.77 -45.58 26.51
CA THR XD 410 -68.38 -44.16 26.50
C THR XD 410 -66.87 -44.02 26.46
N VAL XD 411 -66.15 -44.83 27.23
CA VAL XD 411 -64.70 -44.70 27.26
C VAL XD 411 -64.07 -45.17 25.94
N GLN XD 412 -64.66 -46.14 25.25
CA GLN XD 412 -64.08 -46.53 23.97
C GLN XD 412 -64.35 -45.49 22.90
N LYS XD 413 -65.53 -44.85 22.93
CA LYS XD 413 -65.74 -43.71 22.04
C LYS XD 413 -64.80 -42.57 22.39
N GLU XD 414 -64.44 -42.44 23.67
CA GLU XD 414 -63.46 -41.44 24.06
C GLU XD 414 -62.10 -41.78 23.50
N ILE XD 415 -61.72 -43.07 23.53
CA ILE XD 415 -60.51 -43.51 22.85
C ILE XD 415 -60.57 -43.16 21.37
N ALA XD 416 -61.73 -43.35 20.74
CA ALA XD 416 -61.89 -43.04 19.33
C ALA XD 416 -61.60 -41.56 19.05
N ILE XD 417 -62.26 -40.67 19.79
CA ILE XD 417 -62.07 -39.24 19.55
C ILE XD 417 -60.66 -38.81 19.96
N LEU XD 418 -60.09 -39.49 20.96
CA LEU XD 418 -58.73 -39.17 21.37
C LEU XD 418 -57.74 -39.45 20.26
N LEU XD 419 -57.75 -40.66 19.70
CA LEU XD 419 -56.86 -40.91 18.59
C LEU XD 419 -57.24 -40.07 17.37
N ALA XD 420 -58.50 -39.64 17.28
CA ALA XD 420 -58.87 -38.66 16.26
C ALA XD 420 -58.03 -37.40 16.39
N GLU XD 421 -58.03 -36.80 17.59
CA GLU XD 421 -57.26 -35.58 17.74
C GLU XD 421 -55.78 -35.86 17.51
N ILE XD 422 -55.29 -37.03 17.94
CA ILE XD 422 -53.89 -37.38 17.68
C ILE XD 422 -53.57 -37.30 16.19
N ASN XD 423 -54.43 -37.89 15.34
CA ASN XD 423 -54.21 -37.74 13.90
C ASN XD 423 -54.05 -36.27 13.57
N TYR XD 424 -55.00 -35.45 14.03
CA TYR XD 424 -55.04 -34.05 13.63
C TYR XD 424 -53.80 -33.30 14.07
N GLN XD 425 -53.47 -33.39 15.35
CA GLN XD 425 -52.35 -32.65 15.89
C GLN XD 425 -51.05 -33.06 15.22
N MET XD 426 -50.71 -34.35 15.20
CA MET XD 426 -49.38 -34.63 14.69
C MET XD 426 -49.35 -34.46 13.17
N TYR XD 427 -50.52 -34.40 12.53
CA TYR XD 427 -50.60 -33.82 11.19
C TYR XD 427 -50.06 -32.40 11.14
N LEU XD 428 -50.56 -31.53 12.03
CA LEU XD 428 -50.05 -30.15 11.95
C LEU XD 428 -48.59 -30.06 12.41
N ASP XD 429 -48.14 -30.90 13.35
CA ASP XD 429 -46.69 -30.99 13.55
C ASP XD 429 -45.96 -31.36 12.28
N ARG XD 430 -46.52 -32.27 11.48
CA ARG XD 430 -45.90 -32.52 10.17
C ARG XD 430 -45.80 -31.26 9.35
N GLN XD 431 -46.86 -30.45 9.34
CA GLN XD 431 -46.77 -29.14 8.68
C GLN XD 431 -45.57 -28.35 9.19
N ILE XD 432 -45.42 -28.28 10.51
CA ILE XD 432 -44.30 -27.52 11.07
C ILE XD 432 -42.97 -28.09 10.59
N GLN XD 433 -42.85 -29.42 10.57
CA GLN XD 433 -41.60 -30.03 10.12
C GLN XD 433 -41.27 -29.64 8.68
N GLU XD 434 -42.29 -29.60 7.82
CA GLU XD 434 -42.00 -29.17 6.45
C GLU XD 434 -41.60 -27.69 6.45
N ARG XD 435 -42.10 -26.92 7.42
CA ARG XD 435 -41.63 -25.53 7.54
C ARG XD 435 -40.14 -25.47 7.87
N ILE XD 436 -39.65 -26.29 8.82
CA ILE XD 436 -38.20 -26.25 9.04
C ILE XD 436 -37.48 -26.69 7.76
N LEU XD 437 -37.88 -27.82 7.17
CA LEU XD 437 -37.36 -28.19 5.86
C LEU XD 437 -37.17 -26.97 4.96
N LEU XD 438 -38.22 -26.15 4.83
CA LEU XD 438 -38.13 -24.97 3.99
C LEU XD 438 -37.05 -24.00 4.47
N THR XD 439 -37.04 -23.70 5.77
CA THR XD 439 -36.08 -22.71 6.27
C THR XD 439 -34.63 -23.16 6.07
N ASN XD 440 -34.33 -24.40 6.45
CA ASN XD 440 -32.98 -24.92 6.25
C ASN XD 440 -32.63 -24.97 4.77
N SER XD 441 -33.59 -25.33 3.92
CA SER XD 441 -33.24 -25.36 2.51
C SER XD 441 -32.79 -23.99 2.03
N ILE XD 442 -33.59 -22.97 2.31
CA ILE XD 442 -33.24 -21.64 1.80
C ILE XD 442 -31.93 -21.15 2.40
N MET XD 443 -31.62 -21.52 3.66
CA MET XD 443 -30.34 -21.02 4.16
C MET XD 443 -29.20 -21.75 3.47
N LEU XD 444 -29.41 -23.03 3.10
CA LEU XD 444 -28.41 -23.72 2.31
C LEU XD 444 -28.19 -23.02 0.98
N LEU XD 445 -29.29 -22.67 0.28
CA LEU XD 445 -29.10 -22.00 -1.01
C LEU XD 445 -28.42 -20.64 -0.83
N GLN XD 446 -28.69 -19.91 0.23
CA GLN XD 446 -28.09 -18.58 0.31
C GLN XD 446 -26.61 -18.65 0.72
N ASN XD 447 -26.26 -19.58 1.62
CA ASN XD 447 -24.83 -19.87 1.83
C ASN XD 447 -24.15 -20.24 0.51
N LEU XD 448 -24.79 -21.11 -0.26
CA LEU XD 448 -24.18 -21.62 -1.48
C LEU XD 448 -24.13 -20.54 -2.56
N LYS XD 449 -25.07 -19.59 -2.50
CA LYS XD 449 -25.02 -18.42 -3.38
C LYS XD 449 -23.85 -17.54 -2.99
N ALA XD 450 -23.53 -17.48 -1.69
CA ALA XD 450 -22.32 -16.78 -1.27
C ALA XD 450 -21.06 -17.44 -1.82
N ALA XD 451 -21.18 -18.57 -2.53
CA ALA XD 451 -20.03 -19.35 -2.97
C ALA XD 451 -20.06 -19.66 -4.47
N GLN XD 452 -20.26 -18.65 -5.32
CA GLN XD 452 -20.22 -18.88 -6.76
C GLN XD 452 -18.80 -19.18 -7.23
N PRO XD 453 -18.59 -20.31 -7.91
CA PRO XD 453 -17.24 -20.65 -8.38
C PRO XD 453 -16.74 -19.60 -9.36
N THR XD 454 -15.45 -19.31 -9.26
CA THR XD 454 -14.84 -18.25 -10.04
C THR XD 454 -14.27 -18.81 -11.33
N ALA XD 455 -14.61 -18.15 -12.44
CA ALA XD 455 -14.03 -18.47 -13.73
C ALA XD 455 -12.69 -17.78 -13.94
N ASP XD 456 -12.04 -17.35 -12.86
CA ASP XD 456 -10.74 -16.69 -12.97
C ASP XD 456 -9.64 -17.72 -13.15
N PHE XD 457 -8.81 -17.50 -14.17
CA PHE XD 457 -7.61 -18.29 -14.42
C PHE XD 457 -6.43 -17.34 -14.27
N SER XD 458 -5.96 -17.18 -13.03
CA SER XD 458 -4.85 -16.28 -12.74
C SER XD 458 -3.52 -17.01 -12.87
N GLN YD 23 -102.64 -78.66 45.22
CA GLN YD 23 -101.68 -79.75 45.05
C GLN YD 23 -100.28 -79.31 45.46
N PRO YD 24 -99.58 -80.17 46.20
CA PRO YD 24 -98.18 -79.86 46.54
C PRO YD 24 -97.32 -79.77 45.29
N ALA YD 25 -96.38 -78.84 45.31
CA ALA YD 25 -95.45 -78.62 44.20
C ALA YD 25 -94.04 -78.96 44.65
N ASP YD 26 -93.31 -79.67 43.80
CA ASP YD 26 -91.95 -80.05 44.12
C ASP YD 26 -91.07 -78.81 44.22
N PRO YD 27 -90.14 -78.75 45.16
CA PRO YD 27 -89.36 -77.52 45.37
C PRO YD 27 -88.50 -77.12 44.19
N SER YD 28 -88.24 -78.04 43.25
CA SER YD 28 -87.40 -77.71 42.11
C SER YD 28 -88.03 -76.61 41.27
N GLY YD 29 -89.35 -76.62 41.11
CA GLY YD 29 -90.01 -75.60 40.31
C GLY YD 29 -89.84 -74.20 40.88
N GLN YD 30 -90.08 -74.06 42.19
CA GLN YD 30 -89.90 -72.75 42.80
C GLN YD 30 -88.44 -72.35 42.87
N GLN YD 31 -87.53 -73.32 43.06
CA GLN YD 31 -86.11 -73.01 43.03
C GLN YD 31 -85.72 -72.45 41.66
N THR YD 32 -86.18 -73.09 40.59
CA THR YD 32 -85.86 -72.60 39.26
C THR YD 32 -86.56 -71.27 38.99
N SER YD 33 -87.74 -71.04 39.57
CA SER YD 33 -88.40 -69.76 39.42
C SER YD 33 -87.57 -68.64 40.05
N THR YD 34 -87.11 -68.84 41.27
CA THR YD 34 -86.26 -67.85 41.92
C THR YD 34 -84.96 -67.68 41.15
N ASN YD 35 -84.39 -68.79 40.65
CA ASN YD 35 -83.17 -68.70 39.88
C ASN YD 35 -83.38 -67.86 38.62
N THR YD 36 -84.49 -68.09 37.91
CA THR YD 36 -84.73 -67.37 36.67
C THR YD 36 -84.97 -65.88 36.93
N SER YD 37 -85.68 -65.54 38.00
CA SER YD 37 -85.82 -64.14 38.36
C SER YD 37 -84.45 -63.54 38.68
N ASN YD 38 -83.58 -64.32 39.30
CA ASN YD 38 -82.22 -63.86 39.57
C ASN YD 38 -81.47 -63.61 38.27
N LEU YD 39 -81.57 -64.54 37.30
CA LEU YD 39 -81.00 -64.31 35.98
C LEU YD 39 -81.50 -63.00 35.38
N VAL YD 40 -82.80 -62.74 35.52
CA VAL YD 40 -83.38 -61.53 34.95
C VAL YD 40 -82.73 -60.30 35.55
N THR YD 41 -82.70 -60.23 36.88
CA THR YD 41 -82.08 -59.08 37.54
C THR YD 41 -80.62 -58.96 37.16
N TYR YD 42 -79.93 -60.09 37.07
CA TYR YD 42 -78.51 -60.08 36.80
C TYR YD 42 -78.20 -59.51 35.43
N LEU YD 43 -78.91 -59.98 34.39
CA LEU YD 43 -78.58 -59.46 33.06
C LEU YD 43 -79.05 -58.03 32.90
N THR YD 44 -80.15 -57.64 33.55
CA THR YD 44 -80.57 -56.25 33.46
C THR YD 44 -79.51 -55.32 34.05
N ASN YD 45 -79.02 -55.62 35.25
CA ASN YD 45 -77.99 -54.76 35.80
C ASN YD 45 -76.66 -54.88 35.07
N LEU YD 46 -76.36 -56.04 34.48
CA LEU YD 46 -75.15 -56.17 33.68
C LEU YD 46 -75.21 -55.27 32.45
N GLY YD 47 -76.33 -55.32 31.72
CA GLY YD 47 -76.50 -54.44 30.59
C GLY YD 47 -76.45 -52.98 30.99
N LYS YD 48 -77.03 -52.65 32.15
CA LYS YD 48 -76.89 -51.29 32.68
C LYS YD 48 -75.42 -50.94 32.89
N TYR YD 49 -74.63 -51.87 33.42
CA TYR YD 49 -73.22 -51.62 33.66
C TYR YD 49 -72.47 -51.37 32.36
N LEU YD 50 -72.77 -52.13 31.31
CA LEU YD 50 -72.14 -51.86 30.02
C LEU YD 50 -72.56 -50.52 29.44
N GLY YD 51 -73.66 -49.95 29.91
CA GLY YD 51 -74.09 -48.64 29.49
C GLY YD 51 -75.36 -48.59 28.66
N TYR YD 52 -76.14 -49.66 28.61
CA TYR YD 52 -77.36 -49.71 27.83
C TYR YD 52 -78.51 -50.16 28.71
N ASP YD 53 -79.70 -49.62 28.44
CA ASP YD 53 -80.92 -50.12 29.08
C ASP YD 53 -81.45 -51.24 28.20
N ILE YD 54 -81.16 -52.48 28.60
CA ILE YD 54 -81.50 -53.63 27.76
C ILE YD 54 -83.01 -53.86 27.74
N THR YD 55 -83.72 -53.44 28.79
CA THR YD 55 -85.12 -53.81 28.96
C THR YD 55 -86.00 -53.34 27.80
N GLN YD 56 -85.63 -52.25 27.13
CA GLN YD 56 -86.42 -51.71 26.03
C GLN YD 56 -85.79 -52.13 24.71
N SER YD 57 -86.53 -52.92 23.93
CA SER YD 57 -86.05 -53.29 22.60
C SER YD 57 -86.10 -52.12 21.63
N SER YD 58 -87.08 -51.23 21.81
CA SER YD 58 -87.21 -50.09 20.90
C SER YD 58 -86.01 -49.17 20.97
N LYS YD 59 -85.51 -48.89 22.17
CA LYS YD 59 -84.38 -47.99 22.31
C LYS YD 59 -83.09 -48.60 21.75
N ALA YD 60 -83.05 -49.91 21.57
CA ALA YD 60 -81.93 -50.54 20.90
C ALA YD 60 -81.92 -50.14 19.43
N PRO YD 61 -80.75 -50.15 18.79
CA PRO YD 61 -80.69 -49.80 17.37
C PRO YD 61 -81.48 -50.78 16.52
N ASN YD 62 -81.84 -50.34 15.31
CA ASN YD 62 -82.52 -51.20 14.35
C ASN YD 62 -82.38 -50.62 12.94
N PRO YD 63 -81.80 -51.34 11.99
CA PRO YD 63 -81.15 -52.66 12.08
C PRO YD 63 -79.75 -52.55 12.68
N PRO YD 64 -79.08 -53.64 13.07
CA PRO YD 64 -77.79 -53.49 13.74
C PRO YD 64 -76.71 -53.12 12.75
N TYR YD 65 -75.64 -52.51 13.27
CA TYR YD 65 -74.47 -52.17 12.48
C TYR YD 65 -73.22 -52.65 13.19
N SER YD 66 -72.39 -53.40 12.46
CA SER YD 66 -71.09 -53.82 12.96
C SER YD 66 -69.96 -53.47 12.03
N GLN YD 67 -70.24 -52.97 10.83
CA GLN YD 67 -69.22 -52.59 9.87
C GLN YD 67 -68.94 -51.10 9.97
N LEU YD 68 -67.93 -50.64 9.25
CA LEU YD 68 -67.59 -49.22 9.26
C LEU YD 68 -68.66 -48.43 8.52
N PHE YD 69 -68.75 -47.14 8.84
CA PHE YD 69 -69.80 -46.29 8.29
C PHE YD 69 -69.84 -46.37 6.78
N ASN YD 70 -68.68 -46.25 6.14
CA ASN YD 70 -68.61 -46.35 4.68
C ASN YD 70 -67.18 -46.76 4.34
N SER YD 71 -67.00 -48.03 4.00
CA SER YD 71 -65.69 -48.51 3.60
C SER YD 71 -65.28 -47.97 2.24
N ASN YD 72 -66.26 -47.68 1.38
CA ASN YD 72 -65.95 -47.26 0.02
C ASN YD 72 -65.27 -45.90 0.01
N VAL YD 73 -65.77 -44.95 0.81
CA VAL YD 73 -65.20 -43.61 0.79
C VAL YD 73 -63.77 -43.62 1.34
N VAL YD 74 -63.54 -44.34 2.44
CA VAL YD 74 -62.18 -44.41 2.97
C VAL YD 74 -61.28 -45.18 2.01
N GLN YD 75 -61.85 -46.13 1.28
CA GLN YD 75 -61.07 -46.88 0.30
C GLN YD 75 -60.60 -45.97 -0.84
N LEU YD 76 -61.52 -45.18 -1.41
CA LEU YD 76 -61.12 -44.26 -2.47
C LEU YD 76 -60.13 -43.23 -1.95
N VAL YD 77 -60.39 -42.70 -0.74
CA VAL YD 77 -59.48 -41.75 -0.13
C VAL YD 77 -58.09 -42.37 0.02
N GLN YD 78 -58.03 -43.64 0.40
CA GLN YD 78 -56.75 -44.26 0.69
C GLN YD 78 -55.98 -44.59 -0.59
N ASN YD 79 -56.68 -45.07 -1.62
CA ASN YD 79 -56.01 -45.29 -2.90
C ASN YD 79 -55.47 -43.97 -3.45
N TYR YD 80 -56.24 -42.91 -3.29
CA TYR YD 80 -55.75 -41.60 -3.70
C TYR YD 80 -54.56 -41.18 -2.85
N ALA YD 81 -54.55 -41.56 -1.57
CA ALA YD 81 -53.39 -41.32 -0.72
C ALA YD 81 -52.14 -41.95 -1.29
N TYR YD 82 -52.20 -43.25 -1.58
CA TYR YD 82 -51.05 -43.93 -2.16
C TYR YD 82 -50.62 -43.27 -3.45
N ASN YD 83 -51.57 -43.01 -4.34
CA ASN YD 83 -51.22 -42.48 -5.65
C ASN YD 83 -50.54 -41.12 -5.51
N THR YD 84 -51.10 -40.24 -4.67
CA THR YD 84 -50.51 -38.92 -4.48
C THR YD 84 -49.13 -39.01 -3.86
N PHE YD 85 -48.94 -39.90 -2.89
CA PHE YD 85 -47.65 -39.96 -2.23
C PHE YD 85 -46.59 -40.49 -3.18
N LEU YD 86 -46.86 -41.60 -3.87
CA LEU YD 86 -45.85 -42.14 -4.78
C LEU YD 86 -45.64 -41.21 -5.99
N GLY YD 87 -46.62 -40.39 -6.33
CA GLY YD 87 -46.44 -39.48 -7.44
C GLY YD 87 -45.69 -38.21 -7.06
N ALA YD 88 -45.86 -37.76 -5.83
CA ALA YD 88 -45.35 -36.47 -5.40
C ALA YD 88 -43.84 -36.44 -5.20
N ILE YD 89 -43.21 -37.57 -4.95
CA ILE YD 89 -41.76 -37.57 -4.73
C ILE YD 89 -41.04 -37.19 -6.02
N PRO YD 90 -40.17 -36.18 -6.01
CA PRO YD 90 -39.37 -35.88 -7.20
C PRO YD 90 -38.33 -36.95 -7.42
N VAL YD 91 -38.18 -37.37 -8.68
CA VAL YD 91 -37.30 -38.47 -9.05
C VAL YD 91 -36.61 -38.11 -10.35
N ASP YD 92 -35.33 -38.49 -10.47
CA ASP YD 92 -34.55 -38.23 -11.68
C ASP YD 92 -35.27 -38.72 -12.92
N ALA YD 93 -35.65 -37.80 -13.79
CA ALA YD 93 -36.48 -38.10 -14.95
C ALA YD 93 -35.65 -37.91 -16.22
N MET YD 94 -35.00 -38.99 -16.66
CA MET YD 94 -34.32 -39.00 -17.94
C MET YD 94 -34.53 -40.25 -18.78
N SER YD 95 -34.71 -41.41 -18.15
CA SER YD 95 -34.91 -42.67 -18.87
C SER YD 95 -35.79 -43.55 -18.01
N GLN YD 96 -36.46 -44.51 -18.65
CA GLN YD 96 -37.51 -45.24 -17.96
C GLN YD 96 -36.97 -45.94 -16.73
N SER YD 97 -35.81 -46.59 -16.83
CA SER YD 97 -35.18 -47.22 -15.68
C SER YD 97 -34.72 -46.19 -14.64
N LEU YD 98 -34.47 -44.95 -15.04
CA LEU YD 98 -33.93 -43.97 -14.11
C LEU YD 98 -34.96 -43.54 -13.06
N MET YD 99 -36.25 -43.48 -13.41
CA MET YD 99 -37.21 -43.18 -12.36
C MET YD 99 -37.72 -44.42 -11.67
N ASN YD 100 -37.16 -45.59 -11.96
CA ASN YD 100 -37.64 -46.80 -11.33
C ASN YD 100 -37.55 -46.70 -9.81
N PHE YD 101 -38.70 -46.56 -9.17
CA PHE YD 101 -38.76 -46.52 -7.72
C PHE YD 101 -38.27 -47.84 -7.14
N VAL YD 102 -38.62 -48.95 -7.78
CA VAL YD 102 -38.28 -50.29 -7.34
C VAL YD 102 -37.69 -51.07 -8.50
N THR YD 103 -37.02 -52.16 -8.16
CA THR YD 103 -36.47 -53.07 -9.16
C THR YD 103 -37.58 -54.01 -9.64
N ASP YD 104 -37.27 -54.84 -10.64
CA ASP YD 104 -38.24 -55.75 -11.21
C ASP YD 104 -38.52 -56.96 -10.34
N LYS YD 105 -37.70 -57.23 -9.33
CA LYS YD 105 -37.83 -58.46 -8.55
C LYS YD 105 -38.93 -58.39 -7.50
N VAL YD 106 -39.15 -57.22 -6.90
CA VAL YD 106 -40.21 -57.07 -5.92
C VAL YD 106 -41.57 -57.09 -6.63
N GLN YD 107 -42.56 -57.68 -5.97
CA GLN YD 107 -43.90 -57.76 -6.54
C GLN YD 107 -44.48 -56.36 -6.72
N GLY YD 108 -45.29 -56.22 -7.77
CA GLY YD 108 -45.89 -54.93 -8.06
C GLY YD 108 -44.90 -53.90 -8.54
N ASN YD 109 -43.81 -54.34 -9.16
CA ASN YD 109 -42.78 -53.41 -9.62
C ASN YD 109 -43.34 -52.39 -10.59
N SER YD 110 -44.17 -52.85 -11.54
CA SER YD 110 -44.72 -51.95 -12.54
C SER YD 110 -45.62 -50.90 -11.91
N LEU YD 111 -46.45 -51.28 -10.95
CA LEU YD 111 -47.46 -50.37 -10.44
C LEU YD 111 -46.94 -49.45 -9.34
N ILE YD 112 -45.67 -49.56 -8.97
CA ILE YD 112 -44.95 -48.48 -8.30
C ILE YD 112 -44.13 -47.65 -9.28
N ASN YD 113 -43.45 -48.32 -10.21
CA ASN YD 113 -42.55 -47.62 -11.12
C ASN YD 113 -43.30 -46.65 -12.03
N ASN YD 114 -44.52 -47.02 -12.45
CA ASN YD 114 -45.29 -46.16 -13.34
C ASN YD 114 -45.75 -44.87 -12.66
N LEU YD 115 -45.75 -44.84 -11.32
CA LEU YD 115 -46.19 -43.66 -10.59
C LEU YD 115 -45.04 -42.74 -10.22
N ALA YD 116 -43.84 -42.99 -10.72
CA ALA YD 116 -42.74 -42.07 -10.50
C ALA YD 116 -42.91 -40.82 -11.37
N ASN YD 117 -42.70 -39.65 -10.77
CA ASN YD 117 -42.82 -38.37 -11.46
C ASN YD 117 -44.21 -38.18 -12.06
N THR YD 118 -45.23 -38.64 -11.34
CA THR YD 118 -46.60 -38.53 -11.84
C THR YD 118 -47.02 -37.07 -12.00
N THR YD 119 -46.69 -36.23 -11.01
CA THR YD 119 -47.16 -34.85 -11.03
C THR YD 119 -46.66 -34.12 -12.27
N PHE YD 120 -45.40 -34.30 -12.62
CA PHE YD 120 -44.84 -33.58 -13.75
C PHE YD 120 -45.16 -34.23 -15.09
N LYS YD 121 -45.27 -35.56 -15.14
CA LYS YD 121 -45.63 -36.21 -16.39
C LYS YD 121 -47.08 -35.90 -16.76
N TYR YD 122 -47.98 -35.91 -15.77
CA TYR YD 122 -49.34 -35.43 -16.01
C TYR YD 122 -49.34 -33.96 -16.41
N GLN YD 123 -48.37 -33.21 -15.89
CA GLN YD 123 -48.38 -31.77 -16.10
C GLN YD 123 -47.67 -31.41 -17.41
N ASN YD 124 -47.01 -32.38 -18.04
CA ASN YD 124 -46.25 -32.18 -19.27
C ASN YD 124 -45.18 -31.10 -19.08
N PHE YD 125 -44.32 -31.33 -18.09
CA PHE YD 125 -43.23 -30.40 -17.83
C PHE YD 125 -42.24 -30.37 -18.97
N SER YD 126 -41.96 -31.53 -19.58
CA SER YD 126 -40.98 -31.58 -20.67
C SER YD 126 -41.43 -30.74 -21.85
N ALA YD 127 -42.70 -30.84 -22.22
CA ALA YD 127 -43.23 -30.05 -23.33
C ALA YD 127 -43.52 -28.64 -22.86
N PRO YD 128 -42.97 -27.60 -23.49
CA PRO YD 128 -43.25 -26.23 -23.06
C PRO YD 128 -44.73 -25.92 -23.16
N SER YD 129 -45.23 -25.18 -22.17
CA SER YD 129 -46.63 -24.78 -22.13
C SER YD 129 -46.81 -23.43 -22.80
N SER YD 130 -47.88 -23.31 -23.59
CA SER YD 130 -48.18 -22.06 -24.29
C SER YD 130 -48.62 -20.95 -23.35
N GLY YD 131 -48.96 -21.27 -22.10
CA GLY YD 131 -49.38 -20.28 -21.14
C GLY YD 131 -50.87 -20.01 -21.11
N ALA YD 132 -51.60 -20.39 -22.15
CA ALA YD 132 -53.05 -20.21 -22.16
C ALA YD 132 -53.75 -21.13 -21.17
N ASP YD 133 -53.04 -22.13 -20.64
CA ASP YD 133 -53.62 -23.08 -19.70
C ASP YD 133 -52.97 -23.04 -18.32
N GLY YD 134 -51.94 -22.23 -18.12
CA GLY YD 134 -51.37 -22.06 -16.80
C GLY YD 134 -50.75 -23.32 -16.24
N LYS YD 135 -49.97 -24.02 -17.05
CA LYS YD 135 -49.36 -25.28 -16.66
C LYS YD 135 -47.89 -25.12 -16.30
N ILE YD 136 -47.48 -25.80 -15.22
CA ILE YD 136 -46.10 -25.89 -14.77
C ILE YD 136 -45.27 -26.38 -15.94
N THR YD 137 -44.24 -25.63 -16.35
CA THR YD 137 -43.46 -26.05 -17.50
C THR YD 137 -42.06 -25.45 -17.44
N ALA YD 138 -41.17 -26.06 -18.22
CA ALA YD 138 -39.81 -25.55 -18.40
C ALA YD 138 -39.89 -24.35 -19.34
N ASN YD 139 -39.92 -23.16 -18.76
CA ASN YD 139 -40.04 -21.94 -19.54
C ASN YD 139 -38.86 -21.80 -20.49
N GLY YD 140 -39.15 -21.48 -21.75
CA GLY YD 140 -38.11 -21.27 -22.74
C GLY YD 140 -37.50 -19.89 -22.64
N LEU YD 141 -37.52 -19.33 -21.43
CA LEU YD 141 -37.02 -17.99 -21.18
C LEU YD 141 -35.84 -18.04 -20.23
N ILE YD 142 -35.85 -19.02 -19.32
CA ILE YD 142 -34.78 -19.17 -18.35
C ILE YD 142 -33.98 -20.44 -18.64
N ASP YD 143 -34.68 -21.46 -19.12
CA ASP YD 143 -34.10 -22.79 -19.24
C ASP YD 143 -33.43 -22.99 -20.59
N GLN YD 144 -32.20 -23.48 -20.57
CA GLN YD 144 -31.51 -23.85 -21.80
C GLN YD 144 -32.22 -25.03 -22.46
N SER YD 145 -32.07 -25.13 -23.77
CA SER YD 145 -32.69 -26.21 -24.54
C SER YD 145 -31.69 -27.32 -24.80
N THR YD 146 -32.22 -28.51 -25.05
CA THR YD 146 -31.40 -29.68 -25.37
C THR YD 146 -30.87 -29.64 -26.80
N ALA YD 147 -31.36 -28.72 -27.63
CA ALA YD 147 -30.88 -28.58 -29.00
C ALA YD 147 -29.72 -27.60 -29.03
N SER YD 148 -28.59 -28.03 -29.58
CA SER YD 148 -27.40 -27.19 -29.64
C SER YD 148 -27.58 -26.06 -30.65
N THR YD 168 -38.03 -30.02 -26.27
CA THR YD 168 -36.58 -30.13 -26.16
C THR YD 168 -36.12 -29.70 -24.77
N TYR YD 169 -36.88 -30.05 -23.75
CA TYR YD 169 -36.57 -29.69 -22.38
C TYR YD 169 -36.63 -30.92 -21.49
N LEU YD 170 -35.84 -30.90 -20.43
CA LEU YD 170 -35.68 -32.04 -19.56
C LEU YD 170 -36.92 -32.22 -18.67
N ASN YD 171 -37.20 -33.48 -18.32
CA ASN YD 171 -38.47 -33.85 -17.70
C ASN YD 171 -38.54 -33.56 -16.21
N ASP YD 172 -37.41 -33.31 -15.54
CA ASP YD 172 -37.41 -33.09 -14.10
C ASP YD 172 -36.91 -31.67 -13.83
N PRO YD 173 -37.70 -30.84 -13.15
CA PRO YD 173 -37.26 -29.46 -12.89
C PRO YD 173 -35.97 -29.35 -12.09
N VAL YD 174 -35.69 -30.28 -11.19
CA VAL YD 174 -34.47 -30.17 -10.38
C VAL YD 174 -33.24 -30.44 -11.25
N SER YD 175 -33.27 -31.52 -12.03
CA SER YD 175 -32.20 -31.77 -12.97
C SER YD 175 -32.14 -30.66 -14.01
N GLN YD 176 -33.28 -30.08 -14.35
CA GLN YD 176 -33.31 -28.95 -15.26
C GLN YD 176 -32.55 -27.76 -14.67
N ALA YD 177 -32.75 -27.51 -13.38
CA ALA YD 177 -32.05 -26.40 -12.74
C ALA YD 177 -30.55 -26.63 -12.67
N VAL YD 178 -30.13 -27.81 -12.20
CA VAL YD 178 -28.69 -28.07 -12.15
C VAL YD 178 -28.11 -28.10 -13.57
N PHE YD 179 -28.94 -28.46 -14.55
CA PHE YD 179 -28.51 -28.41 -15.94
C PHE YD 179 -28.32 -26.98 -16.42
N ASN YD 180 -29.15 -26.06 -15.92
CA ASN YD 180 -28.88 -24.64 -16.15
C ASN YD 180 -27.55 -24.24 -15.52
N ILE YD 181 -27.30 -24.71 -14.30
CA ILE YD 181 -26.03 -24.38 -13.63
C ILE YD 181 -24.85 -24.84 -14.47
N LEU YD 182 -24.91 -26.05 -15.01
CA LEU YD 182 -23.75 -26.60 -15.68
C LEU YD 182 -23.65 -26.15 -17.14
N GLY YD 183 -24.78 -25.78 -17.74
CA GLY YD 183 -24.81 -25.53 -19.16
C GLY YD 183 -25.34 -24.17 -19.57
N THR YD 184 -25.03 -23.13 -18.79
CA THR YD 184 -25.38 -21.78 -19.20
C THR YD 184 -24.10 -21.02 -19.53
N PRO YD 185 -23.78 -20.89 -20.81
CA PRO YD 185 -22.47 -20.34 -21.19
C PRO YD 185 -22.35 -18.86 -20.86
N ASP YD 186 -21.10 -18.41 -20.78
CA ASP YD 186 -20.81 -16.99 -20.69
C ASP YD 186 -21.23 -16.27 -21.97
N TYR YD 187 -21.30 -14.94 -21.89
CA TYR YD 187 -21.48 -14.14 -23.09
C TYR YD 187 -20.27 -14.19 -24.01
N SER YD 188 -19.13 -14.67 -23.52
CA SER YD 188 -17.90 -14.64 -24.32
C SER YD 188 -18.01 -15.53 -25.55
N PHE YD 189 -18.65 -16.69 -25.43
CA PHE YD 189 -18.85 -17.52 -26.61
C PHE YD 189 -19.71 -16.85 -27.68
N CYS YD 190 -20.51 -15.84 -27.30
CA CYS YD 190 -21.25 -15.05 -28.27
C CYS YD 190 -20.54 -13.75 -28.62
N MET YD 191 -19.34 -13.54 -28.11
CA MET YD 191 -18.45 -12.45 -28.51
C MET YD 191 -17.53 -12.93 -29.62
N ASP YD 192 -16.73 -12.00 -30.14
CA ASP YD 192 -15.51 -12.34 -30.85
C ASP YD 192 -14.49 -12.88 -29.87
N ASN YD 193 -13.41 -13.47 -30.40
CA ASN YD 193 -12.37 -13.99 -29.52
C ASN YD 193 -11.46 -12.90 -28.97
N GLU YD 194 -11.72 -11.63 -29.29
CA GLU YD 194 -11.01 -10.51 -28.69
C GLU YD 194 -11.92 -9.62 -27.85
N GLN YD 195 -13.13 -10.09 -27.53
CA GLN YD 195 -14.00 -9.44 -26.54
C GLN YD 195 -14.26 -7.98 -26.89
N LYS YD 196 -14.46 -7.68 -28.17
CA LYS YD 196 -14.63 -6.31 -28.61
C LYS YD 196 -15.97 -6.04 -29.27
N ASN YD 197 -16.54 -7.01 -29.99
CA ASN YD 197 -17.81 -6.84 -30.67
C ASN YD 197 -18.68 -8.08 -30.48
N TRP YD 198 -19.89 -8.01 -31.02
CA TRP YD 198 -20.98 -8.94 -30.73
C TRP YD 198 -21.45 -9.60 -32.01
N LEU YD 199 -21.66 -10.95 -31.95
CA LEU YD 199 -22.12 -11.55 -33.19
C LEU YD 199 -23.56 -11.15 -33.50
N PRO YD 200 -23.91 -11.08 -34.79
CA PRO YD 200 -25.29 -10.70 -35.14
C PRO YD 200 -26.32 -11.68 -34.62
N ASN YD 201 -26.14 -12.97 -34.90
CA ASN YD 201 -27.03 -14.02 -34.42
C ASN YD 201 -26.22 -14.97 -33.54
N CYS YD 202 -26.78 -15.33 -32.39
CA CYS YD 202 -26.19 -16.32 -31.50
C CYS YD 202 -27.32 -17.19 -30.95
N ASN YD 203 -27.45 -18.39 -31.50
CA ASN YD 203 -28.48 -19.32 -31.05
C ASN YD 203 -28.30 -19.72 -29.59
N LEU YD 204 -27.06 -19.87 -29.15
CA LEU YD 204 -26.79 -20.29 -27.78
C LEU YD 204 -27.26 -19.24 -26.80
N MET YD 205 -27.56 -19.69 -25.58
CA MET YD 205 -28.27 -18.87 -24.60
C MET YD 205 -27.30 -18.62 -23.44
N TYR YD 206 -26.74 -17.42 -23.37
CA TYR YD 206 -25.78 -17.08 -22.34
C TYR YD 206 -26.46 -16.46 -21.13
N GLN YD 207 -25.73 -16.41 -20.01
CA GLN YD 207 -26.37 -16.06 -18.74
C GLN YD 207 -26.91 -14.64 -18.77
N ASN YD 208 -26.15 -13.72 -19.37
CA ASN YD 208 -26.65 -12.36 -19.49
C ASN YD 208 -27.98 -12.35 -20.24
N LEU YD 209 -28.05 -13.05 -21.36
CA LEU YD 209 -29.27 -13.02 -22.17
C LEU YD 209 -30.45 -13.60 -21.39
N VAL YD 210 -30.25 -14.73 -20.72
CA VAL YD 210 -31.37 -15.34 -20.00
C VAL YD 210 -31.85 -14.44 -18.89
N MET YD 211 -30.95 -13.79 -18.16
CA MET YD 211 -31.49 -13.05 -17.03
C MET YD 211 -31.96 -11.65 -17.45
N GLN YD 212 -31.54 -11.15 -18.62
CA GLN YD 212 -32.32 -10.08 -19.25
C GLN YD 212 -33.73 -10.54 -19.55
N ASN YD 213 -33.87 -11.76 -20.10
CA ASN YD 213 -35.20 -12.29 -20.36
C ASN YD 213 -36.02 -12.38 -19.08
N VAL YD 214 -35.35 -12.65 -17.96
CA VAL YD 214 -36.04 -12.61 -16.67
C VAL YD 214 -36.55 -11.20 -16.38
N ILE YD 215 -35.74 -10.18 -16.68
CA ILE YD 215 -36.25 -8.81 -16.52
C ILE YD 215 -37.42 -8.55 -17.45
N GLY YD 216 -37.30 -8.89 -18.72
CA GLY YD 216 -38.19 -8.32 -19.71
C GLY YD 216 -37.70 -6.95 -20.12
N THR YD 217 -38.64 -6.00 -20.21
CA THR YD 217 -38.24 -4.63 -20.44
C THR YD 217 -37.82 -3.98 -19.13
N LEU YD 218 -36.63 -3.43 -19.12
CA LEU YD 218 -36.11 -2.76 -17.93
C LEU YD 218 -36.89 -1.48 -17.64
N PRO YD 219 -37.21 -1.20 -16.37
CA PRO YD 219 -38.22 -0.17 -16.07
C PRO YD 219 -37.60 1.18 -15.81
N PRO YD 220 -38.31 2.27 -16.12
CA PRO YD 220 -37.72 3.61 -16.06
C PRO YD 220 -37.64 4.18 -14.65
N ALA YD 221 -37.00 5.35 -14.58
CA ALA YD 221 -36.66 5.98 -13.30
C ALA YD 221 -37.86 6.66 -12.66
N GLN YD 222 -38.41 7.67 -13.32
CA GLN YD 222 -39.58 8.38 -12.83
C GLN YD 222 -40.81 7.85 -13.56
N THR YD 223 -41.87 7.60 -12.80
CA THR YD 223 -43.08 7.05 -13.40
C THR YD 223 -43.62 7.97 -14.48
N SER YD 224 -43.91 7.39 -15.63
CA SER YD 224 -44.41 8.13 -16.78
C SER YD 224 -45.82 7.65 -17.10
N GLY YD 225 -46.51 8.41 -17.93
CA GLY YD 225 -47.86 8.04 -18.34
C GLY YD 225 -47.95 6.73 -19.08
N SER YD 226 -46.84 6.28 -19.67
CA SER YD 226 -46.80 5.04 -20.42
C SER YD 226 -46.18 3.89 -19.63
N THR YD 227 -45.12 4.15 -18.86
CA THR YD 227 -44.41 3.10 -18.18
C THR YD 227 -44.22 3.46 -16.70
N PRO YD 228 -44.18 2.47 -15.83
CA PRO YD 228 -44.05 2.75 -14.40
C PRO YD 228 -42.60 2.81 -13.95
N ALA YD 229 -42.39 3.53 -12.86
CA ALA YD 229 -41.10 3.46 -12.18
C ALA YD 229 -40.95 2.10 -11.50
N PHE YD 230 -39.69 1.68 -11.30
CA PHE YD 230 -39.47 0.34 -10.77
C PHE YD 230 -39.96 0.19 -9.35
N TYR YD 231 -40.09 1.28 -8.59
CA TYR YD 231 -40.55 1.22 -7.22
C TYR YD 231 -42.06 1.41 -7.11
N SER YD 232 -42.72 1.92 -8.15
CA SER YD 232 -44.14 2.18 -8.05
C SER YD 232 -44.92 0.88 -7.93
N TYR YD 233 -46.02 0.95 -7.18
CA TYR YD 233 -46.83 -0.23 -6.94
C TYR YD 233 -47.43 -0.78 -8.24
N LYS YD 234 -47.69 0.09 -9.21
CA LYS YD 234 -48.29 -0.36 -10.46
C LYS YD 234 -47.29 -1.18 -11.27
N TYR YD 235 -46.00 -0.89 -11.15
CA TYR YD 235 -45.00 -1.77 -11.73
C TYR YD 235 -44.96 -3.11 -11.00
N ASN YD 236 -45.17 -3.09 -9.69
CA ASN YD 236 -44.90 -4.24 -8.84
C ASN YD 236 -46.11 -5.14 -8.67
N GLN YD 237 -47.24 -4.85 -9.33
CA GLN YD 237 -48.46 -5.62 -9.11
C GLN YD 237 -48.27 -7.13 -9.27
N PRO YD 238 -47.64 -7.65 -10.33
CA PRO YD 238 -47.42 -9.10 -10.39
C PRO YD 238 -46.25 -9.54 -9.54
N LEU YD 239 -45.17 -8.76 -9.53
CA LEU YD 239 -43.92 -9.22 -8.91
C LEU YD 239 -44.10 -9.51 -7.43
N ILE YD 240 -44.95 -8.76 -6.74
CA ILE YD 240 -45.16 -9.03 -5.32
C ILE YD 240 -45.70 -10.44 -5.13
N SER YD 241 -46.66 -10.85 -5.97
CA SER YD 241 -47.18 -12.21 -5.91
C SER YD 241 -46.14 -13.22 -6.36
N GLN YD 242 -45.43 -12.91 -7.44
CA GLN YD 242 -44.40 -13.80 -7.96
C GLN YD 242 -43.36 -14.11 -6.89
N LEU YD 243 -43.04 -13.12 -6.07
CA LEU YD 243 -41.87 -13.13 -5.22
C LEU YD 243 -42.22 -13.46 -3.78
N ASN YD 244 -43.50 -13.33 -3.42
CA ASN YD 244 -43.95 -13.65 -2.08
C ASN YD 244 -43.79 -15.14 -1.79
N SER YD 245 -43.25 -15.45 -0.61
CA SER YD 245 -42.97 -16.84 -0.26
C SER YD 245 -44.24 -17.67 -0.14
N ASN YD 246 -45.30 -17.10 0.43
CA ASN YD 246 -46.50 -17.88 0.70
C ASN YD 246 -47.08 -18.52 -0.55
N SER YD 247 -46.82 -17.95 -1.72
CA SER YD 247 -47.28 -18.53 -2.98
C SER YD 247 -46.92 -20.00 -3.11
N LEU YD 248 -45.93 -20.47 -2.34
CA LEU YD 248 -45.55 -21.88 -2.32
C LEU YD 248 -46.31 -22.68 -1.26
N ILE YD 249 -46.46 -22.14 -0.06
CA ILE YD 249 -46.83 -22.95 1.10
C ILE YD 249 -48.35 -23.02 1.33
N ALA YD 250 -49.06 -21.89 1.36
CA ALA YD 250 -50.44 -21.91 1.81
C ALA YD 250 -51.36 -22.79 0.97
N PRO YD 251 -51.40 -22.68 -0.36
CA PRO YD 251 -52.35 -23.50 -1.12
C PRO YD 251 -52.00 -24.97 -1.03
N LEU YD 252 -53.05 -25.79 -1.05
CA LEU YD 252 -52.90 -27.24 -1.00
C LEU YD 252 -52.92 -27.88 -2.38
N LEU YD 253 -53.70 -27.34 -3.30
CA LEU YD 253 -53.65 -27.75 -4.71
C LEU YD 253 -53.66 -26.51 -5.57
N MET YD 254 -52.61 -26.33 -6.37
CA MET YD 254 -52.46 -25.18 -7.25
C MET YD 254 -53.53 -25.12 -8.33
N ASP YD 255 -53.87 -23.88 -8.67
CA ASP YD 255 -54.81 -23.60 -9.75
C ASP YD 255 -54.14 -23.92 -11.09
N THR YD 256 -54.77 -24.80 -11.86
CA THR YD 256 -54.25 -25.21 -13.16
C THR YD 256 -54.94 -24.51 -14.31
N SER YD 257 -55.67 -23.43 -14.04
CA SER YD 257 -56.35 -22.65 -15.07
C SER YD 257 -55.69 -21.29 -15.19
N ALA YD 258 -55.38 -20.89 -16.43
CA ALA YD 258 -54.70 -19.62 -16.70
C ALA YD 258 -55.70 -18.47 -16.68
N SER YD 259 -56.24 -18.22 -15.49
CA SER YD 259 -57.16 -17.12 -15.26
C SER YD 259 -56.43 -15.81 -14.98
N GLN YD 260 -55.09 -15.84 -14.93
CA GLN YD 260 -54.29 -14.67 -14.63
C GLN YD 260 -53.48 -14.26 -15.85
N SER YD 261 -53.44 -12.95 -16.09
CA SER YD 261 -52.69 -12.39 -17.22
C SER YD 261 -51.90 -11.19 -16.69
N GLY YD 262 -50.66 -11.44 -16.28
CA GLY YD 262 -49.84 -10.39 -15.74
C GLY YD 262 -49.20 -9.54 -16.81
N GLN YD 263 -48.34 -8.63 -16.36
CA GLN YD 263 -47.63 -7.74 -17.29
C GLN YD 263 -46.70 -8.56 -18.17
N ASP YD 264 -46.70 -8.27 -19.47
CA ASP YD 264 -45.99 -9.09 -20.45
C ASP YD 264 -44.63 -8.48 -20.77
N SER YD 265 -43.71 -8.71 -19.85
CA SER YD 265 -42.31 -8.29 -19.99
C SER YD 265 -41.44 -9.36 -19.33
N GLY YD 266 -40.89 -10.24 -20.16
CA GLY YD 266 -40.10 -11.31 -19.61
C GLY YD 266 -40.96 -12.33 -18.89
N LEU YD 267 -40.41 -12.88 -17.81
CA LEU YD 267 -41.11 -13.93 -17.08
C LEU YD 267 -42.35 -13.36 -16.40
N THR YD 268 -43.45 -14.11 -16.48
CA THR YD 268 -44.68 -13.76 -15.81
C THR YD 268 -45.45 -15.03 -15.50
N ALA YD 269 -46.16 -15.02 -14.38
CA ALA YD 269 -46.99 -16.15 -13.99
C ALA YD 269 -48.39 -15.97 -14.55
N LYS YD 270 -48.87 -17.00 -15.24
CA LYS YD 270 -50.22 -16.98 -15.81
C LYS YD 270 -51.20 -17.75 -14.94
N SER YD 271 -50.76 -18.26 -13.79
CA SER YD 271 -51.61 -19.03 -12.90
C SER YD 271 -51.02 -18.95 -11.49
N GLN YD 272 -51.83 -19.36 -10.51
CA GLN YD 272 -51.32 -19.51 -9.16
C GLN YD 272 -50.20 -20.53 -9.12
N ALA YD 273 -50.33 -21.61 -9.91
CA ALA YD 273 -49.26 -22.58 -10.04
C ALA YD 273 -48.00 -21.93 -10.61
N GLN YD 274 -48.14 -21.09 -11.63
CA GLN YD 274 -46.98 -20.37 -12.13
C GLN YD 274 -46.43 -19.40 -11.09
N GLN YD 275 -47.29 -18.83 -10.26
CA GLN YD 275 -46.79 -17.99 -9.18
C GLN YD 275 -45.90 -18.81 -8.26
N ALA YD 276 -46.34 -20.02 -7.92
CA ALA YD 276 -45.50 -20.91 -7.12
C ALA YD 276 -44.20 -21.24 -7.83
N LEU YD 277 -44.26 -21.56 -9.13
CA LEU YD 277 -43.04 -21.95 -9.82
C LEU YD 277 -42.05 -20.79 -9.85
N ASN YD 278 -42.55 -19.59 -10.10
CA ASN YD 278 -41.66 -18.45 -10.24
C ASN YD 278 -41.06 -18.09 -8.89
N PHE YD 279 -41.85 -18.23 -7.82
CA PHE YD 279 -41.24 -18.14 -6.49
C PHE YD 279 -40.12 -19.15 -6.33
N ILE YD 280 -40.39 -20.44 -6.60
CA ILE YD 280 -39.43 -21.47 -6.21
C ILE YD 280 -38.14 -21.33 -7.00
N ARG YD 281 -38.23 -21.02 -8.29
CA ARG YD 281 -37.01 -20.71 -9.03
C ARG YD 281 -36.34 -19.43 -8.51
N TYR YD 282 -37.13 -18.44 -8.09
CA TYR YD 282 -36.54 -17.22 -7.54
C TYR YD 282 -35.71 -17.50 -6.29
N ALA YD 283 -36.24 -18.34 -5.40
CA ALA YD 283 -35.51 -18.72 -4.20
C ALA YD 283 -34.26 -19.51 -4.53
N SER YD 284 -34.32 -20.39 -5.54
CA SER YD 284 -33.17 -21.18 -5.96
C SER YD 284 -32.10 -20.33 -6.64
N ALA YD 285 -32.39 -19.05 -6.89
CA ALA YD 285 -31.42 -18.10 -7.41
C ALA YD 285 -30.84 -18.56 -8.74
N GLN YD 286 -31.67 -19.18 -9.57
CA GLN YD 286 -31.25 -19.56 -10.91
C GLN YD 286 -31.12 -18.36 -11.83
N VAL YD 287 -31.72 -17.22 -11.47
CA VAL YD 287 -31.62 -16.01 -12.27
C VAL YD 287 -30.20 -15.47 -12.30
N THR YD 288 -29.32 -15.92 -11.41
CA THR YD 288 -27.90 -15.62 -11.45
C THR YD 288 -27.15 -16.94 -11.64
N PRO YD 289 -27.17 -17.49 -12.85
CA PRO YD 289 -26.37 -18.69 -13.10
C PRO YD 289 -24.89 -18.37 -13.02
N PRO YD 290 -24.07 -19.34 -12.64
CA PRO YD 290 -22.64 -19.03 -12.40
C PRO YD 290 -21.92 -18.63 -13.67
N SER YD 291 -20.84 -17.89 -13.50
CA SER YD 291 -20.05 -17.39 -14.61
C SER YD 291 -19.21 -18.52 -15.18
N LEU YD 292 -19.60 -19.01 -16.36
CA LEU YD 292 -18.84 -20.03 -17.07
C LEU YD 292 -17.58 -19.42 -17.69
N PRO YD 293 -16.62 -20.26 -18.09
CA PRO YD 293 -15.32 -19.73 -18.52
C PRO YD 293 -15.43 -18.82 -19.74
N LYS YD 294 -14.48 -17.90 -19.83
CA LYS YD 294 -14.31 -17.11 -21.04
C LYS YD 294 -13.92 -18.03 -22.19
N LEU YD 295 -14.47 -17.77 -23.38
CA LEU YD 295 -14.06 -18.52 -24.56
C LEU YD 295 -12.56 -18.40 -24.81
N SER YD 296 -12.03 -17.17 -24.87
CA SER YD 296 -10.64 -17.00 -25.26
C SER YD 296 -9.69 -17.58 -24.21
N ALA YD 297 -9.90 -17.20 -22.95
CA ALA YD 297 -9.03 -17.69 -21.88
C ALA YD 297 -9.04 -19.20 -21.82
N TYR YD 298 -10.21 -19.78 -21.54
CA TYR YD 298 -10.33 -21.22 -21.46
C TYR YD 298 -9.81 -21.89 -22.73
N SER YD 299 -9.99 -21.26 -23.89
CA SER YD 299 -9.58 -21.92 -25.12
C SER YD 299 -8.06 -22.02 -25.20
N GLU YD 300 -7.33 -20.99 -24.77
CA GLU YD 300 -5.87 -21.14 -24.82
C GLU YD 300 -5.39 -22.14 -23.76
N LEU YD 301 -6.00 -22.13 -22.57
CA LEU YD 301 -5.60 -23.17 -21.61
C LEU YD 301 -5.95 -24.56 -22.10
N TRP YD 302 -7.06 -24.69 -22.84
CA TRP YD 302 -7.37 -25.93 -23.55
C TRP YD 302 -6.27 -26.34 -24.49
N ASN YD 303 -5.89 -25.44 -25.40
CA ASN YD 303 -4.88 -25.77 -26.39
C ASN YD 303 -3.60 -26.19 -25.68
N GLN YD 304 -3.29 -25.53 -24.57
CA GLN YD 304 -2.09 -25.82 -23.80
C GLN YD 304 -2.16 -27.20 -23.13
N ALA YD 305 -3.31 -27.55 -22.55
CA ALA YD 305 -3.40 -28.75 -21.72
C ALA YD 305 -3.75 -30.02 -22.49
N THR YD 306 -4.72 -29.96 -23.40
CA THR YD 306 -5.16 -31.16 -24.11
C THR YD 306 -4.14 -31.68 -25.10
N ALA YD 307 -3.12 -30.90 -25.44
CA ALA YD 307 -2.17 -31.29 -26.46
C ALA YD 307 -1.25 -32.39 -25.98
N LYS YD 308 -0.70 -33.14 -26.92
CA LYS YD 308 0.27 -34.17 -26.59
C LYS YD 308 1.56 -33.51 -26.10
N PRO YD 309 2.04 -33.87 -24.91
CA PRO YD 309 3.25 -33.22 -24.39
C PRO YD 309 4.46 -33.48 -25.26
N ASN YD 310 5.35 -32.50 -25.30
CA ASN YD 310 6.61 -32.57 -26.03
C ASN YD 310 6.40 -32.83 -27.52
N SER YD 311 5.31 -32.30 -28.07
CA SER YD 311 5.03 -32.43 -29.49
C SER YD 311 4.26 -31.19 -29.95
N ALA YD 312 4.43 -30.83 -31.22
CA ALA YD 312 3.76 -29.68 -31.81
C ALA YD 312 4.05 -28.40 -31.03
N GLY YD 313 5.30 -28.26 -30.57
CA GLY YD 313 5.69 -27.10 -29.78
C GLY YD 313 5.03 -27.05 -28.42
N TYR YD 314 4.89 -28.21 -27.78
CA TYR YD 314 4.32 -28.28 -26.44
C TYR YD 314 5.30 -28.97 -25.50
N ASN YD 315 4.92 -29.10 -24.23
CA ASN YD 315 5.68 -29.85 -23.26
C ASN YD 315 4.70 -30.40 -22.22
N GLU YD 316 5.22 -30.83 -21.07
CA GLU YD 316 4.43 -31.52 -20.07
C GLU YD 316 4.22 -30.73 -18.79
N VAL YD 317 5.02 -29.70 -18.53
CA VAL YD 317 4.96 -29.02 -17.23
C VAL YD 317 3.68 -28.20 -17.13
N GLN YD 318 3.57 -27.15 -17.93
CA GLN YD 318 2.35 -26.35 -17.89
C GLN YD 318 1.19 -27.13 -18.46
N GLN YD 319 1.46 -28.18 -19.24
CA GLN YD 319 0.39 -29.03 -19.72
C GLN YD 319 -0.42 -29.59 -18.56
N LYS YD 320 0.24 -30.36 -17.68
CA LYS YD 320 -0.44 -30.89 -16.50
C LYS YD 320 -0.87 -29.77 -15.56
N GLN YD 321 -0.09 -28.70 -15.47
CA GLN YD 321 -0.47 -27.59 -14.59
C GLN YD 321 -1.83 -27.02 -14.98
N ALA YD 322 -1.94 -26.50 -16.21
CA ALA YD 322 -3.19 -25.92 -16.67
C ALA YD 322 -4.30 -26.96 -16.73
N ALA YD 323 -3.96 -28.22 -17.03
CA ALA YD 323 -4.97 -29.27 -16.97
C ALA YD 323 -5.57 -29.33 -15.59
N ALA YD 324 -4.72 -29.33 -14.56
CA ALA YD 324 -5.20 -29.35 -13.18
C ALA YD 324 -6.05 -28.13 -12.87
N THR YD 325 -5.62 -26.95 -13.33
CA THR YD 325 -6.38 -25.74 -13.03
C THR YD 325 -7.79 -25.80 -13.62
N LEU YD 326 -7.91 -26.10 -14.91
CA LEU YD 326 -9.24 -26.17 -15.52
C LEU YD 326 -10.07 -27.26 -14.88
N SER YD 327 -9.47 -28.43 -14.64
CA SER YD 327 -10.24 -29.55 -14.10
C SER YD 327 -10.73 -29.25 -12.69
N SER YD 328 -9.91 -28.63 -11.85
CA SER YD 328 -10.37 -28.22 -10.54
C SER YD 328 -11.48 -27.18 -10.66
N TYR YD 329 -11.40 -26.32 -11.68
CA TYR YD 329 -12.48 -25.37 -11.89
C TYR YD 329 -13.80 -26.07 -12.15
N PHE YD 330 -13.82 -27.01 -13.12
CA PHE YD 330 -15.08 -27.69 -13.39
C PHE YD 330 -15.51 -28.54 -12.19
N ASN YD 331 -14.54 -29.06 -11.43
CA ASN YD 331 -14.89 -29.80 -10.23
C ASN YD 331 -15.63 -28.93 -9.23
N ASN YD 332 -15.15 -27.70 -9.04
CA ASN YD 332 -15.88 -26.74 -8.22
C ASN YD 332 -17.27 -26.50 -8.78
N LEU YD 333 -17.39 -26.41 -10.11
CA LEU YD 333 -18.72 -26.25 -10.71
C LEU YD 333 -19.64 -27.40 -10.35
N ARG YD 334 -19.17 -28.65 -10.48
CA ARG YD 334 -20.09 -29.77 -10.26
C ARG YD 334 -20.43 -29.94 -8.79
N VAL YD 335 -19.46 -29.71 -7.89
CA VAL YD 335 -19.83 -29.81 -6.48
C VAL YD 335 -20.83 -28.71 -6.12
N TYR YD 336 -20.58 -27.48 -6.60
CA TYR YD 336 -21.58 -26.43 -6.48
C TYR YD 336 -22.94 -26.89 -7.00
N ALA YD 337 -22.97 -27.47 -8.20
CA ALA YD 337 -24.23 -27.84 -8.83
C ALA YD 337 -24.94 -28.91 -8.03
N ALA YD 338 -24.20 -29.87 -7.48
CA ALA YD 338 -24.81 -30.91 -6.65
C ALA YD 338 -25.40 -30.30 -5.38
N GLN YD 339 -24.67 -29.37 -4.76
CA GLN YD 339 -25.22 -28.73 -3.56
C GLN YD 339 -26.48 -27.95 -3.90
N THR YD 340 -26.52 -27.27 -5.03
CA THR YD 340 -27.76 -26.62 -5.45
C THR YD 340 -28.85 -27.66 -5.69
N SER YD 341 -28.54 -28.72 -6.43
CA SER YD 341 -29.52 -29.75 -6.73
C SER YD 341 -30.17 -30.28 -5.47
N VAL YD 342 -29.40 -30.40 -4.39
CA VAL YD 342 -30.00 -30.72 -3.09
C VAL YD 342 -31.14 -29.76 -2.78
N GLY YD 343 -30.81 -28.47 -2.65
CA GLY YD 343 -31.79 -27.49 -2.23
C GLY YD 343 -32.97 -27.38 -3.18
N VAL YD 344 -32.68 -27.31 -4.48
CA VAL YD 344 -33.75 -27.22 -5.47
C VAL YD 344 -34.60 -28.49 -5.43
N SER YD 345 -34.00 -29.63 -5.07
CA SER YD 345 -34.77 -30.86 -4.98
C SER YD 345 -35.77 -30.80 -3.85
N ASN YD 346 -35.33 -30.35 -2.67
CA ASN YD 346 -36.31 -30.21 -1.59
C ASN YD 346 -37.35 -29.14 -1.91
N LEU YD 347 -36.93 -27.99 -2.46
CA LEU YD 347 -37.93 -26.97 -2.78
C LEU YD 347 -38.96 -27.50 -3.77
N TYR YD 348 -38.49 -28.22 -4.78
CA TYR YD 348 -39.40 -28.76 -5.78
C TYR YD 348 -40.26 -29.87 -5.20
N TYR YD 349 -39.78 -30.58 -4.19
CA TYR YD 349 -40.66 -31.55 -3.51
C TYR YD 349 -41.72 -30.84 -2.71
N ILE YD 350 -41.36 -29.76 -2.00
CA ILE YD 350 -42.40 -28.97 -1.33
C ILE YD 350 -43.42 -28.47 -2.33
N LEU YD 351 -42.95 -28.00 -3.49
CA LEU YD 351 -43.87 -27.55 -4.51
C LEU YD 351 -44.74 -28.70 -5.01
N SER YD 352 -44.13 -29.88 -5.20
CA SER YD 352 -44.78 -31.03 -5.81
C SER YD 352 -45.75 -31.76 -4.88
N LYS YD 353 -45.59 -31.62 -3.56
CA LYS YD 353 -46.62 -32.17 -2.68
C LYS YD 353 -47.97 -31.54 -2.97
N ARG YD 354 -47.96 -30.34 -3.57
CA ARG YD 354 -49.17 -29.56 -3.74
C ARG YD 354 -49.59 -29.45 -5.20
N LEU YD 355 -49.07 -30.32 -6.09
CA LEU YD 355 -49.64 -30.26 -7.44
C LEU YD 355 -50.75 -31.28 -7.61
N PRO YD 356 -51.74 -30.95 -8.44
CA PRO YD 356 -52.79 -31.91 -8.77
C PRO YD 356 -52.23 -33.10 -9.52
N GLN YD 357 -52.84 -34.27 -9.27
CA GLN YD 357 -52.49 -35.50 -9.97
C GLN YD 357 -53.78 -36.18 -10.43
N ASN YD 358 -53.68 -36.91 -11.54
CA ASN YD 358 -54.81 -37.60 -12.11
C ASN YD 358 -54.90 -38.99 -11.50
N MET YD 359 -56.07 -39.34 -10.97
CA MET YD 359 -56.28 -40.61 -10.28
C MET YD 359 -56.79 -41.69 -11.23
N SER YD 360 -57.73 -41.35 -12.10
CA SER YD 360 -58.33 -42.30 -13.01
C SER YD 360 -57.64 -42.21 -14.37
N ALA YD 361 -57.26 -43.36 -14.92
CA ALA YD 361 -56.60 -43.38 -16.22
C ALA YD 361 -57.50 -42.81 -17.31
N ASP YD 362 -58.77 -43.18 -17.30
CA ASP YD 362 -59.73 -42.62 -18.24
C ASP YD 362 -59.98 -41.16 -17.90
N GLN YD 363 -59.79 -40.27 -18.87
CA GLN YD 363 -59.96 -38.84 -18.62
C GLN YD 363 -61.40 -38.44 -18.42
N SER YD 364 -62.36 -39.18 -19.01
CA SER YD 364 -63.76 -38.90 -18.78
C SER YD 364 -64.17 -39.15 -17.34
N ASN YD 365 -63.42 -39.96 -16.60
CA ASN YD 365 -63.69 -40.27 -15.21
C ASN YD 365 -62.53 -39.79 -14.34
N ALA YD 366 -61.62 -39.03 -14.94
CA ALA YD 366 -60.40 -38.60 -14.26
C ALA YD 366 -60.72 -37.83 -12.98
N ASN YD 367 -60.02 -38.20 -11.91
CA ASN YD 367 -60.13 -37.53 -10.62
C ASN YD 367 -58.86 -36.76 -10.37
N ILE YD 368 -58.98 -35.62 -9.70
CA ILE YD 368 -57.85 -34.73 -9.47
C ILE YD 368 -57.74 -34.49 -7.97
N THR YD 369 -56.59 -34.86 -7.41
CA THR YD 369 -56.26 -34.53 -6.03
C THR YD 369 -54.75 -34.44 -5.89
N SER YD 370 -54.32 -33.70 -4.88
CA SER YD 370 -52.91 -33.45 -4.63
C SER YD 370 -52.47 -34.19 -3.38
N GLN YD 371 -51.16 -34.34 -3.22
CA GLN YD 371 -50.64 -35.00 -2.01
C GLN YD 371 -51.02 -34.22 -0.76
N ALA YD 372 -50.85 -32.90 -0.79
CA ALA YD 372 -51.16 -32.09 0.38
C ALA YD 372 -52.67 -31.93 0.56
N LEU YD 373 -53.41 -31.73 -0.54
CA LEU YD 373 -54.86 -31.68 -0.43
C LEU YD 373 -55.42 -32.98 0.13
N ASN YD 374 -54.98 -34.10 -0.43
CA ASN YD 374 -55.52 -35.39 -0.02
C ASN YD 374 -55.10 -35.72 1.40
N GLU YD 375 -53.87 -35.38 1.77
CA GLU YD 375 -53.41 -35.57 3.14
C GLU YD 375 -54.13 -34.64 4.11
N PHE YD 376 -54.51 -33.45 3.64
CA PHE YD 376 -55.44 -32.62 4.40
C PHE YD 376 -56.75 -33.35 4.60
N ASN YD 377 -57.18 -34.13 3.61
CA ASN YD 377 -58.42 -34.90 3.76
C ASN YD 377 -58.26 -36.07 4.75
N MET YD 378 -57.13 -36.78 4.71
CA MET YD 378 -56.84 -37.73 5.79
C MET YD 378 -56.93 -37.05 7.15
N ALA YD 379 -56.38 -35.84 7.25
CA ALA YD 379 -56.55 -35.07 8.47
C ALA YD 379 -58.03 -34.84 8.79
N THR YD 380 -58.70 -34.00 8.01
CA THR YD 380 -59.95 -33.33 8.42
C THR YD 380 -61.22 -33.98 7.88
N ARG YD 381 -61.24 -35.31 7.74
CA ARG YD 381 -62.52 -35.94 7.38
C ARG YD 381 -63.27 -36.42 8.62
N ARG YD 382 -62.54 -36.82 9.66
CA ARG YD 382 -63.10 -37.16 10.96
C ARG YD 382 -63.68 -35.96 11.68
N LEU YD 383 -63.17 -34.78 11.39
CA LEU YD 383 -63.61 -33.50 11.92
C LEU YD 383 -64.70 -32.95 11.01
N PHE YD 384 -65.10 -31.70 11.19
CA PHE YD 384 -66.01 -31.05 10.27
C PHE YD 384 -65.62 -31.34 8.83
N ASP YD 385 -66.52 -32.00 8.10
CA ASP YD 385 -66.33 -32.25 6.69
C ASP YD 385 -67.31 -31.38 5.93
N PRO YD 386 -66.86 -30.59 4.95
CA PRO YD 386 -67.79 -29.66 4.27
C PRO YD 386 -68.98 -30.34 3.64
N THR YD 387 -68.80 -31.54 3.08
CA THR YD 387 -69.90 -32.26 2.47
C THR YD 387 -70.72 -33.06 3.47
N ALA YD 388 -70.25 -33.19 4.72
CA ALA YD 388 -70.99 -33.93 5.71
C ALA YD 388 -72.26 -33.19 6.11
N SER YD 389 -73.34 -33.94 6.30
CA SER YD 389 -74.59 -33.36 6.71
C SER YD 389 -74.49 -32.83 8.15
N ASN YD 390 -75.06 -31.66 8.38
CA ASN YD 390 -74.99 -31.00 9.67
C ASN YD 390 -76.37 -30.77 10.27
N THR YD 391 -77.35 -31.58 9.86
CA THR YD 391 -78.71 -31.48 10.34
C THR YD 391 -79.14 -32.88 10.77
N PRO YD 392 -79.68 -33.05 11.98
CA PRO YD 392 -80.07 -34.39 12.43
C PRO YD 392 -81.13 -35.01 11.54
N GLY YD 393 -81.04 -36.33 11.40
CA GLY YD 393 -81.94 -37.09 10.57
C GLY YD 393 -81.48 -37.33 9.15
N GLN YD 394 -80.36 -36.71 8.74
CA GLN YD 394 -79.92 -36.95 7.37
C GLN YD 394 -78.76 -37.93 7.35
N PRO YD 395 -78.64 -38.73 6.29
CA PRO YD 395 -77.50 -39.63 6.16
C PRO YD 395 -76.21 -38.85 5.92
N ASN YD 396 -75.10 -39.58 5.98
CA ASN YD 396 -73.77 -39.00 5.84
C ASN YD 396 -73.56 -37.89 6.88
N GLN YD 397 -73.88 -38.20 8.13
CA GLN YD 397 -73.77 -37.25 9.22
C GLN YD 397 -72.30 -36.93 9.49
N GLN YD 398 -72.09 -36.01 10.43
CA GLN YD 398 -70.73 -35.72 10.86
C GLN YD 398 -70.15 -36.94 11.57
N TRP YD 399 -68.82 -37.04 11.52
CA TRP YD 399 -68.14 -38.24 12.03
C TRP YD 399 -68.43 -38.45 13.50
N ILE YD 400 -68.29 -37.40 14.32
CA ILE YD 400 -68.36 -37.58 15.77
C ILE YD 400 -69.78 -37.94 16.20
N LYS YD 401 -70.78 -37.28 15.61
CA LYS YD 401 -72.16 -37.66 15.91
C LYS YD 401 -72.43 -39.10 15.49
N GLN YD 402 -71.80 -39.52 14.39
CA GLN YD 402 -71.92 -40.91 13.96
C GLN YD 402 -71.32 -41.86 14.99
N ILE YD 403 -70.21 -41.47 15.61
CA ILE YD 403 -69.68 -42.25 16.73
C ILE YD 403 -70.67 -42.27 17.88
N ASN YD 404 -71.31 -41.13 18.16
CA ASN YD 404 -72.23 -41.06 19.27
C ASN YD 404 -73.37 -42.06 19.15
N ASP YD 405 -73.69 -42.48 17.92
CA ASP YD 405 -74.73 -43.46 17.67
C ASP YD 405 -74.19 -44.78 17.15
N ALA YD 406 -72.89 -45.03 17.30
CA ALA YD 406 -72.27 -46.22 16.73
C ALA YD 406 -72.25 -47.37 17.74
N SER YD 407 -71.87 -48.58 17.23
CA SER YD 407 -71.74 -49.85 17.95
C SER YD 407 -70.31 -50.09 18.38
N PRO YD 408 -70.10 -50.80 19.49
CA PRO YD 408 -68.74 -51.01 19.99
C PRO YD 408 -67.80 -51.67 18.99
N ALA YD 409 -68.29 -52.66 18.25
CA ALA YD 409 -67.46 -53.25 17.20
C ALA YD 409 -67.08 -52.21 16.17
N THR YD 410 -68.05 -51.38 15.77
CA THR YD 410 -67.78 -50.30 14.83
C THR YD 410 -66.75 -49.33 15.39
N VAL YD 411 -66.84 -49.01 16.68
CA VAL YD 411 -65.92 -48.00 17.21
C VAL YD 411 -64.50 -48.56 17.26
N GLN YD 412 -64.30 -49.81 17.69
CA GLN YD 412 -62.96 -50.36 17.68
C GLN YD 412 -62.43 -50.50 16.25
N LYS YD 413 -63.33 -50.80 15.31
CA LYS YD 413 -63.00 -50.79 13.90
C LYS YD 413 -62.39 -49.45 13.48
N GLU YD 414 -63.07 -48.36 13.82
CA GLU YD 414 -62.59 -47.06 13.39
C GLU YD 414 -61.31 -46.66 14.11
N ILE YD 415 -61.17 -47.03 15.38
CA ILE YD 415 -59.87 -46.80 16.02
C ILE YD 415 -58.76 -47.49 15.23
N ALA YD 416 -58.98 -48.74 14.85
CA ALA YD 416 -57.98 -49.45 14.06
C ALA YD 416 -57.59 -48.65 12.83
N ILE YD 417 -58.59 -48.18 12.06
CA ILE YD 417 -58.24 -47.54 10.80
C ILE YD 417 -57.58 -46.18 11.02
N LEU YD 418 -58.09 -45.37 11.97
CA LEU YD 418 -57.52 -44.03 12.10
C LEU YD 418 -56.09 -44.11 12.59
N LEU YD 419 -55.78 -45.08 13.45
CA LEU YD 419 -54.40 -45.20 13.88
C LEU YD 419 -53.51 -45.78 12.78
N ALA YD 420 -54.08 -46.61 11.91
CA ALA YD 420 -53.32 -46.98 10.72
C ALA YD 420 -52.89 -45.71 9.99
N GLU YD 421 -53.81 -44.76 9.89
CA GLU YD 421 -53.50 -43.52 9.20
C GLU YD 421 -52.45 -42.73 9.98
N ILE YD 422 -52.49 -42.80 11.32
CA ILE YD 422 -51.33 -42.39 12.15
C ILE YD 422 -50.03 -42.92 11.59
N ASN YD 423 -49.95 -44.24 11.39
CA ASN YD 423 -48.68 -44.83 10.97
C ASN YD 423 -48.25 -44.26 9.62
N TYR YD 424 -49.19 -44.14 8.69
CA TYR YD 424 -48.84 -43.55 7.40
C TYR YD 424 -48.30 -42.14 7.56
N GLN YD 425 -49.01 -41.31 8.32
CA GLN YD 425 -48.63 -39.90 8.35
C GLN YD 425 -47.35 -39.66 9.13
N MET YD 426 -47.03 -40.45 10.16
CA MET YD 426 -45.72 -40.19 10.76
C MET YD 426 -44.63 -40.85 9.92
N TYR YD 427 -45.00 -41.76 9.00
CA TYR YD 427 -44.04 -42.14 7.95
C TYR YD 427 -43.68 -40.95 7.07
N LEU YD 428 -44.67 -40.28 6.50
CA LEU YD 428 -44.25 -39.17 5.66
C LEU YD 428 -43.61 -38.07 6.52
N ASP YD 429 -43.89 -38.06 7.82
CA ASP YD 429 -43.10 -37.23 8.74
C ASP YD 429 -41.64 -37.67 8.82
N ARG YD 430 -41.39 -38.99 9.00
CA ARG YD 430 -40.08 -39.57 8.72
C ARG YD 430 -39.42 -38.92 7.53
N GLN YD 431 -40.14 -38.90 6.40
CA GLN YD 431 -39.50 -38.47 5.16
C GLN YD 431 -39.12 -37.00 5.23
N ILE YD 432 -40.01 -36.16 5.80
CA ILE YD 432 -39.60 -34.80 6.14
C ILE YD 432 -38.29 -34.82 6.93
N GLN YD 433 -38.21 -35.67 7.95
CA GLN YD 433 -37.02 -35.65 8.82
C GLN YD 433 -35.76 -36.04 8.07
N GLU YD 434 -35.80 -37.13 7.30
CA GLU YD 434 -34.60 -37.53 6.57
C GLU YD 434 -34.20 -36.46 5.57
N ARG YD 435 -35.18 -35.69 5.09
CA ARG YD 435 -34.83 -34.55 4.26
C ARG YD 435 -34.11 -33.48 5.07
N ILE YD 436 -34.53 -33.27 6.33
CA ILE YD 436 -33.76 -32.42 7.24
C ILE YD 436 -32.31 -32.87 7.28
N LEU YD 437 -32.06 -34.16 7.52
CA LEU YD 437 -30.69 -34.68 7.41
C LEU YD 437 -30.03 -34.28 6.11
N LEU YD 438 -30.70 -34.50 4.98
CA LEU YD 438 -30.06 -34.20 3.72
C LEU YD 438 -29.56 -32.76 3.73
N THR YD 439 -30.45 -31.82 4.06
CA THR YD 439 -30.08 -30.41 3.99
C THR YD 439 -28.96 -30.06 4.96
N ASN YD 440 -29.07 -30.46 6.24
CA ASN YD 440 -28.07 -29.94 7.17
C ASN YD 440 -26.73 -30.61 6.89
N SER YD 441 -26.72 -31.87 6.47
CA SER YD 441 -25.43 -32.47 6.15
C SER YD 441 -24.77 -31.75 4.98
N ILE YD 442 -25.56 -31.40 3.95
CA ILE YD 442 -24.98 -30.62 2.85
C ILE YD 442 -24.43 -29.30 3.36
N MET YD 443 -25.14 -28.63 4.27
CA MET YD 443 -24.65 -27.33 4.71
C MET YD 443 -23.38 -27.49 5.53
N LEU YD 444 -23.28 -28.56 6.33
CA LEU YD 444 -22.03 -28.84 7.02
C LEU YD 444 -20.89 -29.06 6.03
N LEU YD 445 -21.11 -29.89 5.01
CA LEU YD 445 -20.04 -30.17 4.06
C LEU YD 445 -19.61 -28.90 3.33
N GLN YD 446 -20.56 -28.05 2.95
CA GLN YD 446 -20.20 -26.80 2.30
C GLN YD 446 -19.38 -25.93 3.25
N ASN YD 447 -19.82 -25.83 4.50
CA ASN YD 447 -19.16 -24.95 5.45
C ASN YD 447 -17.73 -25.41 5.72
N LEU YD 448 -17.53 -26.72 5.89
CA LEU YD 448 -16.18 -27.22 6.13
C LEU YD 448 -15.36 -27.19 4.85
N LYS YD 449 -16.01 -27.25 3.69
CA LYS YD 449 -15.32 -27.06 2.43
C LYS YD 449 -14.74 -25.65 2.38
N ALA YD 450 -15.47 -24.67 2.91
CA ALA YD 450 -14.94 -23.32 3.01
C ALA YD 450 -13.65 -23.26 3.82
N ALA YD 451 -13.28 -24.35 4.53
CA ALA YD 451 -12.06 -24.40 5.32
C ALA YD 451 -11.28 -25.69 4.98
N GLN YD 452 -10.37 -25.59 3.92
CA GLN YD 452 -9.52 -26.68 3.44
C GLN YD 452 -8.09 -26.51 3.97
N PRO YD 453 -7.57 -27.55 4.65
CA PRO YD 453 -6.30 -27.42 5.36
C PRO YD 453 -5.13 -27.09 4.45
N THR YD 454 -4.63 -25.87 4.55
CA THR YD 454 -3.52 -25.44 3.72
C THR YD 454 -2.20 -25.86 4.35
N ALA YD 455 -1.27 -26.32 3.50
CA ALA YD 455 0.07 -26.69 3.95
C ALA YD 455 1.01 -25.53 3.63
N ASP YD 456 0.77 -24.40 4.29
CA ASP YD 456 1.58 -23.20 4.09
C ASP YD 456 2.31 -22.99 5.40
N PHE YD 457 3.64 -23.00 5.36
CA PHE YD 457 4.47 -22.89 6.54
C PHE YD 457 5.37 -21.66 6.54
N SER YD 458 4.98 -20.62 5.83
CA SER YD 458 5.78 -19.40 5.74
C SER YD 458 4.90 -18.15 5.83
N GLN ZD 23 -105.75 -79.89 34.58
CA GLN ZD 23 -104.83 -80.01 35.71
C GLN ZD 23 -104.55 -78.64 36.34
N PRO ZD 24 -104.35 -78.62 37.65
CA PRO ZD 24 -104.00 -77.35 38.32
C PRO ZD 24 -102.60 -76.89 37.94
N ALA ZD 25 -102.52 -75.83 37.13
CA ALA ZD 25 -101.23 -75.35 36.66
C ALA ZD 25 -100.44 -74.71 37.79
N ASP ZD 26 -99.17 -75.08 37.90
CA ASP ZD 26 -98.30 -74.49 38.91
C ASP ZD 26 -97.87 -73.10 38.46
N PRO ZD 27 -98.03 -72.07 39.31
CA PRO ZD 27 -97.60 -70.73 38.92
C PRO ZD 27 -96.11 -70.64 38.67
N SER ZD 28 -95.31 -71.55 39.23
CA SER ZD 28 -93.88 -71.54 38.99
C SER ZD 28 -93.57 -71.76 37.51
N GLY ZD 29 -94.32 -72.66 36.86
CA GLY ZD 29 -94.08 -72.91 35.45
C GLY ZD 29 -94.37 -71.69 34.58
N GLN ZD 30 -95.49 -71.02 34.84
CA GLN ZD 30 -95.80 -69.79 34.10
C GLN ZD 30 -94.78 -68.71 34.38
N GLN ZD 31 -94.36 -68.58 35.64
CA GLN ZD 31 -93.35 -67.59 35.98
C GLN ZD 31 -92.05 -67.85 35.25
N THR ZD 32 -91.63 -69.12 35.19
CA THR ZD 32 -90.39 -69.45 34.49
C THR ZD 32 -90.54 -69.26 32.99
N SER ZD 33 -91.72 -69.54 32.43
CA SER ZD 33 -91.94 -69.32 31.00
C SER ZD 33 -91.82 -67.83 30.66
N THR ZD 34 -92.46 -66.98 31.47
CA THR ZD 34 -92.35 -65.54 31.25
C THR ZD 34 -90.91 -65.08 31.46
N ASN ZD 35 -90.22 -65.66 32.45
CA ASN ZD 35 -88.83 -65.29 32.67
C ASN ZD 35 -87.97 -65.65 31.46
N THR ZD 36 -88.17 -66.84 30.89
CA THR ZD 36 -87.34 -67.26 29.76
C THR ZD 36 -87.65 -66.44 28.52
N SER ZD 37 -88.92 -66.07 28.32
CA SER ZD 37 -89.22 -65.15 27.22
C SER ZD 37 -88.54 -63.80 27.45
N ASN ZD 38 -88.52 -63.35 28.70
CA ASN ZD 38 -87.79 -62.12 29.01
C ASN ZD 38 -86.30 -62.28 28.73
N LEU ZD 39 -85.76 -63.46 29.03
CA LEU ZD 39 -84.35 -63.74 28.77
C LEU ZD 39 -84.03 -63.66 27.28
N VAL ZD 40 -84.84 -64.31 26.44
CA VAL ZD 40 -84.57 -64.25 25.00
C VAL ZD 40 -84.71 -62.83 24.50
N THR ZD 41 -85.74 -62.11 24.95
CA THR ZD 41 -85.89 -60.72 24.55
C THR ZD 41 -84.66 -59.91 24.90
N TYR ZD 42 -84.17 -60.05 26.13
CA TYR ZD 42 -83.09 -59.18 26.58
C TYR ZD 42 -81.75 -59.56 25.96
N LEU ZD 43 -81.53 -60.86 25.71
CA LEU ZD 43 -80.29 -61.21 25.04
C LEU ZD 43 -80.32 -60.75 23.59
N THR ZD 44 -81.50 -60.76 22.97
CA THR ZD 44 -81.62 -60.14 21.65
C THR ZD 44 -81.30 -58.65 21.73
N ASN ZD 45 -81.79 -57.97 22.76
CA ASN ZD 45 -81.52 -56.54 22.91
C ASN ZD 45 -80.03 -56.27 23.08
N LEU ZD 46 -79.34 -57.08 23.91
CA LEU ZD 46 -77.93 -56.82 24.14
C LEU ZD 46 -77.10 -57.15 22.90
N GLY ZD 47 -77.41 -58.26 22.21
CA GLY ZD 47 -76.74 -58.54 20.96
C GLY ZD 47 -76.98 -57.45 19.94
N LYS ZD 48 -78.18 -56.86 19.96
CA LYS ZD 48 -78.48 -55.70 19.13
C LYS ZD 48 -77.56 -54.54 19.48
N TYR ZD 49 -77.36 -54.30 20.78
CA TYR ZD 49 -76.57 -53.17 21.23
C TYR ZD 49 -75.11 -53.34 20.88
N LEU ZD 50 -74.61 -54.57 20.94
CA LEU ZD 50 -73.24 -54.83 20.50
C LEU ZD 50 -73.04 -54.62 19.01
N GLY ZD 51 -74.13 -54.47 18.24
CA GLY ZD 51 -74.04 -54.20 16.82
C GLY ZD 51 -74.29 -55.39 15.93
N TYR ZD 52 -74.75 -56.51 16.47
CA TYR ZD 52 -74.95 -57.72 15.70
C TYR ZD 52 -76.43 -58.12 15.70
N ASP ZD 53 -76.81 -58.89 14.69
CA ASP ZD 53 -78.12 -59.51 14.62
C ASP ZD 53 -77.99 -60.97 15.05
N ILE ZD 54 -78.56 -61.30 16.20
CA ILE ZD 54 -78.36 -62.62 16.80
C ILE ZD 54 -79.45 -63.61 16.38
N THR ZD 55 -80.58 -63.13 15.85
CA THR ZD 55 -81.72 -64.00 15.59
C THR ZD 55 -81.37 -65.11 14.59
N GLN ZD 56 -80.62 -64.78 13.54
CA GLN ZD 56 -80.35 -65.71 12.46
C GLN ZD 56 -78.89 -66.12 12.47
N SER ZD 57 -78.65 -67.43 12.42
CA SER ZD 57 -77.29 -67.96 12.38
C SER ZD 57 -76.63 -67.80 11.02
N SER ZD 58 -77.42 -67.67 9.95
CA SER ZD 58 -76.84 -67.53 8.62
C SER ZD 58 -76.01 -66.26 8.49
N LYS ZD 59 -76.52 -65.15 9.01
CA LYS ZD 59 -75.79 -63.90 8.97
C LYS ZD 59 -74.54 -63.93 9.85
N ALA ZD 60 -74.48 -64.83 10.81
CA ALA ZD 60 -73.26 -65.01 11.58
C ALA ZD 60 -72.16 -65.59 10.70
N PRO ZD 61 -70.90 -65.32 11.01
CA PRO ZD 61 -69.80 -65.86 10.19
C PRO ZD 61 -69.77 -67.38 10.26
N ASN ZD 62 -69.11 -67.99 9.28
CA ASN ZD 62 -68.90 -69.42 9.27
C ASN ZD 62 -67.72 -69.77 8.38
N PRO ZD 63 -66.63 -70.36 8.91
CA PRO ZD 63 -66.36 -70.70 10.32
C PRO ZD 63 -65.84 -69.50 11.10
N PRO ZD 64 -65.74 -69.54 12.44
CA PRO ZD 64 -65.34 -68.36 13.19
C PRO ZD 64 -63.84 -68.11 13.07
N TYR ZD 65 -63.46 -66.86 13.34
CA TYR ZD 65 -62.06 -66.47 13.33
C TYR ZD 65 -61.76 -65.58 14.51
N SER ZD 66 -60.76 -65.97 15.31
CA SER ZD 66 -60.26 -65.15 16.40
C SER ZD 66 -58.80 -64.77 16.22
N GLN ZD 67 -58.03 -65.56 15.49
CA GLN ZD 67 -56.64 -65.23 15.19
C GLN ZD 67 -56.59 -64.10 14.17
N LEU ZD 68 -55.38 -63.59 13.91
CA LEU ZD 68 -55.23 -62.48 12.98
C LEU ZD 68 -55.32 -63.01 11.55
N PHE ZD 69 -55.40 -62.06 10.61
CA PHE ZD 69 -55.65 -62.40 9.21
C PHE ZD 69 -54.60 -63.38 8.67
N ASN ZD 70 -53.32 -63.04 8.83
CA ASN ZD 70 -52.25 -63.89 8.32
C ASN ZD 70 -51.00 -63.61 9.15
N SER ZD 71 -50.67 -64.53 10.04
CA SER ZD 71 -49.47 -64.38 10.86
C SER ZD 71 -48.20 -64.44 10.02
N ASN ZD 72 -48.24 -65.19 8.91
CA ASN ZD 72 -47.01 -65.45 8.15
C ASN ZD 72 -46.51 -64.19 7.46
N VAL ZD 73 -47.39 -63.48 6.76
CA VAL ZD 73 -46.94 -62.28 6.06
C VAL ZD 73 -46.44 -61.22 7.04
N VAL ZD 74 -47.15 -61.04 8.15
CA VAL ZD 74 -46.74 -60.01 9.10
C VAL ZD 74 -45.44 -60.39 9.78
N GLN ZD 75 -45.27 -61.67 10.15
CA GLN ZD 75 -44.02 -62.07 10.77
C GLN ZD 75 -42.87 -61.87 9.80
N LEU ZD 76 -43.06 -62.26 8.54
CA LEU ZD 76 -42.03 -62.09 7.54
C LEU ZD 76 -41.64 -60.62 7.41
N VAL ZD 77 -42.65 -59.75 7.31
CA VAL ZD 77 -42.38 -58.32 7.19
C VAL ZD 77 -41.60 -57.82 8.38
N GLN ZD 78 -41.98 -58.25 9.60
CA GLN ZD 78 -41.37 -57.65 10.78
C GLN ZD 78 -39.93 -58.12 10.98
N ASN ZD 79 -39.66 -59.43 10.81
CA ASN ZD 79 -38.26 -59.84 10.93
C ASN ZD 79 -37.42 -59.24 9.81
N TYR ZD 80 -37.99 -59.09 8.61
CA TYR ZD 80 -37.23 -58.45 7.55
C TYR ZD 80 -36.90 -57.00 7.90
N ALA ZD 81 -37.86 -56.27 8.45
CA ALA ZD 81 -37.60 -54.89 8.84
C ALA ZD 81 -36.54 -54.82 9.93
N TYR ZD 82 -36.61 -55.73 10.89
CA TYR ZD 82 -35.61 -55.76 11.95
C TYR ZD 82 -34.22 -55.99 11.37
N ASN ZD 83 -34.09 -57.00 10.50
CA ASN ZD 83 -32.80 -57.31 9.88
C ASN ZD 83 -32.29 -56.14 9.04
N THR ZD 84 -33.18 -55.52 8.27
CA THR ZD 84 -32.75 -54.41 7.42
C THR ZD 84 -32.29 -53.23 8.25
N PHE ZD 85 -32.94 -52.97 9.38
CA PHE ZD 85 -32.49 -51.87 10.22
C PHE ZD 85 -31.13 -52.18 10.82
N LEU ZD 86 -30.92 -53.43 11.29
CA LEU ZD 86 -29.61 -53.77 11.84
C LEU ZD 86 -28.51 -53.62 10.80
N GLY ZD 87 -28.76 -54.11 9.59
CA GLY ZD 87 -27.71 -54.13 8.59
C GLY ZD 87 -27.51 -52.83 7.84
N ALA ZD 88 -28.54 -51.98 7.82
CA ALA ZD 88 -28.51 -50.80 6.98
C ALA ZD 88 -27.55 -49.75 7.50
N ILE ZD 89 -27.54 -49.51 8.80
CA ILE ZD 89 -26.80 -48.36 9.34
C ILE ZD 89 -25.31 -48.56 9.08
N PRO ZD 90 -24.59 -47.53 8.64
CA PRO ZD 90 -23.14 -47.68 8.44
C PRO ZD 90 -22.43 -47.88 9.77
N VAL ZD 91 -21.29 -48.57 9.72
CA VAL ZD 91 -20.54 -48.92 10.91
C VAL ZD 91 -19.07 -49.01 10.56
N ASP ZD 92 -18.21 -48.64 11.51
CA ASP ZD 92 -16.77 -48.79 11.35
C ASP ZD 92 -16.43 -50.23 10.97
N ALA ZD 93 -15.84 -50.40 9.78
CA ALA ZD 93 -15.52 -51.72 9.25
C ALA ZD 93 -14.02 -51.79 8.94
N MET ZD 94 -13.23 -52.20 9.93
CA MET ZD 94 -11.83 -52.50 9.73
C MET ZD 94 -11.40 -53.83 10.32
N SER ZD 95 -12.09 -54.32 11.36
CA SER ZD 95 -11.88 -55.67 11.86
C SER ZD 95 -13.17 -56.12 12.52
N GLN ZD 96 -13.36 -57.44 12.59
CA GLN ZD 96 -14.64 -58.00 13.02
C GLN ZD 96 -15.02 -57.52 14.42
N SER ZD 97 -14.08 -57.52 15.36
CA SER ZD 97 -14.35 -57.07 16.72
C SER ZD 97 -14.67 -55.58 16.78
N LEU ZD 98 -14.43 -54.83 15.71
CA LEU ZD 98 -14.62 -53.39 15.73
C LEU ZD 98 -15.93 -52.92 15.11
N MET ZD 99 -16.59 -53.74 14.28
CA MET ZD 99 -17.96 -53.45 13.89
C MET ZD 99 -18.96 -54.00 14.90
N ASN ZD 100 -18.49 -54.58 16.00
CA ASN ZD 100 -19.37 -55.27 16.92
C ASN ZD 100 -20.46 -54.34 17.45
N PHE ZD 101 -21.67 -54.89 17.51
CA PHE ZD 101 -22.82 -54.18 18.02
C PHE ZD 101 -23.00 -54.40 19.51
N VAL ZD 102 -22.86 -55.65 19.96
CA VAL ZD 102 -22.93 -56.04 21.36
C VAL ZD 102 -21.77 -56.97 21.65
N THR ZD 103 -21.16 -56.82 22.83
CA THR ZD 103 -19.97 -57.61 23.15
C THR ZD 103 -20.33 -59.04 23.55
N ASP ZD 104 -20.98 -59.22 24.70
CA ASP ZD 104 -21.32 -60.55 25.16
C ASP ZD 104 -22.62 -60.68 25.95
N LYS ZD 105 -23.37 -59.60 26.15
CA LYS ZD 105 -24.41 -59.65 27.19
C LYS ZD 105 -25.70 -60.29 26.70
N VAL ZD 106 -26.36 -59.68 25.71
CA VAL ZD 106 -27.65 -60.20 25.27
C VAL ZD 106 -27.44 -61.48 24.50
N GLN ZD 107 -28.33 -62.45 24.74
CA GLN ZD 107 -28.28 -63.74 24.04
C GLN ZD 107 -28.39 -63.47 22.55
N GLY ZD 108 -27.66 -64.24 21.75
CA GLY ZD 108 -27.72 -64.05 20.32
C GLY ZD 108 -26.86 -62.88 19.88
N ASN ZD 109 -26.01 -62.40 20.79
CA ASN ZD 109 -25.11 -61.29 20.49
C ASN ZD 109 -24.30 -61.55 19.21
N SER ZD 110 -23.92 -62.80 19.00
CA SER ZD 110 -23.25 -63.18 17.76
C SER ZD 110 -24.06 -62.74 16.55
N LEU ZD 111 -25.39 -62.87 16.63
CA LEU ZD 111 -26.22 -62.57 15.47
C LEU ZD 111 -26.25 -61.07 15.17
N ILE ZD 112 -26.42 -60.23 16.19
CA ILE ZD 112 -26.44 -58.80 15.93
C ILE ZD 112 -25.07 -58.31 15.45
N ASN ZD 113 -24.00 -58.87 16.03
CA ASN ZD 113 -22.68 -58.57 15.48
C ASN ZD 113 -22.54 -59.08 14.05
N ASN ZD 114 -23.24 -60.16 13.72
CA ASN ZD 114 -23.19 -60.70 12.36
C ASN ZD 114 -23.94 -59.81 11.38
N LEU ZD 115 -25.03 -59.17 11.82
CA LEU ZD 115 -25.80 -58.28 10.98
C LEU ZD 115 -25.22 -56.88 10.91
N ALA ZD 116 -23.93 -56.72 11.22
CA ALA ZD 116 -23.28 -55.43 11.08
C ALA ZD 116 -22.69 -55.29 9.68
N ASN ZD 117 -22.96 -54.16 9.04
CA ASN ZD 117 -22.36 -53.79 7.75
C ASN ZD 117 -22.81 -54.73 6.64
N THR ZD 118 -24.08 -55.15 6.68
CA THR ZD 118 -24.56 -56.16 5.74
C THR ZD 118 -24.61 -55.63 4.32
N THR ZD 119 -25.08 -54.38 4.14
CA THR ZD 119 -25.33 -53.88 2.80
C THR ZD 119 -24.05 -53.81 1.97
N PHE ZD 120 -22.97 -53.31 2.58
CA PHE ZD 120 -21.72 -53.16 1.86
C PHE ZD 120 -20.97 -54.49 1.71
N LYS ZD 121 -21.05 -55.37 2.69
CA LYS ZD 121 -20.42 -56.69 2.55
C LYS ZD 121 -21.12 -57.51 1.47
N TYR ZD 122 -22.45 -57.42 1.42
CA TYR ZD 122 -23.19 -58.08 0.35
C TYR ZD 122 -22.91 -57.42 -0.99
N GLN ZD 123 -22.77 -56.10 -1.00
CA GLN ZD 123 -22.40 -55.39 -2.21
C GLN ZD 123 -20.93 -55.57 -2.55
N ASN ZD 124 -20.16 -56.23 -1.69
CA ASN ZD 124 -18.73 -56.47 -1.92
C ASN ZD 124 -18.00 -55.17 -2.21
N PHE ZD 125 -18.31 -54.14 -1.41
CA PHE ZD 125 -17.76 -52.82 -1.64
C PHE ZD 125 -16.24 -52.81 -1.52
N SER ZD 126 -15.69 -53.55 -0.57
CA SER ZD 126 -14.24 -53.58 -0.38
C SER ZD 126 -13.52 -54.11 -1.61
N ALA ZD 127 -14.11 -55.11 -2.27
CA ALA ZD 127 -13.50 -55.68 -3.46
C ALA ZD 127 -13.47 -54.64 -4.57
N PRO ZD 128 -12.30 -54.34 -5.14
CA PRO ZD 128 -12.24 -53.30 -6.18
C PRO ZD 128 -13.04 -53.70 -7.42
N SER ZD 129 -13.67 -52.70 -8.03
CA SER ZD 129 -14.40 -52.87 -9.27
C SER ZD 129 -14.42 -51.53 -9.99
N SER ZD 130 -14.73 -51.57 -11.29
CA SER ZD 130 -14.72 -50.37 -12.11
C SER ZD 130 -15.98 -50.30 -12.96
N GLY ZD 131 -17.12 -50.70 -12.39
CA GLY ZD 131 -18.40 -50.60 -13.06
C GLY ZD 131 -18.73 -51.76 -13.97
N ALA ZD 132 -17.81 -52.71 -14.17
CA ALA ZD 132 -18.11 -53.85 -15.02
C ALA ZD 132 -19.22 -54.71 -14.44
N ASP ZD 133 -19.49 -54.56 -13.14
CA ASP ZD 133 -20.53 -55.32 -12.46
C ASP ZD 133 -21.72 -54.48 -12.05
N GLY ZD 134 -21.58 -53.16 -11.98
CA GLY ZD 134 -22.67 -52.28 -11.61
C GLY ZD 134 -22.98 -52.24 -10.13
N LYS ZD 135 -22.17 -52.89 -9.30
CA LYS ZD 135 -22.42 -52.90 -7.86
C LYS ZD 135 -21.70 -51.72 -7.20
N ILE ZD 136 -22.11 -51.41 -5.97
CA ILE ZD 136 -21.48 -50.35 -5.20
C ILE ZD 136 -20.10 -50.83 -4.78
N THR ZD 137 -19.07 -50.05 -5.11
CA THR ZD 137 -17.70 -50.50 -4.90
C THR ZD 137 -16.81 -49.28 -4.72
N ALA ZD 138 -15.62 -49.54 -4.18
CA ALA ZD 138 -14.60 -48.51 -4.04
C ALA ZD 138 -13.92 -48.35 -5.40
N ASN ZD 139 -14.37 -47.38 -6.17
CA ASN ZD 139 -13.81 -47.15 -7.49
C ASN ZD 139 -12.34 -46.80 -7.38
N GLY ZD 140 -11.51 -47.45 -8.21
CA GLY ZD 140 -10.08 -47.28 -8.09
C GLY ZD 140 -9.57 -45.93 -8.51
N LEU ZD 141 -10.29 -45.23 -9.39
CA LEU ZD 141 -9.78 -43.98 -9.93
C LEU ZD 141 -9.86 -42.85 -8.90
N ILE ZD 142 -10.54 -43.07 -7.79
CA ILE ZD 142 -10.65 -42.04 -6.77
C ILE ZD 142 -10.40 -42.54 -5.35
N ASP ZD 143 -10.34 -43.84 -5.11
CA ASP ZD 143 -10.09 -44.35 -3.77
C ASP ZD 143 -8.64 -44.80 -3.64
N GLN ZD 144 -7.95 -44.28 -2.63
CA GLN ZD 144 -6.57 -44.63 -2.40
C GLN ZD 144 -6.43 -46.12 -2.09
N SER ZD 145 -5.43 -46.75 -2.68
CA SER ZD 145 -5.17 -48.15 -2.43
C SER ZD 145 -4.47 -48.33 -1.10
N THR ZD 146 -4.57 -49.54 -0.55
CA THR ZD 146 -3.95 -49.87 0.73
C THR ZD 146 -2.49 -50.26 0.58
N ALA ZD 147 -1.96 -50.27 -0.64
CA ALA ZD 147 -0.57 -50.61 -0.90
C ALA ZD 147 0.10 -49.46 -1.62
N SER ZD 148 1.31 -49.10 -1.19
CA SER ZD 148 2.05 -48.01 -1.81
C SER ZD 148 2.68 -48.46 -3.13
N THR ZD 168 -6.44 -53.70 -3.00
CA THR ZD 168 -7.73 -53.79 -2.33
C THR ZD 168 -8.09 -52.46 -1.67
N TYR ZD 169 -9.31 -52.35 -1.17
CA TYR ZD 169 -9.81 -51.11 -0.59
C TYR ZD 169 -10.53 -51.41 0.71
N LEU ZD 170 -10.75 -50.34 1.49
CA LEU ZD 170 -11.27 -50.47 2.84
C LEU ZD 170 -12.75 -50.89 2.79
N ASN ZD 171 -13.17 -51.60 3.83
CA ASN ZD 171 -14.49 -52.24 3.84
C ASN ZD 171 -15.66 -51.25 3.97
N ASP ZD 172 -15.43 -50.04 4.49
CA ASP ZD 172 -16.55 -49.13 4.75
C ASP ZD 172 -16.37 -47.78 4.06
N PRO ZD 173 -17.39 -47.35 3.31
CA PRO ZD 173 -17.23 -46.14 2.46
C PRO ZD 173 -16.92 -44.88 3.23
N VAL ZD 174 -17.45 -44.72 4.44
CA VAL ZD 174 -17.15 -43.53 5.23
C VAL ZD 174 -15.67 -43.47 5.56
N SER ZD 175 -15.11 -44.57 6.07
CA SER ZD 175 -13.68 -44.62 6.34
C SER ZD 175 -12.88 -44.56 5.04
N GLN ZD 176 -13.45 -45.06 3.94
CA GLN ZD 176 -12.78 -44.87 2.66
C GLN ZD 176 -12.63 -43.39 2.35
N ALA ZD 177 -13.68 -42.61 2.58
CA ALA ZD 177 -13.59 -41.17 2.37
C ALA ZD 177 -12.58 -40.53 3.31
N VAL ZD 178 -12.62 -40.89 4.60
CA VAL ZD 178 -11.69 -40.30 5.56
C VAL ZD 178 -10.26 -40.63 5.19
N PHE ZD 179 -10.01 -41.87 4.75
CA PHE ZD 179 -8.68 -42.25 4.33
C PHE ZD 179 -8.26 -41.49 3.09
N ASN ZD 180 -9.21 -41.18 2.19
CA ASN ZD 180 -8.89 -40.34 1.06
C ASN ZD 180 -8.46 -38.95 1.52
N ILE ZD 181 -9.15 -38.40 2.52
CA ILE ZD 181 -8.71 -37.12 3.09
C ILE ZD 181 -7.30 -37.24 3.66
N LEU ZD 182 -7.03 -38.32 4.40
CA LEU ZD 182 -5.76 -38.43 5.12
C LEU ZD 182 -4.61 -38.74 4.17
N GLY ZD 183 -4.83 -39.62 3.20
CA GLY ZD 183 -3.73 -40.18 2.45
C GLY ZD 183 -3.70 -39.85 0.97
N THR ZD 184 -3.99 -38.60 0.60
CA THR ZD 184 -3.86 -38.18 -0.79
C THR ZD 184 -2.60 -37.34 -0.91
N PRO ZD 185 -1.51 -37.86 -1.48
CA PRO ZD 185 -0.28 -37.08 -1.54
C PRO ZD 185 -0.38 -35.90 -2.49
N ASP ZD 186 0.52 -34.95 -2.31
CA ASP ZD 186 0.61 -33.78 -3.17
C ASP ZD 186 1.25 -34.14 -4.51
N TYR ZD 187 1.15 -33.21 -5.46
CA TYR ZD 187 1.80 -33.40 -6.75
C TYR ZD 187 3.31 -33.46 -6.59
N SER ZD 188 3.87 -32.66 -5.69
CA SER ZD 188 5.31 -32.61 -5.52
C SER ZD 188 5.86 -33.97 -5.09
N PHE ZD 189 5.00 -34.84 -4.55
CA PHE ZD 189 5.46 -36.17 -4.17
C PHE ZD 189 5.97 -36.95 -5.38
N CYS ZD 190 5.45 -36.63 -6.57
CA CYS ZD 190 5.82 -37.26 -7.83
C CYS ZD 190 6.72 -36.36 -8.67
N MET ZD 191 7.44 -35.45 -8.01
CA MET ZD 191 8.07 -34.33 -8.69
C MET ZD 191 9.57 -34.54 -8.45
N ASP ZD 192 10.43 -33.63 -8.89
CA ASP ZD 192 11.77 -33.67 -8.31
C ASP ZD 192 11.85 -32.78 -7.08
N ASN ZD 193 13.00 -32.83 -6.39
CA ASN ZD 193 13.17 -32.01 -5.20
C ASN ZD 193 13.21 -30.51 -5.51
N GLU ZD 194 13.46 -30.15 -6.77
CA GLU ZD 194 13.54 -28.74 -7.14
C GLU ZD 194 12.22 -28.20 -7.69
N GLN ZD 195 11.18 -29.03 -7.74
CA GLN ZD 195 9.86 -28.62 -8.24
C GLN ZD 195 9.95 -28.09 -9.67
N LYS ZD 196 10.61 -28.84 -10.56
CA LYS ZD 196 10.74 -28.44 -11.95
C LYS ZD 196 10.23 -29.48 -12.94
N ASN ZD 197 10.48 -30.77 -12.71
CA ASN ZD 197 10.19 -31.81 -13.69
C ASN ZD 197 9.69 -33.08 -13.02
N TRP ZD 198 8.65 -33.67 -13.59
CA TRP ZD 198 8.02 -34.86 -13.03
C TRP ZD 198 8.89 -36.10 -13.21
N LEU ZD 199 8.37 -37.23 -12.73
CA LEU ZD 199 9.01 -38.53 -12.80
C LEU ZD 199 8.36 -39.40 -13.87
N PRO ZD 200 9.15 -40.23 -14.57
CA PRO ZD 200 8.57 -41.07 -15.64
C PRO ZD 200 7.51 -42.05 -15.16
N ASN ZD 201 7.66 -42.61 -13.95
CA ASN ZD 201 6.70 -43.54 -13.38
C ASN ZD 201 6.13 -42.90 -12.14
N CYS ZD 202 4.81 -43.01 -11.96
CA CYS ZD 202 4.16 -42.22 -10.92
C CYS ZD 202 2.99 -43.04 -10.37
N ASN ZD 203 3.30 -43.97 -9.47
CA ASN ZD 203 2.25 -44.84 -8.95
C ASN ZD 203 1.45 -44.19 -7.81
N LEU ZD 204 1.95 -43.11 -7.23
CA LEU ZD 204 1.25 -42.46 -6.13
C LEU ZD 204 -0.06 -41.85 -6.62
N MET ZD 205 -1.11 -42.00 -5.82
CA MET ZD 205 -2.45 -41.55 -6.20
C MET ZD 205 -2.63 -40.14 -5.61
N TYR ZD 206 -2.07 -39.17 -6.31
CA TYR ZD 206 -2.05 -37.79 -5.84
C TYR ZD 206 -3.28 -37.02 -6.33
N GLN ZD 207 -3.46 -35.82 -5.76
CA GLN ZD 207 -4.75 -35.14 -5.79
C GLN ZD 207 -5.13 -34.69 -7.19
N ASN ZD 208 -4.20 -34.04 -7.90
CA ASN ZD 208 -4.56 -33.61 -9.25
C ASN ZD 208 -4.77 -34.81 -10.15
N LEU ZD 209 -3.99 -35.88 -9.94
CA LEU ZD 209 -4.26 -37.11 -10.66
C LEU ZD 209 -5.64 -37.65 -10.32
N VAL ZD 210 -6.01 -37.62 -9.04
CA VAL ZD 210 -7.27 -38.23 -8.64
C VAL ZD 210 -8.45 -37.49 -9.27
N MET ZD 211 -8.39 -36.16 -9.33
CA MET ZD 211 -9.57 -35.51 -9.90
C MET ZD 211 -9.44 -35.26 -11.40
N GLN ZD 212 -8.27 -35.56 -11.98
CA GLN ZD 212 -8.22 -35.82 -13.42
C GLN ZD 212 -8.92 -37.12 -13.77
N ASN ZD 213 -8.71 -38.17 -12.97
CA ASN ZD 213 -9.52 -39.37 -13.12
C ASN ZD 213 -10.99 -39.04 -12.94
N VAL ZD 214 -11.29 -38.13 -12.00
CA VAL ZD 214 -12.65 -37.60 -11.89
C VAL ZD 214 -13.09 -37.04 -13.24
N ILE ZD 215 -12.19 -36.33 -13.91
CA ILE ZD 215 -12.55 -35.69 -15.18
C ILE ZD 215 -12.79 -36.73 -16.26
N GLY ZD 216 -11.83 -37.63 -16.47
CA GLY ZD 216 -11.69 -38.28 -17.75
C GLY ZD 216 -11.10 -37.33 -18.77
N THR ZD 217 -11.51 -37.50 -20.02
CA THR ZD 217 -11.13 -36.53 -21.04
C THR ZD 217 -11.91 -35.25 -20.83
N LEU ZD 218 -11.23 -34.13 -20.91
CA LEU ZD 218 -11.87 -32.84 -20.68
C LEU ZD 218 -12.54 -32.34 -21.96
N PRO ZD 219 -13.63 -31.56 -21.86
CA PRO ZD 219 -14.50 -31.37 -23.02
C PRO ZD 219 -14.16 -30.11 -23.79
N PRO ZD 220 -14.25 -30.15 -25.14
CA PRO ZD 220 -13.66 -29.08 -25.97
C PRO ZD 220 -14.44 -27.77 -25.99
N ALA ZD 221 -13.87 -26.78 -26.69
CA ALA ZD 221 -14.34 -25.40 -26.57
C ALA ZD 221 -15.67 -25.20 -27.27
N GLN ZD 222 -15.70 -25.34 -28.59
CA GLN ZD 222 -16.92 -25.20 -29.36
C GLN ZD 222 -17.39 -26.57 -29.82
N THR ZD 223 -18.70 -26.72 -29.96
CA THR ZD 223 -19.27 -28.00 -30.33
C THR ZD 223 -18.68 -28.48 -31.66
N SER ZD 224 -18.21 -29.72 -31.68
CA SER ZD 224 -17.59 -30.31 -32.85
C SER ZD 224 -18.15 -31.70 -33.06
N GLY ZD 225 -18.10 -32.16 -34.31
CA GLY ZD 225 -18.60 -33.49 -34.63
C GLY ZD 225 -17.87 -34.60 -33.94
N SER ZD 226 -16.62 -34.36 -33.51
CA SER ZD 226 -15.85 -35.39 -32.81
C SER ZD 226 -16.31 -35.52 -31.36
N THR ZD 227 -16.29 -34.41 -30.62
CA THR ZD 227 -16.65 -34.45 -29.21
C THR ZD 227 -17.34 -33.15 -28.82
N PRO ZD 228 -18.48 -33.25 -28.13
CA PRO ZD 228 -19.27 -32.06 -27.81
C PRO ZD 228 -18.60 -31.17 -26.77
N ALA ZD 229 -19.02 -29.91 -26.77
CA ALA ZD 229 -18.49 -28.93 -25.83
C ALA ZD 229 -18.97 -29.23 -24.41
N PHE ZD 230 -18.56 -28.38 -23.48
CA PHE ZD 230 -18.84 -28.64 -22.06
C PHE ZD 230 -20.25 -28.27 -21.66
N TYR ZD 231 -20.87 -27.27 -22.30
CA TYR ZD 231 -22.24 -26.91 -21.98
C TYR ZD 231 -23.26 -27.65 -22.84
N SER ZD 232 -22.82 -28.32 -23.90
CA SER ZD 232 -23.76 -28.97 -24.79
C SER ZD 232 -24.50 -30.10 -24.07
N TYR ZD 233 -25.80 -30.21 -24.36
CA TYR ZD 233 -26.61 -31.20 -23.67
C TYR ZD 233 -26.15 -32.61 -23.95
N LYS ZD 234 -25.56 -32.86 -25.12
CA LYS ZD 234 -25.08 -34.20 -25.43
C LYS ZD 234 -23.95 -34.60 -24.49
N TYR ZD 235 -22.98 -33.71 -24.28
CA TYR ZD 235 -21.91 -33.99 -23.33
C TYR ZD 235 -22.45 -34.10 -21.90
N ASN ZD 236 -23.46 -33.31 -21.58
CA ASN ZD 236 -23.98 -33.21 -20.23
C ASN ZD 236 -25.00 -34.29 -19.90
N GLN ZD 237 -25.42 -35.08 -20.89
CA GLN ZD 237 -26.41 -36.12 -20.65
C GLN ZD 237 -26.04 -37.07 -19.52
N PRO ZD 238 -24.85 -37.67 -19.48
CA PRO ZD 238 -24.57 -38.60 -18.39
C PRO ZD 238 -24.39 -37.90 -17.04
N LEU ZD 239 -23.63 -36.81 -17.02
CA LEU ZD 239 -23.25 -36.19 -15.76
C LEU ZD 239 -24.44 -35.57 -15.02
N ILE ZD 240 -25.42 -35.05 -15.77
CA ILE ZD 240 -26.55 -34.38 -15.12
C ILE ZD 240 -27.33 -35.35 -14.25
N SER ZD 241 -27.36 -36.64 -14.63
CA SER ZD 241 -28.10 -37.61 -13.83
C SER ZD 241 -27.42 -37.84 -12.48
N GLN ZD 242 -26.09 -37.98 -12.47
CA GLN ZD 242 -25.41 -38.14 -11.19
C GLN ZD 242 -25.32 -36.81 -10.45
N LEU ZD 243 -25.65 -35.71 -11.11
CA LEU ZD 243 -25.68 -34.43 -10.40
C LEU ZD 243 -27.07 -34.09 -9.86
N ASN ZD 244 -28.04 -34.99 -9.98
CA ASN ZD 244 -29.35 -34.76 -9.39
C ASN ZD 244 -29.42 -35.44 -8.02
N SER ZD 245 -29.82 -34.67 -7.00
CA SER ZD 245 -29.84 -35.20 -5.64
C SER ZD 245 -30.99 -36.17 -5.41
N ASN ZD 246 -32.06 -36.09 -6.20
CA ASN ZD 246 -33.14 -37.05 -6.06
C ASN ZD 246 -32.65 -38.47 -6.28
N SER ZD 247 -31.55 -38.63 -7.02
CA SER ZD 247 -30.99 -39.96 -7.22
C SER ZD 247 -30.67 -40.64 -5.90
N LEU ZD 248 -30.39 -39.86 -4.85
CA LEU ZD 248 -30.14 -40.41 -3.53
C LEU ZD 248 -31.43 -40.64 -2.74
N ILE ZD 249 -32.45 -39.81 -2.95
CA ILE ZD 249 -33.59 -39.76 -2.03
C ILE ZD 249 -34.90 -40.21 -2.65
N ALA ZD 250 -35.00 -40.27 -3.97
CA ALA ZD 250 -36.23 -40.73 -4.59
C ALA ZD 250 -36.39 -42.25 -4.52
N PRO ZD 251 -35.49 -43.04 -5.10
CA PRO ZD 251 -35.77 -44.47 -5.25
C PRO ZD 251 -35.87 -45.17 -3.91
N LEU ZD 252 -36.57 -46.31 -3.90
CA LEU ZD 252 -36.86 -47.01 -2.66
C LEU ZD 252 -35.95 -48.20 -2.41
N LEU ZD 253 -35.55 -48.94 -3.44
CA LEU ZD 253 -34.43 -49.86 -3.34
C LEU ZD 253 -33.64 -49.76 -4.64
N MET ZD 254 -32.34 -49.56 -4.53
CA MET ZD 254 -31.49 -49.36 -5.69
C MET ZD 254 -31.29 -50.63 -6.51
N ASP ZD 255 -31.06 -50.42 -7.80
CA ASP ZD 255 -30.79 -51.46 -8.77
C ASP ZD 255 -29.32 -51.41 -9.14
N THR ZD 256 -28.64 -52.55 -9.08
CA THR ZD 256 -27.21 -52.62 -9.36
C THR ZD 256 -26.90 -53.26 -10.70
N SER ZD 257 -27.89 -53.41 -11.58
CA SER ZD 257 -27.67 -54.01 -12.89
C SER ZD 257 -26.93 -53.03 -13.78
N ALA ZD 258 -25.71 -53.39 -14.17
CA ALA ZD 258 -24.88 -52.52 -15.02
C ALA ZD 258 -25.46 -52.51 -16.43
N SER ZD 259 -26.21 -51.46 -16.75
CA SER ZD 259 -26.84 -51.35 -18.06
C SER ZD 259 -26.50 -50.06 -18.78
N GLN ZD 260 -26.43 -48.94 -18.07
CA GLN ZD 260 -26.15 -47.65 -18.69
C GLN ZD 260 -24.66 -47.42 -18.78
N SER ZD 261 -24.24 -46.72 -19.85
CA SER ZD 261 -22.83 -46.37 -20.05
C SER ZD 261 -22.82 -44.97 -20.66
N GLY ZD 262 -22.65 -43.96 -19.81
CA GLY ZD 262 -22.74 -42.58 -20.25
C GLY ZD 262 -21.46 -42.00 -20.78
N GLN ZD 263 -20.39 -42.05 -19.99
CA GLN ZD 263 -19.10 -41.48 -20.36
C GLN ZD 263 -18.08 -42.59 -20.51
N ASP ZD 264 -17.36 -42.58 -21.63
CA ASP ZD 264 -16.24 -43.49 -21.82
C ASP ZD 264 -15.05 -43.16 -20.93
N SER ZD 265 -15.07 -42.00 -20.26
CA SER ZD 265 -13.95 -41.55 -19.45
C SER ZD 265 -14.48 -40.82 -18.22
N GLY ZD 266 -13.64 -40.75 -17.19
CA GLY ZD 266 -14.03 -40.10 -15.95
C GLY ZD 266 -14.83 -41.02 -15.06
N LEU ZD 267 -15.29 -40.45 -13.94
CA LEU ZD 267 -16.17 -41.21 -13.06
C LEU ZD 267 -17.48 -41.47 -13.79
N THR ZD 268 -17.67 -42.70 -14.25
CA THR ZD 268 -18.91 -43.06 -14.90
C THR ZD 268 -19.57 -44.17 -14.11
N ALA ZD 269 -20.88 -44.05 -13.95
CA ALA ZD 269 -21.65 -44.99 -13.14
C ALA ZD 269 -22.55 -45.81 -14.05
N LYS ZD 270 -22.48 -47.13 -13.89
CA LYS ZD 270 -23.21 -48.06 -14.73
C LYS ZD 270 -24.55 -48.47 -14.16
N SER ZD 271 -24.91 -47.98 -12.97
CA SER ZD 271 -26.13 -48.40 -12.30
C SER ZD 271 -26.72 -47.24 -11.53
N GLN ZD 272 -28.03 -47.33 -11.25
CA GLN ZD 272 -28.69 -46.29 -10.48
C GLN ZD 272 -28.12 -46.19 -9.07
N ALA ZD 273 -27.82 -47.34 -8.46
CA ALA ZD 273 -27.10 -47.32 -7.19
C ALA ZD 273 -25.77 -46.59 -7.34
N GLN ZD 274 -25.08 -46.83 -8.45
CA GLN ZD 274 -23.83 -46.11 -8.70
C GLN ZD 274 -24.09 -44.65 -9.06
N GLN ZD 275 -25.28 -44.32 -9.56
CA GLN ZD 275 -25.64 -42.92 -9.70
C GLN ZD 275 -25.70 -42.23 -8.34
N ALA ZD 276 -26.36 -42.88 -7.39
CA ALA ZD 276 -26.41 -42.35 -6.03
C ALA ZD 276 -25.02 -42.27 -5.42
N LEU ZD 277 -24.18 -43.27 -5.68
CA LEU ZD 277 -22.81 -43.26 -5.19
C LEU ZD 277 -22.01 -42.10 -5.80
N ASN ZD 278 -22.19 -41.86 -7.10
CA ASN ZD 278 -21.52 -40.73 -7.73
C ASN ZD 278 -21.96 -39.42 -7.10
N PHE ZD 279 -23.26 -39.26 -6.86
CA PHE ZD 279 -23.71 -38.02 -6.23
C PHE ZD 279 -23.19 -37.89 -4.81
N ILE ZD 280 -23.18 -38.98 -4.04
CA ILE ZD 280 -22.71 -38.84 -2.66
C ILE ZD 280 -21.23 -38.48 -2.65
N ARG ZD 281 -20.47 -38.98 -3.63
CA ARG ZD 281 -19.08 -38.57 -3.76
C ARG ZD 281 -18.99 -37.09 -4.13
N TYR ZD 282 -19.82 -36.63 -5.06
CA TYR ZD 282 -19.76 -35.23 -5.49
C TYR ZD 282 -20.16 -34.28 -4.38
N ALA ZD 283 -21.29 -34.54 -3.73
CA ALA ZD 283 -21.81 -33.64 -2.71
C ALA ZD 283 -20.89 -33.58 -1.50
N SER ZD 284 -20.24 -34.68 -1.17
CA SER ZD 284 -19.27 -34.70 -0.08
C SER ZD 284 -17.99 -33.96 -0.42
N ALA ZD 285 -17.94 -33.29 -1.58
CA ALA ZD 285 -16.75 -32.58 -2.04
C ALA ZD 285 -15.54 -33.51 -2.12
N GLN ZD 286 -15.81 -34.79 -2.30
CA GLN ZD 286 -14.76 -35.80 -2.33
C GLN ZD 286 -13.92 -35.73 -3.59
N VAL ZD 287 -14.47 -35.21 -4.68
CA VAL ZD 287 -13.68 -35.09 -5.91
C VAL ZD 287 -12.55 -34.08 -5.76
N THR ZD 288 -12.65 -33.15 -4.82
CA THR ZD 288 -11.55 -32.24 -4.52
C THR ZD 288 -10.97 -32.58 -3.16
N PRO ZD 289 -9.80 -33.23 -3.11
CA PRO ZD 289 -9.18 -33.54 -1.82
C PRO ZD 289 -8.38 -32.35 -1.32
N PRO ZD 290 -8.10 -32.30 -0.02
CA PRO ZD 290 -7.32 -31.19 0.53
C PRO ZD 290 -5.87 -31.22 0.06
N SER ZD 291 -5.19 -30.09 0.29
CA SER ZD 291 -3.81 -29.90 -0.15
C SER ZD 291 -2.85 -30.40 0.91
N LEU ZD 292 -2.06 -31.41 0.58
CA LEU ZD 292 -1.07 -32.01 1.45
C LEU ZD 292 0.31 -31.38 1.22
N PRO ZD 293 1.23 -31.49 2.19
CA PRO ZD 293 2.45 -30.69 2.14
C PRO ZD 293 3.35 -30.99 0.94
N LYS ZD 294 4.08 -29.96 0.53
CA LYS ZD 294 5.15 -30.08 -0.46
C LYS ZD 294 6.31 -30.89 0.12
N LEU ZD 295 7.03 -31.62 -0.75
CA LEU ZD 295 8.19 -32.37 -0.25
C LEU ZD 295 9.29 -31.47 0.27
N SER ZD 296 9.72 -30.48 -0.50
CA SER ZD 296 10.92 -29.74 -0.11
C SER ZD 296 10.73 -29.07 1.25
N ALA ZD 297 9.69 -28.27 1.39
CA ALA ZD 297 9.44 -27.59 2.65
C ALA ZD 297 9.20 -28.59 3.77
N TYR ZD 298 8.38 -29.61 3.51
CA TYR ZD 298 8.05 -30.54 4.59
C TYR ZD 298 9.30 -31.30 5.05
N SER ZD 299 10.14 -31.73 4.11
CA SER ZD 299 11.35 -32.45 4.48
C SER ZD 299 12.25 -31.55 5.31
N GLU ZD 300 12.37 -30.27 4.93
CA GLU ZD 300 13.23 -29.38 5.69
C GLU ZD 300 12.73 -29.25 7.13
N LEU ZD 301 11.44 -28.93 7.30
CA LEU ZD 301 10.98 -28.64 8.66
C LEU ZD 301 10.70 -29.93 9.44
N TRP ZD 302 10.58 -31.07 8.77
CA TRP ZD 302 10.66 -32.36 9.46
C TRP ZD 302 12.07 -32.64 9.95
N ASN ZD 303 13.07 -32.43 9.11
CA ASN ZD 303 14.44 -32.64 9.52
C ASN ZD 303 14.77 -31.77 10.73
N GLN ZD 304 14.24 -30.54 10.74
CA GLN ZD 304 14.40 -29.69 11.91
C GLN ZD 304 13.57 -30.19 13.09
N ALA ZD 305 12.36 -30.69 12.81
CA ALA ZD 305 11.47 -31.13 13.89
C ALA ZD 305 12.00 -32.37 14.59
N THR ZD 306 12.57 -33.31 13.84
CA THR ZD 306 13.14 -34.52 14.41
C THR ZD 306 14.61 -34.36 14.78
N ALA ZD 307 15.05 -33.13 15.04
CA ALA ZD 307 16.43 -32.89 15.41
C ALA ZD 307 16.80 -33.64 16.68
N LYS ZD 308 17.94 -34.32 16.64
CA LYS ZD 308 18.42 -35.02 17.82
C LYS ZD 308 18.84 -34.00 18.88
N PRO ZD 309 18.72 -34.35 20.17
CA PRO ZD 309 19.00 -33.37 21.21
C PRO ZD 309 20.44 -32.89 21.22
N ASN ZD 310 20.64 -31.63 20.83
CA ASN ZD 310 21.96 -31.00 20.81
C ASN ZD 310 22.95 -31.84 19.99
N SER ZD 311 22.49 -32.36 18.86
CA SER ZD 311 23.33 -33.21 18.02
C SER ZD 311 23.24 -32.72 16.59
N ALA ZD 312 24.32 -32.98 15.83
CA ALA ZD 312 24.43 -32.59 14.43
C ALA ZD 312 24.21 -31.10 14.23
N GLY ZD 313 24.71 -30.29 15.15
CA GLY ZD 313 24.56 -28.84 15.08
C GLY ZD 313 23.15 -28.34 15.35
N TYR ZD 314 22.17 -29.21 15.43
CA TYR ZD 314 20.80 -28.79 15.67
C TYR ZD 314 20.62 -28.28 17.10
N ASN ZD 315 19.96 -27.15 17.22
CA ASN ZD 315 19.53 -26.63 18.52
C ASN ZD 315 18.19 -27.27 18.88
N GLU ZD 316 17.55 -26.77 19.92
CA GLU ZD 316 16.28 -27.31 20.37
C GLU ZD 316 15.09 -26.38 20.15
N VAL ZD 317 15.30 -25.06 20.21
CA VAL ZD 317 14.19 -24.13 20.08
C VAL ZD 317 13.52 -24.27 18.72
N GLN ZD 318 14.33 -24.21 17.65
CA GLN ZD 318 13.77 -24.35 16.30
C GLN ZD 318 13.21 -25.75 16.09
N GLN ZD 319 13.79 -26.75 16.76
CA GLN ZD 319 13.23 -28.09 16.71
C GLN ZD 319 11.81 -28.11 17.25
N LYS ZD 320 11.61 -27.49 18.41
CA LYS ZD 320 10.27 -27.41 18.99
C LYS ZD 320 9.33 -26.62 18.09
N GLN ZD 321 9.80 -25.50 17.52
CA GLN ZD 321 8.92 -24.68 16.69
C GLN ZD 321 8.51 -25.46 15.45
N ALA ZD 322 9.45 -26.18 14.84
CA ALA ZD 322 9.14 -26.99 13.67
C ALA ZD 322 8.17 -28.10 14.02
N ALA ZD 323 8.42 -28.81 15.12
CA ALA ZD 323 7.51 -29.89 15.51
C ALA ZD 323 6.12 -29.36 15.76
N ALA ZD 324 6.03 -28.21 16.44
CA ALA ZD 324 4.73 -27.60 16.72
C ALA ZD 324 4.00 -27.23 15.45
N THR ZD 325 4.71 -26.63 14.48
CA THR ZD 325 4.08 -26.29 13.21
C THR ZD 325 3.58 -27.54 12.49
N LEU ZD 326 4.41 -28.59 12.46
CA LEU ZD 326 4.04 -29.79 11.74
C LEU ZD 326 2.80 -30.42 12.35
N SER ZD 327 2.79 -30.55 13.67
CA SER ZD 327 1.66 -31.21 14.30
C SER ZD 327 0.44 -30.31 14.36
N SER ZD 328 0.60 -28.99 14.29
CA SER ZD 328 -0.58 -28.13 14.18
C SER ZD 328 -1.25 -28.32 12.82
N TYR ZD 329 -0.46 -28.31 11.75
CA TYR ZD 329 -1.03 -28.63 10.45
C TYR ZD 329 -1.66 -30.02 10.46
N PHE ZD 330 -0.97 -30.98 11.06
CA PHE ZD 330 -1.50 -32.34 11.11
C PHE ZD 330 -2.81 -32.40 11.90
N ASN ZD 331 -2.91 -31.63 12.99
CA ASN ZD 331 -4.10 -31.70 13.84
C ASN ZD 331 -5.29 -31.04 13.18
N ASN ZD 332 -5.07 -29.90 12.52
CA ASN ZD 332 -6.15 -29.28 11.76
C ASN ZD 332 -6.58 -30.13 10.57
N LEU ZD 333 -5.64 -30.76 9.86
CA LEU ZD 333 -6.06 -31.70 8.80
C LEU ZD 333 -6.88 -32.85 9.38
N ARG ZD 334 -6.43 -33.43 10.49
CA ARG ZD 334 -7.14 -34.60 11.02
C ARG ZD 334 -8.49 -34.21 11.64
N VAL ZD 335 -8.60 -33.05 12.29
CA VAL ZD 335 -9.91 -32.66 12.81
C VAL ZD 335 -10.83 -32.26 11.67
N TYR ZD 336 -10.25 -31.74 10.58
CA TYR ZD 336 -11.04 -31.54 9.38
C TYR ZD 336 -11.63 -32.86 8.91
N ALA ZD 337 -10.80 -33.89 8.80
CA ALA ZD 337 -11.32 -35.20 8.42
C ALA ZD 337 -12.37 -35.68 9.41
N ALA ZD 338 -12.18 -35.35 10.69
CA ALA ZD 338 -13.14 -35.74 11.71
C ALA ZD 338 -14.50 -35.12 11.45
N GLN ZD 339 -14.55 -33.82 11.14
CA GLN ZD 339 -15.84 -33.20 10.86
C GLN ZD 339 -16.41 -33.66 9.53
N THR ZD 340 -15.57 -33.87 8.51
CA THR ZD 340 -16.10 -34.34 7.23
C THR ZD 340 -16.71 -35.72 7.36
N SER ZD 341 -16.13 -36.56 8.23
CA SER ZD 341 -16.66 -37.90 8.43
C SER ZD 341 -18.09 -37.85 8.93
N VAL ZD 342 -18.44 -36.84 9.73
CA VAL ZD 342 -19.82 -36.68 10.18
C VAL ZD 342 -20.77 -36.58 8.99
N GLY ZD 343 -20.56 -35.56 8.16
CA GLY ZD 343 -21.47 -35.33 7.05
C GLY ZD 343 -21.50 -36.50 6.08
N VAL ZD 344 -20.34 -37.04 5.73
CA VAL ZD 344 -20.32 -38.14 4.78
C VAL ZD 344 -20.95 -39.39 5.40
N SER ZD 345 -20.86 -39.53 6.73
CA SER ZD 345 -21.54 -40.63 7.40
C SER ZD 345 -23.04 -40.47 7.32
N ASN ZD 346 -23.55 -39.25 7.47
CA ASN ZD 346 -24.99 -39.05 7.32
C ASN ZD 346 -25.43 -39.35 5.89
N LEU ZD 347 -24.68 -38.87 4.90
CA LEU ZD 347 -25.05 -39.16 3.51
C LEU ZD 347 -25.03 -40.65 3.23
N TYR ZD 348 -23.96 -41.34 3.64
CA TYR ZD 348 -23.89 -42.77 3.46
C TYR ZD 348 -24.94 -43.50 4.28
N TYR ZD 349 -25.43 -42.90 5.35
CA TYR ZD 349 -26.53 -43.50 6.10
C TYR ZD 349 -27.83 -43.42 5.30
N ILE ZD 350 -28.11 -42.28 4.71
CA ILE ZD 350 -29.27 -42.17 3.82
C ILE ZD 350 -29.16 -43.18 2.69
N LEU ZD 351 -27.97 -43.29 2.10
CA LEU ZD 351 -27.79 -44.21 0.98
C LEU ZD 351 -27.93 -45.66 1.44
N SER ZD 352 -27.29 -46.01 2.56
CA SER ZD 352 -27.29 -47.35 3.13
C SER ZD 352 -28.66 -47.76 3.65
N LYS ZD 353 -29.54 -46.80 3.88
CA LYS ZD 353 -30.92 -47.15 4.20
C LYS ZD 353 -31.59 -47.87 3.03
N ARG ZD 354 -30.92 -47.95 1.87
CA ARG ZD 354 -31.63 -48.32 0.66
C ARG ZD 354 -30.86 -49.26 -0.28
N LEU ZD 355 -29.63 -49.76 0.13
CA LEU ZD 355 -29.21 -50.78 -0.83
C LEU ZD 355 -29.92 -52.11 -0.57
N PRO ZD 356 -29.94 -52.98 -1.58
CA PRO ZD 356 -30.49 -54.33 -1.37
C PRO ZD 356 -29.74 -55.10 -0.31
N GLN ZD 357 -30.47 -55.88 0.47
CA GLN ZD 357 -29.91 -56.69 1.54
C GLN ZD 357 -30.46 -58.09 1.38
N ASN ZD 358 -29.59 -59.10 1.38
CA ASN ZD 358 -30.05 -60.48 1.33
C ASN ZD 358 -30.36 -60.99 2.73
N MET ZD 359 -31.49 -61.68 2.89
CA MET ZD 359 -31.85 -62.28 4.18
C MET ZD 359 -31.99 -63.79 4.08
N SER ZD 360 -31.26 -64.42 3.16
CA SER ZD 360 -31.32 -65.88 3.00
C SER ZD 360 -29.95 -66.34 2.54
N ALA ZD 361 -29.16 -66.88 3.48
CA ALA ZD 361 -27.81 -67.32 3.16
C ALA ZD 361 -27.80 -68.40 2.09
N ASP ZD 362 -28.87 -69.19 1.99
CA ASP ZD 362 -29.04 -70.14 0.90
C ASP ZD 362 -29.79 -69.45 -0.24
N GLN ZD 363 -29.35 -69.70 -1.47
CA GLN ZD 363 -29.99 -69.10 -2.64
C GLN ZD 363 -31.14 -69.97 -3.16
N SER ZD 364 -32.03 -70.33 -2.25
CA SER ZD 364 -33.27 -71.03 -2.58
C SER ZD 364 -34.50 -70.20 -2.26
N ASN ZD 365 -34.50 -69.49 -1.13
CA ASN ZD 365 -35.50 -68.49 -0.82
C ASN ZD 365 -34.86 -67.11 -0.74
N ALA ZD 366 -33.79 -66.90 -1.51
CA ALA ZD 366 -33.08 -65.64 -1.51
C ALA ZD 366 -34.00 -64.51 -1.99
N ASN ZD 367 -34.38 -63.65 -1.07
CA ASN ZD 367 -35.25 -62.52 -1.38
C ASN ZD 367 -34.58 -61.23 -0.92
N ILE ZD 368 -34.92 -60.13 -1.57
CA ILE ZD 368 -34.17 -58.88 -1.45
C ILE ZD 368 -35.08 -57.78 -0.95
N THR ZD 369 -34.60 -57.01 0.03
CA THR ZD 369 -35.20 -55.74 0.37
C THR ZD 369 -34.16 -54.80 0.92
N SER ZD 370 -34.44 -53.52 0.78
CA SER ZD 370 -33.72 -52.48 1.49
C SER ZD 370 -34.52 -52.10 2.73
N GLN ZD 371 -33.89 -51.28 3.56
CA GLN ZD 371 -34.50 -50.83 4.81
C GLN ZD 371 -35.55 -49.74 4.61
N ALA ZD 372 -35.32 -48.81 3.68
CA ALA ZD 372 -36.36 -47.84 3.37
C ALA ZD 372 -37.55 -48.49 2.69
N LEU ZD 373 -37.32 -49.37 1.72
CA LEU ZD 373 -38.43 -50.02 1.04
C LEU ZD 373 -39.18 -50.97 1.99
N ASN ZD 374 -38.46 -51.60 2.90
CA ASN ZD 374 -39.10 -52.52 3.83
C ASN ZD 374 -39.90 -51.76 4.89
N GLU ZD 375 -39.37 -50.65 5.40
CA GLU ZD 375 -40.15 -49.85 6.33
C GLU ZD 375 -41.36 -49.25 5.61
N PHE ZD 376 -41.18 -48.89 4.33
CA PHE ZD 376 -42.29 -48.49 3.49
C PHE ZD 376 -43.39 -49.53 3.50
N ASN ZD 377 -43.09 -50.74 3.04
CA ASN ZD 377 -44.16 -51.72 2.91
C ASN ZD 377 -44.61 -52.25 4.27
N MET ZD 378 -43.87 -51.97 5.34
CA MET ZD 378 -44.41 -52.26 6.68
C MET ZD 378 -45.45 -51.22 7.04
N ALA ZD 379 -45.18 -49.95 6.71
CA ALA ZD 379 -46.15 -48.90 6.92
C ALA ZD 379 -47.33 -49.06 5.97
N THR ZD 380 -47.04 -49.33 4.70
CA THR ZD 380 -48.01 -49.23 3.62
C THR ZD 380 -48.59 -50.58 3.22
N ARG ZD 381 -48.82 -51.46 4.19
CA ARG ZD 381 -49.41 -52.75 3.87
C ARG ZD 381 -50.89 -52.82 4.21
N ARG ZD 382 -51.39 -52.01 5.14
CA ARG ZD 382 -52.78 -52.10 5.54
C ARG ZD 382 -53.71 -51.18 4.75
N LEU ZD 383 -53.22 -50.09 4.18
CA LEU ZD 383 -54.16 -49.09 3.72
C LEU ZD 383 -54.50 -49.35 2.26
N PHE ZD 384 -53.50 -49.47 1.39
CA PHE ZD 384 -53.65 -50.14 0.11
C PHE ZD 384 -52.56 -51.20 0.02
N ASP ZD 385 -52.81 -52.24 -0.77
CA ASP ZD 385 -51.82 -53.31 -0.94
C ASP ZD 385 -51.79 -53.78 -2.39
N PRO ZD 386 -50.63 -53.70 -3.07
CA PRO ZD 386 -50.55 -54.23 -4.44
C PRO ZD 386 -50.85 -55.71 -4.55
N THR ZD 387 -50.37 -56.53 -3.62
CA THR ZD 387 -50.65 -57.95 -3.64
C THR ZD 387 -52.11 -58.26 -3.35
N ALA ZD 388 -52.84 -57.34 -2.76
CA ALA ZD 388 -54.22 -57.60 -2.36
C ALA ZD 388 -55.11 -57.78 -3.58
N SER ZD 389 -56.12 -58.63 -3.43
CA SER ZD 389 -57.13 -58.84 -4.44
C SER ZD 389 -58.17 -57.74 -4.34
N ASN ZD 390 -58.40 -57.03 -5.45
CA ASN ZD 390 -59.29 -55.89 -5.47
C ASN ZD 390 -60.72 -56.24 -5.86
N THR ZD 391 -61.01 -57.52 -6.07
CA THR ZD 391 -62.35 -57.97 -6.39
C THR ZD 391 -62.92 -58.77 -5.23
N PRO ZD 392 -64.15 -58.51 -4.80
CA PRO ZD 392 -64.71 -59.24 -3.66
C PRO ZD 392 -64.85 -60.72 -3.96
N GLY ZD 393 -64.74 -61.52 -2.91
CA GLY ZD 393 -64.82 -62.97 -3.01
C GLY ZD 393 -63.49 -63.67 -3.12
N GLN ZD 394 -62.39 -62.93 -3.23
CA GLN ZD 394 -61.08 -63.54 -3.32
C GLN ZD 394 -60.33 -63.40 -1.99
N PRO ZD 395 -59.34 -64.26 -1.72
CA PRO ZD 395 -58.57 -64.10 -0.49
C PRO ZD 395 -57.68 -62.87 -0.51
N ASN ZD 396 -56.89 -62.70 0.55
CA ASN ZD 396 -55.93 -61.60 0.76
C ASN ZD 396 -56.42 -60.28 0.18
N GLN ZD 397 -57.66 -59.92 0.47
CA GLN ZD 397 -58.23 -58.67 -0.01
C GLN ZD 397 -57.55 -57.48 0.66
N GLN ZD 398 -58.04 -56.28 0.35
CA GLN ZD 398 -57.52 -55.10 1.02
C GLN ZD 398 -57.76 -55.20 2.52
N TRP ZD 399 -56.80 -54.69 3.29
CA TRP ZD 399 -56.85 -54.81 4.74
C TRP ZD 399 -58.13 -54.21 5.31
N ILE ZD 400 -58.59 -53.09 4.76
CA ILE ZD 400 -59.82 -52.48 5.27
C ILE ZD 400 -61.01 -53.38 4.99
N LYS ZD 401 -61.01 -54.06 3.84
CA LYS ZD 401 -62.09 -54.99 3.53
C LYS ZD 401 -62.00 -56.24 4.41
N GLN ZD 402 -60.79 -56.70 4.71
CA GLN ZD 402 -60.65 -57.80 5.64
C GLN ZD 402 -61.12 -57.40 7.03
N ILE ZD 403 -60.82 -56.18 7.45
CA ILE ZD 403 -61.35 -55.64 8.69
C ILE ZD 403 -62.87 -55.60 8.64
N ASN ZD 404 -63.43 -55.30 7.47
CA ASN ZD 404 -64.87 -55.15 7.33
C ASN ZD 404 -65.64 -56.38 7.76
N ASP ZD 405 -65.01 -57.55 7.73
CA ASP ZD 405 -65.63 -58.78 8.21
C ASP ZD 405 -64.92 -59.38 9.42
N ALA ZD 406 -63.96 -58.68 10.01
CA ALA ZD 406 -63.18 -59.23 11.10
C ALA ZD 406 -63.97 -59.23 12.41
N SER ZD 407 -63.56 -60.12 13.31
CA SER ZD 407 -64.18 -60.24 14.61
C SER ZD 407 -63.58 -59.23 15.59
N PRO ZD 408 -64.33 -58.88 16.65
CA PRO ZD 408 -63.78 -57.93 17.63
C PRO ZD 408 -62.47 -58.39 18.27
N ALA ZD 409 -62.36 -59.67 18.58
CA ALA ZD 409 -61.09 -60.19 19.08
C ALA ZD 409 -60.00 -60.01 18.05
N THR ZD 410 -60.32 -60.32 16.78
CA THR ZD 410 -59.36 -60.11 15.71
C THR ZD 410 -58.90 -58.66 15.66
N VAL ZD 411 -59.85 -57.72 15.61
CA VAL ZD 411 -59.45 -56.34 15.44
C VAL ZD 411 -58.63 -55.88 16.64
N GLN ZD 412 -58.94 -56.36 17.85
CA GLN ZD 412 -58.14 -55.97 19.00
C GLN ZD 412 -56.70 -56.51 18.89
N LYS ZD 413 -56.55 -57.74 18.39
CA LYS ZD 413 -55.21 -58.26 18.15
C LYS ZD 413 -54.45 -57.39 17.15
N GLU ZD 414 -55.13 -56.99 16.07
CA GLU ZD 414 -54.55 -55.98 15.20
C GLU ZD 414 -54.12 -54.73 15.95
N ILE ZD 415 -54.95 -54.23 16.88
CA ILE ZD 415 -54.52 -53.04 17.66
C ILE ZD 415 -53.20 -53.30 18.37
N ALA ZD 416 -53.06 -54.48 18.97
CA ALA ZD 416 -51.78 -54.80 19.60
C ALA ZD 416 -50.63 -54.68 18.60
N ILE ZD 417 -50.75 -55.35 17.46
CA ILE ZD 417 -49.64 -55.38 16.50
C ILE ZD 417 -49.35 -53.98 15.95
N LEU ZD 418 -50.40 -53.20 15.71
CA LEU ZD 418 -50.18 -51.89 15.11
C LEU ZD 418 -49.52 -50.91 16.05
N LEU ZD 419 -49.94 -50.85 17.32
CA LEU ZD 419 -49.18 -50.01 18.25
C LEU ZD 419 -47.74 -50.51 18.35
N ALA ZD 420 -47.53 -51.81 18.13
CA ALA ZD 420 -46.15 -52.26 17.98
C ALA ZD 420 -45.44 -51.46 16.90
N GLU ZD 421 -45.88 -51.54 15.64
CA GLU ZD 421 -45.05 -50.86 14.65
C GLU ZD 421 -44.94 -49.36 14.91
N ILE ZD 422 -45.95 -48.73 15.54
CA ILE ZD 422 -45.79 -47.31 15.90
C ILE ZD 422 -44.59 -47.12 16.83
N ASN ZD 423 -44.52 -47.94 17.88
CA ASN ZD 423 -43.31 -48.01 18.71
C ASN ZD 423 -42.06 -48.02 17.84
N TYR ZD 424 -42.01 -48.94 16.89
CA TYR ZD 424 -40.76 -49.15 16.16
C TYR ZD 424 -40.41 -47.93 15.32
N GLN ZD 425 -41.41 -47.41 14.61
CA GLN ZD 425 -41.16 -46.34 13.66
C GLN ZD 425 -40.74 -45.05 14.36
N MET ZD 426 -41.31 -44.71 15.51
CA MET ZD 426 -40.83 -43.48 16.12
C MET ZD 426 -39.58 -43.73 16.98
N TYR ZD 427 -39.30 -44.99 17.33
CA TYR ZD 427 -37.94 -45.32 17.75
C TYR ZD 427 -36.93 -44.92 16.70
N LEU ZD 428 -37.09 -45.45 15.49
CA LEU ZD 428 -36.07 -45.18 14.50
C LEU ZD 428 -36.06 -43.72 14.11
N ASP ZD 429 -37.19 -43.02 14.22
CA ASP ZD 429 -37.08 -41.61 13.84
C ASP ZD 429 -36.36 -40.82 14.93
N ARG ZD 430 -36.41 -41.24 16.21
CA ARG ZD 430 -35.51 -40.48 17.08
C ARG ZD 430 -34.07 -40.81 16.73
N GLN ZD 431 -33.78 -42.02 16.27
CA GLN ZD 431 -32.43 -42.25 15.76
C GLN ZD 431 -32.09 -41.18 14.72
N ILE ZD 432 -33.05 -40.86 13.87
CA ILE ZD 432 -32.84 -39.85 12.83
C ILE ZD 432 -32.65 -38.45 13.43
N GLN ZD 433 -33.39 -38.13 14.49
CA GLN ZD 433 -33.20 -36.83 15.14
C GLN ZD 433 -31.91 -36.76 15.98
N GLU ZD 434 -31.46 -37.89 16.54
CA GLU ZD 434 -30.11 -37.89 17.09
C GLU ZD 434 -29.10 -37.60 16.00
N ARG ZD 435 -29.36 -38.08 14.79
CA ARG ZD 435 -28.50 -37.70 13.67
C ARG ZD 435 -28.55 -36.19 13.43
N ILE ZD 436 -29.75 -35.58 13.44
CA ILE ZD 436 -29.80 -34.10 13.41
C ILE ZD 436 -28.87 -33.53 14.46
N LEU ZD 437 -29.10 -33.88 15.73
CA LEU ZD 437 -28.34 -33.33 16.83
C LEU ZD 437 -26.85 -33.42 16.57
N LEU ZD 438 -26.41 -34.57 16.05
CA LEU ZD 438 -25.00 -34.76 15.74
C LEU ZD 438 -24.52 -33.73 14.73
N THR ZD 439 -25.26 -33.56 13.63
CA THR ZD 439 -24.84 -32.60 12.61
C THR ZD 439 -24.80 -31.18 13.15
N ASN ZD 440 -25.83 -30.79 13.90
CA ASN ZD 440 -25.85 -29.43 14.44
C ASN ZD 440 -24.69 -29.20 15.39
N SER ZD 441 -24.41 -30.19 16.24
CA SER ZD 441 -23.30 -30.02 17.17
C SER ZD 441 -21.98 -29.87 16.43
N ILE ZD 442 -21.75 -30.69 15.40
CA ILE ZD 442 -20.47 -30.59 14.69
C ILE ZD 442 -20.33 -29.24 14.00
N MET ZD 443 -21.39 -28.77 13.34
CA MET ZD 443 -21.25 -27.47 12.70
C MET ZD 443 -21.04 -26.38 13.74
N LEU ZD 444 -21.59 -26.57 14.94
CA LEU ZD 444 -21.40 -25.58 16.00
C LEU ZD 444 -19.96 -25.56 16.49
N LEU ZD 445 -19.36 -26.73 16.72
CA LEU ZD 445 -17.92 -26.76 17.01
C LEU ZD 445 -17.12 -26.14 15.88
N GLN ZD 446 -17.54 -26.35 14.64
CA GLN ZD 446 -16.78 -25.78 13.53
C GLN ZD 446 -16.78 -24.26 13.58
N ASN ZD 447 -17.96 -23.66 13.75
CA ASN ZD 447 -17.99 -22.20 13.66
C ASN ZD 447 -17.40 -21.56 14.90
N LEU ZD 448 -17.47 -22.23 16.06
CA LEU ZD 448 -16.76 -21.70 17.22
C LEU ZD 448 -15.25 -21.81 17.03
N LYS ZD 449 -14.78 -22.90 16.43
CA LYS ZD 449 -13.36 -23.02 16.11
C LYS ZD 449 -12.93 -21.89 15.20
N ALA ZD 450 -13.76 -21.54 14.22
CA ALA ZD 450 -13.50 -20.37 13.39
C ALA ZD 450 -13.45 -19.08 14.19
N ALA ZD 451 -13.76 -19.12 15.48
CA ALA ZD 451 -13.80 -17.94 16.35
C ALA ZD 451 -13.05 -18.19 17.65
N GLN ZD 452 -11.83 -18.69 17.55
CA GLN ZD 452 -11.00 -18.87 18.75
C GLN ZD 452 -10.44 -17.52 19.20
N PRO ZD 453 -10.73 -17.08 20.42
CA PRO ZD 453 -10.27 -15.77 20.87
C PRO ZD 453 -8.75 -15.66 20.83
N THR ZD 454 -8.28 -14.45 20.49
CA THR ZD 454 -6.88 -14.21 20.22
C THR ZD 454 -6.16 -13.66 21.45
N ALA ZD 455 -4.85 -13.83 21.46
CA ALA ZD 455 -3.97 -13.26 22.49
C ALA ZD 455 -3.38 -11.92 22.07
N ASP ZD 456 -4.10 -11.12 21.28
CA ASP ZD 456 -3.57 -9.87 20.78
C ASP ZD 456 -4.05 -8.74 21.68
N PHE ZD 457 -3.09 -7.95 22.20
CA PHE ZD 457 -3.38 -6.85 23.11
C PHE ZD 457 -3.06 -5.49 22.49
N SER ZD 458 -2.58 -5.47 21.25
CA SER ZD 458 -2.33 -4.21 20.57
C SER ZD 458 -3.23 -4.09 19.33
N GLN AE 23 -101.25 -87.98 29.99
CA GLN AE 23 -101.72 -86.74 30.60
C GLN AE 23 -101.32 -85.54 29.75
N PRO AE 24 -102.26 -84.60 29.57
CA PRO AE 24 -101.95 -83.41 28.75
C PRO AE 24 -100.77 -82.63 29.33
N ALA AE 25 -99.96 -82.08 28.43
CA ALA AE 25 -98.75 -81.36 28.81
C ALA AE 25 -99.07 -79.89 29.02
N ASP AE 26 -98.56 -79.33 30.11
CA ASP AE 26 -98.75 -77.92 30.37
C ASP AE 26 -97.98 -77.08 29.35
N PRO AE 27 -98.61 -76.05 28.79
CA PRO AE 27 -97.92 -75.23 27.77
C PRO AE 27 -96.69 -74.52 28.31
N SER AE 28 -96.57 -74.36 29.63
CA SER AE 28 -95.39 -73.73 30.20
C SER AE 28 -94.14 -74.54 29.87
N GLY AE 29 -94.23 -75.87 29.97
CA GLY AE 29 -93.07 -76.70 29.70
C GLY AE 29 -92.61 -76.62 28.25
N GLN AE 30 -93.56 -76.68 27.32
CA GLN AE 30 -93.20 -76.57 25.91
C GLN AE 30 -92.67 -75.19 25.59
N GLN AE 31 -93.28 -74.15 26.17
CA GLN AE 31 -92.78 -72.79 25.96
C GLN AE 31 -91.36 -72.66 26.46
N THR AE 32 -91.07 -73.21 27.65
CA THR AE 32 -89.72 -73.12 28.19
C THR AE 32 -88.74 -73.93 27.36
N SER AE 33 -89.16 -75.09 26.85
CA SER AE 33 -88.25 -75.89 26.01
C SER AE 33 -87.92 -75.16 24.72
N THR AE 34 -88.92 -74.59 24.06
CA THR AE 34 -88.63 -73.79 22.87
C THR AE 34 -87.76 -72.59 23.22
N ASN AE 35 -88.06 -71.93 24.34
CA ASN AE 35 -87.26 -70.77 24.73
C ASN AE 35 -85.82 -71.17 24.97
N THR AE 36 -85.60 -72.31 25.63
CA THR AE 36 -84.24 -72.76 25.89
C THR AE 36 -83.51 -73.08 24.60
N SER AE 37 -84.20 -73.69 23.63
CA SER AE 37 -83.55 -73.87 22.34
C SER AE 37 -83.18 -72.53 21.71
N ASN AE 38 -84.01 -71.50 21.90
CA ASN AE 38 -83.63 -70.20 21.36
C ASN AE 38 -82.44 -69.59 22.11
N LEU AE 39 -82.37 -69.75 23.44
CA LEU AE 39 -81.15 -69.26 24.11
C LEU AE 39 -79.92 -69.98 23.61
N VAL AE 40 -79.99 -71.30 23.43
CA VAL AE 40 -78.83 -72.04 22.94
C VAL AE 40 -78.42 -71.52 21.57
N THR AE 41 -79.39 -71.41 20.66
CA THR AE 41 -79.09 -70.91 19.32
C THR AE 41 -78.51 -69.51 19.36
N TYR AE 42 -79.10 -68.64 20.18
CA TYR AE 42 -78.70 -67.24 20.16
C TYR AE 42 -77.35 -67.04 20.83
N LEU AE 43 -77.04 -67.83 21.87
CA LEU AE 43 -75.73 -67.74 22.47
C LEU AE 43 -74.66 -68.28 21.52
N THR AE 44 -74.97 -69.33 20.76
CA THR AE 44 -74.00 -69.77 19.76
C THR AE 44 -73.80 -68.69 18.70
N ASN AE 45 -74.89 -68.00 18.30
CA ASN AE 45 -74.73 -66.91 17.34
C ASN AE 45 -73.89 -65.77 17.91
N LEU AE 46 -74.09 -65.41 19.18
CA LEU AE 46 -73.30 -64.32 19.74
C LEU AE 46 -71.83 -64.71 19.83
N GLY AE 47 -71.55 -65.94 20.28
CA GLY AE 47 -70.16 -66.40 20.30
C GLY AE 47 -69.57 -66.45 18.91
N LYS AE 48 -70.39 -66.77 17.91
CA LYS AE 48 -69.95 -66.74 16.53
C LYS AE 48 -69.60 -65.31 16.11
N TYR AE 49 -70.42 -64.35 16.52
CA TYR AE 49 -70.17 -62.96 16.16
C TYR AE 49 -68.90 -62.42 16.83
N LEU AE 50 -68.65 -62.82 18.08
CA LEU AE 50 -67.36 -62.52 18.69
C LEU AE 50 -66.20 -63.15 17.94
N GLY AE 51 -66.46 -64.19 17.14
CA GLY AE 51 -65.42 -64.82 16.35
C GLY AE 51 -64.89 -66.10 16.99
N TYR AE 52 -65.72 -66.76 17.79
CA TYR AE 52 -65.31 -67.95 18.52
C TYR AE 52 -66.25 -69.10 18.21
N ASP AE 53 -65.72 -70.32 18.30
CA ASP AE 53 -66.51 -71.54 18.19
C ASP AE 53 -66.82 -72.01 19.61
N ILE AE 54 -67.96 -71.56 20.12
CA ILE AE 54 -68.36 -71.92 21.48
C ILE AE 54 -68.77 -73.39 21.57
N THR AE 55 -69.29 -73.96 20.49
CA THR AE 55 -69.88 -75.30 20.56
C THR AE 55 -68.87 -76.35 21.02
N GLN AE 56 -67.62 -76.21 20.62
CA GLN AE 56 -66.60 -77.20 20.93
C GLN AE 56 -65.87 -76.79 22.21
N SER AE 57 -66.01 -77.61 23.25
CA SER AE 57 -65.40 -77.30 24.55
C SER AE 57 -63.90 -77.55 24.56
N SER AE 58 -63.45 -78.63 23.91
CA SER AE 58 -62.05 -79.04 24.04
C SER AE 58 -61.10 -78.06 23.36
N LYS AE 59 -61.57 -77.29 22.38
CA LYS AE 59 -60.70 -76.33 21.71
C LYS AE 59 -60.48 -75.07 22.52
N ALA AE 60 -61.15 -74.93 23.65
CA ALA AE 60 -60.97 -73.76 24.50
C ALA AE 60 -59.54 -73.75 25.07
N PRO AE 61 -59.00 -72.56 25.34
CA PRO AE 61 -57.66 -72.50 25.93
C PRO AE 61 -57.66 -72.98 27.37
N ASN AE 62 -57.12 -74.18 27.59
CA ASN AE 62 -57.10 -74.80 28.90
C ASN AE 62 -55.65 -74.93 29.37
N PRO AE 63 -55.26 -74.27 30.45
CA PRO AE 63 -56.05 -73.37 31.30
C PRO AE 63 -56.24 -72.00 30.68
N PRO AE 64 -57.33 -71.30 31.00
CA PRO AE 64 -57.50 -69.93 30.51
C PRO AE 64 -56.43 -69.01 31.08
N TYR AE 65 -56.04 -68.03 30.27
CA TYR AE 65 -55.03 -67.05 30.65
C TYR AE 65 -55.63 -65.65 30.58
N SER AE 66 -55.45 -64.89 31.64
CA SER AE 66 -55.91 -63.51 31.70
C SER AE 66 -54.79 -62.50 31.92
N GLN AE 67 -53.74 -62.87 32.65
CA GLN AE 67 -52.61 -61.98 32.91
C GLN AE 67 -51.74 -61.91 31.66
N LEU AE 68 -50.80 -60.98 31.63
CA LEU AE 68 -49.97 -60.89 30.43
C LEU AE 68 -49.02 -62.09 30.35
N PHE AE 69 -48.29 -62.13 29.25
CA PHE AE 69 -47.39 -63.25 28.98
C PHE AE 69 -46.33 -63.39 30.07
N ASN AE 70 -45.63 -62.29 30.39
CA ASN AE 70 -44.59 -62.36 31.41
C ASN AE 70 -44.35 -60.95 31.96
N SER AE 71 -44.82 -60.71 33.19
CA SER AE 71 -44.55 -59.44 33.86
C SER AE 71 -43.09 -59.28 34.25
N ASN AE 72 -42.38 -60.39 34.45
CA ASN AE 72 -41.02 -60.30 35.00
C ASN AE 72 -40.05 -59.69 34.00
N VAL AE 73 -40.12 -60.10 32.74
CA VAL AE 73 -39.17 -59.59 31.74
C VAL AE 73 -39.41 -58.10 31.48
N VAL AE 74 -40.68 -57.72 31.27
CA VAL AE 74 -40.98 -56.32 31.06
C VAL AE 74 -40.56 -55.51 32.28
N GLN AE 75 -40.81 -56.04 33.48
CA GLN AE 75 -40.45 -55.35 34.71
C GLN AE 75 -38.94 -55.12 34.81
N LEU AE 76 -38.15 -56.18 34.65
CA LEU AE 76 -36.71 -56.04 34.85
C LEU AE 76 -36.08 -55.15 33.79
N VAL AE 77 -36.39 -55.41 32.52
CA VAL AE 77 -35.86 -54.56 31.45
C VAL AE 77 -36.38 -53.14 31.60
N GLN AE 78 -37.55 -53.01 32.24
CA GLN AE 78 -38.18 -51.73 32.51
C GLN AE 78 -37.39 -50.90 33.52
N ASN AE 79 -37.03 -51.51 34.65
CA ASN AE 79 -36.15 -50.82 35.58
C ASN AE 79 -34.82 -50.49 34.91
N TYR AE 80 -34.38 -51.38 34.01
CA TYR AE 80 -33.18 -51.09 33.25
C TYR AE 80 -33.34 -49.81 32.46
N ALA AE 81 -34.52 -49.61 31.84
CA ALA AE 81 -34.78 -48.35 31.13
C ALA AE 81 -34.62 -47.17 32.05
N TYR AE 82 -35.24 -47.24 33.23
CA TYR AE 82 -35.15 -46.11 34.17
C TYR AE 82 -33.70 -45.77 34.48
N ASN AE 83 -32.93 -46.77 34.90
CA ASN AE 83 -31.57 -46.49 35.34
C ASN AE 83 -30.70 -46.04 34.17
N THR AE 84 -30.86 -46.66 33.00
CA THR AE 84 -30.05 -46.28 31.85
C THR AE 84 -30.32 -44.84 31.45
N PHE AE 85 -31.59 -44.43 31.42
CA PHE AE 85 -31.86 -43.03 31.12
C PHE AE 85 -31.23 -42.12 32.17
N LEU AE 86 -31.50 -42.41 33.44
CA LEU AE 86 -31.21 -41.42 34.47
C LEU AE 86 -29.71 -41.33 34.74
N GLY AE 87 -28.95 -42.37 34.38
CA GLY AE 87 -27.51 -42.31 34.52
C GLY AE 87 -26.82 -41.86 33.25
N ALA AE 88 -27.33 -42.30 32.09
CA ALA AE 88 -26.76 -41.91 30.81
C ALA AE 88 -26.87 -40.43 30.55
N ILE AE 89 -27.80 -39.74 31.20
CA ILE AE 89 -27.78 -38.28 31.17
C ILE AE 89 -26.46 -37.80 31.79
N PRO AE 90 -25.66 -37.02 31.07
CA PRO AE 90 -24.42 -36.50 31.68
C PRO AE 90 -24.77 -35.59 32.84
N VAL AE 91 -23.82 -35.40 33.75
CA VAL AE 91 -24.02 -34.51 34.89
C VAL AE 91 -22.79 -33.63 35.05
N ASP AE 92 -23.02 -32.43 35.59
CA ASP AE 92 -21.95 -31.54 36.03
C ASP AE 92 -21.42 -32.09 37.34
N ALA AE 93 -20.22 -32.68 37.31
CA ALA AE 93 -19.77 -33.55 38.39
C ALA AE 93 -18.45 -33.07 39.00
N MET AE 94 -18.55 -32.28 40.07
CA MET AE 94 -17.47 -32.15 41.03
C MET AE 94 -17.92 -32.17 42.48
N SER AE 95 -19.20 -31.92 42.78
CA SER AE 95 -19.69 -32.05 44.14
C SER AE 95 -21.00 -32.81 44.13
N GLN AE 96 -21.25 -33.55 45.20
CA GLN AE 96 -22.43 -34.41 45.26
C GLN AE 96 -23.71 -33.60 45.16
N SER AE 97 -23.81 -32.50 45.92
CA SER AE 97 -24.96 -31.61 45.82
C SER AE 97 -25.04 -30.91 44.48
N LEU AE 98 -23.95 -30.90 43.72
CA LEU AE 98 -23.90 -30.27 42.40
C LEU AE 98 -24.45 -31.16 41.29
N MET AE 99 -24.38 -32.49 41.44
CA MET AE 99 -24.91 -33.41 40.44
C MET AE 99 -26.37 -33.76 40.70
N ASN AE 100 -27.00 -33.14 41.69
CA ASN AE 100 -28.35 -33.53 42.08
C ASN AE 100 -29.39 -32.98 41.11
N PHE AE 101 -30.16 -33.88 40.51
CA PHE AE 101 -31.32 -33.47 39.73
C PHE AE 101 -32.45 -32.94 40.59
N VAL AE 102 -32.61 -33.47 41.80
CA VAL AE 102 -33.76 -33.15 42.64
C VAL AE 102 -33.28 -32.72 44.02
N THR AE 103 -34.16 -32.00 44.72
CA THR AE 103 -33.86 -31.50 46.05
C THR AE 103 -34.35 -32.52 47.09
N ASP AE 104 -34.36 -32.11 48.36
CA ASP AE 104 -34.77 -33.00 49.44
C ASP AE 104 -36.28 -33.19 49.53
N LYS AE 105 -37.07 -32.33 48.90
CA LYS AE 105 -38.51 -32.42 48.98
C LYS AE 105 -39.10 -33.55 48.15
N VAL AE 106 -38.49 -33.86 47.00
CA VAL AE 106 -39.06 -34.84 46.09
C VAL AE 106 -39.02 -36.22 46.71
N GLN AE 107 -40.08 -36.99 46.53
CA GLN AE 107 -40.13 -38.36 47.02
C GLN AE 107 -39.14 -39.23 46.25
N GLY AE 108 -38.49 -40.13 46.98
CA GLY AE 108 -37.48 -40.98 46.36
C GLY AE 108 -36.26 -40.23 45.89
N ASN AE 109 -36.04 -39.02 46.41
CA ASN AE 109 -34.96 -38.17 45.93
C ASN AE 109 -33.60 -38.84 46.07
N SER AE 110 -33.45 -39.67 47.11
CA SER AE 110 -32.15 -40.28 47.38
C SER AE 110 -31.70 -41.15 46.21
N LEU AE 111 -32.60 -41.97 45.68
CA LEU AE 111 -32.22 -42.90 44.62
C LEU AE 111 -32.02 -42.17 43.30
N ILE AE 112 -32.80 -41.12 43.06
CA ILE AE 112 -32.61 -40.34 41.83
C ILE AE 112 -31.26 -39.64 41.87
N ASN AE 113 -30.96 -38.92 42.96
CA ASN AE 113 -29.69 -38.23 43.06
C ASN AE 113 -28.52 -39.22 43.10
N ASN AE 114 -28.77 -40.42 43.63
CA ASN AE 114 -27.72 -41.44 43.67
C ASN AE 114 -27.33 -41.89 42.28
N LEU AE 115 -28.28 -41.98 41.36
CA LEU AE 115 -27.98 -42.44 40.00
C LEU AE 115 -27.42 -41.34 39.12
N ALA AE 116 -26.85 -40.30 39.70
CA ALA AE 116 -26.24 -39.24 38.91
C ALA AE 116 -24.91 -39.69 38.32
N ASN AE 117 -24.86 -39.74 36.99
CA ASN AE 117 -23.64 -40.03 36.24
C ASN AE 117 -23.11 -41.43 36.53
N THR AE 118 -23.99 -42.42 36.42
CA THR AE 118 -23.56 -43.81 36.61
C THR AE 118 -22.53 -44.25 35.57
N THR AE 119 -22.67 -43.80 34.32
CA THR AE 119 -21.78 -44.26 33.26
C THR AE 119 -20.33 -43.90 33.56
N PHE AE 120 -20.07 -42.67 34.00
CA PHE AE 120 -18.69 -42.25 34.16
C PHE AE 120 -18.12 -42.65 35.52
N LYS AE 121 -18.94 -42.74 36.57
CA LYS AE 121 -18.43 -43.27 37.83
C LYS AE 121 -18.09 -44.75 37.70
N TYR AE 122 -18.95 -45.51 37.01
CA TYR AE 122 -18.67 -46.91 36.76
C TYR AE 122 -17.48 -47.06 35.81
N GLN AE 123 -17.37 -46.18 34.83
CA GLN AE 123 -16.24 -46.22 33.91
C GLN AE 123 -14.97 -45.68 34.54
N ASN AE 124 -15.05 -45.12 35.75
CA ASN AE 124 -13.89 -44.60 36.47
C ASN AE 124 -13.11 -43.60 35.61
N PHE AE 125 -13.85 -42.73 34.92
CA PHE AE 125 -13.22 -41.74 34.08
C PHE AE 125 -12.37 -40.77 34.90
N SER AE 126 -12.86 -40.39 36.07
CA SER AE 126 -12.14 -39.45 36.93
C SER AE 126 -10.82 -40.03 37.43
N ALA AE 127 -10.64 -41.35 37.36
CA ALA AE 127 -9.40 -41.96 37.79
C ALA AE 127 -8.25 -41.44 36.95
N PRO AE 128 -7.13 -41.02 37.55
CA PRO AE 128 -6.04 -40.43 36.78
C PRO AE 128 -5.33 -41.42 35.88
N SER AE 129 -5.65 -42.70 35.94
CA SER AE 129 -5.06 -43.67 35.03
C SER AE 129 -5.40 -43.29 33.59
N SER AE 130 -4.36 -43.25 32.74
CA SER AE 130 -4.57 -42.85 31.35
C SER AE 130 -5.32 -43.89 30.54
N GLY AE 131 -5.46 -45.11 31.05
CA GLY AE 131 -6.19 -46.15 30.35
C GLY AE 131 -5.30 -47.27 29.84
N ALA AE 132 -5.27 -48.38 30.58
CA ALA AE 132 -4.51 -49.55 30.19
C ALA AE 132 -5.38 -50.80 30.09
N ASP AE 133 -6.67 -50.71 30.40
CA ASP AE 133 -7.58 -51.84 30.34
C ASP AE 133 -8.76 -51.58 29.41
N GLY AE 134 -8.60 -50.67 28.46
CA GLY AE 134 -9.68 -50.40 27.52
C GLY AE 134 -10.81 -49.58 28.09
N LYS AE 135 -10.64 -49.03 29.29
CA LYS AE 135 -11.71 -48.35 30.00
C LYS AE 135 -11.73 -46.87 29.63
N ILE AE 136 -12.94 -46.29 29.69
CA ILE AE 136 -13.11 -44.89 29.35
C ILE AE 136 -12.57 -44.04 30.50
N THR AE 137 -11.63 -43.16 30.19
CA THR AE 137 -10.97 -42.40 31.24
C THR AE 137 -10.32 -41.16 30.65
N ALA AE 138 -9.92 -40.24 31.54
CA ALA AE 138 -9.21 -39.03 31.16
C ALA AE 138 -7.80 -39.39 30.74
N ASN AE 139 -7.50 -39.22 29.45
CA ASN AE 139 -6.17 -39.58 28.95
C ASN AE 139 -5.16 -38.51 29.33
N GLY AE 140 -4.14 -38.91 30.08
CA GLY AE 140 -3.21 -37.96 30.66
C GLY AE 140 -2.51 -37.06 29.67
N LEU AE 141 -2.32 -37.53 28.42
CA LEU AE 141 -1.59 -36.74 27.45
C LEU AE 141 -2.36 -35.52 26.98
N ILE AE 142 -3.68 -35.53 27.08
CA ILE AE 142 -4.49 -34.49 26.45
C ILE AE 142 -5.12 -33.55 27.45
N ASP AE 143 -5.10 -33.90 28.74
CA ASP AE 143 -5.77 -33.11 29.76
C ASP AE 143 -4.78 -32.58 30.77
N GLN AE 144 -5.02 -31.35 31.23
CA GLN AE 144 -4.28 -30.82 32.36
C GLN AE 144 -4.71 -31.55 33.62
N SER AE 145 -3.81 -31.64 34.59
CA SER AE 145 -4.16 -32.27 35.86
C SER AE 145 -4.68 -31.22 36.84
N THR AE 146 -5.28 -31.70 37.92
CA THR AE 146 -5.77 -30.83 38.98
C THR AE 146 -4.66 -30.38 39.93
N ALA AE 147 -3.44 -30.88 39.74
CA ALA AE 147 -2.31 -30.50 40.57
C ALA AE 147 -1.74 -29.17 40.08
N SER AE 148 -0.58 -28.80 40.61
CA SER AE 148 0.07 -27.55 40.22
C SER AE 148 1.39 -27.81 39.50
N THR AE 168 -4.70 -35.69 39.59
CA THR AE 168 -5.96 -36.33 39.27
C THR AE 168 -6.73 -35.53 38.22
N TYR AE 169 -7.93 -35.98 37.88
CA TYR AE 169 -8.73 -35.34 36.85
C TYR AE 169 -10.18 -35.26 37.31
N LEU AE 170 -10.96 -34.47 36.58
CA LEU AE 170 -12.33 -34.16 36.95
C LEU AE 170 -13.24 -35.38 36.78
N ASN AE 171 -14.48 -35.24 37.25
CA ASN AE 171 -15.41 -36.36 37.26
C ASN AE 171 -16.34 -36.36 36.06
N ASP AE 172 -16.40 -35.27 35.30
CA ASP AE 172 -17.29 -35.19 34.15
C ASP AE 172 -16.47 -34.78 32.93
N PRO AE 173 -16.55 -35.56 31.85
CA PRO AE 173 -15.78 -35.21 30.65
C PRO AE 173 -16.11 -33.85 30.06
N VAL AE 174 -17.37 -33.41 30.19
CA VAL AE 174 -17.73 -32.07 29.69
C VAL AE 174 -16.96 -31.01 30.46
N SER AE 175 -17.01 -31.06 31.80
CA SER AE 175 -16.21 -30.14 32.59
C SER AE 175 -14.73 -30.34 32.34
N GLN AE 176 -14.33 -31.57 31.99
CA GLN AE 176 -12.93 -31.82 31.68
C GLN AE 176 -12.52 -31.01 30.46
N ALA AE 177 -13.33 -31.06 29.40
CA ALA AE 177 -13.03 -30.28 28.20
C ALA AE 177 -13.03 -28.78 28.50
N VAL AE 178 -14.05 -28.30 29.24
CA VAL AE 178 -14.11 -26.88 29.56
C VAL AE 178 -12.87 -26.45 30.35
N PHE AE 179 -12.43 -27.30 31.28
CA PHE AE 179 -11.27 -26.98 32.09
C PHE AE 179 -10.00 -26.99 31.25
N ASN AE 180 -9.97 -27.84 30.21
CA ASN AE 180 -8.89 -27.72 29.24
C ASN AE 180 -8.91 -26.36 28.55
N ILE AE 181 -10.10 -25.91 28.13
CA ILE AE 181 -10.18 -24.59 27.47
C ILE AE 181 -9.70 -23.49 28.40
N LEU AE 182 -10.17 -23.49 29.65
CA LEU AE 182 -9.82 -22.38 30.53
C LEU AE 182 -8.38 -22.49 31.02
N GLY AE 183 -7.91 -23.71 31.24
CA GLY AE 183 -6.64 -23.89 31.92
C GLY AE 183 -5.52 -24.58 31.16
N THR AE 184 -5.45 -24.40 29.83
CA THR AE 184 -4.31 -24.92 29.09
C THR AE 184 -3.29 -23.81 28.93
N PRO AE 185 -2.12 -23.92 29.55
CA PRO AE 185 -1.13 -22.84 29.46
C PRO AE 185 -0.56 -22.71 28.05
N ASP AE 186 -0.03 -21.52 27.78
CA ASP AE 186 0.64 -21.27 26.52
C ASP AE 186 2.12 -21.64 26.65
N TYR AE 187 2.77 -21.85 25.50
CA TYR AE 187 4.15 -22.31 25.50
C TYR AE 187 5.10 -21.36 26.20
N SER AE 188 4.81 -20.05 26.15
CA SER AE 188 5.72 -19.08 26.73
C SER AE 188 5.90 -19.27 28.23
N PHE AE 189 4.88 -19.77 28.94
CA PHE AE 189 5.04 -19.99 30.38
C PHE AE 189 6.05 -21.09 30.70
N CYS AE 190 6.42 -21.92 29.73
CA CYS AE 190 7.49 -22.89 29.95
C CYS AE 190 8.76 -22.43 29.25
N MET AE 191 8.80 -21.14 28.92
CA MET AE 191 9.91 -20.47 28.23
C MET AE 191 10.35 -19.33 29.15
N ASP AE 192 11.53 -18.78 28.88
CA ASP AE 192 12.02 -17.70 29.75
C ASP AE 192 11.23 -16.42 29.51
N ASN AE 193 11.59 -15.37 30.25
CA ASN AE 193 10.88 -14.10 30.18
C ASN AE 193 11.01 -13.41 28.83
N GLU AE 194 12.13 -13.57 28.13
CA GLU AE 194 12.38 -12.85 26.90
C GLU AE 194 12.26 -13.72 25.66
N GLN AE 195 11.89 -14.99 25.82
CA GLN AE 195 11.46 -15.85 24.72
C GLN AE 195 12.57 -16.13 23.70
N LYS AE 196 13.75 -16.53 24.20
CA LYS AE 196 14.75 -17.17 23.35
C LYS AE 196 15.14 -18.58 23.78
N ASN AE 197 15.04 -18.92 25.06
CA ASN AE 197 15.48 -20.24 25.52
C ASN AE 197 14.40 -20.88 26.38
N TRP AE 198 14.52 -22.20 26.54
CA TRP AE 198 13.52 -23.00 27.22
C TRP AE 198 14.05 -23.51 28.55
N LEU AE 199 13.14 -23.67 29.51
CA LEU AE 199 13.50 -24.23 30.80
C LEU AE 199 13.88 -25.70 30.66
N PRO AE 200 14.92 -26.15 31.35
CA PRO AE 200 15.30 -27.57 31.26
C PRO AE 200 14.22 -28.53 31.74
N ASN AE 201 13.48 -28.16 32.78
CA ASN AE 201 12.39 -28.98 33.28
C ASN AE 201 11.09 -28.19 33.15
N CYS AE 202 10.03 -28.87 32.70
CA CYS AE 202 8.81 -28.19 32.29
C CYS AE 202 7.63 -29.06 32.72
N ASN AE 203 7.11 -28.81 33.92
CA ASN AE 203 5.95 -29.55 34.41
C ASN AE 203 4.65 -29.03 33.83
N LEU AE 204 4.58 -27.74 33.51
CA LEU AE 204 3.37 -27.17 32.95
C LEU AE 204 3.04 -27.82 31.62
N MET AE 205 1.77 -28.12 31.42
CA MET AE 205 1.30 -28.90 30.28
C MET AE 205 0.70 -27.90 29.28
N TYR AE 206 1.57 -27.25 28.50
CA TYR AE 206 1.11 -26.20 27.61
C TYR AE 206 0.64 -26.78 26.26
N GLN AE 207 0.12 -25.90 25.41
CA GLN AE 207 -0.68 -26.33 24.27
C GLN AE 207 0.16 -27.06 23.21
N ASN AE 208 1.34 -26.53 22.88
CA ASN AE 208 2.15 -27.25 21.90
C ASN AE 208 2.56 -28.60 22.46
N LEU AE 209 2.76 -28.69 23.78
CA LEU AE 209 2.98 -29.98 24.38
C LEU AE 209 1.76 -30.89 24.22
N VAL AE 210 0.57 -30.39 24.56
CA VAL AE 210 -0.56 -31.29 24.56
C VAL AE 210 -0.78 -31.86 23.17
N MET AE 211 -0.58 -31.04 22.13
CA MET AE 211 -0.91 -31.61 20.83
C MET AE 211 0.29 -32.27 20.16
N GLN AE 212 1.52 -32.13 20.69
CA GLN AE 212 2.51 -33.03 20.12
C GLN AE 212 2.36 -34.37 20.80
N ASN AE 213 1.74 -34.38 22.00
CA ASN AE 213 1.29 -35.65 22.58
C ASN AE 213 0.20 -36.28 21.74
N VAL AE 214 -0.75 -35.48 21.25
CA VAL AE 214 -1.78 -36.03 20.38
C VAL AE 214 -1.17 -36.66 19.14
N ILE AE 215 -0.26 -35.95 18.45
CA ILE AE 215 0.36 -36.58 17.28
C ILE AE 215 1.28 -37.71 17.72
N GLY AE 216 1.97 -37.52 18.84
CA GLY AE 216 3.02 -38.44 19.24
C GLY AE 216 4.23 -38.32 18.32
N THR AE 217 4.79 -39.47 17.96
CA THR AE 217 5.90 -39.47 17.02
C THR AE 217 5.41 -39.13 15.62
N LEU AE 218 5.98 -38.09 15.04
CA LEU AE 218 5.52 -37.61 13.74
C LEU AE 218 6.07 -38.50 12.62
N PRO AE 219 5.33 -38.68 11.53
CA PRO AE 219 5.70 -39.66 10.50
C PRO AE 219 6.56 -39.04 9.41
N PRO AE 220 7.49 -39.80 8.83
CA PRO AE 220 8.44 -39.22 7.87
C PRO AE 220 7.86 -39.06 6.47
N ALA AE 221 8.74 -38.67 5.54
CA ALA AE 221 8.34 -38.29 4.20
C ALA AE 221 8.11 -39.51 3.30
N GLN AE 222 9.18 -40.25 3.04
CA GLN AE 222 9.10 -41.42 2.16
C GLN AE 222 9.04 -42.66 3.02
N THR AE 223 8.08 -43.53 2.73
CA THR AE 223 7.86 -44.71 3.56
C THR AE 223 9.13 -45.55 3.63
N SER AE 224 9.58 -45.79 4.85
CA SER AE 224 10.80 -46.53 5.11
C SER AE 224 10.46 -47.85 5.77
N GLY AE 225 11.43 -48.77 5.73
CA GLY AE 225 11.22 -50.06 6.37
C GLY AE 225 10.97 -49.95 7.86
N SER AE 226 11.47 -48.89 8.49
CA SER AE 226 11.28 -48.68 9.92
C SER AE 226 10.02 -47.87 10.21
N THR AE 227 9.81 -46.76 9.49
CA THR AE 227 8.70 -45.88 9.77
C THR AE 227 7.91 -45.59 8.50
N PRO AE 228 6.59 -45.54 8.58
CA PRO AE 228 5.76 -45.31 7.39
C PRO AE 228 5.58 -43.83 7.09
N ALA AE 229 5.33 -43.56 5.81
CA ALA AE 229 4.93 -42.23 5.40
C ALA AE 229 3.50 -41.93 5.89
N PHE AE 230 3.21 -40.64 6.07
CA PHE AE 230 1.93 -40.29 6.67
C PHE AE 230 0.76 -40.60 5.74
N TYR AE 231 1.00 -40.72 4.44
CA TYR AE 231 -0.04 -41.07 3.49
C TYR AE 231 -0.18 -42.57 3.33
N SER AE 232 0.76 -43.35 3.87
CA SER AE 232 0.73 -44.79 3.70
C SER AE 232 -0.45 -45.39 4.47
N TYR AE 233 -0.97 -46.50 3.93
CA TYR AE 233 -2.09 -47.16 4.58
C TYR AE 233 -1.72 -47.69 5.95
N LYS AE 234 -0.51 -48.24 6.10
CA LYS AE 234 -0.13 -48.85 7.37
C LYS AE 234 0.04 -47.80 8.47
N TYR AE 235 0.39 -46.58 8.10
CA TYR AE 235 0.48 -45.52 9.11
C TYR AE 235 -0.89 -45.10 9.61
N ASN AE 236 -1.83 -44.86 8.69
CA ASN AE 236 -3.14 -44.33 9.04
C ASN AE 236 -4.12 -45.42 9.45
N GLN AE 237 -3.73 -46.69 9.35
CA GLN AE 237 -4.62 -47.77 9.77
C GLN AE 237 -5.11 -47.64 11.21
N PRO AE 238 -4.27 -47.33 12.21
CA PRO AE 238 -4.79 -47.14 13.57
C PRO AE 238 -5.28 -45.73 13.87
N LEU AE 239 -5.54 -44.90 12.86
CA LEU AE 239 -6.15 -43.60 13.07
C LEU AE 239 -7.50 -43.47 12.37
N ILE AE 240 -7.74 -44.30 11.35
CA ILE AE 240 -8.94 -44.15 10.53
C ILE AE 240 -10.19 -44.45 11.34
N SER AE 241 -10.15 -45.48 12.17
CA SER AE 241 -11.30 -45.80 13.01
C SER AE 241 -11.59 -44.67 13.98
N GLN AE 242 -10.54 -44.07 14.56
CA GLN AE 242 -10.73 -42.94 15.46
C GLN AE 242 -11.26 -41.72 14.72
N LEU AE 243 -10.97 -41.61 13.43
CA LEU AE 243 -11.48 -40.48 12.67
C LEU AE 243 -12.85 -40.74 12.06
N ASN AE 244 -13.39 -41.95 12.21
CA ASN AE 244 -14.68 -42.26 11.61
C ASN AE 244 -15.82 -41.89 12.55
N SER AE 245 -16.91 -41.40 11.96
CA SER AE 245 -18.08 -41.01 12.75
C SER AE 245 -18.87 -42.22 13.23
N ASN AE 246 -18.82 -43.33 12.50
CA ASN AE 246 -19.62 -44.48 12.87
C ASN AE 246 -19.21 -45.09 14.21
N SER AE 247 -18.04 -44.70 14.74
CA SER AE 247 -17.67 -45.10 16.09
C SER AE 247 -18.56 -44.50 17.16
N LEU AE 248 -19.31 -43.44 16.83
CA LEU AE 248 -20.20 -42.75 17.76
C LEU AE 248 -21.68 -42.93 17.44
N ILE AE 249 -22.02 -43.39 16.24
CA ILE AE 249 -23.42 -43.54 15.88
C ILE AE 249 -23.82 -45.01 15.67
N ALA AE 250 -22.90 -45.84 15.15
CA ALA AE 250 -23.28 -47.22 14.83
C ALA AE 250 -23.42 -48.10 16.08
N PRO AE 251 -22.38 -48.35 16.87
CA PRO AE 251 -22.47 -49.39 17.88
C PRO AE 251 -23.45 -49.06 18.98
N LEU AE 252 -23.93 -50.11 19.65
CA LEU AE 252 -25.00 -49.93 20.61
C LEU AE 252 -24.50 -49.87 22.05
N LEU AE 253 -23.57 -50.74 22.44
CA LEU AE 253 -22.86 -50.64 23.71
C LEU AE 253 -21.40 -50.93 23.41
N MET AE 254 -20.53 -49.98 23.75
CA MET AE 254 -19.13 -50.08 23.43
C MET AE 254 -18.40 -51.15 24.23
N ASP AE 255 -17.34 -51.66 23.63
CA ASP AE 255 -16.48 -52.67 24.22
C ASP AE 255 -15.36 -51.98 25.00
N THR AE 256 -15.36 -52.17 26.32
CA THR AE 256 -14.35 -51.58 27.19
C THR AE 256 -13.18 -52.52 27.44
N SER AE 257 -13.14 -53.68 26.80
CA SER AE 257 -11.99 -54.57 26.93
C SER AE 257 -10.87 -54.10 26.02
N ALA AE 258 -9.65 -54.05 26.55
CA ALA AE 258 -8.48 -53.63 25.79
C ALA AE 258 -8.04 -54.78 24.88
N SER AE 259 -8.74 -54.90 23.75
CA SER AE 259 -8.45 -55.93 22.76
C SER AE 259 -7.67 -55.38 21.57
N GLN AE 260 -7.23 -54.13 21.63
CA GLN AE 260 -6.53 -53.51 20.53
C GLN AE 260 -5.32 -52.73 21.06
N SER AE 261 -4.21 -52.83 20.35
CA SER AE 261 -3.00 -52.07 20.64
C SER AE 261 -2.62 -51.34 19.36
N GLY AE 262 -3.14 -50.12 19.20
CA GLY AE 262 -2.90 -49.34 18.00
C GLY AE 262 -1.49 -48.80 17.90
N GLN AE 263 -1.33 -47.67 17.20
CA GLN AE 263 -0.01 -47.09 17.04
C GLN AE 263 0.57 -46.67 18.38
N ASP AE 264 1.87 -46.87 18.53
CA ASP AE 264 2.57 -46.53 19.75
C ASP AE 264 3.00 -45.07 19.74
N SER AE 265 3.18 -44.51 20.94
CA SER AE 265 3.63 -43.14 21.13
C SER AE 265 2.70 -42.14 20.42
N GLY AE 266 1.48 -42.10 20.93
CA GLY AE 266 0.49 -41.17 20.42
C GLY AE 266 -0.85 -41.42 21.06
N LEU AE 267 -1.77 -40.49 20.79
CA LEU AE 267 -3.15 -40.64 21.25
C LEU AE 267 -3.80 -41.80 20.51
N THR AE 268 -4.00 -42.91 21.20
CA THR AE 268 -4.45 -44.14 20.58
C THR AE 268 -5.59 -44.73 21.39
N ALA AE 269 -6.39 -45.57 20.74
CA ALA AE 269 -7.54 -46.23 21.35
C ALA AE 269 -7.24 -47.71 21.53
N LYS AE 270 -7.44 -48.20 22.75
CA LYS AE 270 -7.26 -49.61 23.07
C LYS AE 270 -8.53 -50.43 22.89
N SER AE 271 -9.65 -49.77 22.61
CA SER AE 271 -10.95 -50.45 22.60
C SER AE 271 -11.93 -49.59 21.82
N GLN AE 272 -13.08 -50.20 21.51
CA GLN AE 272 -14.12 -49.49 20.76
C GLN AE 272 -14.57 -48.23 21.49
N ALA AE 273 -14.74 -48.32 22.81
CA ALA AE 273 -15.10 -47.16 23.60
C ALA AE 273 -14.03 -46.07 23.49
N GLN AE 274 -12.76 -46.46 23.52
CA GLN AE 274 -11.70 -45.48 23.37
C GLN AE 274 -11.67 -44.88 21.97
N GLN AE 275 -12.05 -45.65 20.95
CA GLN AE 275 -12.18 -45.07 19.62
C GLN AE 275 -13.28 -44.01 19.60
N ALA AE 276 -14.41 -44.30 20.26
CA ALA AE 276 -15.47 -43.31 20.37
C ALA AE 276 -14.98 -42.06 21.09
N LEU AE 277 -14.27 -42.24 22.20
CA LEU AE 277 -13.75 -41.12 22.98
C LEU AE 277 -12.75 -40.31 22.17
N ASN AE 278 -11.86 -40.98 21.43
CA ASN AE 278 -10.93 -40.28 20.57
C ASN AE 278 -11.67 -39.44 19.54
N PHE AE 279 -12.69 -40.01 18.89
CA PHE AE 279 -13.41 -39.24 17.88
C PHE AE 279 -14.13 -38.04 18.48
N ILE AE 280 -14.76 -38.20 19.65
CA ILE AE 280 -15.50 -37.06 20.18
C ILE AE 280 -14.54 -35.95 20.59
N ARG AE 281 -13.36 -36.32 21.12
CA ARG AE 281 -12.33 -35.30 21.27
C ARG AE 281 -11.99 -34.67 19.93
N TYR AE 282 -11.99 -35.48 18.87
CA TYR AE 282 -11.44 -35.05 17.60
C TYR AE 282 -12.35 -34.03 16.93
N ALA AE 283 -13.65 -34.33 16.89
CA ALA AE 283 -14.62 -33.41 16.28
C ALA AE 283 -14.79 -32.16 17.13
N SER AE 284 -14.64 -32.29 18.45
CA SER AE 284 -14.66 -31.13 19.32
C SER AE 284 -13.46 -30.23 19.14
N ALA AE 285 -12.46 -30.66 18.36
CA ALA AE 285 -11.24 -29.89 18.12
C ALA AE 285 -10.50 -29.61 19.43
N GLN AE 286 -10.69 -30.51 20.38
CA GLN AE 286 -10.01 -30.42 21.67
C GLN AE 286 -8.51 -30.63 21.55
N VAL AE 287 -8.04 -31.26 20.47
CA VAL AE 287 -6.62 -31.43 20.24
C VAL AE 287 -5.90 -30.12 19.97
N THR AE 288 -6.63 -29.06 19.65
CA THR AE 288 -6.05 -27.75 19.37
C THR AE 288 -6.69 -26.75 20.33
N PRO AE 289 -6.12 -26.59 21.52
CA PRO AE 289 -6.66 -25.63 22.48
C PRO AE 289 -6.37 -24.20 22.04
N PRO AE 290 -7.18 -23.24 22.50
CA PRO AE 290 -6.94 -21.84 22.14
C PRO AE 290 -5.65 -21.32 22.76
N SER AE 291 -5.15 -20.24 22.17
CA SER AE 291 -3.86 -19.67 22.56
C SER AE 291 -4.04 -18.76 23.77
N LEU AE 292 -3.45 -19.16 24.90
CA LEU AE 292 -3.42 -18.34 26.10
C LEU AE 292 -2.35 -17.26 25.93
N PRO AE 293 -2.45 -16.14 26.64
CA PRO AE 293 -1.52 -15.02 26.40
C PRO AE 293 -0.07 -15.35 26.73
N LYS AE 294 0.78 -14.32 26.59
CA LYS AE 294 2.22 -14.43 26.80
C LYS AE 294 2.52 -14.32 28.30
N LEU AE 295 3.74 -14.71 28.69
CA LEU AE 295 4.24 -14.22 29.98
C LEU AE 295 4.46 -12.73 29.96
N SER AE 296 5.37 -12.25 29.10
CA SER AE 296 5.83 -10.87 29.20
C SER AE 296 4.71 -9.88 28.96
N ALA AE 297 3.97 -10.05 27.86
CA ALA AE 297 2.95 -9.07 27.49
C ALA AE 297 1.85 -9.01 28.54
N TYR AE 298 1.16 -10.13 28.76
CA TYR AE 298 0.11 -10.16 29.76
C TYR AE 298 0.67 -9.73 31.10
N SER AE 299 1.94 -10.03 31.37
CA SER AE 299 2.52 -9.76 32.67
C SER AE 299 2.65 -8.26 32.94
N GLU AE 300 3.18 -7.51 31.97
CA GLU AE 300 3.23 -6.06 32.17
C GLU AE 300 1.82 -5.51 32.26
N LEU AE 301 0.91 -6.02 31.42
CA LEU AE 301 -0.46 -5.53 31.51
C LEU AE 301 -1.08 -5.86 32.86
N TRP AE 302 -0.73 -7.00 33.45
CA TRP AE 302 -1.18 -7.34 34.79
C TRP AE 302 -0.69 -6.36 35.83
N ASN AE 303 0.63 -6.27 36.00
CA ASN AE 303 1.16 -5.40 37.05
C ASN AE 303 0.72 -3.97 36.82
N GLN AE 304 0.40 -3.63 35.57
CA GLN AE 304 -0.17 -2.34 35.26
C GLN AE 304 -1.62 -2.23 35.75
N ALA AE 305 -2.44 -3.23 35.46
CA ALA AE 305 -3.85 -3.18 35.77
C ALA AE 305 -4.16 -3.26 37.26
N THR AE 306 -3.49 -4.16 37.98
CA THR AE 306 -3.80 -4.36 39.39
C THR AE 306 -3.01 -3.45 40.33
N ALA AE 307 -2.17 -2.58 39.78
CA ALA AE 307 -1.46 -1.61 40.61
C ALA AE 307 -2.43 -0.55 41.12
N LYS AE 308 -2.27 -0.17 42.39
CA LYS AE 308 -3.11 0.88 42.94
C LYS AE 308 -2.74 2.22 42.31
N PRO AE 309 -3.69 2.92 41.70
CA PRO AE 309 -3.34 4.13 40.95
C PRO AE 309 -2.96 5.29 41.87
N ASN AE 310 -2.37 6.31 41.26
CA ASN AE 310 -1.99 7.55 41.92
C ASN AE 310 -0.98 7.33 43.04
N SER AE 311 -0.24 6.24 43.00
CA SER AE 311 0.78 5.97 44.01
C SER AE 311 1.80 5.01 43.41
N ALA AE 312 3.00 5.03 43.98
CA ALA AE 312 4.08 4.12 43.62
C ALA AE 312 4.38 4.13 42.13
N GLY AE 313 4.27 5.28 41.48
CA GLY AE 313 4.61 5.41 40.08
C GLY AE 313 3.59 4.84 39.11
N TYR AE 314 2.33 4.77 39.49
CA TYR AE 314 1.28 4.38 38.56
C TYR AE 314 0.18 5.43 38.55
N ASN AE 315 -0.52 5.46 37.42
CA ASN AE 315 -1.62 6.36 37.09
C ASN AE 315 -2.89 5.53 36.88
N GLU AE 316 -3.97 6.19 36.44
CA GLU AE 316 -5.25 5.49 36.31
C GLU AE 316 -5.88 5.57 34.92
N VAL AE 317 -5.25 6.24 33.95
CA VAL AE 317 -5.72 6.08 32.57
C VAL AE 317 -5.25 4.75 32.01
N GLN AE 318 -3.94 4.54 31.97
CA GLN AE 318 -3.39 3.31 31.44
C GLN AE 318 -3.72 2.13 32.33
N GLN AE 319 -3.92 2.37 33.63
CA GLN AE 319 -4.32 1.29 34.54
C GLN AE 319 -5.66 0.71 34.15
N LYS AE 320 -6.67 1.57 34.01
CA LYS AE 320 -8.00 1.08 33.65
C LYS AE 320 -8.00 0.57 32.20
N GLN AE 321 -7.13 1.12 31.35
CA GLN AE 321 -7.06 0.64 29.98
C GLN AE 321 -6.55 -0.81 29.93
N ALA AE 322 -5.45 -1.08 30.62
CA ALA AE 322 -4.91 -2.44 30.65
C ALA AE 322 -5.87 -3.39 31.37
N ALA AE 323 -6.53 -2.91 32.43
CA ALA AE 323 -7.57 -3.72 33.06
C ALA AE 323 -8.65 -4.08 32.05
N ALA AE 324 -9.08 -3.11 31.25
CA ALA AE 324 -10.02 -3.37 30.18
C ALA AE 324 -9.53 -4.48 29.27
N THR AE 325 -8.27 -4.38 28.83
CA THR AE 325 -7.76 -5.35 27.86
C THR AE 325 -7.76 -6.76 28.43
N LEU AE 326 -7.18 -6.94 29.61
CA LEU AE 326 -7.10 -8.29 30.18
C LEU AE 326 -8.47 -8.83 30.53
N SER AE 327 -9.33 -8.00 31.11
CA SER AE 327 -10.67 -8.45 31.45
C SER AE 327 -11.46 -8.85 30.21
N SER AE 328 -11.39 -8.03 29.15
CA SER AE 328 -12.11 -8.38 27.94
C SER AE 328 -11.59 -9.68 27.34
N TYR AE 329 -10.26 -9.86 27.35
CA TYR AE 329 -9.73 -11.12 26.83
C TYR AE 329 -10.22 -12.31 27.61
N PHE AE 330 -10.21 -12.20 28.95
CA PHE AE 330 -10.72 -13.29 29.77
C PHE AE 330 -12.19 -13.56 29.46
N ASN AE 331 -12.95 -12.49 29.26
CA ASN AE 331 -14.37 -12.64 28.94
C ASN AE 331 -14.55 -13.37 27.62
N ASN AE 332 -13.74 -13.02 26.60
CA ASN AE 332 -13.87 -13.71 25.32
C ASN AE 332 -13.45 -15.17 25.42
N LEU AE 333 -12.38 -15.46 26.16
CA LEU AE 333 -11.98 -16.85 26.33
C LEU AE 333 -13.09 -17.64 27.03
N ARG AE 334 -13.69 -17.05 28.05
CA ARG AE 334 -14.74 -17.75 28.78
C ARG AE 334 -16.01 -17.92 27.94
N VAL AE 335 -16.38 -16.92 27.14
CA VAL AE 335 -17.56 -17.11 26.29
C VAL AE 335 -17.27 -18.16 25.25
N TYR AE 336 -16.02 -18.22 24.76
CA TYR AE 336 -15.65 -19.29 23.85
C TYR AE 336 -15.87 -20.65 24.52
N ALA AE 337 -15.38 -20.81 25.75
CA ALA AE 337 -15.58 -22.06 26.46
C ALA AE 337 -17.05 -22.35 26.67
N ALA AE 338 -17.84 -21.31 26.96
CA ALA AE 338 -19.28 -21.49 27.10
C ALA AE 338 -19.90 -22.05 25.83
N GLN AE 339 -19.53 -21.50 24.68
CA GLN AE 339 -20.12 -21.96 23.44
C GLN AE 339 -19.64 -23.36 23.09
N THR AE 340 -18.35 -23.65 23.31
CA THR AE 340 -17.85 -25.00 23.05
C THR AE 340 -18.54 -26.04 23.91
N SER AE 341 -18.66 -25.77 25.21
CA SER AE 341 -19.20 -26.76 26.13
C SER AE 341 -20.57 -27.24 25.70
N VAL AE 342 -21.34 -26.39 25.03
CA VAL AE 342 -22.64 -26.82 24.51
C VAL AE 342 -22.48 -28.00 23.57
N GLY AE 343 -21.75 -27.81 22.47
CA GLY AE 343 -21.57 -28.88 21.51
C GLY AE 343 -20.88 -30.08 22.10
N VAL AE 344 -19.85 -29.85 22.93
CA VAL AE 344 -19.12 -30.95 23.54
C VAL AE 344 -20.04 -31.75 24.46
N SER AE 345 -20.93 -31.07 25.18
CA SER AE 345 -21.90 -31.76 26.02
C SER AE 345 -22.90 -32.55 25.20
N ASN AE 346 -23.30 -32.04 24.03
CA ASN AE 346 -24.15 -32.84 23.16
C ASN AE 346 -23.43 -34.10 22.69
N LEU AE 347 -22.17 -33.97 22.26
CA LEU AE 347 -21.43 -35.15 21.84
C LEU AE 347 -21.25 -36.13 22.99
N TYR AE 348 -21.04 -35.62 24.20
CA TYR AE 348 -20.89 -36.52 25.33
C TYR AE 348 -22.21 -37.15 25.72
N TYR AE 349 -23.34 -36.49 25.45
CA TYR AE 349 -24.62 -37.17 25.55
C TYR AE 349 -24.70 -38.33 24.58
N ILE AE 350 -24.35 -38.09 23.31
CA ILE AE 350 -24.40 -39.19 22.34
C ILE AE 350 -23.49 -40.32 22.77
N LEU AE 351 -22.33 -39.97 23.34
CA LEU AE 351 -21.42 -40.99 23.83
C LEU AE 351 -22.06 -41.76 24.97
N SER AE 352 -22.66 -41.02 25.92
CA SER AE 352 -23.10 -41.62 27.17
C SER AE 352 -24.38 -42.44 27.03
N LYS AE 353 -25.22 -42.18 26.03
CA LYS AE 353 -26.37 -43.07 25.86
C LYS AE 353 -25.91 -44.49 25.62
N ARG AE 354 -24.71 -44.67 25.08
CA ARG AE 354 -24.28 -45.96 24.58
C ARG AE 354 -23.11 -46.53 25.38
N LEU AE 355 -23.04 -46.23 26.73
CA LEU AE 355 -22.05 -46.82 27.64
C LEU AE 355 -22.66 -47.87 28.55
N PRO AE 356 -21.86 -48.88 28.88
CA PRO AE 356 -22.31 -49.91 29.83
C PRO AE 356 -22.56 -49.32 31.21
N GLN AE 357 -23.62 -49.82 31.84
CA GLN AE 357 -23.94 -49.50 33.23
C GLN AE 357 -24.39 -50.77 33.93
N ASN AE 358 -24.09 -50.88 35.21
CA ASN AE 358 -24.59 -51.99 36.00
C ASN AE 358 -25.88 -51.61 36.72
N MET AE 359 -26.84 -52.52 36.71
CA MET AE 359 -28.16 -52.26 37.29
C MET AE 359 -28.36 -52.98 38.61
N SER AE 360 -27.83 -54.19 38.76
CA SER AE 360 -28.03 -54.96 39.98
C SER AE 360 -27.38 -54.27 41.17
N ALA AE 361 -28.08 -54.30 42.31
CA ALA AE 361 -27.55 -53.67 43.51
C ALA AE 361 -26.26 -54.34 43.96
N ASP AE 362 -26.19 -55.66 43.87
CA ASP AE 362 -24.95 -56.37 44.16
C ASP AE 362 -23.94 -56.14 43.02
N GLN AE 363 -22.68 -56.45 43.32
CA GLN AE 363 -21.61 -56.30 42.33
C GLN AE 363 -21.01 -57.63 41.91
N SER AE 364 -21.60 -58.76 42.31
CA SER AE 364 -21.15 -60.06 41.88
C SER AE 364 -21.90 -60.59 40.66
N ASN AE 365 -23.21 -60.37 40.61
CA ASN AE 365 -24.03 -60.76 39.46
C ASN AE 365 -24.32 -59.48 38.67
N ALA AE 366 -23.41 -59.13 37.78
CA ALA AE 366 -23.50 -57.90 37.02
C ALA AE 366 -24.38 -58.08 35.80
N ASN AE 367 -25.24 -57.10 35.55
CA ASN AE 367 -26.13 -57.07 34.38
C ASN AE 367 -25.85 -55.76 33.64
N ILE AE 368 -24.86 -55.79 32.77
CA ILE AE 368 -24.43 -54.60 32.04
C ILE AE 368 -25.44 -54.30 30.93
N THR AE 369 -25.92 -53.06 30.89
CA THR AE 369 -26.76 -52.60 29.79
C THR AE 369 -26.62 -51.08 29.69
N SER AE 370 -27.03 -50.54 28.55
CA SER AE 370 -26.79 -49.15 28.20
C SER AE 370 -28.11 -48.47 27.86
N GLN AE 371 -28.09 -47.13 27.86
CA GLN AE 371 -29.29 -46.38 27.49
C GLN AE 371 -29.73 -46.71 26.06
N ALA AE 372 -28.81 -46.60 25.12
CA ALA AE 372 -29.14 -46.93 23.74
C ALA AE 372 -29.46 -48.40 23.59
N LEU AE 373 -28.67 -49.27 24.22
CA LEU AE 373 -28.91 -50.70 24.11
C LEU AE 373 -30.27 -51.06 24.70
N ASN AE 374 -30.59 -50.47 25.84
CA ASN AE 374 -31.83 -50.80 26.51
C ASN AE 374 -33.04 -50.16 25.84
N GLU AE 375 -32.88 -48.96 25.29
CA GLU AE 375 -33.93 -48.39 24.45
C GLU AE 375 -34.19 -49.25 23.22
N PHE AE 376 -33.11 -49.70 22.58
CA PHE AE 376 -33.18 -50.68 21.52
C PHE AE 376 -34.04 -51.87 21.92
N ASN AE 377 -33.65 -52.58 22.97
CA ASN AE 377 -34.38 -53.82 23.25
C ASN AE 377 -35.59 -53.57 24.13
N MET AE 378 -36.04 -52.31 24.31
CA MET AE 378 -37.49 -52.05 24.36
C MET AE 378 -38.14 -52.06 23.01
N ALA AE 379 -37.68 -51.21 22.10
CA ALA AE 379 -38.37 -51.14 20.82
C ALA AE 379 -38.51 -52.52 20.22
N THR AE 380 -37.40 -53.20 19.96
CA THR AE 380 -37.41 -54.43 19.20
C THR AE 380 -37.16 -55.68 20.07
N ARG AE 381 -37.56 -55.65 21.35
CA ARG AE 381 -37.69 -56.96 22.01
C ARG AE 381 -38.80 -57.76 21.36
N ARG AE 382 -39.98 -57.16 21.26
CA ARG AE 382 -41.18 -57.83 20.80
C ARG AE 382 -41.19 -58.07 19.29
N LEU AE 383 -40.31 -57.40 18.53
CA LEU AE 383 -40.36 -57.47 17.07
C LEU AE 383 -39.79 -58.80 16.60
N PHE AE 384 -38.50 -58.99 16.81
CA PHE AE 384 -37.86 -60.28 16.71
C PHE AE 384 -37.03 -60.45 17.97
N ASP AE 385 -37.12 -61.62 18.56
CA ASP AE 385 -36.40 -61.79 19.81
C ASP AE 385 -35.52 -63.01 19.60
N PRO AE 386 -34.20 -62.83 19.56
CA PRO AE 386 -33.31 -63.98 19.35
C PRO AE 386 -33.48 -65.07 20.38
N THR AE 387 -33.78 -64.69 21.63
CA THR AE 387 -34.09 -65.68 22.66
C THR AE 387 -35.40 -66.41 22.38
N ALA AE 388 -36.36 -65.75 21.74
CA ALA AE 388 -37.65 -66.36 21.48
C ALA AE 388 -37.49 -67.57 20.57
N SER AE 389 -38.17 -68.66 20.94
CA SER AE 389 -38.14 -69.86 20.13
C SER AE 389 -38.91 -69.64 18.84
N ASN AE 390 -38.30 -70.04 17.72
CA ASN AE 390 -38.94 -69.94 16.41
C ASN AE 390 -39.66 -71.22 16.03
N THR AE 391 -39.73 -72.17 16.96
CA THR AE 391 -40.40 -73.45 16.74
C THR AE 391 -41.71 -73.48 17.51
N PRO AE 392 -42.84 -73.72 16.84
CA PRO AE 392 -44.12 -73.79 17.54
C PRO AE 392 -44.13 -74.93 18.55
N GLY AE 393 -44.88 -74.72 19.63
CA GLY AE 393 -44.93 -75.70 20.71
C GLY AE 393 -43.97 -75.35 21.82
N GLN AE 394 -42.80 -74.83 21.46
CA GLN AE 394 -41.85 -74.38 22.45
C GLN AE 394 -42.37 -73.14 23.16
N PRO AE 395 -42.03 -72.96 24.44
CA PRO AE 395 -42.43 -71.75 25.14
C PRO AE 395 -41.67 -70.53 24.64
N ASN AE 396 -42.06 -69.37 25.16
CA ASN AE 396 -41.39 -68.09 24.91
C ASN AE 396 -41.19 -67.85 23.41
N GLN AE 397 -42.27 -68.02 22.66
CA GLN AE 397 -42.25 -67.80 21.22
C GLN AE 397 -42.15 -66.30 20.93
N GLN AE 398 -42.22 -65.94 19.66
CA GLN AE 398 -42.22 -64.53 19.29
C GLN AE 398 -43.48 -63.85 19.84
N TRP AE 399 -43.49 -62.52 19.81
CA TRP AE 399 -44.63 -61.78 20.33
C TRP AE 399 -45.90 -62.26 19.67
N ILE AE 400 -45.91 -62.19 18.34
CA ILE AE 400 -47.17 -62.09 17.59
C ILE AE 400 -47.86 -63.45 17.54
N LYS AE 401 -47.10 -64.52 17.63
CA LYS AE 401 -47.71 -65.83 17.79
C LYS AE 401 -48.45 -65.89 19.12
N GLN AE 402 -47.85 -65.31 20.16
CA GLN AE 402 -48.49 -65.25 21.46
C GLN AE 402 -49.78 -64.44 21.40
N ILE AE 403 -49.78 -63.29 20.69
CA ILE AE 403 -51.05 -62.58 20.53
C ILE AE 403 -52.04 -63.44 19.78
N ASN AE 404 -51.59 -64.10 18.71
CA ASN AE 404 -52.43 -64.98 17.94
C ASN AE 404 -53.09 -66.04 18.81
N ASP AE 405 -52.42 -66.44 19.89
CA ASP AE 405 -52.97 -67.40 20.83
C ASP AE 405 -53.34 -66.77 22.17
N ALA AE 406 -53.65 -65.49 22.21
CA ALA AE 406 -53.92 -64.81 23.47
C ALA AE 406 -55.40 -64.47 23.63
N SER AE 407 -55.76 -64.11 24.86
CA SER AE 407 -57.11 -63.73 25.21
C SER AE 407 -57.30 -62.22 25.09
N PRO AE 408 -58.55 -61.76 24.92
CA PRO AE 408 -58.78 -60.32 24.78
C PRO AE 408 -58.30 -59.50 25.97
N ALA AE 409 -58.42 -60.03 27.19
CA ALA AE 409 -57.95 -59.29 28.35
C ALA AE 409 -56.42 -59.16 28.33
N THR AE 410 -55.72 -60.25 28.00
CA THR AE 410 -54.27 -60.20 27.93
C THR AE 410 -53.81 -59.22 26.86
N VAL AE 411 -54.41 -59.28 25.67
CA VAL AE 411 -54.01 -58.36 24.62
C VAL AE 411 -54.38 -56.94 24.99
N GLN AE 412 -55.45 -56.74 25.76
CA GLN AE 412 -55.80 -55.39 26.18
C GLN AE 412 -54.74 -54.82 27.13
N LYS AE 413 -54.31 -55.63 28.10
CA LYS AE 413 -53.22 -55.20 28.97
C LYS AE 413 -51.97 -54.94 28.16
N GLU AE 414 -51.79 -55.71 27.08
CA GLU AE 414 -50.63 -55.57 26.21
C GLU AE 414 -50.65 -54.23 25.47
N ILE AE 415 -51.80 -53.89 24.87
CA ILE AE 415 -51.98 -52.53 24.33
C ILE AE 415 -51.64 -51.50 25.40
N ALA AE 416 -52.09 -51.74 26.63
CA ALA AE 416 -51.89 -50.75 27.68
C ALA AE 416 -50.40 -50.47 27.90
N ILE AE 417 -49.61 -51.51 28.12
CA ILE AE 417 -48.17 -51.29 28.36
C ILE AE 417 -47.47 -50.78 27.09
N LEU AE 418 -47.97 -51.18 25.91
CA LEU AE 418 -47.36 -50.78 24.65
C LEU AE 418 -47.45 -49.29 24.43
N LEU AE 419 -48.67 -48.77 24.36
CA LEU AE 419 -48.79 -47.32 24.26
C LEU AE 419 -48.31 -46.59 25.52
N ALA AE 420 -48.05 -47.33 26.62
CA ALA AE 420 -47.26 -46.73 27.70
C ALA AE 420 -45.80 -46.47 27.30
N GLU AE 421 -45.07 -47.46 26.79
CA GLU AE 421 -43.74 -47.05 26.36
C GLU AE 421 -43.81 -46.06 25.24
N ILE AE 422 -44.90 -46.02 24.45
CA ILE AE 422 -44.95 -44.97 23.45
C ILE AE 422 -44.94 -43.61 24.14
N ASN AE 423 -45.71 -43.44 25.21
CA ASN AE 423 -45.61 -42.18 25.93
C ASN AE 423 -44.19 -41.91 26.41
N TYR AE 424 -43.60 -42.86 27.14
CA TYR AE 424 -42.23 -42.67 27.65
C TYR AE 424 -41.26 -42.37 26.52
N GLN AE 425 -41.57 -42.88 25.36
CA GLN AE 425 -40.58 -43.08 24.34
C GLN AE 425 -40.52 -41.86 23.43
N MET AE 426 -41.68 -41.31 23.08
CA MET AE 426 -41.62 -40.00 22.45
C MET AE 426 -41.46 -38.90 23.48
N TYR AE 427 -41.45 -39.25 24.77
CA TYR AE 427 -40.83 -38.37 25.76
C TYR AE 427 -39.30 -38.32 25.60
N LEU AE 428 -38.68 -39.46 25.28
CA LEU AE 428 -37.26 -39.40 24.96
C LEU AE 428 -37.01 -38.52 23.72
N ASP AE 429 -37.84 -38.66 22.69
CA ASP AE 429 -37.80 -37.65 21.63
C ASP AE 429 -37.97 -36.22 22.14
N ARG AE 430 -38.86 -36.00 23.12
CA ARG AE 430 -38.86 -34.70 23.81
C ARG AE 430 -37.45 -34.21 24.15
N GLN AE 431 -36.76 -34.94 25.02
CA GLN AE 431 -35.45 -34.46 25.47
C GLN AE 431 -34.50 -34.20 24.32
N ILE AE 432 -34.53 -35.03 23.28
CA ILE AE 432 -33.58 -34.77 22.21
C ILE AE 432 -33.98 -33.53 21.40
N GLN AE 433 -35.29 -33.28 21.24
CA GLN AE 433 -35.71 -32.01 20.63
C GLN AE 433 -35.26 -30.81 21.46
N GLU AE 434 -35.35 -30.92 22.79
CA GLU AE 434 -34.90 -29.83 23.64
C GLU AE 434 -33.42 -29.56 23.41
N ARG AE 435 -32.65 -30.63 23.24
CA ARG AE 435 -31.25 -30.46 22.91
C ARG AE 435 -31.07 -29.76 21.58
N ILE AE 436 -31.89 -30.07 20.58
CA ILE AE 436 -31.82 -29.34 19.31
C ILE AE 436 -32.05 -27.85 19.53
N LEU AE 437 -33.10 -27.50 20.30
CA LEU AE 437 -33.27 -26.10 20.70
C LEU AE 437 -31.96 -25.51 21.18
N LEU AE 438 -31.33 -26.20 22.12
CA LEU AE 438 -30.14 -25.64 22.74
C LEU AE 438 -29.07 -25.37 21.68
N THR AE 439 -28.84 -26.35 20.80
CA THR AE 439 -27.78 -26.18 19.80
C THR AE 439 -28.06 -25.02 18.85
N ASN AE 440 -29.27 -24.94 18.28
CA ASN AE 440 -29.49 -23.88 17.31
C ASN AE 440 -29.52 -22.52 17.99
N SER AE 441 -30.01 -22.45 19.22
CA SER AE 441 -29.98 -21.17 19.91
C SER AE 441 -28.54 -20.70 20.11
N ILE AE 442 -27.66 -21.59 20.59
CA ILE AE 442 -26.27 -21.18 20.77
C ILE AE 442 -25.62 -20.80 19.46
N MET AE 443 -25.94 -21.49 18.37
CA MET AE 443 -25.39 -21.05 17.09
C MET AE 443 -25.84 -19.63 16.78
N LEU AE 444 -27.10 -19.32 17.10
CA LEU AE 444 -27.61 -17.97 16.86
C LEU AE 444 -26.88 -16.94 17.71
N LEU AE 445 -26.65 -17.24 18.99
CA LEU AE 445 -25.87 -16.29 19.79
C LEU AE 445 -24.46 -16.15 19.26
N GLN AE 446 -23.88 -17.22 18.72
CA GLN AE 446 -22.53 -17.11 18.18
C GLN AE 446 -22.49 -16.16 16.99
N ASN AE 447 -23.45 -16.30 16.06
CA ASN AE 447 -23.40 -15.42 14.90
C ASN AE 447 -23.71 -13.98 15.29
N LEU AE 448 -24.64 -13.77 16.23
CA LEU AE 448 -24.91 -12.39 16.62
C LEU AE 448 -23.72 -11.78 17.35
N LYS AE 449 -22.96 -12.59 18.10
CA LYS AE 449 -21.70 -12.11 18.65
C LYS AE 449 -20.79 -11.68 17.52
N ALA AE 450 -20.68 -12.50 16.47
CA ALA AE 450 -19.95 -12.10 15.27
C ALA AE 450 -20.63 -10.95 14.53
N ALA AE 451 -21.77 -10.48 15.02
CA ALA AE 451 -22.57 -9.44 14.37
C ALA AE 451 -22.77 -8.26 15.30
N GLN AE 452 -21.70 -7.79 15.93
CA GLN AE 452 -21.80 -6.68 16.85
C GLN AE 452 -22.18 -5.39 16.13
N PRO AE 453 -23.06 -4.57 16.71
CA PRO AE 453 -23.34 -3.25 16.16
C PRO AE 453 -22.20 -2.28 16.47
N THR AE 454 -21.59 -1.73 15.44
CA THR AE 454 -20.47 -0.83 15.62
C THR AE 454 -20.95 0.60 15.85
N ALA AE 455 -20.25 1.30 16.75
CA ALA AE 455 -20.55 2.69 17.06
C ALA AE 455 -19.68 3.66 16.26
N ASP AE 456 -19.04 3.20 15.19
CA ASP AE 456 -18.23 4.09 14.37
C ASP AE 456 -19.14 5.00 13.56
N PHE AE 457 -18.88 6.30 13.61
CA PHE AE 457 -19.61 7.28 12.80
C PHE AE 457 -18.75 7.95 11.73
N SER AE 458 -17.44 7.95 11.89
CA SER AE 458 -16.56 8.55 10.89
C SER AE 458 -16.53 7.71 9.62
N LEU BE 24 67.82 47.45 -68.14
CA LEU BE 24 66.69 48.22 -68.66
C LEU BE 24 66.64 49.60 -68.04
N SER BE 25 66.08 50.56 -68.76
CA SER BE 25 65.82 51.87 -68.19
C SER BE 25 64.82 51.74 -67.04
N PHE BE 26 64.93 52.65 -66.07
CA PHE BE 26 64.09 52.57 -64.88
C PHE BE 26 62.66 52.88 -65.27
N ALA BE 27 61.87 51.83 -65.45
CA ALA BE 27 60.47 51.95 -65.86
C ALA BE 27 59.72 50.76 -65.28
N PRO BE 28 59.01 50.95 -64.17
CA PRO BE 28 58.30 49.83 -63.57
C PRO BE 28 57.21 49.34 -64.51
N PRO BE 29 56.84 48.06 -64.40
CA PRO BE 29 55.84 47.49 -65.32
C PRO BE 29 54.50 48.23 -65.23
N ALA BE 30 53.64 47.94 -66.20
CA ALA BE 30 52.32 48.55 -66.22
C ALA BE 30 51.38 47.91 -65.21
N SER BE 31 51.54 46.61 -64.95
CA SER BE 31 50.60 45.87 -64.11
C SER BE 31 50.92 45.94 -62.63
N ASP BE 32 52.00 46.60 -62.24
CA ASP BE 32 52.31 46.72 -60.82
C ASP BE 32 51.28 47.58 -60.12
N LEU BE 33 50.83 47.13 -58.94
CA LEU BE 33 49.88 47.91 -58.17
C LEU BE 33 50.54 48.97 -57.31
N SER BE 34 51.88 48.96 -57.22
CA SER BE 34 52.56 49.99 -56.45
C SER BE 34 52.20 51.38 -56.95
N VAL BE 35 52.39 51.60 -58.26
CA VAL BE 35 52.05 52.90 -58.83
C VAL BE 35 50.54 53.10 -58.85
N VAL BE 36 49.76 52.02 -58.95
CA VAL BE 36 48.31 52.16 -59.00
C VAL BE 36 47.79 52.76 -57.69
N PHE BE 37 48.16 52.16 -56.56
CA PHE BE 37 47.73 52.73 -55.28
C PHE BE 37 48.47 54.03 -54.97
N LEU BE 38 49.70 54.18 -55.47
CA LEU BE 38 50.40 55.44 -55.31
C LEU BE 38 49.60 56.59 -55.89
N GLY BE 39 49.16 56.45 -57.14
CA GLY BE 39 48.36 57.47 -57.78
C GLY BE 39 46.94 57.53 -57.26
N ASN BE 40 46.40 56.41 -56.80
CA ASN BE 40 45.08 56.43 -56.20
C ASN BE 40 45.09 57.19 -54.88
N LEU BE 41 46.25 57.23 -54.22
CA LEU BE 41 46.40 58.05 -53.02
C LEU BE 41 46.61 59.52 -53.38
N PHE BE 42 47.53 59.80 -54.30
CA PHE BE 42 47.78 61.19 -54.69
C PHE BE 42 47.09 61.61 -55.98
N GLY BE 43 45.87 61.13 -56.24
CA GLY BE 43 45.08 61.64 -57.34
C GLY BE 43 45.76 61.54 -58.69
N VAL BE 44 46.18 62.67 -59.23
CA VAL BE 44 46.94 62.73 -60.47
C VAL BE 44 48.19 63.58 -60.24
N VAL BE 45 49.30 63.16 -60.82
CA VAL BE 45 50.56 63.90 -60.79
C VAL BE 45 51.05 64.04 -62.22
N ASP BE 46 51.35 65.28 -62.61
CA ASP BE 46 51.55 65.61 -64.02
C ASP BE 46 52.83 64.97 -64.56
N GLY BE 47 52.69 64.20 -65.65
CA GLY BE 47 53.83 63.69 -66.37
C GLY BE 47 54.46 62.44 -65.80
N VAL BE 48 54.08 62.03 -64.59
CA VAL BE 48 54.68 60.86 -63.95
C VAL BE 48 53.57 59.84 -63.66
N LEU BE 49 52.35 60.32 -63.49
CA LEU BE 49 51.24 59.48 -63.08
C LEU BE 49 50.05 59.71 -64.00
N HIS BE 50 49.42 58.61 -64.40
CA HIS BE 50 48.20 58.64 -65.20
C HIS BE 50 47.07 58.02 -64.41
N GLY BE 51 45.96 58.74 -64.29
CA GLY BE 51 44.81 58.26 -63.55
C GLY BE 51 44.42 59.19 -62.41
N THR BE 52 43.19 59.06 -61.93
CA THR BE 52 42.68 59.91 -60.86
C THR BE 52 41.99 59.06 -59.80
N GLY BE 53 41.99 59.57 -58.57
CA GLY BE 53 41.34 58.91 -57.46
C GLY BE 53 40.62 59.88 -56.55
N SER BE 54 40.90 59.81 -55.25
CA SER BE 54 40.36 60.75 -54.28
C SER BE 54 41.23 62.00 -54.31
N GLN BE 55 40.75 63.04 -55.00
CA GLN BE 55 41.55 64.21 -55.30
C GLN BE 55 41.46 65.30 -54.22
N ILE BE 56 41.16 64.94 -52.97
CA ILE BE 56 41.38 65.87 -51.87
C ILE BE 56 42.87 66.20 -51.78
N MET BE 57 43.71 65.26 -52.24
CA MET BE 57 45.15 65.43 -52.16
C MET BE 57 45.60 66.65 -52.94
N GLY BE 58 45.10 66.81 -54.17
CA GLY BE 58 45.49 67.94 -55.00
C GLY BE 58 45.13 69.27 -54.38
N ASN BE 59 43.93 69.39 -53.82
CA ASN BE 59 43.53 70.65 -53.23
C ASN BE 59 44.31 70.95 -51.95
N MET BE 60 44.59 69.92 -51.13
CA MET BE 60 45.40 70.19 -49.95
C MET BE 60 46.80 70.66 -50.34
N PHE BE 61 47.42 70.04 -51.36
CA PHE BE 61 48.72 70.59 -51.75
C PHE BE 61 48.59 71.97 -52.35
N GLY BE 62 47.51 72.26 -53.08
CA GLY BE 62 47.35 73.61 -53.59
C GLY BE 62 47.35 74.65 -52.49
N VAL BE 63 46.47 74.49 -51.52
CA VAL BE 63 46.36 75.47 -50.45
C VAL BE 63 47.60 75.46 -49.57
N PHE BE 64 48.19 74.28 -49.36
CA PHE BE 64 49.35 74.15 -48.48
C PHE BE 64 50.58 74.79 -49.12
N ASN BE 65 50.81 74.54 -50.41
CA ASN BE 65 51.87 75.21 -51.14
C ASN BE 65 51.66 76.72 -51.15
N SER BE 66 50.42 77.17 -51.32
CA SER BE 66 50.18 78.61 -51.32
C SER BE 66 50.54 79.22 -49.95
N ALA BE 67 50.11 78.58 -48.87
CA ALA BE 67 50.44 79.08 -47.54
C ALA BE 67 51.95 79.11 -47.35
N VAL BE 68 52.63 78.03 -47.73
CA VAL BE 68 54.08 77.99 -47.50
C VAL BE 68 54.81 78.98 -48.40
N LEU BE 69 54.31 79.27 -49.60
CA LEU BE 69 55.06 80.21 -50.43
C LEU BE 69 54.86 81.63 -49.93
N ALA BE 70 53.67 81.94 -49.40
CA ALA BE 70 53.48 83.24 -48.77
C ALA BE 70 54.38 83.40 -47.55
N LEU BE 71 54.42 82.37 -46.70
CA LEU BE 71 55.28 82.44 -45.53
C LEU BE 71 56.75 82.51 -45.93
N GLY BE 72 57.15 81.72 -46.93
CA GLY BE 72 58.51 81.81 -47.42
C GLY BE 72 58.83 83.19 -47.96
N GLY BE 73 57.87 83.83 -48.61
CA GLY BE 73 58.10 85.18 -49.10
C GLY BE 73 58.36 86.16 -47.98
N ILE BE 74 57.58 86.09 -46.90
CA ILE BE 74 57.83 87.03 -45.80
C ILE BE 74 59.17 86.74 -45.14
N ILE BE 75 59.55 85.46 -45.03
CA ILE BE 75 60.89 85.16 -44.53
C ILE BE 75 61.96 85.67 -45.51
N ILE BE 76 61.68 85.62 -46.81
CA ILE BE 76 62.66 86.10 -47.78
C ILE BE 76 62.88 87.60 -47.65
N MET BE 77 61.81 88.38 -47.47
CA MET BE 77 62.01 89.81 -47.26
C MET BE 77 62.69 90.07 -45.91
N TYR BE 78 62.36 89.27 -44.89
CA TYR BE 78 63.05 89.42 -43.61
C TYR BE 78 64.55 89.23 -43.77
N THR BE 79 64.95 88.14 -44.42
CA THR BE 79 66.36 87.89 -44.68
C THR BE 79 66.97 88.92 -45.61
N LEU BE 80 66.18 89.51 -46.51
CA LEU BE 80 66.70 90.55 -47.38
C LEU BE 80 67.07 91.80 -46.59
N MET BE 81 66.20 92.21 -45.66
CA MET BE 81 66.57 93.30 -44.76
C MET BE 81 67.76 92.95 -43.87
N VAL BE 82 67.85 91.70 -43.40
CA VAL BE 82 69.01 91.31 -42.59
C VAL BE 82 70.29 91.45 -43.42
N SER BE 83 70.27 90.95 -44.65
CA SER BE 83 71.45 91.02 -45.50
C SER BE 83 71.80 92.47 -45.84
N THR BE 84 70.79 93.30 -46.10
CA THR BE 84 71.06 94.70 -46.44
C THR BE 84 71.64 95.45 -45.25
N MET BE 85 71.14 95.19 -44.03
CA MET BE 85 71.73 95.88 -42.88
C MET BE 85 73.14 95.37 -42.61
N ASN BE 86 73.40 94.09 -42.85
CA ASN BE 86 74.76 93.58 -42.68
C ASN BE 86 75.72 94.20 -43.68
N THR BE 87 75.30 94.32 -44.94
CA THR BE 87 76.16 94.89 -45.96
C THR BE 87 76.27 96.41 -45.84
N ALA BE 88 75.30 97.06 -45.18
CA ALA BE 88 75.47 98.47 -44.85
C ALA BE 88 76.45 98.65 -43.70
N HIS BE 89 76.45 97.73 -42.74
CA HIS BE 89 77.46 97.75 -41.69
C HIS BE 89 78.85 97.52 -42.26
N GLU BE 90 79.01 96.55 -43.16
CA GLU BE 90 80.31 96.25 -43.72
C GLU BE 90 80.75 97.26 -44.77
N GLY BE 91 79.80 97.80 -45.54
CA GLY BE 91 80.11 98.73 -46.61
C GLY BE 91 80.36 98.12 -47.97
N GLN BE 92 80.34 96.79 -48.08
CA GLN BE 92 80.51 96.12 -49.36
C GLN BE 92 79.20 96.18 -50.15
N MET BE 93 79.13 95.46 -51.26
CA MET BE 93 77.97 95.50 -52.14
C MET BE 93 77.27 94.14 -52.12
N LEU BE 94 75.96 94.17 -51.91
CA LEU BE 94 75.12 92.95 -51.83
C LEU BE 94 75.68 91.91 -50.89
N GLY BE 95 76.38 92.35 -49.84
CA GLY BE 95 76.93 91.45 -48.87
C GLY BE 95 78.11 90.66 -49.39
N GLN BE 96 78.51 89.67 -48.59
CA GLN BE 96 79.62 88.78 -48.94
C GLN BE 96 79.14 87.36 -49.24
N LYS BE 97 78.41 86.75 -48.32
CA LYS BE 97 77.86 85.42 -48.58
C LYS BE 97 76.85 85.47 -49.72
N TRP BE 98 75.97 86.47 -49.72
CA TRP BE 98 75.04 86.65 -50.83
C TRP BE 98 75.76 87.26 -52.03
N SER BE 99 75.56 86.66 -53.20
CA SER BE 99 76.22 87.10 -54.42
C SER BE 99 75.30 88.03 -55.20
N SER BE 100 75.73 88.38 -56.40
CA SER BE 100 74.96 89.24 -57.28
C SER BE 100 74.75 88.67 -58.68
N ILE BE 101 75.61 87.76 -59.13
CA ILE BE 101 75.46 87.13 -60.43
C ILE BE 101 74.54 85.92 -60.26
N TRP BE 102 74.55 85.34 -59.06
CA TRP BE 102 73.77 84.15 -58.78
C TRP BE 102 72.36 84.44 -58.28
N ILE BE 103 72.08 85.67 -57.82
CA ILE BE 103 70.76 85.93 -57.25
C ILE BE 103 69.65 85.98 -58.30
N PRO BE 104 69.87 86.34 -59.59
CA PRO BE 104 68.73 86.27 -60.51
C PRO BE 104 68.27 84.85 -60.75
N LEU BE 105 69.22 83.95 -60.98
CA LEU BE 105 68.87 82.53 -61.10
C LEU BE 105 68.28 82.00 -59.81
N ARG BE 106 68.86 82.35 -58.67
CA ARG BE 106 68.35 81.83 -57.40
C ARG BE 106 66.90 82.25 -57.21
N SER BE 107 66.58 83.50 -57.55
CA SER BE 107 65.21 83.96 -57.43
C SER BE 107 64.31 83.28 -58.46
N THR BE 108 64.84 82.99 -59.66
CA THR BE 108 63.98 82.36 -60.65
C THR BE 108 63.63 80.93 -60.26
N PHE BE 109 64.56 80.17 -59.65
CA PHE BE 109 64.13 78.86 -59.14
C PHE BE 109 63.23 79.00 -57.92
N GLY BE 110 63.61 79.87 -56.97
CA GLY BE 110 62.82 80.04 -55.76
C GLY BE 110 61.45 80.63 -56.00
N LEU BE 111 61.18 81.08 -57.22
CA LEU BE 111 59.82 81.37 -57.63
C LEU BE 111 59.21 80.22 -58.42
N ALA BE 112 59.96 79.68 -59.40
CA ALA BE 112 59.39 78.74 -60.36
C ALA BE 112 58.99 77.42 -59.71
N LEU BE 113 59.89 76.79 -58.95
CA LEU BE 113 59.51 75.47 -58.44
C LEU BE 113 58.33 75.50 -57.48
N LEU BE 114 58.10 76.61 -56.78
CA LEU BE 114 57.02 76.71 -55.81
C LEU BE 114 55.68 77.07 -56.44
N ILE BE 115 55.57 77.02 -57.76
CA ILE BE 115 54.34 77.38 -58.46
C ILE BE 115 53.54 76.11 -58.72
N PRO BE 116 52.35 75.95 -58.14
CA PRO BE 116 51.54 74.77 -58.42
C PRO BE 116 50.68 74.96 -59.66
N LYS BE 117 50.45 73.85 -60.36
CA LYS BE 117 49.63 73.86 -61.57
C LYS BE 117 48.17 73.73 -61.14
N ALA BE 118 47.25 73.55 -62.10
CA ALA BE 118 45.83 73.45 -61.78
C ALA BE 118 45.49 72.26 -60.90
N SER BE 119 46.36 71.25 -60.87
CA SER BE 119 46.15 70.10 -60.00
C SER BE 119 46.56 70.36 -58.55
N GLY BE 120 47.14 71.52 -58.27
CA GLY BE 120 47.71 71.79 -56.96
C GLY BE 120 49.10 71.23 -56.77
N TYR BE 121 49.77 70.85 -57.84
CA TYR BE 121 51.10 70.25 -57.78
C TYR BE 121 52.11 71.19 -58.43
N CYS BE 122 53.09 71.62 -57.64
CA CYS BE 122 54.26 72.31 -58.17
C CYS BE 122 55.16 71.29 -58.85
N MET BE 123 56.11 71.80 -59.66
CA MET BE 123 57.03 70.87 -60.32
C MET BE 123 58.02 70.25 -59.36
N MET BE 124 58.18 70.81 -58.16
CA MET BE 124 58.94 70.12 -57.13
C MET BE 124 58.36 68.74 -56.85
N GLN BE 125 57.04 68.65 -56.71
CA GLN BE 125 56.44 67.38 -56.33
C GLN BE 125 56.38 66.41 -57.51
N VAL BE 126 56.33 66.91 -58.76
CA VAL BE 126 56.42 65.95 -59.86
C VAL BE 126 57.84 65.40 -59.93
N PHE BE 127 58.84 66.24 -59.69
CA PHE BE 127 60.22 65.76 -59.62
C PHE BE 127 60.38 64.69 -58.53
N PHE BE 128 59.92 65.00 -57.32
CA PHE BE 128 60.00 64.00 -56.25
C PHE BE 128 59.22 62.75 -56.61
N MET BE 129 57.94 62.89 -56.97
CA MET BE 129 57.13 61.74 -57.33
C MET BE 129 57.85 60.88 -58.36
N TRP BE 130 58.55 61.53 -59.29
CA TRP BE 130 59.37 60.81 -60.27
C TRP BE 130 60.49 60.02 -59.62
N VAL BE 131 61.21 60.62 -58.67
CA VAL BE 131 62.36 59.88 -58.11
C VAL BE 131 61.91 58.74 -57.19
N ILE BE 132 60.81 58.94 -56.44
CA ILE BE 132 60.25 57.77 -55.76
C ILE BE 132 59.77 56.72 -56.76
N VAL BE 133 59.22 57.13 -57.91
CA VAL BE 133 58.88 56.15 -58.95
C VAL BE 133 60.11 55.41 -59.42
N GLN BE 134 61.25 56.11 -59.51
CA GLN BE 134 62.50 55.46 -59.87
C GLN BE 134 62.88 54.42 -58.82
N GLY BE 135 62.66 54.75 -57.55
CA GLY BE 135 62.86 53.76 -56.49
C GLY BE 135 61.95 52.56 -56.64
N VAL BE 136 60.67 52.79 -56.97
CA VAL BE 136 59.75 51.70 -57.25
C VAL BE 136 60.28 50.81 -58.37
N GLY BE 137 60.73 51.43 -59.46
CA GLY BE 137 61.23 50.66 -60.58
C GLY BE 137 62.45 49.83 -60.22
N ALA BE 138 63.39 50.42 -59.47
CA ALA BE 138 64.57 49.67 -59.05
C ALA BE 138 64.18 48.50 -58.15
N ALA BE 139 63.28 48.73 -57.18
CA ALA BE 139 62.85 47.66 -56.30
C ALA BE 139 62.17 46.54 -57.07
N ASP BE 140 61.29 46.91 -58.02
CA ASP BE 140 60.68 45.91 -58.88
C ASP BE 140 61.72 45.14 -59.66
N LYS BE 141 62.78 45.82 -60.10
CA LYS BE 141 63.84 45.13 -60.86
C LYS BE 141 64.55 44.09 -60.01
N ILE BE 142 64.92 44.45 -58.78
CA ILE BE 142 65.59 43.48 -57.90
C ILE BE 142 64.64 42.33 -57.58
N TRP BE 143 63.39 42.65 -57.27
CA TRP BE 143 62.43 41.61 -56.90
C TRP BE 143 62.15 40.68 -58.08
N GLU BE 144 62.17 41.23 -59.30
CA GLU BE 144 61.96 40.44 -60.49
C GLU BE 144 63.17 39.57 -60.81
N ALA BE 145 64.38 40.07 -60.57
CA ALA BE 145 65.55 39.21 -60.69
C ALA BE 145 65.46 38.03 -59.72
N ALA BE 146 65.04 38.32 -58.49
CA ALA BE 146 64.86 37.25 -57.52
C ALA BE 146 63.86 36.21 -58.01
N LEU BE 147 62.66 36.65 -58.42
CA LEU BE 147 61.64 35.68 -58.79
C LEU BE 147 62.01 34.94 -60.07
N SER BE 148 62.77 35.60 -60.96
CA SER BE 148 63.22 34.91 -62.15
C SER BE 148 64.19 33.80 -61.79
N TYR BE 149 65.13 34.06 -60.87
CA TYR BE 149 66.02 32.97 -60.47
C TYR BE 149 65.23 31.85 -59.83
N LEU BE 150 64.27 32.19 -58.96
CA LEU BE 150 63.42 31.15 -58.37
C LEU BE 150 62.71 30.34 -59.46
N ASN BE 151 62.31 30.99 -60.54
CA ASN BE 151 61.68 30.28 -61.65
C ASN BE 151 62.65 29.32 -62.31
N ARG BE 152 63.89 29.76 -62.54
CA ARG BE 152 64.90 28.85 -63.08
C ARG BE 152 65.37 27.80 -62.08
N GLY BE 153 65.01 27.94 -60.81
CA GLY BE 153 65.38 26.98 -59.80
C GLY BE 153 66.33 27.56 -58.77
N GLY BE 154 66.46 26.85 -57.65
CA GLY BE 154 67.33 27.27 -56.57
C GLY BE 154 66.60 27.48 -55.26
N GLN BE 160 50.52 -3.63 -49.36
CA GLN BE 160 49.85 -2.34 -49.24
C GLN BE 160 49.74 -1.89 -47.79
N ALA BE 161 49.10 -2.72 -46.97
CA ALA BE 161 48.92 -2.39 -45.56
C ALA BE 161 48.77 -3.67 -44.76
N ASP BE 162 49.07 -3.57 -43.45
CA ASP BE 162 48.94 -4.72 -42.57
C ASP BE 162 47.47 -4.99 -42.26
N PRO BE 163 47.09 -6.25 -42.09
CA PRO BE 163 45.72 -6.58 -41.69
C PRO BE 163 45.47 -6.36 -40.20
N THR BE 164 46.45 -5.86 -39.46
CA THR BE 164 46.32 -5.62 -38.04
C THR BE 164 46.30 -4.14 -37.67
N LYS BE 165 47.05 -3.31 -38.38
CA LYS BE 165 46.97 -1.87 -38.16
C LYS BE 165 45.61 -1.32 -38.56
N SER BE 166 44.87 -2.03 -39.42
CA SER BE 166 43.51 -1.63 -39.76
C SER BE 166 42.58 -1.66 -38.56
N LEU BE 167 42.95 -2.38 -37.51
CA LEU BE 167 42.19 -2.31 -36.26
C LEU BE 167 42.15 -0.88 -35.73
N GLN BE 168 43.23 -0.13 -35.91
CA GLN BE 168 43.20 1.29 -35.58
C GLN BE 168 42.15 2.01 -36.41
N ALA BE 169 42.05 1.68 -37.70
CA ALA BE 169 40.99 2.23 -38.54
C ALA BE 169 39.61 1.69 -38.18
N ALA BE 170 39.53 0.66 -37.33
CA ALA BE 170 38.23 0.19 -36.88
C ALA BE 170 37.49 1.29 -36.12
N GLY BE 171 38.20 2.01 -35.26
CA GLY BE 171 37.63 3.18 -34.63
C GLY BE 171 38.67 4.08 -33.98
N SER BE 172 38.66 5.36 -34.33
CA SER BE 172 39.49 6.37 -33.68
C SER BE 172 38.73 7.68 -33.52
N SER BE 173 37.42 7.58 -33.30
CA SER BE 173 36.49 8.72 -33.31
C SER BE 173 36.39 9.35 -34.70
N SER BE 174 36.89 8.68 -35.72
CA SER BE 174 36.79 9.14 -37.10
C SER BE 174 36.31 8.08 -38.08
N SER BE 175 36.43 6.79 -37.74
CA SER BE 175 35.97 5.72 -38.60
C SER BE 175 35.14 4.72 -37.79
N GLY BE 176 34.15 4.14 -38.44
CA GLY BE 176 33.24 3.23 -37.76
C GLY BE 176 32.94 1.96 -38.51
N VAL BE 177 33.92 1.44 -39.25
CA VAL BE 177 33.71 0.21 -40.01
C VAL BE 177 33.40 -0.96 -39.07
N ALA BE 178 34.10 -1.04 -37.94
CA ALA BE 178 33.80 -2.07 -36.96
C ALA BE 178 32.40 -1.90 -36.39
N LYS BE 179 32.00 -0.65 -36.15
CA LYS BE 179 30.64 -0.40 -35.65
C LYS BE 179 29.60 -0.87 -36.65
N GLY BE 180 29.83 -0.61 -37.94
CA GLY BE 180 28.90 -1.10 -38.95
C GLY BE 180 28.87 -2.61 -39.03
N ALA BE 181 30.04 -3.25 -38.91
CA ALA BE 181 30.06 -4.71 -38.89
C ALA BE 181 29.26 -5.25 -37.73
N LEU BE 182 29.41 -4.63 -36.55
CA LEU BE 182 28.62 -5.03 -35.39
C LEU BE 182 27.14 -4.83 -35.65
N THR BE 183 26.77 -3.70 -36.27
CA THR BE 183 25.36 -3.42 -36.52
C THR BE 183 24.75 -4.46 -37.46
N ILE BE 184 25.44 -4.77 -38.55
CA ILE BE 184 24.95 -5.80 -39.47
C ILE BE 184 24.90 -7.17 -38.78
N LEU BE 185 25.90 -7.48 -37.95
CA LEU BE 185 25.89 -8.76 -37.27
C LEU BE 185 24.68 -8.89 -36.34
N GLY BE 186 24.48 -7.89 -35.48
CA GLY BE 186 23.31 -7.92 -34.60
C GLY BE 186 22.01 -7.91 -35.38
N GLY BE 187 21.97 -7.17 -36.49
CA GLY BE 187 20.81 -7.21 -37.35
C GLY BE 187 20.53 -8.61 -37.84
N GLN BE 188 21.54 -9.31 -38.33
CA GLN BE 188 21.34 -10.67 -38.84
C GLN BE 188 20.87 -11.61 -37.75
N ILE BE 189 21.42 -11.47 -36.53
CA ILE BE 189 20.87 -12.25 -35.42
C ILE BE 189 19.39 -11.94 -35.24
N CYS BE 190 19.01 -10.67 -35.35
CA CYS BE 190 17.61 -10.31 -35.21
C CYS BE 190 16.76 -10.97 -36.30
N MET BE 191 17.17 -10.83 -37.56
CA MET BE 191 16.50 -11.54 -38.66
C MET BE 191 16.28 -12.99 -38.33
N LEU BE 192 17.35 -13.73 -38.04
CA LEU BE 192 17.23 -15.18 -37.92
C LEU BE 192 16.35 -15.57 -36.74
N GLY BE 193 16.64 -15.03 -35.55
CA GLY BE 193 15.83 -15.40 -34.39
C GLY BE 193 14.39 -14.98 -34.54
N LEU BE 194 14.16 -13.76 -35.02
CA LEU BE 194 12.82 -13.23 -35.19
C LEU BE 194 12.01 -14.10 -36.15
N GLN BE 195 12.59 -14.41 -37.32
CA GLN BE 195 11.91 -15.22 -38.32
C GLN BE 195 11.62 -16.61 -37.80
N LYS BE 196 12.59 -17.22 -37.12
CA LYS BE 196 12.38 -18.54 -36.56
C LYS BE 196 11.25 -18.52 -35.54
N GLN BE 197 11.19 -17.48 -34.72
CA GLN BE 197 10.14 -17.39 -33.72
C GLN BE 197 8.77 -17.31 -34.37
N LEU BE 198 8.60 -16.45 -35.37
CA LEU BE 198 7.30 -16.47 -36.05
C LEU BE 198 7.02 -17.80 -36.72
N GLN BE 199 8.04 -18.44 -37.31
CA GLN BE 199 7.75 -19.70 -37.97
C GLN BE 199 7.16 -20.71 -37.01
N ALA BE 200 7.84 -20.92 -35.88
CA ALA BE 200 7.35 -21.86 -34.89
C ALA BE 200 6.00 -21.41 -34.33
N GLN BE 201 5.81 -20.10 -34.13
CA GLN BE 201 4.66 -19.64 -33.38
C GLN BE 201 3.42 -19.75 -34.28
N ARG BE 202 3.58 -19.43 -35.58
CA ARG BE 202 2.59 -19.76 -36.61
C ARG BE 202 2.27 -21.25 -36.64
N ASP BE 203 3.29 -22.12 -36.57
CA ASP BE 203 2.97 -23.55 -36.49
C ASP BE 203 2.11 -23.84 -35.26
N LEU BE 204 2.38 -23.13 -34.17
CA LEU BE 204 1.61 -23.31 -32.95
C LEU BE 204 0.15 -22.92 -33.15
N TYR BE 205 -0.11 -21.81 -33.85
CA TYR BE 205 -1.50 -21.48 -34.16
C TYR BE 205 -2.13 -22.52 -35.07
N LEU BE 206 -1.44 -22.88 -36.15
CA LEU BE 206 -2.09 -23.72 -37.16
C LEU BE 206 -2.30 -25.14 -36.65
N SER BE 207 -1.59 -25.54 -35.59
CA SER BE 207 -1.91 -26.81 -34.95
C SER BE 207 -3.20 -26.74 -34.15
N GLN BE 208 -3.79 -25.56 -33.98
CA GLN BE 208 -5.04 -25.38 -33.24
C GLN BE 208 -6.01 -24.48 -34.01
N SER BE 209 -6.10 -24.69 -35.33
CA SER BE 209 -6.99 -23.87 -36.14
C SER BE 209 -8.45 -24.00 -35.74
N LYS BE 210 -8.83 -25.11 -35.11
CA LYS BE 210 -10.21 -25.29 -34.66
C LYS BE 210 -10.59 -24.36 -33.53
N SER BE 211 -9.62 -23.67 -32.94
CA SER BE 211 -9.82 -22.80 -31.79
C SER BE 211 -9.21 -21.44 -32.07
N PRO BE 212 -9.67 -20.40 -31.38
CA PRO BE 212 -9.09 -19.05 -31.57
C PRO BE 212 -7.64 -19.01 -31.13
N PRO BE 213 -6.87 -17.99 -31.56
CA PRO BE 213 -7.27 -16.81 -32.33
C PRO BE 213 -7.27 -17.02 -33.83
N CYS BE 214 -6.93 -18.22 -34.31
CA CYS BE 214 -7.04 -18.51 -35.74
C CYS BE 214 -8.42 -19.01 -36.13
N GLY BE 215 -9.35 -19.10 -35.18
CA GLY BE 215 -10.70 -19.54 -35.45
C GLY BE 215 -11.67 -18.83 -34.54
N GLY BE 216 -12.95 -19.16 -34.71
CA GLY BE 216 -13.99 -18.58 -33.88
C GLY BE 216 -14.15 -17.09 -34.05
N ASN BE 217 -14.57 -16.68 -35.25
CA ASN BE 217 -14.77 -15.27 -35.58
C ASN BE 217 -13.54 -14.42 -35.24
N PRO BE 218 -12.38 -14.72 -35.81
CA PRO BE 218 -11.20 -13.92 -35.51
C PRO BE 218 -11.29 -12.53 -36.12
N THR BE 219 -10.60 -11.58 -35.48
CA THR BE 219 -10.52 -10.25 -36.04
C THR BE 219 -9.67 -10.27 -37.31
N PRO BE 220 -9.99 -9.43 -38.30
CA PRO BE 220 -9.33 -9.55 -39.61
C PRO BE 220 -7.81 -9.43 -39.57
N GLU BE 221 -7.23 -8.66 -38.65
CA GLU BE 221 -5.77 -8.63 -38.57
C GLU BE 221 -5.23 -9.99 -38.15
N MET BE 222 -5.79 -10.57 -37.09
CA MET BE 222 -5.36 -11.90 -36.67
C MET BE 222 -5.67 -12.93 -37.74
N ASN BE 223 -6.79 -12.77 -38.45
CA ASN BE 223 -7.11 -13.67 -39.55
C ASN BE 223 -6.05 -13.60 -40.64
N THR BE 224 -5.63 -12.39 -41.00
CA THR BE 224 -4.60 -12.21 -42.02
C THR BE 224 -3.28 -12.83 -41.57
N PHE BE 225 -2.91 -12.61 -40.30
CA PHE BE 225 -1.66 -13.18 -39.80
C PHE BE 225 -1.75 -14.70 -39.72
N CYS BE 226 -2.96 -15.23 -39.54
CA CYS BE 226 -3.15 -16.67 -39.65
C CYS BE 226 -2.96 -17.15 -41.09
N ARG BE 227 -3.44 -16.38 -42.06
CA ARG BE 227 -3.34 -16.80 -43.46
C ARG BE 227 -1.89 -16.73 -43.95
N THR BE 228 -1.26 -15.56 -43.80
CA THR BE 228 0.04 -15.33 -44.43
C THR BE 228 1.14 -16.15 -43.78
N ALA BE 229 2.18 -16.42 -44.56
CA ALA BE 229 3.37 -17.09 -44.07
C ALA BE 229 4.47 -16.06 -43.80
N ILE BE 230 5.62 -16.55 -43.37
CA ILE BE 230 6.74 -15.69 -42.97
C ILE BE 230 7.79 -15.73 -44.08
N PRO BE 231 8.07 -14.61 -44.73
CA PRO BE 231 9.12 -14.61 -45.76
C PRO BE 231 10.51 -14.73 -45.13
N ASP BE 232 11.46 -15.14 -45.97
CA ASP BE 232 12.86 -15.15 -45.56
C ASP BE 232 13.34 -13.72 -45.42
N PHE BE 233 13.96 -13.41 -44.28
CA PHE BE 233 14.33 -12.04 -43.97
C PHE BE 233 15.71 -11.67 -44.48
N ILE BE 234 16.61 -12.64 -44.57
CA ILE BE 234 17.97 -12.37 -45.03
C ILE BE 234 17.98 -12.01 -46.50
N SER BE 235 17.24 -12.77 -47.32
CA SER BE 235 17.27 -12.60 -48.77
C SER BE 235 16.80 -11.22 -49.21
N THR BE 236 15.78 -10.67 -48.57
CA THR BE 236 15.27 -9.36 -48.92
C THR BE 236 16.26 -8.22 -48.69
N VAL BE 237 17.24 -8.42 -47.83
CA VAL BE 237 18.18 -7.36 -47.47
C VAL BE 237 19.33 -7.41 -48.48
N ASN BE 238 19.42 -6.37 -49.31
CA ASN BE 238 20.41 -6.29 -50.37
C ASN BE 238 20.75 -4.82 -50.57
N PHE BE 239 22.03 -4.49 -50.53
CA PHE BE 239 22.44 -3.09 -50.50
C PHE BE 239 22.78 -2.55 -51.89
N VAL BE 240 23.22 -3.40 -52.82
CA VAL BE 240 23.60 -2.91 -54.15
C VAL BE 240 22.38 -2.36 -54.88
N LYS BE 241 21.26 -3.09 -54.82
CA LYS BE 241 20.06 -2.67 -55.56
C LYS BE 241 19.48 -1.40 -54.95
N LYS BE 242 19.38 -1.34 -53.62
CA LYS BE 242 18.84 -0.14 -52.99
C LYS BE 242 19.76 1.05 -53.20
N GLN BE 243 21.08 0.81 -53.19
CA GLN BE 243 22.02 1.86 -53.54
C GLN BE 243 21.76 2.39 -54.94
N ASN BE 244 21.60 1.50 -55.91
CA ASN BE 244 21.24 1.93 -57.26
C ASN BE 244 19.93 2.70 -57.26
N ASP BE 245 18.99 2.29 -56.40
CA ASP BE 245 17.71 2.99 -56.32
C ASP BE 245 17.88 4.42 -55.81
N ASP BE 246 18.74 4.61 -54.80
CA ASP BE 246 18.93 5.95 -54.24
C ASP BE 246 19.56 6.89 -55.27
N THR BE 247 20.63 6.48 -55.90
CA THR BE 247 21.32 7.35 -56.85
C THR BE 247 20.47 7.49 -58.11
N PRO BE 248 20.39 8.68 -58.69
CA PRO BE 248 19.76 8.81 -60.01
C PRO BE 248 20.56 8.03 -61.05
N LYS BE 249 19.86 7.49 -62.04
CA LYS BE 249 20.55 6.77 -63.10
C LYS BE 249 21.52 7.67 -63.86
N ASP BE 250 21.23 8.97 -63.91
CA ASP BE 250 22.15 9.92 -64.51
C ASP BE 250 23.40 10.04 -63.66
N LEU BE 251 24.54 10.23 -64.30
CA LEU BE 251 25.83 10.24 -63.62
C LEU BE 251 26.50 11.61 -63.59
N THR BE 252 25.81 12.65 -64.06
CA THR BE 252 26.38 14.00 -64.05
C THR BE 252 26.01 14.81 -62.82
N ALA BE 253 24.87 14.53 -62.20
CA ALA BE 253 24.41 15.29 -61.05
C ALA BE 253 25.23 14.93 -59.81
N ASN BE 254 24.92 15.62 -58.71
CA ASN BE 254 25.54 15.30 -57.44
C ASN BE 254 24.88 14.06 -56.85
N GLN BE 255 25.66 12.99 -56.66
CA GLN BE 255 25.13 11.78 -56.09
C GLN BE 255 24.75 12.03 -54.63
N PRO BE 256 23.79 11.27 -54.09
CA PRO BE 256 23.39 11.47 -52.69
C PRO BE 256 24.57 11.25 -51.75
N ALA BE 257 24.63 12.09 -50.72
CA ALA BE 257 25.73 12.06 -49.78
C ALA BE 257 25.50 11.13 -48.60
N SER BE 258 24.32 10.50 -48.52
CA SER BE 258 24.02 9.58 -47.43
C SER BE 258 23.10 8.49 -47.96
N PHE BE 259 23.18 7.32 -47.34
CA PHE BE 259 22.39 6.17 -47.75
C PHE BE 259 21.98 5.37 -46.53
N GLU BE 260 20.74 4.90 -46.55
CA GLU BE 260 20.09 4.30 -45.40
C GLU BE 260 19.50 2.96 -45.79
N LEU BE 261 19.90 1.91 -45.05
CA LEU BE 261 19.33 0.58 -45.24
C LEU BE 261 18.67 0.19 -43.92
N ASP BE 262 17.37 -0.04 -43.96
CA ASP BE 262 16.64 -0.45 -42.79
C ASP BE 262 16.44 -1.96 -42.81
N MET BE 263 17.00 -2.64 -41.82
CA MET BE 263 16.77 -4.07 -41.63
C MET BE 263 15.53 -4.25 -40.76
N PRO BE 264 14.52 -5.00 -41.22
CA PRO BE 264 14.41 -5.77 -42.46
C PRO BE 264 13.97 -4.96 -43.69
N ASN BE 265 14.11 -5.53 -44.88
CA ASN BE 265 13.67 -4.91 -46.12
C ASN BE 265 12.39 -5.55 -46.61
N PHE BE 266 11.32 -4.77 -46.70
CA PHE BE 266 10.14 -5.16 -47.44
C PHE BE 266 9.68 -4.03 -48.33
N ASP BE 267 9.14 -4.39 -49.50
CA ASP BE 267 8.58 -3.44 -50.42
C ASP BE 267 7.13 -3.11 -50.04
N LYS BE 268 6.54 -2.16 -50.77
CA LYS BE 268 5.20 -1.68 -50.45
C LYS BE 268 4.18 -2.81 -50.41
N SER BE 269 4.10 -3.61 -51.47
CA SER BE 269 3.08 -4.65 -51.54
C SER BE 269 3.28 -5.71 -50.47
N SER BE 270 4.48 -5.81 -49.91
CA SER BE 270 4.72 -6.75 -48.82
C SER BE 270 3.97 -6.28 -47.57
N PRO BE 271 3.13 -7.13 -46.98
CA PRO BE 271 2.32 -6.68 -45.84
C PRO BE 271 3.06 -6.75 -44.51
N PHE BE 272 4.29 -6.25 -44.48
CA PHE BE 272 5.01 -6.13 -43.21
C PHE BE 272 5.82 -4.85 -43.12
N TYR BE 273 5.50 -3.82 -43.93
CA TYR BE 273 6.35 -2.65 -44.05
C TYR BE 273 6.69 -2.02 -42.70
N PHE BE 274 5.74 -2.03 -41.75
CA PHE BE 274 5.99 -1.40 -40.47
C PHE BE 274 7.04 -2.14 -39.64
N LEU BE 275 7.33 -3.39 -39.97
CA LEU BE 275 8.44 -4.09 -39.32
C LEU BE 275 9.81 -3.58 -39.74
N ASN BE 276 9.90 -2.75 -40.78
CA ASN BE 276 11.17 -2.16 -41.17
C ASN BE 276 11.77 -1.44 -39.97
N GLY BE 277 13.00 -1.79 -39.61
CA GLY BE 277 13.65 -1.23 -38.46
C GLY BE 277 13.47 -2.00 -37.17
N ILE BE 278 12.72 -3.11 -37.19
CA ILE BE 278 12.63 -3.94 -35.99
C ILE BE 278 14.00 -4.50 -35.64
N CYS BE 279 14.88 -4.64 -36.64
CA CYS BE 279 16.23 -5.14 -36.44
C CYS BE 279 17.28 -4.07 -36.68
N GLY BE 280 17.02 -2.82 -36.31
CA GLY BE 280 18.01 -1.77 -36.38
C GLY BE 280 18.04 -1.06 -37.71
N THR BE 281 19.15 -0.36 -37.93
CA THR BE 281 19.34 0.51 -39.06
C THR BE 281 20.82 0.56 -39.39
N VAL BE 282 21.16 0.86 -40.65
CA VAL BE 282 22.55 1.07 -41.05
C VAL BE 282 22.60 2.22 -42.03
N LYS BE 283 23.58 3.11 -41.85
CA LYS BE 283 23.76 4.24 -42.76
C LYS BE 283 25.21 4.26 -43.23
N TRP BE 284 25.39 4.69 -44.48
CA TRP BE 284 26.72 4.84 -45.07
C TRP BE 284 26.64 5.86 -46.20
N ASN BE 285 27.65 6.69 -46.29
CA ASN BE 285 27.68 7.78 -47.25
C ASN BE 285 28.28 7.33 -48.58
N ASN BE 286 28.04 8.13 -49.61
CA ASN BE 286 28.75 7.92 -50.86
C ASN BE 286 30.19 8.37 -50.73
N ILE BE 287 31.04 7.86 -51.61
CA ILE BE 287 32.45 8.24 -51.59
C ILE BE 287 32.58 9.54 -52.36
N SER BE 288 32.41 10.67 -51.65
CA SER BE 288 32.41 11.97 -52.31
C SER BE 288 33.76 12.33 -52.89
N ALA BE 289 34.84 11.64 -52.48
CA ALA BE 289 36.14 11.85 -53.11
C ALA BE 289 36.11 11.46 -54.59
N LEU BE 290 35.13 10.67 -55.00
CA LEU BE 290 34.86 10.40 -56.42
C LEU BE 290 33.65 11.15 -56.93
N ASN BE 291 32.58 11.23 -56.14
CA ASN BE 291 31.38 11.93 -56.57
C ASN BE 291 31.67 13.40 -56.81
N SER BE 292 31.56 13.82 -58.08
CA SER BE 292 31.90 15.19 -58.45
C SER BE 292 31.05 15.60 -59.63
N THR BE 293 30.95 16.92 -59.82
CA THR BE 293 30.21 17.51 -60.92
C THR BE 293 31.12 18.01 -62.03
N ASN BE 294 32.33 17.47 -62.13
CA ASN BE 294 33.29 17.91 -63.14
C ASN BE 294 33.48 16.76 -64.12
N GLN BE 295 32.82 16.86 -65.27
CA GLN BE 295 32.96 15.91 -66.37
C GLN BE 295 32.66 14.48 -65.90
N SER BE 296 31.36 14.18 -65.94
CA SER BE 296 30.85 12.86 -65.62
C SER BE 296 29.84 12.42 -66.68
N ASP BE 297 30.20 12.60 -67.95
CA ASP BE 297 29.25 12.39 -69.04
C ASP BE 297 28.74 10.96 -69.08
N ASN BE 298 27.44 10.83 -69.36
CA ASN BE 298 26.75 9.53 -69.36
C ASN BE 298 26.73 8.85 -70.71
N LYS BE 299 27.09 9.55 -71.78
CA LYS BE 299 27.04 9.01 -73.14
C LYS BE 299 28.44 8.80 -73.70
N GLY BE 300 29.39 8.37 -72.87
CA GLY BE 300 30.74 8.16 -73.35
C GLY BE 300 31.75 7.69 -72.33
N LEU BE 301 32.93 8.30 -72.37
CA LEU BE 301 34.11 7.83 -71.66
C LEU BE 301 34.53 8.86 -70.61
N VAL BE 302 34.80 8.40 -69.38
CA VAL BE 302 35.16 9.28 -68.28
C VAL BE 302 36.67 9.34 -68.15
N THR BE 303 37.18 10.47 -67.65
CA THR BE 303 38.58 10.64 -67.33
C THR BE 303 38.70 11.38 -66.00
N VAL BE 304 39.86 11.23 -65.35
CA VAL BE 304 40.11 11.93 -64.10
C VAL BE 304 40.63 13.33 -64.40
N GLY BE 305 40.23 14.29 -63.57
CA GLY BE 305 40.58 15.69 -63.75
C GLY BE 305 42.07 15.96 -63.76
N GLY BE 306 42.45 17.20 -64.05
CA GLY BE 306 43.86 17.52 -64.22
C GLY BE 306 44.65 17.44 -62.94
N ALA BE 307 45.96 17.37 -63.10
CA ALA BE 307 46.90 17.27 -62.00
C ALA BE 307 47.54 18.63 -61.72
N GLY BE 308 47.64 18.96 -60.44
CA GLY BE 308 48.24 20.22 -60.04
C GLY BE 308 47.28 21.38 -59.89
N SER BE 309 45.97 21.11 -59.85
CA SER BE 309 44.98 22.16 -59.71
C SER BE 309 43.85 21.64 -58.82
N ASN BE 310 42.80 22.44 -58.68
CA ASN BE 310 41.65 22.04 -57.88
C ASN BE 310 40.90 20.90 -58.55
N SER BE 311 40.76 19.79 -57.85
CA SER BE 311 40.07 18.62 -58.39
C SER BE 311 39.56 17.78 -57.23
N SER BE 312 38.52 16.99 -57.51
CA SER BE 312 37.90 16.13 -56.52
C SER BE 312 37.58 14.76 -57.11
N MET BE 313 38.40 14.32 -58.07
CA MET BE 313 38.21 13.00 -58.66
C MET BE 313 39.50 12.23 -58.84
N GLY BE 314 40.61 12.72 -58.32
CA GLY BE 314 41.87 12.00 -58.43
C GLY BE 314 43.05 12.95 -58.33
N ALA BE 315 44.23 12.39 -58.56
CA ALA BE 315 45.48 13.15 -58.53
C ALA BE 315 46.19 13.24 -59.87
N ASN BE 316 45.91 12.33 -60.80
CA ASN BE 316 46.55 12.34 -62.10
C ASN BE 316 45.50 12.31 -63.21
N SER BE 317 45.93 12.11 -64.46
CA SER BE 317 45.01 11.99 -65.58
C SER BE 317 44.82 10.49 -65.88
N LEU BE 318 43.65 9.97 -65.53
CA LEU BE 318 43.34 8.56 -65.69
C LEU BE 318 42.12 8.41 -66.59
N ASN BE 319 41.87 7.20 -67.07
CA ASN BE 319 40.77 6.94 -67.99
C ASN BE 319 39.91 5.78 -67.51
N ILE BE 320 38.60 5.99 -67.53
CA ILE BE 320 37.62 5.00 -67.08
C ILE BE 320 36.47 4.98 -68.10
N THR BE 321 35.73 3.88 -68.12
CA THR BE 321 34.46 3.89 -68.83
C THR BE 321 33.31 3.99 -67.83
N SER BE 322 32.11 4.26 -68.37
CA SER BE 322 30.95 4.45 -67.50
C SER BE 322 30.66 3.21 -66.66
N SER BE 323 30.87 2.02 -67.20
CA SER BE 323 30.62 0.79 -66.44
C SER BE 323 31.53 0.72 -65.22
N GLN BE 324 32.83 0.92 -65.41
CA GLN BE 324 33.75 0.90 -64.28
C GLN BE 324 33.50 2.08 -63.35
N LEU BE 325 33.02 3.20 -63.88
CA LEU BE 325 32.70 4.35 -63.03
C LEU BE 325 31.56 4.00 -62.07
N GLN BE 326 30.46 3.45 -62.59
CA GLN BE 326 29.39 3.04 -61.71
C GLN BE 326 29.82 1.89 -60.81
N THR BE 327 30.75 1.06 -61.27
CA THR BE 327 31.30 0.03 -60.39
C THR BE 327 32.00 0.66 -59.18
N ALA BE 328 32.80 1.69 -59.43
CA ALA BE 328 33.41 2.43 -58.32
C ALA BE 328 32.33 3.08 -57.45
N ARG BE 329 31.23 3.49 -58.06
CA ARG BE 329 30.13 4.08 -57.29
C ARG BE 329 29.56 3.08 -56.30
N LEU BE 330 29.20 1.88 -56.77
CA LEU BE 330 28.62 0.86 -55.90
C LEU BE 330 29.66 -0.04 -55.24
N SER BE 331 30.94 0.34 -55.27
CA SER BE 331 31.94 -0.42 -54.51
C SER BE 331 31.61 -0.46 -53.02
N ARG BE 332 31.16 0.67 -52.46
CA ARG BE 332 30.79 0.66 -51.05
C ARG BE 332 29.60 -0.25 -50.80
N ALA BE 333 28.63 -0.23 -51.72
CA ALA BE 333 27.47 -1.11 -51.58
C ALA BE 333 27.89 -2.58 -51.61
N ILE BE 334 28.81 -2.93 -52.51
CA ILE BE 334 29.25 -4.32 -52.57
C ILE BE 334 30.11 -4.66 -51.35
N ALA BE 335 30.73 -3.65 -50.74
CA ALA BE 335 31.40 -3.86 -49.47
C ALA BE 335 30.42 -4.28 -48.38
N ILE BE 336 29.34 -3.51 -48.24
CA ILE BE 336 28.32 -3.90 -47.27
C ILE BE 336 27.74 -5.26 -47.63
N GLN BE 337 27.60 -5.55 -48.92
CA GLN BE 337 27.07 -6.84 -49.34
C GLN BE 337 27.98 -7.99 -48.93
N GLN BE 338 29.29 -7.82 -49.12
CA GLN BE 338 30.23 -8.85 -48.70
C GLN BE 338 30.20 -9.01 -47.18
N MET BE 339 30.06 -7.89 -46.46
CA MET BE 339 29.84 -7.95 -45.02
C MET BE 339 28.66 -8.86 -44.71
N TYR BE 340 27.55 -8.61 -45.40
CA TYR BE 340 26.31 -9.35 -45.16
C TYR BE 340 26.52 -10.84 -45.37
N VAL BE 341 27.07 -11.21 -46.53
CA VAL BE 341 27.20 -12.63 -46.85
C VAL BE 341 28.18 -13.32 -45.92
N THR BE 342 29.31 -12.68 -45.59
CA THR BE 342 30.25 -13.29 -44.65
C THR BE 342 29.66 -13.48 -43.27
N LEU BE 343 28.89 -12.53 -42.75
CA LEU BE 343 28.33 -12.73 -41.42
C LEU BE 343 27.05 -13.57 -41.42
N SER BE 344 26.46 -13.86 -42.59
CA SER BE 344 25.23 -14.64 -42.59
C SER BE 344 25.45 -16.05 -42.05
N THR BE 345 26.55 -16.69 -42.45
CA THR BE 345 26.84 -18.03 -41.95
C THR BE 345 27.06 -18.02 -40.45
N VAL BE 346 27.77 -17.01 -39.94
CA VAL BE 346 27.98 -16.90 -38.50
C VAL BE 346 26.64 -16.74 -37.80
N ALA BE 347 25.78 -15.86 -38.32
CA ALA BE 347 24.49 -15.62 -37.69
C ALA BE 347 23.63 -16.88 -37.65
N GLN BE 348 23.61 -17.64 -38.75
CA GLN BE 348 22.82 -18.85 -38.76
C GLN BE 348 23.40 -19.89 -37.81
N VAL BE 349 24.73 -19.90 -37.64
CA VAL BE 349 25.33 -20.81 -36.68
C VAL BE 349 24.91 -20.44 -35.25
N MET BE 350 24.94 -19.14 -34.92
CA MET BE 350 24.40 -18.71 -33.63
C MET BE 350 22.96 -19.17 -33.42
N VAL BE 351 22.07 -18.89 -34.37
CA VAL BE 351 20.67 -19.20 -34.12
C VAL BE 351 20.47 -20.71 -33.98
N ASN BE 352 21.16 -21.50 -34.80
CA ASN BE 352 21.04 -22.94 -34.68
C ASN BE 352 21.65 -23.47 -33.40
N ASN BE 353 22.65 -22.77 -32.83
CA ASN BE 353 23.27 -23.26 -31.61
C ASN BE 353 22.35 -23.17 -30.40
N ASP BE 354 21.59 -22.09 -30.27
CA ASP BE 354 20.83 -21.85 -29.06
C ASP BE 354 19.68 -22.84 -28.93
N PRO BE 355 19.52 -23.50 -27.79
CA PRO BE 355 18.42 -24.47 -27.64
C PRO BE 355 17.03 -23.84 -27.66
N ALA BE 356 16.91 -22.55 -27.33
CA ALA BE 356 15.59 -21.93 -27.24
C ALA BE 356 14.88 -21.87 -28.59
N PHE BE 357 15.61 -21.69 -29.70
CA PHE BE 357 14.99 -21.77 -31.01
C PHE BE 357 15.06 -23.17 -31.62
N SER BE 358 15.09 -24.21 -30.78
CA SER BE 358 14.89 -25.56 -31.29
C SER BE 358 13.40 -25.74 -31.58
N THR BE 359 13.00 -25.43 -32.81
CA THR BE 359 11.60 -25.57 -33.19
C THR BE 359 11.13 -27.02 -33.07
N THR BE 360 12.02 -27.98 -33.26
CA THR BE 360 11.74 -29.39 -32.99
C THR BE 360 11.92 -29.66 -31.50
N THR BE 361 11.46 -30.84 -31.09
CA THR BE 361 11.60 -31.25 -29.70
C THR BE 361 13.08 -31.30 -29.32
N SER BE 362 13.36 -31.09 -28.03
CA SER BE 362 14.74 -31.18 -27.55
C SER BE 362 15.15 -32.64 -27.58
N THR BE 363 15.74 -33.08 -28.69
CA THR BE 363 15.99 -34.48 -28.96
C THR BE 363 17.33 -34.96 -28.41
N GLY BE 364 18.16 -34.06 -27.90
CA GLY BE 364 19.43 -34.44 -27.32
C GLY BE 364 19.41 -34.36 -25.80
N ASN BE 365 20.61 -34.24 -25.22
CA ASN BE 365 20.73 -34.12 -23.78
C ASN BE 365 20.22 -32.76 -23.30
N SER BE 366 19.43 -32.79 -22.24
CA SER BE 366 18.93 -31.57 -21.63
C SER BE 366 19.91 -30.95 -20.65
N LYS BE 367 21.06 -31.58 -20.43
CA LYS BE 367 22.07 -31.08 -19.51
C LYS BE 367 23.26 -30.55 -20.29
N ASN BE 368 23.56 -31.12 -21.46
CA ASN BE 368 24.75 -30.83 -22.26
C ASN BE 368 24.94 -29.34 -22.49
N ASP BE 369 23.85 -28.59 -22.69
CA ASP BE 369 23.92 -27.17 -23.00
C ASP BE 369 24.92 -26.45 -22.10
N PHE BE 370 25.82 -25.68 -22.71
CA PHE BE 370 26.78 -24.91 -21.94
C PHE BE 370 26.07 -23.87 -21.08
N SER BE 371 25.03 -23.25 -21.62
CA SER BE 371 24.17 -22.36 -20.87
C SER BE 371 22.76 -22.47 -21.44
N ALA BE 372 21.84 -21.70 -20.89
CA ALA BE 372 20.46 -21.69 -21.36
C ALA BE 372 20.31 -20.93 -22.68
N ILE BE 373 21.37 -20.31 -23.17
CA ILE BE 373 21.30 -19.49 -24.37
C ILE BE 373 22.18 -20.14 -25.45
N ALA BE 374 22.99 -21.12 -25.07
CA ALA BE 374 23.90 -21.78 -25.98
C ALA BE 374 24.04 -23.25 -25.62
N LYS BE 375 23.69 -24.13 -26.56
CA LYS BE 375 23.98 -25.55 -26.38
C LYS BE 375 25.48 -25.80 -26.29
N GLN BE 376 26.25 -25.11 -27.13
CA GLN BE 376 27.70 -25.23 -27.15
C GLN BE 376 28.31 -23.85 -26.93
N GLN BE 377 29.36 -23.80 -26.12
CA GLN BE 377 30.10 -22.56 -25.93
C GLN BE 377 30.81 -22.17 -27.22
N PHE BE 378 30.71 -20.90 -27.58
CA PHE BE 378 31.43 -20.42 -28.76
C PHE BE 378 32.92 -20.24 -28.47
N GLY BE 379 33.27 -19.74 -27.29
CA GLY BE 379 34.64 -19.72 -26.86
C GLY BE 379 35.10 -18.37 -26.36
N VAL BE 380 36.40 -18.29 -26.12
CA VAL BE 380 37.04 -17.16 -25.44
C VAL BE 380 38.47 -17.04 -25.96
N PRO BE 381 38.99 -15.82 -26.07
CA PRO BE 381 40.40 -15.65 -26.42
C PRO BE 381 41.32 -16.31 -25.40
N TYR BE 382 42.44 -16.84 -25.90
CA TYR BE 382 43.46 -17.49 -25.11
C TYR BE 382 44.81 -16.90 -25.53
N LYS BE 383 45.68 -16.67 -24.57
CA LYS BE 383 46.98 -16.12 -24.92
C LYS BE 383 47.82 -17.17 -25.64
N SER BE 384 49.00 -16.75 -26.10
CA SER BE 384 49.84 -17.60 -26.93
C SER BE 384 50.24 -18.89 -26.22
N SER BE 385 50.35 -18.85 -24.89
CA SER BE 385 50.75 -20.04 -24.14
C SER BE 385 49.58 -20.95 -23.80
N GLY BE 386 48.35 -20.55 -24.12
CA GLY BE 386 47.20 -21.44 -24.00
C GLY BE 386 46.35 -21.27 -22.76
N GLU BE 387 46.71 -20.37 -21.84
CA GLU BE 387 45.92 -20.15 -20.65
C GLU BE 387 45.06 -18.90 -20.81
N VAL BE 388 44.16 -18.71 -19.84
CA VAL BE 388 43.09 -17.73 -19.99
C VAL BE 388 43.64 -16.33 -20.25
N CYS BE 389 43.01 -15.64 -21.19
CA CYS BE 389 43.42 -14.29 -21.61
C CYS BE 389 42.33 -13.33 -21.20
N THR BE 390 42.41 -12.83 -19.97
CA THR BE 390 41.36 -11.96 -19.44
C THR BE 390 41.50 -10.52 -19.91
N GLU BE 391 42.70 -10.08 -20.27
CA GLU BE 391 42.95 -8.69 -20.60
C GLU BE 391 43.75 -8.59 -21.89
N TYR BE 392 43.57 -7.48 -22.60
CA TYR BE 392 44.29 -7.24 -23.85
C TYR BE 392 45.80 -7.22 -23.63
N GLN BE 393 46.25 -6.61 -22.53
CA GLN BE 393 47.68 -6.33 -22.35
C GLN BE 393 48.50 -7.61 -22.39
N GLN BE 394 48.02 -8.67 -21.73
CA GLN BE 394 48.54 -10.00 -22.00
C GLN BE 394 47.99 -10.43 -23.36
N VAL BE 395 48.87 -10.55 -24.36
CA VAL BE 395 48.43 -10.70 -25.74
C VAL BE 395 47.76 -12.06 -25.93
N CYS BE 396 46.56 -12.05 -26.50
CA CYS BE 396 45.85 -13.28 -26.82
C CYS BE 396 46.14 -13.67 -28.26
N GLN BE 397 46.25 -14.96 -28.50
CA GLN BE 397 46.55 -15.39 -29.86
C GLN BE 397 45.59 -16.44 -30.39
N THR BE 398 45.08 -17.33 -29.54
CA THR BE 398 44.25 -18.44 -29.98
C THR BE 398 42.84 -18.30 -29.42
N TRP BE 399 42.01 -19.30 -29.71
CA TRP BE 399 40.64 -19.37 -29.23
C TRP BE 399 40.45 -20.69 -28.50
N GLY BE 400 39.56 -20.71 -27.51
CA GLY BE 400 39.37 -21.95 -26.80
C GLY BE 400 38.13 -21.95 -25.94
N SER BE 401 37.87 -23.10 -25.32
CA SER BE 401 36.72 -23.26 -24.45
C SER BE 401 37.07 -22.87 -23.02
N VAL BE 402 36.03 -22.60 -22.23
CA VAL BE 402 36.17 -22.16 -20.85
C VAL BE 402 36.63 -23.36 -20.02
N PRO BE 403 37.29 -23.14 -18.89
CA PRO BE 403 37.52 -24.26 -17.97
C PRO BE 403 36.21 -24.89 -17.54
N SER BE 404 36.23 -26.21 -17.36
CA SER BE 404 35.01 -26.98 -17.09
C SER BE 404 34.53 -26.68 -15.68
N SER BE 405 33.64 -25.70 -15.56
CA SER BE 405 33.01 -25.37 -14.28
C SER BE 405 31.58 -25.88 -14.19
N THR BE 406 30.91 -26.12 -15.32
CA THR BE 406 29.58 -26.69 -15.34
C THR BE 406 29.60 -28.21 -15.30
N GLY BE 407 30.77 -28.82 -15.15
CA GLY BE 407 30.91 -30.25 -15.16
C GLY BE 407 31.21 -30.84 -16.53
N SER BE 408 31.15 -30.04 -17.59
CA SER BE 408 31.45 -30.51 -18.93
C SER BE 408 31.98 -29.34 -19.76
N THR BE 409 32.68 -29.68 -20.83
CA THR BE 409 33.24 -28.70 -21.75
C THR BE 409 32.66 -28.95 -23.13
N THR BE 410 31.95 -27.96 -23.66
CA THR BE 410 31.32 -28.06 -24.97
C THR BE 410 32.25 -27.52 -26.04
N GLY BE 411 32.22 -28.16 -27.20
CA GLY BE 411 33.13 -27.80 -28.28
C GLY BE 411 32.89 -26.38 -28.76
N VAL BE 412 33.99 -25.70 -29.09
CA VAL BE 412 33.93 -24.33 -29.57
C VAL BE 412 33.70 -24.36 -31.09
N LEU BE 413 32.77 -23.53 -31.55
CA LEU BE 413 32.37 -23.53 -32.94
C LEU BE 413 33.11 -22.49 -33.78
N PHE BE 414 34.06 -21.77 -33.19
CA PHE BE 414 34.70 -20.66 -33.89
C PHE BE 414 36.17 -20.55 -33.51
N ASN BE 415 36.92 -19.95 -34.43
CA ASN BE 415 38.33 -19.61 -34.23
C ASN BE 415 38.49 -18.24 -33.60
N GLY BE 416 37.41 -17.47 -33.47
CA GLY BE 416 37.47 -16.11 -33.01
C GLY BE 416 37.96 -15.11 -34.03
N THR BE 417 38.24 -15.54 -35.26
CA THR BE 417 38.79 -14.68 -36.30
C THR BE 417 37.80 -14.42 -37.43
N GLU BE 418 36.55 -14.86 -37.27
CA GLU BE 418 35.55 -14.61 -38.31
C GLU BE 418 35.27 -13.13 -38.47
N PHE BE 419 35.13 -12.40 -37.37
CA PHE BE 419 34.89 -10.96 -37.45
C PHE BE 419 36.09 -10.25 -38.05
N LEU BE 420 37.28 -10.52 -37.53
CA LEU BE 420 38.49 -9.90 -38.06
C LEU BE 420 38.70 -10.25 -39.53
N GLY BE 421 38.51 -11.52 -39.88
CA GLY BE 421 38.65 -11.92 -41.26
C GLY BE 421 37.64 -11.24 -42.17
N ALA BE 422 36.41 -11.06 -41.68
CA ALA BE 422 35.40 -10.37 -42.47
C ALA BE 422 35.78 -8.92 -42.72
N ILE BE 423 36.28 -8.22 -41.70
CA ILE BE 423 36.78 -6.87 -41.92
C ILE BE 423 37.95 -6.88 -42.89
N ASN BE 424 38.78 -7.92 -42.82
CA ASN BE 424 39.90 -8.03 -43.74
C ASN BE 424 39.44 -8.15 -45.18
N ASP BE 425 38.42 -8.96 -45.45
CA ASP BE 425 37.88 -9.04 -46.81
C ASP BE 425 37.28 -7.69 -47.21
N TYR BE 426 36.63 -7.02 -46.26
CA TYR BE 426 36.09 -5.69 -46.54
C TYR BE 426 37.19 -4.76 -47.05
N ASN BE 427 38.24 -4.55 -46.25
CA ASN BE 427 39.30 -3.65 -46.68
C ASN BE 427 40.00 -4.19 -47.92
N GLY BE 428 39.99 -5.50 -48.13
CA GLY BE 428 40.57 -6.07 -49.34
C GLY BE 428 39.85 -5.61 -50.58
N ILE BE 429 38.52 -5.54 -50.53
CA ILE BE 429 37.77 -5.14 -51.72
C ILE BE 429 37.60 -3.63 -51.78
N MET BE 430 37.94 -2.91 -50.70
CA MET BE 430 38.07 -1.45 -50.83
C MET BE 430 39.44 -1.02 -51.32
N MET BE 431 40.48 -1.84 -51.10
CA MET BE 431 41.82 -1.39 -51.48
C MET BE 431 41.91 -1.04 -52.96
N PRO BE 432 41.32 -1.78 -53.91
CA PRO BE 432 41.44 -1.36 -55.32
C PRO BE 432 40.88 0.00 -55.62
N THR BE 433 39.67 0.31 -55.14
CA THR BE 433 39.06 1.59 -55.48
C THR BE 433 39.86 2.75 -54.91
N LEU BE 434 40.32 2.63 -53.67
CA LEU BE 434 41.13 3.69 -53.09
C LEU BE 434 42.47 3.78 -53.82
N ASN BE 435 43.00 2.64 -54.28
CA ASN BE 435 44.20 2.67 -55.10
C ASN BE 435 43.98 3.48 -56.37
N LEU BE 436 42.84 3.26 -57.04
CA LEU BE 436 42.54 4.04 -58.23
C LEU BE 436 42.39 5.52 -57.92
N ILE BE 437 41.75 5.85 -56.79
CA ILE BE 437 41.50 7.27 -56.52
C ILE BE 437 42.81 7.96 -56.14
N ARG BE 438 43.78 7.23 -55.56
CA ARG BE 438 45.07 7.85 -55.29
C ARG BE 438 45.73 8.34 -56.58
N GLN BE 439 45.74 7.51 -57.61
CA GLN BE 439 46.40 7.87 -58.86
C GLN BE 439 45.68 9.02 -59.53
N SER BE 442 55.03 14.76 -59.27
CA SER BE 442 54.34 13.65 -58.62
C SER BE 442 53.15 14.15 -57.81
N LYS BE 443 52.66 13.31 -56.90
CA LYS BE 443 51.54 13.67 -56.06
C LYS BE 443 51.93 14.53 -54.87
N GLU BE 444 53.22 14.61 -54.54
CA GLU BE 444 53.69 15.48 -53.47
C GLU BE 444 54.32 16.77 -53.99
N PHE BE 445 54.94 16.73 -55.16
CA PHE BE 445 55.53 17.91 -55.78
C PHE BE 445 54.75 18.24 -57.04
N ASP BE 446 54.26 19.47 -57.13
CA ASP BE 446 53.40 19.89 -58.22
C ASP BE 446 54.02 21.07 -58.96
N LYS BE 447 53.52 21.29 -60.17
CA LYS BE 447 53.99 22.42 -60.98
C LYS BE 447 53.22 23.70 -60.69
N LYS BE 448 52.15 23.62 -59.89
CA LYS BE 448 51.44 24.82 -59.49
C LYS BE 448 52.33 25.75 -58.68
N SER BE 449 53.28 25.16 -57.93
CA SER BE 449 54.26 25.94 -57.19
C SER BE 449 55.24 26.66 -58.09
N ARG BE 450 55.04 26.65 -59.40
CA ARG BE 450 55.82 27.51 -60.28
C ARG BE 450 54.99 28.55 -61.02
N ASP BE 451 53.66 28.48 -60.93
CA ASP BE 451 52.83 29.38 -61.73
C ASP BE 451 52.68 30.75 -61.09
N PHE BE 452 52.78 30.84 -59.77
CA PHE BE 452 52.46 32.11 -59.12
C PHE BE 452 53.51 33.17 -59.43
N ILE BE 453 54.70 32.77 -59.87
CA ILE BE 453 55.71 33.75 -60.25
C ILE BE 453 55.23 34.55 -61.45
N ALA BE 454 54.53 33.89 -62.37
CA ALA BE 454 54.04 34.54 -63.59
C ALA BE 454 53.01 35.61 -63.28
N GLU BE 455 52.47 35.64 -62.07
CA GLU BE 455 51.63 36.75 -61.64
C GLU BE 455 52.32 37.65 -60.63
N ALA BE 456 53.26 37.10 -59.86
CA ALA BE 456 54.02 37.90 -58.91
C ALA BE 456 54.83 38.96 -59.61
N ASN BE 457 55.44 38.62 -60.74
CA ASN BE 457 56.15 39.65 -61.52
C ASN BE 457 55.20 40.74 -61.97
N ALA BE 458 53.92 40.42 -62.18
CA ALA BE 458 52.95 41.43 -62.57
C ALA BE 458 52.58 42.32 -61.39
N LYS BE 459 52.38 41.74 -60.21
CA LYS BE 459 51.95 42.55 -59.06
C LYS BE 459 53.03 43.52 -58.60
N GLY BE 460 54.25 43.05 -58.42
CA GLY BE 460 55.34 43.92 -58.05
C GLY BE 460 55.84 43.68 -56.64
N TRP BE 461 56.58 44.67 -56.13
CA TRP BE 461 57.32 44.49 -54.89
C TRP BE 461 56.44 44.67 -53.65
N ILE BE 462 55.31 45.37 -53.79
CA ILE BE 462 54.43 45.60 -52.65
C ILE BE 462 53.81 44.29 -52.18
N MET BE 463 53.72 43.30 -53.06
CA MET BE 463 53.01 42.06 -52.78
C MET BE 463 53.94 40.92 -52.38
N ALA BE 464 55.23 41.17 -52.29
CA ALA BE 464 56.17 40.09 -52.01
C ALA BE 464 55.93 39.43 -50.67
N GLY BE 465 55.31 40.13 -49.72
CA GLY BE 465 55.07 39.55 -48.41
C GLY BE 465 54.09 38.38 -48.45
N SER BE 466 53.04 38.49 -49.26
CA SER BE 466 52.03 37.44 -49.31
C SER BE 466 52.54 36.18 -49.99
N TYR BE 467 53.70 36.25 -50.66
CA TYR BE 467 54.29 35.09 -51.31
C TYR BE 467 55.20 34.29 -50.40
N PHE BE 468 55.45 34.76 -49.18
CA PHE BE 468 56.39 34.13 -48.25
C PHE BE 468 56.19 32.62 -48.20
N PHE BE 469 55.01 32.18 -47.78
CA PHE BE 469 54.70 30.77 -47.68
C PHE BE 469 54.71 30.03 -49.02
N ASP BE 470 54.41 30.71 -50.13
CA ASP BE 470 54.67 30.11 -51.44
C ASP BE 470 56.16 29.80 -51.62
N LEU BE 471 57.03 30.75 -51.26
CA LEU BE 471 58.47 30.49 -51.35
C LEU BE 471 58.90 29.39 -50.40
N VAL BE 472 58.23 29.28 -49.24
CA VAL BE 472 58.54 28.20 -48.32
C VAL BE 472 58.29 26.84 -48.98
N LYS BE 473 57.11 26.66 -49.57
CA LYS BE 473 56.88 25.37 -50.22
C LYS BE 473 57.72 25.20 -51.47
N LEU BE 474 58.11 26.30 -52.13
CA LEU BE 474 59.02 26.19 -53.27
C LEU BE 474 60.38 25.66 -52.84
N ASN BE 475 60.92 26.18 -51.73
CA ASN BE 475 62.16 25.64 -51.18
C ASN BE 475 61.98 24.19 -50.75
N GLY BE 476 60.83 23.84 -50.19
CA GLY BE 476 60.57 22.46 -49.83
C GLY BE 476 60.59 21.54 -51.05
N SER BE 477 59.98 21.97 -52.15
CA SER BE 477 59.98 21.16 -53.36
C SER BE 477 61.37 21.07 -53.97
N ALA BE 478 62.13 22.17 -53.93
CA ALA BE 478 63.47 22.17 -54.53
C ALA BE 478 64.44 21.26 -53.80
N THR BE 479 64.17 20.92 -52.55
CA THR BE 479 65.04 20.05 -51.77
C THR BE 479 64.50 18.61 -51.68
N GLU BE 480 63.20 18.46 -51.47
CA GLU BE 480 62.59 17.14 -51.40
C GLU BE 480 62.38 16.55 -52.80
N ASP BE 483 45.38 6.73 -43.94
CA ASP BE 483 46.39 5.90 -44.58
C ASP BE 483 45.76 4.97 -45.61
N GLN BE 484 46.31 3.75 -45.73
CA GLN BE 484 45.82 2.80 -46.71
C GLN BE 484 44.43 2.28 -46.34
N PHE BE 485 44.03 2.39 -45.08
CA PHE BE 485 42.70 1.97 -44.67
C PHE BE 485 41.67 3.04 -44.99
N ASP BE 486 40.47 2.61 -45.34
CA ASP BE 486 39.41 3.54 -45.72
C ASP BE 486 38.95 4.35 -44.51
N THR BE 487 38.75 5.64 -44.72
CA THR BE 487 38.34 6.56 -43.66
C THR BE 487 37.17 7.40 -44.16
N GLY BE 488 36.27 7.76 -43.25
CA GLY BE 488 35.07 8.47 -43.63
C GLY BE 488 33.99 7.58 -44.17
N THR BE 489 34.05 6.27 -43.88
CA THR BE 489 33.08 5.32 -44.42
C THR BE 489 31.67 5.59 -43.92
N GLY BE 490 31.53 5.93 -42.64
CA GLY BE 490 30.24 6.33 -42.11
C GLY BE 490 29.37 5.22 -41.56
N LEU BE 491 29.90 4.01 -41.38
CA LEU BE 491 29.12 2.98 -40.70
C LEU BE 491 28.94 3.25 -39.22
N ASP BE 492 29.71 4.19 -38.65
CA ASP BE 492 29.46 4.59 -37.26
C ASP BE 492 28.09 5.23 -37.10
N LYS BE 493 27.56 5.80 -38.18
CA LYS BE 493 26.21 6.33 -38.23
C LYS BE 493 25.14 5.29 -37.93
N SER BE 494 25.44 4.00 -38.12
CA SER BE 494 24.46 2.95 -37.95
C SER BE 494 24.06 2.82 -36.48
N SER BE 495 22.91 2.19 -36.25
CA SER BE 495 22.37 2.03 -34.91
C SER BE 495 21.59 0.74 -34.82
N PHE BE 496 21.56 0.17 -33.61
CA PHE BE 496 20.75 -1.00 -33.32
C PHE BE 496 20.24 -0.87 -31.89
N ASP BE 497 18.92 -0.95 -31.72
CA ASP BE 497 18.32 -0.89 -30.38
C ASP BE 497 17.69 -2.23 -30.07
N PRO BE 498 18.33 -3.08 -29.25
CA PRO BE 498 17.73 -4.38 -28.93
C PRO BE 498 16.47 -4.31 -28.09
N THR BE 499 16.34 -3.30 -27.22
CA THR BE 499 15.12 -3.17 -26.44
C THR BE 499 13.91 -2.88 -27.31
N GLN BE 500 14.14 -2.38 -28.54
CA GLN BE 500 13.04 -1.88 -29.36
C GLN BE 500 12.01 -2.97 -29.65
N LEU BE 501 12.46 -4.20 -29.86
CA LEU BE 501 11.51 -5.28 -30.12
C LEU BE 501 10.56 -5.48 -28.95
N THR BE 502 11.05 -5.36 -27.72
CA THR BE 502 10.18 -5.43 -26.55
C THR BE 502 9.53 -4.11 -26.22
N LYS BE 503 9.87 -3.04 -26.93
CA LYS BE 503 9.35 -1.72 -26.62
C LYS BE 503 7.84 -1.61 -26.75
N PRO BE 504 7.19 -2.08 -27.83
CA PRO BE 504 5.74 -1.81 -27.97
C PRO BE 504 4.89 -2.42 -26.87
N PHE BE 505 5.31 -3.54 -26.27
CA PHE BE 505 4.45 -4.27 -25.35
C PHE BE 505 4.18 -3.47 -24.08
N GLY BE 506 3.04 -3.74 -23.46
CA GLY BE 506 2.67 -3.06 -22.24
C GLY BE 506 1.32 -3.55 -21.75
N LYS BE 507 0.68 -2.74 -20.91
CA LYS BE 507 -0.69 -3.04 -20.50
C LYS BE 507 -1.61 -3.13 -21.72
N THR BE 508 -1.60 -2.08 -22.54
CA THR BE 508 -2.17 -2.11 -23.87
C THR BE 508 -1.11 -1.61 -24.83
N CYS BE 509 -0.50 -2.54 -25.58
CA CYS BE 509 0.67 -2.21 -26.37
C CYS BE 509 0.34 -1.22 -27.47
N GLN BE 510 1.35 -0.45 -27.87
CA GLN BE 510 1.15 0.74 -28.67
C GLN BE 510 2.13 0.74 -29.86
N ASP BE 511 2.16 1.86 -30.57
CA ASP BE 511 2.95 2.02 -31.79
C ASP BE 511 4.44 1.84 -31.50
N PRO BE 512 5.27 1.68 -32.54
CA PRO BE 512 4.95 1.55 -33.98
C PRO BE 512 4.74 0.10 -34.37
N TYR BE 513 4.78 -0.80 -33.39
CA TYR BE 513 4.66 -2.23 -33.61
C TYR BE 513 3.49 -2.80 -32.83
N SER BE 514 2.34 -2.11 -32.90
CA SER BE 514 1.14 -2.61 -32.26
C SER BE 514 0.72 -3.96 -32.82
N LEU BE 515 0.85 -4.14 -34.13
CA LEU BE 515 0.45 -5.40 -34.74
C LEU BE 515 1.30 -6.56 -34.25
N LEU BE 516 2.60 -6.32 -34.05
CA LEU BE 516 3.46 -7.36 -33.47
C LEU BE 516 2.88 -7.86 -32.16
N CYS BE 517 2.58 -6.92 -31.26
CA CYS BE 517 2.00 -7.29 -29.98
C CYS BE 517 0.65 -7.96 -30.13
N THR BE 518 -0.19 -7.46 -31.04
CA THR BE 518 -1.52 -8.04 -31.19
C THR BE 518 -1.44 -9.48 -31.67
N TRP BE 519 -0.52 -9.80 -32.59
CA TRP BE 519 -0.34 -11.20 -32.92
C TRP BE 519 0.14 -11.97 -31.70
N PHE BE 520 1.13 -11.44 -30.99
CA PHE BE 520 1.65 -12.14 -29.83
C PHE BE 520 0.72 -12.05 -28.62
N GLN BE 521 -0.45 -11.43 -28.79
CA GLN BE 521 -1.52 -11.37 -27.79
C GLN BE 521 -0.96 -10.79 -26.47
N ASN BE 522 -0.04 -9.84 -26.64
CA ASN BE 522 0.59 -9.10 -25.54
C ASN BE 522 1.38 -10.03 -24.62
N LYS BE 523 2.06 -11.01 -25.21
CA LYS BE 523 3.01 -11.86 -24.51
C LYS BE 523 4.33 -11.75 -25.24
N SER BE 524 5.26 -10.97 -24.70
CA SER BE 524 6.62 -10.89 -25.24
C SER BE 524 7.51 -12.01 -24.71
N ASP BE 525 6.91 -13.09 -24.21
CA ASP BE 525 7.68 -14.20 -23.64
C ASP BE 525 8.52 -14.93 -24.67
N LYS BE 526 8.29 -14.70 -25.95
CA LYS BE 526 9.13 -15.28 -26.99
C LYS BE 526 10.17 -14.31 -27.51
N LEU BE 527 9.84 -13.02 -27.61
CA LEU BE 527 10.81 -12.01 -28.00
C LEU BE 527 11.87 -11.76 -26.94
N ILE BE 528 11.59 -12.10 -25.68
CA ILE BE 528 12.55 -11.81 -24.63
C ILE BE 528 13.78 -12.70 -24.78
N GLN BE 529 13.57 -13.92 -25.30
CA GLN BE 529 14.70 -14.82 -25.54
C GLN BE 529 15.66 -14.24 -26.57
N ILE BE 530 15.14 -13.50 -27.55
CA ILE BE 530 16.04 -12.79 -28.46
C ILE BE 530 16.91 -11.80 -27.68
N GLN BE 531 16.32 -11.11 -26.71
CA GLN BE 531 17.11 -10.20 -25.88
C GLN BE 531 18.17 -10.93 -25.08
N SER BE 532 17.81 -12.07 -24.49
CA SER BE 532 18.81 -12.86 -23.76
C SER BE 532 19.87 -13.40 -24.70
N LEU BE 533 19.53 -13.55 -25.98
CA LEU BE 533 20.55 -13.93 -26.96
C LEU BE 533 21.47 -12.75 -27.30
N ILE BE 534 20.90 -11.55 -27.46
CA ILE BE 534 21.72 -10.39 -27.81
C ILE BE 534 22.68 -10.06 -26.69
N ASP BE 535 22.17 -9.92 -25.46
CA ASP BE 535 23.04 -9.44 -24.39
C ASP BE 535 22.79 -10.14 -23.06
N GLY BE 536 22.33 -11.39 -23.10
CA GLY BE 536 22.25 -12.18 -21.88
C GLY BE 536 21.02 -11.94 -21.01
N VAL BE 537 20.60 -10.69 -20.88
CA VAL BE 537 19.48 -10.36 -20.00
C VAL BE 537 18.21 -10.99 -20.57
N PRO BE 538 17.45 -11.75 -19.76
CA PRO BE 538 17.65 -12.06 -18.35
C PRO BE 538 18.01 -13.51 -18.10
N ALA BE 539 18.13 -14.32 -19.15
CA ALA BE 539 18.42 -15.75 -18.97
C ALA BE 539 19.77 -15.96 -18.30
N LEU BE 540 20.64 -14.97 -18.32
CA LEU BE 540 21.93 -15.02 -17.67
C LEU BE 540 22.06 -13.89 -16.65
N GLY BE 541 20.95 -13.60 -15.96
CA GLY BE 541 20.92 -12.50 -15.02
C GLY BE 541 20.55 -11.19 -15.67
N GLN BE 542 20.38 -10.17 -14.84
CA GLN BE 542 20.00 -8.85 -15.29
C GLN BE 542 21.21 -7.96 -15.59
N ASP BE 543 22.42 -8.47 -15.39
CA ASP BE 543 23.62 -7.65 -15.60
C ASP BE 543 23.85 -7.39 -17.09
N GLY BE 544 24.02 -8.46 -17.87
CA GLY BE 544 24.23 -8.33 -19.29
C GLY BE 544 25.62 -7.82 -19.63
N VAL BE 545 25.79 -7.52 -20.91
CA VAL BE 545 27.05 -7.02 -21.45
C VAL BE 545 26.77 -5.74 -22.23
N LYS BE 546 27.56 -4.71 -21.96
CA LYS BE 546 27.33 -3.38 -22.48
C LYS BE 546 27.97 -3.21 -23.85
N GLN BE 547 27.74 -2.05 -24.46
CA GLN BE 547 28.17 -1.83 -25.83
C GLN BE 547 29.69 -1.82 -25.90
N PRO BE 548 30.32 -2.68 -26.70
CA PRO BE 548 31.78 -2.69 -26.78
C PRO BE 548 32.26 -1.55 -27.66
N ASP BE 549 33.07 -0.66 -27.07
CA ASP BE 549 33.57 0.51 -27.78
C ASP BE 549 34.56 0.06 -28.84
N LEU BE 550 34.10 -0.06 -30.08
CA LEU BE 550 34.89 -0.66 -31.15
C LEU BE 550 36.11 0.16 -31.53
N SER BE 551 36.22 1.39 -31.05
CA SER BE 551 37.47 2.12 -31.17
C SER BE 551 38.56 1.41 -30.39
N ASP BE 552 39.81 1.79 -30.67
CA ASP BE 552 40.94 1.13 -30.03
C ASP BE 552 40.90 1.31 -28.52
N ASN BE 553 40.64 0.22 -27.80
CA ASN BE 553 40.58 0.23 -26.34
C ASN BE 553 41.50 -0.87 -25.82
N PRO BE 554 42.77 -0.55 -25.55
CA PRO BE 554 43.67 -1.56 -24.97
C PRO BE 554 43.26 -2.03 -23.59
N GLN BE 555 42.30 -1.36 -22.94
CA GLN BE 555 41.83 -1.75 -21.62
C GLN BE 555 40.45 -2.38 -21.65
N ARG BE 556 40.08 -3.05 -22.74
CA ARG BE 556 38.82 -3.76 -22.79
C ARG BE 556 38.96 -5.10 -22.08
N GLN BE 557 38.07 -5.37 -21.14
CA GLN BE 557 38.09 -6.61 -20.38
C GLN BE 557 37.30 -7.68 -21.13
N SER BE 558 37.83 -8.90 -21.13
CA SER BE 558 37.12 -10.01 -21.76
C SER BE 558 35.95 -10.46 -20.89
N VAL BE 559 34.94 -11.01 -21.55
CA VAL BE 559 33.79 -11.58 -20.86
C VAL BE 559 34.10 -13.03 -20.52
N SER BE 560 33.85 -13.42 -19.27
CA SER BE 560 34.17 -14.74 -18.79
C SER BE 560 32.90 -15.46 -18.37
N GLY BE 561 33.01 -16.79 -18.28
CA GLY BE 561 31.91 -17.61 -17.84
C GLY BE 561 30.77 -17.66 -18.83
N PRO BE 562 29.55 -17.92 -18.33
CA PRO BE 562 28.39 -18.01 -19.24
C PRO BE 562 28.15 -16.74 -20.03
N LEU BE 563 28.55 -15.58 -19.51
CA LEU BE 563 28.37 -14.34 -20.26
C LEU BE 563 29.17 -14.31 -21.55
N SER BE 564 30.16 -15.19 -21.71
CA SER BE 564 30.86 -15.31 -22.98
C SER BE 564 30.00 -15.96 -24.06
N SER BE 565 28.85 -16.53 -23.69
CA SER BE 565 27.98 -17.25 -24.62
C SER BE 565 26.86 -16.37 -25.15
N THR BE 566 27.11 -15.07 -25.29
CA THR BE 566 26.19 -14.16 -25.96
C THR BE 566 26.92 -13.52 -27.14
N VAL BE 567 26.15 -13.14 -28.16
CA VAL BE 567 26.76 -12.56 -29.35
C VAL BE 567 27.46 -11.26 -29.01
N TYR BE 568 26.90 -10.49 -28.09
CA TYR BE 568 27.49 -9.22 -27.68
C TYR BE 568 28.82 -9.46 -26.97
N GLY BE 569 28.85 -10.47 -26.09
CA GLY BE 569 30.09 -10.87 -25.46
C GLY BE 569 31.10 -11.43 -26.43
N PHE BE 570 30.63 -12.18 -27.45
CA PHE BE 570 31.52 -12.58 -28.53
C PHE BE 570 32.14 -11.40 -29.23
N VAL BE 571 31.37 -10.34 -29.47
CA VAL BE 571 31.94 -9.15 -30.10
C VAL BE 571 33.03 -8.57 -29.21
N ASN BE 572 32.71 -8.39 -27.92
CA ASN BE 572 33.68 -7.83 -26.98
C ASN BE 572 34.95 -8.68 -26.94
N ASN BE 573 34.81 -10.00 -26.97
CA ASN BE 573 35.97 -10.88 -26.88
C ASN BE 573 36.75 -10.91 -28.20
N SER BE 574 36.03 -10.84 -29.33
CA SER BE 574 36.67 -10.98 -30.63
C SER BE 574 37.45 -9.73 -31.01
N MET BE 575 37.12 -8.58 -30.44
CA MET BE 575 38.02 -7.46 -30.72
C MET BE 575 39.42 -7.64 -30.13
N MET BE 576 39.65 -8.60 -29.22
CA MET BE 576 40.93 -8.75 -28.57
C MET BE 576 41.91 -9.70 -29.26
N VAL BE 577 41.43 -10.74 -29.94
CA VAL BE 577 42.36 -11.72 -30.50
C VAL BE 577 43.27 -11.04 -31.52
N GLN BE 578 44.57 -11.27 -31.37
CA GLN BE 578 45.58 -10.62 -32.20
C GLN BE 578 45.83 -11.46 -33.43
N LEU BE 579 45.41 -10.97 -34.57
CA LEU BE 579 45.85 -11.55 -35.83
C LEU BE 579 47.35 -11.34 -35.99
N PRO BE 580 48.10 -12.40 -36.29
CA PRO BE 580 49.55 -12.27 -36.51
C PRO BE 580 49.90 -11.69 -37.88
N GLY BE 581 49.40 -10.49 -38.16
CA GLY BE 581 49.72 -9.77 -39.37
C GLY BE 581 50.58 -8.56 -39.06
N GLN BE 582 51.60 -8.77 -38.22
CA GLN BE 582 52.46 -7.71 -37.69
C GLN BE 582 51.61 -6.72 -36.90
N PRO BE 583 51.12 -7.10 -35.73
CA PRO BE 583 50.17 -6.26 -34.99
C PRO BE 583 50.74 -4.87 -34.71
N GLY BE 584 49.86 -3.87 -34.84
CA GLY BE 584 50.24 -2.49 -34.60
C GLY BE 584 49.45 -1.85 -33.49
N ILE BE 585 48.63 -2.63 -32.80
CA ILE BE 585 47.87 -2.10 -31.67
C ILE BE 585 48.84 -1.78 -30.54
N LYS BE 586 48.87 -0.51 -30.14
CA LYS BE 586 49.92 -0.02 -29.26
C LYS BE 586 49.43 -0.06 -27.82
N PRO BE 587 50.09 -0.81 -26.93
CA PRO BE 587 49.73 -0.75 -25.50
C PRO BE 587 50.03 0.62 -24.92
N LEU BE 588 49.22 1.01 -23.94
CA LEU BE 588 49.30 2.35 -23.38
C LEU BE 588 50.56 2.52 -22.52
N THR BE 589 51.01 3.76 -22.39
CA THR BE 589 52.16 4.06 -21.55
C THR BE 589 51.79 4.72 -20.24
N PHE BE 590 50.70 5.50 -20.20
CA PHE BE 590 50.19 6.08 -18.98
C PHE BE 590 49.02 5.24 -18.49
N ALA BE 591 49.34 4.20 -17.72
CA ALA BE 591 48.34 3.39 -17.05
C ALA BE 591 48.72 3.10 -15.60
N ASN BE 592 49.95 3.40 -15.18
CA ASN BE 592 50.39 3.13 -13.83
C ASN BE 592 50.54 4.36 -12.96
N LEU BE 593 50.62 5.55 -13.54
CA LEU BE 593 50.80 6.77 -12.77
C LEU BE 593 49.48 7.47 -12.47
N ILE BE 594 48.55 7.55 -13.42
CA ILE BE 594 47.20 8.05 -13.18
C ILE BE 594 46.40 6.88 -12.62
N ASN BE 595 45.97 7.00 -11.37
CA ASN BE 595 45.39 5.91 -10.60
C ASN BE 595 43.97 6.26 -10.21
N PHE BE 596 43.08 5.26 -10.25
CA PHE BE 596 41.65 5.48 -10.05
C PHE BE 596 41.07 4.27 -9.30
N LYS BE 597 40.96 4.39 -7.97
CA LYS BE 597 40.46 3.31 -7.12
C LYS BE 597 39.01 3.51 -6.68
N VAL BE 598 38.14 4.00 -7.57
CA VAL BE 598 36.71 4.00 -7.26
C VAL BE 598 36.18 2.58 -7.32
N ASP BE 599 35.27 2.26 -6.42
CA ASP BE 599 34.61 0.96 -6.40
C ASP BE 599 33.10 1.15 -6.37
N THR BE 600 32.40 0.44 -7.25
CA THR BE 600 30.95 0.46 -7.29
C THR BE 600 30.32 -0.32 -6.15
N SER BE 601 31.06 -1.24 -5.54
CA SER BE 601 30.53 -2.08 -4.47
C SER BE 601 30.42 -1.34 -3.15
N LEU BE 602 31.09 -0.19 -2.99
CA LEU BE 602 31.01 0.53 -1.73
C LEU BE 602 29.58 0.96 -1.43
N TYR BE 603 28.80 1.26 -2.45
CA TYR BE 603 27.42 1.66 -2.28
C TYR BE 603 26.44 0.50 -2.40
N TYR BE 604 26.92 -0.71 -2.70
CA TYR BE 604 26.02 -1.79 -3.06
C TYR BE 604 25.02 -2.04 -1.94
N MET BE 605 23.77 -2.24 -2.31
CA MET BE 605 22.68 -2.25 -1.35
C MET BE 605 22.20 -3.69 -1.22
N LYS BE 606 22.24 -4.22 0.01
CA LYS BE 606 22.04 -5.63 0.24
C LYS BE 606 20.55 -5.99 0.21
N HIS BE 607 20.26 -7.25 0.45
CA HIS BE 607 18.90 -7.80 0.42
C HIS BE 607 18.44 -8.06 1.85
N GLN BE 608 17.43 -7.31 2.30
CA GLN BE 608 17.00 -7.37 3.67
C GLN BE 608 15.93 -8.43 3.89
N ASP BE 609 15.89 -8.95 5.11
CA ASP BE 609 14.95 -10.00 5.52
C ASP BE 609 14.02 -9.37 6.55
N PHE BE 610 12.88 -8.89 6.06
CA PHE BE 610 11.91 -8.20 6.90
C PHE BE 610 11.11 -9.21 7.72
N ASP BE 611 10.63 -8.77 8.88
CA ASP BE 611 9.72 -9.59 9.65
C ASP BE 611 8.43 -9.80 8.86
N CYS BE 612 7.96 -11.05 8.85
CA CYS BE 612 6.76 -11.37 8.09
C CYS BE 612 5.56 -10.67 8.70
N GLY BE 613 4.85 -9.90 7.88
CA GLY BE 613 3.66 -9.22 8.36
C GLY BE 613 2.46 -10.13 8.39
N ARG BE 614 2.44 -11.07 9.34
CA ARG BE 614 1.39 -12.06 9.42
C ARG BE 614 0.01 -11.41 9.53
N VAL BE 615 -0.80 -11.54 8.49
CA VAL BE 615 -2.18 -11.10 8.50
C VAL BE 615 -3.03 -12.35 8.36
N LYS BE 616 -4.17 -12.36 9.07
CA LYS BE 616 -5.08 -13.49 9.06
C LYS BE 616 -6.46 -13.02 8.58
N ILE BE 617 -6.89 -13.58 7.47
CA ILE BE 617 -8.28 -13.58 7.09
C ILE BE 617 -8.87 -14.87 7.64
N LEU BE 618 -10.19 -15.00 7.63
CA LEU BE 618 -10.87 -15.99 8.45
C LEU BE 618 -10.21 -17.36 8.32
N PHE BE 619 -9.85 -17.77 7.12
CA PHE BE 619 -8.94 -18.91 7.00
C PHE BE 619 -7.93 -18.63 5.88
N PHE BE 620 -7.27 -17.48 5.97
CA PHE BE 620 -6.08 -17.23 5.17
C PHE BE 620 -5.04 -16.58 6.07
N SER BE 621 -3.77 -16.75 5.73
CA SER BE 621 -2.70 -16.16 6.54
C SER BE 621 -1.48 -15.96 5.67
N PHE BE 622 -0.97 -14.74 5.63
CA PHE BE 622 0.20 -14.47 4.80
C PHE BE 622 0.82 -13.15 5.20
N CYS BE 623 2.01 -12.88 4.67
CA CYS BE 623 2.84 -11.76 5.13
C CYS BE 623 2.58 -10.53 4.27
N LEU BE 624 1.79 -9.59 4.80
CA LEU BE 624 1.76 -8.25 4.23
C LEU BE 624 3.14 -7.60 4.29
N GLY BE 625 3.77 -7.62 5.46
CA GLY BE 625 5.02 -6.89 5.62
C GLY BE 625 6.16 -7.46 4.79
N ARG BE 626 6.25 -8.80 4.74
CA ARG BE 626 7.40 -9.41 4.08
C ARG BE 626 7.31 -9.22 2.56
N MET BE 627 6.16 -9.54 1.96
CA MET BE 627 5.99 -9.33 0.52
C MET BE 627 6.01 -7.84 0.21
N MET BE 628 5.49 -7.02 1.12
CA MET BE 628 5.62 -5.57 1.05
C MET BE 628 7.06 -5.15 0.83
N GLY BE 629 7.94 -5.52 1.76
CA GLY BE 629 9.34 -5.16 1.59
C GLY BE 629 9.96 -5.78 0.36
N ASP BE 630 9.57 -7.02 0.05
CA ASP BE 630 10.17 -7.74 -1.07
C ASP BE 630 9.87 -7.05 -2.39
N LEU BE 631 8.68 -6.47 -2.52
CA LEU BE 631 8.25 -5.97 -3.81
C LEU BE 631 8.36 -4.46 -3.94
N PHE BE 632 7.88 -3.71 -2.94
CA PHE BE 632 8.10 -2.26 -2.96
C PHE BE 632 9.58 -1.92 -2.92
N TYR BE 633 10.38 -2.69 -2.17
CA TYR BE 633 11.79 -2.34 -1.98
C TYR BE 633 12.74 -3.33 -2.64
N ASN BE 634 12.65 -4.62 -2.28
CA ASN BE 634 13.65 -5.58 -2.72
C ASN BE 634 13.63 -5.77 -4.24
N TYR BE 635 12.51 -5.48 -4.92
CA TYR BE 635 12.47 -5.57 -6.37
C TYR BE 635 11.95 -4.33 -7.09
N VAL BE 636 11.75 -3.21 -6.39
CA VAL BE 636 11.60 -1.91 -7.04
C VAL BE 636 12.83 -1.05 -6.79
N PHE BE 637 13.09 -0.69 -5.53
CA PHE BE 637 14.18 0.23 -5.22
C PHE BE 637 15.53 -0.42 -5.49
N ARG BE 638 15.73 -1.64 -4.98
CA ARG BE 638 16.95 -2.37 -5.30
C ARG BE 638 17.08 -2.54 -6.81
N TYR BE 639 15.99 -2.85 -7.49
CA TYR BE 639 16.07 -3.12 -8.93
C TYR BE 639 16.53 -1.87 -9.67
N VAL BE 640 15.86 -0.74 -9.45
CA VAL BE 640 16.21 0.47 -10.19
C VAL BE 640 17.64 0.88 -9.85
N TYR BE 641 17.99 0.86 -8.57
CA TYR BE 641 19.30 1.36 -8.19
C TYR BE 641 20.39 0.43 -8.71
N ASN BE 642 20.11 -0.87 -8.77
CA ASN BE 642 21.07 -1.82 -9.33
C ASN BE 642 21.22 -1.63 -10.83
N PHE BE 643 20.12 -1.40 -11.55
CA PHE BE 643 20.25 -1.06 -12.96
C PHE BE 643 21.13 0.17 -13.11
N PHE BE 644 20.94 1.14 -12.22
CA PHE BE 644 21.77 2.34 -12.21
C PHE BE 644 23.24 2.02 -12.01
N LEU BE 645 23.61 1.26 -10.98
CA LEU BE 645 25.03 1.04 -10.76
C LEU BE 645 25.62 0.19 -11.87
N ALA BE 646 24.83 -0.75 -12.39
CA ALA BE 646 25.29 -1.61 -13.47
C ALA BE 646 25.62 -0.81 -14.72
N ILE BE 647 24.76 0.15 -15.09
CA ILE BE 647 25.14 0.99 -16.22
C ILE BE 647 26.27 1.92 -15.82
N PHE BE 648 26.28 2.41 -14.59
CA PHE BE 648 27.21 3.47 -14.24
C PHE BE 648 28.65 2.99 -14.17
N GLY BE 649 28.89 1.73 -13.84
CA GLY BE 649 30.23 1.21 -13.71
C GLY BE 649 31.12 1.25 -14.96
N GLU BE 650 30.65 0.63 -16.04
CA GLU BE 650 31.44 0.68 -17.26
C GLU BE 650 31.50 2.10 -17.83
N MET BE 651 30.55 2.97 -17.48
CA MET BE 651 30.80 4.39 -17.73
C MET BE 651 32.00 4.90 -16.94
N ILE BE 652 32.06 4.67 -15.62
CA ILE BE 652 33.28 5.07 -14.91
C ILE BE 652 34.49 4.64 -15.73
N ASN BE 653 34.50 3.38 -16.13
CA ASN BE 653 35.57 2.85 -16.96
C ASN BE 653 35.82 3.76 -18.17
N SER BE 654 34.84 3.86 -19.07
CA SER BE 654 35.06 4.49 -20.38
C SER BE 654 35.29 5.99 -20.27
N ILE BE 655 34.43 6.69 -19.53
CA ILE BE 655 34.63 8.12 -19.26
C ILE BE 655 36.05 8.37 -18.75
N VAL BE 656 36.40 7.77 -17.61
CA VAL BE 656 37.66 8.11 -16.97
C VAL BE 656 38.83 7.74 -17.86
N MET BE 657 38.72 6.65 -18.64
CA MET BE 657 39.83 6.35 -19.54
C MET BE 657 39.95 7.42 -20.61
N ALA BE 658 38.81 7.86 -21.16
CA ALA BE 658 38.86 8.89 -22.20
C ALA BE 658 39.65 10.09 -21.71
N PHE BE 659 39.27 10.64 -20.56
CA PHE BE 659 40.06 11.76 -20.04
C PHE BE 659 41.51 11.38 -19.72
N LEU BE 660 41.76 10.24 -19.09
CA LEU BE 660 43.14 10.15 -18.62
C LEU BE 660 44.10 9.80 -19.75
N MET BE 661 43.72 8.95 -20.72
CA MET BE 661 44.67 8.85 -21.83
C MET BE 661 44.55 9.98 -22.83
N ILE BE 662 43.40 10.12 -23.51
CA ILE BE 662 43.43 10.63 -24.89
C ILE BE 662 44.23 11.90 -25.09
N PRO BE 663 44.16 12.91 -24.22
CA PRO BE 663 45.02 14.10 -24.43
C PRO BE 663 46.51 13.80 -24.41
N LEU BE 664 46.97 13.08 -23.39
CA LEU BE 664 48.41 12.82 -23.26
C LEU BE 664 48.91 11.88 -24.36
N GLN BE 665 48.11 10.90 -24.75
CA GLN BE 665 48.47 10.11 -25.91
C GLN BE 665 48.55 10.99 -27.15
N GLY BE 666 47.50 11.78 -27.42
CA GLY BE 666 47.56 12.65 -28.57
C GLY BE 666 48.86 13.44 -28.62
N MET BE 667 49.26 14.02 -27.49
CA MET BE 667 50.48 14.82 -27.49
C MET BE 667 51.72 13.96 -27.71
N LYS BE 668 51.77 12.76 -27.12
CA LYS BE 668 53.00 11.99 -27.24
C LYS BE 668 53.18 11.46 -28.65
N ASP BE 669 52.12 10.89 -29.24
CA ASP BE 669 52.24 10.44 -30.63
C ASP BE 669 52.46 11.60 -31.59
N ILE BE 670 51.82 12.75 -31.39
CA ILE BE 670 52.10 13.85 -32.31
C ILE BE 670 53.55 14.30 -32.18
N PHE BE 671 54.08 14.32 -30.97
CA PHE BE 671 55.47 14.76 -30.80
C PHE BE 671 56.44 13.76 -31.42
N ILE BE 672 56.18 12.47 -31.25
CA ILE BE 672 57.13 11.48 -31.78
C ILE BE 672 57.06 11.45 -33.30
N VAL BE 673 55.87 11.55 -33.87
CA VAL BE 673 55.80 11.59 -35.33
C VAL BE 673 56.46 12.85 -35.85
N GLY BE 674 56.31 13.98 -35.14
CA GLY BE 674 56.96 15.21 -35.57
C GLY BE 674 58.47 15.13 -35.55
N VAL BE 675 59.04 14.57 -34.47
CA VAL BE 675 60.48 14.44 -34.43
C VAL BE 675 60.95 13.47 -35.51
N GLN BE 676 60.17 12.42 -35.76
CA GLN BE 676 60.53 11.48 -36.82
C GLN BE 676 60.57 12.18 -38.17
N THR BE 677 59.64 13.10 -38.43
CA THR BE 677 59.76 13.88 -39.66
C THR BE 677 60.98 14.78 -39.65
N LEU BE 678 61.24 15.49 -38.54
CA LEU BE 678 62.27 16.52 -38.63
C LEU BE 678 63.67 15.90 -38.69
N THR BE 679 63.84 14.65 -38.25
CA THR BE 679 65.16 14.03 -38.32
C THR BE 679 65.66 13.94 -39.76
N GLN BE 680 64.77 13.88 -40.73
CA GLN BE 680 65.20 13.82 -42.13
C GLN BE 680 65.82 15.15 -42.53
N PRO BE 681 67.04 15.17 -43.07
CA PRO BE 681 67.62 16.45 -43.53
C PRO BE 681 66.88 17.05 -44.70
N GLY BE 682 66.26 16.23 -45.55
CA GLY BE 682 65.68 16.73 -46.79
C GLY BE 682 64.34 17.42 -46.64
N ILE BE 683 63.56 17.07 -45.61
CA ILE BE 683 62.23 17.65 -45.46
C ILE BE 683 62.36 19.11 -45.08
N ASN BE 684 61.54 19.95 -45.72
CA ASN BE 684 61.50 21.36 -45.35
C ASN BE 684 61.01 21.50 -43.92
N PRO BE 685 61.71 22.26 -43.08
CA PRO BE 685 61.33 22.31 -41.66
C PRO BE 685 60.06 23.12 -41.41
N ILE BE 686 59.89 24.22 -42.13
CA ILE BE 686 58.72 25.07 -41.91
C ILE BE 686 57.46 24.34 -42.31
N VAL BE 687 57.47 23.67 -43.46
CA VAL BE 687 56.32 22.86 -43.84
C VAL BE 687 56.09 21.75 -42.83
N ALA BE 688 57.16 21.13 -42.34
CA ALA BE 688 57.02 20.06 -41.36
C ALA BE 688 56.31 20.54 -40.11
N LEU BE 689 56.77 21.66 -39.55
CA LEU BE 689 56.11 22.23 -38.39
C LEU BE 689 54.69 22.69 -38.71
N ALA BE 690 54.43 23.12 -39.95
CA ALA BE 690 53.08 23.49 -40.33
C ALA BE 690 52.14 22.29 -40.26
N ASN BE 691 52.53 21.17 -40.88
CA ASN BE 691 51.71 19.97 -40.80
C ASN BE 691 51.59 19.50 -39.36
N MET BE 692 52.68 19.59 -38.61
CA MET BE 692 52.64 19.17 -37.21
C MET BE 692 51.59 19.97 -36.45
N GLY BE 693 51.63 21.30 -36.57
CA GLY BE 693 50.69 22.14 -35.86
C GLY BE 693 49.24 21.94 -36.28
N THR BE 694 48.99 21.79 -37.58
CA THR BE 694 47.61 21.53 -37.96
C THR BE 694 47.14 20.20 -37.41
N MET BE 695 48.04 19.21 -37.30
CA MET BE 695 47.67 17.96 -36.63
C MET BE 695 47.41 18.22 -35.15
N TYR BE 696 48.17 19.12 -34.54
CA TYR BE 696 47.89 19.51 -33.15
C TYR BE 696 46.44 19.92 -33.00
N ILE BE 697 46.01 20.84 -33.87
CA ILE BE 697 44.65 21.38 -33.77
C ILE BE 697 43.61 20.31 -34.13
N ASN BE 698 43.93 19.44 -35.09
CA ASN BE 698 42.98 18.38 -35.43
C ASN BE 698 42.74 17.46 -34.25
N PHE BE 699 43.82 16.99 -33.60
CA PHE BE 699 43.62 16.07 -32.50
C PHE BE 699 42.94 16.79 -31.33
N SER BE 700 43.31 18.05 -31.09
CA SER BE 700 42.66 18.78 -30.01
C SER BE 700 41.17 18.88 -30.24
N GLY BE 701 40.75 19.19 -31.47
CA GLY BE 701 39.33 19.26 -31.77
C GLY BE 701 38.66 17.91 -31.61
N THR BE 702 39.24 16.86 -32.19
CA THR BE 702 38.62 15.54 -32.10
C THR BE 702 38.44 15.13 -30.65
N LEU BE 703 39.50 15.27 -29.84
CA LEU BE 703 39.43 14.93 -28.43
C LEU BE 703 38.39 15.77 -27.71
N TRP BE 704 38.31 17.07 -28.01
CA TRP BE 704 37.43 17.92 -27.24
C TRP BE 704 35.96 17.62 -27.54
N LEU BE 705 35.60 17.51 -28.83
CA LEU BE 705 34.21 17.18 -29.12
C LEU BE 705 33.86 15.75 -28.74
N THR BE 706 34.84 14.83 -28.70
CA THR BE 706 34.51 13.51 -28.16
C THR BE 706 34.24 13.60 -26.66
N LEU BE 707 35.01 14.44 -25.95
CA LEU BE 707 34.68 14.71 -24.55
C LEU BE 707 33.26 15.22 -24.42
N LEU BE 708 32.89 16.18 -25.25
CA LEU BE 708 31.50 16.65 -25.25
C LEU BE 708 30.53 15.49 -25.43
N ASN BE 709 30.74 14.68 -26.46
CA ASN BE 709 29.76 13.65 -26.81
C ASN BE 709 29.58 12.66 -25.67
N MET BE 710 30.67 12.09 -25.14
CA MET BE 710 30.47 11.05 -24.13
C MET BE 710 30.29 11.62 -22.72
N ALA BE 711 30.63 12.89 -22.49
CA ALA BE 711 30.34 13.49 -21.19
C ALA BE 711 28.87 13.83 -21.07
N VAL BE 713 28.27 14.34 -22.15
CA VAL BE 713 26.82 14.49 -22.16
C VAL BE 713 26.15 13.11 -22.17
N SER BE 714 26.75 12.16 -22.88
CA SER BE 714 26.19 10.82 -22.98
C SER BE 714 26.30 10.01 -21.69
N SER BE 715 27.09 10.46 -20.72
CA SER BE 715 27.18 9.77 -19.43
C SER BE 715 26.01 10.16 -18.54
N LEU BE 716 24.80 10.07 -19.10
CA LEU BE 716 23.64 10.80 -18.62
C LEU BE 716 22.85 10.02 -17.57
N ILE BE 717 23.52 9.16 -16.81
CA ILE BE 717 22.83 8.43 -15.75
C ILE BE 717 22.32 9.40 -14.70
N PRO BE 718 21.09 9.25 -14.21
CA PRO BE 718 20.64 10.05 -13.06
C PRO BE 718 21.32 9.64 -11.76
N LEU BE 719 21.47 10.64 -10.89
CA LEU BE 719 21.87 10.49 -9.48
C LEU BE 719 23.32 10.09 -9.32
N PHE BE 720 23.97 9.68 -10.40
CA PHE BE 720 25.42 9.47 -10.42
C PHE BE 720 26.12 10.24 -11.51
N GLY BE 721 25.46 10.54 -12.63
CA GLY BE 721 26.05 11.40 -13.63
C GLY BE 721 26.37 12.78 -13.13
N ILE BE 722 25.75 13.21 -12.04
CA ILE BE 722 26.13 14.43 -11.36
C ILE BE 722 27.62 14.40 -11.03
N PHE BE 723 28.15 13.22 -10.71
CA PHE BE 723 29.56 13.11 -10.37
C PHE BE 723 30.47 12.88 -11.57
N ILE BE 724 29.93 12.48 -12.73
CA ILE BE 724 30.68 12.69 -13.95
C ILE BE 724 30.86 14.18 -14.20
N PHE BE 725 29.82 14.97 -13.94
CA PHE BE 725 29.94 16.41 -14.04
C PHE BE 725 30.90 16.92 -12.98
N ALA BE 726 30.96 16.23 -11.83
CA ALA BE 726 32.04 16.49 -10.89
C ALA BE 726 33.39 16.30 -11.56
N LEU BE 727 33.65 15.07 -12.01
CA LEU BE 727 34.92 14.73 -12.67
C LEU BE 727 35.33 15.84 -13.62
N ILE BE 728 34.40 16.31 -14.46
CA ILE BE 728 34.77 17.33 -15.42
C ILE BE 728 35.11 18.65 -14.72
N MET BE 729 34.27 19.12 -13.79
CA MET BE 729 34.49 20.51 -13.39
C MET BE 729 35.51 20.63 -12.26
N MET BE 730 36.05 19.52 -11.75
CA MET BE 730 37.25 19.69 -10.93
C MET BE 730 38.49 19.12 -11.62
N ALA BE 731 38.30 18.46 -12.77
CA ALA BE 731 39.44 18.16 -13.63
C ALA BE 731 39.70 19.24 -14.66
N MET BE 732 38.84 20.26 -14.75
CA MET BE 732 39.02 21.25 -15.81
C MET BE 732 40.26 22.13 -15.69
N PRO BE 733 40.89 22.36 -14.52
CA PRO BE 733 42.10 23.20 -14.55
C PRO BE 733 43.19 22.55 -15.37
N LEU BE 734 43.51 21.30 -15.04
CA LEU BE 734 44.56 20.58 -15.74
C LEU BE 734 44.12 20.30 -17.18
N LEU BE 735 42.81 20.14 -17.39
CA LEU BE 735 42.31 19.85 -18.72
C LEU BE 735 42.46 21.05 -19.65
N MET BE 736 42.05 22.24 -19.21
CA MET BE 736 42.32 23.42 -20.03
C MET BE 736 43.81 23.70 -20.10
N ALA BE 737 44.58 23.27 -19.09
CA ALA BE 737 46.03 23.38 -19.23
C ALA BE 737 46.51 22.60 -20.46
N TRP BE 738 46.14 21.32 -20.54
CA TRP BE 738 46.53 20.48 -21.67
C TRP BE 738 46.01 21.05 -22.99
N ILE BE 739 44.73 21.44 -23.02
CA ILE BE 739 44.13 21.89 -24.27
C ILE BE 739 44.71 23.23 -24.71
N GLY BE 740 44.96 24.13 -23.75
CA GLY BE 740 45.59 25.39 -24.08
C GLY BE 740 46.99 25.19 -24.64
N THR BE 741 47.79 24.33 -24.00
CA THR BE 741 49.01 23.85 -24.64
C THR BE 741 48.77 23.45 -26.09
N MET BE 742 47.85 22.51 -26.29
CA MET BE 742 47.73 21.83 -27.57
C MET BE 742 47.40 22.84 -28.66
N VAL BE 743 46.36 23.64 -28.43
CA VAL BE 743 45.92 24.62 -29.40
C VAL BE 743 46.91 25.77 -29.53
N SER BE 744 47.61 26.14 -28.45
CA SER BE 744 48.56 27.24 -28.52
C SER BE 744 49.72 26.89 -29.42
N ILE BE 745 50.25 25.66 -29.28
CA ILE BE 745 51.15 25.14 -30.31
C ILE BE 745 50.50 25.22 -31.67
N GLY BE 746 49.23 24.80 -31.76
CA GLY BE 746 48.53 24.91 -33.04
C GLY BE 746 48.71 26.26 -33.72
N PHE BE 747 48.22 27.32 -33.08
CA PHE BE 747 48.30 28.63 -33.74
C PHE BE 747 49.74 29.09 -33.89
N VAL BE 748 50.59 28.84 -32.89
CA VAL BE 748 51.94 29.38 -32.96
C VAL BE 748 52.69 28.82 -34.15
N THR BE 749 52.66 27.50 -34.35
CA THR BE 749 53.46 26.94 -35.44
C THR BE 749 52.72 27.00 -36.77
N ALA BE 750 51.50 26.44 -36.83
CA ALA BE 750 50.86 26.28 -38.13
C ALA BE 750 50.16 27.54 -38.63
N TYR BE 751 49.95 28.53 -37.78
CA TYR BE 751 49.05 29.64 -38.11
C TYR BE 751 49.75 30.99 -38.12
N TYR BE 752 50.39 31.36 -37.01
CA TYR BE 752 50.94 32.71 -36.89
C TYR BE 752 52.07 32.94 -37.88
N ILE BE 753 53.05 32.03 -37.90
CA ILE BE 753 54.23 32.22 -38.74
C ILE BE 753 53.91 32.23 -40.23
N PRO BE 754 53.05 31.36 -40.76
CA PRO BE 754 52.82 31.39 -42.22
C PRO BE 754 52.30 32.72 -42.73
N VAL BE 755 51.66 33.52 -41.88
CA VAL BE 755 51.15 34.82 -42.30
C VAL BE 755 51.96 35.99 -41.74
N LEU BE 756 52.73 35.79 -40.68
CA LEU BE 756 53.34 36.91 -39.96
C LEU BE 756 54.28 37.73 -40.84
N PRO BE 757 55.18 37.15 -41.65
CA PRO BE 757 55.99 37.98 -42.55
C PRO BE 757 55.18 38.83 -43.50
N TYR BE 758 54.01 38.35 -43.93
CA TYR BE 758 53.11 39.19 -44.71
C TYR BE 758 52.76 40.46 -43.95
N MET BE 759 52.40 40.32 -42.68
CA MET BE 759 52.08 41.48 -41.86
C MET BE 759 53.28 42.40 -41.70
N ILE BE 760 54.46 41.84 -41.46
CA ILE BE 760 55.63 42.69 -41.26
C ILE BE 760 55.98 43.43 -42.55
N PHE BE 761 55.82 42.77 -43.70
CA PHE BE 761 56.07 43.46 -44.96
C PHE BE 761 55.05 44.55 -45.19
N THR BE 762 53.80 44.35 -44.76
CA THR BE 762 52.85 45.44 -44.85
C THR BE 762 53.29 46.62 -43.98
N PHE BE 763 53.69 46.36 -42.73
CA PHE BE 763 54.13 47.50 -41.92
C PHE BE 763 55.35 48.18 -42.53
N GLY BE 764 56.23 47.41 -43.18
CA GLY BE 764 57.38 48.04 -43.84
C GLY BE 764 56.99 48.92 -45.01
N SER BE 765 56.18 48.40 -45.94
CA SER BE 765 55.76 49.23 -47.07
C SER BE 765 54.90 50.40 -46.62
N PHE BE 766 54.18 50.23 -45.52
CA PHE BE 766 53.41 51.31 -44.94
C PHE BE 766 54.29 52.39 -44.29
N ALA BE 767 55.38 51.99 -43.63
CA ALA BE 767 56.38 52.98 -43.21
C ALA BE 767 56.93 53.71 -44.42
N TRP BE 768 57.12 52.99 -45.52
CA TRP BE 768 57.54 53.65 -46.76
C TRP BE 768 56.51 54.67 -47.24
N LEU BE 769 55.22 54.33 -47.15
CA LEU BE 769 54.16 55.29 -47.46
C LEU BE 769 54.28 56.55 -46.62
N ILE BE 770 54.37 56.39 -45.29
CA ILE BE 770 54.46 57.56 -44.42
C ILE BE 770 55.71 58.36 -44.73
N ALA BE 771 56.80 57.70 -45.08
CA ALA BE 771 58.04 58.41 -45.38
C ALA BE 771 57.93 59.20 -46.69
N VAL BE 772 57.26 58.66 -47.71
CA VAL BE 772 57.14 59.41 -48.96
C VAL BE 772 56.20 60.60 -48.77
N ILE BE 773 55.15 60.44 -47.95
CA ILE BE 773 54.36 61.62 -47.59
C ILE BE 773 55.22 62.65 -46.86
N GLU BE 774 56.06 62.18 -45.93
CA GLU BE 774 56.97 63.10 -45.26
C GLU BE 774 57.83 63.85 -46.28
N ALA BE 775 58.30 63.14 -47.31
CA ALA BE 775 59.13 63.77 -48.33
C ALA BE 775 58.36 64.85 -49.08
N MET BE 776 57.12 64.56 -49.48
CA MET BE 776 56.43 65.54 -50.32
C MET BE 776 55.93 66.71 -49.49
N VAL BE 777 55.78 66.53 -48.17
CA VAL BE 777 55.60 67.71 -47.32
C VAL BE 777 56.90 68.47 -47.13
N ALA BE 778 58.04 67.77 -47.16
CA ALA BE 778 59.31 68.45 -46.96
C ALA BE 778 59.73 69.24 -48.20
N ALA BE 779 59.19 68.88 -49.37
CA ALA BE 779 59.57 69.53 -50.62
C ALA BE 779 59.47 71.05 -50.61
N PRO BE 780 58.36 71.67 -50.14
CA PRO BE 780 58.29 73.14 -50.21
C PRO BE 780 59.42 73.85 -49.49
N ILE BE 781 59.82 73.36 -48.31
CA ILE BE 781 60.87 74.02 -47.56
C ILE BE 781 62.21 73.87 -48.28
N VAL BE 782 62.48 72.68 -48.82
CA VAL BE 782 63.78 72.45 -49.45
C VAL BE 782 63.92 73.26 -50.73
N ALA BE 783 62.84 73.44 -51.50
CA ALA BE 783 62.98 74.27 -52.70
C ALA BE 783 62.79 75.76 -52.37
N LEU BE 784 62.23 76.07 -51.20
CA LEU BE 784 62.26 77.44 -50.72
C LEU BE 784 63.68 77.85 -50.34
N GLY BE 785 64.45 76.90 -49.80
CA GLY BE 785 65.84 77.12 -49.45
C GLY BE 785 66.74 77.55 -50.59
N VAL BE 786 66.23 77.56 -51.83
CA VAL BE 786 67.03 78.01 -52.97
C VAL BE 786 67.41 79.48 -52.82
N THR BE 787 66.51 80.29 -52.25
CA THR BE 787 66.77 81.73 -52.18
C THR BE 787 67.92 82.05 -51.22
N HIS BE 788 68.32 81.09 -50.39
CA HIS BE 788 69.38 81.34 -49.44
C HIS BE 788 70.70 80.76 -49.95
N PRO BE 789 71.75 81.57 -50.09
CA PRO BE 789 73.04 81.05 -50.58
C PRO BE 789 73.92 80.47 -49.48
N GLU BE 790 73.35 80.20 -48.30
CA GLU BE 790 74.17 79.73 -47.20
C GLU BE 790 74.82 78.40 -47.51
N GLY BE 791 76.07 78.25 -47.08
CA GLY BE 791 76.83 77.04 -47.32
C GLY BE 791 77.58 77.05 -48.63
N ASN BE 792 78.57 76.16 -48.72
CA ASN BE 792 79.34 76.00 -49.94
C ASN BE 792 78.53 75.36 -51.06
N GLU BE 793 77.47 74.64 -50.71
CA GLU BE 793 76.63 73.99 -51.70
C GLU BE 793 75.88 75.01 -52.54
N ALA BE 794 75.51 74.60 -53.76
CA ALA BE 794 74.75 75.45 -54.66
C ALA BE 794 73.25 75.30 -54.46
N PHE BE 795 72.81 74.51 -53.49
CA PHE BE 795 71.40 74.27 -53.24
C PHE BE 795 70.87 75.00 -52.01
N GLY BE 796 71.72 75.76 -51.32
CA GLY BE 796 71.29 76.49 -50.14
C GLY BE 796 71.31 75.64 -48.90
N LYS BE 797 70.13 75.19 -48.47
CA LYS BE 797 69.99 74.20 -47.41
C LYS BE 797 69.38 72.97 -48.09
N GLY BE 798 70.24 72.15 -48.68
CA GLY BE 798 69.77 71.02 -49.44
C GLY BE 798 70.09 69.68 -48.82
N GLU BE 799 70.75 69.70 -47.65
CA GLU BE 799 71.08 68.45 -46.97
C GLU BE 799 69.82 67.68 -46.57
N PHE BE 800 68.80 68.39 -46.08
CA PHE BE 800 67.53 67.74 -45.82
C PHE BE 800 66.95 67.14 -47.10
N ALA BE 801 66.99 67.90 -48.19
CA ALA BE 801 66.50 67.41 -49.47
C ALA BE 801 67.19 66.10 -49.84
N ILE BE 802 68.52 66.07 -49.77
CA ILE BE 802 69.22 64.88 -50.26
C ILE BE 802 68.99 63.69 -49.34
N MET BE 803 68.96 63.89 -48.02
CA MET BE 803 68.88 62.68 -47.19
C MET BE 803 67.47 62.11 -47.27
N ILE BE 804 66.44 62.96 -47.33
CA ILE BE 804 65.10 62.42 -47.49
C ILE BE 804 64.96 61.78 -48.87
N LEU BE 805 65.62 62.38 -49.87
CA LEU BE 805 65.58 61.84 -51.23
C LEU BE 805 66.18 60.44 -51.28
N VAL BE 806 67.36 60.26 -50.67
CA VAL BE 806 68.01 58.97 -50.72
C VAL BE 806 67.22 57.95 -49.91
N ASN BE 807 66.63 58.35 -48.77
CA ASN BE 807 65.79 57.39 -48.04
C ASN BE 807 64.63 56.93 -48.90
N VAL BE 808 63.86 57.87 -49.47
CA VAL BE 808 62.67 57.45 -50.21
C VAL BE 808 63.07 56.65 -51.44
N PHE BE 809 64.20 56.98 -52.06
CA PHE BE 809 64.61 56.28 -53.28
C PHE BE 809 65.07 54.86 -52.97
N LEU BE 810 65.89 54.69 -51.94
CA LEU BE 810 66.53 53.41 -51.68
C LEU BE 810 65.72 52.48 -50.78
N ARG BE 811 64.74 53.00 -50.05
CA ARG BE 811 64.04 52.19 -49.05
C ARG BE 811 63.29 51.00 -49.64
N PRO BE 812 62.55 51.13 -50.76
CA PRO BE 812 61.82 49.94 -51.27
C PRO BE 812 62.73 48.77 -51.61
N SER BE 813 63.81 49.04 -52.37
CA SER BE 813 64.80 48.00 -52.60
C SER BE 813 65.29 47.42 -51.29
N LEU BE 814 65.43 48.27 -50.27
CA LEU BE 814 65.96 47.81 -49.00
C LEU BE 814 65.01 46.84 -48.31
N MET BE 815 63.70 47.10 -48.33
CA MET BE 815 62.79 46.10 -47.78
C MET BE 815 62.76 44.84 -48.65
N ILE BE 816 63.00 44.97 -49.96
CA ILE BE 816 63.08 43.76 -50.77
C ILE BE 816 64.24 42.87 -50.30
N ILE BE 817 65.42 43.47 -50.14
CA ILE BE 817 66.58 42.71 -49.66
C ILE BE 817 66.30 42.14 -48.27
N GLY BE 818 65.68 42.95 -47.41
CA GLY BE 818 65.37 42.48 -46.07
C GLY BE 818 64.43 41.29 -46.06
N TYR BE 819 63.37 41.37 -46.87
CA TYR BE 819 62.41 40.27 -46.93
C TYR BE 819 63.06 38.99 -47.43
N ILE BE 820 63.87 39.09 -48.49
CA ILE BE 820 64.44 37.87 -49.05
C ILE BE 820 65.48 37.29 -48.08
N ALA BE 821 66.27 38.16 -47.44
CA ALA BE 821 67.23 37.66 -46.45
C ALA BE 821 66.52 37.02 -45.27
N ALA BE 822 65.39 37.60 -44.84
CA ALA BE 822 64.66 37.06 -43.71
C ALA BE 822 64.05 35.70 -44.02
N ILE BE 823 63.44 35.54 -45.20
CA ILE BE 823 62.93 34.22 -45.55
C ILE BE 823 64.07 33.23 -45.69
N ALA BE 824 65.23 33.69 -46.17
CA ALA BE 824 66.39 32.80 -46.24
C ALA BE 824 66.81 32.34 -44.86
N LEU BE 825 66.85 33.25 -43.88
CA LEU BE 825 67.44 32.91 -42.59
C LEU BE 825 66.42 32.30 -41.62
N SER BE 826 65.13 32.31 -41.97
CA SER BE 826 64.16 31.58 -41.15
C SER BE 826 64.52 30.11 -41.05
N TYR BE 827 64.77 29.46 -42.19
CA TYR BE 827 65.18 28.06 -42.17
C TYR BE 827 66.46 27.89 -41.35
N VAL BE 828 67.37 28.86 -41.43
CA VAL BE 828 68.62 28.74 -40.71
C VAL BE 828 68.39 28.75 -39.20
N GLY BE 829 67.61 29.72 -38.72
CA GLY BE 829 67.28 29.72 -37.30
C GLY BE 829 66.58 28.45 -36.88
N VAL BE 830 65.71 27.93 -37.75
CA VAL BE 830 65.03 26.69 -37.45
C VAL BE 830 66.01 25.53 -37.28
N TRP BE 831 67.02 25.41 -38.14
CA TRP BE 831 67.94 24.28 -37.95
C TRP BE 831 68.92 24.52 -36.81
N ILE BE 832 69.23 25.78 -36.47
CA ILE BE 832 69.94 26.02 -35.21
C ILE BE 832 69.15 25.44 -34.05
N LEU BE 833 67.85 25.76 -34.01
CA LEU BE 833 67.00 25.23 -32.96
C LEU BE 833 67.00 23.72 -33.00
N ASN BE 834 66.99 23.15 -34.21
CA ASN BE 834 66.93 21.71 -34.37
C ASN BE 834 68.16 21.05 -33.76
N ALA BE 835 69.35 21.52 -34.14
CA ALA BE 835 70.58 20.92 -33.63
C ALA BE 835 70.71 21.11 -32.12
N GLY BE 836 70.38 22.30 -31.62
CA GLY BE 836 70.61 22.57 -30.21
C GLY BE 836 69.59 21.97 -29.29
N PHE BE 837 68.38 21.69 -29.80
CA PHE BE 837 67.26 21.35 -28.94
C PHE BE 837 67.40 19.95 -28.36
N ASP BE 838 67.88 18.99 -29.16
CA ASP BE 838 67.94 17.61 -28.68
C ASP BE 838 68.89 17.45 -27.51
N HIS BE 839 70.00 18.20 -27.49
CA HIS BE 839 70.92 18.14 -26.37
C HIS BE 839 70.56 19.11 -25.25
N ALA BE 840 69.86 20.21 -25.56
CA ALA BE 840 69.46 21.13 -24.52
C ALA BE 840 68.49 20.53 -23.52
N ILE BE 841 67.80 19.45 -23.90
CA ILE BE 841 66.81 18.81 -23.03
C ILE BE 841 67.30 17.47 -22.50
N SER BE 842 68.51 17.04 -22.89
CA SER BE 842 68.94 15.67 -22.69
C SER BE 842 68.81 15.24 -21.24
N TYR BE 843 69.04 16.17 -20.31
CA TYR BE 843 69.01 15.83 -18.89
C TYR BE 843 67.65 16.10 -18.25
N ILE BE 844 66.87 17.05 -18.77
CA ILE BE 844 65.53 17.26 -18.22
C ILE BE 844 64.64 16.06 -18.50
N GLN BE 845 64.92 15.30 -19.54
CA GLN BE 845 64.15 14.10 -19.84
C GLN BE 845 64.80 12.88 -19.18
N GLY BE 901 66.54 11.11 -15.83
CA GLY BE 901 66.22 10.60 -14.52
C GLY BE 901 64.89 11.07 -14.00
N TYR BE 902 64.21 11.91 -14.79
CA TYR BE 902 62.91 12.43 -14.40
C TYR BE 902 61.85 11.33 -14.49
N THR BE 903 60.97 11.29 -13.49
CA THR BE 903 59.96 10.25 -13.40
C THR BE 903 58.61 10.89 -13.12
N GLY BE 904 57.55 10.17 -13.46
CA GLY BE 904 56.21 10.64 -13.16
C GLY BE 904 55.87 11.93 -13.87
N TRP BE 905 55.09 12.76 -13.18
CA TRP BE 905 54.64 14.02 -13.76
C TRP BE 905 55.79 14.92 -14.14
N ALA BE 906 56.90 14.88 -13.39
CA ALA BE 906 58.10 15.54 -13.85
C ALA BE 906 58.34 15.21 -15.31
N GLY BE 907 58.56 13.93 -15.62
CA GLY BE 907 58.65 13.50 -17.00
C GLY BE 907 57.58 14.15 -17.87
N VAL BE 908 56.30 13.97 -17.50
CA VAL BE 908 55.25 14.44 -18.38
C VAL BE 908 55.34 15.95 -18.54
N TYR BE 909 55.54 16.67 -17.44
CA TYR BE 909 55.64 18.12 -17.53
C TYR BE 909 56.80 18.49 -18.40
N ALA BE 910 57.92 17.78 -18.24
CA ALA BE 910 59.06 17.95 -19.13
C ALA BE 910 58.59 18.08 -20.57
N PHE BE 911 57.91 17.05 -21.09
CA PHE BE 911 57.54 17.11 -22.49
C PHE BE 911 56.70 18.35 -22.78
N PHE BE 912 55.63 18.60 -22.01
CA PHE BE 912 54.88 19.81 -22.34
C PHE BE 912 55.77 21.03 -22.30
N PHE BE 913 56.52 21.21 -21.21
CA PHE BE 913 57.37 22.38 -21.15
C PHE BE 913 58.27 22.42 -22.38
N SER BE 914 58.93 21.31 -22.68
CA SER BE 914 59.84 21.31 -23.82
C SER BE 914 59.12 21.75 -25.08
N ILE BE 915 57.96 21.14 -25.37
CA ILE BE 915 57.33 21.51 -26.62
C ILE BE 915 56.92 22.98 -26.57
N LEU BE 916 56.34 23.44 -25.45
CA LEU BE 916 56.08 24.87 -25.33
C LEU BE 916 57.33 25.68 -25.60
N ILE BE 917 58.39 25.42 -24.85
CA ILE BE 917 59.54 26.31 -24.99
C ILE BE 917 60.04 26.17 -26.42
N TYR BE 918 59.91 24.97 -27.00
CA TYR BE 918 60.28 24.76 -28.39
C TYR BE 918 59.54 25.71 -29.31
N THR BE 919 58.20 25.72 -29.22
CA THR BE 919 57.41 26.52 -30.15
C THR BE 919 57.73 28.00 -30.00
N SER BE 920 57.64 28.51 -28.76
CA SER BE 920 58.11 29.87 -28.51
C SER BE 920 59.51 30.04 -29.06
N MET BE 921 60.40 29.07 -28.78
CA MET BE 921 61.72 29.04 -29.42
C MET BE 921 61.60 29.42 -30.86
N TYR BE 922 60.97 28.56 -31.65
CA TYR BE 922 60.93 28.79 -33.09
C TYR BE 922 60.29 30.15 -33.36
N LEU BE 923 59.16 30.41 -32.70
CA LEU BE 923 58.44 31.66 -32.89
C LEU BE 923 59.40 32.84 -32.92
N ILE BE 924 60.22 32.97 -31.89
CA ILE BE 924 60.95 34.22 -31.71
C ILE BE 924 61.91 34.47 -32.86
N ILE BE 925 62.64 33.44 -33.32
CA ILE BE 925 63.63 33.74 -34.38
C ILE BE 925 62.93 34.31 -35.59
N VAL BE 926 61.68 33.89 -35.81
CA VAL BE 926 60.92 34.42 -36.94
C VAL BE 926 60.98 35.94 -36.95
N GLN BE 927 60.48 36.58 -35.89
CA GLN BE 927 60.52 38.04 -35.90
C GLN BE 927 61.94 38.53 -35.74
N LYS BE 928 62.79 37.75 -35.08
CA LYS BE 928 64.19 38.16 -34.97
C LYS BE 928 64.86 38.15 -36.33
N ALA BE 929 64.26 37.46 -37.31
CA ALA BE 929 64.67 37.61 -38.69
C ALA BE 929 63.94 38.77 -39.34
N PHE BE 930 62.65 38.92 -39.03
CA PHE BE 930 61.77 39.69 -39.88
C PHE BE 930 61.52 41.10 -39.38
N THR BE 931 62.05 41.48 -38.22
CA THR BE 931 62.34 42.89 -38.01
C THR BE 931 63.58 43.31 -38.78
N LEU BE 932 64.30 42.35 -39.35
CA LEU BE 932 65.47 42.68 -40.17
C LEU BE 932 65.08 43.55 -41.36
N ILE BE 933 63.87 43.36 -41.89
CA ILE BE 933 63.37 44.27 -42.92
C ILE BE 933 63.29 45.70 -42.38
N ALA BE 934 62.76 45.85 -41.17
CA ALA BE 934 62.79 47.17 -40.54
C ALA BE 934 64.20 47.59 -40.16
N HIS BE 935 65.14 46.65 -40.13
CA HIS BE 935 66.48 46.94 -39.67
C HIS BE 935 67.31 47.65 -40.74
N LEU BE 936 67.23 47.19 -42.01
CA LEU BE 936 68.15 47.67 -43.02
C LEU BE 936 68.08 49.17 -43.28
N PRO BE 937 66.92 49.82 -43.38
CA PRO BE 937 66.95 51.23 -43.80
C PRO BE 937 67.78 52.12 -42.88
N ASP BE 938 67.37 52.29 -41.63
CA ASP BE 938 68.00 53.28 -40.76
C ASP BE 938 69.51 53.07 -40.69
N LYS BE 939 69.92 51.85 -40.35
CA LYS BE 939 71.32 51.43 -40.32
C LYS BE 939 72.09 51.87 -41.56
N VAL BE 940 71.59 51.58 -42.76
CA VAL BE 940 72.37 51.94 -43.94
C VAL BE 940 72.39 53.44 -44.13
N LEU BE 941 71.32 54.14 -43.74
CA LEU BE 941 71.35 55.60 -43.80
C LEU BE 941 72.46 56.16 -42.90
N ARG BE 942 72.82 55.44 -41.84
CA ARG BE 942 73.90 55.92 -40.99
C ARG BE 942 75.26 55.73 -41.67
N TRP BE 943 75.34 54.77 -42.60
CA TRP BE 943 76.55 54.63 -43.40
C TRP BE 943 76.76 55.86 -44.29
N ILE BE 944 75.70 56.31 -44.97
CA ILE BE 944 75.80 57.38 -45.96
C ILE BE 944 75.55 58.75 -45.33
N GLY BE 945 75.29 58.81 -44.04
CA GLY BE 945 75.00 60.06 -43.38
C GLY BE 945 73.54 60.48 -43.45
N LEU CE 24 48.08 87.34 -46.95
CA LEU CE 24 48.13 88.55 -46.13
C LEU CE 24 47.98 88.20 -44.66
N SER CE 25 46.77 88.39 -44.12
CA SER CE 25 46.46 88.05 -42.75
C SER CE 25 44.96 87.85 -42.64
N PHE CE 26 44.55 87.13 -41.60
CA PHE CE 26 43.14 86.79 -41.47
C PHE CE 26 42.84 86.40 -40.03
N ALA CE 27 41.88 87.12 -39.42
CA ALA CE 27 41.40 86.79 -38.09
C ALA CE 27 40.35 85.69 -38.18
N PRO CE 28 40.41 84.68 -37.31
CA PRO CE 28 39.55 83.50 -37.46
C PRO CE 28 38.09 83.87 -37.33
N PRO CE 29 37.19 83.06 -37.90
CA PRO CE 29 35.76 83.36 -37.81
C PRO CE 29 35.30 83.41 -36.36
N ALA CE 30 34.31 84.26 -36.11
CA ALA CE 30 33.87 84.49 -34.74
C ALA CE 30 33.27 83.23 -34.11
N SER CE 31 32.77 82.31 -34.94
CA SER CE 31 32.03 81.16 -34.43
C SER CE 31 32.93 79.97 -34.07
N ASP CE 32 34.23 80.05 -34.36
CA ASP CE 32 35.10 78.92 -34.06
C ASP CE 32 35.25 78.73 -32.55
N LEU CE 33 35.27 77.47 -32.11
CA LEU CE 33 35.42 77.19 -30.69
C LEU CE 33 36.87 77.20 -30.22
N SER CE 34 37.84 77.28 -31.13
CA SER CE 34 39.23 77.37 -30.72
C SER CE 34 39.48 78.64 -29.93
N VAL CE 35 39.04 79.79 -30.44
CA VAL CE 35 39.34 81.04 -29.76
C VAL CE 35 38.55 81.17 -28.46
N VAL CE 36 37.31 80.67 -28.42
CA VAL CE 36 36.53 80.80 -27.19
C VAL CE 36 37.02 79.81 -26.13
N PHE CE 37 37.55 78.67 -26.58
CA PHE CE 37 38.22 77.77 -25.63
C PHE CE 37 39.51 78.40 -25.10
N LEU CE 38 40.26 79.07 -25.96
CA LEU CE 38 41.35 79.92 -25.49
C LEU CE 38 40.83 80.94 -24.47
N GLY CE 39 39.65 81.52 -24.75
CA GLY CE 39 39.10 82.54 -23.87
C GLY CE 39 38.69 82.03 -22.51
N ASN CE 40 38.03 80.89 -22.44
CA ASN CE 40 37.64 80.40 -21.12
C ASN CE 40 38.80 79.70 -20.43
N LEU CE 41 39.89 79.40 -21.15
CA LEU CE 41 41.06 78.93 -20.44
C LEU CE 41 41.85 80.12 -19.89
N PHE CE 42 42.47 80.92 -20.76
CA PHE CE 42 43.31 82.01 -20.27
C PHE CE 42 42.52 83.18 -19.70
N GLY CE 43 41.20 83.22 -19.89
CA GLY CE 43 40.44 84.34 -19.37
C GLY CE 43 40.30 85.45 -20.39
N VAL CE 44 40.91 86.60 -20.14
CA VAL CE 44 40.85 87.75 -21.03
C VAL CE 44 42.27 88.17 -21.38
N VAL CE 45 42.53 88.36 -22.67
CA VAL CE 45 43.79 88.92 -23.16
C VAL CE 45 43.47 90.23 -23.86
N ASP CE 46 44.20 91.28 -23.50
CA ASP CE 46 43.89 92.63 -23.97
C ASP CE 46 44.12 92.75 -25.47
N GLY CE 47 43.07 93.14 -26.20
CA GLY CE 47 43.18 93.44 -27.60
C GLY CE 47 43.25 92.26 -28.54
N VAL CE 48 43.24 91.03 -28.01
CA VAL CE 48 43.35 89.84 -28.85
C VAL CE 48 42.06 89.04 -28.73
N LEU CE 49 41.39 89.13 -27.58
CA LEU CE 49 40.19 88.35 -27.35
C LEU CE 49 39.35 89.05 -26.28
N HIS CE 50 38.03 88.88 -26.40
CA HIS CE 50 37.09 89.57 -25.53
C HIS CE 50 36.31 88.63 -24.62
N GLY CE 51 36.38 87.32 -24.82
CA GLY CE 51 35.66 86.39 -23.98
C GLY CE 51 36.23 86.35 -22.58
N THR CE 52 35.39 85.95 -21.63
CA THR CE 52 35.75 85.85 -20.23
C THR CE 52 35.50 84.43 -19.73
N GLY CE 53 36.37 83.95 -18.87
CA GLY CE 53 36.24 82.62 -18.29
C GLY CE 53 36.75 82.55 -16.87
N SER CE 54 37.45 81.47 -16.54
CA SER CE 54 38.06 81.32 -15.22
C SER CE 54 39.27 82.24 -15.15
N GLN CE 55 39.18 83.27 -14.31
CA GLN CE 55 40.19 84.32 -14.25
C GLN CE 55 41.36 83.98 -13.33
N ILE CE 56 41.58 82.69 -13.03
CA ILE CE 56 42.77 82.33 -12.27
C ILE CE 56 44.02 82.74 -13.03
N MET CE 57 44.04 82.44 -14.33
CA MET CE 57 45.18 82.72 -15.20
C MET CE 57 45.74 84.12 -15.01
N GLY CE 58 44.90 85.13 -15.25
CA GLY CE 58 45.38 86.49 -15.28
C GLY CE 58 46.23 86.78 -14.07
N ASN CE 59 45.68 86.50 -12.88
CA ASN CE 59 46.39 86.79 -11.65
C ASN CE 59 47.60 85.87 -11.42
N MET CE 60 47.52 84.59 -11.78
CA MET CE 60 48.64 83.73 -11.42
C MET CE 60 49.86 84.00 -12.30
N PHE CE 61 49.65 84.17 -13.61
CA PHE CE 61 50.83 84.60 -14.37
C PHE CE 61 51.16 86.07 -14.13
N GLY CE 62 50.24 86.88 -13.61
CA GLY CE 62 50.66 88.20 -13.16
C GLY CE 62 51.68 88.12 -12.04
N VAL CE 63 51.39 87.32 -11.01
CA VAL CE 63 52.34 87.18 -9.91
C VAL CE 63 53.59 86.43 -10.37
N PHE CE 64 53.44 85.50 -11.32
CA PHE CE 64 54.60 84.77 -11.82
C PHE CE 64 55.50 85.71 -12.61
N ASN CE 65 54.90 86.62 -13.39
CA ASN CE 65 55.69 87.63 -14.10
C ASN CE 65 56.36 88.58 -13.13
N SER CE 66 55.69 88.93 -12.03
CA SER CE 66 56.33 89.79 -11.03
C SER CE 66 57.53 89.08 -10.39
N ALA CE 67 57.39 87.80 -10.07
CA ALA CE 67 58.49 87.05 -9.48
C ALA CE 67 59.65 86.92 -10.47
N VAL CE 68 59.32 86.63 -11.74
CA VAL CE 68 60.37 86.54 -12.75
C VAL CE 68 61.00 87.91 -12.98
N LEU CE 69 60.24 88.99 -12.79
CA LEU CE 69 60.80 90.33 -12.85
C LEU CE 69 61.83 90.55 -11.75
N ALA CE 70 61.50 90.13 -10.53
CA ALA CE 70 62.44 90.30 -9.42
C ALA CE 70 63.71 89.50 -9.66
N LEU CE 71 63.57 88.22 -10.00
CA LEU CE 71 64.77 87.40 -10.20
C LEU CE 71 65.54 87.86 -11.43
N GLY CE 72 64.85 88.42 -12.42
CA GLY CE 72 65.52 88.95 -13.58
C GLY CE 72 66.29 90.21 -13.28
N GLY CE 73 65.75 91.07 -12.42
CA GLY CE 73 66.53 92.20 -11.96
C GLY CE 73 67.78 91.77 -11.22
N ILE CE 74 67.65 90.73 -10.38
CA ILE CE 74 68.81 90.20 -9.69
C ILE CE 74 69.85 89.67 -10.68
N ILE CE 75 69.39 88.90 -11.67
CA ILE CE 75 70.31 88.30 -12.64
C ILE CE 75 70.94 89.38 -13.52
N ILE CE 76 70.19 90.42 -13.86
CA ILE CE 76 70.75 91.49 -14.68
C ILE CE 76 71.76 92.30 -13.89
N MET CE 77 71.55 92.46 -12.57
CA MET CE 77 72.55 93.13 -11.76
C MET CE 77 73.82 92.27 -11.69
N TYR CE 78 73.65 90.95 -11.56
CA TYR CE 78 74.76 90.00 -11.64
C TYR CE 78 75.53 90.13 -12.94
N THR CE 79 74.82 90.13 -14.06
CA THR CE 79 75.48 90.30 -15.35
C THR CE 79 76.13 91.66 -15.45
N LEU CE 80 75.58 92.66 -14.77
CA LEU CE 80 76.21 93.99 -14.75
C LEU CE 80 77.57 93.93 -14.06
N MET CE 81 77.65 93.30 -12.89
CA MET CE 81 78.96 93.23 -12.23
C MET CE 81 79.94 92.44 -13.09
N VAL CE 82 79.49 91.32 -13.67
CA VAL CE 82 80.44 90.51 -14.43
C VAL CE 82 80.87 91.23 -15.71
N SER CE 83 79.96 91.97 -16.35
CA SER CE 83 80.31 92.69 -17.57
C SER CE 83 81.30 93.81 -17.28
N THR CE 84 81.04 94.60 -16.24
CA THR CE 84 82.01 95.64 -15.90
C THR CE 84 83.32 95.03 -15.41
N MET CE 85 83.28 93.80 -14.90
CA MET CE 85 84.50 93.13 -14.46
C MET CE 85 85.36 92.71 -15.66
N ASN CE 86 84.72 92.13 -16.68
CA ASN CE 86 85.45 91.84 -17.93
C ASN CE 86 85.95 93.14 -18.57
N THR CE 87 85.16 94.20 -18.53
CA THR CE 87 85.63 95.48 -19.04
C THR CE 87 86.82 95.99 -18.24
N ALA CE 88 86.84 95.71 -16.94
CA ALA CE 88 87.99 96.08 -16.11
C ALA CE 88 89.24 95.33 -16.55
N HIS CE 89 89.12 94.07 -16.95
CA HIS CE 89 90.30 93.42 -17.54
C HIS CE 89 90.82 94.15 -18.77
N GLU CE 90 89.96 94.86 -19.52
CA GLU CE 90 90.42 95.45 -20.76
C GLU CE 90 90.89 96.89 -20.58
N GLY CE 91 90.38 97.60 -19.58
CA GLY CE 91 90.85 98.94 -19.31
C GLY CE 91 90.49 99.98 -20.35
N GLN CE 92 89.60 99.65 -21.28
CA GLN CE 92 89.19 100.58 -22.33
C GLN CE 92 87.87 101.23 -21.96
N MET CE 93 87.77 102.53 -22.23
CA MET CE 93 86.54 103.26 -21.93
C MET CE 93 85.43 102.86 -22.90
N LEU CE 94 84.19 103.12 -22.48
CA LEU CE 94 82.99 102.99 -23.29
C LEU CE 94 82.64 101.51 -23.50
N GLY CE 95 83.52 100.62 -23.07
CA GLY CE 95 83.28 99.20 -23.21
C GLY CE 95 83.44 98.69 -24.64
N GLN CE 96 83.88 97.45 -24.79
CA GLN CE 96 84.00 96.83 -26.10
C GLN CE 96 83.17 95.58 -26.28
N LYS CE 97 82.77 94.92 -25.19
CA LYS CE 97 81.94 93.72 -25.29
C LYS CE 97 80.48 94.04 -25.63
N TRP CE 98 80.06 95.28 -25.45
CA TRP CE 98 78.68 95.68 -25.72
C TRP CE 98 78.68 97.02 -26.46
N SER CE 99 77.68 97.21 -27.32
CA SER CE 99 77.46 98.50 -27.95
C SER CE 99 76.66 99.38 -27.00
N SER CE 100 77.16 100.58 -26.72
CA SER CE 100 76.55 101.43 -25.71
C SER CE 100 75.37 102.24 -26.22
N ILE CE 101 75.11 102.23 -27.53
CA ILE CE 101 73.94 102.94 -28.05
C ILE CE 101 72.70 102.05 -28.05
N TRP CE 102 72.87 100.72 -28.02
CA TRP CE 102 71.74 99.83 -28.05
C TRP CE 102 71.30 99.35 -26.68
N ILE CE 103 72.18 99.47 -25.65
CA ILE CE 103 71.79 99.07 -24.30
C ILE CE 103 70.59 99.86 -23.81
N PRO CE 104 70.49 101.21 -23.97
CA PRO CE 104 69.36 101.93 -23.37
C PRO CE 104 68.04 101.48 -23.99
N LEU CE 105 67.96 101.53 -25.32
CA LEU CE 105 66.74 101.13 -25.99
C LEU CE 105 66.39 99.69 -25.66
N ARG CE 106 67.39 98.80 -25.67
CA ARG CE 106 67.15 97.39 -25.39
C ARG CE 106 66.56 97.20 -24.00
N SER CE 107 67.15 97.86 -23.00
CA SER CE 107 66.70 97.69 -21.63
C SER CE 107 65.29 98.24 -21.44
N THR CE 108 65.00 99.41 -22.01
CA THR CE 108 63.64 99.93 -21.88
C THR CE 108 62.61 99.04 -22.57
N PHE CE 109 62.93 98.53 -23.77
CA PHE CE 109 61.97 97.65 -24.44
C PHE CE 109 61.74 96.37 -23.64
N GLY CE 110 62.80 95.74 -23.14
CA GLY CE 110 62.60 94.53 -22.35
C GLY CE 110 61.83 94.79 -21.08
N LEU CE 111 62.16 95.87 -20.36
CA LEU CE 111 61.45 96.20 -19.13
C LEU CE 111 59.98 96.46 -19.41
N ALA CE 112 59.69 97.21 -20.48
CA ALA CE 112 58.31 97.47 -20.87
C ALA CE 112 57.59 96.17 -21.21
N LEU CE 113 58.26 95.29 -21.95
CA LEU CE 113 57.70 94.00 -22.34
C LEU CE 113 57.52 93.08 -21.14
N LEU CE 114 58.07 93.44 -19.98
CA LEU CE 114 57.86 92.66 -18.76
C LEU CE 114 56.94 93.31 -17.73
N ILE CE 115 56.14 94.32 -18.09
CA ILE CE 115 55.16 94.89 -17.17
C ILE CE 115 53.85 94.15 -17.34
N PRO CE 116 53.33 93.49 -16.32
CA PRO CE 116 51.93 93.04 -16.35
C PRO CE 116 50.97 94.22 -16.21
N LYS CE 117 49.77 94.04 -16.73
CA LYS CE 117 48.71 95.04 -16.63
C LYS CE 117 47.75 94.60 -15.53
N ALA CE 118 46.64 95.30 -15.36
CA ALA CE 118 45.64 94.89 -14.37
C ALA CE 118 45.07 93.51 -14.69
N SER CE 119 45.12 93.10 -15.96
CA SER CE 119 44.73 91.75 -16.34
C SER CE 119 45.74 90.70 -15.89
N GLY CE 120 46.87 91.12 -15.33
CA GLY CE 120 47.91 90.19 -14.96
C GLY CE 120 48.72 89.65 -16.12
N TYR CE 121 48.97 90.47 -17.14
CA TYR CE 121 49.58 90.02 -18.37
C TYR CE 121 50.50 91.09 -18.94
N CYS CE 122 51.65 90.65 -19.46
CA CYS CE 122 52.57 91.54 -20.15
C CYS CE 122 52.10 91.76 -21.59
N MET CE 123 52.89 92.54 -22.34
CA MET CE 123 52.63 92.69 -23.77
C MET CE 123 53.34 91.60 -24.57
N MET CE 124 54.43 91.06 -24.03
CA MET CE 124 55.07 89.91 -24.65
C MET CE 124 54.14 88.70 -24.76
N GLN CE 125 53.47 88.33 -23.67
CA GLN CE 125 52.44 87.31 -23.78
C GLN CE 125 51.36 87.75 -24.77
N VAL CE 126 51.15 89.05 -24.91
CA VAL CE 126 50.17 89.52 -25.88
C VAL CE 126 50.58 89.09 -27.29
N PHE CE 127 51.86 89.28 -27.65
CA PHE CE 127 52.25 88.88 -29.01
C PHE CE 127 52.23 87.36 -29.19
N PHE CE 128 52.60 86.58 -28.18
CA PHE CE 128 52.41 85.13 -28.38
C PHE CE 128 50.94 84.70 -28.48
N MET CE 129 50.03 85.24 -27.67
CA MET CE 129 48.62 84.90 -27.94
C MET CE 129 48.19 85.36 -29.33
N TRP CE 130 48.73 86.48 -29.80
CA TRP CE 130 48.45 86.90 -31.17
C TRP CE 130 48.93 85.85 -32.17
N VAL CE 131 50.12 85.30 -31.94
CA VAL CE 131 50.64 84.28 -32.84
C VAL CE 131 49.82 83.00 -32.77
N ILE CE 132 49.36 82.64 -31.57
CA ILE CE 132 48.51 81.45 -31.43
C ILE CE 132 47.23 81.62 -32.23
N VAL CE 133 46.58 82.79 -32.12
CA VAL CE 133 45.34 82.96 -32.87
C VAL CE 133 45.63 83.05 -34.36
N GLN CE 134 46.80 83.54 -34.75
CA GLN CE 134 47.14 83.56 -36.17
C GLN CE 134 47.36 82.15 -36.72
N GLY CE 135 48.03 81.29 -35.96
CA GLY CE 135 48.13 79.89 -36.35
C GLY CE 135 46.78 79.21 -36.39
N VAL CE 136 45.92 79.57 -35.45
CA VAL CE 136 44.52 79.13 -35.49
C VAL CE 136 43.90 79.52 -36.83
N GLY CE 137 44.11 80.77 -37.24
CA GLY CE 137 43.56 81.23 -38.50
C GLY CE 137 44.10 80.47 -39.70
N ALA CE 138 45.40 80.14 -39.67
CA ALA CE 138 45.98 79.33 -40.74
C ALA CE 138 45.31 77.95 -40.78
N ALA CE 139 45.09 77.35 -39.62
CA ALA CE 139 44.38 76.08 -39.56
C ALA CE 139 42.97 76.21 -40.12
N ASP CE 140 42.28 77.29 -39.75
CA ASP CE 140 40.94 77.52 -40.29
C ASP CE 140 40.98 77.66 -41.81
N LYS CE 141 41.99 78.35 -42.34
CA LYS CE 141 42.11 78.52 -43.78
C LYS CE 141 42.24 77.17 -44.48
N ILE CE 142 43.19 76.35 -44.03
CA ILE CE 142 43.41 75.05 -44.67
C ILE CE 142 42.17 74.19 -44.55
N TRP CE 143 41.57 74.15 -43.36
CA TRP CE 143 40.44 73.27 -43.09
C TRP CE 143 39.21 73.74 -43.86
N GLU CE 144 39.04 75.05 -44.00
CA GLU CE 144 37.93 75.60 -44.77
C GLU CE 144 38.08 75.29 -46.25
N ALA CE 145 39.28 75.42 -46.79
CA ALA CE 145 39.51 75.05 -48.18
C ALA CE 145 39.20 73.57 -48.39
N ALA CE 146 39.65 72.72 -47.46
CA ALA CE 146 39.35 71.29 -47.57
C ALA CE 146 37.84 71.05 -47.58
N LEU CE 147 37.13 71.60 -46.58
CA LEU CE 147 35.70 71.34 -46.48
C LEU CE 147 34.94 71.87 -47.68
N SER CE 148 35.35 73.02 -48.22
CA SER CE 148 34.70 73.52 -49.44
C SER CE 148 34.94 72.58 -50.61
N TYR CE 149 36.16 72.03 -50.72
CA TYR CE 149 36.40 71.08 -51.79
C TYR CE 149 35.50 69.85 -51.66
N LEU CE 150 35.38 69.31 -50.45
CA LEU CE 150 34.44 68.19 -50.27
C LEU CE 150 33.01 68.63 -50.52
N ASN CE 151 32.69 69.91 -50.28
CA ASN CE 151 31.36 70.40 -50.58
C ASN CE 151 31.08 70.34 -52.07
N ARG CE 152 32.06 70.70 -52.90
CA ARG CE 152 31.89 70.51 -54.34
C ARG CE 152 32.12 69.06 -54.78
N GLY CE 153 32.52 68.20 -53.87
CA GLY CE 153 32.72 66.79 -54.18
C GLY CE 153 34.18 66.41 -54.23
N GLY CE 154 34.45 65.12 -54.02
CA GLY CE 154 35.81 64.60 -54.04
C GLY CE 154 35.90 63.16 -53.58
N GLN CE 160 7.46 40.16 -58.05
CA GLN CE 160 8.21 38.91 -58.11
C GLN CE 160 9.11 38.73 -56.90
N ALA CE 161 9.19 37.51 -56.39
CA ALA CE 161 9.99 37.23 -55.21
C ALA CE 161 10.40 35.76 -55.24
N ASP CE 162 11.32 35.40 -54.35
CA ASP CE 162 11.80 34.03 -54.24
C ASP CE 162 10.78 33.21 -53.45
N PRO CE 163 10.24 32.13 -54.01
CA PRO CE 163 9.26 31.31 -53.27
C PRO CE 163 9.86 30.54 -52.09
N THR CE 164 11.17 30.62 -51.86
CA THR CE 164 11.80 29.95 -50.74
C THR CE 164 12.64 30.84 -49.85
N LYS CE 165 13.03 32.04 -50.30
CA LYS CE 165 13.73 32.95 -49.41
C LYS CE 165 12.80 33.47 -48.31
N SER CE 166 11.50 33.60 -48.61
CA SER CE 166 10.52 33.91 -47.57
C SER CE 166 10.39 32.80 -46.54
N LEU CE 167 10.77 31.58 -46.91
CA LEU CE 167 10.78 30.49 -45.93
C LEU CE 167 11.84 30.73 -44.85
N GLN CE 168 12.95 31.38 -45.22
CA GLN CE 168 13.90 31.82 -44.20
C GLN CE 168 13.27 32.85 -43.28
N ALA CE 169 12.47 33.76 -43.84
CA ALA CE 169 11.74 34.74 -43.04
C ALA CE 169 10.61 34.13 -42.23
N ALA CE 170 10.20 32.89 -42.55
CA ALA CE 170 9.18 32.23 -41.75
C ALA CE 170 9.63 32.05 -40.31
N GLY CE 171 10.87 31.63 -40.12
CA GLY CE 171 11.48 31.64 -38.81
C GLY CE 171 12.98 31.67 -38.86
N SER CE 172 13.58 32.67 -38.21
CA SER CE 172 15.04 32.79 -38.11
C SER CE 172 15.44 33.35 -36.75
N SER CE 173 14.68 33.02 -35.71
CA SER CE 173 14.78 33.60 -34.37
C SER CE 173 14.48 35.10 -34.36
N SER CE 174 13.95 35.64 -35.46
CA SER CE 174 13.57 37.04 -35.52
C SER CE 174 12.25 37.30 -36.23
N SER CE 175 11.56 36.25 -36.69
CA SER CE 175 10.27 36.40 -37.36
C SER CE 175 9.44 35.16 -37.13
N GLY CE 176 8.13 35.32 -37.04
CA GLY CE 176 7.27 34.23 -36.62
C GLY CE 176 5.97 34.05 -37.37
N VAL CE 177 5.96 34.32 -38.68
CA VAL CE 177 4.74 34.12 -39.46
C VAL CE 177 4.31 32.66 -39.41
N ALA CE 178 5.27 31.74 -39.45
CA ALA CE 178 4.94 30.32 -39.36
C ALA CE 178 4.35 29.97 -38.00
N LYS CE 179 4.90 30.57 -36.94
CA LYS CE 179 4.36 30.32 -35.60
C LYS CE 179 2.90 30.76 -35.51
N GLY CE 180 2.59 31.97 -35.96
CA GLY CE 180 1.24 32.47 -35.93
C GLY CE 180 0.30 31.65 -36.80
N ALA CE 181 0.78 31.25 -37.98
CA ALA CE 181 -0.04 30.43 -38.88
C ALA CE 181 -0.38 29.09 -38.25
N LEU CE 182 0.62 28.44 -37.63
CA LEU CE 182 0.36 27.20 -36.91
C LEU CE 182 -0.63 27.42 -35.78
N THR CE 183 -0.47 28.54 -35.05
CA THR CE 183 -1.38 28.83 -33.95
C THR CE 183 -2.82 28.97 -34.44
N ILE CE 184 -3.04 29.72 -35.51
CA ILE CE 184 -4.41 29.94 -35.98
C ILE CE 184 -4.98 28.66 -36.57
N LEU CE 185 -4.14 27.86 -37.23
CA LEU CE 185 -4.59 26.57 -37.74
C LEU CE 185 -5.08 25.67 -36.59
N GLY CE 186 -4.24 25.51 -35.57
CA GLY CE 186 -4.65 24.71 -34.43
C GLY CE 186 -5.87 25.28 -33.73
N GLY CE 187 -5.96 26.61 -33.67
CA GLY CE 187 -7.14 27.23 -33.12
C GLY CE 187 -8.39 26.83 -33.87
N GLN CE 188 -8.37 26.92 -35.20
CA GLN CE 188 -9.53 26.54 -35.99
C GLN CE 188 -9.92 25.08 -35.76
N ILE CE 189 -8.92 24.20 -35.70
CA ILE CE 189 -9.24 22.81 -35.36
C ILE CE 189 -9.92 22.74 -34.00
N CYS CE 190 -9.43 23.52 -33.03
CA CYS CE 190 -10.03 23.49 -31.70
C CYS CE 190 -11.49 23.93 -31.72
N MET CE 191 -11.79 25.02 -32.43
CA MET CE 191 -13.18 25.45 -32.58
C MET CE 191 -14.05 24.36 -33.18
N LEU CE 192 -13.64 23.79 -34.32
CA LEU CE 192 -14.51 22.79 -34.95
C LEU CE 192 -14.72 21.58 -34.04
N GLY CE 193 -13.65 21.06 -33.46
CA GLY CE 193 -13.80 19.89 -32.60
C GLY CE 193 -14.67 20.17 -31.38
N LEU CE 194 -14.40 21.28 -30.71
CA LEU CE 194 -15.14 21.60 -29.49
C LEU CE 194 -16.61 21.84 -29.81
N GLN CE 195 -16.89 22.55 -30.91
CA GLN CE 195 -18.27 22.81 -31.31
C GLN CE 195 -18.99 21.51 -31.64
N LYS CE 196 -18.36 20.62 -32.39
CA LYS CE 196 -19.01 19.37 -32.74
C LYS CE 196 -19.31 18.56 -31.48
N GLN CE 197 -18.36 18.52 -30.53
CA GLN CE 197 -18.59 17.75 -29.33
C GLN CE 197 -19.71 18.35 -28.47
N LEU CE 198 -19.75 19.68 -28.34
CA LEU CE 198 -20.84 20.30 -27.59
C LEU CE 198 -22.18 20.02 -28.24
N GLN CE 199 -22.25 20.16 -29.57
CA GLN CE 199 -23.52 19.92 -30.25
C GLN CE 199 -23.96 18.48 -30.06
N ALA CE 200 -23.03 17.54 -30.19
CA ALA CE 200 -23.36 16.13 -29.98
C ALA CE 200 -23.91 15.91 -28.57
N GLN CE 201 -23.19 16.40 -27.55
CA GLN CE 201 -23.64 16.20 -26.18
C GLN CE 201 -25.01 16.82 -25.96
N ARG CE 202 -25.27 17.97 -26.57
CA ARG CE 202 -26.58 18.58 -26.44
C ARG CE 202 -27.66 17.70 -27.07
N ASP CE 203 -27.35 17.06 -28.20
CA ASP CE 203 -28.32 16.15 -28.81
C ASP CE 203 -28.59 14.95 -27.90
N LEU CE 204 -27.54 14.35 -27.33
CA LEU CE 204 -27.76 13.26 -26.39
C LEU CE 204 -28.59 13.70 -25.19
N TYR CE 205 -28.32 14.91 -24.67
CA TYR CE 205 -29.07 15.37 -23.50
C TYR CE 205 -30.52 15.63 -23.84
N LEU CE 206 -30.79 16.23 -25.00
CA LEU CE 206 -32.17 16.53 -25.38
C LEU CE 206 -32.91 15.29 -25.85
N SER CE 207 -32.19 14.22 -26.22
CA SER CE 207 -32.88 12.98 -26.54
C SER CE 207 -33.31 12.22 -25.29
N GLN CE 208 -32.89 12.65 -24.11
CA GLN CE 208 -33.29 12.04 -22.85
C GLN CE 208 -33.76 13.12 -21.88
N SER CE 209 -34.58 14.06 -22.39
CA SER CE 209 -35.07 15.14 -21.55
C SER CE 209 -36.00 14.64 -20.44
N LYS CE 210 -36.54 13.43 -20.58
CA LYS CE 210 -37.33 12.85 -19.50
C LYS CE 210 -36.49 12.48 -18.29
N SER CE 211 -35.18 12.47 -18.42
CA SER CE 211 -34.24 12.06 -17.39
C SER CE 211 -33.18 13.13 -17.20
N PRO CE 212 -32.50 13.15 -16.05
CA PRO CE 212 -31.37 14.06 -15.86
C PRO CE 212 -30.29 13.80 -16.89
N PRO CE 213 -29.41 14.78 -17.15
CA PRO CE 213 -29.30 16.09 -16.51
C PRO CE 213 -30.28 17.13 -17.08
N CYS CE 214 -30.69 17.01 -18.34
CA CYS CE 214 -31.62 17.99 -18.90
C CYS CE 214 -32.95 17.96 -18.17
N GLY CE 215 -33.45 16.77 -17.84
CA GLY CE 215 -34.68 16.62 -17.09
C GLY CE 215 -34.44 16.54 -15.60
N GLY CE 216 -35.43 15.97 -14.91
CA GLY CE 216 -35.32 15.86 -13.46
C GLY CE 216 -35.31 17.23 -12.80
N ASN CE 217 -34.35 17.44 -11.91
CA ASN CE 217 -34.19 18.70 -11.18
C ASN CE 217 -32.74 19.17 -11.31
N PRO CE 218 -32.36 19.66 -12.49
CA PRO CE 218 -30.98 20.12 -12.66
C PRO CE 218 -30.72 21.42 -11.91
N THR CE 219 -29.45 21.63 -11.57
CA THR CE 219 -29.04 22.92 -11.07
C THR CE 219 -29.12 23.95 -12.19
N PRO CE 220 -29.32 25.23 -11.85
CA PRO CE 220 -29.61 26.23 -12.90
C PRO CE 220 -28.61 26.26 -14.05
N GLU CE 221 -27.32 26.05 -13.79
CA GLU CE 221 -26.36 26.10 -14.89
C GLU CE 221 -26.62 25.01 -15.92
N MET CE 222 -26.90 23.79 -15.47
CA MET CE 222 -27.24 22.73 -16.41
C MET CE 222 -28.55 23.03 -17.14
N ASN CE 223 -29.51 23.63 -16.44
CA ASN CE 223 -30.75 24.03 -17.09
C ASN CE 223 -30.46 24.99 -18.25
N THR CE 224 -29.72 26.06 -17.97
CA THR CE 224 -29.41 27.03 -19.01
C THR CE 224 -28.61 26.40 -20.14
N PHE CE 225 -27.64 25.56 -19.81
CA PHE CE 225 -26.83 24.92 -20.84
C PHE CE 225 -27.70 24.01 -21.72
N CYS CE 226 -28.66 23.31 -21.10
CA CYS CE 226 -29.61 22.51 -21.87
C CYS CE 226 -30.43 23.38 -22.80
N ARG CE 227 -30.87 24.55 -22.33
CA ARG CE 227 -31.71 25.41 -23.16
C ARG CE 227 -30.92 26.02 -24.31
N THR CE 228 -29.73 26.55 -24.03
CA THR CE 228 -29.01 27.32 -25.04
C THR CE 228 -28.44 26.39 -26.11
N ALA CE 229 -28.57 26.80 -27.37
CA ALA CE 229 -27.96 26.09 -28.49
C ALA CE 229 -26.64 26.78 -28.86
N ILE CE 230 -25.62 25.98 -29.08
CA ILE CE 230 -24.29 26.53 -29.31
C ILE CE 230 -24.26 27.26 -30.65
N PRO CE 231 -23.50 28.34 -30.79
CA PRO CE 231 -23.34 28.99 -32.09
C PRO CE 231 -22.11 28.45 -32.83
N ASP CE 232 -21.93 28.98 -34.04
CA ASP CE 232 -20.72 28.69 -34.79
C ASP CE 232 -19.56 29.50 -34.20
N PHE CE 233 -18.39 28.87 -34.10
CA PHE CE 233 -17.25 29.52 -33.46
C PHE CE 233 -16.36 30.22 -34.46
N ILE CE 234 -16.28 29.69 -35.69
CA ILE CE 234 -15.53 30.35 -36.75
C ILE CE 234 -16.08 31.74 -37.03
N SER CE 235 -17.41 31.87 -37.00
CA SER CE 235 -18.04 33.16 -37.25
C SER CE 235 -17.65 34.21 -36.22
N THR CE 236 -17.56 33.84 -34.94
CA THR CE 236 -17.26 34.79 -33.87
C THR CE 236 -15.85 35.37 -33.96
N VAL CE 237 -15.01 34.81 -34.81
CA VAL CE 237 -13.59 35.19 -34.87
C VAL CE 237 -13.37 36.03 -36.13
N ASN CE 238 -13.07 37.31 -35.93
CA ASN CE 238 -12.69 38.20 -37.03
C ASN CE 238 -11.78 39.28 -36.48
N PHE CE 239 -10.55 39.32 -36.96
CA PHE CE 239 -9.49 40.14 -36.38
C PHE CE 239 -9.57 41.61 -36.78
N VAL CE 240 -10.04 41.91 -38.00
CA VAL CE 240 -9.97 43.27 -38.49
C VAL CE 240 -10.82 44.21 -37.62
N LYS CE 241 -12.03 43.79 -37.28
CA LYS CE 241 -12.87 44.62 -36.42
C LYS CE 241 -12.38 44.62 -34.98
N LYS CE 242 -11.73 43.54 -34.55
CA LYS CE 242 -11.11 43.56 -33.23
C LYS CE 242 -10.05 44.64 -33.16
N GLN CE 243 -9.22 44.75 -34.21
CA GLN CE 243 -8.15 45.75 -34.16
C GLN CE 243 -8.69 47.17 -34.39
N ASN CE 244 -9.78 47.32 -35.15
CA ASN CE 244 -10.42 48.64 -35.16
C ASN CE 244 -10.95 49.01 -33.79
N ASP CE 245 -11.49 48.03 -33.06
CA ASP CE 245 -11.88 48.29 -31.67
C ASP CE 245 -10.66 48.69 -30.84
N ASP CE 246 -9.51 48.06 -31.10
CA ASP CE 246 -8.31 48.37 -30.34
C ASP CE 246 -7.81 49.79 -30.62
N THR CE 247 -7.66 50.15 -31.89
CA THR CE 247 -7.06 51.43 -32.22
C THR CE 247 -8.05 52.57 -31.94
N PRO CE 248 -7.55 53.74 -31.53
CA PRO CE 248 -8.45 54.90 -31.40
C PRO CE 248 -8.98 55.33 -32.75
N LYS CE 249 -10.21 55.85 -32.74
CA LYS CE 249 -10.82 56.34 -33.97
C LYS CE 249 -10.10 57.56 -34.52
N ASP CE 250 -9.41 58.30 -33.65
CA ASP CE 250 -8.61 59.44 -34.09
C ASP CE 250 -7.34 58.95 -34.78
N LEU CE 251 -6.81 59.79 -35.68
CA LEU CE 251 -5.69 59.40 -36.53
C LEU CE 251 -4.39 60.13 -36.19
N THR CE 252 -4.31 60.78 -35.03
CA THR CE 252 -3.09 61.46 -34.64
C THR CE 252 -2.42 60.89 -33.40
N ALA CE 253 -3.16 60.17 -32.56
CA ALA CE 253 -2.56 59.55 -31.39
C ALA CE 253 -1.74 58.31 -31.80
N ASN CE 254 -0.84 57.90 -30.91
CA ASN CE 254 -0.03 56.72 -31.18
C ASN CE 254 -0.90 55.48 -31.14
N GLN CE 255 -0.82 54.68 -32.20
CA GLN CE 255 -1.61 53.46 -32.27
C GLN CE 255 -1.09 52.44 -31.25
N PRO CE 256 -1.93 51.52 -30.81
CA PRO CE 256 -1.47 50.49 -29.86
C PRO CE 256 -0.32 49.68 -30.43
N ALA CE 257 0.64 49.36 -29.57
CA ALA CE 257 1.84 48.65 -30.01
C ALA CE 257 1.50 47.24 -30.52
N SER CE 258 0.62 46.53 -29.82
CA SER CE 258 0.28 45.17 -30.17
C SER CE 258 -1.19 44.92 -29.92
N PHE CE 259 -1.71 43.89 -30.58
CA PHE CE 259 -3.09 43.47 -30.46
C PHE CE 259 -3.13 41.96 -30.25
N GLU CE 260 -4.13 41.53 -29.47
CA GLU CE 260 -4.29 40.14 -29.09
C GLU CE 260 -5.67 39.67 -29.53
N LEU CE 261 -5.79 38.36 -29.74
CA LEU CE 261 -7.04 37.76 -30.21
C LEU CE 261 -7.10 36.38 -29.57
N ASP CE 262 -7.90 36.26 -28.51
CA ASP CE 262 -8.13 34.97 -27.90
C ASP CE 262 -9.30 34.27 -28.57
N MET CE 263 -9.07 33.04 -29.02
CA MET CE 263 -10.11 32.30 -29.72
C MET CE 263 -10.77 31.31 -28.79
N PRO CE 264 -12.11 31.29 -28.71
CA PRO CE 264 -13.08 32.10 -29.48
C PRO CE 264 -13.25 33.55 -29.01
N ASN CE 265 -13.85 34.41 -29.83
CA ASN CE 265 -14.23 35.77 -29.45
C ASN CE 265 -15.75 35.86 -29.45
N PHE CE 266 -16.36 35.51 -28.32
CA PHE CE 266 -17.78 35.74 -28.10
C PHE CE 266 -17.97 37.14 -27.54
N ASP CE 267 -19.14 37.74 -27.82
CA ASP CE 267 -19.39 39.11 -27.38
C ASP CE 267 -19.89 39.12 -25.94
N LYS CE 268 -20.03 40.35 -25.41
CA LYS CE 268 -20.39 40.52 -24.01
C LYS CE 268 -21.65 39.77 -23.63
N SER CE 269 -22.71 39.92 -24.43
CA SER CE 269 -23.99 39.28 -24.10
C SER CE 269 -23.91 37.76 -24.17
N SER CE 270 -22.90 37.23 -24.87
CA SER CE 270 -22.79 35.78 -25.02
C SER CE 270 -22.53 35.12 -23.67
N PRO CE 271 -23.24 34.05 -23.33
CA PRO CE 271 -22.97 33.32 -22.10
C PRO CE 271 -21.76 32.41 -22.18
N PHE CE 272 -21.00 32.47 -23.27
CA PHE CE 272 -19.85 31.59 -23.49
C PHE CE 272 -18.53 32.35 -23.34
N TYR CE 273 -18.53 33.39 -22.49
CA TYR CE 273 -17.29 34.13 -22.25
C TYR CE 273 -16.23 33.28 -21.58
N PHE CE 274 -16.61 32.37 -20.69
CA PHE CE 274 -15.61 31.56 -20.02
C PHE CE 274 -14.85 30.69 -21.02
N LEU CE 275 -15.54 30.19 -22.05
CA LEU CE 275 -14.86 29.40 -23.08
C LEU CE 275 -13.94 30.24 -23.95
N ASN CE 276 -14.02 31.57 -23.87
CA ASN CE 276 -13.12 32.41 -24.66
C ASN CE 276 -11.67 32.12 -24.27
N GLY CE 277 -10.84 31.86 -25.27
CA GLY CE 277 -9.44 31.58 -25.04
C GLY CE 277 -9.09 30.12 -24.84
N ILE CE 278 -10.09 29.25 -24.71
CA ILE CE 278 -9.84 27.82 -24.57
C ILE CE 278 -9.19 27.21 -25.80
N CYS CE 279 -9.08 27.97 -26.90
CA CYS CE 279 -8.42 27.50 -28.11
C CYS CE 279 -7.20 28.34 -28.46
N GLY CE 280 -6.50 28.88 -27.47
CA GLY CE 280 -5.28 29.62 -27.72
C GLY CE 280 -5.52 31.11 -27.91
N THR CE 281 -4.42 31.81 -28.15
CA THR CE 281 -4.45 33.25 -28.37
C THR CE 281 -3.36 33.61 -29.38
N VAL CE 282 -3.64 34.58 -30.24
CA VAL CE 282 -2.73 35.01 -31.30
C VAL CE 282 -2.50 36.51 -31.16
N LYS CE 283 -1.23 36.92 -31.26
CA LYS CE 283 -0.84 38.30 -31.06
C LYS CE 283 -0.07 38.81 -32.27
N TRP CE 284 -0.22 40.11 -32.53
CA TRP CE 284 0.52 40.75 -33.63
C TRP CE 284 0.70 42.22 -33.30
N ASN CE 285 1.85 42.78 -33.68
CA ASN CE 285 2.13 44.18 -33.43
C ASN CE 285 1.72 45.04 -34.62
N ASN CE 286 1.34 46.28 -34.33
CA ASN CE 286 1.06 47.26 -35.37
C ASN CE 286 2.34 47.62 -36.11
N ILE CE 287 2.19 47.99 -37.38
CA ILE CE 287 3.36 48.40 -38.15
C ILE CE 287 3.71 49.80 -37.66
N SER CE 288 4.75 49.90 -36.84
CA SER CE 288 5.12 51.19 -36.26
C SER CE 288 5.72 52.15 -37.28
N ALA CE 289 6.02 51.68 -38.49
CA ALA CE 289 6.64 52.55 -39.50
C ALA CE 289 5.71 53.71 -39.85
N LEU CE 290 4.43 53.44 -40.08
CA LEU CE 290 3.48 54.53 -40.28
C LEU CE 290 3.00 55.13 -38.96
N ASN CE 291 3.06 54.37 -37.87
CA ASN CE 291 2.59 54.87 -36.58
C ASN CE 291 3.38 56.08 -36.10
N SER CE 292 4.58 56.30 -36.64
CA SER CE 292 5.40 57.42 -36.24
C SER CE 292 4.64 58.74 -36.41
N THR CE 293 4.79 59.62 -35.42
CA THR CE 293 4.05 60.87 -35.36
C THR CE 293 4.65 61.96 -36.24
N ASN CE 294 5.53 61.62 -37.18
CA ASN CE 294 6.09 62.63 -38.07
C ASN CE 294 5.01 63.24 -38.96
N GLN CE 295 4.07 62.44 -39.45
CA GLN CE 295 2.95 62.94 -40.23
C GLN CE 295 1.76 62.04 -39.99
N SER CE 296 0.77 62.53 -39.25
CA SER CE 296 -0.47 61.81 -39.00
C SER CE 296 -1.65 62.73 -39.22
N ASP CE 297 -1.63 63.49 -40.32
CA ASP CE 297 -2.67 64.45 -40.61
C ASP CE 297 -4.00 63.76 -40.86
N ASN CE 298 -5.07 64.28 -40.24
CA ASN CE 298 -6.40 63.72 -40.38
C ASN CE 298 -7.38 64.66 -41.05
N LYS CE 299 -7.14 65.97 -41.02
CA LYS CE 299 -8.04 66.95 -41.61
C LYS CE 299 -7.85 67.11 -43.11
N GLY CE 300 -6.80 66.53 -43.68
CA GLY CE 300 -6.50 66.67 -45.10
C GLY CE 300 -5.80 65.47 -45.65
N LEU CE 301 -4.73 65.72 -46.41
CA LEU CE 301 -3.99 64.67 -47.10
C LEU CE 301 -2.76 64.30 -46.30
N VAL CE 302 -2.61 63.00 -45.99
CA VAL CE 302 -1.42 62.52 -45.32
C VAL CE 302 -0.29 62.34 -46.33
N THR CE 303 0.94 62.25 -45.83
CA THR CE 303 2.10 62.16 -46.70
C THR CE 303 3.22 61.43 -46.00
N VAL CE 304 3.95 60.62 -46.75
CA VAL CE 304 5.14 59.95 -46.25
C VAL CE 304 6.25 60.98 -46.07
N GLY CE 305 7.20 60.68 -45.18
CA GLY CE 305 8.29 61.59 -44.96
C GLY CE 305 9.23 61.67 -46.15
N GLY CE 306 9.93 62.80 -46.25
CA GLY CE 306 10.87 63.01 -47.33
C GLY CE 306 12.27 62.55 -47.01
N ALA CE 307 13.27 63.43 -47.20
CA ALA CE 307 14.66 63.10 -46.93
C ALA CE 307 15.39 64.25 -46.24
N GLY CE 308 14.67 65.14 -45.57
CA GLY CE 308 15.29 66.27 -44.91
C GLY CE 308 14.88 66.44 -43.46
N SER CE 309 14.09 65.50 -42.94
CA SER CE 309 13.63 65.53 -41.56
C SER CE 309 13.76 64.15 -40.95
N ASN CE 310 13.92 64.13 -39.63
CA ASN CE 310 14.06 62.88 -38.89
C ASN CE 310 12.69 62.21 -38.76
N SER CE 311 12.61 60.94 -39.18
CA SER CE 311 11.37 60.18 -39.11
C SER CE 311 11.72 58.71 -39.23
N SER CE 312 10.69 57.86 -39.23
CA SER CE 312 10.85 56.42 -39.37
C SER CE 312 9.98 55.91 -40.52
N MET CE 313 9.97 56.65 -41.62
CA MET CE 313 9.30 56.20 -42.85
C MET CE 313 10.30 56.08 -43.98
N GLY CE 314 9.83 55.84 -45.18
CA GLY CE 314 10.71 55.73 -46.32
C GLY CE 314 11.32 57.08 -46.71
N ALA CE 315 12.38 57.00 -47.50
CA ALA CE 315 13.13 58.18 -47.92
C ALA CE 315 12.40 59.01 -48.98
N ASN CE 316 11.31 58.50 -49.53
CA ASN CE 316 10.58 59.19 -50.59
C ASN CE 316 9.24 59.64 -50.04
N SER CE 317 8.92 60.91 -50.26
CA SER CE 317 7.68 61.51 -49.78
C SER CE 317 6.62 61.41 -50.87
N LEU CE 318 5.54 60.69 -50.58
CA LEU CE 318 4.39 60.61 -51.49
C LEU CE 318 3.11 60.84 -50.71
N ASN CE 319 2.14 61.47 -51.38
CA ASN CE 319 0.83 61.70 -50.78
C ASN CE 319 0.10 60.38 -50.58
N ILE CE 320 -0.70 60.31 -49.52
CA ILE CE 320 -1.47 59.11 -49.20
C ILE CE 320 -2.80 59.55 -48.60
N THR CE 321 -3.89 59.06 -49.18
CA THR CE 321 -5.22 59.52 -48.77
C THR CE 321 -5.65 58.85 -47.47
N SER CE 322 -6.64 59.46 -46.82
CA SER CE 322 -7.07 58.99 -45.50
C SER CE 322 -7.61 57.57 -45.56
N SER CE 323 -8.43 57.25 -46.57
CA SER CE 323 -8.99 55.91 -46.66
C SER CE 323 -7.91 54.87 -46.92
N GLN CE 324 -6.98 55.17 -47.82
CA GLN CE 324 -5.87 54.25 -48.06
C GLN CE 324 -4.97 54.15 -46.84
N LEU CE 325 -4.87 55.23 -46.05
CA LEU CE 325 -4.10 55.15 -44.82
C LEU CE 325 -4.80 54.26 -43.81
N GLN CE 326 -6.13 54.29 -43.77
CA GLN CE 326 -6.88 53.34 -42.96
C GLN CE 326 -6.61 51.91 -43.40
N THR CE 327 -6.67 51.67 -44.71
CA THR CE 327 -6.44 50.30 -45.20
C THR CE 327 -5.02 49.84 -44.92
N ALA CE 328 -4.05 50.75 -44.99
CA ALA CE 328 -2.68 50.41 -44.61
C ALA CE 328 -2.55 50.15 -43.12
N ARG CE 329 -3.35 50.84 -42.29
CA ARG CE 329 -3.39 50.55 -40.87
C ARG CE 329 -3.77 49.10 -40.61
N LEU CE 330 -4.61 48.53 -41.48
CA LEU CE 330 -5.21 47.23 -41.26
C LEU CE 330 -4.48 46.13 -42.03
N SER CE 331 -3.18 46.33 -42.33
CA SER CE 331 -2.45 45.35 -43.13
C SER CE 331 -2.37 44.00 -42.43
N ARG CE 332 -1.89 43.98 -41.18
CA ARG CE 332 -1.87 42.73 -40.44
C ARG CE 332 -3.28 42.20 -40.23
N ALA CE 333 -4.26 43.10 -40.14
CA ALA CE 333 -5.64 42.69 -39.91
C ALA CE 333 -6.15 41.80 -41.04
N ILE CE 334 -6.23 42.34 -42.26
CA ILE CE 334 -6.74 41.53 -43.36
C ILE CE 334 -5.75 40.44 -43.73
N ALA CE 335 -4.47 40.61 -43.37
CA ALA CE 335 -3.50 39.53 -43.53
C ALA CE 335 -3.96 38.28 -42.80
N ILE CE 336 -4.01 38.38 -41.47
CA ILE CE 336 -4.41 37.24 -40.66
C ILE CE 336 -5.87 36.86 -40.91
N GLN CE 337 -6.69 37.79 -41.38
CA GLN CE 337 -8.04 37.43 -41.79
C GLN CE 337 -8.02 36.49 -42.98
N GLN CE 338 -7.16 36.75 -43.96
CA GLN CE 338 -7.13 35.88 -45.14
C GLN CE 338 -6.47 34.55 -44.82
N MET CE 339 -5.48 34.53 -43.91
CA MET CE 339 -5.08 33.23 -43.35
C MET CE 339 -6.26 32.50 -42.73
N TYR CE 340 -7.09 33.18 -41.96
CA TYR CE 340 -8.21 32.51 -41.32
C TYR CE 340 -9.14 31.90 -42.37
N VAL CE 341 -9.45 32.68 -43.41
CA VAL CE 341 -10.38 32.21 -44.44
C VAL CE 341 -9.77 31.09 -45.27
N THR CE 342 -8.43 31.07 -45.44
CA THR CE 342 -7.83 30.03 -46.26
C THR CE 342 -7.54 28.75 -45.49
N LEU CE 343 -7.31 28.83 -44.17
CA LEU CE 343 -7.19 27.62 -43.38
C LEU CE 343 -8.54 27.08 -42.91
N SER CE 344 -9.62 27.85 -43.05
CA SER CE 344 -10.92 27.34 -42.63
C SER CE 344 -11.30 26.06 -43.37
N THR CE 345 -11.09 26.03 -44.70
CA THR CE 345 -11.43 24.85 -45.48
C THR CE 345 -10.56 23.66 -45.10
N VAL CE 346 -9.27 23.91 -44.89
CA VAL CE 346 -8.34 22.84 -44.49
C VAL CE 346 -8.76 22.27 -43.14
N ALA CE 347 -9.10 23.15 -42.19
CA ALA CE 347 -9.55 22.70 -40.88
C ALA CE 347 -10.82 21.88 -40.99
N GLN CE 348 -11.80 22.35 -41.75
CA GLN CE 348 -13.07 21.64 -41.82
C GLN CE 348 -12.90 20.29 -42.49
N VAL CE 349 -12.00 20.19 -43.48
CA VAL CE 349 -11.84 18.90 -44.14
C VAL CE 349 -11.16 17.90 -43.22
N MET CE 350 -10.16 18.32 -42.43
CA MET CE 350 -9.61 17.35 -41.47
C MET CE 350 -10.63 16.99 -40.39
N VAL CE 351 -11.41 17.96 -39.92
CA VAL CE 351 -12.39 17.63 -38.87
C VAL CE 351 -13.42 16.64 -39.40
N ASN CE 352 -13.91 16.85 -40.62
CA ASN CE 352 -14.79 15.87 -41.24
C ASN CE 352 -14.08 14.55 -41.49
N ASN CE 353 -12.75 14.55 -41.62
CA ASN CE 353 -12.02 13.31 -41.81
C ASN CE 353 -12.06 12.40 -40.59
N ASP CE 354 -12.12 12.96 -39.38
CA ASP CE 354 -12.00 12.14 -38.18
C ASP CE 354 -13.21 11.25 -38.00
N PRO CE 355 -13.06 9.92 -37.97
CA PRO CE 355 -14.21 9.05 -37.68
C PRO CE 355 -14.83 9.30 -36.32
N ALA CE 356 -14.02 9.66 -35.32
CA ALA CE 356 -14.57 10.03 -34.03
C ALA CE 356 -15.45 11.26 -34.11
N PHE CE 357 -15.32 12.05 -35.16
CA PHE CE 357 -16.15 13.22 -35.40
C PHE CE 357 -17.14 13.01 -36.54
N SER CE 358 -17.32 11.78 -36.98
CA SER CE 358 -18.31 11.49 -38.01
C SER CE 358 -19.70 11.78 -37.48
N THR CE 359 -20.42 12.65 -38.16
CA THR CE 359 -21.78 12.98 -37.75
C THR CE 359 -22.69 11.76 -37.86
N THR CE 360 -22.43 10.91 -38.85
CA THR CE 360 -23.20 9.69 -39.04
C THR CE 360 -22.80 8.65 -37.99
N THR CE 361 -23.62 7.62 -37.85
CA THR CE 361 -23.24 6.47 -37.04
C THR CE 361 -22.11 5.71 -37.72
N SER CE 362 -21.23 5.13 -36.91
CA SER CE 362 -20.08 4.39 -37.42
C SER CE 362 -20.47 2.96 -37.75
N THR CE 363 -21.33 2.83 -38.76
CA THR CE 363 -21.79 1.54 -39.24
C THR CE 363 -21.22 1.17 -40.60
N GLY CE 364 -20.47 2.07 -41.22
CA GLY CE 364 -19.92 1.80 -42.53
C GLY CE 364 -18.65 0.98 -42.49
N ASN CE 365 -17.62 1.43 -43.21
CA ASN CE 365 -16.36 0.71 -43.28
C ASN CE 365 -15.57 0.92 -42.00
N SER CE 366 -15.43 -0.15 -41.22
CA SER CE 366 -14.55 -0.15 -40.05
C SER CE 366 -13.15 -0.64 -40.40
N LYS CE 367 -12.90 -0.97 -41.67
CA LYS CE 367 -11.59 -1.42 -42.15
C LYS CE 367 -10.87 -0.38 -43.00
N ASN CE 368 -11.58 0.26 -43.94
CA ASN CE 368 -10.92 1.17 -44.87
C ASN CE 368 -10.31 2.37 -44.17
N ASP CE 369 -10.74 2.67 -42.94
CA ASP CE 369 -10.19 3.80 -42.21
C ASP CE 369 -8.69 3.67 -42.03
N PHE CE 370 -7.97 4.76 -42.29
CA PHE CE 370 -6.51 4.76 -42.19
C PHE CE 370 -6.06 4.48 -40.77
N SER CE 371 -6.74 5.08 -39.79
CA SER CE 371 -6.41 4.90 -38.39
C SER CE 371 -7.64 5.28 -37.57
N ALA CE 372 -7.53 5.14 -36.25
CA ALA CE 372 -8.62 5.51 -35.36
C ALA CE 372 -8.91 7.00 -35.35
N ILE CE 373 -8.00 7.82 -35.88
CA ILE CE 373 -8.17 9.26 -35.86
C ILE CE 373 -8.47 9.85 -37.24
N ALA CE 374 -8.26 9.09 -38.32
CA ALA CE 374 -8.53 9.59 -39.66
C ALA CE 374 -8.85 8.42 -40.57
N LYS CE 375 -9.98 8.50 -41.26
CA LYS CE 375 -10.34 7.42 -42.19
C LYS CE 375 -9.46 7.46 -43.44
N GLN CE 376 -8.89 8.61 -43.75
CA GLN CE 376 -7.91 8.73 -44.84
C GLN CE 376 -6.72 9.54 -44.36
N GLN CE 377 -5.52 9.05 -44.65
CA GLN CE 377 -4.30 9.77 -44.33
C GLN CE 377 -4.20 11.05 -45.15
N PHE CE 378 -3.51 12.05 -44.59
CA PHE CE 378 -3.21 13.23 -45.39
C PHE CE 378 -2.02 13.05 -46.30
N GLY CE 379 -1.19 12.04 -46.05
CA GLY CE 379 -0.04 11.76 -46.89
C GLY CE 379 1.27 12.24 -46.30
N VAL CE 380 2.35 11.91 -47.01
CA VAL CE 380 3.71 12.24 -46.60
C VAL CE 380 4.45 12.84 -47.78
N PRO CE 381 5.25 13.89 -47.58
CA PRO CE 381 6.06 14.42 -48.68
C PRO CE 381 7.01 13.37 -49.24
N TYR CE 382 7.18 13.39 -50.55
CA TYR CE 382 8.02 12.45 -51.26
C TYR CE 382 9.06 13.22 -52.07
N LYS CE 383 10.20 12.58 -52.30
CA LYS CE 383 11.20 13.14 -53.20
C LYS CE 383 10.64 13.18 -54.62
N SER CE 384 11.41 13.75 -55.54
CA SER CE 384 11.00 13.75 -56.93
C SER CE 384 11.37 12.42 -57.58
N SER CE 385 10.97 11.32 -56.93
CA SER CE 385 11.14 9.98 -57.47
C SER CE 385 10.01 9.04 -57.09
N GLY CE 386 9.00 9.51 -56.36
CA GLY CE 386 7.94 8.65 -55.87
C GLY CE 386 8.28 7.86 -54.63
N GLU CE 387 9.38 8.19 -53.95
CA GLU CE 387 9.83 7.46 -52.78
C GLU CE 387 9.62 8.30 -51.52
N VAL CE 388 9.60 7.61 -50.38
CA VAL CE 388 9.31 8.26 -49.11
C VAL CE 388 10.45 9.20 -48.73
N CYS CE 389 10.11 10.46 -48.47
CA CYS CE 389 11.10 11.49 -48.14
C CYS CE 389 11.11 11.65 -46.62
N THR CE 390 11.94 10.84 -45.97
CA THR CE 390 12.02 10.83 -44.51
C THR CE 390 12.90 11.95 -43.95
N GLU CE 391 13.69 12.62 -44.78
CA GLU CE 391 14.57 13.68 -44.33
C GLU CE 391 14.50 14.85 -45.29
N TYR CE 392 14.90 16.02 -44.82
CA TYR CE 392 14.90 17.21 -45.65
C TYR CE 392 16.09 17.25 -46.61
N GLN CE 393 17.26 16.78 -46.16
CA GLN CE 393 18.46 16.86 -47.00
C GLN CE 393 18.26 16.10 -48.30
N GLN CE 394 17.66 14.92 -48.24
CA GLN CE 394 17.06 14.34 -49.43
C GLN CE 394 15.86 15.21 -49.81
N VAL CE 395 15.97 15.90 -50.95
CA VAL CE 395 15.01 16.94 -51.28
C VAL CE 395 13.63 16.32 -51.53
N CYS CE 396 12.60 16.91 -50.94
CA CYS CE 396 11.23 16.47 -51.09
C CYS CE 396 10.47 17.48 -51.94
N GLN CE 397 9.87 17.01 -53.02
CA GLN CE 397 9.11 17.90 -53.89
C GLN CE 397 7.66 17.48 -54.07
N THR CE 398 7.39 16.19 -54.21
CA THR CE 398 6.04 15.70 -54.44
C THR CE 398 5.42 15.32 -53.10
N TRP CE 399 4.24 14.70 -53.14
CA TRP CE 399 3.53 14.35 -51.91
C TRP CE 399 2.82 13.03 -52.14
N GLY CE 400 3.42 11.94 -51.65
CA GLY CE 400 2.92 10.61 -51.88
C GLY CE 400 2.16 10.06 -50.68
N SER CE 401 1.55 8.89 -50.88
CA SER CE 401 0.78 8.23 -49.84
C SER CE 401 1.57 7.05 -49.28
N VAL CE 402 1.48 6.88 -47.96
CA VAL CE 402 2.17 5.79 -47.27
C VAL CE 402 1.14 4.90 -46.61
N PRO CE 403 1.27 3.58 -46.70
CA PRO CE 403 0.26 2.68 -46.13
C PRO CE 403 0.20 2.79 -44.61
N SER CE 404 -0.97 2.47 -44.07
CA SER CE 404 -1.15 2.43 -42.63
C SER CE 404 -0.39 1.25 -42.04
N SER CE 405 -0.41 1.14 -40.71
CA SER CE 405 0.26 0.03 -40.04
C SER CE 405 -0.39 -1.31 -40.37
N THR CE 406 -1.66 -1.29 -40.79
CA THR CE 406 -2.35 -2.52 -41.16
C THR CE 406 -2.13 -2.91 -42.62
N GLY CE 407 -1.42 -2.09 -43.39
CA GLY CE 407 -1.14 -2.37 -44.78
C GLY CE 407 -2.15 -1.82 -45.76
N SER CE 408 -3.32 -1.41 -45.28
CA SER CE 408 -4.34 -0.86 -46.16
C SER CE 408 -3.90 0.51 -46.68
N THR CE 409 -4.26 0.80 -47.93
CA THR CE 409 -3.92 2.06 -48.58
C THR CE 409 -5.19 2.86 -48.81
N THR CE 410 -5.15 4.14 -48.42
CA THR CE 410 -6.28 5.04 -48.60
C THR CE 410 -5.81 6.30 -49.32
N GLY CE 411 -6.74 6.92 -50.02
CA GLY CE 411 -6.42 8.14 -50.75
C GLY CE 411 -6.10 9.29 -49.82
N VAL CE 412 -5.23 10.18 -50.29
CA VAL CE 412 -4.84 11.35 -49.52
C VAL CE 412 -5.77 12.50 -49.86
N LEU CE 413 -5.77 13.54 -49.02
CA LEU CE 413 -6.63 14.68 -49.20
C LEU CE 413 -5.88 15.93 -49.65
N PHE CE 414 -4.57 15.97 -49.49
CA PHE CE 414 -3.80 17.19 -49.75
C PHE CE 414 -2.50 16.85 -50.46
N ASN CE 415 -2.01 17.83 -51.22
CA ASN CE 415 -0.70 17.77 -51.85
C ASN CE 415 0.38 18.40 -51.00
N GLY CE 416 0.05 18.90 -49.81
CA GLY CE 416 1.04 19.37 -48.87
C GLY CE 416 1.50 20.80 -49.05
N THR CE 417 0.89 21.56 -49.96
CA THR CE 417 1.27 22.96 -50.18
C THR CE 417 0.20 23.94 -49.71
N GLU CE 418 -0.74 23.49 -48.88
CA GLU CE 418 -1.76 24.39 -48.37
C GLU CE 418 -1.18 25.36 -47.35
N PHE CE 419 -0.38 24.85 -46.42
CA PHE CE 419 0.20 25.70 -45.37
C PHE CE 419 1.16 26.73 -45.97
N LEU CE 420 2.14 26.25 -46.73
CA LEU CE 420 3.04 27.17 -47.40
C LEU CE 420 2.32 28.05 -48.40
N GLY CE 421 1.25 27.53 -49.01
CA GLY CE 421 0.44 28.36 -49.88
C GLY CE 421 -0.16 29.53 -49.13
N ALA CE 422 -0.64 29.28 -47.91
CA ALA CE 422 -1.16 30.36 -47.07
C ALA CE 422 -0.07 31.37 -46.76
N ILE CE 423 1.15 30.89 -46.46
CA ILE CE 423 2.26 31.82 -46.24
C ILE CE 423 2.53 32.66 -47.49
N ASN CE 424 2.40 32.04 -48.67
CA ASN CE 424 2.62 32.76 -49.91
C ASN CE 424 1.56 33.83 -50.13
N ASP CE 425 0.29 33.53 -49.85
CA ASP CE 425 -0.72 34.57 -49.94
C ASP CE 425 -0.43 35.68 -48.93
N TYR CE 426 0.08 35.30 -47.75
CA TYR CE 426 0.43 36.31 -46.75
C TYR CE 426 1.44 37.29 -47.31
N ASN CE 427 2.58 36.79 -47.79
CA ASN CE 427 3.61 37.72 -48.24
C ASN CE 427 3.17 38.44 -49.51
N GLY CE 428 2.29 37.82 -50.29
CA GLY CE 428 1.75 38.51 -51.45
C GLY CE 428 0.92 39.73 -51.08
N ILE CE 429 0.03 39.59 -50.10
CA ILE CE 429 -0.76 40.75 -49.68
C ILE CE 429 0.09 41.72 -48.86
N MET CE 430 1.21 41.25 -48.30
CA MET CE 430 2.09 42.17 -47.60
C MET CE 430 2.91 43.01 -48.56
N MET CE 431 3.20 42.48 -49.75
CA MET CE 431 4.06 43.21 -50.69
C MET CE 431 3.59 44.64 -50.97
N PRO CE 432 2.28 44.94 -51.12
CA PRO CE 432 1.91 46.37 -51.30
C PRO CE 432 2.29 47.24 -50.12
N THR CE 433 2.07 46.77 -48.89
CA THR CE 433 2.28 47.62 -47.73
C THR CE 433 3.76 47.91 -47.52
N LEU CE 434 4.61 46.88 -47.56
CA LEU CE 434 6.04 47.11 -47.42
C LEU CE 434 6.62 47.83 -48.63
N ASN CE 435 6.04 47.62 -49.82
CA ASN CE 435 6.45 48.38 -50.99
C ASN CE 435 6.18 49.86 -50.80
N LEU CE 436 5.01 50.20 -50.24
CA LEU CE 436 4.69 51.59 -49.99
C LEU CE 436 5.54 52.17 -48.86
N ILE CE 437 5.92 51.33 -47.89
CA ILE CE 437 6.68 51.84 -46.75
C ILE CE 437 8.14 52.02 -47.11
N ARG CE 438 8.64 51.24 -48.08
CA ARG CE 438 10.07 51.32 -48.40
C ARG CE 438 10.39 52.48 -49.33
N GLN CE 439 9.38 53.11 -49.92
CA GLN CE 439 9.63 54.28 -50.77
C GLN CE 439 9.68 55.54 -49.91
N SER CE 442 16.10 56.42 -52.38
CA SER CE 442 17.44 55.88 -52.14
C SER CE 442 17.90 56.16 -50.73
N LYS CE 443 18.39 55.13 -50.04
CA LYS CE 443 18.88 55.26 -48.68
C LYS CE 443 20.39 55.51 -48.61
N GLU CE 444 21.13 55.15 -49.66
CA GLU CE 444 22.57 55.34 -49.68
C GLU CE 444 22.98 56.73 -50.17
N PHE CE 445 22.04 57.51 -50.68
CA PHE CE 445 22.33 58.86 -51.17
C PHE CE 445 21.28 59.82 -50.67
N ASP CE 446 21.71 60.94 -50.09
CA ASP CE 446 20.81 61.97 -49.62
C ASP CE 446 21.55 63.30 -49.54
N LYS CE 447 20.79 64.38 -49.41
CA LYS CE 447 21.37 65.71 -49.41
C LYS CE 447 22.06 66.02 -48.07
N LYS CE 448 21.58 65.39 -46.99
CA LYS CE 448 22.15 65.66 -45.67
C LYS CE 448 23.61 65.21 -45.59
N SER CE 449 24.03 64.33 -46.49
CA SER CE 449 25.37 63.73 -46.45
C SER CE 449 26.46 64.77 -46.69
N ARG CE 450 26.08 66.04 -46.85
CA ARG CE 450 27.03 67.14 -46.89
C ARG CE 450 26.64 68.32 -46.03
N ASP CE 451 25.44 68.34 -45.44
CA ASP CE 451 24.98 69.53 -44.74
C ASP CE 451 25.85 69.85 -43.53
N PHE CE 452 26.55 68.85 -42.97
CA PHE CE 452 27.43 69.11 -41.84
C PHE CE 452 28.53 70.09 -42.21
N ILE CE 453 28.92 70.12 -43.49
CA ILE CE 453 29.94 71.06 -43.93
C ILE CE 453 29.50 72.49 -43.63
N ALA CE 454 28.20 72.75 -43.73
CA ALA CE 454 27.69 74.08 -43.41
C ALA CE 454 28.02 74.46 -41.97
N GLU CE 455 27.88 73.52 -41.03
CA GLU CE 455 28.30 73.75 -39.66
C GLU CE 455 29.80 73.63 -39.48
N ALA CE 456 30.48 72.93 -40.40
CA ALA CE 456 31.86 72.53 -40.18
C ALA CE 456 32.78 73.73 -39.99
N ASN CE 457 32.86 74.60 -40.99
CA ASN CE 457 33.63 75.83 -40.82
C ASN CE 457 33.09 76.68 -39.69
N ALA CE 458 31.79 76.62 -39.43
CA ALA CE 458 31.20 77.33 -38.30
C ALA CE 458 31.78 76.85 -36.98
N LYS CE 459 32.23 75.61 -36.90
CA LYS CE 459 32.82 75.09 -35.67
C LYS CE 459 34.32 75.34 -35.58
N GLY CE 460 35.09 74.95 -36.59
CA GLY CE 460 36.53 75.16 -36.56
C GLY CE 460 37.29 73.86 -36.75
N TRP CE 461 38.58 73.94 -36.41
CA TRP CE 461 39.49 72.83 -36.71
C TRP CE 461 39.51 71.79 -35.58
N ILE CE 462 39.45 72.23 -34.33
CA ILE CE 462 39.77 71.32 -33.24
C ILE CE 462 38.64 70.31 -33.01
N MET CE 463 37.55 70.41 -33.75
CA MET CE 463 36.52 69.38 -33.75
C MET CE 463 36.36 68.69 -35.09
N ALA CE 464 37.25 68.94 -36.05
CA ALA CE 464 37.14 68.31 -37.36
C ALA CE 464 37.12 66.79 -37.25
N GLY CE 465 37.73 66.25 -36.20
CA GLY CE 465 37.74 64.81 -36.01
C GLY CE 465 36.36 64.22 -35.82
N SER CE 466 35.46 64.95 -35.16
CA SER CE 466 34.10 64.42 -35.04
C SER CE 466 33.37 64.44 -36.37
N TYR CE 467 33.99 64.95 -37.42
CA TYR CE 467 33.49 64.86 -38.79
C TYR CE 467 34.07 63.67 -39.54
N PHE CE 468 34.93 62.87 -38.91
CA PHE CE 468 35.72 61.88 -39.65
C PHE CE 468 34.82 60.91 -40.39
N PHE CE 469 33.88 60.30 -39.68
CA PHE CE 469 32.94 59.38 -40.31
C PHE CE 469 32.20 60.05 -41.46
N ASP CE 470 31.84 61.32 -41.28
CA ASP CE 470 31.22 62.09 -42.35
C ASP CE 470 32.08 62.03 -43.62
N LEU CE 471 33.37 62.33 -43.48
CA LEU CE 471 34.27 62.26 -44.63
C LEU CE 471 34.26 60.88 -45.25
N VAL CE 472 34.13 59.84 -44.42
CA VAL CE 472 34.06 58.48 -44.96
C VAL CE 472 32.89 58.35 -45.92
N LYS CE 473 31.71 58.84 -45.51
CA LYS CE 473 30.57 58.79 -46.42
C LYS CE 473 30.84 59.59 -47.69
N LEU CE 474 31.64 60.65 -47.59
CA LEU CE 474 32.01 61.38 -48.80
C LEU CE 474 32.79 60.50 -49.76
N ASN CE 475 33.69 59.67 -49.23
CA ASN CE 475 34.38 58.70 -50.08
C ASN CE 475 33.42 57.71 -50.71
N GLY CE 476 32.28 57.46 -50.06
CA GLY CE 476 31.25 56.65 -50.69
C GLY CE 476 30.78 57.26 -52.00
N SER CE 477 30.68 58.58 -52.04
CA SER CE 477 30.39 59.27 -53.29
C SER CE 477 31.61 59.34 -54.21
N ALA CE 478 32.81 59.20 -53.66
CA ALA CE 478 34.03 59.24 -54.46
C ALA CE 478 34.37 57.91 -55.10
N THR CE 479 33.71 56.83 -54.70
CA THR CE 479 33.97 55.51 -55.25
C THR CE 479 32.73 54.84 -55.82
N GLU CE 480 31.57 55.03 -55.20
CA GLU CE 480 30.34 54.41 -55.67
C GLU CE 480 29.53 55.39 -56.52
N ASP CE 483 13.58 42.97 -53.29
CA ASP CE 483 12.43 42.45 -52.56
C ASP CE 483 12.71 42.40 -51.06
N GLN CE 484 11.64 42.36 -50.26
CA GLN CE 484 11.77 42.32 -48.82
C GLN CE 484 10.66 41.45 -48.24
N PHE CE 485 10.88 41.00 -47.01
CA PHE CE 485 9.91 40.17 -46.30
C PHE CE 485 9.60 40.79 -44.95
N ASP CE 486 8.42 40.47 -44.42
CA ASP CE 486 7.98 41.03 -43.15
C ASP CE 486 8.86 40.53 -42.02
N THR CE 487 9.49 41.46 -41.31
CA THR CE 487 10.36 41.14 -40.16
C THR CE 487 9.83 41.89 -38.94
N GLY CE 488 9.80 41.20 -37.81
CA GLY CE 488 9.19 41.78 -36.62
C GLY CE 488 7.68 41.77 -36.66
N THR CE 489 7.09 40.81 -37.38
CA THR CE 489 5.65 40.79 -37.57
C THR CE 489 4.88 40.44 -36.30
N GLY CE 490 5.51 39.72 -35.37
CA GLY CE 490 4.92 39.47 -34.07
C GLY CE 490 4.03 38.26 -33.95
N LEU CE 491 3.81 37.49 -35.03
CA LEU CE 491 3.02 36.27 -34.90
C LEU CE 491 3.75 35.17 -34.13
N ASP CE 492 5.06 35.31 -33.92
CA ASP CE 492 5.76 34.36 -33.06
C ASP CE 492 5.27 34.45 -31.62
N LYS CE 493 4.69 35.59 -31.24
CA LYS CE 493 4.19 35.75 -29.89
C LYS CE 493 2.95 34.90 -29.62
N SER CE 494 2.31 34.40 -30.68
CA SER CE 494 1.10 33.61 -30.53
C SER CE 494 1.40 32.29 -29.85
N SER CE 495 0.38 31.74 -29.19
CA SER CE 495 0.55 30.50 -28.45
C SER CE 495 -0.71 29.64 -28.60
N PHE CE 496 -0.49 28.33 -28.52
CA PHE CE 496 -1.59 27.36 -28.47
C PHE CE 496 -1.18 26.24 -27.52
N ASP CE 497 -1.97 26.04 -26.47
CA ASP CE 497 -1.72 24.99 -25.50
C ASP CE 497 -2.85 23.97 -25.57
N PRO CE 498 -2.63 22.79 -26.17
CA PRO CE 498 -3.71 21.79 -26.22
C PRO CE 498 -4.16 21.32 -24.85
N THR CE 499 -3.31 21.41 -23.82
CA THR CE 499 -3.72 20.91 -22.51
C THR CE 499 -4.84 21.71 -21.90
N GLN CE 500 -5.18 22.87 -22.47
CA GLN CE 500 -6.12 23.76 -21.80
C GLN CE 500 -7.56 23.25 -21.86
N LEU CE 501 -7.92 22.48 -22.88
CA LEU CE 501 -9.26 21.87 -22.86
C LEU CE 501 -9.37 20.83 -21.75
N THR CE 502 -8.24 20.40 -21.17
CA THR CE 502 -8.25 19.33 -20.19
C THR CE 502 -7.70 19.75 -18.83
N LYS CE 503 -7.32 21.00 -18.63
CA LYS CE 503 -6.86 21.41 -17.30
C LYS CE 503 -7.91 21.27 -16.22
N PRO CE 504 -9.14 21.79 -16.36
CA PRO CE 504 -10.04 21.84 -15.20
C PRO CE 504 -10.29 20.48 -14.57
N PHE CE 505 -10.49 19.44 -15.37
CA PHE CE 505 -11.02 18.17 -14.88
C PHE CE 505 -10.12 17.56 -13.82
N GLY CE 506 -10.76 16.89 -12.86
CA GLY CE 506 -10.06 16.28 -11.75
C GLY CE 506 -11.04 15.58 -10.84
N LYS CE 507 -10.63 15.38 -9.59
CA LYS CE 507 -11.54 14.78 -8.61
C LYS CE 507 -12.76 15.66 -8.40
N THR CE 508 -12.55 16.96 -8.17
CA THR CE 508 -13.61 17.96 -8.17
C THR CE 508 -13.05 19.17 -8.89
N CYS CE 509 -13.39 19.31 -10.16
CA CYS CE 509 -12.62 20.20 -11.04
C CYS CE 509 -12.90 21.65 -10.70
N GLN CE 510 -12.03 22.53 -11.17
CA GLN CE 510 -11.98 23.90 -10.67
C GLN CE 510 -11.83 24.91 -11.81
N ASP CE 511 -11.59 26.17 -11.41
CA ASP CE 511 -11.29 27.29 -12.29
C ASP CE 511 -10.20 26.85 -13.28
N PRO CE 512 -10.16 27.42 -14.50
CA PRO CE 512 -10.97 28.48 -15.08
C PRO CE 512 -12.23 28.03 -15.80
N TYR CE 513 -12.27 26.80 -16.29
CA TYR CE 513 -13.36 26.35 -17.17
C TYR CE 513 -14.17 25.23 -16.52
N SER CE 514 -14.49 25.38 -15.24
CA SER CE 514 -15.27 24.36 -14.54
C SER CE 514 -16.70 24.30 -15.06
N LEU CE 515 -17.20 25.36 -15.68
CA LEU CE 515 -18.51 25.29 -16.30
C LEU CE 515 -18.53 24.29 -17.44
N LEU CE 516 -17.44 24.23 -18.21
CA LEU CE 516 -17.28 23.17 -19.20
C LEU CE 516 -17.30 21.80 -18.52
N CYS CE 517 -16.66 21.70 -17.35
CA CYS CE 517 -16.68 20.46 -16.58
C CYS CE 517 -18.10 20.02 -16.29
N THR CE 518 -18.90 20.91 -15.71
CA THR CE 518 -20.28 20.57 -15.37
C THR CE 518 -21.07 20.23 -16.62
N TRP CE 519 -20.86 20.98 -17.71
CA TRP CE 519 -21.51 20.64 -18.97
C TRP CE 519 -21.15 19.24 -19.41
N PHE CE 520 -19.95 18.79 -19.08
CA PHE CE 520 -19.49 17.46 -19.45
C PHE CE 520 -19.66 16.44 -18.33
N GLN CE 521 -20.22 16.84 -17.20
CA GLN CE 521 -20.40 15.96 -16.04
C GLN CE 521 -19.07 15.31 -15.63
N ASN CE 522 -18.00 16.10 -15.68
CA ASN CE 522 -16.67 15.66 -15.27
C ASN CE 522 -16.20 14.44 -16.06
N LYS CE 523 -16.53 14.39 -17.34
CA LYS CE 523 -16.01 13.39 -18.26
C LYS CE 523 -15.23 14.10 -19.35
N SER CE 524 -14.02 13.63 -19.63
CA SER CE 524 -13.12 14.27 -20.58
C SER CE 524 -12.91 13.44 -21.84
N ASP CE 525 -13.74 12.42 -22.07
CA ASP CE 525 -13.53 11.56 -23.23
C ASP CE 525 -13.66 12.33 -24.54
N LYS CE 526 -14.69 13.16 -24.67
CA LYS CE 526 -14.89 13.91 -25.90
C LYS CE 526 -13.79 14.93 -26.14
N LEU CE 527 -13.11 15.37 -25.09
CA LEU CE 527 -11.99 16.31 -25.24
C LEU CE 527 -10.65 15.62 -25.41
N ILE CE 528 -10.44 14.46 -24.78
CA ILE CE 528 -9.25 13.71 -25.10
C ILE CE 528 -9.32 13.20 -26.53
N GLN CE 529 -10.53 13.08 -27.09
CA GLN CE 529 -10.64 12.88 -28.53
C GLN CE 529 -10.04 14.05 -29.30
N ILE CE 530 -10.34 15.28 -28.88
CA ILE CE 530 -9.70 16.44 -29.49
C ILE CE 530 -8.18 16.32 -29.40
N GLN CE 531 -7.68 15.97 -28.22
CA GLN CE 531 -6.24 15.88 -28.01
C GLN CE 531 -5.62 14.84 -28.94
N SER CE 532 -6.23 13.66 -29.03
CA SER CE 532 -5.73 12.62 -29.91
C SER CE 532 -5.82 13.03 -31.37
N LEU CE 533 -6.74 13.94 -31.69
CA LEU CE 533 -6.76 14.48 -33.05
C LEU CE 533 -5.61 15.45 -33.28
N ILE CE 534 -5.34 16.34 -32.32
CA ILE CE 534 -4.32 17.36 -32.51
C ILE CE 534 -2.93 16.75 -32.55
N ASP CE 535 -2.61 15.89 -31.58
CA ASP CE 535 -1.25 15.35 -31.51
C ASP CE 535 -1.24 13.87 -31.16
N GLY CE 536 -2.29 13.14 -31.50
CA GLY CE 536 -2.28 11.68 -31.39
C GLY CE 536 -2.08 11.11 -30.01
N VAL CE 537 -2.72 11.68 -29.00
CA VAL CE 537 -2.64 11.18 -27.63
C VAL CE 537 -4.04 11.03 -27.08
N PRO CE 538 -4.46 9.81 -26.70
CA PRO CE 538 -3.73 8.55 -26.73
C PRO CE 538 -4.29 7.59 -27.78
N ALA CE 539 -5.18 8.06 -28.68
CA ALA CE 539 -5.63 7.20 -29.76
C ALA CE 539 -4.48 6.77 -30.65
N LEU CE 540 -3.38 7.50 -30.62
CA LEU CE 540 -2.15 7.14 -31.31
C LEU CE 540 -1.01 7.08 -30.29
N GLY CE 541 -1.36 6.77 -29.04
CA GLY CE 541 -0.37 6.53 -28.01
C GLY CE 541 -0.04 7.74 -27.15
N GLN CE 542 0.67 7.46 -26.07
CA GLN CE 542 1.12 8.48 -25.14
C GLN CE 542 2.36 9.22 -25.61
N ASP CE 543 2.98 8.77 -26.71
CA ASP CE 543 4.19 9.43 -27.20
C ASP CE 543 3.84 10.71 -27.96
N GLY CE 544 3.05 10.59 -29.03
CA GLY CE 544 2.63 11.74 -29.80
C GLY CE 544 3.77 12.50 -30.45
N VAL CE 545 3.45 13.64 -31.05
CA VAL CE 545 4.43 14.55 -31.62
C VAL CE 545 4.22 15.92 -31.00
N LYS CE 546 5.30 16.53 -30.54
CA LYS CE 546 5.23 17.76 -29.77
C LYS CE 546 5.15 18.97 -30.73
N GLN CE 547 5.27 20.17 -30.16
CA GLN CE 547 5.29 21.37 -30.98
C GLN CE 547 6.54 21.34 -31.88
N PRO CE 548 6.38 21.38 -33.19
CA PRO CE 548 7.55 21.33 -34.07
C PRO CE 548 8.36 22.61 -33.99
N ASP CE 549 9.63 22.50 -34.36
CA ASP CE 549 10.51 23.67 -34.47
C ASP CE 549 10.23 24.34 -35.81
N LEU CE 550 9.31 25.31 -35.80
CA LEU CE 550 8.89 25.99 -37.01
C LEU CE 550 9.92 26.95 -37.56
N SER CE 551 11.01 27.18 -36.83
CA SER CE 551 12.16 27.90 -37.38
C SER CE 551 12.80 27.03 -38.44
N ASP CE 552 13.61 27.64 -39.31
CA ASP CE 552 14.25 26.91 -40.41
C ASP CE 552 15.11 25.79 -39.86
N ASN CE 553 14.73 24.54 -40.16
CA ASN CE 553 15.45 23.36 -39.68
C ASN CE 553 15.96 22.57 -40.88
N PRO CE 554 17.20 22.78 -41.31
CA PRO CE 554 17.74 21.98 -42.41
C PRO CE 554 17.79 20.49 -42.11
N GLN CE 555 17.89 20.11 -40.84
CA GLN CE 555 17.82 18.71 -40.44
C GLN CE 555 16.47 18.52 -39.74
N ARG CE 556 15.44 18.29 -40.54
CA ARG CE 556 14.10 18.05 -40.04
C ARG CE 556 13.70 16.62 -40.38
N GLN CE 557 13.28 15.87 -39.36
CA GLN CE 557 12.87 14.49 -39.55
C GLN CE 557 11.40 14.43 -39.93
N SER CE 558 11.09 13.71 -41.00
CA SER CE 558 9.70 13.52 -41.39
C SER CE 558 8.97 12.68 -40.35
N VAL CE 559 7.67 12.91 -40.25
CA VAL CE 559 6.79 12.14 -39.38
C VAL CE 559 6.19 11.01 -40.21
N SER CE 560 6.53 9.77 -39.86
CA SER CE 560 6.16 8.62 -40.64
C SER CE 560 5.13 7.77 -39.90
N GLY CE 561 4.47 6.89 -40.66
CA GLY CE 561 3.47 6.02 -40.12
C GLY CE 561 2.20 6.78 -39.75
N PRO CE 562 1.32 6.13 -38.99
CA PRO CE 562 0.08 6.80 -38.57
C PRO CE 562 0.32 8.09 -37.80
N LEU CE 563 1.55 8.33 -37.33
CA LEU CE 563 1.87 9.59 -36.68
C LEU CE 563 1.63 10.79 -37.60
N SER CE 564 1.75 10.60 -38.93
CA SER CE 564 1.46 11.70 -39.83
C SER CE 564 -0.03 12.02 -39.92
N SER CE 565 -0.89 11.16 -39.36
CA SER CE 565 -2.33 11.36 -39.41
C SER CE 565 -2.82 12.30 -38.32
N THR CE 566 -1.94 13.09 -37.72
CA THR CE 566 -2.32 14.07 -36.71
C THR CE 566 -1.97 15.46 -37.22
N VAL CE 567 -2.51 16.48 -36.54
CA VAL CE 567 -2.36 17.85 -36.99
C VAL CE 567 -0.90 18.29 -36.92
N TYR CE 568 -0.26 18.05 -35.78
CA TYR CE 568 1.14 18.48 -35.60
C TYR CE 568 2.05 17.76 -36.59
N GLY CE 569 1.88 16.45 -36.74
CA GLY CE 569 2.62 15.73 -37.75
C GLY CE 569 2.32 16.23 -39.16
N PHE CE 570 1.06 16.58 -39.42
CA PHE CE 570 0.68 17.09 -40.72
C PHE CE 570 1.45 18.36 -41.06
N VAL CE 571 1.51 19.31 -40.13
CA VAL CE 571 2.20 20.56 -40.41
C VAL CE 571 3.71 20.35 -40.47
N ASN CE 572 4.24 19.45 -39.63
CA ASN CE 572 5.67 19.16 -39.66
C ASN CE 572 6.07 18.59 -41.01
N ASN CE 573 5.27 17.65 -41.52
CA ASN CE 573 5.53 17.08 -42.83
C ASN CE 573 5.24 18.07 -43.95
N SER CE 574 4.35 19.05 -43.68
CA SER CE 574 4.01 20.04 -44.69
C SER CE 574 5.17 21.00 -44.94
N MET CE 575 5.82 21.48 -43.87
CA MET CE 575 6.95 22.37 -44.11
C MET CE 575 8.21 21.64 -44.56
N MET CE 576 8.11 20.38 -44.98
CA MET CE 576 9.23 19.67 -45.56
C MET CE 576 9.30 19.77 -47.09
N VAL CE 577 8.15 19.93 -47.76
CA VAL CE 577 8.16 19.97 -49.22
C VAL CE 577 8.88 21.21 -49.71
N GLN CE 578 9.33 21.17 -50.96
CA GLN CE 578 10.02 22.28 -51.61
C GLN CE 578 9.16 22.81 -52.76
N LEU CE 579 9.20 24.12 -52.95
CA LEU CE 579 8.39 24.74 -53.99
C LEU CE 579 8.98 24.49 -55.37
N PRO CE 580 8.15 24.59 -56.43
CA PRO CE 580 8.66 24.40 -57.79
C PRO CE 580 9.71 25.45 -58.16
N GLY CE 581 9.75 26.55 -57.41
CA GLY CE 581 10.78 27.55 -57.59
C GLY CE 581 12.12 27.06 -57.06
N GLN CE 582 13.09 27.96 -57.12
CA GLN CE 582 14.45 27.62 -56.71
C GLN CE 582 14.50 27.32 -55.21
N PRO CE 583 15.43 26.47 -54.78
CA PRO CE 583 15.59 26.23 -53.34
C PRO CE 583 16.13 27.45 -52.63
N GLY CE 584 15.85 27.53 -51.33
CA GLY CE 584 16.28 28.67 -50.54
C GLY CE 584 16.81 28.33 -49.17
N ILE CE 585 16.92 27.04 -48.85
CA ILE CE 585 17.47 26.58 -47.59
C ILE CE 585 18.66 25.70 -47.92
N LYS CE 586 19.85 26.12 -47.52
CA LYS CE 586 21.06 25.36 -47.81
C LYS CE 586 21.34 24.37 -46.68
N PRO CE 587 21.90 23.21 -47.01
CA PRO CE 587 22.39 22.32 -45.94
C PRO CE 587 23.52 22.99 -45.17
N LEU CE 588 23.52 22.77 -43.86
CA LEU CE 588 24.59 23.31 -43.03
C LEU CE 588 25.89 22.55 -43.25
N THR CE 589 26.99 23.30 -43.31
CA THR CE 589 28.26 22.80 -43.82
C THR CE 589 29.05 21.97 -42.80
N PHE CE 590 28.71 22.02 -41.52
CA PHE CE 590 29.40 21.20 -40.52
C PHE CE 590 28.39 20.26 -39.91
N ALA CE 591 28.10 19.17 -40.59
CA ALA CE 591 27.11 18.19 -40.14
C ALA CE 591 27.72 16.89 -39.67
N ASN CE 592 28.50 16.22 -40.52
CA ASN CE 592 29.27 15.06 -40.11
C ASN CE 592 30.59 15.44 -39.45
N LEU CE 593 30.96 16.72 -39.47
CA LEU CE 593 32.17 17.16 -38.79
C LEU CE 593 32.05 16.95 -37.29
N ILE CE 594 30.96 17.42 -36.69
CA ILE CE 594 30.69 17.24 -35.27
C ILE CE 594 29.83 16.00 -35.12
N ASN CE 595 30.30 15.04 -34.33
CA ASN CE 595 29.57 13.83 -34.05
C ASN CE 595 29.02 13.87 -32.63
N PHE CE 596 27.74 13.56 -32.49
CA PHE CE 596 27.06 13.54 -31.20
C PHE CE 596 26.15 12.32 -31.24
N LYS CE 597 26.55 11.28 -30.51
CA LYS CE 597 25.89 9.98 -30.54
C LYS CE 597 25.43 9.64 -29.12
N VAL CE 598 24.22 10.07 -28.79
CA VAL CE 598 23.57 9.69 -27.53
C VAL CE 598 22.24 9.05 -27.88
N ASP CE 599 21.86 8.03 -27.12
CA ASP CE 599 20.55 7.40 -27.25
C ASP CE 599 19.92 7.32 -25.86
N THR CE 600 18.58 7.39 -25.82
CA THR CE 600 17.88 7.26 -24.56
C THR CE 600 17.53 5.81 -24.25
N SER CE 601 17.49 4.94 -25.26
CA SER CE 601 17.15 3.54 -25.07
C SER CE 601 18.11 2.84 -24.12
N LEU CE 602 19.34 3.34 -23.98
CA LEU CE 602 20.28 2.77 -23.01
C LEU CE 602 19.74 2.85 -21.59
N TYR CE 603 18.95 3.88 -21.27
CA TYR CE 603 18.41 4.07 -19.94
C TYR CE 603 16.99 3.55 -19.80
N TYR CE 604 16.51 2.75 -20.77
CA TYR CE 604 15.09 2.42 -20.80
C TYR CE 604 14.73 1.41 -19.73
N MET CE 605 13.73 1.74 -18.91
CA MET CE 605 13.10 0.77 -18.03
C MET CE 605 12.20 -0.14 -18.86
N LYS CE 606 12.41 -1.44 -18.71
CA LYS CE 606 11.61 -2.43 -19.40
C LYS CE 606 10.33 -2.71 -18.60
N HIS CE 607 9.52 -3.62 -19.14
CA HIS CE 607 8.29 -4.02 -18.47
C HIS CE 607 8.52 -5.39 -17.86
N GLN CE 608 8.67 -5.45 -16.54
CA GLN CE 608 8.97 -6.69 -15.87
C GLN CE 608 7.70 -7.32 -15.32
N ASP CE 609 7.73 -8.64 -15.17
CA ASP CE 609 6.58 -9.41 -14.71
C ASP CE 609 6.90 -9.93 -13.31
N PHE CE 610 6.03 -9.60 -12.35
CA PHE CE 610 6.32 -9.85 -10.95
C PHE CE 610 5.43 -10.95 -10.40
N ASP CE 611 6.05 -12.00 -9.86
CA ASP CE 611 5.30 -13.07 -9.23
C ASP CE 611 4.45 -12.53 -8.09
N CYS CE 612 3.22 -13.00 -8.00
CA CYS CE 612 2.24 -12.45 -7.07
C CYS CE 612 1.70 -13.54 -6.15
N GLY CE 613 1.62 -13.21 -4.86
CA GLY CE 613 1.01 -14.10 -3.90
C GLY CE 613 -0.51 -14.05 -3.97
N ARG CE 614 -1.12 -15.15 -4.39
CA ARG CE 614 -2.56 -15.20 -4.62
C ARG CE 614 -3.28 -15.19 -3.28
N VAL CE 615 -3.70 -14.01 -2.83
CA VAL CE 615 -4.47 -13.92 -1.61
C VAL CE 615 -5.86 -14.46 -1.87
N LYS CE 616 -6.44 -15.07 -0.84
CA LYS CE 616 -7.75 -15.71 -0.92
C LYS CE 616 -8.53 -15.30 0.32
N ILE CE 617 -9.38 -14.29 0.19
CA ILE CE 617 -10.23 -13.89 1.32
C ILE CE 617 -11.48 -14.75 1.24
N LEU CE 618 -11.31 -16.01 1.60
CA LEU CE 618 -12.32 -17.04 1.84
C LEU CE 618 -13.10 -17.48 0.60
N PHE CE 619 -13.07 -16.70 -0.48
CA PHE CE 619 -13.39 -17.29 -1.77
C PHE CE 619 -12.72 -16.61 -2.96
N PHE CE 620 -12.00 -15.51 -2.77
CA PHE CE 620 -11.58 -14.66 -3.89
C PHE CE 620 -10.08 -14.82 -4.10
N SER CE 621 -9.72 -15.49 -5.18
CA SER CE 621 -8.33 -15.73 -5.54
C SER CE 621 -7.84 -14.56 -6.38
N PHE CE 622 -6.86 -13.82 -5.87
CA PHE CE 622 -6.29 -12.70 -6.61
C PHE CE 622 -4.96 -12.35 -5.97
N CYS CE 623 -3.93 -12.19 -6.80
CA CYS CE 623 -2.60 -11.92 -6.29
C CYS CE 623 -2.32 -10.43 -6.42
N LEU CE 624 -2.33 -9.73 -5.28
CA LEU CE 624 -2.15 -8.29 -5.24
C LEU CE 624 -0.74 -7.86 -5.64
N GLY CE 625 0.25 -8.76 -5.55
CA GLY CE 625 1.61 -8.36 -5.88
C GLY CE 625 1.76 -7.92 -7.32
N ARG CE 626 1.22 -8.70 -8.26
CA ARG CE 626 1.32 -8.35 -9.67
C ARG CE 626 0.57 -7.07 -9.98
N MET CE 627 -0.60 -6.89 -9.38
CA MET CE 627 -1.36 -5.66 -9.62
C MET CE 627 -0.59 -4.46 -9.11
N MET CE 628 0.03 -4.58 -7.93
CA MET CE 628 0.86 -3.49 -7.45
C MET CE 628 1.96 -3.23 -8.46
N GLY CE 629 2.66 -4.29 -8.86
CA GLY CE 629 3.81 -4.17 -9.73
C GLY CE 629 3.53 -3.47 -11.04
N ASP CE 630 2.46 -3.85 -11.73
CA ASP CE 630 2.19 -3.15 -12.98
C ASP CE 630 1.48 -1.82 -12.77
N LEU CE 631 0.73 -1.64 -11.69
CA LEU CE 631 0.03 -0.37 -11.50
C LEU CE 631 1.02 0.72 -11.08
N PHE CE 632 1.63 0.57 -9.91
CA PHE CE 632 2.57 1.61 -9.47
C PHE CE 632 3.85 1.60 -10.29
N TYR CE 633 4.60 0.50 -10.30
CA TYR CE 633 5.91 0.60 -10.96
C TYR CE 633 5.77 0.82 -12.46
N ASN CE 634 5.00 -0.02 -13.15
CA ASN CE 634 4.97 0.03 -14.60
C ASN CE 634 4.15 1.18 -15.14
N TYR CE 635 3.19 1.69 -14.37
CA TYR CE 635 2.25 2.69 -14.85
C TYR CE 635 2.42 4.05 -14.18
N VAL CE 636 3.28 4.18 -13.17
CA VAL CE 636 3.49 5.49 -12.56
C VAL CE 636 4.93 5.95 -12.68
N PHE CE 637 5.86 5.27 -12.01
CA PHE CE 637 7.27 5.67 -12.13
C PHE CE 637 7.78 5.42 -13.54
N ARG CE 638 7.42 4.26 -14.11
CA ARG CE 638 7.79 4.00 -15.49
C ARG CE 638 7.15 5.01 -16.43
N TYR CE 639 5.89 5.37 -16.19
CA TYR CE 639 5.23 6.36 -17.04
C TYR CE 639 5.96 7.70 -16.95
N VAL CE 640 6.23 8.16 -15.72
CA VAL CE 640 6.88 9.46 -15.55
C VAL CE 640 8.23 9.46 -16.24
N TYR CE 641 9.01 8.38 -16.07
CA TYR CE 641 10.34 8.34 -16.66
C TYR CE 641 10.23 8.33 -18.18
N ASN CE 642 9.31 7.51 -18.71
CA ASN CE 642 9.08 7.42 -20.14
C ASN CE 642 8.72 8.76 -20.73
N PHE CE 643 7.79 9.46 -20.10
CA PHE CE 643 7.37 10.78 -20.56
C PHE CE 643 8.54 11.75 -20.51
N PHE CE 644 9.35 11.65 -19.46
CA PHE CE 644 10.53 12.50 -19.36
C PHE CE 644 11.43 12.30 -20.57
N LEU CE 645 11.86 11.07 -20.84
CA LEU CE 645 12.77 10.88 -21.97
C LEU CE 645 12.08 11.12 -23.31
N ALA CE 646 10.76 10.96 -23.36
CA ALA CE 646 10.02 11.27 -24.58
C ALA CE 646 10.18 12.74 -24.93
N ILE CE 647 10.09 13.62 -23.94
CA ILE CE 647 10.50 15.01 -24.18
C ILE CE 647 11.99 15.05 -24.49
N PHE CE 648 12.76 14.33 -23.70
CA PHE CE 648 14.17 14.65 -23.52
C PHE CE 648 14.91 14.43 -24.82
N GLY CE 649 14.52 13.41 -25.59
CA GLY CE 649 15.15 13.14 -26.88
C GLY CE 649 15.17 14.33 -27.82
N GLU CE 650 13.98 14.80 -28.22
CA GLU CE 650 13.92 15.98 -29.08
C GLU CE 650 14.53 17.19 -28.40
N MET CE 651 14.48 17.27 -27.06
CA MET CE 651 15.18 18.36 -26.39
C MET CE 651 16.68 18.31 -26.72
N ILE CE 652 17.30 17.15 -26.58
CA ILE CE 652 18.74 17.06 -26.87
C ILE CE 652 18.99 17.43 -28.32
N ASN CE 653 18.19 16.87 -29.23
CA ASN CE 653 18.41 17.17 -30.63
C ASN CE 653 18.38 18.68 -30.88
N SER CE 654 17.33 19.35 -30.41
CA SER CE 654 17.22 20.79 -30.64
C SER CE 654 18.41 21.54 -30.04
N ILE CE 655 18.70 21.30 -28.75
CA ILE CE 655 19.74 22.06 -28.06
C ILE CE 655 21.09 21.87 -28.72
N VAL CE 656 21.47 20.60 -28.98
CA VAL CE 656 22.80 20.35 -29.51
C VAL CE 656 22.92 20.81 -30.96
N MET CE 657 21.91 20.56 -31.81
CA MET CE 657 22.01 21.11 -33.16
C MET CE 657 22.18 22.62 -33.13
N ALA CE 658 21.39 23.33 -32.31
CA ALA CE 658 21.58 24.77 -32.25
C ALA CE 658 22.99 25.12 -31.81
N PHE CE 659 23.41 24.55 -30.67
CA PHE CE 659 24.66 24.95 -30.04
C PHE CE 659 25.86 24.72 -30.94
N LEU CE 660 25.91 23.57 -31.63
CA LEU CE 660 27.05 23.30 -32.48
C LEU CE 660 26.91 23.91 -33.88
N MET CE 661 25.72 23.85 -34.47
CA MET CE 661 25.53 24.33 -35.84
C MET CE 661 25.55 25.85 -35.90
N ILE CE 662 24.56 26.48 -35.26
CA ILE CE 662 24.21 27.86 -35.63
C ILE CE 662 25.34 28.85 -35.40
N PRO CE 663 26.12 28.80 -34.32
CA PRO CE 663 27.23 29.76 -34.21
C PRO CE 663 28.19 29.71 -35.39
N LEU CE 664 28.73 28.52 -35.68
CA LEU CE 664 29.71 28.40 -36.75
C LEU CE 664 29.11 28.75 -38.10
N GLN CE 665 27.90 28.25 -38.37
CA GLN CE 665 27.25 28.54 -39.64
C GLN CE 665 27.00 30.04 -39.81
N GLY CE 666 26.46 30.67 -38.78
CA GLY CE 666 26.21 32.10 -38.85
C GLY CE 666 27.48 32.89 -39.10
N MET CE 667 28.55 32.55 -38.37
CA MET CE 667 29.77 33.33 -38.48
C MET CE 667 30.37 33.14 -39.87
N LYS CE 668 30.31 31.90 -40.38
CA LYS CE 668 30.82 31.64 -41.73
C LYS CE 668 30.03 32.43 -42.76
N ASP CE 669 28.69 32.43 -42.66
CA ASP CE 669 27.92 33.09 -43.69
C ASP CE 669 28.06 34.61 -43.63
N ILE CE 670 28.25 35.17 -42.44
CA ILE CE 670 28.52 36.61 -42.39
C ILE CE 670 29.91 36.91 -42.93
N PHE CE 671 30.85 35.97 -42.79
CA PHE CE 671 32.12 36.13 -43.48
C PHE CE 671 31.92 36.16 -44.99
N ILE CE 672 31.10 35.24 -45.52
CA ILE CE 672 30.86 35.23 -46.97
C ILE CE 672 30.20 36.52 -47.43
N VAL CE 673 29.22 37.00 -46.69
CA VAL CE 673 28.56 38.24 -47.12
C VAL CE 673 29.55 39.41 -47.05
N GLY CE 674 30.38 39.46 -46.00
CA GLY CE 674 31.39 40.50 -45.95
C GLY CE 674 32.30 40.46 -47.15
N VAL CE 675 32.76 39.26 -47.52
CA VAL CE 675 33.70 39.17 -48.64
C VAL CE 675 33.02 39.55 -49.95
N GLN CE 676 31.73 39.22 -50.11
CA GLN CE 676 31.11 39.53 -51.40
C GLN CE 676 30.85 41.02 -51.51
N THR CE 677 30.62 41.71 -50.38
CA THR CE 677 30.60 43.17 -50.46
C THR CE 677 31.97 43.79 -50.66
N LEU CE 678 33.04 43.19 -50.13
CA LEU CE 678 34.35 43.79 -50.33
C LEU CE 678 34.88 43.59 -51.75
N THR CE 679 34.71 42.40 -52.33
CA THR CE 679 35.33 42.12 -53.63
C THR CE 679 34.67 42.85 -54.79
N GLN CE 680 33.52 43.48 -54.60
CA GLN CE 680 32.85 44.17 -55.70
C GLN CE 680 33.70 45.35 -56.15
N PRO CE 681 33.80 45.60 -57.46
CA PRO CE 681 34.60 46.75 -57.92
C PRO CE 681 33.89 48.08 -57.71
N GLY CE 682 34.36 48.83 -56.73
CA GLY CE 682 33.77 50.12 -56.38
C GLY CE 682 32.85 50.00 -55.18
N ILE CE 683 33.39 50.33 -54.01
CA ILE CE 683 32.64 50.23 -52.76
C ILE CE 683 33.43 50.98 -51.71
N ASN CE 684 32.72 51.66 -50.81
CA ASN CE 684 33.37 52.28 -49.66
C ASN CE 684 33.74 51.18 -48.68
N PRO CE 685 35.04 50.96 -48.41
CA PRO CE 685 35.41 49.81 -47.58
C PRO CE 685 35.17 50.03 -46.10
N ILE CE 686 35.40 51.24 -45.58
CA ILE CE 686 35.27 51.46 -44.15
C ILE CE 686 33.83 51.23 -43.70
N VAL CE 687 32.87 51.80 -44.45
CA VAL CE 687 31.47 51.54 -44.13
C VAL CE 687 31.14 50.08 -44.36
N ALA CE 688 31.84 49.40 -45.28
CA ALA CE 688 31.60 47.99 -45.50
C ALA CE 688 31.96 47.17 -44.26
N LEU CE 689 33.18 47.34 -43.75
CA LEU CE 689 33.54 46.63 -42.52
C LEU CE 689 32.70 47.08 -41.33
N ALA CE 690 32.29 48.34 -41.28
CA ALA CE 690 31.40 48.77 -40.20
C ALA CE 690 30.07 48.03 -40.25
N ASN CE 691 29.51 47.89 -41.46
CA ASN CE 691 28.26 47.15 -41.61
C ASN CE 691 28.45 45.69 -41.24
N MET CE 692 29.50 45.04 -41.72
CA MET CE 692 29.72 43.65 -41.31
C MET CE 692 30.00 43.57 -39.81
N GLY CE 693 30.49 44.65 -39.21
CA GLY CE 693 30.57 44.70 -37.76
C GLY CE 693 29.22 44.62 -37.11
N THR CE 694 28.28 45.42 -37.59
CA THR CE 694 26.92 45.34 -37.06
C THR CE 694 26.32 43.97 -37.32
N MET CE 695 26.67 43.33 -38.44
CA MET CE 695 26.23 41.95 -38.66
C MET CE 695 26.84 40.96 -37.66
N TYR CE 696 28.15 41.05 -37.38
CA TYR CE 696 28.69 40.10 -36.42
C TYR CE 696 28.03 40.29 -35.06
N ILE CE 697 27.83 41.54 -34.64
CA ILE CE 697 27.19 41.81 -33.36
C ILE CE 697 25.72 41.38 -33.36
N ASN CE 698 25.01 41.56 -34.49
CA ASN CE 698 23.59 41.24 -34.50
C ASN CE 698 23.30 39.79 -34.80
N PHE CE 699 24.32 39.01 -35.16
CA PHE CE 699 24.19 37.56 -35.17
C PHE CE 699 24.65 36.94 -33.87
N SER CE 700 25.81 37.37 -33.34
CA SER CE 700 26.29 36.81 -32.08
C SER CE 700 25.31 37.10 -30.95
N GLY CE 701 24.80 38.33 -30.90
CA GLY CE 701 23.82 38.66 -29.88
C GLY CE 701 22.56 37.84 -29.97
N THR CE 702 21.95 37.75 -31.16
CA THR CE 702 20.73 36.96 -31.30
C THR CE 702 20.98 35.49 -30.98
N LEU CE 703 22.04 34.92 -31.53
CA LEU CE 703 22.43 33.55 -31.19
C LEU CE 703 22.55 33.38 -29.69
N TRP CE 704 23.15 34.37 -29.01
CA TRP CE 704 23.34 34.28 -27.58
C TRP CE 704 22.01 34.33 -26.84
N LEU CE 705 21.06 35.13 -27.33
CA LEU CE 705 19.73 35.12 -26.69
C LEU CE 705 19.01 33.80 -26.95
N THR CE 706 19.14 33.23 -28.15
CA THR CE 706 18.53 31.93 -28.39
C THR CE 706 19.13 30.87 -27.50
N LEU CE 707 20.45 30.89 -27.30
CA LEU CE 707 21.04 29.97 -26.32
C LEU CE 707 20.49 30.23 -24.93
N LEU CE 708 20.35 31.51 -24.52
CA LEU CE 708 19.73 31.76 -23.22
C LEU CE 708 18.39 31.05 -23.16
N ASN CE 709 17.54 31.28 -24.16
CA ASN CE 709 16.14 30.87 -24.06
C ASN CE 709 16.01 29.36 -24.08
N MET CE 710 16.68 28.68 -25.02
CA MET CE 710 16.57 27.23 -25.05
C MET CE 710 17.27 26.61 -23.85
N ALA CE 711 18.40 27.18 -23.44
CA ALA CE 711 19.16 26.64 -22.31
C ALA CE 711 18.41 26.82 -20.99
N VAL CE 713 17.37 27.67 -20.99
CA VAL CE 713 16.49 27.74 -19.83
C VAL CE 713 15.23 26.91 -20.04
N SER CE 714 14.82 26.70 -21.28
CA SER CE 714 13.60 25.94 -21.52
C SER CE 714 13.79 24.43 -21.41
N SER CE 715 14.89 23.94 -20.83
CA SER CE 715 15.14 22.51 -20.67
C SER CE 715 14.90 22.01 -19.25
N LEU CE 716 13.82 22.44 -18.58
CA LEU CE 716 13.60 22.11 -17.17
C LEU CE 716 12.95 20.77 -16.96
N ILE CE 717 13.08 19.84 -17.92
CA ILE CE 717 12.68 18.48 -17.58
C ILE CE 717 13.47 18.02 -16.36
N PRO CE 718 12.81 17.65 -15.27
CA PRO CE 718 13.55 17.26 -14.06
C PRO CE 718 14.36 15.99 -14.28
N LEU CE 719 15.40 15.86 -13.46
CA LEU CE 719 16.10 14.60 -13.27
C LEU CE 719 16.99 14.28 -14.46
N PHE CE 720 16.92 15.12 -15.50
CA PHE CE 720 17.77 14.97 -16.68
C PHE CE 720 18.35 16.25 -17.24
N GLY CE 721 17.76 17.42 -16.99
CA GLY CE 721 18.31 18.65 -17.51
C GLY CE 721 19.64 19.04 -16.90
N ILE CE 722 20.03 18.39 -15.81
CA ILE CE 722 21.33 18.62 -15.20
C ILE CE 722 22.45 18.32 -16.19
N PHE CE 723 22.22 17.41 -17.13
CA PHE CE 723 23.25 17.13 -18.12
C PHE CE 723 23.19 18.07 -19.32
N ILE CE 724 22.06 18.71 -19.58
CA ILE CE 724 22.10 19.88 -20.45
C ILE CE 724 22.95 20.97 -19.80
N PHE CE 725 22.80 21.13 -18.49
CA PHE CE 725 23.69 22.02 -17.74
C PHE CE 725 25.14 21.59 -17.91
N ALA CE 726 25.41 20.29 -17.78
CA ALA CE 726 26.78 19.81 -17.97
C ALA CE 726 27.29 20.11 -19.36
N LEU CE 727 26.45 19.92 -20.38
CA LEU CE 727 26.81 20.21 -21.75
C LEU CE 727 27.25 21.66 -21.90
N ILE CE 728 26.40 22.59 -21.45
CA ILE CE 728 26.70 24.00 -21.65
C ILE CE 728 27.90 24.42 -20.79
N MET CE 729 27.98 23.88 -19.57
CA MET CE 729 29.10 24.17 -18.69
C MET CE 729 30.43 23.79 -19.33
N MET CE 730 30.55 22.55 -19.80
CA MET CE 730 31.85 22.12 -20.31
C MET CE 730 32.09 22.66 -21.71
N ALA CE 731 31.02 23.02 -22.43
CA ALA CE 731 31.17 23.67 -23.72
C ALA CE 731 31.49 25.15 -23.59
N MET CE 732 31.37 25.71 -22.38
CA MET CE 732 31.67 27.12 -22.17
C MET CE 732 32.99 27.58 -22.76
N PRO CE 733 34.11 26.85 -22.63
CA PRO CE 733 35.36 27.36 -23.25
C PRO CE 733 35.23 27.67 -24.73
N LEU CE 734 34.57 26.81 -25.51
CA LEU CE 734 34.47 27.08 -26.94
C LEU CE 734 33.38 28.10 -27.26
N LEU CE 735 32.29 28.12 -26.46
CA LEU CE 735 31.32 29.19 -26.64
C LEU CE 735 31.97 30.55 -26.40
N MET CE 736 32.75 30.67 -25.34
CA MET CE 736 33.54 31.87 -25.12
C MET CE 736 34.49 32.13 -26.27
N ALA CE 737 35.14 31.06 -26.77
CA ALA CE 737 36.06 31.24 -27.89
C ALA CE 737 35.38 31.94 -29.04
N TRP CE 738 34.37 31.30 -29.64
CA TRP CE 738 33.78 31.88 -30.84
C TRP CE 738 33.07 33.20 -30.53
N ILE CE 739 32.34 33.25 -29.41
CA ILE CE 739 31.58 34.47 -29.12
C ILE CE 739 32.51 35.65 -28.95
N GLY CE 740 33.59 35.48 -28.20
CA GLY CE 740 34.61 36.50 -28.13
C GLY CE 740 35.14 36.84 -29.50
N THR CE 741 35.32 35.83 -30.36
CA THR CE 741 35.74 36.11 -31.73
C THR CE 741 34.84 37.15 -32.39
N MET CE 742 33.57 36.81 -32.64
CA MET CE 742 32.78 37.73 -33.43
C MET CE 742 32.51 39.05 -32.70
N VAL CE 743 32.31 39.01 -31.38
CA VAL CE 743 32.05 40.27 -30.69
C VAL CE 743 33.27 41.17 -30.72
N SER CE 744 34.48 40.60 -30.58
CA SER CE 744 35.68 41.41 -30.68
C SER CE 744 35.84 42.01 -32.07
N ILE CE 745 35.56 41.23 -33.12
CA ILE CE 745 35.49 41.83 -34.45
C ILE CE 745 34.50 42.97 -34.47
N GLY CE 746 33.34 42.79 -33.84
CA GLY CE 746 32.33 43.83 -33.85
C GLY CE 746 32.82 45.14 -33.27
N PHE CE 747 33.35 45.10 -32.03
CA PHE CE 747 33.83 46.35 -31.45
C PHE CE 747 35.03 46.89 -32.22
N VAL CE 748 35.85 46.01 -32.78
CA VAL CE 748 37.03 46.47 -33.51
C VAL CE 748 36.62 47.29 -34.73
N THR CE 749 35.72 46.75 -35.55
CA THR CE 749 35.45 47.40 -36.83
C THR CE 749 34.35 48.44 -36.72
N ALA CE 750 33.20 48.06 -36.16
CA ALA CE 750 32.06 48.97 -36.20
C ALA CE 750 32.11 50.03 -35.11
N TYR CE 751 32.98 49.87 -34.11
CA TYR CE 751 33.00 50.73 -32.94
C TYR CE 751 34.30 51.51 -32.80
N TYR CE 752 35.43 50.80 -32.71
CA TYR CE 752 36.66 51.39 -32.23
C TYR CE 752 37.28 52.29 -33.30
N ILE CE 753 37.38 51.78 -34.53
CA ILE CE 753 37.88 52.61 -35.64
C ILE CE 753 36.97 53.79 -35.95
N PRO CE 754 35.64 53.65 -36.02
CA PRO CE 754 34.81 54.81 -36.36
C PRO CE 754 35.02 55.99 -35.43
N VAL CE 755 35.42 55.74 -34.18
CA VAL CE 755 35.66 56.87 -33.29
C VAL CE 755 37.15 57.20 -33.18
N LEU CE 756 38.05 56.26 -33.49
CA LEU CE 756 39.48 56.44 -33.23
C LEU CE 756 40.04 57.79 -33.65
N PRO CE 757 39.85 58.29 -34.88
CA PRO CE 757 40.47 59.57 -35.25
C PRO CE 757 40.12 60.68 -34.30
N TYR CE 758 38.90 60.66 -33.76
CA TYR CE 758 38.55 61.64 -32.74
C TYR CE 758 39.45 61.51 -31.51
N MET CE 759 39.66 60.28 -31.01
CA MET CE 759 40.40 60.14 -29.77
C MET CE 759 41.79 60.73 -29.94
N ILE CE 760 42.48 60.27 -30.98
CA ILE CE 760 43.87 60.65 -31.20
C ILE CE 760 43.98 62.10 -31.64
N PHE CE 761 42.92 62.63 -32.25
CA PHE CE 761 42.97 64.02 -32.66
C PHE CE 761 42.89 64.90 -31.42
N THR CE 762 42.03 64.54 -30.46
CA THR CE 762 42.00 65.26 -29.20
C THR CE 762 43.31 65.14 -28.46
N PHE CE 763 43.95 63.96 -28.50
CA PHE CE 763 45.25 63.87 -27.84
C PHE CE 763 46.27 64.82 -28.47
N GLY CE 764 46.32 64.86 -29.80
CA GLY CE 764 47.25 65.77 -30.46
C GLY CE 764 46.91 67.23 -30.21
N SER CE 765 45.63 67.57 -30.23
CA SER CE 765 45.18 68.94 -29.97
C SER CE 765 45.48 69.35 -28.53
N PHE CE 766 45.30 68.47 -27.56
CA PHE CE 766 45.57 68.85 -26.18
C PHE CE 766 47.10 68.93 -25.99
N ALA CE 767 47.85 68.12 -26.73
CA ALA CE 767 49.30 68.33 -26.78
C ALA CE 767 49.64 69.71 -27.33
N TRP CE 768 48.90 70.16 -28.34
CA TRP CE 768 49.07 71.54 -28.82
C TRP CE 768 48.74 72.54 -27.72
N LEU CE 769 47.73 72.25 -26.91
CA LEU CE 769 47.47 73.10 -25.74
C LEU CE 769 48.69 73.16 -24.84
N ILE CE 770 49.31 72.01 -24.55
CA ILE CE 770 50.54 72.00 -23.77
C ILE CE 770 51.60 72.88 -24.42
N ALA CE 771 51.69 72.82 -25.75
CA ALA CE 771 52.59 73.72 -26.47
C ALA CE 771 52.23 75.18 -26.19
N VAL CE 772 50.95 75.48 -26.05
CA VAL CE 772 50.52 76.86 -25.80
C VAL CE 772 50.95 77.32 -24.41
N ILE CE 773 50.72 76.50 -23.37
CA ILE CE 773 51.21 76.90 -22.06
C ILE CE 773 52.74 76.98 -22.06
N GLU CE 774 53.39 76.05 -22.75
CA GLU CE 774 54.84 76.12 -22.89
C GLU CE 774 55.27 77.48 -23.43
N ALA CE 775 54.64 77.92 -24.52
CA ALA CE 775 54.98 79.19 -25.13
C ALA CE 775 54.74 80.36 -24.19
N MET CE 776 53.60 80.37 -23.49
CA MET CE 776 53.26 81.59 -22.77
C MET CE 776 53.98 81.64 -21.41
N VAL CE 777 54.51 80.51 -20.94
CA VAL CE 777 55.45 80.59 -19.83
C VAL CE 777 56.85 80.90 -20.33
N ALA CE 778 57.19 80.53 -21.57
CA ALA CE 778 58.49 80.89 -22.10
C ALA CE 778 58.55 82.37 -22.44
N ALA CE 779 57.40 83.00 -22.65
CA ALA CE 779 57.35 84.41 -23.05
C ALA CE 779 58.08 85.35 -22.09
N PRO CE 780 57.84 85.33 -20.78
CA PRO CE 780 58.59 86.24 -19.90
C PRO CE 780 60.08 85.94 -19.87
N ILE CE 781 60.50 84.69 -20.08
CA ILE CE 781 61.93 84.39 -20.13
C ILE CE 781 62.55 85.01 -21.37
N VAL CE 782 61.84 84.97 -22.50
CA VAL CE 782 62.34 85.67 -23.68
C VAL CE 782 62.40 87.18 -23.43
N ALA CE 783 61.38 87.72 -22.75
CA ALA CE 783 61.41 89.13 -22.38
C ALA CE 783 62.62 89.47 -21.50
N LEU CE 784 62.94 88.60 -20.55
CA LEU CE 784 64.11 88.80 -19.72
C LEU CE 784 65.40 88.72 -20.53
N GLY CE 785 65.48 87.77 -21.46
CA GLY CE 785 66.65 87.67 -22.32
C GLY CE 785 66.79 88.84 -23.26
N VAL CE 786 65.69 89.57 -23.50
CA VAL CE 786 65.77 90.78 -24.30
C VAL CE 786 66.68 91.80 -23.65
N THR CE 787 66.53 92.00 -22.34
CA THR CE 787 67.31 93.00 -21.60
C THR CE 787 68.72 92.51 -21.29
N HIS CE 788 69.17 91.43 -21.91
CA HIS CE 788 70.48 90.87 -21.62
C HIS CE 788 71.57 91.78 -22.22
N PRO CE 789 72.70 91.96 -21.51
CA PRO CE 789 73.73 92.89 -22.01
C PRO CE 789 74.78 92.24 -22.89
N GLU CE 790 74.53 91.04 -23.41
CA GLU CE 790 75.42 90.41 -24.37
C GLU CE 790 75.09 90.94 -25.76
N GLY CE 791 76.11 91.40 -26.47
CA GLY CE 791 75.94 91.75 -27.87
C GLY CE 791 75.12 93.01 -28.10
N ASN CE 792 74.67 93.15 -29.35
CA ASN CE 792 73.86 94.28 -29.77
C ASN CE 792 72.62 93.86 -30.55
N GLU CE 793 72.31 92.56 -30.59
CA GLU CE 793 71.16 92.08 -31.35
C GLU CE 793 69.86 92.54 -30.72
N ALA CE 794 68.84 92.72 -31.55
CA ALA CE 794 67.51 93.08 -31.08
C ALA CE 794 66.74 91.90 -30.52
N PHE CE 795 67.29 90.69 -30.62
CA PHE CE 795 66.65 89.49 -30.10
C PHE CE 795 67.38 88.84 -28.95
N GLY CE 796 68.68 89.06 -28.81
CA GLY CE 796 69.45 88.43 -27.75
C GLY CE 796 69.51 86.93 -27.91
N LYS CE 797 68.91 86.20 -26.96
CA LYS CE 797 68.76 84.75 -27.08
C LYS CE 797 67.50 84.45 -27.89
N GLY CE 798 67.52 84.93 -29.13
CA GLY CE 798 66.34 84.86 -29.99
C GLY CE 798 66.07 83.50 -30.60
N GLU CE 799 67.02 82.56 -30.52
CA GLU CE 799 66.79 81.25 -31.12
C GLU CE 799 65.62 80.54 -30.46
N PHE CE 800 65.52 80.63 -29.13
CA PHE CE 800 64.37 80.06 -28.43
C PHE CE 800 63.09 80.73 -28.89
N ALA CE 801 63.06 82.06 -28.88
CA ALA CE 801 61.87 82.78 -29.32
C ALA CE 801 61.43 82.26 -30.68
N ILE CE 802 62.35 82.18 -31.64
CA ILE CE 802 61.99 81.79 -32.99
C ILE CE 802 61.52 80.34 -33.04
N MET CE 803 62.22 79.42 -32.36
CA MET CE 803 61.88 78.01 -32.57
C MET CE 803 60.56 77.63 -31.89
N ILE CE 804 60.38 78.00 -30.62
CA ILE CE 804 59.08 77.72 -30.03
C ILE CE 804 57.98 78.58 -30.67
N LEU CE 805 58.34 79.77 -31.18
CA LEU CE 805 57.37 80.59 -31.89
C LEU CE 805 56.83 79.86 -33.11
N VAL CE 806 57.72 79.37 -33.97
CA VAL CE 806 57.28 78.68 -35.17
C VAL CE 806 56.60 77.36 -34.80
N ASN CE 807 57.07 76.71 -33.74
CA ASN CE 807 56.44 75.47 -33.30
C ASN CE 807 54.96 75.71 -32.98
N VAL CE 808 54.68 76.68 -32.10
CA VAL CE 808 53.29 76.89 -31.70
C VAL CE 808 52.47 77.47 -32.85
N PHE CE 809 53.07 78.36 -33.66
CA PHE CE 809 52.33 78.94 -34.78
C PHE CE 809 51.92 77.88 -35.78
N LEU CE 810 52.83 76.94 -36.09
CA LEU CE 810 52.59 75.97 -37.13
C LEU CE 810 51.78 74.77 -36.66
N ARG CE 811 51.93 74.35 -35.40
CA ARG CE 811 51.26 73.13 -34.92
C ARG CE 811 49.86 72.93 -35.46
N PRO CE 812 48.94 73.89 -35.37
CA PRO CE 812 47.55 73.62 -35.82
C PRO CE 812 47.46 73.15 -37.26
N SER CE 813 48.03 73.89 -38.20
CA SER CE 813 47.88 73.55 -39.61
C SER CE 813 48.43 72.16 -39.91
N LEU CE 814 49.59 71.83 -39.33
CA LEU CE 814 50.15 70.50 -39.57
C LEU CE 814 49.33 69.39 -38.94
N MET CE 815 48.72 69.59 -37.77
CA MET CE 815 47.80 68.55 -37.32
C MET CE 815 46.61 68.42 -38.26
N ILE CE 816 46.18 69.53 -38.88
CA ILE CE 816 45.10 69.42 -39.86
C ILE CE 816 45.54 68.59 -41.06
N ILE CE 817 46.72 68.90 -41.61
CA ILE CE 817 47.22 68.16 -42.77
C ILE CE 817 47.39 66.68 -42.42
N GLY CE 818 47.90 66.40 -41.22
CA GLY CE 818 48.01 65.02 -40.79
C GLY CE 818 46.67 64.33 -40.68
N TYR CE 819 45.66 65.03 -40.15
CA TYR CE 819 44.32 64.45 -40.05
C TYR CE 819 43.83 64.03 -41.44
N ILE CE 820 43.86 64.97 -42.38
CA ILE CE 820 43.26 64.69 -43.69
C ILE CE 820 44.10 63.66 -44.46
N ALA CE 821 45.43 63.75 -44.37
CA ALA CE 821 46.27 62.71 -44.94
C ALA CE 821 46.00 61.37 -44.27
N ALA CE 822 45.53 61.37 -43.03
CA ALA CE 822 45.23 60.12 -42.35
C ALA CE 822 43.96 59.48 -42.88
N ILE CE 823 42.90 60.27 -43.11
CA ILE CE 823 41.74 59.66 -43.79
C ILE CE 823 42.15 59.19 -45.17
N ALA CE 824 43.06 59.92 -45.83
CA ALA CE 824 43.56 59.46 -47.12
C ALA CE 824 44.28 58.12 -47.01
N LEU CE 825 45.10 57.95 -45.96
CA LEU CE 825 45.96 56.77 -45.88
C LEU CE 825 45.17 55.56 -45.42
N SER CE 826 44.08 55.76 -44.66
CA SER CE 826 43.30 54.62 -44.21
C SER CE 826 42.72 53.84 -45.39
N TYR CE 827 42.27 54.55 -46.42
CA TYR CE 827 41.69 53.87 -47.59
C TYR CE 827 42.74 53.07 -48.36
N VAL CE 828 43.92 53.65 -48.60
CA VAL CE 828 44.95 52.87 -49.27
C VAL CE 828 45.33 51.67 -48.43
N GLY CE 829 45.42 51.84 -47.11
CA GLY CE 829 45.72 50.71 -46.25
C GLY CE 829 44.70 49.60 -46.37
N VAL CE 830 43.41 49.96 -46.35
CA VAL CE 830 42.39 48.92 -46.40
C VAL CE 830 42.37 48.21 -47.75
N TRP CE 831 42.61 48.93 -48.87
CA TRP CE 831 42.62 48.16 -50.11
C TRP CE 831 43.92 47.36 -50.29
N ILE CE 832 45.05 47.82 -49.74
CA ILE CE 832 46.23 46.94 -49.68
C ILE CE 832 45.90 45.65 -48.94
N LEU CE 833 45.27 45.79 -47.77
CA LEU CE 833 44.96 44.61 -46.98
C LEU CE 833 43.97 43.70 -47.72
N ASN CE 834 42.97 44.29 -48.37
CA ASN CE 834 42.01 43.49 -49.12
C ASN CE 834 42.68 42.77 -50.28
N ALA CE 835 43.60 43.43 -50.99
CA ALA CE 835 44.24 42.82 -52.14
C ALA CE 835 45.19 41.71 -51.71
N GLY CE 836 45.82 41.86 -50.54
CA GLY CE 836 46.80 40.88 -50.10
C GLY CE 836 46.23 39.70 -49.34
N PHE CE 837 45.07 39.89 -48.70
CA PHE CE 837 44.58 38.89 -47.75
C PHE CE 837 44.21 37.59 -48.47
N ASP CE 838 43.43 37.69 -49.55
CA ASP CE 838 42.89 36.49 -50.19
C ASP CE 838 44.00 35.58 -50.70
N HIS CE 839 45.06 36.16 -51.26
CA HIS CE 839 46.17 35.33 -51.72
C HIS CE 839 47.08 34.90 -50.58
N ALA CE 840 47.16 35.69 -49.52
CA ALA CE 840 48.05 35.37 -48.41
C ALA CE 840 47.58 34.17 -47.60
N ILE CE 841 46.36 33.68 -47.84
CA ILE CE 841 45.77 32.63 -47.00
C ILE CE 841 45.63 31.32 -47.77
N SER CE 842 45.84 31.34 -49.10
CA SER CE 842 45.33 30.31 -49.98
C SER CE 842 45.74 28.90 -49.56
N TYR CE 843 47.04 28.66 -49.39
CA TYR CE 843 47.47 27.30 -49.07
C TYR CE 843 47.11 26.92 -47.65
N ILE CE 844 47.06 27.90 -46.74
CA ILE CE 844 46.60 27.62 -45.37
C ILE CE 844 45.16 27.12 -45.38
N GLN CE 845 44.32 27.66 -46.26
CA GLN CE 845 42.96 27.15 -46.39
C GLN CE 845 42.91 26.10 -47.49
N GLY CE 901 46.80 17.64 -42.04
CA GLY CE 901 46.11 18.23 -43.17
C GLY CE 901 45.18 19.36 -42.76
N TYR CE 902 44.81 20.20 -43.73
CA TYR CE 902 43.95 21.36 -43.49
C TYR CE 902 42.46 21.01 -43.58
N THR CE 903 42.09 19.77 -43.36
CA THR CE 903 40.71 19.31 -43.46
C THR CE 903 40.01 19.38 -42.11
N GLY CE 904 38.68 19.46 -42.16
CA GLY CE 904 37.89 19.38 -40.94
C GLY CE 904 38.13 20.57 -40.03
N TRP CE 905 38.44 20.28 -38.77
CA TRP CE 905 38.74 21.32 -37.79
C TRP CE 905 39.87 22.22 -38.26
N ALA CE 906 40.84 21.66 -38.98
CA ALA CE 906 41.90 22.49 -39.52
C ALA CE 906 41.36 23.54 -40.48
N GLY CE 907 40.40 23.16 -41.32
CA GLY CE 907 39.72 24.14 -42.13
C GLY CE 907 38.92 25.13 -41.30
N VAL CE 908 38.44 24.70 -40.14
CA VAL CE 908 37.52 25.52 -39.36
C VAL CE 908 38.27 26.64 -38.66
N TYR CE 909 39.14 26.31 -37.70
CA TYR CE 909 39.80 27.37 -36.95
C TYR CE 909 40.71 28.22 -37.84
N ALA CE 910 41.34 27.62 -38.85
CA ALA CE 910 42.08 28.44 -39.81
C ALA CE 910 41.19 29.52 -40.38
N PHE CE 911 39.98 29.15 -40.79
CA PHE CE 911 38.97 30.13 -41.15
C PHE CE 911 38.87 31.19 -40.06
N PHE CE 912 38.56 30.79 -38.82
CA PHE CE 912 38.61 31.71 -37.69
C PHE CE 912 39.84 32.59 -37.76
N PHE CE 913 41.01 31.96 -37.81
CA PHE CE 913 42.27 32.65 -37.64
C PHE CE 913 42.38 33.81 -38.62
N SER CE 914 41.90 33.62 -39.85
CA SER CE 914 42.11 34.65 -40.85
C SER CE 914 41.43 35.95 -40.43
N ILE CE 915 40.20 35.89 -39.90
CA ILE CE 915 39.58 37.12 -39.41
C ILE CE 915 40.41 37.72 -38.28
N LEU CE 916 40.84 36.89 -37.32
CA LEU CE 916 41.68 37.43 -36.24
C LEU CE 916 42.97 38.03 -36.75
N ILE CE 917 43.38 37.71 -37.96
CA ILE CE 917 44.41 38.52 -38.60
C ILE CE 917 43.81 39.76 -39.23
N TYR CE 918 42.89 39.55 -40.19
CA TYR CE 918 42.39 40.61 -41.05
C TYR CE 918 42.05 41.84 -40.24
N THR CE 919 41.03 41.72 -39.41
CA THR CE 919 40.56 42.87 -38.64
C THR CE 919 41.63 43.39 -37.71
N SER CE 920 42.40 42.51 -37.06
CA SER CE 920 43.41 43.00 -36.15
C SER CE 920 44.42 43.84 -36.92
N MET CE 921 44.84 43.37 -38.10
CA MET CE 921 45.73 44.19 -38.90
C MET CE 921 45.05 45.49 -39.25
N TYR CE 922 43.78 45.40 -39.67
CA TYR CE 922 42.97 46.59 -39.91
C TYR CE 922 43.06 47.55 -38.72
N LEU CE 923 42.94 46.99 -37.51
CA LEU CE 923 42.94 47.80 -36.30
C LEU CE 923 44.17 48.69 -36.23
N ILE CE 924 45.32 48.17 -36.66
CA ILE CE 924 46.54 48.97 -36.55
C ILE CE 924 46.82 49.74 -37.83
N ILE CE 925 46.29 49.29 -38.99
CA ILE CE 925 46.55 50.04 -40.23
C ILE CE 925 46.15 51.49 -40.06
N VAL CE 926 44.85 51.73 -39.90
CA VAL CE 926 44.39 53.10 -39.69
C VAL CE 926 45.13 53.71 -38.51
N GLN CE 927 45.46 52.88 -37.51
CA GLN CE 927 46.05 53.40 -36.29
C GLN CE 927 47.38 54.06 -36.59
N LYS CE 928 48.24 53.42 -37.40
CA LYS CE 928 49.52 54.06 -37.69
C LYS CE 928 49.28 55.35 -38.45
N ALA CE 929 48.28 55.35 -39.35
CA ALA CE 929 47.93 56.54 -40.09
C ALA CE 929 47.77 57.71 -39.16
N PHE CE 930 47.23 57.44 -37.98
CA PHE CE 930 46.94 58.52 -37.08
C PHE CE 930 48.11 58.88 -36.19
N THR CE 931 49.04 57.96 -35.94
CA THR CE 931 50.34 58.44 -35.47
C THR CE 931 50.91 59.43 -36.47
N LEU CE 932 50.47 59.34 -37.73
CA LEU CE 932 50.88 60.30 -38.74
C LEU CE 932 50.54 61.73 -38.34
N ILE CE 933 49.33 61.99 -37.79
CA ILE CE 933 49.09 63.36 -37.30
C ILE CE 933 50.07 63.73 -36.22
N ALA CE 934 50.39 62.79 -35.33
CA ALA CE 934 51.36 63.04 -34.29
C ALA CE 934 52.78 63.05 -34.82
N HIS CE 935 52.96 62.77 -36.11
CA HIS CE 935 54.28 62.55 -36.68
C HIS CE 935 54.82 63.78 -37.40
N LEU CE 936 54.01 64.43 -38.24
CA LEU CE 936 54.55 65.55 -39.03
C LEU CE 936 55.05 66.68 -38.16
N PRO CE 937 54.26 67.26 -37.21
CA PRO CE 937 54.68 68.52 -36.58
C PRO CE 937 56.06 68.47 -35.97
N ASP CE 938 56.29 67.54 -35.05
CA ASP CE 938 57.59 67.48 -34.37
C ASP CE 938 58.72 67.26 -35.36
N LYS CE 939 58.58 66.28 -36.27
CA LYS CE 939 59.64 66.05 -37.24
C LYS CE 939 59.84 67.28 -38.12
N VAL CE 940 58.78 68.07 -38.31
CA VAL CE 940 58.89 69.29 -39.08
C VAL CE 940 59.93 70.21 -38.45
N LEU CE 941 59.85 70.37 -37.12
CA LEU CE 941 60.81 71.22 -36.42
C LEU CE 941 62.24 70.76 -36.61
N ARG CE 942 62.46 69.51 -37.00
CA ARG CE 942 63.83 69.03 -37.15
C ARG CE 942 64.45 69.50 -38.46
N TRP CE 943 63.68 70.03 -39.41
CA TRP CE 943 64.38 70.52 -40.60
C TRP CE 943 64.62 72.03 -40.53
N ILE CE 944 63.60 72.81 -40.16
CA ILE CE 944 63.83 74.24 -39.99
C ILE CE 944 64.81 74.50 -38.86
N GLY CE 945 64.67 73.79 -37.75
CA GLY CE 945 65.59 73.93 -36.64
C GLY CE 945 64.99 73.65 -35.28
N LEU DE 24 65.31 90.64 -3.93
CA LEU DE 24 64.23 90.32 -3.00
C LEU DE 24 64.56 89.08 -2.18
N SER DE 25 63.87 88.91 -1.06
CA SER DE 25 64.06 87.77 -0.18
C SER DE 25 62.70 87.18 0.17
N PHE DE 26 62.70 85.88 0.44
CA PHE DE 26 61.49 85.15 0.77
C PHE DE 26 61.64 84.47 2.13
N ALA DE 27 60.59 84.57 2.94
CA ALA DE 27 60.56 83.95 4.26
C ALA DE 27 59.26 83.17 4.39
N PRO DE 28 59.30 81.84 4.25
CA PRO DE 28 58.08 81.06 4.36
C PRO DE 28 57.53 81.12 5.77
N PRO DE 29 56.22 80.93 5.94
CA PRO DE 29 55.61 81.09 7.27
C PRO DE 29 56.15 80.07 8.26
N ALA DE 30 55.77 80.27 9.53
CA ALA DE 30 56.24 79.38 10.59
C ALA DE 30 55.55 78.03 10.57
N SER DE 31 54.43 77.90 9.87
CA SER DE 31 53.63 76.69 9.87
C SER DE 31 53.90 75.81 8.65
N ASP DE 32 54.96 76.10 7.90
CA ASP DE 32 55.26 75.31 6.71
C ASP DE 32 55.74 73.90 7.08
N LEU DE 33 54.85 72.92 6.97
CA LEU DE 33 55.26 71.54 7.19
C LEU DE 33 56.18 71.01 6.09
N SER DE 34 56.34 71.75 5.00
CA SER DE 34 57.32 71.36 3.99
C SER DE 34 58.73 71.40 4.55
N VAL DE 35 59.12 72.52 5.15
CA VAL DE 35 60.44 72.58 5.76
C VAL DE 35 60.48 71.84 7.09
N VAL DE 36 59.34 71.68 7.75
CA VAL DE 36 59.28 70.84 8.94
C VAL DE 36 59.65 69.41 8.58
N PHE DE 37 59.12 68.91 7.47
CA PHE DE 37 59.45 67.56 7.03
C PHE DE 37 60.87 67.51 6.46
N LEU DE 38 61.31 68.59 5.82
CA LEU DE 38 62.69 68.68 5.37
C LEU DE 38 63.65 68.55 6.54
N GLY DE 39 63.32 69.18 7.67
CA GLY DE 39 64.17 69.08 8.85
C GLY DE 39 63.98 67.79 9.61
N ASN DE 40 62.82 67.15 9.48
CA ASN DE 40 62.59 65.89 10.13
C ASN DE 40 63.23 64.75 9.33
N LEU DE 41 63.56 65.03 8.06
CA LEU DE 41 64.31 64.10 7.22
C LEU DE 41 65.81 64.40 7.24
N PHE DE 42 66.18 65.68 7.30
CA PHE DE 42 67.58 66.10 7.36
C PHE DE 42 68.09 66.28 8.79
N GLY DE 43 67.24 66.18 9.80
CA GLY DE 43 67.72 66.26 11.16
C GLY DE 43 67.93 67.69 11.63
N VAL DE 44 69.18 68.06 11.86
CA VAL DE 44 69.54 69.41 12.30
C VAL DE 44 70.61 69.95 11.36
N VAL DE 45 70.33 71.10 10.76
CA VAL DE 45 71.35 71.91 10.10
C VAL DE 45 71.21 73.31 10.68
N ASP DE 46 72.31 73.88 11.14
CA ASP DE 46 72.25 75.14 11.89
C ASP DE 46 72.23 76.33 10.94
N GLY DE 47 71.61 77.41 11.40
CA GLY DE 47 71.57 78.64 10.63
C GLY DE 47 70.23 78.95 10.03
N VAL DE 48 69.53 77.92 9.53
CA VAL DE 48 68.27 78.12 8.84
C VAL DE 48 67.21 77.15 9.35
N LEU DE 49 67.63 76.14 10.11
CA LEU DE 49 66.74 75.06 10.50
C LEU DE 49 66.83 74.82 12.00
N HIS DE 50 65.70 74.41 12.58
CA HIS DE 50 65.63 73.99 13.98
C HIS DE 50 64.98 72.62 14.08
N GLY DE 51 65.37 71.71 13.19
CA GLY DE 51 64.74 70.40 13.12
C GLY DE 51 65.10 69.50 14.29
N THR DE 52 64.38 68.37 14.36
CA THR DE 52 64.58 67.43 15.47
C THR DE 52 64.47 65.97 15.03
N GLY DE 53 64.60 65.67 13.74
CA GLY DE 53 64.47 64.31 13.27
C GLY DE 53 65.59 63.41 13.76
N SER DE 54 65.62 62.19 13.22
CA SER DE 54 66.70 61.26 13.52
C SER DE 54 68.03 61.87 13.13
N GLN DE 55 69.10 61.45 13.78
CA GLN DE 55 70.40 62.07 13.56
C GLN DE 55 71.34 61.17 12.74
N ILE DE 56 70.84 60.03 12.24
CA ILE DE 56 71.67 59.12 11.45
C ILE DE 56 72.34 59.86 10.30
N MET DE 57 71.59 60.76 9.67
CA MET DE 57 72.09 61.55 8.55
C MET DE 57 73.25 62.44 8.96
N GLY DE 58 73.18 63.05 10.15
CA GLY DE 58 74.26 63.92 10.59
C GLY DE 58 75.62 63.26 10.53
N ASN DE 59 75.79 62.17 11.29
CA ASN DE 59 77.02 61.39 11.23
C ASN DE 59 77.23 60.79 9.84
N MET DE 60 76.14 60.52 9.13
CA MET DE 60 76.25 59.94 7.79
C MET DE 60 77.03 60.86 6.86
N PHE DE 61 76.54 62.08 6.65
CA PHE DE 61 77.33 62.97 5.79
C PHE DE 61 78.55 63.52 6.50
N GLY DE 62 78.67 63.36 7.81
CA GLY DE 62 79.95 63.66 8.44
C GLY DE 62 81.05 62.73 7.96
N VAL DE 63 80.83 61.42 8.07
CA VAL DE 63 81.81 60.49 7.53
C VAL DE 63 81.91 60.65 6.02
N PHE DE 64 80.81 61.04 5.37
CA PHE DE 64 80.83 61.14 3.91
C PHE DE 64 81.67 62.31 3.43
N ASN DE 65 81.52 63.49 4.05
CA ASN DE 65 82.33 64.62 3.60
C ASN DE 65 83.77 64.46 4.08
N SER DE 66 83.99 63.72 5.17
CA SER DE 66 85.36 63.35 5.50
C SER DE 66 86.00 62.51 4.40
N ALA DE 67 85.27 61.51 3.90
CA ALA DE 67 85.81 60.65 2.85
C ALA DE 67 86.08 61.44 1.57
N VAL DE 68 85.13 62.27 1.15
CA VAL DE 68 85.36 63.01 -0.09
C VAL DE 68 86.41 64.09 0.14
N LEU DE 69 86.61 64.52 1.38
CA LEU DE 69 87.72 65.43 1.67
C LEU DE 69 89.06 64.73 1.48
N ALA DE 70 89.18 63.48 1.92
CA ALA DE 70 90.41 62.73 1.68
C ALA DE 70 90.63 62.53 0.17
N LEU DE 71 89.57 62.17 -0.55
CA LEU DE 71 89.68 62.01 -1.99
C LEU DE 71 90.06 63.32 -2.67
N GLY DE 72 89.51 64.43 -2.18
CA GLY DE 72 89.93 65.73 -2.66
C GLY DE 72 91.39 66.02 -2.36
N GLY DE 73 91.87 65.58 -1.20
CA GLY DE 73 93.28 65.76 -0.89
C GLY DE 73 94.17 65.09 -1.92
N ILE DE 74 93.87 63.83 -2.26
CA ILE DE 74 94.68 63.16 -3.28
C ILE DE 74 94.50 63.82 -4.64
N ILE DE 75 93.28 64.29 -4.95
CA ILE DE 75 93.04 64.93 -6.23
C ILE DE 75 93.84 66.23 -6.35
N ILE DE 76 93.87 67.03 -5.29
CA ILE DE 76 94.67 68.26 -5.30
C ILE DE 76 96.16 67.94 -5.30
N MET DE 77 96.59 66.81 -4.74
CA MET DE 77 98.00 66.46 -4.90
C MET DE 77 98.30 66.15 -6.37
N TYR DE 78 97.34 65.53 -7.05
CA TYR DE 78 97.48 65.29 -8.49
C TYR DE 78 97.61 66.61 -9.25
N THR DE 79 96.66 67.52 -9.01
CA THR DE 79 96.73 68.83 -9.65
C THR DE 79 98.01 69.57 -9.25
N LEU DE 80 98.53 69.30 -8.05
CA LEU DE 80 99.75 69.95 -7.61
C LEU DE 80 100.94 69.48 -8.42
N MET DE 81 101.06 68.16 -8.66
CA MET DE 81 102.22 67.75 -9.44
C MET DE 81 102.08 68.19 -10.89
N VAL DE 82 100.85 68.24 -11.43
CA VAL DE 82 100.74 68.69 -12.81
C VAL DE 82 101.08 70.18 -12.91
N SER DE 83 100.65 70.98 -11.93
CA SER DE 83 101.01 72.39 -11.93
C SER DE 83 102.52 72.57 -11.78
N THR DE 84 103.16 71.77 -10.92
CA THR DE 84 104.59 71.93 -10.73
C THR DE 84 105.39 71.45 -11.94
N MET DE 85 104.90 70.44 -12.67
CA MET DE 85 105.63 70.04 -13.87
C MET DE 85 105.42 71.05 -15.00
N ASN DE 86 104.25 71.68 -15.05
CA ASN DE 86 104.05 72.75 -16.03
C ASN DE 86 104.96 73.93 -15.73
N THR DE 87 105.06 74.32 -14.45
CA THR DE 87 105.92 75.46 -14.11
C THR DE 87 107.41 75.09 -14.15
N ALA DE 88 107.74 73.81 -14.09
CA ALA DE 88 109.11 73.38 -14.33
C ALA DE 88 109.45 73.43 -15.82
N HIS DE 89 108.53 72.96 -16.67
CA HIS DE 89 108.76 73.03 -18.10
C HIS DE 89 108.86 74.47 -18.59
N GLU DE 90 107.98 75.34 -18.10
CA GLU DE 90 108.04 76.74 -18.49
C GLU DE 90 109.16 77.48 -17.77
N GLY DE 91 109.41 77.14 -16.51
CA GLY DE 91 110.41 77.82 -15.73
C GLY DE 91 110.01 79.18 -15.20
N GLN DE 92 108.74 79.55 -15.35
CA GLN DE 92 108.25 80.86 -14.96
C GLN DE 92 107.56 80.78 -13.59
N MET DE 93 106.91 81.87 -13.19
CA MET DE 93 106.22 81.91 -11.90
C MET DE 93 104.87 81.24 -12.10
N LEU DE 94 104.79 80.00 -11.62
CA LEU DE 94 103.58 79.18 -11.68
C LEU DE 94 102.90 79.25 -13.05
N GLY DE 95 103.71 79.15 -14.10
CA GLY DE 95 103.19 79.17 -15.46
C GLY DE 95 102.83 80.57 -15.93
N GLN DE 96 102.30 80.62 -17.15
CA GLN DE 96 101.87 81.88 -17.76
C GLN DE 96 100.41 81.85 -18.18
N LYS DE 97 99.61 80.98 -17.56
CA LYS DE 97 98.20 80.85 -17.90
C LYS DE 97 97.26 81.32 -16.80
N TRP DE 98 97.66 81.18 -15.54
CA TRP DE 98 96.82 81.58 -14.42
C TRP DE 98 97.67 82.32 -13.38
N SER DE 99 97.01 83.21 -12.64
CA SER DE 99 97.70 84.00 -11.63
C SER DE 99 97.87 83.20 -10.34
N SER DE 100 98.75 83.70 -9.48
CA SER DE 100 99.07 83.02 -8.22
C SER DE 100 98.51 83.72 -6.99
N ILE DE 101 97.83 84.86 -7.17
CA ILE DE 101 97.30 85.58 -6.00
C ILE DE 101 95.89 85.12 -5.65
N TRP DE 102 95.19 84.46 -6.58
CA TRP DE 102 93.88 83.91 -6.28
C TRP DE 102 93.95 82.50 -5.71
N ILE DE 103 95.07 81.82 -5.87
CA ILE DE 103 95.20 80.43 -5.42
C ILE DE 103 95.17 80.32 -3.89
N PRO DE 104 95.79 81.21 -3.10
CA PRO DE 104 95.70 81.00 -1.65
C PRO DE 104 94.30 81.21 -1.11
N LEU DE 105 93.62 82.27 -1.56
CA LEU DE 105 92.24 82.49 -1.13
C LEU DE 105 91.34 81.37 -1.61
N ARG DE 106 91.54 80.88 -2.84
CA ARG DE 106 90.70 79.79 -3.34
C ARG DE 106 90.93 78.51 -2.53
N SER DE 107 92.19 78.23 -2.18
CA SER DE 107 92.47 77.01 -1.41
C SER DE 107 91.91 77.12 0.00
N THR DE 108 92.07 78.27 0.65
CA THR DE 108 91.54 78.40 2.00
C THR DE 108 90.02 78.40 2.00
N PHE DE 109 89.39 78.95 0.96
CA PHE DE 109 87.93 78.88 0.87
C PHE DE 109 87.46 77.45 0.67
N GLY DE 110 88.11 76.72 -0.24
CA GLY DE 110 87.76 75.33 -0.43
C GLY DE 110 87.94 74.49 0.82
N LEU DE 111 89.01 74.77 1.57
CA LEU DE 111 89.25 74.03 2.82
C LEU DE 111 88.20 74.38 3.87
N ALA DE 112 87.96 75.67 4.09
CA ALA DE 112 87.03 76.09 5.13
C ALA DE 112 85.61 75.65 4.81
N LEU DE 113 85.23 75.61 3.54
CA LEU DE 113 83.89 75.17 3.17
C LEU DE 113 83.67 73.68 3.35
N LEU DE 114 84.75 72.88 3.40
CA LEU DE 114 84.63 71.43 3.46
C LEU DE 114 84.69 70.90 4.88
N ILE DE 115 84.61 71.77 5.89
CA ILE DE 115 84.71 71.36 7.28
C ILE DE 115 83.30 71.08 7.80
N PRO DE 116 83.03 69.89 8.35
CA PRO DE 116 81.74 69.65 8.99
C PRO DE 116 81.77 70.08 10.45
N LYS DE 117 80.65 70.65 10.90
CA LYS DE 117 80.54 71.12 12.27
C LYS DE 117 80.14 69.97 13.18
N ALA DE 118 79.77 70.29 14.42
CA ALA DE 118 79.38 69.26 15.38
C ALA DE 118 78.14 68.51 14.92
N SER DE 119 77.21 69.19 14.25
CA SER DE 119 76.02 68.54 13.73
C SER DE 119 76.33 67.56 12.62
N GLY DE 120 77.48 67.69 11.97
CA GLY DE 120 77.85 66.83 10.87
C GLY DE 120 77.62 67.42 9.49
N TYR DE 121 77.58 68.74 9.38
CA TYR DE 121 77.33 69.41 8.11
C TYR DE 121 78.33 70.53 7.90
N CYS DE 122 78.65 70.79 6.65
CA CYS DE 122 79.46 71.95 6.30
C CYS DE 122 78.55 73.13 5.99
N MET DE 123 79.11 74.35 6.09
CA MET DE 123 78.30 75.53 5.79
C MET DE 123 77.92 75.60 4.32
N MET DE 124 78.59 74.81 3.47
CA MET DE 124 78.11 74.62 2.10
C MET DE 124 76.74 73.95 2.08
N GLN DE 125 76.55 72.94 2.94
CA GLN DE 125 75.25 72.30 3.04
C GLN DE 125 74.21 73.27 3.58
N VAL DE 126 74.64 74.15 4.50
CA VAL DE 126 73.74 75.21 4.97
C VAL DE 126 73.35 76.12 3.80
N PHE DE 127 74.33 76.50 2.97
CA PHE DE 127 74.06 77.32 1.79
C PHE DE 127 73.00 76.67 0.91
N PHE DE 128 73.22 75.40 0.54
CA PHE DE 128 72.33 74.77 -0.43
C PHE DE 128 70.97 74.45 0.19
N MET DE 129 70.94 74.05 1.46
CA MET DE 129 69.66 73.86 2.13
C MET DE 129 68.91 75.18 2.21
N TRP DE 130 69.63 76.29 2.42
CA TRP DE 130 69.01 77.60 2.40
C TRP DE 130 68.44 77.93 1.02
N VAL DE 131 69.15 77.54 -0.04
CA VAL DE 131 68.57 77.69 -1.38
C VAL DE 131 67.28 76.89 -1.48
N ILE DE 132 67.26 75.69 -0.90
CA ILE DE 132 66.03 74.90 -0.86
C ILE DE 132 64.92 75.65 -0.12
N VAL DE 133 65.27 76.31 0.99
CA VAL DE 133 64.25 76.96 1.81
C VAL DE 133 63.65 78.16 1.09
N GLN DE 134 64.48 78.95 0.40
CA GLN DE 134 63.93 80.04 -0.41
C GLN DE 134 63.18 79.53 -1.64
N GLY DE 135 63.58 78.40 -2.22
CA GLY DE 135 62.74 77.78 -3.22
C GLY DE 135 61.36 77.44 -2.67
N VAL DE 136 61.34 76.85 -1.47
CA VAL DE 136 60.08 76.56 -0.79
C VAL DE 136 59.29 77.84 -0.58
N GLY DE 137 59.96 78.90 -0.11
CA GLY DE 137 59.27 80.13 0.19
C GLY DE 137 58.65 80.79 -1.02
N ALA DE 138 59.38 80.80 -2.14
CA ALA DE 138 58.80 81.29 -3.39
C ALA DE 138 57.60 80.45 -3.81
N ALA DE 139 57.70 79.12 -3.64
CA ALA DE 139 56.57 78.26 -3.95
C ALA DE 139 55.35 78.63 -3.11
N ASP DE 140 55.54 78.77 -1.81
CA ASP DE 140 54.42 79.14 -0.96
C ASP DE 140 53.87 80.50 -1.34
N LYS DE 141 54.75 81.44 -1.69
CA LYS DE 141 54.29 82.79 -2.02
C LYS DE 141 53.38 82.78 -3.24
N ILE DE 142 53.82 82.12 -4.31
CA ILE DE 142 52.97 81.99 -5.49
C ILE DE 142 51.67 81.30 -5.11
N TRP DE 143 51.78 80.23 -4.32
CA TRP DE 143 50.62 79.42 -4.01
C TRP DE 143 49.59 80.23 -3.21
N GLU DE 144 50.04 81.05 -2.25
CA GLU DE 144 49.06 81.75 -1.43
C GLU DE 144 48.54 82.96 -2.16
N ALA DE 145 49.32 83.54 -3.07
CA ALA DE 145 48.72 84.51 -3.98
C ALA DE 145 47.54 83.87 -4.70
N ALA DE 146 47.74 82.65 -5.20
CA ALA DE 146 46.65 81.93 -5.85
C ALA DE 146 45.46 81.76 -4.91
N LEU DE 147 45.69 81.18 -3.72
CA LEU DE 147 44.53 80.79 -2.91
C LEU DE 147 43.86 82.02 -2.33
N SER DE 148 44.62 83.10 -2.09
CA SER DE 148 44.01 84.34 -1.64
C SER DE 148 43.12 84.91 -2.73
N TYR DE 149 43.54 84.81 -3.98
CA TYR DE 149 42.63 85.20 -5.05
C TYR DE 149 41.38 84.33 -5.00
N LEU DE 150 41.57 83.01 -4.87
CA LEU DE 150 40.42 82.09 -4.81
C LEU DE 150 39.46 82.42 -3.68
N ASN DE 151 39.98 82.89 -2.54
CA ASN DE 151 39.10 83.21 -1.42
C ASN DE 151 38.19 84.38 -1.75
N ARG DE 152 38.69 85.37 -2.47
CA ARG DE 152 37.84 86.43 -3.02
C ARG DE 152 36.99 85.96 -4.19
N GLY DE 153 36.96 84.67 -4.48
CA GLY DE 153 36.18 84.15 -5.59
C GLY DE 153 36.96 84.15 -6.89
N GLY DE 154 36.35 83.56 -7.91
CA GLY DE 154 36.96 83.49 -9.22
C GLY DE 154 36.40 82.39 -10.10
N GLN DE 160 3.15 69.58 -5.35
CA GLN DE 160 2.74 68.63 -6.38
C GLN DE 160 3.27 67.23 -6.09
N ALA DE 161 2.61 66.21 -6.65
CA ALA DE 161 3.02 64.83 -6.44
C ALA DE 161 2.54 64.00 -7.63
N ASP DE 162 3.15 62.83 -7.78
CA ASP DE 162 2.80 61.89 -8.84
C ASP DE 162 2.18 60.67 -8.21
N PRO DE 163 0.94 60.31 -8.58
CA PRO DE 163 0.27 59.18 -7.92
C PRO DE 163 1.00 57.85 -8.05
N THR DE 164 1.64 57.58 -9.20
CA THR DE 164 2.28 56.31 -9.45
C THR DE 164 3.79 56.37 -9.35
N LYS DE 165 4.36 57.51 -8.96
CA LYS DE 165 5.79 57.59 -8.68
C LYS DE 165 6.09 57.37 -7.20
N SER DE 166 5.07 57.40 -6.35
CA SER DE 166 5.28 57.08 -4.94
C SER DE 166 5.66 55.62 -4.75
N LEU DE 167 5.05 54.72 -5.53
CA LEU DE 167 5.40 53.32 -5.46
C LEU DE 167 6.79 53.03 -6.02
N GLN DE 168 7.35 53.96 -6.81
CA GLN DE 168 8.76 53.87 -7.15
C GLN DE 168 9.62 53.98 -5.90
N ALA DE 169 9.17 54.77 -4.93
CA ALA DE 169 9.75 54.81 -3.59
C ALA DE 169 9.20 53.70 -2.70
N ALA DE 170 8.64 52.65 -3.29
CA ALA DE 170 8.18 51.48 -2.55
C ALA DE 170 8.69 50.17 -3.14
N GLY DE 171 9.46 50.23 -4.23
CA GLY DE 171 10.04 49.04 -4.82
C GLY DE 171 11.55 49.03 -4.76
N SER DE 172 12.10 49.49 -3.63
CA SER DE 172 13.54 49.59 -3.42
C SER DE 172 13.94 48.73 -2.22
N SER DE 173 15.22 48.79 -1.88
CA SER DE 173 15.76 48.00 -0.79
C SER DE 173 15.45 48.59 0.58
N SER DE 174 15.12 49.87 0.66
CA SER DE 174 14.94 50.53 1.95
C SER DE 174 13.55 51.09 2.18
N SER DE 175 12.77 51.34 1.14
CA SER DE 175 11.44 51.94 1.27
C SER DE 175 10.40 50.99 0.68
N GLY DE 176 9.35 50.70 1.45
CA GLY DE 176 8.36 49.72 1.07
C GLY DE 176 6.92 50.12 1.35
N VAL DE 177 6.60 51.41 1.18
CA VAL DE 177 5.32 51.93 1.68
C VAL DE 177 4.14 51.16 1.09
N ALA DE 178 4.19 50.82 -0.20
CA ALA DE 178 3.08 50.09 -0.80
C ALA DE 178 2.96 48.69 -0.20
N LYS DE 179 4.09 48.01 -0.02
CA LYS DE 179 4.07 46.67 0.56
C LYS DE 179 3.57 46.74 1.99
N GLY DE 180 3.97 47.77 2.73
CA GLY DE 180 3.46 47.95 4.07
C GLY DE 180 1.96 48.14 4.09
N ALA DE 181 1.44 48.97 3.17
CA ALA DE 181 -0.01 49.17 3.10
C ALA DE 181 -0.73 47.86 2.80
N LEU DE 182 -0.17 47.07 1.88
CA LEU DE 182 -0.69 45.71 1.67
C LEU DE 182 -0.67 44.92 2.97
N THR DE 183 0.37 45.12 3.79
CA THR DE 183 0.47 44.40 5.05
C THR DE 183 -0.68 44.76 5.98
N ILE DE 184 -0.94 46.05 6.19
CA ILE DE 184 -2.06 46.38 7.08
C ILE DE 184 -3.39 45.94 6.48
N LEU DE 185 -3.52 45.98 5.15
CA LEU DE 185 -4.78 45.54 4.54
C LEU DE 185 -5.02 44.06 4.83
N GLY DE 186 -4.02 43.22 4.56
CA GLY DE 186 -4.14 41.81 4.88
C GLY DE 186 -4.37 41.57 6.35
N GLY DE 187 -3.66 42.30 7.20
CA GLY DE 187 -3.91 42.19 8.62
C GLY DE 187 -5.36 42.46 8.96
N GLN DE 188 -5.89 43.59 8.50
CA GLN DE 188 -7.25 44.00 8.88
C GLN DE 188 -8.29 42.99 8.42
N ILE DE 189 -8.17 42.49 7.18
CA ILE DE 189 -9.13 41.48 6.77
C ILE DE 189 -8.99 40.26 7.64
N CYS DE 190 -7.76 39.91 8.05
CA CYS DE 190 -7.57 38.78 8.95
C CYS DE 190 -8.23 39.02 10.31
N MET DE 191 -8.07 40.22 10.87
CA MET DE 191 -8.76 40.58 12.11
C MET DE 191 -10.26 40.36 11.98
N LEU DE 192 -10.86 40.94 10.94
CA LEU DE 192 -12.31 40.87 10.84
C LEU DE 192 -12.79 39.45 10.60
N GLY DE 193 -12.11 38.70 9.73
CA GLY DE 193 -12.52 37.32 9.49
C GLY DE 193 -12.39 36.46 10.72
N LEU DE 194 -11.26 36.57 11.43
CA LEU DE 194 -11.05 35.80 12.64
C LEU DE 194 -12.07 36.16 13.70
N GLN DE 195 -12.33 37.46 13.89
CA GLN DE 195 -13.31 37.88 14.89
C GLN DE 195 -14.70 37.36 14.56
N LYS DE 196 -15.13 37.49 13.31
CA LYS DE 196 -16.45 37.02 12.93
C LYS DE 196 -16.56 35.51 13.12
N GLN DE 197 -15.55 34.77 12.68
CA GLN DE 197 -15.59 33.32 12.80
C GLN DE 197 -15.62 32.90 14.26
N LEU DE 198 -14.86 33.59 15.11
CA LEU DE 198 -14.76 33.17 16.50
C LEU DE 198 -16.03 33.54 17.26
N GLN DE 199 -16.63 34.69 16.94
CA GLN DE 199 -17.95 35.01 17.49
C GLN DE 199 -18.99 33.98 17.06
N ALA DE 200 -18.95 33.58 15.78
CA ALA DE 200 -19.89 32.56 15.32
C ALA DE 200 -19.70 31.24 16.06
N GLN DE 201 -18.43 30.86 16.28
CA GLN DE 201 -18.15 29.64 17.02
C GLN DE 201 -18.66 29.73 18.46
N ARG DE 202 -18.43 30.88 19.10
CA ARG DE 202 -18.91 31.07 20.47
C ARG DE 202 -20.43 31.04 20.54
N ASP DE 203 -21.11 31.62 19.54
CA ASP DE 203 -22.56 31.55 19.49
C ASP DE 203 -23.04 30.11 19.34
N LEU DE 204 -22.39 29.35 18.44
CA LEU DE 204 -22.73 27.95 18.27
C LEU DE 204 -22.51 27.18 19.56
N TYR DE 205 -21.51 27.61 20.35
CA TYR DE 205 -21.23 26.95 21.61
C TYR DE 205 -22.27 27.27 22.67
N LEU DE 206 -22.65 28.54 22.78
CA LEU DE 206 -23.59 28.93 23.84
C LEU DE 206 -25.01 28.48 23.51
N SER DE 207 -25.33 28.32 22.22
CA SER DE 207 -26.60 27.69 21.87
C SER DE 207 -26.64 26.23 22.29
N GLN DE 208 -25.49 25.66 22.63
CA GLN DE 208 -25.31 24.28 23.06
C GLN DE 208 -24.67 24.27 24.44
N SER DE 209 -25.28 25.01 25.37
CA SER DE 209 -24.81 25.04 26.76
C SER DE 209 -24.62 23.62 27.29
N LYS DE 210 -25.70 22.83 27.31
CA LYS DE 210 -25.56 21.41 27.58
C LYS DE 210 -25.01 20.73 26.33
N SER DE 211 -24.90 19.39 26.38
CA SER DE 211 -24.34 18.61 25.27
C SER DE 211 -22.98 19.18 24.89
N PRO DE 212 -21.93 18.87 25.66
CA PRO DE 212 -20.60 19.47 25.46
C PRO DE 212 -20.19 19.52 24.00
N PRO DE 213 -19.23 20.38 23.63
CA PRO DE 213 -18.13 20.94 24.43
C PRO DE 213 -18.49 21.93 25.55
N CYS DE 214 -19.45 22.85 25.41
CA CYS DE 214 -19.73 23.79 26.50
C CYS DE 214 -20.40 23.13 27.71
N GLY DE 215 -20.86 21.88 27.57
CA GLY DE 215 -21.47 21.15 28.65
C GLY DE 215 -20.59 20.04 29.19
N GLY DE 216 -21.23 19.09 29.85
CA GLY DE 216 -20.50 17.94 30.37
C GLY DE 216 -19.46 18.35 31.40
N ASN DE 217 -18.22 17.91 31.19
CA ASN DE 217 -17.10 18.23 32.07
C ASN DE 217 -15.99 18.80 31.21
N PRO DE 218 -16.07 20.08 30.85
CA PRO DE 218 -15.07 20.66 29.95
C PRO DE 218 -13.70 20.74 30.61
N THR DE 219 -12.67 20.60 29.77
CA THR DE 219 -11.32 20.87 30.22
C THR DE 219 -11.18 22.37 30.53
N PRO DE 220 -10.42 22.73 31.59
CA PRO DE 220 -10.48 24.10 32.13
C PRO DE 220 -10.39 25.23 31.11
N GLU DE 221 -9.44 25.16 30.18
CA GLU DE 221 -9.29 26.24 29.21
C GLU DE 221 -10.52 26.34 28.32
N MET DE 222 -11.17 25.22 28.00
CA MET DE 222 -12.36 25.34 27.16
C MET DE 222 -13.52 25.88 28.00
N ASN DE 223 -13.52 25.62 29.30
CA ASN DE 223 -14.46 26.35 30.15
C ASN DE 223 -14.22 27.85 30.05
N THR DE 224 -12.96 28.28 30.12
CA THR DE 224 -12.70 29.72 30.01
C THR DE 224 -13.15 30.25 28.65
N PHE DE 225 -12.99 29.43 27.61
CA PHE DE 225 -13.47 29.80 26.29
C PHE DE 225 -14.98 29.99 26.26
N CYS DE 226 -15.75 29.02 26.79
CA CYS DE 226 -17.19 29.19 26.87
C CYS DE 226 -17.54 30.42 27.68
N ARG DE 227 -16.73 30.72 28.69
CA ARG DE 227 -16.91 31.92 29.50
C ARG DE 227 -16.59 33.19 28.71
N THR DE 228 -15.52 33.15 27.91
CA THR DE 228 -14.91 34.38 27.44
C THR DE 228 -15.53 34.86 26.13
N ALA DE 229 -16.14 36.04 26.18
CA ALA DE 229 -16.63 36.72 25.00
C ALA DE 229 -15.46 37.25 24.18
N ILE DE 230 -15.73 37.62 22.94
CA ILE DE 230 -14.69 37.94 21.96
C ILE DE 230 -14.52 39.44 21.92
N PRO DE 231 -13.31 39.98 22.16
CA PRO DE 231 -13.10 41.41 22.07
C PRO DE 231 -13.00 41.87 20.62
N ASP DE 232 -13.01 43.18 20.44
CA ASP DE 232 -12.85 43.75 19.11
C ASP DE 232 -11.38 44.03 18.86
N PHE DE 233 -10.83 43.38 17.83
CA PHE DE 233 -9.39 43.44 17.58
C PHE DE 233 -8.95 44.73 16.90
N ILE DE 234 -9.79 45.31 16.04
CA ILE DE 234 -9.39 46.52 15.34
C ILE DE 234 -9.39 47.75 16.22
N SER DE 235 -9.94 47.66 17.43
CA SER DE 235 -9.82 48.74 18.40
C SER DE 235 -8.54 48.67 19.21
N THR DE 236 -7.83 47.54 19.15
CA THR DE 236 -6.63 47.35 19.95
C THR DE 236 -5.35 47.75 19.20
N VAL DE 237 -5.36 47.69 17.88
CA VAL DE 237 -4.16 47.92 17.09
C VAL DE 237 -4.03 49.42 16.87
N ASN DE 238 -3.01 50.02 17.48
CA ASN DE 238 -2.79 51.47 17.41
C ASN DE 238 -1.29 51.72 17.48
N PHE DE 239 -0.75 52.34 16.44
CA PHE DE 239 0.70 52.45 16.32
C PHE DE 239 1.27 53.64 17.08
N VAL DE 240 0.49 54.69 17.29
CA VAL DE 240 1.04 55.91 17.90
C VAL DE 240 1.38 55.66 19.37
N LYS DE 241 0.46 55.04 20.11
CA LYS DE 241 0.75 54.72 21.51
C LYS DE 241 1.93 53.77 21.63
N LYS DE 242 1.98 52.75 20.78
CA LYS DE 242 3.11 51.83 20.80
C LYS DE 242 4.41 52.56 20.52
N GLN DE 243 4.37 53.53 19.60
CA GLN DE 243 5.54 54.36 19.37
C GLN DE 243 5.95 55.08 20.64
N ASN DE 244 5.01 55.76 21.29
CA ASN DE 244 5.33 56.48 22.53
C ASN DE 244 5.90 55.54 23.58
N ASP DE 245 5.38 54.31 23.65
CA ASP DE 245 5.92 53.34 24.60
C ASP DE 245 7.35 52.96 24.24
N ASP DE 246 7.65 52.80 22.95
CA ASP DE 246 8.99 52.43 22.54
C ASP DE 246 10.00 53.53 22.85
N THR DE 247 9.71 54.76 22.43
CA THR DE 247 10.67 55.84 22.64
C THR DE 247 10.76 56.19 24.11
N PRO DE 248 11.96 56.46 24.62
CA PRO DE 248 12.07 56.90 26.02
C PRO DE 248 11.40 58.24 26.22
N LYS DE 249 10.88 58.45 27.43
CA LYS DE 249 10.28 59.75 27.75
C LYS DE 249 11.32 60.86 27.66
N ASP DE 250 12.54 60.59 28.12
CA ASP DE 250 13.65 61.50 27.87
C ASP DE 250 14.00 61.52 26.39
N LEU DE 251 14.24 62.71 25.87
CA LEU DE 251 14.45 62.91 24.44
C LEU DE 251 15.91 63.17 24.06
N THR DE 252 16.75 63.61 25.01
CA THR DE 252 18.16 63.78 24.70
C THR DE 252 18.84 62.45 24.40
N ALA DE 253 18.24 61.33 24.80
CA ALA DE 253 18.75 60.02 24.48
C ALA DE 253 18.52 59.69 23.01
N ASN DE 254 19.22 58.69 22.53
CA ASN DE 254 19.05 58.24 21.15
C ASN DE 254 17.78 57.40 21.04
N GLN DE 255 16.91 57.75 20.11
CA GLN DE 255 15.66 57.04 19.93
C GLN DE 255 15.91 55.66 19.35
N PRO DE 256 15.03 54.70 19.65
CA PRO DE 256 15.18 53.37 19.05
C PRO DE 256 15.08 53.42 17.53
N ALA DE 257 15.94 52.65 16.87
CA ALA DE 257 16.05 52.74 15.42
C ALA DE 257 14.83 52.19 14.72
N SER DE 258 14.25 51.11 15.24
CA SER DE 258 13.15 50.42 14.59
C SER DE 258 12.02 50.19 15.59
N PHE DE 259 10.81 50.06 15.06
CA PHE DE 259 9.61 49.81 15.83
C PHE DE 259 8.84 48.68 15.17
N GLU DE 260 8.51 47.67 15.97
CA GLU DE 260 7.83 46.47 15.50
C GLU DE 260 6.50 46.37 16.22
N LEU DE 261 5.40 46.51 15.49
CA LEU DE 261 4.07 46.30 16.06
C LEU DE 261 3.47 45.09 15.37
N ASP DE 262 3.08 44.11 16.17
CA ASP DE 262 2.39 42.93 15.68
C ASP DE 262 0.90 43.05 15.96
N MET DE 263 0.09 42.67 14.97
CA MET DE 263 -1.35 42.66 15.16
C MET DE 263 -1.89 41.25 14.97
N PRO DE 264 -2.86 40.81 15.79
CA PRO DE 264 -3.64 41.56 16.78
C PRO DE 264 -2.81 42.13 17.91
N ASN DE 265 -3.29 43.18 18.55
CA ASN DE 265 -2.65 43.78 19.71
C ASN DE 265 -3.48 43.44 20.94
N PHE DE 266 -2.81 43.25 22.08
CA PHE DE 266 -3.49 42.85 23.30
C PHE DE 266 -2.69 43.30 24.51
N ASP DE 267 -3.37 43.42 25.64
CA ASP DE 267 -2.68 43.67 26.89
C ASP DE 267 -2.34 42.35 27.58
N LYS DE 268 -1.40 42.42 28.53
CA LYS DE 268 -0.82 41.20 29.09
C LYS DE 268 -1.86 40.37 29.83
N SER DE 269 -2.84 41.01 30.44
CA SER DE 269 -3.86 40.28 31.18
C SER DE 269 -4.84 39.57 30.25
N SER DE 270 -4.88 39.97 28.98
CA SER DE 270 -5.83 39.39 28.04
C SER DE 270 -5.48 37.93 27.78
N PRO DE 271 -6.45 37.03 27.82
CA PRO DE 271 -6.19 35.62 27.49
C PRO DE 271 -5.79 35.43 26.03
N PHE DE 272 -6.03 36.41 25.17
CA PHE DE 272 -5.74 36.33 23.76
C PHE DE 272 -4.35 36.86 23.41
N TYR DE 273 -3.45 36.91 24.40
CA TYR DE 273 -2.11 37.43 24.15
C TYR DE 273 -1.32 36.57 23.17
N PHE DE 274 -1.56 35.26 23.15
CA PHE DE 274 -0.80 34.44 22.21
C PHE DE 274 -1.33 34.59 20.79
N LEU DE 275 -2.53 35.13 20.62
CA LEU DE 275 -2.99 35.49 19.29
C LEU DE 275 -2.16 36.61 18.67
N ASN DE 276 -1.47 37.39 19.49
CA ASN DE 276 -0.65 38.50 19.03
C ASN DE 276 0.26 38.06 17.89
N GLY DE 277 0.12 38.69 16.73
CA GLY DE 277 0.96 38.42 15.58
C GLY DE 277 0.41 37.40 14.61
N ILE DE 278 -0.83 36.95 14.81
CA ILE DE 278 -1.41 35.93 13.94
C ILE DE 278 -1.66 36.47 12.54
N CYS DE 279 -2.01 37.75 12.39
CA CYS DE 279 -2.42 38.30 11.11
C CYS DE 279 -1.33 39.13 10.45
N GLY DE 280 -0.08 38.73 10.60
CA GLY DE 280 1.03 39.51 10.10
C GLY DE 280 1.65 40.36 11.19
N THR DE 281 2.60 41.19 10.75
CA THR DE 281 3.36 42.04 11.65
C THR DE 281 3.97 43.16 10.82
N VAL DE 282 4.10 44.36 11.40
CA VAL DE 282 4.49 45.53 10.63
C VAL DE 282 5.60 46.28 11.37
N LYS DE 283 6.57 46.75 10.60
CA LYS DE 283 7.71 47.47 11.17
C LYS DE 283 7.87 48.82 10.48
N TRP DE 284 8.48 49.75 11.21
CA TRP DE 284 8.88 51.03 10.64
C TRP DE 284 10.04 51.59 11.45
N ASN DE 285 10.98 52.22 10.76
CA ASN DE 285 12.13 52.79 11.46
C ASN DE 285 11.80 54.21 11.94
N ASN DE 286 12.79 54.83 12.57
CA ASN DE 286 12.64 56.17 13.10
C ASN DE 286 13.12 57.21 12.08
N ILE DE 287 12.90 58.47 12.42
CA ILE DE 287 13.39 59.59 11.62
C ILE DE 287 14.78 59.96 12.10
N SER DE 288 15.71 60.10 11.16
CA SER DE 288 17.12 60.38 11.46
C SER DE 288 17.37 61.77 12.04
N ALA DE 289 16.32 62.54 12.33
CA ALA DE 289 16.48 63.88 12.89
C ALA DE 289 16.94 63.88 14.34
N LEU DE 290 16.98 62.72 15.00
CA LEU DE 290 17.27 62.71 16.42
C LEU DE 290 18.47 61.82 16.75
N ASN DE 291 18.68 60.76 15.96
CA ASN DE 291 19.84 59.90 16.20
C ASN DE 291 21.14 60.67 16.04
N SER DE 292 21.21 61.57 15.05
CA SER DE 292 22.36 62.43 14.90
C SER DE 292 22.41 63.45 16.05
N THR DE 293 23.57 64.07 16.21
CA THR DE 293 23.77 65.05 17.27
C THR DE 293 22.89 66.26 17.00
N ASN DE 294 21.90 66.48 17.88
CA ASN DE 294 20.98 67.60 17.76
C ASN DE 294 20.45 67.94 19.14
N GLN DE 295 20.59 69.20 19.54
CA GLN DE 295 20.06 69.65 20.81
C GLN DE 295 18.54 69.52 20.80
N SER DE 296 18.00 68.91 21.85
CA SER DE 296 16.55 68.69 21.92
C SER DE 296 16.17 68.56 23.38
N ASP DE 297 15.27 69.42 23.85
CA ASP DE 297 14.77 69.35 25.21
C ASP DE 297 13.28 69.70 25.22
N ASN DE 298 12.57 69.08 26.15
CA ASN DE 298 11.14 69.31 26.30
C ASN DE 298 10.82 70.46 27.26
N LYS DE 299 11.85 71.02 27.90
CA LYS DE 299 11.62 72.12 28.83
C LYS DE 299 11.09 73.36 28.12
N GLY DE 300 11.65 73.68 26.96
CA GLY DE 300 11.26 74.88 26.22
C GLY DE 300 11.56 74.77 24.75
N LEU DE 301 12.09 75.85 24.20
CA LEU DE 301 12.37 75.93 22.77
C LEU DE 301 13.42 74.92 22.36
N VAL DE 302 13.30 74.41 21.13
CA VAL DE 302 14.24 73.43 20.60
C VAL DE 302 14.73 73.91 19.25
N THR DE 303 15.97 73.58 18.92
CA THR DE 303 16.57 73.96 17.64
C THR DE 303 17.06 72.73 16.89
N VAL DE 304 16.86 72.76 15.58
CA VAL DE 304 17.36 71.73 14.68
C VAL DE 304 18.57 72.30 13.94
N GLY DE 305 19.59 71.47 13.79
CA GLY DE 305 20.87 71.90 13.26
C GLY DE 305 20.94 71.76 11.75
N GLY DE 306 21.59 72.72 11.11
CA GLY DE 306 21.80 72.70 9.69
C GLY DE 306 23.27 72.52 9.33
N ALA DE 307 23.92 73.63 8.97
CA ALA DE 307 25.34 73.59 8.64
C ALA DE 307 26.19 73.36 9.90
N GLY DE 308 27.38 72.81 9.69
CA GLY DE 308 28.29 72.55 10.78
C GLY DE 308 28.97 71.20 10.69
N SER DE 309 28.27 70.21 10.13
CA SER DE 309 28.80 68.87 9.98
C SER DE 309 28.09 68.18 8.83
N ASN DE 310 28.62 67.03 8.42
CA ASN DE 310 28.04 66.23 7.35
C ASN DE 310 26.89 65.42 7.92
N SER DE 311 25.67 65.84 7.62
CA SER DE 311 24.47 65.20 8.14
C SER DE 311 23.42 65.11 7.04
N SER DE 312 22.34 64.38 7.33
CA SER DE 312 21.23 64.23 6.40
C SER DE 312 20.11 65.25 6.65
N MET DE 313 20.34 66.22 7.54
CA MET DE 313 19.34 67.22 7.86
C MET DE 313 19.31 68.29 6.76
N GLY DE 314 18.59 69.38 7.02
CA GLY DE 314 18.56 70.49 6.09
C GLY DE 314 19.83 71.31 6.12
N ALA DE 315 19.90 72.26 5.20
CA ALA DE 315 21.07 73.12 5.07
C ALA DE 315 21.00 74.37 5.93
N ASN DE 316 19.92 74.56 6.68
CA ASN DE 316 19.76 75.74 7.53
C ASN DE 316 19.32 75.30 8.92
N SER DE 317 19.90 75.95 9.93
CA SER DE 317 19.52 75.71 11.32
C SER DE 317 18.20 76.41 11.60
N LEU DE 318 17.24 75.66 12.14
CA LEU DE 318 15.90 76.20 12.40
C LEU DE 318 15.58 76.08 13.88
N ASN DE 319 14.49 76.74 14.28
CA ASN DE 319 14.05 76.71 15.67
C ASN DE 319 12.55 76.48 15.72
N ILE DE 320 12.13 75.48 16.50
CA ILE DE 320 10.73 75.13 16.66
C ILE DE 320 10.46 74.88 18.14
N THR DE 321 9.19 74.64 18.46
CA THR DE 321 8.76 74.36 19.82
C THR DE 321 8.76 72.86 20.09
N SER DE 322 8.71 72.51 21.37
CA SER DE 322 8.71 71.10 21.76
C SER DE 322 7.46 70.38 21.23
N SER DE 323 6.32 71.08 21.19
CA SER DE 323 5.10 70.46 20.68
C SER DE 323 5.23 70.11 19.20
N GLN DE 324 5.76 71.04 18.40
CA GLN DE 324 5.98 70.75 16.99
C GLN DE 324 6.95 69.59 16.83
N LEU DE 325 7.93 69.49 17.72
CA LEU DE 325 8.91 68.42 17.61
C LEU DE 325 8.30 67.07 17.98
N GLN DE 326 7.43 67.02 18.99
CA GLN DE 326 6.83 65.75 19.36
C GLN DE 326 5.81 65.32 18.32
N THR DE 327 5.13 66.27 17.69
CA THR DE 327 4.31 65.90 16.54
C THR DE 327 5.16 65.47 15.35
N ALA DE 328 6.39 65.99 15.25
CA ALA DE 328 7.28 65.59 14.17
C ALA DE 328 7.78 64.16 14.35
N ARG DE 329 8.24 63.81 15.55
CA ARG DE 329 8.77 62.46 15.74
C ARG DE 329 7.70 61.39 15.60
N LEU DE 330 6.44 61.73 15.80
CA LEU DE 330 5.34 60.79 15.67
C LEU DE 330 4.67 60.85 14.30
N SER DE 331 5.26 61.57 13.34
CA SER DE 331 4.63 61.72 12.03
C SER DE 331 4.47 60.36 11.34
N ARG DE 332 5.49 59.51 11.44
CA ARG DE 332 5.38 58.19 10.85
C ARG DE 332 4.23 57.41 11.46
N ALA DE 333 4.12 57.43 12.80
CA ALA DE 333 3.09 56.65 13.47
C ALA DE 333 1.69 57.14 13.11
N ILE DE 334 1.48 58.46 13.09
CA ILE DE 334 0.16 58.98 12.73
C ILE DE 334 -0.14 58.67 11.27
N ALA DE 335 0.87 58.70 10.40
CA ALA DE 335 0.66 58.32 9.01
C ALA DE 335 0.18 56.87 8.90
N ILE DE 336 0.85 55.95 9.59
CA ILE DE 336 0.42 54.56 9.55
C ILE DE 336 -0.99 54.44 10.13
N GLN DE 337 -1.31 55.21 11.17
CA GLN DE 337 -2.64 55.13 11.75
C GLN DE 337 -3.71 55.64 10.79
N GLN DE 338 -3.39 56.67 10.00
CA GLN DE 338 -4.38 57.17 9.05
C GLN DE 338 -4.60 56.18 7.92
N MET DE 339 -3.54 55.49 7.49
CA MET DE 339 -3.74 54.32 6.64
C MET DE 339 -4.59 53.26 7.32
N TYR DE 340 -4.36 53.03 8.61
CA TYR DE 340 -5.11 52.02 9.33
C TYR DE 340 -6.61 52.30 9.25
N VAL DE 341 -7.00 53.54 9.58
CA VAL DE 341 -8.41 53.90 9.48
C VAL DE 341 -8.91 53.84 8.04
N THR DE 342 -8.17 54.41 7.08
CA THR DE 342 -8.73 54.50 5.74
C THR DE 342 -8.87 53.13 5.08
N LEU DE 343 -8.06 52.14 5.46
CA LEU DE 343 -8.33 50.78 5.02
C LEU DE 343 -9.25 50.00 5.94
N SER DE 344 -9.56 50.52 7.14
CA SER DE 344 -10.47 49.80 8.02
C SER DE 344 -11.87 49.69 7.40
N THR DE 345 -12.38 50.78 6.84
CA THR DE 345 -13.67 50.74 6.17
C THR DE 345 -13.64 49.81 4.98
N VAL DE 346 -12.54 49.85 4.21
CA VAL DE 346 -12.39 48.96 3.07
C VAL DE 346 -12.47 47.51 3.52
N ALA DE 347 -11.69 47.15 4.53
CA ALA DE 347 -11.66 45.76 5.00
C ALA DE 347 -13.03 45.33 5.51
N GLN DE 348 -13.74 46.23 6.21
CA GLN DE 348 -15.09 45.91 6.63
C GLN DE 348 -15.99 45.62 5.44
N VAL DE 349 -15.83 46.40 4.37
CA VAL DE 349 -16.65 46.19 3.18
C VAL DE 349 -16.35 44.82 2.56
N MET DE 350 -15.06 44.48 2.41
CA MET DE 350 -14.71 43.15 1.91
C MET DE 350 -15.32 42.05 2.76
N VAL DE 351 -15.20 42.16 4.09
CA VAL DE 351 -15.70 41.10 4.96
C VAL DE 351 -17.21 40.97 4.84
N ASN DE 352 -17.92 42.10 4.82
CA ASN DE 352 -19.37 42.04 4.64
C ASN DE 352 -19.76 41.55 3.25
N ASN DE 353 -18.84 41.63 2.28
CA ASN DE 353 -19.14 41.21 0.91
C ASN DE 353 -19.29 39.69 0.80
N ASP DE 354 -18.43 38.94 1.47
CA ASP DE 354 -18.38 37.49 1.26
C ASP DE 354 -19.58 36.79 1.92
N PRO DE 355 -20.27 35.89 1.21
CA PRO DE 355 -21.40 35.19 1.84
C PRO DE 355 -21.01 34.26 2.98
N ALA DE 356 -19.76 33.79 3.02
CA ALA DE 356 -19.39 32.80 4.03
C ALA DE 356 -19.45 33.40 5.43
N PHE DE 357 -19.00 34.64 5.61
CA PHE DE 357 -19.16 35.28 6.91
C PHE DE 357 -20.54 35.88 7.10
N SER DE 358 -21.47 35.62 6.18
CA SER DE 358 -22.87 35.99 6.37
C SER DE 358 -23.59 34.79 6.96
N THR DE 359 -23.42 34.60 8.27
CA THR DE 359 -24.11 33.50 8.96
C THR DE 359 -25.62 33.63 8.90
N THR DE 360 -26.13 34.83 8.65
CA THR DE 360 -27.55 35.02 8.41
C THR DE 360 -27.95 34.31 7.11
N THR DE 361 -29.24 34.02 7.00
CA THR DE 361 -29.75 33.31 5.84
C THR DE 361 -29.46 34.10 4.56
N SER DE 362 -28.91 33.42 3.56
CA SER DE 362 -28.56 34.03 2.29
C SER DE 362 -29.51 33.56 1.20
N THR DE 363 -30.00 34.51 0.41
CA THR DE 363 -30.97 34.18 -0.64
C THR DE 363 -30.29 33.63 -1.88
N GLY DE 364 -29.12 34.15 -2.24
CA GLY DE 364 -28.40 33.64 -3.40
C GLY DE 364 -27.94 32.22 -3.17
N ASN DE 365 -28.18 31.37 -4.17
CA ASN DE 365 -27.86 29.95 -4.07
C ASN DE 365 -26.75 29.54 -5.02
N SER DE 366 -26.93 29.74 -6.33
CA SER DE 366 -25.92 29.31 -7.29
C SER DE 366 -25.58 30.33 -8.37
N LYS DE 367 -26.47 31.27 -8.69
CA LYS DE 367 -26.18 32.29 -9.69
C LYS DE 367 -26.55 33.70 -9.27
N ASN DE 368 -27.37 33.86 -8.23
CA ASN DE 368 -27.72 35.20 -7.75
C ASN DE 368 -26.53 35.93 -7.15
N ASP DE 369 -25.44 35.24 -6.86
CA ASP DE 369 -24.21 35.84 -6.38
C ASP DE 369 -23.19 35.90 -7.51
N PHE DE 370 -21.99 36.38 -7.21
CA PHE DE 370 -20.91 36.45 -8.18
C PHE DE 370 -19.92 35.30 -8.05
N SER DE 371 -19.56 34.95 -6.81
CA SER DE 371 -18.62 33.87 -6.56
C SER DE 371 -18.84 33.36 -5.15
N ALA DE 372 -18.33 32.16 -4.88
CA ALA DE 372 -18.45 31.58 -3.55
C ALA DE 372 -17.73 32.39 -2.48
N ILE DE 373 -16.80 33.26 -2.87
CA ILE DE 373 -16.08 34.08 -1.91
C ILE DE 373 -16.57 35.52 -1.87
N ALA DE 374 -17.54 35.89 -2.71
CA ALA DE 374 -18.10 37.25 -2.69
C ALA DE 374 -19.41 37.26 -3.46
N LYS DE 375 -20.46 37.75 -2.81
CA LYS DE 375 -21.74 37.92 -3.52
C LYS DE 375 -21.61 38.97 -4.61
N GLN DE 376 -20.86 40.04 -4.35
CA GLN DE 376 -20.72 41.16 -5.27
C GLN DE 376 -19.26 41.36 -5.64
N GLN DE 377 -19.00 41.48 -6.93
CA GLN DE 377 -17.65 41.70 -7.42
C GLN DE 377 -17.19 43.12 -7.10
N PHE DE 378 -15.90 43.27 -6.82
CA PHE DE 378 -15.35 44.62 -6.63
C PHE DE 378 -15.13 45.33 -7.95
N GLY DE 379 -14.76 44.59 -8.99
CA GLY DE 379 -14.48 45.14 -10.30
C GLY DE 379 -13.05 44.92 -10.73
N VAL DE 380 -12.80 45.24 -12.00
CA VAL DE 380 -11.48 45.06 -12.61
C VAL DE 380 -11.05 46.34 -13.31
N PRO DE 381 -9.75 46.60 -13.46
CA PRO DE 381 -9.32 47.81 -14.16
C PRO DE 381 -9.76 47.81 -15.61
N TYR DE 382 -10.09 48.99 -16.11
CA TYR DE 382 -10.52 49.20 -17.48
C TYR DE 382 -9.70 50.33 -18.09
N LYS DE 383 -9.49 50.25 -19.40
CA LYS DE 383 -8.85 51.35 -20.10
C LYS DE 383 -9.81 52.53 -20.18
N SER DE 384 -9.33 53.64 -20.75
CA SER DE 384 -10.23 54.79 -20.94
C SER DE 384 -11.01 54.64 -22.24
N SER DE 385 -11.57 53.46 -22.47
CA SER DE 385 -12.51 53.25 -23.57
C SER DE 385 -13.67 52.33 -23.23
N GLY DE 386 -13.72 51.76 -22.02
CA GLY DE 386 -14.83 50.93 -21.62
C GLY DE 386 -14.63 49.44 -21.77
N GLU DE 387 -13.42 48.97 -22.04
CA GLU DE 387 -13.15 47.55 -22.17
C GLU DE 387 -12.22 47.06 -21.07
N VAL DE 388 -12.11 45.74 -20.95
CA VAL DE 388 -11.29 45.13 -19.92
C VAL DE 388 -9.83 45.41 -20.19
N CYS DE 389 -9.13 45.90 -19.16
CA CYS DE 389 -7.71 46.20 -19.24
C CYS DE 389 -6.93 45.04 -18.62
N THR DE 390 -6.26 44.25 -19.47
CA THR DE 390 -5.55 43.07 -19.02
C THR DE 390 -4.08 43.37 -18.74
N GLU DE 391 -3.40 44.03 -19.66
CA GLU DE 391 -2.00 44.35 -19.51
C GLU DE 391 -1.84 45.84 -19.19
N TYR DE 392 -0.85 46.15 -18.34
CA TYR DE 392 -0.64 47.54 -17.96
C TYR DE 392 -0.17 48.38 -19.14
N GLN DE 393 0.60 47.80 -20.06
CA GLN DE 393 1.14 48.55 -21.19
C GLN DE 393 0.02 49.27 -21.96
N GLN DE 394 -1.08 48.57 -22.19
CA GLN DE 394 -2.32 49.24 -22.57
C GLN DE 394 -2.89 49.92 -21.33
N VAL DE 395 -2.92 51.25 -21.34
CA VAL DE 395 -3.14 52.00 -20.11
C VAL DE 395 -4.53 51.75 -19.56
N CYS DE 396 -4.59 51.56 -18.24
CA CYS DE 396 -5.83 51.32 -17.51
C CYS DE 396 -6.09 52.51 -16.60
N GLN DE 397 -7.28 53.08 -16.70
CA GLN DE 397 -7.61 54.30 -15.97
C GLN DE 397 -8.88 54.18 -15.14
N THR DE 398 -9.88 53.48 -15.62
CA THR DE 398 -11.17 53.39 -14.95
C THR DE 398 -11.35 52.02 -14.29
N TRP DE 399 -12.54 51.80 -13.74
CA TRP DE 399 -12.85 50.56 -13.02
C TRP DE 399 -14.16 50.01 -13.55
N GLY DE 400 -14.09 48.94 -14.33
CA GLY DE 400 -15.26 48.34 -14.93
C GLY DE 400 -15.48 46.92 -14.43
N SER DE 401 -16.75 46.52 -14.36
CA SER DE 401 -17.09 45.17 -13.93
C SER DE 401 -16.65 44.14 -14.94
N VAL DE 402 -16.36 42.93 -14.46
CA VAL DE 402 -15.96 41.83 -15.33
C VAL DE 402 -17.20 41.46 -16.14
N PRO DE 403 -17.06 41.01 -17.40
CA PRO DE 403 -18.22 40.51 -18.13
C PRO DE 403 -18.87 39.30 -17.46
N SER DE 404 -20.01 38.86 -18.00
CA SER DE 404 -20.80 37.81 -17.37
C SER DE 404 -20.22 36.44 -17.72
N SER DE 405 -19.07 36.15 -17.12
CA SER DE 405 -18.51 34.81 -17.17
C SER DE 405 -19.17 33.86 -16.17
N THR DE 406 -19.89 34.41 -15.19
CA THR DE 406 -20.63 33.62 -14.21
C THR DE 406 -22.12 33.62 -14.49
N GLY DE 407 -22.55 34.16 -15.63
CA GLY DE 407 -23.95 34.24 -15.98
C GLY DE 407 -24.69 35.44 -15.43
N SER DE 408 -24.01 36.32 -14.70
CA SER DE 408 -24.65 37.49 -14.13
C SER DE 408 -23.60 38.56 -13.89
N THR DE 409 -24.06 39.80 -13.71
CA THR DE 409 -23.20 40.94 -13.45
C THR DE 409 -23.65 41.60 -12.15
N THR DE 410 -22.94 41.32 -11.07
CA THR DE 410 -23.20 41.97 -9.79
C THR DE 410 -22.54 43.34 -9.76
N GLY DE 411 -23.16 44.27 -9.05
CA GLY DE 411 -22.64 45.62 -8.99
C GLY DE 411 -21.30 45.69 -8.29
N VAL DE 412 -20.42 46.54 -8.82
CA VAL DE 412 -19.12 46.75 -8.19
C VAL DE 412 -19.27 47.64 -6.97
N LEU DE 413 -18.25 47.61 -6.11
CA LEU DE 413 -18.26 48.38 -4.87
C LEU DE 413 -17.09 49.35 -4.77
N PHE DE 414 -16.25 49.45 -5.79
CA PHE DE 414 -15.02 50.21 -5.71
C PHE DE 414 -14.70 50.84 -7.06
N ASN DE 415 -13.90 51.90 -7.01
CA ASN DE 415 -13.34 52.52 -8.21
C ASN DE 415 -11.86 52.18 -8.41
N GLY DE 416 -11.27 51.40 -7.51
CA GLY DE 416 -9.87 51.04 -7.60
C GLY DE 416 -8.91 52.09 -7.11
N THR DE 417 -9.40 53.21 -6.61
CA THR DE 417 -8.56 54.31 -6.15
C THR DE 417 -8.48 54.39 -4.63
N GLU DE 418 -9.02 53.40 -3.92
CA GLU DE 418 -8.93 53.40 -2.47
C GLU DE 418 -7.49 53.16 -2.01
N PHE DE 419 -6.80 52.20 -2.64
CA PHE DE 419 -5.43 51.90 -2.24
C PHE DE 419 -4.52 53.08 -2.55
N LEU DE 420 -4.56 53.58 -3.78
CA LEU DE 420 -3.69 54.70 -4.13
C LEU DE 420 -4.14 55.97 -3.42
N GLY DE 421 -5.43 56.09 -3.12
CA GLY DE 421 -5.88 57.17 -2.27
C GLY DE 421 -5.24 57.12 -0.89
N ALA DE 422 -5.16 55.92 -0.31
CA ALA DE 422 -4.45 55.77 0.95
C ALA DE 422 -2.98 56.16 0.80
N ILE DE 423 -2.35 55.74 -0.31
CA ILE DE 423 -0.92 56.01 -0.48
C ILE DE 423 -0.65 57.50 -0.62
N ASN DE 424 -1.42 58.20 -1.45
CA ASN DE 424 -1.14 59.62 -1.61
C ASN DE 424 -1.64 60.43 -0.42
N ASP DE 425 -2.62 59.93 0.34
CA ASP DE 425 -2.92 60.52 1.64
C ASP DE 425 -1.72 60.38 2.58
N TYR DE 426 -1.06 59.22 2.54
CA TYR DE 426 0.15 59.01 3.32
C TYR DE 426 1.24 59.98 2.91
N ASN DE 427 1.41 60.16 1.60
CA ASN DE 427 2.35 61.16 1.10
C ASN DE 427 2.03 62.54 1.63
N GLY DE 428 0.75 62.95 1.52
CA GLY DE 428 0.37 64.26 1.99
C GLY DE 428 0.57 64.44 3.48
N ILE DE 429 0.38 63.37 4.26
CA ILE DE 429 0.48 63.54 5.70
C ILE DE 429 1.94 63.63 6.12
N MET DE 430 2.85 62.82 5.54
CA MET DE 430 4.21 63.00 6.04
C MET DE 430 4.87 64.23 5.41
N MET DE 431 4.39 64.69 4.25
CA MET DE 431 5.16 65.67 3.49
C MET DE 431 5.54 66.92 4.29
N PRO DE 432 4.70 67.48 5.18
CA PRO DE 432 5.18 68.62 5.99
C PRO DE 432 6.41 68.27 6.83
N THR DE 433 6.48 67.04 7.36
CA THR DE 433 7.64 66.63 8.14
C THR DE 433 8.91 66.62 7.29
N LEU DE 434 8.83 66.10 6.07
CA LEU DE 434 10.00 66.13 5.20
C LEU DE 434 10.37 67.55 4.81
N ASN DE 435 9.38 68.43 4.63
CA ASN DE 435 9.71 69.83 4.38
C ASN DE 435 10.49 70.41 5.56
N LEU DE 436 9.96 70.28 6.77
CA LEU DE 436 10.63 70.87 7.93
C LEU DE 436 11.99 70.24 8.19
N ILE DE 437 12.19 68.97 7.82
CA ILE DE 437 13.52 68.41 8.00
C ILE DE 437 14.47 68.84 6.89
N ARG DE 438 13.96 69.16 5.70
CA ARG DE 438 14.85 69.52 4.60
C ARG DE 438 15.27 70.99 4.66
N GLN DE 439 14.55 71.82 5.39
CA GLN DE 439 14.96 73.21 5.60
C GLN DE 439 16.16 73.27 6.54
N SER DE 442 22.63 78.83 0.32
CA SER DE 442 21.50 77.93 0.12
C SER DE 442 21.87 76.49 0.46
N LYS DE 443 21.28 75.53 -0.25
CA LYS DE 443 21.55 74.12 -0.02
C LYS DE 443 22.59 73.55 -0.97
N GLU DE 444 22.70 74.08 -2.18
CA GLU DE 444 23.72 73.62 -3.12
C GLU DE 444 25.00 74.44 -3.05
N PHE DE 445 24.95 75.66 -2.52
CA PHE DE 445 26.12 76.51 -2.34
C PHE DE 445 26.30 76.77 -0.86
N ASP DE 446 27.50 76.54 -0.35
CA ASP DE 446 27.80 76.66 1.07
C ASP DE 446 28.99 77.58 1.29
N LYS DE 447 28.98 78.26 2.43
CA LYS DE 447 30.08 79.17 2.77
C LYS DE 447 31.33 78.39 3.17
N LYS DE 448 31.15 77.21 3.77
CA LYS DE 448 32.26 76.35 4.16
C LYS DE 448 33.19 76.06 2.99
N SER DE 449 32.73 76.29 1.75
CA SER DE 449 33.58 76.13 0.59
C SER DE 449 34.72 77.15 0.55
N ARG DE 450 34.91 77.92 1.62
CA ARG DE 450 36.11 78.73 1.76
C ARG DE 450 36.97 78.34 2.97
N ASP DE 451 36.41 77.60 3.93
CA ASP DE 451 37.10 77.45 5.21
C ASP DE 451 38.45 76.75 5.09
N PHE DE 452 38.65 75.93 4.07
CA PHE DE 452 39.92 75.23 3.92
C PHE DE 452 41.04 76.20 3.57
N ILE DE 453 40.73 77.29 2.87
CA ILE DE 453 41.76 78.11 2.24
C ILE DE 453 42.75 78.61 3.29
N ALA DE 454 42.23 79.22 4.36
CA ALA DE 454 43.12 79.66 5.44
C ALA DE 454 43.89 78.49 6.02
N GLU DE 455 43.19 77.38 6.28
CA GLU DE 455 43.85 76.20 6.81
C GLU DE 455 44.97 75.73 5.89
N ALA DE 456 44.85 76.03 4.59
CA ALA DE 456 45.89 75.64 3.64
C ALA DE 456 47.21 76.30 3.98
N ASN DE 457 47.19 77.60 4.32
CA ASN DE 457 48.44 78.25 4.70
C ASN DE 457 49.03 77.64 5.96
N ALA DE 458 48.25 76.88 6.72
CA ALA DE 458 48.77 76.19 7.89
C ALA DE 458 49.62 74.98 7.53
N LYS DE 459 49.46 74.41 6.33
CA LYS DE 459 50.16 73.18 5.97
C LYS DE 459 51.43 73.43 5.15
N GLY DE 460 51.30 74.00 3.96
CA GLY DE 460 52.46 74.17 3.12
C GLY DE 460 52.19 73.68 1.71
N TRP DE 461 53.09 74.06 0.79
CA TRP DE 461 52.88 73.80 -0.62
C TRP DE 461 52.95 72.32 -0.96
N ILE DE 462 53.57 71.51 -0.11
CA ILE DE 462 53.61 70.08 -0.35
C ILE DE 462 52.28 69.43 0.03
N MET DE 463 51.25 70.24 0.27
CA MET DE 463 49.88 69.76 0.38
C MET DE 463 49.00 70.21 -0.80
N ALA DE 464 49.57 70.93 -1.77
CA ALA DE 464 48.76 71.58 -2.79
C ALA DE 464 47.82 70.61 -3.50
N GLY DE 465 48.33 69.50 -4.03
CA GLY DE 465 47.47 68.60 -4.77
C GLY DE 465 46.27 68.13 -3.97
N SER DE 466 46.46 67.96 -2.66
CA SER DE 466 45.38 67.36 -1.90
C SER DE 466 44.20 68.30 -1.67
N TYR DE 467 44.31 69.59 -2.01
CA TYR DE 467 43.12 70.41 -1.97
C TYR DE 467 42.29 70.33 -3.25
N PHE DE 468 42.63 69.41 -4.16
CA PHE DE 468 42.11 69.45 -5.53
C PHE DE 468 40.60 69.67 -5.59
N PHE DE 469 39.82 68.75 -5.01
CA PHE DE 469 38.38 68.79 -5.24
C PHE DE 469 37.82 70.11 -4.70
N ASP DE 470 38.42 70.63 -3.62
CA ASP DE 470 37.96 71.93 -3.11
C ASP DE 470 38.05 73.01 -4.18
N LEU DE 471 39.19 73.12 -4.87
CA LEU DE 471 39.26 74.04 -6.00
C LEU DE 471 38.19 73.72 -7.03
N VAL DE 472 37.89 72.44 -7.22
CA VAL DE 472 36.80 72.03 -8.11
C VAL DE 472 35.50 72.70 -7.72
N LYS DE 473 35.15 72.69 -6.43
CA LYS DE 473 33.93 73.38 -6.05
C LYS DE 473 34.15 74.89 -5.95
N LEU DE 474 35.40 75.33 -5.88
CA LEU DE 474 35.70 76.74 -5.68
C LEU DE 474 35.59 77.54 -6.97
N ASN DE 475 36.02 76.97 -8.09
CA ASN DE 475 35.75 77.52 -9.41
C ASN DE 475 34.52 76.92 -10.05
N GLY DE 476 33.84 75.99 -9.37
CA GLY DE 476 32.63 75.41 -9.89
C GLY DE 476 31.38 76.08 -9.36
N SER DE 477 31.30 76.24 -8.04
CA SER DE 477 30.14 76.90 -7.45
C SER DE 477 30.08 78.37 -7.83
N ALA DE 478 31.23 79.04 -7.86
CA ALA DE 478 31.24 80.46 -8.23
C ALA DE 478 30.77 80.66 -9.66
N THR DE 479 31.22 79.80 -10.58
CA THR DE 479 30.73 79.88 -11.95
C THR DE 479 29.29 79.36 -12.06
N GLU DE 480 28.84 78.59 -11.08
CA GLU DE 480 27.46 78.11 -11.06
C GLU DE 480 26.52 79.24 -10.64
N ASP DE 483 6.78 65.59 -6.54
CA ASP DE 483 7.94 66.24 -5.96
C ASP DE 483 8.88 65.24 -5.31
N GLN DE 484 8.74 65.07 -3.99
CA GLN DE 484 9.56 64.15 -3.23
C GLN DE 484 8.68 63.28 -2.34
N PHE DE 485 9.07 62.01 -2.21
CA PHE DE 485 8.36 61.06 -1.38
C PHE DE 485 9.34 60.41 -0.42
N ASP DE 486 8.80 59.90 0.69
CA ASP DE 486 9.64 59.31 1.73
C ASP DE 486 10.39 58.09 1.21
N THR DE 487 11.67 58.03 1.53
CA THR DE 487 12.53 56.91 1.18
C THR DE 487 13.20 56.41 2.45
N GLY DE 488 13.16 55.10 2.66
CA GLY DE 488 13.64 54.52 3.89
C GLY DE 488 12.60 54.35 4.96
N THR DE 489 11.32 54.19 4.59
CA THR DE 489 10.26 54.13 5.58
C THR DE 489 10.24 52.81 6.34
N GLY DE 490 10.84 51.77 5.77
CA GLY DE 490 10.95 50.51 6.46
C GLY DE 490 9.72 49.64 6.46
N LEU DE 491 8.63 50.07 5.82
CA LEU DE 491 7.45 49.22 5.71
C LEU DE 491 7.68 48.03 4.78
N ASP DE 492 8.78 48.01 4.03
CA ASP DE 492 9.12 46.82 3.27
C ASP DE 492 9.43 45.64 4.17
N LYS DE 493 10.07 45.89 5.32
CA LYS DE 493 10.50 44.81 6.19
C LYS DE 493 9.35 44.08 6.85
N SER DE 494 8.14 44.63 6.76
CA SER DE 494 6.97 44.00 7.37
C SER DE 494 6.71 42.63 6.74
N SER DE 495 5.71 41.93 7.29
CA SER DE 495 5.32 40.63 6.77
C SER DE 495 3.85 40.36 7.07
N PHE DE 496 3.25 39.52 6.23
CA PHE DE 496 1.90 39.01 6.49
C PHE DE 496 1.85 37.60 5.92
N ASP DE 497 1.70 36.61 6.78
CA ASP DE 497 1.68 35.23 6.35
C ASP DE 497 0.26 34.70 6.41
N PRO DE 498 -0.45 34.60 5.28
CA PRO DE 498 -1.83 34.11 5.31
C PRO DE 498 -1.96 32.67 5.76
N THR DE 499 -0.89 31.89 5.71
CA THR DE 499 -0.95 30.51 6.15
C THR DE 499 -1.05 30.37 7.66
N GLN DE 500 -0.76 31.43 8.42
CA GLN DE 500 -0.54 31.29 9.85
C GLN DE 500 -1.74 30.68 10.57
N LEU DE 501 -2.96 31.07 10.18
CA LEU DE 501 -4.15 30.60 10.88
C LEU DE 501 -4.25 29.08 10.86
N THR DE 502 -3.60 28.43 9.89
CA THR DE 502 -3.70 26.99 9.75
C THR DE 502 -2.44 26.25 10.22
N LYS DE 503 -1.42 26.96 10.73
CA LYS DE 503 -0.18 26.25 11.07
C LYS DE 503 -0.37 25.20 12.16
N PRO DE 504 -0.99 25.49 13.29
CA PRO DE 504 -1.03 24.49 14.37
C PRO DE 504 -1.73 23.20 13.97
N PHE DE 505 -2.74 23.27 13.10
CA PHE DE 505 -3.58 22.10 12.84
C PHE DE 505 -2.75 20.94 12.28
N GLY DE 506 -3.13 19.74 12.67
CA GLY DE 506 -2.41 18.55 12.25
C GLY DE 506 -3.12 17.32 12.76
N LYS DE 507 -2.42 16.19 12.76
CA LYS DE 507 -3.00 14.98 13.34
C LYS DE 507 -3.25 15.14 14.83
N THR DE 508 -2.22 15.55 15.57
CA THR DE 508 -2.38 16.07 16.92
C THR DE 508 -1.84 17.49 16.88
N CYS DE 509 -2.39 18.37 17.72
CA CYS DE 509 -2.14 19.78 17.49
C CYS DE 509 -1.09 20.31 18.44
N GLN DE 510 -0.30 21.26 17.95
CA GLN DE 510 0.90 21.71 18.64
C GLN DE 510 1.06 23.22 18.49
N ASP DE 511 2.19 23.71 18.99
CA ASP DE 511 2.50 25.13 19.03
C ASP DE 511 2.73 25.68 17.61
N PRO DE 512 2.73 27.02 17.45
CA PRO DE 512 2.64 28.07 18.47
C PRO DE 512 1.24 28.36 18.97
N TYR DE 513 0.25 28.39 18.10
CA TYR DE 513 -1.11 28.75 18.47
C TYR DE 513 -1.99 27.51 18.59
N SER DE 514 -1.63 26.67 19.57
CA SER DE 514 -2.33 25.41 19.75
C SER DE 514 -3.69 25.60 20.43
N LEU DE 515 -3.83 26.63 21.25
CA LEU DE 515 -5.08 26.83 21.98
C LEU DE 515 -6.23 27.17 21.04
N LEU DE 516 -5.97 27.99 20.02
CA LEU DE 516 -6.92 28.12 18.92
C LEU DE 516 -7.39 26.75 18.47
N CYS DE 517 -6.44 25.94 18.02
CA CYS DE 517 -6.73 24.61 17.48
C CYS DE 517 -7.61 23.80 18.41
N THR DE 518 -7.32 23.83 19.72
CA THR DE 518 -8.15 23.09 20.66
C THR DE 518 -9.54 23.69 20.74
N TRP DE 519 -9.67 25.00 20.50
CA TRP DE 519 -11.02 25.59 20.50
C TRP DE 519 -11.83 25.18 19.28
N PHE DE 520 -11.20 24.85 18.15
CA PHE DE 520 -11.95 24.26 17.05
C PHE DE 520 -11.96 22.74 17.10
N GLN DE 521 -11.37 22.13 18.13
CA GLN DE 521 -11.22 20.67 18.21
C GLN DE 521 -10.52 20.13 16.97
N ASN DE 522 -9.45 20.81 16.56
CA ASN DE 522 -8.62 20.36 15.44
C ASN DE 522 -9.40 20.33 14.13
N LYS DE 523 -10.33 21.29 13.98
CA LYS DE 523 -11.14 21.42 12.77
C LYS DE 523 -10.94 22.82 12.20
N SER DE 524 -10.07 22.94 11.20
CA SER DE 524 -9.75 24.22 10.58
C SER DE 524 -10.64 24.55 9.39
N ASP DE 525 -11.84 23.96 9.33
CA ASP DE 525 -12.73 24.19 8.19
C ASP DE 525 -13.25 25.62 8.12
N LYS DE 526 -13.08 26.41 9.19
CA LYS DE 526 -13.56 27.79 9.21
C LYS DE 526 -12.49 28.79 8.81
N LEU DE 527 -11.26 28.61 9.29
CA LEU DE 527 -10.18 29.53 8.94
C LEU DE 527 -9.74 29.40 7.49
N ILE DE 528 -9.96 28.23 6.87
CA ILE DE 528 -9.58 28.08 5.48
C ILE DE 528 -10.47 28.97 4.62
N GLN DE 529 -11.68 29.26 5.09
CA GLN DE 529 -12.51 30.26 4.42
C GLN DE 529 -11.85 31.63 4.45
N ILE DE 530 -11.23 31.99 5.58
CA ILE DE 530 -10.45 33.24 5.62
C ILE DE 530 -9.29 33.17 4.63
N GLN DE 531 -8.61 32.03 4.56
CA GLN DE 531 -7.53 31.90 3.60
C GLN DE 531 -8.01 32.10 2.17
N SER DE 532 -9.13 31.49 1.81
CA SER DE 532 -9.68 31.67 0.47
C SER DE 532 -10.16 33.10 0.25
N LEU DE 533 -10.53 33.80 1.32
CA LEU DE 533 -10.78 35.23 1.20
C LEU DE 533 -9.49 35.97 0.84
N ILE DE 534 -8.38 35.58 1.46
CA ILE DE 534 -7.10 36.27 1.19
C ILE DE 534 -6.65 36.01 -0.24
N ASP DE 535 -6.44 34.75 -0.61
CA ASP DE 535 -5.80 34.44 -1.88
C ASP DE 535 -6.57 33.42 -2.72
N GLY DE 536 -7.79 33.08 -2.34
CA GLY DE 536 -8.67 32.37 -3.25
C GLY DE 536 -8.52 30.87 -3.34
N VAL DE 537 -7.92 30.22 -2.34
CA VAL DE 537 -7.76 28.78 -2.32
C VAL DE 537 -8.47 28.23 -1.08
N PRO DE 538 -9.26 27.16 -1.21
CA PRO DE 538 -9.59 26.42 -2.42
C PRO DE 538 -10.93 26.87 -3.01
N ALA DE 539 -11.50 27.95 -2.49
CA ALA DE 539 -12.82 28.38 -2.95
C ALA DE 539 -12.83 28.71 -4.43
N LEU DE 540 -11.69 29.14 -4.97
CA LEU DE 540 -11.53 29.36 -6.41
C LEU DE 540 -10.25 28.64 -6.84
N GLY DE 541 -10.39 27.35 -7.13
CA GLY DE 541 -9.27 26.54 -7.55
C GLY DE 541 -8.22 26.37 -6.46
N GLN DE 542 -7.20 25.59 -6.81
CA GLN DE 542 -6.07 25.34 -5.93
C GLN DE 542 -4.87 26.22 -6.28
N ASP DE 543 -5.01 27.11 -7.26
CA ASP DE 543 -3.90 27.97 -7.67
C ASP DE 543 -3.94 29.33 -6.95
N GLY DE 544 -5.04 30.06 -7.09
CA GLY DE 544 -5.15 31.37 -6.47
C GLY DE 544 -4.10 32.35 -7.00
N VAL DE 545 -4.01 33.47 -6.29
CA VAL DE 545 -3.01 34.50 -6.55
C VAL DE 545 -2.17 34.69 -5.30
N LYS DE 546 -0.86 34.70 -5.47
CA LYS DE 546 0.06 34.82 -4.35
C LYS DE 546 0.08 36.26 -3.85
N GLN DE 547 1.00 36.54 -2.93
CA GLN DE 547 1.29 37.93 -2.59
C GLN DE 547 1.92 38.61 -3.80
N PRO DE 548 1.34 39.69 -4.32
CA PRO DE 548 1.90 40.31 -5.52
C PRO DE 548 3.01 41.29 -5.17
N ASP DE 549 4.02 41.34 -6.03
CA ASP DE 549 5.15 42.23 -5.85
C ASP DE 549 4.71 43.67 -6.11
N LEU DE 550 4.94 44.55 -5.14
CA LEU DE 550 4.57 45.95 -5.23
C LEU DE 550 5.83 46.76 -5.55
N SER DE 551 6.16 46.84 -6.83
CA SER DE 551 7.30 47.60 -7.31
C SER DE 551 6.98 48.13 -8.71
N ASP DE 552 7.99 48.67 -9.37
CA ASP DE 552 7.82 49.19 -10.73
C ASP DE 552 7.80 48.00 -11.69
N ASN DE 553 6.59 47.55 -12.02
CA ASN DE 553 6.39 46.36 -12.84
C ASN DE 553 5.53 46.73 -14.05
N PRO DE 554 6.15 47.23 -15.11
CA PRO DE 554 5.40 47.51 -16.33
C PRO DE 554 4.79 46.28 -16.97
N GLN DE 555 5.35 45.10 -16.75
CA GLN DE 555 4.80 43.87 -17.28
C GLN DE 555 3.77 43.24 -16.35
N ARG DE 556 3.19 44.03 -15.45
CA ARG DE 556 2.19 43.50 -14.52
C ARG DE 556 0.95 43.07 -15.28
N GLN DE 557 0.39 41.93 -14.88
CA GLN DE 557 -0.72 41.30 -15.57
C GLN DE 557 -1.89 41.25 -14.60
N SER DE 558 -3.01 41.88 -14.95
CA SER DE 558 -4.16 41.90 -14.07
C SER DE 558 -4.76 40.52 -13.92
N VAL DE 559 -5.42 40.29 -12.78
CA VAL DE 559 -6.10 39.03 -12.53
C VAL DE 559 -7.51 39.11 -13.10
N SER DE 560 -7.84 38.17 -13.97
CA SER DE 560 -9.14 38.14 -14.64
C SER DE 560 -9.97 36.98 -14.11
N GLY DE 561 -11.29 37.10 -14.26
CA GLY DE 561 -12.20 36.07 -13.82
C GLY DE 561 -12.49 36.15 -12.34
N PRO DE 562 -13.22 35.14 -11.83
CA PRO DE 562 -13.65 35.22 -10.42
C PRO DE 562 -12.51 35.29 -9.43
N LEU DE 563 -11.30 34.89 -9.85
CA LEU DE 563 -10.15 34.95 -8.95
C LEU DE 563 -9.84 36.38 -8.55
N SER DE 564 -10.22 37.38 -9.36
CA SER DE 564 -10.00 38.76 -8.94
C SER DE 564 -10.88 39.14 -7.75
N SER DE 565 -11.86 38.31 -7.41
CA SER DE 565 -12.74 38.55 -6.28
C SER DE 565 -12.11 38.16 -4.94
N THR DE 566 -10.83 37.84 -4.93
CA THR DE 566 -10.08 37.60 -3.71
C THR DE 566 -9.31 38.86 -3.35
N VAL DE 567 -8.71 38.83 -2.16
CA VAL DE 567 -8.03 40.04 -1.68
C VAL DE 567 -6.77 40.31 -2.50
N TYR DE 568 -5.85 39.34 -2.55
CA TYR DE 568 -4.61 39.53 -3.29
C TYR DE 568 -4.87 39.93 -4.73
N GLY DE 569 -5.90 39.33 -5.34
CA GLY DE 569 -6.29 39.75 -6.68
C GLY DE 569 -6.74 41.19 -6.73
N PHE DE 570 -7.55 41.61 -5.75
CA PHE DE 570 -8.02 43.00 -5.72
C PHE DE 570 -6.85 43.96 -5.59
N VAL DE 571 -5.89 43.65 -4.70
CA VAL DE 571 -4.69 44.47 -4.61
C VAL DE 571 -4.00 44.52 -5.96
N ASN DE 572 -3.78 43.38 -6.59
CA ASN DE 572 -3.08 43.37 -7.87
C ASN DE 572 -3.78 44.25 -8.90
N ASN DE 573 -5.10 44.18 -8.96
CA ASN DE 573 -5.84 45.08 -9.84
C ASN DE 573 -5.64 46.55 -9.45
N SER DE 574 -5.46 46.81 -8.17
CA SER DE 574 -5.33 48.19 -7.71
C SER DE 574 -4.03 48.85 -8.18
N MET DE 575 -2.98 48.08 -8.46
CA MET DE 575 -1.75 48.71 -8.94
C MET DE 575 -1.88 49.41 -10.30
N MET DE 576 -2.40 48.74 -11.34
CA MET DE 576 -2.17 49.32 -12.67
C MET DE 576 -3.03 50.53 -12.96
N VAL DE 577 -4.06 50.78 -12.16
CA VAL DE 577 -4.97 51.89 -12.46
C VAL DE 577 -4.22 53.22 -12.36
N GLN DE 578 -4.39 54.05 -13.38
CA GLN DE 578 -3.72 55.34 -13.46
C GLN DE 578 -4.69 56.43 -13.03
N LEU DE 579 -4.38 57.08 -11.92
CA LEU DE 579 -5.18 58.19 -11.43
C LEU DE 579 -5.04 59.39 -12.35
N PRO DE 580 -5.99 60.36 -12.27
CA PRO DE 580 -5.89 61.55 -13.14
C PRO DE 580 -4.62 62.36 -12.89
N GLY DE 581 -3.90 62.05 -11.83
CA GLY DE 581 -2.58 62.62 -11.63
C GLY DE 581 -1.60 62.12 -12.68
N GLN DE 582 -0.41 62.71 -12.71
CA GLN DE 582 0.55 62.41 -13.75
C GLN DE 582 1.02 60.95 -13.67
N PRO DE 583 1.24 60.30 -14.80
CA PRO DE 583 1.84 58.97 -14.77
C PRO DE 583 3.30 59.03 -14.34
N GLY DE 584 3.76 57.96 -13.72
CA GLY DE 584 5.11 57.89 -13.21
C GLY DE 584 5.83 56.61 -13.59
N ILE DE 585 5.11 55.67 -14.21
CA ILE DE 585 5.66 54.41 -14.67
C ILE DE 585 5.60 54.41 -16.18
N LYS DE 586 6.68 53.94 -16.82
CA LYS DE 586 6.75 53.90 -18.26
C LYS DE 586 7.11 52.49 -18.72
N PRO DE 587 6.32 51.91 -19.64
CA PRO DE 587 6.66 50.57 -20.14
C PRO DE 587 8.01 50.56 -20.82
N LEU DE 588 8.73 49.46 -20.65
CA LEU DE 588 10.13 49.41 -21.08
C LEU DE 588 10.24 49.55 -22.59
N THR DE 589 11.15 50.42 -23.03
CA THR DE 589 11.20 50.79 -24.44
C THR DE 589 11.65 49.65 -25.34
N PHE DE 590 12.38 48.66 -24.81
CA PHE DE 590 12.75 47.49 -25.59
C PHE DE 590 12.56 46.26 -24.71
N ALA DE 591 11.33 45.72 -24.74
CA ALA DE 591 11.02 44.49 -24.03
C ALA DE 591 10.97 43.27 -24.94
N ASN DE 592 10.44 43.41 -26.15
CA ASN DE 592 10.61 42.39 -27.18
C ASN DE 592 12.07 42.23 -27.59
N LEU DE 593 12.95 43.09 -27.09
CA LEU DE 593 14.38 42.93 -27.34
C LEU DE 593 14.90 41.63 -26.72
N ILE DE 594 14.38 41.26 -25.56
CA ILE DE 594 14.62 39.96 -24.94
C ILE DE 594 13.32 39.17 -25.00
N ASN DE 595 13.35 38.03 -25.69
CA ASN DE 595 12.20 37.12 -25.73
C ASN DE 595 12.50 35.85 -24.96
N PHE DE 596 11.55 35.44 -24.12
CA PHE DE 596 11.59 34.19 -23.38
C PHE DE 596 10.28 33.45 -23.65
N LYS DE 597 10.39 32.35 -24.40
CA LYS DE 597 9.25 31.51 -24.77
C LYS DE 597 9.15 30.23 -23.95
N VAL DE 598 9.61 30.23 -22.70
CA VAL DE 598 9.43 29.06 -21.86
C VAL DE 598 7.93 28.87 -21.61
N ASP DE 599 7.51 27.62 -21.48
CA ASP DE 599 6.12 27.30 -21.22
C ASP DE 599 6.04 26.14 -20.24
N THR DE 600 5.28 26.35 -19.16
CA THR DE 600 5.08 25.31 -18.16
C THR DE 600 4.18 24.19 -18.67
N SER DE 601 3.40 24.44 -19.72
CA SER DE 601 2.47 23.45 -20.23
C SER DE 601 3.19 22.21 -20.77
N LEU DE 602 4.42 22.37 -21.25
CA LEU DE 602 5.17 21.22 -21.76
C LEU DE 602 5.39 20.19 -20.67
N TYR DE 603 5.74 20.63 -19.46
CA TYR DE 603 6.05 19.74 -18.36
C TYR DE 603 4.83 19.40 -17.51
N TYR DE 604 3.69 20.05 -17.73
CA TYR DE 604 2.49 19.69 -16.99
C TYR DE 604 2.12 18.25 -17.31
N MET DE 605 1.88 17.46 -16.27
CA MET DE 605 1.49 16.06 -16.41
C MET DE 605 -0.01 15.92 -16.20
N LYS DE 606 -0.63 15.01 -16.95
CA LYS DE 606 -2.07 15.00 -17.15
C LYS DE 606 -2.80 14.35 -15.97
N HIS DE 607 -4.08 14.08 -16.17
CA HIS DE 607 -4.85 13.19 -15.32
C HIS DE 607 -5.04 11.88 -16.08
N GLN DE 608 -4.87 10.76 -15.37
CA GLN DE 608 -4.86 9.45 -16.00
C GLN DE 608 -5.93 8.57 -15.38
N ASP DE 609 -6.53 7.72 -16.20
CA ASP DE 609 -7.52 6.76 -15.74
C ASP DE 609 -6.88 5.38 -15.72
N PHE DE 610 -6.97 4.72 -14.58
CA PHE DE 610 -6.28 3.46 -14.34
C PHE DE 610 -7.27 2.31 -14.27
N ASP DE 611 -6.77 1.11 -14.52
CA ASP DE 611 -7.61 -0.08 -14.50
C ASP DE 611 -8.20 -0.27 -13.11
N CYS DE 612 -9.52 -0.37 -13.05
CA CYS DE 612 -10.21 -0.64 -11.79
C CYS DE 612 -9.77 -1.99 -11.27
N GLY DE 613 -9.04 -2.00 -10.15
CA GLY DE 613 -8.66 -3.27 -9.58
C GLY DE 613 -9.81 -3.84 -8.79
N ARG DE 614 -10.56 -4.74 -9.42
CA ARG DE 614 -11.81 -5.22 -8.85
C ARG DE 614 -11.51 -6.24 -7.77
N VAL DE 615 -11.40 -5.79 -6.53
CA VAL DE 615 -11.26 -6.68 -5.39
C VAL DE 615 -12.66 -6.98 -4.85
N LYS DE 616 -12.94 -8.25 -4.64
CA LYS DE 616 -14.26 -8.72 -4.23
C LYS DE 616 -14.16 -9.25 -2.81
N ILE DE 617 -14.75 -8.51 -1.87
CA ILE DE 617 -14.94 -8.95 -0.52
C ILE DE 617 -16.30 -9.62 -0.47
N LEU DE 618 -16.59 -10.33 0.63
CA LEU DE 618 -17.63 -11.34 0.69
C LEU DE 618 -18.85 -10.98 -0.16
N PHE DE 619 -19.49 -9.85 0.12
CA PHE DE 619 -20.49 -9.27 -0.77
C PHE DE 619 -20.13 -7.83 -1.17
N PHE DE 620 -18.92 -7.38 -0.87
CA PHE DE 620 -18.43 -6.06 -1.24
C PHE DE 620 -17.52 -6.19 -2.45
N SER DE 621 -17.31 -5.07 -3.14
CA SER DE 621 -16.43 -5.06 -4.31
C SER DE 621 -16.04 -3.63 -4.61
N PHE DE 622 -14.76 -3.40 -4.88
CA PHE DE 622 -14.32 -2.03 -5.15
C PHE DE 622 -12.99 -2.05 -5.90
N CYS DE 623 -12.69 -0.90 -6.50
CA CYS DE 623 -11.50 -0.73 -7.35
C CYS DE 623 -10.33 -0.32 -6.47
N LEU DE 624 -9.66 -1.32 -5.89
CA LEU DE 624 -8.44 -1.06 -5.13
C LEU DE 624 -7.37 -0.45 -6.01
N GLY DE 625 -7.07 -1.09 -7.14
CA GLY DE 625 -6.03 -0.59 -8.02
C GLY DE 625 -6.33 0.82 -8.49
N ARG DE 626 -7.56 1.08 -8.91
CA ARG DE 626 -7.92 2.41 -9.40
C ARG DE 626 -7.78 3.45 -8.30
N MET DE 627 -8.19 3.12 -7.08
CA MET DE 627 -8.19 4.12 -6.02
C MET DE 627 -6.77 4.46 -5.57
N MET DE 628 -5.91 3.45 -5.41
CA MET DE 628 -4.49 3.76 -5.26
C MET DE 628 -3.95 4.57 -6.42
N GLY DE 629 -4.32 4.21 -7.65
CA GLY DE 629 -3.79 4.93 -8.81
C GLY DE 629 -4.12 6.40 -8.77
N ASP DE 630 -5.38 6.74 -8.49
CA ASP DE 630 -5.79 8.13 -8.48
C ASP DE 630 -5.44 8.83 -7.17
N LEU DE 631 -5.07 8.09 -6.13
CA LEU DE 631 -4.73 8.72 -4.85
C LEU DE 631 -3.24 8.98 -4.73
N PHE DE 632 -2.39 7.95 -4.79
CA PHE DE 632 -0.95 8.19 -4.71
C PHE DE 632 -0.44 9.09 -5.81
N TYR DE 633 -0.98 8.97 -7.01
CA TYR DE 633 -0.41 9.61 -8.19
C TYR DE 633 -1.27 10.75 -8.73
N ASN DE 634 -2.58 10.53 -8.90
CA ASN DE 634 -3.42 11.59 -9.43
C ASN DE 634 -3.85 12.56 -8.35
N TYR DE 635 -3.51 12.32 -7.09
CA TYR DE 635 -3.84 13.24 -6.03
C TYR DE 635 -2.63 13.74 -5.24
N VAL DE 636 -1.65 12.89 -4.93
CA VAL DE 636 -0.41 13.33 -4.28
C VAL DE 636 0.58 13.84 -5.31
N PHE DE 637 1.05 12.97 -6.21
CA PHE DE 637 2.05 13.38 -7.18
C PHE DE 637 1.55 14.53 -8.05
N ARG DE 638 0.31 14.40 -8.55
CA ARG DE 638 -0.31 15.48 -9.30
C ARG DE 638 -0.26 16.79 -8.54
N TYR DE 639 -0.73 16.78 -7.29
CA TYR DE 639 -0.91 18.04 -6.57
C TYR DE 639 0.42 18.71 -6.32
N VAL DE 640 1.39 17.96 -5.79
CA VAL DE 640 2.65 18.57 -5.38
C VAL DE 640 3.44 18.99 -6.62
N TYR DE 641 3.38 18.18 -7.68
CA TYR DE 641 4.15 18.53 -8.87
C TYR DE 641 3.57 19.76 -9.55
N ASN DE 642 2.26 19.78 -9.76
CA ASN DE 642 1.61 20.97 -10.27
C ASN DE 642 1.79 22.15 -9.33
N PHE DE 643 2.01 21.89 -8.05
CA PHE DE 643 2.28 22.97 -7.11
C PHE DE 643 3.63 23.61 -7.41
N PHE DE 644 4.68 22.79 -7.59
CA PHE DE 644 5.94 23.40 -8.03
C PHE DE 644 5.77 24.15 -9.34
N LEU DE 645 5.04 23.58 -10.29
CA LEU DE 645 4.86 24.29 -11.56
C LEU DE 645 4.18 25.64 -11.35
N ALA DE 646 3.17 25.67 -10.48
CA ALA DE 646 2.49 26.93 -10.17
C ALA DE 646 3.46 27.96 -9.63
N ILE DE 647 4.30 27.57 -8.67
CA ILE DE 647 5.37 28.46 -8.22
C ILE DE 647 6.23 28.89 -9.42
N PHE DE 648 6.83 27.91 -10.08
CA PHE DE 648 7.90 28.16 -11.04
C PHE DE 648 7.46 29.13 -12.12
N GLY DE 649 6.21 29.05 -12.56
CA GLY DE 649 5.74 29.96 -13.58
C GLY DE 649 6.00 31.42 -13.28
N GLU DE 650 5.35 31.96 -12.26
CA GLU DE 650 5.48 33.38 -12.00
C GLU DE 650 6.85 33.72 -11.40
N MET DE 651 7.48 32.80 -10.66
CA MET DE 651 8.88 33.07 -10.31
C MET DE 651 9.76 33.27 -11.54
N ILE DE 652 9.69 32.39 -12.55
CA ILE DE 652 10.62 32.57 -13.67
C ILE DE 652 10.23 33.83 -14.45
N ASN DE 653 8.94 34.16 -14.50
CA ASN DE 653 8.57 35.46 -15.06
C ASN DE 653 9.31 36.58 -14.35
N SER DE 654 9.29 36.57 -13.01
CA SER DE 654 9.96 37.62 -12.25
C SER DE 654 11.48 37.60 -12.45
N ILE DE 655 12.08 36.41 -12.52
CA ILE DE 655 13.53 36.32 -12.73
C ILE DE 655 13.91 36.85 -14.10
N VAL DE 656 13.13 36.54 -15.13
CA VAL DE 656 13.42 37.11 -16.45
C VAL DE 656 13.27 38.63 -16.39
N MET DE 657 12.24 39.11 -15.71
CA MET DE 657 12.03 40.56 -15.59
C MET DE 657 13.25 41.20 -14.95
N ALA DE 658 13.72 40.64 -13.83
CA ALA DE 658 14.85 41.21 -13.09
C ALA DE 658 16.17 41.01 -13.84
N PHE DE 659 16.25 39.99 -14.69
CA PHE DE 659 17.44 39.81 -15.51
C PHE DE 659 17.34 40.53 -16.84
N LEU DE 660 16.28 41.30 -17.06
CA LEU DE 660 16.16 42.04 -18.31
C LEU DE 660 16.41 43.53 -18.14
N MET DE 661 16.12 44.11 -16.97
CA MET DE 661 16.12 45.57 -16.88
C MET DE 661 17.49 46.15 -16.58
N ILE DE 662 18.48 45.33 -16.21
CA ILE DE 662 19.77 45.85 -15.76
C ILE DE 662 20.37 46.80 -16.79
N PRO DE 663 20.71 46.35 -18.02
CA PRO DE 663 21.30 47.31 -18.95
C PRO DE 663 20.29 48.39 -19.33
N LEU DE 664 19.17 47.99 -19.92
CA LEU DE 664 18.27 48.95 -20.56
C LEU DE 664 17.77 50.00 -19.58
N GLN DE 665 16.95 49.59 -18.62
CA GLN DE 665 16.22 50.56 -17.81
C GLN DE 665 17.19 51.43 -17.04
N GLY DE 666 17.93 50.83 -16.11
CA GLY DE 666 18.81 51.59 -15.25
C GLY DE 666 19.88 52.33 -16.02
N MET DE 667 20.59 51.62 -16.90
CA MET DE 667 21.79 52.19 -17.51
C MET DE 667 21.40 53.31 -18.47
N LYS DE 668 20.35 53.10 -19.28
CA LYS DE 668 19.88 54.16 -20.14
C LYS DE 668 19.43 55.36 -19.33
N ASP DE 669 18.68 55.13 -18.24
CA ASP DE 669 18.15 56.26 -17.47
C ASP DE 669 19.28 57.09 -16.86
N ILE DE 670 20.30 56.43 -16.31
CA ILE DE 670 21.38 57.19 -15.69
C ILE DE 670 22.18 57.94 -16.75
N PHE DE 671 22.34 57.35 -17.94
CA PHE DE 671 23.01 58.12 -18.99
C PHE DE 671 22.15 59.32 -19.42
N ILE DE 672 20.83 59.16 -19.44
CA ILE DE 672 19.95 60.30 -19.76
C ILE DE 672 20.08 61.40 -18.73
N VAL DE 673 20.10 61.03 -17.45
CA VAL DE 673 20.19 62.07 -16.44
C VAL DE 673 21.56 62.73 -16.48
N GLY DE 674 22.61 61.97 -16.80
CA GLY DE 674 23.90 62.58 -17.04
C GLY DE 674 23.87 63.54 -18.21
N VAL DE 675 23.18 63.16 -19.29
CA VAL DE 675 23.06 64.07 -20.41
C VAL DE 675 22.39 65.37 -19.98
N GLN DE 676 21.33 65.30 -19.17
CA GLN DE 676 20.62 66.55 -18.91
C GLN DE 676 21.40 67.40 -17.93
N THR DE 677 22.17 66.76 -17.03
CA THR DE 677 22.93 67.54 -16.07
C THR DE 677 24.15 68.19 -16.70
N LEU DE 678 24.71 67.59 -17.76
CA LEU DE 678 25.82 68.25 -18.45
C LEU DE 678 25.34 69.28 -19.47
N THR DE 679 24.21 69.04 -20.16
CA THR DE 679 23.82 69.90 -21.27
C THR DE 679 23.58 71.35 -20.86
N GLN DE 680 23.21 71.60 -19.61
CA GLN DE 680 22.99 72.98 -19.17
C GLN DE 680 24.35 73.65 -18.97
N PRO DE 681 24.59 74.82 -19.56
CA PRO DE 681 25.86 75.52 -19.30
C PRO DE 681 25.89 76.09 -17.90
N GLY DE 682 26.91 75.70 -17.14
CA GLY DE 682 27.13 76.21 -15.80
C GLY DE 682 27.38 75.17 -14.73
N ILE DE 683 26.72 74.01 -14.81
CA ILE DE 683 26.97 72.94 -13.85
C ILE DE 683 28.40 72.45 -13.99
N ASN DE 684 29.09 72.32 -12.86
CA ASN DE 684 30.46 71.82 -12.85
C ASN DE 684 30.51 70.41 -13.43
N PRO DE 685 31.12 70.21 -14.60
CA PRO DE 685 31.17 68.86 -15.17
C PRO DE 685 31.91 67.86 -14.29
N ILE DE 686 32.98 68.27 -13.61
CA ILE DE 686 33.73 67.32 -12.78
C ILE DE 686 32.82 66.71 -11.72
N VAL DE 687 32.12 67.58 -10.98
CA VAL DE 687 31.15 67.11 -9.99
C VAL DE 687 30.05 66.33 -10.68
N ALA DE 688 29.73 66.67 -11.93
CA ALA DE 688 28.68 65.95 -12.65
C ALA DE 688 29.05 64.49 -12.88
N LEU DE 689 30.15 64.24 -13.59
CA LEU DE 689 30.58 62.85 -13.80
C LEU DE 689 30.80 62.13 -12.47
N ALA DE 690 31.31 62.84 -11.45
CA ALA DE 690 31.34 62.22 -10.12
C ALA DE 690 29.95 61.77 -9.69
N ASN DE 691 28.95 62.62 -9.91
CA ASN DE 691 27.60 62.36 -9.41
C ASN DE 691 26.98 61.14 -10.09
N MET DE 692 26.99 61.11 -11.43
CA MET DE 692 26.44 59.91 -12.06
C MET DE 692 27.32 58.69 -11.81
N GLY DE 693 28.62 58.88 -11.57
CA GLY DE 693 29.42 57.74 -11.12
C GLY DE 693 28.89 57.14 -9.84
N THR DE 694 28.57 57.98 -8.86
CA THR DE 694 28.08 57.46 -7.58
C THR DE 694 26.69 56.84 -7.72
N MET DE 695 25.73 57.53 -8.35
CA MET DE 695 24.44 56.89 -8.60
C MET DE 695 24.59 55.63 -9.45
N TYR DE 696 25.67 55.55 -10.21
CA TYR DE 696 25.81 54.49 -11.20
C TYR DE 696 26.28 53.21 -10.50
N ILE DE 697 27.31 53.34 -9.65
CA ILE DE 697 27.69 52.26 -8.77
C ILE DE 697 26.54 51.91 -7.83
N ASN DE 698 25.74 52.91 -7.43
CA ASN DE 698 24.61 52.64 -6.55
C ASN DE 698 23.60 51.72 -7.22
N PHE DE 699 23.19 52.07 -8.44
CA PHE DE 699 22.23 51.24 -9.16
C PHE DE 699 22.82 49.84 -9.39
N SER DE 700 24.10 49.78 -9.77
CA SER DE 700 24.71 48.48 -10.03
C SER DE 700 24.66 47.60 -8.79
N GLY DE 701 25.11 48.12 -7.65
CA GLY DE 701 25.14 47.32 -6.44
C GLY DE 701 23.76 46.94 -5.94
N THR DE 702 22.81 47.89 -5.98
CA THR DE 702 21.46 47.58 -5.52
C THR DE 702 20.81 46.50 -6.38
N LEU DE 703 20.89 46.64 -7.71
CA LEU DE 703 20.35 45.60 -8.58
C LEU DE 703 21.05 44.27 -8.32
N TRP DE 704 22.36 44.31 -8.10
CA TRP DE 704 23.12 43.09 -7.85
C TRP DE 704 22.59 42.39 -6.59
N LEU DE 705 22.27 43.17 -5.56
CA LEU DE 705 21.77 42.58 -4.32
C LEU DE 705 20.33 42.09 -4.49
N THR DE 706 19.52 42.75 -5.32
CA THR DE 706 18.20 42.20 -5.58
C THR DE 706 18.30 40.86 -6.30
N LEU DE 707 19.24 40.72 -7.23
CA LEU DE 707 19.46 39.41 -7.83
C LEU DE 707 19.99 38.42 -6.81
N LEU DE 708 20.86 38.87 -5.90
CA LEU DE 708 21.24 38.04 -4.76
C LEU DE 708 20.00 37.44 -4.10
N ASN DE 709 19.12 38.32 -3.63
CA ASN DE 709 17.90 37.90 -2.96
C ASN DE 709 17.12 36.91 -3.82
N MET DE 710 16.90 37.25 -5.08
CA MET DE 710 15.95 36.50 -5.89
C MET DE 710 16.52 35.15 -6.30
N ALA DE 711 17.78 35.11 -6.74
CA ALA DE 711 18.43 33.85 -7.09
C ALA DE 711 18.60 32.97 -5.87
N VAL DE 713 18.60 33.55 -4.67
CA VAL DE 713 18.50 32.71 -3.48
C VAL DE 713 17.09 32.16 -3.35
N SER DE 714 16.08 33.01 -3.55
CA SER DE 714 14.69 32.60 -3.42
C SER DE 714 14.16 31.85 -4.63
N SER DE 715 15.02 31.42 -5.55
CA SER DE 715 14.60 30.59 -6.68
C SER DE 715 14.80 29.11 -6.36
N LEU DE 716 14.52 28.75 -5.11
CA LEU DE 716 14.86 27.45 -4.55
C LEU DE 716 13.77 26.41 -4.75
N ILE DE 717 13.01 26.52 -5.84
CA ILE DE 717 11.94 25.55 -6.08
C ILE DE 717 12.54 24.17 -6.30
N PRO DE 718 12.02 23.10 -5.66
CA PRO DE 718 12.59 21.77 -5.87
C PRO DE 718 12.49 21.32 -7.33
N LEU DE 719 13.55 20.64 -7.79
CA LEU DE 719 13.64 20.01 -9.10
C LEU DE 719 13.72 21.03 -10.22
N PHE DE 720 13.56 22.30 -9.89
CA PHE DE 720 13.57 23.38 -10.89
C PHE DE 720 14.46 24.56 -10.52
N GLY DE 721 14.75 24.80 -9.23
CA GLY DE 721 15.68 25.85 -8.84
C GLY DE 721 17.11 25.56 -9.19
N ILE DE 722 17.47 24.27 -9.28
CA ILE DE 722 18.70 23.86 -9.95
C ILE DE 722 18.81 24.57 -11.30
N PHE DE 723 17.67 24.84 -11.93
CA PHE DE 723 17.76 25.23 -13.31
C PHE DE 723 17.72 26.76 -13.45
N ILE DE 724 17.08 27.46 -12.50
CA ILE DE 724 17.40 28.87 -12.34
C ILE DE 724 18.89 29.03 -12.06
N PHE DE 725 19.48 28.03 -11.42
CA PHE DE 725 20.91 28.11 -11.16
C PHE DE 725 21.72 27.84 -12.43
N ALA DE 726 21.22 26.96 -13.29
CA ALA DE 726 21.80 26.87 -14.63
C ALA DE 726 21.62 28.18 -15.39
N LEU DE 727 20.51 28.88 -15.15
CA LEU DE 727 20.25 30.16 -15.80
C LEU DE 727 21.26 31.22 -15.37
N ILE DE 728 21.47 31.37 -14.07
CA ILE DE 728 22.48 32.32 -13.62
C ILE DE 728 23.87 31.89 -14.08
N MET DE 729 24.09 30.58 -14.23
CA MET DE 729 25.37 30.13 -14.75
C MET DE 729 25.57 30.58 -16.20
N MET DE 730 24.62 30.27 -17.09
CA MET DE 730 24.84 30.69 -18.47
C MET DE 730 24.66 32.19 -18.64
N ALA DE 731 24.16 32.86 -17.61
CA ALA DE 731 24.08 34.31 -17.64
C ALA DE 731 25.38 34.99 -17.25
N MET DE 732 26.17 34.42 -16.35
CA MET DE 732 27.20 35.22 -15.68
C MET DE 732 28.27 35.79 -16.61
N PRO DE 733 28.54 35.28 -17.82
CA PRO DE 733 29.45 36.03 -18.71
C PRO DE 733 28.89 37.35 -19.23
N LEU DE 734 27.70 37.37 -19.84
CA LEU DE 734 27.18 38.64 -20.32
C LEU DE 734 26.67 39.48 -19.16
N LEU DE 735 26.12 38.82 -18.14
CA LEU DE 735 25.84 39.50 -16.89
C LEU DE 735 27.10 40.15 -16.35
N MET DE 736 28.19 39.39 -16.31
CA MET DE 736 29.49 39.92 -15.90
C MET DE 736 29.90 41.06 -16.81
N ALA DE 737 29.53 41.00 -18.09
CA ALA DE 737 29.84 42.08 -19.01
C ALA DE 737 29.19 43.38 -18.56
N TRP DE 738 27.88 43.36 -18.33
CA TRP DE 738 27.25 44.63 -17.92
C TRP DE 738 27.78 45.07 -16.57
N ILE DE 739 27.85 44.17 -15.59
CA ILE DE 739 28.29 44.61 -14.27
C ILE DE 739 29.73 45.11 -14.35
N GLY DE 740 30.51 44.58 -15.30
CA GLY DE 740 31.83 45.12 -15.56
C GLY DE 740 31.76 46.55 -16.06
N THR DE 741 30.82 46.83 -16.98
CA THR DE 741 30.67 48.21 -17.41
C THR DE 741 30.40 49.11 -16.21
N MET DE 742 29.41 48.76 -15.38
CA MET DE 742 29.13 49.69 -14.29
C MET DE 742 30.26 49.77 -13.26
N VAL DE 743 30.91 48.64 -12.94
CA VAL DE 743 31.98 48.73 -11.93
C VAL DE 743 33.11 49.63 -12.45
N SER DE 744 33.57 49.37 -13.69
CA SER DE 744 34.72 50.08 -14.20
C SER DE 744 34.40 51.57 -14.36
N ILE DE 745 33.32 51.90 -15.09
CA ILE DE 745 32.96 53.31 -15.26
C ILE DE 745 32.64 53.97 -13.92
N GLY DE 746 32.14 53.20 -12.95
CA GLY DE 746 31.89 53.79 -11.66
C GLY DE 746 33.13 54.38 -11.03
N PHE DE 747 34.18 53.56 -10.84
CA PHE DE 747 35.38 54.16 -10.26
C PHE DE 747 36.14 55.07 -11.23
N VAL DE 748 35.98 54.90 -12.54
CA VAL DE 748 36.62 55.86 -13.44
C VAL DE 748 36.03 57.25 -13.25
N THR DE 749 34.70 57.36 -13.30
CA THR DE 749 34.06 58.67 -13.26
C THR DE 749 33.92 59.23 -11.86
N ALA DE 750 34.03 58.41 -10.81
CA ALA DE 750 33.81 58.91 -9.46
C ALA DE 750 34.96 58.68 -8.50
N TYR DE 751 35.93 57.83 -8.81
CA TYR DE 751 36.87 57.43 -7.79
C TYR DE 751 38.31 57.75 -8.14
N TYR DE 752 38.79 57.30 -9.30
CA TYR DE 752 40.20 57.46 -9.63
C TYR DE 752 40.55 58.91 -9.90
N ILE DE 753 39.70 59.63 -10.65
CA ILE DE 753 39.98 61.03 -10.96
C ILE DE 753 39.98 61.92 -9.73
N PRO DE 754 39.04 61.81 -8.78
CA PRO DE 754 39.12 62.67 -7.59
C PRO DE 754 40.43 62.54 -6.84
N VAL DE 755 41.07 61.36 -6.85
CA VAL DE 755 42.34 61.18 -6.18
C VAL DE 755 43.53 61.31 -7.12
N LEU DE 756 43.31 61.39 -8.42
CA LEU DE 756 44.42 61.44 -9.38
C LEU DE 756 45.34 62.63 -9.18
N PRO DE 757 44.85 63.85 -8.88
CA PRO DE 757 45.77 64.92 -8.49
C PRO DE 757 46.69 64.53 -7.36
N TYR DE 758 46.17 63.77 -6.39
CA TYR DE 758 47.01 63.29 -5.32
C TYR DE 758 48.15 62.43 -5.88
N MET DE 759 47.84 61.43 -6.71
CA MET DE 759 48.89 60.69 -7.41
C MET DE 759 49.95 61.61 -7.98
N ILE DE 760 49.55 62.47 -8.92
CA ILE DE 760 50.54 63.13 -9.75
C ILE DE 760 51.38 64.10 -8.92
N PHE DE 761 50.72 64.86 -8.04
CA PHE DE 761 51.45 65.80 -7.20
C PHE DE 761 52.32 65.07 -6.20
N THR DE 762 51.88 63.89 -5.73
CA THR DE 762 52.70 63.04 -4.89
C THR DE 762 54.00 62.62 -5.56
N PHE DE 763 53.92 62.07 -6.78
CA PHE DE 763 55.16 61.71 -7.44
C PHE DE 763 56.03 62.94 -7.71
N GLY DE 764 55.42 64.07 -8.05
CA GLY DE 764 56.20 65.29 -8.21
C GLY DE 764 56.91 65.71 -6.94
N SER DE 765 56.24 65.60 -5.80
CA SER DE 765 56.83 66.03 -4.54
C SER DE 765 58.02 65.17 -4.14
N PHE DE 766 57.91 63.83 -4.23
CA PHE DE 766 59.13 63.10 -3.90
C PHE DE 766 60.13 63.10 -5.06
N ALA DE 767 59.73 63.49 -6.26
CA ALA DE 767 60.74 63.82 -7.26
C ALA DE 767 61.57 65.00 -6.77
N TRP DE 768 60.93 66.00 -6.18
CA TRP DE 768 61.68 67.12 -5.62
C TRP DE 768 62.53 66.70 -4.42
N LEU DE 769 62.00 65.80 -3.59
CA LEU DE 769 62.82 65.31 -2.47
C LEU DE 769 64.06 64.58 -2.96
N ILE DE 770 63.90 63.75 -3.99
CA ILE DE 770 65.05 63.11 -4.63
C ILE DE 770 66.01 64.18 -5.15
N ALA DE 771 65.47 65.26 -5.73
CA ALA DE 771 66.32 66.32 -6.26
C ALA DE 771 67.13 67.00 -5.17
N VAL DE 772 66.51 67.26 -4.01
CA VAL DE 772 67.23 67.99 -2.96
C VAL DE 772 68.30 67.09 -2.34
N ILE DE 773 68.02 65.80 -2.13
CA ILE DE 773 69.08 64.94 -1.62
C ILE DE 773 70.17 64.79 -2.68
N GLU DE 774 69.78 64.71 -3.95
CA GLU DE 774 70.73 64.82 -5.06
C GLU DE 774 71.69 65.98 -4.86
N ALA DE 775 71.15 67.18 -4.68
CA ALA DE 775 71.98 68.37 -4.61
C ALA DE 775 72.88 68.34 -3.38
N MET DE 776 72.36 67.97 -2.22
CA MET DE 776 73.18 68.04 -1.01
C MET DE 776 74.19 66.90 -0.99
N VAL DE 777 73.96 65.85 -1.79
CA VAL DE 777 74.98 64.83 -1.98
C VAL DE 777 76.06 65.32 -2.94
N ALA DE 778 75.66 66.03 -3.99
CA ALA DE 778 76.63 66.56 -4.95
C ALA DE 778 77.39 67.75 -4.39
N ALA DE 779 76.99 68.25 -3.23
CA ALA DE 779 77.65 69.40 -2.62
C ALA DE 779 79.18 69.31 -2.54
N PRO DE 780 79.79 68.23 -2.04
CA PRO DE 780 81.25 68.23 -1.87
C PRO DE 780 82.02 68.48 -3.15
N ILE DE 781 81.56 67.93 -4.27
CA ILE DE 781 82.19 68.22 -5.56
C ILE DE 781 82.07 69.70 -5.87
N VAL DE 782 80.91 70.27 -5.58
CA VAL DE 782 80.66 71.69 -5.87
C VAL DE 782 81.67 72.56 -5.14
N ALA DE 783 81.82 72.34 -3.82
CA ALA DE 783 82.74 73.19 -3.08
C ALA DE 783 84.19 72.75 -3.17
N LEU DE 784 84.45 71.55 -3.71
CA LEU DE 784 85.81 71.11 -3.96
C LEU DE 784 86.34 71.68 -5.27
N GLY DE 785 85.44 72.01 -6.20
CA GLY DE 785 85.85 72.72 -7.40
C GLY DE 785 86.46 74.08 -7.12
N VAL DE 786 86.23 74.62 -5.92
CA VAL DE 786 86.89 75.87 -5.54
C VAL DE 786 88.39 75.69 -5.46
N THR DE 787 88.86 74.52 -5.00
CA THR DE 787 90.28 74.23 -4.91
C THR DE 787 90.93 73.99 -6.26
N HIS DE 788 90.15 73.99 -7.34
CA HIS DE 788 90.72 73.77 -8.67
C HIS DE 788 91.67 74.90 -9.04
N PRO DE 789 92.91 74.60 -9.43
CA PRO DE 789 93.82 75.66 -9.89
C PRO DE 789 93.58 76.05 -11.34
N GLU DE 790 92.44 75.64 -11.89
CA GLU DE 790 92.15 75.84 -13.30
C GLU DE 790 91.77 77.29 -13.56
N GLY DE 791 92.66 78.04 -14.21
CA GLY DE 791 92.34 79.37 -14.68
C GLY DE 791 92.34 80.44 -13.60
N ASN DE 792 91.99 81.65 -14.02
CA ASN DE 792 91.91 82.78 -13.09
C ASN DE 792 90.81 82.57 -12.06
N GLU DE 793 89.66 82.07 -12.49
CA GLU DE 793 88.58 81.76 -11.56
C GLU DE 793 88.88 80.46 -10.81
N ALA DE 794 88.49 80.42 -9.54
CA ALA DE 794 88.74 79.24 -8.73
C ALA DE 794 87.98 78.03 -9.28
N PHE DE 795 86.74 78.23 -9.72
CA PHE DE 795 85.92 77.14 -10.19
C PHE DE 795 86.48 76.56 -11.49
N GLY DE 796 86.55 75.22 -11.55
CA GLY DE 796 86.91 74.53 -12.76
C GLY DE 796 85.77 73.65 -13.24
N LYS DE 797 84.84 73.35 -12.32
CA LYS DE 797 83.67 72.54 -12.61
C LYS DE 797 82.44 73.15 -11.96
N GLY DE 798 82.29 74.47 -12.07
CA GLY DE 798 81.19 75.16 -11.43
C GLY DE 798 80.04 75.51 -12.35
N GLU DE 799 79.76 74.64 -13.31
CA GLU DE 799 78.66 74.85 -14.25
C GLU DE 799 77.49 73.91 -13.99
N PHE DE 800 77.74 72.66 -13.62
CA PHE DE 800 76.64 71.80 -13.20
C PHE DE 800 76.17 72.18 -11.80
N ALA DE 801 77.06 72.76 -10.99
CA ALA DE 801 76.67 73.19 -9.65
C ALA DE 801 75.52 74.19 -9.72
N ILE DE 802 75.69 75.24 -10.52
CA ILE DE 802 74.63 76.24 -10.64
C ILE DE 802 73.40 75.64 -11.28
N MET DE 803 73.57 74.66 -12.17
CA MET DE 803 72.39 74.08 -12.82
C MET DE 803 71.54 73.30 -11.82
N ILE DE 804 72.18 72.50 -10.96
CA ILE DE 804 71.41 71.84 -9.90
C ILE DE 804 70.81 72.86 -8.95
N LEU DE 805 71.57 73.93 -8.65
CA LEU DE 805 71.08 74.93 -7.71
C LEU DE 805 69.81 75.60 -8.22
N VAL DE 806 69.85 76.09 -9.47
CA VAL DE 806 68.66 76.70 -10.04
C VAL DE 806 67.56 75.68 -10.21
N ASN DE 807 67.91 74.43 -10.54
CA ASN DE 807 66.91 73.37 -10.64
C ASN DE 807 66.10 73.28 -9.35
N VAL DE 808 66.78 73.03 -8.24
CA VAL DE 808 66.07 72.82 -6.98
C VAL DE 808 65.39 74.10 -6.52
N PHE DE 809 65.95 75.26 -6.87
CA PHE DE 809 65.38 76.50 -6.34
C PHE DE 809 64.13 76.95 -7.11
N LEU DE 810 64.05 76.66 -8.41
CA LEU DE 810 62.82 76.90 -9.15
C LEU DE 810 61.78 75.80 -9.01
N ARG DE 811 62.18 74.55 -8.76
CA ARG DE 811 61.27 73.43 -8.98
C ARG DE 811 59.91 73.58 -8.32
N PRO DE 812 59.78 73.82 -7.01
CA PRO DE 812 58.44 73.80 -6.40
C PRO DE 812 57.49 74.84 -6.98
N SER DE 813 57.99 76.03 -7.31
CA SER DE 813 57.14 77.04 -7.92
C SER DE 813 56.64 76.56 -9.28
N LEU DE 814 57.51 75.91 -10.05
CA LEU DE 814 57.09 75.38 -11.34
C LEU DE 814 56.00 74.32 -11.16
N MET DE 815 56.14 73.45 -10.15
CA MET DE 815 55.07 72.50 -9.88
C MET DE 815 53.77 73.19 -9.48
N ILE DE 816 53.82 74.25 -8.68
CA ILE DE 816 52.55 74.84 -8.26
C ILE DE 816 51.85 75.53 -9.43
N ILE DE 817 52.61 76.25 -10.26
CA ILE DE 817 51.99 76.86 -11.44
C ILE DE 817 51.43 75.78 -12.35
N GLY DE 818 52.19 74.70 -12.58
CA GLY DE 818 51.67 73.60 -13.36
C GLY DE 818 50.44 72.98 -12.74
N TYR DE 819 50.39 72.97 -11.41
CA TYR DE 819 49.25 72.39 -10.70
C TYR DE 819 47.98 73.16 -11.03
N ILE DE 820 48.02 74.48 -10.87
CA ILE DE 820 46.83 75.28 -11.16
C ILE DE 820 46.50 75.24 -12.65
N ALA DE 821 47.54 75.26 -13.50
CA ALA DE 821 47.31 75.14 -14.93
C ALA DE 821 46.61 73.83 -15.27
N ALA DE 822 46.96 72.76 -14.56
CA ALA DE 822 46.34 71.45 -14.80
C ALA DE 822 44.89 71.40 -14.31
N ILE DE 823 44.60 72.02 -13.16
CA ILE DE 823 43.19 72.10 -12.74
C ILE DE 823 42.37 72.85 -13.77
N ALA DE 824 42.93 73.91 -14.36
CA ALA DE 824 42.18 74.62 -15.38
C ALA DE 824 42.09 73.83 -16.68
N LEU DE 825 43.17 73.14 -17.05
CA LEU DE 825 43.18 72.39 -18.30
C LEU DE 825 42.27 71.16 -18.23
N SER DE 826 42.04 70.60 -17.05
CA SER DE 826 41.07 69.52 -16.94
C SER DE 826 39.66 70.04 -17.25
N TYR DE 827 39.32 71.23 -16.75
CA TYR DE 827 38.07 71.88 -17.13
C TYR DE 827 38.01 72.10 -18.63
N VAL DE 828 39.11 72.60 -19.19
CA VAL DE 828 39.15 72.85 -20.63
C VAL DE 828 38.89 71.55 -21.39
N GLY DE 829 39.60 70.49 -21.05
CA GLY DE 829 39.50 69.21 -21.72
C GLY DE 829 38.12 68.58 -21.62
N VAL DE 830 37.50 68.66 -20.44
CA VAL DE 830 36.16 68.11 -20.34
C VAL DE 830 35.21 68.94 -21.20
N TRP DE 831 35.46 70.24 -21.36
CA TRP DE 831 34.60 71.00 -22.27
C TRP DE 831 34.86 70.62 -23.73
N ILE DE 832 36.11 70.34 -24.10
CA ILE DE 832 36.36 69.83 -25.45
C ILE DE 832 35.57 68.55 -25.68
N LEU DE 833 35.61 67.65 -24.71
CA LEU DE 833 34.84 66.42 -24.82
C LEU DE 833 33.35 66.74 -24.96
N ASN DE 834 32.85 67.65 -24.13
CA ASN DE 834 31.43 68.01 -24.17
C ASN DE 834 31.02 68.54 -25.53
N ALA DE 835 31.89 69.33 -26.16
CA ALA DE 835 31.60 69.80 -27.52
C ALA DE 835 31.73 68.67 -28.52
N GLY DE 836 32.52 67.65 -28.21
CA GLY DE 836 32.82 66.62 -29.18
C GLY DE 836 31.93 65.39 -29.28
N PHE DE 837 31.60 64.73 -28.16
CA PHE DE 837 31.08 63.37 -28.30
C PHE DE 837 29.75 63.38 -29.04
N ASP DE 838 28.90 64.37 -28.77
CA ASP DE 838 27.52 64.32 -29.25
C ASP DE 838 27.46 64.18 -30.76
N HIS DE 839 28.27 64.93 -31.49
CA HIS DE 839 28.42 64.68 -32.93
C HIS DE 839 29.31 63.49 -33.22
N ALA DE 840 30.26 63.17 -32.32
CA ALA DE 840 31.16 62.06 -32.56
C ALA DE 840 30.48 60.70 -32.45
N ILE DE 841 29.27 60.63 -31.87
CA ILE DE 841 28.61 59.35 -31.68
C ILE DE 841 27.22 59.30 -32.31
N SER DE 842 26.84 60.33 -33.05
CA SER DE 842 25.47 60.39 -33.58
C SER DE 842 25.19 59.23 -34.54
N TYR DE 843 26.15 58.93 -35.42
CA TYR DE 843 25.98 57.86 -36.39
C TYR DE 843 26.03 56.48 -35.73
N ILE DE 844 26.91 56.29 -34.76
CA ILE DE 844 26.92 55.05 -33.98
C ILE DE 844 25.63 54.91 -33.18
N GLN DE 845 25.05 56.01 -32.72
CA GLN DE 845 23.80 55.98 -31.99
C GLN DE 845 22.62 55.91 -32.97
N GLY DE 901 21.26 54.73 -36.68
CA GLY DE 901 20.69 53.91 -37.73
C GLY DE 901 20.99 52.44 -37.58
N TYR DE 902 21.32 52.03 -36.36
CA TYR DE 902 21.64 50.64 -36.08
C TYR DE 902 20.40 49.93 -35.57
N THR DE 903 19.98 48.90 -36.31
CA THR DE 903 18.72 48.22 -36.07
C THR DE 903 18.77 47.37 -34.81
N GLY DE 904 17.71 47.45 -34.01
CA GLY DE 904 17.60 46.64 -32.81
C GLY DE 904 18.65 46.99 -31.77
N TRP DE 905 18.89 46.02 -30.88
CA TRP DE 905 19.88 46.23 -29.84
C TRP DE 905 21.31 46.42 -30.37
N ALA DE 906 21.51 46.35 -31.68
CA ALA DE 906 22.78 46.84 -32.23
C ALA DE 906 23.06 48.25 -31.73
N GLY DE 907 22.02 49.01 -31.37
CA GLY DE 907 22.24 50.30 -30.76
C GLY DE 907 22.86 50.22 -29.38
N VAL DE 908 22.30 49.38 -28.50
CA VAL DE 908 22.64 49.49 -27.07
C VAL DE 908 24.08 49.07 -26.82
N TYR DE 909 24.56 48.04 -27.51
CA TYR DE 909 26.00 47.75 -27.49
C TYR DE 909 26.80 48.96 -27.94
N ALA DE 910 26.45 49.53 -29.09
CA ALA DE 910 26.98 50.83 -29.46
C ALA DE 910 27.03 51.75 -28.25
N PHE DE 911 25.91 51.83 -27.54
CA PHE DE 911 25.74 52.74 -26.43
C PHE DE 911 26.75 52.41 -25.33
N PHE DE 912 26.89 51.14 -24.94
CA PHE DE 912 27.90 50.92 -23.91
C PHE DE 912 29.25 51.38 -24.42
N PHE DE 913 29.59 51.06 -25.67
CA PHE DE 913 30.89 51.49 -26.18
C PHE DE 913 31.06 52.98 -25.91
N SER DE 914 30.06 53.77 -26.32
CA SER DE 914 30.19 55.21 -26.16
C SER DE 914 30.44 55.55 -24.70
N ILE DE 915 29.62 55.05 -23.79
CA ILE DE 915 29.82 55.45 -22.41
C ILE DE 915 31.19 55.01 -21.92
N LEU DE 916 31.61 53.76 -22.23
CA LEU DE 916 32.95 53.36 -21.81
C LEU DE 916 33.96 54.40 -22.27
N ILE DE 917 33.96 54.67 -23.57
CA ILE DE 917 35.02 55.51 -24.09
C ILE DE 917 34.82 56.93 -23.60
N TYR DE 918 33.56 57.32 -23.37
CA TYR DE 918 33.26 58.64 -22.82
C TYR DE 918 34.04 58.89 -21.55
N THR DE 919 34.29 57.83 -20.78
CA THR DE 919 35.10 57.98 -19.59
C THR DE 919 36.55 57.65 -19.88
N SER DE 920 36.80 56.65 -20.73
CA SER DE 920 38.17 56.31 -21.08
C SER DE 920 38.93 57.56 -21.51
N MET DE 921 38.52 58.15 -22.63
CA MET DE 921 39.00 59.46 -23.04
C MET DE 921 39.14 60.39 -21.86
N TYR DE 922 38.05 60.59 -21.13
CA TYR DE 922 38.05 61.59 -20.08
C TYR DE 922 39.21 61.34 -19.13
N LEU DE 923 39.36 60.08 -18.71
CA LEU DE 923 40.50 59.66 -17.92
C LEU DE 923 41.79 60.17 -18.56
N ILE DE 924 42.06 59.78 -19.80
CA ILE DE 924 43.33 60.18 -20.43
C ILE DE 924 43.53 61.69 -20.41
N ILE DE 925 42.49 62.50 -20.67
CA ILE DE 925 42.74 63.94 -20.59
C ILE DE 925 43.37 64.28 -19.24
N VAL DE 926 42.65 63.98 -18.16
CA VAL DE 926 43.20 64.26 -16.86
C VAL DE 926 44.52 63.51 -16.70
N GLN DE 927 44.58 62.28 -17.20
CA GLN DE 927 45.72 61.39 -17.00
C GLN DE 927 47.01 62.00 -17.48
N LYS DE 928 46.96 62.92 -18.45
CA LYS DE 928 48.20 63.61 -18.75
C LYS DE 928 48.05 65.11 -18.66
N ALA DE 929 46.84 65.60 -18.39
CA ALA DE 929 46.70 66.98 -17.95
C ALA DE 929 47.58 67.19 -16.73
N PHE DE 930 47.51 66.27 -15.79
CA PHE DE 930 48.35 66.51 -14.64
C PHE DE 930 49.78 66.09 -14.90
N THR DE 931 50.07 65.38 -15.99
CA THR DE 931 51.48 65.23 -16.29
C THR DE 931 52.13 66.54 -16.72
N LEU DE 932 51.37 67.64 -16.89
CA LEU DE 932 52.08 68.90 -16.99
C LEU DE 932 52.85 69.26 -15.72
N ILE DE 933 52.37 68.90 -14.51
CA ILE DE 933 53.28 69.19 -13.39
C ILE DE 933 54.56 68.38 -13.54
N ALA DE 934 54.50 67.31 -14.34
CA ALA DE 934 55.72 66.60 -14.72
C ALA DE 934 56.59 67.44 -15.65
N HIS DE 935 56.01 68.03 -16.70
CA HIS DE 935 56.87 68.63 -17.73
C HIS DE 935 57.36 70.03 -17.35
N LEU DE 936 56.46 70.99 -17.12
CA LEU DE 936 56.90 72.40 -17.10
C LEU DE 936 58.10 72.70 -16.21
N PRO DE 937 58.37 71.96 -15.13
CA PRO DE 937 59.66 72.17 -14.45
C PRO DE 937 60.87 72.03 -15.37
N ASP DE 938 61.07 70.84 -15.94
CA ASP DE 938 62.37 70.54 -16.51
C ASP DE 938 62.64 71.26 -17.82
N LYS DE 939 61.60 71.74 -18.52
CA LYS DE 939 61.87 72.55 -19.70
C LYS DE 939 62.60 73.83 -19.32
N VAL DE 940 62.31 74.39 -18.15
CA VAL DE 940 63.10 75.54 -17.72
C VAL DE 940 64.56 75.14 -17.62
N LEU DE 941 64.84 73.91 -17.18
CA LEU DE 941 66.21 73.43 -17.20
C LEU DE 941 66.76 73.35 -18.61
N ARG DE 942 65.95 72.90 -19.58
CA ARG DE 942 66.49 72.96 -20.93
C ARG DE 942 66.26 74.31 -21.60
N TRP DE 943 65.82 75.32 -20.84
CA TRP DE 943 65.70 76.67 -21.37
C TRP DE 943 66.83 77.57 -20.89
N ILE DE 944 66.97 77.71 -19.57
CA ILE DE 944 68.07 78.51 -19.02
C ILE DE 944 69.40 77.79 -19.21
N GLY DE 945 69.42 76.48 -18.95
CA GLY DE 945 70.63 75.70 -19.09
C GLY DE 945 70.73 75.00 -20.43
N LEU EE 24 93.88 56.59 4.43
CA LEU EE 24 95.22 56.22 4.01
C LEU EE 24 95.11 55.06 3.05
N SER EE 25 94.93 53.88 3.65
CA SER EE 25 94.61 52.68 2.90
C SER EE 25 93.29 52.13 3.42
N PHE EE 26 92.40 51.82 2.49
CA PHE EE 26 91.07 51.32 2.81
C PHE EE 26 91.18 49.79 2.88
N ALA EE 27 91.62 49.30 4.03
CA ALA EE 27 91.77 47.87 4.25
C ALA EE 27 90.47 47.31 4.80
N PRO EE 28 89.75 46.46 4.06
CA PRO EE 28 88.50 45.91 4.57
C PRO EE 28 88.77 44.90 5.67
N PRO EE 29 87.76 44.57 6.48
CA PRO EE 29 87.98 43.65 7.60
C PRO EE 29 88.35 42.23 7.16
N ALA EE 30 88.62 41.35 8.11
CA ALA EE 30 89.02 39.99 7.77
C ALA EE 30 87.81 39.17 7.31
N SER EE 31 86.68 39.31 7.98
CA SER EE 31 85.50 38.49 7.75
C SER EE 31 84.54 39.09 6.72
N ASP EE 32 85.03 40.00 5.88
CA ASP EE 32 84.19 40.64 4.87
C ASP EE 32 83.67 39.62 3.87
N LEU EE 33 82.38 39.29 3.93
CA LEU EE 33 81.83 38.40 2.92
C LEU EE 33 81.83 39.05 1.54
N SER EE 34 82.03 40.38 1.48
CA SER EE 34 82.13 41.08 0.21
C SER EE 34 83.29 40.55 -0.63
N VAL EE 35 84.53 40.72 -0.14
CA VAL EE 35 85.68 40.28 -0.94
C VAL EE 35 85.85 38.77 -0.82
N VAL EE 36 85.42 38.19 0.29
CA VAL EE 36 85.41 36.73 0.41
C VAL EE 36 84.58 36.13 -0.72
N PHE EE 37 83.51 36.82 -1.10
CA PHE EE 37 82.58 36.23 -2.02
C PHE EE 37 82.75 36.74 -3.45
N LEU EE 38 83.44 37.86 -3.64
CA LEU EE 38 83.91 38.23 -4.96
C LEU EE 38 85.13 37.40 -5.36
N GLY EE 39 85.91 36.97 -4.38
CA GLY EE 39 87.13 36.21 -4.67
C GLY EE 39 86.88 34.85 -5.27
N ASN EE 40 85.92 34.09 -4.73
CA ASN EE 40 85.66 32.77 -5.29
C ASN EE 40 85.10 32.88 -6.71
N LEU EE 41 84.31 33.93 -6.97
CA LEU EE 41 83.88 34.20 -8.34
C LEU EE 41 85.07 34.58 -9.21
N PHE EE 42 86.12 35.13 -8.62
CA PHE EE 42 87.31 35.52 -9.35
C PHE EE 42 88.44 34.50 -9.25
N GLY EE 43 88.16 33.31 -8.71
CA GLY EE 43 89.22 32.32 -8.58
C GLY EE 43 90.29 32.80 -7.60
N VAL EE 44 91.53 32.85 -8.08
CA VAL EE 44 92.66 33.31 -7.28
C VAL EE 44 93.37 34.42 -8.04
N VAL EE 45 93.55 35.56 -7.38
CA VAL EE 45 94.38 36.65 -7.90
C VAL EE 45 95.44 36.95 -6.85
N ASP EE 46 96.70 36.73 -7.22
CA ASP EE 46 97.77 36.76 -6.23
C ASP EE 46 98.09 38.19 -5.78
N GLY EE 47 98.42 38.33 -4.49
CA GLY EE 47 98.89 39.57 -3.93
C GLY EE 47 97.82 40.41 -3.27
N VAL EE 48 96.54 40.21 -3.62
CA VAL EE 48 95.47 41.02 -3.05
C VAL EE 48 94.39 40.12 -2.46
N LEU EE 49 94.28 38.90 -2.98
CA LEU EE 49 93.19 38.01 -2.59
C LEU EE 49 93.69 36.58 -2.61
N HIS EE 50 93.13 35.76 -1.71
CA HIS EE 50 93.59 34.39 -1.48
C HIS EE 50 92.41 33.42 -1.46
N GLY EE 51 91.56 33.51 -2.48
CA GLY EE 51 90.38 32.67 -2.56
C GLY EE 51 90.70 31.25 -2.99
N THR EE 52 89.63 30.48 -3.19
CA THR EE 52 89.78 29.07 -3.56
C THR EE 52 88.77 28.61 -4.60
N GLY EE 53 88.10 29.53 -5.30
CA GLY EE 53 87.09 29.15 -6.25
C GLY EE 53 87.64 28.49 -7.50
N SER EE 54 86.72 28.05 -8.36
CA SER EE 54 87.10 27.39 -9.60
C SER EE 54 87.94 28.32 -10.47
N GLN EE 55 89.00 27.78 -11.06
CA GLN EE 55 89.98 28.57 -11.79
C GLN EE 55 89.57 28.78 -13.25
N ILE EE 56 88.29 28.57 -13.59
CA ILE EE 56 87.81 28.86 -14.93
C ILE EE 56 88.10 30.31 -15.31
N MET EE 57 87.95 31.24 -14.36
CA MET EE 57 88.30 32.63 -14.64
C MET EE 57 89.77 32.75 -15.00
N GLY EE 58 90.64 32.07 -14.25
CA GLY EE 58 92.07 32.18 -14.52
C GLY EE 58 92.42 31.75 -15.93
N ASN EE 59 91.92 30.59 -16.35
CA ASN EE 59 92.23 30.10 -17.69
C ASN EE 59 91.60 30.98 -18.76
N MET EE 60 90.36 31.41 -18.57
CA MET EE 60 89.69 32.18 -19.61
C MET EE 60 90.30 33.57 -19.72
N PHE EE 61 90.72 34.15 -18.59
CA PHE EE 61 91.43 35.41 -18.63
C PHE EE 61 92.79 35.24 -19.28
N GLY EE 62 93.48 34.13 -19.03
CA GLY EE 62 94.75 33.91 -19.70
C GLY EE 62 94.62 33.78 -21.21
N VAL EE 63 93.64 32.99 -21.67
CA VAL EE 63 93.48 32.80 -23.10
C VAL EE 63 93.02 34.09 -23.78
N PHE EE 64 92.09 34.82 -23.16
CA PHE EE 64 91.62 36.07 -23.73
C PHE EE 64 92.71 37.13 -23.70
N ASN EE 65 93.53 37.11 -22.64
CA ASN EE 65 94.66 38.01 -22.55
C ASN EE 65 95.65 37.75 -23.67
N SER EE 66 96.00 36.48 -23.92
CA SER EE 66 96.91 36.17 -25.00
C SER EE 66 96.32 36.55 -26.35
N ALA EE 67 95.03 36.32 -26.53
CA ALA EE 67 94.36 36.73 -27.76
C ALA EE 67 94.54 38.23 -27.98
N VAL EE 68 94.21 39.04 -26.97
CA VAL EE 68 94.30 40.49 -27.15
C VAL EE 68 95.76 40.92 -27.28
N LEU EE 69 96.71 40.20 -26.70
CA LEU EE 69 98.11 40.50 -27.00
C LEU EE 69 98.41 40.32 -28.48
N ALA EE 70 97.94 39.22 -29.07
CA ALA EE 70 98.18 39.00 -30.49
C ALA EE 70 97.53 40.09 -31.34
N LEU EE 71 96.24 40.35 -31.10
CA LEU EE 71 95.55 41.40 -31.85
C LEU EE 71 96.19 42.76 -31.66
N GLY EE 72 96.41 43.16 -30.41
CA GLY EE 72 97.01 44.45 -30.15
C GLY EE 72 98.37 44.58 -30.79
N GLY EE 73 99.19 43.52 -30.72
CA GLY EE 73 100.47 43.56 -31.38
C GLY EE 73 100.35 43.78 -32.88
N ILE EE 74 99.35 43.15 -33.50
CA ILE EE 74 99.11 43.41 -34.91
C ILE EE 74 98.80 44.90 -35.13
N ILE EE 75 98.02 45.48 -34.21
CA ILE EE 75 97.78 46.93 -34.30
C ILE EE 75 99.07 47.72 -34.12
N ILE EE 76 99.99 47.21 -33.30
CA ILE EE 76 101.28 47.91 -33.15
C ILE EE 76 102.13 47.81 -34.42
N MET EE 77 102.10 46.67 -35.12
CA MET EE 77 102.70 46.68 -36.46
C MET EE 77 102.03 47.71 -37.36
N TYR EE 78 100.71 47.81 -37.31
CA TYR EE 78 100.03 48.77 -38.18
C TYR EE 78 100.47 50.20 -37.87
N THR EE 79 100.39 50.58 -36.60
CA THR EE 79 100.82 51.90 -36.19
C THR EE 79 102.32 52.07 -36.35
N LEU EE 80 103.08 50.98 -36.40
CA LEU EE 80 104.51 51.07 -36.63
C LEU EE 80 104.82 51.46 -38.07
N MET EE 81 104.12 50.85 -39.04
CA MET EE 81 104.30 51.32 -40.41
C MET EE 81 103.79 52.75 -40.57
N VAL EE 82 102.72 53.10 -39.86
CA VAL EE 82 102.24 54.48 -39.91
C VAL EE 82 103.31 55.44 -39.37
N SER EE 83 103.88 55.10 -38.20
CA SER EE 83 104.90 55.96 -37.61
C SER EE 83 106.12 56.06 -38.52
N THR EE 84 106.51 54.95 -39.14
CA THR EE 84 107.69 54.98 -40.00
C THR EE 84 107.45 55.80 -41.26
N MET EE 85 106.25 55.70 -41.88
CA MET EE 85 106.09 56.48 -43.10
C MET EE 85 105.90 57.96 -42.78
N ASN EE 86 105.33 58.27 -41.61
CA ASN EE 86 105.31 59.68 -41.18
C ASN EE 86 106.72 60.19 -40.92
N THR EE 87 107.57 59.37 -40.29
CA THR EE 87 108.95 59.75 -40.03
C THR EE 87 109.70 59.98 -41.35
N ALA EE 88 109.50 59.10 -42.32
CA ALA EE 88 110.15 59.26 -43.62
C ALA EE 88 109.66 60.53 -44.32
N HIS EE 89 108.35 60.78 -44.28
CA HIS EE 89 107.79 61.96 -44.94
C HIS EE 89 108.32 63.24 -44.31
N GLU EE 90 108.38 63.30 -42.98
CA GLU EE 90 108.81 64.53 -42.33
C GLU EE 90 110.33 64.70 -42.41
N GLY EE 91 111.08 63.60 -42.35
CA GLY EE 91 112.53 63.62 -42.35
C GLY EE 91 113.17 63.67 -40.99
N GLN EE 92 112.39 63.91 -39.93
CA GLN EE 92 112.90 63.95 -38.57
C GLN EE 92 112.60 62.63 -37.86
N MET EE 93 113.28 62.40 -36.74
CA MET EE 93 113.19 61.10 -36.08
C MET EE 93 111.87 60.96 -35.33
N LEU EE 94 111.15 59.87 -35.62
CA LEU EE 94 109.97 59.43 -34.87
C LEU EE 94 109.07 60.59 -34.46
N GLY EE 95 108.60 61.35 -35.45
CA GLY EE 95 107.67 62.43 -35.21
C GLY EE 95 108.34 63.67 -34.66
N GLN EE 96 107.53 64.71 -34.50
CA GLN EE 96 107.98 65.96 -33.92
C GLN EE 96 107.26 66.34 -32.63
N LYS EE 97 106.17 65.65 -32.29
CA LYS EE 97 105.42 65.98 -31.09
C LYS EE 97 105.96 65.30 -29.84
N TRP EE 98 106.59 64.13 -29.98
CA TRP EE 98 107.09 63.38 -28.85
C TRP EE 98 108.58 63.09 -29.03
N SER EE 99 109.28 62.98 -27.90
CA SER EE 99 110.70 62.65 -27.92
C SER EE 99 110.91 61.17 -28.20
N SER EE 100 112.09 60.83 -28.68
CA SER EE 100 112.44 59.46 -29.01
C SER EE 100 112.94 58.66 -27.81
N ILE EE 101 113.04 59.29 -26.64
CA ILE EE 101 113.53 58.61 -25.45
C ILE EE 101 112.35 58.01 -24.69
N TRP EE 102 111.22 58.69 -24.68
CA TRP EE 102 110.04 58.21 -23.97
C TRP EE 102 109.40 57.00 -24.65
N ILE EE 103 109.68 56.77 -25.93
CA ILE EE 103 109.02 55.68 -26.65
C ILE EE 103 109.38 54.30 -26.11
N PRO EE 104 110.65 53.95 -25.91
CA PRO EE 104 110.95 52.63 -25.29
C PRO EE 104 110.41 52.50 -23.89
N LEU EE 105 110.42 53.58 -23.10
CA LEU EE 105 109.82 53.53 -21.77
C LEU EE 105 108.34 53.23 -21.85
N ARG EE 106 107.64 53.92 -22.75
CA ARG EE 106 106.21 53.71 -22.92
C ARG EE 106 105.92 52.29 -23.40
N SER EE 107 106.71 51.81 -24.35
CA SER EE 107 106.53 50.45 -24.86
C SER EE 107 106.78 49.42 -23.76
N THR EE 108 107.75 49.67 -22.88
CA THR EE 108 108.00 48.70 -21.83
C THR EE 108 106.93 48.76 -20.74
N PHE EE 109 106.37 49.94 -20.43
CA PHE EE 109 105.22 49.95 -19.53
C PHE EE 109 104.06 49.18 -20.15
N GLY EE 110 103.82 49.36 -21.44
CA GLY EE 110 102.73 48.63 -22.08
C GLY EE 110 102.95 47.13 -22.10
N LEU EE 111 104.15 46.69 -22.48
CA LEU EE 111 104.46 45.27 -22.58
C LEU EE 111 104.50 44.61 -21.22
N ALA EE 112 105.28 45.17 -20.27
CA ALA EE 112 105.52 44.52 -19.00
C ALA EE 112 104.24 44.40 -18.18
N LEU EE 113 103.20 45.13 -18.55
CA LEU EE 113 102.00 45.24 -17.75
C LEU EE 113 100.94 44.23 -18.22
N LEU EE 114 101.20 43.53 -19.32
CA LEU EE 114 100.26 42.61 -19.96
C LEU EE 114 100.78 41.18 -19.99
N ILE EE 115 101.34 40.70 -18.89
CA ILE EE 115 101.84 39.33 -18.79
C ILE EE 115 101.24 38.67 -17.56
N PRO EE 116 100.61 37.50 -17.69
CA PRO EE 116 100.14 36.78 -16.51
C PRO EE 116 101.31 36.26 -15.68
N LYS EE 117 101.13 36.27 -14.36
CA LYS EE 117 102.19 35.82 -13.48
C LYS EE 117 102.19 34.29 -13.34
N ALA EE 118 101.13 33.74 -12.75
CA ALA EE 118 101.02 32.29 -12.64
C ALA EE 118 99.61 31.75 -12.83
N SER EE 119 98.59 32.60 -13.00
CA SER EE 119 97.22 32.12 -13.03
C SER EE 119 96.39 32.79 -14.11
N GLY EE 120 97.03 33.22 -15.20
CA GLY EE 120 96.30 33.83 -16.30
C GLY EE 120 95.89 35.26 -16.07
N TYR EE 121 96.24 35.86 -14.94
CA TYR EE 121 95.92 37.25 -14.63
C TYR EE 121 97.15 38.10 -14.84
N CYS EE 122 97.03 39.13 -15.67
CA CYS EE 122 98.05 40.16 -15.72
C CYS EE 122 97.99 40.97 -14.44
N MET EE 123 99.07 41.66 -14.11
CA MET EE 123 99.04 42.51 -12.92
C MET EE 123 98.15 43.72 -13.14
N MET EE 124 97.68 43.94 -14.36
CA MET EE 124 96.85 45.11 -14.60
C MET EE 124 95.47 44.79 -14.02
N GLN EE 125 95.05 43.54 -14.21
CA GLN EE 125 93.91 42.96 -13.49
C GLN EE 125 94.12 43.04 -11.99
N VAL EE 126 95.35 42.78 -11.52
CA VAL EE 126 95.67 42.97 -10.11
C VAL EE 126 95.48 44.42 -9.71
N PHE EE 127 95.72 45.35 -10.64
CA PHE EE 127 95.56 46.76 -10.31
C PHE EE 127 94.09 47.12 -10.13
N PHE EE 128 93.23 46.72 -11.07
CA PHE EE 128 91.80 46.89 -10.82
C PHE EE 128 91.35 46.13 -9.59
N MET EE 129 91.93 44.97 -9.33
CA MET EE 129 91.52 44.18 -8.17
C MET EE 129 91.80 44.96 -6.90
N TRP EE 130 93.00 45.55 -6.81
CA TRP EE 130 93.34 46.39 -5.68
C TRP EE 130 92.43 47.61 -5.59
N VAL EE 131 92.15 48.25 -6.72
CA VAL EE 131 91.29 49.42 -6.71
C VAL EE 131 89.90 49.07 -6.19
N ILE EE 132 89.33 47.96 -6.65
CA ILE EE 132 87.98 47.62 -6.24
C ILE EE 132 87.94 47.16 -4.79
N VAL EE 133 88.98 46.47 -4.29
CA VAL EE 133 88.95 46.10 -2.88
C VAL EE 133 89.10 47.36 -2.02
N GLN EE 134 89.86 48.35 -2.50
CA GLN EE 134 89.93 49.63 -1.79
C GLN EE 134 88.57 50.31 -1.74
N GLY EE 135 87.84 50.31 -2.87
CA GLY EE 135 86.51 50.87 -2.87
C GLY EE 135 85.57 50.13 -1.93
N VAL EE 136 85.64 48.79 -1.95
CA VAL EE 136 84.84 47.99 -1.04
C VAL EE 136 85.21 48.30 0.40
N GLY EE 137 86.50 48.53 0.67
CA GLY EE 137 86.92 48.87 2.01
C GLY EE 137 86.36 50.20 2.48
N ALA EE 138 86.37 51.21 1.61
CA ALA EE 138 85.73 52.47 1.96
C ALA EE 138 84.25 52.28 2.23
N ALA EE 139 83.61 51.42 1.43
CA ALA EE 139 82.19 51.15 1.66
C ALA EE 139 81.96 50.48 3.02
N ASP EE 140 82.80 49.51 3.39
CA ASP EE 140 82.69 48.92 4.73
C ASP EE 140 82.91 49.97 5.81
N LYS EE 141 83.90 50.86 5.63
CA LYS EE 141 84.17 51.86 6.66
C LYS EE 141 82.97 52.77 6.87
N ILE EE 142 82.36 53.27 5.79
CA ILE EE 142 81.17 54.08 5.94
C ILE EE 142 80.04 53.29 6.59
N TRP EE 143 79.90 52.02 6.18
CA TRP EE 143 78.79 51.20 6.65
C TRP EE 143 78.94 50.91 8.15
N GLU EE 144 80.16 50.57 8.60
CA GLU EE 144 80.43 50.40 10.02
C GLU EE 144 80.29 51.69 10.79
N ALA EE 145 80.63 52.84 10.19
CA ALA EE 145 80.40 54.10 10.89
C ALA EE 145 78.92 54.31 11.15
N ALA EE 146 78.09 54.00 10.16
CA ALA EE 146 76.65 54.03 10.39
C ALA EE 146 76.27 53.12 11.56
N LEU EE 147 76.72 51.86 11.53
CA LEU EE 147 76.33 50.92 12.58
C LEU EE 147 76.84 51.33 13.95
N SER EE 148 78.05 51.88 14.02
CA SER EE 148 78.55 52.38 15.30
C SER EE 148 77.68 53.52 15.81
N TYR EE 149 77.18 54.35 14.89
CA TYR EE 149 76.24 55.37 15.34
C TYR EE 149 74.96 54.74 15.89
N LEU EE 150 74.42 53.72 15.21
CA LEU EE 150 73.20 53.10 15.71
C LEU EE 150 73.42 52.44 17.07
N ASN EE 151 74.57 51.80 17.29
CA ASN EE 151 74.84 51.21 18.59
C ASN EE 151 74.89 52.25 19.69
N ARG EE 152 75.45 53.42 19.42
CA ARG EE 152 75.53 54.50 20.40
C ARG EE 152 74.23 55.28 20.51
N GLY EE 153 73.24 54.97 19.67
CA GLY EE 153 71.97 55.67 19.69
C GLY EE 153 71.62 56.27 18.35
N GLY EE 154 70.46 55.89 17.81
CA GLY EE 154 70.03 56.37 16.50
C GLY EE 154 69.02 57.50 16.59
N GLN EE 160 41.12 45.68 35.07
CA GLN EE 160 40.60 44.32 35.09
C GLN EE 160 39.95 43.96 33.76
N ALA EE 161 38.88 43.19 33.82
CA ALA EE 161 38.12 42.79 32.64
C ALA EE 161 36.66 43.18 32.83
N ASP EE 162 36.10 43.89 31.86
CA ASP EE 162 34.71 44.30 31.94
C ASP EE 162 33.80 43.09 31.83
N PRO EE 163 32.80 42.95 32.70
CA PRO EE 163 31.88 41.80 32.57
C PRO EE 163 31.16 41.75 31.23
N THR EE 164 30.84 42.89 30.65
CA THR EE 164 30.10 42.91 29.39
C THR EE 164 31.01 42.84 28.17
N LYS EE 165 32.26 43.27 28.29
CA LYS EE 165 33.19 43.14 27.18
C LYS EE 165 33.62 41.70 26.94
N SER EE 166 33.39 40.82 27.90
CA SER EE 166 33.74 39.41 27.73
C SER EE 166 32.77 38.68 26.83
N LEU EE 167 31.62 39.29 26.51
CA LEU EE 167 30.68 38.65 25.60
C LEU EE 167 31.23 38.53 24.18
N GLN EE 168 31.98 39.53 23.74
CA GLN EE 168 32.70 39.40 22.48
C GLN EE 168 33.75 38.29 22.57
N ALA EE 169 34.31 38.09 23.75
CA ALA EE 169 35.32 37.07 23.98
C ALA EE 169 34.74 35.66 24.06
N ALA EE 170 33.42 35.52 24.19
CA ALA EE 170 32.82 34.19 24.28
C ALA EE 170 33.05 33.40 23.00
N GLY EE 171 32.85 34.04 21.84
CA GLY EE 171 33.11 33.38 20.58
C GLY EE 171 33.36 34.35 19.44
N SER EE 172 34.49 34.19 18.77
CA SER EE 172 34.86 35.01 17.62
C SER EE 172 35.52 34.17 16.53
N SER EE 173 35.10 32.91 16.40
CA SER EE 173 35.70 31.90 15.54
C SER EE 173 37.10 31.51 15.99
N SER EE 174 37.52 31.95 17.18
CA SER EE 174 38.80 31.54 17.73
C SER EE 174 38.74 31.21 19.23
N SER EE 175 37.56 31.25 19.85
CA SER EE 175 37.40 30.91 21.25
C SER EE 175 36.03 30.28 21.45
N GLY EE 176 36.00 29.18 22.21
CA GLY EE 176 34.76 28.46 22.41
C GLY EE 176 34.47 28.14 23.86
N VAL EE 177 34.81 29.08 24.76
CA VAL EE 177 34.56 28.86 26.18
C VAL EE 177 33.05 28.82 26.46
N ALA EE 178 32.28 29.66 25.77
CA ALA EE 178 30.84 29.64 25.92
C ALA EE 178 30.26 28.33 25.40
N LYS EE 179 30.79 27.84 24.28
CA LYS EE 179 30.35 26.55 23.76
C LYS EE 179 30.65 25.44 24.74
N GLY EE 180 31.84 25.47 25.35
CA GLY EE 180 32.16 24.49 26.38
C GLY EE 180 31.22 24.56 27.56
N ALA EE 181 30.86 25.78 27.97
CA ALA EE 181 29.92 25.95 29.08
C ALA EE 181 28.56 25.37 28.72
N LEU EE 182 28.09 25.62 27.50
CA LEU EE 182 26.84 25.03 27.06
C LEU EE 182 26.92 23.52 27.07
N THR EE 183 28.05 22.97 26.59
CA THR EE 183 28.20 21.52 26.55
C THR EE 183 28.13 20.91 27.94
N ILE EE 184 28.85 21.50 28.90
CA ILE EE 184 28.88 20.93 30.24
C ILE EE 184 27.53 21.09 30.93
N LEU EE 185 26.85 22.22 30.68
CA LEU EE 185 25.53 22.42 31.26
C LEU EE 185 24.55 21.37 30.75
N GLY EE 186 24.49 21.20 29.42
CA GLY EE 186 23.65 20.16 28.87
C GLY EE 186 24.03 18.77 29.35
N GLY EE 187 25.34 18.56 29.54
CA GLY EE 187 25.78 17.30 30.10
C GLY EE 187 25.24 17.05 31.48
N GLN EE 188 25.25 18.07 32.33
CA GLN EE 188 24.71 17.90 33.67
C GLN EE 188 23.21 17.62 33.62
N ILE EE 189 22.49 18.31 32.73
CA ILE EE 189 21.10 17.90 32.51
C ILE EE 189 21.04 16.41 32.17
N CYS EE 190 21.96 15.95 31.32
CA CYS EE 190 21.97 14.53 30.94
C CYS EE 190 22.21 13.61 32.13
N MET EE 191 23.27 13.85 32.90
CA MET EE 191 23.49 13.05 34.11
C MET EE 191 22.29 13.01 35.03
N LEU EE 192 21.83 14.16 35.53
CA LEU EE 192 20.76 14.09 36.52
C LEU EE 192 19.47 13.52 35.93
N GLY EE 193 19.14 13.87 34.68
CA GLY EE 193 17.94 13.31 34.08
C GLY EE 193 18.00 11.81 33.93
N LEU EE 194 19.11 11.31 33.36
CA LEU EE 194 19.26 9.87 33.16
C LEU EE 194 19.26 9.15 34.50
N GLN EE 195 19.92 9.74 35.51
CA GLN EE 195 19.88 9.20 36.86
C GLN EE 195 18.47 9.03 37.36
N LYS EE 196 17.65 10.08 37.27
CA LYS EE 196 16.32 10.01 37.84
C LYS EE 196 15.44 9.02 37.09
N GLN EE 197 15.59 8.95 35.76
CA GLN EE 197 14.82 7.96 35.00
C GLN EE 197 15.22 6.54 35.34
N LEU EE 198 16.53 6.24 35.43
CA LEU EE 198 16.92 4.90 35.84
C LEU EE 198 16.43 4.60 37.25
N GLN EE 199 16.51 5.58 38.14
CA GLN EE 199 16.05 5.36 39.51
C GLN EE 199 14.58 4.98 39.53
N ALA EE 200 13.73 5.77 38.86
CA ALA EE 200 12.31 5.46 38.81
C ALA EE 200 12.06 4.10 38.19
N GLN EE 201 12.66 3.85 37.02
CA GLN EE 201 12.44 2.57 36.34
C GLN EE 201 12.83 1.40 37.22
N ARG EE 202 13.96 1.52 37.93
CA ARG EE 202 14.40 0.47 38.83
C ARG EE 202 13.42 0.28 39.98
N ASP EE 203 12.88 1.38 40.52
CA ASP EE 203 11.89 1.22 41.59
C ASP EE 203 10.65 0.48 41.09
N LEU EE 204 10.16 0.82 39.90
CA LEU EE 204 9.04 0.06 39.34
C LEU EE 204 9.42 -1.39 39.05
N TYR EE 205 10.68 -1.67 38.75
CA TYR EE 205 11.06 -3.04 38.48
C TYR EE 205 11.09 -3.87 39.76
N LEU EE 206 11.72 -3.37 40.82
CA LEU EE 206 11.73 -4.13 42.07
C LEU EE 206 10.37 -4.13 42.77
N SER EE 207 9.51 -3.14 42.51
CA SER EE 207 8.17 -3.23 43.09
C SER EE 207 7.37 -4.37 42.47
N GLN EE 208 7.82 -4.91 41.33
CA GLN EE 208 7.19 -6.06 40.71
C GLN EE 208 8.12 -7.26 40.74
N SER EE 209 8.79 -7.47 41.88
CA SER EE 209 9.72 -8.59 41.99
C SER EE 209 9.00 -9.90 42.30
N LYS EE 210 7.94 -10.17 41.57
CA LYS EE 210 7.28 -11.47 41.52
C LYS EE 210 6.96 -11.86 40.09
N SER EE 211 7.18 -10.97 39.13
CA SER EE 211 6.82 -11.12 37.74
C SER EE 211 8.02 -10.73 36.90
N PRO EE 212 8.07 -11.17 35.64
CA PRO EE 212 9.20 -10.83 34.78
C PRO EE 212 9.28 -9.33 34.55
N PRO EE 213 10.47 -8.81 34.23
CA PRO EE 213 11.73 -9.52 34.04
C PRO EE 213 12.53 -9.70 35.33
N CYS EE 214 12.39 -8.82 36.33
CA CYS EE 214 13.13 -9.00 37.57
C CYS EE 214 12.79 -10.31 38.26
N GLY EE 215 11.59 -10.84 38.06
CA GLY EE 215 11.21 -12.14 38.52
C GLY EE 215 11.25 -13.19 37.41
N GLY EE 216 10.60 -14.31 37.68
CA GLY EE 216 10.51 -15.36 36.67
C GLY EE 216 11.87 -15.93 36.32
N ASN EE 217 12.20 -15.92 35.04
CA ASN EE 217 13.46 -16.44 34.52
C ASN EE 217 14.15 -15.34 33.73
N PRO EE 218 14.74 -14.37 34.40
CA PRO EE 218 15.38 -13.25 33.69
C PRO EE 218 16.60 -13.70 32.91
N THR EE 219 16.87 -12.97 31.83
CA THR EE 219 18.19 -13.06 31.23
C THR EE 219 19.23 -12.55 32.22
N PRO EE 220 20.44 -13.09 32.20
CA PRO EE 220 21.43 -12.67 33.20
C PRO EE 220 21.71 -11.18 33.19
N GLU EE 221 21.57 -10.54 32.03
CA GLU EE 221 21.72 -9.09 31.96
C GLU EE 221 20.63 -8.37 32.75
N MET EE 222 19.37 -8.79 32.56
CA MET EE 222 18.28 -8.14 33.30
C MET EE 222 18.38 -8.46 34.78
N ASN EE 223 18.82 -9.67 35.11
CA ASN EE 223 19.13 -10.01 36.49
C ASN EE 223 20.15 -9.02 37.06
N THR EE 224 21.24 -8.81 36.32
CA THR EE 224 22.28 -7.88 36.78
C THR EE 224 21.70 -6.49 37.00
N PHE EE 225 20.90 -6.00 36.06
CA PHE EE 225 20.34 -4.66 36.21
C PHE EE 225 19.44 -4.59 37.43
N CYS EE 226 18.62 -5.62 37.65
CA CYS EE 226 17.74 -5.64 38.80
C CYS EE 226 18.54 -5.61 40.11
N ARG EE 227 19.64 -6.38 40.18
CA ARG EE 227 20.43 -6.41 41.40
C ARG EE 227 21.20 -5.11 41.60
N THR EE 228 21.82 -4.61 40.54
CA THR EE 228 22.75 -3.48 40.68
C THR EE 228 22.01 -2.19 41.02
N ALA EE 229 22.58 -1.43 41.94
CA ALA EE 229 22.09 -0.10 42.26
C ALA EE 229 22.57 0.89 41.21
N ILE EE 230 22.14 2.14 41.35
CA ILE EE 230 22.42 3.18 40.37
C ILE EE 230 23.25 4.27 41.06
N PRO EE 231 24.50 4.47 40.65
CA PRO EE 231 25.35 5.45 41.33
C PRO EE 231 25.08 6.86 40.85
N ASP EE 232 25.86 7.79 41.41
CA ASP EE 232 25.78 9.19 41.04
C ASP EE 232 26.78 9.49 39.93
N PHE EE 233 26.29 9.97 38.79
CA PHE EE 233 27.16 10.39 37.70
C PHE EE 233 27.78 11.76 37.93
N ILE EE 234 27.06 12.68 38.58
CA ILE EE 234 27.63 13.98 38.89
C ILE EE 234 28.83 13.83 39.81
N SER EE 235 28.74 12.93 40.78
CA SER EE 235 29.84 12.71 41.71
C SER EE 235 31.09 12.18 41.03
N THR EE 236 30.94 11.26 40.07
CA THR EE 236 32.08 10.61 39.45
C THR EE 236 32.80 11.48 38.43
N VAL EE 237 32.23 12.61 38.05
CA VAL EE 237 32.81 13.43 36.99
C VAL EE 237 33.60 14.56 37.61
N ASN EE 238 34.91 14.55 37.39
CA ASN EE 238 35.75 15.72 37.67
C ASN EE 238 36.89 15.69 36.67
N PHE EE 239 37.60 16.81 36.53
CA PHE EE 239 38.54 16.97 35.43
C PHE EE 239 39.98 17.05 35.92
N VAL EE 240 40.19 17.39 37.18
CA VAL EE 240 41.54 17.40 37.73
C VAL EE 240 42.13 16.00 37.71
N LYS EE 241 41.34 14.99 38.13
CA LYS EE 241 41.88 13.65 38.21
C LYS EE 241 42.12 13.08 36.81
N LYS EE 242 41.22 13.35 35.86
CA LYS EE 242 41.45 12.87 34.50
C LYS EE 242 42.66 13.55 33.89
N GLN EE 243 42.84 14.83 34.18
CA GLN EE 243 43.99 15.54 33.67
C GLN EE 243 45.29 14.95 34.20
N ASN EE 244 45.37 14.72 35.53
CA ASN EE 244 46.64 14.26 36.08
C ASN EE 244 46.87 12.79 35.77
N ASP EE 245 45.79 12.04 35.48
CA ASP EE 245 45.97 10.72 34.89
C ASP EE 245 46.59 10.82 33.51
N ASP EE 246 46.13 11.79 32.70
CA ASP EE 246 46.63 11.89 31.34
C ASP EE 246 48.08 12.37 31.30
N THR EE 247 48.41 13.43 32.02
CA THR EE 247 49.76 13.99 31.95
C THR EE 247 50.73 13.08 32.69
N PRO EE 248 51.96 12.93 32.21
CA PRO EE 248 52.96 12.16 32.97
C PRO EE 248 53.29 12.87 34.27
N LYS EE 249 53.58 12.07 35.30
CA LYS EE 249 53.99 12.65 36.58
C LYS EE 249 55.30 13.40 36.46
N ASP EE 250 56.16 12.98 35.52
CA ASP EE 250 57.41 13.70 35.29
C ASP EE 250 57.12 15.10 34.76
N LEU EE 251 57.81 16.08 35.33
CA LEU EE 251 57.56 17.49 35.04
C LEU EE 251 58.49 18.06 33.99
N THR EE 252 59.38 17.24 33.42
CA THR EE 252 60.29 17.69 32.38
C THR EE 252 59.92 17.19 30.99
N ALA EE 253 59.17 16.10 30.89
CA ALA EE 253 58.75 15.59 29.60
C ALA EE 253 57.69 16.50 28.98
N ASN EE 254 57.49 16.35 27.67
CA ASN EE 254 56.50 17.16 26.97
C ASN EE 254 55.09 16.79 27.45
N GLN EE 255 54.34 17.80 27.84
CA GLN EE 255 52.99 17.58 28.33
C GLN EE 255 52.05 17.22 27.19
N PRO EE 256 50.97 16.50 27.47
CA PRO EE 256 49.98 16.20 26.43
C PRO EE 256 49.39 17.48 25.85
N ALA EE 257 49.19 17.47 24.53
CA ALA EE 257 48.70 18.66 23.85
C ALA EE 257 47.24 18.94 24.15
N SER EE 258 46.42 17.89 24.25
CA SER EE 258 45.00 18.03 24.48
C SER EE 258 44.55 17.02 25.53
N PHE EE 259 43.36 17.25 26.08
CA PHE EE 259 42.75 16.36 27.06
C PHE EE 259 41.29 16.18 26.71
N GLU EE 260 40.84 14.94 26.73
CA GLU EE 260 39.46 14.58 26.45
C GLU EE 260 38.80 14.09 27.74
N LEU EE 261 37.50 14.34 27.83
CA LEU EE 261 36.73 13.90 29.01
C LEU EE 261 35.34 13.52 28.52
N ASP EE 262 35.15 12.22 28.30
CA ASP EE 262 33.82 11.71 28.08
C ASP EE 262 32.97 11.90 29.32
N MET EE 263 31.73 12.31 29.11
CA MET EE 263 30.81 12.56 30.20
C MET EE 263 29.59 11.67 30.02
N PRO EE 264 29.17 10.91 31.03
CA PRO EE 264 29.72 10.83 32.39
C PRO EE 264 31.01 10.01 32.49
N ASN EE 265 31.49 9.72 33.72
CA ASN EE 265 32.80 9.12 33.95
C ASN EE 265 32.67 7.92 34.86
N PHE EE 266 32.92 6.72 34.33
CA PHE EE 266 32.97 5.49 35.13
C PHE EE 266 34.31 4.82 34.95
N ASP EE 267 34.77 4.13 35.99
CA ASP EE 267 36.00 3.35 35.91
C ASP EE 267 35.72 1.93 35.42
N LYS EE 268 36.79 1.16 35.26
CA LYS EE 268 36.67 -0.17 34.66
C LYS EE 268 35.77 -1.08 35.49
N SER EE 269 35.95 -1.09 36.82
CA SER EE 269 35.13 -1.97 37.65
C SER EE 269 33.66 -1.61 37.59
N SER EE 270 33.35 -0.37 37.22
CA SER EE 270 31.97 0.04 37.05
C SER EE 270 31.34 -0.70 35.87
N PRO EE 271 30.21 -1.39 36.10
CA PRO EE 271 29.60 -2.17 35.03
C PRO EE 271 28.83 -1.35 34.00
N PHE EE 272 28.94 -0.02 34.05
CA PHE EE 272 28.22 0.86 33.15
C PHE EE 272 29.15 1.53 32.15
N TYR EE 273 30.34 0.97 31.94
CA TYR EE 273 31.36 1.63 31.13
C TYR EE 273 30.84 2.03 29.75
N PHE EE 274 29.93 1.24 29.19
CA PHE EE 274 29.36 1.56 27.88
C PHE EE 274 28.53 2.84 27.91
N LEU EE 275 27.88 3.15 29.04
CA LEU EE 275 27.22 4.43 29.20
C LEU EE 275 28.18 5.61 29.21
N ASN EE 276 29.46 5.38 29.41
CA ASN EE 276 30.41 6.49 29.39
C ASN EE 276 30.40 7.16 28.03
N GLY EE 277 30.25 8.49 28.03
CA GLY EE 277 30.12 9.25 26.80
C GLY EE 277 28.71 9.43 26.30
N ILE EE 278 27.71 8.79 26.93
CA ILE EE 278 26.33 8.99 26.54
C ILE EE 278 25.91 10.45 26.71
N CYS EE 279 26.49 11.16 27.68
CA CYS EE 279 26.12 12.53 27.96
C CYS EE 279 27.08 13.54 27.36
N GLY EE 280 27.64 13.24 26.19
CA GLY EE 280 28.55 14.15 25.52
C GLY EE 280 29.99 13.95 25.95
N THR EE 281 30.85 14.83 25.44
CA THR EE 281 32.27 14.81 25.74
C THR EE 281 32.79 16.23 25.68
N VAL EE 282 33.71 16.56 26.59
CA VAL EE 282 34.35 17.86 26.65
C VAL EE 282 35.81 17.70 26.28
N LYS EE 283 36.39 18.72 25.67
CA LYS EE 283 37.80 18.70 25.29
C LYS EE 283 38.45 20.03 25.65
N TRP EE 284 39.72 19.97 26.04
CA TRP EE 284 40.45 21.17 26.38
C TRP EE 284 41.94 20.91 26.26
N ASN EE 285 42.66 21.85 25.67
CA ASN EE 285 44.08 21.66 25.42
C ASN EE 285 44.91 22.15 26.61
N ASN EE 286 46.18 21.75 26.61
CA ASN EE 286 47.12 22.25 27.59
C ASN EE 286 47.53 23.69 27.25
N ILE EE 287 48.02 24.40 28.26
CA ILE EE 287 48.59 25.72 28.01
C ILE EE 287 49.99 25.51 27.46
N SER EE 288 50.10 25.43 26.13
CA SER EE 288 51.36 25.05 25.50
C SER EE 288 52.45 26.09 25.71
N ALA EE 289 52.11 27.29 26.16
CA ALA EE 289 53.14 28.28 26.46
C ALA EE 289 54.11 27.77 27.51
N LEU EE 290 53.62 26.98 28.48
CA LEU EE 290 54.49 26.39 29.48
C LEU EE 290 54.86 24.95 29.15
N ASN EE 291 54.20 24.34 28.15
CA ASN EE 291 54.58 22.99 27.73
C ASN EE 291 55.98 22.98 27.11
N SER EE 292 56.39 24.10 26.50
CA SER EE 292 57.70 24.20 25.89
C SER EE 292 58.80 24.02 26.93
N THR EE 293 60.00 23.74 26.44
CA THR EE 293 61.15 23.54 27.32
C THR EE 293 61.46 24.83 28.06
N ASN EE 294 61.27 24.81 29.38
CA ASN EE 294 61.48 25.99 30.23
C ASN EE 294 62.47 25.70 31.36
N GLN EE 295 63.36 24.72 31.17
CA GLN EE 295 64.33 24.33 32.19
C GLN EE 295 63.65 23.92 33.50
N SER EE 296 62.52 23.22 33.38
CA SER EE 296 61.82 22.75 34.56
C SER EE 296 62.58 21.61 35.23
N ASP EE 297 62.42 21.50 36.55
CA ASP EE 297 63.09 20.47 37.34
C ASP EE 297 62.06 19.75 38.20
N ASN EE 298 62.35 18.49 38.48
CA ASN EE 298 61.45 17.68 39.30
C ASN EE 298 61.32 18.24 40.72
N LYS EE 299 62.44 18.67 41.31
CA LYS EE 299 62.44 19.21 42.66
C LYS EE 299 63.15 20.56 42.79
N GLY EE 300 63.79 21.04 41.74
CA GLY EE 300 64.53 22.28 41.83
C GLY EE 300 63.68 23.52 41.62
N LEU EE 301 64.24 24.53 40.94
CA LEU EE 301 63.57 25.79 40.71
C LEU EE 301 63.56 26.10 39.22
N VAL EE 302 62.46 26.64 38.74
CA VAL EE 302 62.24 26.94 37.33
C VAL EE 302 62.21 28.45 37.15
N THR EE 303 62.70 28.92 36.02
CA THR EE 303 62.75 30.34 35.71
C THR EE 303 62.05 30.60 34.38
N VAL EE 304 61.17 31.60 34.38
CA VAL EE 304 60.50 32.00 33.14
C VAL EE 304 61.50 32.63 32.19
N GLY EE 305 61.41 32.27 30.92
CA GLY EE 305 62.24 32.90 29.91
C GLY EE 305 62.01 34.39 29.80
N GLY EE 306 63.07 35.18 29.88
CA GLY EE 306 62.95 36.62 29.80
C GLY EE 306 63.30 37.17 28.44
N ALA EE 307 64.36 37.96 28.36
CA ALA EE 307 64.83 38.55 27.12
C ALA EE 307 66.25 38.06 26.84
N GLY EE 308 66.49 37.68 25.58
CA GLY EE 308 67.80 37.20 25.16
C GLY EE 308 67.87 35.74 24.81
N SER EE 309 66.79 34.98 25.00
CA SER EE 309 66.77 33.56 24.68
C SER EE 309 65.46 33.24 23.97
N ASN EE 310 65.36 32.01 23.47
CA ASN EE 310 64.14 31.53 22.83
C ASN EE 310 63.08 31.32 23.90
N SER EE 311 62.18 32.29 24.04
CA SER EE 311 61.19 32.30 25.10
C SER EE 311 59.78 32.17 24.54
N SER EE 312 58.91 31.53 25.29
CA SER EE 312 57.50 31.40 24.94
C SER EE 312 56.59 32.31 25.75
N MET EE 313 57.00 32.69 26.96
CA MET EE 313 56.26 33.62 27.79
C MET EE 313 56.76 35.04 27.52
N GLY EE 314 56.39 35.99 28.37
CA GLY EE 314 56.82 37.38 28.20
C GLY EE 314 58.31 37.59 28.36
N ALA EE 315 58.72 38.85 28.48
CA ALA EE 315 60.14 39.22 28.53
C ALA EE 315 60.63 39.39 29.96
N ASN EE 316 60.10 38.60 30.89
CA ASN EE 316 60.50 38.67 32.29
C ASN EE 316 60.76 37.27 32.82
N SER EE 317 61.52 37.20 33.91
CA SER EE 317 61.90 35.95 34.53
C SER EE 317 61.33 35.89 35.94
N LEU EE 318 60.63 34.79 36.24
CA LEU EE 318 60.06 34.55 37.56
C LEU EE 318 60.49 33.18 38.04
N ASN EE 319 60.53 33.01 39.35
CA ASN EE 319 60.99 31.77 39.97
C ASN EE 319 59.78 30.95 40.40
N ILE EE 320 59.71 29.71 39.93
CA ILE EE 320 58.60 28.81 40.21
C ILE EE 320 59.16 27.51 40.74
N THR EE 321 58.57 27.00 41.83
CA THR EE 321 58.97 25.72 42.37
C THR EE 321 58.10 24.61 41.77
N SER EE 322 58.32 23.38 42.23
CA SER EE 322 57.57 22.25 41.70
C SER EE 322 56.08 22.38 41.99
N SER EE 323 55.71 22.73 43.22
CA SER EE 323 54.30 22.83 43.56
C SER EE 323 53.59 23.90 42.76
N GLN EE 324 54.17 25.10 42.73
CA GLN EE 324 53.55 26.19 41.99
C GLN EE 324 53.42 25.85 40.51
N LEU EE 325 54.42 25.18 39.95
CA LEU EE 325 54.32 24.85 38.53
C LEU EE 325 53.24 23.80 38.27
N GLN EE 326 53.15 22.75 39.10
CA GLN EE 326 52.13 21.75 38.74
C GLN EE 326 50.75 22.36 38.93
N THR EE 327 50.59 23.23 39.95
CA THR EE 327 49.31 23.93 40.08
C THR EE 327 49.07 24.86 38.89
N ALA EE 328 50.14 25.38 38.28
CA ALA EE 328 49.98 26.12 37.03
C ALA EE 328 49.47 25.22 35.92
N ARG EE 329 49.79 23.92 35.97
CA ARG EE 329 49.25 23.01 34.96
C ARG EE 329 47.73 22.83 35.11
N LEU EE 330 47.21 22.88 36.34
CA LEU EE 330 45.79 22.62 36.57
C LEU EE 330 44.90 23.83 36.31
N SER EE 331 45.40 24.85 35.60
CA SER EE 331 44.59 26.05 35.39
C SER EE 331 43.26 25.71 34.70
N ARG EE 332 43.33 25.02 33.56
CA ARG EE 332 42.10 24.64 32.88
C ARG EE 332 41.35 23.57 33.68
N ALA EE 333 42.08 22.78 34.46
CA ALA EE 333 41.44 21.74 35.26
C ALA EE 333 40.43 22.34 36.25
N ILE EE 334 40.92 23.15 37.20
CA ILE EE 334 39.98 23.73 38.16
C ILE EE 334 39.12 24.79 37.49
N ALA EE 335 39.52 25.29 36.31
CA ALA EE 335 38.61 26.10 35.52
C ALA EE 335 37.31 25.37 35.23
N ILE EE 336 37.41 24.28 34.46
CA ILE EE 336 36.22 23.51 34.15
C ILE EE 336 35.57 22.97 35.42
N GLN EE 337 36.37 22.72 36.46
CA GLN EE 337 35.79 22.23 37.71
C GLN EE 337 34.84 23.27 38.31
N GLN EE 338 35.24 24.54 38.30
CA GLN EE 338 34.36 25.56 38.87
C GLN EE 338 33.16 25.80 37.97
N MET EE 339 33.33 25.69 36.65
CA MET EE 339 32.14 25.58 35.79
C MET EE 339 31.21 24.48 36.28
N TYR EE 340 31.75 23.29 36.54
CA TYR EE 340 30.91 22.15 36.87
C TYR EE 340 30.16 22.40 38.18
N VAL EE 341 30.86 22.89 39.19
CA VAL EE 341 30.23 23.11 40.48
C VAL EE 341 29.20 24.24 40.39
N THR EE 342 29.46 25.26 39.58
CA THR EE 342 28.53 26.39 39.52
C THR EE 342 27.30 26.09 38.68
N LEU EE 343 27.40 25.21 37.68
CA LEU EE 343 26.22 24.80 36.94
C LEU EE 343 25.51 23.60 37.56
N SER EE 344 26.11 22.94 38.56
CA SER EE 344 25.43 21.81 39.18
C SER EE 344 24.11 22.23 39.82
N THR EE 345 24.11 23.37 40.53
CA THR EE 345 22.88 23.84 41.16
C THR EE 345 21.82 24.18 40.11
N VAL EE 346 22.24 24.82 39.02
CA VAL EE 346 21.29 25.19 37.96
C VAL EE 346 20.69 23.92 37.36
N ALA EE 347 21.53 22.92 37.09
CA ALA EE 347 21.04 21.66 36.53
C ALA EE 347 20.07 20.98 37.49
N GLN EE 348 20.39 20.98 38.79
CA GLN EE 348 19.50 20.36 39.76
C GLN EE 348 18.16 21.08 39.80
N VAL EE 349 18.17 22.41 39.78
CA VAL EE 349 16.94 23.17 39.75
C VAL EE 349 16.14 22.83 38.51
N MET EE 350 16.80 22.77 37.36
CA MET EE 350 16.10 22.54 36.10
C MET EE 350 15.47 21.15 36.08
N VAL EE 351 16.21 20.13 36.53
CA VAL EE 351 15.64 18.79 36.51
C VAL EE 351 14.54 18.67 37.55
N ASN EE 352 14.63 19.42 38.65
CA ASN EE 352 13.56 19.42 39.63
C ASN EE 352 12.34 20.20 39.16
N ASN EE 353 12.49 21.06 38.16
CA ASN EE 353 11.37 21.89 37.71
C ASN EE 353 10.43 21.14 36.78
N ASP EE 354 10.81 19.97 36.29
CA ASP EE 354 9.99 19.28 35.30
C ASP EE 354 9.00 18.33 36.00
N PRO EE 355 7.70 18.46 35.75
CA PRO EE 355 6.74 17.54 36.38
C PRO EE 355 6.96 16.09 36.02
N ALA EE 356 7.40 15.79 34.79
CA ALA EE 356 7.62 14.40 34.42
C ALA EE 356 8.74 13.78 35.23
N PHE EE 357 9.65 14.60 35.76
CA PHE EE 357 10.71 14.10 36.63
C PHE EE 357 10.29 14.04 38.09
N SER EE 358 9.13 14.58 38.44
CA SER EE 358 8.62 14.42 39.79
C SER EE 358 8.11 13.00 39.95
N THR EE 359 8.99 12.09 40.39
CA THR EE 359 8.59 10.70 40.58
C THR EE 359 7.46 10.57 41.58
N THR EE 360 7.33 11.54 42.48
CA THR EE 360 6.18 11.57 43.37
C THR EE 360 4.90 11.72 42.57
N THR EE 361 3.89 10.92 42.91
CA THR EE 361 2.59 10.98 42.23
C THR EE 361 1.82 12.15 42.82
N SER EE 362 2.11 13.34 42.31
CA SER EE 362 1.53 14.56 42.85
C SER EE 362 0.18 14.84 42.19
N THR EE 363 -0.85 15.03 43.02
CA THR EE 363 -2.18 15.37 42.55
C THR EE 363 -2.48 16.86 42.76
N GLY EE 364 -1.43 17.68 42.83
CA GLY EE 364 -1.60 19.11 43.10
C GLY EE 364 -2.17 19.88 41.93
N ASN EE 365 -1.85 21.17 41.87
CA ASN EE 365 -2.39 22.06 40.84
C ASN EE 365 -1.74 21.71 39.51
N SER EE 366 -2.46 20.97 38.68
CA SER EE 366 -2.01 20.63 37.34
C SER EE 366 -2.45 21.65 36.30
N LYS EE 367 -3.29 22.61 36.67
CA LYS EE 367 -3.79 23.62 35.76
C LYS EE 367 -2.97 24.90 35.76
N ASN EE 368 -1.98 25.00 36.64
CA ASN EE 368 -1.18 26.21 36.75
C ASN EE 368 0.24 26.05 36.22
N ASP EE 369 0.65 24.84 35.87
CA ASP EE 369 1.99 24.62 35.35
C ASP EE 369 2.19 25.42 34.06
N PHE EE 370 3.39 25.99 33.92
CA PHE EE 370 3.69 26.78 32.74
C PHE EE 370 3.60 25.93 31.48
N SER EE 371 4.10 24.70 31.54
CA SER EE 371 4.07 23.77 30.43
C SER EE 371 4.07 22.36 31.00
N ALA EE 372 4.02 21.36 30.13
CA ALA EE 372 4.11 19.98 30.55
C ALA EE 372 5.50 19.60 31.02
N ILE EE 373 6.49 20.48 30.87
CA ILE EE 373 7.88 20.13 31.10
C ILE EE 373 8.44 21.05 32.18
N ALA EE 374 7.61 21.97 32.66
CA ALA EE 374 8.03 22.88 33.72
C ALA EE 374 6.81 23.55 34.32
N LYS EE 375 6.65 23.45 35.64
CA LYS EE 375 5.57 24.17 36.31
C LYS EE 375 5.85 25.67 36.33
N GLN EE 376 7.10 26.06 36.53
CA GLN EE 376 7.51 27.46 36.57
C GLN EE 376 8.44 27.73 35.41
N GLN EE 377 8.12 28.76 34.62
CA GLN EE 377 8.99 29.18 33.52
C GLN EE 377 10.30 29.74 34.06
N PHE EE 378 11.37 29.59 33.27
CA PHE EE 378 12.62 30.28 33.64
C PHE EE 378 12.50 31.79 33.46
N GLY EE 379 11.85 32.24 32.40
CA GLY EE 379 11.74 33.65 32.10
C GLY EE 379 12.49 34.05 30.84
N VAL EE 380 12.35 35.32 30.49
CA VAL EE 380 12.89 35.86 29.25
C VAL EE 380 13.66 37.14 29.56
N PRO EE 381 14.58 37.53 28.68
CA PRO EE 381 15.22 38.83 28.82
C PRO EE 381 14.21 39.97 28.73
N TYR EE 382 14.48 41.03 29.49
CA TYR EE 382 13.60 42.18 29.59
C TYR EE 382 14.44 43.43 29.47
N LYS EE 383 13.97 44.38 28.67
CA LYS EE 383 14.69 45.64 28.52
C LYS EE 383 14.69 46.40 29.84
N SER EE 384 15.55 47.42 29.91
CA SER EE 384 15.67 48.21 31.13
C SER EE 384 14.35 48.87 31.50
N SER EE 385 13.55 49.26 30.50
CA SER EE 385 12.24 49.84 30.79
C SER EE 385 11.28 48.80 31.37
N GLY EE 386 11.38 47.55 30.91
CA GLY EE 386 10.58 46.49 31.50
C GLY EE 386 9.64 45.77 30.56
N GLU EE 387 9.97 45.72 29.28
CA GLU EE 387 9.19 44.99 28.29
C GLU EE 387 10.03 43.87 27.67
N VAL EE 388 9.35 43.02 26.90
CA VAL EE 388 9.99 41.83 26.37
C VAL EE 388 11.10 42.21 25.41
N CYS EE 389 12.32 41.76 25.71
CA CYS EE 389 13.49 42.03 24.87
C CYS EE 389 13.60 40.92 23.82
N THR EE 390 12.73 41.00 22.81
CA THR EE 390 12.67 39.96 21.79
C THR EE 390 13.95 39.90 20.98
N GLU EE 391 14.54 41.07 20.68
CA GLU EE 391 15.73 41.15 19.86
C GLU EE 391 16.85 41.82 20.65
N TYR EE 392 18.09 41.38 20.40
CA TYR EE 392 19.23 41.97 21.08
C TYR EE 392 19.41 43.45 20.73
N GLN EE 393 18.88 43.90 19.60
CA GLN EE 393 19.10 45.27 19.15
C GLN EE 393 18.66 46.27 20.22
N GLN EE 394 17.48 46.08 20.78
CA GLN EE 394 17.12 46.79 22.00
C GLN EE 394 17.85 46.16 23.18
N VAL EE 395 18.33 47.01 24.09
CA VAL EE 395 19.16 46.52 25.19
C VAL EE 395 18.32 45.65 26.12
N CYS EE 396 18.87 44.50 26.47
CA CYS EE 396 18.24 43.58 27.41
C CYS EE 396 19.06 43.59 28.69
N GLN EE 397 18.41 43.90 29.81
CA GLN EE 397 19.10 44.03 31.09
C GLN EE 397 18.58 43.08 32.15
N THR EE 398 17.27 42.99 32.34
CA THR EE 398 16.67 42.27 33.45
C THR EE 398 16.09 40.94 32.98
N TRP EE 399 15.52 40.20 33.92
CA TRP EE 399 14.89 38.92 33.67
C TRP EE 399 13.44 39.01 34.08
N GLY EE 400 12.56 38.30 33.36
CA GLY EE 400 11.17 38.33 33.73
C GLY EE 400 10.37 37.10 33.35
N SER EE 401 9.06 37.15 33.56
CA SER EE 401 8.15 36.12 33.12
C SER EE 401 7.41 36.61 31.88
N VAL EE 402 6.45 35.82 31.40
CA VAL EE 402 5.54 36.23 30.35
C VAL EE 402 4.11 36.01 30.83
N PRO EE 403 3.25 37.03 30.79
CA PRO EE 403 1.87 36.85 31.25
C PRO EE 403 1.04 36.06 30.25
N SER EE 404 0.04 35.36 30.77
CA SER EE 404 -0.89 34.57 29.96
C SER EE 404 -0.15 33.58 29.07
N SER EE 405 0.90 32.97 29.63
CA SER EE 405 1.68 32.01 28.87
C SER EE 405 0.85 30.79 28.50
N THR EE 406 0.13 30.22 29.47
CA THR EE 406 -0.81 29.14 29.21
C THR EE 406 -2.10 29.38 29.99
N GLY EE 407 -2.58 30.62 30.05
CA GLY EE 407 -3.70 31.00 30.87
C GLY EE 407 -3.32 31.55 32.23
N SER EE 408 -2.05 31.43 32.62
CA SER EE 408 -1.60 31.93 33.91
C SER EE 408 -0.10 32.20 33.85
N THR EE 409 0.37 33.01 34.80
CA THR EE 409 1.78 33.34 34.91
C THR EE 409 2.35 32.70 36.17
N THR EE 410 3.58 32.19 36.04
CA THR EE 410 4.27 31.51 37.13
C THR EE 410 5.58 32.23 37.41
N GLY EE 411 6.11 31.96 38.60
CA GLY EE 411 7.35 32.60 39.01
C GLY EE 411 8.54 32.11 38.22
N VAL EE 412 9.55 32.98 38.14
CA VAL EE 412 10.81 32.68 37.49
C VAL EE 412 11.87 32.41 38.56
N LEU EE 413 12.75 31.46 38.29
CA LEU EE 413 13.70 30.99 39.29
C LEU EE 413 15.11 31.53 39.10
N PHE EE 414 15.32 32.37 38.09
CA PHE EE 414 16.67 32.81 37.72
C PHE EE 414 16.64 34.27 37.31
N ASN EE 415 17.85 34.80 37.11
CA ASN EE 415 18.06 36.20 36.76
C ASN EE 415 18.57 36.36 35.33
N GLY EE 416 18.81 35.26 34.63
CA GLY EE 416 19.49 35.33 33.36
C GLY EE 416 20.98 35.60 33.47
N THR EE 417 21.52 35.55 34.70
CA THR EE 417 22.92 35.87 34.94
C THR EE 417 23.71 34.68 35.49
N GLU EE 418 23.12 33.49 35.53
CA GLU EE 418 23.86 32.33 36.00
C GLU EE 418 24.87 31.87 34.97
N PHE EE 419 24.49 31.91 33.69
CA PHE EE 419 25.40 31.49 32.62
C PHE EE 419 26.57 32.46 32.51
N LEU EE 420 26.28 33.74 32.29
CA LEU EE 420 27.32 34.76 32.32
C LEU EE 420 28.05 34.76 33.65
N GLY EE 421 27.37 34.40 34.74
CA GLY EE 421 28.05 34.26 36.01
C GLY EE 421 29.14 33.21 35.96
N ALA EE 422 28.83 32.03 35.42
CA ALA EE 422 29.85 31.01 35.25
C ALA EE 422 31.00 31.53 34.41
N ILE EE 423 30.68 32.23 33.31
CA ILE EE 423 31.74 32.70 32.41
C ILE EE 423 32.66 33.69 33.11
N ASN EE 424 32.11 34.61 33.91
CA ASN EE 424 33.02 35.61 34.46
C ASN EE 424 33.75 35.08 35.69
N ASP EE 425 33.21 34.05 36.39
CA ASP EE 425 34.10 33.37 37.34
C ASP EE 425 35.23 32.66 36.60
N TYR EE 426 34.91 32.03 35.48
CA TYR EE 426 35.95 31.43 34.64
C TYR EE 426 37.04 32.45 34.31
N ASN EE 427 36.65 33.61 33.81
CA ASN EE 427 37.62 34.63 33.44
C ASN EE 427 38.40 35.12 34.65
N GLY EE 428 37.72 35.27 35.80
CA GLY EE 428 38.40 35.72 36.99
C GLY EE 428 39.47 34.77 37.46
N ILE EE 429 39.18 33.46 37.45
CA ILE EE 429 40.19 32.51 37.91
C ILE EE 429 41.28 32.32 36.86
N MET EE 430 40.98 32.52 35.57
CA MET EE 430 42.06 32.47 34.59
C MET EE 430 42.96 33.69 34.65
N MET EE 431 42.43 34.83 35.09
CA MET EE 431 43.23 36.05 35.12
C MET EE 431 44.59 35.85 35.78
N PRO EE 432 44.70 35.27 36.98
CA PRO EE 432 46.04 35.04 37.53
C PRO EE 432 46.95 34.22 36.64
N THR EE 433 46.43 33.15 36.04
CA THR EE 433 47.30 32.25 35.28
C THR EE 433 47.91 32.94 34.08
N LEU EE 434 47.07 33.50 33.19
CA LEU EE 434 47.60 34.23 32.05
C LEU EE 434 48.43 35.43 32.51
N ASN EE 435 48.08 36.02 33.65
CA ASN EE 435 48.89 37.11 34.17
C ASN EE 435 50.32 36.66 34.45
N LEU EE 436 50.48 35.48 35.04
CA LEU EE 436 51.84 34.99 35.27
C LEU EE 436 52.52 34.58 33.97
N ILE EE 437 51.76 34.11 32.98
CA ILE EE 437 52.39 33.81 31.70
C ILE EE 437 52.96 35.06 31.05
N ARG EE 438 52.22 36.17 31.06
CA ARG EE 438 52.74 37.36 30.39
C ARG EE 438 53.97 37.92 31.10
N GLN EE 439 54.10 37.70 32.40
CA GLN EE 439 55.29 38.14 33.11
C GLN EE 439 56.42 37.12 32.96
N SER EE 442 62.57 44.68 29.13
CA SER EE 442 61.25 45.31 29.06
C SER EE 442 60.41 44.68 27.96
N LYS EE 443 59.14 45.10 27.89
CA LYS EE 443 58.24 44.60 26.85
C LYS EE 443 58.25 45.46 25.60
N GLU EE 444 58.37 46.78 25.74
CA GLU EE 444 58.45 47.68 24.60
C GLU EE 444 59.86 47.81 24.04
N PHE EE 445 60.86 47.28 24.73
CA PHE EE 445 62.24 47.31 24.25
C PHE EE 445 62.90 45.98 24.56
N ASP EE 446 63.77 45.55 23.65
CA ASP EE 446 64.55 44.33 23.84
C ASP EE 446 65.98 44.58 23.42
N LYS EE 447 66.91 43.91 24.09
CA LYS EE 447 68.31 44.05 23.74
C LYS EE 447 68.64 43.31 22.44
N LYS EE 448 67.82 42.33 22.07
CA LYS EE 448 68.08 41.54 20.88
C LYS EE 448 68.07 42.40 19.63
N SER EE 449 67.31 43.51 19.65
CA SER EE 449 67.23 44.39 18.50
C SER EE 449 68.56 45.07 18.18
N ARG EE 450 69.47 45.15 19.15
CA ARG EE 450 70.76 45.78 18.92
C ARG EE 450 71.87 44.80 18.57
N ASP EE 451 71.73 43.52 18.93
CA ASP EE 451 72.84 42.58 18.77
C ASP EE 451 73.21 42.34 17.32
N PHE EE 452 72.29 42.57 16.37
CA PHE EE 452 72.56 42.26 14.97
C PHE EE 452 73.68 43.11 14.39
N ILE EE 453 73.99 44.24 15.03
CA ILE EE 453 75.01 45.15 14.51
C ILE EE 453 76.38 44.49 14.50
N ALA EE 454 76.70 43.73 15.54
CA ALA EE 454 78.04 43.14 15.64
C ALA EE 454 78.29 42.18 14.49
N GLU EE 455 77.32 41.32 14.19
CA GLU EE 455 77.46 40.46 13.01
C GLU EE 455 77.48 41.31 11.76
N ALA EE 456 76.68 42.37 11.70
CA ALA EE 456 76.70 43.22 10.51
C ALA EE 456 78.11 43.77 10.25
N ASN EE 457 78.87 44.05 11.32
CA ASN EE 457 80.28 44.40 11.17
C ASN EE 457 81.11 43.21 10.66
N ALA EE 458 80.99 42.06 11.33
CA ALA EE 458 81.67 40.84 10.86
C ALA EE 458 81.18 40.37 9.48
N LYS EE 459 80.12 40.99 8.95
CA LYS EE 459 79.30 40.47 7.86
C LYS EE 459 79.65 41.08 6.51
N GLY EE 460 79.70 42.41 6.39
CA GLY EE 460 79.96 43.10 5.15
C GLY EE 460 78.85 44.08 4.81
N TRP EE 461 78.96 44.70 3.63
CA TRP EE 461 77.93 45.63 3.21
C TRP EE 461 77.09 45.08 2.09
N ILE EE 462 77.49 43.93 1.52
CA ILE EE 462 76.79 43.39 0.37
C ILE EE 462 75.51 42.65 0.79
N MET EE 463 75.24 42.59 2.09
CA MET EE 463 73.94 42.12 2.56
C MET EE 463 73.16 43.18 3.34
N ALA EE 464 73.52 44.47 3.22
CA ALA EE 464 72.86 45.50 4.02
C ALA EE 464 71.34 45.44 3.91
N GLY EE 465 70.82 45.19 2.72
CA GLY EE 465 69.37 45.20 2.53
C GLY EE 465 68.65 44.23 3.44
N SER EE 466 69.29 43.12 3.79
CA SER EE 466 68.58 42.11 4.56
C SER EE 466 68.36 42.54 6.01
N TYR EE 467 69.04 43.59 6.47
CA TYR EE 467 68.72 44.13 7.78
C TYR EE 467 67.72 45.26 7.72
N PHE EE 468 67.12 45.51 6.56
CA PHE EE 468 66.30 46.71 6.39
C PHE EE 468 65.20 46.79 7.43
N PHE EE 469 64.40 45.73 7.55
CA PHE EE 469 63.34 45.71 8.56
C PHE EE 469 63.88 45.69 9.98
N ASP EE 470 65.12 45.23 10.18
CA ASP EE 470 65.77 45.42 11.48
C ASP EE 470 66.02 46.91 11.74
N LEU EE 471 66.48 47.64 10.73
CA LEU EE 471 66.76 49.06 10.91
C LEU EE 471 65.49 49.83 11.24
N VAL EE 472 64.39 49.51 10.56
CA VAL EE 472 63.10 50.10 10.90
C VAL EE 472 62.70 49.75 12.31
N LYS EE 473 63.11 48.57 12.78
CA LYS EE 473 62.86 48.17 14.16
C LYS EE 473 63.62 49.03 15.16
N LEU EE 474 64.65 49.75 14.73
CA LEU EE 474 65.44 50.58 15.63
C LEU EE 474 65.08 52.05 15.54
N ASN EE 475 65.17 52.66 14.35
CA ASN EE 475 64.91 54.09 14.22
C ASN EE 475 63.50 54.43 14.66
N GLY EE 476 62.52 53.57 14.34
CA GLY EE 476 61.18 53.77 14.84
C GLY EE 476 61.13 53.80 16.36
N SER EE 477 61.82 52.85 17.00
CA SER EE 477 61.93 52.89 18.45
C SER EE 477 62.64 54.15 18.93
N ALA EE 478 63.53 54.70 18.11
CA ALA EE 478 64.15 55.98 18.43
C ALA EE 478 63.14 57.11 18.39
N THR EE 479 62.15 57.02 17.52
CA THR EE 479 61.09 58.03 17.43
C THR EE 479 59.87 57.66 18.27
N GLU EE 480 59.89 56.53 18.95
CA GLU EE 480 58.76 56.08 19.76
C GLU EE 480 58.95 56.49 21.21
N ASP EE 483 42.04 44.51 29.59
CA ASP EE 483 41.08 43.43 29.38
C ASP EE 483 41.73 42.21 28.73
N GLN EE 484 41.89 41.15 29.51
CA GLN EE 484 42.53 39.93 29.06
C GLN EE 484 41.53 38.78 29.08
N PHE EE 485 41.44 38.06 27.96
CA PHE EE 485 40.61 36.87 27.86
C PHE EE 485 41.42 35.73 27.28
N ASP EE 486 41.08 34.50 27.68
CA ASP EE 486 41.82 33.33 27.24
C ASP EE 486 41.52 33.02 25.78
N THR EE 487 42.56 32.69 25.02
CA THR EE 487 42.44 32.37 23.61
C THR EE 487 43.07 31.01 23.36
N GLY EE 488 42.41 30.19 22.55
CA GLY EE 488 42.86 28.84 22.31
C GLY EE 488 42.56 27.88 23.44
N THR EE 489 41.46 28.08 24.17
CA THR EE 489 41.13 27.24 25.31
C THR EE 489 40.79 25.80 24.89
N GLY EE 490 40.10 25.62 23.77
CA GLY EE 490 39.76 24.30 23.29
C GLY EE 490 38.41 23.77 23.71
N LEU EE 491 37.64 24.52 24.50
CA LEU EE 491 36.28 24.08 24.83
C LEU EE 491 35.36 24.09 23.61
N ASP EE 492 35.74 24.79 22.53
CA ASP EE 492 34.96 24.71 21.31
C ASP EE 492 35.00 23.31 20.69
N LYS EE 493 36.05 22.55 20.97
CA LYS EE 493 36.21 21.26 20.33
C LYS EE 493 35.34 20.19 20.96
N SER EE 494 34.70 20.50 22.08
CA SER EE 494 33.76 19.59 22.72
C SER EE 494 32.59 19.31 21.79
N SER EE 495 31.75 18.35 22.18
CA SER EE 495 30.59 17.99 21.39
C SER EE 495 29.44 17.59 22.31
N PHE EE 496 28.23 17.83 21.84
CA PHE EE 496 27.03 17.36 22.53
C PHE EE 496 25.97 16.99 21.50
N ASP EE 497 25.60 15.72 21.46
CA ASP EE 497 24.52 15.22 20.63
C ASP EE 497 23.37 14.86 21.57
N PRO EE 498 22.18 15.41 21.40
CA PRO EE 498 21.05 14.99 22.24
C PRO EE 498 20.41 13.72 21.75
N THR EE 499 20.57 13.40 20.47
CA THR EE 499 19.87 12.27 19.87
C THR EE 499 20.40 10.92 20.35
N GLN EE 500 21.54 10.90 21.07
CA GLN EE 500 22.19 9.62 21.32
C GLN EE 500 21.44 8.73 22.31
N LEU EE 501 20.56 9.27 23.16
CA LEU EE 501 19.82 8.38 24.05
C LEU EE 501 18.82 7.53 23.28
N THR EE 502 18.25 8.06 22.20
CA THR EE 502 17.31 7.32 21.38
C THR EE 502 17.96 6.64 20.17
N LYS EE 503 19.28 6.70 20.07
CA LYS EE 503 19.98 6.05 18.96
C LYS EE 503 19.75 4.54 18.90
N PRO EE 504 19.96 3.77 19.97
CA PRO EE 504 19.86 2.31 19.83
C PRO EE 504 18.47 1.81 19.48
N PHE EE 505 17.43 2.57 19.80
CA PHE EE 505 16.07 2.08 19.64
C PHE EE 505 15.69 1.92 18.17
N GLY EE 506 14.82 0.95 17.91
CA GLY EE 506 14.37 0.61 16.58
C GLY EE 506 13.56 -0.66 16.58
N LYS EE 507 13.55 -1.39 15.46
CA LYS EE 507 12.89 -2.70 15.42
C LYS EE 507 13.51 -3.62 16.45
N THR EE 508 14.83 -3.80 16.39
CA THR EE 508 15.61 -4.41 17.45
C THR EE 508 16.76 -3.47 17.73
N CYS EE 509 17.22 -3.45 18.97
CA CYS EE 509 18.09 -2.37 19.40
C CYS EE 509 19.55 -2.68 19.07
N GLN EE 510 20.29 -1.63 18.72
CA GLN EE 510 21.60 -1.74 18.09
C GLN EE 510 22.70 -1.11 18.96
N ASP EE 511 23.94 -1.39 18.59
CA ASP EE 511 25.11 -0.82 19.22
C ASP EE 511 25.15 0.68 18.99
N PRO EE 512 25.91 1.43 19.81
CA PRO EE 512 26.76 0.98 20.92
C PRO EE 512 26.06 0.99 22.28
N TYR EE 513 24.75 1.17 22.35
CA TYR EE 513 24.08 1.11 23.64
C TYR EE 513 22.85 0.22 23.57
N SER EE 514 23.01 -0.98 23.01
CA SER EE 514 21.89 -1.93 22.97
C SER EE 514 21.40 -2.26 24.36
N LEU EE 515 22.32 -2.50 25.28
CA LEU EE 515 21.99 -2.98 26.62
C LEU EE 515 21.14 -1.97 27.39
N LEU EE 516 21.34 -0.69 27.12
CA LEU EE 516 20.41 0.32 27.63
C LEU EE 516 18.99 0.03 27.19
N CYS EE 517 18.79 -0.16 25.89
CA CYS EE 517 17.46 -0.47 25.37
C CYS EE 517 16.94 -1.78 25.94
N THR EE 518 17.83 -2.74 26.20
CA THR EE 518 17.38 -3.98 26.81
C THR EE 518 16.87 -3.78 28.23
N TRP EE 519 17.48 -2.88 29.02
CA TRP EE 519 16.84 -2.63 30.31
C TRP EE 519 15.48 -1.96 30.10
N PHE EE 520 15.43 -1.01 29.16
CA PHE EE 520 14.16 -0.34 28.86
C PHE EE 520 13.16 -1.24 28.15
N GLN EE 521 13.56 -2.44 27.73
CA GLN EE 521 12.69 -3.38 27.02
C GLN EE 521 12.18 -2.73 25.72
N ASN EE 522 12.99 -1.80 25.22
CA ASN EE 522 12.77 -1.10 23.94
C ASN EE 522 11.60 -0.12 24.02
N LYS EE 523 11.54 0.63 25.12
CA LYS EE 523 10.68 1.81 25.22
C LYS EE 523 11.58 3.04 25.23
N SER EE 524 11.09 4.11 24.61
CA SER EE 524 11.87 5.34 24.47
C SER EE 524 11.26 6.51 25.24
N ASP EE 525 10.14 6.29 25.94
CA ASP EE 525 9.38 7.40 26.52
C ASP EE 525 10.21 8.18 27.53
N LYS EE 526 10.89 7.49 28.45
CA LYS EE 526 11.67 8.17 29.47
C LYS EE 526 12.77 9.01 28.85
N LEU EE 527 13.42 8.53 27.80
CA LEU EE 527 14.49 9.26 27.13
C LEU EE 527 13.99 10.37 26.22
N ILE EE 528 12.85 10.20 25.56
CA ILE EE 528 12.36 11.30 24.74
C ILE EE 528 11.89 12.41 25.67
N GLN EE 529 11.52 12.07 26.91
CA GLN EE 529 11.31 13.11 27.92
C GLN EE 529 12.59 13.91 28.15
N ILE EE 530 13.73 13.24 28.21
CA ILE EE 530 15.00 13.97 28.32
C ILE EE 530 15.19 14.89 27.12
N GLN EE 531 14.94 14.38 25.91
CA GLN EE 531 15.10 15.24 24.73
C GLN EE 531 14.19 16.46 24.80
N SER EE 532 12.93 16.28 25.21
CA SER EE 532 12.04 17.43 25.34
C SER EE 532 12.52 18.38 26.43
N LEU EE 533 13.20 17.86 27.45
CA LEU EE 533 13.85 18.75 28.41
C LEU EE 533 14.98 19.56 27.77
N ILE EE 534 15.83 18.90 26.99
CA ILE EE 534 17.01 19.57 26.47
C ILE EE 534 16.63 20.62 25.43
N ASP EE 535 15.83 20.22 24.43
CA ASP EE 535 15.52 21.15 23.35
C ASP EE 535 14.04 21.20 22.97
N GLY EE 536 13.17 20.43 23.62
CA GLY EE 536 11.75 20.63 23.44
C GLY EE 536 10.97 19.54 22.75
N VAL EE 537 11.55 18.91 21.74
CA VAL EE 537 10.82 17.93 20.92
C VAL EE 537 10.43 16.74 21.79
N PRO EE 538 9.17 16.30 21.77
CA PRO EE 538 8.04 16.83 21.00
C PRO EE 538 7.01 17.48 21.90
N ALA EE 539 7.29 17.59 23.21
CA ALA EE 539 6.31 18.09 24.15
C ALA EE 539 5.93 19.54 23.88
N LEU EE 540 6.72 20.25 23.08
CA LEU EE 540 6.39 21.60 22.64
C LEU EE 540 6.46 21.68 21.12
N GLY EE 541 5.85 20.71 20.46
CA GLY EE 541 5.82 20.65 19.01
C GLY EE 541 6.83 19.67 18.46
N GLN EE 542 6.53 19.17 17.25
CA GLN EE 542 7.43 18.22 16.60
C GLN EE 542 8.79 18.83 16.29
N ASP EE 543 8.84 20.15 16.18
CA ASP EE 543 10.09 20.87 15.96
C ASP EE 543 10.20 21.99 16.99
N GLY EE 544 11.40 22.17 17.53
CA GLY EE 544 11.61 23.19 18.54
C GLY EE 544 12.86 24.01 18.30
N VAL EE 545 13.54 24.38 19.38
CA VAL EE 545 14.75 25.18 19.27
C VAL EE 545 15.94 24.28 18.95
N LYS EE 546 16.96 24.86 18.33
CA LYS EE 546 18.15 24.16 17.87
C LYS EE 546 19.34 24.51 18.77
N GLN EE 547 20.51 24.02 18.38
CA GLN EE 547 21.74 24.40 19.04
C GLN EE 547 22.00 25.88 18.82
N PRO EE 548 22.14 26.68 19.88
CA PRO EE 548 22.35 28.12 19.69
C PRO EE 548 23.74 28.41 19.19
N ASP EE 549 23.86 29.53 18.47
CA ASP EE 549 25.16 30.02 18.03
C ASP EE 549 25.74 30.89 19.14
N LEU EE 550 26.78 30.40 19.81
CA LEU EE 550 27.38 31.10 20.93
C LEU EE 550 28.42 32.12 20.50
N SER EE 551 28.69 32.24 19.20
CA SER EE 551 29.55 33.29 18.70
C SER EE 551 28.85 34.65 18.85
N ASP EE 552 29.60 35.72 18.62
CA ASP EE 552 29.06 37.07 18.74
C ASP EE 552 28.09 37.30 17.59
N ASN EE 553 26.79 37.15 17.87
CA ASN EE 553 25.75 37.34 16.86
C ASN EE 553 24.83 38.46 17.32
N PRO EE 554 25.03 39.68 16.82
CA PRO EE 554 24.19 40.80 17.27
C PRO EE 554 22.77 40.77 16.73
N GLN EE 555 22.43 39.79 15.90
CA GLN EE 555 21.09 39.66 15.35
C GLN EE 555 20.32 38.53 16.01
N ARG EE 556 20.73 38.14 17.20
CA ARG EE 556 20.12 37.02 17.89
C ARG EE 556 18.68 37.34 18.26
N GLN EE 557 17.83 36.33 18.21
CA GLN EE 557 16.43 36.48 18.57
C GLN EE 557 16.12 35.60 19.77
N SER EE 558 15.67 36.22 20.86
CA SER EE 558 15.29 35.46 22.04
C SER EE 558 14.00 34.68 21.78
N VAL EE 559 13.99 33.42 22.21
CA VAL EE 559 12.82 32.59 22.02
C VAL EE 559 11.75 32.97 23.03
N SER EE 560 10.49 32.93 22.59
CA SER EE 560 9.37 33.36 23.41
C SER EE 560 8.41 32.20 23.60
N GLY EE 561 7.53 32.36 24.59
CA GLY EE 561 6.49 31.38 24.86
C GLY EE 561 7.01 30.14 25.55
N PRO EE 562 6.29 29.02 25.36
CA PRO EE 562 6.69 27.77 26.04
C PRO EE 562 8.09 27.31 25.68
N LEU EE 563 8.57 27.60 24.47
CA LEU EE 563 9.90 27.18 24.08
C LEU EE 563 10.99 27.93 24.85
N SER EE 564 10.63 29.02 25.53
CA SER EE 564 11.58 29.66 26.44
C SER EE 564 11.86 28.78 27.66
N SER EE 565 11.07 27.74 27.88
CA SER EE 565 11.23 26.83 29.00
C SER EE 565 11.89 25.51 28.60
N THR EE 566 12.89 25.57 27.72
CA THR EE 566 13.77 24.45 27.48
C THR EE 566 15.21 24.87 27.75
N VAL EE 567 16.10 23.88 27.84
CA VAL EE 567 17.49 24.17 28.18
C VAL EE 567 18.13 25.03 27.09
N TYR EE 568 17.99 24.62 25.84
CA TYR EE 568 18.63 25.33 24.73
C TYR EE 568 18.09 26.75 24.60
N GLY EE 569 16.76 26.90 24.68
CA GLY EE 569 16.18 28.22 24.61
C GLY EE 569 16.56 29.09 25.79
N PHE EE 570 16.68 28.50 26.97
CA PHE EE 570 17.15 29.25 28.13
C PHE EE 570 18.57 29.75 27.90
N VAL EE 571 19.42 28.91 27.32
CA VAL EE 571 20.80 29.34 27.02
C VAL EE 571 20.79 30.47 26.02
N ASN EE 572 19.97 30.36 24.98
CA ASN EE 572 19.88 31.42 23.98
C ASN EE 572 19.42 32.73 24.61
N ASN EE 573 18.43 32.65 25.50
CA ASN EE 573 17.93 33.86 26.16
C ASN EE 573 18.98 34.44 27.10
N SER EE 574 19.73 33.59 27.80
CA SER EE 574 20.73 34.09 28.73
C SER EE 574 21.87 34.79 28.01
N MET EE 575 22.30 34.25 26.86
CA MET EE 575 23.36 34.94 26.13
C MET EE 575 22.88 36.19 25.43
N MET EE 576 21.64 36.62 25.70
CA MET EE 576 21.12 37.90 25.25
C MET EE 576 21.43 39.03 26.22
N VAL EE 577 21.25 38.79 27.52
CA VAL EE 577 21.20 39.88 28.48
C VAL EE 577 22.55 40.57 28.63
N GLN EE 578 22.51 41.78 29.20
CA GLN EE 578 23.69 42.60 29.39
C GLN EE 578 24.02 42.68 30.87
N LEU EE 579 25.26 42.38 31.21
CA LEU EE 579 25.72 42.42 32.58
C LEU EE 579 25.79 43.87 33.06
N PRO EE 580 25.85 44.09 34.39
CA PRO EE 580 25.84 45.46 34.93
C PRO EE 580 26.90 46.37 34.34
N GLY EE 581 27.99 45.80 33.83
CA GLY EE 581 28.99 46.61 33.17
C GLY EE 581 28.46 47.27 31.91
N GLN EE 582 29.17 48.30 31.47
CA GLN EE 582 28.76 49.03 30.28
C GLN EE 582 28.84 48.11 29.06
N PRO EE 583 27.90 48.26 28.12
CA PRO EE 583 27.86 47.35 26.97
C PRO EE 583 29.14 47.38 26.15
N GLY EE 584 29.55 46.22 25.66
CA GLY EE 584 30.76 46.11 24.88
C GLY EE 584 30.64 45.20 23.67
N ILE EE 585 29.45 45.13 23.09
CA ILE EE 585 29.19 44.32 21.90
C ILE EE 585 28.69 45.24 20.81
N LYS EE 586 29.33 45.19 19.65
CA LYS EE 586 29.02 46.10 18.55
C LYS EE 586 28.11 45.41 17.55
N PRO EE 587 26.88 45.87 17.34
CA PRO EE 587 26.03 45.27 16.31
C PRO EE 587 26.51 45.61 14.90
N LEU EE 588 25.91 44.93 13.92
CA LEU EE 588 26.17 45.26 12.53
C LEU EE 588 25.84 46.73 12.29
N THR EE 589 26.78 47.46 11.69
CA THR EE 589 26.57 48.89 11.50
C THR EE 589 25.44 49.14 10.50
N PHE EE 590 25.36 48.32 9.46
CA PHE EE 590 24.31 48.48 8.46
C PHE EE 590 23.72 47.10 8.17
N ALA EE 591 22.73 46.71 8.96
CA ALA EE 591 22.03 45.46 8.71
C ALA EE 591 20.95 45.61 7.65
N ASN EE 592 20.26 46.76 7.64
CA ASN EE 592 19.24 47.02 6.63
C ASN EE 592 19.82 47.21 5.24
N LEU EE 593 21.10 47.57 5.16
CA LEU EE 593 21.74 47.83 3.87
C LEU EE 593 21.93 46.53 3.07
N ILE EE 594 22.16 45.41 3.76
CA ILE EE 594 21.95 44.07 3.23
C ILE EE 594 20.68 43.50 3.84
N ASN EE 595 19.54 43.74 3.20
CA ASN EE 595 18.29 43.09 3.51
C ASN EE 595 18.31 41.76 2.77
N PHE EE 596 17.48 40.81 3.20
CA PHE EE 596 17.44 39.52 2.52
C PHE EE 596 16.01 39.02 2.72
N LYS EE 597 15.17 39.19 1.71
CA LYS EE 597 13.76 38.81 1.80
C LYS EE 597 13.50 37.42 1.20
N VAL EE 598 13.47 36.43 2.08
CA VAL EE 598 12.89 35.13 1.75
C VAL EE 598 11.92 34.74 2.84
N ASP EE 599 10.89 34.01 2.46
CA ASP EE 599 10.03 33.30 3.39
C ASP EE 599 10.04 31.82 3.02
N THR EE 600 10.00 30.96 4.03
CA THR EE 600 9.87 29.53 3.77
C THR EE 600 8.42 29.11 3.64
N SER EE 601 7.47 29.97 4.04
CA SER EE 601 6.06 29.65 3.93
C SER EE 601 5.62 29.49 2.48
N LEU EE 602 6.37 30.03 1.52
CA LEU EE 602 6.09 29.80 0.12
C LEU EE 602 6.23 28.33 -0.24
N TYR EE 603 7.11 27.62 0.46
CA TYR EE 603 7.46 26.24 0.14
C TYR EE 603 6.78 25.24 1.07
N TYR EE 604 5.53 25.47 1.44
CA TYR EE 604 4.86 24.60 2.39
C TYR EE 604 3.60 24.02 1.75
N MET EE 605 3.48 22.69 1.80
CA MET EE 605 2.28 21.98 1.35
C MET EE 605 1.36 21.76 2.53
N LYS EE 606 0.11 22.18 2.39
CA LYS EE 606 -0.83 22.24 3.50
C LYS EE 606 -1.24 20.83 3.93
N HIS EE 607 -2.20 20.78 4.83
CA HIS EE 607 -2.79 19.52 5.29
C HIS EE 607 -4.12 19.34 4.56
N GLN EE 608 -4.07 18.71 3.39
CA GLN EE 608 -5.27 18.43 2.62
C GLN EE 608 -5.99 17.21 3.18
N ASP EE 609 -7.32 17.29 3.20
CA ASP EE 609 -8.17 16.19 3.63
C ASP EE 609 -8.59 15.39 2.41
N PHE EE 610 -8.42 14.08 2.48
CA PHE EE 610 -8.61 13.21 1.33
C PHE EE 610 -9.98 12.53 1.39
N ASP EE 611 -10.42 12.04 0.24
CA ASP EE 611 -11.71 11.38 0.14
C ASP EE 611 -11.71 10.12 0.98
N CYS EE 612 -12.59 10.07 1.98
CA CYS EE 612 -12.74 8.91 2.85
C CYS EE 612 -13.54 7.86 2.08
N GLY EE 613 -12.84 7.07 1.28
CA GLY EE 613 -13.48 6.02 0.51
C GLY EE 613 -13.67 4.77 1.35
N ARG EE 614 -14.87 4.59 1.88
CA ARG EE 614 -15.12 3.54 2.85
C ARG EE 614 -15.12 2.17 2.18
N VAL EE 615 -14.39 1.24 2.77
CA VAL EE 615 -14.49 -0.17 2.46
C VAL EE 615 -15.21 -0.85 3.63
N LYS EE 616 -15.95 -1.89 3.31
CA LYS EE 616 -16.77 -2.59 4.29
C LYS EE 616 -16.31 -4.04 4.35
N ILE EE 617 -15.35 -4.31 5.22
CA ILE EE 617 -14.89 -5.68 5.46
C ILE EE 617 -15.88 -6.36 6.40
N LEU EE 618 -16.85 -7.07 5.81
CA LEU EE 618 -17.93 -7.74 6.52
C LEU EE 618 -18.75 -6.67 7.24
N PHE EE 619 -18.52 -6.47 8.53
CA PHE EE 619 -19.17 -5.44 9.34
C PHE EE 619 -18.20 -4.37 9.82
N PHE EE 620 -17.09 -4.18 9.11
CA PHE EE 620 -16.07 -3.20 9.48
C PHE EE 620 -16.02 -2.13 8.39
N SER EE 621 -16.57 -0.96 8.69
CA SER EE 621 -16.61 0.15 7.74
C SER EE 621 -15.47 1.11 8.07
N PHE EE 622 -14.61 1.36 7.08
CA PHE EE 622 -13.41 2.17 7.32
C PHE EE 622 -12.80 2.52 5.97
N CYS EE 623 -12.33 3.76 5.83
CA CYS EE 623 -11.79 4.24 4.56
C CYS EE 623 -10.27 4.16 4.59
N LEU EE 624 -9.71 3.27 3.77
CA LEU EE 624 -8.26 3.11 3.70
C LEU EE 624 -7.60 4.23 2.90
N GLY EE 625 -8.32 4.86 1.97
CA GLY EE 625 -7.72 5.97 1.24
C GLY EE 625 -7.34 7.12 2.16
N ARG EE 626 -8.19 7.41 3.15
CA ARG EE 626 -7.95 8.57 4.00
C ARG EE 626 -6.68 8.39 4.84
N MET EE 627 -6.54 7.28 5.55
CA MET EE 627 -5.34 7.13 6.36
C MET EE 627 -4.15 6.80 5.48
N MET EE 628 -4.41 6.27 4.28
CA MET EE 628 -3.35 6.07 3.30
C MET EE 628 -2.67 7.41 3.01
N GLY EE 629 -3.47 8.40 2.62
CA GLY EE 629 -2.92 9.72 2.37
C GLY EE 629 -2.41 10.39 3.63
N ASP EE 630 -3.13 10.23 4.74
CA ASP EE 630 -2.72 10.86 5.99
C ASP EE 630 -1.34 10.41 6.42
N LEU EE 631 -1.12 9.09 6.46
CA LEU EE 631 0.19 8.57 6.83
C LEU EE 631 1.23 8.91 5.78
N PHE EE 632 1.06 8.42 4.55
CA PHE EE 632 2.15 8.47 3.60
C PHE EE 632 2.43 9.87 3.06
N TYR EE 633 1.46 10.77 2.99
CA TYR EE 633 1.79 12.13 2.57
C TYR EE 633 1.57 13.15 3.68
N ASN EE 634 0.39 13.19 4.28
CA ASN EE 634 0.05 14.26 5.21
C ASN EE 634 0.90 14.20 6.47
N TYR EE 635 1.58 13.09 6.69
CA TYR EE 635 2.39 12.89 7.87
C TYR EE 635 3.81 12.41 7.57
N VAL EE 636 4.01 11.55 6.58
CA VAL EE 636 5.34 11.13 6.16
C VAL EE 636 6.01 12.22 5.32
N PHE EE 637 5.47 12.49 4.14
CA PHE EE 637 6.06 13.51 3.28
C PHE EE 637 6.04 14.86 3.98
N ARG EE 638 4.92 15.17 4.63
CA ARG EE 638 4.76 16.47 5.27
C ARG EE 638 5.82 16.68 6.34
N TYR EE 639 5.90 15.77 7.32
CA TYR EE 639 6.82 15.98 8.43
C TYR EE 639 8.26 16.06 7.97
N VAL EE 640 8.69 15.15 7.09
CA VAL EE 640 10.07 15.19 6.64
C VAL EE 640 10.36 16.50 5.94
N TYR EE 641 9.46 16.94 5.05
CA TYR EE 641 9.68 18.18 4.33
C TYR EE 641 9.79 19.36 5.28
N ASN EE 642 8.85 19.47 6.24
CA ASN EE 642 8.95 20.57 7.18
C ASN EE 642 10.17 20.43 8.06
N PHE EE 643 10.72 19.23 8.19
CA PHE EE 643 11.96 19.08 8.93
C PHE EE 643 13.13 19.68 8.14
N PHE EE 644 13.16 19.47 6.81
CA PHE EE 644 14.17 20.20 6.04
C PHE EE 644 13.97 21.70 6.16
N LEU EE 645 12.74 22.18 6.11
CA LEU EE 645 12.54 23.63 6.25
C LEU EE 645 13.01 24.12 7.62
N ALA EE 646 12.78 23.32 8.66
CA ALA EE 646 13.23 23.70 10.00
C ALA EE 646 14.74 23.80 10.06
N ILE EE 647 15.46 22.80 9.55
CA ILE EE 647 16.92 22.91 9.56
C ILE EE 647 17.37 24.02 8.62
N PHE EE 648 16.57 24.30 7.59
CA PHE EE 648 16.94 25.31 6.60
C PHE EE 648 16.91 26.71 7.16
N GLY EE 649 15.90 27.05 7.96
CA GLY EE 649 15.66 28.46 8.30
C GLY EE 649 16.82 29.13 9.03
N GLU EE 650 17.18 28.60 10.21
CA GLU EE 650 18.29 29.19 10.95
C GLU EE 650 19.59 29.11 10.17
N MET EE 651 19.71 28.12 9.28
CA MET EE 651 20.84 28.10 8.37
C MET EE 651 20.84 29.35 7.49
N ILE EE 652 19.71 29.65 6.86
CA ILE EE 652 19.65 30.85 6.02
C ILE EE 652 20.08 32.06 6.84
N ASN EE 653 19.56 32.14 8.06
CA ASN EE 653 19.90 33.25 8.95
C ASN EE 653 21.41 33.37 9.14
N SER EE 654 22.03 32.35 9.75
CA SER EE 654 23.43 32.42 10.11
C SER EE 654 24.31 32.62 8.89
N ILE EE 655 23.99 31.94 7.78
CA ILE EE 655 24.62 32.23 6.50
C ILE EE 655 24.64 33.72 6.20
N VAL EE 656 23.48 34.35 6.08
CA VAL EE 656 23.52 35.71 5.54
C VAL EE 656 24.15 36.67 6.53
N MET EE 657 23.98 36.43 7.84
CA MET EE 657 24.79 37.20 8.79
C MET EE 657 26.28 37.06 8.50
N ALA EE 658 26.74 35.84 8.20
CA ALA EE 658 28.16 35.65 7.89
C ALA EE 658 28.57 36.41 6.63
N PHE EE 659 27.93 36.11 5.49
CA PHE EE 659 28.35 36.74 4.24
C PHE EE 659 27.89 38.19 4.09
N LEU EE 660 27.19 38.76 5.07
CA LEU EE 660 27.01 40.20 5.08
C LEU EE 660 27.95 40.89 6.06
N MET EE 661 28.40 40.18 7.09
CA MET EE 661 29.32 40.74 8.06
C MET EE 661 30.75 40.80 7.55
N ILE EE 662 31.15 39.89 6.68
CA ILE EE 662 32.56 39.75 6.30
C ILE EE 662 33.12 41.05 5.72
N PRO EE 663 32.52 41.69 4.70
CA PRO EE 663 33.17 42.90 4.18
C PRO EE 663 33.13 44.04 5.18
N LEU EE 664 31.93 44.40 5.63
CA LEU EE 664 31.74 45.68 6.28
C LEU EE 664 32.33 45.64 7.70
N GLN EE 665 31.85 44.71 8.54
CA GLN EE 665 32.34 44.65 9.92
C GLN EE 665 33.85 44.49 9.99
N GLY EE 666 34.36 43.38 9.46
CA GLY EE 666 35.78 43.11 9.56
C GLY EE 666 36.61 44.20 8.92
N MET EE 667 36.22 44.60 7.71
CA MET EE 667 36.98 45.54 6.92
C MET EE 667 37.03 46.89 7.61
N LYS EE 668 35.89 47.34 8.13
CA LYS EE 668 35.83 48.61 8.85
C LYS EE 668 36.64 48.56 10.14
N ASP EE 669 36.56 47.44 10.87
CA ASP EE 669 37.27 47.42 12.15
C ASP EE 669 38.77 47.40 11.95
N ILE EE 670 39.27 46.72 10.91
CA ILE EE 670 40.71 46.78 10.66
C ILE EE 670 41.09 48.18 10.20
N PHE EE 671 40.22 48.84 9.42
CA PHE EE 671 40.52 50.23 9.06
C PHE EE 671 40.62 51.14 10.28
N ILE EE 672 39.66 51.02 11.21
CA ILE EE 672 39.67 51.95 12.34
C ILE EE 672 40.84 51.65 13.27
N VAL EE 673 41.18 50.38 13.46
CA VAL EE 673 42.35 50.10 14.28
C VAL EE 673 43.60 50.61 13.60
N GLY EE 674 43.66 50.52 12.26
CA GLY EE 674 44.80 51.07 11.55
C GLY EE 674 44.96 52.56 11.75
N VAL EE 675 43.86 53.30 11.60
CA VAL EE 675 43.96 54.76 11.78
C VAL EE 675 44.26 55.09 13.24
N GLN EE 676 43.71 54.31 14.18
CA GLN EE 676 44.00 54.55 15.59
C GLN EE 676 45.49 54.37 15.88
N THR EE 677 46.12 53.33 15.34
CA THR EE 677 47.55 53.17 15.54
C THR EE 677 48.38 54.22 14.81
N LEU EE 678 47.99 54.64 13.60
CA LEU EE 678 48.86 55.58 12.90
C LEU EE 678 48.73 57.00 13.44
N THR EE 679 47.55 57.36 13.97
CA THR EE 679 47.36 58.71 14.48
C THR EE 679 48.13 58.99 15.76
N GLN EE 680 48.60 57.95 16.46
CA GLN EE 680 49.36 58.19 17.67
C GLN EE 680 50.68 58.90 17.35
N PRO EE 681 51.12 59.81 18.20
CA PRO EE 681 52.39 60.50 17.95
C PRO EE 681 53.59 59.61 18.23
N GLY EE 682 54.52 59.60 17.29
CA GLY EE 682 55.80 58.93 17.48
C GLY EE 682 55.84 57.46 17.15
N ILE EE 683 54.69 56.82 16.97
CA ILE EE 683 54.67 55.39 16.66
C ILE EE 683 55.28 55.18 15.28
N ASN EE 684 56.18 54.20 15.17
CA ASN EE 684 56.79 53.89 13.89
C ASN EE 684 55.72 53.44 12.90
N PRO EE 685 55.61 54.10 11.75
CA PRO EE 685 54.48 53.80 10.85
C PRO EE 685 54.66 52.54 10.03
N ILE EE 686 55.89 52.22 9.61
CA ILE EE 686 56.10 51.07 8.74
C ILE EE 686 55.71 49.78 9.46
N VAL EE 687 56.17 49.61 10.70
CA VAL EE 687 55.78 48.44 11.46
C VAL EE 687 54.28 48.44 11.70
N ALA EE 688 53.68 49.63 11.86
CA ALA EE 688 52.23 49.70 12.06
C ALA EE 688 51.48 49.15 10.84
N LEU EE 689 51.83 49.62 9.65
CA LEU EE 689 51.22 49.08 8.44
C LEU EE 689 51.48 47.58 8.33
N ALA EE 690 52.66 47.14 8.76
CA ALA EE 690 52.93 45.71 8.76
C ALA EE 690 51.95 44.97 9.66
N ASN EE 691 51.71 45.49 10.87
CA ASN EE 691 50.78 44.81 11.76
C ASN EE 691 49.38 44.79 11.17
N MET EE 692 48.92 45.89 10.58
CA MET EE 692 47.58 45.86 10.00
C MET EE 692 47.52 44.92 8.80
N GLY EE 693 48.65 44.72 8.11
CA GLY EE 693 48.73 43.64 7.15
C GLY EE 693 48.54 42.28 7.81
N THR EE 694 49.13 42.10 8.99
CA THR EE 694 48.94 40.83 9.71
C THR EE 694 47.48 40.65 10.16
N MET EE 695 46.80 41.73 10.54
CA MET EE 695 45.36 41.61 10.79
C MET EE 695 44.58 41.27 9.53
N TYR EE 696 44.93 41.88 8.39
CA TYR EE 696 44.31 41.49 7.13
C TYR EE 696 44.44 39.99 6.90
N ILE EE 697 45.66 39.47 6.99
CA ILE EE 697 45.96 38.08 6.68
C ILE EE 697 45.90 37.28 7.98
N ASN EE 698 45.19 37.81 8.97
CA ASN EE 698 44.79 37.04 10.14
C ASN EE 698 43.28 36.94 10.31
N PHE EE 699 42.50 37.77 9.62
CA PHE EE 699 41.05 37.55 9.65
C PHE EE 699 40.46 37.14 8.30
N SER EE 700 41.02 37.55 7.17
CA SER EE 700 40.38 37.24 5.89
C SER EE 700 40.23 35.73 5.70
N GLY EE 701 41.29 34.98 5.94
CA GLY EE 701 41.27 33.55 5.71
C GLY EE 701 40.58 32.76 6.80
N THR EE 702 40.58 33.28 8.03
CA THR EE 702 39.74 32.65 9.05
C THR EE 702 38.27 32.77 8.69
N LEU EE 703 37.84 33.95 8.23
CA LEU EE 703 36.49 34.05 7.71
C LEU EE 703 36.31 33.12 6.51
N TRP EE 704 37.38 32.95 5.73
CA TRP EE 704 37.28 32.17 4.50
C TRP EE 704 37.03 30.69 4.82
N LEU EE 705 37.76 30.14 5.80
CA LEU EE 705 37.57 28.74 6.16
C LEU EE 705 36.32 28.57 7.03
N THR EE 706 35.83 29.63 7.65
CA THR EE 706 34.52 29.45 8.28
C THR EE 706 33.42 29.40 7.22
N LEU EE 707 33.59 30.09 6.10
CA LEU EE 707 32.71 29.86 4.96
C LEU EE 707 32.85 28.42 4.45
N LEU EE 708 34.10 27.92 4.36
CA LEU EE 708 34.28 26.47 4.25
C LEU EE 708 33.31 25.72 5.13
N ASN EE 709 33.36 25.99 6.43
CA ASN EE 709 32.55 25.23 7.37
C ASN EE 709 31.09 25.28 6.98
N MET EE 710 30.50 26.47 6.97
CA MET EE 710 29.05 26.59 6.83
C MET EE 710 28.56 26.20 5.44
N ALA EE 711 29.28 26.56 4.38
CA ALA EE 711 28.85 26.18 3.05
C ALA EE 711 28.81 24.67 2.92
N VAL EE 713 29.82 23.98 3.45
CA VAL EE 713 29.79 22.52 3.40
C VAL EE 713 28.68 22.00 4.31
N SER EE 714 28.55 22.60 5.50
CA SER EE 714 27.67 22.19 6.58
C SER EE 714 26.19 22.37 6.27
N SER EE 715 25.85 23.10 5.21
CA SER EE 715 24.45 23.06 4.78
C SER EE 715 24.02 21.64 4.36
N LEU EE 716 24.52 21.17 3.21
CA LEU EE 716 24.27 19.86 2.63
C LEU EE 716 22.82 19.41 2.68
N ILE EE 717 21.85 20.31 2.74
CA ILE EE 717 20.51 19.81 3.08
C ILE EE 717 19.90 19.18 1.83
N PRO EE 718 19.22 18.05 1.96
CA PRO EE 718 18.67 17.38 0.78
C PRO EE 718 17.58 18.23 0.13
N LEU EE 719 17.38 18.02 -1.17
CA LEU EE 719 16.37 18.69 -1.97
C LEU EE 719 16.79 20.12 -2.30
N PHE EE 720 16.89 20.99 -1.30
CA PHE EE 720 17.10 22.40 -1.56
C PHE EE 720 18.55 22.83 -1.52
N GLY EE 721 19.46 21.99 -1.03
CA GLY EE 721 20.82 22.40 -0.68
C GLY EE 721 21.51 23.29 -1.68
N ILE EE 722 21.05 23.26 -2.94
CA ILE EE 722 21.52 24.14 -3.99
C ILE EE 722 21.53 25.62 -3.60
N PHE EE 723 20.85 26.03 -2.51
CA PHE EE 723 20.93 27.45 -2.14
C PHE EE 723 22.38 27.82 -1.91
N ILE EE 724 23.10 26.92 -1.23
CA ILE EE 724 24.50 27.17 -0.92
C ILE EE 724 25.29 27.30 -2.20
N PHE EE 725 24.84 26.65 -3.28
CA PHE EE 725 25.37 26.94 -4.61
C PHE EE 725 24.91 28.32 -5.10
N ALA EE 726 23.60 28.55 -5.10
CA ALA EE 726 23.06 29.79 -5.65
C ALA EE 726 23.80 30.99 -5.09
N LEU EE 727 23.64 31.23 -3.78
CA LEU EE 727 24.39 32.29 -3.12
C LEU EE 727 25.84 32.27 -3.57
N ILE EE 728 26.54 31.15 -3.38
CA ILE EE 728 27.98 31.20 -3.55
C ILE EE 728 28.33 31.69 -4.94
N MET EE 729 27.64 31.18 -5.97
CA MET EE 729 28.26 31.48 -7.25
C MET EE 729 28.05 32.95 -7.57
N MET EE 730 26.90 33.48 -7.21
CA MET EE 730 26.67 34.87 -7.56
C MET EE 730 27.00 35.73 -6.37
N ALA EE 731 27.74 35.13 -5.45
CA ALA EE 731 28.67 35.84 -4.62
C ALA EE 731 30.08 35.86 -5.20
N MET EE 732 30.53 34.79 -5.90
CA MET EE 732 31.97 34.61 -6.10
C MET EE 732 32.67 35.84 -6.66
N PRO EE 733 32.15 36.55 -7.67
CA PRO EE 733 32.87 37.75 -8.10
C PRO EE 733 33.06 38.75 -6.97
N LEU EE 734 31.96 39.28 -6.43
CA LEU EE 734 32.09 40.33 -5.43
C LEU EE 734 32.65 39.77 -4.13
N LEU EE 735 32.30 38.52 -3.80
CA LEU EE 735 33.05 37.77 -2.80
C LEU EE 735 34.54 37.97 -2.99
N MET EE 736 35.09 37.46 -4.10
CA MET EE 736 36.52 37.60 -4.33
C MET EE 736 36.92 39.06 -4.30
N ALA EE 737 36.01 39.93 -4.75
CA ALA EE 737 36.28 41.36 -4.77
C ALA EE 737 36.79 41.84 -3.43
N TRP EE 738 36.12 41.44 -2.34
CA TRP EE 738 36.68 41.83 -1.04
C TRP EE 738 37.84 40.91 -0.65
N ILE EE 739 37.68 39.60 -0.81
CA ILE EE 739 38.70 38.70 -0.23
C ILE EE 739 40.06 38.98 -0.84
N GLY EE 740 40.15 38.96 -2.18
CA GLY EE 740 41.38 39.37 -2.83
C GLY EE 740 41.82 40.75 -2.37
N THR EE 741 40.88 41.70 -2.33
CA THR EE 741 41.18 43.03 -1.79
C THR EE 741 41.92 42.91 -0.47
N MET EE 742 41.35 42.16 0.49
CA MET EE 742 42.02 42.02 1.77
C MET EE 742 43.42 41.46 1.59
N VAL EE 743 43.53 40.34 0.88
CA VAL EE 743 44.81 39.66 0.76
C VAL EE 743 45.84 40.61 0.18
N SER EE 744 45.49 41.25 -0.94
CA SER EE 744 46.42 42.17 -1.58
C SER EE 744 46.96 43.20 -0.60
N ILE EE 745 46.08 43.82 0.20
CA ILE EE 745 46.57 44.80 1.18
C ILE EE 745 47.72 44.20 1.97
N GLY EE 746 47.47 43.09 2.65
CA GLY EE 746 48.53 42.49 3.44
C GLY EE 746 49.75 42.19 2.61
N PHE EE 747 49.54 41.58 1.43
CA PHE EE 747 50.67 41.18 0.61
C PHE EE 747 51.52 42.38 0.21
N VAL EE 748 50.90 43.55 0.10
CA VAL EE 748 51.69 44.75 -0.16
C VAL EE 748 52.39 45.21 1.11
N THR EE 749 51.65 45.36 2.21
CA THR EE 749 52.16 46.14 3.33
C THR EE 749 53.04 45.29 4.25
N ALA EE 750 52.53 44.14 4.67
CA ALA EE 750 53.23 43.29 5.63
C ALA EE 750 54.22 42.34 4.98
N TYR EE 751 54.18 42.18 3.67
CA TYR EE 751 55.03 41.20 2.99
C TYR EE 751 55.96 41.82 1.96
N TYR EE 752 55.43 42.60 1.01
CA TYR EE 752 56.26 43.05 -0.11
C TYR EE 752 57.27 44.10 0.34
N ILE EE 753 56.80 45.21 0.92
CA ILE EE 753 57.71 46.25 1.38
C ILE EE 753 58.71 45.76 2.43
N PRO EE 754 58.31 44.96 3.44
CA PRO EE 754 59.29 44.57 4.46
C PRO EE 754 60.49 43.80 3.90
N VAL EE 755 60.46 43.40 2.64
CA VAL EE 755 61.60 42.73 2.03
C VAL EE 755 62.12 43.49 0.80
N LEU EE 756 61.31 44.35 0.18
CA LEU EE 756 61.67 44.89 -1.12
C LEU EE 756 63.02 45.62 -1.14
N PRO EE 757 63.37 46.49 -0.17
CA PRO EE 757 64.71 47.07 -0.19
C PRO EE 757 65.81 46.04 -0.23
N TYR EE 758 65.59 44.88 0.39
CA TYR EE 758 66.57 43.82 0.32
C TYR EE 758 66.85 43.42 -1.12
N MET EE 759 65.84 43.05 -1.91
CA MET EE 759 66.15 42.53 -3.24
C MET EE 759 66.60 43.65 -4.18
N ILE EE 760 66.07 44.87 -4.01
CA ILE EE 760 66.55 45.92 -4.90
C ILE EE 760 68.03 46.19 -4.62
N PHE EE 761 68.44 46.10 -3.36
CA PHE EE 761 69.84 46.25 -3.05
C PHE EE 761 70.64 45.05 -3.55
N THR EE 762 70.02 43.86 -3.60
CA THR EE 762 70.71 42.72 -4.21
C THR EE 762 70.98 42.97 -5.69
N PHE EE 763 70.01 43.54 -6.42
CA PHE EE 763 70.34 43.81 -7.82
C PHE EE 763 71.32 44.97 -7.93
N GLY EE 764 71.33 45.88 -6.96
CA GLY EE 764 72.35 46.91 -6.96
C GLY EE 764 73.75 46.35 -6.82
N SER EE 765 73.95 45.45 -5.87
CA SER EE 765 75.24 44.78 -5.71
C SER EE 765 75.53 43.85 -6.88
N PHE EE 766 74.49 43.30 -7.49
CA PHE EE 766 74.69 42.43 -8.64
C PHE EE 766 75.22 43.28 -9.81
N ALA EE 767 74.66 44.46 -10.01
CA ALA EE 767 75.19 45.39 -11.01
C ALA EE 767 76.60 45.84 -10.66
N TRP EE 768 76.87 46.05 -9.36
CA TRP EE 768 78.25 46.21 -8.92
C TRP EE 768 79.13 45.15 -9.56
N LEU EE 769 78.84 43.88 -9.26
CA LEU EE 769 79.74 42.81 -9.68
C LEU EE 769 79.81 42.68 -11.20
N ILE EE 770 78.70 42.91 -11.90
CA ILE EE 770 78.79 43.01 -13.35
C ILE EE 770 79.81 44.07 -13.73
N ALA EE 771 79.76 45.24 -13.07
CA ALA EE 771 80.69 46.32 -13.39
C ALA EE 771 82.13 45.96 -13.09
N VAL EE 772 82.37 45.19 -12.01
CA VAL EE 772 83.75 44.86 -11.70
C VAL EE 772 84.30 43.89 -12.74
N ILE EE 773 83.46 42.98 -13.25
CA ILE EE 773 83.92 42.15 -14.37
C ILE EE 773 84.04 42.98 -15.65
N GLU EE 774 83.20 44.00 -15.81
CA GLU EE 774 83.39 44.97 -16.88
C GLU EE 774 84.81 45.52 -16.86
N ALA EE 775 85.24 46.01 -15.70
CA ALA EE 775 86.57 46.58 -15.57
C ALA EE 775 87.64 45.52 -15.78
N MET EE 776 87.40 44.30 -15.27
CA MET EE 776 88.37 43.22 -15.48
C MET EE 776 88.58 42.96 -16.96
N VAL EE 777 87.48 42.91 -17.73
CA VAL EE 777 87.57 42.69 -19.16
C VAL EE 777 88.25 43.88 -19.86
N ALA EE 778 87.94 45.10 -19.44
CA ALA EE 778 88.47 46.27 -20.13
C ALA EE 778 89.93 46.54 -19.77
N ALA EE 779 90.42 45.92 -18.69
CA ALA EE 779 91.79 46.18 -18.24
C ALA EE 779 92.86 45.89 -19.30
N PRO EE 780 92.88 44.73 -19.97
CA PRO EE 780 93.94 44.50 -20.95
C PRO EE 780 93.93 45.49 -22.11
N ILE EE 781 92.76 45.98 -22.53
CA ILE EE 781 92.75 47.01 -23.57
C ILE EE 781 93.39 48.28 -23.05
N VAL EE 782 93.12 48.64 -21.81
CA VAL EE 782 93.75 49.82 -21.21
C VAL EE 782 95.27 49.65 -21.19
N ALA EE 783 95.74 48.49 -20.72
CA ALA EE 783 97.18 48.24 -20.70
C ALA EE 783 97.76 48.15 -22.11
N LEU EE 784 96.94 47.81 -23.10
CA LEU EE 784 97.37 47.78 -24.49
C LEU EE 784 97.56 49.18 -25.03
N GLY EE 785 96.69 50.11 -24.64
CA GLY EE 785 96.88 51.50 -25.00
C GLY EE 785 98.12 52.12 -24.38
N VAL EE 786 98.72 51.44 -23.41
CA VAL EE 786 99.95 51.94 -22.78
C VAL EE 786 101.14 51.72 -23.72
N THR EE 787 100.90 51.06 -24.86
CA THR EE 787 101.96 50.93 -25.86
C THR EE 787 101.84 52.00 -26.93
N HIS EE 788 100.62 52.43 -27.24
CA HIS EE 788 100.39 53.32 -28.37
C HIS EE 788 100.73 54.75 -28.00
N PRO EE 789 101.70 55.39 -28.68
CA PRO EE 789 102.18 56.69 -28.23
C PRO EE 789 101.25 57.84 -28.61
N GLU EE 790 100.01 57.53 -28.96
CA GLU EE 790 99.02 58.56 -29.27
C GLU EE 790 98.85 59.51 -28.09
N GLY EE 791 98.80 60.80 -28.39
CA GLY EE 791 98.60 61.82 -27.37
C GLY EE 791 99.86 62.12 -26.59
N ASN EE 792 99.89 63.33 -26.04
CA ASN EE 792 101.03 63.77 -25.25
C ASN EE 792 101.11 63.07 -23.90
N GLU EE 793 100.00 62.53 -23.40
CA GLU EE 793 100.02 61.87 -22.11
C GLU EE 793 100.77 60.54 -22.19
N ALA EE 794 101.28 60.11 -21.04
CA ALA EE 794 102.00 58.83 -20.96
C ALA EE 794 101.06 57.64 -20.82
N PHE EE 795 99.76 57.84 -21.01
CA PHE EE 795 98.79 56.75 -20.96
C PHE EE 795 98.06 56.55 -22.28
N GLY EE 796 98.50 57.19 -23.35
CA GLY EE 796 98.00 56.94 -24.69
C GLY EE 796 96.52 57.23 -24.86
N LYS EE 797 95.73 56.19 -25.02
CA LYS EE 797 94.27 56.29 -25.10
C LYS EE 797 93.69 55.70 -23.82
N GLY EE 798 93.62 56.53 -22.77
CA GLY EE 798 93.11 56.08 -21.50
C GLY EE 798 92.04 57.02 -20.94
N GLU EE 799 91.33 57.69 -21.84
CA GLU EE 799 90.27 58.60 -21.41
C GLU EE 799 89.17 57.86 -20.67
N PHE EE 800 88.76 56.70 -21.18
CA PHE EE 800 87.73 55.90 -20.52
C PHE EE 800 88.24 55.21 -19.27
N ALA EE 801 89.53 54.84 -19.25
CA ALA EE 801 90.06 53.99 -18.19
C ALA EE 801 89.85 54.63 -16.81
N ILE EE 802 90.14 55.93 -16.70
CA ILE EE 802 89.93 56.62 -15.44
C ILE EE 802 88.45 56.58 -15.05
N MET EE 803 87.56 56.58 -16.04
CA MET EE 803 86.14 56.61 -15.72
C MET EE 803 85.68 55.24 -15.19
N ILE EE 804 86.14 54.15 -15.81
CA ILE EE 804 85.79 52.85 -15.21
C ILE EE 804 86.44 52.70 -13.85
N LEU EE 805 87.66 53.22 -13.70
CA LEU EE 805 88.36 53.10 -12.42
C LEU EE 805 87.61 53.81 -11.31
N VAL EE 806 87.22 55.07 -11.55
CA VAL EE 806 86.48 55.80 -10.54
C VAL EE 806 85.11 55.18 -10.31
N ASN EE 807 84.49 54.65 -11.37
CA ASN EE 807 83.21 53.96 -11.20
C ASN EE 807 83.35 52.79 -10.22
N VAL EE 808 84.30 51.90 -10.48
CA VAL EE 808 84.42 50.71 -9.64
C VAL EE 808 84.90 51.08 -8.24
N PHE EE 809 85.69 52.15 -8.11
CA PHE EE 809 86.15 52.55 -6.79
C PHE EE 809 85.02 53.15 -5.95
N LEU EE 810 84.24 54.04 -6.53
CA LEU EE 810 83.29 54.84 -5.76
C LEU EE 810 81.91 54.21 -5.66
N ARG EE 811 81.47 53.43 -6.66
CA ARG EE 811 80.07 53.01 -6.72
C ARG EE 811 79.55 52.32 -5.46
N PRO EE 812 80.24 51.32 -4.87
CA PRO EE 812 79.64 50.66 -3.70
C PRO EE 812 79.32 51.62 -2.55
N SER EE 813 80.18 52.59 -2.30
CA SER EE 813 79.86 53.61 -1.30
C SER EE 813 78.58 54.35 -1.68
N LEU EE 814 78.38 54.60 -2.97
CA LEU EE 814 77.17 55.28 -3.43
C LEU EE 814 75.92 54.42 -3.24
N MET EE 815 76.00 53.11 -3.48
CA MET EE 815 74.90 52.24 -3.07
C MET EE 815 74.62 52.35 -1.58
N ILE EE 816 75.68 52.41 -0.76
CA ILE EE 816 75.46 52.53 0.68
C ILE EE 816 74.72 53.82 1.01
N ILE EE 817 75.15 54.94 0.40
CA ILE EE 817 74.51 56.23 0.66
C ILE EE 817 73.06 56.20 0.21
N GLY EE 818 72.82 55.71 -1.01
CA GLY EE 818 71.46 55.64 -1.51
C GLY EE 818 70.57 54.78 -0.63
N TYR EE 819 71.11 53.67 -0.15
CA TYR EE 819 70.34 52.78 0.73
C TYR EE 819 69.96 53.48 2.03
N ILE EE 820 70.94 54.07 2.72
CA ILE EE 820 70.63 54.68 4.01
C ILE EE 820 69.66 55.84 3.83
N ALA EE 821 69.89 56.69 2.83
CA ALA EE 821 68.95 57.77 2.56
C ALA EE 821 67.58 57.22 2.19
N ALA EE 822 67.54 56.05 1.56
CA ALA EE 822 66.28 55.45 1.16
C ALA EE 822 65.44 55.05 2.37
N ILE EE 823 66.03 54.34 3.35
CA ILE EE 823 65.24 54.05 4.55
C ILE EE 823 64.89 55.34 5.26
N ALA EE 824 65.81 56.30 5.29
CA ALA EE 824 65.52 57.55 5.99
C ALA EE 824 64.33 58.28 5.37
N LEU EE 825 64.14 58.13 4.06
CA LEU EE 825 63.10 58.91 3.39
C LEU EE 825 61.80 58.14 3.20
N SER EE 826 61.82 56.81 3.33
CA SER EE 826 60.56 56.06 3.34
C SER EE 826 59.67 56.54 4.49
N TYR EE 827 60.27 56.73 5.65
CA TYR EE 827 59.57 57.33 6.78
C TYR EE 827 58.83 58.59 6.36
N VAL EE 828 59.55 59.59 5.88
CA VAL EE 828 58.93 60.88 5.62
C VAL EE 828 57.90 60.77 4.50
N GLY EE 829 58.13 59.89 3.53
CA GLY EE 829 57.12 59.68 2.51
C GLY EE 829 55.81 59.18 3.09
N VAL EE 830 55.89 58.22 4.02
CA VAL EE 830 54.70 57.71 4.67
C VAL EE 830 54.02 58.82 5.48
N TRP EE 831 54.81 59.66 6.15
CA TRP EE 831 54.22 60.79 6.87
C TRP EE 831 53.56 61.82 5.95
N ILE EE 832 54.15 62.09 4.77
CA ILE EE 832 53.43 62.93 3.80
C ILE EE 832 52.10 62.29 3.45
N LEU EE 833 52.12 60.97 3.25
CA LEU EE 833 50.90 60.25 2.88
C LEU EE 833 49.82 60.44 3.93
N ASN EE 834 50.14 60.20 5.21
CA ASN EE 834 49.09 60.27 6.22
C ASN EE 834 48.70 61.71 6.50
N ALA EE 835 49.63 62.66 6.31
CA ALA EE 835 49.29 64.08 6.47
C ALA EE 835 48.26 64.52 5.45
N GLY EE 836 48.42 64.13 4.19
CA GLY EE 836 47.48 64.56 3.16
C GLY EE 836 46.22 63.72 3.08
N PHE EE 837 46.26 62.48 3.56
CA PHE EE 837 45.22 61.51 3.27
C PHE EE 837 43.87 62.00 3.80
N ASP EE 838 43.83 62.35 5.09
CA ASP EE 838 42.57 62.47 5.80
C ASP EE 838 41.67 63.55 5.21
N HIS EE 839 42.24 64.70 4.87
CA HIS EE 839 41.46 65.73 4.18
C HIS EE 839 41.40 65.48 2.68
N ALA EE 840 42.28 64.62 2.15
CA ALA EE 840 42.21 64.30 0.72
C ALA EE 840 41.25 63.15 0.45
N ILE EE 841 40.47 62.73 1.45
CA ILE EE 841 39.52 61.63 1.22
C ILE EE 841 38.11 62.00 1.67
N SER EE 842 37.96 62.89 2.65
CA SER EE 842 36.71 63.01 3.41
C SER EE 842 35.52 63.27 2.51
N TYR EE 843 35.72 64.05 1.44
CA TYR EE 843 34.67 64.29 0.47
C TYR EE 843 34.18 63.00 -0.20
N ILE EE 844 35.07 62.19 -0.75
CA ILE EE 844 34.67 60.93 -1.37
C ILE EE 844 34.08 59.96 -0.34
N GLN EE 845 34.53 60.01 0.91
CA GLN EE 845 33.93 59.22 1.97
C GLN EE 845 32.65 59.89 2.49
N GLY EE 901 29.15 63.23 2.19
CA GLY EE 901 27.97 62.40 2.38
C GLY EE 901 27.65 61.54 1.16
N TYR EE 902 27.70 60.23 1.34
CA TYR EE 902 27.46 59.27 0.27
C TYR EE 902 26.39 58.28 0.70
N THR EE 903 25.32 58.17 -0.09
CA THR EE 903 24.19 57.33 0.26
C THR EE 903 24.47 55.86 -0.01
N GLY EE 904 23.86 55.00 0.81
CA GLY EE 904 24.03 53.56 0.68
C GLY EE 904 25.45 53.15 1.03
N TRP EE 905 25.80 51.95 0.55
CA TRP EE 905 27.19 51.50 0.60
C TRP EE 905 28.06 52.12 -0.48
N ALA EE 906 27.57 53.11 -1.22
CA ALA EE 906 28.43 53.81 -2.17
C ALA EE 906 29.65 54.38 -1.46
N GLY EE 907 29.42 55.09 -0.35
CA GLY EE 907 30.53 55.51 0.47
C GLY EE 907 31.37 54.35 0.95
N VAL EE 908 30.73 53.22 1.26
CA VAL EE 908 31.47 52.03 1.64
C VAL EE 908 32.41 51.60 0.51
N TYR EE 909 31.92 51.66 -0.74
CA TYR EE 909 32.86 51.45 -1.84
C TYR EE 909 34.03 52.42 -1.75
N ALA EE 910 33.74 53.70 -1.57
CA ALA EE 910 34.80 54.68 -1.33
C ALA EE 910 35.74 54.17 -0.25
N PHE EE 911 35.17 53.65 0.84
CA PHE EE 911 35.99 53.13 1.93
C PHE EE 911 37.02 52.15 1.38
N PHE EE 912 36.58 51.06 0.73
CA PHE EE 912 37.59 50.15 0.20
C PHE EE 912 38.56 50.92 -0.67
N PHE EE 913 38.04 51.68 -1.64
CA PHE EE 913 38.91 52.35 -2.58
C PHE EE 913 40.01 53.10 -1.85
N SER EE 914 39.65 53.87 -0.82
CA SER EE 914 40.67 54.69 -0.17
C SER EE 914 41.82 53.83 0.30
N ILE EE 915 41.54 52.76 1.04
CA ILE EE 915 42.69 52.02 1.56
C ILE EE 915 43.43 51.30 0.43
N LEU EE 916 42.71 50.78 -0.58
CA LEU EE 916 43.49 50.26 -1.72
C LEU EE 916 44.41 51.34 -2.25
N ILE EE 917 43.86 52.52 -2.54
CA ILE EE 917 44.77 53.48 -3.14
C ILE EE 917 45.84 53.81 -2.11
N TYR EE 918 45.46 53.88 -0.83
CA TYR EE 918 46.45 53.99 0.23
C TYR EE 918 47.61 53.05 0.00
N THR EE 919 47.35 51.74 0.04
CA THR EE 919 48.48 50.83 -0.01
C THR EE 919 49.23 51.00 -1.31
N SER EE 920 48.52 51.20 -2.43
CA SER EE 920 49.23 51.42 -3.68
C SER EE 920 50.06 52.69 -3.59
N MET EE 921 49.45 53.80 -3.18
CA MET EE 921 50.20 54.98 -2.80
C MET EE 921 51.45 54.59 -2.04
N TYR EE 922 51.29 53.93 -0.91
CA TYR EE 922 52.42 53.61 -0.06
C TYR EE 922 53.44 52.87 -0.89
N LEU EE 923 52.99 51.89 -1.67
CA LEU EE 923 53.84 51.14 -2.58
C LEU EE 923 54.69 52.06 -3.47
N ILE EE 924 54.06 52.97 -4.23
CA ILE EE 924 54.91 53.80 -5.10
C ILE EE 924 55.79 54.72 -4.26
N ILE EE 925 55.26 55.30 -3.17
CA ILE EE 925 56.13 56.11 -2.31
C ILE EE 925 57.25 55.24 -1.76
N VAL EE 926 57.01 53.93 -1.71
CA VAL EE 926 58.09 52.98 -1.45
C VAL EE 926 59.00 52.85 -2.66
N GLN EE 927 58.44 52.47 -3.82
CA GLN EE 927 59.28 51.98 -4.91
C GLN EE 927 60.21 53.06 -5.43
N LYS EE 928 59.71 54.28 -5.59
CA LYS EE 928 60.55 55.39 -6.03
C LYS EE 928 61.46 55.89 -4.92
N ALA EE 929 61.19 55.54 -3.67
CA ALA EE 929 62.02 55.97 -2.54
C ALA EE 929 63.34 55.22 -2.46
N PHE EE 930 63.46 54.03 -3.03
CA PHE EE 930 64.73 53.33 -3.01
C PHE EE 930 65.31 53.06 -4.39
N THR EE 931 64.92 53.80 -5.42
CA THR EE 931 65.67 53.69 -6.67
C THR EE 931 67.08 54.25 -6.54
N LEU EE 932 67.30 55.15 -5.57
CA LEU EE 932 68.53 55.92 -5.51
C LEU EE 932 69.77 55.05 -5.46
N ILE EE 933 69.65 53.83 -4.91
CA ILE EE 933 70.83 52.99 -4.73
C ILE EE 933 71.59 52.85 -6.04
N ALA EE 934 70.88 52.48 -7.10
CA ALA EE 934 71.47 52.38 -8.44
C ALA EE 934 71.10 53.56 -9.32
N HIS EE 935 70.44 54.57 -8.77
CA HIS EE 935 69.99 55.71 -9.56
C HIS EE 935 70.87 56.94 -9.38
N LEU EE 936 71.51 57.08 -8.22
CA LEU EE 936 72.48 58.15 -8.05
C LEU EE 936 73.87 57.85 -8.63
N PRO EE 937 74.43 56.64 -8.49
CA PRO EE 937 75.84 56.47 -8.91
C PRO EE 937 76.09 56.78 -10.38
N ASP EE 938 75.10 56.54 -11.24
CA ASP EE 938 75.25 56.90 -12.65
C ASP EE 938 75.48 58.39 -12.82
N LYS EE 939 74.70 59.22 -12.12
CA LYS EE 939 74.93 60.65 -12.26
C LYS EE 939 76.11 61.12 -11.42
N VAL EE 940 76.57 60.32 -10.45
CA VAL EE 940 77.86 60.60 -9.83
C VAL EE 940 78.96 60.50 -10.88
N LEU EE 941 78.99 59.39 -11.61
CA LEU EE 941 79.88 59.27 -12.76
C LEU EE 941 79.67 60.41 -13.75
N ARG EE 942 78.42 60.88 -13.87
CA ARG EE 942 78.13 61.96 -14.79
C ARG EE 942 78.79 63.27 -14.35
N TRP EE 943 78.60 63.67 -13.09
CA TRP EE 943 79.08 65.00 -12.73
C TRP EE 943 80.60 64.99 -12.56
N ILE EE 944 81.15 64.00 -11.85
CA ILE EE 944 82.60 63.98 -11.72
C ILE EE 944 83.27 63.66 -13.05
N GLY EE 945 82.78 62.63 -13.74
CA GLY EE 945 83.36 62.25 -15.02
C GLY EE 945 82.89 63.15 -16.16
N LEU FE 24 99.41 28.89 -39.67
CA LEU FE 24 98.12 28.69 -39.04
C LEU FE 24 97.95 29.60 -37.83
N SER FE 25 97.09 30.60 -37.95
CA SER FE 25 96.80 31.53 -36.87
C SER FE 25 95.39 31.34 -36.33
N PHE FE 26 94.37 31.44 -37.18
CA PHE FE 26 92.98 31.23 -36.79
C PHE FE 26 92.35 30.30 -37.83
N ALA FE 27 92.36 29.00 -37.54
CA ALA FE 27 91.80 27.98 -38.41
C ALA FE 27 90.70 27.27 -37.65
N PRO FE 28 89.44 27.49 -38.03
CA PRO FE 28 88.36 26.66 -37.51
C PRO FE 28 88.48 25.22 -37.94
N PRO FE 29 88.09 24.26 -37.06
CA PRO FE 29 88.12 22.83 -37.37
C PRO FE 29 87.16 22.48 -38.51
N ALA FE 30 87.34 21.32 -39.14
CA ALA FE 30 86.48 20.90 -40.21
C ALA FE 30 85.09 20.56 -39.73
N SER FE 31 84.93 19.99 -38.53
CA SER FE 31 83.64 19.48 -38.06
C SER FE 31 82.74 20.53 -37.44
N ASP FE 32 83.19 21.78 -37.33
CA ASP FE 32 82.37 22.81 -36.71
C ASP FE 32 81.11 23.06 -37.51
N LEU FE 33 80.02 23.38 -36.81
CA LEU FE 33 78.75 23.66 -37.45
C LEU FE 33 78.56 25.13 -37.80
N SER FE 34 79.40 26.01 -37.25
CA SER FE 34 79.25 27.44 -37.53
C SER FE 34 79.49 27.75 -39.01
N VAL FE 35 80.63 27.30 -39.54
CA VAL FE 35 80.91 27.54 -40.95
C VAL FE 35 79.97 26.72 -41.82
N VAL FE 36 79.52 25.56 -41.32
CA VAL FE 36 78.52 24.78 -42.04
C VAL FE 36 77.26 25.61 -42.24
N PHE FE 37 76.84 26.32 -41.19
CA PHE FE 37 75.59 27.07 -41.27
C PHE FE 37 75.78 28.35 -42.07
N LEU FE 38 76.97 28.96 -42.00
CA LEU FE 38 77.25 30.11 -42.86
C LEU FE 38 77.23 29.71 -44.34
N GLY FE 39 77.82 28.55 -44.66
CA GLY FE 39 77.74 28.06 -46.02
C GLY FE 39 76.36 27.60 -46.43
N ASN FE 40 75.54 27.18 -45.46
CA ASN FE 40 74.16 26.82 -45.78
C ASN FE 40 73.33 28.06 -46.06
N LEU FE 41 73.58 29.15 -45.34
CA LEU FE 41 72.82 30.38 -45.57
C LEU FE 41 73.38 31.18 -46.74
N PHE FE 42 74.67 31.54 -46.67
CA PHE FE 42 75.31 32.27 -47.77
C PHE FE 42 75.37 31.47 -49.05
N GLY FE 43 75.34 30.15 -48.98
CA GLY FE 43 75.45 29.33 -50.19
C GLY FE 43 76.88 29.01 -50.54
N VAL FE 44 77.39 29.61 -51.62
CA VAL FE 44 78.74 29.35 -52.11
C VAL FE 44 79.53 30.66 -52.04
N VAL FE 45 80.71 30.60 -51.43
CA VAL FE 45 81.60 31.75 -51.35
C VAL FE 45 82.95 31.36 -51.93
N ASP FE 46 83.72 32.36 -52.33
CA ASP FE 46 84.93 32.17 -53.13
C ASP FE 46 86.06 31.66 -52.24
N GLY FE 47 86.40 30.39 -52.41
CA GLY FE 47 87.60 29.83 -51.79
C GLY FE 47 87.62 29.82 -50.28
N VAL FE 48 86.46 29.96 -49.63
CA VAL FE 48 86.38 29.99 -48.19
C VAL FE 48 85.45 28.89 -47.64
N LEU FE 49 84.26 28.77 -48.22
CA LEU FE 49 83.27 27.80 -47.78
C LEU FE 49 82.84 26.93 -48.95
N HIS FE 50 82.44 25.71 -48.64
CA HIS FE 50 82.04 24.71 -49.63
C HIS FE 50 80.57 24.36 -49.45
N GLY FE 51 79.74 25.38 -49.20
CA GLY FE 51 78.33 25.15 -48.97
C GLY FE 51 77.59 24.72 -50.21
N THR FE 52 76.38 24.19 -50.00
CA THR FE 52 75.56 23.67 -51.08
C THR FE 52 74.08 24.06 -50.92
N GLY FE 53 73.79 25.06 -50.09
CA GLY FE 53 72.42 25.48 -49.87
C GLY FE 53 71.80 26.14 -51.08
N SER FE 54 70.55 26.56 -50.91
CA SER FE 54 69.83 27.25 -51.98
C SER FE 54 70.59 28.49 -52.40
N GLN FE 55 70.94 28.56 -53.69
CA GLN FE 55 71.82 29.61 -54.20
C GLN FE 55 71.05 30.82 -54.71
N ILE FE 56 69.88 31.10 -54.14
CA ILE FE 56 69.23 32.39 -54.33
C ILE FE 56 70.17 33.51 -53.90
N MET FE 57 70.98 33.24 -52.88
CA MET FE 57 71.93 34.22 -52.37
C MET FE 57 72.75 34.85 -53.48
N GLY FE 58 73.52 34.04 -54.20
CA GLY FE 58 74.33 34.50 -55.31
C GLY FE 58 73.64 35.54 -56.16
N ASN FE 59 72.38 35.27 -56.53
CA ASN FE 59 71.67 36.24 -57.36
C ASN FE 59 71.40 37.51 -56.59
N MET FE 60 70.86 37.42 -55.36
CA MET FE 60 70.49 38.66 -54.68
C MET FE 60 71.69 39.57 -54.48
N PHE FE 61 72.81 39.04 -53.96
CA PHE FE 61 73.96 39.93 -53.83
C PHE FE 61 74.59 40.31 -55.16
N GLY FE 62 74.56 39.46 -56.19
CA GLY FE 62 75.08 39.89 -57.47
C GLY FE 62 74.32 41.10 -58.02
N VAL FE 63 72.99 41.02 -58.00
CA VAL FE 63 72.18 42.12 -58.53
C VAL FE 63 72.26 43.34 -57.63
N PHE FE 64 72.37 43.15 -56.31
CA PHE FE 64 72.50 44.30 -55.43
C PHE FE 64 73.84 45.01 -55.65
N ASN FE 65 74.90 44.24 -55.86
CA ASN FE 65 76.19 44.82 -56.19
C ASN FE 65 76.12 45.60 -57.50
N SER FE 66 75.42 45.05 -58.50
CA SER FE 66 75.26 45.78 -59.75
C SER FE 66 74.52 47.10 -59.53
N ALA FE 67 73.41 47.04 -58.78
CA ALA FE 67 72.64 48.26 -58.52
C ALA FE 67 73.51 49.31 -57.83
N VAL FE 68 74.24 48.90 -56.80
CA VAL FE 68 75.02 49.87 -56.05
C VAL FE 68 76.19 50.40 -56.87
N LEU FE 69 76.82 49.57 -57.70
CA LEU FE 69 77.94 50.11 -58.46
C LEU FE 69 77.43 51.08 -59.53
N ALA FE 70 76.22 50.84 -60.05
CA ALA FE 70 75.63 51.79 -60.99
C ALA FE 70 75.34 53.13 -60.29
N LEU FE 71 74.69 53.08 -59.13
CA LEU FE 71 74.38 54.33 -58.43
C LEU FE 71 75.64 55.06 -58.01
N GLY FE 72 76.63 54.34 -57.46
CA GLY FE 72 77.89 54.96 -57.12
C GLY FE 72 78.63 55.49 -58.32
N GLY FE 73 78.46 54.85 -59.47
CA GLY FE 73 79.02 55.39 -60.69
C GLY FE 73 78.41 56.72 -61.06
N ILE FE 74 77.08 56.83 -60.94
CA ILE FE 74 76.45 58.12 -61.19
C ILE FE 74 76.99 59.17 -60.23
N ILE FE 75 77.12 58.79 -58.95
CA ILE FE 75 77.68 59.71 -57.95
C ILE FE 75 79.10 60.12 -58.32
N ILE FE 76 79.88 59.20 -58.88
CA ILE FE 76 81.28 59.55 -59.16
C ILE FE 76 81.42 60.33 -60.46
N MET FE 77 80.54 60.14 -61.45
CA MET FE 77 80.45 61.20 -62.47
C MET FE 77 80.15 62.55 -61.84
N TYR FE 78 79.17 62.61 -60.94
CA TYR FE 78 78.77 63.91 -60.42
C TYR FE 78 79.93 64.58 -59.68
N THR FE 79 80.64 63.82 -58.86
CA THR FE 79 81.80 64.38 -58.15
C THR FE 79 82.97 64.64 -59.08
N LEU FE 80 83.09 63.88 -60.18
CA LEU FE 80 84.14 64.15 -61.15
C LEU FE 80 83.90 65.49 -61.85
N MET FE 81 82.66 65.75 -62.26
CA MET FE 81 82.39 67.06 -62.87
C MET FE 81 82.48 68.18 -61.83
N VAL FE 82 82.15 67.88 -60.57
CA VAL FE 82 82.35 68.87 -59.52
C VAL FE 82 83.83 69.22 -59.38
N SER FE 83 84.69 68.20 -59.37
CA SER FE 83 86.12 68.43 -59.27
C SER FE 83 86.65 69.19 -60.48
N THR FE 84 86.14 68.86 -61.68
CA THR FE 84 86.62 69.55 -62.87
C THR FE 84 86.17 71.01 -62.89
N MET FE 85 84.95 71.31 -62.43
CA MET FE 85 84.54 72.71 -62.40
C MET FE 85 85.19 73.46 -61.25
N ASN FE 86 85.68 72.72 -60.24
CA ASN FE 86 86.54 73.34 -59.23
C ASN FE 86 87.89 73.72 -59.82
N THR FE 87 88.52 72.78 -60.55
CA THR FE 87 89.83 73.06 -61.12
C THR FE 87 89.77 74.02 -62.30
N ALA FE 88 88.59 74.20 -62.91
CA ALA FE 88 88.45 75.18 -63.98
C ALA FE 88 88.69 76.59 -63.47
N HIS FE 89 88.11 76.93 -62.31
CA HIS FE 89 88.22 78.26 -61.75
C HIS FE 89 89.59 78.55 -61.15
N GLU FE 90 90.25 77.55 -60.57
CA GLU FE 90 91.54 77.73 -59.91
C GLU FE 90 92.70 77.80 -60.90
N GLY FE 91 92.72 76.96 -61.93
CA GLY FE 91 93.83 76.88 -62.84
C GLY FE 91 94.98 76.01 -62.37
N GLN FE 92 94.88 75.42 -61.18
CA GLN FE 92 95.93 74.56 -60.65
C GLN FE 92 95.75 73.13 -61.17
N MET FE 93 96.48 72.19 -60.58
CA MET FE 93 96.48 70.81 -61.02
C MET FE 93 95.40 70.04 -60.27
N LEU FE 94 94.41 69.54 -61.02
CA LEU FE 94 93.34 68.67 -60.52
C LEU FE 94 92.62 69.26 -59.30
N GLY FE 95 92.58 70.59 -59.19
CA GLY FE 95 91.82 71.24 -58.14
C GLY FE 95 92.34 70.91 -56.75
N GLN FE 96 91.41 70.86 -55.80
CA GLN FE 96 91.73 70.58 -54.41
C GLN FE 96 90.97 69.37 -53.87
N LYS FE 97 90.30 68.60 -54.72
CA LYS FE 97 89.57 67.41 -54.31
C LYS FE 97 89.96 66.21 -55.16
N TRP FE 98 91.22 66.16 -55.61
CA TRP FE 98 91.66 65.10 -56.50
C TRP FE 98 93.16 64.91 -56.30
N SER FE 99 93.62 63.66 -56.48
CA SER FE 99 94.99 63.28 -56.21
C SER FE 99 95.75 63.11 -57.51
N SER FE 100 97.08 63.15 -57.42
CA SER FE 100 97.92 63.04 -58.62
C SER FE 100 98.16 61.58 -59.01
N ILE FE 101 98.79 60.81 -58.12
CA ILE FE 101 99.24 59.47 -58.46
C ILE FE 101 98.48 58.42 -57.65
N TRP FE 102 97.90 58.83 -56.51
CA TRP FE 102 97.19 57.87 -55.68
C TRP FE 102 95.82 57.50 -56.21
N ILE FE 103 95.10 58.46 -56.79
CA ILE FE 103 93.72 58.21 -57.22
C ILE FE 103 93.64 57.18 -58.35
N PRO FE 104 94.57 57.08 -59.30
CA PRO FE 104 94.44 55.99 -60.28
C PRO FE 104 94.54 54.61 -59.65
N LEU FE 105 95.55 54.38 -58.82
CA LEU FE 105 95.67 53.09 -58.15
C LEU FE 105 94.46 52.82 -57.27
N ARG FE 106 93.98 53.84 -56.56
CA ARG FE 106 92.80 53.67 -55.71
C ARG FE 106 91.60 53.25 -56.54
N SER FE 107 91.37 53.92 -57.67
CA SER FE 107 90.20 53.63 -58.49
C SER FE 107 90.29 52.23 -59.09
N THR FE 108 91.45 51.85 -59.62
CA THR FE 108 91.57 50.52 -60.20
C THR FE 108 91.43 49.43 -59.15
N PHE FE 109 92.03 49.60 -57.97
CA PHE FE 109 91.90 48.59 -56.93
C PHE FE 109 90.45 48.47 -56.46
N GLY FE 110 89.79 49.61 -56.23
CA GLY FE 110 88.39 49.55 -55.84
C GLY FE 110 87.54 48.88 -56.89
N LEU FE 111 87.72 49.25 -58.16
CA LEU FE 111 86.93 48.64 -59.23
C LEU FE 111 87.17 47.14 -59.31
N ALA FE 112 88.41 46.71 -59.12
CA ALA FE 112 88.68 45.28 -59.00
C ALA FE 112 87.88 44.66 -57.86
N LEU FE 113 87.74 45.40 -56.76
CA LEU FE 113 87.02 44.87 -55.60
C LEU FE 113 85.50 44.97 -55.69
N LEU FE 114 84.93 45.71 -56.66
CA LEU FE 114 83.48 45.67 -56.85
C LEU FE 114 83.04 44.83 -58.05
N ILE FE 115 83.78 43.81 -58.44
CA ILE FE 115 83.40 42.95 -59.55
C ILE FE 115 82.84 41.65 -58.98
N PRO FE 116 81.58 41.29 -59.26
CA PRO FE 116 81.08 39.98 -58.83
C PRO FE 116 81.34 38.93 -59.90
N LYS FE 117 81.68 37.72 -59.46
CA LYS FE 117 81.87 36.61 -60.38
C LYS FE 117 80.50 35.98 -60.68
N ALA FE 118 80.48 34.80 -61.28
CA ALA FE 118 79.21 34.14 -61.55
C ALA FE 118 78.44 33.86 -60.27
N SER FE 119 79.15 33.78 -59.15
CA SER FE 119 78.54 33.62 -57.83
C SER FE 119 77.97 34.93 -57.29
N GLY FE 120 78.35 36.06 -57.88
CA GLY FE 120 77.76 37.33 -57.50
C GLY FE 120 78.37 37.97 -56.28
N TYR FE 121 79.57 37.53 -55.89
CA TYR FE 121 80.26 38.10 -54.74
C TYR FE 121 81.50 38.84 -55.20
N CYS FE 122 81.64 40.08 -54.73
CA CYS FE 122 82.82 40.86 -55.04
C CYS FE 122 83.96 40.43 -54.12
N MET FE 123 85.19 40.79 -54.52
CA MET FE 123 86.35 40.38 -53.72
C MET FE 123 86.29 40.88 -52.29
N MET FE 124 85.99 42.17 -52.09
CA MET FE 124 86.09 42.68 -50.72
C MET FE 124 84.96 42.15 -49.85
N GLN FE 125 83.84 41.72 -50.44
CA GLN FE 125 82.91 40.86 -49.71
C GLN FE 125 83.62 39.60 -49.19
N VAL FE 126 84.36 38.93 -50.07
CA VAL FE 126 85.06 37.71 -49.68
C VAL FE 126 86.05 38.00 -48.57
N PHE FE 127 86.73 39.15 -48.63
CA PHE FE 127 87.56 39.60 -47.52
C PHE FE 127 86.74 39.69 -46.24
N PHE FE 128 85.52 40.24 -46.33
CA PHE FE 128 84.69 40.37 -45.13
C PHE FE 128 84.32 39.02 -44.52
N MET FE 129 83.78 38.09 -45.31
CA MET FE 129 83.47 36.80 -44.67
C MET FE 129 84.74 36.01 -44.34
N TRP FE 130 85.88 36.34 -44.94
CA TRP FE 130 87.12 35.75 -44.46
C TRP FE 130 87.40 36.23 -43.04
N VAL FE 131 87.21 37.53 -42.79
CA VAL FE 131 87.35 38.07 -41.45
C VAL FE 131 86.34 37.42 -40.51
N ILE FE 132 85.13 37.17 -41.01
CA ILE FE 132 84.09 36.54 -40.19
C ILE FE 132 84.51 35.13 -39.77
N VAL FE 133 85.03 34.34 -40.70
CA VAL FE 133 85.46 32.99 -40.33
C VAL FE 133 86.70 33.04 -39.44
N GLN FE 134 87.52 34.09 -39.58
CA GLN FE 134 88.65 34.24 -38.65
C GLN FE 134 88.16 34.51 -37.24
N GLY FE 135 87.18 35.40 -37.09
CA GLY FE 135 86.60 35.64 -35.78
C GLY FE 135 85.94 34.39 -35.21
N VAL FE 136 85.25 33.63 -36.07
CA VAL FE 136 84.66 32.37 -35.64
C VAL FE 136 85.74 31.41 -35.15
N GLY FE 137 86.86 31.32 -35.88
CA GLY FE 137 87.94 30.46 -35.46
C GLY FE 137 88.56 30.89 -34.15
N ALA FE 138 88.66 32.21 -33.93
CA ALA FE 138 89.14 32.70 -32.64
C ALA FE 138 88.20 32.30 -31.52
N ALA FE 139 86.88 32.41 -31.77
CA ALA FE 139 85.91 31.97 -30.78
C ALA FE 139 86.06 30.49 -30.49
N ASP FE 140 86.24 29.68 -31.52
CA ASP FE 140 86.49 28.26 -31.31
C ASP FE 140 87.76 28.02 -30.51
N LYS FE 141 88.82 28.76 -30.81
CA LYS FE 141 90.06 28.56 -30.06
C LYS FE 141 89.87 28.85 -28.58
N ILE FE 142 89.21 29.95 -28.26
CA ILE FE 142 88.95 30.28 -26.86
C ILE FE 142 88.08 29.20 -26.21
N TRP FE 143 87.04 28.77 -26.92
CA TRP FE 143 86.09 27.82 -26.34
C TRP FE 143 86.75 26.45 -26.11
N GLU FE 144 87.49 25.95 -27.10
CA GLU FE 144 88.18 24.67 -26.90
C GLU FE 144 89.29 24.79 -25.86
N ALA FE 145 89.89 25.97 -25.69
CA ALA FE 145 90.81 26.14 -24.58
C ALA FE 145 90.07 26.00 -23.24
N ALA FE 146 88.88 26.60 -23.14
CA ALA FE 146 88.09 26.43 -21.94
C ALA FE 146 87.81 24.95 -21.65
N LEU FE 147 87.27 24.24 -22.64
CA LEU FE 147 86.95 22.83 -22.41
C LEU FE 147 88.19 21.96 -22.23
N SER FE 148 89.33 22.36 -22.80
CA SER FE 148 90.56 21.63 -22.50
C SER FE 148 91.03 21.91 -21.08
N TYR FE 149 90.54 23.00 -20.48
CA TYR FE 149 90.73 23.16 -19.04
C TYR FE 149 89.78 22.26 -18.26
N LEU FE 150 88.48 22.28 -18.59
CA LEU FE 150 87.52 21.50 -17.81
C LEU FE 150 87.81 20.00 -17.89
N ASN FE 151 88.18 19.50 -19.06
CA ASN FE 151 88.44 18.06 -19.17
C ASN FE 151 89.66 17.63 -18.37
N ARG FE 152 90.46 18.57 -17.90
CA ARG FE 152 91.52 18.28 -16.95
C ARG FE 152 91.07 18.43 -15.50
N GLY FE 153 90.00 19.18 -15.25
CA GLY FE 153 89.46 19.40 -13.93
C GLY FE 153 89.12 20.86 -13.72
N GLY FE 154 88.78 21.18 -12.47
CA GLY FE 154 88.45 22.54 -12.09
C GLY FE 154 87.16 23.05 -12.69
N GLN FE 160 68.71 5.22 6.37
CA GLN FE 160 67.99 4.81 7.56
C GLN FE 160 66.97 3.72 7.25
N ALA FE 161 66.81 2.79 8.19
CA ALA FE 161 65.87 1.67 8.02
C ALA FE 161 64.49 2.14 8.47
N ASP FE 162 63.64 2.50 7.50
CA ASP FE 162 62.29 2.99 7.76
C ASP FE 162 61.30 2.12 7.01
N PRO FE 163 60.83 1.02 7.61
CA PRO FE 163 59.77 0.23 6.95
C PRO FE 163 58.51 1.03 6.68
N THR FE 164 58.21 2.04 7.51
CA THR FE 164 57.04 2.88 7.27
C THR FE 164 57.12 3.58 5.92
N LYS FE 165 58.34 3.84 5.43
CA LYS FE 165 58.50 4.43 4.11
C LYS FE 165 57.86 3.57 3.03
N SER FE 166 57.84 2.24 3.22
CA SER FE 166 57.20 1.36 2.25
C SER FE 166 55.73 1.69 2.08
N LEU FE 167 55.09 2.23 3.12
CA LEU FE 167 53.70 2.67 3.02
C LEU FE 167 53.57 4.15 2.67
N GLN FE 168 54.66 4.92 2.76
CA GLN FE 168 54.60 6.32 2.37
C GLN FE 168 54.52 6.50 0.86
N ALA FE 169 54.82 5.46 0.09
CA ALA FE 169 54.73 5.50 -1.36
C ALA FE 169 53.34 5.11 -1.87
N ALA FE 170 52.39 4.85 -0.97
CA ALA FE 170 51.03 4.51 -1.39
C ALA FE 170 50.33 5.68 -2.08
N GLY FE 171 50.77 6.91 -1.82
CA GLY FE 171 50.16 8.07 -2.43
C GLY FE 171 50.82 8.49 -3.72
N SER FE 172 52.14 8.31 -3.79
CA SER FE 172 52.93 8.67 -4.97
C SER FE 172 53.46 7.37 -5.59
N SER FE 173 52.97 7.05 -6.79
CA SER FE 173 53.27 5.78 -7.44
C SER FE 173 52.95 4.61 -6.51
N SER FE 174 51.65 4.49 -6.25
CA SER FE 174 51.09 3.69 -5.16
C SER FE 174 51.83 2.38 -4.94
N SER FE 175 52.36 2.21 -3.73
CA SER FE 175 53.10 1.01 -3.37
C SER FE 175 52.73 0.51 -1.99
N GLY FE 176 51.52 0.81 -1.52
CA GLY FE 176 51.09 0.37 -0.21
C GLY FE 176 51.07 -1.14 -0.12
N VAL FE 177 52.05 -1.68 0.61
CA VAL FE 177 52.17 -3.14 0.69
C VAL FE 177 51.31 -3.68 1.82
N ALA FE 178 51.14 -2.91 2.90
CA ALA FE 178 50.25 -3.36 3.96
C ALA FE 178 48.79 -3.35 3.51
N LYS FE 179 48.46 -2.54 2.50
CA LYS FE 179 47.12 -2.65 1.91
C LYS FE 179 46.96 -4.02 1.28
N GLY FE 180 47.98 -4.49 0.57
CA GLY FE 180 47.97 -5.86 0.09
C GLY FE 180 47.90 -6.88 1.20
N ALA FE 181 48.61 -6.62 2.30
CA ALA FE 181 48.54 -7.54 3.44
C ALA FE 181 47.12 -7.62 3.97
N LEU FE 182 46.43 -6.48 4.05
CA LEU FE 182 45.02 -6.48 4.42
C LEU FE 182 44.19 -7.28 3.43
N THR FE 183 44.46 -7.10 2.14
CA THR FE 183 43.68 -7.82 1.13
C THR FE 183 43.83 -9.33 1.27
N ILE FE 184 45.07 -9.80 1.42
CA ILE FE 184 45.31 -11.23 1.60
C ILE FE 184 44.73 -11.72 2.92
N LEU FE 185 44.83 -10.94 4.00
CA LEU FE 185 44.28 -11.41 5.26
C LEU FE 185 42.77 -11.56 5.18
N GLY FE 186 42.09 -10.58 4.58
CA GLY FE 186 40.66 -10.70 4.38
C GLY FE 186 40.31 -11.86 3.49
N GLY FE 187 41.08 -12.06 2.41
CA GLY FE 187 40.85 -13.20 1.55
C GLY FE 187 40.97 -14.51 2.29
N GLN FE 188 42.01 -14.64 3.12
CA GLN FE 188 42.21 -15.86 3.88
C GLN FE 188 41.08 -16.10 4.86
N ILE FE 189 40.66 -15.05 5.59
CA ILE FE 189 39.58 -15.24 6.55
C ILE FE 189 38.31 -15.65 5.82
N CYS FE 190 38.08 -15.08 4.63
CA CYS FE 190 36.92 -15.48 3.83
C CYS FE 190 37.04 -16.94 3.38
N MET FE 191 38.23 -17.34 2.93
CA MET FE 191 38.41 -18.72 2.49
C MET FE 191 38.17 -19.72 3.60
N LEU FE 192 38.76 -19.48 4.78
CA LEU FE 192 38.54 -20.39 5.91
C LEU FE 192 37.09 -20.38 6.35
N GLY FE 193 36.45 -19.22 6.41
CA GLY FE 193 35.05 -19.17 6.77
C GLY FE 193 34.18 -19.97 5.80
N LEU FE 194 34.39 -19.76 4.51
CA LEU FE 194 33.62 -20.49 3.50
C LEU FE 194 33.89 -21.99 3.57
N GLN FE 195 35.16 -22.39 3.73
CA GLN FE 195 35.45 -23.81 3.81
C GLN FE 195 34.75 -24.44 5.00
N LYS FE 196 34.81 -23.77 6.16
CA LYS FE 196 34.14 -24.30 7.34
C LYS FE 196 32.65 -24.40 7.13
N GLN FE 197 32.02 -23.35 6.59
CA GLN FE 197 30.56 -23.37 6.50
C GLN FE 197 30.09 -24.32 5.40
N LEU FE 198 30.88 -24.48 4.35
CA LEU FE 198 30.53 -25.46 3.31
C LEU FE 198 30.65 -26.87 3.85
N GLN FE 199 31.70 -27.15 4.63
CA GLN FE 199 31.80 -28.45 5.28
C GLN FE 199 30.63 -28.65 6.24
N ALA FE 200 30.23 -27.59 6.93
CA ALA FE 200 29.06 -27.66 7.81
C ALA FE 200 27.81 -28.02 7.03
N GLN FE 201 27.54 -27.29 5.95
CA GLN FE 201 26.40 -27.60 5.10
C GLN FE 201 26.46 -29.05 4.63
N ARG FE 202 27.68 -29.54 4.36
CA ARG FE 202 27.78 -30.93 3.91
C ARG FE 202 27.44 -31.92 5.02
N ASP FE 203 27.81 -31.66 6.27
CA ASP FE 203 27.40 -32.66 7.28
C ASP FE 203 25.90 -32.57 7.55
N LEU FE 204 25.34 -31.36 7.56
CA LEU FE 204 23.89 -31.27 7.64
C LEU FE 204 23.22 -32.01 6.49
N TYR FE 205 23.84 -31.99 5.31
CA TYR FE 205 23.26 -32.71 4.17
C TYR FE 205 23.46 -34.22 4.25
N LEU FE 206 24.59 -34.69 4.78
CA LEU FE 206 24.77 -36.15 4.82
C LEU FE 206 23.90 -36.76 5.91
N SER FE 207 23.69 -36.01 7.00
CA SER FE 207 22.81 -36.54 8.03
C SER FE 207 21.37 -36.66 7.57
N GLN FE 208 21.02 -36.05 6.43
CA GLN FE 208 19.67 -36.08 5.88
C GLN FE 208 19.63 -36.82 4.55
N SER FE 209 20.50 -37.82 4.39
CA SER FE 209 20.66 -38.46 3.09
C SER FE 209 19.34 -39.01 2.56
N LYS FE 210 18.46 -39.49 3.44
CA LYS FE 210 17.18 -40.01 2.98
C LYS FE 210 16.32 -38.90 2.38
N SER FE 211 16.17 -37.79 3.08
CA SER FE 211 15.33 -36.69 2.65
C SER FE 211 16.04 -35.84 1.60
N PRO FE 212 15.30 -35.08 0.81
CA PRO FE 212 15.92 -34.13 -0.12
C PRO FE 212 16.65 -33.04 0.65
N PRO FE 213 17.64 -32.37 0.05
CA PRO FE 213 18.06 -32.42 -1.36
C PRO FE 213 18.89 -33.63 -1.76
N CYS FE 214 19.78 -34.14 -0.90
CA CYS FE 214 20.60 -35.30 -1.28
C CYS FE 214 19.76 -36.54 -1.52
N GLY FE 215 18.52 -36.58 -1.00
CA GLY FE 215 17.62 -37.68 -1.22
C GLY FE 215 16.58 -37.38 -2.28
N GLY FE 216 15.58 -38.26 -2.35
CA GLY FE 216 14.51 -38.07 -3.32
C GLY FE 216 15.00 -38.24 -4.74
N ASN FE 217 14.72 -37.25 -5.58
CA ASN FE 217 15.13 -37.24 -6.99
C ASN FE 217 16.04 -36.04 -7.20
N PRO FE 218 17.31 -36.16 -6.83
CA PRO FE 218 18.20 -35.00 -6.85
C PRO FE 218 18.50 -34.52 -8.26
N THR FE 219 18.57 -33.21 -8.41
CA THR FE 219 19.06 -32.63 -9.65
C THR FE 219 20.54 -32.93 -9.80
N PRO FE 220 21.03 -33.12 -11.03
CA PRO FE 220 22.41 -33.62 -11.19
C PRO FE 220 23.48 -32.76 -10.54
N GLU FE 221 23.35 -31.43 -10.58
CA GLU FE 221 24.44 -30.61 -10.07
C GLU FE 221 24.47 -30.60 -8.54
N MET FE 222 23.31 -30.52 -7.88
CA MET FE 222 23.34 -30.55 -6.43
C MET FE 222 23.57 -31.98 -5.95
N ASN FE 223 23.24 -32.97 -6.77
CA ASN FE 223 23.69 -34.34 -6.51
C ASN FE 223 25.21 -34.43 -6.56
N THR FE 224 25.83 -33.72 -7.51
CA THR FE 224 27.28 -33.63 -7.55
C THR FE 224 27.80 -32.97 -6.28
N PHE FE 225 27.15 -31.89 -5.85
CA PHE FE 225 27.53 -31.26 -4.59
C PHE FE 225 27.45 -32.26 -3.44
N CYS FE 226 26.41 -33.10 -3.42
CA CYS FE 226 26.29 -34.10 -2.38
C CYS FE 226 27.44 -35.10 -2.45
N ARG FE 227 27.68 -35.68 -3.63
CA ARG FE 227 28.72 -36.71 -3.76
C ARG FE 227 30.11 -36.12 -3.55
N THR FE 228 30.41 -35.01 -4.21
CA THR FE 228 31.73 -34.42 -4.11
C THR FE 228 31.89 -33.64 -2.81
N ALA FE 229 33.03 -33.82 -2.17
CA ALA FE 229 33.38 -33.07 -0.97
C ALA FE 229 34.20 -31.84 -1.33
N ILE FE 230 34.53 -31.05 -0.33
CA ILE FE 230 35.25 -29.80 -0.54
C ILE FE 230 36.72 -29.99 -0.21
N PRO FE 231 37.62 -29.33 -0.94
CA PRO FE 231 39.04 -29.41 -0.61
C PRO FE 231 39.46 -28.29 0.34
N ASP FE 232 40.74 -28.32 0.71
CA ASP FE 232 41.32 -27.27 1.54
C ASP FE 232 41.61 -26.05 0.68
N PHE FE 233 40.90 -24.96 0.94
CA PHE FE 233 41.05 -23.76 0.12
C PHE FE 233 42.43 -23.14 0.25
N ILE FE 234 43.04 -23.25 1.43
CA ILE FE 234 44.32 -22.59 1.68
C ILE FE 234 45.39 -23.14 0.76
N SER FE 235 45.45 -24.46 0.60
CA SER FE 235 46.48 -25.09 -0.23
C SER FE 235 46.35 -24.75 -1.71
N THR FE 236 45.19 -24.30 -2.17
CA THR FE 236 45.00 -23.98 -3.58
C THR FE 236 45.73 -22.70 -3.99
N VAL FE 237 46.33 -21.99 -3.04
CA VAL FE 237 46.90 -20.67 -3.29
C VAL FE 237 48.41 -20.76 -3.11
N ASN FE 238 49.15 -20.55 -4.20
CA ASN FE 238 50.62 -20.58 -4.17
C ASN FE 238 51.13 -19.59 -5.20
N PHE FE 239 51.41 -18.36 -4.76
CA PHE FE 239 51.78 -17.29 -5.69
C PHE FE 239 53.03 -17.60 -6.50
N VAL FE 240 53.99 -18.32 -5.92
CA VAL FE 240 55.24 -18.56 -6.64
C VAL FE 240 54.97 -19.34 -7.93
N LYS FE 241 54.15 -20.39 -7.83
CA LYS FE 241 53.86 -21.22 -8.99
C LYS FE 241 53.06 -20.43 -10.02
N LYS FE 242 52.10 -19.63 -9.55
CA LYS FE 242 51.30 -18.81 -10.45
C LYS FE 242 52.19 -17.83 -11.21
N GLN FE 243 53.15 -17.23 -10.50
CA GLN FE 243 54.09 -16.32 -11.13
C GLN FE 243 54.92 -17.04 -12.18
N ASN FE 244 55.40 -18.26 -11.87
CA ASN FE 244 56.14 -19.02 -12.87
C ASN FE 244 55.28 -19.31 -14.09
N ASP FE 245 53.99 -19.60 -13.86
CA ASP FE 245 53.09 -19.85 -14.98
C ASP FE 245 52.93 -18.62 -15.86
N ASP FE 246 52.78 -17.45 -15.24
CA ASP FE 246 52.65 -16.23 -16.03
C ASP FE 246 53.95 -15.90 -16.77
N THR FE 247 55.09 -16.04 -16.09
CA THR FE 247 56.36 -15.69 -16.73
C THR FE 247 56.77 -16.79 -17.70
N PRO FE 248 57.17 -16.42 -18.92
CA PRO FE 248 57.73 -17.43 -19.83
C PRO FE 248 59.03 -17.99 -19.28
N LYS FE 249 59.29 -19.27 -19.59
CA LYS FE 249 60.51 -19.90 -19.12
C LYS FE 249 61.74 -19.27 -19.76
N ASP FE 250 61.59 -18.77 -20.99
CA ASP FE 250 62.68 -18.06 -21.65
C ASP FE 250 63.01 -16.77 -20.90
N LEU FE 251 64.30 -16.45 -20.84
CA LEU FE 251 64.76 -15.33 -20.04
C LEU FE 251 64.96 -14.05 -20.86
N THR FE 252 65.41 -14.15 -22.11
CA THR FE 252 65.65 -12.96 -22.90
C THR FE 252 64.35 -12.25 -23.27
N ALA FE 253 63.24 -12.97 -23.27
CA ALA FE 253 61.95 -12.35 -23.54
C ALA FE 253 61.57 -11.40 -22.42
N ASN FE 254 60.78 -10.38 -22.77
CA ASN FE 254 60.33 -9.40 -21.79
C ASN FE 254 59.37 -10.06 -20.81
N GLN FE 255 59.68 -9.98 -19.52
CA GLN FE 255 58.84 -10.57 -18.50
C GLN FE 255 57.50 -9.83 -18.44
N PRO FE 256 56.43 -10.53 -18.04
CA PRO FE 256 55.12 -9.87 -17.94
C PRO FE 256 55.15 -8.70 -16.96
N ALA FE 257 54.46 -7.63 -17.33
CA ALA FE 257 54.47 -6.42 -16.51
C ALA FE 257 53.62 -6.56 -15.26
N SER FE 258 52.55 -7.34 -15.31
CA SER FE 258 51.63 -7.46 -14.20
C SER FE 258 51.29 -8.92 -13.96
N PHE FE 259 50.91 -9.24 -12.73
CA PHE FE 259 50.54 -10.58 -12.34
C PHE FE 259 49.33 -10.54 -11.43
N GLU FE 260 48.44 -11.50 -11.60
CA GLU FE 260 47.18 -11.56 -10.88
C GLU FE 260 47.05 -12.94 -10.22
N LEU FE 261 46.39 -12.96 -9.06
CA LEU FE 261 46.03 -14.23 -8.43
C LEU FE 261 44.76 -13.99 -7.63
N ASP FE 262 43.67 -14.61 -8.06
CA ASP FE 262 42.46 -14.60 -7.27
C ASP FE 262 42.40 -15.82 -6.37
N MET FE 263 41.99 -15.60 -5.12
CA MET FE 263 41.97 -16.67 -4.14
C MET FE 263 40.56 -16.97 -3.67
N PRO FE 264 40.18 -18.24 -3.54
CA PRO FE 264 40.97 -19.45 -3.83
C PRO FE 264 41.19 -19.64 -5.32
N ASN FE 265 42.24 -20.36 -5.74
CA ASN FE 265 42.47 -20.63 -7.16
C ASN FE 265 42.52 -22.15 -7.28
N PHE FE 266 41.39 -22.74 -7.62
CA PHE FE 266 41.32 -24.16 -7.93
C PHE FE 266 41.78 -24.39 -9.36
N ASP FE 267 42.17 -25.63 -9.65
CA ASP FE 267 42.62 -25.95 -11.00
C ASP FE 267 41.43 -26.23 -11.90
N LYS FE 268 41.70 -26.35 -13.20
CA LYS FE 268 40.63 -26.48 -14.18
C LYS FE 268 39.83 -27.76 -13.98
N SER FE 269 40.47 -28.82 -13.50
CA SER FE 269 39.77 -30.09 -13.32
C SER FE 269 38.74 -30.03 -12.21
N SER FE 270 39.06 -29.34 -11.11
CA SER FE 270 38.14 -29.32 -9.98
C SER FE 270 36.86 -28.57 -10.33
N PRO FE 271 35.71 -29.01 -9.81
CA PRO FE 271 34.44 -28.35 -10.15
C PRO FE 271 34.27 -26.98 -9.51
N PHE FE 272 35.21 -26.55 -8.67
CA PHE FE 272 35.08 -25.30 -7.92
C PHE FE 272 35.75 -24.12 -8.61
N TYR FE 273 35.96 -24.21 -9.93
CA TYR FE 273 36.65 -23.14 -10.65
C TYR FE 273 35.92 -21.80 -10.53
N PHE FE 274 34.58 -21.80 -10.56
CA PHE FE 274 33.88 -20.54 -10.46
C PHE FE 274 33.95 -19.97 -9.05
N LEU FE 275 34.35 -20.78 -8.07
CA LEU FE 275 34.67 -20.25 -6.75
C LEU FE 275 35.95 -19.44 -6.74
N ASN FE 276 36.73 -19.47 -7.82
CA ASN FE 276 37.93 -18.65 -7.91
C ASN FE 276 37.54 -17.17 -7.96
N GLY FE 277 38.20 -16.37 -7.14
CA GLY FE 277 37.92 -14.95 -7.07
C GLY FE 277 36.83 -14.55 -6.09
N ILE FE 278 36.34 -15.49 -5.28
CA ILE FE 278 35.33 -15.14 -4.28
C ILE FE 278 35.90 -14.16 -3.27
N CYS FE 279 36.95 -14.57 -2.56
CA CYS FE 279 37.46 -13.80 -1.43
C CYS FE 279 38.39 -12.67 -1.87
N GLY FE 280 38.30 -12.26 -3.13
CA GLY FE 280 39.11 -11.17 -3.63
C GLY FE 280 40.25 -11.64 -4.51
N THR FE 281 41.09 -10.68 -4.87
CA THR FE 281 42.20 -10.90 -5.79
C THR FE 281 43.38 -10.03 -5.36
N VAL FE 282 44.59 -10.54 -5.60
CA VAL FE 282 45.82 -9.81 -5.34
C VAL FE 282 46.60 -9.67 -6.64
N LYS FE 283 47.00 -8.44 -6.94
CA LYS FE 283 47.81 -8.14 -8.11
C LYS FE 283 49.18 -7.65 -7.67
N TRP FE 284 50.21 -8.11 -8.36
CA TRP FE 284 51.57 -7.67 -8.10
C TRP FE 284 52.34 -7.67 -9.42
N ASN FE 285 53.14 -6.64 -9.65
CA ASN FE 285 53.88 -6.49 -10.88
C ASN FE 285 55.30 -7.04 -10.72
N ASN FE 286 55.91 -7.38 -11.85
CA ASN FE 286 57.31 -7.77 -11.86
C ASN FE 286 58.18 -6.55 -11.55
N ILE FE 287 59.39 -6.83 -11.08
CA ILE FE 287 60.37 -5.77 -10.92
C ILE FE 287 60.94 -5.48 -12.30
N SER FE 288 60.32 -4.54 -13.01
CA SER FE 288 60.69 -4.24 -14.39
C SER FE 288 62.09 -3.65 -14.51
N ALA FE 289 62.69 -3.25 -13.39
CA ALA FE 289 64.04 -2.71 -13.44
C ALA FE 289 65.02 -3.73 -14.00
N LEU FE 290 64.88 -5.00 -13.61
CA LEU FE 290 65.76 -6.01 -14.18
C LEU FE 290 65.15 -6.69 -15.40
N ASN FE 291 63.93 -6.29 -15.79
CA ASN FE 291 63.32 -6.81 -17.01
C ASN FE 291 64.08 -6.39 -18.26
N SER FE 292 64.83 -5.29 -18.20
CA SER FE 292 65.56 -4.81 -19.37
C SER FE 292 66.52 -5.88 -19.88
N THR FE 293 66.54 -6.05 -21.20
CA THR FE 293 67.37 -7.07 -21.83
C THR FE 293 68.83 -6.69 -21.68
N ASN FE 294 69.53 -7.40 -20.79
CA ASN FE 294 70.94 -7.14 -20.51
C ASN FE 294 71.71 -8.46 -20.47
N GLN FE 295 71.52 -9.28 -21.50
CA GLN FE 295 72.11 -10.61 -21.61
C GLN FE 295 71.66 -11.50 -20.44
N SER FE 296 70.36 -11.75 -20.41
CA SER FE 296 69.74 -12.62 -19.42
C SER FE 296 69.30 -13.89 -20.13
N ASP FE 297 70.03 -14.98 -19.90
CA ASP FE 297 69.76 -16.25 -20.57
C ASP FE 297 70.38 -17.37 -19.74
N ASN FE 298 70.12 -18.62 -20.16
CA ASN FE 298 70.70 -19.78 -19.54
C ASN FE 298 71.95 -20.29 -20.25
N LYS FE 299 72.09 -19.99 -21.55
CA LYS FE 299 73.26 -20.43 -22.31
C LYS FE 299 74.55 -19.81 -21.79
N GLY FE 300 74.49 -18.63 -21.16
CA GLY FE 300 75.67 -17.98 -20.66
C GLY FE 300 75.55 -17.51 -19.24
N LEU FE 301 76.43 -16.63 -18.82
CA LEU FE 301 76.45 -16.10 -17.46
C LEU FE 301 75.88 -14.69 -17.47
N VAL FE 302 74.88 -14.44 -16.62
CA VAL FE 302 74.14 -13.18 -16.67
C VAL FE 302 75.02 -12.03 -16.20
N THR FE 303 74.87 -10.89 -16.85
CA THR FE 303 75.62 -9.68 -16.52
C THR FE 303 74.64 -8.55 -16.21
N VAL FE 304 75.09 -7.63 -15.35
CA VAL FE 304 74.30 -6.47 -14.95
C VAL FE 304 74.94 -5.23 -15.56
N GLY FE 305 74.12 -4.33 -16.07
CA GLY FE 305 74.62 -3.13 -16.70
C GLY FE 305 75.31 -2.20 -15.73
N GLY FE 306 75.96 -1.18 -16.29
CA GLY FE 306 76.70 -0.22 -15.50
C GLY FE 306 77.02 1.06 -16.26
N ALA FE 307 78.23 1.57 -16.09
CA ALA FE 307 78.63 2.78 -16.78
C ALA FE 307 78.75 2.54 -18.28
N GLY FE 308 78.27 3.50 -19.07
CA GLY FE 308 78.32 3.39 -20.52
C GLY FE 308 77.00 3.71 -21.18
N SER FE 309 75.90 3.40 -20.50
CA SER FE 309 74.56 3.66 -21.02
C SER FE 309 73.59 3.71 -19.85
N ASN FE 310 72.41 4.26 -20.11
CA ASN FE 310 71.37 4.36 -19.11
C ASN FE 310 70.40 3.19 -19.27
N SER FE 311 70.32 2.36 -18.23
CA SER FE 311 69.41 1.22 -18.21
C SER FE 311 68.73 1.17 -16.84
N SER FE 312 67.88 0.16 -16.66
CA SER FE 312 67.15 0.01 -15.41
C SER FE 312 67.81 -0.97 -14.44
N MET FE 313 69.01 -1.46 -14.75
CA MET FE 313 69.75 -2.31 -13.85
C MET FE 313 70.53 -1.46 -12.85
N GLY FE 314 71.43 -2.08 -12.10
CA GLY FE 314 72.24 -1.36 -11.15
C GLY FE 314 73.28 -0.49 -11.82
N ALA FE 315 73.84 0.43 -11.03
CA ALA FE 315 74.84 1.36 -11.53
C ALA FE 315 76.20 0.72 -11.77
N ASN FE 316 76.44 -0.46 -11.22
CA ASN FE 316 77.72 -1.14 -11.37
C ASN FE 316 77.50 -2.55 -11.91
N SER FE 317 78.45 -3.00 -12.72
CA SER FE 317 78.34 -4.31 -13.34
C SER FE 317 78.43 -5.41 -12.29
N LEU FE 318 77.44 -6.29 -12.27
CA LEU FE 318 77.38 -7.41 -11.35
C LEU FE 318 77.22 -8.71 -12.12
N ASN FE 319 77.81 -9.78 -11.60
CA ASN FE 319 77.76 -11.09 -12.21
C ASN FE 319 76.94 -12.03 -11.35
N ILE FE 320 75.94 -12.67 -11.94
CA ILE FE 320 75.03 -13.56 -11.23
C ILE FE 320 74.71 -14.74 -12.12
N THR FE 321 74.59 -15.93 -11.51
CA THR FE 321 74.23 -17.12 -12.25
C THR FE 321 72.75 -17.06 -12.64
N SER FE 322 72.36 -17.94 -13.57
CA SER FE 322 70.98 -17.93 -14.06
C SER FE 322 70.00 -18.21 -12.94
N SER FE 323 70.30 -19.18 -12.08
CA SER FE 323 69.41 -19.50 -10.96
C SER FE 323 69.26 -18.31 -10.02
N GLN FE 324 70.35 -17.57 -9.80
CA GLN FE 324 70.26 -16.36 -8.99
C GLN FE 324 69.27 -15.37 -9.59
N LEU FE 325 69.26 -15.24 -10.92
CA LEU FE 325 68.32 -14.30 -11.51
C LEU FE 325 66.90 -14.85 -11.47
N GLN FE 326 66.71 -16.17 -11.58
CA GLN FE 326 65.38 -16.74 -11.39
C GLN FE 326 64.84 -16.39 -10.01
N THR FE 327 65.67 -16.57 -8.97
CA THR FE 327 65.23 -16.21 -7.63
C THR FE 327 64.99 -14.71 -7.51
N ALA FE 328 65.78 -13.91 -8.21
CA ALA FE 328 65.55 -12.46 -8.21
C ALA FE 328 64.19 -12.12 -8.82
N ARG FE 329 63.81 -12.79 -9.91
CA ARG FE 329 62.46 -12.63 -10.44
C ARG FE 329 61.42 -13.03 -9.42
N LEU FE 330 61.61 -14.19 -8.79
CA LEU FE 330 60.63 -14.76 -7.88
C LEU FE 330 60.62 -14.10 -6.50
N SER FE 331 61.46 -13.09 -6.30
CA SER FE 331 61.48 -12.38 -5.01
C SER FE 331 60.09 -11.88 -4.62
N ARG FE 332 59.36 -11.25 -5.55
CA ARG FE 332 58.02 -10.76 -5.23
C ARG FE 332 57.08 -11.90 -4.89
N ALA FE 333 57.19 -13.01 -5.64
CA ALA FE 333 56.33 -14.16 -5.39
C ALA FE 333 56.56 -14.71 -3.99
N ILE FE 334 57.82 -14.86 -3.60
CA ILE FE 334 58.07 -15.39 -2.25
C ILE FE 334 57.72 -14.36 -1.20
N ALA FE 335 57.76 -13.07 -1.54
CA ALA FE 335 57.34 -12.04 -0.60
C ALA FE 335 55.86 -12.15 -0.27
N ILE FE 336 55.01 -12.18 -1.30
CA ILE FE 336 53.60 -12.38 -1.01
C ILE FE 336 53.37 -13.76 -0.42
N GLN FE 337 54.23 -14.73 -0.73
CA GLN FE 337 54.16 -16.05 -0.11
C GLN FE 337 54.34 -15.96 1.40
N GLN FE 338 55.36 -15.22 1.86
CA GLN FE 338 55.59 -15.09 3.29
C GLN FE 338 54.46 -14.32 3.96
N MET FE 339 53.94 -13.27 3.31
CA MET FE 339 52.72 -12.65 3.83
C MET FE 339 51.62 -13.65 4.05
N TYR FE 340 51.30 -14.46 3.04
CA TYR FE 340 50.15 -15.34 3.17
C TYR FE 340 50.39 -16.41 4.22
N VAL FE 341 51.60 -16.97 4.26
CA VAL FE 341 51.85 -18.01 5.26
C VAL FE 341 51.85 -17.44 6.67
N THR FE 342 52.35 -16.21 6.88
CA THR FE 342 52.31 -15.65 8.22
C THR FE 342 50.92 -15.25 8.65
N LEU FE 343 50.11 -14.65 7.76
CA LEU FE 343 48.75 -14.29 8.15
C LEU FE 343 47.81 -15.49 8.14
N SER FE 344 48.25 -16.64 7.62
CA SER FE 344 47.40 -17.83 7.68
C SER FE 344 47.14 -18.24 9.12
N THR FE 345 48.16 -18.17 9.99
CA THR FE 345 47.96 -18.51 11.39
C THR FE 345 47.00 -17.54 12.06
N VAL FE 346 47.13 -16.24 11.76
CA VAL FE 346 46.23 -15.25 12.34
C VAL FE 346 44.80 -15.51 11.87
N ALA FE 347 44.63 -15.81 10.58
CA ALA FE 347 43.30 -16.06 10.05
C ALA FE 347 42.69 -17.31 10.67
N GLN FE 348 43.48 -18.37 10.83
CA GLN FE 348 42.96 -19.60 11.41
C GLN FE 348 42.57 -19.39 12.88
N VAL FE 349 43.39 -18.62 13.62
CA VAL FE 349 43.03 -18.30 14.99
C VAL FE 349 41.74 -17.50 15.02
N MET FE 350 41.60 -16.53 14.11
CA MET FE 350 40.40 -15.69 14.08
C MET FE 350 39.16 -16.52 13.78
N VAL FE 351 39.23 -17.41 12.78
CA VAL FE 351 38.05 -18.17 12.39
C VAL FE 351 37.71 -19.19 13.48
N ASN FE 352 38.71 -19.78 14.12
CA ASN FE 352 38.44 -20.69 15.22
C ASN FE 352 37.87 -19.96 16.43
N ASN FE 353 38.19 -18.68 16.58
CA ASN FE 353 37.66 -17.90 17.69
C ASN FE 353 36.17 -17.62 17.56
N ASP FE 354 35.64 -17.63 16.35
CA ASP FE 354 34.24 -17.29 16.14
C ASP FE 354 33.34 -18.40 16.69
N PRO FE 355 32.46 -18.11 17.65
CA PRO FE 355 31.51 -19.14 18.10
C PRO FE 355 30.54 -19.57 17.01
N ALA FE 356 30.35 -18.75 15.97
CA ALA FE 356 29.45 -19.13 14.89
C ALA FE 356 29.94 -20.37 14.15
N PHE FE 357 31.26 -20.55 14.07
CA PHE FE 357 31.83 -21.73 13.43
C PHE FE 357 32.07 -22.87 14.41
N SER FE 358 31.75 -22.68 15.69
CA SER FE 358 31.83 -23.77 16.64
C SER FE 358 30.69 -24.75 16.41
N THR FE 359 31.04 -26.02 16.16
CA THR FE 359 30.01 -27.02 15.93
C THR FE 359 29.10 -27.18 17.15
N THR FE 360 29.68 -27.19 18.34
CA THR FE 360 28.90 -27.22 19.56
C THR FE 360 28.41 -25.82 19.91
N THR FE 361 27.21 -25.75 20.45
CA THR FE 361 26.63 -24.49 20.88
C THR FE 361 27.12 -24.13 22.28
N SER FE 362 26.84 -22.90 22.69
CA SER FE 362 27.24 -22.45 24.02
C SER FE 362 26.40 -23.17 25.07
N THR FE 363 27.07 -23.86 25.99
CA THR FE 363 26.40 -24.57 27.07
C THR FE 363 26.21 -23.72 28.31
N GLY FE 364 26.94 -22.62 28.45
CA GLY FE 364 26.77 -21.72 29.57
C GLY FE 364 26.15 -20.41 29.16
N ASN FE 365 26.18 -19.43 30.07
CA ASN FE 365 25.63 -18.12 29.77
C ASN FE 365 26.49 -17.41 28.73
N SER FE 366 25.90 -16.41 28.09
CA SER FE 366 26.64 -15.60 27.12
C SER FE 366 27.69 -14.73 27.78
N LYS FE 367 27.67 -14.62 29.12
CA LYS FE 367 28.63 -13.76 29.81
C LYS FE 367 30.06 -14.25 29.61
N ASN FE 368 30.27 -15.56 29.65
CA ASN FE 368 31.61 -16.11 29.42
C ASN FE 368 32.11 -15.82 28.01
N ASP FE 369 31.20 -15.62 27.07
CA ASP FE 369 31.56 -15.17 25.72
C ASP FE 369 31.76 -13.65 25.73
N PHE FE 370 32.48 -13.17 24.72
CA PHE FE 370 32.64 -11.73 24.53
C PHE FE 370 31.49 -11.14 23.74
N SER FE 371 31.23 -11.70 22.55
CA SER FE 371 30.15 -11.25 21.68
C SER FE 371 29.70 -12.43 20.84
N ALA FE 372 28.85 -12.15 19.86
CA ALA FE 372 28.31 -13.18 18.98
C ALA FE 372 29.27 -13.58 17.86
N ILE FE 373 30.40 -12.89 17.73
CA ILE FE 373 31.33 -13.17 16.64
C ILE FE 373 32.68 -13.57 17.21
N ALA FE 374 32.91 -13.27 18.48
CA ALA FE 374 34.17 -13.58 19.14
C ALA FE 374 33.92 -14.05 20.55
N LYS FE 375 34.35 -15.27 20.87
CA LYS FE 375 34.31 -15.72 22.25
C LYS FE 375 35.33 -14.98 23.11
N GLN FE 376 36.53 -14.77 22.57
CA GLN FE 376 37.55 -13.97 23.22
C GLN FE 376 37.91 -12.79 22.31
N GLN FE 377 37.85 -11.59 22.84
CA GLN FE 377 38.21 -10.40 22.07
C GLN FE 377 39.71 -10.36 21.82
N PHE FE 378 40.10 -9.65 20.75
CA PHE FE 378 41.53 -9.50 20.46
C PHE FE 378 42.15 -8.36 21.24
N GLY FE 379 41.37 -7.34 21.60
CA GLY FE 379 41.91 -6.19 22.29
C GLY FE 379 42.16 -5.00 21.39
N VAL FE 380 42.66 -3.93 22.00
CA VAL FE 380 42.96 -2.68 21.29
C VAL FE 380 44.29 -2.13 21.77
N PRO FE 381 44.88 -1.21 21.00
CA PRO FE 381 46.11 -0.55 21.45
C PRO FE 381 45.91 0.21 22.75
N TYR FE 382 47.01 0.34 23.49
CA TYR FE 382 47.03 1.03 24.77
C TYR FE 382 48.25 1.93 24.84
N LYS FE 383 48.15 2.98 25.62
CA LYS FE 383 49.26 3.91 25.82
C LYS FE 383 50.43 3.21 26.50
N SER FE 384 51.57 3.90 26.54
CA SER FE 384 52.71 3.42 27.31
C SER FE 384 52.40 3.35 28.79
N SER FE 385 51.41 4.10 29.26
CA SER FE 385 50.96 4.06 30.64
C SER FE 385 49.90 2.99 30.88
N GLY FE 386 49.53 2.24 29.85
CA GLY FE 386 48.50 1.23 29.98
C GLY FE 386 47.09 1.75 29.98
N GLU FE 387 46.88 3.01 29.59
CA GLU FE 387 45.57 3.62 29.55
C GLU FE 387 44.98 3.51 28.15
N VAL FE 388 43.66 3.65 28.07
CA VAL FE 388 42.94 3.37 26.83
C VAL FE 388 43.36 4.35 25.75
N CYS FE 389 43.76 3.81 24.60
CA CYS FE 389 44.09 4.59 23.41
C CYS FE 389 42.83 4.77 22.58
N THR FE 390 42.52 6.02 22.25
CA THR FE 390 41.39 6.35 21.39
C THR FE 390 41.80 7.00 20.08
N GLU FE 391 42.78 7.89 20.12
CA GLU FE 391 43.22 8.63 18.94
C GLU FE 391 44.70 8.36 18.70
N TYR FE 392 45.08 8.24 17.43
CA TYR FE 392 46.47 7.96 17.10
C TYR FE 392 47.40 9.12 17.43
N GLN FE 393 46.87 10.35 17.53
CA GLN FE 393 47.73 11.48 17.87
C GLN FE 393 48.43 11.27 19.21
N GLN FE 394 47.69 10.81 20.21
CA GLN FE 394 48.32 10.35 21.44
C GLN FE 394 49.11 9.08 21.16
N VAL FE 395 50.28 8.95 21.79
CA VAL FE 395 51.18 7.86 21.46
C VAL FE 395 50.74 6.60 22.20
N CYS FE 396 50.35 5.58 21.44
CA CYS FE 396 49.92 4.30 21.98
C CYS FE 396 50.90 3.22 21.52
N GLN FE 397 51.47 2.50 22.48
CA GLN FE 397 52.54 1.54 22.23
C GLN FE 397 52.13 0.10 22.52
N THR FE 398 51.50 -0.15 23.66
CA THR FE 398 51.23 -1.51 24.09
C THR FE 398 49.89 -1.97 23.54
N TRP FE 399 49.45 -3.16 23.95
CA TRP FE 399 48.20 -3.72 23.47
C TRP FE 399 47.51 -4.43 24.63
N GLY FE 400 46.19 -4.24 24.75
CA GLY FE 400 45.51 -4.79 25.89
C GLY FE 400 44.04 -5.13 25.66
N SER FE 401 43.37 -5.58 26.73
CA SER FE 401 41.99 -6.02 26.65
C SER FE 401 41.05 -4.84 26.89
N VAL FE 402 39.96 -4.80 26.13
CA VAL FE 402 38.99 -3.71 26.26
C VAL FE 402 38.35 -3.76 27.64
N PRO FE 403 38.19 -2.63 28.34
CA PRO FE 403 37.55 -2.65 29.67
C PRO FE 403 36.08 -3.10 29.65
N SER FE 404 35.41 -3.06 28.50
CA SER FE 404 34.00 -3.43 28.44
C SER FE 404 33.81 -4.87 28.92
N SER FE 405 32.90 -5.05 29.86
CA SER FE 405 32.63 -6.35 30.47
C SER FE 405 31.12 -6.58 30.45
N THR FE 406 30.67 -7.49 29.58
CA THR FE 406 29.27 -7.90 29.55
C THR FE 406 28.97 -8.99 30.55
N GLY FE 407 29.80 -9.11 31.59
CA GLY FE 407 29.69 -10.17 32.58
C GLY FE 407 31.05 -10.71 32.95
N SER FE 408 31.97 -10.69 31.99
CA SER FE 408 33.35 -11.10 32.21
C SER FE 408 34.24 -10.39 31.20
N THR FE 409 35.53 -10.34 31.51
CA THR FE 409 36.54 -9.76 30.63
C THR FE 409 37.35 -10.90 30.04
N THR FE 410 37.14 -11.19 28.76
CA THR FE 410 37.80 -12.30 28.12
C THR FE 410 39.27 -12.00 27.88
N GLY FE 411 40.07 -13.07 27.81
CA GLY FE 411 41.49 -12.92 27.57
C GLY FE 411 41.78 -12.64 26.11
N VAL FE 412 42.68 -11.70 25.85
CA VAL FE 412 43.04 -11.32 24.48
C VAL FE 412 43.95 -12.39 23.90
N LEU FE 413 44.13 -12.36 22.58
CA LEU FE 413 44.92 -13.38 21.89
C LEU FE 413 46.16 -12.81 21.24
N PHE FE 414 46.06 -11.63 20.63
CA PHE FE 414 47.16 -11.04 19.88
C PHE FE 414 47.74 -9.85 20.61
N ASN FE 415 49.04 -9.63 20.37
CA ASN FE 415 49.75 -8.46 20.88
C ASN FE 415 49.64 -7.27 19.94
N GLY FE 416 48.92 -7.41 18.83
CA GLY FE 416 48.75 -6.33 17.88
C GLY FE 416 49.93 -6.08 16.97
N THR FE 417 51.01 -6.84 17.12
CA THR FE 417 52.21 -6.67 16.32
C THR FE 417 52.32 -7.69 15.20
N GLU FE 418 51.27 -8.46 14.96
CA GLU FE 418 51.33 -9.49 13.93
C GLU FE 418 51.29 -8.88 12.53
N PHE FE 419 50.39 -7.92 12.30
CA PHE FE 419 50.30 -7.30 10.99
C PHE FE 419 51.57 -6.52 10.66
N LEU FE 420 51.99 -5.64 11.57
CA LEU FE 420 53.22 -4.90 11.33
C LEU FE 420 54.44 -5.80 11.36
N GLY FE 421 54.41 -6.86 12.16
CA GLY FE 421 55.49 -7.85 12.08
C GLY FE 421 55.58 -8.47 10.70
N ALA FE 422 54.43 -8.74 10.08
CA ALA FE 422 54.41 -9.23 8.72
C ALA FE 422 54.98 -8.18 7.76
N ILE FE 423 54.62 -6.91 7.95
CA ILE FE 423 55.18 -5.87 7.10
C ILE FE 423 56.69 -5.81 7.26
N ASN FE 424 57.16 -6.02 8.50
CA ASN FE 424 58.61 -5.96 8.76
C ASN FE 424 59.34 -7.13 8.12
N ASP FE 425 58.85 -8.36 8.28
CA ASP FE 425 59.60 -9.45 7.65
C ASP FE 425 59.49 -9.34 6.13
N TYR FE 426 58.36 -8.85 5.62
CA TYR FE 426 58.28 -8.58 4.20
C TYR FE 426 59.39 -7.65 3.76
N ASN FE 427 59.53 -6.52 4.46
CA ASN FE 427 60.58 -5.56 4.10
C ASN FE 427 61.95 -6.21 4.22
N GLY FE 428 62.20 -6.94 5.31
CA GLY FE 428 63.51 -7.52 5.53
C GLY FE 428 63.90 -8.50 4.44
N ILE FE 429 62.92 -9.23 3.91
CA ILE FE 429 63.23 -10.15 2.82
C ILE FE 429 63.16 -9.47 1.46
N MET FE 430 62.73 -8.21 1.38
CA MET FE 430 63.02 -7.42 0.18
C MET FE 430 64.38 -6.72 0.21
N MET FE 431 64.91 -6.36 1.38
CA MET FE 431 66.26 -5.78 1.40
C MET FE 431 67.27 -6.50 0.51
N PRO FE 432 67.30 -7.82 0.41
CA PRO FE 432 68.23 -8.43 -0.57
C PRO FE 432 68.08 -7.92 -1.99
N THR FE 433 66.88 -8.02 -2.58
CA THR FE 433 66.74 -7.74 -4.01
C THR FE 433 67.08 -6.29 -4.32
N LEU FE 434 66.52 -5.35 -3.56
CA LEU FE 434 66.85 -3.95 -3.80
C LEU FE 434 68.29 -3.64 -3.43
N ASN FE 435 68.88 -4.41 -2.51
CA ASN FE 435 70.29 -4.21 -2.20
C ASN FE 435 71.17 -4.56 -3.40
N LEU FE 436 70.92 -5.71 -4.04
CA LEU FE 436 71.72 -6.06 -5.21
C LEU FE 436 71.28 -5.28 -6.45
N ILE FE 437 70.15 -4.59 -6.39
CA ILE FE 437 69.86 -3.67 -7.48
C ILE FE 437 70.49 -2.30 -7.26
N ARG FE 438 70.82 -1.95 -6.03
CA ARG FE 438 71.38 -0.63 -5.77
C ARG FE 438 72.73 -0.43 -6.46
N GLN FE 439 73.59 -1.43 -6.42
CA GLN FE 439 74.90 -1.31 -7.06
C GLN FE 439 74.79 -1.60 -8.55
N SER FE 442 81.53 7.20 -6.43
CA SER FE 442 80.20 6.80 -5.98
C SER FE 442 79.24 6.70 -7.15
N LYS FE 443 77.95 6.90 -6.87
CA LYS FE 443 76.92 6.88 -7.90
C LYS FE 443 76.45 8.27 -8.31
N GLU FE 444 76.56 9.25 -7.43
CA GLU FE 444 76.23 10.64 -7.79
C GLU FE 444 77.29 11.28 -8.68
N PHE FE 445 78.54 10.82 -8.61
CA PHE FE 445 79.61 11.31 -9.45
C PHE FE 445 80.18 10.14 -10.23
N ASP FE 446 80.22 10.26 -11.56
CA ASP FE 446 80.60 9.16 -12.42
C ASP FE 446 81.54 9.64 -13.52
N LYS FE 447 82.21 8.66 -14.14
CA LYS FE 447 83.25 8.97 -15.12
C LYS FE 447 82.66 9.57 -16.40
N LYS FE 448 81.52 9.06 -16.87
CA LYS FE 448 80.96 9.54 -18.12
C LYS FE 448 80.38 10.95 -18.02
N SER FE 449 80.58 11.64 -16.90
CA SER FE 449 80.16 13.04 -16.82
C SER FE 449 81.02 13.94 -17.69
N ARG FE 450 82.12 13.42 -18.23
CA ARG FE 450 83.05 14.19 -19.04
C ARG FE 450 82.87 13.98 -20.54
N ASP FE 451 82.16 12.93 -20.97
CA ASP FE 451 82.24 12.50 -22.37
C ASP FE 451 81.72 13.54 -23.35
N PHE FE 452 80.92 14.50 -22.89
CA PHE FE 452 80.33 15.45 -23.84
C PHE FE 452 81.35 16.47 -24.34
N ILE FE 453 82.52 16.55 -23.69
CA ILE FE 453 83.48 17.60 -24.04
C ILE FE 453 84.00 17.41 -25.46
N ALA FE 454 84.36 16.17 -25.81
CA ALA FE 454 84.89 15.90 -27.15
C ALA FE 454 83.84 16.19 -28.22
N GLU FE 455 82.60 15.79 -27.96
CA GLU FE 455 81.53 16.09 -28.91
C GLU FE 455 81.31 17.60 -29.04
N ALA FE 456 81.40 18.33 -27.92
CA ALA FE 456 81.28 19.78 -27.98
C ALA FE 456 82.40 20.41 -28.81
N ASN FE 457 83.63 19.89 -28.66
CA ASN FE 457 84.71 20.33 -29.52
C ASN FE 457 84.39 20.06 -30.98
N ALA FE 458 83.85 18.89 -31.28
CA ALA FE 458 83.49 18.56 -32.66
C ALA FE 458 82.38 19.46 -33.19
N LYS FE 459 81.51 19.95 -32.31
CA LYS FE 459 80.35 20.72 -32.76
C LYS FE 459 80.72 22.17 -33.09
N GLY FE 460 81.43 22.84 -32.19
CA GLY FE 460 81.80 24.23 -32.42
C GLY FE 460 81.34 25.13 -31.28
N TRP FE 461 80.82 26.30 -31.68
CA TRP FE 461 80.44 27.31 -30.68
C TRP FE 461 78.99 27.74 -30.81
N ILE FE 462 78.33 27.47 -31.94
CA ILE FE 462 76.98 28.00 -32.16
C ILE FE 462 75.96 27.20 -31.39
N MET FE 463 76.41 26.21 -30.62
CA MET FE 463 75.56 25.39 -29.77
C MET FE 463 76.09 25.30 -28.34
N ALA FE 464 77.00 26.18 -27.96
CA ALA FE 464 77.66 26.11 -26.66
C ALA FE 464 76.65 26.01 -25.51
N GLY FE 465 75.59 26.80 -25.54
CA GLY FE 465 74.66 26.83 -24.43
C GLY FE 465 73.97 25.50 -24.18
N SER FE 466 73.94 24.63 -25.20
CA SER FE 466 73.32 23.32 -25.00
C SER FE 466 74.06 22.49 -23.96
N TYR FE 467 75.31 22.83 -23.65
CA TYR FE 467 76.08 22.14 -22.63
C TYR FE 467 75.98 22.81 -21.28
N PHE FE 468 75.20 23.89 -21.18
CA PHE FE 468 75.19 24.77 -20.01
C PHE FE 468 75.12 23.96 -18.72
N PHE FE 469 74.01 23.23 -18.52
CA PHE FE 469 73.80 22.55 -17.25
C PHE FE 469 74.84 21.46 -17.05
N ASP FE 470 75.27 20.84 -18.15
CA ASP FE 470 76.37 19.88 -18.06
C ASP FE 470 77.58 20.56 -17.41
N LEU FE 471 77.98 21.71 -17.96
CA LEU FE 471 79.04 22.49 -17.34
C LEU FE 471 78.74 22.72 -15.87
N VAL FE 472 77.48 23.04 -15.56
CA VAL FE 472 77.10 23.29 -14.17
C VAL FE 472 77.40 22.06 -13.32
N LYS FE 473 76.95 20.89 -13.76
CA LYS FE 473 77.16 19.71 -12.93
C LYS FE 473 78.62 19.26 -12.96
N LEU FE 474 79.45 19.87 -13.81
CA LEU FE 474 80.88 19.73 -13.66
C LEU FE 474 81.45 20.74 -12.68
N ASN FE 475 80.99 21.99 -12.77
CA ASN FE 475 81.50 23.04 -11.90
C ASN FE 475 81.19 22.75 -10.45
N GLY FE 476 80.02 22.18 -10.17
CA GLY FE 476 79.75 21.71 -8.82
C GLY FE 476 80.78 20.68 -8.38
N SER FE 477 81.07 19.71 -9.23
CA SER FE 477 81.99 18.63 -8.86
C SER FE 477 83.38 19.16 -8.51
N ALA FE 478 83.72 20.38 -8.94
CA ALA FE 478 84.98 21.00 -8.60
C ALA FE 478 84.87 22.02 -7.47
N THR FE 479 83.67 22.56 -7.22
CA THR FE 479 83.51 23.60 -6.19
C THR FE 479 82.81 23.09 -4.94
N GLU FE 480 82.17 21.93 -5.00
CA GLU FE 480 81.48 21.36 -3.86
C GLU FE 480 82.47 20.99 -2.76
N ASP FE 483 68.93 0.87 2.31
CA ASP FE 483 68.49 2.23 2.62
C ASP FE 483 67.17 2.55 1.95
N GLN FE 484 67.18 2.58 0.62
CA GLN FE 484 65.97 2.87 -0.14
C GLN FE 484 64.94 1.76 0.06
N PHE FE 485 63.67 2.15 0.00
CA PHE FE 485 62.56 1.21 0.07
C PHE FE 485 61.77 1.19 -1.22
N ASP FE 486 61.11 0.07 -1.43
CA ASP FE 486 60.44 -0.22 -2.69
C ASP FE 486 59.33 0.77 -3.01
N THR FE 487 59.01 0.88 -4.30
CA THR FE 487 57.97 1.79 -4.80
C THR FE 487 57.44 1.22 -6.11
N GLY FE 488 56.13 1.18 -6.24
CA GLY FE 488 55.49 0.65 -7.43
C GLY FE 488 55.26 -0.85 -7.43
N THR FE 489 55.11 -1.48 -6.27
CA THR FE 489 54.96 -2.93 -6.21
C THR FE 489 53.56 -3.38 -6.62
N GLY FE 490 52.59 -2.48 -6.62
CA GLY FE 490 51.31 -2.78 -7.21
C GLY FE 490 50.37 -3.61 -6.35
N LEU FE 491 50.67 -3.81 -5.07
CA LEU FE 491 49.66 -4.42 -4.20
C LEU FE 491 48.50 -3.49 -3.92
N ASP FE 492 48.64 -2.20 -4.25
CA ASP FE 492 47.49 -1.30 -4.20
C ASP FE 492 46.45 -1.65 -5.25
N LYS FE 493 46.88 -2.17 -6.40
CA LYS FE 493 45.94 -2.55 -7.44
C LYS FE 493 45.10 -3.76 -7.04
N SER FE 494 45.47 -4.46 -5.97
CA SER FE 494 44.68 -5.58 -5.50
C SER FE 494 43.34 -5.09 -4.95
N SER FE 495 42.39 -6.02 -4.85
CA SER FE 495 41.04 -5.66 -4.43
C SER FE 495 40.46 -6.77 -3.54
N PHE FE 496 39.71 -6.35 -2.53
CA PHE FE 496 38.91 -7.27 -1.74
C PHE FE 496 37.49 -6.72 -1.66
N ASP FE 497 36.52 -7.60 -1.81
CA ASP FE 497 35.12 -7.26 -1.66
C ASP FE 497 34.44 -8.36 -0.85
N PRO FE 498 33.75 -8.03 0.24
CA PRO FE 498 32.97 -9.06 0.95
C PRO FE 498 31.57 -9.25 0.39
N THR FE 499 30.96 -8.20 -0.17
CA THR FE 499 29.58 -8.28 -0.59
C THR FE 499 29.37 -9.32 -1.69
N GLN FE 500 30.46 -9.77 -2.32
CA GLN FE 500 30.33 -10.78 -3.36
C GLN FE 500 29.82 -12.11 -2.82
N LEU FE 501 29.85 -12.34 -1.51
CA LEU FE 501 29.19 -13.54 -1.00
C LEU FE 501 27.68 -13.47 -1.21
N THR FE 502 27.13 -12.27 -1.26
CA THR FE 502 25.68 -12.08 -1.24
C THR FE 502 25.11 -11.49 -2.53
N LYS FE 503 25.96 -11.13 -3.50
CA LYS FE 503 25.43 -10.62 -4.77
C LYS FE 503 24.46 -11.59 -5.45
N PRO FE 504 24.74 -12.91 -5.53
CA PRO FE 504 23.77 -13.78 -6.21
C PRO FE 504 22.39 -13.75 -5.59
N PHE FE 505 22.29 -14.00 -4.29
CA PHE FE 505 21.04 -14.40 -3.66
C PHE FE 505 19.89 -13.42 -3.89
N GLY FE 506 18.68 -13.97 -3.88
CA GLY FE 506 17.46 -13.19 -4.05
C GLY FE 506 16.28 -14.11 -3.81
N LYS FE 507 15.09 -13.71 -4.23
CA LYS FE 507 14.01 -14.69 -4.33
C LYS FE 507 14.35 -15.75 -5.38
N THR FE 508 14.82 -15.32 -6.54
CA THR FE 508 15.53 -16.18 -7.49
C THR FE 508 16.84 -15.49 -7.81
N CYS FE 509 17.92 -16.25 -7.80
CA CYS FE 509 19.24 -15.66 -7.95
C CYS FE 509 19.89 -16.11 -9.25
N GLN FE 510 20.92 -15.37 -9.66
CA GLN FE 510 21.43 -15.44 -11.03
C GLN FE 510 22.94 -15.47 -11.10
N ASP FE 511 23.47 -15.19 -12.29
CA ASP FE 511 24.90 -15.22 -12.55
C ASP FE 511 25.62 -14.17 -11.69
N PRO FE 512 26.94 -14.35 -11.48
CA PRO FE 512 27.81 -15.41 -11.97
C PRO FE 512 28.07 -16.55 -10.99
N TYR FE 513 27.62 -16.47 -9.74
CA TYR FE 513 27.80 -17.58 -8.78
C TYR FE 513 26.46 -18.07 -8.25
N SER FE 514 25.50 -18.33 -9.14
CA SER FE 514 24.20 -18.83 -8.72
C SER FE 514 24.28 -20.22 -8.10
N LEU FE 515 25.37 -20.95 -8.30
CA LEU FE 515 25.43 -22.31 -7.78
C LEU FE 515 25.63 -22.34 -6.27
N LEU FE 516 26.22 -21.28 -5.71
CA LEU FE 516 26.15 -21.11 -4.26
C LEU FE 516 24.71 -21.12 -3.78
N CYS FE 517 23.84 -20.37 -4.47
CA CYS FE 517 22.41 -20.48 -4.24
C CYS FE 517 21.93 -21.91 -4.38
N THR FE 518 22.29 -22.58 -5.49
CA THR FE 518 21.67 -23.86 -5.81
C THR FE 518 21.95 -24.89 -4.72
N TRP FE 519 23.18 -24.93 -4.21
CA TRP FE 519 23.45 -25.81 -3.07
C TRP FE 519 22.81 -25.28 -1.80
N PHE FE 520 22.80 -23.97 -1.62
CA PHE FE 520 22.31 -23.37 -0.39
C PHE FE 520 20.79 -23.25 -0.35
N GLN FE 521 20.10 -23.64 -1.42
CA GLN FE 521 18.64 -23.52 -1.51
C GLN FE 521 18.20 -22.09 -1.24
N ASN FE 522 18.97 -21.15 -1.78
CA ASN FE 522 18.66 -19.72 -1.72
C ASN FE 522 18.54 -19.19 -0.29
N LYS FE 523 19.34 -19.73 0.62
CA LYS FE 523 19.50 -19.17 1.96
C LYS FE 523 20.94 -18.68 2.07
N SER FE 524 21.11 -17.42 2.46
CA SER FE 524 22.41 -16.77 2.45
C SER FE 524 22.91 -16.43 3.84
N ASP FE 525 22.18 -16.83 4.88
CA ASP FE 525 22.58 -16.47 6.24
C ASP FE 525 23.97 -17.00 6.58
N LYS FE 526 24.30 -18.23 6.13
CA LYS FE 526 25.62 -18.79 6.40
C LYS FE 526 26.74 -17.95 5.82
N LEU FE 527 26.44 -17.08 4.86
CA LEU FE 527 27.42 -16.11 4.40
C LEU FE 527 27.26 -14.75 5.08
N ILE FE 528 26.09 -14.47 5.66
CA ILE FE 528 25.95 -13.22 6.38
C ILE FE 528 26.74 -13.23 7.69
N GLN FE 529 26.90 -14.40 8.35
CA GLN FE 529 27.81 -14.32 9.50
C GLN FE 529 29.25 -14.14 9.03
N ILE FE 530 29.57 -14.62 7.83
CA ILE FE 530 30.88 -14.32 7.27
C ILE FE 530 31.06 -12.81 7.10
N GLN FE 531 30.05 -12.15 6.56
CA GLN FE 531 30.12 -10.70 6.41
C GLN FE 531 30.28 -10.01 7.78
N SER FE 532 29.53 -10.47 8.78
CA SER FE 532 29.67 -9.90 10.12
C SER FE 532 31.02 -10.23 10.74
N LEU FE 533 31.67 -11.29 10.26
CA LEU FE 533 33.03 -11.57 10.70
C LEU FE 533 34.01 -10.60 10.07
N ILE FE 534 33.82 -10.28 8.78
CA ILE FE 534 34.70 -9.32 8.11
C ILE FE 534 34.54 -7.93 8.73
N ASP FE 535 33.30 -7.45 8.86
CA ASP FE 535 33.13 -6.07 9.30
C ASP FE 535 31.95 -5.85 10.26
N GLY FE 536 31.45 -6.88 10.92
CA GLY FE 536 30.45 -6.71 11.95
C GLY FE 536 29.07 -6.27 11.52
N VAL FE 537 28.60 -6.74 10.36
CA VAL FE 537 27.23 -6.52 9.92
C VAL FE 537 26.59 -7.85 9.54
N PRO FE 538 25.42 -8.18 10.07
CA PRO FE 538 24.63 -7.44 11.05
C PRO FE 538 24.58 -8.13 12.41
N ALA FE 539 25.45 -9.11 12.63
CA ALA FE 539 25.46 -9.81 13.92
C ALA FE 539 25.82 -8.86 15.06
N LEU FE 540 26.37 -7.70 14.75
CA LEU FE 540 26.76 -6.70 15.73
C LEU FE 540 26.34 -5.31 15.24
N GLY FE 541 25.19 -5.26 14.57
CA GLY FE 541 24.64 -4.02 14.05
C GLY FE 541 24.96 -3.80 12.58
N GLN FE 542 24.14 -2.99 11.93
CA GLN FE 542 24.42 -2.60 10.56
C GLN FE 542 25.30 -1.36 10.45
N ASP FE 543 25.76 -0.80 11.57
CA ASP FE 543 26.66 0.34 11.50
C ASP FE 543 27.96 -0.04 10.78
N GLY FE 544 28.59 -1.13 11.22
CA GLY FE 544 29.78 -1.62 10.56
C GLY FE 544 31.00 -0.76 10.80
N VAL FE 545 32.10 -1.18 10.18
CA VAL FE 545 33.36 -0.47 10.23
C VAL FE 545 33.85 -0.23 8.81
N LYS FE 546 34.24 1.00 8.51
CA LYS FE 546 34.66 1.35 7.17
C LYS FE 546 35.97 0.65 6.82
N GLN FE 547 36.30 0.66 5.53
CA GLN FE 547 37.59 0.13 5.11
C GLN FE 547 38.69 1.05 5.61
N PRO FE 548 39.63 0.55 6.40
CA PRO FE 548 40.71 1.42 6.87
C PRO FE 548 41.71 1.70 5.77
N ASP FE 549 41.80 2.96 5.35
CA ASP FE 549 42.80 3.33 4.36
C ASP FE 549 44.20 3.08 4.91
N LEU FE 550 45.13 2.72 4.02
CA LEU FE 550 46.45 2.32 4.47
C LEU FE 550 47.49 3.43 4.31
N SER FE 551 47.07 4.60 3.84
CA SER FE 551 47.97 5.74 3.75
C SER FE 551 48.22 6.30 5.15
N ASP FE 552 49.23 7.15 5.26
CA ASP FE 552 49.65 7.71 6.54
C ASP FE 552 48.59 8.68 7.04
N ASN FE 553 47.85 8.26 8.07
CA ASN FE 553 46.80 9.08 8.68
C ASN FE 553 47.14 9.29 10.16
N PRO FE 554 47.80 10.40 10.50
CA PRO FE 554 48.05 10.69 11.92
C PRO FE 554 46.77 10.85 12.73
N GLN FE 555 45.69 11.35 12.12
CA GLN FE 555 44.42 11.54 12.81
C GLN FE 555 43.51 10.35 12.49
N ARG FE 556 43.70 9.27 13.22
CA ARG FE 556 42.88 8.07 13.06
C ARG FE 556 42.23 7.71 14.39
N GLN FE 557 40.97 7.30 14.33
CA GLN FE 557 40.22 6.91 15.51
C GLN FE 557 40.29 5.41 15.69
N SER FE 558 40.78 4.97 16.85
CA SER FE 558 40.80 3.55 17.15
C SER FE 558 39.39 3.02 17.31
N VAL FE 559 39.18 1.79 16.85
CA VAL FE 559 37.85 1.18 16.94
C VAL FE 559 37.65 0.66 18.36
N SER FE 560 36.56 1.11 18.99
CA SER FE 560 36.29 0.83 20.39
C SER FE 560 35.01 0.00 20.52
N GLY FE 561 34.84 -0.62 21.68
CA GLY FE 561 33.69 -1.45 21.93
C GLY FE 561 33.79 -2.77 21.19
N PRO FE 562 32.70 -3.52 21.16
CA PRO FE 562 32.73 -4.82 20.48
C PRO FE 562 33.03 -4.70 18.98
N LEU FE 563 32.93 -3.49 18.42
CA LEU FE 563 33.35 -3.26 17.05
C LEU FE 563 34.79 -3.68 16.83
N SER FE 564 35.64 -3.63 17.85
CA SER FE 564 37.04 -4.02 17.66
C SER FE 564 37.22 -5.51 17.46
N SER FE 565 36.15 -6.30 17.63
CA SER FE 565 36.23 -7.75 17.50
C SER FE 565 35.81 -8.22 16.12
N THR FE 566 36.12 -7.44 15.09
CA THR FE 566 35.97 -7.85 13.70
C THR FE 566 37.31 -7.69 13.02
N VAL FE 567 37.49 -8.40 11.89
CA VAL FE 567 38.80 -8.40 11.23
C VAL FE 567 39.10 -7.01 10.65
N TYR FE 568 38.08 -6.31 10.18
CA TYR FE 568 38.30 -4.96 9.64
C TYR FE 568 38.75 -4.02 10.76
N GLY FE 569 38.04 -4.03 11.88
CA GLY FE 569 38.45 -3.21 13.01
C GLY FE 569 39.78 -3.65 13.60
N PHE FE 570 40.05 -4.95 13.59
CA PHE FE 570 41.34 -5.44 14.07
C PHE FE 570 42.47 -4.93 13.20
N VAL FE 571 42.29 -4.96 11.88
CA VAL FE 571 43.29 -4.41 10.98
C VAL FE 571 43.46 -2.91 11.22
N ASN FE 572 42.34 -2.20 11.38
CA ASN FE 572 42.42 -0.77 11.66
C ASN FE 572 43.22 -0.50 12.93
N ASN FE 573 42.92 -1.21 14.01
CA ASN FE 573 43.61 -0.97 15.27
C ASN FE 573 45.04 -1.48 15.24
N SER FE 574 45.36 -2.36 14.30
CA SER FE 574 46.65 -3.01 14.32
C SER FE 574 47.75 -2.18 13.67
N MET FE 575 47.41 -1.09 12.96
CA MET FE 575 48.48 -0.41 12.25
C MET FE 575 48.93 0.89 12.91
N MET FE 576 48.28 1.34 13.99
CA MET FE 576 48.83 2.50 14.70
C MET FE 576 49.86 2.12 15.75
N VAL FE 577 49.83 0.88 16.25
CA VAL FE 577 50.70 0.51 17.36
C VAL FE 577 52.15 0.72 16.94
N GLN FE 578 52.79 1.70 17.55
CA GLN FE 578 54.11 2.11 17.10
C GLN FE 578 55.13 1.03 17.43
N LEU FE 579 56.16 0.96 16.62
CA LEU FE 579 57.22 0.02 16.91
C LEU FE 579 58.44 0.77 17.42
N PRO FE 580 59.20 0.18 18.35
CA PRO FE 580 60.44 0.85 18.80
C PRO FE 580 61.47 1.04 17.70
N GLY FE 581 61.34 0.31 16.59
CA GLY FE 581 62.29 0.44 15.49
C GLY FE 581 62.37 1.83 14.92
N GLN FE 582 61.34 2.26 14.20
CA GLN FE 582 61.35 3.60 13.62
C GLN FE 582 59.94 4.14 13.44
N PRO FE 583 59.51 5.08 14.28
CA PRO FE 583 58.21 5.73 14.04
C PRO FE 583 58.28 6.64 12.81
N GLY FE 584 57.67 6.20 11.71
CA GLY FE 584 57.74 6.92 10.46
C GLY FE 584 56.61 7.89 10.19
N ILE FE 585 55.74 8.14 11.17
CA ILE FE 585 54.58 8.99 10.98
C ILE FE 585 54.68 10.17 11.96
N LYS FE 586 54.48 11.38 11.43
CA LYS FE 586 54.55 12.60 12.21
C LYS FE 586 53.16 13.19 12.36
N PRO FE 587 52.68 13.43 13.58
CA PRO FE 587 51.35 14.02 13.75
C PRO FE 587 51.27 15.41 13.14
N LEU FE 588 50.08 15.76 12.65
CA LEU FE 588 49.87 16.99 11.91
C LEU FE 588 50.22 18.20 12.76
N THR FE 589 50.89 19.19 12.14
CA THR FE 589 51.15 20.47 12.78
C THR FE 589 50.16 21.54 12.37
N PHE FE 590 49.19 21.20 11.52
CA PHE FE 590 48.19 22.16 11.07
C PHE FE 590 46.82 21.88 11.66
N ALA FE 591 46.71 20.90 12.55
CA ALA FE 591 45.46 20.67 13.24
C ALA FE 591 45.11 21.87 14.12
N ASN FE 592 43.81 22.04 14.37
CA ASN FE 592 43.24 23.18 15.10
C ASN FE 592 43.62 24.52 14.47
N LEU FE 593 44.16 24.51 13.25
CA LEU FE 593 44.31 25.69 12.44
C LEU FE 593 43.26 25.78 11.34
N ILE FE 594 43.11 24.73 10.55
CA ILE FE 594 42.02 24.62 9.59
C ILE FE 594 40.96 23.77 10.27
N ASN FE 595 40.00 24.44 10.90
CA ASN FE 595 39.02 23.79 11.76
C ASN FE 595 37.79 23.42 10.95
N PHE FE 596 37.23 22.24 11.22
CA PHE FE 596 36.05 21.76 10.51
C PHE FE 596 35.10 21.11 11.51
N LYS FE 597 34.06 21.87 11.90
CA LYS FE 597 32.98 21.33 12.73
C LYS FE 597 31.76 21.02 11.85
N VAL FE 598 31.80 19.83 11.27
CA VAL FE 598 30.68 19.29 10.52
C VAL FE 598 30.06 18.19 11.39
N ASP FE 599 28.78 18.38 11.74
CA ASP FE 599 28.06 17.45 12.60
C ASP FE 599 27.08 16.65 11.77
N THR FE 600 27.12 15.33 11.93
CA THR FE 600 26.19 14.43 11.23
C THR FE 600 25.00 14.06 12.11
N SER FE 601 24.34 15.06 12.70
CA SER FE 601 23.19 14.80 13.54
C SER FE 601 21.99 15.68 13.24
N LEU FE 602 22.20 16.88 12.69
CA LEU FE 602 21.07 17.72 12.28
C LEU FE 602 20.25 17.02 11.21
N TYR FE 603 20.91 16.44 10.23
CA TYR FE 603 20.25 15.79 9.09
C TYR FE 603 20.15 14.28 9.29
N TYR FE 604 19.38 13.86 10.28
CA TYR FE 604 19.20 12.46 10.61
C TYR FE 604 17.72 12.18 10.85
N MET FE 605 17.20 11.15 10.18
CA MET FE 605 15.83 10.72 10.40
C MET FE 605 15.72 9.83 11.62
N LYS FE 606 14.84 10.21 12.55
CA LYS FE 606 14.64 9.50 13.79
C LYS FE 606 13.35 8.73 13.76
N HIS FE 607 13.23 7.81 14.71
CA HIS FE 607 12.06 6.95 14.80
C HIS FE 607 10.82 7.75 15.14
N GLN FE 608 9.67 7.26 14.66
CA GLN FE 608 8.37 7.84 14.99
C GLN FE 608 7.46 6.72 15.46
N ASP FE 609 6.63 7.02 16.46
CA ASP FE 609 5.54 6.14 16.83
C ASP FE 609 4.31 6.58 16.03
N PHE FE 610 3.70 5.64 15.31
CA PHE FE 610 2.59 5.97 14.43
C PHE FE 610 1.26 5.60 15.07
N ASP FE 611 0.19 6.21 14.53
CA ASP FE 611 -1.16 5.89 14.97
C ASP FE 611 -1.44 4.43 14.64
N CYS FE 612 -1.74 3.63 15.65
CA CYS FE 612 -1.99 2.22 15.48
C CYS FE 612 -3.47 2.06 15.13
N GLY FE 613 -3.80 2.28 13.87
CA GLY FE 613 -5.19 2.29 13.44
C GLY FE 613 -5.72 0.91 13.15
N ARG FE 614 -6.47 0.36 14.10
CA ARG FE 614 -6.83 -1.05 14.06
C ARG FE 614 -7.97 -1.31 13.07
N VAL FE 615 -7.74 -2.23 12.15
CA VAL FE 615 -8.77 -2.78 11.29
C VAL FE 615 -9.01 -4.22 11.72
N LYS FE 616 -10.26 -4.66 11.57
CA LYS FE 616 -10.68 -5.99 12.01
C LYS FE 616 -11.20 -6.76 10.80
N ILE FE 617 -10.48 -7.80 10.40
CA ILE FE 617 -10.96 -8.72 9.37
C ILE FE 617 -11.74 -9.80 10.11
N LEU FE 618 -12.97 -9.45 10.48
CA LEU FE 618 -14.10 -10.30 10.85
C LEU FE 618 -13.89 -11.07 12.15
N PHE FE 619 -12.64 -11.28 12.54
CA PHE FE 619 -12.29 -11.59 13.91
C PHE FE 619 -10.89 -11.08 14.20
N PHE FE 620 -10.16 -10.61 13.18
CA PHE FE 620 -8.73 -10.37 13.32
C PHE FE 620 -8.46 -8.89 13.50
N SER FE 621 -7.89 -8.54 14.65
CA SER FE 621 -7.58 -7.17 14.98
C SER FE 621 -6.11 -6.93 14.67
N PHE FE 622 -5.83 -5.98 13.78
CA PHE FE 622 -4.46 -5.57 13.55
C PHE FE 622 -4.49 -4.19 12.91
N CYS FE 623 -3.51 -3.37 13.25
CA CYS FE 623 -3.54 -1.95 12.91
C CYS FE 623 -2.58 -1.66 11.76
N LEU FE 624 -3.10 -1.77 10.53
CA LEU FE 624 -2.26 -1.72 9.35
C LEU FE 624 -1.56 -0.38 9.18
N GLY FE 625 -2.17 0.72 9.64
CA GLY FE 625 -1.51 2.00 9.52
C GLY FE 625 -0.14 2.00 10.19
N ARG FE 626 -0.05 1.38 11.36
CA ARG FE 626 1.22 1.44 12.10
C ARG FE 626 2.32 0.67 11.40
N MET FE 627 2.05 -0.53 10.85
CA MET FE 627 3.15 -1.21 10.20
C MET FE 627 3.46 -0.63 8.82
N MET FE 628 2.47 -0.15 8.08
CA MET FE 628 2.81 0.67 6.92
C MET FE 628 3.77 1.79 7.31
N GLY FE 629 3.48 2.48 8.41
CA GLY FE 629 4.40 3.49 8.90
C GLY FE 629 5.78 2.94 9.22
N ASP FE 630 5.83 1.80 9.91
CA ASP FE 630 7.06 1.36 10.55
C ASP FE 630 7.97 0.58 9.60
N LEU FE 631 7.42 -0.03 8.55
CA LEU FE 631 8.25 -0.54 7.46
C LEU FE 631 8.50 0.50 6.37
N PHE FE 632 7.48 1.15 5.81
CA PHE FE 632 7.74 2.10 4.73
C PHE FE 632 8.77 3.15 5.11
N TYR FE 633 8.58 3.83 6.23
CA TYR FE 633 9.42 4.96 6.63
C TYR FE 633 10.53 4.56 7.59
N ASN FE 634 10.17 4.00 8.75
CA ASN FE 634 11.15 3.74 9.78
C ASN FE 634 12.18 2.69 9.37
N TYR FE 635 11.86 1.84 8.39
CA TYR FE 635 12.74 0.74 8.03
C TYR FE 635 13.33 0.83 6.63
N VAL FE 636 12.65 1.44 5.66
CA VAL FE 636 13.26 1.60 4.34
C VAL FE 636 13.86 2.99 4.21
N PHE FE 637 13.01 4.02 4.27
CA PHE FE 637 13.49 5.38 4.04
C PHE FE 637 14.56 5.77 5.05
N ARG FE 638 14.29 5.52 6.34
CA ARG FE 638 15.27 5.83 7.36
C ARG FE 638 16.54 5.02 7.19
N TYR FE 639 16.43 3.73 6.89
CA TYR FE 639 17.64 2.92 6.84
C TYR FE 639 18.53 3.36 5.70
N VAL FE 640 17.95 3.60 4.52
CA VAL FE 640 18.77 4.07 3.40
C VAL FE 640 19.32 5.45 3.68
N TYR FE 641 18.54 6.31 4.34
CA TYR FE 641 19.04 7.64 4.65
C TYR FE 641 20.25 7.57 5.58
N ASN FE 642 20.14 6.78 6.65
CA ASN FE 642 21.29 6.62 7.54
C ASN FE 642 22.43 5.87 6.84
N PHE FE 643 22.12 5.08 5.82
CA PHE FE 643 23.18 4.47 5.02
C PHE FE 643 24.01 5.55 4.33
N PHE FE 644 23.35 6.40 3.53
CA PHE FE 644 24.11 7.47 2.88
C PHE FE 644 24.72 8.38 3.94
N LEU FE 645 24.07 8.50 5.09
CA LEU FE 645 24.58 9.37 6.15
C LEU FE 645 25.87 8.82 6.73
N ALA FE 646 25.97 7.50 6.92
CA ALA FE 646 27.20 6.92 7.42
C ALA FE 646 28.32 7.02 6.39
N ILE FE 647 27.99 6.78 5.11
CA ILE FE 647 29.01 7.00 4.07
C ILE FE 647 29.49 8.44 4.11
N PHE FE 648 28.56 9.39 4.24
CA PHE FE 648 28.93 10.80 4.32
C PHE FE 648 29.76 11.08 5.58
N GLY FE 649 29.44 10.38 6.67
CA GLY FE 649 30.14 10.63 7.92
C GLY FE 649 31.59 10.21 7.88
N GLU FE 650 31.88 9.07 7.26
CA GLU FE 650 33.30 8.74 7.10
C GLU FE 650 33.93 9.54 5.96
N MET FE 651 33.12 9.92 4.97
CA MET FE 651 33.63 10.73 3.87
C MET FE 651 34.12 12.07 4.35
N ILE FE 652 33.35 12.79 5.16
CA ILE FE 652 33.79 14.12 5.59
C ILE FE 652 35.17 14.02 6.21
N ASN FE 653 35.36 13.06 7.10
CA ASN FE 653 36.67 12.88 7.72
C ASN FE 653 37.74 12.68 6.66
N SER FE 654 37.64 11.59 5.88
CA SER FE 654 38.74 11.25 4.97
C SER FE 654 38.97 12.36 3.95
N ILE FE 655 37.90 12.84 3.35
CA ILE FE 655 37.93 13.96 2.42
C ILE FE 655 38.70 15.14 2.99
N VAL FE 656 38.23 15.69 4.11
CA VAL FE 656 38.78 16.96 4.59
C VAL FE 656 40.22 16.78 5.04
N MET FE 657 40.57 15.64 5.64
CA MET FE 657 41.98 15.40 5.92
C MET FE 657 42.80 15.36 4.63
N ALA FE 658 42.23 14.81 3.56
CA ALA FE 658 42.94 14.79 2.28
C ALA FE 658 43.27 16.21 1.82
N PHE FE 659 42.27 17.09 1.74
CA PHE FE 659 42.57 18.47 1.32
C PHE FE 659 43.47 19.22 2.29
N LEU FE 660 43.26 19.13 3.61
CA LEU FE 660 44.13 19.94 4.45
C LEU FE 660 45.49 19.30 4.65
N MET FE 661 45.69 18.11 4.09
CA MET FE 661 47.01 17.48 4.02
C MET FE 661 47.78 17.82 2.77
N ILE FE 662 47.17 17.65 1.60
CA ILE FE 662 47.88 17.52 0.33
C ILE FE 662 48.81 18.69 0.05
N PRO FE 663 48.31 19.94 -0.19
CA PRO FE 663 49.22 20.98 -0.68
C PRO FE 663 50.12 21.57 0.38
N LEU FE 664 49.55 21.95 1.53
CA LEU FE 664 50.28 22.76 2.50
C LEU FE 664 51.43 21.99 3.11
N GLN FE 665 51.15 20.79 3.61
CA GLN FE 665 52.19 19.97 4.19
C GLN FE 665 53.22 19.56 3.14
N GLY FE 666 52.78 19.36 1.90
CA GLY FE 666 53.73 19.07 0.84
C GLY FE 666 54.74 20.18 0.65
N MET FE 667 54.27 21.42 0.53
CA MET FE 667 55.20 22.53 0.35
C MET FE 667 56.10 22.68 1.57
N LYS FE 668 55.52 22.60 2.78
CA LYS FE 668 56.35 22.82 3.95
C LYS FE 668 57.43 21.75 4.07
N ASP FE 669 57.08 20.49 3.82
CA ASP FE 669 58.05 19.41 3.95
C ASP FE 669 59.12 19.49 2.87
N ILE FE 670 58.73 19.79 1.64
CA ILE FE 670 59.72 19.87 0.57
C ILE FE 670 60.65 21.05 0.81
N PHE FE 671 60.12 22.16 1.31
CA PHE FE 671 60.98 23.31 1.61
C PHE FE 671 61.90 23.04 2.79
N ILE FE 672 61.43 22.29 3.80
CA ILE FE 672 62.31 21.91 4.89
C ILE FE 672 63.45 21.04 4.38
N VAL FE 673 63.12 20.08 3.50
CA VAL FE 673 64.18 19.29 2.87
C VAL FE 673 65.13 20.18 2.10
N GLY FE 674 64.58 21.20 1.43
CA GLY FE 674 65.42 22.10 0.66
C GLY FE 674 66.38 22.88 1.51
N VAL FE 675 65.89 23.50 2.58
CA VAL FE 675 66.75 24.28 3.45
C VAL FE 675 67.75 23.36 4.14
N GLN FE 676 67.37 22.11 4.38
CA GLN FE 676 68.32 21.14 4.93
C GLN FE 676 69.47 20.89 3.97
N THR FE 677 69.17 20.68 2.70
CA THR FE 677 70.24 20.28 1.79
C THR FE 677 71.04 21.46 1.24
N LEU FE 678 70.52 22.70 1.34
CA LEU FE 678 71.33 23.81 0.83
C LEU FE 678 72.22 24.38 1.93
N THR FE 679 71.85 24.20 3.19
CA THR FE 679 72.67 24.68 4.29
C THR FE 679 73.99 23.91 4.41
N GLN FE 680 74.12 22.78 3.72
CA GLN FE 680 75.35 22.01 3.76
C GLN FE 680 76.32 22.53 2.71
N PRO FE 681 77.48 23.07 3.09
CA PRO FE 681 78.49 23.41 2.09
C PRO FE 681 78.92 22.16 1.33
N GLY FE 682 79.24 22.36 0.05
CA GLY FE 682 79.56 21.24 -0.81
C GLY FE 682 78.37 20.62 -1.51
N ILE FE 683 77.22 21.29 -1.52
CA ILE FE 683 76.06 20.87 -2.29
C ILE FE 683 75.86 21.87 -3.41
N ASN FE 684 75.90 21.39 -4.64
CA ASN FE 684 75.70 22.28 -5.78
C ASN FE 684 74.29 22.84 -5.74
N PRO FE 685 74.12 24.17 -5.71
CA PRO FE 685 72.77 24.72 -5.57
C PRO FE 685 71.91 24.52 -6.80
N ILE FE 686 72.50 24.61 -8.00
CA ILE FE 686 71.70 24.54 -9.23
C ILE FE 686 71.01 23.18 -9.34
N VAL FE 687 71.79 22.10 -9.20
CA VAL FE 687 71.19 20.77 -9.25
C VAL FE 687 70.21 20.62 -8.10
N ALA FE 688 70.53 21.22 -6.94
CA ALA FE 688 69.65 21.10 -5.79
C ALA FE 688 68.26 21.65 -6.09
N LEU FE 689 68.18 22.91 -6.53
CA LEU FE 689 66.87 23.53 -6.69
C LEU FE 689 66.17 23.07 -7.97
N ALA FE 690 66.92 22.62 -8.98
CA ALA FE 690 66.26 21.94 -10.10
C ALA FE 690 65.62 20.64 -9.64
N ASN FE 691 66.36 19.84 -8.87
CA ASN FE 691 65.78 18.68 -8.20
C ASN FE 691 64.56 19.08 -7.39
N MET FE 692 64.61 20.23 -6.73
CA MET FE 692 63.49 20.67 -5.93
C MET FE 692 62.27 20.93 -6.77
N GLY FE 693 62.45 21.57 -7.93
CA GLY FE 693 61.34 21.69 -8.85
C GLY FE 693 60.77 20.33 -9.19
N THR FE 694 61.65 19.35 -9.42
CA THR FE 694 61.19 18.00 -9.69
C THR FE 694 60.34 17.45 -8.53
N MET FE 695 60.81 17.60 -7.28
CA MET FE 695 60.01 17.14 -6.15
C MET FE 695 58.69 17.88 -6.02
N TYR FE 696 58.68 19.22 -6.09
CA TYR FE 696 57.38 19.87 -5.94
C TYR FE 696 56.42 19.39 -7.01
N ILE FE 697 56.81 19.41 -8.28
CA ILE FE 697 55.87 19.02 -9.33
C ILE FE 697 55.44 17.56 -9.15
N ASN FE 698 56.39 16.66 -8.94
CA ASN FE 698 56.08 15.24 -8.84
C ASN FE 698 55.24 14.92 -7.61
N PHE FE 699 55.83 15.12 -6.43
CA PHE FE 699 55.24 14.62 -5.20
C PHE FE 699 53.96 15.34 -4.84
N SER FE 700 53.70 16.51 -5.43
CA SER FE 700 52.44 17.19 -5.21
C SER FE 700 51.44 16.93 -6.31
N GLY FE 701 51.89 16.68 -7.54
CA GLY FE 701 50.96 16.24 -8.57
C GLY FE 701 50.35 14.90 -8.24
N THR FE 702 51.12 14.01 -7.60
CA THR FE 702 50.55 12.72 -7.23
C THR FE 702 49.29 12.90 -6.39
N LEU FE 703 49.37 13.66 -5.30
CA LEU FE 703 48.17 13.88 -4.52
C LEU FE 703 47.21 14.83 -5.22
N TRP FE 704 47.65 15.58 -6.23
CA TRP FE 704 46.69 16.31 -7.04
C TRP FE 704 45.71 15.35 -7.71
N LEU FE 705 46.23 14.29 -8.35
CA LEU FE 705 45.28 13.42 -9.06
C LEU FE 705 44.66 12.39 -8.12
N THR FE 706 45.31 12.07 -7.00
CA THR FE 706 44.61 11.28 -5.99
C THR FE 706 43.48 12.08 -5.36
N LEU FE 707 43.67 13.40 -5.26
CA LEU FE 707 42.58 14.27 -4.87
C LEU FE 707 41.47 14.25 -5.90
N LEU FE 708 41.86 14.31 -7.18
CA LEU FE 708 40.91 14.11 -8.26
C LEU FE 708 40.11 12.84 -8.00
N ASN FE 709 40.82 11.76 -7.66
CA ASN FE 709 40.23 10.44 -7.51
C ASN FE 709 39.22 10.38 -6.37
N MET FE 710 39.62 10.79 -5.15
CA MET FE 710 38.66 10.59 -4.07
C MET FE 710 37.65 11.72 -3.98
N ALA FE 711 37.84 12.79 -4.76
CA ALA FE 711 36.75 13.73 -4.96
C ALA FE 711 35.69 13.14 -5.87
N VAL FE 713 36.11 12.40 -6.91
CA VAL FE 713 35.13 11.75 -7.78
C VAL FE 713 34.45 10.60 -7.05
N SER FE 714 35.23 9.77 -6.33
CA SER FE 714 34.68 8.53 -5.76
C SER FE 714 33.77 8.77 -4.57
N SER FE 715 33.56 10.01 -4.16
CA SER FE 715 32.65 10.32 -3.07
C SER FE 715 31.27 10.67 -3.60
N LEU FE 716 30.70 9.78 -4.41
CA LEU FE 716 29.49 10.09 -5.17
C LEU FE 716 28.23 9.58 -4.47
N ILE FE 717 28.19 9.64 -3.14
CA ILE FE 717 27.03 9.14 -2.42
C ILE FE 717 25.78 9.93 -2.82
N PRO FE 718 24.66 9.27 -3.08
CA PRO FE 718 23.46 9.99 -3.53
C PRO FE 718 22.86 10.88 -2.46
N LEU FE 719 22.33 12.01 -2.93
CA LEU FE 719 21.48 12.94 -2.17
C LEU FE 719 22.27 13.73 -1.14
N PHE FE 720 23.54 13.36 -0.90
CA PHE FE 720 24.44 14.22 -0.14
C PHE FE 720 25.70 14.56 -0.90
N GLY FE 721 25.95 13.98 -2.08
CA GLY FE 721 27.16 14.28 -2.83
C GLY FE 721 27.34 15.75 -3.15
N ILE FE 722 26.38 16.58 -2.76
CA ILE FE 722 26.48 18.02 -2.94
C ILE FE 722 27.61 18.62 -2.09
N PHE FE 723 27.90 18.04 -0.92
CA PHE FE 723 28.80 18.76 -0.01
C PHE FE 723 30.21 18.86 -0.61
N ILE FE 724 30.68 17.78 -1.22
CA ILE FE 724 32.02 17.79 -1.80
C ILE FE 724 32.01 18.65 -3.06
N PHE FE 725 30.82 18.90 -3.61
CA PHE FE 725 30.68 19.85 -4.71
C PHE FE 725 30.86 21.29 -4.25
N ALA FE 726 30.10 21.69 -3.22
CA ALA FE 726 30.31 23.01 -2.64
C ALA FE 726 31.74 23.18 -2.20
N LEU FE 727 32.32 22.12 -1.61
CA LEU FE 727 33.67 22.20 -1.10
C LEU FE 727 34.67 22.45 -2.22
N ILE FE 728 34.61 21.66 -3.30
CA ILE FE 728 35.59 21.85 -4.37
C ILE FE 728 35.35 23.18 -5.06
N MET FE 729 34.09 23.54 -5.29
CA MET FE 729 33.77 24.76 -6.03
C MET FE 729 34.20 26.01 -5.26
N MET FE 730 33.98 26.05 -3.95
CA MET FE 730 34.26 27.27 -3.20
C MET FE 730 35.72 27.32 -2.80
N ALA FE 731 36.32 26.16 -2.53
CA ALA FE 731 37.75 26.13 -2.28
C ALA FE 731 38.56 26.14 -3.57
N MET FE 732 37.89 26.12 -4.72
CA MET FE 732 38.60 26.18 -6.00
C MET FE 732 39.56 27.37 -6.07
N PRO FE 733 39.18 28.60 -5.72
CA PRO FE 733 40.18 29.68 -5.74
C PRO FE 733 41.33 29.47 -4.78
N LEU FE 734 41.07 29.08 -3.54
CA LEU FE 734 42.14 28.99 -2.55
C LEU FE 734 43.05 27.81 -2.89
N LEU FE 735 42.44 26.65 -3.15
CA LEU FE 735 43.20 25.46 -3.50
C LEU FE 735 43.98 25.68 -4.79
N MET FE 736 43.35 26.34 -5.76
CA MET FE 736 44.04 26.71 -6.99
C MET FE 736 45.22 27.63 -6.69
N ALA FE 737 45.08 28.52 -5.72
CA ALA FE 737 46.20 29.37 -5.32
C ALA FE 737 47.36 28.52 -4.81
N TRP FE 738 47.07 27.56 -3.93
CA TRP FE 738 48.11 26.62 -3.49
C TRP FE 738 48.78 25.92 -4.66
N ILE FE 739 48.00 25.29 -5.54
CA ILE FE 739 48.64 24.55 -6.62
C ILE FE 739 49.40 25.48 -7.55
N GLY FE 740 48.90 26.70 -7.76
CA GLY FE 740 49.64 27.65 -8.58
C GLY FE 740 50.98 28.00 -7.98
N THR FE 741 51.00 28.34 -6.68
CA THR FE 741 52.25 28.45 -5.94
C THR FE 741 53.17 27.29 -6.26
N MET FE 742 52.70 26.07 -5.96
CA MET FE 742 53.50 24.87 -6.12
C MET FE 742 54.09 24.77 -7.53
N VAL FE 743 53.25 24.71 -8.54
CA VAL FE 743 53.76 24.28 -9.84
C VAL FE 743 54.48 25.43 -10.53
N SER FE 744 54.15 26.68 -10.14
CA SER FE 744 54.95 27.81 -10.63
C SER FE 744 56.36 27.75 -10.11
N ILE FE 745 56.54 27.47 -8.82
CA ILE FE 745 57.89 27.15 -8.33
C ILE FE 745 58.48 26.01 -9.14
N GLY FE 746 57.64 25.04 -9.50
CA GLY FE 746 58.11 23.93 -10.32
C GLY FE 746 58.77 24.37 -11.61
N PHE FE 747 58.01 25.07 -12.48
CA PHE FE 747 58.62 25.51 -13.74
C PHE FE 747 59.80 26.42 -13.49
N VAL FE 748 59.67 27.35 -12.54
CA VAL FE 748 60.74 28.31 -12.32
C VAL FE 748 62.04 27.59 -12.00
N THR FE 749 62.07 26.82 -10.92
CA THR FE 749 63.32 26.21 -10.48
C THR FE 749 63.80 25.12 -11.43
N ALA FE 750 62.91 24.20 -11.82
CA ALA FE 750 63.36 23.00 -12.49
C ALA FE 750 63.35 23.08 -14.02
N TYR FE 751 62.57 24.00 -14.60
CA TYR FE 751 62.29 23.93 -16.03
C TYR FE 751 62.82 25.12 -16.80
N TYR FE 752 62.39 26.34 -16.45
CA TYR FE 752 62.72 27.51 -17.26
C TYR FE 752 64.21 27.79 -17.25
N ILE FE 753 64.80 27.88 -16.07
CA ILE FE 753 66.20 28.28 -15.95
C ILE FE 753 67.18 27.22 -16.44
N PRO FE 754 66.91 25.91 -16.32
CA PRO FE 754 67.83 24.94 -16.94
C PRO FE 754 67.99 25.11 -18.45
N VAL FE 755 67.05 25.76 -19.13
CA VAL FE 755 67.16 25.99 -20.56
C VAL FE 755 67.34 27.47 -20.90
N LEU FE 756 67.15 28.37 -19.95
CA LEU FE 756 67.19 29.81 -20.23
C LEU FE 756 68.56 30.33 -20.70
N PRO FE 757 69.70 29.92 -20.14
CA PRO FE 757 70.97 30.41 -20.71
C PRO FE 757 71.20 29.99 -22.15
N TYR FE 758 70.80 28.77 -22.53
CA TYR FE 758 70.80 28.41 -23.94
C TYR FE 758 69.93 29.36 -24.75
N MET FE 759 68.79 29.75 -24.19
CA MET FE 759 67.92 30.77 -24.78
C MET FE 759 68.65 32.09 -25.05
N ILE FE 760 69.28 32.66 -24.03
CA ILE FE 760 69.96 33.94 -24.22
C ILE FE 760 71.14 33.79 -25.15
N PHE FE 761 71.80 32.63 -25.10
CA PHE FE 761 72.91 32.37 -26.00
C PHE FE 761 72.43 32.33 -27.45
N THR FE 762 71.25 31.76 -27.68
CA THR FE 762 70.74 31.71 -29.04
C THR FE 762 70.38 33.12 -29.54
N PHE FE 763 69.80 33.97 -28.68
CA PHE FE 763 69.76 35.39 -29.08
C PHE FE 763 71.13 35.95 -29.42
N GLY FE 764 72.14 35.65 -28.62
CA GLY FE 764 73.47 36.13 -28.97
C GLY FE 764 73.86 35.71 -30.37
N SER FE 765 73.57 34.45 -30.72
CA SER FE 765 73.99 33.94 -32.02
C SER FE 765 73.19 34.55 -33.16
N PHE FE 766 71.86 34.65 -33.04
CA PHE FE 766 71.12 35.24 -34.16
C PHE FE 766 71.43 36.72 -34.31
N ALA FE 767 71.62 37.43 -33.20
CA ALA FE 767 72.07 38.81 -33.31
C ALA FE 767 73.40 38.89 -34.03
N TRP FE 768 74.29 37.92 -33.76
CA TRP FE 768 75.56 37.90 -34.47
C TRP FE 768 75.37 37.64 -35.97
N LEU FE 769 74.44 36.75 -36.33
CA LEU FE 769 74.18 36.53 -37.75
C LEU FE 769 73.63 37.78 -38.42
N ILE FE 770 72.72 38.47 -37.74
CA ILE FE 770 72.20 39.74 -38.27
C ILE FE 770 73.34 40.73 -38.43
N ALA FE 771 74.30 40.72 -37.51
CA ALA FE 771 75.49 41.56 -37.66
C ALA FE 771 76.34 41.13 -38.85
N VAL FE 772 76.41 39.84 -39.14
CA VAL FE 772 77.16 39.37 -40.30
C VAL FE 772 76.52 39.90 -41.58
N ILE FE 773 75.19 39.83 -41.67
CA ILE FE 773 74.49 40.42 -42.81
C ILE FE 773 74.71 41.92 -42.84
N GLU FE 774 74.67 42.56 -41.66
CA GLU FE 774 75.07 43.95 -41.51
C GLU FE 774 76.38 44.24 -42.24
N ALA FE 775 77.42 43.49 -41.91
CA ALA FE 775 78.75 43.72 -42.49
C ALA FE 775 78.74 43.48 -43.99
N MET FE 776 78.04 42.43 -44.45
CA MET FE 776 78.14 42.11 -45.87
C MET FE 776 77.36 43.11 -46.72
N VAL FE 777 76.25 43.65 -46.20
CA VAL FE 777 75.62 44.77 -46.91
C VAL FE 777 76.50 46.01 -46.86
N ALA FE 778 77.21 46.23 -45.75
CA ALA FE 778 78.10 47.39 -45.68
C ALA FE 778 79.23 47.29 -46.69
N ALA FE 779 79.65 46.06 -47.00
CA ALA FE 779 80.86 45.84 -47.79
C ALA FE 779 80.87 46.57 -49.15
N PRO FE 780 79.88 46.40 -50.03
CA PRO FE 780 79.95 47.12 -51.32
C PRO FE 780 79.91 48.62 -51.15
N ILE FE 781 79.24 49.12 -50.10
CA ILE FE 781 79.24 50.55 -49.84
C ILE FE 781 80.65 51.02 -49.50
N VAL FE 782 81.39 50.23 -48.72
CA VAL FE 782 82.77 50.55 -48.41
C VAL FE 782 83.62 50.56 -49.68
N ALA FE 783 83.41 49.57 -50.55
CA ALA FE 783 84.15 49.55 -51.82
C ALA FE 783 83.83 50.78 -52.65
N LEU FE 784 82.56 51.18 -52.69
CA LEU FE 784 82.15 52.37 -53.42
C LEU FE 784 82.83 53.62 -52.85
N GLY FE 785 82.88 53.74 -51.53
CA GLY FE 785 83.58 54.86 -50.92
C GLY FE 785 85.07 54.83 -51.23
N VAL FE 786 85.65 53.64 -51.32
CA VAL FE 786 87.06 53.51 -51.66
C VAL FE 786 87.33 54.01 -53.08
N THR FE 787 86.49 53.61 -54.04
CA THR FE 787 86.66 54.09 -55.40
C THR FE 787 86.48 55.59 -55.50
N HIS FE 788 85.65 56.17 -54.64
CA HIS FE 788 85.43 57.60 -54.67
C HIS FE 788 86.70 58.35 -54.32
N PRO FE 789 87.00 59.45 -55.01
CA PRO FE 789 88.19 60.25 -54.68
C PRO FE 789 88.09 61.03 -53.38
N GLU FE 790 87.03 60.83 -52.60
CA GLU FE 790 86.88 61.52 -51.32
C GLU FE 790 88.00 61.12 -50.38
N GLY FE 791 88.48 62.09 -49.59
CA GLY FE 791 89.56 61.86 -48.67
C GLY FE 791 90.90 61.76 -49.38
N ASN FE 792 91.95 61.61 -48.56
CA ASN FE 792 93.31 61.48 -49.07
C ASN FE 792 94.02 60.23 -48.57
N GLU FE 793 93.36 59.43 -47.72
CA GLU FE 793 93.97 58.22 -47.19
C GLU FE 793 93.86 57.09 -48.21
N ALA FE 794 94.27 55.90 -47.79
CA ALA FE 794 94.17 54.71 -48.63
C ALA FE 794 92.80 54.05 -48.56
N PHE FE 795 91.89 54.57 -47.72
CA PHE FE 795 90.55 54.02 -47.58
C PHE FE 795 89.46 54.98 -48.01
N GLY FE 796 89.79 56.22 -48.35
CA GLY FE 796 88.77 57.20 -48.69
C GLY FE 796 87.87 57.47 -47.49
N LYS FE 797 86.56 57.45 -47.73
CA LYS FE 797 85.59 57.59 -46.64
C LYS FE 797 85.23 56.20 -46.10
N GLY FE 798 86.26 55.52 -45.61
CA GLY FE 798 86.09 54.17 -45.09
C GLY FE 798 85.92 54.13 -43.59
N GLU FE 799 85.58 55.28 -42.98
CA GLU FE 799 85.37 55.31 -41.54
C GLU FE 799 84.16 54.46 -41.15
N PHE FE 800 83.07 54.55 -41.90
CA PHE FE 800 81.87 53.79 -41.57
C PHE FE 800 82.11 52.29 -41.55
N ALA FE 801 83.14 51.82 -42.26
CA ALA FE 801 83.48 50.41 -42.24
C ALA FE 801 84.14 49.99 -40.94
N ILE FE 802 84.90 50.88 -40.29
CA ILE FE 802 85.77 50.47 -39.21
C ILE FE 802 84.98 49.84 -38.07
N MET FE 803 84.09 50.62 -37.43
CA MET FE 803 83.44 50.13 -36.21
C MET FE 803 82.68 48.84 -36.46
N ILE FE 804 82.25 48.59 -37.70
CA ILE FE 804 81.50 47.37 -37.94
C ILE FE 804 82.44 46.21 -38.28
N LEU FE 805 83.53 46.47 -39.02
CA LEU FE 805 84.39 45.35 -39.41
C LEU FE 805 85.02 44.70 -38.19
N VAL FE 806 85.50 45.52 -37.25
CA VAL FE 806 85.93 44.97 -35.98
C VAL FE 806 84.75 44.32 -35.27
N ASN FE 807 83.58 44.97 -35.32
CA ASN FE 807 82.39 44.46 -34.65
C ASN FE 807 82.18 42.99 -35.00
N VAL FE 808 81.89 42.70 -36.28
CA VAL FE 808 81.58 41.34 -36.67
C VAL FE 808 82.73 40.39 -36.41
N PHE FE 809 83.93 40.93 -36.22
CA PHE FE 809 85.09 40.06 -36.01
C PHE FE 809 85.29 39.78 -34.52
N LEU FE 810 84.83 40.67 -33.64
CA LEU FE 810 84.87 40.41 -32.21
C LEU FE 810 83.71 39.55 -31.71
N ARG FE 811 82.47 39.89 -32.08
CA ARG FE 811 81.28 39.36 -31.42
C ARG FE 811 81.40 37.90 -30.98
N PRO FE 812 81.66 36.93 -31.87
CA PRO FE 812 81.57 35.52 -31.42
C PRO FE 812 82.38 35.22 -30.17
N SER FE 813 83.69 35.43 -30.20
CA SER FE 813 84.53 35.23 -29.03
C SER FE 813 83.92 35.90 -27.81
N LEU FE 814 83.37 37.11 -28.00
CA LEU FE 814 82.84 37.87 -26.88
C LEU FE 814 81.73 37.14 -26.15
N MET FE 815 80.76 36.55 -26.87
CA MET FE 815 79.73 35.85 -26.09
C MET FE 815 80.33 34.67 -25.37
N ILE FE 816 81.34 34.03 -25.96
CA ILE FE 816 82.05 32.97 -25.25
C ILE FE 816 82.63 33.52 -23.95
N ILE FE 817 83.23 34.71 -24.03
CA ILE FE 817 83.73 35.37 -22.83
C ILE FE 817 82.60 35.60 -21.84
N GLY FE 818 81.44 36.02 -22.35
CA GLY FE 818 80.29 36.22 -21.49
C GLY FE 818 79.55 34.97 -21.15
N TYR FE 819 79.99 33.82 -21.69
CA TYR FE 819 79.28 32.57 -21.45
C TYR FE 819 79.84 31.94 -20.18
N ILE FE 820 81.14 31.62 -20.21
CA ILE FE 820 81.76 30.86 -19.13
C ILE FE 820 81.60 31.59 -17.80
N ALA FE 821 82.02 32.85 -17.75
CA ALA FE 821 81.87 33.64 -16.53
C ALA FE 821 80.43 33.58 -16.05
N ALA FE 822 79.48 33.77 -16.97
CA ALA FE 822 78.07 33.78 -16.59
C ALA FE 822 77.71 32.50 -15.84
N ILE FE 823 78.16 31.35 -16.33
CA ILE FE 823 77.80 30.09 -15.68
C ILE FE 823 78.18 30.14 -14.21
N ALA FE 824 79.40 30.56 -13.92
CA ALA FE 824 79.82 30.63 -12.53
C ALA FE 824 79.13 31.77 -11.82
N LEU FE 825 78.93 32.89 -12.54
CA LEU FE 825 78.44 34.09 -11.89
C LEU FE 825 77.06 33.86 -11.29
N SER FE 826 76.12 33.38 -12.12
CA SER FE 826 74.80 33.00 -11.61
C SER FE 826 74.94 31.99 -10.49
N TYR FE 827 75.88 31.05 -10.64
CA TYR FE 827 76.28 30.13 -9.58
C TYR FE 827 76.44 30.90 -8.28
N VAL FE 828 77.41 31.81 -8.25
CA VAL FE 828 77.66 32.62 -7.06
C VAL FE 828 76.42 33.41 -6.69
N GLY FE 829 75.63 33.81 -7.69
CA GLY FE 829 74.41 34.55 -7.45
C GLY FE 829 73.49 33.82 -6.50
N VAL FE 830 73.31 32.51 -6.72
CA VAL FE 830 72.46 31.75 -5.83
C VAL FE 830 72.91 31.92 -4.40
N TRP FE 831 74.23 31.90 -4.18
CA TRP FE 831 74.74 31.92 -2.82
C TRP FE 831 74.58 33.30 -2.20
N ILE FE 832 74.58 34.38 -3.02
CA ILE FE 832 74.17 35.68 -2.47
C ILE FE 832 72.88 35.50 -1.68
N LEU FE 833 71.90 34.87 -2.31
CA LEU FE 833 70.62 34.65 -1.68
C LEU FE 833 70.81 33.83 -0.41
N ASN FE 834 71.58 32.75 -0.50
CA ASN FE 834 71.85 31.89 0.64
C ASN FE 834 72.59 32.64 1.75
N ALA FE 835 73.22 33.76 1.44
CA ALA FE 835 73.93 34.51 2.46
C ALA FE 835 72.97 35.27 3.37
N GLY FE 836 71.81 35.68 2.85
CA GLY FE 836 70.99 36.57 3.65
C GLY FE 836 69.54 36.22 3.81
N PHE FE 837 69.02 35.31 2.98
CA PHE FE 837 67.59 35.12 2.89
C PHE FE 837 66.97 34.76 4.23
N ASP FE 838 67.59 33.81 4.95
CA ASP FE 838 67.04 33.37 6.22
C ASP FE 838 67.00 34.50 7.24
N HIS FE 839 67.95 35.44 7.16
CA HIS FE 839 67.93 36.60 8.04
C HIS FE 839 67.05 37.71 7.49
N ALA FE 840 66.77 37.70 6.18
CA ALA FE 840 65.88 38.69 5.59
C ALA FE 840 64.42 38.35 5.81
N ILE FE 841 64.12 37.13 6.26
CA ILE FE 841 62.75 36.75 6.62
C ILE FE 841 62.62 36.47 8.10
N SER FE 842 63.59 36.93 8.91
CA SER FE 842 63.58 36.62 10.34
C SER FE 842 62.31 37.14 11.02
N TYR FE 843 62.13 38.45 11.01
CA TYR FE 843 60.91 39.01 11.58
C TYR FE 843 59.69 38.64 10.74
N ILE FE 844 59.86 38.53 9.42
CA ILE FE 844 58.76 38.15 8.55
C ILE FE 844 58.17 36.81 8.95
N GLN FE 845 59.00 35.88 9.40
CA GLN FE 845 58.53 34.59 9.89
C GLN FE 845 58.84 34.43 11.38
N GLY FE 901 51.02 39.81 14.28
CA GLY FE 901 50.14 38.68 14.03
C GLY FE 901 50.67 37.73 12.98
N TYR FE 902 51.75 37.02 13.31
CA TYR FE 902 52.37 36.07 12.42
C TYR FE 902 52.08 34.64 12.85
N THR FE 903 50.96 34.45 13.55
CA THR FE 903 50.61 33.18 14.16
C THR FE 903 49.57 32.45 13.31
N GLY FE 904 49.48 31.15 13.51
CA GLY FE 904 48.47 30.37 12.80
C GLY FE 904 48.69 30.40 11.30
N TRP FE 905 47.66 30.81 10.58
CA TRP FE 905 47.72 30.82 9.12
C TRP FE 905 48.56 31.96 8.56
N ALA FE 906 48.58 33.11 9.23
CA ALA FE 906 49.38 34.23 8.75
C ALA FE 906 50.82 33.82 8.50
N GLY FE 907 51.40 33.03 9.41
CA GLY FE 907 52.74 32.52 9.18
C GLY FE 907 52.83 31.58 8.00
N VAL FE 908 51.77 30.81 7.75
CA VAL FE 908 51.78 29.86 6.63
C VAL FE 908 51.88 30.60 5.30
N TYR FE 909 51.09 31.65 5.12
CA TYR FE 909 51.24 32.41 3.87
C TYR FE 909 52.39 33.41 3.93
N ALA FE 910 52.96 33.67 5.10
CA ALA FE 910 54.30 34.23 5.12
C ALA FE 910 55.30 33.27 4.49
N PHE FE 911 55.12 31.96 4.77
CA PHE FE 911 55.94 30.93 4.14
C PHE FE 911 55.69 30.86 2.63
N PHE FE 912 54.43 30.99 2.22
CA PHE FE 912 54.12 31.09 0.79
C PHE FE 912 54.87 32.25 0.15
N PHE FE 913 54.80 33.42 0.79
CA PHE FE 913 55.52 34.57 0.24
C PHE FE 913 57.01 34.31 0.20
N SER FE 914 57.57 33.66 1.22
CA SER FE 914 59.01 33.43 1.22
C SER FE 914 59.43 32.51 0.08
N ILE FE 915 58.66 31.45 -0.17
CA ILE FE 915 59.04 30.58 -1.29
C ILE FE 915 58.92 31.35 -2.61
N LEU FE 916 57.86 32.16 -2.78
CA LEU FE 916 57.74 32.92 -4.01
C LEU FE 916 58.89 33.92 -4.19
N ILE FE 917 59.25 34.65 -3.14
CA ILE FE 917 60.28 35.67 -3.28
C ILE FE 917 61.61 34.98 -3.59
N TYR FE 918 61.87 33.87 -2.88
CA TYR FE 918 63.02 33.01 -3.17
C TYR FE 918 63.15 32.72 -4.66
N THR FE 919 62.13 32.05 -5.22
CA THR FE 919 62.24 31.62 -6.61
C THR FE 919 62.25 32.79 -7.59
N SER FE 920 61.53 33.87 -7.28
CA SER FE 920 61.48 35.00 -8.20
C SER FE 920 62.87 35.62 -8.34
N MET FE 921 63.57 35.82 -7.23
CA MET FE 921 64.92 36.37 -7.35
C MET FE 921 65.89 35.34 -7.90
N TYR FE 922 65.67 34.05 -7.67
CA TYR FE 922 66.49 33.07 -8.38
C TYR FE 922 66.39 33.32 -9.89
N LEU FE 923 65.16 33.35 -10.41
CA LEU FE 923 64.94 33.47 -11.84
C LEU FE 923 65.51 34.78 -12.38
N ILE FE 924 65.19 35.89 -11.72
CA ILE FE 924 65.58 37.17 -12.31
C ILE FE 924 67.08 37.41 -12.11
N ILE FE 925 67.64 36.92 -11.00
CA ILE FE 925 69.08 37.00 -10.82
C ILE FE 925 69.77 36.23 -11.95
N VAL FE 926 69.20 35.11 -12.39
CA VAL FE 926 69.83 34.39 -13.48
C VAL FE 926 69.66 35.12 -14.81
N GLN FE 927 68.49 35.73 -15.05
CA GLN FE 927 68.31 36.39 -16.33
C GLN FE 927 69.25 37.59 -16.47
N LYS FE 928 69.33 38.44 -15.44
CA LYS FE 928 70.36 39.47 -15.49
C LYS FE 928 71.76 38.89 -15.32
N ALA FE 929 71.88 37.64 -14.87
CA ALA FE 929 73.16 36.98 -14.75
C ALA FE 929 73.69 36.47 -16.07
N PHE FE 930 72.82 36.33 -17.06
CA PHE FE 930 73.29 36.00 -18.40
C PHE FE 930 72.94 37.06 -19.43
N THR FE 931 72.45 38.23 -19.00
CA THR FE 931 72.40 39.35 -19.95
C THR FE 931 73.79 39.77 -20.45
N LEU FE 932 74.87 39.39 -19.77
CA LEU FE 932 76.19 39.84 -20.19
C LEU FE 932 76.55 39.42 -21.62
N ILE FE 933 75.99 38.31 -22.11
CA ILE FE 933 76.34 37.83 -23.45
C ILE FE 933 76.08 38.91 -24.49
N ALA FE 934 74.93 39.57 -24.40
CA ALA FE 934 74.64 40.70 -25.27
C ALA FE 934 75.13 42.02 -24.69
N HIS FE 935 75.36 42.09 -23.37
CA HIS FE 935 75.71 43.37 -22.76
C HIS FE 935 77.15 43.76 -23.10
N LEU FE 936 78.09 42.82 -23.02
CA LEU FE 936 79.51 43.17 -23.14
C LEU FE 936 79.97 43.58 -24.53
N PRO FE 937 79.48 42.95 -25.61
CA PRO FE 937 80.00 43.35 -26.93
C PRO FE 937 79.75 44.80 -27.26
N ASP FE 938 78.66 45.40 -26.76
CA ASP FE 938 78.43 46.80 -27.06
C ASP FE 938 79.40 47.71 -26.32
N LYS FE 939 79.74 47.41 -25.06
CA LYS FE 939 80.76 48.25 -24.41
C LYS FE 939 82.11 48.08 -25.10
N VAL FE 940 82.42 46.87 -25.55
CA VAL FE 940 83.73 46.72 -26.18
C VAL FE 940 83.76 47.49 -27.50
N LEU FE 941 82.69 47.39 -28.31
CA LEU FE 941 82.61 48.20 -29.52
C LEU FE 941 82.68 49.68 -29.18
N ARG FE 942 82.17 50.07 -28.01
CA ARG FE 942 82.33 51.45 -27.56
C ARG FE 942 83.81 51.77 -27.35
N TRP FE 943 84.47 51.10 -26.40
CA TRP FE 943 85.78 51.59 -25.98
C TRP FE 943 86.79 51.49 -27.11
N ILE FE 944 86.75 50.42 -27.90
CA ILE FE 944 87.64 50.38 -29.07
C ILE FE 944 87.27 51.47 -30.06
N GLY FE 945 85.98 51.68 -30.29
CA GLY FE 945 85.54 52.75 -31.15
C GLY FE 945 85.53 54.09 -30.45
N MET GE 1 99.42 96.41 -16.22
CA MET GE 1 98.17 97.13 -16.32
C MET GE 1 97.74 97.61 -14.94
N ALA GE 2 96.93 98.66 -14.90
CA ALA GE 2 96.50 99.22 -13.63
C ALA GE 2 95.53 98.28 -12.93
N SER GE 3 95.23 98.60 -11.66
CA SER GE 3 94.26 97.82 -10.92
C SER GE 3 92.85 98.11 -11.42
N LYS GE 4 91.91 97.25 -11.02
CA LYS GE 4 90.53 97.39 -11.47
C LYS GE 4 89.90 98.70 -11.01
N LYS GE 5 90.38 99.24 -9.88
CA LYS GE 5 89.79 100.45 -9.32
C LYS GE 5 89.95 101.64 -10.26
N GLU GE 6 91.12 101.77 -10.90
CA GLU GE 6 91.36 102.92 -11.77
C GLU GE 6 90.51 102.86 -13.02
N ASN GE 7 90.41 101.69 -13.65
CA ASN GE 7 89.52 101.55 -14.80
C ASN GE 7 88.07 101.79 -14.41
N LEU GE 8 87.68 101.31 -13.23
CA LEU GE 8 86.32 101.53 -12.73
C LEU GE 8 86.02 103.02 -12.55
N LYS GE 9 86.96 103.74 -11.92
CA LYS GE 9 86.79 105.17 -11.72
C LYS GE 9 86.72 105.91 -13.06
N SER GE 10 87.61 105.55 -13.99
CA SER GE 10 87.56 106.14 -15.32
C SER GE 10 86.24 105.85 -16.02
N LEU GE 11 85.65 104.67 -15.73
CA LEU GE 11 84.37 104.33 -16.33
C LEU GE 11 83.26 105.23 -15.82
N PHE GE 12 83.22 105.51 -14.51
CA PHE GE 12 82.23 106.51 -14.08
C PHE GE 12 82.56 107.91 -14.59
N SER GE 13 83.85 108.22 -14.73
CA SER GE 13 84.25 109.60 -15.02
C SER GE 13 83.70 110.10 -16.35
N ASN GE 14 83.51 109.22 -17.33
CA ASN GE 14 82.93 109.63 -18.60
C ASN GE 14 81.47 110.01 -18.42
N THR GE 15 81.11 111.21 -18.88
CA THR GE 15 79.76 111.72 -18.65
C THR GE 15 78.71 110.87 -19.36
N ARG GE 16 78.98 110.46 -20.60
CA ARG GE 16 78.00 109.70 -21.37
C ARG GE 16 77.79 108.31 -20.78
N THR GE 17 78.89 107.60 -20.49
CA THR GE 17 78.77 106.31 -19.84
C THR GE 17 78.12 106.45 -18.47
N ARG GE 18 78.46 107.52 -17.73
CA ARG GE 18 77.86 107.74 -16.43
C ARG GE 18 76.35 107.88 -16.54
N VAL GE 19 75.87 108.70 -17.48
CA VAL GE 19 74.44 108.94 -17.55
C VAL GE 19 73.71 107.68 -18.00
N ILE GE 20 74.28 106.92 -18.95
CA ILE GE 20 73.56 105.73 -19.37
C ILE GE 20 73.52 104.71 -18.24
N ILE GE 21 74.60 104.59 -17.45
CA ILE GE 21 74.60 103.58 -16.41
C ILE GE 21 73.66 103.97 -15.28
N ILE GE 22 73.59 105.27 -14.92
CA ILE GE 22 72.66 105.63 -13.85
C ILE GE 22 71.23 105.46 -14.34
N PHE GE 23 70.98 105.75 -15.62
CA PHE GE 23 69.65 105.56 -16.18
C PHE GE 23 69.25 104.08 -16.16
N THR GE 24 70.18 103.19 -16.54
CA THR GE 24 69.89 101.76 -16.54
C THR GE 24 69.68 101.25 -15.12
N ALA GE 25 70.51 101.72 -14.18
CA ALA GE 25 70.28 101.37 -12.77
C ALA GE 25 68.93 101.89 -12.30
N ALA GE 26 68.48 103.02 -12.88
CA ALA GE 26 67.17 103.54 -12.55
C ALA GE 26 66.07 102.59 -12.99
N LEU GE 27 66.11 102.11 -14.24
CA LEU GE 27 65.09 101.13 -14.63
C LEU GE 27 65.20 99.86 -13.80
N LEU GE 28 66.42 99.44 -13.47
CA LEU GE 28 66.58 98.21 -12.68
C LEU GE 28 65.92 98.35 -11.31
N ILE GE 29 66.20 99.46 -10.62
CA ILE GE 29 65.63 99.67 -9.30
C ILE GE 29 64.11 99.84 -9.41
N ILE GE 30 63.63 100.50 -10.47
CA ILE GE 30 62.20 100.63 -10.66
C ILE GE 30 61.56 99.26 -10.85
N ALA GE 31 62.18 98.41 -11.67
CA ALA GE 31 61.62 97.09 -11.95
C ALA GE 31 61.56 96.24 -10.69
N VAL GE 32 62.63 96.27 -9.88
CA VAL GE 32 62.58 95.49 -8.66
C VAL GE 32 61.55 96.07 -7.69
N VAL GE 33 61.31 97.38 -7.76
CA VAL GE 33 60.25 97.97 -6.94
C VAL GE 33 58.88 97.48 -7.41
N ILE GE 34 58.66 97.40 -8.73
CA ILE GE 34 57.42 96.81 -9.23
C ILE GE 34 57.27 95.38 -8.73
N GLY GE 35 58.35 94.60 -8.82
CA GLY GE 35 58.29 93.24 -8.33
C GLY GE 35 57.87 93.16 -6.88
N PHE GE 36 58.51 93.98 -6.02
CA PHE GE 36 58.17 93.98 -4.60
C PHE GE 36 56.72 94.40 -4.40
N PHE GE 37 56.30 95.51 -5.02
CA PHE GE 37 54.98 96.06 -4.76
C PHE GE 37 53.87 95.10 -5.15
N LYS GE 38 53.98 94.45 -6.32
CA LYS GE 38 52.94 93.48 -6.68
C LYS GE 38 53.13 92.10 -6.04
N ILE GE 39 54.33 91.71 -5.60
CA ILE GE 39 54.32 90.45 -4.84
C ILE GE 39 53.64 90.69 -3.49
N ARG GE 40 53.71 91.93 -2.98
CA ARG GE 40 53.04 92.25 -1.73
C ARG GE 40 51.54 92.41 -1.96
N GLY GE 41 51.16 93.27 -2.90
CA GLY GE 41 49.75 93.47 -3.17
C GLY GE 41 49.02 92.19 -3.56
N ALA GE 42 49.72 91.25 -4.20
CA ALA GE 42 49.08 89.99 -4.59
C ALA GE 42 48.79 89.10 -3.37
N THR GE 43 49.66 89.13 -2.37
CA THR GE 43 49.58 88.17 -1.27
C THR GE 43 48.38 88.40 -0.36
N MET HE 1 80.45 111.47 -44.39
CA MET HE 1 81.49 110.50 -44.70
C MET HE 1 80.88 109.19 -45.18
N ALA HE 2 80.82 108.20 -44.31
CA ALA HE 2 80.25 106.90 -44.62
C ALA HE 2 79.19 106.55 -43.58
N SER HE 3 78.01 106.17 -44.05
CA SER HE 3 76.91 105.81 -43.16
C SER HE 3 75.97 104.87 -43.91
N LYS HE 4 74.86 104.52 -43.26
CA LYS HE 4 73.87 103.64 -43.89
C LYS HE 4 73.25 104.31 -45.11
N LYS HE 5 72.95 105.61 -45.01
CA LYS HE 5 72.38 106.33 -46.15
C LYS HE 5 73.38 106.36 -47.31
N GLU HE 6 74.66 106.58 -47.02
CA GLU HE 6 75.67 106.56 -48.07
C GLU HE 6 75.74 105.20 -48.74
N ASN HE 7 75.66 104.12 -47.95
CA ASN HE 7 75.71 102.78 -48.52
C ASN HE 7 74.49 102.50 -49.39
N LEU HE 8 73.30 102.90 -48.93
CA LEU HE 8 72.11 102.66 -49.75
C LEU HE 8 72.16 103.46 -51.04
N LYS HE 9 72.66 104.70 -50.97
CA LYS HE 9 72.79 105.51 -52.17
C LYS HE 9 73.83 104.90 -53.13
N SER HE 10 74.92 104.37 -52.60
CA SER HE 10 75.95 103.77 -53.45
C SER HE 10 75.42 102.51 -54.13
N LEU HE 11 74.70 101.67 -53.38
CA LEU HE 11 74.12 100.48 -54.00
C LEU HE 11 73.05 100.83 -55.03
N PHE HE 12 72.25 101.87 -54.76
CA PHE HE 12 71.25 102.29 -55.73
C PHE HE 12 71.88 102.90 -56.97
N SER HE 13 73.04 103.55 -56.83
CA SER HE 13 73.65 104.24 -57.97
C SER HE 13 74.15 103.26 -59.01
N ASN HE 14 74.70 102.13 -58.59
CA ASN HE 14 75.22 101.14 -59.53
C ASN HE 14 74.06 100.58 -60.36
N THR HE 15 74.20 100.67 -61.69
CA THR HE 15 73.11 100.27 -62.57
C THR HE 15 72.82 98.78 -62.47
N ARG HE 16 73.86 97.94 -62.56
CA ARG HE 16 73.66 96.49 -62.57
C ARG HE 16 73.09 95.99 -61.25
N THR HE 17 73.64 96.47 -60.13
CA THR HE 17 73.11 96.07 -58.83
C THR HE 17 71.67 96.53 -58.67
N ARG HE 18 71.39 97.79 -59.02
CA ARG HE 18 70.03 98.30 -58.92
C ARG HE 18 69.06 97.43 -59.73
N VAL HE 19 69.42 97.11 -60.97
CA VAL HE 19 68.49 96.38 -61.83
C VAL HE 19 68.29 94.96 -61.32
N ILE HE 20 69.35 94.30 -60.84
CA ILE HE 20 69.16 92.93 -60.35
C ILE HE 20 68.28 92.93 -59.10
N ILE HE 21 68.45 93.92 -58.21
CA ILE HE 21 67.57 93.93 -57.04
C ILE HE 21 66.14 94.26 -57.43
N ILE HE 22 65.91 95.11 -58.44
CA ILE HE 22 64.51 95.40 -58.76
C ILE HE 22 63.85 94.19 -59.43
N PHE HE 23 64.60 93.43 -60.24
CA PHE HE 23 64.03 92.18 -60.74
C PHE HE 23 63.71 91.20 -59.61
N THR HE 24 64.62 91.04 -58.65
CA THR HE 24 64.33 90.12 -57.54
C THR HE 24 63.13 90.60 -56.73
N ALA HE 25 63.03 91.90 -56.51
CA ALA HE 25 61.87 92.46 -55.82
C ALA HE 25 60.60 92.20 -56.60
N ALA HE 26 60.64 92.37 -57.93
CA ALA HE 26 59.47 92.10 -58.75
C ALA HE 26 59.05 90.64 -58.65
N LEU HE 27 60.02 89.72 -58.67
CA LEU HE 27 59.69 88.31 -58.53
C LEU HE 27 59.03 88.03 -57.18
N LEU HE 28 59.58 88.58 -56.10
CA LEU HE 28 58.98 88.29 -54.79
C LEU HE 28 57.59 88.90 -54.66
N ILE HE 29 57.39 90.11 -55.19
CA ILE HE 29 56.08 90.74 -55.02
C ILE HE 29 55.05 90.01 -55.86
N ILE HE 30 55.41 89.60 -57.08
CA ILE HE 30 54.46 88.83 -57.88
C ILE HE 30 54.17 87.50 -57.21
N ALA HE 31 55.16 86.90 -56.54
CA ALA HE 31 54.90 85.67 -55.79
C ALA HE 31 53.88 85.91 -54.68
N VAL HE 32 54.03 87.00 -53.93
CA VAL HE 32 53.08 87.23 -52.84
C VAL HE 32 51.69 87.57 -53.37
N VAL HE 33 51.59 88.26 -54.51
CA VAL HE 33 50.27 88.55 -55.05
C VAL HE 33 49.59 87.30 -55.57
N ILE HE 34 50.33 86.40 -56.23
CA ILE HE 34 49.66 85.16 -56.64
C ILE HE 34 49.29 84.34 -55.41
N GLY HE 35 50.14 84.37 -54.38
CA GLY HE 35 49.80 83.73 -53.12
C GLY HE 35 48.47 84.22 -52.59
N PHE HE 36 48.31 85.54 -52.48
CA PHE HE 36 47.05 86.12 -52.05
C PHE HE 36 45.92 85.69 -52.97
N PHE HE 37 46.21 85.57 -54.27
CA PHE HE 37 45.17 85.21 -55.23
C PHE HE 37 44.60 83.83 -54.95
N LYS HE 38 45.44 82.82 -54.68
CA LYS HE 38 44.81 81.53 -54.42
C LYS HE 38 44.52 81.29 -52.93
N ILE HE 39 44.92 82.22 -52.03
CA ILE HE 39 44.21 82.27 -50.75
C ILE HE 39 42.75 82.65 -50.96
N ARG HE 40 42.51 83.76 -51.67
CA ARG HE 40 41.13 84.21 -51.83
C ARG HE 40 40.35 83.25 -52.72
N GLY HE 41 41.03 82.59 -53.66
CA GLY HE 41 40.40 81.54 -54.43
C GLY HE 41 40.06 80.32 -53.61
N ALA HE 42 40.95 79.93 -52.69
CA ALA HE 42 40.68 78.78 -51.84
C ALA HE 42 39.46 79.03 -50.96
N THR HE 43 39.35 80.23 -50.41
CA THR HE 43 38.23 80.57 -49.53
C THR HE 43 36.95 80.83 -50.33
N MET IE 1 92.23 85.82 -64.54
CA MET IE 1 91.66 84.49 -64.64
C MET IE 1 90.97 84.30 -65.99
N ALA IE 2 91.24 83.16 -66.62
CA ALA IE 2 90.66 82.83 -67.92
C ALA IE 2 89.25 82.27 -67.76
N SER IE 3 88.61 82.03 -68.90
CA SER IE 3 87.30 81.38 -68.88
C SER IE 3 87.47 79.87 -68.75
N LYS IE 4 86.37 79.20 -68.39
CA LYS IE 4 86.44 77.79 -68.03
C LYS IE 4 86.88 76.91 -69.20
N LYS IE 5 86.38 77.19 -70.41
CA LYS IE 5 86.64 76.29 -71.53
C LYS IE 5 88.11 76.26 -71.90
N GLU IE 6 88.78 77.42 -71.92
CA GLU IE 6 90.20 77.44 -72.25
C GLU IE 6 91.03 76.79 -71.15
N ASN IE 7 90.61 76.93 -69.89
CA ASN IE 7 91.29 76.23 -68.81
C ASN IE 7 91.17 74.72 -68.98
N LEU IE 8 89.97 74.24 -69.34
CA LEU IE 8 89.80 72.81 -69.61
C LEU IE 8 90.66 72.36 -70.78
N LYS IE 9 90.70 73.16 -71.84
CA LYS IE 9 91.51 72.80 -73.00
C LYS IE 9 92.99 72.72 -72.65
N SER IE 10 93.47 73.68 -71.84
CA SER IE 10 94.87 73.63 -71.41
C SER IE 10 95.13 72.42 -70.52
N LEU IE 11 94.16 72.04 -69.69
CA LEU IE 11 94.33 70.85 -68.87
C LEU IE 11 94.37 69.57 -69.71
N PHE IE 12 93.57 69.51 -70.78
CA PHE IE 12 93.70 68.38 -71.70
C PHE IE 12 95.04 68.43 -72.45
N SER IE 13 95.55 69.63 -72.72
CA SER IE 13 96.74 69.75 -73.56
C SER IE 13 97.95 69.06 -72.95
N ASN IE 14 98.18 69.24 -71.65
CA ASN IE 14 99.31 68.59 -71.01
C ASN IE 14 99.08 67.08 -70.95
N THR IE 15 100.14 66.31 -71.20
CA THR IE 15 99.98 64.87 -71.40
C THR IE 15 99.60 64.15 -70.10
N ARG IE 16 100.22 64.53 -68.98
CA ARG IE 16 100.03 63.76 -67.76
C ARG IE 16 98.59 63.81 -67.27
N THR IE 17 98.07 65.02 -67.02
CA THR IE 17 96.70 65.13 -66.56
C THR IE 17 95.74 64.55 -67.57
N ARG IE 18 96.00 64.76 -68.86
CA ARG IE 18 95.14 64.20 -69.89
C ARG IE 18 95.05 62.68 -69.75
N VAL IE 19 96.19 62.01 -69.60
CA VAL IE 19 96.18 60.56 -69.57
C VAL IE 19 95.51 60.04 -68.30
N ILE IE 20 95.74 60.70 -67.15
CA ILE IE 20 95.04 60.26 -65.93
C ILE IE 20 93.54 60.37 -66.11
N ILE IE 21 93.05 61.50 -66.63
CA ILE IE 21 91.61 61.67 -66.76
C ILE IE 21 91.04 60.70 -67.79
N ILE IE 22 91.78 60.42 -68.87
CA ILE IE 22 91.21 59.55 -69.89
C ILE IE 22 91.13 58.11 -69.38
N PHE IE 23 92.16 57.65 -68.65
CA PHE IE 23 92.04 56.32 -68.05
C PHE IE 23 90.91 56.27 -67.03
N THR IE 24 90.81 57.30 -66.18
CA THR IE 24 89.79 57.26 -65.14
C THR IE 24 88.39 57.21 -65.73
N ALA IE 25 88.10 58.10 -66.67
CA ALA IE 25 86.83 58.05 -67.38
C ALA IE 25 86.66 56.69 -68.06
N ALA IE 26 87.75 56.14 -68.59
CA ALA IE 26 87.66 54.83 -69.23
C ALA IE 26 87.12 53.78 -68.28
N LEU IE 27 87.86 53.48 -67.20
CA LEU IE 27 87.42 52.35 -66.38
C LEU IE 27 86.13 52.68 -65.66
N LEU IE 28 85.83 53.97 -65.47
CA LEU IE 28 84.54 54.36 -64.92
C LEU IE 28 83.40 53.94 -65.84
N ILE IE 29 83.53 54.24 -67.14
CA ILE IE 29 82.53 53.82 -68.10
C ILE IE 29 82.47 52.30 -68.18
N ILE IE 30 83.62 51.62 -68.14
CA ILE IE 30 83.59 50.16 -68.19
C ILE IE 30 82.84 49.59 -66.99
N ALA IE 31 83.11 50.11 -65.79
CA ALA IE 31 82.40 49.64 -64.61
C ALA IE 31 80.90 49.77 -64.80
N VAL IE 32 80.44 50.97 -65.15
CA VAL IE 32 79.00 51.17 -65.23
C VAL IE 32 78.39 50.35 -66.37
N VAL IE 33 79.13 50.17 -67.48
CA VAL IE 33 78.54 49.42 -68.58
C VAL IE 33 78.41 47.94 -68.25
N ILE IE 34 79.44 47.31 -67.67
CA ILE IE 34 79.23 45.94 -67.22
C ILE IE 34 78.08 45.88 -66.22
N GLY IE 35 77.91 46.94 -65.43
CA GLY IE 35 76.73 47.01 -64.57
C GLY IE 35 75.43 46.89 -65.35
N PHE IE 36 75.24 47.75 -66.37
CA PHE IE 36 73.98 47.70 -67.10
C PHE IE 36 73.83 46.39 -67.87
N PHE IE 37 74.91 45.88 -68.50
CA PHE IE 37 74.78 44.58 -69.16
C PHE IE 37 74.34 43.48 -68.20
N LYS IE 38 74.90 43.43 -66.99
CA LYS IE 38 74.55 42.30 -66.14
C LYS IE 38 73.15 42.46 -65.56
N ILE IE 39 72.70 43.71 -65.36
CA ILE IE 39 71.31 43.84 -64.90
C ILE IE 39 70.32 43.69 -66.04
N ARG IE 40 70.76 43.90 -67.29
CA ARG IE 40 69.97 43.47 -68.45
C ARG IE 40 69.83 41.95 -68.44
N GLY IE 41 70.93 41.25 -68.20
CA GLY IE 41 70.90 39.80 -68.19
C GLY IE 41 70.06 39.23 -67.05
N ALA IE 42 70.03 39.92 -65.91
CA ALA IE 42 69.26 39.44 -64.78
C ALA IE 42 67.77 39.38 -65.11
N THR IE 43 67.26 40.37 -65.82
CA THR IE 43 65.85 40.42 -66.17
C THR IE 43 65.46 39.28 -67.10
N MET JE 1 112.20 63.61 -48.58
CA MET JE 1 111.83 62.31 -49.12
C MET JE 1 112.38 62.12 -50.54
N ALA JE 2 113.33 61.20 -50.68
CA ALA JE 2 113.88 60.83 -51.98
C ALA JE 2 113.68 59.35 -52.29
N SER JE 3 113.90 58.46 -51.32
CA SER JE 3 113.68 57.04 -51.50
C SER JE 3 113.55 56.40 -50.13
N LYS JE 4 112.75 55.33 -50.06
CA LYS JE 4 112.56 54.63 -48.80
C LYS JE 4 113.85 53.96 -48.33
N LYS JE 5 114.60 53.35 -49.26
CA LYS JE 5 115.86 52.72 -48.87
C LYS JE 5 116.86 53.76 -48.39
N GLU JE 6 116.93 54.91 -49.06
CA GLU JE 6 117.85 55.97 -48.64
C GLU JE 6 117.50 56.48 -47.25
N ASN JE 7 116.21 56.70 -46.99
CA ASN JE 7 115.81 57.20 -45.68
C ASN JE 7 116.06 56.16 -44.59
N LEU JE 8 115.77 54.89 -44.86
CA LEU JE 8 116.03 53.86 -43.85
C LEU JE 8 117.52 53.73 -43.58
N LYS JE 9 118.36 53.82 -44.61
CA LYS JE 9 119.80 53.78 -44.39
C LYS JE 9 120.28 54.99 -43.60
N SER JE 10 119.74 56.18 -43.91
CA SER JE 10 120.14 57.38 -43.20
C SER JE 10 119.77 57.29 -41.72
N LEU JE 11 118.59 56.76 -41.41
CA LEU JE 11 118.22 56.53 -40.02
C LEU JE 11 119.12 55.49 -39.38
N PHE JE 12 119.37 54.39 -40.09
CA PHE JE 12 120.12 53.26 -39.56
C PHE JE 12 121.59 53.59 -39.33
N SER JE 13 122.10 54.64 -39.97
CA SER JE 13 123.52 54.97 -39.84
C SER JE 13 123.89 55.31 -38.41
N ASN JE 14 123.06 56.09 -37.71
CA ASN JE 14 123.37 56.48 -36.35
C ASN JE 14 123.21 55.30 -35.39
N THR JE 15 124.11 55.24 -34.40
CA THR JE 15 124.14 54.10 -33.49
C THR JE 15 122.95 54.12 -32.53
N ARG JE 16 122.66 55.28 -31.94
CA ARG JE 16 121.60 55.35 -30.93
C ARG JE 16 120.24 55.02 -31.53
N THR JE 17 119.94 55.58 -32.70
CA THR JE 17 118.65 55.29 -33.33
C THR JE 17 118.54 53.82 -33.67
N ARG JE 18 119.60 53.24 -34.26
CA ARG JE 18 119.50 51.84 -34.65
C ARG JE 18 119.31 50.95 -33.44
N VAL JE 19 120.03 51.22 -32.34
CA VAL JE 19 119.89 50.35 -31.17
C VAL JE 19 118.51 50.52 -30.54
N ILE JE 20 117.96 51.74 -30.50
CA ILE JE 20 116.67 51.93 -29.85
C ILE JE 20 115.54 51.29 -30.67
N ILE JE 21 115.54 51.49 -32.00
CA ILE JE 21 114.51 50.82 -32.80
C ILE JE 21 114.69 49.31 -32.77
N ILE JE 22 115.94 48.83 -32.74
CA ILE JE 22 116.15 47.39 -32.65
C ILE JE 22 115.60 46.85 -31.34
N PHE JE 23 115.82 47.56 -30.23
CA PHE JE 23 115.32 47.10 -28.93
C PHE JE 23 113.79 47.10 -28.91
N THR JE 24 113.17 48.16 -29.43
CA THR JE 24 111.71 48.22 -29.44
C THR JE 24 111.13 47.11 -30.32
N ALA JE 25 111.69 46.92 -31.51
CA ALA JE 25 111.24 45.82 -32.36
C ALA JE 25 111.41 44.50 -31.65
N ALA JE 26 112.56 44.30 -31.00
CA ALA JE 26 112.84 43.03 -30.32
C ALA JE 26 111.83 42.75 -29.23
N LEU JE 27 111.52 43.74 -28.39
CA LEU JE 27 110.59 43.44 -27.30
C LEU JE 27 109.17 43.27 -27.83
N LEU JE 28 108.84 43.92 -28.96
CA LEU JE 28 107.52 43.70 -29.53
C LEU JE 28 107.38 42.28 -30.10
N ILE JE 29 108.40 41.81 -30.83
CA ILE JE 29 108.39 40.41 -31.26
C ILE JE 29 108.34 39.48 -30.07
N ILE JE 30 109.07 39.81 -28.99
CA ILE JE 30 109.08 38.93 -27.82
C ILE JE 30 107.68 38.84 -27.22
N ALA JE 31 107.01 39.99 -27.08
CA ALA JE 31 105.64 39.99 -26.57
C ALA JE 31 104.73 39.12 -27.43
N VAL JE 32 104.75 39.35 -28.75
CA VAL JE 32 103.82 38.63 -29.60
C VAL JE 32 104.15 37.14 -29.63
N VAL JE 33 105.43 36.78 -29.57
CA VAL JE 33 105.77 35.36 -29.64
C VAL JE 33 105.35 34.65 -28.35
N ILE JE 34 105.57 35.26 -27.18
CA ILE JE 34 104.99 34.69 -25.97
C ILE JE 34 103.50 34.52 -26.14
N GLY JE 35 102.85 35.49 -26.79
CA GLY JE 35 101.46 35.33 -27.15
C GLY JE 35 101.20 34.02 -27.89
N PHE JE 36 101.92 33.79 -29.00
CA PHE JE 36 101.57 32.62 -29.81
C PHE JE 36 101.94 31.30 -29.12
N PHE JE 37 103.05 31.24 -28.36
CA PHE JE 37 103.26 29.97 -27.67
C PHE JE 37 102.19 29.72 -26.63
N LYS JE 38 101.69 30.78 -25.98
CA LYS JE 38 100.66 30.56 -24.97
C LYS JE 38 99.37 30.09 -25.65
N ILE JE 39 99.00 30.68 -26.78
CA ILE JE 39 97.83 30.20 -27.51
C ILE JE 39 98.02 28.75 -27.96
N ARG JE 40 99.21 28.43 -28.47
CA ARG JE 40 99.45 27.06 -28.92
C ARG JE 40 99.37 26.07 -27.77
N GLY JE 41 99.88 26.46 -26.59
CA GLY JE 41 99.72 25.62 -25.41
C GLY JE 41 98.28 25.45 -25.02
N ALA JE 42 97.46 26.49 -25.22
CA ALA JE 42 96.03 26.38 -24.94
C ALA JE 42 95.37 25.33 -25.84
N THR JE 43 95.71 25.32 -27.12
CA THR JE 43 95.10 24.39 -28.06
C THR JE 43 95.92 23.10 -28.17
N MET KE 1 122.61 76.35 -21.77
CA MET KE 1 121.18 76.11 -21.61
C MET KE 1 120.79 76.12 -20.13
N ALA KE 2 119.48 76.17 -19.87
CA ALA KE 2 118.96 76.22 -18.51
C ALA KE 2 118.23 74.91 -18.21
N SER KE 3 118.60 74.29 -17.10
CA SER KE 3 118.00 73.02 -16.70
C SER KE 3 116.74 73.26 -15.88
N LYS KE 4 115.90 72.23 -15.81
CA LYS KE 4 114.68 72.31 -15.02
C LYS KE 4 115.00 72.37 -13.53
N LYS KE 5 116.09 71.75 -13.11
CA LYS KE 5 116.51 71.83 -11.71
C LYS KE 5 116.82 73.27 -11.32
N GLU KE 6 117.51 74.01 -12.21
CA GLU KE 6 117.75 75.42 -11.95
C GLU KE 6 116.47 76.21 -11.89
N ASN KE 7 115.48 75.86 -12.73
CA ASN KE 7 114.17 76.52 -12.66
C ASN KE 7 113.52 76.28 -11.30
N LEU KE 8 113.59 75.05 -10.81
CA LEU KE 8 113.02 74.75 -9.50
C LEU KE 8 113.74 75.50 -8.39
N LYS KE 9 115.08 75.58 -8.49
CA LYS KE 9 115.84 76.32 -7.49
C LYS KE 9 115.47 77.79 -7.49
N SER KE 10 115.34 78.40 -8.67
CA SER KE 10 114.97 79.81 -8.74
C SER KE 10 113.55 80.04 -8.24
N LEU KE 11 112.63 79.12 -8.55
CA LEU KE 11 111.27 79.23 -8.04
C LEU KE 11 111.23 79.14 -6.52
N PHE KE 12 112.04 78.24 -5.95
CA PHE KE 12 112.07 78.10 -4.50
C PHE KE 12 112.77 79.28 -3.83
N SER KE 13 113.72 79.91 -4.52
CA SER KE 13 114.53 80.96 -3.91
C SER KE 13 113.76 82.24 -3.65
N ASN KE 14 112.75 82.55 -4.44
CA ASN KE 14 111.99 83.78 -4.24
C ASN KE 14 111.05 83.62 -3.06
N THR KE 15 111.07 84.60 -2.15
CA THR KE 15 110.45 84.42 -0.84
C THR KE 15 108.93 84.26 -0.95
N ARG KE 16 108.27 85.04 -1.80
CA ARG KE 16 106.81 84.97 -1.88
C ARG KE 16 106.37 83.61 -2.39
N THR KE 17 107.03 83.12 -3.45
CA THR KE 17 106.65 81.84 -4.03
C THR KE 17 106.85 80.71 -3.03
N ARG KE 18 107.99 80.71 -2.33
CA ARG KE 18 108.24 79.61 -1.40
C ARG KE 18 107.26 79.64 -0.23
N VAL KE 19 106.99 80.83 0.33
CA VAL KE 19 106.06 80.89 1.45
C VAL KE 19 104.66 80.48 1.00
N ILE KE 20 104.25 80.90 -0.19
CA ILE KE 20 102.89 80.57 -0.63
C ILE KE 20 102.76 79.08 -0.92
N ILE KE 21 103.77 78.46 -1.54
CA ILE KE 21 103.66 77.03 -1.84
C ILE KE 21 103.74 76.20 -0.57
N ILE KE 22 104.60 76.60 0.38
CA ILE KE 22 104.67 75.90 1.65
C ILE KE 22 103.36 76.04 2.42
N PHE KE 23 102.76 77.24 2.39
CA PHE KE 23 101.49 77.44 3.06
C PHE KE 23 100.39 76.58 2.44
N THR KE 24 100.32 76.54 1.11
CA THR KE 24 99.28 75.75 0.45
C THR KE 24 99.47 74.27 0.70
N ALA KE 25 100.72 73.80 0.68
CA ALA KE 25 100.98 72.42 1.06
C ALA KE 25 100.58 72.16 2.51
N ALA KE 26 100.77 73.16 3.38
CA ALA KE 26 100.35 73.03 4.77
C ALA KE 26 98.84 72.90 4.89
N LEU KE 27 98.08 73.71 4.13
CA LEU KE 27 96.63 73.56 4.15
C LEU KE 27 96.21 72.20 3.60
N LEU KE 28 96.85 71.75 2.53
CA LEU KE 28 96.54 70.43 1.99
C LEU KE 28 96.76 69.35 3.04
N ILE KE 29 97.91 69.39 3.71
CA ILE KE 29 98.24 68.37 4.70
C ILE KE 29 97.33 68.48 5.91
N ILE KE 30 96.92 69.69 6.28
CA ILE KE 30 96.04 69.86 7.43
C ILE KE 30 94.66 69.29 7.13
N ALA KE 31 94.11 69.61 5.95
CA ALA KE 31 92.85 68.99 5.54
C ALA KE 31 92.98 67.47 5.50
N VAL KE 32 94.11 66.99 4.98
CA VAL KE 32 94.43 65.57 5.02
C VAL KE 32 94.28 65.02 6.44
N VAL KE 33 95.10 65.52 7.36
CA VAL KE 33 95.18 64.91 8.69
C VAL KE 33 93.85 65.00 9.41
N ILE KE 34 93.12 66.10 9.25
CA ILE KE 34 91.84 66.18 9.94
C ILE KE 34 90.84 65.19 9.33
N GLY KE 35 90.89 65.00 8.00
CA GLY KE 35 89.98 64.05 7.38
C GLY KE 35 90.21 62.62 7.82
N PHE KE 36 91.47 62.16 7.76
CA PHE KE 36 91.78 60.84 8.32
C PHE KE 36 91.47 60.76 9.81
N PHE KE 37 91.68 61.84 10.57
CA PHE KE 37 91.34 61.79 11.98
C PHE KE 37 89.85 61.55 12.20
N LYS KE 38 89.00 62.24 11.44
CA LYS KE 38 87.57 62.04 11.67
C LYS KE 38 87.11 60.68 11.18
N ILE KE 39 87.66 60.17 10.06
CA ILE KE 39 87.20 58.86 9.64
C ILE KE 39 87.66 57.79 10.62
N ARG KE 40 88.87 57.94 11.18
CA ARG KE 40 89.30 57.00 12.21
C ARG KE 40 88.46 57.10 13.47
N GLY KE 41 88.10 58.32 13.88
CA GLY KE 41 87.27 58.48 15.06
C GLY KE 41 85.87 57.93 14.89
N ALA KE 42 85.31 58.02 13.68
CA ALA KE 42 83.95 57.56 13.45
C ALA KE 42 83.84 56.06 13.67
N THR KE 43 84.83 55.29 13.23
CA THR KE 43 84.83 53.84 13.41
C THR KE 43 85.08 53.48 14.86
#